data_9BDN
#
_entry.id   9BDN
#
_cell.length_a   1.00
_cell.length_b   1.00
_cell.length_c   1.00
_cell.angle_alpha   90.00
_cell.angle_beta   90.00
_cell.angle_gamma   90.00
#
_symmetry.space_group_name_H-M   'P 1'
#
loop_
_entity.id
_entity.type
_entity.pdbx_description
1 polymer '18S rRNA'
2 polymer '28S rRNA'
3 polymer '5.8S rRNA'
4 polymer '5S rRNA'
5 polymer '60S ribosomal protein L8'
6 polymer '60S ribosomal protein L3'
7 polymer '60S ribosomal protein L4'
8 polymer '60S ribosomal protein L5'
9 polymer '60S ribosomal protein L6'
10 polymer '60S ribosomal protein L7'
11 polymer 'Large ribosomal subunit protein eL8'
12 polymer '60S ribosomal protein L9'
13 polymer 'Ribosomal protein L10'
14 polymer '60S ribosomal protein L11'
15 polymer uL11
16 polymer 'Large ribosomal subunit protein eL13'
17 polymer '60S ribosomal protein L14'
18 polymer '60S ribosomal protein L15'
19 polymer 'Large ribosomal subunit protein uL13'
20 polymer '60S ribosomal protein L17'
21 polymer 'Large ribosomal subunit protein eL18'
22 polymer '60S ribosomal protein L19'
23 polymer '60S ribosomal protein L18a'
24 polymer '60S ribosomal protein L21'
25 polymer 'Large ribosomal subunit protein eL22'
26 polymer '60S ribosomal protein L23'
27 polymer 'Ribosomal protein L24'
28 polymer 'Large ribosomal subunit protein uL23'
29 polymer '60S ribosomal protein L26'
30 polymer '60S ribosomal protein L27'
31 polymer '60S ribosomal protein L27a'
32 polymer 'Large ribosomal subunit protein eL29'
33 polymer '60S ribosomal protein L30'
34 polymer '60S ribosomal protein L31'
35 polymer 'Large ribosomal subunit protein eL32'
36 polymer '60S ribosomal protein L35a'
37 polymer '60S ribosomal protein L34'
38 polymer '60S ribosomal protein L35'
39 polymer '60S ribosomal protein L36'
40 polymer '60S ribosomal protein L37'
41 polymer 'Large ribosomal subunit protein eL38'
42 polymer '60S ribosomal protein L39'
43 polymer 'Large ribosomal subunit protein eL40'
44 polymer eL41
45 polymer eL42
46 polymer '60S ribosomal protein L37a'
47 polymer '60S ribosomal protein L28'
48 polymer '60S acidic ribosomal protein P0'
49 polymer Angiogenin
50 polymer 'Receptor of activated protein C kinase 1'
51 polymer '40S_SA_C domain-containing protein'
52 polymer '40S ribosomal protein S3a'
53 polymer '40S ribosomal protein S2'
54 polymer '40S ribosomal protein S3'
55 polymer '40S ribosomal protein S4'
56 polymer 'Ribosomal protein S5'
57 polymer '40S ribosomal protein S6'
58 polymer 'Small ribosomal subunit protein eS7'
59 polymer '40S ribosomal protein S8'
60 polymer '40S ribosomal protein S9'
61 polymer '40S ribosomal protein S10'
62 polymer '40S ribosomal protein S11'
63 polymer '40S ribosomal protein S12'
64 polymer '40S ribosomal protein S13'
65 polymer 'Small ribosomal subunit protein uS11'
66 polymer '40S ribosomal protein S15'
67 polymer 'Small ribosomal subunit protein uS9'
68 polymer '40S ribosomal protein S17'
69 polymer '40S ribosomal protein S18'
70 polymer 'Small ribosomal subunit protein eS19'
71 polymer '40S ribosomal protein S20'
72 polymer eS21
73 polymer '40S ribosomal protein S15a'
74 polymer '40S ribosomal protein S23'
75 polymer '40S ribosomal protein S24'
76 polymer '40S ribosomal protein S25'
77 polymer eS26
78 polymer '40S ribosomal protein S27'
79 polymer '40S ribosomal protein S28'
80 polymer '40S ribosomal protein S29'
81 polymer '40S ribosomal protein S30'
82 polymer tRNAfMet
83 polymer mRNA
84 polymer tRNAAla
#
loop_
_entity_poly.entity_id
_entity_poly.type
_entity_poly.pdbx_seq_one_letter_code
_entity_poly.pdbx_strand_id
1 'polyribonucleotide'
;UACCUGGUUGAUCCUGCCAGUAGCAUAUGCUUGUCUCAAAGAUUAAGCCAUGCAUGUCUAAGUACGCACGGCCGGUACAG
UGAAACUGCGAAUGGCUCAUUAAAUCAGUUAUGGUUCCUUUGGUCGCUCGCUCCUCUCCCACUUGGAUAACUGUGGUAAU
UCUAGAGCUAAUACAUGCCGACGGGCGCUGACCCCCUUCGCGGGGGGGAUGCGUGCAUUUAUCAGAUCAAAACCAACCCG
GUCAGCCCCUCUCCGGCCCCGGCCGGGGGGCGGGCGCCGGCGGCUUUGGUGACUCUAGAUAACCUCGGGCCGAUCGCACG
CCCCCCGUGGCGGCGACGACCCAUUCGAACGUCUGCCCUAUCAACUUUCGAUGGUAGUCGCCGUGCCUACCAUGGUGACC
ACGGGUGACGGGGAAUCAGGGUUCGAUUCCGGAGAGGGAGCCUGAGAAACGGCUACCACAUCCAAGGAAGGCAGCAGGCG
CGCAAAUUACCCACUCCCGACCCGGGGAGGUAGUGACGAAAAAUAACAAUACAGGACUCUUUCGAGGCCCUGUAAUUGGA
AUGAGUCCACUUUAAAUCCUUUAACGAGGAUCCAUUGGAGGGCAAGUCUGGUGCCAGCAGCCGCGGUAAUUCCAGCUCCA
AUAGCGUAUAUUAAAGUUGCUGCAGUUAAAAAGCUCGUAGUUGGAUCUUGGGAGCGGGCGGGCGGUCCGCCGCGAGGCGA
GCCACCGCCCGUCCCCGCCCCUUGCCUCUCGGCGCCCCCUCGAUGCUCUUAGCUGAGUGUCCCGCGGGGCCCGAAGCGUU
UACUUUGAAAAAAUUAGAGUGUUCAAAGCAGGCCCGAGCCGCCUGGAUACCGCAGCUAGGAAUAAUGGAAUAGGACCGCG
GUUCUAUUUUGUUGGUUUUCGGAACUGAGGCCAUGAUUAAGAGGGACGGCCGGGGGCAUUCGUAUUGCGCCGCUAGAGGU
GAAAUUCUUGGACCGGCGCAAGACGGACCAGAGCGAAAGCAUUUGCCAAGAAUGUUUUCAUUAAUCAAGAACGAAAGUCG
GAGGUUCGAAGACGAUCAGAUACCGUCGUAGUUCCGACCAUAAACGAUGCCGACUGGCGAUGCGGCGGCGUUAUUCCCAU
GACCCGCCGGGCAGCUUCCGGGAAACCAAAGUCUUUGGGUUCCGGGGGGAGUAUGGUUGCAAAGCUGAAACUUAAAGGAA
UUGACGGAAGGGCACCACCAGGAGUGGAGCCUGCGGCUUAAUUUGACUCAACACGGGAAACCUCACCCGGCCCGGACACG
GACAGGAUUGACAGAUUGAUAGCUCUUUCUCGAUUCCGUGGGUGGUGGUGCAUGGCCGUUCUUAGUUGGUGGAGCGAUUU
GUCUGGUUAAUUCCGAUAACGAACGAGACUCUGGCAUGCUAACUAGUUACGCGACCCCCGAGCGGUCGGCGUCCCCCAAC
UUCUUAGAGGGACAAGUGGCGUUCAGCCACCCGAGAUUGAGCAAUAACAGGUCUGUGAUGCCCUUAGAUGUCCGGGGCUG
CACGCGCGCUACACUGACUGGCUCAGCGUGUGCCUACCCUACGCCGGCAGGCGCGGGUAACCCGUUGAACCCCAUUCGUG
AUGGGGAUCGGGGAUUGCAAUUAUUCCCCAUGAACGAGGAAUUCCCAGUAAGUGCGGGUCAUAAGCUUGCGUUGAUUAAG
UCCCUGCCCUUUGUACACACCGCCCGUCGCUACUACCGAUUGGAUGGUUUAGUGAGGCCCUCGGAUCGGCCCCGCCGGGG
UCGGCCCACGGCCCUGGCGGAGCGCUGAGAAGACGGUCGAACUUGACUAUCUAGAGGAAGUAAAAGUCGUAACAAGGUUU
CCGUAGGUGAACCUGCGGAAGGAUCAUUA
;
A18S
2 'polyribonucleotide'
;CGCGACCUCAGAUCAGACGUGGCGACCCGCUGAAUUUAAGCAUAUUAGUCAGCGGAGGAAAAGAAACUAACCAGGAUUCC
CUCAGUAACGGCGAGUGAACAGGGAAGAGCCCAGCGCCGAAUCCCCGCCCCGCGGCGGGGCGCGGGAAAUGUGGCGUACG
GAAGACCCACUCCCCGGCGCCGGGGGGCCCAAGUCCUUCUGAUCGAGGCCCAGCCCGUGGACGGUGUGAGGCCGGUAGCG
GCCCCCGGCGCGCCGGGCCCGGGUCUUCCCGGAGUCGGGUUGCUUGGGAAUGCAGCCCAAAGCGGGUGGUAAACUCCAUC
UAAGGCUAAAUACCGGCACGAGACCGAUAGUCAACAAGUACCGUAAGGGAAAGUUGAAAAGAACUUUGAAGAGAGAGUUC
AAGAGGGCGUGAAACCGUUAAGAGGUAAACGGGUGGGGUCCGCGCAGUCCGCCCGGAGGAUUCAACCCGGCGGCGCGGUC
CGGCCGUGCCGGCGGGGCGGAUCUCCCGCUCCCGUCGGCGGGGGACCGCCCCCCGGCCGGCGACCGGCCGCCGCCGGGCG
CAUUUCCACCGCGGCGGUGCGCCGCGACCGGCUCCGGGACGGCUGGGAAGGCCCCGGCGGGGAAGGUGGCCCGGGGGCCC
CGGGUGUUACAGCCCCGCCCCGGCAGCAGCAGCUCGCCGAAUCCCGGGGCCGAGGGAGCGAGACCCGUGCGCCGCGCUCU
CCCCCCUCGGGGGGGCCGGGCCACCCCUCCCACGGCGCGACCGCUGGGGCGGACUGUCCAGUGCGCCCCGGGCGGGUCGC
GCCGUCGGGCCCGGGGGGCCACGCGUCCCCCGCGAGCGCACGGGGUCGGCGGCGAUGUCGGCUACCCACCCGACCCGUCU
UGAAACACGGACCAAGGAGUCUAACACGUGCGCGAGUCGGGGGCUACGAAAGCCGCCGUGGCGCAAUGAAGGUGAAGGCC
GGCGGCGCGCCGCCGGCCGAGGUGGGAUCCCGAGGCCUUCCAGUCCGCCGAGGGCGCACCACCGGCCCGUCUCGCCCGCC
GCGCCGGGGAGGUGGAGCACGAGCGCACGUGUUAGGACCCGAAAGAUGGUGAACUAUGCCUGGGCAGGGCGAAGCCAGAG
GAAACUCUGGUGGAGGUCCGUAGCGGUCCUGACGUGCGAAUCGGUCGUCCGACCUGGGUAUAGGGGCGAAAGACUAAUCG
AACCAUCUAGUAGCUGGUUCCCUCCAAAGUUUCCCUCAGGAUAGCUGGCGCUCUCCGCAGUUUUAUCCGGUAAAGCGAAU
GAUUAGAGGUCUUGGGGCCGAAACGAUCUCAACCUAUUCUCAAACUUUAAAUGGGUAAGAAGCCCGGCUCGCUGGUGUGG
AGCCGGGCGUGGAAUGCGAGUGCCUAGUGGGCCACUUUUGGUAAGCAGAACUGGCGCUGCGGGAUGAACCGAACGCCGGG
UUAAGGCGCCCGAUGCCGACGCUCAUCAGACCCCAGAAAAGGUGUUGGUUGAUAUAGACAGCAGGAUGGUGGCCAUGGAA
GUCGGAAUCCGCUAAGGAGUGUGUAACAACUCACCUGCCGAAUCAACUAGCCCUGAAAAUGGAUGGCGCUGGAGCGUCGG
GCCCAUACCCGGCCGUCGCUGGCAGUCGGCAGAGCGAGAAAGAGAGUGGCGCGGACGCUACGCCGCGACGAGUAGGAGGG
CCGCUGCGGUGAGCCUUGAAGCCUAGGGCGCGGGCCCGGGUGGAGCCGCCGCAGGUGCAGAUCUUGGUGGUAGUAGCAAA
UAUUCAAACGAGAACUUUGAAGGCCGAAGUGGAGAAGGGUUCCAUGUGAACAGCAGUUGAACAUGGGUCAGUCGGUCCUG
AGAGAUGGGCGAGCGCCGUUCCGAAGGGACGGGCGAUGGCCUCCGUUGCCCUCAGCCGAUCGAAAGGGAGUCGGGUUCAG
AUCCCCGAAUCCGGAGUGGCGGAGAUGGGCGCCGCGAGGCGUCCAGUGCGGUAACGCGACCGAUCCCGGAGAAGCCGGCG
GGAGCCCCGGGGAGAGUUCUCUUUUCUUUGUGAAGGGCAGGGCGCCCUGGAAUGGGUUCGCCCCGAGAGAGGGGCCCGUG
CCUUGGAAAGCGUCGCGGUUCCGGCGGCGUCCGGUGAGCUCUCGCUGGCCCUUGAAAAUCCGGGGGAGAGGGUGUAAAUC
UCGCGCCGGGCCGUACCCAUAUCCGCAGCAGGUCUCCAAGGUGAACAGCCUCUGGCAUGUUGGAACAAUGUAGGUAAGGG
AAGUCGGCAAGCCGGAUCCGUAACUUCGGGAUAAGGAUUGGCUCUAAGGGCUGGCAGCCGACUUAGAACUGGUGCGGACC
AGGGGAAUCCGACUGUUUAAUUAAAACAAAGCAUCGCGAAGGCCCGCGGCGGGUGUUGACGCGAUGUGAUUUCUGCCCAG
UGCUCUGAAUGUCAAAGUGAAGAAAUUCAAUGAAGCGCGGGUAAACGGCGGGAGUAACUAUGACUCUCUUAAGGUAGCCA
AAUGCCUCGUCAUCUAAUUAGUGACGCGCAUGAAUGGAUGAACGAGAUUCCCACUGUCCCUACCUACUAUCCAGCGAAAC
CACAGCCAAGGGAACGGGCUUGGCGGAAUCAGCGGGGAAAGAAGACCCUGUUGAGCUUGACUCUAGUCUGGCACGGUGAA
GAGACAUGAGAGGUGUAGAAUAAGUGGGAGGCCGGCCGCCGGUGAAAUACCACUACUCUGAUCGUUUUUUCACUGACCCG
GUGAGGCGGGGGGGCGAGCCGGGCUCUCGCUUCUGGCGCCAAGCGCCCGGCCGGCCGGGCGCGACCCGCUCCGGGGACAG
UGCCAGGUGGGGAGUUUGACUGGGGCGGUACACCUGUCAAACGGUAACGCAGGUGUCCUAAGGCGAGCUCAGGGAGGACA
GAAACCUCCCGUGGAGCAGAAGGGCAAAAGCUCGCUUGAUCUUGAUUUUCAGUACGAAUACAGACCGUGAAAGCGGGGCC
UCACGAUCCUUCUGACCUUUUGGGUUUUAAGCAGGAGGUGUCAGAAAAGUUACCACAGGGAUAACUGGCUUGUGGCGGCC
AAGCGUUCAUAGCGACGUCGCUUUUUGAUCCUUCGAUGUCGGCUCUUCCUAUCAUUGUGAAGCAGAAUUCACCAAGCGUU
GGAUUGUUCACCCACUAAUAGGGAACGUGAGCUGGGUUUAGACCGUCGUGAGACAGGUUAGUUUUACCCUACUGAUGAUG
UGUUGUUGCCAUGGUAAUCCUGCUCAGUACGAGAGGAACCGCAGGUUCAGACAUUUGGUGUAUGUGCUUGGCUGAGGAGC
CAAUGGGGCGAAGCUACCAUCUGUGGGAUUAUGACUGAACGCCUCUAAGUCAGAAUCCCGCCCAGGCGGAACGAUAGCGC
CGGAGCCUCGGUUGGCCUCGGAUAGCCGGUCCCCCGCCGGGGUCCGGUGCGGAGAGCCCUUCGUCCCGGGAAACGGGGCG
GCCGGAAAGGGGGCCGCCCUCUCGCCCGUCACGCACCGCACGUUCGUGGGGAACCUGGCGCUAAACCAUUCGUAGACGAC
CUGCUUCUGGGUCGGGGUUUCGUACGUAGCAGAGCAGCUGCUGCGAUCUAUUGAAAGUCAGCCCUCGACACAAGGGUUUG
U
;
A28S
3 'polyribonucleotide'
;CGACUCUUAGCGGUGGAUCACUCGGCUCGUGCGUCGAUGAAGAACGCAGCUAGCUGCGAGAAUUAAUGUGAAUUGCAGGA
CACAUUGAUCAUCGACACUUCGAACGCACUUGCGGCCCCGGGUUCCUCCCGGGGCUACGCCUGUCUGAGCGUCGCU
;
A58S
4 'polyribonucleotide'
;GUCUACGGCCAUACCACCCUGAACGCGCCCGAUCUCGUCUGAUCUCGGAAGCUAAGCAGGGUCGGGCCUGGUUAGUACUU
GGAUGGGAGACCGCCUGGGAAUACCGGGUGCUGUAGGCUU
;
A5S
5 'polypeptide(L)'
;GRVIRGQRKGAGSVFRAHVKHRKGAARLRAVDFAERHGYIKGIVKDIIHDPGRGAPLAKVVFRDPYRFKKRTELFIAAEG
IHTGQFVYCGKKAQLNIGNVLPVGTMPEGTIVCCLEEKPGDRGKLARASGNYATVISHNPETKKTRVKLPSGSKKVISSA
NRAVVGVVAGGGRIDKPILKAGRAYHKYKAKRNCWPRVRGVAMNPVEHPFGGGNHQHIGKPSTIRRDAPAGRKVGLIAAR
RTGRLRGT
;
AL02
6 'polypeptide(L)'
;SHRKFSAPRHGSLGFLPRKRSSRHRGKVKSFPKDDPSKPVHLTAFLGYKAGMTHIVREVDRPGSKVNKKEVVEAVTIVET
PPMVVVGIVGYVETPRGLRTFKTVFAEHISDECKRRFYKNWHKSKKKAFTKYCKKWQDDAGKRQLDKDFSSMKKYCQVIR
VLAHTQMRLLPLRQKKAHLMEIQVNGGTVAEKLDWARERLEQQVPVSQVFGQDEMIDVIGVTKGKGYKGVTSRWHTKKLP
RKTHRGLRKVACIGAWHPARVAFSVARAGQKGYHHRTEINKKIYKIGQGYLIKDGKLIKNNASTDYDLSDKSINPLGGFV
HYGEVTNDFVMLKGCVVGTKKRVLTLRKSLLVQTKRRALEKIDLKFIDTTSKFGHGRFQTVEEKKAFMGPLKKD
;
AL03
7 'polypeptide(L)'
;ACARPLISVYSEKGESSGKNVTLPAVFKAPIRPDIVNFVHTNLRKNNRQPYAVSELAGHQTSAESWGTGRAVARIPRVRG
GGTHRSGQGAFGNMCRGGRMFAPTKTWRRWHRRVNTTQKRYAICSALAASALPALVMSKGHRIEEVPELPLVVEDKVEGY
KKTKEAVLLLKKLKAWNDIKKVYASQRMRAGKGKMRNRRRIQRRGPCVIYNEDNGIVKAFRNIPGITLLNVTKLNILKLA
PGGHVGRFCIWTESAFRKLDDLYGTWRKAASLKSNYNLPMHKMLNTDLSRILKSPEIQRALRAPRKKIHRRVLKKNPLKN
LRIMLKLNPYAKTMRRNTILRQARNHKLRVERAAAALAAKSD
;
AL04
8 'polypeptide(L)'
;FVKVVKNKAYFKRYQVKFRRRREGKTDYYARKRLVIQDKNKYNTPKYRMIVRVTNRDIICQIAYARIEGDMIVCAAYAHE
LPKYGVKVGLTNYAAAYCTGLLLARRLLNRFGMDKIYEGQVEVTGDEYNVESIDGQPGAFTCYLDAGLARTTTGNKVFGA
LKGAVDGGLSIPHSTKRFPGYDSESKEFNAEVHRKHIMGQNVADYMRYLMEEDEDAYKKQFSQYIKNNVTPDMMEEMYKK
AHAAIRENPVYEKKPKREVKKKRWNRPKMSLAQKKDRVAQKKASFLRAQERAA
;
AL05
9 'polypeptide(L)'
;KGKPHCSRNPVLVRGIGRYSRSAMYSRKALYKRKYAAPKSRIERKKKREKVLATVTKPVGGDKNGGTRVVKLRKMPRYYP
TEDVPRKLLSHGKKPFSQHVRKLRASITPGTILIILTGRHRGKRVVFLKQLSSGLLLVTGPLSLNRVPLRRTHQKFVIAT
STKIDISGVKIPKHLTDAYFKKKKLRKPRHQEGEIFDTEKEKYEITEQRKVDQKAVDSQILPKIKAVPQLQGYLRSVFAL
TNGVYPHKLVF
;
AL06
10 'polypeptide(L)'
;NFAELKIKRLRKKFAQKMLRKARRKLIYEKAKHYHKEYRQMYRTEIRMARMARKAGNFYVPAEPKLAFVIRIRGINGVSP
KVRKVLQLLRLRQIFNGTFVKLNKASINMLRIVEPYIAWGYPNLKSVNELIYKRGYGKINKKRIALTDNTLIARSLGKYN
IICMEDLIHEIYTVGKHFKEANNFLWPFKLSSPRGGMKKKTTHFVEGGDAGNREDQINRLIRRMN
;
AL07
11 'polypeptide(L)'
;VVNPLFEKRPKNFGIGQDIQPKRDLTRFVKWPRYIRLQRQRAILYKRLKVPPAINQFTQVLDRQTATQLLKLAHKYRPET
KQEKKQRLLARAEKKAAGKGDVPTKRPPVLRAGVNTVTTLVENKKAQLVVIAHDVDPIELVVFLPALCRKMGVPYCILKG
KARLGRLVHRKTCTTVAFTQVNSEDKGALAKLVEAIRTNYNDRYDEIRRHWGGNVLGPKSVARIAKLEKAKAKELATKLG
;
AL08
12 'polypeptide(L)'
;MKTILSNQTVDIPENVDISLKGRTVIVKGPRGTLRRDFNHINVELSLLGKKKKRLRVDKWWGNRKELATVRTICSHVQNM
IKGVTLGFRYKMRSVYAHFPINVVIQENGSLVEIRNFLGEKYIRRVRMRPGVACSVSQAQKDELVLEGNDIELVSNSAAL
IQQATTVKNKDIRKFLDGIYVSEKGTVQQA
;
AL09
13 'polypeptide(L)'
;GRRPARCYRYCKNKPYPKSRFCRGVPDAKIRIFDLGRKKAKVDEFPLCGHMVSDEYEQLSSEALEAARICANKYMVKSCG
KDGFHIRVRLHPFHVIRINKMLSCAGADRLQTGMRGAFGKPQGTVARVHIGQVIMSIRTKLQNKEHVVEALRRAKFKFPG
RQKIHISKKWGFTKFNADEFEDMVAEKRLIPDGCGVKYIPNRGPLDKWRALHS
;
AL10
14 'polypeptide(L)'
;KENPMRELRIRKLCLNICVGESGDRLTRAAKVLEQLTGQTPVFSKARYTVRSFGIRRNEKIAVHCTVRGAKAEEILEKGL
KVREYELRKNNFSDTGNFGFGIQEHIDLGIKYDPSIGIYGLDFYVVLGRPGFSIADKKRRTGCIGAKHRISKEEAMRWFQ
QKYDGIILPG
;
AL11
15 'polypeptide(L)'
;EIKVVYLRCTGGEVGATSALAPKIGPLGLSPKKVGDDIAKATGDWKGLRITVKLTIQNRQAQIEVVPSASALIIKALKEP
PRDRKKQKNIKHSGNITFDEIVNIARQMRHRSLARELSGTIKEILGTAQSVGCNVDGRHPHDIIDDINSGAVE
;
AL12
16 'polypeptide(L)'
;APSRNGMILKPHFHKDWQRRVATWFNQPARKIRRRKARQARARRIAPRPAAGPIRPIVRCPTVRYHTKVRAGRGFSLEEL
RVAGIHKKVARTIGISVDPRRRNKSTESLQANVQRLKEYRSKLVLFPRKPSAPKKGDSSAEELKLATQLTGPVMPIRNVF
KKEKARVITEEEKNFKAFASLRMARANARLFGIRAKRAKEAAEQDVEKKK
;
AL13
17 'polypeptide(L)'
;VFRRFVEVGRVAYVSFGPHAGKLVAIVDVIDQNRALVDGPCTRVRRQAMPFKCMQLTDFILKFPHSARQKYVRKAWEKAD
INTKWAATRWAKKIEARERKAKMTDFDRYKVMKAKKMRNRIIKNEVKKLQRAALLKAS
;
AL14
18 'polypeptide(L)'
;GAYKYIQELWRKKQSDVMRFLLRVRCWQYRQLSALHRAPRPTRPDKARRLGYKAKQGYVIYRIRVRRGGRKRPVPKGATY
GKPVHHGVNQLKFARSLQSVAEERAGRHCGALRVLNSYWVGEDSTYKFFEVILIDPFHKAIRRNPDTQWITKPVHKHREM
RGLTSAGRKSRGLGKGHKFHHTIGGSRRAAWRRRNTLQLHRYR
;
AL15
19 'polypeptide(L)'
;QVLVLDGRGHLLGRLAAIVAKQVLLGRKVVVVRCEGINISGNFYRNKLKYLAFLRKRMNTNPSRGPYHFRAPSRIFWRTV
RGMLPHKTKRGQAALDRLKVFDGIPPPYDKKKRMVVPAALKVVRLKPTRKFAYLGRLAHEVGWKYQAVTATLEEKRKEKA
KIHYRKKKQLMRLRKQAEKNVEKKISKFTDVLKTHGLLV
;
AL16
20 'polypeptide(L)'
;VRYSLDPENPTKSCKSRGSNLRVHFKNTRETAQAIKGMHIRKATKYLKDVTLKKQCVPFRRYNGGVGRCAQAKQWGWTQG
RWPKKSAEFLLHMLKNAESNAELKGLDVDSLVIEHIQVNKAPKMRRRTYRAHGRINPYMSSPCHIEMILTEKE
;
AL17
21 'polypeptide(L)'
;GVDIRHNKDRKVRRKEPKSQDIYLRLLVKLYRFLARRTNSTFNQVVLKRLFMSRTNRPPLSLSRMIRKMKLPGRENKTAV
VVGTVTDDVRVQEVPKLKVCALRVTSRARSRILKAGGKILTFDQLALDSPKGRGTVLLSGPRKGREVYRHFGKAPGTPHS
HTKPYVRSKGRKFERARGRRASRGYKN
;
AL18
22 'polypeptide(L)'
;SMLRLQKRLASSVLRCGKKKVWLDPNETNEIANANSRQQIRKLIKDGLIIRKPVTVHSRARCRKNTLARRKGRHMGIGKR
KGTANARMPEKVTWMRRMRILRRLLRRYRESKKIDRHMYHSLYLKVKGNVFKNKRILMEHIHKLKADKARKKLLADQAEA
RRSKTKEARKRREERLQAKK
;
AL19
23 'polypeptide(L)'
;MKASGTLREYKVVGRCLPTPKCRTPPLYRMRIFAPNHVVAKSRFWYFVSQLKKMKKSSGEIVYCGQVFEKSPLRVKNFGI
WLRYDSRSGTHNMYREYRDLTTAGAVTQCYRDMGARHRARAHSIQIMKVEEIAASKCRRPAVKQFHDSKIKFPLPHRVLR
RQHKPRFTTKRPNTFF
;
AL20
24 'polypeptide(L)'
;TNTKGKRRGTRYMFSRPFRKHGVVPLATYMRIYKKGDIVDIKGMGTVQKGMPHKCYHGKTGRVYNVTQHAVGIVVNKQVK
GKILAKRINVRIEHIKHSKSRDSFLKRVKENDQKKKEAKEKGTWVQLKRQPAPPREAHFVRTNGKEPELLEPIPYEFMA
;
AL21
25 'polypeptide(L)'
;QLLKFTLDCTHPVEDGIMDAANFEQFLQERIKVNGKAGNLGGGVVSLERSKSKITVTSEVPFSKRYLKYLTKKYLKKNNL
RDWLRVVANTKESYELRYF
;
AL22
26 'polypeptide(L)'
;SGAKFRISLGLPVGAVINCADNTGAKNLYIISVKGIKGRLNRLPAAGVGDMVMATVKKGKPELRKKVHPAVVIRQRKSYR
RKDGVFLYFEDNAGVIVNNKGEMKGSAITGPVAKECADLWPRIASNAGSIA
;
AL23
27 'polypeptide(L)'
;MKVELCSFSGYKIYPGHGRRYARTDGKVFQFLNAKCESAFLSKRNPRQINWTVLYRRKHKKGQSEEIQKKRTRRAVKFQR
AITGASLADIMAKRNQKPEVRKAQREQAIRAAKEAKKAKQA
;
AL24
28 'polypeptide(L)'
;KIRTSPTFRRPKTLRLRRQPKYPRKSAPRRNKLDHYAIIKFPLTTESAMKKIEDNNTLVFIVDVKANKHQIKQAVKKLYD
IDVAKVNTLIRPDGEKKAYVRLAPDYDALDVANKIGII
;
AL25
29 'polypeptide(L)'
;MKFNPFVTSDRSKNRKRHFNAPSHIRRKIMSSPLSKELRQKYNVRSMPIRKDDEVQVVRGHYKGQQIGKVVQVYRKKYVI
YIERVQREKANGTTVHVGIHPSKVVITRLKLDKDRKKILERKAKSRQVGKEKGK
;
AL26
30 'polypeptide(L)'
;GKFMKPGKVVLVLAGRYSGRKAVIVKNIDDGTSDRPYSHALVAGIDRYPRKVTAAMGKKKIAKRSKIKSFVKVYNYNHLM
PTRYSVDIPLDKTVVNKDVFRDPALKRKARREAKVKFEERYKTGKNKWFFQKLRF
;
AL27
31 'polypeptide(L)'
;PSRLRKTRKLRGHVSHGHGRIGKHRKHPGGRGNAGGMHHHRINFDKYHPGYFGKVGMRHYHLKRNQSFCPTVNLDKLWTL
VSEQTRVNAAKNKTGAAPIIDVVRSGYYKVLGKGKLPKQPVIVKAKFFSRRAEEKIKGVGGACVLVA
;
AL28
32 'polypeptide(L)'
;MAKSKNHTTHNQSRKWHRNGIKKPRSQRYESLKGVDPKFLRNMRFAKKHNKKGLKKMQANNAKAMAARAEAIKALVKPKE
VKPTIPKGVSRKLHRLAYIAHPKLGRRARARIARGLRLSRPQTKAKAKTEPQIKGKVKAQIKAQAQAQIKSKGKGKAQAE
TKPKAQAETKPKAQAQAKPKAQAQGKPKAQAQGKPKAQAQAKPKAQAQAKPKAQAQTKPKAQATPAAPVPAQAPPKGAQP
PAKAP
;
AL29
33 'polypeptide(L)'
;SLESINSRLQLVMKSGKYVLGYKQSLKMIRQGKAKLVILANNCPALRKSEIEYYAMLAKTGVHHYSGNNIELGTACGKYY
RVCTLSIIDPGDSDIIRS
;
AL30
34 'polypeptide(L)'
;NEVVTREYTINIHKRIHGVGFKKRAPRALKEIRKFAMKEMGTPDVRIDTRLNKAVWAKGIRNVPYRIRVRLSRKRNEDED
SPNKLYTLVTYVPVTTFKNLQTVNVDE
;
AL31
35 'polypeptide(L)'
;AALRPLVKPKIVKKRTKKFIRHQSDRYVKIKRNWRKPRGIDNRVRRRFKGQILMPNIGYGSNKKTKHMLPSGFRKFLVHN
VKELEVLLMCNKSYCAEIAHNVSSKNRKAIVERAAQLAIRVTNPNARL
;
AL32
36 'polypeptide(L)'
;SGRLWCKAIFAGYKRGLRNQREHTALLKIEGVYARDETEFYLGKRCAYVYKAKNNTVTPGGKPNKTRVIWGKVTRAHGNS
GMVRAKFRSNLPAKAIGHRIRVMLYPSRI
;
AL33
37 'polypeptide(L)'
;VQRLTYRRRLSYNTASNKTRLSRTPGNRIVYLYTKKVGKAPKSACGVCPGRLRGVRAVRPKVLMRLSKTKKHVSRAYGGS
MCAKCVRDRIKRAFLIEEQKIVVKVLKAQAQSQK
;
AL34
38 'polypeptide(L)'
;AKIKARDLRGKKKEELLKQLDDLKVELSQLRVAKVTGGAASKLSKIRVVRKSIARVLTVINQTQKENLRKFYKGKKYKPL
DLRPKKTRAMRRRLNKHEESLKTKKQQRKERLYPLRKYAVKA
;
AL35
39 'polypeptide(L)'
;ALRYPMAVGLNKGHKVTKNVSKPRHSRRRGRLTKHTKFVRDMIREVCGFAPYERRAMELLKVSKDKRALKFIKKRVGTHI
RAKRKREELSSVLAAMRKAAAK
;
AL36
40 'polypeptide(L)'
;TKGTSSFGKRRNKTHTLCRRCGSKAYHLQKSTCGKCGYPAKRKRKYNWSAKAKRRNTTGTGRMRHLKIVYRRFRHGFREG
TTPKPK
;
AL37
41 'polypeptide(L)' PRKIEEIKDFLLTARRKDAKSVKIKKNKDNVKFKVRCSRYLYTLVITDKEKAEKLKQSLPPGLAVKELK AL38
42 'polypeptide(L)' SSHKTFRIKRFLAKKQKQNRPIPQWIWMKTGNKIRYNSKRRHWRRTKLGL AL39
43 'polypeptide(L)' IIEPSLRQLAQKYNCDKMICRKCYARLHPRAVNCRKKKCGHTNNLRPKKKVK AL40
44 'polypeptide(L)' MRAKWRKKRMRRLKRKRRKMRQRSK AL41
45 'polypeptide(L)'
;VNVPKTRRTFCKKCGKHQPHKVTQYKKGKDSLYAQGKRRYDRKQSGYGGQTKPIFRKKAKTTKKIVLRLECVEPNCRSKR
MLAIKRCKHFELGGDKKRKGQVIQ
;
AL42
46 'polypeptide(L)'
;AKRTKKVGIVGKYGTRYGASLRKMVKKIEISQHAKYTCSFCGKTKMKRRAVGIWHCGSCMKTVAGGAWTYNTTSAVTVKS
AIRRLKELKDQ
;
AL43
47 'polypeptide(L)'
;SAHLQWMVVRNCSSFLIKRNKQTYSTEPNNLKARNSFRYNGLIHRKTVGVEPAADGKGVVVVMKRRSGQRKPATSYVRTT
INKNARATLSSIRHMIRKNKYHPDLRMAAIRRASAILRSQKPVM
;
ALNW
48 'polypeptide(L)'
;DRATWKSNYFLKIIQLLDDYPKCFIVGADNVGSKQMQQIRMSLRGKAVVLMGKNTMMRKAIRGHLENNPALEKLLPHIRG
NVGFVFTKEDLTEIRDMLLANKVPAAARAGAIAPCEVTVPAQNTGLGPEKTSFFQALGITTKISRGTIEILSDVQLIKTG
DKVGASEATLLNMLNISPFSFGLIIQQVFDNGSIYN
;
ALP0
49 'polypeptide(L)'
;MVMGLGVLLLVFVLGLGLTPPTLAQDNSRYTHFLTQHYDAKPQGRDDRYCESIMRRRGLTSPCKDINTFIHGNKRSIKAI
CENKNGNPHRENLRISKSSFQVTTCKLHGGSPWPPCQYRATAGFRNVVVACENGLPVHLDQSIFRRP
;
ANG
50 'polypeptide(L)'
;TEQMTLRGTLKGHNGWVTQIATTPQFPDMILSASRDKTIIMWKLTRDETNYGIPQRALRGHSHFVSDVVISSDGQFALSG
SWDGTLRLWDLTTGTTTRRFVGHTKDVLSVAFSSDNRQIVSGSRDKTIKLWNTLGVCKYTVQDESHSEWVSCVRFSPNSS
NPIIVSCGWDKLVKVWNLANCKLKTNHIGHTGYLNTVTVSPDGSLCASGGKDGQAMLWDLNEGKHLYTLDGGDIINALCF
SPNRYWLCAATGPSIKIWDLEGKIIVDELKQEVISTSSKAEPPQCTSLAWSADGQTLFAGYTDNLVRVWQVTI
;
ARAC
51 'polypeptide(L)'
;SGALDVLQMKEEDVLKFLAAGTHLGGTNLDFQMEQYIYKRKSDGIYIINLKRTWEKLLLAARAIVAIENPADVSVISSRN
TGQRAVLKFAAATGATPIAGRFTPGTFTNQIQTAFREPRLLVVTDPRADHQPLTEASYVNLPTIALCNTDSPLRYVDIAI
PCNNKGAHSVGLMWWMLAREVLRMRGTISREHPWEVMPDLYFYRDPEEIEKEEQAAA
;
AS00
52 'polypeptide(L)'
;VVDPFSKKDWYDVKAPAMFNIRNIGKTLVTRTQGTKIASDGLKGRVFEVSLADLQNDEVAFRKFKLITEDVQGKNCLTNF
HGMDLTRDKMCSMVKKWQTMIEAHVDVKTTDGYLLRLFCVGFTKKRNNQIRKTSYAQHQQVRQIRKKMMEIMTREVQTND
LKEVVNKLIPDSIGKDIEKACQSIYPLHDVFVRKVKMLKKPKFELGKLMELHG
;
AS01
53 'polypeptide(L)'
;KEWLPVTKLGRLVKDMKIKSLEEIYLFSLPIKESEIIDFFLGASLKDEVLKIMPVQKQTRAGQRTRFKAFVAIGDYNGHV
GLGVKCSKEVATAIRGAIILAKLSIVPVRRGYWGNKIGKPHTVPCKVTGRCGSVLVRLIPAPRGTGIVSAPVPKKLLMMA
GIDDCYTSARGCTATLGNFAKATFDAISKTYSYLTPDLWKETVFTKSPYQEFTDHLVKTHT
;
AS02
54 'polypeptide(L)'
;MAVQISKKRKFVADGIFKAELNEFLTRELAEDGYSGVEVRVTPTRTEIIILATRTQNVLGEKGRRIRELTAVVQKRFGFP
EGSVELYAEKVATRGLCAIAQAESLRYKLLGGLAVRRACYGVLRFIMESGAKGCEVVVSGKLRGQRAKSMKFVDGLMIHS
GDPVNYYVDTAVRHVLLRQGVLGIKVKIMLPWDPSGKIGPKKPLPDHVSIVEPKDEILPTTPISEQKG
;
AS03
55 'polypeptide(L)'
;ARGPKKHLKRVAAPKHWMLDKLTGVFAPRPSTGPHKLRECLPLIIFLRNRLKYALTGDEVKKICMQRFIKIDGKVRTDIT
YPAGFMDVISIDKTGENFRLIYDTKGRFAVHRITPEEAKYKLCKVRKIFVGTKGIPHLVTHDARTIRYPDPLIKVNDTIQ
IDLETGKITDFIKFDTGNLCMVTGGANLGRIGVITNRERHPGSFDVVHVKDANGNSFATRLSNIFVIGKGNKPWISLPRG
KGIRLTIAEERDKRLAAKQSSG
;
AS04
56 'polypeptide(L)'
;TPDIKLFGKWSTDDVQINDISLQDYIAVKEKYAKYLPHSAGRYAAKRFRKAQCPIVERLTNSMMMHGRNNGKKLMTVRIV
KHAFEIIHLLTGENPLQVLVNAIINSGPREDSTRIGRAGTVRRQAVDVSPLRRVNQAIWLLCTGAREAAFRNIKTIAECL
ADELINAAKGSSNSYAIKKKDELERVAKSNR
;
AS05
57 'polypeptide(L)'
;MKLNISFPATGCQKLIEVDDERKLRTFYEKRMATEVAADALGEEWKGYVVRISGGNDKQGFPMKQGVLTHGRVRLLLSKG
HSCYRPRRTGERKRKSVRGCIVDANLSVLNLVIVKKGEKDIPGLTDTTVPRRLGPKRASRIRKLFNLSKEDDVRQYVVRK
PLNKEGKKPRTKAPKIQRLVTPRVLQHKRRRIALKKQRTKKNKEEAAEYAKLLAKRMKEAKEKRQEQIAKRRRLSSL
;
AS06
58 'polypeptide(L)'
;AKIVKPNGEKPDEFESGISQALLELEMNSDLKAQLRELNITAAKEIEVGGGRKAIIIFVPVPQLKSFQKIQVRLVRELEK
KFSGKHVVFIAQRRILPKPTRKSRTKNKQKRPRSRTLTAVHDAILEDLVFPSEIVGKRIRVKLDGSRLIKVHLDKAQQNN
VEHKVETFSGVYKKLTGKDVNFEFPEFQL
;
AS07
59 'polypeptide(L)'
;GISRDNWHKRRKTGGKRKPYHKKRKYELGRPAANTKIGPRRIHTVRVRGGNKKYRALRLDVGNFSWGSECCTRKTRIIDV
VYNASNNELVRTKTLVKNCIVLIDSTPYRQWYESHYALPLGRKKGAKLTPEEEEILNKKRSKKIQKKYDERKKNAKISSL
LEEQFQQGKLLACIASRPGQCGRADGYVLEGKELEFYLRKIKARKG
;
AS08
60 'polypeptide(L)'
;PVARSWVCRKTYVTPRRPFEKSRLDQELKLIGEYGLRNKREVWRVKFTLAKIRKAARELLTLDEKDPRRLFEGNALLRRL
VRIGVLDEGKMKLDYILGLKIEDFLERRLQTQVFKLGLAKSIHHARVLIRQRHIRVRKQVVNIPSFIVRLDSQKHIDFSL
RSPYGGGRPGRVKRKNAKKGQGGAG
;
AS09
61 'polypeptide(L)'
;MLMPKKNRIAIYELLFKEGVMVAKKDVHMPKHPELADKNVPNLHVMKAMQSLKSRGYVKEQFAWRHFYWYLTNEGIQYLR
DYLHLPPEIVPATLRR
;
AS10
62 'polypeptide(L)'
;DIQTERAYQKQPTIFQNKKRVLLGETGKEKLPRYYKNIGLGFKTPKEAIEGTYIDKKCPFTGNVSIRGRILSGVVTKMKM
QRTIVIRRDYLHYIRKYNRFEKRHKNMSVHLSPCFRDVQIGDIVTVGECRPLSKTVRFNVLKVTKAAGTKK
;
AS11
63 'polypeptide(L)'
;VNTALQEVLKTALIHDGLARGIREAAKALDKRQAHLCVLASNCDEPMYVKLVEALCAEHQINLIKVDDNKKLGEWVGLCK
IDREGKPRKVVGCSCVVVKDYGKESQAKDVIEEYFKC
;
AS12
64 'polypeptide(L)'
;GRMHAPGKGLSQSALPYRRSVPTWLKLTSDDVKEQIYKLAKKGLTPSQIGVILRDSHGVAQVRFVTGNKILRILKSKGLA
PDLPEDLYHLIKKAVAVRKHLERNRKDKDAKFRLILIESRIHRLARYYKTKRVLPPNWKYESSTASALV
;
AS13
65 'polypeptide(L)'
;SLGPQVAEGENVFGVCHIFASFNDTFVHVTDLSGKETICRVTGGMKVKADRDESSPYAAMLAAQDVAQRCKELGITALHI
KLRATGGNRTKTPGPGAQSALRALARSGMKIGRIEDVTPIPSDSTRRKGGRRGRR
;
AS14
66 'polypeptide(L)'
;FRKFTYRGVDLDQLLDMSYEQLMQLYSARQRRRLSRGLRRKQHSLLKRLRKAKKEAPPMEKPEVVKTHLRDMIILPEMVG
SMVGVYNGKTFNQVEIKPEMIGHYLGEFSITYKPVKHGRP
;
AS15
67 'polypeptide(L)'
;GPLQSVQVFGRKKTATAVAHCKRGNGLIKVNGRPLEMIEPRTLQYKLLEPVLLLGKERFAGVDIRVRVKGGGHVAQIYAI
RQSISKALVAYYQKYVDEASKKEIKDILIQYDRTLLVADPRRCESKKFGGPGARARYQKSYR
;
AS16
68 'polypeptide(L)'
;GRVRTKTVKKAARVIIEKYYTRLGNDFHTNKRVCEEIAIIPSKKLRNKIAGYVTHLMKRIQRGPVRGISIKLQEEERERR
DNYVPEVSALDQEIIEVDPDTKEMLKLLDFGSLSNLQVTQPTVGMNFKTPRG
;
AS17
69 'polypeptide(L)'
;SLVIPEKFQHILRVLNTNIDGRRKIAFAITAIKGVGRRYAHVVLRKADIDLTKRAGELTEDEVERVITIMQNPRQYKIPD
WFLNRQKDVKDGKYSQVLANGLDNKLREDLERLKKIRAHRGLRHFWGLRVRGQHTKTTGRRGRT
;
AS18
70 'polypeptide(L)'
;GVTVKDVNQQEFVRALAAFLKKSGKLKVPEWVDTVKLAKHKELAPYDENWFYTRAASTARHLYLRGGAGVGSMTKIYGGR
QRNGVMPSHFSRGSKSVARRVLQALEGLKMVEKDQDGGRKLTPQGQRDLDRIAGQVAAAKK
;
AS19
71 'polypeptide(L)'
;HRIRITLTSRNVKSLEKVCADLIRGAKEKNLKVKGPVRMPTKTLRITTRKTPCGEGSKTWDRFQMRIHKRLIDLHSPSEI
VKQITSISIEPGVEVEVTIA
;
AS20
72 'polypeptide(L)'
;MQNDAGEFVDLYVPRKCSASNRIIGAKDHASIQMNVAEVDKVTGRFNGQFKTYAICGAIRRMGESDDSILRLAKADGIVS
KNF
;
AS21
73 'polypeptide(L)'
;VRMNVLADALKSINNAEKRGKRQVLIRPCSKVIVRFLTVMMKHGYIGEFEIIDDHRAGKIVVNLTGRLNKCGVISPRFDV
QLKDLEKWQNNLLPSRQFGFIVLTTSAGIMDHEEARRKHTGGKILGFFF
;
AS22
74 'polypeptide(L)'
;GKCRGLRTARKLRSHRRDQKWHDKQYKKAHLGTALKANPFGGASHAKGIVLEKVGVEAKQPNSAIRKCVRVQLIKNGKKI
TAFVPNDGCLNFIEENDEVLVAGFGRKGHAVGDIPGVRFKVVKVANVSLLALYKGKKERPR
;
AS23
75 'polypeptide(L)'
;TVTIRTRKFMTNRLLQRKQMVIDVLHPGKATVPKTEIREKLAKMYKTTPDVIFVFGFRTHFGGGKTTGFGMIYDSLDYAK
KNEPKHRLARHGLYEKKKTSRKQRKERKNRMKKVRGTAKANVGA
;
AS24
76 'polypeptide(L)' RDKLNNLVLFDKATYDKLCKEVPNYKLITPAVVSERLKIRGSLARAALQELLSKGLIKLVSKHRAQVIYTRNTKG AS25
77 'polypeptide(L)'
;TKKRRNNGRAKKGRGHVQPIRCTNCARCVPKDKAIKKFVIRNIVEAAAVRDISEASVFDAYVLPKLYVKLHYCVSCAIHS
KVVRNRSREARKDRTPPPRFR
;
AS26
78 'polypeptide(L)'
;PLAKDLLHPSPEEEKRKHKKKRLVQSPNSYFMDVKCPGCYKITTVFSHAQTVVLCVGCSTVLCQPTGGKARLTEGCSFRR
KQH
;
AS27
79 'polypeptide(L)' QPIKLARVTKVLGRTGSQGQCTQVRVEFMDDTSRSIIRNVKGPVREGDVLTLLESEREARRL AS28
80 'polypeptide(L)' GHQQLYWSHPRKFGQGSRSCRVCSNRHGLIRKYGLNMCRQCFRQYAKDIGFIKLD AS29
81 'polypeptide(L)' SLARVGKVRGQTLKVAKQEKKKKRTGRAKRRMQYNRRFVNVVPTFGKKKGPNANS AS30
82 'polyribonucleotide' CGCGGGGUGGAGCAGCCUGGUAGCUCGUCGGGCUCAUAACCCGAAGGUCGUCGGUUCAAAUCCGGCCCCCGCAACCA ETRN,PTRN
83 'polyribonucleotide' CCACAUGUUCCCCCCCCCCCCCCCCCCC MRNA
84 'polyribonucleotide' GGGCGUGUGGCGUAGUCGGUAGCGCGCUCCCUUAGCAUGGGAGAGGUCUCCGGUUCGAUUCCGGACUCGUCCACCA TIRN
#
loop_
_chem_comp.id
_chem_comp.type
_chem_comp.name
_chem_comp.formula
A RNA linking ADENOSINE-5'-MONOPHOSPHATE 'C10 H14 N5 O7 P'
C RNA linking CYTIDINE-5'-MONOPHOSPHATE 'C9 H14 N3 O8 P'
G RNA linking GUANOSINE-5'-MONOPHOSPHATE 'C10 H14 N5 O8 P'
N RNA linking 'ANY 5'-MONOPHOSPHATE NUCLEOTIDE' 'C5 H11 O7 P'
U RNA linking URIDINE-5'-MONOPHOSPHATE 'C9 H13 N2 O9 P'
#
# COMPACT_ATOMS: atom_id res chain seq x y z
N GLY E 1 28.58 -21.51 7.26
CA GLY E 1 29.29 -22.64 7.80
C GLY E 1 29.69 -23.62 6.73
N ARG E 2 29.33 -23.31 5.50
CA ARG E 2 29.58 -24.18 4.37
C ARG E 2 30.46 -23.47 3.35
N VAL E 3 31.33 -24.25 2.72
CA VAL E 3 32.23 -23.76 1.67
C VAL E 3 31.38 -23.40 0.45
N ILE E 4 31.39 -22.12 0.08
CA ILE E 4 30.54 -21.61 -0.99
C ILE E 4 31.02 -22.15 -2.33
N ARG E 5 30.22 -21.95 -3.37
CA ARG E 5 30.48 -22.58 -4.66
C ARG E 5 31.75 -22.03 -5.31
N GLY E 6 31.91 -20.71 -5.31
CA GLY E 6 33.09 -20.10 -5.89
C GLY E 6 34.38 -20.48 -5.19
N GLN E 7 34.25 -20.96 -3.96
CA GLN E 7 35.38 -21.49 -3.21
C GLN E 7 35.72 -22.92 -3.62
N ARG E 8 34.73 -23.68 -4.10
CA ARG E 8 35.02 -25.05 -4.48
C ARG E 8 35.68 -25.13 -5.84
N LYS E 9 35.62 -24.08 -6.64
CA LYS E 9 36.13 -24.15 -8.00
C LYS E 9 37.65 -24.21 -8.06
N GLY E 10 38.34 -23.80 -7.01
CA GLY E 10 39.78 -23.88 -7.05
C GLY E 10 40.32 -25.23 -6.70
N ALA E 11 39.52 -26.09 -6.10
CA ALA E 11 39.96 -27.43 -5.80
C ALA E 11 39.95 -28.32 -7.03
N GLY E 12 39.04 -28.09 -7.94
CA GLY E 12 39.01 -28.81 -9.20
C GLY E 12 38.34 -30.17 -9.04
N SER E 13 38.65 -31.07 -9.96
CA SER E 13 38.24 -32.48 -10.05
C SER E 13 36.77 -32.62 -10.41
N VAL E 14 36.01 -31.53 -10.34
CA VAL E 14 34.70 -31.46 -10.97
C VAL E 14 34.61 -30.21 -11.84
N PHE E 15 35.35 -29.16 -11.50
CA PHE E 15 35.40 -27.96 -12.29
C PHE E 15 36.64 -27.90 -13.16
N ARG E 16 37.28 -29.03 -13.38
CA ARG E 16 38.44 -29.08 -14.26
C ARG E 16 37.99 -28.97 -15.71
N ALA E 17 38.91 -28.51 -16.56
CA ALA E 17 38.59 -28.31 -17.96
C ALA E 17 38.44 -29.63 -18.69
N HIS E 18 37.42 -29.71 -19.54
CA HIS E 18 37.16 -30.91 -20.32
C HIS E 18 38.07 -30.86 -21.54
N VAL E 19 39.16 -31.61 -21.51
CA VAL E 19 40.17 -31.48 -22.55
C VAL E 19 40.38 -32.80 -23.28
N LYS E 20 39.33 -33.62 -23.37
CA LYS E 20 39.48 -34.89 -24.05
C LYS E 20 39.66 -34.71 -25.55
N HIS E 21 38.88 -33.83 -26.15
CA HIS E 21 38.91 -33.66 -27.59
C HIS E 21 39.66 -32.42 -28.04
N ARG E 22 40.20 -31.63 -27.12
CA ARG E 22 40.99 -30.47 -27.49
C ARG E 22 42.20 -30.89 -28.30
N LYS E 23 42.50 -30.12 -29.33
CA LYS E 23 43.51 -30.53 -30.29
C LYS E 23 44.91 -30.41 -29.71
N GLY E 24 45.22 -29.27 -29.11
CA GLY E 24 46.53 -29.10 -28.53
C GLY E 24 46.72 -27.70 -28.00
N ALA E 25 47.98 -27.37 -27.76
CA ALA E 25 48.34 -26.04 -27.26
C ALA E 25 48.54 -25.12 -28.46
N ALA E 26 47.60 -24.19 -28.64
CA ALA E 26 47.67 -23.23 -29.73
C ALA E 26 48.76 -22.21 -29.46
N ARG E 27 49.96 -22.45 -29.97
CA ARG E 27 51.11 -21.61 -29.72
C ARG E 27 51.71 -21.13 -31.03
N LEU E 28 52.73 -20.30 -30.92
CA LEU E 28 53.53 -19.93 -32.07
C LEU E 28 54.63 -20.93 -32.29
N ARG E 29 55.59 -20.58 -33.13
CA ARG E 29 56.78 -21.40 -33.38
C ARG E 29 57.93 -20.79 -32.60
N ALA E 30 58.64 -21.62 -31.83
CA ALA E 30 59.66 -21.15 -30.89
C ALA E 30 60.76 -20.35 -31.55
N VAL E 31 61.41 -19.47 -30.77
CA VAL E 31 62.48 -18.65 -31.30
C VAL E 31 63.69 -19.52 -31.60
N ASP E 32 64.30 -19.27 -32.75
CA ASP E 32 65.52 -19.96 -33.16
C ASP E 32 66.28 -19.05 -34.10
N PHE E 33 67.28 -19.61 -34.78
CA PHE E 33 68.18 -18.81 -35.61
C PHE E 33 67.44 -18.18 -36.77
N ALA E 34 66.64 -18.98 -37.48
CA ALA E 34 65.95 -18.51 -38.66
C ALA E 34 64.95 -17.41 -38.30
N GLU E 35 64.17 -17.64 -37.26
CA GLU E 35 63.15 -16.69 -36.82
C GLU E 35 63.76 -15.36 -36.40
N ARG E 36 65.00 -15.39 -35.92
CA ARG E 36 65.66 -14.15 -35.55
C ARG E 36 66.23 -13.42 -36.76
N HIS E 37 66.94 -14.14 -37.63
CA HIS E 37 67.61 -13.48 -38.73
C HIS E 37 66.74 -13.45 -39.99
N GLY E 38 66.41 -14.60 -40.52
CA GLY E 38 65.73 -14.68 -41.79
C GLY E 38 64.25 -14.90 -41.64
N TYR E 39 63.67 -15.52 -42.65
CA TYR E 39 62.30 -16.02 -42.62
C TYR E 39 62.30 -17.49 -42.96
N ILE E 40 61.25 -18.18 -42.54
CA ILE E 40 61.11 -19.60 -42.82
C ILE E 40 59.72 -19.83 -43.39
N LYS E 41 59.65 -20.63 -44.46
CA LYS E 41 58.43 -20.84 -45.19
C LYS E 41 57.67 -22.03 -44.65
N GLY E 42 56.36 -21.89 -44.51
CA GLY E 42 55.54 -22.97 -44.02
C GLY E 42 54.23 -23.10 -44.76
N ILE E 43 53.78 -24.32 -44.97
CA ILE E 43 52.53 -24.58 -45.65
C ILE E 43 51.44 -24.67 -44.59
N VAL E 44 50.24 -24.21 -44.94
CA VAL E 44 49.07 -24.45 -44.10
C VAL E 44 48.47 -25.77 -44.54
N LYS E 45 48.73 -26.82 -43.75
CA LYS E 45 48.30 -28.16 -44.11
C LYS E 45 46.78 -28.26 -44.13
N ASP E 46 46.12 -27.87 -43.05
CA ASP E 46 44.67 -27.78 -43.04
C ASP E 46 44.24 -26.92 -41.85
N ILE E 47 42.96 -26.61 -41.83
CA ILE E 47 42.37 -25.76 -40.80
C ILE E 47 41.32 -26.60 -40.06
N ILE E 48 41.33 -26.52 -38.73
CA ILE E 48 40.51 -27.37 -37.89
C ILE E 48 39.83 -26.54 -36.82
N HIS E 49 38.87 -27.15 -36.14
CA HIS E 49 38.02 -26.49 -35.18
C HIS E 49 38.30 -27.05 -33.80
N ASP E 50 38.76 -26.18 -32.90
CA ASP E 50 39.15 -26.62 -31.57
C ASP E 50 37.95 -26.53 -30.64
N PRO E 51 37.53 -27.61 -30.01
CA PRO E 51 36.39 -27.55 -29.10
C PRO E 51 36.68 -26.66 -27.91
N GLY E 52 35.72 -25.83 -27.56
CA GLY E 52 35.87 -24.88 -26.47
C GLY E 52 36.45 -23.57 -26.91
N ARG E 53 37.37 -23.60 -27.87
CA ARG E 53 37.96 -22.38 -28.42
C ARG E 53 37.11 -21.90 -29.58
N GLY E 54 36.61 -20.67 -29.49
CA GLY E 54 35.77 -20.15 -30.55
C GLY E 54 36.51 -19.92 -31.85
N ALA E 55 37.79 -19.64 -31.76
CA ALA E 55 38.54 -19.45 -32.99
C ALA E 55 38.89 -20.80 -33.61
N PRO E 56 39.12 -20.87 -34.91
CA PRO E 56 39.66 -22.09 -35.50
C PRO E 56 41.17 -22.11 -35.41
N LEU E 57 41.73 -23.31 -35.44
CA LEU E 57 43.17 -23.49 -35.44
C LEU E 57 43.65 -23.83 -36.84
N ALA E 58 44.96 -23.79 -37.02
CA ALA E 58 45.55 -24.04 -38.33
C ALA E 58 46.75 -24.93 -38.15
N LYS E 59 46.86 -25.97 -38.96
CA LYS E 59 48.00 -26.89 -38.90
C LYS E 59 49.03 -26.42 -39.90
N VAL E 60 50.04 -25.74 -39.43
CA VAL E 60 51.09 -25.25 -40.30
C VAL E 60 52.24 -26.24 -40.26
N VAL E 61 52.86 -26.51 -41.40
CA VAL E 61 53.91 -27.50 -41.51
C VAL E 61 55.19 -26.80 -41.95
N PHE E 62 56.22 -26.85 -41.11
CA PHE E 62 57.52 -26.31 -41.45
C PHE E 62 58.51 -27.42 -41.68
N ARG E 63 59.58 -27.09 -42.37
CA ARG E 63 60.70 -27.99 -42.61
C ARG E 63 61.78 -27.63 -41.60
N ASP E 64 62.15 -28.59 -40.75
CA ASP E 64 63.10 -28.31 -39.69
C ASP E 64 64.47 -28.00 -40.28
N PRO E 65 65.16 -26.96 -39.81
CA PRO E 65 66.41 -26.54 -40.43
C PRO E 65 67.64 -27.24 -39.91
N TYR E 66 67.50 -28.21 -39.03
CA TYR E 66 68.66 -28.91 -38.51
C TYR E 66 68.61 -30.41 -38.71
N ARG E 67 67.41 -30.99 -38.79
CA ARG E 67 67.25 -32.41 -39.02
C ARG E 67 66.36 -32.61 -40.22
N PHE E 68 66.54 -33.74 -40.90
CA PHE E 68 65.73 -34.07 -42.06
C PHE E 68 64.35 -34.52 -41.57
N LYS E 69 63.51 -33.54 -41.27
CA LYS E 69 62.25 -33.84 -40.64
C LYS E 69 61.33 -32.65 -40.82
N LYS E 70 60.04 -32.91 -40.95
CA LYS E 70 59.06 -31.83 -41.05
C LYS E 70 58.39 -31.64 -39.69
N ARG E 71 58.39 -30.41 -39.21
CA ARG E 71 57.79 -30.07 -37.94
C ARG E 71 56.42 -29.42 -38.17
N THR E 72 55.48 -29.68 -37.28
CA THR E 72 54.12 -29.19 -37.42
C THR E 72 53.69 -28.45 -36.17
N GLU E 73 53.22 -27.22 -36.35
CA GLU E 73 52.73 -26.41 -35.25
C GLU E 73 51.25 -26.12 -35.45
N LEU E 74 50.58 -25.81 -34.34
CA LEU E 74 49.17 -25.43 -34.34
C LEU E 74 49.08 -23.93 -34.11
N PHE E 75 48.61 -23.22 -35.12
CA PHE E 75 48.48 -21.78 -35.07
C PHE E 75 47.05 -21.38 -34.82
N ILE E 76 46.88 -20.13 -34.43
CA ILE E 76 45.55 -19.55 -34.26
C ILE E 76 45.23 -18.78 -35.54
N ALA E 77 44.27 -19.31 -36.30
CA ALA E 77 44.01 -18.85 -37.66
C ALA E 77 43.62 -17.39 -37.74
N ALA E 78 44.48 -16.58 -38.34
CA ALA E 78 44.11 -15.21 -38.68
C ALA E 78 43.05 -15.27 -39.77
N GLU E 79 42.11 -14.33 -39.74
CA GLU E 79 41.00 -14.45 -40.65
C GLU E 79 41.43 -14.09 -42.06
N GLY E 80 41.16 -14.99 -43.01
CA GLY E 80 41.60 -14.84 -44.37
C GLY E 80 42.61 -15.87 -44.80
N ILE E 81 43.01 -16.76 -43.92
CA ILE E 81 43.96 -17.81 -44.24
C ILE E 81 43.23 -18.93 -44.95
N HIS E 82 43.88 -19.51 -45.96
CA HIS E 82 43.33 -20.68 -46.64
C HIS E 82 44.42 -21.72 -46.78
N THR E 83 44.01 -22.97 -46.91
CA THR E 83 44.98 -24.07 -46.96
C THR E 83 45.80 -23.97 -48.23
N GLY E 84 47.03 -24.46 -48.15
CA GLY E 84 47.97 -24.34 -49.24
C GLY E 84 48.68 -23.00 -49.32
N GLN E 85 48.11 -21.96 -48.73
CA GLN E 85 48.77 -20.67 -48.70
C GLN E 85 49.98 -20.73 -47.78
N PHE E 86 51.07 -20.13 -48.23
CA PHE E 86 52.33 -20.17 -47.51
C PHE E 86 52.34 -19.10 -46.44
N VAL E 87 52.83 -19.47 -45.26
CA VAL E 87 53.01 -18.55 -44.15
C VAL E 87 54.50 -18.38 -43.93
N TYR E 88 54.96 -17.14 -43.82
CA TYR E 88 56.36 -16.84 -43.61
C TYR E 88 56.56 -16.27 -42.22
N CYS E 89 57.63 -16.72 -41.56
CA CYS E 89 57.84 -16.46 -40.15
C CYS E 89 59.28 -16.03 -39.92
N GLY E 90 59.47 -14.90 -39.26
CA GLY E 90 60.77 -14.40 -38.93
C GLY E 90 60.85 -12.90 -39.05
N LYS E 91 62.06 -12.38 -38.83
CA LYS E 91 62.25 -10.93 -38.92
C LYS E 91 62.13 -10.44 -40.36
N LYS E 92 62.72 -11.18 -41.29
CA LYS E 92 62.73 -10.76 -42.69
C LYS E 92 61.45 -11.12 -43.42
N ALA E 93 60.42 -11.54 -42.73
CA ALA E 93 59.19 -11.96 -43.39
C ALA E 93 58.42 -10.76 -43.91
N GLN E 94 57.73 -10.95 -45.03
CA GLN E 94 56.98 -9.84 -45.60
C GLN E 94 55.72 -9.57 -44.78
N LEU E 95 55.15 -8.41 -45.00
CA LEU E 95 53.97 -7.96 -44.27
C LEU E 95 52.74 -8.23 -45.12
N ASN E 96 51.99 -9.26 -44.76
CA ASN E 96 50.73 -9.63 -45.38
C ASN E 96 50.04 -10.57 -44.43
N ILE E 97 48.71 -10.60 -44.48
CA ILE E 97 47.86 -11.20 -43.45
C ILE E 97 48.25 -12.66 -43.22
N GLY E 98 48.42 -13.02 -41.96
CA GLY E 98 48.91 -14.35 -41.65
C GLY E 98 50.41 -14.49 -41.84
N ASN E 99 51.18 -13.76 -41.04
CA ASN E 99 52.65 -13.81 -41.10
C ASN E 99 53.18 -13.37 -39.75
N VAL E 100 54.08 -14.11 -39.13
CA VAL E 100 54.62 -13.69 -37.85
C VAL E 100 55.96 -13.01 -38.08
N LEU E 101 56.18 -11.93 -37.36
CA LEU E 101 57.35 -11.10 -37.49
C LEU E 101 57.37 -10.20 -36.26
N PRO E 102 58.55 -9.82 -35.77
CA PRO E 102 58.60 -9.05 -34.54
C PRO E 102 57.97 -7.68 -34.72
N VAL E 103 57.37 -7.17 -33.64
CA VAL E 103 56.59 -5.95 -33.71
C VAL E 103 57.45 -4.77 -34.11
N GLY E 104 58.73 -4.79 -33.73
CA GLY E 104 59.63 -3.69 -34.03
C GLY E 104 59.88 -3.45 -35.50
N THR E 105 59.57 -4.42 -36.36
CA THR E 105 59.67 -4.18 -37.79
C THR E 105 58.36 -3.70 -38.39
N MET E 106 57.23 -4.10 -37.81
CA MET E 106 55.95 -3.68 -38.33
C MET E 106 55.75 -2.19 -38.11
N PRO E 107 55.09 -1.50 -39.02
CA PRO E 107 54.90 -0.07 -38.87
C PRO E 107 53.77 0.27 -37.91
N GLU E 108 53.49 1.55 -37.77
CA GLU E 108 52.44 2.02 -36.88
C GLU E 108 51.07 1.63 -37.43
N GLY E 109 50.11 1.51 -36.52
CA GLY E 109 48.74 1.18 -36.88
C GLY E 109 48.56 -0.17 -37.54
N THR E 110 49.52 -1.07 -37.38
CA THR E 110 49.38 -2.42 -37.89
C THR E 110 48.47 -3.21 -36.98
N ILE E 111 47.63 -4.04 -37.58
CA ILE E 111 46.66 -4.84 -36.86
C ILE E 111 47.18 -6.27 -36.76
N VAL E 112 47.51 -6.70 -35.54
CA VAL E 112 48.10 -8.02 -35.33
C VAL E 112 47.28 -8.80 -34.32
N CYS E 113 47.53 -10.10 -34.28
CA CYS E 113 46.89 -10.99 -33.33
C CYS E 113 47.88 -12.05 -32.90
N CYS E 114 47.47 -12.85 -31.91
CA CYS E 114 48.34 -13.85 -31.25
C CYS E 114 49.64 -13.20 -30.81
N LEU E 115 49.52 -12.10 -30.10
CA LEU E 115 50.67 -11.32 -29.71
C LEU E 115 51.37 -11.95 -28.51
N GLU E 116 52.70 -11.88 -28.51
CA GLU E 116 53.52 -12.28 -27.37
C GLU E 116 53.62 -11.14 -26.39
N GLU E 117 53.59 -11.46 -25.09
CA GLU E 117 53.80 -10.44 -24.07
C GLU E 117 55.09 -10.65 -23.29
N LYS E 118 55.96 -11.53 -23.77
CA LYS E 118 57.31 -11.71 -23.28
C LYS E 118 58.07 -12.38 -24.42
N PRO E 119 59.23 -11.87 -24.80
CA PRO E 119 59.92 -12.40 -25.99
C PRO E 119 60.29 -13.87 -25.87
N GLY E 120 59.72 -14.67 -26.76
CA GLY E 120 59.92 -16.10 -26.72
C GLY E 120 58.97 -16.83 -25.81
N ASP E 121 57.68 -16.51 -25.86
CA ASP E 121 56.68 -17.23 -25.09
C ASP E 121 55.54 -17.77 -25.95
N ARG E 122 55.68 -17.67 -27.27
CA ARG E 122 54.83 -18.36 -28.25
C ARG E 122 53.38 -17.90 -28.16
N GLY E 123 53.23 -16.59 -27.97
CA GLY E 123 51.95 -15.93 -28.16
C GLY E 123 51.01 -16.06 -26.98
N LYS E 124 50.53 -14.93 -26.46
CA LYS E 124 49.61 -14.99 -25.34
C LYS E 124 48.46 -14.01 -25.48
N LEU E 125 48.65 -12.92 -26.21
CA LEU E 125 47.71 -11.83 -26.20
C LEU E 125 46.90 -11.78 -27.49
N ALA E 126 45.63 -11.40 -27.35
CA ALA E 126 44.71 -11.18 -28.45
C ALA E 126 44.60 -12.41 -29.35
N ARG E 127 44.07 -13.47 -28.76
CA ARG E 127 43.93 -14.73 -29.45
C ARG E 127 42.57 -15.33 -29.19
N ALA E 128 41.55 -14.50 -29.07
CA ALA E 128 40.18 -14.97 -29.05
C ALA E 128 39.53 -14.56 -30.35
N SER E 129 38.36 -15.12 -30.62
CA SER E 129 37.70 -14.95 -31.91
C SER E 129 37.33 -13.50 -32.18
N GLY E 130 38.01 -12.89 -33.15
CA GLY E 130 37.67 -11.55 -33.56
C GLY E 130 38.35 -10.45 -32.78
N ASN E 131 39.41 -10.77 -32.03
CA ASN E 131 40.11 -9.78 -31.23
C ASN E 131 41.51 -9.58 -31.79
N TYR E 132 41.86 -8.33 -32.04
CA TYR E 132 43.15 -7.96 -32.60
C TYR E 132 43.83 -6.96 -31.68
N ALA E 133 45.07 -6.67 -31.97
CA ALA E 133 45.84 -5.70 -31.21
C ALA E 133 46.53 -4.75 -32.19
N THR E 134 46.63 -3.50 -31.82
CA THR E 134 47.19 -2.46 -32.66
C THR E 134 48.52 -1.99 -32.10
N VAL E 135 49.54 -1.93 -32.94
CA VAL E 135 50.84 -1.42 -32.50
C VAL E 135 50.84 0.09 -32.71
N ILE E 136 50.83 0.83 -31.61
CA ILE E 136 50.66 2.27 -31.69
C ILE E 136 51.99 2.95 -31.96
N SER E 137 52.91 2.84 -31.02
CA SER E 137 54.13 3.63 -31.07
C SER E 137 55.35 2.74 -30.94
N HIS E 138 56.47 3.26 -31.42
CA HIS E 138 57.73 2.54 -31.43
C HIS E 138 58.75 3.30 -30.60
N ASN E 139 59.85 2.62 -30.33
CA ASN E 139 60.99 3.16 -29.59
C ASN E 139 62.21 2.34 -29.96
N PRO E 140 63.00 2.80 -30.93
CA PRO E 140 64.23 2.07 -31.30
C PRO E 140 65.17 1.86 -30.13
N GLU E 141 65.49 2.94 -29.44
CA GLU E 141 66.11 2.83 -28.13
C GLU E 141 65.18 2.12 -27.17
N THR E 142 65.77 1.34 -26.26
CA THR E 142 65.09 0.55 -25.24
C THR E 142 64.25 -0.59 -25.82
N LYS E 143 64.17 -0.68 -27.14
CA LYS E 143 63.46 -1.75 -27.86
C LYS E 143 62.00 -1.90 -27.43
N LYS E 144 61.37 -0.82 -26.98
CA LYS E 144 60.02 -0.88 -26.45
C LYS E 144 59.01 -0.50 -27.51
N THR E 145 57.74 -0.76 -27.21
CA THR E 145 56.66 -0.56 -28.17
C THR E 145 55.34 -0.52 -27.44
N ARG E 146 54.54 0.50 -27.71
CA ARG E 146 53.22 0.64 -27.13
C ARG E 146 52.21 -0.06 -28.03
N VAL E 147 51.41 -0.94 -27.45
CA VAL E 147 50.43 -1.72 -28.18
C VAL E 147 49.12 -1.66 -27.42
N LYS E 148 48.06 -1.21 -28.09
CA LYS E 148 46.76 -1.22 -27.45
C LYS E 148 46.16 -2.62 -27.55
N LEU E 149 45.40 -2.99 -26.56
CA LEU E 149 44.91 -4.34 -26.40
C LEU E 149 43.40 -4.38 -26.57
N PRO E 150 42.84 -5.57 -26.82
CA PRO E 150 41.39 -5.66 -27.05
C PRO E 150 40.50 -5.21 -25.91
N SER E 151 41.07 -4.94 -24.74
CA SER E 151 40.29 -4.35 -23.67
C SER E 151 40.33 -2.83 -23.71
N GLY E 152 41.34 -2.25 -24.35
CA GLY E 152 41.50 -0.81 -24.39
C GLY E 152 42.74 -0.30 -23.69
N SER E 153 43.43 -1.11 -22.90
CA SER E 153 44.62 -0.67 -22.20
C SER E 153 45.84 -0.89 -23.08
N LYS E 154 46.74 0.08 -23.09
CA LYS E 154 47.96 0.03 -23.89
C LYS E 154 49.10 -0.48 -23.04
N LYS E 155 49.85 -1.45 -23.55
CA LYS E 155 50.95 -2.06 -22.82
C LYS E 155 52.26 -1.81 -23.53
N VAL E 156 53.28 -1.41 -22.78
CA VAL E 156 54.61 -1.15 -23.34
C VAL E 156 55.37 -2.47 -23.37
N ILE E 157 55.37 -3.11 -24.54
CA ILE E 157 55.99 -4.41 -24.72
C ILE E 157 57.26 -4.23 -25.53
N SER E 158 58.19 -5.16 -25.37
CA SER E 158 59.42 -5.16 -26.13
C SER E 158 59.13 -5.36 -27.61
N SER E 159 60.10 -4.99 -28.43
CA SER E 159 59.92 -5.06 -29.87
C SER E 159 60.42 -6.38 -30.46
N ALA E 160 61.18 -7.16 -29.70
CA ALA E 160 61.66 -8.42 -30.23
C ALA E 160 60.54 -9.46 -30.31
N ASN E 161 59.56 -9.39 -29.42
CA ASN E 161 58.50 -10.39 -29.42
C ASN E 161 57.54 -10.15 -30.57
N ARG E 162 57.00 -11.23 -31.12
CA ARG E 162 56.35 -11.19 -32.42
C ARG E 162 54.87 -11.53 -32.33
N ALA E 163 54.21 -11.42 -33.47
CA ALA E 163 52.77 -11.63 -33.58
C ALA E 163 52.44 -11.87 -35.04
N VAL E 164 51.32 -12.53 -35.28
CA VAL E 164 50.87 -12.86 -36.63
C VAL E 164 49.88 -11.81 -37.09
N VAL E 165 50.06 -11.34 -38.33
CA VAL E 165 49.30 -10.20 -38.82
C VAL E 165 47.87 -10.60 -39.17
N GLY E 166 46.92 -9.73 -38.83
CA GLY E 166 45.53 -9.97 -39.15
C GLY E 166 44.69 -10.15 -37.91
N VAL E 167 43.38 -10.16 -38.12
CA VAL E 167 42.43 -10.34 -37.04
C VAL E 167 42.16 -11.83 -36.90
N VAL E 168 41.83 -12.29 -35.70
CA VAL E 168 41.54 -13.70 -35.44
C VAL E 168 40.21 -14.05 -36.08
N ALA E 169 40.17 -15.21 -36.74
CA ALA E 169 38.98 -15.71 -37.41
C ALA E 169 37.84 -15.99 -36.45
N GLY E 170 36.69 -16.36 -36.98
CA GLY E 170 35.54 -16.60 -36.13
C GLY E 170 34.98 -15.36 -35.49
N GLY E 171 35.28 -14.19 -36.04
CA GLY E 171 34.78 -12.96 -35.45
C GLY E 171 33.28 -12.84 -35.59
N GLY E 172 32.68 -12.08 -34.71
CA GLY E 172 31.24 -11.95 -34.70
C GLY E 172 30.52 -13.12 -34.09
N ARG E 173 31.21 -13.94 -33.30
CA ARG E 173 30.60 -15.10 -32.67
C ARG E 173 29.50 -14.71 -31.71
N ILE E 174 29.55 -13.51 -31.14
CA ILE E 174 28.62 -13.13 -30.08
C ILE E 174 27.40 -12.39 -30.59
N ASP E 175 27.30 -12.14 -31.89
CA ASP E 175 26.11 -11.47 -32.41
C ASP E 175 24.90 -12.38 -32.34
N LYS E 176 25.07 -13.64 -32.75
CA LYS E 176 23.97 -14.58 -32.74
C LYS E 176 23.57 -14.88 -31.31
N PRO E 177 22.34 -14.52 -30.92
CA PRO E 177 21.89 -14.85 -29.58
C PRO E 177 21.80 -16.34 -29.42
N ILE E 178 22.20 -16.84 -28.26
CA ILE E 178 21.71 -18.13 -27.84
C ILE E 178 20.21 -18.02 -27.70
N LEU E 179 19.48 -18.95 -28.29
CA LEU E 179 18.04 -18.86 -28.17
C LEU E 179 17.51 -19.72 -27.04
N LYS E 180 18.07 -20.90 -26.87
CA LYS E 180 17.56 -21.87 -25.92
C LYS E 180 18.65 -22.26 -24.94
N ALA E 181 18.22 -22.71 -23.76
CA ALA E 181 19.16 -23.20 -22.77
C ALA E 181 19.90 -24.42 -23.26
N GLY E 182 19.36 -25.11 -24.26
CA GLY E 182 20.06 -26.25 -24.81
C GLY E 182 21.35 -25.89 -25.49
N ARG E 183 21.34 -24.80 -26.26
CA ARG E 183 22.56 -24.35 -26.92
C ARG E 183 23.60 -23.94 -25.89
N ALA E 184 23.17 -23.21 -24.88
CA ALA E 184 24.09 -22.80 -23.82
C ALA E 184 24.58 -23.99 -23.03
N TYR E 185 23.73 -25.00 -22.87
CA TYR E 185 24.18 -26.24 -22.24
C TYR E 185 25.27 -26.90 -23.07
N HIS E 186 25.13 -26.86 -24.38
CA HIS E 186 26.10 -27.56 -25.22
C HIS E 186 27.41 -26.81 -25.35
N LYS E 187 27.38 -25.49 -25.24
CA LYS E 187 28.62 -24.72 -25.31
C LYS E 187 29.49 -25.00 -24.10
N TYR E 188 28.96 -24.79 -22.91
CA TYR E 188 29.75 -24.95 -21.71
C TYR E 188 30.07 -26.40 -21.41
N LYS E 189 29.40 -27.35 -22.03
CA LYS E 189 29.77 -28.75 -21.86
C LYS E 189 31.12 -29.04 -22.49
N ALA E 190 31.46 -28.33 -23.55
CA ALA E 190 32.74 -28.54 -24.19
C ALA E 190 33.89 -27.83 -23.49
N LYS E 191 33.61 -27.02 -22.47
CA LYS E 191 34.65 -26.25 -21.82
C LYS E 191 34.87 -26.67 -20.37
N ARG E 192 33.86 -26.56 -19.52
CA ARG E 192 34.02 -26.85 -18.10
C ARG E 192 32.65 -26.85 -17.43
N ASN E 193 32.59 -27.48 -16.27
CA ASN E 193 31.34 -27.54 -15.50
C ASN E 193 31.13 -26.21 -14.79
N CYS E 194 30.45 -25.28 -15.45
CA CYS E 194 30.24 -23.98 -14.84
C CYS E 194 28.85 -23.45 -15.06
N TRP E 195 28.09 -24.05 -15.97
CA TRP E 195 27.05 -23.28 -16.62
C TRP E 195 25.84 -22.95 -15.75
N PRO E 196 25.01 -23.90 -15.30
CA PRO E 196 23.74 -23.47 -14.71
C PRO E 196 24.00 -22.78 -13.39
N ARG E 197 23.85 -21.47 -13.38
CA ARG E 197 24.36 -20.61 -12.33
C ARG E 197 23.24 -20.23 -11.39
N VAL E 198 23.25 -20.80 -10.20
CA VAL E 198 22.28 -20.47 -9.18
C VAL E 198 22.69 -19.18 -8.53
N ARG E 199 21.78 -18.23 -8.43
CA ARG E 199 22.09 -16.99 -7.75
C ARG E 199 22.21 -17.21 -6.26
N GLY E 200 23.00 -16.36 -5.60
CA GLY E 200 23.24 -16.53 -4.18
C GLY E 200 22.02 -16.24 -3.34
N VAL E 201 21.16 -15.35 -3.83
CA VAL E 201 20.00 -14.90 -3.07
C VAL E 201 19.01 -16.05 -2.93
N ALA E 202 19.03 -16.97 -3.89
CA ALA E 202 18.14 -18.12 -3.83
C ALA E 202 18.66 -19.18 -2.87
N MET E 203 19.96 -19.18 -2.60
CA MET E 203 20.54 -20.18 -1.72
C MET E 203 20.15 -19.94 -0.28
N ASN E 204 20.53 -20.82 0.61
CA ASN E 204 20.33 -20.68 2.03
C ASN E 204 21.57 -20.08 2.66
N PRO E 205 21.45 -19.39 3.81
CA PRO E 205 22.57 -18.57 4.30
C PRO E 205 23.81 -19.34 4.69
N VAL E 206 23.76 -20.67 4.70
CA VAL E 206 24.93 -21.41 5.11
C VAL E 206 25.94 -21.53 3.97
N GLU E 207 25.47 -21.60 2.73
CA GLU E 207 26.38 -21.80 1.61
C GLU E 207 26.64 -20.52 0.81
N HIS E 208 26.13 -19.38 1.26
CA HIS E 208 26.35 -18.15 0.52
C HIS E 208 26.05 -16.93 1.38
N PRO E 209 26.88 -15.90 1.33
CA PRO E 209 26.67 -14.72 2.18
C PRO E 209 25.44 -13.90 1.84
N PHE E 210 24.71 -14.25 0.78
CA PHE E 210 23.50 -13.52 0.45
C PHE E 210 22.23 -14.29 0.78
N GLY E 211 22.33 -15.60 0.93
CA GLY E 211 21.15 -16.44 1.09
C GLY E 211 20.38 -16.19 2.35
N GLY E 212 19.12 -16.60 2.36
CA GLY E 212 18.29 -16.51 3.53
C GLY E 212 17.38 -15.31 3.51
N GLY E 213 16.45 -15.31 4.44
CA GLY E 213 15.49 -14.24 4.58
C GLY E 213 14.13 -14.64 4.04
N ASN E 214 13.09 -14.08 4.62
CA ASN E 214 11.74 -14.36 4.17
C ASN E 214 11.38 -13.61 2.91
N HIS E 215 12.13 -12.58 2.57
CA HIS E 215 12.01 -11.94 1.27
C HIS E 215 13.32 -12.14 0.55
N GLN E 216 13.24 -12.61 -0.68
CA GLN E 216 14.43 -13.05 -1.39
C GLN E 216 15.26 -11.84 -1.79
N HIS E 217 16.21 -11.45 -0.95
CA HIS E 217 16.91 -10.18 -1.10
C HIS E 217 18.30 -10.29 -0.51
N ILE E 218 19.11 -9.25 -0.73
CA ILE E 218 20.50 -9.27 -0.31
C ILE E 218 20.68 -8.74 1.10
N GLY E 219 20.14 -7.57 1.40
CA GLY E 219 20.22 -7.00 2.72
C GLY E 219 21.51 -6.28 3.03
N LYS E 220 22.65 -6.80 2.58
CA LYS E 220 23.92 -6.16 2.75
C LYS E 220 24.39 -5.59 1.41
N PRO E 221 25.22 -4.55 1.42
CA PRO E 221 25.70 -3.99 0.16
C PRO E 221 26.49 -5.01 -0.65
N SER E 222 26.21 -5.07 -1.94
CA SER E 222 26.81 -6.08 -2.79
C SER E 222 28.24 -5.74 -3.17
N THR E 223 28.59 -4.46 -3.20
CA THR E 223 29.95 -4.08 -3.49
C THR E 223 30.83 -4.35 -2.29
N ILE E 224 31.90 -5.11 -2.50
CA ILE E 224 32.74 -5.56 -1.40
C ILE E 224 34.19 -5.27 -1.73
N ARG E 225 35.00 -5.06 -0.70
CA ARG E 225 36.41 -4.79 -0.88
C ARG E 225 37.11 -6.04 -1.40
N ARG E 226 38.35 -5.86 -1.86
CA ARG E 226 39.13 -7.00 -2.30
C ARG E 226 40.10 -7.48 -1.25
N ASP E 227 40.16 -6.83 -0.10
CA ASP E 227 40.82 -7.41 1.06
C ASP E 227 39.94 -8.42 1.76
N ALA E 228 38.70 -8.57 1.32
CA ALA E 228 37.76 -9.48 1.96
C ALA E 228 38.28 -10.90 1.87
N PRO E 229 38.02 -11.75 2.86
CA PRO E 229 38.53 -13.11 2.81
C PRO E 229 37.81 -13.91 1.74
N ALA E 230 38.42 -15.01 1.34
CA ALA E 230 37.77 -15.93 0.43
C ALA E 230 36.54 -16.53 1.10
N GLY E 231 35.51 -16.78 0.31
CA GLY E 231 34.24 -17.19 0.85
C GLY E 231 33.34 -16.03 1.24
N ARG E 232 33.82 -14.81 1.07
CA ARG E 232 33.04 -13.63 1.36
C ARG E 232 33.11 -12.69 0.16
N LYS E 233 34.19 -12.79 -0.60
CA LYS E 233 34.39 -11.90 -1.74
C LYS E 233 33.43 -12.26 -2.85
N VAL E 234 32.17 -11.88 -2.66
CA VAL E 234 31.08 -12.27 -3.53
C VAL E 234 30.29 -11.04 -3.92
N GLY E 235 29.99 -10.93 -5.21
CA GLY E 235 29.23 -9.81 -5.71
C GLY E 235 30.08 -8.95 -6.61
N LEU E 236 30.12 -7.66 -6.34
CA LEU E 236 30.88 -6.71 -7.13
C LEU E 236 32.22 -6.49 -6.45
N ILE E 237 33.25 -7.16 -6.94
CA ILE E 237 34.56 -7.13 -6.32
C ILE E 237 35.23 -5.80 -6.58
N ALA E 238 35.48 -5.04 -5.51
CA ALA E 238 36.16 -3.75 -5.55
C ALA E 238 35.56 -2.83 -6.60
N ALA E 239 34.26 -2.60 -6.52
CA ALA E 239 33.54 -1.86 -7.55
C ALA E 239 33.95 -0.40 -7.50
N ARG E 240 34.70 0.04 -8.52
CA ARG E 240 35.06 1.45 -8.61
C ARG E 240 33.83 2.30 -8.86
N ARG E 241 32.85 1.75 -9.56
CA ARG E 241 31.74 2.54 -10.08
C ARG E 241 30.63 1.56 -10.35
N THR E 242 29.58 1.60 -9.55
CA THR E 242 28.46 0.70 -9.77
C THR E 242 27.30 1.46 -10.39
N GLY E 243 26.40 0.72 -11.03
CA GLY E 243 25.21 1.29 -11.62
C GLY E 243 25.27 1.32 -13.13
N ARG E 244 24.17 1.77 -13.71
CA ARG E 244 24.03 1.84 -15.16
C ARG E 244 25.04 2.79 -15.75
N LEU E 245 25.80 2.32 -16.73
CA LEU E 245 26.85 3.11 -17.35
C LEU E 245 26.26 4.22 -18.21
N ARG E 246 26.44 5.47 -17.79
CA ARG E 246 25.91 6.62 -18.50
C ARG E 246 27.09 7.49 -18.93
N GLY E 247 27.53 7.31 -20.16
CA GLY E 247 28.63 8.06 -20.70
C GLY E 247 29.88 7.23 -20.87
N THR E 248 31.00 7.93 -20.98
CA THR E 248 32.28 7.33 -21.34
C THR E 248 32.85 6.44 -20.24
N SER F 1 -22.82 -29.68 21.72
CA SER F 1 -23.79 -28.62 21.45
C SER F 1 -25.03 -29.19 20.83
N HIS F 2 -26.00 -28.33 20.55
CA HIS F 2 -27.28 -28.80 20.06
C HIS F 2 -27.17 -29.24 18.61
N ARG F 3 -28.25 -29.84 18.12
CA ARG F 3 -28.36 -30.24 16.74
C ARG F 3 -28.82 -29.04 15.94
N LYS F 4 -28.10 -28.72 14.85
CA LYS F 4 -28.36 -27.51 14.10
C LYS F 4 -29.77 -27.41 13.55
N PHE F 5 -30.14 -28.33 12.66
CA PHE F 5 -31.50 -28.39 12.14
C PHE F 5 -32.16 -29.63 12.70
N SER F 6 -33.40 -29.48 13.19
CA SER F 6 -34.10 -30.62 13.71
C SER F 6 -34.46 -31.58 12.57
N ALA F 7 -34.69 -32.82 12.93
CA ALA F 7 -35.12 -33.85 11.99
C ALA F 7 -35.75 -34.96 12.80
N PRO F 8 -36.88 -35.50 12.34
CA PRO F 8 -37.52 -36.59 13.09
C PRO F 8 -36.65 -37.83 13.10
N ARG F 9 -36.73 -38.58 14.19
CA ARG F 9 -35.92 -39.77 14.31
C ARG F 9 -36.35 -40.83 13.30
N HIS F 10 -35.40 -41.66 12.90
CA HIS F 10 -35.67 -42.77 12.01
C HIS F 10 -36.27 -43.93 12.78
N GLY F 11 -37.18 -44.64 12.13
CA GLY F 11 -37.75 -45.83 12.72
C GLY F 11 -38.67 -45.55 13.89
N SER F 12 -39.38 -46.56 14.34
CA SER F 12 -40.24 -46.42 15.50
C SER F 12 -39.65 -47.17 16.68
N LEU F 13 -39.80 -46.60 17.86
CA LEU F 13 -39.44 -47.31 19.06
C LEU F 13 -40.58 -48.14 19.61
N GLY F 14 -41.75 -48.06 18.99
CA GLY F 14 -42.85 -48.91 19.42
C GLY F 14 -42.59 -50.36 19.11
N PHE F 15 -42.12 -50.64 17.89
CA PHE F 15 -41.79 -51.99 17.46
C PHE F 15 -40.31 -52.26 17.72
N LEU F 16 -39.91 -52.11 18.98
CA LEU F 16 -38.49 -51.92 19.23
C LEU F 16 -37.64 -53.17 19.07
N PRO F 17 -37.83 -54.27 19.84
CA PRO F 17 -36.83 -55.34 19.75
C PRO F 17 -37.00 -56.11 18.46
N ARG F 18 -36.48 -55.54 17.38
CA ARG F 18 -36.68 -56.07 16.03
C ARG F 18 -35.87 -57.35 15.91
N LYS F 19 -36.47 -58.44 16.36
CA LYS F 19 -35.85 -59.74 16.40
C LYS F 19 -36.65 -60.70 15.54
N ARG F 20 -36.05 -61.85 15.23
CA ARG F 20 -36.81 -62.92 14.61
C ARG F 20 -37.92 -63.31 15.55
N SER F 21 -39.16 -63.27 15.08
CA SER F 21 -40.31 -63.53 15.93
C SER F 21 -40.23 -64.91 16.56
N SER F 22 -40.70 -65.03 17.78
CA SER F 22 -40.72 -66.30 18.48
C SER F 22 -41.92 -67.15 18.10
N ARG F 23 -42.63 -66.79 17.03
CA ARG F 23 -43.81 -67.52 16.59
C ARG F 23 -43.89 -67.44 15.09
N HIS F 24 -44.03 -68.59 14.44
CA HIS F 24 -44.23 -68.56 13.00
C HIS F 24 -45.65 -68.19 12.63
N ARG F 25 -46.61 -68.61 13.44
CA ARG F 25 -48.01 -68.33 13.19
C ARG F 25 -48.41 -67.07 13.95
N GLY F 26 -49.14 -66.19 13.29
CA GLY F 26 -49.66 -64.99 13.93
C GLY F 26 -50.47 -65.30 15.16
N LYS F 27 -50.26 -64.54 16.22
CA LYS F 27 -50.87 -64.80 17.52
C LYS F 27 -51.71 -63.59 17.90
N VAL F 28 -53.00 -63.82 18.11
CA VAL F 28 -53.91 -62.76 18.51
C VAL F 28 -53.53 -62.29 19.90
N LYS F 29 -53.05 -61.05 20.01
CA LYS F 29 -52.74 -60.49 21.32
C LYS F 29 -54.02 -60.14 22.07
N SER F 30 -54.95 -59.49 21.41
CA SER F 30 -56.19 -59.08 22.03
C SER F 30 -57.37 -59.46 21.15
N PHE F 31 -58.39 -59.96 21.76
CA PHE F 31 -59.65 -60.30 21.14
C PHE F 31 -60.67 -59.21 21.42
N PRO F 32 -61.74 -59.12 20.63
CA PRO F 32 -62.76 -58.11 20.90
C PRO F 32 -63.43 -58.31 22.24
N LYS F 33 -63.74 -57.20 22.92
CA LYS F 33 -64.40 -57.27 24.21
C LYS F 33 -65.86 -57.68 24.00
N ASP F 34 -66.25 -58.78 24.65
CA ASP F 34 -67.56 -59.35 24.40
C ASP F 34 -68.66 -58.55 25.08
N ASP F 35 -69.90 -58.96 24.82
CA ASP F 35 -71.10 -58.44 25.45
C ASP F 35 -72.23 -59.43 25.19
N PRO F 36 -73.08 -59.70 26.18
CA PRO F 36 -74.13 -60.70 26.01
C PRO F 36 -75.23 -60.31 25.04
N SER F 37 -75.18 -59.08 24.53
CA SER F 37 -76.21 -58.60 23.61
C SER F 37 -76.16 -59.36 22.29
N LYS F 38 -74.97 -59.54 21.74
CA LYS F 38 -74.84 -60.18 20.45
C LYS F 38 -75.01 -61.69 20.58
N PRO F 39 -75.44 -62.37 19.53
CA PRO F 39 -75.47 -63.84 19.56
C PRO F 39 -74.06 -64.39 19.45
N VAL F 40 -73.92 -65.68 19.81
CA VAL F 40 -72.61 -66.29 19.85
C VAL F 40 -72.02 -66.40 18.47
N HIS F 41 -70.71 -66.24 18.38
CA HIS F 41 -69.98 -66.23 17.13
C HIS F 41 -68.52 -66.42 17.44
N LEU F 42 -67.72 -66.60 16.40
CA LEU F 42 -66.27 -66.57 16.56
C LEU F 42 -65.79 -65.15 16.32
N THR F 43 -64.53 -64.91 16.62
CA THR F 43 -63.93 -63.62 16.33
C THR F 43 -62.71 -63.69 15.43
N ALA F 44 -62.16 -64.86 15.18
CA ALA F 44 -60.94 -64.96 14.39
C ALA F 44 -61.07 -66.07 13.38
N PHE F 45 -60.13 -66.10 12.44
CA PHE F 45 -60.01 -67.19 11.49
C PHE F 45 -58.54 -67.37 11.17
N LEU F 46 -58.26 -68.25 10.21
CA LEU F 46 -56.89 -68.54 9.83
C LEU F 46 -56.88 -68.77 8.33
N GLY F 47 -55.96 -68.11 7.63
CA GLY F 47 -55.88 -68.22 6.19
C GLY F 47 -54.46 -68.25 5.69
N TYR F 48 -54.29 -68.36 4.38
CA TYR F 48 -52.97 -68.48 3.78
C TYR F 48 -52.87 -67.48 2.65
N LYS F 49 -51.84 -66.65 2.68
CA LYS F 49 -51.67 -65.60 1.69
C LYS F 49 -51.33 -66.19 0.33
N ALA F 50 -52.27 -66.15 -0.61
CA ALA F 50 -52.08 -66.78 -1.90
C ALA F 50 -51.31 -65.87 -2.85
N GLY F 51 -51.88 -64.73 -3.17
CA GLY F 51 -51.26 -63.81 -4.12
C GLY F 51 -52.04 -62.53 -4.18
N MET F 52 -51.78 -61.74 -5.23
CA MET F 52 -52.39 -60.43 -5.35
C MET F 52 -52.84 -60.20 -6.78
N THR F 53 -53.80 -59.28 -6.95
CA THR F 53 -54.30 -58.90 -8.26
C THR F 53 -55.05 -57.57 -8.20
N HIS F 54 -55.72 -57.19 -9.29
CA HIS F 54 -56.48 -55.94 -9.35
C HIS F 54 -57.95 -56.18 -9.06
N ILE F 55 -58.70 -55.08 -9.06
CA ILE F 55 -60.14 -55.04 -8.88
C ILE F 55 -60.63 -53.76 -9.52
N VAL F 56 -61.67 -53.83 -10.33
CA VAL F 56 -62.32 -52.64 -10.84
C VAL F 56 -63.66 -52.52 -10.16
N ARG F 57 -63.94 -51.35 -9.60
CA ARG F 57 -65.19 -51.16 -8.88
C ARG F 57 -65.62 -49.72 -8.99
N GLU F 58 -66.85 -49.46 -8.59
CA GLU F 58 -67.45 -48.14 -8.68
C GLU F 58 -67.33 -47.44 -7.34
N VAL F 59 -66.59 -46.34 -7.31
CA VAL F 59 -66.43 -45.58 -6.07
C VAL F 59 -67.72 -44.81 -5.79
N ASP F 60 -68.13 -44.82 -4.52
CA ASP F 60 -69.40 -44.21 -4.12
C ASP F 60 -69.23 -43.38 -2.86
N ARG F 61 -68.18 -42.54 -2.82
CA ARG F 61 -67.99 -41.59 -1.74
C ARG F 61 -68.40 -40.21 -2.24
N PRO F 62 -69.58 -39.75 -1.87
CA PRO F 62 -70.07 -38.47 -2.39
C PRO F 62 -69.22 -37.30 -1.93
N GLY F 63 -68.63 -36.59 -2.86
CA GLY F 63 -67.83 -35.44 -2.52
C GLY F 63 -66.45 -35.50 -3.14
N SER F 64 -65.98 -36.71 -3.42
CA SER F 64 -64.64 -36.87 -3.95
C SER F 64 -64.60 -36.48 -5.42
N LYS F 65 -63.38 -36.34 -5.92
CA LYS F 65 -63.15 -36.18 -7.34
C LYS F 65 -63.32 -37.48 -8.10
N VAL F 66 -63.18 -38.61 -7.42
CA VAL F 66 -63.24 -39.92 -8.04
C VAL F 66 -64.61 -40.57 -7.86
N ASN F 67 -65.57 -39.85 -7.30
CA ASN F 67 -66.90 -40.40 -7.03
C ASN F 67 -67.61 -40.80 -8.31
N LYS F 68 -68.30 -41.94 -8.26
CA LYS F 68 -69.05 -42.51 -9.39
C LYS F 68 -68.14 -42.75 -10.60
N LYS F 69 -66.92 -43.18 -10.35
CA LYS F 69 -65.98 -43.54 -11.39
C LYS F 69 -65.44 -44.94 -11.12
N GLU F 70 -64.51 -45.38 -11.97
CA GLU F 70 -63.87 -46.67 -11.84
C GLU F 70 -62.45 -46.51 -11.34
N VAL F 71 -62.04 -47.35 -10.41
CA VAL F 71 -60.67 -47.38 -9.94
C VAL F 71 -60.15 -48.80 -10.01
N VAL F 72 -58.84 -48.93 -9.94
CA VAL F 72 -58.20 -50.23 -9.87
C VAL F 72 -57.47 -50.31 -8.54
N GLU F 73 -57.90 -51.23 -7.70
CA GLU F 73 -57.30 -51.44 -6.38
C GLU F 73 -56.61 -52.79 -6.33
N ALA F 74 -55.45 -52.81 -5.66
CA ALA F 74 -54.71 -54.03 -5.47
C ALA F 74 -55.35 -54.80 -4.33
N VAL F 75 -55.56 -56.10 -4.52
CA VAL F 75 -56.23 -56.93 -3.53
C VAL F 75 -55.44 -58.21 -3.32
N THR F 76 -55.35 -58.63 -2.07
CA THR F 76 -54.68 -59.87 -1.71
C THR F 76 -55.71 -60.98 -1.62
N ILE F 77 -55.30 -62.18 -2.01
CA ILE F 77 -56.15 -63.36 -1.93
C ILE F 77 -55.69 -64.19 -0.75
N VAL F 78 -56.62 -64.52 0.13
CA VAL F 78 -56.34 -65.33 1.30
C VAL F 78 -57.14 -66.62 1.15
N GLU F 79 -56.46 -67.70 0.80
CA GLU F 79 -57.14 -68.98 0.70
C GLU F 79 -57.46 -69.49 2.08
N THR F 80 -58.74 -69.67 2.39
CA THR F 80 -59.19 -70.05 3.72
C THR F 80 -60.08 -71.29 3.64
N PRO F 81 -59.48 -72.48 3.63
CA PRO F 81 -60.28 -73.69 3.78
C PRO F 81 -60.95 -73.72 5.13
N PRO F 82 -62.08 -74.40 5.26
CA PRO F 82 -62.81 -74.41 6.52
C PRO F 82 -62.02 -75.09 7.63
N MET F 83 -62.19 -74.60 8.85
CA MET F 83 -61.43 -75.09 9.98
C MET F 83 -62.27 -76.02 10.83
N VAL F 84 -61.58 -76.85 11.61
CA VAL F 84 -62.22 -77.94 12.36
C VAL F 84 -62.09 -77.66 13.85
N VAL F 85 -63.23 -77.46 14.51
CA VAL F 85 -63.26 -77.34 15.97
C VAL F 85 -62.88 -78.68 16.58
N VAL F 86 -61.85 -78.67 17.43
CA VAL F 86 -61.38 -79.89 18.08
C VAL F 86 -61.24 -79.74 19.58
N GLY F 87 -61.73 -78.65 20.16
CA GLY F 87 -61.63 -78.53 21.60
C GLY F 87 -61.98 -77.15 22.07
N ILE F 88 -62.21 -77.07 23.38
CA ILE F 88 -62.57 -75.83 24.07
C ILE F 88 -61.76 -75.73 25.35
N VAL F 89 -61.34 -74.51 25.70
CA VAL F 89 -60.57 -74.25 26.89
C VAL F 89 -61.27 -73.16 27.68
N GLY F 90 -61.26 -73.29 29.00
CA GLY F 90 -61.85 -72.27 29.83
C GLY F 90 -60.81 -71.34 30.42
N TYR F 91 -61.27 -70.21 30.91
CA TYR F 91 -60.38 -69.24 31.54
C TYR F 91 -61.07 -68.62 32.73
N VAL F 92 -60.34 -68.49 33.82
CA VAL F 92 -60.87 -67.85 35.02
C VAL F 92 -60.24 -66.48 35.17
N GLU F 93 -60.96 -65.59 35.84
CA GLU F 93 -60.48 -64.23 36.04
C GLU F 93 -59.69 -64.17 37.34
N THR F 94 -58.39 -64.04 37.23
CA THR F 94 -57.52 -63.96 38.40
C THR F 94 -57.05 -62.53 38.59
N PRO F 95 -56.68 -62.14 39.82
CA PRO F 95 -56.00 -60.85 39.98
C PRO F 95 -54.57 -60.87 39.47
N ARG F 96 -54.05 -62.03 39.11
CA ARG F 96 -52.74 -62.14 38.48
C ARG F 96 -52.85 -62.32 36.98
N GLY F 97 -54.01 -62.05 36.40
CA GLY F 97 -54.15 -62.11 34.96
C GLY F 97 -55.33 -62.93 34.49
N LEU F 98 -55.06 -63.92 33.66
CA LEU F 98 -56.11 -64.76 33.07
C LEU F 98 -55.55 -66.18 33.00
N ARG F 99 -55.98 -67.03 33.92
CA ARG F 99 -55.45 -68.38 33.99
C ARG F 99 -56.34 -69.34 33.23
N THR F 100 -55.73 -70.34 32.61
CA THR F 100 -56.48 -71.33 31.87
C THR F 100 -56.99 -72.42 32.81
N PHE F 101 -58.30 -72.64 32.79
CA PHE F 101 -58.94 -73.47 33.80
C PHE F 101 -58.91 -74.95 33.44
N LYS F 102 -59.51 -75.30 32.31
CA LYS F 102 -59.72 -76.71 31.99
C LYS F 102 -59.83 -76.87 30.48
N THR F 103 -59.21 -77.92 29.98
CA THR F 103 -59.21 -78.21 28.55
C THR F 103 -60.02 -79.47 28.27
N VAL F 104 -60.87 -79.39 27.24
CA VAL F 104 -61.60 -80.54 26.73
C VAL F 104 -61.27 -80.64 25.26
N PHE F 105 -61.19 -81.87 24.76
CA PHE F 105 -60.85 -82.08 23.36
C PHE F 105 -61.97 -82.89 22.72
N ALA F 106 -61.72 -83.35 21.50
CA ALA F 106 -62.71 -84.11 20.76
C ALA F 106 -62.46 -85.60 20.92
N GLU F 107 -63.53 -86.38 20.74
CA GLU F 107 -63.41 -87.84 20.83
C GLU F 107 -62.54 -88.39 19.71
N HIS F 108 -62.56 -87.74 18.55
CA HIS F 108 -61.72 -88.19 17.44
C HIS F 108 -61.06 -86.99 16.79
N ILE F 109 -59.76 -87.07 16.63
CA ILE F 109 -58.94 -85.99 16.08
C ILE F 109 -58.35 -86.46 14.77
N SER F 110 -58.45 -85.62 13.75
CA SER F 110 -57.84 -85.95 12.47
C SER F 110 -56.33 -85.98 12.59
N ASP F 111 -55.71 -86.77 11.72
CA ASP F 111 -54.26 -86.89 11.74
C ASP F 111 -53.57 -85.60 11.35
N GLU F 112 -54.27 -84.69 10.68
CA GLU F 112 -53.70 -83.38 10.42
C GLU F 112 -53.38 -82.65 11.70
N CYS F 113 -54.31 -82.66 12.65
CA CYS F 113 -54.06 -81.99 13.91
C CYS F 113 -53.04 -82.77 14.74
N LYS F 114 -53.05 -84.10 14.63
CA LYS F 114 -52.09 -84.89 15.39
C LYS F 114 -50.68 -84.77 14.83
N ARG F 115 -50.53 -84.23 13.62
CA ARG F 115 -49.20 -83.90 13.13
C ARG F 115 -48.53 -82.88 14.03
N ARG F 116 -49.30 -81.92 14.53
CA ARG F 116 -48.76 -80.81 15.29
C ARG F 116 -48.12 -81.25 16.61
N PHE F 117 -48.60 -82.34 17.20
CA PHE F 117 -48.09 -82.76 18.49
C PHE F 117 -46.81 -83.56 18.40
N TYR F 118 -46.15 -83.58 17.25
CA TYR F 118 -44.91 -84.32 17.08
C TYR F 118 -43.91 -83.48 16.32
N LYS F 119 -42.64 -83.71 16.61
CA LYS F 119 -41.57 -83.06 15.87
C LYS F 119 -41.12 -83.91 14.69
N ASN F 120 -41.06 -85.23 14.88
CA ASN F 120 -40.67 -86.16 13.84
C ASN F 120 -41.80 -87.18 13.68
N TRP F 121 -42.61 -86.98 12.66
CA TRP F 121 -43.76 -87.86 12.44
C TRP F 121 -43.33 -89.22 11.89
N HIS F 122 -42.19 -89.26 11.20
CA HIS F 122 -41.74 -90.51 10.60
C HIS F 122 -41.35 -91.53 11.66
N LYS F 123 -40.70 -91.08 12.73
CA LYS F 123 -40.22 -91.98 13.76
C LYS F 123 -41.26 -92.26 14.83
N SER F 124 -42.21 -91.35 15.03
CA SER F 124 -43.13 -91.46 16.16
C SER F 124 -44.14 -92.57 15.92
N LYS F 125 -44.66 -93.12 17.02
CA LYS F 125 -45.65 -94.17 16.94
C LYS F 125 -47.07 -93.65 16.81
N LYS F 126 -47.24 -92.33 16.82
CA LYS F 126 -48.54 -91.68 16.72
C LYS F 126 -49.47 -92.14 17.82
N LYS F 127 -49.03 -91.97 19.07
CA LYS F 127 -49.77 -92.41 20.24
C LYS F 127 -50.50 -91.28 20.94
N ALA F 128 -50.46 -90.07 20.40
CA ALA F 128 -51.07 -88.94 21.09
C ALA F 128 -52.58 -89.08 21.12
N PHE F 129 -53.18 -88.65 22.23
CA PHE F 129 -54.62 -88.64 22.47
C PHE F 129 -55.26 -90.01 22.36
N THR F 130 -54.49 -91.09 22.39
CA THR F 130 -55.07 -92.41 22.30
C THR F 130 -55.89 -92.75 23.53
N LYS F 131 -55.31 -92.60 24.71
CA LYS F 131 -56.02 -92.89 25.94
C LYS F 131 -57.08 -91.83 26.24
N TYR F 132 -56.97 -90.66 25.66
CA TYR F 132 -58.04 -89.67 25.73
C TYR F 132 -59.17 -90.03 24.79
N CYS F 133 -58.84 -90.64 23.64
CA CYS F 133 -59.86 -91.17 22.75
C CYS F 133 -60.65 -92.30 23.38
N LYS F 134 -60.07 -92.99 24.37
CA LYS F 134 -60.76 -94.02 25.11
C LYS F 134 -61.33 -93.49 26.42
N LYS F 135 -61.72 -92.21 26.46
CA LYS F 135 -62.39 -91.65 27.62
C LYS F 135 -63.83 -91.28 27.32
N TRP F 136 -64.33 -91.61 26.14
CA TRP F 136 -65.71 -91.38 25.77
C TRP F 136 -66.45 -92.70 25.60
N GLN F 137 -65.88 -93.80 26.08
CA GLN F 137 -66.46 -95.13 25.93
C GLN F 137 -66.64 -95.80 27.28
N ASP F 138 -66.77 -95.02 28.35
CA ASP F 138 -66.83 -95.53 29.71
C ASP F 138 -67.74 -94.64 30.53
N ASP F 139 -68.64 -95.25 31.30
CA ASP F 139 -69.56 -94.47 32.13
C ASP F 139 -68.81 -93.70 33.19
N ALA F 140 -67.64 -94.18 33.59
CA ALA F 140 -66.80 -93.41 34.50
C ALA F 140 -66.06 -92.28 33.81
N GLY F 141 -66.11 -92.22 32.48
CA GLY F 141 -65.46 -91.16 31.74
C GLY F 141 -66.45 -90.18 31.16
N LYS F 142 -67.63 -90.66 30.77
CA LYS F 142 -68.65 -89.76 30.27
C LYS F 142 -69.17 -88.85 31.38
N ARG F 143 -69.27 -89.36 32.60
CA ARG F 143 -69.60 -88.51 33.74
C ARG F 143 -68.41 -87.66 34.18
N GLN F 144 -67.19 -88.07 33.81
CA GLN F 144 -66.04 -87.22 34.03
C GLN F 144 -66.13 -85.97 33.18
N LEU F 145 -66.32 -86.14 31.88
CA LEU F 145 -66.42 -84.99 30.98
C LEU F 145 -67.64 -84.16 31.27
N ASP F 146 -68.70 -84.76 31.81
CA ASP F 146 -69.83 -83.98 32.24
C ASP F 146 -69.46 -83.10 33.44
N LYS F 147 -68.59 -83.60 34.31
CA LYS F 147 -68.09 -82.78 35.40
C LYS F 147 -67.25 -81.62 34.86
N ASP F 148 -66.36 -81.90 33.91
CA ASP F 148 -65.51 -80.85 33.36
C ASP F 148 -66.32 -79.77 32.66
N PHE F 149 -67.43 -80.16 32.04
CA PHE F 149 -68.28 -79.16 31.40
C PHE F 149 -69.08 -78.39 32.44
N SER F 150 -69.75 -79.10 33.36
CA SER F 150 -70.55 -78.44 34.38
C SER F 150 -69.72 -77.61 35.34
N SER F 151 -68.40 -77.80 35.35
CA SER F 151 -67.54 -76.92 36.12
C SER F 151 -67.26 -75.63 35.38
N MET F 152 -67.13 -75.67 34.06
CA MET F 152 -66.85 -74.46 33.32
C MET F 152 -68.04 -73.53 33.27
N LYS F 153 -69.26 -74.04 33.48
CA LYS F 153 -70.42 -73.16 33.54
C LYS F 153 -70.42 -72.31 34.79
N LYS F 154 -69.66 -72.68 35.82
CA LYS F 154 -69.60 -71.93 37.06
C LYS F 154 -68.42 -70.99 37.12
N TYR F 155 -67.23 -71.49 36.81
CA TYR F 155 -66.01 -70.77 37.15
C TYR F 155 -65.31 -70.14 35.97
N CYS F 156 -65.64 -70.53 34.74
CA CYS F 156 -64.99 -69.93 33.59
C CYS F 156 -65.71 -68.67 33.16
N GLN F 157 -64.94 -67.70 32.68
CA GLN F 157 -65.48 -66.46 32.15
C GLN F 157 -65.25 -66.37 30.64
N VAL F 158 -64.01 -66.54 30.21
CA VAL F 158 -63.65 -66.52 28.81
C VAL F 158 -63.53 -67.96 28.33
N ILE F 159 -64.21 -68.28 27.24
CA ILE F 159 -64.17 -69.60 26.65
C ILE F 159 -63.62 -69.45 25.26
N ARG F 160 -62.44 -70.02 25.04
CA ARG F 160 -61.85 -70.05 23.72
C ARG F 160 -61.95 -71.46 23.16
N VAL F 161 -62.05 -71.54 21.84
CA VAL F 161 -62.30 -72.80 21.15
C VAL F 161 -61.03 -73.16 20.39
N LEU F 162 -60.79 -74.46 20.23
CA LEU F 162 -59.56 -74.95 19.59
C LEU F 162 -59.88 -75.43 18.19
N ALA F 163 -59.38 -74.73 17.19
CA ALA F 163 -59.64 -75.08 15.81
C ALA F 163 -58.33 -75.29 15.08
N HIS F 164 -58.39 -76.08 14.02
CA HIS F 164 -57.21 -76.30 13.19
C HIS F 164 -57.61 -76.27 11.73
N THR F 165 -56.61 -76.07 10.88
CA THR F 165 -56.84 -75.89 9.46
C THR F 165 -56.95 -77.25 8.78
N GLN F 166 -56.99 -77.23 7.44
CA GLN F 166 -57.09 -78.43 6.64
C GLN F 166 -56.01 -78.39 5.56
N MET F 167 -54.83 -78.89 5.90
CA MET F 167 -53.68 -78.80 5.02
C MET F 167 -53.82 -79.69 3.79
N ARG F 168 -54.64 -80.73 3.90
CA ARG F 168 -54.89 -81.60 2.75
C ARG F 168 -55.58 -80.85 1.62
N LEU F 169 -56.47 -79.92 1.96
CA LEU F 169 -57.19 -79.19 0.94
C LEU F 169 -56.30 -78.16 0.26
N LEU F 170 -55.30 -77.65 0.99
CA LEU F 170 -54.36 -76.68 0.44
C LEU F 170 -53.48 -77.35 -0.61
N PRO F 171 -52.85 -76.58 -1.49
CA PRO F 171 -51.85 -77.15 -2.41
C PRO F 171 -50.43 -77.17 -1.86
N LEU F 172 -50.24 -76.83 -0.59
CA LEU F 172 -48.91 -76.60 -0.04
C LEU F 172 -48.11 -77.88 0.10
N ARG F 173 -46.83 -77.74 0.44
CA ARG F 173 -45.97 -78.90 0.64
C ARG F 173 -46.24 -79.59 1.96
N GLN F 174 -46.53 -78.84 3.01
CA GLN F 174 -46.66 -79.42 4.34
C GLN F 174 -48.08 -79.91 4.59
N LYS F 175 -48.19 -80.84 5.52
CA LYS F 175 -49.47 -81.42 5.91
C LYS F 175 -49.78 -81.18 7.38
N LYS F 176 -48.85 -80.62 8.14
CA LYS F 176 -49.06 -80.39 9.56
C LYS F 176 -49.98 -79.19 9.74
N ALA F 177 -51.10 -79.37 10.44
CA ALA F 177 -52.08 -78.32 10.59
C ALA F 177 -51.59 -77.23 11.53
N HIS F 178 -52.40 -76.19 11.68
CA HIS F 178 -52.14 -75.09 12.59
C HIS F 178 -53.23 -75.02 13.63
N LEU F 179 -52.87 -75.12 14.90
CA LEU F 179 -53.83 -74.97 15.98
C LEU F 179 -53.99 -73.51 16.35
N MET F 180 -55.13 -73.18 16.93
CA MET F 180 -55.41 -71.80 17.30
C MET F 180 -56.55 -71.78 18.32
N GLU F 181 -56.38 -70.96 19.35
CA GLU F 181 -57.49 -70.60 20.22
C GLU F 181 -58.28 -69.45 19.60
N ILE F 182 -59.60 -69.60 19.57
CA ILE F 182 -60.45 -68.59 18.98
C ILE F 182 -61.50 -68.20 20.00
N GLN F 183 -61.44 -66.96 20.50
CA GLN F 183 -62.32 -66.55 21.57
C GLN F 183 -63.75 -66.47 21.08
N VAL F 184 -64.62 -67.29 21.65
CA VAL F 184 -66.04 -67.27 21.33
C VAL F 184 -66.66 -66.10 22.09
N ASN F 185 -67.04 -65.07 21.36
CA ASN F 185 -67.72 -63.93 21.95
C ASN F 185 -69.20 -63.99 21.62
N GLY F 186 -70.04 -63.77 22.62
CA GLY F 186 -71.47 -63.87 22.41
C GLY F 186 -72.26 -63.68 23.67
N GLY F 187 -73.23 -64.56 23.92
CA GLY F 187 -74.09 -64.45 25.08
C GLY F 187 -73.38 -64.84 26.36
N THR F 188 -74.15 -65.40 27.29
CA THR F 188 -73.56 -65.77 28.56
C THR F 188 -72.71 -67.03 28.39
N VAL F 189 -72.02 -67.38 29.48
CA VAL F 189 -71.01 -68.43 29.44
C VAL F 189 -71.65 -69.78 29.11
N ALA F 190 -72.84 -70.03 29.64
CA ALA F 190 -73.52 -71.30 29.45
C ALA F 190 -73.84 -71.54 27.98
N GLU F 191 -74.59 -70.62 27.37
CA GLU F 191 -74.88 -70.77 25.94
C GLU F 191 -73.65 -70.60 25.08
N LYS F 192 -72.61 -69.95 25.60
CA LYS F 192 -71.33 -69.94 24.91
C LYS F 192 -70.70 -71.31 24.94
N LEU F 193 -71.03 -72.13 25.92
CA LEU F 193 -70.49 -73.48 26.03
C LEU F 193 -71.34 -74.52 25.32
N ASP F 194 -72.66 -74.37 25.34
CA ASP F 194 -73.52 -75.30 24.60
C ASP F 194 -73.31 -75.13 23.10
N TRP F 195 -73.14 -73.90 22.65
CA TRP F 195 -72.86 -73.66 21.24
C TRP F 195 -71.51 -74.22 20.85
N ALA F 196 -70.52 -74.11 21.73
CA ALA F 196 -69.18 -74.55 21.39
C ALA F 196 -69.09 -76.08 21.43
N ARG F 197 -69.75 -76.69 22.40
CA ARG F 197 -69.75 -78.15 22.48
C ARG F 197 -70.42 -78.78 21.27
N GLU F 198 -71.49 -78.17 20.78
CA GLU F 198 -72.17 -78.72 19.61
C GLU F 198 -71.36 -78.57 18.34
N ARG F 199 -70.54 -77.53 18.23
CA ARG F 199 -69.70 -77.33 17.06
C ARG F 199 -68.50 -78.25 17.03
N LEU F 200 -68.39 -79.20 17.95
CA LEU F 200 -67.22 -80.05 18.03
C LEU F 200 -67.15 -80.97 16.82
N GLU F 201 -65.94 -81.16 16.31
CA GLU F 201 -65.63 -81.98 15.14
C GLU F 201 -66.30 -81.50 13.86
N GLN F 202 -66.74 -80.25 13.81
CA GLN F 202 -67.42 -79.75 12.62
C GLN F 202 -66.55 -78.74 11.87
N GLN F 203 -66.78 -78.66 10.57
CA GLN F 203 -66.12 -77.67 9.75
C GLN F 203 -66.76 -76.30 9.96
N VAL F 204 -65.95 -75.25 9.87
CA VAL F 204 -66.45 -73.89 10.04
C VAL F 204 -65.99 -73.04 8.86
N PRO F 205 -66.88 -72.70 7.93
CA PRO F 205 -66.49 -71.83 6.83
C PRO F 205 -66.39 -70.38 7.25
N VAL F 206 -65.81 -69.56 6.36
CA VAL F 206 -65.58 -68.14 6.65
C VAL F 206 -66.89 -67.37 6.76
N SER F 207 -67.93 -67.86 6.08
CA SER F 207 -69.23 -67.19 6.16
C SER F 207 -69.79 -67.20 7.57
N GLN F 208 -69.34 -68.11 8.41
CA GLN F 208 -69.74 -68.11 9.82
C GLN F 208 -69.02 -67.06 10.64
N VAL F 209 -67.89 -66.54 10.18
CA VAL F 209 -67.05 -65.66 10.97
C VAL F 209 -66.89 -64.28 10.33
N PHE F 210 -67.01 -64.18 9.01
CA PHE F 210 -66.93 -62.88 8.35
C PHE F 210 -68.04 -62.73 7.32
N GLY F 211 -68.53 -61.49 7.20
CA GLY F 211 -69.39 -61.09 6.11
C GLY F 211 -68.61 -60.26 5.11
N GLN F 212 -69.33 -59.83 4.08
CA GLN F 212 -68.71 -59.00 3.05
C GLN F 212 -68.93 -57.54 3.40
N ASP F 213 -68.09 -56.68 2.80
CA ASP F 213 -68.07 -55.23 3.03
C ASP F 213 -67.86 -54.94 4.51
N GLU F 214 -66.93 -55.67 5.11
CA GLU F 214 -66.60 -55.57 6.51
C GLU F 214 -65.13 -55.19 6.62
N MET F 215 -64.72 -54.75 7.80
CA MET F 215 -63.35 -54.31 8.00
C MET F 215 -62.69 -55.08 9.13
N ILE F 216 -61.56 -55.71 8.83
CA ILE F 216 -60.91 -56.66 9.74
C ILE F 216 -59.45 -56.27 9.92
N ASP F 217 -58.80 -56.96 10.84
CA ASP F 217 -57.39 -56.78 11.15
C ASP F 217 -56.62 -58.01 10.70
N VAL F 218 -55.40 -57.81 10.25
CA VAL F 218 -54.54 -58.90 9.83
C VAL F 218 -53.39 -59.02 10.80
N ILE F 219 -53.14 -60.23 11.28
CA ILE F 219 -52.02 -60.51 12.15
C ILE F 219 -51.15 -61.55 11.46
N GLY F 220 -49.86 -61.32 11.42
CA GLY F 220 -48.96 -62.25 10.75
C GLY F 220 -47.50 -61.99 11.00
N VAL F 221 -46.64 -62.60 10.22
CA VAL F 221 -45.20 -62.48 10.39
C VAL F 221 -44.60 -61.89 9.13
N THR F 222 -43.80 -60.85 9.29
CA THR F 222 -43.21 -60.09 8.19
C THR F 222 -42.37 -60.99 7.31
N LYS F 223 -42.30 -60.68 6.02
CA LYS F 223 -41.47 -61.42 5.09
C LYS F 223 -40.02 -61.20 5.47
N GLY F 224 -39.39 -62.21 6.06
CA GLY F 224 -38.04 -62.12 6.57
C GLY F 224 -37.00 -61.82 5.52
N LYS F 225 -36.04 -60.97 5.85
CA LYS F 225 -35.04 -60.52 4.89
C LYS F 225 -33.61 -60.75 5.37
N GLY F 226 -33.43 -61.37 6.53
CA GLY F 226 -32.10 -61.71 6.97
C GLY F 226 -31.40 -60.64 7.79
N TYR F 227 -30.08 -60.69 7.79
CA TYR F 227 -29.25 -59.74 8.51
C TYR F 227 -28.99 -58.52 7.64
N LYS F 228 -29.36 -57.34 8.14
CA LYS F 228 -29.27 -56.13 7.33
C LYS F 228 -28.61 -55.03 8.11
N GLY F 229 -27.91 -54.16 7.40
CA GLY F 229 -27.25 -53.02 8.01
C GLY F 229 -28.22 -51.94 8.42
N VAL F 230 -27.66 -50.82 8.85
CA VAL F 230 -28.48 -49.74 9.38
C VAL F 230 -29.30 -49.10 8.27
N THR F 231 -28.77 -49.09 7.05
CA THR F 231 -29.46 -48.43 5.96
C THR F 231 -30.69 -49.21 5.52
N SER F 232 -30.66 -50.53 5.68
CA SER F 232 -31.81 -51.30 5.27
C SER F 232 -32.85 -51.39 6.38
N ARG F 233 -32.42 -51.47 7.64
CA ARG F 233 -33.36 -51.61 8.73
C ARG F 233 -34.07 -50.30 9.04
N TRP F 234 -33.33 -49.20 9.07
CA TRP F 234 -33.88 -47.94 9.51
C TRP F 234 -33.92 -46.86 8.45
N HIS F 235 -33.27 -47.07 7.31
CA HIS F 235 -33.17 -46.10 6.24
C HIS F 235 -32.58 -44.79 6.72
N THR F 236 -31.33 -44.82 7.17
CA THR F 236 -30.60 -43.61 7.53
C THR F 236 -29.74 -43.22 6.35
N LYS F 237 -29.47 -41.93 6.21
CA LYS F 237 -28.76 -41.38 5.06
C LYS F 237 -27.43 -42.06 4.81
N LYS F 238 -27.19 -42.46 3.58
CA LYS F 238 -25.86 -42.94 3.21
C LYS F 238 -24.86 -41.81 3.36
N LEU F 239 -23.71 -42.12 3.93
CA LEU F 239 -22.67 -41.13 4.11
C LEU F 239 -22.14 -40.71 2.74
N PRO F 240 -21.50 -39.54 2.64
CA PRO F 240 -20.92 -39.14 1.35
C PRO F 240 -19.83 -40.09 0.91
N ARG F 241 -19.57 -40.10 -0.41
CA ARG F 241 -18.69 -41.05 -1.07
C ARG F 241 -17.30 -41.13 -0.47
N LYS F 242 -16.83 -40.05 0.14
CA LYS F 242 -15.42 -39.95 0.51
C LYS F 242 -15.07 -40.73 1.77
N THR F 243 -16.03 -41.34 2.45
CA THR F 243 -15.77 -41.92 3.77
C THR F 243 -14.81 -43.11 3.68
N HIS F 244 -13.91 -43.18 4.65
CA HIS F 244 -12.87 -44.21 4.62
C HIS F 244 -13.40 -45.56 5.06
N ARG F 245 -13.86 -45.65 6.30
CA ARG F 245 -14.31 -46.93 6.80
C ARG F 245 -15.79 -47.11 6.53
N GLY F 246 -16.16 -47.22 5.27
CA GLY F 246 -17.52 -47.54 4.91
C GLY F 246 -18.46 -46.36 5.00
N LEU F 247 -19.52 -46.43 4.20
CA LEU F 247 -20.49 -45.33 4.12
C LEU F 247 -21.91 -45.73 4.43
N ARG F 248 -22.25 -47.02 4.40
CA ARG F 248 -23.59 -47.45 4.78
C ARG F 248 -23.69 -47.65 6.29
N LYS F 249 -23.37 -46.60 7.02
CA LYS F 249 -23.23 -46.69 8.46
C LYS F 249 -24.04 -45.57 9.09
N VAL F 250 -24.00 -45.54 10.43
CA VAL F 250 -24.46 -44.41 11.21
C VAL F 250 -23.20 -43.79 11.82
N ALA F 251 -22.98 -42.52 11.53
CA ALA F 251 -21.69 -41.91 11.76
C ALA F 251 -21.39 -41.73 13.25
N CYS F 252 -22.34 -41.18 13.98
CA CYS F 252 -22.15 -40.92 15.40
C CYS F 252 -23.17 -41.74 16.18
N ILE F 253 -22.69 -42.62 17.02
CA ILE F 253 -23.57 -43.50 17.78
C ILE F 253 -24.27 -42.71 18.88
N GLY F 254 -23.50 -42.10 19.78
CA GLY F 254 -24.04 -41.30 20.84
C GLY F 254 -23.12 -40.16 21.23
N ALA F 255 -23.47 -39.49 22.31
CA ALA F 255 -22.62 -38.44 22.83
C ALA F 255 -21.45 -39.07 23.55
N TRP F 256 -20.60 -38.27 24.17
CA TRP F 256 -19.56 -38.85 24.99
C TRP F 256 -20.22 -39.32 26.27
N HIS F 257 -20.72 -38.39 27.04
CA HIS F 257 -20.82 -38.69 28.45
C HIS F 257 -21.97 -39.57 28.95
N PRO F 258 -23.08 -39.76 28.24
CA PRO F 258 -23.95 -40.88 28.63
C PRO F 258 -23.20 -42.21 28.61
N ALA F 259 -22.07 -42.28 27.90
CA ALA F 259 -20.98 -43.23 28.13
C ALA F 259 -21.34 -44.64 27.71
N ARG F 260 -22.58 -44.83 27.32
CA ARG F 260 -23.04 -46.07 26.73
C ARG F 260 -23.54 -45.75 25.34
N VAL F 261 -24.01 -46.76 24.63
CA VAL F 261 -24.78 -46.56 23.43
C VAL F 261 -26.23 -46.81 23.78
N ALA F 262 -27.09 -45.84 23.49
CA ALA F 262 -28.47 -45.94 23.90
C ALA F 262 -29.21 -46.97 23.06
N PHE F 263 -30.33 -47.44 23.58
CA PHE F 263 -31.14 -48.40 22.86
C PHE F 263 -31.79 -47.79 21.64
N SER F 264 -31.97 -46.47 21.62
CA SER F 264 -32.65 -45.82 20.50
C SER F 264 -31.76 -45.61 19.30
N VAL F 265 -30.47 -45.87 19.41
CA VAL F 265 -29.57 -45.72 18.28
C VAL F 265 -29.81 -46.87 17.32
N ALA F 266 -29.64 -46.60 16.03
CA ALA F 266 -29.90 -47.59 14.98
C ALA F 266 -28.69 -48.47 14.78
N ARG F 267 -28.88 -49.78 14.94
CA ARG F 267 -27.79 -50.74 14.80
C ARG F 267 -28.19 -51.82 13.80
N ALA F 268 -27.19 -52.47 13.23
CA ALA F 268 -27.44 -53.55 12.28
C ALA F 268 -27.97 -54.78 12.99
N GLY F 269 -28.74 -55.58 12.27
CA GLY F 269 -29.29 -56.78 12.84
C GLY F 269 -30.36 -57.43 11.99
N GLN F 270 -31.38 -57.97 12.64
CA GLN F 270 -32.43 -58.66 11.92
C GLN F 270 -33.39 -57.68 11.29
N LYS F 271 -33.77 -57.94 10.05
CA LYS F 271 -34.80 -57.19 9.36
C LYS F 271 -35.86 -58.15 8.87
N GLY F 272 -37.11 -57.80 9.06
CA GLY F 272 -38.20 -58.68 8.69
C GLY F 272 -38.33 -59.83 9.66
N TYR F 273 -39.32 -60.69 9.37
CA TYR F 273 -39.72 -61.78 10.25
C TYR F 273 -40.07 -61.27 11.64
N HIS F 274 -40.89 -60.22 11.69
CA HIS F 274 -41.42 -59.69 12.92
C HIS F 274 -42.92 -59.94 12.94
N HIS F 275 -43.47 -60.12 14.12
CA HIS F 275 -44.90 -60.42 14.26
C HIS F 275 -45.67 -59.11 14.22
N ARG F 276 -46.17 -58.73 13.05
CA ARG F 276 -46.84 -57.45 12.88
C ARG F 276 -48.35 -57.63 12.84
N THR F 277 -49.06 -56.52 13.05
CA THR F 277 -50.52 -56.53 13.12
C THR F 277 -51.04 -55.27 12.44
N GLU F 278 -51.34 -55.36 11.16
CA GLU F 278 -51.97 -54.26 10.46
C GLU F 278 -53.48 -54.37 10.59
N ILE F 279 -54.12 -53.21 10.73
CA ILE F 279 -55.54 -53.17 11.05
C ILE F 279 -56.30 -52.47 9.93
N ASN F 280 -57.62 -52.60 9.99
CA ASN F 280 -58.55 -51.86 9.14
C ASN F 280 -58.38 -52.19 7.66
N LYS F 281 -58.22 -53.47 7.36
CA LYS F 281 -58.33 -53.94 5.98
C LYS F 281 -59.79 -54.21 5.67
N LYS F 282 -60.20 -53.88 4.45
CA LYS F 282 -61.59 -54.03 4.03
C LYS F 282 -61.74 -55.32 3.24
N ILE F 283 -62.71 -56.15 3.63
CA ILE F 283 -62.91 -57.42 2.95
C ILE F 283 -63.78 -57.16 1.73
N TYR F 284 -63.24 -57.46 0.55
CA TYR F 284 -63.96 -57.13 -0.67
C TYR F 284 -64.88 -58.24 -1.11
N LYS F 285 -64.39 -59.48 -1.11
CA LYS F 285 -65.16 -60.57 -1.66
C LYS F 285 -64.79 -61.85 -0.93
N ILE F 286 -65.80 -62.61 -0.54
CA ILE F 286 -65.58 -63.90 0.07
C ILE F 286 -65.85 -64.96 -0.98
N GLY F 287 -64.82 -65.68 -1.40
CA GLY F 287 -64.95 -66.61 -2.50
C GLY F 287 -65.67 -67.87 -2.09
N GLN F 288 -65.87 -68.72 -3.10
CA GLN F 288 -66.56 -70.00 -2.93
C GLN F 288 -65.76 -71.04 -3.69
N GLY F 289 -65.32 -72.07 -2.98
CA GLY F 289 -64.43 -73.07 -3.56
C GLY F 289 -64.99 -73.85 -4.72
N TYR F 290 -64.15 -74.65 -5.35
CA TYR F 290 -64.61 -75.53 -6.42
C TYR F 290 -65.60 -76.53 -5.85
N LEU F 291 -66.86 -76.38 -6.20
CA LEU F 291 -67.93 -77.24 -5.69
C LEU F 291 -68.60 -77.92 -6.86
N ILE F 292 -68.89 -79.20 -6.71
CA ILE F 292 -69.28 -80.03 -7.83
C ILE F 292 -70.79 -80.25 -7.84
N LYS F 293 -71.36 -80.28 -9.04
CA LYS F 293 -72.74 -80.71 -9.26
C LYS F 293 -72.90 -81.10 -10.72
N ASP F 294 -73.73 -82.12 -10.95
CA ASP F 294 -74.01 -82.64 -12.29
C ASP F 294 -72.73 -83.07 -13.00
N GLY F 295 -71.80 -83.63 -12.25
CA GLY F 295 -70.54 -84.13 -12.82
C GLY F 295 -69.48 -83.09 -13.08
N LYS F 296 -69.88 -81.91 -13.54
CA LYS F 296 -68.96 -80.82 -13.80
C LYS F 296 -68.70 -80.06 -12.50
N LEU F 297 -67.58 -79.34 -12.48
CA LEU F 297 -67.21 -78.51 -11.34
C LEU F 297 -67.59 -77.06 -11.62
N ILE F 298 -68.03 -76.37 -10.58
CA ILE F 298 -68.38 -74.96 -10.68
C ILE F 298 -67.15 -74.17 -10.27
N LYS F 299 -66.54 -73.50 -11.23
CA LYS F 299 -65.23 -72.89 -11.03
C LYS F 299 -65.25 -71.37 -11.01
N ASN F 300 -66.29 -70.74 -11.56
CA ASN F 300 -66.32 -69.28 -11.67
C ASN F 300 -66.32 -68.61 -10.30
N ASN F 301 -65.21 -67.97 -9.96
CA ASN F 301 -65.13 -67.12 -8.79
C ASN F 301 -64.91 -65.67 -9.15
N ALA F 302 -64.15 -65.42 -10.21
CA ALA F 302 -63.93 -64.09 -10.74
C ALA F 302 -65.09 -63.57 -11.54
N SER F 303 -66.19 -64.31 -11.56
CA SER F 303 -67.42 -63.85 -12.20
C SER F 303 -68.03 -62.77 -11.31
N THR F 304 -68.03 -61.54 -11.79
CA THR F 304 -68.72 -60.46 -11.12
C THR F 304 -70.17 -60.45 -11.55
N ASP F 305 -70.88 -59.36 -11.25
CA ASP F 305 -72.22 -59.16 -11.77
C ASP F 305 -72.22 -58.62 -13.20
N TYR F 306 -71.07 -58.19 -13.71
CA TYR F 306 -71.00 -57.59 -15.03
C TYR F 306 -69.99 -58.26 -15.94
N ASP F 307 -69.24 -59.25 -15.44
CA ASP F 307 -68.29 -59.99 -16.27
C ASP F 307 -68.88 -61.27 -16.84
N LEU F 308 -69.74 -61.95 -16.08
CA LEU F 308 -70.52 -63.13 -16.49
C LEU F 308 -69.70 -64.23 -17.15
N SER F 309 -68.39 -64.21 -17.00
CA SER F 309 -67.56 -65.25 -17.57
C SER F 309 -67.20 -66.28 -16.52
N ASP F 310 -66.86 -67.48 -16.96
CA ASP F 310 -66.70 -68.59 -16.04
C ASP F 310 -65.33 -68.63 -15.38
N LYS F 311 -64.53 -67.57 -15.46
CA LYS F 311 -63.15 -67.67 -15.01
C LYS F 311 -63.05 -67.73 -13.49
N SER F 312 -62.16 -68.60 -13.02
CA SER F 312 -61.82 -68.67 -11.61
C SER F 312 -60.76 -67.62 -11.31
N ILE F 313 -60.57 -67.32 -10.04
CA ILE F 313 -59.60 -66.30 -9.68
C ILE F 313 -58.18 -66.83 -9.81
N ASN F 314 -58.02 -68.13 -10.02
CA ASN F 314 -56.72 -68.66 -10.37
C ASN F 314 -56.24 -68.02 -11.65
N PRO F 315 -55.16 -67.23 -11.61
CA PRO F 315 -54.65 -66.62 -12.83
C PRO F 315 -54.05 -67.67 -13.74
N LEU F 316 -53.72 -67.25 -14.96
CA LEU F 316 -53.17 -68.17 -15.93
C LEU F 316 -51.85 -68.72 -15.45
N GLY F 317 -51.76 -70.04 -15.35
CA GLY F 317 -50.58 -70.66 -14.79
C GLY F 317 -50.52 -70.64 -13.29
N GLY F 318 -51.66 -70.47 -12.62
CA GLY F 318 -51.71 -70.50 -11.17
C GLY F 318 -51.02 -69.35 -10.49
N PHE F 319 -51.18 -69.25 -9.17
CA PHE F 319 -50.48 -68.22 -8.43
C PHE F 319 -49.01 -68.55 -8.34
N VAL F 320 -48.17 -67.52 -8.45
CA VAL F 320 -46.74 -67.73 -8.46
C VAL F 320 -46.28 -68.12 -7.06
N HIS F 321 -45.49 -69.19 -7.00
CA HIS F 321 -44.88 -69.70 -5.77
C HIS F 321 -45.91 -70.14 -4.74
N TYR F 322 -47.18 -70.23 -5.13
CA TYR F 322 -48.18 -70.72 -4.20
C TYR F 322 -48.83 -72.01 -4.67
N GLY F 323 -49.44 -71.97 -5.84
CA GLY F 323 -50.25 -73.07 -6.29
C GLY F 323 -51.62 -72.56 -6.72
N GLU F 324 -52.58 -73.48 -6.75
CA GLU F 324 -53.93 -73.17 -7.21
C GLU F 324 -54.87 -73.06 -6.02
N VAL F 325 -55.68 -72.01 -6.01
CA VAL F 325 -56.67 -71.81 -4.96
C VAL F 325 -57.89 -72.65 -5.32
N THR F 326 -58.11 -73.72 -4.56
CA THR F 326 -59.26 -74.58 -4.79
C THR F 326 -60.39 -74.32 -3.81
N ASN F 327 -60.07 -74.05 -2.55
CA ASN F 327 -61.09 -73.83 -1.55
C ASN F 327 -61.59 -72.39 -1.63
N ASP F 328 -62.52 -72.07 -0.73
CA ASP F 328 -63.00 -70.71 -0.66
C ASP F 328 -61.90 -69.78 -0.17
N PHE F 329 -62.06 -68.50 -0.47
CA PHE F 329 -61.03 -67.51 -0.25
C PHE F 329 -61.72 -66.22 0.18
N VAL F 330 -60.92 -65.29 0.70
CA VAL F 330 -61.40 -63.95 0.99
C VAL F 330 -60.45 -62.96 0.35
N MET F 331 -60.99 -61.86 -0.13
CA MET F 331 -60.24 -60.87 -0.90
C MET F 331 -60.15 -59.58 -0.11
N LEU F 332 -58.94 -59.23 0.31
CA LEU F 332 -58.70 -58.07 1.16
C LEU F 332 -58.10 -56.95 0.34
N LYS F 333 -58.62 -55.74 0.55
CA LYS F 333 -58.07 -54.57 -0.13
C LYS F 333 -56.66 -54.29 0.33
N GLY F 334 -55.80 -53.97 -0.62
CA GLY F 334 -54.42 -53.65 -0.30
C GLY F 334 -53.59 -54.84 0.08
N CYS F 335 -52.29 -54.63 0.21
CA CYS F 335 -51.37 -55.69 0.57
C CYS F 335 -51.52 -56.06 2.03
N VAL F 336 -50.99 -57.24 2.40
CA VAL F 336 -50.96 -57.69 3.79
C VAL F 336 -49.58 -58.25 4.07
N VAL F 337 -49.33 -58.48 5.36
CA VAL F 337 -48.01 -58.89 5.82
C VAL F 337 -47.71 -60.33 5.41
N GLY F 338 -46.46 -60.57 5.04
CA GLY F 338 -45.98 -61.92 4.88
C GLY F 338 -45.73 -62.30 3.43
N THR F 339 -44.90 -63.32 3.25
CA THR F 339 -44.61 -63.83 1.91
C THR F 339 -45.77 -64.67 1.40
N LYS F 340 -45.57 -65.28 0.23
CA LYS F 340 -46.53 -66.25 -0.25
C LYS F 340 -46.53 -67.47 0.66
N LYS F 341 -47.69 -68.15 0.69
CA LYS F 341 -47.93 -69.36 1.48
C LYS F 341 -47.85 -69.11 2.98
N ARG F 342 -47.72 -67.84 3.39
CA ARG F 342 -47.63 -67.52 4.80
C ARG F 342 -48.99 -67.70 5.46
N VAL F 343 -49.00 -68.31 6.63
CA VAL F 343 -50.24 -68.47 7.38
C VAL F 343 -50.61 -67.14 8.04
N LEU F 344 -51.86 -66.74 7.88
CA LEU F 344 -52.33 -65.45 8.36
C LEU F 344 -53.51 -65.61 9.29
N THR F 345 -53.47 -64.89 10.39
CA THR F 345 -54.56 -64.84 11.35
C THR F 345 -55.43 -63.64 11.04
N LEU F 346 -56.70 -63.88 10.76
CA LEU F 346 -57.66 -62.83 10.50
C LEU F 346 -58.45 -62.58 11.77
N ARG F 347 -58.74 -61.32 12.05
CA ARG F 347 -59.40 -60.96 13.30
C ARG F 347 -60.38 -59.84 13.06
N LYS F 348 -61.57 -59.96 13.65
CA LYS F 348 -62.53 -58.87 13.63
C LYS F 348 -61.95 -57.68 14.38
N SER F 349 -62.19 -56.48 13.85
CA SER F 349 -61.59 -55.28 14.40
C SER F 349 -62.09 -55.01 15.82
N LEU F 350 -61.15 -54.69 16.71
CA LEU F 350 -61.50 -54.40 18.10
C LEU F 350 -62.35 -53.14 18.19
N LEU F 351 -62.17 -52.23 17.23
CA LEU F 351 -62.83 -50.95 17.25
C LEU F 351 -64.20 -51.01 16.61
N VAL F 352 -64.95 -49.93 16.76
CA VAL F 352 -66.20 -49.75 16.03
C VAL F 352 -65.93 -48.81 14.85
N GLN F 353 -66.39 -49.20 13.67
CA GLN F 353 -66.14 -48.42 12.47
C GLN F 353 -67.26 -47.41 12.29
N THR F 354 -67.08 -46.21 12.83
CA THR F 354 -68.07 -45.16 12.73
C THR F 354 -67.63 -44.14 11.71
N LYS F 355 -66.78 -44.57 10.79
CA LYS F 355 -66.26 -43.68 9.77
C LYS F 355 -67.23 -43.64 8.61
N ARG F 356 -66.82 -43.00 7.51
CA ARG F 356 -67.59 -43.02 6.29
C ARG F 356 -66.91 -43.81 5.18
N ARG F 357 -65.71 -44.32 5.43
CA ARG F 357 -65.01 -45.22 4.52
C ARG F 357 -65.35 -46.67 4.78
N ALA F 358 -65.40 -47.08 6.03
CA ALA F 358 -65.60 -48.47 6.39
C ALA F 358 -67.05 -48.90 6.33
N LEU F 359 -67.97 -48.03 5.95
CA LEU F 359 -69.37 -48.39 5.80
C LEU F 359 -69.77 -48.38 4.33
N GLU F 360 -68.78 -48.40 3.46
CA GLU F 360 -68.96 -48.26 2.03
C GLU F 360 -69.19 -49.64 1.42
N LYS F 361 -70.31 -49.81 0.72
CA LYS F 361 -70.56 -51.06 0.02
C LYS F 361 -69.64 -51.17 -1.18
N ILE F 362 -69.21 -52.39 -1.48
CA ILE F 362 -68.32 -52.65 -2.60
C ILE F 362 -69.04 -53.54 -3.59
N ASP F 363 -68.98 -53.17 -4.87
CA ASP F 363 -69.49 -54.00 -5.96
C ASP F 363 -68.38 -54.10 -7.00
N LEU F 364 -67.88 -55.31 -7.20
CA LEU F 364 -66.81 -55.54 -8.14
C LEU F 364 -67.33 -55.46 -9.56
N LYS F 365 -66.52 -54.93 -10.46
CA LYS F 365 -66.90 -54.87 -11.86
C LYS F 365 -66.02 -55.71 -12.75
N PHE F 366 -64.79 -56.01 -12.35
CA PHE F 366 -63.86 -56.78 -13.15
C PHE F 366 -62.69 -57.19 -12.27
N ILE F 367 -62.34 -58.48 -12.32
CA ILE F 367 -61.27 -59.03 -11.50
C ILE F 367 -60.15 -59.47 -12.42
N ASP F 368 -58.99 -58.84 -12.28
CA ASP F 368 -57.87 -59.15 -13.16
C ASP F 368 -57.36 -60.55 -12.90
N THR F 369 -57.24 -61.33 -13.96
CA THR F 369 -56.90 -62.74 -13.83
C THR F 369 -55.75 -63.09 -14.77
N THR F 370 -55.07 -62.10 -15.34
CA THR F 370 -54.00 -62.40 -16.27
C THR F 370 -52.82 -63.02 -15.53
N SER F 371 -51.94 -63.67 -16.29
CA SER F 371 -50.80 -64.37 -15.71
C SER F 371 -49.88 -63.40 -14.99
N LYS F 372 -49.70 -63.61 -13.70
CA LYS F 372 -48.79 -62.79 -12.92
C LYS F 372 -47.35 -63.28 -13.04
N PHE F 373 -47.13 -64.31 -13.85
CA PHE F 373 -45.80 -64.86 -14.09
C PHE F 373 -45.16 -64.17 -15.30
N GLY F 374 -45.18 -62.85 -15.27
CA GLY F 374 -44.73 -62.04 -16.38
C GLY F 374 -45.81 -61.09 -16.83
N HIS F 375 -45.53 -60.38 -17.92
CA HIS F 375 -46.47 -59.43 -18.49
C HIS F 375 -47.56 -60.20 -19.22
N GLY F 376 -48.53 -60.67 -18.46
CA GLY F 376 -49.65 -61.36 -19.06
C GLY F 376 -50.58 -60.41 -19.78
N ARG F 377 -51.28 -60.94 -20.78
CA ARG F 377 -52.20 -60.11 -21.55
C ARG F 377 -53.49 -60.80 -21.92
N PHE F 378 -53.81 -61.95 -21.33
CA PHE F 378 -55.06 -62.63 -21.60
C PHE F 378 -55.72 -62.99 -20.28
N GLN F 379 -57.02 -62.73 -20.18
CA GLN F 379 -57.73 -63.03 -18.94
C GLN F 379 -57.88 -64.52 -18.74
N THR F 380 -58.35 -65.24 -19.75
CA THR F 380 -58.53 -66.69 -19.68
C THR F 380 -57.66 -67.34 -20.74
N VAL F 381 -57.77 -68.66 -20.83
CA VAL F 381 -57.06 -69.36 -21.88
C VAL F 381 -57.84 -69.30 -23.19
N GLU F 382 -59.17 -69.31 -23.11
CA GLU F 382 -60.00 -69.33 -24.31
C GLU F 382 -59.82 -68.06 -25.11
N GLU F 383 -59.72 -66.92 -24.44
CA GLU F 383 -59.45 -65.67 -25.16
C GLU F 383 -58.06 -65.69 -25.77
N LYS F 384 -57.13 -66.41 -25.13
CA LYS F 384 -55.82 -66.58 -25.74
C LYS F 384 -55.89 -67.49 -26.96
N LYS F 385 -56.68 -68.55 -26.88
CA LYS F 385 -56.87 -69.42 -28.04
C LYS F 385 -57.65 -68.72 -29.14
N ALA F 386 -58.55 -67.79 -28.78
CA ALA F 386 -59.31 -67.09 -29.80
C ALA F 386 -58.45 -66.05 -30.50
N PHE F 387 -57.53 -65.43 -29.77
CA PHE F 387 -56.66 -64.41 -30.37
C PHE F 387 -55.70 -65.04 -31.37
N MET F 388 -54.93 -66.03 -30.93
CA MET F 388 -53.91 -66.62 -31.78
C MET F 388 -54.53 -67.53 -32.82
N GLY F 389 -55.43 -68.40 -32.39
CA GLY F 389 -56.05 -69.35 -33.30
C GLY F 389 -55.40 -70.71 -33.22
N PRO F 390 -54.84 -71.17 -34.33
CA PRO F 390 -54.11 -72.44 -34.30
C PRO F 390 -52.65 -72.24 -33.97
N LEU F 391 -51.99 -73.26 -33.45
CA LEU F 391 -50.56 -73.21 -33.18
C LEU F 391 -49.93 -74.47 -33.74
N LYS F 392 -48.61 -74.41 -33.95
CA LYS F 392 -47.86 -75.50 -34.58
C LYS F 392 -48.03 -76.83 -33.86
N LYS F 393 -48.22 -76.78 -32.55
CA LYS F 393 -48.37 -78.01 -31.77
C LYS F 393 -49.73 -78.65 -32.00
N ASP F 394 -49.98 -79.08 -33.24
CA ASP F 394 -51.23 -79.70 -33.64
C ASP F 394 -50.99 -80.64 -34.82
N ALA G 1 50.55 -61.59 93.22
CA ALA G 1 51.65 -62.56 93.13
C ALA G 1 52.67 -62.33 94.22
N CYS G 2 52.34 -62.77 95.44
CA CYS G 2 53.25 -62.59 96.56
C CYS G 2 54.46 -63.51 96.46
N ALA G 3 54.39 -64.54 95.62
CA ALA G 3 55.52 -65.42 95.38
C ALA G 3 55.40 -66.00 93.98
N ARG G 4 56.53 -66.51 93.47
CA ARG G 4 56.52 -67.26 92.23
C ARG G 4 56.83 -68.71 92.53
N PRO G 5 55.94 -69.65 92.22
CA PRO G 5 56.18 -71.06 92.57
C PRO G 5 57.30 -71.69 91.77
N LEU G 6 57.55 -72.97 92.01
CA LEU G 6 58.72 -73.66 91.50
C LEU G 6 58.28 -74.78 90.57
N ILE G 7 58.68 -74.69 89.32
CA ILE G 7 58.30 -75.66 88.31
C ILE G 7 59.37 -76.73 88.20
N SER G 8 58.94 -77.97 88.02
CA SER G 8 59.84 -79.13 87.96
C SER G 8 60.00 -79.57 86.51
N VAL G 9 61.24 -79.80 86.11
CA VAL G 9 61.53 -80.31 84.78
C VAL G 9 61.28 -81.81 84.74
N TYR G 10 60.65 -82.27 83.67
CA TYR G 10 60.36 -83.69 83.50
C TYR G 10 61.35 -84.29 82.51
N SER G 11 61.74 -85.53 82.79
CA SER G 11 62.69 -86.22 81.94
C SER G 11 61.99 -86.72 80.67
N GLU G 12 62.76 -87.38 79.81
CA GLU G 12 62.22 -87.85 78.55
C GLU G 12 61.20 -88.97 78.70
N LYS G 13 61.19 -89.67 79.83
CA LYS G 13 60.30 -90.81 80.00
C LYS G 13 59.09 -90.51 80.85
N GLY G 14 58.96 -89.29 81.37
CA GLY G 14 57.79 -88.89 82.11
C GLY G 14 58.02 -88.65 83.58
N GLU G 15 59.14 -89.11 84.13
CA GLU G 15 59.41 -88.87 85.53
C GLU G 15 59.83 -87.43 85.75
N SER G 16 59.74 -86.99 87.01
CA SER G 16 60.19 -85.67 87.40
C SER G 16 61.61 -85.76 87.94
N SER G 17 62.53 -85.06 87.29
CA SER G 17 63.93 -85.08 87.69
C SER G 17 64.11 -84.26 88.97
N GLY G 18 65.35 -84.15 89.43
CA GLY G 18 65.61 -83.39 90.65
C GLY G 18 65.56 -81.89 90.46
N LYS G 19 65.82 -81.41 89.24
CA LYS G 19 65.90 -79.98 88.99
C LYS G 19 64.55 -79.30 89.16
N ASN G 20 64.60 -78.02 89.49
CA ASN G 20 63.40 -77.21 89.68
C ASN G 20 63.69 -75.81 89.15
N VAL G 21 62.87 -75.33 88.24
CA VAL G 21 63.06 -74.02 87.63
C VAL G 21 62.05 -73.05 88.20
N THR G 22 62.52 -71.84 88.54
CA THR G 22 61.64 -70.80 89.04
C THR G 22 60.65 -70.40 87.95
N LEU G 23 59.39 -70.20 88.34
CA LEU G 23 58.37 -69.77 87.39
C LEU G 23 58.70 -68.37 86.89
N PRO G 24 58.87 -68.18 85.58
CA PRO G 24 59.20 -66.85 85.07
C PRO G 24 58.06 -65.88 85.26
N ALA G 25 58.40 -64.61 85.43
CA ALA G 25 57.41 -63.62 85.82
C ALA G 25 56.42 -63.31 84.70
N VAL G 26 56.74 -63.70 83.47
CA VAL G 26 55.84 -63.43 82.35
C VAL G 26 54.52 -64.19 82.53
N PHE G 27 54.57 -65.33 83.22
CA PHE G 27 53.37 -66.11 83.43
C PHE G 27 52.46 -65.47 84.46
N LYS G 28 52.93 -64.41 85.11
CA LYS G 28 52.11 -63.67 86.05
C LYS G 28 51.59 -62.36 85.49
N ALA G 29 51.80 -62.09 84.22
CA ALA G 29 51.35 -60.87 83.54
C ALA G 29 49.83 -60.78 83.56
N PRO G 30 49.24 -59.61 83.33
CA PRO G 30 47.78 -59.53 83.28
C PRO G 30 47.20 -60.29 82.10
N ILE G 31 46.01 -60.86 82.32
CA ILE G 31 45.33 -61.63 81.30
C ILE G 31 44.34 -60.70 80.60
N ARG G 32 44.63 -60.35 79.36
CA ARG G 32 43.84 -59.38 78.62
C ARG G 32 43.34 -60.02 77.33
N PRO G 33 42.13 -60.60 77.33
CA PRO G 33 41.60 -61.15 76.08
C PRO G 33 41.27 -60.08 75.08
N ASP G 34 40.83 -58.92 75.54
CA ASP G 34 40.47 -57.82 74.66
C ASP G 34 41.64 -57.35 73.82
N ILE G 35 42.84 -57.39 74.38
CA ILE G 35 44.03 -57.03 73.61
C ILE G 35 44.43 -58.18 72.70
N VAL G 36 44.39 -59.40 73.22
CA VAL G 36 44.70 -60.58 72.43
C VAL G 36 43.74 -60.69 71.25
N ASN G 37 42.46 -60.46 71.50
CA ASN G 37 41.49 -60.51 70.41
C ASN G 37 41.63 -59.31 69.48
N PHE G 38 42.22 -58.22 69.97
CA PHE G 38 42.50 -57.08 69.09
C PHE G 38 43.70 -57.36 68.21
N VAL G 39 44.79 -57.83 68.83
CA VAL G 39 46.04 -58.02 68.09
C VAL G 39 45.90 -59.19 67.12
N HIS G 40 45.18 -60.23 67.51
CA HIS G 40 45.05 -61.39 66.64
C HIS G 40 44.22 -61.07 65.41
N THR G 41 43.16 -60.28 65.57
CA THR G 41 42.32 -59.96 64.43
C THR G 41 42.80 -58.69 63.75
N ASN G 42 44.08 -58.38 63.90
CA ASN G 42 44.74 -57.38 63.07
C ASN G 42 46.07 -57.85 62.55
N LEU G 43 46.67 -58.87 63.11
CA LEU G 43 47.84 -59.47 62.51
C LEU G 43 47.50 -60.60 61.56
N ARG G 44 46.30 -61.17 61.66
CA ARG G 44 45.86 -62.13 60.66
C ARG G 44 45.61 -61.49 59.32
N LYS G 45 45.52 -60.17 59.26
CA LYS G 45 45.30 -59.51 57.99
C LYS G 45 46.59 -59.20 57.25
N ASN G 46 47.74 -59.58 57.78
CA ASN G 46 48.98 -59.23 57.11
C ASN G 46 49.51 -60.34 56.22
N ASN G 47 49.05 -61.57 56.41
CA ASN G 47 49.44 -62.62 55.47
C ASN G 47 48.54 -62.66 54.25
N ARG G 48 47.51 -61.82 54.21
CA ARG G 48 46.48 -61.90 53.20
C ARG G 48 46.99 -61.42 51.85
N GLN G 49 46.71 -62.21 50.81
CA GLN G 49 46.91 -61.98 49.37
C GLN G 49 45.90 -60.98 48.87
N PRO G 50 46.22 -60.18 47.86
CA PRO G 50 45.22 -59.28 47.29
C PRO G 50 44.32 -60.02 46.33
N TYR G 51 43.15 -59.45 46.08
CA TYR G 51 42.27 -59.95 45.05
C TYR G 51 41.45 -58.80 44.50
N ALA G 52 41.16 -58.85 43.22
CA ALA G 52 40.41 -57.78 42.58
C ALA G 52 39.84 -58.25 41.27
N VAL G 53 38.70 -57.66 40.92
CA VAL G 53 38.11 -57.83 39.60
C VAL G 53 38.98 -57.08 38.60
N SER G 54 39.15 -57.65 37.41
CA SER G 54 39.91 -56.96 36.36
C SER G 54 39.21 -55.66 36.00
N GLU G 55 40.01 -54.63 35.74
CA GLU G 55 39.45 -53.31 35.51
C GLU G 55 38.75 -53.20 34.16
N LEU G 56 39.12 -54.03 33.19
CA LEU G 56 38.44 -54.01 31.90
C LEU G 56 37.14 -54.78 31.92
N ALA G 57 36.84 -55.51 32.99
CA ALA G 57 35.66 -56.36 33.03
C ALA G 57 34.39 -55.54 32.92
N GLY G 58 33.58 -55.86 31.93
CA GLY G 58 32.34 -55.16 31.71
C GLY G 58 32.44 -53.91 30.87
N HIS G 59 33.65 -53.46 30.55
CA HIS G 59 33.84 -52.32 29.67
C HIS G 59 34.59 -52.70 28.40
N GLN G 60 34.64 -53.99 28.10
CA GLN G 60 35.20 -54.46 26.85
C GLN G 60 34.16 -54.49 25.74
N THR G 61 33.06 -53.79 25.89
CA THR G 61 32.09 -53.65 24.81
C THR G 61 32.05 -52.21 24.33
N SER G 62 31.25 -51.99 23.29
CA SER G 62 30.98 -50.66 22.77
C SER G 62 29.48 -50.49 22.72
N ALA G 63 28.92 -49.97 23.80
CA ALA G 63 27.47 -49.82 23.89
C ALA G 63 27.09 -48.35 23.90
N GLU G 64 25.81 -48.10 23.60
CA GLU G 64 25.23 -46.77 23.70
C GLU G 64 23.76 -46.89 24.03
N SER G 65 23.22 -45.92 24.75
CA SER G 65 21.79 -45.94 25.04
C SER G 65 21.01 -45.65 23.78
N TRP G 66 19.84 -46.28 23.65
CA TRP G 66 18.95 -45.99 22.56
C TRP G 66 18.19 -44.70 22.77
N GLY G 67 18.44 -44.00 23.86
CA GLY G 67 17.76 -42.78 24.15
C GLY G 67 16.31 -43.05 24.48
N THR G 68 15.59 -41.95 24.63
CA THR G 68 14.16 -42.04 24.84
C THR G 68 13.45 -42.39 23.55
N GLY G 69 12.12 -42.54 23.64
CA GLY G 69 11.39 -43.19 22.59
C GLY G 69 11.69 -44.67 22.63
N ARG G 70 11.29 -45.37 21.57
CA ARG G 70 11.66 -46.75 21.32
C ARG G 70 11.20 -47.76 22.38
N ALA G 71 10.47 -47.29 23.40
CA ALA G 71 9.76 -48.12 24.36
C ALA G 71 10.66 -49.11 25.10
N VAL G 72 11.94 -48.77 25.23
CA VAL G 72 12.85 -49.59 26.02
C VAL G 72 13.47 -48.72 27.10
N ALA G 73 14.31 -49.33 27.94
CA ALA G 73 14.56 -48.75 29.26
C ALA G 73 15.87 -47.97 29.37
N ARG G 74 16.35 -47.36 28.29
CA ARG G 74 17.33 -46.27 28.36
C ARG G 74 18.71 -46.72 28.86
N ILE G 75 18.86 -48.01 29.15
CA ILE G 75 20.17 -48.56 29.54
C ILE G 75 21.06 -48.56 28.30
N PRO G 76 22.38 -48.45 28.43
CA PRO G 76 23.25 -48.61 27.25
C PRO G 76 23.07 -49.99 26.65
N ARG G 77 23.17 -50.08 25.33
CA ARG G 77 22.87 -51.31 24.61
C ARG G 77 23.91 -51.56 23.55
N VAL G 78 24.14 -52.84 23.24
CA VAL G 78 25.17 -53.22 22.29
C VAL G 78 24.76 -52.83 20.88
N ARG G 79 25.72 -52.33 20.11
CA ARG G 79 25.42 -51.74 18.82
C ARG G 79 25.17 -52.79 17.76
N GLY G 80 24.06 -52.63 17.04
CA GLY G 80 23.72 -53.35 15.82
C GLY G 80 23.91 -54.85 15.82
N GLY G 81 24.44 -55.37 14.72
CA GLY G 81 24.77 -56.78 14.64
C GLY G 81 23.58 -57.72 14.53
N GLY G 82 23.78 -58.85 13.89
CA GLY G 82 22.78 -59.90 13.88
C GLY G 82 23.23 -61.05 14.73
N THR G 83 22.72 -61.10 15.96
CA THR G 83 23.14 -62.04 16.98
C THR G 83 22.24 -61.83 18.18
N HIS G 84 22.37 -62.71 19.16
CA HIS G 84 21.58 -62.54 20.37
C HIS G 84 22.02 -61.32 21.13
N ARG G 85 23.32 -61.04 21.18
CA ARG G 85 23.84 -59.91 21.92
C ARG G 85 23.78 -58.69 21.00
N SER G 86 22.60 -58.12 20.89
CA SER G 86 22.37 -56.98 20.02
C SER G 86 21.35 -56.09 20.72
N GLY G 87 21.85 -55.07 21.40
CA GLY G 87 20.96 -54.26 22.19
C GLY G 87 20.52 -55.00 23.42
N GLN G 88 21.48 -55.46 24.23
CA GLN G 88 21.17 -56.29 25.38
C GLN G 88 21.65 -55.69 26.70
N GLY G 89 21.66 -54.37 26.84
CA GLY G 89 22.01 -53.82 28.13
C GLY G 89 23.44 -54.12 28.54
N ALA G 90 24.42 -53.53 27.88
CA ALA G 90 25.78 -53.98 28.12
C ALA G 90 26.36 -53.45 29.42
N PHE G 91 26.48 -52.14 29.54
CA PHE G 91 27.16 -51.57 30.70
C PHE G 91 26.28 -51.63 31.94
N GLY G 92 26.76 -51.08 33.04
CA GLY G 92 25.97 -51.00 34.24
C GLY G 92 26.04 -52.28 35.04
N ASN G 93 25.57 -52.20 36.27
CA ASN G 93 25.68 -53.35 37.16
C ASN G 93 24.44 -54.21 37.19
N MET G 94 23.28 -53.67 36.85
CA MET G 94 22.05 -54.45 36.91
C MET G 94 21.87 -55.38 35.73
N CYS G 95 22.86 -55.52 34.87
CA CYS G 95 22.67 -56.20 33.58
C CYS G 95 23.44 -57.50 33.52
N ARG G 96 22.94 -58.44 32.71
CA ARG G 96 23.67 -59.67 32.48
C ARG G 96 24.87 -59.36 31.60
N GLY G 97 26.06 -59.39 32.19
CA GLY G 97 27.23 -58.86 31.53
C GLY G 97 27.59 -57.58 32.26
N GLY G 98 28.43 -56.75 31.68
CA GLY G 98 28.78 -55.51 32.33
C GLY G 98 29.55 -55.67 33.63
N ARG G 99 29.86 -54.56 34.26
CA ARG G 99 30.67 -54.59 35.46
C ARG G 99 29.78 -54.80 36.67
N MET G 100 30.39 -54.95 37.84
CA MET G 100 29.68 -54.95 39.09
C MET G 100 29.99 -53.65 39.83
N PHE G 101 29.04 -53.22 40.65
CA PHE G 101 29.15 -51.95 41.36
C PHE G 101 30.38 -51.89 42.23
N ALA G 102 31.11 -50.79 42.12
CA ALA G 102 32.33 -50.52 42.87
C ALA G 102 33.30 -51.67 42.72
N PRO G 103 33.95 -51.82 41.57
CA PRO G 103 34.87 -52.94 41.37
C PRO G 103 35.97 -52.93 42.40
N THR G 104 36.21 -54.08 43.01
CA THR G 104 37.24 -54.21 44.03
C THR G 104 38.60 -53.91 43.42
N LYS G 105 39.40 -53.14 44.13
CA LYS G 105 40.68 -52.67 43.65
C LYS G 105 41.80 -53.35 44.41
N THR G 106 42.93 -53.57 43.75
CA THR G 106 44.08 -54.20 44.40
C THR G 106 44.64 -53.34 45.51
N TRP G 107 44.40 -52.04 45.49
CA TRP G 107 44.93 -51.14 46.51
C TRP G 107 43.96 -50.91 47.63
N ARG G 108 43.12 -51.89 47.94
CA ARG G 108 42.44 -51.89 49.21
C ARG G 108 43.47 -52.07 50.32
N ARG G 109 43.20 -51.48 51.47
CA ARG G 109 44.14 -51.57 52.59
C ARG G 109 44.03 -52.96 53.20
N TRP G 110 44.88 -53.87 52.75
CA TRP G 110 44.87 -55.23 53.31
C TRP G 110 45.59 -55.28 54.65
N HIS G 111 46.85 -54.91 54.67
CA HIS G 111 47.68 -55.11 55.85
C HIS G 111 47.39 -54.05 56.92
N ARG G 112 47.42 -54.48 58.18
CA ARG G 112 47.27 -53.59 59.32
C ARG G 112 48.54 -53.60 60.15
N ARG G 113 48.77 -52.52 60.87
CA ARG G 113 49.93 -52.40 61.76
C ARG G 113 49.48 -52.18 63.19
N VAL G 114 50.19 -52.80 64.11
CA VAL G 114 49.88 -52.74 65.53
C VAL G 114 51.13 -52.27 66.26
N ASN G 115 50.94 -51.46 67.30
CA ASN G 115 52.05 -50.94 68.10
C ASN G 115 52.89 -52.07 68.65
N THR G 116 54.21 -51.84 68.70
CA THR G 116 55.12 -52.88 69.13
C THR G 116 54.89 -53.26 70.59
N THR G 117 54.45 -52.33 71.41
CA THR G 117 54.19 -52.67 72.80
C THR G 117 52.94 -53.54 72.94
N GLN G 118 51.95 -53.32 72.09
CA GLN G 118 50.75 -54.14 72.14
C GLN G 118 51.02 -55.53 71.60
N LYS G 119 51.85 -55.63 70.56
CA LYS G 119 52.31 -56.93 70.10
C LYS G 119 52.99 -57.69 71.22
N ARG G 120 53.82 -57.01 71.98
CA ARG G 120 54.47 -57.65 73.12
C ARG G 120 53.49 -57.87 74.25
N TYR G 121 52.49 -57.01 74.36
CA TYR G 121 51.46 -57.19 75.39
C TYR G 121 50.69 -58.48 75.14
N ALA G 122 50.38 -58.78 73.88
CA ALA G 122 49.57 -59.94 73.57
C ALA G 122 50.34 -61.22 73.84
N ILE G 123 51.65 -61.20 73.67
CA ILE G 123 52.45 -62.38 73.98
C ILE G 123 52.45 -62.62 75.49
N CYS G 124 52.51 -61.55 76.28
CA CYS G 124 52.44 -61.69 77.72
C CYS G 124 51.11 -62.29 78.15
N SER G 125 50.01 -61.75 77.62
CA SER G 125 48.70 -62.26 77.99
C SER G 125 48.46 -63.66 77.45
N ALA G 126 49.15 -64.04 76.38
CA ALA G 126 48.98 -65.38 75.85
C ALA G 126 49.76 -66.39 76.65
N LEU G 127 50.97 -66.06 77.05
CA LEU G 127 51.80 -67.00 77.79
C LEU G 127 51.24 -67.21 79.20
N ALA G 128 50.76 -66.15 79.82
CA ALA G 128 50.26 -66.26 81.18
C ALA G 128 49.00 -67.12 81.24
N ALA G 129 48.16 -67.07 80.21
CA ALA G 129 46.98 -67.91 80.18
C ALA G 129 47.31 -69.35 79.83
N SER G 130 48.50 -69.61 79.30
CA SER G 130 48.96 -70.98 79.14
C SER G 130 49.57 -71.54 80.40
N ALA G 131 49.49 -70.80 81.51
CA ALA G 131 49.92 -71.29 82.80
C ALA G 131 48.78 -71.59 83.74
N LEU G 132 47.55 -71.25 83.37
CA LEU G 132 46.40 -71.55 84.19
C LEU G 132 45.80 -72.85 83.69
N PRO G 133 45.65 -73.87 84.53
CA PRO G 133 45.20 -75.16 84.02
C PRO G 133 43.72 -75.18 83.71
N ALA G 134 43.05 -74.05 83.84
CA ALA G 134 41.64 -73.92 83.54
C ALA G 134 41.37 -73.35 82.16
N LEU G 135 42.15 -72.36 81.74
CA LEU G 135 41.92 -71.78 80.43
C LEU G 135 42.40 -72.72 79.33
N VAL G 136 43.36 -73.58 79.63
CA VAL G 136 43.84 -74.51 78.62
C VAL G 136 42.81 -75.61 78.38
N MET G 137 42.05 -75.97 79.43
CA MET G 137 40.94 -76.88 79.23
C MET G 137 39.86 -76.25 78.37
N SER G 138 39.50 -75.00 78.66
CA SER G 138 38.40 -74.37 77.96
C SER G 138 38.74 -74.08 76.52
N LYS G 139 40.03 -73.96 76.21
CA LYS G 139 40.48 -73.95 74.83
C LYS G 139 40.32 -75.30 74.15
N GLY G 140 39.92 -76.33 74.87
CA GLY G 140 39.64 -77.61 74.26
C GLY G 140 40.60 -78.70 74.66
N HIS G 141 41.84 -78.33 74.97
CA HIS G 141 42.95 -79.26 75.13
C HIS G 141 42.72 -80.35 76.16
N ARG G 142 42.86 -81.59 75.73
CA ARG G 142 42.64 -82.77 76.56
C ARG G 142 43.89 -82.99 77.39
N ILE G 143 43.99 -82.26 78.49
CA ILE G 143 45.16 -82.31 79.35
C ILE G 143 44.74 -82.67 80.77
N GLU G 144 43.68 -83.44 80.90
CA GLU G 144 43.18 -83.83 82.21
C GLU G 144 44.10 -84.80 82.94
N GLU G 145 45.24 -85.18 82.35
CA GLU G 145 46.14 -86.13 82.96
C GLU G 145 47.60 -85.69 82.88
N VAL G 146 47.87 -84.52 82.29
CA VAL G 146 49.26 -84.04 82.19
C VAL G 146 49.78 -83.73 83.59
N PRO G 147 51.05 -84.05 83.89
CA PRO G 147 51.56 -83.86 85.26
C PRO G 147 51.50 -82.43 85.78
N GLU G 148 52.14 -81.48 85.10
CA GLU G 148 52.08 -80.10 85.51
C GLU G 148 51.93 -79.23 84.28
N LEU G 149 51.14 -78.16 84.39
CA LEU G 149 50.76 -77.45 83.17
C LEU G 149 51.92 -76.71 82.53
N PRO G 150 52.70 -75.85 83.23
CA PRO G 150 53.85 -75.26 82.54
C PRO G 150 54.91 -76.31 82.30
N LEU G 151 54.60 -77.25 81.41
CA LEU G 151 55.36 -78.46 81.19
C LEU G 151 56.74 -78.15 80.64
N VAL G 152 57.76 -78.52 81.38
CA VAL G 152 59.13 -78.32 80.96
C VAL G 152 59.80 -79.68 80.85
N VAL G 153 60.44 -79.92 79.70
CA VAL G 153 61.10 -81.19 79.45
C VAL G 153 62.60 -80.92 79.35
N GLU G 154 63.38 -82.00 79.40
CA GLU G 154 64.82 -81.86 79.41
C GLU G 154 65.34 -81.37 78.06
N ASP G 155 66.58 -80.89 78.06
CA ASP G 155 67.23 -80.44 76.84
C ASP G 155 67.60 -81.60 75.93
N LYS G 156 67.44 -82.84 76.38
CA LYS G 156 67.75 -83.98 75.54
C LYS G 156 66.79 -84.12 74.37
N VAL G 157 65.60 -83.51 74.44
CA VAL G 157 64.64 -83.63 73.36
C VAL G 157 64.97 -82.77 72.16
N GLU G 158 65.99 -81.93 72.25
CA GLU G 158 66.44 -81.21 71.06
C GLU G 158 67.11 -82.14 70.07
N GLY G 159 67.75 -83.20 70.54
CA GLY G 159 68.43 -84.11 69.64
C GLY G 159 67.52 -85.10 68.96
N TYR G 160 66.22 -85.11 69.30
CA TYR G 160 65.28 -86.03 68.68
C TYR G 160 65.22 -85.84 67.18
N LYS G 161 65.43 -86.92 66.44
CA LYS G 161 65.47 -86.85 64.99
C LYS G 161 64.53 -87.82 64.31
N LYS G 162 63.85 -88.69 65.04
CA LYS G 162 62.89 -89.62 64.45
C LYS G 162 61.57 -89.46 65.19
N THR G 163 60.48 -89.42 64.43
CA THR G 163 59.18 -89.18 65.03
C THR G 163 58.75 -90.33 65.93
N LYS G 164 59.35 -91.51 65.78
CA LYS G 164 59.13 -92.58 66.74
C LYS G 164 59.58 -92.19 68.12
N GLU G 165 60.62 -91.34 68.22
CA GLU G 165 61.04 -90.86 69.52
C GLU G 165 60.09 -89.78 70.04
N ALA G 166 59.49 -89.01 69.14
CA ALA G 166 58.60 -87.95 69.56
C ALA G 166 57.29 -88.50 70.12
N VAL G 167 56.67 -89.44 69.40
CA VAL G 167 55.39 -89.97 69.85
C VAL G 167 55.57 -90.76 71.14
N LEU G 168 56.74 -91.35 71.34
CA LEU G 168 57.02 -92.01 72.61
C LEU G 168 57.05 -90.99 73.75
N LEU G 169 57.56 -89.79 73.47
CA LEU G 169 57.59 -88.75 74.49
C LEU G 169 56.19 -88.31 74.87
N LEU G 170 55.37 -88.01 73.86
CA LEU G 170 54.03 -87.48 74.13
C LEU G 170 53.14 -88.51 74.81
N LYS G 171 53.41 -89.80 74.57
CA LYS G 171 52.70 -90.85 75.30
C LYS G 171 53.03 -90.80 76.78
N LYS G 172 54.25 -90.38 77.12
CA LYS G 172 54.68 -90.40 78.52
C LYS G 172 54.12 -89.22 79.30
N LEU G 173 54.11 -88.03 78.70
CA LEU G 173 53.65 -86.84 79.40
C LEU G 173 52.13 -86.72 79.36
N LYS G 174 51.46 -87.81 78.99
CA LYS G 174 50.00 -87.90 78.94
C LYS G 174 49.40 -86.85 78.01
N ALA G 175 50.19 -86.37 77.06
CA ALA G 175 49.72 -85.43 76.06
C ALA G 175 49.23 -86.11 74.80
N TRP G 176 49.39 -87.43 74.69
CA TRP G 176 49.00 -88.13 73.47
C TRP G 176 47.50 -88.09 73.26
N ASN G 177 46.73 -88.00 74.35
CA ASN G 177 45.28 -87.89 74.22
C ASN G 177 44.86 -86.55 73.64
N ASP G 178 45.77 -85.59 73.52
CA ASP G 178 45.50 -84.37 72.79
C ASP G 178 45.73 -84.56 71.30
N ILE G 179 46.78 -85.30 70.93
CA ILE G 179 46.98 -85.62 69.53
C ILE G 179 45.89 -86.55 69.04
N LYS G 180 45.49 -87.49 69.89
CA LYS G 180 44.38 -88.38 69.57
C LYS G 180 43.10 -87.62 69.34
N LYS G 181 42.95 -86.44 69.96
CA LYS G 181 41.80 -85.59 69.70
C LYS G 181 41.89 -84.95 68.34
N VAL G 182 43.10 -84.62 67.89
CA VAL G 182 43.27 -83.99 66.59
C VAL G 182 42.87 -84.95 65.48
N TYR G 183 43.38 -86.18 65.54
CA TYR G 183 43.06 -87.24 64.58
C TYR G 183 41.57 -87.45 64.45
N ALA G 184 40.85 -87.40 65.57
CA ALA G 184 39.41 -87.62 65.53
C ALA G 184 38.68 -86.45 64.90
N SER G 185 39.31 -85.29 64.83
CA SER G 185 38.69 -84.11 64.25
C SER G 185 39.15 -83.84 62.83
N GLN G 186 39.82 -84.79 62.19
CA GLN G 186 40.29 -84.60 60.83
C GLN G 186 39.16 -84.89 59.87
N ARG G 187 38.55 -83.83 59.35
CA ARG G 187 37.48 -83.97 58.38
C ARG G 187 37.67 -82.89 57.31
N MET G 188 36.80 -82.89 56.32
CA MET G 188 36.90 -81.95 55.22
C MET G 188 35.96 -80.78 55.44
N ARG G 189 36.36 -79.62 54.92
CA ARG G 189 35.68 -78.35 55.15
C ARG G 189 34.30 -78.31 54.53
N ALA G 190 33.56 -77.22 54.73
CA ALA G 190 32.23 -77.06 54.16
C ALA G 190 32.24 -75.82 53.27
N GLY G 191 31.80 -75.99 52.03
CA GLY G 191 31.58 -74.86 51.14
C GLY G 191 32.67 -74.69 50.11
N LYS G 192 32.63 -73.54 49.46
CA LYS G 192 33.48 -73.18 48.34
C LYS G 192 34.97 -73.27 48.65
N GLY G 193 35.35 -73.20 49.92
CA GLY G 193 36.74 -73.31 50.28
C GLY G 193 37.34 -74.66 49.95
N LYS G 194 36.49 -75.67 49.76
CA LYS G 194 36.96 -77.01 49.39
C LYS G 194 37.72 -76.98 48.08
N MET G 195 37.22 -76.24 47.10
CA MET G 195 37.82 -76.26 45.78
C MET G 195 38.90 -75.20 45.65
N ARG G 196 39.31 -74.59 46.77
CA ARG G 196 40.34 -73.56 46.77
C ARG G 196 41.47 -73.93 47.70
N ASN G 197 41.88 -75.20 47.67
CA ASN G 197 43.07 -75.72 48.34
C ASN G 197 42.99 -75.65 49.86
N ARG G 198 41.80 -75.50 50.41
CA ARG G 198 41.60 -75.53 51.86
C ARG G 198 40.62 -76.64 52.19
N ARG G 199 40.88 -77.82 51.62
CA ARG G 199 39.90 -78.90 51.63
C ARG G 199 39.73 -79.50 53.02
N ARG G 200 40.82 -79.86 53.67
CA ARG G 200 40.76 -80.57 54.94
C ARG G 200 41.04 -79.62 56.09
N ILE G 201 40.25 -79.75 57.15
CA ILE G 201 40.47 -78.99 58.38
C ILE G 201 40.81 -79.96 59.49
N GLN G 202 41.56 -79.47 60.46
CA GLN G 202 41.85 -80.26 61.65
C GLN G 202 42.11 -79.30 62.80
N ARG G 203 41.63 -79.69 63.98
CA ARG G 203 41.80 -78.93 65.20
C ARG G 203 43.27 -78.68 65.50
N ARG G 204 43.58 -77.56 66.16
CA ARG G 204 44.94 -77.30 66.60
C ARG G 204 45.31 -78.24 67.73
N GLY G 205 46.60 -78.26 68.08
CA GLY G 205 47.07 -79.12 69.13
C GLY G 205 48.13 -78.44 69.96
N PRO G 206 48.88 -79.22 70.73
CA PRO G 206 49.91 -78.65 71.59
C PRO G 206 51.03 -78.03 70.77
N CYS G 207 51.53 -76.91 71.27
CA CYS G 207 52.60 -76.16 70.63
C CYS G 207 53.89 -76.40 71.40
N VAL G 208 54.84 -77.10 70.79
CA VAL G 208 56.11 -77.39 71.43
C VAL G 208 57.00 -76.16 71.30
N ILE G 209 57.65 -75.78 72.39
CA ILE G 209 58.50 -74.59 72.43
C ILE G 209 59.93 -75.04 72.67
N TYR G 210 60.85 -74.52 71.87
CA TYR G 210 62.25 -74.87 71.96
C TYR G 210 63.08 -73.63 71.79
N ASN G 211 64.33 -73.69 72.24
CA ASN G 211 65.24 -72.57 71.99
C ASN G 211 66.21 -72.83 70.86
N GLU G 212 67.03 -73.88 70.96
CA GLU G 212 68.01 -74.21 69.94
C GLU G 212 67.51 -75.40 69.14
N ASP G 213 67.79 -75.39 67.85
CA ASP G 213 67.30 -76.46 66.99
C ASP G 213 68.40 -77.48 66.71
N ASN G 214 68.15 -78.72 67.12
CA ASN G 214 69.14 -79.76 66.94
C ASN G 214 68.47 -80.97 66.29
N GLY G 215 67.35 -80.73 65.62
CA GLY G 215 66.59 -81.75 64.94
C GLY G 215 65.16 -81.89 65.41
N ILE G 216 64.77 -81.16 66.45
CA ILE G 216 63.45 -81.33 67.04
C ILE G 216 62.35 -80.91 66.07
N VAL G 217 62.65 -80.00 65.14
CA VAL G 217 61.63 -79.58 64.20
C VAL G 217 61.33 -80.69 63.20
N LYS G 218 62.34 -81.51 62.88
CA LYS G 218 62.14 -82.53 61.87
C LYS G 218 61.45 -83.75 62.46
N ALA G 219 61.59 -83.96 63.76
CA ALA G 219 61.02 -85.14 64.41
C ALA G 219 59.64 -84.90 64.97
N PHE G 220 59.10 -83.70 64.80
CA PHE G 220 57.79 -83.38 65.37
C PHE G 220 56.84 -82.85 64.32
N ARG G 221 57.37 -82.37 63.19
CA ARG G 221 56.52 -81.75 62.20
C ARG G 221 55.61 -82.75 61.51
N ASN G 222 55.96 -84.02 61.52
CA ASN G 222 55.11 -85.02 60.87
C ASN G 222 53.90 -85.40 61.70
N ILE G 223 53.81 -84.93 62.93
CA ILE G 223 52.68 -85.22 63.80
C ILE G 223 51.64 -84.13 63.59
N PRO G 224 50.37 -84.46 63.41
CA PRO G 224 49.37 -83.43 63.14
C PRO G 224 49.02 -82.64 64.39
N GLY G 225 48.84 -81.34 64.22
CA GLY G 225 48.49 -80.46 65.31
C GLY G 225 49.66 -79.86 66.05
N ILE G 226 50.88 -80.26 65.72
CA ILE G 226 52.07 -79.80 66.41
C ILE G 226 52.63 -78.58 65.68
N THR G 227 52.90 -77.52 66.43
CA THR G 227 53.54 -76.33 65.88
C THR G 227 54.77 -76.02 66.71
N LEU G 228 55.92 -75.90 66.05
CA LEU G 228 57.18 -75.63 66.72
C LEU G 228 57.43 -74.13 66.74
N LEU G 229 57.78 -73.59 67.90
CA LEU G 229 58.08 -72.17 68.06
C LEU G 229 59.41 -71.99 68.75
N ASN G 230 60.22 -71.08 68.24
CA ASN G 230 61.47 -70.69 68.89
C ASN G 230 61.15 -69.54 69.82
N VAL G 231 61.63 -69.61 71.06
CA VAL G 231 61.37 -68.58 72.07
C VAL G 231 61.80 -67.20 71.60
N THR G 232 62.91 -67.14 70.88
CA THR G 232 63.39 -65.85 70.42
C THR G 232 62.45 -65.23 69.40
N LYS G 233 61.68 -66.06 68.69
CA LYS G 233 60.76 -65.61 67.67
C LYS G 233 59.36 -66.14 68.02
N LEU G 234 58.67 -65.43 68.89
CA LEU G 234 57.36 -65.87 69.35
C LEU G 234 56.26 -65.29 68.49
N ASN G 235 55.24 -66.09 68.24
CA ASN G 235 54.18 -65.77 67.28
C ASN G 235 52.85 -65.80 68.00
N ILE G 236 52.13 -64.68 67.96
CA ILE G 236 50.81 -64.64 68.59
C ILE G 236 49.82 -65.47 67.80
N LEU G 237 50.01 -65.56 66.48
CA LEU G 237 49.06 -66.30 65.66
C LEU G 237 49.14 -67.80 65.94
N LYS G 238 50.30 -68.28 66.37
CA LYS G 238 50.48 -69.67 66.73
C LYS G 238 50.58 -69.86 68.24
N LEU G 239 50.14 -68.87 69.01
CA LEU G 239 50.04 -69.03 70.46
C LEU G 239 48.63 -68.81 70.99
N ALA G 240 47.82 -67.98 70.35
CA ALA G 240 46.42 -67.80 70.72
C ALA G 240 45.56 -67.99 69.47
N PRO G 241 45.46 -69.21 68.98
CA PRO G 241 44.80 -69.43 67.68
C PRO G 241 43.31 -69.16 67.77
N GLY G 242 42.79 -68.45 66.78
CA GLY G 242 41.40 -68.10 66.76
C GLY G 242 41.03 -66.91 67.59
N GLY G 243 42.00 -66.20 68.15
CA GLY G 243 41.72 -65.09 69.03
C GLY G 243 41.46 -65.48 70.45
N HIS G 244 41.19 -66.74 70.73
CA HIS G 244 41.03 -67.22 72.07
C HIS G 244 42.39 -67.57 72.65
N VAL G 245 42.48 -67.51 73.96
CA VAL G 245 43.77 -67.58 74.63
C VAL G 245 43.85 -68.88 75.42
N GLY G 246 45.07 -69.34 75.67
CA GLY G 246 45.26 -70.51 76.47
C GLY G 246 45.58 -71.78 75.72
N ARG G 247 46.47 -71.72 74.74
CA ARG G 247 46.89 -72.90 74.02
C ARG G 247 47.85 -73.71 74.88
N PHE G 248 47.73 -75.03 74.84
CA PHE G 248 48.65 -75.91 75.55
C PHE G 248 50.03 -75.85 74.93
N CYS G 249 51.03 -75.48 75.74
CA CYS G 249 52.40 -75.34 75.28
C CYS G 249 53.30 -76.28 76.06
N ILE G 250 54.24 -76.92 75.37
CA ILE G 250 55.25 -77.75 75.98
C ILE G 250 56.58 -77.04 75.83
N TRP G 251 57.33 -76.95 76.92
CA TRP G 251 58.56 -76.18 76.97
C TRP G 251 59.75 -77.11 77.15
N THR G 252 60.94 -76.56 76.90
CA THR G 252 62.18 -77.23 77.22
C THR G 252 62.90 -76.41 78.27
N GLU G 253 63.91 -77.03 78.88
CA GLU G 253 64.62 -76.42 79.99
C GLU G 253 65.33 -75.15 79.55
N SER G 254 66.02 -75.20 78.42
CA SER G 254 66.73 -74.03 77.92
C SER G 254 65.76 -72.95 77.48
N ALA G 255 64.69 -73.34 76.80
CA ALA G 255 63.70 -72.37 76.33
C ALA G 255 62.97 -71.72 77.48
N PHE G 256 62.81 -72.43 78.59
CA PHE G 256 62.10 -71.88 79.74
C PHE G 256 62.95 -70.85 80.46
N ARG G 257 64.22 -71.13 80.64
CA ARG G 257 65.12 -70.24 81.35
C ARG G 257 65.51 -69.02 80.56
N LYS G 258 64.90 -68.81 79.39
CA LYS G 258 65.10 -67.61 78.61
C LYS G 258 63.92 -66.66 78.70
N LEU G 259 62.82 -67.08 79.33
CA LEU G 259 61.66 -66.21 79.42
C LEU G 259 61.83 -65.09 80.43
N ASP G 260 62.87 -65.13 81.27
CA ASP G 260 63.25 -63.99 82.07
C ASP G 260 64.24 -63.08 81.38
N ASP G 261 64.63 -63.42 80.15
CA ASP G 261 65.50 -62.57 79.37
C ASP G 261 64.81 -61.96 78.17
N LEU G 262 63.71 -62.54 77.70
CA LEU G 262 62.94 -61.96 76.62
C LEU G 262 61.89 -60.97 77.10
N TYR G 263 61.44 -61.12 78.34
CA TYR G 263 60.47 -60.19 78.90
C TYR G 263 60.81 -59.73 80.30
N GLY G 264 61.62 -60.46 81.06
CA GLY G 264 62.10 -60.01 82.34
C GLY G 264 61.07 -59.92 83.44
N THR G 265 61.53 -59.79 84.67
CA THR G 265 60.63 -59.61 85.79
C THR G 265 60.19 -58.16 85.83
N TRP G 266 59.38 -57.78 86.80
CA TRP G 266 58.97 -56.39 86.90
C TRP G 266 60.07 -55.48 87.38
N ARG G 267 61.03 -56.00 88.15
CA ARG G 267 62.12 -55.19 88.65
C ARG G 267 63.41 -55.38 87.87
N LYS G 268 63.45 -56.33 86.94
CA LYS G 268 64.62 -56.56 86.11
C LYS G 268 64.16 -56.49 84.66
N ALA G 269 64.51 -55.40 83.99
CA ALA G 269 64.08 -55.19 82.61
C ALA G 269 64.64 -56.26 81.70
N ALA G 270 63.93 -56.51 80.60
CA ALA G 270 64.32 -57.57 79.68
C ALA G 270 65.67 -57.27 79.04
N SER G 271 66.52 -58.27 79.00
CA SER G 271 67.88 -58.09 78.49
C SER G 271 67.93 -58.15 76.97
N LEU G 272 67.10 -58.99 76.37
CA LEU G 272 67.15 -59.21 74.93
C LEU G 272 66.17 -58.32 74.16
N LYS G 273 65.49 -57.41 74.84
CA LYS G 273 64.74 -56.36 74.20
C LYS G 273 65.45 -55.04 74.44
N SER G 274 65.03 -54.00 73.73
CA SER G 274 65.66 -52.70 73.87
C SER G 274 65.46 -52.12 75.26
N ASN G 275 64.22 -51.75 75.59
CA ASN G 275 63.90 -51.24 76.91
C ASN G 275 62.53 -51.76 77.37
N TYR G 276 62.26 -53.02 77.13
CA TYR G 276 60.95 -53.54 77.45
C TYR G 276 60.89 -54.04 78.87
N ASN G 277 59.71 -53.96 79.46
CA ASN G 277 59.43 -54.51 80.78
C ASN G 277 57.97 -54.95 80.78
N LEU G 278 57.63 -55.85 81.69
CA LEU G 278 56.29 -56.42 81.75
C LEU G 278 55.26 -55.35 82.02
N PRO G 279 54.03 -55.52 81.55
CA PRO G 279 52.97 -54.57 81.89
C PRO G 279 52.59 -54.66 83.35
N MET G 280 52.06 -53.56 83.87
CA MET G 280 51.65 -53.50 85.25
C MET G 280 50.21 -53.97 85.40
N HIS G 281 49.85 -54.33 86.63
CA HIS G 281 48.52 -54.81 86.92
C HIS G 281 47.62 -53.67 87.35
N LYS G 282 46.39 -53.68 86.85
CA LYS G 282 45.44 -52.65 87.22
C LYS G 282 44.83 -52.90 88.59
N MET G 283 44.86 -54.14 89.08
CA MET G 283 44.44 -54.43 90.44
C MET G 283 45.20 -55.65 90.92
N LEU G 284 45.90 -55.49 92.05
CA LEU G 284 46.72 -56.57 92.58
C LEU G 284 45.90 -57.78 93.00
N ASN G 285 45.07 -57.62 94.02
CA ASN G 285 44.30 -58.75 94.54
C ASN G 285 43.09 -58.99 93.64
N THR G 286 43.17 -60.00 92.78
CA THR G 286 42.18 -60.13 91.72
C THR G 286 40.86 -60.71 92.20
N ASP G 287 40.88 -61.74 93.03
CA ASP G 287 39.67 -62.44 93.42
C ASP G 287 38.90 -61.61 94.44
N LEU G 288 37.80 -61.02 94.01
CA LEU G 288 37.00 -60.22 94.91
C LEU G 288 36.17 -61.05 95.87
N SER G 289 36.12 -62.37 95.69
CA SER G 289 35.44 -63.22 96.65
C SER G 289 36.14 -63.16 98.00
N ARG G 290 37.46 -63.37 98.00
CA ARG G 290 38.28 -63.24 99.19
C ARG G 290 38.32 -61.81 99.72
N ILE G 291 37.94 -60.84 98.90
CA ILE G 291 37.86 -59.43 99.31
C ILE G 291 36.55 -59.14 100.00
N LEU G 292 35.43 -59.52 99.39
CA LEU G 292 34.13 -59.11 99.90
C LEU G 292 33.77 -59.78 101.22
N LYS G 293 34.47 -60.83 101.60
CA LYS G 293 34.23 -61.51 102.87
C LYS G 293 35.33 -61.21 103.87
N SER G 294 35.84 -60.03 103.84
CA SER G 294 36.91 -59.62 104.72
C SER G 294 36.37 -58.78 105.86
N PRO G 295 37.01 -58.84 107.03
CA PRO G 295 36.53 -58.05 108.17
C PRO G 295 36.63 -56.55 107.96
N GLU G 296 37.55 -56.10 107.12
CA GLU G 296 37.66 -54.67 106.83
C GLU G 296 36.45 -54.16 106.07
N ILE G 297 36.02 -54.92 105.05
CA ILE G 297 34.84 -54.52 104.31
C ILE G 297 33.58 -54.76 105.12
N GLN G 298 33.45 -55.95 105.72
CA GLN G 298 32.20 -56.38 106.32
C GLN G 298 31.81 -55.57 107.54
N ARG G 299 32.70 -54.71 108.03
CA ARG G 299 32.36 -53.85 109.14
C ARG G 299 31.82 -52.49 108.71
N ALA G 300 32.02 -52.12 107.44
CA ALA G 300 31.59 -50.81 106.96
C ALA G 300 30.39 -50.90 106.03
N LEU G 301 29.52 -51.88 106.23
CA LEU G 301 28.39 -52.09 105.34
C LEU G 301 27.09 -52.01 106.12
N ARG G 302 26.10 -51.31 105.57
CA ARG G 302 24.78 -51.36 106.13
C ARG G 302 24.16 -52.74 105.89
N ALA G 303 23.19 -53.09 106.71
CA ALA G 303 22.64 -54.42 106.68
C ALA G 303 21.87 -54.64 105.38
N PRO G 304 21.92 -55.84 104.81
CA PRO G 304 21.20 -56.09 103.55
C PRO G 304 19.69 -56.05 103.72
N ARG G 305 19.05 -55.12 103.01
CA ARG G 305 17.60 -54.98 103.05
C ARG G 305 17.01 -55.93 102.00
N LYS G 306 16.93 -57.21 102.33
CA LYS G 306 16.55 -58.22 101.37
C LYS G 306 15.13 -58.73 101.55
N LYS G 307 14.37 -58.19 102.49
CA LYS G 307 12.95 -58.53 102.58
C LYS G 307 12.24 -57.95 101.38
N ILE G 308 11.65 -58.81 100.55
CA ILE G 308 11.10 -58.36 99.28
C ILE G 308 9.73 -57.72 99.52
N HIS G 309 9.45 -56.67 98.77
CA HIS G 309 8.20 -55.92 98.92
C HIS G 309 7.45 -55.93 97.60
N ARG G 310 6.40 -56.73 97.54
CA ARG G 310 5.55 -56.78 96.36
C ARG G 310 4.36 -55.85 96.54
N ARG G 311 3.68 -55.57 95.43
CA ARG G 311 2.57 -54.65 95.45
C ARG G 311 1.44 -55.19 96.31
N VAL G 312 0.70 -54.28 96.94
CA VAL G 312 -0.43 -54.62 97.77
C VAL G 312 -1.71 -54.25 97.03
N LEU G 313 -2.62 -55.19 96.92
CA LEU G 313 -3.88 -54.95 96.24
C LEU G 313 -4.70 -53.97 97.04
N LYS G 314 -4.93 -52.79 96.48
CA LYS G 314 -5.68 -51.75 97.19
C LYS G 314 -7.14 -52.16 97.31
N LYS G 315 -7.61 -52.27 98.54
CA LYS G 315 -9.00 -52.57 98.82
C LYS G 315 -9.72 -51.28 99.20
N ASN G 316 -11.01 -51.24 98.95
CA ASN G 316 -11.76 -50.02 99.18
C ASN G 316 -12.16 -49.92 100.64
N PRO G 317 -11.74 -48.89 101.37
CA PRO G 317 -12.13 -48.77 102.79
C PRO G 317 -13.60 -48.55 102.99
N LEU G 318 -14.31 -48.02 102.00
CA LEU G 318 -15.75 -47.86 102.13
C LEU G 318 -16.44 -49.22 102.08
N LYS G 319 -16.08 -50.04 101.10
CA LYS G 319 -16.65 -51.37 101.01
C LYS G 319 -16.09 -52.28 102.09
N ASN G 320 -14.76 -52.35 102.18
CA ASN G 320 -14.09 -53.33 103.03
C ASN G 320 -13.87 -52.70 104.40
N LEU G 321 -14.63 -53.18 105.39
CA LEU G 321 -14.68 -52.62 106.74
C LEU G 321 -13.31 -52.57 107.41
N ARG G 322 -12.63 -53.70 107.48
CA ARG G 322 -11.43 -53.77 108.29
C ARG G 322 -10.24 -53.12 107.61
N ILE G 323 -10.33 -52.88 106.30
CA ILE G 323 -9.35 -52.00 105.68
C ILE G 323 -9.50 -50.59 106.22
N MET G 324 -10.73 -50.13 106.43
CA MET G 324 -10.93 -48.80 106.98
C MET G 324 -10.42 -48.71 108.41
N LEU G 325 -10.68 -49.75 109.21
CA LEU G 325 -10.20 -49.75 110.59
C LEU G 325 -8.70 -49.85 110.69
N LYS G 326 -8.04 -50.34 109.64
CA LYS G 326 -6.59 -50.27 109.59
C LYS G 326 -6.09 -48.86 109.34
N LEU G 327 -6.93 -47.98 108.82
CA LEU G 327 -6.57 -46.60 108.56
C LEU G 327 -7.20 -45.63 109.54
N ASN G 328 -8.49 -45.80 109.83
CA ASN G 328 -9.26 -44.90 110.69
C ASN G 328 -9.87 -45.72 111.81
N PRO G 329 -9.16 -45.94 112.91
CA PRO G 329 -9.70 -46.80 113.97
C PRO G 329 -10.91 -46.23 114.68
N TYR G 330 -11.20 -44.95 114.53
CA TYR G 330 -12.39 -44.40 115.14
C TYR G 330 -13.64 -44.77 114.38
N ALA G 331 -13.49 -45.27 113.15
CA ALA G 331 -14.65 -45.62 112.35
C ALA G 331 -15.41 -46.81 112.94
N LYS G 332 -14.76 -47.58 113.79
CA LYS G 332 -15.43 -48.67 114.48
C LYS G 332 -16.57 -48.14 115.35
N THR G 333 -16.25 -47.21 116.25
CA THR G 333 -17.29 -46.63 117.09
C THR G 333 -18.17 -45.65 116.34
N MET G 334 -17.69 -45.11 115.22
CA MET G 334 -18.59 -44.36 114.35
C MET G 334 -19.69 -45.24 113.82
N ARG G 335 -19.35 -46.47 113.43
CA ARG G 335 -20.35 -47.40 112.94
C ARG G 335 -20.94 -48.27 114.04
N ARG G 336 -20.31 -48.33 115.22
CA ARG G 336 -20.99 -48.93 116.36
C ARG G 336 -22.12 -48.03 116.82
N ASN G 337 -21.91 -46.72 116.78
CA ASN G 337 -23.01 -45.77 116.83
C ASN G 337 -23.63 -45.69 115.45
N THR G 338 -24.64 -44.85 115.27
CA THR G 338 -25.39 -44.69 114.01
C THR G 338 -26.08 -45.98 113.57
N ILE G 339 -25.97 -47.03 114.37
CA ILE G 339 -26.75 -48.25 114.21
C ILE G 339 -27.58 -48.52 115.45
N LEU G 340 -26.98 -48.38 116.63
CA LEU G 340 -27.76 -48.31 117.85
C LEU G 340 -28.67 -47.11 117.85
N ARG G 341 -28.25 -46.02 117.23
CA ARG G 341 -29.11 -44.84 117.13
C ARG G 341 -30.23 -45.07 116.14
N GLN G 342 -29.92 -45.69 115.00
CA GLN G 342 -30.97 -45.93 114.02
C GLN G 342 -31.93 -47.01 114.49
N ALA G 343 -31.44 -48.01 115.21
CA ALA G 343 -32.34 -48.95 115.86
C ALA G 343 -33.03 -48.35 117.07
N ARG G 344 -32.63 -47.16 117.49
CA ARG G 344 -33.35 -46.45 118.54
C ARG G 344 -34.43 -45.53 118.00
N ASN G 345 -34.17 -44.82 116.90
CA ASN G 345 -35.19 -43.98 116.32
C ASN G 345 -36.24 -44.80 115.58
N HIS G 346 -35.86 -45.94 115.04
CA HIS G 346 -36.85 -46.83 114.45
C HIS G 346 -37.75 -47.43 115.53
N LYS G 347 -37.22 -47.58 116.74
CA LYS G 347 -38.07 -48.02 117.85
C LYS G 347 -39.03 -46.92 118.25
N LEU G 348 -38.52 -45.68 118.37
CA LEU G 348 -39.39 -44.59 118.81
C LEU G 348 -40.41 -44.23 117.76
N ARG G 349 -40.08 -44.44 116.48
CA ARG G 349 -41.04 -44.19 115.42
C ARG G 349 -42.23 -45.15 115.53
N VAL G 350 -41.94 -46.43 115.76
CA VAL G 350 -42.98 -47.45 115.79
C VAL G 350 -43.95 -47.19 116.95
N GLU G 351 -43.43 -46.76 118.09
CA GLU G 351 -44.29 -46.49 119.23
C GLU G 351 -45.24 -45.34 118.98
N ARG G 352 -44.77 -44.27 118.34
CA ARG G 352 -45.66 -43.17 118.00
C ARG G 352 -46.68 -43.59 116.96
N ALA G 353 -46.28 -44.40 115.99
CA ALA G 353 -47.24 -44.92 115.02
C ALA G 353 -48.23 -45.85 115.67
N ALA G 354 -47.81 -46.60 116.68
CA ALA G 354 -48.74 -47.44 117.43
C ALA G 354 -49.67 -46.60 118.30
N ALA G 355 -49.16 -45.53 118.91
CA ALA G 355 -49.98 -44.70 119.79
C ALA G 355 -50.97 -43.82 119.02
N ALA G 356 -50.79 -43.67 117.71
CA ALA G 356 -51.76 -42.95 116.91
C ALA G 356 -53.00 -43.78 116.61
N LEU G 357 -52.87 -45.10 116.53
CA LEU G 357 -54.03 -45.96 116.33
C LEU G 357 -54.90 -46.04 117.59
N ALA G 358 -54.35 -45.69 118.74
CA ALA G 358 -55.15 -45.58 119.96
C ALA G 358 -55.87 -44.25 120.08
N ALA G 359 -55.51 -43.27 119.25
CA ALA G 359 -56.20 -41.99 119.22
C ALA G 359 -57.27 -41.93 118.14
N LYS G 360 -57.18 -42.78 117.12
CA LYS G 360 -58.17 -42.83 116.05
C LYS G 360 -59.37 -43.71 116.38
N SER G 361 -59.32 -44.45 117.47
CA SER G 361 -60.48 -45.19 117.96
C SER G 361 -61.27 -44.41 118.99
N ASP G 362 -60.63 -43.93 120.05
CA ASP G 362 -61.29 -43.10 121.05
C ASP G 362 -61.19 -41.64 120.65
N PHE H 1 -15.03 41.71 58.64
CA PHE H 1 -14.15 41.83 59.80
C PHE H 1 -12.94 40.93 59.67
N VAL H 2 -12.33 40.61 60.79
CA VAL H 2 -11.16 39.73 60.83
C VAL H 2 -11.50 38.52 61.68
N LYS H 3 -10.90 37.39 61.31
CA LYS H 3 -11.03 36.18 62.11
C LYS H 3 -10.34 36.41 63.44
N VAL H 4 -11.08 36.26 64.53
CA VAL H 4 -10.57 36.54 65.87
C VAL H 4 -9.40 35.62 66.19
N VAL H 5 -8.24 36.23 66.49
CA VAL H 5 -7.02 35.46 66.68
C VAL H 5 -7.10 34.64 67.97
N LYS H 6 -7.38 35.31 69.08
CA LYS H 6 -7.42 34.64 70.37
C LYS H 6 -8.83 34.17 70.64
N ASN H 7 -9.23 33.12 69.93
CA ASN H 7 -10.53 32.52 70.11
C ASN H 7 -10.43 31.36 71.10
N LYS H 8 -11.57 30.70 71.30
CA LYS H 8 -11.64 29.59 72.26
C LYS H 8 -10.69 28.48 71.88
N ALA H 9 -10.56 28.21 70.59
CA ALA H 9 -9.64 27.16 70.15
C ALA H 9 -8.20 27.56 70.37
N TYR H 10 -7.91 28.86 70.36
CA TYR H 10 -6.53 29.30 70.55
C TYR H 10 -6.07 29.02 71.97
N PHE H 11 -6.96 29.16 72.95
CA PHE H 11 -6.58 28.90 74.33
C PHE H 11 -6.55 27.41 74.61
N LYS H 12 -7.40 26.64 73.93
CA LYS H 12 -7.44 25.20 74.13
C LYS H 12 -6.13 24.54 73.74
N ARG H 13 -5.40 25.12 72.81
CA ARG H 13 -4.14 24.56 72.35
C ARG H 13 -2.94 25.21 73.01
N TYR H 14 -3.12 26.33 73.70
CA TYR H 14 -1.99 27.14 74.12
C TYR H 14 -1.17 26.45 75.20
N GLN H 15 0.14 26.46 75.01
CA GLN H 15 1.08 25.84 75.94
C GLN H 15 1.96 26.94 76.51
N VAL H 16 1.76 27.25 77.78
CA VAL H 16 2.53 28.30 78.43
C VAL H 16 3.98 27.86 78.56
N LYS H 17 4.88 28.83 78.59
CA LYS H 17 6.27 28.52 78.90
C LYS H 17 6.45 28.49 80.40
N PHE H 18 7.69 28.26 80.84
CA PHE H 18 7.96 28.11 82.26
C PHE H 18 7.71 29.42 82.99
N ARG H 19 7.39 29.32 84.28
CA ARG H 19 7.03 30.49 85.07
C ARG H 19 8.15 31.51 85.08
N ARG H 20 9.38 31.06 85.34
CA ARG H 20 10.51 31.97 85.34
C ARG H 20 10.86 32.47 83.96
N ARG H 21 10.38 31.83 82.90
CA ARG H 21 10.47 32.40 81.56
C ARG H 21 9.33 33.35 81.27
N ARG H 22 8.12 33.05 81.76
CA ARG H 22 6.98 33.94 81.59
C ARG H 22 7.19 35.28 82.26
N GLU H 23 8.17 35.42 83.15
CA GLU H 23 8.48 36.70 83.76
C GLU H 23 9.76 37.31 83.24
N GLY H 24 10.51 36.60 82.42
CA GLY H 24 11.79 37.10 81.96
C GLY H 24 12.79 37.17 83.08
N LYS H 25 13.08 36.05 83.71
CA LYS H 25 14.03 36.01 84.80
C LYS H 25 15.04 34.90 84.68
N THR H 26 14.88 33.96 83.77
CA THR H 26 15.77 32.82 83.66
C THR H 26 15.99 32.48 82.20
N ASP H 27 17.24 32.20 81.84
CA ASP H 27 17.58 31.74 80.50
C ASP H 27 17.85 30.25 80.61
N TYR H 28 16.82 29.45 80.38
CA TYR H 28 16.94 28.00 80.53
C TYR H 28 17.88 27.39 79.51
N TYR H 29 18.13 28.06 78.39
CA TYR H 29 19.18 27.61 77.48
C TYR H 29 20.54 27.74 78.13
N ALA H 30 20.74 28.77 78.93
CA ALA H 30 22.00 28.98 79.61
C ALA H 30 22.02 28.37 80.99
N ARG H 31 20.85 28.25 81.63
CA ARG H 31 20.81 27.64 82.96
C ARG H 31 21.20 26.18 82.89
N LYS H 32 20.70 25.46 81.89
CA LYS H 32 20.98 24.06 81.73
C LYS H 32 22.48 23.81 81.60
N ARG H 33 23.16 24.64 80.82
CA ARG H 33 24.60 24.51 80.71
C ARG H 33 25.33 24.93 81.98
N LEU H 34 24.67 25.70 82.84
CA LEU H 34 25.34 26.22 84.03
C LEU H 34 25.19 25.31 85.23
N VAL H 35 23.99 24.81 85.48
CA VAL H 35 23.70 24.25 86.79
C VAL H 35 23.78 22.72 86.86
N ILE H 36 23.74 22.03 85.73
CA ILE H 36 23.75 20.57 85.79
C ILE H 36 25.19 20.09 85.94
N GLN H 37 25.34 18.95 86.57
CA GLN H 37 26.65 18.34 86.78
C GLN H 37 26.79 17.11 85.91
N ASP H 38 28.02 16.81 85.50
CA ASP H 38 28.29 15.58 84.78
C ASP H 38 27.95 14.38 85.65
N LYS H 39 27.34 13.36 85.03
CA LYS H 39 26.74 12.29 85.82
C LYS H 39 27.77 11.42 86.51
N ASN H 40 29.01 11.47 86.08
CA ASN H 40 30.02 10.67 86.75
C ASN H 40 30.65 11.44 87.90
N LYS H 41 29.93 12.42 88.43
CA LYS H 41 30.36 13.17 89.60
C LYS H 41 29.49 12.95 90.82
N TYR H 42 28.21 12.58 90.63
CA TYR H 42 27.38 12.03 91.69
C TYR H 42 27.21 12.94 92.90
N ASN H 43 26.46 14.04 92.76
CA ASN H 43 26.12 14.99 93.82
C ASN H 43 27.30 15.85 94.19
N THR H 44 28.38 15.77 93.42
CA THR H 44 29.39 16.79 93.50
C THR H 44 28.75 18.10 93.09
N PRO H 45 28.60 19.05 94.01
CA PRO H 45 27.80 20.24 93.70
C PRO H 45 28.52 21.13 92.70
N LYS H 46 27.74 21.77 91.83
CA LYS H 46 28.28 22.71 90.87
C LYS H 46 27.91 24.10 91.35
N TYR H 47 28.81 24.68 92.15
CA TYR H 47 28.58 26.02 92.66
C TYR H 47 28.67 27.05 91.54
N ARG H 48 27.75 28.00 91.56
CA ARG H 48 27.80 29.10 90.61
C ARG H 48 27.63 30.41 91.36
N MET H 49 28.29 31.46 90.86
CA MET H 49 28.22 32.78 91.44
C MET H 49 27.10 33.56 90.76
N ILE H 50 25.98 33.72 91.44
CA ILE H 50 24.83 34.41 90.90
C ILE H 50 25.00 35.89 91.22
N VAL H 51 25.39 36.67 90.23
CA VAL H 51 25.53 38.12 90.37
C VAL H 51 24.35 38.77 89.69
N ARG H 52 23.59 39.56 90.44
CA ARG H 52 22.43 40.25 89.90
C ARG H 52 22.53 41.73 90.24
N VAL H 53 22.21 42.56 89.25
CA VAL H 53 22.22 44.01 89.40
C VAL H 53 20.80 44.52 89.27
N THR H 54 20.41 45.40 90.18
CA THR H 54 19.09 46.02 90.17
C THR H 54 19.28 47.53 89.99
N ASN H 55 18.18 48.26 90.18
CA ASN H 55 18.26 49.71 90.09
C ASN H 55 19.00 50.28 91.29
N ARG H 56 18.74 49.75 92.48
CA ARG H 56 19.25 50.36 93.70
C ARG H 56 20.07 49.39 94.54
N ASP H 57 20.37 48.21 94.04
CA ASP H 57 21.10 47.20 94.81
C ASP H 57 21.88 46.31 93.85
N ILE H 58 22.81 45.55 94.43
CA ILE H 58 23.50 44.47 93.74
C ILE H 58 23.38 43.23 94.62
N ILE H 59 22.87 42.15 94.05
CA ILE H 59 22.69 40.89 94.75
C ILE H 59 23.70 39.90 94.21
N CYS H 60 24.64 39.48 95.05
CA CYS H 60 25.61 38.44 94.69
C CYS H 60 25.40 37.26 95.62
N GLN H 61 24.93 36.15 95.06
CA GLN H 61 24.73 34.92 95.80
C GLN H 61 25.56 33.81 95.19
N ILE H 62 25.88 32.82 95.99
CA ILE H 62 26.51 31.60 95.52
C ILE H 62 25.57 30.45 95.83
N ALA H 63 25.38 29.56 94.86
CA ALA H 63 24.41 28.49 95.02
C ALA H 63 24.84 27.29 94.20
N TYR H 64 24.31 26.13 94.58
CA TYR H 64 24.46 24.91 93.81
C TYR H 64 23.08 24.34 93.55
N ALA H 65 22.95 23.65 92.42
CA ALA H 65 21.65 23.17 91.99
C ALA H 65 21.20 21.97 92.79
N ARG H 66 19.90 21.90 93.03
CA ARG H 66 19.28 20.79 93.73
C ARG H 66 17.92 20.53 93.11
N ILE H 67 17.43 19.31 93.30
CA ILE H 67 16.20 18.91 92.63
C ILE H 67 14.98 19.57 93.28
N GLU H 68 15.05 19.87 94.57
CA GLU H 68 13.95 20.59 95.20
C GLU H 68 14.08 22.10 95.07
N GLY H 69 15.06 22.59 94.31
CA GLY H 69 15.33 24.01 94.24
C GLY H 69 16.75 24.30 94.68
N ASP H 70 17.51 24.99 93.85
CA ASP H 70 18.92 25.25 94.13
C ASP H 70 19.10 26.03 95.42
N MET H 71 20.10 25.64 96.19
CA MET H 71 20.25 26.07 97.58
C MET H 71 21.33 27.11 97.71
N ILE H 72 21.02 28.21 98.39
CA ILE H 72 21.98 29.27 98.62
C ILE H 72 22.95 28.83 99.70
N VAL H 73 24.23 28.87 99.39
CA VAL H 73 25.22 28.58 100.41
C VAL H 73 25.67 29.85 101.13
N CYS H 74 25.74 30.98 100.42
CA CYS H 74 26.18 32.23 101.01
C CYS H 74 25.76 33.37 100.09
N ALA H 75 25.40 34.49 100.68
CA ALA H 75 24.93 35.63 99.92
C ALA H 75 25.60 36.91 100.42
N ALA H 76 25.33 37.99 99.72
CA ALA H 76 25.82 39.32 100.04
C ALA H 76 25.02 40.31 99.23
N TYR H 77 24.79 41.48 99.80
CA TYR H 77 24.02 42.52 99.14
C TYR H 77 24.84 43.80 99.08
N ALA H 78 24.34 44.76 98.32
CA ALA H 78 24.99 46.06 98.29
C ALA H 78 24.69 46.87 99.54
N HIS H 79 23.47 46.78 100.03
CA HIS H 79 23.10 47.60 101.19
C HIS H 79 23.70 47.10 102.49
N GLU H 80 24.51 46.05 102.48
CA GLU H 80 25.33 45.70 103.64
C GLU H 80 26.57 46.56 103.76
N LEU H 81 26.88 47.34 102.73
CA LEU H 81 28.06 48.19 102.70
C LEU H 81 28.02 49.39 103.64
N PRO H 82 26.87 50.12 103.81
CA PRO H 82 26.88 51.25 104.76
C PRO H 82 27.18 50.85 106.18
N LYS H 83 27.04 49.57 106.49
CA LYS H 83 27.56 49.06 107.74
C LYS H 83 29.08 49.17 107.79
N TYR H 84 29.75 48.83 106.69
CA TYR H 84 31.21 48.89 106.72
C TYR H 84 31.75 50.28 106.43
N GLY H 85 31.68 50.70 105.17
CA GLY H 85 32.30 51.98 104.83
C GLY H 85 31.75 52.74 103.65
N VAL H 86 30.65 52.30 103.04
CA VAL H 86 30.19 52.86 101.79
C VAL H 86 28.84 53.52 102.06
N LYS H 87 28.83 54.85 102.10
CA LYS H 87 27.61 55.56 102.44
C LYS H 87 26.64 55.59 101.26
N VAL H 88 27.07 56.13 100.13
CA VAL H 88 26.20 56.35 98.99
C VAL H 88 26.84 55.74 97.74
N GLY H 89 26.03 55.65 96.69
CA GLY H 89 26.50 55.12 95.42
C GLY H 89 26.70 53.62 95.42
N LEU H 90 25.63 52.89 95.73
CA LEU H 90 25.76 51.46 95.98
C LEU H 90 25.34 50.65 94.75
N THR H 91 25.52 51.23 93.57
CA THR H 91 25.23 50.54 92.32
C THR H 91 26.28 50.81 91.27
N ASN H 92 27.35 51.51 91.64
CA ASN H 92 28.40 51.78 90.67
C ASN H 92 29.37 50.62 90.63
N TYR H 93 30.38 50.77 89.77
CA TYR H 93 31.35 49.69 89.58
C TYR H 93 32.13 49.42 90.85
N ALA H 94 32.38 50.45 91.65
CA ALA H 94 33.14 50.26 92.87
C ALA H 94 32.31 49.57 93.94
N ALA H 95 30.99 49.76 93.88
CA ALA H 95 30.12 49.05 94.82
C ALA H 95 30.13 47.56 94.54
N ALA H 96 30.19 47.19 93.26
CA ALA H 96 30.16 45.77 92.89
C ALA H 96 31.40 45.06 93.39
N TYR H 97 32.56 45.70 93.25
CA TYR H 97 33.80 45.08 93.70
C TYR H 97 33.79 44.83 95.20
N CYS H 98 33.13 45.69 95.95
CA CYS H 98 32.99 45.46 97.38
C CYS H 98 32.11 44.25 97.64
N THR H 99 30.97 44.16 96.97
CA THR H 99 30.03 43.07 97.22
C THR H 99 30.64 41.73 96.81
N GLY H 100 31.38 41.71 95.72
CA GLY H 100 32.10 40.50 95.36
C GLY H 100 33.18 40.16 96.37
N LEU H 101 33.81 41.17 96.94
CA LEU H 101 34.78 40.92 98.00
C LEU H 101 34.08 40.44 99.26
N LEU H 102 32.96 41.07 99.59
CA LEU H 102 32.23 40.70 100.80
C LEU H 102 31.66 39.29 100.69
N LEU H 103 31.28 38.87 99.49
CA LEU H 103 30.80 37.51 99.30
C LEU H 103 31.93 36.50 99.43
N ALA H 104 33.07 36.81 98.82
CA ALA H 104 34.18 35.87 98.82
C ALA H 104 34.75 35.69 100.22
N ARG H 105 34.97 36.79 100.93
CA ARG H 105 35.56 36.70 102.26
C ARG H 105 34.63 36.02 103.26
N ARG H 106 33.32 36.26 103.13
CA ARG H 106 32.37 35.64 104.03
C ARG H 106 32.32 34.13 103.83
N LEU H 107 32.50 33.69 102.58
CA LEU H 107 32.37 32.26 102.28
C LEU H 107 33.52 31.47 102.89
N LEU H 108 34.76 31.88 102.59
CA LEU H 108 35.91 31.17 103.13
C LEU H 108 35.97 31.26 104.64
N ASN H 109 35.47 32.35 105.21
CA ASN H 109 35.35 32.44 106.66
C ASN H 109 34.33 31.43 107.19
N ARG H 110 33.35 31.05 106.37
CA ARG H 110 32.42 30.01 106.75
C ARG H 110 32.94 28.61 106.50
N PHE H 111 33.88 28.46 105.55
CA PHE H 111 34.52 27.18 105.32
C PHE H 111 35.83 27.03 106.07
N GLY H 112 36.14 27.98 106.94
CA GLY H 112 37.37 27.95 107.70
C GLY H 112 38.61 28.16 106.85
N MET H 113 38.41 28.61 105.62
CA MET H 113 39.52 28.92 104.72
C MET H 113 39.84 30.39 104.70
N ASP H 114 39.67 31.07 105.84
CA ASP H 114 40.05 32.48 105.93
C ASP H 114 41.56 32.62 106.13
N LYS H 115 42.13 31.82 107.03
CA LYS H 115 43.54 31.95 107.39
C LYS H 115 44.44 31.54 106.23
N ILE H 116 43.92 30.75 105.31
CA ILE H 116 44.57 30.48 104.05
C ILE H 116 43.83 31.24 102.96
N TYR H 117 44.40 31.23 101.75
CA TYR H 117 43.80 31.84 100.57
C TYR H 117 43.44 33.31 100.79
N GLU H 118 44.44 34.14 101.08
CA GLU H 118 44.19 35.55 101.31
C GLU H 118 43.74 36.24 100.03
N GLY H 119 44.42 35.98 98.92
CA GLY H 119 44.06 36.59 97.66
C GLY H 119 44.91 37.79 97.33
N GLN H 120 44.28 38.85 96.85
CA GLN H 120 44.97 40.06 96.41
C GLN H 120 44.57 41.20 97.35
N VAL H 121 45.42 41.49 98.31
CA VAL H 121 45.12 42.54 99.28
C VAL H 121 45.21 43.91 98.62
N GLU H 122 46.40 44.26 98.13
CA GLU H 122 46.60 45.52 97.42
C GLU H 122 45.95 45.40 96.06
N VAL H 123 44.85 46.14 95.88
CA VAL H 123 44.09 46.06 94.64
C VAL H 123 44.91 46.67 93.52
N THR H 124 45.10 45.90 92.46
CA THR H 124 45.85 46.37 91.30
C THR H 124 45.02 46.38 90.03
N GLY H 125 44.19 45.39 89.82
CA GLY H 125 43.33 45.33 88.66
C GLY H 125 43.85 44.53 87.50
N ASP H 126 44.84 43.66 87.70
CA ASP H 126 45.33 42.82 86.64
C ASP H 126 44.84 41.38 86.83
N GLU H 127 45.33 40.48 86.00
CA GLU H 127 44.95 39.07 86.08
C GLU H 127 45.49 38.49 87.38
N TYR H 128 44.59 38.08 88.27
CA TYR H 128 44.96 37.35 89.47
C TYR H 128 44.20 36.03 89.48
N ASN H 129 44.89 34.96 89.85
CA ASN H 129 44.29 33.63 89.93
C ASN H 129 44.81 32.96 91.18
N VAL H 130 43.90 32.45 92.00
CA VAL H 130 44.33 31.74 93.20
C VAL H 130 44.60 30.28 92.87
N GLU H 131 45.88 29.93 92.75
CA GLU H 131 46.26 28.55 92.57
C GLU H 131 46.11 27.82 93.90
N SER H 132 45.66 26.58 93.84
CA SER H 132 45.50 25.81 95.07
C SER H 132 46.85 25.51 95.70
N ILE H 133 46.83 25.28 97.00
CA ILE H 133 48.04 24.96 97.75
C ILE H 133 48.02 23.49 98.13
N ASP H 134 49.16 22.83 97.96
CA ASP H 134 49.24 21.40 98.24
C ASP H 134 49.16 21.15 99.75
N GLY H 135 48.57 20.02 100.11
CA GLY H 135 48.39 19.66 101.51
C GLY H 135 47.19 20.35 102.12
N GLN H 136 47.14 21.67 102.01
CA GLN H 136 46.02 22.44 102.47
C GLN H 136 44.76 22.12 101.65
N PRO H 137 43.57 22.43 102.17
CA PRO H 137 42.35 22.18 101.40
C PRO H 137 42.36 22.96 100.10
N GLY H 138 41.89 22.31 99.04
CA GLY H 138 41.85 22.90 97.71
C GLY H 138 40.99 24.15 97.67
N ALA H 139 41.32 25.05 96.73
CA ALA H 139 40.61 26.32 96.64
C ALA H 139 39.17 26.09 96.21
N PHE H 140 38.31 27.00 96.65
CA PHE H 140 36.93 26.96 96.22
C PHE H 140 36.84 27.37 94.76
N THR H 141 35.90 26.75 94.04
CA THR H 141 35.72 27.03 92.62
C THR H 141 34.24 27.20 92.34
N CYS H 142 33.92 28.25 91.58
CA CYS H 142 32.56 28.50 91.16
C CYS H 142 32.59 29.12 89.78
N TYR H 143 31.41 29.41 89.25
CA TYR H 143 31.27 29.95 87.91
C TYR H 143 30.35 31.15 87.94
N LEU H 144 30.60 32.11 87.06
CA LEU H 144 29.75 33.28 87.02
C LEU H 144 28.41 32.92 86.39
N ASP H 145 27.33 33.44 86.96
CA ASP H 145 25.98 33.28 86.43
C ASP H 145 25.52 34.67 86.03
N ALA H 146 25.81 35.05 84.79
CA ALA H 146 25.47 36.38 84.31
C ALA H 146 23.95 36.55 84.23
N GLY H 147 23.29 35.67 83.51
CA GLY H 147 21.86 35.78 83.37
C GLY H 147 21.50 36.45 82.07
N LEU H 148 20.49 37.30 82.09
CA LEU H 148 20.01 37.96 80.90
C LEU H 148 20.71 39.27 80.63
N ALA H 149 21.79 39.58 81.34
CA ALA H 149 22.49 40.84 81.16
C ALA H 149 23.50 40.70 80.04
N ARG H 150 23.48 41.65 79.10
CA ARG H 150 24.42 41.64 77.99
C ARG H 150 25.84 41.82 78.49
N THR H 151 26.66 40.81 78.27
CA THR H 151 28.03 40.79 78.80
C THR H 151 28.96 41.50 77.84
N THR H 152 28.88 42.82 77.86
CA THR H 152 29.82 43.65 77.15
C THR H 152 30.97 44.03 78.07
N THR H 153 31.97 44.69 77.50
CA THR H 153 33.15 45.06 78.25
C THR H 153 32.81 46.06 79.34
N GLY H 154 33.29 45.79 80.56
CA GLY H 154 33.10 46.69 81.67
C GLY H 154 31.81 46.49 82.44
N ASN H 155 31.02 45.48 82.08
CA ASN H 155 29.75 45.25 82.75
C ASN H 155 29.96 44.91 84.22
N LYS H 156 29.08 45.41 85.08
CA LYS H 156 29.28 45.31 86.51
C LYS H 156 29.17 43.88 87.02
N VAL H 157 28.66 42.95 86.20
CA VAL H 157 28.74 41.54 86.60
C VAL H 157 30.18 41.06 86.55
N PHE H 158 31.03 41.73 85.79
CA PHE H 158 32.45 41.42 85.84
C PHE H 158 33.17 42.18 86.93
N GLY H 159 32.60 43.28 87.41
CA GLY H 159 33.21 43.99 88.51
C GLY H 159 33.17 43.20 89.80
N ALA H 160 31.99 42.69 90.14
CA ALA H 160 31.85 41.86 91.34
C ALA H 160 32.67 40.59 91.22
N LEU H 161 32.78 40.05 90.00
CA LEU H 161 33.61 38.89 89.76
C LEU H 161 35.06 39.15 90.16
N LYS H 162 35.56 40.35 89.85
CA LYS H 162 36.91 40.71 90.24
C LYS H 162 37.05 40.76 91.75
N GLY H 163 36.01 41.26 92.43
CA GLY H 163 36.04 41.28 93.88
C GLY H 163 36.07 39.89 94.48
N ALA H 164 35.51 38.92 93.77
CA ALA H 164 35.50 37.55 94.30
C ALA H 164 36.84 36.88 94.12
N VAL H 165 37.46 37.03 92.94
CA VAL H 165 38.71 36.31 92.69
C VAL H 165 39.84 36.86 93.54
N ASP H 166 39.79 38.16 93.85
CA ASP H 166 40.73 38.68 94.83
C ASP H 166 40.40 38.21 96.22
N GLY H 167 39.15 37.85 96.49
CA GLY H 167 38.81 37.31 97.79
C GLY H 167 39.32 35.92 98.02
N GLY H 168 39.63 35.18 96.95
CA GLY H 168 40.21 33.87 97.08
C GLY H 168 39.50 32.76 96.33
N LEU H 169 38.38 33.07 95.68
CA LEU H 169 37.69 32.08 94.88
C LEU H 169 38.41 31.87 93.55
N SER H 170 38.46 30.63 93.11
CA SER H 170 39.12 30.29 91.84
C SER H 170 38.07 30.19 90.74
N ILE H 171 37.54 31.34 90.35
CA ILE H 171 36.55 31.44 89.29
C ILE H 171 37.30 31.54 87.96
N PRO H 172 37.12 30.61 87.04
CA PRO H 172 37.77 30.73 85.74
C PRO H 172 37.17 31.88 84.95
N HIS H 173 38.03 32.70 84.38
CA HIS H 173 37.60 33.91 83.70
C HIS H 173 38.74 34.39 82.82
N SER H 174 38.55 35.55 82.19
CA SER H 174 39.60 36.22 81.46
C SER H 174 39.35 37.71 81.52
N THR H 175 40.24 38.46 80.88
CA THR H 175 40.26 39.91 81.00
C THR H 175 39.69 40.61 79.78
N LYS H 176 38.96 39.91 78.92
CA LYS H 176 38.39 40.56 77.75
C LYS H 176 37.26 41.50 78.10
N ARG H 177 36.59 41.32 79.23
CA ARG H 177 35.42 42.11 79.53
C ARG H 177 35.62 43.13 80.63
N PHE H 178 36.80 43.20 81.24
CA PHE H 178 37.04 44.16 82.30
C PHE H 178 37.10 45.58 81.73
N PRO H 179 36.81 46.58 82.54
CA PRO H 179 36.87 47.97 82.06
C PRO H 179 38.29 48.47 81.88
N GLY H 180 38.84 48.30 80.68
CA GLY H 180 40.23 48.63 80.45
C GLY H 180 40.89 47.73 79.43
N TYR H 181 40.18 46.69 78.99
CA TYR H 181 40.63 45.91 77.85
C TYR H 181 40.40 46.71 76.58
N ASP H 182 41.47 46.97 75.84
CA ASP H 182 41.34 47.71 74.59
C ASP H 182 40.63 46.86 73.55
N SER H 183 39.61 47.43 72.91
CA SER H 183 38.85 46.66 71.95
C SER H 183 39.56 46.54 70.61
N GLU H 184 40.19 47.62 70.14
CA GLU H 184 40.67 47.65 68.77
C GLU H 184 42.02 46.95 68.63
N SER H 185 42.92 47.16 69.58
CA SER H 185 44.26 46.60 69.50
C SER H 185 44.42 45.34 70.34
N LYS H 186 43.39 44.98 71.11
CA LYS H 186 43.30 43.69 71.80
C LYS H 186 44.42 43.49 72.80
N GLU H 187 44.52 44.39 73.78
CA GLU H 187 45.35 44.14 74.95
C GLU H 187 44.73 44.80 76.17
N PHE H 188 45.12 44.30 77.33
CA PHE H 188 44.62 44.77 78.60
C PHE H 188 45.53 45.85 79.17
N ASN H 189 44.95 46.71 80.01
CA ASN H 189 45.68 47.81 80.63
C ASN H 189 45.23 47.86 82.09
N ALA H 190 46.08 47.33 82.98
CA ALA H 190 45.70 47.11 84.37
C ALA H 190 45.45 48.41 85.10
N GLU H 191 46.13 49.49 84.71
CA GLU H 191 46.00 50.75 85.42
C GLU H 191 44.60 51.30 85.29
N VAL H 192 43.99 51.15 84.12
CA VAL H 192 42.67 51.74 83.87
C VAL H 192 41.61 51.01 84.68
N HIS H 193 41.78 49.70 84.87
CA HIS H 193 40.82 48.94 85.66
C HIS H 193 40.89 49.34 87.13
N ARG H 194 42.07 49.71 87.60
CA ARG H 194 42.23 50.12 88.99
C ARG H 194 41.41 51.37 89.29
N LYS H 195 41.25 52.24 88.29
CA LYS H 195 40.47 53.46 88.47
C LYS H 195 39.02 53.13 88.80
N HIS H 196 38.41 52.24 88.01
CA HIS H 196 36.99 51.95 88.16
C HIS H 196 36.72 51.17 89.43
N ILE H 197 37.65 50.28 89.80
CA ILE H 197 37.50 49.52 91.04
C ILE H 197 37.50 50.45 92.25
N MET H 198 38.31 51.49 92.22
CA MET H 198 38.36 52.48 93.29
C MET H 198 37.50 53.70 93.00
N GLY H 199 36.56 53.60 92.06
CA GLY H 199 35.55 54.62 91.87
C GLY H 199 36.03 55.94 91.29
N GLN H 200 37.22 55.94 90.68
CA GLN H 200 37.81 57.18 90.21
C GLN H 200 37.04 57.77 89.04
N ASN H 201 36.32 56.94 88.28
CA ASN H 201 35.55 57.48 87.17
C ASN H 201 34.41 58.37 87.65
N VAL H 202 33.89 58.13 88.85
CA VAL H 202 32.86 58.99 89.39
C VAL H 202 33.47 60.30 89.87
N ALA H 203 34.66 60.25 90.46
CA ALA H 203 35.35 61.46 90.89
C ALA H 203 35.65 62.36 89.70
N ASP H 204 36.10 61.77 88.59
CA ASP H 204 36.35 62.55 87.39
C ASP H 204 35.07 63.02 86.72
N TYR H 205 33.91 62.51 87.13
CA TYR H 205 32.65 63.11 86.75
C TYR H 205 32.28 64.26 87.67
N MET H 206 32.52 64.08 88.97
CA MET H 206 32.22 65.15 89.92
C MET H 206 33.21 66.30 89.79
N ARG H 207 34.48 65.99 89.52
CA ARG H 207 35.42 67.05 89.19
C ARG H 207 35.11 67.69 87.84
N TYR H 208 34.44 66.96 86.95
CA TYR H 208 34.00 67.54 85.70
C TYR H 208 32.86 68.52 85.90
N LEU H 209 32.09 68.36 86.97
CA LEU H 209 30.92 69.22 87.20
C LEU H 209 31.22 70.39 88.10
N MET H 210 32.46 70.55 88.56
CA MET H 210 32.84 71.74 89.34
C MET H 210 33.03 72.93 88.38
N GLU H 211 33.83 72.74 87.34
CA GLU H 211 34.08 73.83 86.41
C GLU H 211 33.00 73.99 85.37
N GLU H 212 32.09 73.02 85.23
CA GLU H 212 31.07 73.12 84.20
C GLU H 212 29.77 73.72 84.71
N ASP H 213 29.11 73.06 85.67
CA ASP H 213 27.82 73.54 86.16
C ASP H 213 27.51 72.92 87.50
N GLU H 214 27.18 73.77 88.47
CA GLU H 214 26.90 73.31 89.83
C GLU H 214 25.48 72.79 89.99
N ASP H 215 24.55 73.31 89.21
CA ASP H 215 23.14 72.92 89.35
C ASP H 215 22.92 71.45 89.05
N ALA H 216 23.46 70.99 87.92
CA ALA H 216 23.42 69.56 87.61
C ALA H 216 24.22 68.74 88.60
N TYR H 217 25.30 69.30 89.15
CA TYR H 217 26.04 68.60 90.19
C TYR H 217 25.20 68.50 91.47
N LYS H 218 24.45 69.54 91.79
CA LYS H 218 23.54 69.51 92.94
C LYS H 218 22.28 68.69 92.66
N LYS H 219 22.18 68.10 91.49
CA LYS H 219 21.09 67.20 91.15
C LYS H 219 21.55 65.80 90.79
N GLN H 220 22.77 65.64 90.29
CA GLN H 220 23.29 64.33 89.93
C GLN H 220 23.86 63.56 91.11
N PHE H 221 24.43 64.25 92.09
CA PHE H 221 25.12 63.61 93.19
C PHE H 221 24.57 64.12 94.52
N SER H 222 23.24 64.14 94.62
CA SER H 222 22.54 64.74 95.76
C SER H 222 22.93 64.09 97.09
N GLN H 223 22.84 62.77 97.17
CA GLN H 223 23.21 62.09 98.41
C GLN H 223 24.70 62.12 98.66
N TYR H 224 25.50 62.36 97.62
CA TYR H 224 26.93 62.52 97.82
C TYR H 224 27.26 63.78 98.59
N ILE H 225 26.44 64.82 98.48
CA ILE H 225 26.64 66.04 99.23
C ILE H 225 26.01 65.86 100.60
N LYS H 226 24.96 65.07 100.66
CA LYS H 226 24.33 64.71 101.93
C LYS H 226 25.23 63.87 102.79
N ASN H 227 26.24 63.24 102.20
CA ASN H 227 27.19 62.43 102.95
C ASN H 227 28.62 62.95 102.83
N ASN H 228 28.84 64.05 102.14
CA ASN H 228 30.14 64.73 102.03
C ASN H 228 31.20 63.79 101.46
N VAL H 229 30.95 63.38 100.23
CA VAL H 229 31.89 62.53 99.51
C VAL H 229 32.54 63.35 98.40
N THR H 230 33.66 63.98 98.73
CA THR H 230 34.36 64.77 97.73
C THR H 230 35.27 63.85 96.92
N PRO H 231 35.67 64.29 95.73
CA PRO H 231 36.59 63.46 94.91
C PRO H 231 37.97 63.23 95.50
N ASP H 232 38.24 63.75 96.70
CA ASP H 232 39.54 63.56 97.32
C ASP H 232 39.60 62.35 98.24
N MET H 233 38.47 61.92 98.82
CA MET H 233 38.50 60.80 99.76
C MET H 233 37.92 59.52 99.17
N MET H 234 37.62 59.49 97.86
CA MET H 234 36.90 58.36 97.30
C MET H 234 37.79 57.12 97.19
N GLU H 235 39.03 57.29 96.74
CA GLU H 235 39.91 56.13 96.63
C GLU H 235 40.25 55.58 98.01
N GLU H 236 40.52 56.45 98.96
CA GLU H 236 40.81 56.03 100.32
C GLU H 236 39.57 55.61 101.09
N MET H 237 38.38 55.83 100.53
CA MET H 237 37.16 55.31 101.14
C MET H 237 37.00 53.82 100.85
N TYR H 238 37.06 53.45 99.57
CA TYR H 238 36.92 52.05 99.20
C TYR H 238 38.12 51.25 99.68
N LYS H 239 39.31 51.84 99.63
CA LYS H 239 40.50 51.18 100.16
C LYS H 239 40.34 50.89 101.64
N LYS H 240 39.72 51.81 102.38
CA LYS H 240 39.36 51.54 103.75
C LYS H 240 38.21 50.55 103.83
N ALA H 241 37.28 50.61 102.88
CA ALA H 241 36.17 49.67 102.87
C ALA H 241 36.63 48.26 102.56
N HIS H 242 37.71 48.13 101.78
CA HIS H 242 38.23 46.80 101.48
C HIS H 242 38.90 46.18 102.69
N ALA H 243 39.56 47.00 103.52
CA ALA H 243 40.15 46.47 104.74
C ALA H 243 39.07 46.06 105.73
N ALA H 244 38.04 46.90 105.88
CA ALA H 244 36.99 46.64 106.86
C ALA H 244 36.14 45.43 106.49
N ILE H 245 36.26 44.91 105.28
CA ILE H 245 35.62 43.67 104.90
C ILE H 245 36.53 42.47 105.13
N ARG H 246 37.81 42.60 104.79
CA ARG H 246 38.77 41.50 104.94
C ARG H 246 39.16 41.27 106.39
N GLU H 247 38.52 41.93 107.35
CA GLU H 247 38.79 41.66 108.75
C GLU H 247 37.57 41.18 109.51
N ASN H 248 36.36 41.45 109.03
CA ASN H 248 35.14 40.95 109.66
C ASN H 248 34.03 40.89 108.63
N PRO H 249 34.04 39.90 107.75
CA PRO H 249 32.97 39.78 106.75
C PRO H 249 31.78 38.96 107.19
N VAL H 250 31.67 38.66 108.49
CA VAL H 250 30.54 37.86 108.97
C VAL H 250 29.25 38.65 108.83
N TYR H 251 28.16 37.95 108.57
CA TYR H 251 26.84 38.55 108.56
C TYR H 251 26.18 38.37 109.91
N GLU H 252 25.37 39.36 110.29
CA GLU H 252 24.61 39.34 111.53
C GLU H 252 23.17 39.67 111.19
N LYS H 253 22.29 38.67 111.32
CA LYS H 253 20.89 38.86 111.00
C LYS H 253 20.21 39.81 111.98
N LYS H 254 19.27 40.58 111.48
CA LYS H 254 18.48 41.45 112.33
C LYS H 254 17.57 40.61 113.23
N PRO H 255 17.20 41.12 114.40
CA PRO H 255 16.32 40.36 115.31
C PRO H 255 14.93 40.22 114.70
N LYS H 256 14.44 38.99 114.65
CA LYS H 256 13.10 38.71 114.12
C LYS H 256 12.10 39.08 115.21
N ARG H 257 11.58 40.29 115.13
CA ARG H 257 10.69 40.76 116.18
C ARG H 257 9.29 40.19 115.99
N GLU H 258 8.58 40.03 117.12
CA GLU H 258 7.23 39.48 117.12
C GLU H 258 6.28 40.34 116.30
N VAL H 259 5.59 39.72 115.37
CA VAL H 259 4.71 40.44 114.47
C VAL H 259 3.32 40.53 115.08
N LYS H 260 2.57 41.56 114.67
CA LYS H 260 1.25 41.81 115.22
C LYS H 260 0.15 41.01 114.54
N LYS H 261 0.49 40.23 113.51
CA LYS H 261 -0.41 39.28 112.86
C LYS H 261 -1.67 39.95 112.33
N LYS H 262 -1.52 40.81 111.32
CA LYS H 262 -2.68 41.43 110.68
C LYS H 262 -2.62 41.16 109.19
N ARG H 263 -3.47 41.82 108.42
CA ARG H 263 -3.53 41.53 106.98
C ARG H 263 -3.72 42.83 106.21
N TRP H 264 -2.71 43.19 105.42
CA TRP H 264 -2.86 44.25 104.43
C TRP H 264 -3.47 43.72 103.16
N ASN H 265 -3.20 42.45 102.85
CA ASN H 265 -3.59 41.83 101.60
C ASN H 265 -5.10 41.67 101.53
N ARG H 266 -5.59 41.24 100.38
CA ARG H 266 -7.03 41.07 100.39
C ARG H 266 -7.40 39.59 100.34
N PRO H 267 -8.24 39.13 101.27
CA PRO H 267 -8.53 37.69 101.33
C PRO H 267 -9.50 37.26 100.24
N LYS H 268 -9.35 36.02 99.82
CA LYS H 268 -10.13 35.47 98.72
C LYS H 268 -11.55 35.18 99.16
N MET H 269 -12.47 35.19 98.19
CA MET H 269 -13.88 35.01 98.44
C MET H 269 -14.25 33.54 98.48
N SER H 270 -15.22 33.21 99.32
CA SER H 270 -15.79 31.87 99.38
C SER H 270 -16.85 31.71 98.29
N LEU H 271 -17.17 30.45 97.99
CA LEU H 271 -18.13 30.15 96.94
C LEU H 271 -19.53 30.65 97.32
N ALA H 272 -19.87 30.54 98.60
CA ALA H 272 -21.21 30.93 99.05
C ALA H 272 -21.48 32.41 98.83
N GLN H 273 -20.43 33.24 98.82
CA GLN H 273 -20.62 34.65 98.54
C GLN H 273 -20.78 34.88 97.05
N LYS H 274 -19.95 34.23 96.24
CA LYS H 274 -20.02 34.41 94.78
C LYS H 274 -21.37 33.97 94.25
N LYS H 275 -21.86 32.83 94.72
CA LYS H 275 -23.17 32.33 94.32
C LYS H 275 -24.29 33.22 94.86
N ASP H 276 -24.03 34.01 95.89
CA ASP H 276 -25.06 34.91 96.41
C ASP H 276 -24.89 36.33 95.90
N ARG H 277 -23.70 36.71 95.45
CA ARG H 277 -23.56 38.01 94.80
C ARG H 277 -24.40 38.05 93.53
N VAL H 278 -24.39 36.97 92.75
CA VAL H 278 -25.19 36.92 91.55
C VAL H 278 -26.66 36.86 91.90
N ALA H 279 -27.00 36.25 93.03
CA ALA H 279 -28.39 36.21 93.44
C ALA H 279 -28.88 37.58 93.89
N GLN H 280 -27.99 38.38 94.47
CA GLN H 280 -28.33 39.77 94.74
C GLN H 280 -28.35 40.57 93.44
N LYS H 281 -27.38 40.31 92.56
CA LYS H 281 -27.30 41.04 91.30
C LYS H 281 -28.52 40.79 90.44
N LYS H 282 -28.95 39.53 90.37
CA LYS H 282 -30.10 39.20 89.55
C LYS H 282 -31.37 39.80 90.14
N ALA H 283 -31.49 39.78 91.47
CA ALA H 283 -32.66 40.37 92.11
C ALA H 283 -32.68 41.88 91.94
N SER H 284 -31.52 42.53 92.10
CA SER H 284 -31.46 43.97 91.94
C SER H 284 -31.64 44.42 90.51
N PHE H 285 -31.47 43.51 89.55
CA PHE H 285 -31.76 43.88 88.16
C PHE H 285 -33.26 43.93 87.93
N LEU H 286 -33.99 42.91 88.36
CA LEU H 286 -35.42 42.87 88.09
C LEU H 286 -36.18 43.88 88.91
N ARG H 287 -35.76 44.11 90.16
CA ARG H 287 -36.46 45.10 90.98
C ARG H 287 -36.19 46.51 90.50
N ALA H 288 -35.10 46.73 89.76
CA ALA H 288 -34.92 48.00 89.06
C ALA H 288 -35.58 48.01 87.70
N GLN H 289 -36.05 46.86 87.22
CA GLN H 289 -36.75 46.78 85.95
C GLN H 289 -38.24 47.05 86.08
N GLU H 290 -38.81 46.83 87.26
CA GLU H 290 -40.22 47.07 87.48
C GLU H 290 -40.52 48.53 87.80
N ARG H 291 -39.52 49.31 88.20
CA ARG H 291 -39.73 50.71 88.54
C ARG H 291 -40.00 51.54 87.28
N ALA H 292 -39.11 51.46 86.30
CA ALA H 292 -39.22 52.27 85.09
C ALA H 292 -40.41 51.87 84.22
N ALA H 293 -41.00 50.69 84.44
CA ALA H 293 -42.12 50.25 83.63
C ALA H 293 -43.43 50.33 84.41
N LYS I 1 -8.84 -73.15 135.66
CA LYS I 1 -10.04 -73.97 135.48
C LYS I 1 -11.30 -73.11 135.52
N GLY I 2 -12.28 -73.49 134.71
CA GLY I 2 -13.55 -72.77 134.64
C GLY I 2 -14.32 -73.10 133.37
N LYS I 3 -15.65 -73.11 133.45
CA LYS I 3 -16.45 -73.42 132.28
C LYS I 3 -16.43 -72.25 131.31
N PRO I 4 -16.22 -72.49 130.02
CA PRO I 4 -16.13 -71.39 129.05
C PRO I 4 -17.47 -70.72 128.82
N HIS I 5 -17.61 -69.52 129.36
CA HIS I 5 -18.83 -68.75 129.17
C HIS I 5 -18.91 -68.26 127.74
N CYS I 6 -20.12 -68.35 127.17
CA CYS I 6 -20.34 -67.86 125.81
C CYS I 6 -20.05 -66.37 125.73
N SER I 7 -19.72 -65.92 124.52
CA SER I 7 -19.35 -64.54 124.26
C SER I 7 -20.42 -63.58 124.73
N ARG I 8 -20.00 -62.53 125.44
CA ARG I 8 -20.95 -61.65 126.12
C ARG I 8 -21.69 -60.77 125.12
N ASN I 9 -20.96 -60.02 124.32
CA ASN I 9 -21.63 -59.09 123.42
C ASN I 9 -22.17 -59.83 122.20
N PRO I 10 -23.42 -59.66 121.85
CA PRO I 10 -23.94 -60.24 120.62
C PRO I 10 -23.46 -59.46 119.41
N VAL I 11 -23.43 -60.14 118.27
CA VAL I 11 -23.02 -59.51 117.02
C VAL I 11 -24.15 -58.58 116.58
N LEU I 12 -23.87 -57.27 116.63
CA LEU I 12 -24.82 -56.31 116.09
C LEU I 12 -24.83 -56.37 114.57
N VAL I 13 -23.66 -56.13 113.96
CA VAL I 13 -23.45 -56.25 112.53
C VAL I 13 -22.21 -57.12 112.37
N ARG I 14 -22.14 -57.85 111.26
CA ARG I 14 -21.01 -58.72 110.96
C ARG I 14 -19.71 -57.92 111.01
N GLY I 15 -18.88 -58.21 112.01
CA GLY I 15 -17.64 -57.51 112.21
C GLY I 15 -17.64 -56.52 113.36
N ILE I 16 -18.82 -56.06 113.79
CA ILE I 16 -18.94 -55.01 114.79
C ILE I 16 -19.68 -55.54 116.01
N GLY I 17 -19.08 -55.40 117.18
CA GLY I 17 -19.71 -55.83 118.40
C GLY I 17 -20.62 -54.77 118.99
N ARG I 18 -21.57 -55.21 119.81
CA ARG I 18 -22.58 -54.31 120.33
C ARG I 18 -22.04 -53.40 121.43
N TYR I 19 -21.04 -53.85 122.17
CA TYR I 19 -20.47 -53.09 123.27
C TYR I 19 -19.05 -52.63 122.93
N SER I 20 -18.72 -51.43 123.36
CA SER I 20 -17.39 -50.89 123.13
C SER I 20 -16.36 -51.62 124.01
N ARG I 21 -15.10 -51.39 123.69
CA ARG I 21 -14.02 -52.08 124.39
C ARG I 21 -13.79 -51.53 125.79
N SER I 22 -14.46 -50.44 126.16
CA SER I 22 -14.46 -49.97 127.53
C SER I 22 -15.52 -50.67 128.36
N ALA I 23 -16.75 -50.71 127.84
CA ALA I 23 -17.81 -51.46 128.49
C ALA I 23 -17.53 -52.95 128.53
N MET I 24 -16.72 -53.44 127.59
CA MET I 24 -16.27 -54.82 127.64
C MET I 24 -15.35 -55.07 128.83
N TYR I 25 -14.48 -54.11 129.11
CA TYR I 25 -13.57 -54.22 130.25
C TYR I 25 -14.34 -54.27 131.56
N SER I 26 -15.40 -53.48 131.66
CA SER I 26 -16.29 -53.52 132.80
C SER I 26 -17.30 -54.64 132.72
N ARG I 27 -17.11 -55.59 131.81
CA ARG I 27 -18.06 -56.68 131.65
C ARG I 27 -17.47 -58.05 131.92
N LYS I 28 -16.19 -58.25 131.64
CA LYS I 28 -15.52 -59.50 131.99
C LYS I 28 -14.90 -59.45 133.38
N ALA I 29 -15.26 -58.44 134.18
CA ALA I 29 -14.65 -58.19 135.49
C ALA I 29 -13.13 -58.07 135.38
N LEU I 30 -12.66 -57.53 134.26
CA LEU I 30 -11.24 -57.42 133.99
C LEU I 30 -10.54 -56.42 134.89
N TYR I 31 -11.30 -55.58 135.58
CA TYR I 31 -10.71 -54.55 136.42
C TYR I 31 -10.04 -55.13 137.66
N LYS I 32 -10.53 -56.25 138.16
CA LYS I 32 -10.02 -56.85 139.39
C LYS I 32 -9.10 -58.03 139.14
N ARG I 33 -8.64 -58.19 137.90
CA ARG I 33 -7.80 -59.33 137.53
C ARG I 33 -6.58 -58.82 136.76
N LYS I 34 -5.54 -58.45 137.49
CA LYS I 34 -4.27 -58.04 136.91
C LYS I 34 -3.28 -59.20 137.08
N TYR I 35 -3.21 -60.08 136.09
CA TYR I 35 -2.25 -61.16 136.10
C TYR I 35 -0.86 -60.59 135.82
N ALA I 36 0.06 -60.77 136.76
CA ALA I 36 1.41 -60.24 136.65
C ALA I 36 2.35 -61.36 136.22
N ALA I 37 2.98 -61.19 135.05
CA ALA I 37 3.91 -62.18 134.54
C ALA I 37 5.30 -61.97 135.15
N LEU I 52 13.33 -87.11 121.09
CA LEU I 52 12.10 -87.57 120.45
C LEU I 52 12.37 -88.64 119.40
N ALA I 53 13.07 -88.23 118.33
CA ALA I 53 13.29 -89.10 117.18
C ALA I 53 14.06 -90.36 117.56
N THR I 54 15.09 -90.19 118.38
CA THR I 54 15.88 -91.33 118.85
C THR I 54 15.02 -92.25 119.69
N VAL I 55 14.96 -93.53 119.29
CA VAL I 55 14.28 -94.56 120.05
C VAL I 55 15.25 -95.70 120.27
N THR I 56 15.43 -96.08 121.53
CA THR I 56 16.39 -97.12 121.91
C THR I 56 15.63 -98.45 121.97
N LYS I 57 16.04 -99.40 121.14
CA LYS I 57 15.43 -100.71 121.11
C LYS I 57 16.55 -101.75 121.20
N PRO I 58 16.50 -102.66 122.17
CA PRO I 58 17.53 -103.71 122.23
C PRO I 58 17.36 -104.72 121.11
N VAL I 59 18.48 -105.34 120.74
CA VAL I 59 18.55 -106.32 119.68
C VAL I 59 19.39 -107.49 120.17
N GLY I 60 19.08 -108.69 119.68
CA GLY I 60 19.82 -109.87 120.05
C GLY I 60 21.23 -109.90 119.48
N GLY I 65 26.42 -108.39 119.42
CA GLY I 65 25.12 -107.99 119.90
C GLY I 65 25.06 -106.53 120.27
N GLY I 66 24.36 -106.22 121.36
CA GLY I 66 24.24 -104.85 121.83
C GLY I 66 22.86 -104.28 121.68
N THR I 67 22.77 -102.97 121.56
CA THR I 67 21.50 -102.27 121.37
C THR I 67 21.70 -101.17 120.33
N ARG I 68 20.75 -101.03 119.43
CA ARG I 68 20.80 -100.03 118.38
C ARG I 68 19.70 -99.01 118.58
N VAL I 69 20.03 -97.74 118.32
CA VAL I 69 19.10 -96.64 118.58
C VAL I 69 18.47 -96.18 117.27
N VAL I 70 17.27 -96.67 116.98
CA VAL I 70 16.60 -96.27 115.75
C VAL I 70 16.16 -94.80 115.85
N LYS I 71 16.05 -94.16 114.69
CA LYS I 71 15.64 -92.77 114.59
C LYS I 71 14.36 -92.71 113.77
N LEU I 72 13.35 -92.05 114.32
CA LEU I 72 12.08 -91.87 113.62
C LEU I 72 12.28 -91.03 112.37
N ARG I 73 11.58 -91.40 111.30
CA ARG I 73 11.45 -90.63 110.06
C ARG I 73 12.82 -90.36 109.44
N LYS I 74 13.44 -91.44 108.98
CA LYS I 74 14.74 -91.31 108.33
C LYS I 74 14.63 -90.50 107.05
N MET I 75 15.75 -89.92 106.64
CA MET I 75 15.86 -88.98 105.52
C MET I 75 15.35 -89.62 104.24
N PRO I 76 14.85 -88.82 103.29
CA PRO I 76 14.34 -89.41 102.04
C PRO I 76 15.43 -90.06 101.23
N ARG I 77 15.03 -91.03 100.40
CA ARG I 77 15.95 -91.79 99.59
C ARG I 77 15.99 -91.31 98.15
N TYR I 78 15.25 -90.26 97.82
CA TYR I 78 15.16 -89.81 96.45
C TYR I 78 14.86 -88.32 96.46
N TYR I 79 15.52 -87.59 95.55
CA TYR I 79 15.31 -86.16 95.40
C TYR I 79 15.03 -85.90 93.93
N PRO I 80 13.94 -85.22 93.60
CA PRO I 80 13.72 -84.84 92.21
C PRO I 80 14.75 -83.83 91.77
N THR I 81 14.94 -83.72 90.46
CA THR I 81 15.95 -82.82 89.92
C THR I 81 15.66 -81.36 90.23
N GLU I 82 14.39 -81.02 90.42
CA GLU I 82 14.00 -79.67 90.82
C GLU I 82 12.59 -79.74 91.39
N ASP I 83 12.27 -78.78 92.25
CA ASP I 83 10.99 -78.77 92.95
C ASP I 83 10.32 -77.41 92.81
N VAL I 84 9.01 -77.41 93.08
CA VAL I 84 8.21 -76.19 93.05
C VAL I 84 8.40 -75.48 94.39
N PRO I 85 8.52 -74.15 94.39
CA PRO I 85 8.61 -73.44 95.67
C PRO I 85 7.28 -73.41 96.39
N ARG I 86 7.34 -73.28 97.71
CA ARG I 86 6.14 -73.18 98.51
C ARG I 86 5.44 -71.86 98.24
N LYS I 87 4.12 -71.89 98.28
CA LYS I 87 3.37 -70.71 97.92
C LYS I 87 3.13 -69.82 99.13
N LEU I 88 2.68 -68.59 98.85
CA LEU I 88 2.33 -67.64 99.89
C LEU I 88 1.05 -68.07 100.59
N LEU I 89 0.74 -67.42 101.70
CA LEU I 89 -0.35 -67.82 102.57
C LEU I 89 -1.49 -66.82 102.46
N SER I 90 -2.66 -67.30 102.08
CA SER I 90 -3.85 -66.49 102.04
C SER I 90 -4.66 -66.72 103.31
N HIS I 91 -5.76 -66.00 103.48
CA HIS I 91 -6.47 -66.16 104.74
C HIS I 91 -7.92 -66.59 104.57
N GLY I 92 -8.66 -65.95 103.68
CA GLY I 92 -10.09 -66.13 103.67
C GLY I 92 -10.58 -67.45 103.12
N LYS I 93 -9.69 -68.21 102.50
CA LYS I 93 -10.07 -69.41 101.77
C LYS I 93 -10.28 -70.55 102.76
N LYS I 94 -11.46 -71.14 102.73
CA LYS I 94 -11.80 -72.30 103.54
C LYS I 94 -12.16 -73.48 102.65
N PRO I 95 -11.82 -74.69 103.05
CA PRO I 95 -12.27 -75.87 102.29
C PRO I 95 -13.78 -75.99 102.34
N PHE I 96 -14.33 -76.69 101.34
CA PHE I 96 -15.76 -76.72 101.10
C PHE I 96 -16.57 -77.20 102.30
N SER I 97 -16.00 -78.10 103.09
CA SER I 97 -16.74 -78.65 104.22
C SER I 97 -16.96 -77.61 105.32
N GLN I 98 -16.16 -76.55 105.33
CA GLN I 98 -16.29 -75.50 106.33
C GLN I 98 -17.06 -74.29 105.83
N HIS I 99 -17.66 -74.36 104.64
CA HIS I 99 -18.36 -73.21 104.10
C HIS I 99 -19.68 -72.98 104.81
N VAL I 100 -20.15 -71.74 104.75
CA VAL I 100 -21.47 -71.39 105.24
C VAL I 100 -22.49 -71.71 104.16
N ARG I 101 -23.56 -72.40 104.52
CA ARG I 101 -24.55 -72.89 103.57
C ARG I 101 -25.80 -72.03 103.65
N LYS I 102 -26.05 -71.25 102.60
CA LYS I 102 -27.19 -70.35 102.55
C LYS I 102 -28.42 -71.12 102.06
N LEU I 103 -29.52 -70.39 101.90
CA LEU I 103 -30.79 -70.94 101.43
C LEU I 103 -31.71 -69.80 101.05
N ARG I 104 -32.50 -69.95 99.98
CA ARG I 104 -33.51 -68.97 99.69
C ARG I 104 -34.55 -68.98 100.79
N ALA I 105 -35.04 -67.80 101.17
CA ALA I 105 -35.99 -67.71 102.28
C ALA I 105 -37.32 -68.33 101.92
N SER I 106 -37.66 -68.36 100.63
CA SER I 106 -38.92 -68.95 100.20
C SER I 106 -38.93 -70.46 100.40
N ILE I 107 -37.77 -71.10 100.37
CA ILE I 107 -37.68 -72.55 100.42
C ILE I 107 -37.63 -72.94 101.89
N THR I 108 -38.81 -73.08 102.49
CA THR I 108 -38.97 -73.53 103.86
C THR I 108 -39.30 -75.03 103.86
N PRO I 109 -39.15 -75.72 105.00
CA PRO I 109 -39.61 -77.11 105.05
C PRO I 109 -41.10 -77.21 104.82
N GLY I 110 -41.47 -77.84 103.72
CA GLY I 110 -42.85 -78.03 103.34
C GLY I 110 -43.20 -77.51 101.97
N THR I 111 -42.30 -76.81 101.31
CA THR I 111 -42.60 -76.25 100.00
C THR I 111 -42.60 -77.34 98.93
N ILE I 112 -43.22 -77.02 97.81
CA ILE I 112 -43.26 -77.91 96.66
C ILE I 112 -42.32 -77.35 95.61
N LEU I 113 -41.34 -78.13 95.20
CA LEU I 113 -40.35 -77.65 94.26
C LEU I 113 -40.65 -78.19 92.88
N ILE I 114 -39.85 -77.74 91.91
CA ILE I 114 -39.96 -78.20 90.53
C ILE I 114 -38.54 -78.44 90.05
N ILE I 115 -38.21 -79.67 89.72
CA ILE I 115 -36.86 -79.97 89.26
C ILE I 115 -36.70 -79.51 87.82
N LEU I 116 -35.52 -78.98 87.51
CA LEU I 116 -35.31 -78.36 86.22
C LEU I 116 -34.19 -78.95 85.39
N THR I 117 -33.33 -79.81 85.96
CA THR I 117 -32.21 -80.28 85.16
C THR I 117 -32.12 -81.80 85.06
N GLY I 118 -32.35 -82.52 86.16
CA GLY I 118 -32.07 -83.94 86.18
C GLY I 118 -33.02 -84.78 85.36
N ARG I 119 -32.91 -86.11 85.48
CA ARG I 119 -33.84 -86.99 84.80
C ARG I 119 -35.26 -86.86 85.31
N HIS I 120 -35.45 -86.21 86.45
CA HIS I 120 -36.79 -86.03 86.99
C HIS I 120 -37.24 -84.59 86.82
N ARG I 121 -36.83 -83.96 85.72
CA ARG I 121 -37.18 -82.57 85.47
C ARG I 121 -38.67 -82.43 85.23
N GLY I 122 -39.21 -81.27 85.57
CA GLY I 122 -40.61 -80.99 85.39
C GLY I 122 -41.50 -81.55 86.49
N LYS I 123 -40.95 -82.42 87.32
CA LYS I 123 -41.75 -83.05 88.36
C LYS I 123 -41.89 -82.14 89.56
N ARG I 124 -43.08 -82.15 90.17
CA ARG I 124 -43.39 -81.28 91.29
C ARG I 124 -43.06 -82.02 92.58
N VAL I 125 -41.81 -81.91 93.00
CA VAL I 125 -41.24 -82.75 94.05
C VAL I 125 -41.38 -82.01 95.37
N VAL I 126 -41.32 -82.73 96.50
CA VAL I 126 -41.69 -82.20 97.80
C VAL I 126 -40.43 -82.07 98.65
N PHE I 127 -40.21 -80.88 99.20
CA PHE I 127 -39.02 -80.60 100.00
C PHE I 127 -39.23 -80.99 101.46
N LEU I 128 -38.19 -81.55 102.06
CA LEU I 128 -38.26 -81.94 103.48
C LEU I 128 -37.30 -81.16 104.35
N LYS I 129 -36.01 -81.21 104.06
CA LYS I 129 -35.01 -80.67 104.97
C LYS I 129 -33.75 -80.31 104.19
N GLN I 130 -32.85 -79.61 104.87
CA GLN I 130 -31.56 -79.21 104.36
C GLN I 130 -30.51 -80.21 104.82
N LEU I 131 -29.58 -80.53 103.93
CA LEU I 131 -28.47 -81.40 104.28
C LEU I 131 -27.23 -80.56 104.56
N SER I 132 -26.26 -81.17 105.24
CA SER I 132 -25.08 -80.45 105.73
C SER I 132 -24.19 -79.94 104.61
N SER I 133 -24.43 -80.39 103.39
CA SER I 133 -23.68 -79.93 102.23
C SER I 133 -24.42 -78.88 101.44
N GLY I 134 -25.54 -78.37 101.95
CA GLY I 134 -26.33 -77.41 101.23
C GLY I 134 -27.29 -78.00 100.21
N LEU I 135 -27.10 -79.25 99.82
CA LEU I 135 -28.03 -79.90 98.91
C LEU I 135 -29.35 -80.17 99.62
N LEU I 136 -30.44 -79.97 98.90
CA LEU I 136 -31.76 -80.16 99.47
C LEU I 136 -32.13 -81.63 99.47
N LEU I 137 -32.64 -82.11 100.61
CA LEU I 137 -33.24 -83.44 100.66
C LEU I 137 -34.68 -83.28 100.22
N VAL I 138 -34.87 -83.39 98.94
CA VAL I 138 -36.19 -83.27 98.37
C VAL I 138 -36.74 -84.66 98.13
N THR I 139 -38.02 -84.86 98.40
CA THR I 139 -38.57 -86.19 98.20
C THR I 139 -40.06 -86.04 97.89
N GLY I 140 -40.38 -86.08 96.61
CA GLY I 140 -41.74 -86.24 96.21
C GLY I 140 -42.12 -87.66 96.52
N PRO I 141 -43.37 -87.89 96.86
CA PRO I 141 -43.82 -89.25 97.15
C PRO I 141 -43.60 -90.16 95.97
N LEU I 142 -42.85 -91.24 96.22
CA LEU I 142 -42.51 -92.18 95.15
C LEU I 142 -43.75 -92.78 94.51
N SER I 143 -44.78 -93.01 95.31
CA SER I 143 -46.05 -93.46 94.78
C SER I 143 -46.80 -92.38 94.03
N LEU I 144 -46.30 -91.15 93.94
CA LEU I 144 -46.94 -90.12 93.13
C LEU I 144 -46.01 -89.66 92.02
N ASN I 145 -44.78 -89.33 92.36
CA ASN I 145 -43.89 -88.69 91.40
C ASN I 145 -42.85 -89.63 90.83
N ARG I 146 -42.73 -90.83 91.38
CA ARG I 146 -41.69 -91.80 91.03
C ARG I 146 -40.30 -91.26 91.31
N VAL I 147 -40.16 -90.42 92.34
CA VAL I 147 -38.85 -89.96 92.78
C VAL I 147 -38.58 -90.50 94.18
N PRO I 148 -37.40 -91.04 94.43
CA PRO I 148 -37.07 -91.52 95.77
C PRO I 148 -36.58 -90.39 96.66
N LEU I 149 -36.13 -90.76 97.85
CA LEU I 149 -35.39 -89.84 98.70
C LEU I 149 -34.15 -89.40 97.95
N ARG I 150 -34.08 -88.13 97.58
CA ARG I 150 -33.10 -87.68 96.61
C ARG I 150 -32.52 -86.35 97.03
N ARG I 151 -31.21 -86.20 96.82
CA ARG I 151 -30.59 -84.89 96.98
C ARG I 151 -30.88 -84.05 95.75
N THR I 152 -30.79 -82.73 95.92
CA THR I 152 -31.02 -81.81 94.81
C THR I 152 -30.44 -80.45 95.16
N HIS I 153 -29.61 -79.91 94.26
CA HIS I 153 -29.03 -78.60 94.45
C HIS I 153 -30.11 -77.53 94.39
N GLN I 154 -30.10 -76.63 95.37
CA GLN I 154 -31.17 -75.64 95.50
C GLN I 154 -31.14 -74.61 94.37
N LYS I 155 -30.05 -74.55 93.61
CA LYS I 155 -29.99 -73.60 92.52
C LYS I 155 -30.96 -73.98 91.40
N PHE I 156 -31.00 -75.25 91.05
CA PHE I 156 -31.81 -75.73 89.93
C PHE I 156 -33.23 -76.09 90.34
N VAL I 157 -33.94 -75.20 91.03
CA VAL I 157 -35.23 -75.49 91.64
C VAL I 157 -36.05 -74.22 91.70
N ILE I 158 -37.32 -74.31 91.29
CA ILE I 158 -38.27 -73.22 91.45
C ILE I 158 -39.09 -73.49 92.69
N ALA I 159 -39.11 -72.52 93.60
CA ALA I 159 -39.85 -72.64 94.85
C ALA I 159 -41.26 -72.11 94.65
N THR I 160 -42.24 -73.02 94.61
CA THR I 160 -43.62 -72.65 94.49
C THR I 160 -44.12 -72.14 95.84
N SER I 161 -45.14 -71.27 95.81
CA SER I 161 -45.67 -70.66 97.02
C SER I 161 -46.72 -71.54 97.69
N THR I 162 -46.68 -72.85 97.48
CA THR I 162 -47.58 -73.78 98.16
C THR I 162 -46.78 -74.59 99.17
N LYS I 163 -47.43 -74.89 100.30
CA LYS I 163 -46.73 -75.49 101.42
C LYS I 163 -47.63 -76.49 102.11
N ILE I 164 -47.00 -77.40 102.85
CA ILE I 164 -47.68 -78.35 103.71
C ILE I 164 -46.97 -78.36 105.05
N ASP I 165 -47.72 -78.53 106.11
CA ASP I 165 -47.15 -78.53 107.46
C ASP I 165 -46.49 -79.89 107.70
N ILE I 166 -45.19 -79.97 107.47
CA ILE I 166 -44.46 -81.19 107.74
C ILE I 166 -43.70 -81.01 109.04
N SER I 167 -44.20 -80.13 109.90
CA SER I 167 -43.57 -79.85 111.17
C SER I 167 -43.76 -80.99 112.18
N GLY I 168 -44.52 -82.02 111.84
CA GLY I 168 -44.67 -83.17 112.73
C GLY I 168 -44.10 -84.45 112.16
N VAL I 169 -43.50 -84.35 110.98
CA VAL I 169 -42.94 -85.53 110.32
C VAL I 169 -41.59 -85.86 110.92
N LYS I 170 -41.34 -87.15 111.14
CA LYS I 170 -40.12 -87.63 111.80
C LYS I 170 -39.17 -88.13 110.72
N ILE I 171 -38.27 -87.25 110.29
CA ILE I 171 -37.25 -87.61 109.32
C ILE I 171 -36.14 -88.37 110.05
N PRO I 172 -35.60 -89.46 109.47
CA PRO I 172 -34.50 -90.17 110.13
C PRO I 172 -33.25 -89.34 110.30
N LYS I 173 -32.39 -89.73 111.24
CA LYS I 173 -31.14 -89.04 111.47
C LYS I 173 -29.98 -89.65 110.70
N HIS I 174 -30.00 -90.96 110.46
CA HIS I 174 -28.90 -91.64 109.80
C HIS I 174 -28.75 -91.25 108.33
N LEU I 175 -29.75 -90.64 107.72
CA LEU I 175 -29.63 -90.14 106.37
C LEU I 175 -28.84 -88.84 106.38
N THR I 176 -27.88 -88.73 105.48
CA THR I 176 -26.95 -87.61 105.48
C THR I 176 -26.29 -87.54 104.11
N ASP I 177 -25.35 -86.61 103.96
CA ASP I 177 -24.63 -86.46 102.72
C ASP I 177 -23.74 -87.66 102.40
N ALA I 178 -23.51 -88.54 103.36
CA ALA I 178 -22.86 -89.81 103.09
C ALA I 178 -23.84 -90.91 102.73
N TYR I 179 -25.13 -90.73 103.06
CA TYR I 179 -26.13 -91.75 102.77
C TYR I 179 -26.60 -91.73 101.33
N PHE I 180 -26.50 -90.59 100.65
CA PHE I 180 -26.86 -90.49 99.25
C PHE I 180 -25.65 -90.37 98.32
N LYS I 181 -24.44 -90.35 98.87
CA LYS I 181 -23.23 -90.31 98.08
C LYS I 181 -23.15 -91.51 97.15
N LYS I 182 -22.77 -91.26 95.90
CA LYS I 182 -22.63 -92.34 94.93
C LYS I 182 -21.48 -93.26 95.33
N LYS I 183 -21.59 -94.53 94.94
CA LYS I 183 -20.62 -95.53 95.36
C LYS I 183 -19.38 -95.53 94.49
N LYS I 184 -19.53 -95.83 93.21
CA LYS I 184 -18.39 -96.00 92.33
C LYS I 184 -18.80 -95.98 90.87
N LYS I 202 -24.34 -100.49 86.98
CA LYS I 202 -25.39 -101.36 87.48
C LYS I 202 -25.81 -100.91 88.87
N TYR I 203 -26.90 -100.15 88.94
CA TYR I 203 -27.39 -99.62 90.20
C TYR I 203 -28.54 -100.50 90.69
N GLU I 204 -28.43 -100.98 91.92
CA GLU I 204 -29.44 -101.81 92.54
C GLU I 204 -30.02 -101.10 93.75
N ILE I 205 -31.34 -101.15 93.89
CA ILE I 205 -31.97 -100.57 95.06
C ILE I 205 -31.69 -101.47 96.27
N THR I 206 -31.00 -100.92 97.25
CA THR I 206 -30.81 -101.64 98.49
C THR I 206 -32.12 -101.65 99.28
N GLU I 207 -32.25 -102.65 100.14
CA GLU I 207 -33.38 -102.68 101.05
C GLU I 207 -33.30 -101.55 102.07
N GLN I 208 -32.10 -101.02 102.31
CA GLN I 208 -31.95 -99.86 103.17
C GLN I 208 -32.69 -98.66 102.61
N ARG I 209 -32.68 -98.51 101.29
CA ARG I 209 -33.41 -97.42 100.66
C ARG I 209 -34.91 -97.60 100.82
N LYS I 210 -35.40 -98.83 100.55
CA LYS I 210 -36.84 -99.06 100.51
C LYS I 210 -37.48 -98.91 101.87
N VAL I 211 -36.78 -99.27 102.94
CA VAL I 211 -37.36 -99.14 104.27
C VAL I 211 -37.43 -97.66 104.67
N ASP I 212 -36.41 -96.89 104.33
CA ASP I 212 -36.45 -95.45 104.59
C ASP I 212 -37.42 -94.74 103.69
N GLN I 213 -37.71 -95.31 102.53
CA GLN I 213 -38.66 -94.70 101.61
C GLN I 213 -40.07 -94.77 102.18
N LYS I 214 -40.58 -95.99 102.38
CA LYS I 214 -41.93 -96.17 102.88
C LYS I 214 -42.11 -95.66 104.30
N ALA I 215 -41.03 -95.50 105.06
CA ALA I 215 -41.14 -94.89 106.37
C ALA I 215 -41.48 -93.41 106.28
N VAL I 216 -40.88 -92.70 105.32
CA VAL I 216 -41.19 -91.28 105.22
C VAL I 216 -42.45 -91.07 104.41
N ASP I 217 -42.76 -91.96 103.47
CA ASP I 217 -44.01 -91.82 102.74
C ASP I 217 -45.22 -92.14 103.60
N SER I 218 -45.04 -92.91 104.67
CA SER I 218 -46.15 -93.21 105.56
C SER I 218 -46.56 -92.02 106.42
N GLN I 219 -45.78 -90.94 106.39
CA GLN I 219 -46.07 -89.74 107.16
C GLN I 219 -46.45 -88.55 106.30
N ILE I 220 -45.98 -88.49 105.06
CA ILE I 220 -46.33 -87.39 104.17
C ILE I 220 -47.63 -87.64 103.45
N LEU I 221 -47.83 -88.87 102.98
CA LEU I 221 -49.04 -89.22 102.22
C LEU I 221 -50.36 -88.92 102.94
N PRO I 222 -50.50 -89.09 104.27
CA PRO I 222 -51.69 -88.56 104.92
C PRO I 222 -51.74 -87.04 104.91
N LYS I 223 -50.61 -86.37 104.96
CA LYS I 223 -50.59 -84.92 105.10
C LYS I 223 -50.73 -84.19 103.77
N ILE I 224 -50.63 -84.89 102.65
CA ILE I 224 -50.89 -84.26 101.36
C ILE I 224 -52.30 -84.55 100.86
N LYS I 225 -52.91 -85.64 101.30
CA LYS I 225 -54.30 -85.91 100.96
C LYS I 225 -55.26 -85.13 101.84
N ALA I 226 -54.75 -84.35 102.78
CA ALA I 226 -55.58 -83.42 103.55
C ALA I 226 -55.92 -82.16 102.77
N VAL I 227 -55.30 -81.95 101.62
CA VAL I 227 -55.58 -80.81 100.75
C VAL I 227 -56.23 -81.34 99.49
N PRO I 228 -57.34 -80.75 99.04
CA PRO I 228 -57.99 -81.24 97.82
C PRO I 228 -57.10 -81.07 96.60
N GLN I 229 -57.11 -82.09 95.74
CA GLN I 229 -56.42 -82.11 94.45
C GLN I 229 -54.91 -81.96 94.57
N LEU I 230 -54.36 -82.07 95.78
CA LEU I 230 -52.93 -81.86 95.94
C LEU I 230 -52.13 -83.03 95.39
N GLN I 231 -52.58 -84.26 95.65
CA GLN I 231 -51.89 -85.40 95.07
C GLN I 231 -52.03 -85.41 93.56
N GLY I 232 -53.15 -84.89 93.05
CA GLY I 232 -53.28 -84.74 91.61
C GLY I 232 -52.36 -83.68 91.06
N TYR I 233 -52.02 -82.70 91.88
CA TYR I 233 -51.10 -81.65 91.45
C TYR I 233 -49.70 -82.21 91.24
N LEU I 234 -49.22 -83.00 92.20
CA LEU I 234 -47.86 -83.51 92.12
C LEU I 234 -47.68 -84.51 90.99
N ARG I 235 -48.74 -85.24 90.64
CA ARG I 235 -48.63 -86.21 89.55
C ARG I 235 -48.43 -85.53 88.21
N SER I 236 -48.77 -84.25 88.11
CA SER I 236 -48.56 -83.53 86.87
C SER I 236 -47.08 -83.21 86.66
N VAL I 237 -46.75 -82.86 85.44
CA VAL I 237 -45.40 -82.44 85.09
C VAL I 237 -45.48 -80.98 84.62
N PHE I 238 -44.49 -80.20 85.01
CA PHE I 238 -44.48 -78.79 84.68
C PHE I 238 -43.94 -78.57 83.28
N ALA I 239 -44.59 -77.67 82.53
CA ALA I 239 -44.20 -77.39 81.17
C ALA I 239 -44.70 -76.00 80.78
N LEU I 240 -44.12 -75.48 79.71
CA LEU I 240 -44.46 -74.15 79.21
C LEU I 240 -45.23 -74.26 77.92
N THR I 241 -46.41 -73.66 77.89
CA THR I 241 -47.23 -73.62 76.69
C THR I 241 -47.11 -72.25 76.03
N ASN I 242 -47.79 -72.11 74.90
CA ASN I 242 -47.76 -70.85 74.17
C ASN I 242 -48.41 -69.75 74.97
N GLY I 243 -47.80 -68.58 74.95
CA GLY I 243 -48.29 -67.46 75.72
C GLY I 243 -47.91 -67.48 77.17
N VAL I 244 -47.27 -68.54 77.63
CA VAL I 244 -46.86 -68.65 79.03
C VAL I 244 -45.44 -68.11 79.14
N TYR I 245 -45.29 -67.02 79.89
CA TYR I 245 -43.99 -66.44 80.14
C TYR I 245 -43.68 -66.50 81.61
N PRO I 246 -42.53 -67.03 82.01
CA PRO I 246 -42.25 -67.20 83.44
C PRO I 246 -42.15 -65.88 84.19
N HIS I 247 -41.58 -64.85 83.56
CA HIS I 247 -41.51 -63.55 84.21
C HIS I 247 -42.90 -62.93 84.35
N LYS I 248 -43.80 -63.22 83.42
CA LYS I 248 -45.13 -62.64 83.47
C LYS I 248 -45.96 -63.30 84.56
N LEU I 249 -45.87 -64.62 84.69
CA LEU I 249 -46.57 -65.31 85.75
C LEU I 249 -45.76 -65.24 87.03
N VAL I 250 -46.33 -65.76 88.10
CA VAL I 250 -45.66 -65.79 89.39
C VAL I 250 -46.05 -67.06 90.09
N PHE I 251 -45.15 -67.59 90.89
CA PHE I 251 -45.40 -68.82 91.62
C PHE I 251 -45.87 -68.48 93.03
N ASN J 1 26.90 -67.93 127.24
CA ASN J 1 26.52 -66.83 126.36
C ASN J 1 25.00 -66.75 126.25
N PHE J 2 24.50 -65.69 125.62
CA PHE J 2 23.14 -65.60 125.06
C PHE J 2 22.05 -65.62 126.12
N ALA J 3 22.39 -65.50 127.40
CA ALA J 3 21.38 -65.42 128.43
C ALA J 3 20.53 -64.15 128.27
N GLU J 4 21.16 -63.00 128.42
CA GLU J 4 20.50 -61.72 128.26
C GLU J 4 20.33 -61.32 126.80
N LEU J 5 20.90 -62.08 125.87
CA LEU J 5 20.83 -61.72 124.46
C LEU J 5 19.53 -62.16 123.80
N LYS J 6 18.77 -63.05 124.43
CA LYS J 6 17.40 -63.29 124.02
C LYS J 6 16.42 -62.39 124.74
N ILE J 7 16.76 -61.98 125.96
CA ILE J 7 15.90 -61.05 126.70
C ILE J 7 15.91 -59.69 126.05
N LYS J 8 17.06 -59.27 125.51
CA LYS J 8 17.11 -57.98 124.83
C LYS J 8 16.30 -58.01 123.54
N ARG J 9 16.31 -59.14 122.83
CA ARG J 9 15.52 -59.24 121.61
C ARG J 9 14.02 -59.25 121.92
N LEU J 10 13.64 -59.74 123.09
CA LEU J 10 12.23 -59.67 123.48
C LEU J 10 11.82 -58.23 123.75
N ARG J 11 12.57 -57.54 124.59
CA ARG J 11 12.22 -56.18 124.95
C ARG J 11 12.55 -55.18 123.85
N LYS J 12 13.14 -55.62 122.74
CA LYS J 12 13.24 -54.77 121.55
C LYS J 12 12.01 -54.86 120.67
N LYS J 13 11.36 -56.03 120.62
CA LYS J 13 10.06 -56.16 119.97
C LYS J 13 8.90 -55.86 120.89
N PHE J 14 9.14 -55.85 122.20
CA PHE J 14 8.11 -55.37 123.10
C PHE J 14 8.07 -53.85 123.15
N ALA J 15 9.19 -53.19 122.84
CA ALA J 15 9.19 -51.74 122.82
C ALA J 15 8.44 -51.20 121.62
N GLN J 16 8.65 -51.81 120.45
CA GLN J 16 7.89 -51.43 119.28
C GLN J 16 6.41 -51.75 119.42
N LYS J 17 6.08 -52.77 120.22
CA LYS J 17 4.70 -53.19 120.32
C LYS J 17 3.87 -52.21 121.16
N MET J 18 4.41 -51.78 122.31
CA MET J 18 3.71 -50.79 123.12
C MET J 18 3.66 -49.44 122.42
N LEU J 19 4.76 -49.06 121.75
CA LEU J 19 4.79 -47.82 120.99
C LEU J 19 3.73 -47.84 119.89
N ARG J 20 3.52 -48.99 119.27
CA ARG J 20 2.52 -49.10 118.22
C ARG J 20 1.12 -48.87 118.79
N LYS J 21 0.84 -49.47 119.95
CA LYS J 21 -0.49 -49.35 120.54
C LYS J 21 -0.77 -47.93 121.00
N ALA J 22 0.26 -47.20 121.43
CA ALA J 22 0.05 -45.81 121.81
C ALA J 22 -0.23 -44.94 120.60
N ARG J 23 0.29 -45.33 119.44
CA ARG J 23 0.04 -44.54 118.24
C ARG J 23 -1.41 -44.70 117.77
N ARG J 24 -1.93 -45.92 117.84
CA ARG J 24 -3.34 -46.12 117.48
C ARG J 24 -4.27 -45.36 118.42
N LYS J 25 -3.93 -45.30 119.71
CA LYS J 25 -4.73 -44.51 120.63
C LYS J 25 -4.64 -43.03 120.31
N LEU J 26 -3.50 -42.59 119.78
CA LEU J 26 -3.40 -41.22 119.31
C LEU J 26 -4.30 -41.02 118.10
N ILE J 27 -4.21 -41.92 117.12
CA ILE J 27 -5.02 -41.81 115.90
C ILE J 27 -6.49 -41.92 116.24
N TYR J 28 -6.83 -42.79 117.19
CA TYR J 28 -8.22 -42.91 117.63
C TYR J 28 -8.70 -41.61 118.24
N GLU J 29 -7.92 -41.04 119.16
CA GLU J 29 -8.38 -39.86 119.88
C GLU J 29 -8.36 -38.62 119.00
N LYS J 30 -7.42 -38.55 118.06
CA LYS J 30 -7.38 -37.41 117.14
C LYS J 30 -8.60 -37.39 116.25
N ALA J 31 -8.95 -38.55 115.69
CA ALA J 31 -10.10 -38.61 114.79
C ALA J 31 -11.39 -38.32 115.54
N LYS J 32 -11.45 -38.67 116.82
CA LYS J 32 -12.62 -38.31 117.61
C LYS J 32 -12.72 -36.80 117.80
N HIS J 33 -11.58 -36.13 117.88
CA HIS J 33 -11.62 -34.67 117.96
C HIS J 33 -12.12 -34.06 116.65
N TYR J 34 -11.70 -34.61 115.52
CA TYR J 34 -12.17 -34.10 114.25
C TYR J 34 -13.66 -34.31 114.07
N HIS J 35 -14.17 -35.43 114.57
CA HIS J 35 -15.60 -35.65 114.55
C HIS J 35 -16.33 -34.64 115.42
N LYS J 36 -15.66 -34.06 116.41
CA LYS J 36 -16.27 -32.98 117.18
C LYS J 36 -15.99 -31.61 116.61
N GLU J 37 -15.00 -31.48 115.73
CA GLU J 37 -14.83 -30.21 115.05
C GLU J 37 -15.89 -30.01 113.98
N TYR J 38 -16.09 -31.02 113.15
CA TYR J 38 -17.11 -30.92 112.10
C TYR J 38 -18.50 -30.88 112.69
N ARG J 39 -18.68 -31.51 113.86
CA ARG J 39 -19.96 -31.44 114.57
C ARG J 39 -20.32 -30.01 114.92
N GLN J 40 -19.33 -29.15 115.14
CA GLN J 40 -19.57 -27.76 115.49
C GLN J 40 -19.64 -26.88 114.26
N MET J 41 -18.58 -26.90 113.45
CA MET J 41 -18.48 -25.96 112.34
C MET J 41 -19.57 -26.15 111.30
N TYR J 42 -20.20 -27.32 111.25
CA TYR J 42 -21.42 -27.46 110.48
C TYR J 42 -22.62 -26.92 111.23
N ARG J 43 -22.65 -27.13 112.54
CA ARG J 43 -23.80 -26.73 113.33
C ARG J 43 -23.87 -25.23 113.54
N THR J 44 -22.73 -24.53 113.59
CA THR J 44 -22.77 -23.12 113.88
C THR J 44 -23.21 -22.31 112.67
N GLU J 45 -23.02 -22.83 111.46
CA GLU J 45 -23.55 -22.15 110.27
C GLU J 45 -25.06 -22.08 110.31
N ILE J 46 -25.70 -23.11 110.82
CA ILE J 46 -27.14 -23.07 111.04
C ILE J 46 -27.47 -22.08 112.14
N ARG J 47 -26.65 -22.04 113.20
CA ARG J 47 -26.92 -21.11 114.29
C ARG J 47 -26.72 -19.68 113.85
N MET J 48 -25.66 -19.41 113.08
CA MET J 48 -25.40 -18.06 112.61
C MET J 48 -26.51 -17.59 111.68
N ALA J 49 -27.03 -18.50 110.87
CA ALA J 49 -28.15 -18.16 110.01
C ALA J 49 -29.41 -17.92 110.83
N ARG J 50 -29.63 -18.75 111.84
CA ARG J 50 -30.88 -18.67 112.61
C ARG J 50 -30.94 -17.40 113.44
N MET J 51 -29.79 -16.84 113.82
CA MET J 51 -29.83 -15.58 114.54
C MET J 51 -29.96 -14.39 113.63
N ALA J 52 -29.62 -14.52 112.35
CA ALA J 52 -29.80 -13.42 111.43
C ALA J 52 -31.28 -13.25 111.07
N ARG J 53 -31.96 -14.36 110.78
CA ARG J 53 -33.38 -14.29 110.45
C ARG J 53 -34.21 -13.86 111.64
N LYS J 54 -33.84 -14.32 112.84
CA LYS J 54 -34.54 -13.91 114.05
C LYS J 54 -34.41 -12.42 114.30
N ALA J 55 -33.28 -11.82 113.91
CA ALA J 55 -33.10 -10.39 114.04
C ALA J 55 -33.52 -9.62 112.80
N GLY J 56 -33.87 -10.32 111.73
CA GLY J 56 -34.28 -9.66 110.50
C GLY J 56 -33.14 -9.33 109.56
N ASN J 57 -31.89 -9.56 109.96
CA ASN J 57 -30.74 -9.29 109.12
C ASN J 57 -30.39 -10.52 108.29
N PHE J 58 -29.33 -10.42 107.51
CA PHE J 58 -28.82 -11.55 106.74
C PHE J 58 -27.53 -12.06 107.34
N TYR J 59 -27.06 -13.17 106.79
CA TYR J 59 -25.80 -13.76 107.20
C TYR J 59 -25.04 -14.19 105.95
N VAL J 60 -24.05 -13.40 105.57
CA VAL J 60 -23.21 -13.74 104.43
C VAL J 60 -22.20 -14.78 104.89
N PRO J 61 -22.28 -16.02 104.42
CA PRO J 61 -21.31 -17.03 104.86
C PRO J 61 -19.97 -16.78 104.21
N ALA J 62 -18.94 -17.39 104.77
CA ALA J 62 -17.59 -17.23 104.26
C ALA J 62 -17.49 -17.80 102.85
N GLU J 63 -16.75 -17.12 101.99
CA GLU J 63 -16.47 -17.66 100.69
C GLU J 63 -15.60 -18.91 100.84
N PRO J 64 -15.87 -19.96 100.07
CA PRO J 64 -15.24 -21.25 100.32
C PRO J 64 -13.75 -21.22 100.01
N LYS J 65 -12.98 -21.84 100.88
CA LYS J 65 -11.52 -21.82 100.78
C LYS J 65 -10.98 -23.00 100.01
N LEU J 66 -11.84 -23.88 99.52
CA LEU J 66 -11.41 -25.12 98.88
C LEU J 66 -12.20 -25.33 97.60
N ALA J 67 -11.57 -25.96 96.63
CA ALA J 67 -12.24 -26.22 95.37
C ALA J 67 -11.68 -27.48 94.76
N PHE J 68 -12.57 -28.29 94.17
CA PHE J 68 -12.17 -29.50 93.47
C PHE J 68 -12.26 -29.24 91.97
N VAL J 69 -11.15 -29.42 91.27
CA VAL J 69 -11.07 -29.11 89.85
C VAL J 69 -10.96 -30.40 89.06
N ILE J 70 -11.84 -30.59 88.10
CA ILE J 70 -11.88 -31.77 87.24
C ILE J 70 -11.77 -31.32 85.80
N ARG J 71 -10.79 -31.86 85.08
CA ARG J 71 -10.65 -31.53 83.67
C ARG J 71 -11.61 -32.36 82.85
N ILE J 72 -12.35 -31.71 81.95
CA ILE J 72 -13.39 -32.39 81.18
C ILE J 72 -13.02 -32.52 79.71
N ARG J 73 -12.33 -31.54 79.14
CA ARG J 73 -11.94 -31.65 77.74
C ARG J 73 -10.64 -32.40 77.61
N GLY J 74 -10.42 -32.98 76.43
CA GLY J 74 -9.23 -33.79 76.19
C GLY J 74 -7.97 -32.98 76.03
N ILE J 75 -7.00 -33.51 75.28
CA ILE J 75 -5.71 -32.85 75.14
C ILE J 75 -5.46 -32.32 73.74
N ASN J 76 -6.31 -32.64 72.77
CA ASN J 76 -6.05 -32.25 71.39
C ASN J 76 -6.49 -30.82 71.16
N GLY J 77 -5.62 -30.03 70.55
CA GLY J 77 -5.97 -28.69 70.14
C GLY J 77 -6.26 -27.77 71.30
N VAL J 78 -5.23 -27.45 72.07
CA VAL J 78 -5.38 -26.63 73.27
C VAL J 78 -4.45 -25.42 73.16
N SER J 79 -4.98 -24.24 73.53
CA SER J 79 -4.25 -22.99 73.53
C SER J 79 -3.00 -23.09 74.38
N PRO J 80 -1.89 -22.45 74.00
CA PRO J 80 -0.65 -22.61 74.79
C PRO J 80 -0.74 -22.00 76.17
N LYS J 81 -1.46 -20.88 76.30
CA LYS J 81 -1.65 -20.28 77.61
C LYS J 81 -2.51 -21.17 78.49
N VAL J 82 -3.50 -21.83 77.91
CA VAL J 82 -4.33 -22.76 78.67
C VAL J 82 -3.53 -24.01 79.02
N ARG J 83 -2.75 -24.51 78.06
CA ARG J 83 -2.00 -25.73 78.27
C ARG J 83 -0.97 -25.58 79.38
N LYS J 84 -0.36 -24.40 79.46
CA LYS J 84 0.59 -24.14 80.54
C LYS J 84 -0.10 -24.13 81.89
N VAL J 85 -1.34 -23.65 81.95
CA VAL J 85 -2.04 -23.58 83.22
C VAL J 85 -2.52 -24.96 83.64
N LEU J 86 -3.06 -25.74 82.70
CA LEU J 86 -3.59 -27.05 83.05
C LEU J 86 -2.50 -28.02 83.48
N GLN J 87 -1.25 -27.74 83.18
CA GLN J 87 -0.16 -28.54 83.72
C GLN J 87 0.41 -27.94 84.99
N LEU J 88 0.06 -26.70 85.32
CA LEU J 88 0.35 -26.16 86.63
C LEU J 88 -0.68 -26.56 87.67
N LEU J 89 -1.86 -26.96 87.23
CA LEU J 89 -2.87 -27.51 88.11
C LEU J 89 -2.79 -29.02 88.20
N ARG J 90 -1.79 -29.63 87.56
CA ARG J 90 -1.60 -31.07 87.50
C ARG J 90 -2.82 -31.75 86.89
N LEU J 91 -3.22 -31.34 85.70
CA LEU J 91 -4.38 -31.88 85.01
C LEU J 91 -4.01 -32.30 83.60
N ARG J 92 -2.92 -33.05 83.49
CA ARG J 92 -2.43 -33.45 82.18
C ARG J 92 -3.34 -34.45 81.48
N GLN J 93 -4.25 -35.09 82.19
CA GLN J 93 -5.11 -36.10 81.61
C GLN J 93 -6.57 -35.69 81.77
N ILE J 94 -7.41 -36.16 80.86
CA ILE J 94 -8.84 -35.91 80.95
C ILE J 94 -9.40 -36.65 82.16
N PHE J 95 -10.38 -36.03 82.81
CA PHE J 95 -11.01 -36.54 84.02
C PHE J 95 -10.02 -36.80 85.13
N ASN J 96 -9.03 -35.92 85.26
CA ASN J 96 -8.13 -35.90 86.40
C ASN J 96 -8.66 -34.85 87.38
N GLY J 97 -8.59 -35.16 88.67
CA GLY J 97 -9.04 -34.24 89.69
C GLY J 97 -7.88 -33.73 90.54
N THR J 98 -8.13 -32.61 91.21
CA THR J 98 -7.16 -31.97 92.09
C THR J 98 -7.88 -31.03 93.02
N PHE J 99 -7.37 -30.85 94.24
CA PHE J 99 -7.87 -29.81 95.13
C PHE J 99 -7.03 -28.55 94.97
N VAL J 100 -7.69 -27.41 95.05
CA VAL J 100 -7.06 -26.10 94.93
C VAL J 100 -7.61 -25.21 96.03
N LYS J 101 -6.74 -24.57 96.79
CA LYS J 101 -7.19 -23.59 97.76
C LYS J 101 -7.42 -22.27 97.05
N LEU J 102 -8.51 -21.60 97.39
CA LEU J 102 -8.93 -20.45 96.62
C LEU J 102 -8.36 -19.17 97.18
N ASN J 103 -7.96 -18.29 96.26
CA ASN J 103 -7.50 -16.93 96.54
C ASN J 103 -7.47 -16.18 95.23
N LYS J 104 -7.31 -14.86 95.29
CA LYS J 104 -7.30 -14.02 94.10
C LYS J 104 -6.25 -14.47 93.09
N ALA J 105 -5.12 -14.96 93.57
CA ALA J 105 -4.07 -15.42 92.68
C ALA J 105 -4.39 -16.76 92.05
N SER J 106 -5.37 -17.49 92.58
CA SER J 106 -5.73 -18.80 92.06
C SER J 106 -6.97 -18.80 91.21
N ILE J 107 -7.98 -18.01 91.57
CA ILE J 107 -9.21 -17.95 90.77
C ILE J 107 -8.92 -17.40 89.38
N ASN J 108 -8.02 -16.43 89.29
CA ASN J 108 -7.70 -15.86 88.00
C ASN J 108 -6.94 -16.82 87.11
N MET J 109 -6.35 -17.86 87.67
CA MET J 109 -5.89 -18.96 86.85
C MET J 109 -7.03 -19.88 86.45
N LEU J 110 -8.05 -20.01 87.29
CA LEU J 110 -9.18 -20.85 86.95
C LEU J 110 -10.05 -20.23 85.89
N ARG J 111 -10.03 -18.91 85.74
CA ARG J 111 -10.80 -18.30 84.67
C ARG J 111 -10.17 -18.57 83.31
N ILE J 112 -8.86 -18.78 83.28
CA ILE J 112 -8.16 -19.05 82.04
C ILE J 112 -8.55 -20.39 81.44
N VAL J 113 -8.87 -21.37 82.27
CA VAL J 113 -9.17 -22.71 81.77
C VAL J 113 -10.63 -23.03 81.97
N GLU J 114 -11.47 -22.00 81.96
CA GLU J 114 -12.91 -22.20 82.15
C GLU J 114 -13.57 -23.14 81.15
N PRO J 115 -13.22 -23.16 79.86
CA PRO J 115 -13.83 -24.18 78.99
C PRO J 115 -13.34 -25.58 79.24
N TYR J 116 -12.21 -25.76 79.92
CA TYR J 116 -11.60 -27.08 80.04
C TYR J 116 -11.86 -27.76 81.36
N ILE J 117 -12.28 -27.02 82.38
CA ILE J 117 -12.43 -27.59 83.72
C ILE J 117 -13.90 -27.50 84.11
N ALA J 118 -14.23 -28.22 85.17
CA ALA J 118 -15.56 -28.19 85.77
C ALA J 118 -15.32 -28.25 87.27
N TRP J 119 -15.25 -27.09 87.90
CA TRP J 119 -14.84 -27.02 89.30
C TRP J 119 -15.98 -26.49 90.15
N GLY J 120 -15.83 -26.69 91.45
CA GLY J 120 -16.84 -26.27 92.39
C GLY J 120 -16.32 -26.40 93.80
N TYR J 121 -17.23 -26.38 94.76
CA TYR J 121 -16.82 -26.40 96.15
C TYR J 121 -17.16 -27.75 96.75
N PRO J 122 -16.19 -28.54 97.17
CA PRO J 122 -16.48 -29.91 97.58
C PRO J 122 -17.15 -29.96 98.94
N ASN J 123 -17.78 -31.09 99.20
CA ASN J 123 -18.46 -31.38 100.46
C ASN J 123 -17.54 -32.21 101.34
N LEU J 124 -17.91 -32.33 102.62
CA LEU J 124 -17.11 -33.12 103.54
C LEU J 124 -17.08 -34.59 103.13
N LYS J 125 -18.25 -35.11 102.74
CA LYS J 125 -18.29 -36.47 102.23
C LYS J 125 -17.50 -36.59 100.94
N SER J 126 -17.55 -35.55 100.12
CA SER J 126 -16.85 -35.59 98.83
C SER J 126 -15.35 -35.74 99.01
N VAL J 127 -14.80 -35.19 100.08
CA VAL J 127 -13.38 -35.37 100.32
C VAL J 127 -13.09 -36.78 100.80
N ASN J 128 -13.96 -37.34 101.65
CA ASN J 128 -13.73 -38.67 102.21
C ASN J 128 -13.68 -39.73 101.12
N GLU J 129 -14.63 -39.69 100.19
CA GLU J 129 -14.67 -40.70 99.13
C GLU J 129 -13.47 -40.57 98.21
N LEU J 130 -13.02 -39.35 97.96
CA LEU J 130 -11.90 -39.17 97.04
C LEU J 130 -10.59 -39.64 97.65
N ILE J 131 -10.37 -39.40 98.94
CA ILE J 131 -9.11 -39.81 99.55
C ILE J 131 -9.11 -41.30 99.81
N TYR J 132 -10.24 -41.87 100.19
CA TYR J 132 -10.25 -43.30 100.50
C TYR J 132 -10.21 -44.13 99.24
N LYS J 133 -11.05 -43.83 98.26
CA LYS J 133 -11.14 -44.69 97.09
C LYS J 133 -10.08 -44.37 96.05
N ARG J 134 -9.70 -43.11 95.90
CA ARG J 134 -8.76 -42.73 94.86
C ARG J 134 -7.52 -42.06 95.40
N GLY J 135 -7.22 -42.24 96.67
CA GLY J 135 -6.05 -41.60 97.24
C GLY J 135 -4.77 -42.33 96.91
N TYR J 136 -3.84 -41.64 96.28
CA TYR J 136 -2.54 -42.19 95.96
C TYR J 136 -1.50 -41.14 96.31
N GLY J 137 -0.49 -41.53 97.08
CA GLY J 137 0.54 -40.61 97.52
C GLY J 137 1.70 -40.58 96.55
N LYS J 138 2.28 -39.40 96.35
CA LYS J 138 3.45 -39.24 95.50
C LYS J 138 4.69 -39.49 96.36
N ILE J 139 4.94 -40.75 96.66
CA ILE J 139 6.04 -41.15 97.51
C ILE J 139 7.25 -41.42 96.62
N ASN J 140 8.26 -40.54 96.70
CA ASN J 140 9.51 -40.68 95.95
C ASN J 140 9.25 -40.72 94.46
N LYS J 141 8.42 -39.78 93.99
CA LYS J 141 8.01 -39.66 92.59
C LYS J 141 7.43 -40.98 92.07
N LYS J 142 6.65 -41.63 92.92
CA LYS J 142 6.01 -42.89 92.56
C LYS J 142 4.60 -42.88 93.11
N ARG J 143 3.61 -43.08 92.24
CA ARG J 143 2.22 -43.14 92.66
C ARG J 143 1.96 -44.41 93.47
N ILE J 144 1.78 -44.27 94.77
CA ILE J 144 1.61 -45.41 95.66
C ILE J 144 0.29 -45.25 96.40
N ALA J 145 -0.49 -46.34 96.45
CA ALA J 145 -1.77 -46.29 97.14
C ALA J 145 -1.58 -46.12 98.64
N LEU J 146 -2.61 -45.58 99.29
CA LEU J 146 -2.57 -45.34 100.73
C LEU J 146 -3.32 -46.44 101.45
N THR J 147 -2.65 -47.59 101.56
CA THR J 147 -3.20 -48.75 102.24
C THR J 147 -2.67 -48.89 103.65
N ASP J 148 -1.92 -47.90 104.13
CA ASP J 148 -1.32 -47.97 105.45
C ASP J 148 -0.93 -46.57 105.87
N ASN J 149 -1.09 -46.28 107.17
CA ASN J 149 -0.78 -44.95 107.66
C ASN J 149 0.71 -44.67 107.71
N THR J 150 1.54 -45.69 107.82
CA THR J 150 2.98 -45.46 107.83
C THR J 150 3.53 -45.05 106.48
N LEU J 151 2.69 -44.92 105.45
CA LEU J 151 3.11 -44.30 104.21
C LEU J 151 2.94 -42.80 104.23
N ILE J 152 2.03 -42.29 105.05
CA ILE J 152 1.81 -40.86 105.16
C ILE J 152 2.76 -40.30 106.20
N ALA J 153 2.75 -40.90 107.40
CA ALA J 153 3.57 -40.42 108.49
C ALA J 153 5.05 -40.51 108.18
N ARG J 154 5.44 -41.36 107.24
CA ARG J 154 6.83 -41.41 106.82
C ARG J 154 7.22 -40.14 106.08
N SER J 155 6.30 -39.60 105.28
CA SER J 155 6.61 -38.44 104.46
C SER J 155 5.99 -37.15 104.98
N LEU J 156 4.78 -37.21 105.51
CA LEU J 156 4.10 -36.03 106.04
C LEU J 156 4.21 -35.93 107.55
N GLY J 157 5.17 -36.63 108.15
CA GLY J 157 5.29 -36.60 109.60
C GLY J 157 5.86 -35.30 110.12
N LYS J 158 6.51 -34.52 109.25
CA LYS J 158 7.07 -33.25 109.67
C LYS J 158 6.01 -32.16 109.73
N TYR J 159 4.75 -32.55 109.51
CA TYR J 159 3.65 -31.60 109.57
C TYR J 159 2.52 -32.11 110.45
N ASN J 160 2.81 -33.05 111.35
CA ASN J 160 1.88 -33.65 112.30
C ASN J 160 0.78 -34.46 111.64
N ILE J 161 0.85 -34.63 110.32
CA ILE J 161 -0.08 -35.50 109.61
C ILE J 161 0.46 -36.92 109.68
N ILE J 162 -0.24 -37.79 110.40
CA ILE J 162 0.27 -39.13 110.65
C ILE J 162 -0.80 -40.16 110.35
N CYS J 163 -1.93 -39.73 109.80
CA CYS J 163 -3.01 -40.65 109.50
C CYS J 163 -3.74 -40.14 108.26
N MET J 164 -4.87 -40.76 107.95
CA MET J 164 -5.68 -40.27 106.83
C MET J 164 -6.67 -39.22 107.29
N GLU J 165 -7.20 -39.38 108.50
CA GLU J 165 -8.14 -38.39 109.02
C GLU J 165 -7.44 -37.05 109.22
N ASP J 166 -6.16 -37.08 109.57
CA ASP J 166 -5.37 -35.86 109.55
C ASP J 166 -5.28 -35.29 108.16
N LEU J 167 -4.97 -36.14 107.18
CA LEU J 167 -4.78 -35.69 105.81
C LEU J 167 -6.07 -35.11 105.25
N ILE J 168 -7.21 -35.69 105.62
CA ILE J 168 -8.48 -35.11 105.22
C ILE J 168 -8.71 -33.80 105.96
N HIS J 169 -8.33 -33.74 107.24
CA HIS J 169 -8.54 -32.53 108.02
C HIS J 169 -7.69 -31.38 107.50
N GLU J 170 -6.53 -31.69 106.93
CA GLU J 170 -5.72 -30.64 106.32
C GLU J 170 -6.31 -30.19 105.01
N ILE J 171 -6.82 -31.12 104.21
CA ILE J 171 -7.34 -30.77 102.89
C ILE J 171 -8.67 -30.05 103.04
N TYR J 172 -9.61 -30.65 103.77
CA TYR J 172 -10.96 -30.12 103.87
C TYR J 172 -10.98 -28.76 104.53
N THR J 173 -10.52 -28.70 105.77
CA THR J 173 -10.24 -27.43 106.43
C THR J 173 -8.82 -27.01 106.05
N VAL J 174 -8.74 -26.14 105.03
CA VAL J 174 -7.47 -25.73 104.47
C VAL J 174 -6.63 -25.08 105.55
N GLY J 175 -5.54 -25.74 105.92
CA GLY J 175 -4.68 -25.30 106.99
C GLY J 175 -3.42 -24.65 106.45
N LYS J 176 -2.46 -24.46 107.34
CA LYS J 176 -1.21 -23.83 106.95
C LYS J 176 -0.20 -24.84 106.41
N HIS J 177 -0.60 -26.09 106.25
CA HIS J 177 0.25 -27.10 105.63
C HIS J 177 -0.44 -27.75 104.45
N PHE J 178 -1.41 -27.06 103.85
CA PHE J 178 -2.15 -27.60 102.72
C PHE J 178 -1.24 -27.87 101.54
N LYS J 179 -0.28 -26.98 101.30
CA LYS J 179 0.55 -27.07 100.10
C LYS J 179 1.36 -28.36 100.07
N GLU J 180 2.01 -28.69 101.17
CA GLU J 180 2.73 -29.96 101.24
C GLU J 180 1.77 -31.12 101.29
N ALA J 181 0.60 -30.92 101.89
CA ALA J 181 -0.38 -32.00 101.95
C ALA J 181 -0.98 -32.25 100.58
N ASN J 182 -1.40 -31.18 99.89
CA ASN J 182 -2.10 -31.38 98.62
C ASN J 182 -1.15 -31.81 97.53
N ASN J 183 0.10 -31.34 97.56
CA ASN J 183 1.05 -31.83 96.58
C ASN J 183 1.48 -33.26 96.86
N PHE J 184 1.21 -33.77 98.05
CA PHE J 184 1.52 -35.16 98.35
C PHE J 184 0.60 -36.10 97.60
N LEU J 185 -0.67 -35.78 97.53
CA LEU J 185 -1.61 -36.62 96.81
C LEU J 185 -1.37 -36.55 95.32
N TRP J 186 -1.32 -37.71 94.68
CA TRP J 186 -1.30 -37.79 93.23
C TRP J 186 -2.61 -37.21 92.70
N PRO J 187 -2.61 -36.62 91.51
CA PRO J 187 -3.87 -36.20 90.89
C PRO J 187 -4.84 -37.35 90.77
N PHE J 188 -6.10 -37.12 91.13
CA PHE J 188 -7.05 -38.21 91.20
C PHE J 188 -7.45 -38.64 89.81
N LYS J 189 -7.30 -39.94 89.53
CA LYS J 189 -7.72 -40.52 88.26
C LYS J 189 -9.18 -40.91 88.41
N LEU J 190 -10.06 -39.93 88.24
CA LEU J 190 -11.49 -40.21 88.28
C LEU J 190 -11.91 -40.98 87.05
N SER J 191 -13.07 -41.63 87.14
CA SER J 191 -13.61 -42.38 86.04
C SER J 191 -14.46 -41.49 85.15
N SER J 192 -14.98 -42.07 84.08
CA SER J 192 -15.92 -41.33 83.25
C SER J 192 -17.23 -41.14 84.01
N PRO J 193 -17.93 -40.04 83.77
CA PRO J 193 -19.12 -39.75 84.56
C PRO J 193 -20.27 -40.69 84.28
N ARG J 194 -20.53 -41.59 85.22
CA ARG J 194 -21.66 -42.50 85.10
C ARG J 194 -22.96 -41.73 85.15
N GLY J 195 -23.78 -41.85 84.11
CA GLY J 195 -25.01 -41.10 84.05
C GLY J 195 -24.99 -40.12 82.90
N GLY J 196 -23.79 -39.78 82.44
CA GLY J 196 -23.66 -38.91 81.29
C GLY J 196 -23.72 -37.44 81.63
N MET J 197 -22.83 -36.67 81.02
CA MET J 197 -22.80 -35.22 81.16
C MET J 197 -24.00 -34.61 80.46
N LYS J 198 -24.21 -33.31 80.68
CA LYS J 198 -25.21 -32.60 79.91
C LYS J 198 -24.64 -32.10 78.59
N LYS J 199 -23.56 -31.32 78.65
CA LYS J 199 -22.85 -30.89 77.45
C LYS J 199 -21.43 -30.50 77.81
N LYS J 200 -20.45 -31.20 77.25
CA LYS J 200 -19.05 -30.98 77.60
C LYS J 200 -18.55 -29.61 77.18
N THR J 201 -19.14 -29.03 76.15
CA THR J 201 -18.55 -27.85 75.51
C THR J 201 -18.91 -26.55 76.24
N THR J 202 -20.20 -26.25 76.34
CA THR J 202 -20.60 -24.94 76.83
C THR J 202 -20.51 -24.86 78.35
N HIS J 203 -20.65 -23.63 78.86
CA HIS J 203 -20.53 -23.36 80.28
C HIS J 203 -21.72 -23.91 81.04
N PHE J 204 -21.51 -24.20 82.33
CA PHE J 204 -22.54 -24.83 83.14
C PHE J 204 -23.78 -23.97 83.26
N VAL J 205 -23.60 -22.64 83.24
CA VAL J 205 -24.74 -21.74 83.37
C VAL J 205 -25.63 -21.84 82.16
N GLU J 206 -25.05 -21.88 80.96
CA GLU J 206 -25.86 -22.05 79.76
C GLU J 206 -26.05 -23.51 79.40
N GLY J 207 -26.48 -24.34 80.36
CA GLY J 207 -26.82 -25.71 80.11
C GLY J 207 -25.66 -26.69 80.08
N GLY J 208 -24.44 -26.23 79.82
CA GLY J 208 -23.32 -27.12 79.68
C GLY J 208 -22.77 -27.66 80.98
N ASP J 209 -21.47 -27.98 81.00
CA ASP J 209 -20.85 -28.61 82.16
C ASP J 209 -19.53 -27.98 82.56
N ALA J 210 -18.97 -27.09 81.76
CA ALA J 210 -17.73 -26.42 82.11
C ALA J 210 -18.02 -25.24 83.01
N GLY J 211 -17.06 -24.92 83.87
CA GLY J 211 -17.18 -23.75 84.72
C GLY J 211 -17.45 -24.10 86.16
N ASN J 212 -17.83 -23.06 86.91
CA ASN J 212 -17.97 -23.16 88.35
C ASN J 212 -19.37 -23.59 88.74
N ARG J 213 -19.60 -24.90 88.85
CA ARG J 213 -20.85 -25.43 89.37
C ARG J 213 -20.81 -25.58 90.88
N GLU J 214 -20.97 -24.48 91.61
CA GLU J 214 -20.48 -24.28 92.98
C GLU J 214 -20.70 -25.42 93.95
N ASP J 215 -21.95 -25.75 94.27
CA ASP J 215 -22.18 -26.86 95.18
C ASP J 215 -22.51 -28.13 94.43
N GLN J 216 -22.89 -28.01 93.16
CA GLN J 216 -23.27 -29.18 92.37
C GLN J 216 -22.09 -30.07 92.04
N ILE J 217 -20.87 -29.61 92.31
CA ILE J 217 -19.70 -30.45 92.08
C ILE J 217 -19.74 -31.71 92.93
N ASN J 218 -20.47 -31.69 94.04
CA ASN J 218 -20.60 -32.88 94.85
C ASN J 218 -21.40 -33.95 94.14
N ARG J 219 -22.42 -33.55 93.38
CA ARG J 219 -23.17 -34.53 92.59
C ARG J 219 -22.30 -35.13 91.50
N LEU J 220 -21.43 -34.32 90.91
CA LEU J 220 -20.55 -34.81 89.85
C LEU J 220 -19.55 -35.82 90.38
N ILE J 221 -19.12 -35.64 91.63
CA ILE J 221 -18.12 -36.55 92.19
C ILE J 221 -18.73 -37.92 92.42
N ARG J 222 -19.92 -37.98 93.02
CA ARG J 222 -20.62 -39.22 93.35
C ARG J 222 -20.74 -40.15 92.16
N ARG J 223 -20.85 -39.59 90.97
CA ARG J 223 -20.93 -40.39 89.75
C ARG J 223 -19.56 -40.70 89.18
N MET J 224 -18.67 -39.71 89.13
CA MET J 224 -17.34 -39.96 88.59
C MET J 224 -16.46 -40.75 89.54
N ASN J 225 -16.77 -40.74 90.83
CA ASN J 225 -15.99 -41.50 91.80
C ASN J 225 -16.72 -42.77 92.20
N VAL K 1 91.27 -36.47 -69.35
CA VAL K 1 92.04 -37.21 -68.35
C VAL K 1 91.12 -37.65 -67.21
N VAL K 2 90.33 -36.71 -66.70
CA VAL K 2 89.45 -36.96 -65.58
C VAL K 2 88.07 -37.35 -66.14
N ASN K 3 87.39 -38.24 -65.41
CA ASN K 3 86.04 -38.65 -65.75
C ASN K 3 85.11 -37.45 -65.67
N PRO K 4 84.46 -37.06 -66.77
CA PRO K 4 83.65 -35.83 -66.76
C PRO K 4 82.32 -35.98 -66.02
N LEU K 5 82.07 -37.15 -65.44
CA LEU K 5 80.92 -37.32 -64.57
C LEU K 5 81.16 -36.80 -63.17
N PHE K 6 82.42 -36.55 -62.80
CA PHE K 6 82.77 -36.06 -61.47
C PHE K 6 82.39 -34.59 -61.37
N GLU K 7 81.22 -34.31 -60.80
CA GLU K 7 80.69 -32.97 -60.78
C GLU K 7 80.54 -32.50 -59.34
N LYS K 8 81.00 -31.28 -59.09
CA LYS K 8 81.01 -30.73 -57.74
C LYS K 8 79.60 -30.23 -57.41
N ARG K 9 79.00 -30.83 -56.39
CA ARG K 9 77.64 -30.47 -56.02
C ARG K 9 77.63 -29.77 -54.68
N PRO K 10 77.62 -28.44 -54.65
CA PRO K 10 77.64 -27.72 -53.37
C PRO K 10 76.30 -27.80 -52.65
N LYS K 11 76.35 -27.55 -51.35
CA LYS K 11 75.17 -27.47 -50.51
C LYS K 11 75.09 -26.06 -49.95
N ASN K 12 74.11 -25.30 -50.42
CA ASN K 12 73.99 -23.89 -50.07
C ASN K 12 73.40 -23.80 -48.68
N PHE K 13 74.23 -23.50 -47.69
CA PHE K 13 73.79 -23.42 -46.31
C PHE K 13 73.16 -22.09 -45.96
N GLY K 14 72.19 -21.63 -46.75
CA GLY K 14 71.50 -20.40 -46.45
C GLY K 14 70.48 -20.58 -45.36
N ILE K 15 69.73 -19.52 -45.10
CA ILE K 15 68.63 -19.61 -44.15
C ILE K 15 67.48 -20.33 -44.82
N GLY K 16 67.22 -21.56 -44.39
CA GLY K 16 66.12 -22.32 -44.93
C GLY K 16 66.32 -22.79 -46.35
N GLN K 17 67.56 -22.87 -46.79
CA GLN K 17 67.84 -23.37 -48.13
C GLN K 17 68.16 -24.85 -48.04
N ASP K 18 69.23 -25.18 -47.35
CA ASP K 18 69.61 -26.55 -47.09
C ASP K 18 69.78 -26.77 -45.58
N ILE K 19 69.93 -28.03 -45.21
CA ILE K 19 70.04 -28.39 -43.80
C ILE K 19 71.48 -28.19 -43.36
N GLN K 20 71.67 -27.50 -42.24
CA GLN K 20 72.96 -27.17 -41.66
C GLN K 20 73.76 -28.42 -41.40
N PRO K 21 75.08 -28.38 -41.54
CA PRO K 21 75.90 -29.56 -41.27
C PRO K 21 76.03 -29.78 -39.77
N LYS K 22 76.73 -30.85 -39.40
CA LYS K 22 76.91 -31.19 -38.00
C LYS K 22 78.07 -30.37 -37.44
N ARG K 23 77.82 -29.09 -37.28
CA ARG K 23 78.84 -28.21 -36.74
C ARG K 23 78.97 -28.41 -35.24
N ASP K 24 80.07 -27.91 -34.70
CA ASP K 24 80.38 -28.11 -33.30
C ASP K 24 79.40 -27.36 -32.41
N LEU K 25 78.97 -28.02 -31.34
CA LEU K 25 78.00 -27.42 -30.42
C LEU K 25 78.48 -27.47 -28.98
N THR K 26 79.78 -27.36 -28.72
CA THR K 26 80.28 -27.51 -27.37
C THR K 26 80.04 -26.27 -26.53
N ARG K 27 79.33 -25.29 -27.08
CA ARG K 27 79.01 -24.09 -26.33
C ARG K 27 77.59 -24.03 -25.83
N PHE K 28 76.67 -24.77 -26.44
CA PHE K 28 75.27 -24.70 -26.05
C PHE K 28 74.76 -26.00 -25.47
N VAL K 29 75.65 -26.94 -25.15
CA VAL K 29 75.22 -28.21 -24.59
C VAL K 29 74.58 -27.99 -23.22
N LYS K 30 73.43 -28.62 -23.00
CA LYS K 30 72.86 -28.68 -21.66
C LYS K 30 73.71 -29.64 -20.85
N TRP K 31 74.71 -29.08 -20.18
CA TRP K 31 75.62 -29.87 -19.39
C TRP K 31 74.91 -30.49 -18.20
N PRO K 32 75.47 -31.55 -17.61
CA PRO K 32 74.91 -32.07 -16.37
C PRO K 32 74.96 -31.05 -15.26
N ARG K 33 74.20 -31.33 -14.22
CA ARG K 33 74.14 -30.42 -13.08
C ARG K 33 75.50 -30.29 -12.40
N TYR K 34 76.34 -31.32 -12.45
CA TYR K 34 77.57 -31.22 -11.67
C TYR K 34 78.64 -30.46 -12.42
N ILE K 35 78.60 -30.47 -13.75
CA ILE K 35 79.55 -29.71 -14.54
C ILE K 35 79.13 -28.24 -14.58
N ARG K 36 77.83 -28.00 -14.71
CA ARG K 36 77.30 -26.65 -14.72
C ARG K 36 77.66 -25.92 -13.44
N LEU K 37 77.50 -26.60 -12.30
CA LEU K 37 77.93 -26.02 -11.03
C LEU K 37 79.44 -25.89 -10.98
N GLN K 38 80.15 -26.84 -11.58
CA GLN K 38 81.61 -26.89 -11.49
C GLN K 38 82.27 -25.68 -12.13
N ARG K 39 81.58 -25.03 -13.07
CA ARG K 39 82.11 -23.89 -13.79
C ARG K 39 81.64 -22.57 -13.20
N GLN K 40 80.35 -22.45 -12.90
CA GLN K 40 79.86 -21.14 -12.47
C GLN K 40 80.22 -20.87 -11.02
N ARG K 41 80.87 -21.81 -10.37
CA ARG K 41 81.58 -21.50 -9.13
C ARG K 41 82.95 -20.94 -9.40
N ALA K 42 83.49 -21.11 -10.60
CA ALA K 42 84.77 -20.50 -10.94
C ALA K 42 84.56 -19.08 -11.45
N ILE K 43 83.41 -18.81 -12.05
CA ILE K 43 83.05 -17.44 -12.42
C ILE K 43 82.92 -16.58 -11.18
N LEU K 44 82.40 -17.15 -10.09
CA LEU K 44 82.28 -16.42 -8.84
C LEU K 44 83.64 -16.07 -8.25
N TYR K 45 84.67 -16.82 -8.60
CA TYR K 45 86.01 -16.41 -8.21
C TYR K 45 86.61 -15.41 -9.16
N LYS K 46 85.86 -14.96 -10.16
CA LYS K 46 86.28 -13.88 -11.04
C LYS K 46 85.21 -12.80 -11.13
N ARG K 47 84.21 -12.84 -10.26
CA ARG K 47 83.17 -11.82 -10.24
C ARG K 47 83.22 -11.01 -8.96
N LEU K 48 83.14 -11.70 -7.83
CA LEU K 48 83.02 -11.02 -6.55
C LEU K 48 84.39 -10.55 -6.10
N LYS K 49 84.41 -9.49 -5.28
CA LYS K 49 85.67 -8.97 -4.80
C LYS K 49 86.28 -9.94 -3.81
N VAL K 50 87.21 -10.75 -4.28
CA VAL K 50 87.87 -11.76 -3.44
C VAL K 50 88.72 -11.03 -2.41
N PRO K 51 88.59 -11.35 -1.13
CA PRO K 51 89.42 -10.69 -0.13
C PRO K 51 90.86 -11.06 -0.31
N PRO K 52 91.78 -10.22 0.17
CA PRO K 52 93.20 -10.43 -0.14
C PRO K 52 93.79 -11.71 0.42
N ALA K 53 93.22 -12.26 1.48
CA ALA K 53 93.76 -13.48 2.05
C ALA K 53 93.53 -14.69 1.16
N ILE K 54 92.54 -14.63 0.28
CA ILE K 54 92.26 -15.73 -0.63
C ILE K 54 92.74 -15.43 -2.04
N ASN K 55 92.73 -14.16 -2.42
CA ASN K 55 93.27 -13.77 -3.71
C ASN K 55 94.76 -14.07 -3.83
N GLN K 56 95.46 -14.12 -2.72
CA GLN K 56 96.91 -14.26 -2.76
C GLN K 56 97.37 -15.59 -3.23
N PHE K 57 96.50 -16.52 -3.58
CA PHE K 57 96.93 -17.79 -4.13
C PHE K 57 96.77 -17.86 -5.63
N THR K 58 96.15 -16.85 -6.24
CA THR K 58 96.18 -16.75 -7.70
C THR K 58 97.58 -16.44 -8.19
N GLN K 59 98.29 -15.54 -7.49
CA GLN K 59 99.69 -15.34 -7.77
C GLN K 59 100.47 -16.56 -7.29
N VAL K 60 101.23 -17.18 -8.21
CA VAL K 60 101.85 -18.46 -7.96
C VAL K 60 103.31 -18.41 -8.42
N LEU K 61 104.01 -19.51 -8.17
CA LEU K 61 105.38 -19.63 -8.60
C LEU K 61 105.44 -19.89 -10.11
N ASP K 62 106.45 -19.33 -10.76
CA ASP K 62 106.65 -19.53 -12.19
C ASP K 62 107.13 -20.96 -12.44
N ARG K 63 107.07 -21.38 -13.71
CA ARG K 63 107.31 -22.76 -14.07
C ARG K 63 108.77 -23.14 -13.95
N GLN K 64 109.63 -22.42 -14.65
CA GLN K 64 111.03 -22.82 -14.85
C GLN K 64 111.80 -22.89 -13.55
N THR K 65 111.42 -22.08 -12.55
CA THR K 65 112.04 -22.22 -11.24
C THR K 65 111.41 -23.35 -10.45
N ALA K 66 110.13 -23.66 -10.71
CA ALA K 66 109.47 -24.72 -9.96
C ALA K 66 110.01 -26.08 -10.33
N THR K 67 110.54 -26.23 -11.56
CA THR K 67 111.20 -27.48 -11.91
C THR K 67 112.46 -27.68 -11.09
N GLN K 68 113.15 -26.59 -10.74
CA GLN K 68 114.29 -26.71 -9.84
C GLN K 68 113.84 -27.07 -8.44
N LEU K 69 112.71 -26.51 -8.01
CA LEU K 69 112.22 -26.70 -6.65
C LEU K 69 111.89 -28.15 -6.39
N LEU K 70 111.16 -28.78 -7.31
CA LEU K 70 110.80 -30.17 -7.12
C LEU K 70 112.02 -31.08 -7.28
N LYS K 71 112.88 -30.78 -8.24
CA LYS K 71 114.05 -31.62 -8.48
C LYS K 71 115.02 -31.55 -7.31
N LEU K 72 115.21 -30.36 -6.75
CA LEU K 72 115.96 -30.24 -5.50
C LEU K 72 115.31 -31.09 -4.42
N ALA K 73 113.99 -31.02 -4.30
CA ALA K 73 113.29 -31.77 -3.28
C ALA K 73 113.15 -33.25 -3.62
N HIS K 74 113.43 -33.64 -4.87
CA HIS K 74 113.22 -35.03 -5.28
C HIS K 74 114.22 -35.99 -4.65
N LYS K 75 115.32 -35.49 -4.10
CA LYS K 75 116.19 -36.33 -3.29
C LYS K 75 115.82 -36.30 -1.83
N TYR K 76 115.11 -35.28 -1.37
CA TYR K 76 114.72 -35.16 0.02
C TYR K 76 113.38 -35.79 0.32
N ARG K 77 112.87 -36.63 -0.57
CA ARG K 77 111.63 -37.35 -0.30
C ARG K 77 111.83 -38.25 0.91
N PRO K 78 110.85 -38.37 1.80
CA PRO K 78 110.98 -39.32 2.91
C PRO K 78 111.01 -40.74 2.40
N GLU K 79 111.53 -41.64 3.24
CA GLU K 79 111.68 -43.04 2.87
C GLU K 79 110.33 -43.66 2.61
N THR K 80 110.26 -44.47 1.56
CA THR K 80 109.01 -45.10 1.16
C THR K 80 108.64 -46.20 2.14
N LYS K 81 107.48 -46.81 1.88
CA LYS K 81 107.06 -47.97 2.66
C LYS K 81 108.03 -49.13 2.45
N GLN K 82 108.63 -49.23 1.26
CA GLN K 82 109.54 -50.33 0.97
C GLN K 82 110.90 -50.09 1.59
N GLU K 83 111.40 -48.86 1.56
CA GLU K 83 112.69 -48.56 2.16
C GLU K 83 112.63 -48.56 3.68
N LYS K 84 111.43 -48.44 4.25
CA LYS K 84 111.31 -48.40 5.70
C LYS K 84 111.64 -49.76 6.31
N LYS K 85 111.11 -50.84 5.73
CA LYS K 85 111.44 -52.17 6.22
C LYS K 85 112.86 -52.58 5.88
N GLN K 86 113.44 -52.05 4.81
CA GLN K 86 114.84 -52.27 4.52
C GLN K 86 115.75 -51.48 5.45
N ARG K 87 115.29 -50.34 5.97
CA ARG K 87 116.01 -49.59 6.98
C ARG K 87 115.79 -50.13 8.38
N LEU K 88 114.98 -51.18 8.53
CA LEU K 88 114.82 -51.86 9.80
C LEU K 88 115.43 -53.25 9.80
N LEU K 89 115.92 -53.73 8.66
CA LEU K 89 116.73 -54.93 8.61
C LEU K 89 118.20 -54.60 8.80
N ALA K 90 118.64 -53.39 8.47
CA ALA K 90 120.00 -52.96 8.77
C ALA K 90 120.25 -52.90 10.27
N ARG K 91 119.32 -52.32 11.03
CA ARG K 91 119.38 -52.38 12.48
C ARG K 91 119.22 -53.79 13.02
N ALA K 92 118.60 -54.69 12.25
CA ALA K 92 118.37 -56.05 12.69
C ALA K 92 119.63 -56.91 12.65
N GLU K 93 120.64 -56.50 11.89
CA GLU K 93 121.90 -57.23 11.87
C GLU K 93 122.96 -56.62 12.77
N LYS K 94 122.92 -55.30 12.99
CA LYS K 94 123.91 -54.64 13.84
C LYS K 94 123.81 -55.05 15.30
N LYS K 95 122.67 -55.60 15.72
CA LYS K 95 122.57 -56.26 17.01
C LYS K 95 122.79 -57.76 16.91
N ALA K 96 122.49 -58.36 15.76
CA ALA K 96 122.62 -59.80 15.60
C ALA K 96 124.02 -60.24 15.19
N ALA K 97 124.84 -59.33 14.67
CA ALA K 97 126.21 -59.67 14.30
C ALA K 97 127.20 -59.18 15.35
N LYS K 105 123.03 -42.54 12.01
CA LYS K 105 122.44 -41.21 11.89
C LYS K 105 121.47 -41.17 10.72
N ARG K 106 120.34 -40.48 10.90
CA ARG K 106 119.35 -40.31 9.86
C ARG K 106 119.56 -38.99 9.15
N PRO K 107 119.64 -38.99 7.82
CA PRO K 107 119.77 -37.73 7.08
C PRO K 107 118.49 -36.94 7.13
N PRO K 108 118.52 -35.64 6.82
CA PRO K 108 117.29 -34.86 6.80
C PRO K 108 116.40 -35.25 5.64
N VAL K 109 115.09 -35.15 5.87
CA VAL K 109 114.08 -35.46 4.87
C VAL K 109 113.10 -34.28 4.80
N LEU K 110 112.11 -34.42 3.94
CA LEU K 110 111.08 -33.41 3.80
C LEU K 110 110.12 -33.47 4.99
N ARG K 111 109.21 -32.51 5.03
CA ARG K 111 108.19 -32.45 6.07
C ARG K 111 106.86 -32.11 5.42
N ALA K 112 105.91 -33.03 5.47
CA ALA K 112 104.59 -32.81 4.89
C ALA K 112 103.57 -32.59 5.98
N GLY K 113 102.39 -32.13 5.57
CA GLY K 113 101.30 -31.92 6.49
C GLY K 113 101.37 -30.57 7.19
N VAL K 114 100.26 -29.84 7.23
CA VAL K 114 100.26 -28.51 7.83
C VAL K 114 100.50 -28.59 9.32
N ASN K 115 99.87 -29.57 9.98
CA ASN K 115 100.00 -29.71 11.42
C ASN K 115 101.39 -30.09 11.87
N THR K 116 102.26 -30.49 10.95
CA THR K 116 103.66 -30.65 11.25
C THR K 116 104.52 -29.51 10.75
N VAL K 117 104.11 -28.81 9.69
CA VAL K 117 104.89 -27.70 9.18
C VAL K 117 104.79 -26.50 10.08
N THR K 118 103.58 -26.15 10.51
CA THR K 118 103.39 -24.99 11.38
C THR K 118 104.11 -25.18 12.71
N THR K 119 104.18 -26.41 13.19
CA THR K 119 104.88 -26.67 14.44
C THR K 119 106.38 -26.47 14.30
N LEU K 120 106.90 -26.51 13.07
CA LEU K 120 108.29 -26.17 12.84
C LEU K 120 108.46 -24.85 12.10
N VAL K 121 107.41 -24.05 12.02
CA VAL K 121 107.52 -22.67 11.57
C VAL K 121 107.52 -21.81 12.81
N GLU K 122 106.69 -22.18 13.79
CA GLU K 122 106.71 -21.48 15.07
C GLU K 122 108.04 -21.67 15.78
N ASN K 123 108.70 -22.80 15.56
CA ASN K 123 110.04 -22.97 16.08
C ASN K 123 111.10 -22.45 15.12
N LYS K 124 110.68 -21.96 13.95
CA LYS K 124 111.55 -21.37 12.94
C LYS K 124 112.63 -22.36 12.50
N LYS K 125 112.24 -23.61 12.35
CA LYS K 125 113.20 -24.63 11.90
C LYS K 125 113.26 -24.75 10.39
N ALA K 126 112.25 -24.28 9.67
CA ALA K 126 112.22 -24.47 8.23
C ALA K 126 113.14 -23.48 7.54
N GLN K 127 113.44 -23.78 6.28
CA GLN K 127 114.10 -22.85 5.39
C GLN K 127 113.24 -22.41 4.22
N LEU K 128 112.30 -23.25 3.79
CA LEU K 128 111.43 -22.91 2.68
C LEU K 128 110.17 -23.75 2.80
N VAL K 129 109.03 -23.10 3.01
CA VAL K 129 107.74 -23.78 3.15
C VAL K 129 106.98 -23.61 1.85
N VAL K 130 106.68 -24.71 1.19
CA VAL K 130 105.96 -24.68 -0.07
C VAL K 130 104.52 -25.05 0.20
N ILE K 131 103.60 -24.31 -0.42
CA ILE K 131 102.18 -24.52 -0.20
C ILE K 131 101.59 -24.92 -1.53
N ALA K 132 100.30 -25.18 -1.59
CA ALA K 132 99.61 -25.53 -2.82
C ALA K 132 98.43 -24.59 -2.97
N HIS K 133 98.25 -24.07 -4.18
CA HIS K 133 97.28 -23.00 -4.37
C HIS K 133 95.84 -23.52 -4.37
N ASP K 134 95.64 -24.82 -4.56
CA ASP K 134 94.32 -25.33 -4.89
C ASP K 134 93.70 -26.19 -3.81
N VAL K 135 93.93 -25.88 -2.54
CA VAL K 135 93.29 -26.68 -1.49
C VAL K 135 91.83 -26.28 -1.41
N ASP K 136 90.96 -27.27 -1.26
CA ASP K 136 89.52 -26.99 -1.40
C ASP K 136 89.01 -26.22 -0.20
N PRO K 137 89.03 -26.74 1.05
CA PRO K 137 88.65 -25.83 2.13
C PRO K 137 89.81 -24.92 2.48
N ILE K 138 89.94 -23.84 1.71
CA ILE K 138 91.08 -22.94 1.67
C ILE K 138 91.46 -22.43 3.06
N GLU K 139 90.51 -22.49 4.00
CA GLU K 139 90.73 -22.13 5.39
C GLU K 139 91.88 -22.90 6.01
N LEU K 140 92.19 -24.07 5.48
CA LEU K 140 93.29 -24.87 6.00
C LEU K 140 94.64 -24.25 5.74
N VAL K 141 94.72 -23.22 4.91
CA VAL K 141 96.01 -22.65 4.57
C VAL K 141 96.07 -21.17 4.92
N VAL K 142 95.04 -20.42 4.55
CA VAL K 142 95.04 -18.95 4.47
C VAL K 142 95.74 -18.23 5.60
N PHE K 143 95.77 -18.82 6.79
CA PHE K 143 96.55 -18.27 7.88
C PHE K 143 98.05 -18.34 7.58
N LEU K 144 98.49 -19.41 6.91
CA LEU K 144 99.90 -19.76 6.77
C LEU K 144 100.77 -18.67 6.10
N PRO K 145 100.43 -18.14 4.92
CA PRO K 145 101.36 -17.19 4.29
C PRO K 145 101.52 -15.91 5.09
N ALA K 146 100.48 -15.51 5.82
CA ALA K 146 100.61 -14.39 6.74
C ALA K 146 101.44 -14.73 7.97
N LEU K 147 101.67 -16.01 8.24
CA LEU K 147 102.43 -16.40 9.42
C LEU K 147 103.87 -16.75 9.10
N CYS K 148 104.14 -17.31 7.92
CA CYS K 148 105.53 -17.48 7.50
C CYS K 148 106.21 -16.13 7.33
N ARG K 149 105.46 -15.12 6.89
CA ARG K 149 106.02 -13.79 6.79
C ARG K 149 106.34 -13.22 8.16
N LYS K 150 105.51 -13.52 9.16
CA LYS K 150 105.72 -12.95 10.48
C LYS K 150 106.99 -13.48 11.12
N MET K 151 107.17 -14.79 11.12
CA MET K 151 108.30 -15.37 11.80
C MET K 151 109.49 -15.56 10.86
N GLY K 152 109.46 -14.87 9.73
CA GLY K 152 110.58 -14.79 8.82
C GLY K 152 110.97 -16.10 8.18
N VAL K 153 109.99 -16.87 7.72
CA VAL K 153 110.31 -18.11 7.02
C VAL K 153 109.93 -17.93 5.57
N PRO K 154 110.88 -18.10 4.64
CA PRO K 154 110.56 -17.95 3.22
C PRO K 154 109.52 -18.95 2.74
N TYR K 155 108.42 -18.46 2.20
CA TYR K 155 107.38 -19.32 1.68
C TYR K 155 107.18 -19.04 0.19
N CYS K 156 106.45 -19.92 -0.45
CA CYS K 156 106.09 -19.77 -1.86
C CYS K 156 104.82 -20.57 -2.08
N ILE K 157 104.22 -20.41 -3.25
CA ILE K 157 102.99 -21.09 -3.59
C ILE K 157 103.19 -21.83 -4.91
N LEU K 158 103.00 -23.13 -4.88
CA LEU K 158 103.20 -23.98 -6.05
C LEU K 158 101.84 -24.38 -6.60
N LYS K 159 101.72 -24.35 -7.92
CA LYS K 159 100.47 -24.67 -8.59
C LYS K 159 100.28 -26.18 -8.58
N GLY K 160 99.32 -26.66 -7.79
CA GLY K 160 98.92 -28.05 -7.85
C GLY K 160 99.28 -28.86 -6.61
N LYS K 161 98.27 -29.16 -5.79
CA LYS K 161 98.49 -30.04 -4.65
C LYS K 161 98.73 -31.49 -5.08
N ALA K 162 98.36 -31.83 -6.31
CA ALA K 162 98.61 -33.19 -6.80
C ALA K 162 100.09 -33.42 -7.01
N ARG K 163 100.73 -32.57 -7.81
CA ARG K 163 102.16 -32.70 -8.03
C ARG K 163 102.94 -32.45 -6.76
N LEU K 164 102.38 -31.68 -5.83
CA LEU K 164 103.00 -31.60 -4.50
C LEU K 164 102.84 -32.92 -3.77
N GLY K 165 101.67 -33.54 -3.89
CA GLY K 165 101.45 -34.84 -3.28
C GLY K 165 102.03 -35.99 -4.10
N ARG K 166 102.95 -35.68 -5.00
CA ARG K 166 103.69 -36.72 -5.70
C ARG K 166 105.06 -36.93 -5.08
N LEU K 167 105.59 -35.92 -4.40
CA LEU K 167 106.86 -36.11 -3.71
C LEU K 167 106.70 -37.09 -2.56
N VAL K 168 105.89 -36.74 -1.58
CA VAL K 168 105.37 -37.71 -0.64
C VAL K 168 104.35 -38.55 -1.39
N HIS K 169 104.53 -39.87 -1.36
CA HIS K 169 103.70 -40.71 -2.19
C HIS K 169 102.31 -40.85 -1.60
N ARG K 170 101.48 -39.82 -1.79
CA ARG K 170 100.08 -39.86 -1.40
C ARG K 170 99.26 -39.47 -2.61
N LYS K 171 97.96 -39.28 -2.41
CA LYS K 171 97.13 -38.72 -3.45
C LYS K 171 97.37 -37.24 -3.60
N THR K 172 97.55 -36.54 -2.48
CA THR K 172 97.77 -35.11 -2.50
C THR K 172 98.46 -34.70 -1.20
N CYS K 173 98.83 -33.42 -1.14
CA CYS K 173 99.42 -32.84 0.05
C CYS K 173 99.28 -31.32 -0.01
N THR K 174 99.15 -30.69 1.15
CA THR K 174 98.95 -29.24 1.16
C THR K 174 100.27 -28.49 1.26
N THR K 175 101.09 -28.81 2.25
CA THR K 175 102.34 -28.10 2.47
C THR K 175 103.52 -29.06 2.60
N VAL K 176 104.69 -28.54 2.25
CA VAL K 176 105.94 -29.27 2.29
C VAL K 176 107.01 -28.33 2.80
N ALA K 177 107.79 -28.79 3.78
CA ALA K 177 108.77 -27.94 4.44
C ALA K 177 110.17 -28.49 4.29
N PHE K 178 111.14 -27.57 4.26
CA PHE K 178 112.57 -27.86 4.19
C PHE K 178 113.17 -27.52 5.55
N THR K 179 113.15 -28.49 6.47
CA THR K 179 113.74 -28.26 7.78
C THR K 179 115.25 -28.06 7.67
N GLN K 180 115.96 -29.05 7.12
CA GLN K 180 117.39 -28.98 6.87
C GLN K 180 117.67 -29.52 5.49
N VAL K 181 118.89 -29.30 5.02
CA VAL K 181 119.35 -29.78 3.72
C VAL K 181 120.75 -30.35 3.89
N ASN K 182 121.27 -30.93 2.82
CA ASN K 182 122.66 -31.35 2.80
C ASN K 182 123.58 -30.16 2.54
N SER K 183 124.88 -30.42 2.63
CA SER K 183 125.87 -29.37 2.43
C SER K 183 126.14 -29.08 0.96
N GLU K 184 126.10 -30.10 0.10
CA GLU K 184 126.34 -29.83 -1.32
C GLU K 184 125.13 -29.14 -1.95
N ASP K 185 123.94 -29.37 -1.42
CA ASP K 185 122.75 -28.66 -1.85
C ASP K 185 122.45 -27.46 -0.98
N LYS K 186 123.31 -27.15 -0.01
CA LYS K 186 123.13 -25.98 0.84
C LYS K 186 123.09 -24.71 0.01
N GLY K 187 124.12 -24.48 -0.79
CA GLY K 187 124.12 -23.33 -1.67
C GLY K 187 123.13 -23.46 -2.80
N ALA K 188 122.79 -24.70 -3.17
CA ALA K 188 121.72 -24.91 -4.16
C ALA K 188 120.39 -24.42 -3.63
N LEU K 189 120.20 -24.45 -2.31
CA LEU K 189 118.99 -23.89 -1.74
C LEU K 189 119.06 -22.36 -1.69
N ALA K 190 120.25 -21.82 -1.41
CA ALA K 190 120.40 -20.38 -1.19
C ALA K 190 119.97 -19.58 -2.41
N LYS K 191 120.29 -20.08 -3.60
CA LYS K 191 119.84 -19.42 -4.82
C LYS K 191 118.34 -19.52 -5.02
N LEU K 192 117.69 -20.50 -4.38
CA LEU K 192 116.24 -20.54 -4.46
C LEU K 192 115.60 -19.58 -3.46
N VAL K 193 116.20 -19.43 -2.28
CA VAL K 193 115.60 -18.61 -1.23
C VAL K 193 115.51 -17.16 -1.68
N GLU K 194 116.61 -16.61 -2.19
CA GLU K 194 116.69 -15.19 -2.51
C GLU K 194 115.73 -14.84 -3.64
N ALA K 195 115.66 -15.70 -4.66
CA ALA K 195 114.74 -15.47 -5.76
C ALA K 195 113.28 -15.59 -5.33
N ILE K 196 113.02 -16.32 -4.26
CA ILE K 196 111.66 -16.50 -3.78
C ILE K 196 111.28 -15.43 -2.77
N ARG K 197 112.19 -15.14 -1.84
CA ARG K 197 111.93 -14.14 -0.82
C ARG K 197 111.67 -12.76 -1.42
N THR K 198 112.22 -12.49 -2.61
CA THR K 198 112.02 -11.19 -3.23
C THR K 198 110.68 -11.08 -3.94
N ASN K 199 109.83 -12.09 -3.78
CA ASN K 199 108.55 -12.09 -4.46
C ASN K 199 107.40 -12.41 -3.51
N TYR K 200 107.70 -13.03 -2.39
CA TYR K 200 106.66 -13.49 -1.48
C TYR K 200 106.76 -12.86 -0.10
N ASN K 201 107.94 -12.85 0.49
CA ASN K 201 108.05 -12.38 1.87
C ASN K 201 108.13 -10.87 1.95
N ASP K 202 109.11 -10.28 1.26
CA ASP K 202 109.28 -8.83 1.31
C ASP K 202 108.19 -8.10 0.55
N ARG K 203 107.43 -8.81 -0.27
CA ARG K 203 106.41 -8.24 -1.14
C ARG K 203 105.05 -8.31 -0.47
N TYR K 204 105.05 -8.23 0.86
CA TYR K 204 103.89 -8.58 1.68
C TYR K 204 102.81 -7.51 1.66
N ASP K 205 103.20 -6.27 1.96
CA ASP K 205 102.25 -5.17 2.11
C ASP K 205 101.45 -4.94 0.84
N GLU K 206 102.05 -5.26 -0.32
CA GLU K 206 101.29 -5.21 -1.56
C GLU K 206 100.24 -6.32 -1.62
N ILE K 207 100.56 -7.50 -1.08
CA ILE K 207 99.65 -8.63 -1.13
C ILE K 207 98.47 -8.47 -0.19
N ARG K 208 98.67 -7.84 0.97
CA ARG K 208 97.58 -7.65 1.93
C ARG K 208 96.46 -6.77 1.40
N ARG K 209 96.68 -6.04 0.30
CA ARG K 209 95.67 -5.16 -0.25
C ARG K 209 95.42 -5.44 -1.71
N HIS K 210 95.47 -6.71 -2.11
CA HIS K 210 95.21 -7.11 -3.49
C HIS K 210 93.89 -7.87 -3.52
N TRP K 211 92.82 -7.19 -3.90
CA TRP K 211 91.50 -7.79 -4.00
C TRP K 211 91.34 -8.39 -5.39
N GLY K 212 91.23 -9.71 -5.46
CA GLY K 212 90.99 -10.36 -6.73
C GLY K 212 89.54 -10.30 -7.14
N GLY K 213 89.31 -10.52 -8.43
CA GLY K 213 87.95 -10.47 -8.95
C GLY K 213 87.55 -9.07 -9.37
N ASN K 214 86.27 -8.76 -9.18
CA ASN K 214 85.58 -7.58 -9.67
C ASN K 214 85.69 -7.45 -11.19
N VAL K 215 85.77 -8.55 -11.89
CA VAL K 215 85.84 -8.53 -13.34
C VAL K 215 84.46 -8.80 -13.90
N LEU K 216 84.04 -8.01 -14.88
CA LEU K 216 82.80 -8.27 -15.60
C LEU K 216 83.08 -9.20 -16.76
N GLY K 217 82.03 -9.85 -17.22
CA GLY K 217 82.15 -10.86 -18.25
C GLY K 217 82.58 -10.29 -19.58
N PRO K 218 83.12 -11.14 -20.44
CA PRO K 218 83.53 -10.69 -21.77
C PRO K 218 82.36 -10.25 -22.64
N LYS K 219 81.14 -10.67 -22.29
CA LYS K 219 79.94 -10.23 -22.97
C LYS K 219 79.42 -8.91 -22.42
N SER K 220 79.99 -8.42 -21.33
CA SER K 220 79.63 -7.14 -20.73
C SER K 220 80.70 -6.08 -20.88
N VAL K 221 81.98 -6.45 -20.76
CA VAL K 221 83.05 -5.49 -20.97
C VAL K 221 83.11 -5.10 -22.45
N ALA K 222 82.62 -5.98 -23.33
CA ALA K 222 82.40 -5.61 -24.71
C ALA K 222 81.13 -4.81 -24.89
N ARG K 223 80.26 -4.78 -23.88
CA ARG K 223 79.04 -4.00 -23.94
C ARG K 223 79.24 -2.61 -23.34
N ILE K 224 80.07 -2.49 -22.31
CA ILE K 224 80.46 -1.16 -21.85
C ILE K 224 81.33 -0.47 -22.88
N ALA K 225 82.27 -1.21 -23.47
CA ALA K 225 83.22 -0.62 -24.41
C ALA K 225 82.53 -0.13 -25.67
N LYS K 226 81.50 -0.85 -26.13
CA LYS K 226 80.74 -0.38 -27.29
C LYS K 226 79.98 0.89 -26.97
N LEU K 227 79.71 1.14 -25.69
CA LEU K 227 79.19 2.43 -25.25
C LEU K 227 80.31 3.31 -24.69
N GLU K 228 81.49 2.75 -24.44
CA GLU K 228 82.64 3.56 -24.04
C GLU K 228 83.41 4.07 -25.24
N LYS K 229 83.35 3.39 -26.38
CA LYS K 229 83.89 3.91 -27.61
C LYS K 229 82.94 4.86 -28.31
N ALA K 230 81.64 4.66 -28.16
CA ALA K 230 80.66 5.56 -28.73
C ALA K 230 80.61 6.88 -27.99
N LYS K 231 80.70 6.85 -26.65
CA LYS K 231 80.80 8.09 -25.90
C LYS K 231 82.10 8.82 -26.21
N ALA K 232 83.18 8.06 -26.41
CA ALA K 232 84.46 8.66 -26.80
C ALA K 232 84.50 9.04 -28.27
N LYS K 233 83.48 8.66 -29.05
CA LYS K 233 83.37 9.13 -30.42
C LYS K 233 82.74 10.52 -30.51
N GLU K 234 81.90 10.88 -29.54
CA GLU K 234 81.23 12.17 -29.56
C GLU K 234 82.16 13.30 -29.14
N LEU K 235 82.78 13.17 -27.97
CA LEU K 235 83.64 14.23 -27.44
C LEU K 235 85.00 14.31 -28.12
N ALA K 236 85.28 13.45 -29.09
CA ALA K 236 86.54 13.50 -29.83
C ALA K 236 86.46 14.35 -31.09
N THR K 237 85.26 14.68 -31.55
CA THR K 237 85.07 15.55 -32.70
C THR K 237 84.18 16.74 -32.40
N LYS K 238 83.84 16.97 -31.14
CA LYS K 238 83.05 18.15 -30.79
C LYS K 238 83.90 19.41 -30.81
N LEU K 239 85.03 19.39 -30.10
CA LEU K 239 86.01 20.47 -30.20
C LEU K 239 86.72 20.43 -31.55
N GLY K 240 86.80 19.25 -32.15
CA GLY K 240 87.40 19.07 -33.45
C GLY K 240 87.90 17.65 -33.63
N MET L 1 -55.48 -20.98 69.31
CA MET L 1 -56.24 -21.55 70.41
C MET L 1 -57.27 -22.55 69.93
N LYS L 2 -57.89 -23.26 70.86
CA LYS L 2 -58.96 -24.20 70.57
C LYS L 2 -60.18 -23.80 71.39
N THR L 3 -61.25 -23.42 70.72
CA THR L 3 -62.47 -23.03 71.43
C THR L 3 -63.12 -24.27 72.03
N ILE L 4 -63.56 -24.15 73.28
CA ILE L 4 -64.09 -25.30 74.01
C ILE L 4 -65.37 -25.81 73.37
N LEU L 5 -66.19 -24.91 72.83
CA LEU L 5 -67.45 -25.30 72.25
C LEU L 5 -67.94 -24.23 71.31
N SER L 6 -68.48 -24.65 70.17
CA SER L 6 -69.18 -23.75 69.27
C SER L 6 -70.29 -24.55 68.63
N ASN L 7 -71.53 -24.13 68.84
CA ASN L 7 -72.67 -24.88 68.36
C ASN L 7 -73.59 -23.95 67.58
N GLN L 8 -74.53 -24.54 66.85
CA GLN L 8 -75.47 -23.77 66.06
C GLN L 8 -76.71 -24.62 65.81
N THR L 9 -77.81 -24.29 66.47
CA THR L 9 -79.03 -25.06 66.33
C THR L 9 -79.76 -24.68 65.04
N VAL L 10 -80.59 -25.60 64.56
CA VAL L 10 -81.39 -25.41 63.36
C VAL L 10 -82.83 -25.76 63.71
N ASP L 11 -83.68 -24.75 63.81
CA ASP L 11 -85.09 -25.00 64.06
C ASP L 11 -85.77 -25.47 62.77
N ILE L 12 -86.54 -26.55 62.87
CA ILE L 12 -87.20 -27.13 61.70
C ILE L 12 -88.71 -27.02 61.88
N PRO L 13 -89.48 -26.74 60.82
CA PRO L 13 -90.94 -26.78 60.97
C PRO L 13 -91.46 -28.20 61.03
N GLU L 14 -92.78 -28.35 61.23
CA GLU L 14 -93.34 -29.65 61.49
C GLU L 14 -93.52 -30.50 60.23
N ASN L 15 -93.63 -29.86 59.07
CA ASN L 15 -93.86 -30.59 57.82
C ASN L 15 -92.70 -31.55 57.55
N VAL L 16 -91.51 -31.13 57.86
CA VAL L 16 -90.32 -31.97 57.76
C VAL L 16 -90.34 -33.02 58.86
N ASP L 17 -89.76 -34.19 58.59
CA ASP L 17 -89.58 -35.24 59.60
C ASP L 17 -88.14 -35.74 59.47
N ILE L 18 -87.23 -35.13 60.23
CA ILE L 18 -85.83 -35.50 60.15
C ILE L 18 -85.55 -36.72 61.01
N SER L 19 -84.76 -37.63 60.47
CA SER L 19 -84.14 -38.72 61.21
C SER L 19 -82.70 -38.80 60.75
N LEU L 20 -81.80 -39.14 61.67
CA LEU L 20 -80.39 -39.18 61.33
C LEU L 20 -79.76 -40.44 61.89
N LYS L 21 -79.01 -41.14 61.04
CA LYS L 21 -78.28 -42.34 61.40
C LYS L 21 -76.81 -41.95 61.51
N GLY L 22 -76.38 -41.63 62.72
CA GLY L 22 -75.00 -41.22 62.89
C GLY L 22 -74.79 -39.83 62.31
N ARG L 23 -73.71 -39.67 61.55
CA ARG L 23 -73.34 -38.38 61.00
C ARG L 23 -73.88 -38.17 59.59
N THR L 24 -74.84 -38.96 59.16
CA THR L 24 -75.57 -38.66 57.94
C THR L 24 -77.02 -38.38 58.30
N VAL L 25 -77.64 -37.48 57.55
CA VAL L 25 -78.97 -37.00 57.86
C VAL L 25 -79.87 -37.27 56.66
N ILE L 26 -81.05 -37.83 56.93
CA ILE L 26 -82.05 -38.03 55.90
C ILE L 26 -83.25 -37.16 56.23
N VAL L 27 -83.82 -36.55 55.19
CA VAL L 27 -84.89 -35.57 55.32
C VAL L 27 -85.98 -35.96 54.33
N LYS L 28 -87.23 -35.95 54.79
CA LYS L 28 -88.35 -36.26 53.92
C LYS L 28 -89.54 -35.35 54.23
N GLY L 29 -90.44 -35.26 53.25
CA GLY L 29 -91.64 -34.46 53.38
C GLY L 29 -92.51 -34.61 52.15
N PRO L 30 -93.18 -33.53 51.76
CA PRO L 30 -94.11 -33.61 50.63
C PRO L 30 -93.42 -33.87 49.30
N ARG L 31 -92.42 -33.06 48.96
CA ARG L 31 -91.86 -33.11 47.62
C ARG L 31 -91.03 -34.36 47.38
N GLY L 32 -90.62 -35.04 48.44
CA GLY L 32 -89.83 -36.25 48.29
C GLY L 32 -88.98 -36.50 49.51
N THR L 33 -87.78 -37.04 49.30
CA THR L 33 -86.86 -37.22 50.41
C THR L 33 -85.44 -36.87 49.98
N LEU L 34 -84.64 -36.43 50.94
CA LEU L 34 -83.27 -36.02 50.70
C LEU L 34 -82.36 -36.71 51.69
N ARG L 35 -81.09 -36.83 51.31
CA ARG L 35 -80.12 -37.52 52.15
C ARG L 35 -78.72 -37.04 51.79
N ARG L 36 -78.01 -36.49 52.76
CA ARG L 36 -76.65 -36.02 52.54
C ARG L 36 -75.73 -36.66 53.55
N ASP L 37 -74.50 -36.93 53.13
CA ASP L 37 -73.49 -37.51 54.00
C ASP L 37 -72.65 -36.40 54.61
N PHE L 38 -72.24 -36.61 55.85
CA PHE L 38 -71.31 -35.69 56.50
C PHE L 38 -70.23 -36.43 57.27
N ASN L 39 -69.79 -37.58 56.78
CA ASN L 39 -68.77 -38.35 57.48
C ASN L 39 -67.37 -37.82 57.21
N HIS L 40 -67.28 -36.62 56.66
CA HIS L 40 -66.01 -35.98 56.38
C HIS L 40 -65.79 -34.73 57.22
N ILE L 41 -66.64 -34.48 58.21
CA ILE L 41 -66.66 -33.17 58.86
C ILE L 41 -66.43 -33.25 60.36
N ASN L 42 -66.62 -34.42 60.98
CA ASN L 42 -66.15 -34.71 62.33
C ASN L 42 -66.77 -33.76 63.37
N VAL L 43 -68.10 -33.79 63.42
CA VAL L 43 -68.86 -32.99 64.35
C VAL L 43 -69.81 -33.92 65.11
N GLU L 44 -70.45 -33.36 66.13
CA GLU L 44 -71.49 -34.08 66.85
C GLU L 44 -72.84 -33.56 66.39
N LEU L 45 -73.68 -34.47 65.88
CA LEU L 45 -75.02 -34.13 65.44
C LEU L 45 -76.00 -34.63 66.49
N SER L 46 -76.63 -33.69 67.20
CA SER L 46 -77.53 -34.03 68.28
C SER L 46 -78.91 -33.49 67.94
N LEU L 47 -79.90 -34.37 67.92
CA LEU L 47 -81.27 -34.02 67.58
C LEU L 47 -82.07 -34.00 68.87
N LEU L 48 -82.32 -32.81 69.38
CA LEU L 48 -82.88 -32.62 70.71
C LEU L 48 -84.29 -32.05 70.62
N GLY L 49 -84.95 -32.00 71.78
CA GLY L 49 -86.28 -31.43 71.88
C GLY L 49 -87.36 -32.45 71.60
N LYS L 50 -88.31 -32.62 72.51
CA LYS L 50 -89.43 -33.52 72.25
C LYS L 50 -90.26 -32.96 71.10
N LYS L 51 -90.79 -33.87 70.28
CA LYS L 51 -91.42 -33.56 68.98
C LYS L 51 -90.45 -32.92 68.00
N LYS L 52 -89.14 -33.05 68.29
CA LYS L 52 -88.00 -32.82 67.40
C LYS L 52 -88.12 -31.55 66.56
N LYS L 53 -88.15 -30.40 67.21
CA LYS L 53 -88.30 -29.14 66.50
C LYS L 53 -86.97 -28.50 66.14
N ARG L 54 -85.86 -28.96 66.68
CA ARG L 54 -84.60 -28.30 66.39
C ARG L 54 -83.46 -29.31 66.40
N LEU L 55 -82.51 -29.09 65.48
CA LEU L 55 -81.32 -29.90 65.33
C LEU L 55 -80.10 -29.04 65.57
N ARG L 56 -79.17 -29.54 66.37
CA ARG L 56 -77.99 -28.76 66.71
C ARG L 56 -76.73 -29.52 66.34
N VAL L 57 -75.74 -28.81 65.84
CA VAL L 57 -74.43 -29.38 65.58
C VAL L 57 -73.49 -28.83 66.64
N ASP L 58 -72.44 -29.59 66.94
CA ASP L 58 -71.47 -29.23 67.96
C ASP L 58 -70.07 -29.36 67.38
N LYS L 59 -69.11 -28.72 68.05
CA LYS L 59 -67.70 -28.91 67.72
C LYS L 59 -66.89 -28.55 68.94
N TRP L 60 -66.27 -29.55 69.55
CA TRP L 60 -65.44 -29.34 70.72
C TRP L 60 -63.98 -29.28 70.31
N TRP L 61 -63.26 -28.30 70.86
CA TRP L 61 -61.82 -28.16 70.69
C TRP L 61 -61.43 -28.02 69.23
N GLY L 62 -62.12 -27.13 68.53
CA GLY L 62 -61.87 -26.87 67.13
C GLY L 62 -61.13 -25.56 66.94
N ASN L 63 -60.19 -25.56 66.01
CA ASN L 63 -59.47 -24.33 65.69
C ASN L 63 -60.32 -23.46 64.75
N ARG L 64 -59.69 -22.46 64.16
CA ARG L 64 -60.41 -21.54 63.29
C ARG L 64 -61.02 -22.26 62.10
N LYS L 65 -60.21 -23.02 61.36
CA LYS L 65 -60.70 -23.65 60.14
C LYS L 65 -61.70 -24.75 60.40
N GLU L 66 -61.64 -25.42 61.55
CA GLU L 66 -62.70 -26.37 61.85
C GLU L 66 -63.99 -25.67 62.29
N LEU L 67 -63.88 -24.54 62.97
CA LEU L 67 -65.09 -23.82 63.37
C LEU L 67 -65.82 -23.25 62.17
N ALA L 68 -65.15 -23.08 61.04
CA ALA L 68 -65.80 -22.67 59.82
C ALA L 68 -66.63 -23.77 59.20
N THR L 69 -66.54 -24.99 59.74
CA THR L 69 -67.35 -26.09 59.27
C THR L 69 -68.60 -26.29 60.10
N VAL L 70 -68.78 -25.53 61.18
CA VAL L 70 -69.93 -25.72 62.04
C VAL L 70 -71.20 -25.21 61.38
N ARG L 71 -71.17 -24.00 60.84
CA ARG L 71 -72.37 -23.44 60.24
C ARG L 71 -72.62 -23.98 58.84
N THR L 72 -71.59 -24.40 58.11
CA THR L 72 -71.79 -24.88 56.75
C THR L 72 -72.60 -26.16 56.73
N ILE L 73 -72.69 -26.85 57.85
CA ILE L 73 -73.68 -27.92 57.98
C ILE L 73 -75.07 -27.32 58.12
N CYS L 74 -75.21 -26.34 59.00
CA CYS L 74 -76.48 -25.70 59.25
C CYS L 74 -77.03 -25.06 57.98
N SER L 75 -76.15 -24.52 57.15
CA SER L 75 -76.58 -24.04 55.84
C SER L 75 -76.91 -25.19 54.91
N HIS L 76 -76.08 -26.23 54.91
CA HIS L 76 -76.37 -27.36 54.04
C HIS L 76 -77.64 -28.09 54.42
N VAL L 77 -77.98 -28.12 55.71
CA VAL L 77 -79.18 -28.84 56.11
C VAL L 77 -80.42 -27.99 55.91
N GLN L 78 -80.27 -26.66 55.92
CA GLN L 78 -81.42 -25.82 55.63
C GLN L 78 -81.83 -25.92 54.18
N ASN L 79 -80.88 -26.05 53.27
CA ASN L 79 -81.24 -26.21 51.88
C ASN L 79 -81.86 -27.56 51.59
N MET L 80 -81.68 -28.53 52.49
CA MET L 80 -82.47 -29.75 52.39
C MET L 80 -83.92 -29.48 52.78
N ILE L 81 -84.14 -28.60 53.75
CA ILE L 81 -85.49 -28.30 54.19
C ILE L 81 -86.24 -27.51 53.13
N LYS L 82 -85.55 -26.63 52.42
CA LYS L 82 -86.18 -25.95 51.30
C LYS L 82 -86.48 -26.91 50.16
N GLY L 83 -85.59 -27.88 49.94
CA GLY L 83 -85.73 -28.78 48.81
C GLY L 83 -86.66 -29.93 49.08
N VAL L 84 -87.36 -29.86 50.22
CA VAL L 84 -88.33 -30.88 50.58
C VAL L 84 -89.72 -30.31 50.81
N THR L 85 -89.85 -29.06 51.24
CA THR L 85 -91.14 -28.43 51.42
C THR L 85 -91.46 -27.38 50.37
N LEU L 86 -90.45 -26.83 49.70
CA LEU L 86 -90.69 -25.76 48.74
C LEU L 86 -90.04 -26.03 47.41
N GLY L 87 -88.97 -26.83 47.41
CA GLY L 87 -88.28 -27.15 46.18
C GLY L 87 -87.49 -25.96 45.65
N PHE L 88 -86.78 -26.20 44.56
CA PHE L 88 -85.95 -25.19 43.94
C PHE L 88 -86.41 -24.97 42.50
N ARG L 89 -86.39 -23.72 42.08
CA ARG L 89 -86.80 -23.31 40.74
C ARG L 89 -85.75 -22.33 40.23
N TYR L 90 -84.88 -22.80 39.35
CA TYR L 90 -83.88 -21.95 38.74
C TYR L 90 -84.41 -21.49 37.39
N LYS L 91 -84.61 -20.19 37.23
CA LYS L 91 -85.01 -19.61 35.97
C LYS L 91 -83.79 -19.19 35.18
N MET L 92 -83.79 -19.49 33.89
CA MET L 92 -82.66 -19.17 33.02
C MET L 92 -83.16 -18.53 31.73
N ARG L 93 -82.57 -17.40 31.37
CA ARG L 93 -82.96 -16.63 30.21
C ARG L 93 -81.90 -16.77 29.14
N SER L 94 -82.30 -17.15 27.95
CA SER L 94 -81.38 -17.31 26.83
C SER L 94 -81.32 -16.00 26.07
N VAL L 95 -80.30 -15.20 26.36
CA VAL L 95 -80.17 -13.87 25.77
C VAL L 95 -79.30 -13.97 24.52
N TYR L 96 -79.83 -13.49 23.40
CA TYR L 96 -79.10 -13.51 22.15
C TYR L 96 -79.22 -12.17 21.45
N ALA L 97 -78.49 -12.04 20.34
CA ALA L 97 -78.48 -10.82 19.55
C ALA L 97 -78.99 -11.04 18.14
N HIS L 98 -78.45 -12.02 17.41
CA HIS L 98 -78.85 -12.26 16.03
C HIS L 98 -79.46 -13.63 15.80
N PHE L 99 -78.95 -14.66 16.45
CA PHE L 99 -79.41 -16.02 16.23
C PHE L 99 -80.28 -16.46 17.38
N PRO L 100 -81.57 -16.71 17.15
CA PRO L 100 -82.43 -17.21 18.22
C PRO L 100 -82.00 -18.59 18.70
N ILE L 101 -81.74 -18.70 20.00
CA ILE L 101 -81.28 -19.97 20.57
C ILE L 101 -82.45 -20.94 20.56
N ASN L 102 -82.45 -21.88 19.63
CA ASN L 102 -83.48 -22.90 19.59
C ASN L 102 -83.11 -23.98 20.60
N VAL L 103 -83.86 -24.08 21.68
CA VAL L 103 -83.60 -25.03 22.75
C VAL L 103 -84.84 -25.89 22.91
N VAL L 104 -84.64 -27.21 22.88
CA VAL L 104 -85.73 -28.17 22.99
C VAL L 104 -85.31 -29.26 23.97
N ILE L 105 -86.26 -29.72 24.77
CA ILE L 105 -85.99 -30.68 25.83
C ILE L 105 -86.49 -32.04 25.39
N GLN L 106 -85.74 -33.07 25.74
CA GLN L 106 -86.10 -34.45 25.43
C GLN L 106 -86.21 -35.26 26.71
N GLU L 107 -86.98 -36.36 26.62
CA GLU L 107 -87.24 -37.29 27.70
C GLU L 107 -87.70 -36.60 28.99
N ASN L 108 -88.86 -35.95 28.92
CA ASN L 108 -89.59 -35.26 29.99
C ASN L 108 -88.70 -34.51 30.97
N GLY L 109 -87.75 -33.74 30.45
CA GLY L 109 -86.90 -32.93 31.29
C GLY L 109 -85.71 -33.66 31.84
N SER L 110 -84.96 -34.32 30.98
CA SER L 110 -83.72 -34.94 31.41
C SER L 110 -82.57 -34.76 30.43
N LEU L 111 -82.82 -34.32 29.21
CA LEU L 111 -81.76 -34.00 28.26
C LEU L 111 -82.10 -32.66 27.61
N VAL L 112 -81.07 -31.86 27.37
CA VAL L 112 -81.25 -30.54 26.81
C VAL L 112 -80.55 -30.46 25.46
N GLU L 113 -81.29 -30.04 24.45
CA GLU L 113 -80.74 -29.85 23.11
C GLU L 113 -80.60 -28.36 22.85
N ILE L 114 -79.44 -27.97 22.33
CA ILE L 114 -79.19 -26.57 22.00
C ILE L 114 -78.69 -26.50 20.56
N ARG L 115 -79.55 -26.03 19.67
CA ARG L 115 -79.22 -25.86 18.27
C ARG L 115 -79.19 -24.38 17.93
N ASN L 116 -78.42 -24.06 16.89
CA ASN L 116 -78.29 -22.72 16.34
C ASN L 116 -77.83 -21.74 17.42
N PHE L 117 -76.74 -22.10 18.08
CA PHE L 117 -76.08 -21.21 19.02
C PHE L 117 -74.99 -20.48 18.26
N LEU L 118 -75.11 -19.15 18.19
CA LEU L 118 -74.22 -18.30 17.40
C LEU L 118 -74.22 -18.65 15.93
N GLY L 119 -75.28 -19.28 15.45
CA GLY L 119 -75.30 -19.71 14.07
C GLY L 119 -74.25 -20.75 13.80
N GLU L 120 -74.32 -21.85 14.55
CA GLU L 120 -73.40 -22.95 14.37
C GLU L 120 -74.19 -24.21 14.04
N LYS L 121 -73.47 -25.20 13.52
CA LYS L 121 -74.09 -26.46 13.13
C LYS L 121 -74.01 -27.50 14.22
N TYR L 122 -73.44 -27.16 15.37
CA TYR L 122 -73.26 -28.12 16.45
C TYR L 122 -74.47 -28.11 17.35
N ILE L 123 -74.82 -29.29 17.84
CA ILE L 123 -75.86 -29.45 18.85
C ILE L 123 -75.17 -29.69 20.18
N ARG L 124 -75.40 -28.80 21.13
CA ARG L 124 -74.83 -28.95 22.47
C ARG L 124 -75.81 -29.75 23.32
N ARG L 125 -75.80 -31.05 23.07
CA ARG L 125 -76.65 -31.98 23.80
C ARG L 125 -76.12 -32.11 25.23
N VAL L 126 -76.92 -31.66 26.20
CA VAL L 126 -76.49 -31.62 27.58
C VAL L 126 -77.31 -32.61 28.39
N ARG L 127 -76.63 -33.50 29.11
CA ARG L 127 -77.29 -34.46 29.97
C ARG L 127 -77.52 -33.82 31.35
N MET L 128 -78.77 -33.83 31.80
CA MET L 128 -79.09 -33.26 33.09
C MET L 128 -78.63 -34.20 34.20
N ARG L 129 -78.79 -33.74 35.44
CA ARG L 129 -78.44 -34.53 36.60
C ARG L 129 -79.69 -35.24 37.10
N PRO L 130 -79.61 -36.53 37.43
CA PRO L 130 -80.80 -37.27 37.88
C PRO L 130 -81.46 -36.65 39.09
N GLY L 131 -82.76 -36.39 38.99
CA GLY L 131 -83.51 -35.66 39.98
C GLY L 131 -83.95 -34.28 39.53
N VAL L 132 -83.47 -33.82 38.38
CA VAL L 132 -83.81 -32.51 37.83
C VAL L 132 -84.77 -32.71 36.68
N ALA L 133 -85.75 -31.82 36.58
CA ALA L 133 -86.77 -31.88 35.53
C ALA L 133 -86.86 -30.49 34.88
N CYS L 134 -86.29 -30.38 33.69
CA CYS L 134 -86.26 -29.11 32.99
C CYS L 134 -87.44 -28.96 32.06
N SER L 135 -87.75 -27.71 31.71
CA SER L 135 -88.78 -27.39 30.72
C SER L 135 -88.72 -25.93 30.31
N VAL L 136 -89.23 -25.62 29.12
CA VAL L 136 -89.41 -24.24 28.72
C VAL L 136 -90.73 -23.73 29.28
N SER L 137 -90.72 -22.51 29.79
CA SER L 137 -91.92 -21.97 30.42
C SER L 137 -92.85 -21.41 29.37
N GLN L 138 -94.14 -21.46 29.67
CA GLN L 138 -95.13 -20.78 28.85
C GLN L 138 -95.33 -19.37 29.38
N ALA L 139 -95.95 -18.53 28.56
CA ALA L 139 -96.13 -17.09 28.80
C ALA L 139 -94.80 -16.37 28.99
N GLN L 140 -93.73 -16.92 28.43
CA GLN L 140 -92.42 -16.31 28.37
C GLN L 140 -91.60 -17.03 27.30
N LYS L 141 -91.07 -16.27 26.35
CA LYS L 141 -90.51 -16.87 25.14
C LYS L 141 -89.18 -17.54 25.42
N ASP L 142 -88.17 -16.77 25.81
CA ASP L 142 -86.81 -17.28 25.98
C ASP L 142 -86.57 -17.53 27.46
N GLU L 143 -87.09 -18.66 27.92
CA GLU L 143 -87.04 -19.07 29.32
C GLU L 143 -86.61 -20.53 29.39
N LEU L 144 -86.03 -20.90 30.53
CA LEU L 144 -85.67 -22.29 30.77
C LEU L 144 -85.69 -22.57 32.26
N VAL L 145 -86.74 -23.23 32.75
CA VAL L 145 -86.90 -23.42 34.19
C VAL L 145 -86.40 -24.80 34.57
N LEU L 146 -85.67 -24.87 35.68
CA LEU L 146 -85.19 -26.12 36.25
C LEU L 146 -85.89 -26.36 37.57
N GLU L 147 -86.34 -27.58 37.78
CA GLU L 147 -86.95 -27.94 39.05
C GLU L 147 -86.19 -29.11 39.65
N GLY L 148 -86.54 -29.44 40.88
CA GLY L 148 -85.88 -30.51 41.59
C GLY L 148 -85.83 -30.21 43.06
N ASN L 149 -85.10 -31.04 43.78
CA ASN L 149 -85.09 -30.96 45.23
C ASN L 149 -83.72 -30.59 45.77
N ASP L 150 -82.71 -31.34 45.35
CA ASP L 150 -81.35 -31.10 45.84
C ASP L 150 -80.79 -29.87 45.16
N ILE L 151 -80.39 -28.89 45.95
CA ILE L 151 -79.82 -27.67 45.39
C ILE L 151 -78.47 -27.94 44.75
N GLU L 152 -77.79 -29.00 45.18
CA GLU L 152 -76.52 -29.36 44.56
C GLU L 152 -76.69 -29.92 43.17
N LEU L 153 -77.91 -30.21 42.74
CA LEU L 153 -78.16 -30.78 41.43
C LEU L 153 -78.84 -29.79 40.50
N VAL L 154 -79.84 -29.07 40.99
CA VAL L 154 -80.52 -28.09 40.14
C VAL L 154 -79.57 -26.97 39.77
N SER L 155 -78.63 -26.65 40.66
CA SER L 155 -77.69 -25.58 40.36
C SER L 155 -76.53 -26.06 39.50
N ASN L 156 -76.03 -27.27 39.76
CA ASN L 156 -74.90 -27.77 38.99
C ASN L 156 -75.31 -28.06 37.56
N SER L 157 -76.52 -28.58 37.36
CA SER L 157 -77.03 -28.77 36.02
C SER L 157 -77.20 -27.46 35.29
N ALA L 158 -77.60 -26.42 36.02
CA ALA L 158 -77.67 -25.08 35.44
C ALA L 158 -76.30 -24.60 34.99
N ALA L 159 -75.28 -24.85 35.83
CA ALA L 159 -73.93 -24.46 35.47
C ALA L 159 -73.41 -25.21 34.27
N LEU L 160 -73.97 -26.39 33.97
CA LEU L 160 -73.57 -27.12 32.78
C LEU L 160 -73.97 -26.35 31.52
N ILE L 161 -75.26 -26.03 31.39
CA ILE L 161 -75.71 -25.36 30.18
C ILE L 161 -75.25 -23.92 30.15
N GLN L 162 -75.01 -23.32 31.32
CA GLN L 162 -74.45 -21.97 31.34
C GLN L 162 -73.00 -21.97 30.91
N GLN L 163 -72.30 -23.08 31.10
CA GLN L 163 -70.94 -23.21 30.60
C GLN L 163 -70.88 -24.06 29.34
N ALA L 164 -72.00 -24.61 28.88
CA ALA L 164 -72.02 -25.22 27.56
C ALA L 164 -72.16 -24.19 26.47
N THR L 165 -72.87 -23.09 26.71
CA THR L 165 -73.04 -22.03 25.73
C THR L 165 -72.07 -20.89 26.04
N THR L 166 -70.81 -21.11 25.70
CA THR L 166 -69.77 -20.10 25.86
C THR L 166 -69.16 -19.78 24.51
N VAL L 167 -68.92 -18.49 24.27
CA VAL L 167 -68.27 -18.08 23.04
C VAL L 167 -66.77 -18.23 23.19
N LYS L 168 -66.13 -18.76 22.15
CA LYS L 168 -64.70 -18.94 22.15
C LYS L 168 -64.04 -17.97 21.18
N ASN L 169 -62.78 -17.63 21.49
CA ASN L 169 -61.87 -16.79 20.71
C ASN L 169 -62.51 -15.56 20.09
N LYS L 170 -63.44 -14.93 20.81
CA LYS L 170 -64.03 -13.67 20.40
C LYS L 170 -63.89 -12.72 21.59
N ASP L 171 -64.55 -11.58 21.51
CA ASP L 171 -64.61 -10.66 22.65
C ASP L 171 -65.91 -10.96 23.38
N ILE L 172 -65.80 -11.49 24.59
CA ILE L 172 -66.95 -11.94 25.35
C ILE L 172 -67.77 -10.77 25.86
N ARG L 173 -67.23 -9.56 25.75
CA ARG L 173 -68.00 -8.37 26.06
C ARG L 173 -68.90 -7.95 24.93
N LYS L 174 -68.46 -8.14 23.68
CA LYS L 174 -69.31 -7.91 22.53
C LYS L 174 -70.26 -9.06 22.27
N PHE L 175 -69.79 -10.29 22.36
CA PHE L 175 -70.59 -11.46 22.05
C PHE L 175 -71.17 -12.02 23.34
N LEU L 176 -72.23 -11.37 23.79
CA LEU L 176 -72.93 -11.70 25.02
C LEU L 176 -73.87 -12.87 24.87
N ASP L 177 -73.79 -13.56 23.75
CA ASP L 177 -74.71 -14.63 23.43
C ASP L 177 -74.54 -15.78 24.39
N GLY L 178 -75.65 -16.39 24.78
CA GLY L 178 -75.60 -17.54 25.66
C GLY L 178 -76.75 -17.60 26.64
N ILE L 179 -76.84 -18.67 27.41
CA ILE L 179 -77.87 -18.81 28.43
C ILE L 179 -77.28 -18.42 29.77
N TYR L 180 -78.06 -17.72 30.59
CA TYR L 180 -77.58 -17.26 31.88
C TYR L 180 -78.66 -17.46 32.93
N VAL L 181 -78.22 -17.67 34.17
CA VAL L 181 -79.13 -17.88 35.29
C VAL L 181 -79.71 -16.54 35.71
N SER L 182 -81.03 -16.45 35.71
CA SER L 182 -81.66 -15.17 36.00
C SER L 182 -82.38 -15.13 37.33
N GLU L 183 -82.86 -16.25 37.85
CA GLU L 183 -83.61 -16.21 39.10
C GLU L 183 -83.43 -17.53 39.83
N LYS L 184 -83.03 -17.45 41.08
CA LYS L 184 -82.92 -18.61 41.96
C LYS L 184 -84.09 -18.53 42.93
N GLY L 185 -85.03 -19.46 42.79
CA GLY L 185 -86.20 -19.42 43.64
C GLY L 185 -86.79 -20.77 44.00
N THR L 186 -87.93 -20.75 44.66
CA THR L 186 -88.62 -21.96 45.08
C THR L 186 -89.75 -22.26 44.11
N VAL L 187 -90.17 -23.53 44.10
CA VAL L 187 -91.25 -23.94 43.22
C VAL L 187 -92.55 -23.28 43.66
N GLN L 188 -92.78 -23.22 44.96
CA GLN L 188 -94.04 -22.76 45.52
C GLN L 188 -93.78 -21.83 46.68
N GLN L 189 -94.69 -20.88 46.88
CA GLN L 189 -94.57 -19.92 47.96
C GLN L 189 -95.32 -20.44 49.19
N ALA L 190 -95.20 -19.71 50.30
CA ALA L 190 -95.87 -20.09 51.53
C ALA L 190 -96.30 -18.88 52.34
N GLY M 1 -22.78 1.63 31.76
CA GLY M 1 -23.05 2.29 33.02
C GLY M 1 -22.13 1.86 34.14
N ARG M 2 -22.69 1.72 35.34
CA ARG M 2 -21.93 1.31 36.51
C ARG M 2 -22.41 -0.04 37.02
N ARG M 3 -21.61 -0.63 37.90
CA ARG M 3 -21.85 -1.96 38.39
C ARG M 3 -23.09 -2.01 39.26
N PRO M 4 -23.68 -3.19 39.43
CA PRO M 4 -24.81 -3.32 40.35
C PRO M 4 -24.40 -3.03 41.78
N ALA M 5 -25.35 -2.53 42.55
CA ALA M 5 -25.10 -2.21 43.95
C ALA M 5 -24.91 -3.44 44.83
N ARG M 6 -25.13 -4.64 44.28
CA ARG M 6 -24.80 -5.85 45.02
C ARG M 6 -23.30 -5.97 45.20
N CYS M 7 -22.53 -5.37 44.30
CA CYS M 7 -21.08 -5.49 44.38
C CYS M 7 -20.54 -4.71 45.57
N TYR M 8 -20.82 -3.42 45.62
CA TYR M 8 -20.33 -2.57 46.69
C TYR M 8 -21.39 -2.41 47.76
N ARG M 9 -21.79 -3.52 48.37
CA ARG M 9 -22.84 -3.45 49.36
C ARG M 9 -22.34 -3.50 50.79
N TYR M 10 -21.36 -4.34 51.08
CA TYR M 10 -20.89 -4.48 52.45
C TYR M 10 -19.76 -3.51 52.75
N CYS M 11 -19.66 -3.12 54.01
CA CYS M 11 -18.58 -2.25 54.46
C CYS M 11 -17.32 -3.09 54.51
N LYS M 12 -16.70 -3.27 53.35
CA LYS M 12 -15.64 -4.24 53.18
C LYS M 12 -14.27 -3.66 53.51
N ASN M 13 -13.95 -2.53 52.90
CA ASN M 13 -12.63 -1.95 53.03
C ASN M 13 -12.62 -0.87 54.11
N LYS M 14 -11.42 -0.37 54.41
CA LYS M 14 -11.29 0.77 55.29
C LYS M 14 -11.88 2.00 54.62
N PRO M 15 -12.33 2.98 55.39
CA PRO M 15 -12.84 4.21 54.80
C PRO M 15 -11.77 4.94 54.00
N TYR M 16 -12.05 5.12 52.71
CA TYR M 16 -11.08 5.57 51.72
C TYR M 16 -11.61 6.87 51.12
N PRO M 17 -11.44 7.99 51.81
CA PRO M 17 -12.10 9.22 51.39
C PRO M 17 -11.28 9.98 50.36
N LYS M 18 -11.98 10.87 49.66
CA LYS M 18 -11.35 11.72 48.66
C LYS M 18 -10.44 12.70 49.37
N SER M 19 -9.15 12.61 49.08
CA SER M 19 -8.17 13.35 49.86
C SER M 19 -6.98 13.68 48.97
N ARG M 20 -5.87 14.04 49.61
CA ARG M 20 -4.62 14.24 48.89
C ARG M 20 -4.16 12.97 48.21
N PHE M 21 -4.53 11.81 48.73
CA PHE M 21 -4.06 10.55 48.18
C PHE M 21 -5.00 9.98 47.14
N CYS M 22 -6.31 10.07 47.37
CA CYS M 22 -7.31 9.62 46.40
C CYS M 22 -7.86 10.84 45.67
N ARG M 23 -7.25 11.15 44.53
CA ARG M 23 -7.69 12.27 43.71
C ARG M 23 -8.22 11.77 42.38
N GLY M 24 -8.99 12.62 41.72
CA GLY M 24 -9.67 12.20 40.51
C GLY M 24 -10.95 11.44 40.80
N VAL M 25 -11.66 11.83 41.84
CA VAL M 25 -12.92 11.20 42.23
C VAL M 25 -14.05 12.01 41.60
N PRO M 26 -15.02 11.37 40.95
CA PRO M 26 -16.13 12.13 40.38
C PRO M 26 -16.97 12.77 41.47
N ASP M 27 -17.66 13.84 41.09
CA ASP M 27 -18.57 14.50 41.99
C ASP M 27 -19.70 13.56 42.37
N ALA M 28 -20.15 13.66 43.62
CA ALA M 28 -21.25 12.83 44.07
C ALA M 28 -22.54 13.23 43.35
N LYS M 29 -23.34 12.23 43.02
CA LYS M 29 -24.58 12.51 42.28
C LYS M 29 -25.55 13.29 43.14
N ILE M 30 -25.51 13.09 44.45
CA ILE M 30 -26.28 13.91 45.37
C ILE M 30 -25.48 15.16 45.71
N ARG M 31 -26.10 16.33 45.53
CA ARG M 31 -25.44 17.59 45.78
C ARG M 31 -26.29 18.44 46.71
N ILE M 32 -27.60 18.29 46.60
CA ILE M 32 -28.56 19.06 47.38
C ILE M 32 -29.04 18.15 48.49
N PHE M 33 -28.60 18.41 49.72
CA PHE M 33 -29.01 17.56 50.82
C PHE M 33 -30.31 18.03 51.45
N ASP M 34 -30.53 19.32 51.54
CA ASP M 34 -31.70 19.88 52.20
C ASP M 34 -32.62 20.50 51.17
N LEU M 35 -33.92 20.34 51.36
CA LEU M 35 -34.90 20.87 50.43
C LEU M 35 -36.24 21.00 51.14
N GLY M 36 -37.22 21.51 50.42
CA GLY M 36 -38.44 21.95 51.05
C GLY M 36 -38.26 23.34 51.63
N ARG M 37 -39.17 23.72 52.53
CA ARG M 37 -39.12 25.02 53.16
C ARG M 37 -38.08 25.02 54.28
N LYS M 38 -36.82 24.94 53.88
CA LYS M 38 -35.74 24.86 54.86
C LYS M 38 -35.54 26.17 55.61
N LYS M 39 -36.11 27.26 55.09
CA LYS M 39 -36.09 28.55 55.78
C LYS M 39 -37.32 28.69 56.68
N ALA M 40 -37.48 27.73 57.57
CA ALA M 40 -38.64 27.69 58.45
C ALA M 40 -38.18 27.57 59.90
N LYS M 41 -38.93 28.22 60.79
CA LYS M 41 -38.53 28.26 62.18
C LYS M 41 -38.79 26.92 62.86
N VAL M 42 -38.42 26.84 64.15
CA VAL M 42 -38.50 25.58 64.85
C VAL M 42 -39.85 25.31 65.48
N ASP M 43 -40.73 26.31 65.51
CA ASP M 43 -41.97 26.17 66.27
C ASP M 43 -43.19 25.94 65.41
N GLU M 44 -43.04 25.80 64.10
CA GLU M 44 -44.16 25.44 63.25
C GLU M 44 -44.09 24.02 62.71
N PHE M 45 -42.93 23.39 62.76
CA PHE M 45 -42.83 21.99 62.38
C PHE M 45 -42.43 21.17 63.59
N PRO M 46 -43.40 20.77 64.43
CA PRO M 46 -43.04 20.00 65.62
C PRO M 46 -42.79 18.53 65.34
N LEU M 47 -43.45 17.98 64.33
CA LEU M 47 -43.30 16.56 64.04
C LEU M 47 -42.01 16.30 63.28
N CYS M 48 -41.36 15.19 63.60
CA CYS M 48 -40.15 14.79 62.90
C CYS M 48 -40.15 13.28 62.73
N GLY M 49 -39.94 12.82 61.50
CA GLY M 49 -39.90 11.41 61.19
C GLY M 49 -38.52 10.99 60.74
N HIS M 50 -38.18 9.73 61.00
CA HIS M 50 -36.85 9.20 60.72
C HIS M 50 -36.96 7.98 59.83
N MET M 51 -35.88 7.73 59.09
CA MET M 51 -35.68 6.45 58.41
C MET M 51 -34.39 5.89 59.00
N VAL M 52 -34.52 5.17 60.11
CA VAL M 52 -33.35 4.63 60.77
C VAL M 52 -32.95 3.33 60.10
N SER M 53 -31.65 3.12 59.94
CA SER M 53 -31.21 1.93 59.26
C SER M 53 -31.14 0.76 60.24
N ASP M 54 -31.07 -0.44 59.69
CA ASP M 54 -30.96 -1.63 60.50
C ASP M 54 -29.86 -2.57 60.03
N GLU M 55 -29.00 -2.14 59.13
CA GLU M 55 -27.90 -2.98 58.66
C GLU M 55 -26.63 -2.17 58.60
N TYR M 56 -25.51 -2.89 58.56
CA TYR M 56 -24.20 -2.26 58.41
C TYR M 56 -23.74 -2.42 56.96
N GLU M 57 -24.33 -1.61 56.10
CA GLU M 57 -24.03 -1.72 54.68
C GLU M 57 -23.65 -0.37 54.10
N GLN M 58 -23.37 -0.33 52.80
CA GLN M 58 -23.01 0.89 52.10
C GLN M 58 -24.16 1.32 51.19
N LEU M 59 -24.61 2.56 51.32
CA LEU M 59 -25.62 3.14 50.46
C LEU M 59 -24.94 4.04 49.44
N SER M 60 -25.21 3.82 48.17
CA SER M 60 -24.58 4.60 47.11
C SER M 60 -25.07 6.04 47.11
N SER M 61 -24.29 6.89 46.46
CA SER M 61 -24.71 8.28 46.32
C SER M 61 -25.90 8.41 45.37
N GLU M 62 -26.09 7.43 44.50
CA GLU M 62 -27.23 7.46 43.59
C GLU M 62 -28.50 7.03 44.30
N ALA M 63 -28.41 6.02 45.16
CA ALA M 63 -29.55 5.65 45.98
C ALA M 63 -29.94 6.80 46.91
N LEU M 64 -28.95 7.52 47.43
CA LEU M 64 -29.27 8.71 48.21
C LEU M 64 -29.90 9.78 47.34
N GLU M 65 -29.44 9.92 46.10
CA GLU M 65 -30.03 10.88 45.19
C GLU M 65 -31.42 10.43 44.77
N ALA M 66 -31.59 9.14 44.48
CA ALA M 66 -32.87 8.65 43.98
C ALA M 66 -33.94 8.69 45.06
N ALA M 67 -33.60 8.24 46.28
CA ALA M 67 -34.59 8.20 47.34
C ALA M 67 -34.99 9.60 47.76
N ARG M 68 -34.10 10.57 47.61
CA ARG M 68 -34.42 11.94 47.96
C ARG M 68 -35.55 12.48 47.10
N ILE M 69 -35.46 12.25 45.78
CA ILE M 69 -36.47 12.78 44.87
C ILE M 69 -37.82 12.13 45.11
N CYS M 70 -37.82 10.81 45.34
CA CYS M 70 -39.07 10.09 45.49
C CYS M 70 -39.77 10.49 46.78
N ALA M 71 -39.01 10.74 47.84
CA ALA M 71 -39.60 11.26 49.06
C ALA M 71 -40.00 12.71 48.90
N ASN M 72 -39.22 13.47 48.12
CA ASN M 72 -39.55 14.86 47.88
C ASN M 72 -40.80 14.99 47.04
N LYS M 73 -40.92 14.18 45.99
CA LYS M 73 -42.05 14.29 45.08
C LYS M 73 -43.36 13.96 45.78
N TYR M 74 -43.36 12.92 46.62
CA TYR M 74 -44.60 12.55 47.29
C TYR M 74 -45.01 13.58 48.33
N MET M 75 -44.03 14.24 48.95
CA MET M 75 -44.38 15.25 49.94
C MET M 75 -44.86 16.54 49.28
N VAL M 76 -44.51 16.75 48.01
CA VAL M 76 -44.99 17.92 47.30
C VAL M 76 -46.50 17.83 47.08
N LYS M 77 -46.97 16.68 46.59
CA LYS M 77 -48.40 16.51 46.35
C LYS M 77 -49.18 16.51 47.65
N SER M 78 -48.59 15.95 48.70
CA SER M 78 -49.34 15.69 49.92
C SER M 78 -49.45 16.94 50.78
N CYS M 79 -48.32 17.60 51.05
CA CYS M 79 -48.27 18.70 52.00
C CYS M 79 -47.94 20.02 51.34
N GLY M 80 -48.41 20.22 50.10
CA GLY M 80 -48.05 21.41 49.38
C GLY M 80 -46.56 21.43 49.05
N LYS M 81 -46.10 22.58 48.61
CA LYS M 81 -44.69 22.74 48.27
C LYS M 81 -43.88 23.27 49.45
N ASP M 82 -44.54 23.82 50.48
CA ASP M 82 -43.85 24.41 51.61
C ASP M 82 -44.35 23.90 52.96
N GLY M 83 -44.93 22.71 53.02
CA GLY M 83 -45.42 22.22 54.29
C GLY M 83 -44.52 21.22 54.96
N PHE M 84 -43.25 21.20 54.59
CA PHE M 84 -42.32 20.21 55.13
C PHE M 84 -40.89 20.71 54.92
N HIS M 85 -39.94 19.87 55.29
CA HIS M 85 -38.52 20.17 55.16
C HIS M 85 -37.78 18.86 55.29
N ILE M 86 -36.87 18.56 54.36
CA ILE M 86 -36.24 17.25 54.26
C ILE M 86 -34.73 17.39 54.38
N ARG M 87 -34.14 16.64 55.31
CA ARG M 87 -32.70 16.56 55.48
C ARG M 87 -32.24 15.15 55.17
N VAL M 88 -31.30 15.00 54.25
CA VAL M 88 -30.60 13.76 54.07
C VAL M 88 -29.41 13.79 55.03
N ARG M 89 -29.44 12.95 56.05
CA ARG M 89 -28.44 12.98 57.09
C ARG M 89 -27.32 11.98 56.87
N LEU M 90 -27.05 11.63 55.61
CA LEU M 90 -25.88 10.85 55.24
C LEU M 90 -25.18 11.56 54.10
N HIS M 91 -23.90 11.84 54.27
CA HIS M 91 -23.12 12.46 53.22
C HIS M 91 -22.16 11.42 52.66
N PRO M 92 -22.18 11.15 51.39
CA PRO M 92 -21.31 10.12 50.83
C PRO M 92 -19.85 10.56 50.83
N PHE M 93 -19.02 9.88 51.61
CA PHE M 93 -17.61 10.23 51.73
C PHE M 93 -16.66 9.10 51.38
N HIS M 94 -17.12 7.86 51.42
CA HIS M 94 -16.29 6.72 51.09
C HIS M 94 -16.23 6.57 49.57
N VAL M 95 -15.04 6.40 49.03
CA VAL M 95 -14.86 6.25 47.60
C VAL M 95 -14.70 4.77 47.29
N ILE M 96 -15.45 4.29 46.32
CA ILE M 96 -15.35 2.90 45.89
C ILE M 96 -14.46 2.82 44.67
N ARG M 97 -13.86 1.65 44.48
CA ARG M 97 -12.87 1.45 43.43
C ARG M 97 -13.37 0.50 42.37
N ILE M 98 -12.92 0.72 41.14
CA ILE M 98 -13.28 -0.11 39.99
C ILE M 98 -12.01 -0.63 39.35
N ASN M 99 -11.96 -1.93 39.10
CA ASN M 99 -10.80 -2.51 38.42
C ASN M 99 -11.18 -2.71 36.96
N LYS M 100 -11.07 -1.62 36.20
CA LYS M 100 -11.45 -1.62 34.80
C LYS M 100 -10.55 -2.55 34.00
N MET M 101 -11.16 -3.40 33.20
CA MET M 101 -10.44 -4.34 32.34
C MET M 101 -10.45 -3.80 30.91
N LEU M 102 -9.32 -3.22 30.50
CA LEU M 102 -9.13 -2.62 29.17
C LEU M 102 -10.19 -1.56 28.86
N GLN M 111 -4.33 -7.93 27.71
CA GLN M 111 -4.86 -8.67 28.85
C GLN M 111 -3.84 -8.68 29.98
N THR M 112 -4.24 -8.21 31.15
CA THR M 112 -3.33 -8.11 32.28
C THR M 112 -3.71 -9.04 33.43
N GLY M 113 -5.00 -9.33 33.59
CA GLY M 113 -5.41 -10.19 34.68
C GLY M 113 -5.39 -9.48 36.00
N MET M 114 -4.66 -10.03 36.97
CA MET M 114 -4.60 -9.45 38.30
C MET M 114 -3.22 -8.89 38.64
N ARG M 115 -2.36 -8.74 37.65
CA ARG M 115 -1.08 -8.07 37.90
C ARG M 115 -1.34 -6.59 38.10
N GLY M 116 -1.11 -6.10 39.31
CA GLY M 116 -1.30 -4.70 39.60
C GLY M 116 -2.74 -4.28 39.49
N ALA M 117 -3.61 -4.91 40.29
CA ALA M 117 -5.03 -4.58 40.28
C ALA M 117 -5.35 -3.76 41.50
N PHE M 118 -4.96 -2.49 41.47
CA PHE M 118 -5.48 -1.51 42.41
C PHE M 118 -6.41 -0.60 41.62
N GLY M 119 -7.68 -0.58 42.00
CA GLY M 119 -8.68 0.00 41.14
C GLY M 119 -8.63 1.52 41.12
N LYS M 120 -9.23 2.05 40.13
CA LYS M 120 -9.51 3.46 39.91
C LYS M 120 -10.76 3.86 40.68
N PRO M 121 -10.87 5.09 41.11
CA PRO M 121 -12.08 5.52 41.81
C PRO M 121 -13.31 5.51 40.91
N GLN M 122 -14.31 4.70 41.27
CA GLN M 122 -15.52 4.62 40.45
C GLN M 122 -16.53 5.69 40.83
N GLY M 123 -16.98 5.67 42.08
CA GLY M 123 -17.96 6.62 42.53
C GLY M 123 -17.85 6.80 44.01
N THR M 124 -18.87 7.38 44.60
CA THR M 124 -18.87 7.63 46.04
C THR M 124 -20.08 6.95 46.67
N VAL M 125 -19.90 6.49 47.91
CA VAL M 125 -20.87 5.66 48.60
C VAL M 125 -20.93 6.19 50.03
N ALA M 126 -21.96 5.77 50.76
CA ALA M 126 -22.12 6.22 52.14
C ALA M 126 -22.28 5.02 53.06
N ARG M 127 -21.43 4.94 54.07
CA ARG M 127 -21.47 3.84 55.02
C ARG M 127 -22.38 4.18 56.18
N VAL M 128 -23.22 3.24 56.57
CA VAL M 128 -24.24 3.50 57.59
C VAL M 128 -24.27 2.35 58.59
N HIS M 129 -24.41 2.69 59.85
CA HIS M 129 -24.43 1.74 60.96
C HIS M 129 -25.86 1.37 61.29
N ILE M 130 -26.01 0.44 62.22
CA ILE M 130 -27.33 -0.01 62.66
C ILE M 130 -27.92 1.05 63.58
N GLY M 131 -29.19 1.38 63.37
CA GLY M 131 -29.85 2.34 64.22
C GLY M 131 -29.50 3.77 63.93
N GLN M 132 -28.98 4.06 62.75
CA GLN M 132 -28.56 5.39 62.36
C GLN M 132 -29.59 6.00 61.44
N VAL M 133 -29.88 7.28 61.64
CA VAL M 133 -30.87 7.97 60.82
C VAL M 133 -30.29 8.23 59.44
N ILE M 134 -31.08 7.93 58.41
CA ILE M 134 -30.67 8.15 57.03
C ILE M 134 -31.18 9.47 56.51
N MET M 135 -32.47 9.73 56.67
CA MET M 135 -33.12 10.87 56.09
C MET M 135 -34.31 11.23 56.96
N SER M 136 -34.40 12.49 57.35
CA SER M 136 -35.40 12.88 58.33
C SER M 136 -36.22 14.05 57.79
N ILE M 137 -37.48 14.12 58.22
CA ILE M 137 -38.46 15.05 57.69
C ILE M 137 -39.16 15.74 58.85
N ARG M 138 -39.15 17.07 58.86
CA ARG M 138 -39.97 17.82 59.80
C ARG M 138 -41.13 18.45 59.06
N THR M 139 -42.27 18.53 59.72
CA THR M 139 -43.48 19.08 59.13
C THR M 139 -44.50 19.36 60.23
N LYS M 140 -45.70 19.78 59.83
CA LYS M 140 -46.78 20.00 60.78
C LYS M 140 -47.28 18.68 61.33
N LEU M 141 -47.78 18.72 62.56
CA LEU M 141 -48.10 17.48 63.27
C LEU M 141 -49.30 16.77 62.67
N GLN M 142 -50.22 17.51 62.05
CA GLN M 142 -51.40 16.88 61.48
C GLN M 142 -51.08 16.09 60.23
N ASN M 143 -49.92 16.32 59.62
CA ASN M 143 -49.50 15.54 58.45
C ASN M 143 -48.63 14.37 58.88
N LYS M 144 -49.13 13.61 59.85
CA LYS M 144 -48.34 12.51 60.39
C LYS M 144 -48.27 11.36 59.41
N GLU M 145 -49.41 10.88 58.94
CA GLU M 145 -49.43 9.77 58.00
C GLU M 145 -48.88 10.14 56.63
N HIS M 146 -48.79 11.42 56.31
CA HIS M 146 -48.24 11.81 55.02
C HIS M 146 -46.75 11.52 54.95
N VAL M 147 -46.03 11.73 56.06
CA VAL M 147 -44.61 11.47 56.07
C VAL M 147 -44.34 9.98 56.11
N VAL M 148 -45.09 9.25 56.94
CA VAL M 148 -44.83 7.83 57.15
C VAL M 148 -45.10 7.05 55.87
N GLU M 149 -45.89 7.63 54.96
CA GLU M 149 -45.99 7.06 53.62
C GLU M 149 -44.85 7.51 52.74
N ALA M 150 -44.40 8.75 52.91
CA ALA M 150 -43.34 9.28 52.06
C ALA M 150 -42.04 8.52 52.26
N LEU M 151 -41.68 8.26 53.52
CA LEU M 151 -40.46 7.50 53.78
C LEU M 151 -40.63 6.05 53.33
N ARG M 152 -41.85 5.54 53.36
CA ARG M 152 -42.09 4.18 52.88
C ARG M 152 -41.78 4.06 51.40
N ARG M 153 -42.11 5.08 50.62
CA ARG M 153 -41.70 5.08 49.22
C ARG M 153 -40.20 5.25 49.05
N ALA M 154 -39.50 5.69 50.08
CA ALA M 154 -38.05 5.84 49.98
C ALA M 154 -37.31 4.57 50.34
N LYS M 155 -37.96 3.62 51.02
CA LYS M 155 -37.27 2.39 51.41
C LYS M 155 -36.96 1.53 50.20
N PHE M 156 -37.74 1.63 49.15
CA PHE M 156 -37.53 0.80 47.97
C PHE M 156 -36.36 1.27 47.12
N LYS M 157 -35.79 2.42 47.43
CA LYS M 157 -34.62 2.90 46.72
C LYS M 157 -33.32 2.51 47.39
N PHE M 158 -33.38 1.83 48.51
CA PHE M 158 -32.20 1.45 49.25
C PHE M 158 -32.10 -0.06 49.34
N PRO M 159 -30.89 -0.60 49.37
CA PRO M 159 -30.73 -2.03 49.62
C PRO M 159 -31.05 -2.37 51.06
N GLY M 160 -31.50 -3.59 51.25
CA GLY M 160 -31.79 -4.07 52.57
C GLY M 160 -32.95 -3.35 53.24
N ARG M 161 -33.07 -3.60 54.54
CA ARG M 161 -34.22 -3.19 55.31
C ARG M 161 -33.85 -2.06 56.26
N GLN M 162 -34.82 -1.19 56.51
CA GLN M 162 -34.63 -0.11 57.46
C GLN M 162 -35.98 0.29 58.02
N LYS M 163 -36.00 0.65 59.29
CA LYS M 163 -37.23 0.96 59.98
C LYS M 163 -37.59 2.43 59.79
N ILE M 164 -38.86 2.72 59.98
CA ILE M 164 -39.37 4.09 59.92
C ILE M 164 -39.89 4.45 61.30
N HIS M 165 -39.29 5.44 61.92
CA HIS M 165 -39.60 5.79 63.29
C HIS M 165 -39.90 7.27 63.37
N ILE M 166 -40.86 7.64 64.20
CA ILE M 166 -41.15 9.04 64.47
C ILE M 166 -40.48 9.39 65.78
N SER M 167 -39.56 10.35 65.73
CA SER M 167 -38.82 10.74 66.92
C SER M 167 -39.72 11.45 67.92
N LYS M 168 -39.19 11.63 69.13
CA LYS M 168 -39.84 12.40 70.16
C LYS M 168 -39.28 13.80 70.28
N LYS M 169 -38.23 14.11 69.52
CA LYS M 169 -37.65 15.45 69.57
C LYS M 169 -38.51 16.43 68.80
N TRP M 170 -38.59 17.65 69.31
CA TRP M 170 -39.32 18.72 68.65
C TRP M 170 -38.53 19.17 67.43
N GLY M 171 -39.07 18.92 66.25
CA GLY M 171 -38.40 19.34 65.02
C GLY M 171 -37.10 18.60 64.82
N PHE M 172 -36.11 19.30 64.30
CA PHE M 172 -34.78 18.75 64.14
C PHE M 172 -33.88 19.07 65.33
N THR M 173 -34.46 19.44 66.46
CA THR M 173 -33.67 19.72 67.63
C THR M 173 -33.23 18.43 68.29
N LYS M 174 -32.35 18.56 69.28
CA LYS M 174 -31.98 17.45 70.14
C LYS M 174 -32.70 17.51 71.48
N PHE M 175 -33.80 18.25 71.53
CA PHE M 175 -34.55 18.45 72.76
C PHE M 175 -35.93 17.83 72.62
N ASN M 176 -36.34 17.12 73.66
CA ASN M 176 -37.58 16.37 73.61
C ASN M 176 -38.76 17.32 73.49
N ALA M 177 -39.79 16.88 72.76
CA ALA M 177 -40.90 17.77 72.42
C ALA M 177 -41.67 18.18 73.65
N ASP M 178 -41.83 17.27 74.61
CA ASP M 178 -42.56 17.58 75.84
C ASP M 178 -41.85 18.66 76.65
N GLU M 179 -40.52 18.64 76.68
CA GLU M 179 -39.74 19.63 77.42
C GLU M 179 -39.52 20.91 76.62
N PHE M 180 -39.97 20.98 75.37
CA PHE M 180 -39.58 22.09 74.51
C PHE M 180 -40.19 23.41 74.96
N GLU M 181 -41.51 23.46 75.08
CA GLU M 181 -42.20 24.72 75.33
C GLU M 181 -41.88 25.28 76.71
N ASP M 182 -41.71 24.39 77.69
CA ASP M 182 -41.38 24.86 79.03
C ASP M 182 -39.97 25.44 79.06
N MET M 183 -39.09 24.93 78.20
CA MET M 183 -37.78 25.56 78.05
C MET M 183 -37.87 26.89 77.33
N VAL M 184 -38.77 26.99 76.34
CA VAL M 184 -39.02 28.29 75.74
C VAL M 184 -39.77 29.19 76.71
N ALA M 185 -40.49 28.59 77.67
CA ALA M 185 -41.17 29.39 78.68
C ALA M 185 -40.18 30.11 79.57
N GLU M 186 -39.27 29.37 80.21
CA GLU M 186 -38.26 29.97 81.07
C GLU M 186 -37.05 30.44 80.29
N LYS M 187 -37.17 30.53 78.96
CA LYS M 187 -36.16 31.09 78.08
C LYS M 187 -34.87 30.29 78.19
N ARG M 188 -35.05 28.98 78.11
CA ARG M 188 -33.92 28.07 78.09
C ARG M 188 -33.45 27.76 76.68
N LEU M 189 -34.27 28.05 75.68
CA LEU M 189 -33.97 27.77 74.29
C LEU M 189 -34.37 28.98 73.46
N ILE M 190 -33.41 29.56 72.75
CA ILE M 190 -33.61 30.78 71.99
C ILE M 190 -33.66 30.40 70.52
N PRO M 191 -34.80 30.57 69.84
CA PRO M 191 -34.96 30.04 68.48
C PRO M 191 -34.03 30.72 67.49
N ASP M 192 -33.08 29.94 66.98
CA ASP M 192 -32.13 30.43 65.99
C ASP M 192 -32.56 29.97 64.60
N GLY M 193 -33.71 30.43 64.14
CA GLY M 193 -34.19 30.08 62.82
C GLY M 193 -34.53 28.61 62.69
N CYS M 194 -33.80 27.90 61.82
CA CYS M 194 -34.04 26.47 61.64
C CYS M 194 -33.60 25.68 62.86
N GLY M 195 -32.70 26.22 63.68
CA GLY M 195 -32.30 25.58 64.91
C GLY M 195 -32.62 26.44 66.12
N VAL M 196 -31.95 26.17 67.23
CA VAL M 196 -32.22 26.85 68.48
C VAL M 196 -30.97 26.81 69.36
N LYS M 197 -30.64 27.94 69.96
CA LYS M 197 -29.44 28.07 70.77
C LYS M 197 -29.77 27.76 72.22
N TYR M 198 -29.05 26.81 72.80
CA TYR M 198 -29.25 26.46 74.20
C TYR M 198 -28.45 27.41 75.07
N ILE M 199 -29.16 28.14 75.93
CA ILE M 199 -28.55 29.11 76.84
C ILE M 199 -28.34 28.41 78.19
N PRO M 200 -27.10 28.24 78.63
CA PRO M 200 -26.86 27.68 79.96
C PRO M 200 -26.92 28.77 81.03
N ASN M 201 -26.55 28.39 82.24
CA ASN M 201 -26.52 29.31 83.36
C ASN M 201 -25.08 29.58 83.77
N ARG M 202 -24.20 29.72 82.81
CA ARG M 202 -22.78 29.77 83.08
C ARG M 202 -22.04 30.95 82.48
N GLY M 203 -22.63 31.68 81.53
CA GLY M 203 -21.92 32.76 80.90
C GLY M 203 -21.72 33.95 81.80
N PRO M 204 -21.21 35.05 81.26
CA PRO M 204 -21.16 36.28 82.04
C PRO M 204 -22.57 36.83 82.23
N LEU M 205 -22.77 37.50 83.36
CA LEU M 205 -24.11 37.83 83.81
C LEU M 205 -24.81 38.85 82.93
N ASP M 206 -24.06 39.68 82.21
CA ASP M 206 -24.67 40.77 81.45
C ASP M 206 -25.54 40.25 80.31
N LYS M 207 -25.20 39.10 79.74
CA LYS M 207 -26.04 38.57 78.67
C LYS M 207 -27.32 37.99 79.22
N TRP M 208 -27.33 37.58 80.48
CA TRP M 208 -28.59 37.22 81.12
C TRP M 208 -29.46 38.45 81.31
N ARG M 209 -28.86 39.61 81.53
CA ARG M 209 -29.62 40.85 81.53
C ARG M 209 -30.17 41.15 80.15
N ALA M 210 -29.45 40.75 79.10
CA ALA M 210 -29.90 41.06 77.75
C ALA M 210 -31.15 40.28 77.38
N LEU M 211 -31.16 38.98 77.65
CA LEU M 211 -32.31 38.16 77.26
C LEU M 211 -33.55 38.48 78.06
N HIS M 212 -33.39 38.97 79.30
CA HIS M 212 -34.51 39.30 80.14
C HIS M 212 -34.95 40.75 79.98
N SER M 213 -34.70 41.33 78.80
CA SER M 213 -35.02 42.72 78.53
C SER M 213 -35.27 42.93 77.04
N LYS N 1 -5.51 66.60 89.35
CA LYS N 1 -5.35 65.51 90.30
C LYS N 1 -4.84 64.27 89.58
N GLU N 2 -4.79 64.37 88.25
CA GLU N 2 -4.29 63.29 87.42
C GLU N 2 -2.81 63.06 87.69
N ASN N 3 -2.35 61.84 87.42
CA ASN N 3 -0.99 61.45 87.78
C ASN N 3 0.03 62.20 86.94
N PRO N 4 1.13 62.68 87.52
CA PRO N 4 2.14 63.39 86.72
C PRO N 4 2.85 62.51 85.72
N MET N 5 2.75 61.20 85.84
CA MET N 5 3.37 60.30 84.87
C MET N 5 2.36 59.63 83.97
N ARG N 6 1.27 60.33 83.65
CA ARG N 6 0.36 59.94 82.60
C ARG N 6 0.46 60.85 81.38
N GLU N 7 1.40 61.78 81.37
CA GLU N 7 1.46 62.80 80.35
C GLU N 7 1.98 62.21 79.05
N LEU N 8 1.27 62.49 77.96
CA LEU N 8 1.69 62.05 76.65
C LEU N 8 2.96 62.77 76.22
N ARG N 9 3.83 62.06 75.51
CA ARG N 9 5.05 62.64 74.99
C ARG N 9 5.29 62.06 73.60
N ILE N 10 6.48 62.27 73.06
CA ILE N 10 6.87 61.76 71.77
C ILE N 10 7.95 60.73 72.01
N ARG N 11 7.65 59.47 71.74
CA ARG N 11 8.70 58.45 71.86
C ARG N 11 9.69 58.61 70.73
N LYS N 12 9.22 58.47 69.50
CA LYS N 12 10.09 58.58 68.34
C LYS N 12 9.34 59.22 67.19
N LEU N 13 10.09 59.87 66.32
CA LEU N 13 9.57 60.48 65.11
C LEU N 13 10.26 59.84 63.92
N CYS N 14 9.48 59.21 63.04
CA CYS N 14 10.01 58.36 62.00
C CYS N 14 9.83 59.02 60.64
N LEU N 15 10.91 59.08 59.87
CA LEU N 15 10.94 59.77 58.58
C LEU N 15 11.66 58.87 57.58
N ASN N 16 10.96 58.41 56.56
CA ASN N 16 11.60 57.71 55.46
C ASN N 16 11.36 58.41 54.14
N ILE N 17 12.19 58.10 53.15
CA ILE N 17 12.09 58.64 51.82
C ILE N 17 12.23 57.46 50.87
N CYS N 18 11.12 57.02 50.29
CA CYS N 18 11.14 55.88 49.39
C CYS N 18 11.24 56.38 47.96
N VAL N 19 12.45 56.35 47.40
CA VAL N 19 12.67 56.79 46.04
C VAL N 19 12.41 55.68 45.03
N GLY N 20 12.28 54.45 45.48
CA GLY N 20 11.95 53.36 44.57
C GLY N 20 13.06 53.00 43.60
N GLU N 21 14.30 53.30 43.96
CA GLU N 21 15.45 53.01 43.12
C GLU N 21 16.70 53.20 43.94
N SER N 22 17.79 52.60 43.48
CA SER N 22 19.09 52.77 44.11
C SER N 22 19.94 53.77 43.33
N GLY N 23 21.13 54.00 43.85
CA GLY N 23 22.11 54.80 43.14
C GLY N 23 22.04 56.28 43.48
N ASP N 24 22.28 57.08 42.45
CA ASP N 24 22.33 58.53 42.56
C ASP N 24 21.05 59.09 43.16
N ARG N 25 19.91 58.62 42.68
CA ARG N 25 18.59 59.12 43.08
C ARG N 25 18.35 58.93 44.56
N LEU N 26 18.99 57.93 45.16
CA LEU N 26 18.76 57.58 46.55
C LEU N 26 19.77 58.22 47.49
N THR N 27 21.06 58.17 47.15
CA THR N 27 22.06 58.76 48.03
C THR N 27 21.91 60.27 48.14
N ARG N 28 21.32 60.90 47.12
CA ARG N 28 21.02 62.32 47.22
C ARG N 28 19.92 62.58 48.25
N ALA N 29 18.85 61.79 48.19
CA ALA N 29 17.82 61.88 49.22
C ALA N 29 18.31 61.42 50.57
N ALA N 30 19.36 60.59 50.60
CA ALA N 30 20.00 60.27 51.87
C ALA N 30 20.71 61.48 52.45
N LYS N 31 21.25 62.34 51.57
CA LYS N 31 21.88 63.56 52.04
C LYS N 31 20.84 64.53 52.60
N VAL N 32 19.61 64.45 52.13
CA VAL N 32 18.54 65.32 52.64
C VAL N 32 18.31 65.05 54.11
N LEU N 33 18.10 63.79 54.46
CA LEU N 33 17.91 63.44 55.87
C LEU N 33 19.18 63.63 56.68
N GLU N 34 20.33 63.70 56.02
CA GLU N 34 21.58 63.95 56.74
C GLU N 34 21.60 65.38 57.29
N GLN N 35 21.40 66.36 56.44
CA GLN N 35 21.42 67.75 56.86
C GLN N 35 20.05 68.25 57.31
N LEU N 36 19.16 67.34 57.69
CA LEU N 36 17.91 67.71 58.35
C LEU N 36 17.89 67.26 59.80
N THR N 37 18.20 66.00 60.06
CA THR N 37 18.26 65.50 61.42
C THR N 37 19.61 65.72 62.08
N GLY N 38 20.68 65.61 61.30
CA GLY N 38 22.01 65.63 61.84
C GLY N 38 22.57 64.27 62.17
N GLN N 39 21.78 63.21 61.96
CA GLN N 39 22.22 61.85 62.23
C GLN N 39 22.14 61.05 60.94
N THR N 40 23.13 60.19 60.73
CA THR N 40 23.25 59.46 59.47
C THR N 40 22.12 58.45 59.30
N PRO N 41 21.21 58.68 58.36
CA PRO N 41 20.04 57.82 58.24
C PRO N 41 20.40 56.48 57.62
N VAL N 42 19.46 55.54 57.70
CA VAL N 42 19.66 54.16 57.31
C VAL N 42 18.80 53.85 56.09
N PHE N 43 19.38 53.13 55.13
CA PHE N 43 18.64 52.69 53.96
C PHE N 43 17.68 51.55 54.30
N SER N 44 17.08 50.96 53.29
CA SER N 44 16.22 49.81 53.49
C SER N 44 16.20 49.00 52.21
N LYS N 45 16.09 47.68 52.36
CA LYS N 45 16.21 46.78 51.23
C LYS N 45 14.85 46.20 50.89
N ALA N 46 14.65 45.91 49.61
CA ALA N 46 13.39 45.39 49.14
C ALA N 46 13.16 43.98 49.66
N ARG N 47 11.89 43.65 49.87
CA ARG N 47 11.56 42.32 50.34
C ARG N 47 11.54 41.29 49.22
N TYR N 48 11.20 41.71 48.00
CA TYR N 48 11.17 40.81 46.86
C TYR N 48 11.08 41.62 45.58
N THR N 49 11.42 40.97 44.47
CA THR N 49 11.46 41.63 43.18
C THR N 49 10.05 41.94 42.69
N VAL N 50 9.86 43.14 42.15
CA VAL N 50 8.59 43.51 41.54
C VAL N 50 8.87 44.16 40.19
N ARG N 51 8.39 43.53 39.12
CA ARG N 51 8.63 44.09 37.79
C ARG N 51 7.84 45.36 37.57
N SER N 52 6.66 45.47 38.17
CA SER N 52 5.81 46.63 37.93
C SER N 52 6.35 47.88 38.61
N PHE N 53 7.24 47.73 39.60
CA PHE N 53 7.86 48.87 40.23
C PHE N 53 9.32 49.06 39.83
N GLY N 54 9.96 48.02 39.30
CA GLY N 54 11.35 48.09 38.92
C GLY N 54 12.31 47.65 39.99
N ILE N 55 11.84 47.42 41.20
CA ILE N 55 12.72 47.06 42.29
C ILE N 55 13.17 45.61 42.12
N ARG N 56 14.37 45.32 42.63
CA ARG N 56 14.92 43.98 42.57
C ARG N 56 15.08 43.42 43.97
N ARG N 57 15.38 42.12 44.04
CA ARG N 57 15.52 41.45 45.32
C ARG N 57 16.67 42.02 46.12
N ASN N 58 16.38 42.43 47.35
CA ASN N 58 17.34 42.99 48.30
C ASN N 58 18.00 44.26 47.77
N GLU N 59 17.29 45.02 46.95
CA GLU N 59 17.81 46.30 46.47
C GLU N 59 17.48 47.41 47.45
N LYS N 60 18.39 48.38 47.58
CA LYS N 60 18.15 49.51 48.45
C LYS N 60 17.26 50.52 47.73
N ILE N 61 16.07 50.76 48.28
CA ILE N 61 15.06 51.56 47.62
C ILE N 61 14.62 52.76 48.45
N ALA N 62 15.08 52.89 49.67
CA ALA N 62 14.63 53.99 50.52
C ALA N 62 15.74 54.33 51.49
N VAL N 63 15.49 55.34 52.33
CA VAL N 63 16.38 55.71 53.41
C VAL N 63 15.57 56.33 54.53
N HIS N 64 15.69 55.79 55.74
CA HIS N 64 14.87 56.21 56.85
C HIS N 64 15.74 56.62 58.04
N CYS N 65 15.09 57.21 59.03
CA CYS N 65 15.78 57.71 60.22
C CYS N 65 14.77 57.88 61.33
N THR N 66 15.22 57.66 62.56
CA THR N 66 14.40 57.85 63.74
C THR N 66 14.94 59.00 64.56
N VAL N 67 14.04 59.79 65.12
CA VAL N 67 14.40 60.98 65.88
C VAL N 67 13.71 60.90 67.23
N ARG N 68 14.46 61.10 68.30
CA ARG N 68 13.93 61.10 69.66
C ARG N 68 14.22 62.44 70.30
N GLY N 69 13.85 62.54 71.58
CA GLY N 69 14.20 63.62 72.47
C GLY N 69 13.70 64.98 71.99
N ALA N 70 14.49 66.01 72.31
CA ALA N 70 14.10 67.38 72.01
C ALA N 70 14.22 67.69 70.53
N LYS N 71 15.04 66.95 69.80
CA LYS N 71 15.10 67.14 68.35
C LYS N 71 13.81 66.72 67.67
N ALA N 72 13.04 65.82 68.29
CA ALA N 72 11.80 65.34 67.69
C ALA N 72 10.74 66.42 67.67
N GLU N 73 10.53 67.09 68.80
CA GLU N 73 9.53 68.15 68.87
C GLU N 73 9.89 69.31 67.95
N GLU N 74 11.18 69.56 67.74
CA GLU N 74 11.59 70.64 66.87
C GLU N 74 11.24 70.34 65.41
N ILE N 75 11.38 69.08 64.99
CA ILE N 75 11.10 68.76 63.60
C ILE N 75 9.60 68.64 63.37
N LEU N 76 8.87 68.13 64.36
CA LEU N 76 7.42 68.06 64.24
C LEU N 76 6.80 69.45 64.22
N GLU N 77 7.43 70.41 64.92
CA GLU N 77 6.97 71.79 64.91
C GLU N 77 6.95 72.35 63.50
N LYS N 78 8.00 72.09 62.72
CA LYS N 78 8.07 72.61 61.36
C LYS N 78 7.17 71.83 60.42
N GLY N 79 7.08 70.51 60.60
CA GLY N 79 6.26 69.71 59.72
C GLY N 79 4.78 70.03 59.83
N LEU N 80 4.32 70.29 61.05
CA LEU N 80 2.93 70.68 61.23
C LEU N 80 2.68 72.10 60.74
N LYS N 81 3.73 72.93 60.69
CA LYS N 81 3.59 74.26 60.14
C LYS N 81 3.25 74.22 58.66
N VAL N 82 3.84 73.28 57.93
CA VAL N 82 3.58 73.16 56.49
C VAL N 82 2.10 72.82 56.26
N ARG N 83 1.51 72.04 57.14
CA ARG N 83 0.08 71.77 57.09
C ARG N 83 -0.74 72.76 57.90
N GLU N 84 -0.16 73.92 58.22
CA GLU N 84 -0.73 74.99 59.06
C GLU N 84 -1.49 74.48 60.27
N TYR N 85 -0.98 73.41 60.88
CA TYR N 85 -1.54 72.79 62.08
C TYR N 85 -2.98 72.31 61.84
N GLU N 86 -3.19 71.68 60.69
CA GLU N 86 -4.48 71.06 60.43
C GLU N 86 -4.25 69.65 59.88
N LEU N 87 -5.10 68.73 60.30
CA LEU N 87 -5.01 67.34 59.87
C LEU N 87 -6.43 66.81 59.73
N ARG N 88 -6.55 65.58 59.27
CA ARG N 88 -7.83 64.92 59.15
C ARG N 88 -7.84 63.68 60.03
N LYS N 89 -9.04 63.22 60.38
CA LYS N 89 -9.25 62.14 61.33
C LYS N 89 -8.53 60.87 60.90
N ASN N 90 -8.50 60.61 59.59
CA ASN N 90 -7.90 59.38 59.07
C ASN N 90 -6.40 59.32 59.31
N ASN N 91 -5.75 60.45 59.60
CA ASN N 91 -4.31 60.42 59.81
C ASN N 91 -3.96 59.77 61.14
N PHE N 92 -4.83 59.89 62.13
CA PHE N 92 -4.57 59.33 63.45
C PHE N 92 -4.95 57.86 63.45
N SER N 93 -3.98 56.99 63.65
CA SER N 93 -4.25 55.57 63.65
C SER N 93 -4.96 55.16 64.93
N ASP N 94 -5.35 53.89 64.98
CA ASP N 94 -6.10 53.37 66.13
C ASP N 94 -5.21 53.09 67.34
N THR N 95 -3.90 53.17 67.19
CA THR N 95 -2.98 52.93 68.28
C THR N 95 -2.34 54.20 68.80
N GLY N 96 -3.00 55.35 68.63
CA GLY N 96 -2.53 56.59 69.17
C GLY N 96 -1.48 57.30 68.34
N ASN N 97 -1.01 56.69 67.26
CA ASN N 97 -0.01 57.31 66.41
C ASN N 97 -0.67 57.99 65.22
N PHE N 98 0.08 58.86 64.57
CA PHE N 98 -0.43 59.57 63.40
C PHE N 98 0.72 59.89 62.46
N GLY N 99 0.37 60.31 61.26
CA GLY N 99 1.37 60.65 60.27
C GLY N 99 0.80 61.56 59.21
N PHE N 100 1.70 62.13 58.42
CA PHE N 100 1.36 63.03 57.33
C PHE N 100 2.58 63.22 56.44
N GLY N 101 2.38 63.27 55.14
CA GLY N 101 3.49 63.52 54.25
C GLY N 101 3.66 64.99 53.92
N ILE N 102 4.80 65.32 53.33
CA ILE N 102 5.04 66.64 52.79
C ILE N 102 5.48 66.51 51.35
N GLN N 103 5.11 67.48 50.53
CA GLN N 103 5.32 67.37 49.09
C GLN N 103 6.78 67.56 48.72
N GLU N 104 7.49 68.38 49.49
CA GLU N 104 8.91 68.59 49.28
C GLU N 104 9.56 69.01 50.58
N HIS N 105 10.87 68.80 50.68
CA HIS N 105 11.57 69.05 51.93
C HIS N 105 12.11 70.46 52.04
N ILE N 106 12.00 71.27 50.99
CA ILE N 106 12.41 72.66 51.10
C ILE N 106 11.53 73.45 52.06
N ASP N 107 10.26 73.07 52.18
CA ASP N 107 9.32 73.84 52.98
C ASP N 107 9.53 73.65 54.48
N LEU N 108 10.45 72.78 54.87
CA LEU N 108 10.82 72.65 56.27
C LEU N 108 11.80 73.70 56.74
N GLY N 109 12.24 74.59 55.85
CA GLY N 109 13.26 75.55 56.17
C GLY N 109 14.66 75.15 55.77
N ILE N 110 14.80 74.12 54.94
CA ILE N 110 16.08 73.64 54.48
C ILE N 110 16.40 74.33 53.16
N LYS N 111 17.59 74.93 53.08
CA LYS N 111 18.00 75.54 51.83
C LYS N 111 18.40 74.48 50.82
N TYR N 112 17.76 74.50 49.67
CA TYR N 112 18.04 73.61 48.57
C TYR N 112 19.36 73.99 47.92
N ASP N 113 20.03 72.99 47.36
CA ASP N 113 21.20 73.21 46.52
C ASP N 113 21.02 72.36 45.28
N PRO N 114 21.50 72.81 44.11
CA PRO N 114 21.30 72.06 42.87
C PRO N 114 21.98 70.70 42.85
N SER N 115 22.98 70.51 43.70
CA SER N 115 23.72 69.25 43.71
C SER N 115 22.94 68.11 44.37
N ILE N 116 21.82 68.38 45.02
CA ILE N 116 21.07 67.33 45.70
C ILE N 116 19.70 67.10 45.07
N GLY N 117 18.86 68.12 45.05
CA GLY N 117 17.55 68.00 44.44
C GLY N 117 16.43 68.24 45.43
N ILE N 118 15.24 67.74 45.09
CA ILE N 118 14.00 68.06 45.80
C ILE N 118 13.23 66.77 46.04
N TYR N 119 12.97 66.45 47.29
CA TYR N 119 12.25 65.23 47.64
C TYR N 119 11.16 65.54 48.65
N GLY N 120 9.99 64.93 48.46
CA GLY N 120 8.97 64.91 49.48
C GLY N 120 9.26 63.76 50.42
N LEU N 121 9.01 63.98 51.69
CA LEU N 121 9.34 62.96 52.68
C LEU N 121 8.12 62.68 53.55
N ASP N 122 8.27 61.70 54.43
CA ASP N 122 7.19 61.17 55.23
C ASP N 122 7.44 61.50 56.69
N PHE N 123 6.40 61.90 57.39
CA PHE N 123 6.43 62.12 58.83
C PHE N 123 5.57 61.08 59.51
N TYR N 124 6.07 60.48 60.59
CA TYR N 124 5.25 59.60 61.41
C TYR N 124 5.65 59.76 62.86
N VAL N 125 4.69 60.10 63.71
CA VAL N 125 4.92 60.37 65.12
C VAL N 125 4.40 59.19 65.92
N VAL N 126 5.17 58.77 66.93
CA VAL N 126 4.79 57.66 67.79
C VAL N 126 4.67 58.21 69.21
N LEU N 127 3.44 58.42 69.65
CA LEU N 127 3.21 58.96 70.98
C LEU N 127 3.55 57.94 72.05
N GLY N 128 3.77 58.42 73.27
CA GLY N 128 4.12 57.55 74.36
C GLY N 128 3.82 58.19 75.69
N ARG N 129 3.72 57.35 76.71
CA ARG N 129 3.54 57.75 78.09
C ARG N 129 4.79 57.34 78.86
N PRO N 130 4.99 57.87 80.08
CA PRO N 130 6.12 57.41 80.88
C PRO N 130 5.99 55.95 81.29
N GLY N 131 6.88 55.10 80.79
CA GLY N 131 6.88 53.70 81.18
C GLY N 131 6.65 52.74 80.04
N PHE N 132 6.76 53.23 78.81
CA PHE N 132 6.51 52.41 77.63
C PHE N 132 7.70 51.54 77.25
N SER N 133 8.83 51.66 77.94
CA SER N 133 9.99 50.86 77.60
C SER N 133 9.84 49.42 78.06
N ILE N 134 8.86 49.15 78.92
CA ILE N 134 8.64 47.80 79.45
C ILE N 134 8.33 46.81 78.34
N ALA N 135 7.66 47.28 77.28
CA ALA N 135 7.37 46.40 76.15
C ALA N 135 8.62 46.02 75.38
N ASP N 136 9.70 46.79 75.48
CA ASP N 136 10.90 46.46 74.72
C ASP N 136 12.16 46.65 75.56
N LYS N 137 12.11 46.31 76.84
CA LYS N 137 13.32 46.17 77.64
C LYS N 137 13.59 44.70 77.81
N LYS N 138 14.88 44.35 78.00
CA LYS N 138 15.25 42.94 77.88
C LYS N 138 14.80 42.12 79.07
N ARG N 139 15.21 42.50 80.28
CA ARG N 139 15.06 41.63 81.44
C ARG N 139 13.61 41.35 81.81
N ARG N 140 12.91 42.34 82.37
CA ARG N 140 11.55 42.10 82.86
C ARG N 140 10.52 42.69 81.90
N THR N 141 10.48 42.14 80.69
CA THR N 141 9.54 42.63 79.70
C THR N 141 8.12 42.32 80.11
N GLY N 142 7.18 43.20 79.75
CA GLY N 142 5.79 43.00 80.07
C GLY N 142 4.92 43.84 79.18
N CYS N 143 3.61 43.70 79.36
CA CYS N 143 2.65 44.52 78.63
C CYS N 143 2.50 45.87 79.33
N ILE N 144 1.53 46.67 78.90
CA ILE N 144 1.36 48.00 79.48
C ILE N 144 0.03 48.09 80.20
N GLY N 145 -0.68 46.97 80.26
CA GLY N 145 -2.00 47.10 80.80
C GLY N 145 -2.92 47.77 79.79
N ALA N 146 -4.04 48.26 80.29
CA ALA N 146 -5.03 48.92 79.44
C ALA N 146 -5.26 50.37 79.80
N LYS N 147 -5.23 50.72 81.09
CA LYS N 147 -5.40 52.11 81.49
C LYS N 147 -4.30 53.00 80.97
N HIS N 148 -3.12 52.43 80.75
CA HIS N 148 -1.94 53.18 80.35
C HIS N 148 -1.82 53.30 78.84
N ARG N 149 -2.78 52.77 78.09
CA ARG N 149 -2.73 52.82 76.64
C ARG N 149 -2.97 54.25 76.14
N ILE N 150 -2.76 54.43 74.84
CA ILE N 150 -3.02 55.70 74.17
C ILE N 150 -4.10 55.43 73.13
N SER N 151 -5.35 55.73 73.49
CA SER N 151 -6.45 55.46 72.58
C SER N 151 -6.44 56.45 71.42
N LYS N 152 -7.36 56.25 70.48
CA LYS N 152 -7.39 57.09 69.29
C LYS N 152 -7.82 58.51 69.64
N GLU N 153 -8.89 58.64 70.41
CA GLU N 153 -9.39 59.97 70.75
C GLU N 153 -8.42 60.72 71.64
N GLU N 154 -7.72 59.99 72.51
CA GLU N 154 -6.77 60.62 73.43
C GLU N 154 -5.62 61.28 72.70
N ALA N 155 -5.21 60.72 71.56
CA ALA N 155 -4.14 61.32 70.79
C ALA N 155 -4.62 62.53 70.01
N MET N 156 -5.88 62.51 69.55
CA MET N 156 -6.41 63.63 68.78
C MET N 156 -6.61 64.85 69.67
N ARG N 157 -7.11 64.65 70.89
CA ARG N 157 -7.21 65.78 71.80
C ARG N 157 -5.84 66.19 72.32
N TRP N 158 -4.83 65.34 72.22
CA TRP N 158 -3.47 65.79 72.48
C TRP N 158 -2.96 66.66 71.34
N PHE N 159 -3.41 66.38 70.12
CA PHE N 159 -3.13 67.27 69.00
C PHE N 159 -3.78 68.63 69.18
N GLN N 160 -4.87 68.70 69.93
CA GLN N 160 -5.54 69.96 70.19
C GLN N 160 -4.70 70.84 71.11
N GLN N 161 -4.46 70.40 72.33
CA GLN N 161 -3.75 71.25 73.29
C GLN N 161 -2.25 71.06 73.21
N LYS N 162 -1.70 71.08 72.01
CA LYS N 162 -0.25 71.09 71.85
C LYS N 162 0.17 72.22 70.92
N TYR N 163 -0.68 72.50 69.92
CA TYR N 163 -0.42 73.55 68.96
C TYR N 163 -1.67 74.36 68.62
N ASP N 164 -2.76 74.15 69.36
CA ASP N 164 -4.10 74.62 68.97
C ASP N 164 -4.48 74.14 67.57
N GLY N 165 -4.05 72.92 67.24
CA GLY N 165 -4.37 72.38 65.93
C GLY N 165 -5.84 72.07 65.77
N ILE N 166 -6.26 71.94 64.53
CA ILE N 166 -7.65 71.69 64.18
C ILE N 166 -7.71 70.39 63.38
N ILE N 167 -8.68 69.55 63.71
CA ILE N 167 -8.83 68.25 63.07
C ILE N 167 -10.13 68.32 62.29
N LEU N 168 -10.01 68.51 60.98
CA LEU N 168 -11.17 68.60 60.11
C LEU N 168 -11.41 67.27 59.42
N PRO N 169 -12.61 66.70 59.51
CA PRO N 169 -12.82 65.38 58.91
C PRO N 169 -12.91 65.46 57.39
N GLY N 170 -12.50 64.38 56.74
CA GLY N 170 -12.51 64.31 55.29
C GLY N 170 -12.98 62.97 54.76
N GLU O 1 -103.63 23.97 20.89
CA GLU O 1 -103.54 23.42 22.23
C GLU O 1 -102.45 24.13 23.04
N ILE O 2 -102.71 24.34 24.32
CA ILE O 2 -101.81 25.08 25.19
C ILE O 2 -100.61 24.20 25.52
N LYS O 3 -99.41 24.69 25.18
CA LYS O 3 -98.19 23.92 25.39
C LYS O 3 -97.13 24.86 25.93
N VAL O 4 -96.32 24.38 26.87
CA VAL O 4 -95.21 25.14 27.44
C VAL O 4 -93.90 24.46 27.04
N VAL O 5 -92.87 25.27 26.81
CA VAL O 5 -91.55 24.78 26.47
C VAL O 5 -90.52 25.70 27.13
N TYR O 6 -89.45 25.10 27.64
CA TYR O 6 -88.39 25.84 28.33
C TYR O 6 -87.16 25.92 27.44
N LEU O 7 -86.60 27.13 27.33
CA LEU O 7 -85.46 27.40 26.46
C LEU O 7 -84.45 28.20 27.26
N ARG O 8 -83.22 27.68 27.40
CA ARG O 8 -82.11 28.47 27.95
C ARG O 8 -81.56 29.32 26.81
N CYS O 9 -82.19 30.47 26.62
CA CYS O 9 -81.85 31.37 25.53
C CYS O 9 -80.59 32.15 25.87
N THR O 10 -80.05 32.83 24.87
CA THR O 10 -78.96 33.78 25.10
C THR O 10 -79.48 35.15 25.54
N GLY O 11 -80.76 35.43 25.35
CA GLY O 11 -81.35 36.70 25.77
C GLY O 11 -81.56 37.65 24.62
N GLY O 12 -80.94 38.83 24.72
CA GLY O 12 -81.00 39.78 23.62
C GLY O 12 -80.00 39.51 22.51
N GLU O 13 -78.91 38.81 22.83
CA GLU O 13 -77.89 38.49 21.83
C GLU O 13 -78.36 37.33 20.97
N VAL O 14 -78.60 37.60 19.68
CA VAL O 14 -79.19 36.62 18.77
C VAL O 14 -78.16 35.54 18.46
N GLY O 15 -78.58 34.28 18.52
CA GLY O 15 -77.65 33.15 18.42
C GLY O 15 -77.51 32.61 17.00
N ALA O 16 -76.30 32.17 16.68
CA ALA O 16 -76.00 31.56 15.38
C ALA O 16 -76.22 30.05 15.41
N THR O 17 -75.66 29.38 16.41
CA THR O 17 -75.89 27.95 16.61
C THR O 17 -77.15 27.81 17.46
N SER O 18 -78.27 27.59 16.79
CA SER O 18 -79.58 27.62 17.46
C SER O 18 -80.08 26.20 17.72
N ALA O 19 -80.73 26.02 18.87
CA ALA O 19 -81.38 24.76 19.20
C ALA O 19 -82.87 25.02 19.39
N LEU O 20 -83.45 25.79 18.46
CA LEU O 20 -84.87 26.15 18.49
C LEU O 20 -85.69 25.47 17.42
N ALA O 21 -85.09 25.18 16.26
CA ALA O 21 -85.76 24.34 15.27
C ALA O 21 -86.01 22.89 15.71
N PRO O 22 -85.21 22.24 16.58
CA PRO O 22 -85.62 20.91 17.05
C PRO O 22 -86.91 20.89 17.84
N LYS O 23 -87.18 21.93 18.64
CA LYS O 23 -88.34 21.86 19.53
C LYS O 23 -89.59 22.51 18.95
N ILE O 24 -89.50 23.75 18.46
CA ILE O 24 -90.71 24.45 18.01
C ILE O 24 -91.16 23.92 16.64
N GLY O 25 -90.25 23.29 15.90
CA GLY O 25 -90.50 22.80 14.56
C GLY O 25 -91.74 21.92 14.38
N PRO O 26 -91.82 20.81 15.11
CA PRO O 26 -93.06 20.02 15.08
C PRO O 26 -94.25 20.72 15.72
N LEU O 27 -94.02 21.77 16.52
CA LEU O 27 -95.11 22.51 17.15
C LEU O 27 -95.79 23.46 16.15
N GLY O 28 -94.99 24.11 15.30
CA GLY O 28 -95.56 24.78 14.15
C GLY O 28 -95.02 26.14 13.73
N LEU O 29 -94.44 26.91 14.65
CA LEU O 29 -94.05 28.28 14.32
C LEU O 29 -92.63 28.31 13.75
N SER O 30 -92.34 29.35 12.97
CA SER O 30 -91.04 29.48 12.30
C SER O 30 -89.93 29.68 13.32
N PRO O 31 -88.95 28.76 13.40
CA PRO O 31 -87.92 28.87 14.45
C PRO O 31 -87.01 30.08 14.33
N LYS O 32 -86.85 30.61 13.11
CA LYS O 32 -86.13 31.87 12.94
C LYS O 32 -86.95 33.04 13.47
N LYS O 33 -88.28 32.98 13.30
CA LYS O 33 -89.14 33.95 13.96
C LYS O 33 -89.18 33.70 15.46
N VAL O 34 -89.00 32.44 15.87
CA VAL O 34 -88.91 32.12 17.30
C VAL O 34 -87.67 32.76 17.91
N GLY O 35 -86.54 32.68 17.23
CA GLY O 35 -85.32 33.28 17.76
C GLY O 35 -85.38 34.80 17.77
N ASP O 36 -86.17 35.38 16.86
CA ASP O 36 -86.23 36.83 16.77
C ASP O 36 -87.18 37.44 17.81
N ASP O 37 -88.26 36.74 18.14
CA ASP O 37 -89.21 37.34 19.10
C ASP O 37 -88.66 37.26 20.51
N ILE O 38 -87.94 36.18 20.84
CA ILE O 38 -87.37 36.03 22.18
C ILE O 38 -86.29 37.09 22.42
N ALA O 39 -85.56 37.46 21.37
CA ALA O 39 -84.49 38.44 21.53
C ALA O 39 -85.02 39.86 21.71
N LYS O 40 -86.27 40.09 21.30
CA LYS O 40 -86.86 41.41 21.48
C LYS O 40 -87.57 41.52 22.82
N ALA O 41 -88.05 40.39 23.35
CA ALA O 41 -88.94 40.44 24.51
C ALA O 41 -88.17 40.56 25.83
N THR O 42 -87.09 39.82 25.98
CA THR O 42 -86.28 39.88 27.20
C THR O 42 -85.67 41.27 27.37
N GLY O 43 -84.78 41.63 26.44
CA GLY O 43 -84.36 43.02 26.30
C GLY O 43 -83.41 43.58 27.34
N ASP O 44 -83.90 43.76 28.57
CA ASP O 44 -83.14 44.52 29.56
C ASP O 44 -81.92 43.77 30.08
N TRP O 45 -81.86 42.46 29.89
CA TRP O 45 -80.63 41.73 30.22
C TRP O 45 -79.53 42.06 29.22
N LYS O 46 -79.72 41.68 27.95
CA LYS O 46 -78.93 42.06 26.77
C LYS O 46 -77.55 41.40 26.79
N GLY O 47 -77.16 40.83 27.93
CA GLY O 47 -75.89 40.14 28.05
C GLY O 47 -76.01 38.81 28.76
N LEU O 48 -77.16 38.56 29.37
CA LEU O 48 -77.33 37.41 30.24
C LEU O 48 -78.34 36.41 29.69
N ARG O 49 -78.08 35.14 29.97
CA ARG O 49 -79.01 34.06 29.64
C ARG O 49 -80.08 33.95 30.72
N ILE O 50 -81.33 33.80 30.29
CA ILE O 50 -82.46 33.59 31.20
C ILE O 50 -83.22 32.36 30.74
N THR O 51 -83.63 31.53 31.70
CA THR O 51 -84.46 30.36 31.42
C THR O 51 -85.91 30.82 31.25
N VAL O 52 -86.26 31.13 30.00
CA VAL O 52 -87.58 31.68 29.68
C VAL O 52 -88.48 30.56 29.19
N LYS O 53 -89.76 30.63 29.55
CA LYS O 53 -90.78 29.74 29.02
C LYS O 53 -91.45 30.35 27.79
N LEU O 54 -92.05 29.49 26.97
CA LEU O 54 -92.79 29.91 25.79
C LEU O 54 -94.14 29.21 25.80
N THR O 55 -95.16 29.91 26.29
CA THR O 55 -96.54 29.43 26.26
C THR O 55 -97.04 29.56 24.82
N ILE O 56 -96.95 28.46 24.07
CA ILE O 56 -97.26 28.46 22.64
C ILE O 56 -98.72 28.06 22.43
N GLN O 57 -99.34 28.67 21.43
CA GLN O 57 -100.67 28.33 20.95
C GLN O 57 -100.55 27.71 19.57
N ASN O 58 -101.71 27.41 18.96
CA ASN O 58 -101.70 26.78 17.65
C ASN O 58 -101.34 27.78 16.55
N ARG O 59 -101.74 29.05 16.74
CA ARG O 59 -101.49 30.06 15.73
C ARG O 59 -100.15 30.78 15.93
N GLN O 60 -99.86 31.24 17.15
CA GLN O 60 -98.61 31.94 17.42
C GLN O 60 -98.19 31.72 18.87
N ALA O 61 -96.90 31.81 19.13
CA ALA O 61 -96.38 31.66 20.49
C ALA O 61 -96.28 33.02 21.18
N GLN O 62 -96.34 32.99 22.51
CA GLN O 62 -96.21 34.18 23.33
C GLN O 62 -95.11 33.99 24.36
N ILE O 63 -94.67 35.09 24.96
CA ILE O 63 -93.42 35.13 25.73
C ILE O 63 -93.69 35.59 27.15
N GLU O 64 -93.16 34.83 28.12
CA GLU O 64 -93.22 35.18 29.54
C GLU O 64 -91.89 34.80 30.18
N VAL O 65 -91.22 35.77 30.82
CA VAL O 65 -89.83 35.63 31.26
C VAL O 65 -89.74 35.27 32.73
N VAL O 66 -88.95 34.24 33.03
CA VAL O 66 -88.76 33.73 34.39
C VAL O 66 -87.31 33.88 34.82
N PRO O 67 -86.98 34.91 35.60
CA PRO O 67 -85.59 35.04 36.09
C PRO O 67 -85.35 34.22 37.35
N SER O 68 -84.17 33.64 37.43
CA SER O 68 -83.74 32.89 38.60
C SER O 68 -83.06 33.82 39.61
N ALA O 69 -82.88 33.29 40.83
CA ALA O 69 -82.26 34.07 41.89
C ALA O 69 -80.80 34.40 41.56
N SER O 70 -80.12 33.48 40.89
CA SER O 70 -78.77 33.80 40.39
C SER O 70 -78.86 34.72 39.17
N ALA O 71 -79.94 34.62 38.41
CA ALA O 71 -80.09 35.46 37.22
C ALA O 71 -80.37 36.90 37.60
N LEU O 72 -80.95 37.14 38.78
CA LEU O 72 -81.30 38.50 39.16
C LEU O 72 -80.13 39.24 39.80
N ILE O 73 -79.15 38.50 40.35
CA ILE O 73 -78.00 39.15 40.97
C ILE O 73 -77.07 39.74 39.90
N ILE O 74 -76.75 38.95 38.87
CA ILE O 74 -75.85 39.41 37.82
C ILE O 74 -76.52 40.51 36.99
N LYS O 75 -77.87 40.55 37.02
CA LYS O 75 -78.58 41.68 36.43
C LYS O 75 -78.23 42.99 37.14
N ALA O 76 -78.23 42.99 38.47
CA ALA O 76 -77.98 44.21 39.23
C ALA O 76 -76.54 44.67 39.09
N LEU O 77 -75.63 43.75 38.82
CA LEU O 77 -74.23 44.11 38.63
C LEU O 77 -74.07 44.86 37.31
N LYS O 78 -74.14 46.18 37.36
CA LYS O 78 -74.06 46.98 36.14
C LYS O 78 -72.61 47.01 35.64
N GLU O 79 -72.34 46.17 34.65
CA GLU O 79 -71.08 46.04 33.97
C GLU O 79 -71.27 46.32 32.48
N PRO O 80 -70.26 46.84 31.79
CA PRO O 80 -70.39 47.09 30.35
C PRO O 80 -70.49 45.79 29.58
N PRO O 81 -71.56 45.59 28.81
CA PRO O 81 -71.65 44.40 27.96
C PRO O 81 -70.68 44.52 26.79
N ARG O 82 -69.89 43.47 26.59
CA ARG O 82 -68.79 43.52 25.63
C ARG O 82 -69.20 42.95 24.28
N ASP O 83 -68.23 42.94 23.36
CA ASP O 83 -68.43 42.42 22.02
C ASP O 83 -68.37 40.89 22.03
N ARG O 84 -68.39 40.32 20.82
CA ARG O 84 -68.57 38.88 20.67
C ARG O 84 -67.31 38.10 21.06
N LYS O 85 -66.15 38.77 21.09
CA LYS O 85 -64.88 38.04 21.21
C LYS O 85 -64.73 37.34 22.56
N LYS O 86 -65.41 37.84 23.59
CA LYS O 86 -65.55 37.17 24.89
C LYS O 86 -64.20 36.89 25.56
N GLN O 87 -63.53 37.94 26.02
CA GLN O 87 -62.23 37.88 26.68
C GLN O 87 -62.33 37.01 27.93
N LYS O 88 -61.23 36.32 28.23
CA LYS O 88 -61.21 35.28 29.26
C LYS O 88 -61.21 35.88 30.66
N ASN O 89 -61.68 35.06 31.63
CA ASN O 89 -61.68 35.39 33.05
C ASN O 89 -62.50 36.63 33.35
N ILE O 90 -63.70 36.72 32.77
CA ILE O 90 -64.61 37.86 32.86
C ILE O 90 -65.16 38.04 34.28
N LYS O 91 -64.89 37.05 35.16
CA LYS O 91 -65.47 36.91 36.51
C LYS O 91 -65.55 38.25 37.24
N HIS O 92 -66.74 38.59 37.71
CA HIS O 92 -67.13 39.97 37.91
C HIS O 92 -66.50 40.57 39.16
N SER O 93 -66.34 41.89 39.14
CA SER O 93 -65.79 42.64 40.26
C SER O 93 -66.64 43.89 40.48
N GLY O 94 -67.23 43.99 41.66
CA GLY O 94 -68.04 45.15 41.97
C GLY O 94 -68.70 45.01 43.33
N ASN O 95 -69.65 45.92 43.60
CA ASN O 95 -70.34 45.97 44.87
C ASN O 95 -71.83 45.94 44.59
N ILE O 96 -72.56 45.14 45.36
CA ILE O 96 -74.01 45.03 45.24
C ILE O 96 -74.64 45.70 46.46
N THR O 97 -75.72 46.44 46.24
CA THR O 97 -76.37 47.12 47.36
C THR O 97 -77.28 46.16 48.13
N PHE O 98 -77.42 46.44 49.43
CA PHE O 98 -78.16 45.54 50.32
C PHE O 98 -79.66 45.62 50.10
N ASP O 99 -80.14 46.74 49.55
CA ASP O 99 -81.58 46.87 49.25
C ASP O 99 -81.98 45.92 48.12
N GLU O 100 -81.09 45.74 47.14
CA GLU O 100 -81.32 44.83 46.02
C GLU O 100 -81.40 43.38 46.48
N ILE O 101 -80.77 43.06 47.61
CA ILE O 101 -80.81 41.69 48.11
C ILE O 101 -82.20 41.35 48.60
N VAL O 102 -82.86 42.29 49.26
CA VAL O 102 -84.24 42.09 49.68
C VAL O 102 -85.16 42.11 48.46
N ASN O 103 -84.76 42.84 47.41
CA ASN O 103 -85.57 42.96 46.20
C ASN O 103 -85.77 41.60 45.53
N ILE O 104 -84.72 40.79 45.48
CA ILE O 104 -84.89 39.42 45.00
C ILE O 104 -85.60 38.58 46.05
N ALA O 105 -85.34 38.85 47.33
CA ALA O 105 -85.97 38.10 48.41
C ALA O 105 -87.48 38.27 48.40
N ARG O 106 -87.96 39.49 48.11
CA ARG O 106 -89.39 39.68 47.89
C ARG O 106 -89.83 39.04 46.58
N GLN O 107 -88.96 39.01 45.58
CA GLN O 107 -89.31 38.37 44.31
C GLN O 107 -89.33 36.86 44.43
N MET O 108 -88.38 36.28 45.17
CA MET O 108 -88.42 34.84 45.43
C MET O 108 -89.59 34.47 46.32
N ARG O 109 -90.00 35.40 47.20
CA ARG O 109 -91.16 35.15 48.06
C ARG O 109 -92.45 35.11 47.24
N HIS O 110 -92.58 36.01 46.26
CA HIS O 110 -93.78 36.01 45.42
C HIS O 110 -93.80 34.78 44.52
N ARG O 111 -92.64 34.33 44.06
CA ARG O 111 -92.55 33.07 43.32
C ARG O 111 -92.89 31.89 44.21
N SER O 112 -92.82 32.07 45.53
CA SER O 112 -93.33 31.15 46.54
C SER O 112 -92.63 29.79 46.54
N LEU O 113 -91.30 29.80 46.48
CA LEU O 113 -90.52 28.58 46.69
C LEU O 113 -89.33 28.92 47.57
N ALA O 114 -89.56 28.92 48.89
CA ALA O 114 -88.58 29.34 49.87
C ALA O 114 -89.08 29.18 51.30
N ARG O 115 -88.19 29.44 52.26
CA ARG O 115 -88.49 29.69 53.66
C ARG O 115 -89.13 31.08 53.80
N GLU O 116 -89.66 31.38 54.99
CA GLU O 116 -90.12 32.73 55.29
C GLU O 116 -88.95 33.71 55.10
N LEU O 117 -89.30 34.97 54.77
CA LEU O 117 -88.40 36.02 54.25
C LEU O 117 -87.03 36.07 54.93
N SER O 118 -86.97 35.77 56.23
CA SER O 118 -85.69 35.62 56.91
C SER O 118 -84.83 34.54 56.26
N GLY O 119 -85.44 33.41 55.87
CA GLY O 119 -84.69 32.36 55.21
C GLY O 119 -84.42 32.62 53.74
N THR O 120 -85.16 33.56 53.12
CA THR O 120 -84.92 33.89 51.72
C THR O 120 -83.60 34.63 51.54
N ILE O 121 -83.22 35.45 52.53
CA ILE O 121 -82.04 36.30 52.39
C ILE O 121 -80.76 35.46 52.41
N LYS O 122 -80.81 34.30 53.09
CA LYS O 122 -79.62 33.47 53.17
C LYS O 122 -79.47 32.60 51.92
N GLU O 123 -80.58 32.18 51.31
CA GLU O 123 -80.49 31.38 50.08
C GLU O 123 -80.18 32.25 48.88
N ILE O 124 -80.36 33.57 48.99
CA ILE O 124 -79.87 34.47 47.96
C ILE O 124 -78.45 34.93 48.27
N LEU O 125 -78.10 35.00 49.57
CA LEU O 125 -76.70 35.22 49.92
C LEU O 125 -75.87 33.96 49.73
N GLY O 126 -76.49 32.79 49.85
CA GLY O 126 -75.79 31.55 49.54
C GLY O 126 -75.48 31.43 48.06
N THR O 127 -76.23 32.14 47.22
CA THR O 127 -75.96 32.15 45.80
C THR O 127 -75.18 33.39 45.35
N ALA O 128 -75.15 34.43 46.18
CA ALA O 128 -74.36 35.62 45.84
C ALA O 128 -72.88 35.28 45.76
N GLN O 129 -72.39 34.50 46.72
CA GLN O 129 -71.04 33.96 46.62
C GLN O 129 -70.92 32.94 45.49
N SER O 130 -72.02 32.26 45.15
CA SER O 130 -72.02 31.35 44.02
C SER O 130 -72.01 32.11 42.71
N VAL O 131 -72.55 33.34 42.70
CA VAL O 131 -72.31 34.25 41.59
C VAL O 131 -70.85 34.68 41.57
N GLY O 132 -70.25 34.80 42.74
CA GLY O 132 -68.84 35.14 42.85
C GLY O 132 -68.61 36.59 43.15
N CYS O 133 -69.38 37.15 44.07
CA CYS O 133 -69.28 38.56 44.42
C CYS O 133 -69.49 38.71 45.91
N ASN O 134 -69.20 39.90 46.41
CA ASN O 134 -69.30 40.18 47.84
C ASN O 134 -70.08 41.48 48.05
N VAL O 135 -70.65 41.60 49.24
CA VAL O 135 -71.28 42.84 49.67
C VAL O 135 -70.53 43.38 50.89
N ASP O 136 -69.50 44.19 50.64
CA ASP O 136 -68.62 44.76 51.66
C ASP O 136 -68.04 43.66 52.55
N GLY O 137 -67.83 42.48 51.99
CA GLY O 137 -67.48 41.30 52.76
C GLY O 137 -68.37 40.16 52.31
N ARG O 138 -67.82 38.95 52.34
CA ARG O 138 -68.51 37.79 51.80
C ARG O 138 -69.62 37.34 52.75
N HIS O 139 -70.29 36.24 52.38
CA HIS O 139 -71.32 35.67 53.24
C HIS O 139 -70.83 35.23 54.61
N PRO O 140 -69.55 34.84 54.83
CA PRO O 140 -69.06 34.72 56.22
C PRO O 140 -69.30 35.94 57.09
N HIS O 141 -69.08 37.14 56.56
CA HIS O 141 -69.47 38.32 57.33
C HIS O 141 -70.97 38.54 57.30
N ASP O 142 -71.65 38.03 56.27
CA ASP O 142 -73.10 38.23 56.22
C ASP O 142 -73.83 37.33 57.19
N ILE O 143 -73.21 36.19 57.56
CA ILE O 143 -73.69 35.42 58.69
C ILE O 143 -73.61 36.25 59.97
N ILE O 144 -72.54 37.03 60.11
CA ILE O 144 -72.47 38.00 61.21
C ILE O 144 -73.55 39.05 61.05
N ASP O 145 -73.82 39.48 59.81
CA ASP O 145 -74.91 40.43 59.60
C ASP O 145 -76.27 39.78 59.79
N ASP O 146 -76.36 38.46 59.61
CA ASP O 146 -77.64 37.78 59.82
C ASP O 146 -78.00 37.69 61.28
N ILE O 147 -77.01 37.52 62.15
CA ILE O 147 -77.24 37.31 63.57
C ILE O 147 -77.04 38.63 64.31
N ASN O 148 -78.03 39.03 65.11
CA ASN O 148 -78.04 40.20 65.98
C ASN O 148 -78.03 41.53 65.22
N SER O 149 -77.97 41.51 63.90
CA SER O 149 -78.17 42.72 63.11
C SER O 149 -79.00 42.41 61.86
N GLY O 150 -80.02 41.57 62.02
CA GLY O 150 -80.86 41.17 60.91
C GLY O 150 -81.78 42.29 60.49
N ALA O 151 -81.62 42.74 59.25
CA ALA O 151 -82.50 43.76 58.66
C ALA O 151 -83.64 43.07 57.92
N VAL O 152 -84.47 42.38 58.71
CA VAL O 152 -85.56 41.57 58.22
C VAL O 152 -86.87 42.12 58.76
N GLU O 153 -87.88 42.21 57.91
CA GLU O 153 -89.21 42.61 58.34
C GLU O 153 -90.09 41.41 58.65
N ALA P 1 30.53 -28.44 48.55
CA ALA P 1 29.46 -28.35 49.53
C ALA P 1 29.99 -28.57 50.92
N PRO P 2 30.56 -27.54 51.54
CA PRO P 2 31.06 -27.69 52.90
C PRO P 2 29.93 -27.75 53.89
N SER P 3 30.19 -28.47 54.97
CA SER P 3 29.32 -28.58 56.13
C SER P 3 29.60 -27.40 57.05
N ARG P 4 29.30 -27.57 58.33
CA ARG P 4 29.69 -26.62 59.35
C ARG P 4 31.20 -26.70 59.58
N ASN P 5 31.65 -26.21 60.73
CA ASN P 5 33.06 -26.00 61.02
C ASN P 5 33.88 -27.24 60.71
N GLY P 6 34.71 -27.13 59.68
CA GLY P 6 35.60 -28.20 59.27
C GLY P 6 36.86 -27.57 58.76
N MET P 7 37.59 -28.29 57.93
CA MET P 7 38.84 -27.75 57.42
C MET P 7 38.80 -27.72 55.90
N ILE P 8 39.38 -26.67 55.32
CA ILE P 8 39.34 -26.46 53.88
C ILE P 8 40.38 -27.38 53.25
N LEU P 9 39.91 -28.43 52.58
CA LEU P 9 40.79 -29.45 52.05
C LEU P 9 40.94 -29.34 50.54
N LYS P 10 42.16 -29.60 50.08
CA LYS P 10 42.50 -29.59 48.66
C LYS P 10 43.13 -30.94 48.34
N PRO P 11 42.33 -31.95 48.04
CA PRO P 11 42.90 -33.21 47.59
C PRO P 11 43.40 -33.09 46.16
N HIS P 12 44.50 -33.73 45.87
CA HIS P 12 45.11 -33.65 44.55
C HIS P 12 44.72 -34.87 43.72
N PHE P 13 43.41 -34.96 43.46
CA PHE P 13 42.85 -36.08 42.73
C PHE P 13 42.08 -35.67 41.49
N HIS P 14 42.13 -34.39 41.11
CA HIS P 14 41.45 -33.98 39.90
C HIS P 14 42.12 -34.52 38.65
N LYS P 15 43.34 -35.02 38.75
CA LYS P 15 43.96 -35.72 37.64
C LYS P 15 43.43 -37.15 37.59
N ASP P 16 43.98 -37.93 36.66
CA ASP P 16 43.55 -39.32 36.50
C ASP P 16 44.57 -40.22 37.18
N TRP P 17 44.42 -40.36 38.49
CA TRP P 17 45.48 -40.96 39.29
C TRP P 17 45.38 -42.48 39.32
N GLN P 18 44.19 -43.02 39.07
CA GLN P 18 43.98 -44.45 39.23
C GLN P 18 44.69 -45.29 38.17
N ARG P 19 45.45 -44.66 37.29
CA ARG P 19 46.28 -45.37 36.35
C ARG P 19 47.71 -45.50 36.80
N ARG P 20 48.14 -44.71 37.77
CA ARG P 20 49.53 -44.72 38.18
C ARG P 20 49.64 -44.96 39.67
N VAL P 21 48.91 -45.94 40.19
CA VAL P 21 48.98 -46.29 41.60
C VAL P 21 50.03 -47.36 41.75
N ALA P 22 51.12 -47.04 42.42
CA ALA P 22 52.21 -47.99 42.64
C ALA P 22 51.97 -48.70 43.96
N THR P 23 51.49 -49.93 43.89
CA THR P 23 51.28 -50.73 45.08
C THR P 23 52.57 -51.44 45.43
N TRP P 24 52.62 -51.97 46.65
CA TRP P 24 53.87 -52.38 47.25
C TRP P 24 53.90 -53.85 47.62
N PHE P 25 53.26 -54.69 46.83
CA PHE P 25 53.39 -56.12 47.12
C PHE P 25 54.73 -56.68 46.66
N ASN P 26 55.54 -55.87 45.98
CA ASN P 26 56.93 -56.21 45.75
C ASN P 26 57.69 -56.32 47.06
N GLN P 27 57.38 -55.43 48.00
CA GLN P 27 58.15 -55.11 49.20
C GLN P 27 58.61 -56.32 50.01
N PRO P 28 57.78 -57.33 50.31
CA PRO P 28 58.35 -58.49 50.98
C PRO P 28 59.22 -59.32 50.07
N ALA P 29 58.85 -59.42 48.79
CA ALA P 29 59.67 -60.15 47.85
C ALA P 29 60.88 -59.33 47.42
N ARG P 30 60.76 -58.01 47.46
CA ARG P 30 61.87 -57.15 47.08
C ARG P 30 63.02 -57.28 48.06
N LYS P 31 62.71 -57.35 49.36
CA LYS P 31 63.75 -57.46 50.38
C LYS P 31 64.54 -58.75 50.22
N ILE P 32 63.86 -59.84 49.87
CA ILE P 32 64.55 -61.12 49.71
C ILE P 32 65.50 -61.06 48.53
N ARG P 33 65.08 -60.42 47.44
CA ARG P 33 65.95 -60.26 46.29
C ARG P 33 67.16 -59.42 46.65
N ARG P 34 66.96 -58.39 47.47
CA ARG P 34 68.06 -57.54 47.93
C ARG P 34 69.01 -58.34 48.80
N ARG P 35 68.47 -59.05 49.77
CA ARG P 35 69.33 -59.75 50.72
C ARG P 35 70.07 -60.89 50.05
N LYS P 36 69.42 -61.61 49.15
CA LYS P 36 70.06 -62.78 48.56
C LYS P 36 71.12 -62.41 47.53
N ALA P 37 71.16 -61.17 47.07
CA ALA P 37 72.27 -60.70 46.26
C ALA P 37 73.26 -59.89 47.07
N ARG P 38 72.93 -59.52 48.29
CA ARG P 38 73.87 -58.89 49.18
C ARG P 38 74.78 -59.93 49.83
N GLN P 39 74.26 -61.12 50.09
CA GLN P 39 75.10 -62.19 50.58
C GLN P 39 75.96 -62.76 49.45
N ALA P 40 75.38 -62.92 48.26
CA ALA P 40 76.14 -63.44 47.13
C ALA P 40 77.22 -62.46 46.70
N ARG P 41 77.02 -61.17 46.97
CA ARG P 41 78.08 -60.21 46.74
C ARG P 41 79.26 -60.47 47.67
N ALA P 42 78.97 -60.67 48.95
CA ALA P 42 80.04 -60.92 49.92
C ALA P 42 80.70 -62.25 49.68
N ARG P 43 79.97 -63.22 49.12
CA ARG P 43 80.58 -64.51 48.82
C ARG P 43 81.63 -64.37 47.72
N ARG P 44 81.44 -63.41 46.80
CA ARG P 44 82.37 -63.25 45.70
C ARG P 44 83.71 -62.71 46.16
N ILE P 45 83.70 -61.81 47.14
CA ILE P 45 84.88 -61.08 47.56
C ILE P 45 85.23 -61.46 48.99
N ALA P 46 85.00 -62.73 49.33
CA ALA P 46 84.98 -63.33 50.67
C ALA P 46 85.96 -62.76 51.69
N PRO P 47 87.25 -62.57 51.40
CA PRO P 47 88.09 -61.95 52.44
C PRO P 47 87.89 -60.45 52.54
N ARG P 48 87.58 -59.78 51.44
CA ARG P 48 87.32 -58.36 51.49
C ARG P 48 86.02 -58.08 52.24
N PRO P 49 85.92 -56.93 52.91
CA PRO P 49 84.73 -56.66 53.75
C PRO P 49 83.43 -56.59 53.00
N ALA P 50 82.32 -56.60 53.73
CA ALA P 50 81.00 -56.59 53.11
C ALA P 50 80.52 -55.19 52.78
N ALA P 51 80.88 -54.19 53.57
CA ALA P 51 80.43 -52.84 53.28
C ALA P 51 81.19 -52.22 52.13
N GLY P 52 82.43 -52.64 51.92
CA GLY P 52 83.22 -52.14 50.83
C GLY P 52 84.34 -51.23 51.30
N PRO P 53 84.71 -50.27 50.47
CA PRO P 53 85.78 -49.35 50.85
C PRO P 53 85.35 -48.45 51.99
N ILE P 54 86.35 -47.94 52.72
CA ILE P 54 86.03 -47.10 53.87
C ILE P 54 85.70 -45.71 53.40
N ARG P 55 84.90 -45.03 54.13
CA ARG P 55 84.46 -43.69 53.81
C ARG P 55 85.14 -42.69 54.72
N PRO P 56 85.24 -41.43 54.31
CA PRO P 56 85.83 -40.41 55.17
C PRO P 56 84.84 -39.81 56.17
N ILE P 57 85.39 -39.20 57.19
CA ILE P 57 84.59 -38.45 58.14
C ILE P 57 84.26 -37.09 57.55
N VAL P 58 82.98 -36.75 57.59
CA VAL P 58 82.43 -35.64 56.83
C VAL P 58 81.40 -34.91 57.67
N ARG P 59 81.53 -33.58 57.74
CA ARG P 59 80.60 -32.76 58.49
C ARG P 59 79.28 -32.59 57.73
N CYS P 60 78.35 -31.92 58.36
CA CYS P 60 77.21 -31.68 57.49
C CYS P 60 77.14 -30.21 57.10
N PRO P 61 76.60 -29.90 55.94
CA PRO P 61 76.33 -28.49 55.61
C PRO P 61 75.07 -28.02 56.30
N THR P 62 74.58 -26.82 55.95
CA THR P 62 73.20 -26.44 56.28
C THR P 62 72.92 -26.41 57.76
N VAL P 63 73.20 -25.29 58.42
CA VAL P 63 73.53 -25.14 59.85
C VAL P 63 72.53 -25.81 60.79
N ARG P 64 71.45 -26.39 60.27
CA ARG P 64 70.63 -27.33 61.01
C ARG P 64 71.36 -28.61 61.37
N TYR P 65 72.25 -29.11 60.51
CA TYR P 65 72.89 -30.39 60.75
C TYR P 65 74.39 -30.28 60.99
N HIS P 66 74.95 -29.08 61.04
CA HIS P 66 76.40 -28.94 60.97
C HIS P 66 77.10 -29.38 62.25
N THR P 67 76.35 -29.78 63.28
CA THR P 67 76.91 -30.39 64.48
C THR P 67 76.93 -31.90 64.41
N LYS P 68 76.84 -32.47 63.21
CA LYS P 68 76.70 -33.90 63.02
C LYS P 68 77.75 -34.39 62.03
N VAL P 69 77.99 -35.69 62.02
CA VAL P 69 79.02 -36.29 61.19
C VAL P 69 78.43 -37.47 60.42
N ARG P 70 78.69 -37.51 59.12
CA ARG P 70 78.26 -38.61 58.27
C ARG P 70 79.48 -39.31 57.70
N ALA P 71 79.22 -40.26 56.81
CA ALA P 71 80.25 -40.92 56.03
C ALA P 71 80.11 -40.43 54.60
N GLY P 72 81.08 -39.64 54.16
CA GLY P 72 81.02 -39.03 52.86
C GLY P 72 81.30 -40.00 51.73
N ARG P 73 81.39 -39.44 50.53
CA ARG P 73 81.65 -40.21 49.33
C ARG P 73 83.03 -40.86 49.37
N GLY P 74 84.07 -40.04 49.45
CA GLY P 74 85.43 -40.56 49.38
C GLY P 74 86.41 -39.59 49.96
N PHE P 75 87.64 -40.06 50.14
CA PHE P 75 88.68 -39.22 50.70
C PHE P 75 89.19 -38.27 49.64
N SER P 76 89.44 -37.03 50.04
CA SER P 76 89.92 -36.03 49.10
C SER P 76 91.38 -36.32 48.74
N LEU P 77 91.82 -35.72 47.63
CA LEU P 77 93.16 -35.99 47.14
C LEU P 77 94.23 -35.40 48.05
N GLU P 78 93.88 -34.36 48.82
CA GLU P 78 94.84 -33.84 49.79
C GLU P 78 95.00 -34.81 50.95
N GLU P 79 93.90 -35.44 51.38
CA GLU P 79 93.97 -36.39 52.47
C GLU P 79 94.84 -37.59 52.11
N LEU P 80 94.73 -38.05 50.87
CA LEU P 80 95.55 -39.17 50.42
C LEU P 80 96.99 -38.75 50.22
N ARG P 81 97.20 -37.49 49.83
CA ARG P 81 98.54 -36.99 49.56
C ARG P 81 99.36 -36.92 50.84
N VAL P 82 98.75 -36.44 51.92
CA VAL P 82 99.44 -36.38 53.21
C VAL P 82 99.69 -37.77 53.74
N ALA P 83 98.73 -38.68 53.55
CA ALA P 83 98.84 -40.01 54.14
C ALA P 83 99.84 -40.90 53.42
N GLY P 84 100.35 -40.48 52.27
CA GLY P 84 101.35 -41.27 51.57
C GLY P 84 100.78 -42.38 50.73
N ILE P 85 99.61 -42.19 50.14
CA ILE P 85 98.94 -43.20 49.33
C ILE P 85 98.80 -42.66 47.91
N HIS P 86 99.20 -43.46 46.93
CA HIS P 86 98.96 -43.11 45.54
C HIS P 86 97.47 -43.21 45.26
N LYS P 87 96.94 -42.23 44.53
CA LYS P 87 95.50 -42.20 44.32
C LYS P 87 95.01 -43.21 43.31
N LYS P 88 95.88 -44.05 42.76
CA LYS P 88 95.46 -45.14 41.91
C LYS P 88 95.78 -46.51 42.48
N VAL P 89 96.54 -46.59 43.57
CA VAL P 89 96.70 -47.83 44.30
C VAL P 89 95.79 -47.73 45.51
N ALA P 90 94.94 -46.71 45.52
CA ALA P 90 94.05 -46.45 46.64
C ALA P 90 92.75 -47.23 46.55
N ARG P 91 92.07 -47.18 45.41
CA ARG P 91 90.82 -47.93 45.27
C ARG P 91 91.06 -49.42 45.23
N THR P 92 92.29 -49.85 44.94
CA THR P 92 92.56 -51.27 44.79
C THR P 92 92.60 -51.96 46.15
N ILE P 93 92.90 -51.24 47.22
CA ILE P 93 92.96 -51.85 48.54
C ILE P 93 91.77 -51.36 49.36
N GLY P 94 90.70 -51.01 48.69
CA GLY P 94 89.47 -50.65 49.37
C GLY P 94 89.52 -49.34 50.10
N ILE P 95 89.95 -48.28 49.41
CA ILE P 95 89.92 -46.93 49.96
C ILE P 95 89.17 -46.09 48.96
N SER P 96 87.97 -45.62 49.34
CA SER P 96 87.15 -44.87 48.42
C SER P 96 87.74 -43.47 48.21
N VAL P 97 87.70 -43.02 46.97
CA VAL P 97 88.36 -41.78 46.55
C VAL P 97 87.37 -40.95 45.75
N ASP P 98 87.27 -39.66 46.06
CA ASP P 98 86.71 -38.76 45.07
C ASP P 98 87.51 -37.48 45.02
N PRO P 99 87.94 -37.05 43.83
CA PRO P 99 88.74 -35.83 43.74
C PRO P 99 87.92 -34.56 43.84
N ARG P 100 86.60 -34.65 43.84
CA ARG P 100 85.77 -33.44 43.89
C ARG P 100 85.85 -32.74 45.23
N ARG P 101 86.38 -33.39 46.26
CA ARG P 101 86.36 -32.83 47.60
C ARG P 101 87.58 -31.94 47.84
N ARG P 102 87.36 -30.88 48.60
CA ARG P 102 88.40 -29.97 49.04
C ARG P 102 88.46 -30.01 50.56
N ASN P 103 89.49 -29.38 51.11
CA ASN P 103 89.71 -29.34 52.55
C ASN P 103 89.82 -27.89 52.99
N LYS P 104 88.72 -27.35 53.51
CA LYS P 104 88.70 -25.98 53.97
C LYS P 104 89.23 -25.80 55.38
N SER P 105 89.43 -26.88 56.13
CA SER P 105 89.93 -26.79 57.48
C SER P 105 90.83 -27.98 57.76
N THR P 106 91.99 -27.72 58.33
CA THR P 106 92.87 -28.82 58.69
C THR P 106 92.33 -29.63 59.86
N GLU P 107 91.43 -29.04 60.65
CA GLU P 107 90.86 -29.76 61.79
C GLU P 107 90.06 -30.97 61.33
N SER P 108 89.45 -30.89 60.14
CA SER P 108 88.85 -32.06 59.53
C SER P 108 89.83 -32.85 58.70
N LEU P 109 90.75 -32.16 58.01
CA LEU P 109 91.72 -32.85 57.17
C LEU P 109 92.68 -33.69 58.00
N GLN P 110 93.08 -33.19 59.16
CA GLN P 110 93.87 -34.00 60.08
C GLN P 110 93.07 -35.16 60.63
N ALA P 111 91.74 -35.05 60.68
CA ALA P 111 90.93 -36.09 61.29
C ALA P 111 90.79 -37.30 60.38
N ASN P 112 90.89 -37.12 59.06
CA ASN P 112 90.76 -38.24 58.15
C ASN P 112 92.09 -38.88 57.81
N VAL P 113 93.18 -38.11 57.84
CA VAL P 113 94.49 -38.72 57.60
C VAL P 113 94.85 -39.65 58.76
N GLN P 114 94.30 -39.37 59.94
CA GLN P 114 94.39 -40.34 61.02
C GLN P 114 93.54 -41.57 60.73
N ARG P 115 92.41 -41.37 60.05
CA ARG P 115 91.54 -42.49 59.72
C ARG P 115 92.17 -43.40 58.67
N LEU P 116 92.78 -42.80 57.65
CA LEU P 116 93.52 -43.60 56.68
C LEU P 116 94.74 -44.24 57.32
N LYS P 117 95.26 -43.65 58.39
CA LYS P 117 96.39 -44.25 59.08
C LYS P 117 95.99 -45.56 59.73
N GLU P 118 94.93 -45.54 60.53
CA GLU P 118 94.56 -46.74 61.27
C GLU P 118 94.08 -47.85 60.35
N TYR P 119 93.38 -47.51 59.27
CA TYR P 119 92.92 -48.52 58.33
C TYR P 119 94.09 -49.16 57.61
N ARG P 120 95.10 -48.37 57.27
CA ARG P 120 96.29 -48.90 56.62
C ARG P 120 97.05 -49.86 57.53
N SER P 121 96.91 -49.72 58.84
CA SER P 121 97.51 -50.66 59.76
C SER P 121 96.61 -51.86 60.03
N LYS P 122 95.30 -51.64 60.16
CA LYS P 122 94.36 -52.73 60.44
C LYS P 122 94.09 -53.61 59.24
N LEU P 123 94.74 -53.38 58.12
CA LEU P 123 94.50 -54.14 56.90
C LEU P 123 95.49 -55.30 56.80
N VAL P 124 95.00 -56.44 56.33
CA VAL P 124 95.82 -57.61 56.10
C VAL P 124 95.87 -57.81 54.60
N LEU P 125 96.99 -57.44 54.00
CA LEU P 125 97.15 -57.50 52.54
C LEU P 125 97.64 -58.88 52.15
N PHE P 126 96.88 -59.56 51.30
CA PHE P 126 97.30 -60.85 50.80
C PHE P 126 98.37 -60.67 49.73
N PRO P 127 99.25 -61.65 49.56
CA PRO P 127 100.19 -61.58 48.44
C PRO P 127 99.48 -61.83 47.13
N ARG P 128 99.97 -61.16 46.07
CA ARG P 128 99.44 -61.42 44.74
C ARG P 128 99.70 -62.86 44.33
N LYS P 129 100.98 -63.22 44.19
CA LYS P 129 101.38 -64.60 43.96
C LYS P 129 101.91 -65.16 45.27
N PRO P 130 101.23 -66.14 45.86
CA PRO P 130 101.59 -66.63 47.19
C PRO P 130 103.00 -67.20 47.29
N SER P 131 103.47 -67.82 46.21
CA SER P 131 104.82 -68.37 46.19
C SER P 131 105.90 -67.31 46.07
N ALA P 132 105.54 -66.03 46.02
CA ALA P 132 106.51 -64.96 45.97
C ALA P 132 105.94 -63.70 46.60
N PRO P 133 105.97 -63.58 47.93
CA PRO P 133 105.42 -62.39 48.57
C PRO P 133 106.29 -61.16 48.31
N LYS P 134 105.62 -60.01 48.20
CA LYS P 134 106.30 -58.74 47.98
C LYS P 134 106.65 -58.11 49.32
N LYS P 135 107.03 -56.83 49.30
CA LYS P 135 107.31 -56.10 50.53
C LYS P 135 106.05 -55.61 51.21
N GLY P 136 105.06 -55.17 50.44
CA GLY P 136 103.84 -54.63 51.02
C GLY P 136 102.97 -55.65 51.70
N ASP P 137 103.22 -56.94 51.46
CA ASP P 137 102.37 -57.99 52.01
C ASP P 137 102.49 -58.07 53.53
N SER P 138 101.57 -58.82 54.13
CA SER P 138 101.53 -59.02 55.56
C SER P 138 102.26 -60.29 55.95
N SER P 139 102.40 -60.49 57.25
CA SER P 139 103.05 -61.70 57.74
C SER P 139 102.19 -62.91 57.44
N ALA P 140 102.83 -63.97 56.96
CA ALA P 140 102.18 -65.19 56.49
C ALA P 140 101.25 -65.79 57.53
N GLU P 141 101.63 -65.73 58.80
CA GLU P 141 100.77 -66.25 59.85
C GLU P 141 99.61 -65.32 60.18
N GLU P 142 99.63 -64.09 59.67
CA GLU P 142 98.49 -63.21 59.86
C GLU P 142 97.38 -63.47 58.84
N LEU P 143 97.71 -64.15 57.73
CA LEU P 143 96.70 -64.37 56.70
C LEU P 143 95.63 -65.34 57.16
N LYS P 144 95.98 -66.23 58.09
CA LYS P 144 95.03 -67.23 58.55
C LYS P 144 93.87 -66.61 59.30
N LEU P 145 94.08 -65.46 59.93
CA LEU P 145 93.01 -64.75 60.64
C LEU P 145 92.37 -63.71 59.74
N ALA P 146 91.95 -64.12 58.55
CA ALA P 146 91.32 -63.22 57.59
C ALA P 146 89.84 -63.54 57.57
N THR P 147 89.08 -62.87 58.43
CA THR P 147 87.64 -63.02 58.51
C THR P 147 86.98 -61.79 57.90
N GLN P 148 85.85 -61.99 57.24
CA GLN P 148 85.19 -60.89 56.56
C GLN P 148 84.55 -59.95 57.55
N LEU P 149 84.70 -58.66 57.31
CA LEU P 149 84.14 -57.64 58.19
C LEU P 149 82.74 -57.27 57.75
N THR P 150 81.78 -57.47 58.65
CA THR P 150 80.40 -57.08 58.43
C THR P 150 80.16 -55.69 58.98
N GLY P 151 79.09 -55.07 58.52
CA GLY P 151 78.73 -53.74 58.96
C GLY P 151 79.60 -52.69 58.31
N PRO P 152 79.29 -51.42 58.56
CA PRO P 152 80.14 -50.35 58.03
C PRO P 152 81.52 -50.38 58.67
N VAL P 153 82.53 -50.51 57.83
CA VAL P 153 83.92 -50.62 58.26
C VAL P 153 84.36 -49.35 58.98
N MET P 154 84.84 -49.51 60.22
CA MET P 154 85.17 -48.44 61.15
C MET P 154 84.00 -47.50 61.31
N PRO P 155 82.93 -47.92 62.00
CA PRO P 155 81.73 -47.09 62.07
C PRO P 155 81.98 -45.78 62.81
N ILE P 156 81.33 -44.72 62.33
CA ILE P 156 81.57 -43.38 62.82
C ILE P 156 80.66 -43.15 64.02
N ARG P 157 81.26 -42.77 65.14
CA ARG P 157 80.53 -42.50 66.37
C ARG P 157 80.58 -41.01 66.65
N ASN P 158 79.40 -40.39 66.75
CA ASN P 158 79.30 -38.95 66.95
C ASN P 158 79.46 -38.63 68.44
N VAL P 159 80.69 -38.72 68.90
CA VAL P 159 80.98 -38.59 70.32
C VAL P 159 81.30 -37.14 70.65
N PHE P 160 80.93 -36.71 71.86
CA PHE P 160 81.22 -35.39 72.37
C PHE P 160 82.28 -35.47 73.44
N LYS P 161 82.81 -34.30 73.80
CA LYS P 161 83.88 -34.18 74.77
C LYS P 161 83.29 -34.20 76.17
N LYS P 162 83.66 -35.22 76.95
CA LYS P 162 83.16 -35.33 78.33
C LYS P 162 83.90 -34.30 79.19
N GLU P 163 83.26 -33.15 79.36
CA GLU P 163 83.87 -32.11 80.17
C GLU P 163 83.41 -32.21 81.62
N LYS P 164 84.15 -31.57 82.51
CA LYS P 164 83.93 -31.64 83.94
C LYS P 164 83.43 -30.30 84.46
N ALA P 165 82.80 -30.36 85.64
CA ALA P 165 82.22 -29.17 86.24
C ALA P 165 83.32 -28.22 86.69
N ARG P 166 83.11 -26.92 86.48
CA ARG P 166 84.05 -25.91 86.89
C ARG P 166 83.46 -25.05 87.99
N VAL P 167 84.28 -24.13 88.50
CA VAL P 167 83.84 -23.08 89.39
C VAL P 167 83.84 -21.78 88.60
N ILE P 168 82.71 -21.09 88.59
CA ILE P 168 82.53 -19.92 87.73
C ILE P 168 83.40 -18.79 88.22
N THR P 169 84.13 -18.15 87.30
CA THR P 169 84.91 -16.96 87.60
C THR P 169 84.02 -15.74 87.59
N GLU P 170 84.59 -14.63 88.05
CA GLU P 170 83.83 -13.38 88.12
C GLU P 170 83.48 -12.86 86.74
N GLU P 171 84.26 -13.21 85.72
CA GLU P 171 84.00 -12.68 84.39
C GLU P 171 82.80 -13.36 83.75
N GLU P 172 82.75 -14.71 83.81
CA GLU P 172 81.59 -15.42 83.27
C GLU P 172 80.32 -15.05 84.01
N LYS P 173 80.44 -14.70 85.29
CA LYS P 173 79.28 -14.27 86.05
C LYS P 173 78.77 -12.93 85.52
N ASN P 174 79.69 -12.04 85.17
CA ASN P 174 79.34 -10.67 84.78
C ASN P 174 79.38 -10.47 83.27
N PHE P 175 79.03 -11.47 82.48
CA PHE P 175 78.93 -11.31 81.04
C PHE P 175 77.47 -11.21 80.62
N LYS P 176 77.16 -10.19 79.82
CA LYS P 176 75.80 -9.95 79.37
C LYS P 176 75.62 -10.62 78.01
N ALA P 177 75.28 -11.91 78.07
CA ALA P 177 75.20 -12.72 76.85
C ALA P 177 74.10 -12.21 75.93
N PHE P 178 72.95 -11.84 76.50
CA PHE P 178 71.86 -11.36 75.67
C PHE P 178 72.19 -10.04 75.01
N ALA P 179 72.69 -9.09 75.80
CA ALA P 179 72.99 -7.77 75.25
C ALA P 179 74.14 -7.81 74.27
N SER P 180 75.10 -8.71 74.48
CA SER P 180 76.20 -8.83 73.54
C SER P 180 75.74 -9.41 72.21
N LEU P 181 74.70 -10.26 72.24
CA LEU P 181 74.14 -10.77 71.00
C LEU P 181 73.37 -9.69 70.26
N ARG P 182 72.51 -8.95 70.97
CA ARG P 182 71.83 -7.83 70.36
C ARG P 182 72.79 -6.78 69.86
N MET P 183 73.93 -6.62 70.52
CA MET P 183 74.97 -5.75 69.99
C MET P 183 75.57 -6.32 68.72
N ALA P 184 75.90 -7.62 68.74
CA ALA P 184 76.50 -8.23 67.57
C ALA P 184 75.53 -8.31 66.42
N ARG P 185 74.24 -8.48 66.72
CA ARG P 185 73.23 -8.45 65.68
C ARG P 185 73.15 -7.09 65.01
N ALA P 186 73.43 -6.02 65.76
CA ALA P 186 73.30 -4.67 65.24
C ALA P 186 74.49 -4.24 64.41
N ASN P 187 75.70 -4.65 64.81
CA ASN P 187 76.87 -4.19 64.08
C ASN P 187 76.96 -4.83 62.71
N ALA P 188 76.68 -6.13 62.62
CA ALA P 188 76.78 -6.84 61.36
C ALA P 188 75.69 -6.40 60.38
N ARG P 189 74.75 -5.61 60.85
CA ARG P 189 73.71 -5.03 60.01
C ARG P 189 74.02 -3.61 59.60
N LEU P 190 74.60 -2.81 60.48
CA LEU P 190 74.90 -1.42 60.17
C LEU P 190 76.33 -1.20 59.73
N PHE P 191 77.12 -2.27 59.59
CA PHE P 191 78.52 -2.11 59.24
C PHE P 191 78.70 -1.44 57.88
N GLY P 192 77.79 -1.72 56.95
CA GLY P 192 77.90 -1.13 55.64
C GLY P 192 77.66 0.37 55.65
N ILE P 193 76.50 0.78 56.17
CA ILE P 193 76.12 2.18 56.08
C ILE P 193 76.99 3.03 57.00
N ARG P 194 77.61 2.42 58.01
CA ARG P 194 78.53 3.18 58.84
C ARG P 194 79.81 3.47 58.07
N ALA P 195 80.20 2.58 57.17
CA ALA P 195 81.37 2.85 56.34
C ALA P 195 81.11 3.98 55.35
N LYS P 196 79.94 4.00 54.73
CA LYS P 196 79.62 5.02 53.74
C LYS P 196 79.53 6.40 54.39
N ARG P 197 78.82 6.49 55.52
CA ARG P 197 78.79 7.76 56.25
C ARG P 197 80.16 8.14 56.81
N ALA P 198 81.05 7.17 57.01
CA ALA P 198 82.43 7.50 57.36
C ALA P 198 83.31 7.74 56.15
N LYS P 199 82.89 7.27 54.97
CA LYS P 199 83.61 7.53 53.74
C LYS P 199 83.64 9.04 53.47
N GLU P 200 82.46 9.65 53.32
CA GLU P 200 82.41 11.09 53.11
C GLU P 200 82.51 11.87 54.41
N ALA P 201 82.69 11.20 55.55
CA ALA P 201 83.08 11.93 56.75
C ALA P 201 84.47 12.51 56.64
N ALA P 202 85.30 11.97 55.74
CA ALA P 202 86.58 12.56 55.39
C ALA P 202 86.49 13.49 54.18
N GLU P 203 85.42 13.38 53.38
CA GLU P 203 85.23 14.26 52.24
C GLU P 203 84.67 15.61 52.66
N GLN P 204 84.02 15.70 53.81
CA GLN P 204 83.49 16.97 54.30
C GLN P 204 84.52 17.72 55.13
N ASP P 205 85.78 17.30 55.09
CA ASP P 205 86.87 18.00 55.75
C ASP P 205 87.91 18.43 54.73
N VAL P 206 88.13 17.61 53.70
CA VAL P 206 89.18 17.92 52.73
C VAL P 206 88.76 19.06 51.82
N GLU P 207 87.45 19.29 51.66
CA GLU P 207 87.00 20.51 51.02
C GLU P 207 87.04 21.69 52.00
N LYS P 208 87.04 21.40 53.30
CA LYS P 208 87.11 22.45 54.31
C LYS P 208 88.54 22.98 54.48
N LYS P 209 89.53 22.09 54.45
CA LYS P 209 90.90 22.49 54.77
C LYS P 209 91.51 23.32 53.64
N LYS P 210 91.22 22.96 52.39
CA LYS P 210 91.66 23.78 51.26
C LYS P 210 90.52 24.68 50.77
N VAL Q 1 -72.81 -39.84 69.95
CA VAL Q 1 -72.60 -38.61 70.70
C VAL Q 1 -72.01 -38.92 72.05
N PHE Q 2 -71.57 -37.88 72.75
CA PHE Q 2 -70.83 -38.04 73.98
C PHE Q 2 -71.75 -38.19 75.18
N ARG Q 3 -71.35 -39.02 76.11
CA ARG Q 3 -72.09 -39.29 77.33
C ARG Q 3 -71.32 -38.89 78.57
N ARG Q 4 -70.01 -39.02 78.57
CA ARG Q 4 -69.17 -38.67 79.70
C ARG Q 4 -68.57 -37.29 79.44
N PHE Q 5 -68.86 -36.34 80.32
CA PHE Q 5 -68.37 -34.98 80.19
C PHE Q 5 -67.35 -34.69 81.28
N VAL Q 6 -66.22 -34.13 80.91
CA VAL Q 6 -65.28 -33.66 81.92
C VAL Q 6 -65.83 -32.38 82.52
N GLU Q 7 -66.40 -32.49 83.70
CA GLU Q 7 -66.98 -31.35 84.39
C GLU Q 7 -66.72 -31.51 85.88
N VAL Q 8 -67.08 -30.47 86.63
CA VAL Q 8 -66.77 -30.39 88.06
C VAL Q 8 -67.52 -31.47 88.83
N GLY Q 9 -66.78 -32.40 89.39
CA GLY Q 9 -67.34 -33.44 90.21
C GLY Q 9 -67.68 -34.72 89.52
N ARG Q 10 -66.93 -35.11 88.49
CA ARG Q 10 -67.09 -36.41 87.87
C ARG Q 10 -65.99 -37.33 88.36
N VAL Q 11 -66.37 -38.51 88.83
CA VAL Q 11 -65.38 -39.47 89.30
C VAL Q 11 -64.64 -40.05 88.10
N ALA Q 12 -63.34 -40.27 88.26
CA ALA Q 12 -62.52 -40.77 87.17
C ALA Q 12 -61.58 -41.85 87.69
N TYR Q 13 -61.32 -42.84 86.83
CA TYR Q 13 -60.30 -43.84 87.08
C TYR Q 13 -58.95 -43.25 86.69
N VAL Q 14 -57.88 -44.00 86.91
CA VAL Q 14 -56.53 -43.52 86.62
C VAL Q 14 -55.75 -44.63 85.91
N SER Q 15 -55.21 -44.32 84.73
CA SER Q 15 -54.53 -45.32 83.93
C SER Q 15 -53.09 -45.56 84.35
N PHE Q 16 -52.23 -44.56 84.24
CA PHE Q 16 -50.82 -44.76 84.59
C PHE Q 16 -50.40 -43.71 85.62
N GLY Q 17 -49.13 -43.73 85.99
CA GLY Q 17 -48.63 -42.87 87.02
C GLY Q 17 -48.64 -43.63 88.34
N PRO Q 18 -48.13 -42.99 89.39
CA PRO Q 18 -48.12 -43.64 90.71
C PRO Q 18 -49.49 -43.75 91.36
N HIS Q 19 -50.54 -43.21 90.74
CA HIS Q 19 -51.87 -43.25 91.32
C HIS Q 19 -52.79 -44.14 90.51
N ALA Q 20 -52.21 -45.07 89.75
CA ALA Q 20 -53.00 -45.93 88.89
C ALA Q 20 -53.84 -46.90 89.70
N GLY Q 21 -55.02 -47.23 89.18
CA GLY Q 21 -55.89 -48.15 89.84
C GLY Q 21 -56.75 -47.55 90.93
N LYS Q 22 -56.78 -46.24 91.05
CA LYS Q 22 -57.57 -45.56 92.06
C LYS Q 22 -58.60 -44.66 91.39
N LEU Q 23 -59.56 -44.22 92.19
CA LEU Q 23 -60.55 -43.26 91.75
C LEU Q 23 -60.17 -41.88 92.23
N VAL Q 24 -60.63 -40.86 91.51
CA VAL Q 24 -60.26 -39.50 91.82
C VAL Q 24 -61.29 -38.56 91.20
N ALA Q 25 -61.61 -37.47 91.88
CA ALA Q 25 -62.69 -36.60 91.46
C ALA Q 25 -62.14 -35.28 90.95
N ILE Q 26 -62.69 -34.82 89.83
CA ILE Q 26 -62.21 -33.62 89.16
C ILE Q 26 -62.80 -32.41 89.86
N VAL Q 27 -61.94 -31.60 90.47
CA VAL Q 27 -62.38 -30.40 91.17
C VAL Q 27 -62.62 -29.28 90.17
N ASP Q 28 -61.57 -28.86 89.47
CA ASP Q 28 -61.68 -27.80 88.48
C ASP Q 28 -60.70 -28.06 87.35
N VAL Q 29 -61.05 -27.56 86.17
CA VAL Q 29 -60.22 -27.73 84.99
C VAL Q 29 -59.24 -26.58 84.90
N ILE Q 30 -57.95 -26.90 84.83
CA ILE Q 30 -56.93 -25.86 84.80
C ILE Q 30 -56.71 -25.41 83.36
N ASP Q 31 -56.23 -26.32 82.54
CA ASP Q 31 -55.79 -26.00 81.20
C ASP Q 31 -56.65 -26.75 80.19
N GLN Q 32 -56.29 -26.65 78.92
CA GLN Q 32 -56.96 -27.44 77.89
C GLN Q 32 -56.73 -28.93 78.11
N ASN Q 33 -55.54 -29.30 78.58
CA ASN Q 33 -55.18 -30.70 78.72
C ASN Q 33 -54.69 -31.05 80.12
N ARG Q 34 -55.16 -30.35 81.15
CA ARG Q 34 -54.74 -30.63 82.51
C ARG Q 34 -55.82 -30.13 83.47
N ALA Q 35 -56.17 -30.95 84.45
CA ALA Q 35 -57.22 -30.63 85.39
C ALA Q 35 -56.76 -30.82 86.82
N LEU Q 36 -57.34 -30.03 87.72
CA LEU Q 36 -57.11 -30.19 89.15
C LEU Q 36 -58.03 -31.29 89.66
N VAL Q 37 -57.46 -32.23 90.40
CA VAL Q 37 -58.19 -33.46 90.71
C VAL Q 37 -57.90 -33.84 92.16
N ASP Q 38 -58.83 -34.56 92.76
CA ASP Q 38 -58.75 -34.82 94.20
C ASP Q 38 -59.63 -36.00 94.55
N GLY Q 39 -59.02 -37.10 94.97
CA GLY Q 39 -59.75 -38.17 95.60
C GLY Q 39 -59.44 -38.26 97.08
N PRO Q 40 -60.32 -37.73 97.92
CA PRO Q 40 -59.98 -37.63 99.35
C PRO Q 40 -60.02 -38.96 100.08
N CYS Q 41 -61.02 -39.79 99.80
CA CYS Q 41 -61.17 -41.08 100.47
C CYS Q 41 -60.56 -42.21 99.65
N THR Q 42 -59.52 -41.90 98.87
CA THR Q 42 -58.90 -42.92 98.02
C THR Q 42 -57.38 -42.92 98.12
N ARG Q 43 -56.80 -42.31 99.15
CA ARG Q 43 -55.34 -42.16 99.30
C ARG Q 43 -54.73 -41.48 98.08
N VAL Q 44 -55.40 -40.43 97.60
CA VAL Q 44 -54.90 -39.61 96.50
C VAL Q 44 -54.88 -38.18 96.98
N ARG Q 45 -53.69 -37.60 97.10
CA ARG Q 45 -53.59 -36.21 97.52
C ARG Q 45 -54.12 -35.29 96.42
N ARG Q 46 -54.64 -34.14 96.84
CA ARG Q 46 -55.09 -33.13 95.90
C ARG Q 46 -53.93 -32.64 95.05
N GLN Q 47 -54.10 -32.68 93.74
CA GLN Q 47 -53.04 -32.35 92.80
C GLN Q 47 -53.66 -32.15 91.43
N ALA Q 48 -52.81 -31.94 90.43
CA ALA Q 48 -53.24 -31.78 89.05
C ALA Q 48 -52.80 -32.97 88.22
N MET Q 49 -53.73 -33.60 87.53
CA MET Q 49 -53.41 -34.72 86.69
C MET Q 49 -53.94 -34.43 85.29
N PRO Q 50 -53.12 -34.60 84.26
CA PRO Q 50 -53.59 -34.37 82.90
C PRO Q 50 -54.60 -35.43 82.49
N PHE Q 51 -55.38 -35.10 81.45
CA PHE Q 51 -56.45 -35.98 81.03
C PHE Q 51 -55.96 -37.26 80.39
N LYS Q 52 -54.69 -37.36 80.02
CA LYS Q 52 -54.18 -38.60 79.48
C LYS Q 52 -54.28 -39.69 80.53
N CYS Q 53 -53.81 -39.40 81.75
CA CYS Q 53 -53.69 -40.42 82.76
C CYS Q 53 -54.95 -40.56 83.61
N MET Q 54 -56.12 -40.59 82.95
CA MET Q 54 -57.37 -40.78 83.66
C MET Q 54 -58.45 -41.18 82.69
N GLN Q 55 -59.41 -41.96 83.18
CA GLN Q 55 -60.54 -42.45 82.38
C GLN Q 55 -61.81 -42.12 83.15
N LEU Q 56 -62.54 -41.11 82.68
CA LEU Q 56 -63.70 -40.62 83.41
C LEU Q 56 -64.83 -41.64 83.38
N THR Q 57 -65.45 -41.85 84.53
CA THR Q 57 -66.55 -42.80 84.65
C THR Q 57 -67.87 -42.09 84.44
N ASP Q 58 -68.96 -42.74 84.81
CA ASP Q 58 -70.29 -42.13 84.73
C ASP Q 58 -70.85 -41.80 86.10
N PHE Q 59 -69.99 -41.57 87.09
CA PHE Q 59 -70.40 -41.10 88.40
C PHE Q 59 -70.23 -39.59 88.47
N ILE Q 60 -71.23 -38.91 89.01
CA ILE Q 60 -71.17 -37.47 89.22
C ILE Q 60 -71.50 -37.21 90.67
N LEU Q 61 -70.78 -36.27 91.27
CA LEU Q 61 -71.11 -35.82 92.62
C LEU Q 61 -70.92 -34.31 92.69
N LYS Q 62 -71.92 -33.64 93.24
CA LYS Q 62 -72.03 -32.19 93.13
C LYS Q 62 -71.41 -31.48 94.33
N PHE Q 63 -70.69 -30.40 94.04
CA PHE Q 63 -70.05 -29.49 95.00
C PHE Q 63 -69.49 -28.32 94.20
N PRO Q 64 -69.25 -27.15 94.81
CA PRO Q 64 -68.72 -26.00 94.05
C PRO Q 64 -67.35 -26.25 93.45
N HIS Q 65 -66.97 -25.46 92.45
CA HIS Q 65 -65.85 -25.84 91.60
C HIS Q 65 -64.49 -25.62 92.24
N SER Q 66 -64.40 -24.99 93.40
CA SER Q 66 -63.10 -24.89 94.05
C SER Q 66 -63.19 -25.08 95.57
N ALA Q 67 -63.96 -26.05 96.02
CA ALA Q 67 -64.05 -26.32 97.45
C ALA Q 67 -62.83 -27.11 97.91
N ARG Q 68 -62.60 -27.10 99.21
CA ARG Q 68 -61.47 -27.83 99.77
C ARG Q 68 -61.85 -29.26 100.10
N GLN Q 69 -60.84 -30.03 100.52
CA GLN Q 69 -60.97 -31.47 100.78
C GLN Q 69 -62.08 -31.80 101.77
N LYS Q 70 -62.38 -30.87 102.66
CA LYS Q 70 -63.43 -31.09 103.65
C LYS Q 70 -64.78 -31.29 103.00
N TYR Q 71 -65.08 -30.51 101.96
CA TYR Q 71 -66.40 -30.56 101.37
C TYR Q 71 -66.53 -31.67 100.35
N VAL Q 72 -65.44 -32.00 99.65
CA VAL Q 72 -65.51 -33.07 98.66
C VAL Q 72 -65.69 -34.41 99.34
N ARG Q 73 -64.99 -34.62 100.47
CA ARG Q 73 -65.11 -35.87 101.22
C ARG Q 73 -66.54 -36.10 101.67
N LYS Q 74 -67.21 -35.05 102.14
CA LYS Q 74 -68.60 -35.19 102.53
C LYS Q 74 -69.50 -35.42 101.33
N ALA Q 75 -69.08 -35.01 100.14
CA ALA Q 75 -69.84 -35.29 98.93
C ALA Q 75 -69.45 -36.61 98.30
N TRP Q 76 -68.27 -37.12 98.60
CA TRP Q 76 -67.87 -38.45 98.16
C TRP Q 76 -68.57 -39.52 98.98
N GLU Q 77 -68.71 -39.30 100.29
CA GLU Q 77 -69.31 -40.30 101.15
C GLU Q 77 -70.83 -40.20 101.15
N LYS Q 78 -71.39 -39.05 100.81
CA LYS Q 78 -72.83 -38.93 100.70
C LYS Q 78 -73.37 -39.79 99.57
N ALA Q 79 -72.86 -39.58 98.36
CA ALA Q 79 -73.21 -40.47 97.26
C ALA Q 79 -72.58 -41.84 97.41
N ASP Q 80 -71.57 -41.97 98.27
CA ASP Q 80 -70.94 -43.24 98.62
C ASP Q 80 -70.38 -43.94 97.38
N ILE Q 81 -69.36 -43.34 96.78
CA ILE Q 81 -68.82 -43.83 95.52
C ILE Q 81 -68.21 -45.20 95.66
N ASN Q 82 -67.47 -45.44 96.75
CA ASN Q 82 -66.64 -46.63 96.88
C ASN Q 82 -67.43 -47.92 96.77
N THR Q 83 -68.54 -48.02 97.51
CA THR Q 83 -69.34 -49.24 97.50
C THR Q 83 -70.03 -49.42 96.16
N LYS Q 84 -70.58 -48.35 95.61
CA LYS Q 84 -71.22 -48.43 94.30
C LYS Q 84 -70.21 -48.79 93.23
N TRP Q 85 -68.99 -48.25 93.33
CA TRP Q 85 -67.98 -48.48 92.32
C TRP Q 85 -67.59 -49.95 92.25
N ALA Q 86 -67.34 -50.56 93.42
CA ALA Q 86 -66.92 -51.95 93.47
C ALA Q 86 -68.05 -52.90 93.10
N ALA Q 87 -69.26 -52.38 92.92
CA ALA Q 87 -70.38 -53.17 92.46
C ALA Q 87 -70.68 -52.96 90.98
N THR Q 88 -69.85 -52.22 90.27
CA THR Q 88 -70.03 -52.02 88.84
C THR Q 88 -69.37 -53.13 88.05
N ARG Q 89 -69.84 -53.31 86.82
CA ARG Q 89 -69.23 -54.28 85.92
C ARG Q 89 -67.82 -53.89 85.53
N TRP Q 90 -67.46 -52.61 85.64
CA TRP Q 90 -66.10 -52.19 85.38
C TRP Q 90 -65.16 -52.70 86.46
N ALA Q 91 -65.44 -52.39 87.72
CA ALA Q 91 -64.55 -52.77 88.80
C ALA Q 91 -64.55 -54.28 89.00
N LYS Q 92 -65.66 -54.94 88.67
CA LYS Q 92 -65.70 -56.39 88.79
C LYS Q 92 -64.76 -57.07 87.82
N LYS Q 93 -64.64 -56.54 86.60
CA LYS Q 93 -63.66 -57.07 85.66
C LYS Q 93 -62.31 -56.40 85.81
N ILE Q 94 -62.16 -55.55 86.80
CA ILE Q 94 -60.85 -55.06 87.22
C ILE Q 94 -60.26 -55.94 88.32
N GLU Q 95 -61.07 -56.28 89.31
CA GLU Q 95 -60.65 -57.20 90.34
C GLU Q 95 -60.59 -58.63 89.85
N ALA Q 96 -61.08 -58.90 88.63
CA ALA Q 96 -60.90 -60.18 88.01
C ALA Q 96 -59.65 -60.23 87.16
N ARG Q 97 -59.12 -59.09 86.74
CA ARG Q 97 -57.85 -59.06 86.05
C ARG Q 97 -56.68 -59.25 86.99
N GLU Q 98 -56.84 -58.92 88.26
CA GLU Q 98 -55.79 -59.15 89.24
C GLU Q 98 -55.91 -60.52 89.90
N ARG Q 99 -57.10 -61.10 89.94
CA ARG Q 99 -57.25 -62.46 90.42
C ARG Q 99 -56.62 -63.49 89.50
N LYS Q 100 -56.44 -63.15 88.22
CA LYS Q 100 -55.71 -63.97 87.29
C LYS Q 100 -54.22 -63.66 87.29
N ALA Q 101 -53.84 -62.47 87.71
CA ALA Q 101 -52.44 -62.07 87.73
C ALA Q 101 -51.67 -62.68 88.89
N LYS Q 102 -52.33 -62.92 90.02
CA LYS Q 102 -51.67 -63.49 91.19
C LYS Q 102 -51.95 -64.98 91.34
N MET Q 103 -52.41 -65.64 90.29
CA MET Q 103 -52.78 -67.05 90.36
C MET Q 103 -51.56 -67.93 90.50
N THR Q 104 -51.45 -68.64 91.63
CA THR Q 104 -50.29 -69.48 91.87
C THR Q 104 -50.33 -70.72 90.96
N ASP Q 105 -49.20 -71.43 90.91
CA ASP Q 105 -49.07 -72.56 90.01
C ASP Q 105 -50.02 -73.68 90.39
N PHE Q 106 -50.18 -73.95 91.68
CA PHE Q 106 -51.14 -74.96 92.12
C PHE Q 106 -52.56 -74.47 91.89
N ASP Q 107 -52.79 -73.18 92.06
CA ASP Q 107 -54.06 -72.59 91.68
C ASP Q 107 -54.27 -72.67 90.17
N ARG Q 108 -53.18 -72.57 89.41
CA ARG Q 108 -53.27 -72.71 87.96
C ARG Q 108 -53.64 -74.13 87.56
N TYR Q 109 -53.29 -75.11 88.38
CA TYR Q 109 -53.67 -76.50 88.14
C TYR Q 109 -55.09 -76.79 88.59
N LYS Q 110 -55.52 -76.17 89.69
CA LYS Q 110 -56.90 -76.32 90.12
C LYS Q 110 -57.88 -75.69 89.15
N VAL Q 111 -57.42 -74.71 88.37
CA VAL Q 111 -58.28 -74.06 87.39
C VAL Q 111 -58.13 -74.71 86.02
N MET Q 112 -57.07 -75.48 85.82
CA MET Q 112 -56.98 -76.28 84.61
C MET Q 112 -58.00 -77.41 84.63
N LYS Q 113 -58.01 -78.19 85.71
CA LYS Q 113 -58.92 -79.33 85.81
C LYS Q 113 -60.36 -78.86 85.90
N ALA Q 114 -60.59 -77.74 86.59
CA ALA Q 114 -61.94 -77.19 86.65
C ALA Q 114 -62.42 -76.74 85.28
N LYS Q 115 -61.52 -76.23 84.45
CA LYS Q 115 -61.90 -75.82 83.11
C LYS Q 115 -62.15 -77.02 82.22
N LYS Q 116 -61.43 -78.11 82.44
CA LYS Q 116 -61.53 -79.27 81.57
C LYS Q 116 -62.90 -79.92 81.68
N MET Q 117 -63.45 -80.00 82.88
CA MET Q 117 -64.76 -80.61 83.04
C MET Q 117 -65.90 -79.67 82.67
N ARG Q 118 -65.68 -78.36 82.75
CA ARG Q 118 -66.71 -77.43 82.32
C ARG Q 118 -66.74 -77.22 80.82
N ASN Q 119 -65.72 -77.69 80.11
CA ASN Q 119 -65.74 -77.74 78.66
C ASN Q 119 -66.14 -79.10 78.14
N ARG Q 120 -66.52 -80.02 79.03
CA ARG Q 120 -67.08 -81.30 78.61
C ARG Q 120 -68.56 -81.40 78.86
N ILE Q 121 -69.10 -80.64 79.81
CA ILE Q 121 -70.54 -80.60 80.03
C ILE Q 121 -71.21 -79.64 79.07
N ILE Q 122 -70.60 -78.49 78.83
CA ILE Q 122 -71.14 -77.53 77.89
C ILE Q 122 -71.06 -78.08 76.47
N LYS Q 123 -69.94 -78.70 76.13
CA LYS Q 123 -69.75 -79.18 74.77
C LYS Q 123 -70.70 -80.32 74.45
N ASN Q 124 -70.92 -81.22 75.40
CA ASN Q 124 -71.83 -82.33 75.15
C ASN Q 124 -73.28 -81.86 75.14
N GLU Q 125 -73.59 -80.83 75.94
CA GLU Q 125 -74.95 -80.31 75.97
C GLU Q 125 -75.32 -79.64 74.65
N VAL Q 126 -74.43 -78.80 74.13
CA VAL Q 126 -74.70 -78.15 72.84
C VAL Q 126 -74.73 -79.19 71.72
N LYS Q 127 -74.05 -80.31 71.90
CA LYS Q 127 -74.20 -81.41 70.95
C LYS Q 127 -75.59 -82.02 71.03
N LYS Q 128 -76.20 -82.03 72.22
CA LYS Q 128 -77.58 -82.47 72.33
C LYS Q 128 -78.55 -81.47 71.72
N LEU Q 129 -78.19 -80.19 71.73
CA LEU Q 129 -79.03 -79.17 71.14
C LEU Q 129 -78.93 -79.13 69.62
N GLN Q 130 -77.98 -79.87 69.05
CA GLN Q 130 -77.87 -79.92 67.60
C GLN Q 130 -78.60 -81.12 67.02
N ARG Q 131 -78.56 -82.27 67.71
CA ARG Q 131 -79.36 -83.40 67.26
C ARG Q 131 -80.84 -83.20 67.49
N ALA Q 132 -81.24 -82.15 68.20
CA ALA Q 132 -82.63 -81.77 68.33
C ALA Q 132 -83.02 -80.56 67.50
N ALA Q 133 -82.05 -79.89 66.88
CA ALA Q 133 -82.35 -78.73 66.04
C ALA Q 133 -82.72 -79.13 64.62
N LEU Q 134 -82.08 -80.15 64.06
CA LEU Q 134 -82.55 -80.70 62.80
C LEU Q 134 -83.72 -81.65 62.99
N LEU Q 135 -83.90 -82.14 64.22
CA LEU Q 135 -85.11 -82.90 64.56
C LEU Q 135 -86.35 -82.03 64.49
N LYS Q 136 -86.28 -80.79 64.99
CA LYS Q 136 -87.38 -79.86 64.91
C LYS Q 136 -87.45 -79.16 63.56
N ALA Q 137 -86.48 -79.42 62.68
CA ALA Q 137 -86.51 -78.92 61.32
C ALA Q 137 -86.71 -80.03 60.30
N SER Q 138 -86.77 -81.28 60.73
CA SER Q 138 -87.04 -82.40 59.83
C SER Q 138 -87.73 -83.53 60.61
N GLY R 1 99.65 -27.49 16.55
CA GLY R 1 99.50 -27.58 15.11
C GLY R 1 98.65 -26.48 14.54
N ALA R 2 98.03 -26.75 13.40
CA ALA R 2 97.28 -25.73 12.69
C ALA R 2 95.82 -25.65 13.11
N TYR R 3 95.33 -26.70 13.78
CA TYR R 3 93.90 -26.78 14.06
C TYR R 3 93.44 -25.67 14.99
N LYS R 4 94.34 -25.18 15.85
CA LYS R 4 94.00 -24.09 16.74
C LYS R 4 93.70 -22.82 15.95
N TYR R 5 94.43 -22.60 14.86
CA TYR R 5 94.20 -21.44 14.01
C TYR R 5 92.83 -21.50 13.37
N ILE R 6 92.56 -22.60 12.67
CA ILE R 6 91.29 -22.80 11.96
C ILE R 6 90.14 -22.71 12.95
N GLN R 7 90.37 -23.21 14.16
CA GLN R 7 89.41 -23.01 15.24
C GLN R 7 89.18 -21.53 15.50
N GLU R 8 90.26 -20.79 15.74
CA GLU R 8 90.11 -19.37 15.99
C GLU R 8 89.76 -18.60 14.73
N LEU R 9 90.02 -19.16 13.56
CA LEU R 9 89.60 -18.50 12.33
C LEU R 9 88.11 -18.59 12.12
N TRP R 10 87.51 -19.74 12.46
CA TRP R 10 86.08 -19.96 12.28
C TRP R 10 85.24 -19.21 13.29
N ARG R 11 85.84 -18.57 14.28
CA ARG R 11 85.10 -17.69 15.19
C ARG R 11 84.96 -16.28 14.64
N LYS R 12 85.48 -16.03 13.44
CA LYS R 12 85.49 -14.69 12.89
C LYS R 12 84.55 -14.63 11.71
N LYS R 13 83.36 -15.21 11.88
CA LYS R 13 82.38 -15.35 10.81
C LYS R 13 81.81 -14.03 10.32
N GLN R 14 82.24 -12.89 10.85
CA GLN R 14 81.85 -11.61 10.28
C GLN R 14 83.02 -10.90 9.63
N SER R 15 84.19 -11.53 9.57
CA SER R 15 85.31 -10.94 8.87
C SER R 15 85.16 -11.14 7.37
N ASP R 16 85.98 -10.42 6.61
CA ASP R 16 85.81 -10.39 5.16
C ASP R 16 86.13 -11.73 4.52
N VAL R 17 87.11 -12.44 5.05
CA VAL R 17 87.47 -13.75 4.53
C VAL R 17 86.33 -14.72 4.74
N MET R 18 85.83 -14.79 5.97
CA MET R 18 84.78 -15.74 6.29
C MET R 18 83.47 -15.36 5.60
N ARG R 19 83.14 -14.07 5.59
CA ARG R 19 81.90 -13.65 4.95
C ARG R 19 81.98 -13.86 3.44
N PHE R 20 83.18 -13.93 2.89
CA PHE R 20 83.33 -14.40 1.53
C PHE R 20 83.11 -15.90 1.44
N LEU R 21 83.88 -16.66 2.22
CA LEU R 21 83.82 -18.12 2.14
C LEU R 21 82.48 -18.67 2.55
N LEU R 22 81.73 -17.98 3.39
CA LEU R 22 80.44 -18.54 3.74
C LEU R 22 79.41 -18.26 2.66
N ARG R 23 79.48 -17.09 2.01
CA ARG R 23 78.50 -16.80 0.98
C ARG R 23 78.74 -17.62 -0.28
N VAL R 24 79.92 -18.22 -0.44
CA VAL R 24 80.20 -19.05 -1.60
C VAL R 24 79.67 -20.46 -1.39
N ARG R 25 80.01 -21.06 -0.25
CA ARG R 25 79.49 -22.37 0.10
C ARG R 25 77.98 -22.38 0.18
N CYS R 26 77.41 -21.35 0.78
CA CYS R 26 75.95 -21.25 0.88
C CYS R 26 75.32 -21.16 -0.50
N TRP R 27 76.01 -20.58 -1.47
CA TRP R 27 75.54 -20.66 -2.85
C TRP R 27 75.78 -22.04 -3.40
N GLN R 28 76.96 -22.60 -3.14
CA GLN R 28 77.32 -23.87 -3.75
C GLN R 28 76.48 -25.01 -3.20
N TYR R 29 76.22 -25.00 -1.90
CA TYR R 29 75.39 -26.04 -1.30
C TYR R 29 73.96 -25.93 -1.79
N ARG R 30 73.50 -24.70 -2.03
CA ARG R 30 72.11 -24.49 -2.41
C ARG R 30 71.79 -25.07 -3.78
N GLN R 31 72.78 -25.19 -4.65
CA GLN R 31 72.55 -25.73 -5.98
C GLN R 31 72.64 -27.24 -6.04
N LEU R 32 72.37 -27.92 -4.92
CA LEU R 32 72.46 -29.37 -4.87
C LEU R 32 71.18 -29.97 -4.31
N SER R 33 71.22 -31.27 -4.01
CA SER R 33 70.09 -31.93 -3.40
C SER R 33 70.12 -31.75 -1.90
N ALA R 34 69.02 -32.09 -1.25
CA ALA R 34 68.87 -31.85 0.18
C ALA R 34 69.64 -32.84 1.02
N LEU R 35 70.19 -33.89 0.43
CA LEU R 35 70.87 -34.91 1.20
C LEU R 35 71.87 -35.62 0.33
N HIS R 36 73.14 -35.28 0.44
CA HIS R 36 74.16 -35.91 -0.37
C HIS R 36 75.47 -35.95 0.40
N ARG R 37 76.30 -36.92 0.05
CA ARG R 37 77.47 -37.22 0.85
C ARG R 37 78.64 -36.33 0.48
N ALA R 38 79.15 -35.62 1.47
CA ALA R 38 80.38 -34.87 1.25
C ALA R 38 81.57 -35.80 1.28
N PRO R 39 82.50 -35.64 0.37
CA PRO R 39 83.66 -36.54 0.33
C PRO R 39 84.59 -36.39 1.53
N ARG R 40 84.94 -35.15 1.87
CA ARG R 40 85.78 -34.84 3.00
C ARG R 40 85.20 -33.65 3.74
N PRO R 41 85.35 -33.58 5.07
CA PRO R 41 84.55 -32.65 5.86
C PRO R 41 84.92 -31.21 5.60
N THR R 42 83.91 -30.35 5.62
CA THR R 42 84.12 -28.93 5.38
C THR R 42 84.97 -28.32 6.49
N ARG R 43 84.73 -28.73 7.72
CA ARG R 43 85.50 -28.23 8.84
C ARG R 43 86.23 -29.37 9.52
N PRO R 44 87.44 -29.70 9.08
CA PRO R 44 88.20 -30.75 9.76
C PRO R 44 88.56 -30.41 11.19
N ASP R 45 88.56 -29.13 11.56
CA ASP R 45 88.75 -28.76 12.96
C ASP R 45 87.58 -29.22 13.81
N LYS R 46 86.36 -28.83 13.41
CA LYS R 46 85.18 -29.15 14.21
C LYS R 46 84.90 -30.64 14.18
N ALA R 47 85.28 -31.31 13.10
CA ALA R 47 85.03 -32.73 12.95
C ALA R 47 85.71 -33.54 14.03
N ARG R 48 87.03 -33.41 14.14
CA ARG R 48 87.78 -34.18 15.13
C ARG R 48 87.42 -33.75 16.54
N ARG R 49 87.02 -32.49 16.70
CA ARG R 49 86.56 -32.05 18.01
C ARG R 49 85.24 -32.70 18.40
N LEU R 50 84.54 -33.31 17.45
CA LEU R 50 83.28 -33.98 17.70
C LEU R 50 83.39 -35.49 17.58
N GLY R 51 84.59 -36.02 17.43
CA GLY R 51 84.80 -37.45 17.39
C GLY R 51 85.08 -38.05 16.04
N TYR R 52 85.16 -37.25 14.99
CA TYR R 52 85.48 -37.76 13.66
C TYR R 52 86.96 -38.07 13.58
N LYS R 53 87.29 -39.24 13.06
CA LYS R 53 88.67 -39.59 12.76
C LYS R 53 88.73 -40.04 11.31
N ALA R 54 89.77 -39.62 10.60
CA ALA R 54 89.89 -40.02 9.21
C ALA R 54 90.30 -41.47 9.12
N LYS R 55 89.33 -42.37 8.93
CA LYS R 55 89.60 -43.78 8.75
C LYS R 55 88.38 -44.41 8.08
N GLN R 56 88.61 -45.50 7.37
CA GLN R 56 87.58 -46.14 6.57
C GLN R 56 86.38 -46.54 7.41
N GLY R 57 85.23 -45.95 7.11
CA GLY R 57 84.01 -46.16 7.86
C GLY R 57 83.40 -44.91 8.42
N TYR R 58 84.14 -43.81 8.45
CA TYR R 58 83.60 -42.54 8.89
C TYR R 58 83.03 -41.80 7.69
N VAL R 59 81.75 -41.44 7.79
CA VAL R 59 80.99 -40.90 6.67
C VAL R 59 80.40 -39.58 7.14
N ILE R 60 80.21 -38.66 6.20
CA ILE R 60 79.73 -37.31 6.46
C ILE R 60 78.69 -36.90 5.43
N TYR R 61 77.49 -36.55 5.89
CA TYR R 61 76.41 -36.20 4.98
C TYR R 61 76.05 -34.74 5.17
N ARG R 62 76.13 -33.97 4.10
CA ARG R 62 75.77 -32.56 4.13
C ARG R 62 74.30 -32.43 3.77
N ILE R 63 73.53 -31.77 4.63
CA ILE R 63 72.09 -31.72 4.49
C ILE R 63 71.60 -30.33 4.79
N ARG R 64 70.51 -29.92 4.13
CA ARG R 64 69.96 -28.59 4.32
C ARG R 64 68.55 -28.69 4.90
N VAL R 65 68.27 -27.81 5.85
CA VAL R 65 66.99 -27.76 6.54
C VAL R 65 66.35 -26.42 6.26
N ARG R 66 65.11 -26.46 5.81
CA ARG R 66 64.37 -25.23 5.52
C ARG R 66 64.08 -24.49 6.81
N ARG R 67 64.79 -23.39 7.04
CA ARG R 67 64.72 -22.66 8.29
C ARG R 67 63.37 -22.00 8.49
N GLY R 68 63.01 -21.70 9.73
CA GLY R 68 61.73 -21.10 10.05
C GLY R 68 61.02 -21.88 11.15
N GLY R 69 59.85 -21.36 11.51
CA GLY R 69 59.09 -21.96 12.58
C GLY R 69 58.32 -23.19 12.18
N ARG R 70 57.14 -23.38 12.77
CA ARG R 70 56.33 -24.58 12.52
C ARG R 70 54.86 -24.16 12.52
N LYS R 71 54.30 -23.99 11.34
CA LYS R 71 52.89 -23.64 11.24
C LYS R 71 52.05 -24.86 11.57
N ARG R 72 51.09 -24.71 12.47
CA ARG R 72 50.35 -25.85 12.97
C ARG R 72 49.51 -26.46 11.86
N PRO R 73 49.76 -27.70 11.49
CA PRO R 73 49.07 -28.29 10.35
C PRO R 73 47.61 -28.59 10.63
N VAL R 74 46.78 -27.56 10.52
CA VAL R 74 45.35 -27.73 10.68
C VAL R 74 44.70 -27.04 9.48
N PRO R 75 43.66 -27.61 8.89
CA PRO R 75 43.07 -26.98 7.69
C PRO R 75 42.46 -25.62 7.95
N LYS R 76 42.81 -24.66 7.10
CA LYS R 76 42.27 -23.29 7.11
C LYS R 76 42.49 -22.57 8.42
N GLY R 77 43.51 -22.99 9.17
CA GLY R 77 43.84 -22.34 10.43
C GLY R 77 42.74 -22.38 11.46
N ALA R 78 41.87 -23.36 11.40
CA ALA R 78 40.74 -23.45 12.30
C ALA R 78 40.96 -24.63 13.23
N THR R 79 41.36 -24.34 14.46
CA THR R 79 41.53 -25.35 15.49
C THR R 79 40.33 -25.24 16.40
N TYR R 80 39.48 -26.26 16.38
CA TYR R 80 38.22 -26.24 17.09
C TYR R 80 38.41 -26.49 18.58
N GLY R 81 39.11 -25.59 19.26
CA GLY R 81 39.31 -25.65 20.67
C GLY R 81 39.02 -24.34 21.35
N LYS R 82 39.50 -24.23 22.56
CA LYS R 82 39.36 -23.00 23.31
C LYS R 82 40.32 -21.95 22.75
N PRO R 83 40.08 -20.66 23.01
CA PRO R 83 40.93 -19.61 22.46
C PRO R 83 42.43 -19.71 22.76
N VAL R 84 42.81 -20.53 23.74
CA VAL R 84 44.23 -20.73 24.02
C VAL R 84 44.89 -21.43 22.83
N HIS R 85 44.30 -22.53 22.40
CA HIS R 85 44.92 -23.37 21.39
C HIS R 85 44.59 -22.93 19.97
N HIS R 86 44.03 -21.73 19.81
CA HIS R 86 43.80 -21.20 18.47
C HIS R 86 45.09 -20.89 17.74
N GLY R 87 46.18 -20.71 18.48
CA GLY R 87 47.46 -20.37 17.91
C GLY R 87 47.95 -21.35 16.88
N VAL R 88 48.18 -20.86 15.66
CA VAL R 88 48.48 -21.74 14.54
C VAL R 88 49.74 -21.28 13.82
N ASN R 89 50.10 -20.01 13.93
CA ASN R 89 51.17 -19.45 13.11
C ASN R 89 52.49 -19.34 13.85
N GLN R 90 52.55 -18.60 14.95
CA GLN R 90 53.87 -18.24 15.51
C GLN R 90 54.43 -19.30 16.43
N LEU R 91 53.97 -20.53 16.30
CA LEU R 91 54.44 -21.62 17.14
C LEU R 91 55.86 -22.02 16.77
N LYS R 92 56.61 -22.49 17.74
CA LYS R 92 57.98 -22.91 17.54
C LYS R 92 58.12 -24.39 17.87
N PHE R 93 58.92 -25.09 17.08
CA PHE R 93 59.16 -26.50 17.30
C PHE R 93 59.90 -26.71 18.63
N ALA R 94 59.86 -27.94 19.11
CA ALA R 94 60.51 -28.25 20.38
C ALA R 94 61.96 -28.68 20.23
N ARG R 95 62.34 -29.17 19.06
CA ARG R 95 63.72 -29.53 18.80
C ARG R 95 64.34 -28.52 17.87
N SER R 96 65.67 -28.43 17.90
CA SER R 96 66.36 -27.49 17.04
C SER R 96 66.24 -27.93 15.58
N LEU R 97 66.56 -27.01 14.68
CA LEU R 97 66.70 -27.38 13.29
C LEU R 97 67.91 -28.25 13.05
N GLN R 98 68.85 -28.28 13.97
CA GLN R 98 70.01 -29.14 13.81
C GLN R 98 69.67 -30.59 14.10
N SER R 99 68.89 -30.85 15.14
CA SER R 99 68.52 -32.22 15.43
C SER R 99 67.60 -32.78 14.35
N VAL R 100 66.76 -31.93 13.77
CA VAL R 100 65.93 -32.33 12.63
C VAL R 100 66.82 -32.77 11.47
N ALA R 101 67.96 -32.09 11.29
CA ALA R 101 68.91 -32.50 10.27
C ALA R 101 69.44 -33.90 10.56
N GLU R 102 69.89 -34.14 11.79
CA GLU R 102 70.41 -35.45 12.16
C GLU R 102 69.36 -36.53 11.98
N GLU R 103 68.10 -36.21 12.31
CA GLU R 103 67.02 -37.17 12.14
C GLU R 103 66.82 -37.54 10.68
N ARG R 104 66.88 -36.54 9.80
CA ARG R 104 66.72 -36.82 8.38
C ARG R 104 67.93 -37.56 7.82
N ALA R 105 69.11 -37.29 8.36
CA ALA R 105 70.30 -37.96 7.88
C ALA R 105 70.30 -39.43 8.30
N GLY R 106 69.83 -39.71 9.50
CA GLY R 106 69.87 -41.07 9.99
C GLY R 106 68.81 -41.95 9.35
N ARG R 107 67.63 -41.38 9.10
CA ARG R 107 66.55 -42.18 8.54
C ARG R 107 66.84 -42.61 7.11
N HIS R 108 67.58 -41.80 6.39
CA HIS R 108 67.95 -42.13 5.02
C HIS R 108 69.13 -43.09 4.95
N CYS R 109 69.88 -43.23 6.03
CA CYS R 109 71.06 -44.07 6.04
C CYS R 109 71.01 -44.95 7.30
N GLY R 110 69.86 -45.60 7.49
CA GLY R 110 69.64 -46.43 8.66
C GLY R 110 70.66 -47.54 8.87
N ALA R 111 71.43 -47.88 7.84
CA ALA R 111 72.53 -48.81 8.01
C ALA R 111 73.71 -48.17 8.73
N LEU R 112 73.72 -46.85 8.88
CA LEU R 112 74.76 -46.14 9.60
C LEU R 112 74.17 -45.52 10.85
N ARG R 113 75.05 -45.08 11.76
CA ARG R 113 74.64 -44.51 13.03
C ARG R 113 75.19 -43.10 13.17
N VAL R 114 74.36 -42.20 13.69
CA VAL R 114 74.74 -40.79 13.79
C VAL R 114 75.66 -40.59 14.97
N LEU R 115 76.79 -39.93 14.73
CA LEU R 115 77.71 -39.56 15.78
C LEU R 115 77.44 -38.16 16.31
N ASN R 116 77.52 -37.14 15.46
CA ASN R 116 77.22 -35.75 15.81
C ASN R 116 76.98 -34.97 14.53
N SER R 117 76.94 -33.65 14.65
CA SER R 117 76.71 -32.77 13.53
C SER R 117 77.32 -31.42 13.86
N TYR R 118 77.37 -30.54 12.87
CA TYR R 118 77.81 -29.18 13.10
C TYR R 118 77.25 -28.28 12.01
N TRP R 119 77.58 -26.99 12.13
CA TRP R 119 77.06 -25.95 11.26
C TRP R 119 78.08 -25.64 10.17
N VAL R 120 77.59 -25.46 8.93
CA VAL R 120 78.50 -25.14 7.83
C VAL R 120 78.03 -23.96 7.00
N GLY R 121 76.89 -23.40 7.33
CA GLY R 121 76.42 -22.24 6.59
C GLY R 121 74.91 -22.12 6.67
N GLU R 122 74.42 -20.93 6.37
CA GLU R 122 72.98 -20.72 6.38
C GLU R 122 72.60 -19.60 5.43
N ASP R 123 71.43 -19.78 4.82
CA ASP R 123 70.72 -18.81 4.01
C ASP R 123 69.52 -18.32 4.81
N SER R 124 68.89 -17.24 4.38
CA SER R 124 67.66 -16.80 5.03
C SER R 124 66.53 -17.79 4.88
N THR R 125 66.68 -18.80 4.01
CA THR R 125 65.67 -19.84 3.92
C THR R 125 66.19 -21.23 4.29
N TYR R 126 67.49 -21.47 4.19
CA TYR R 126 68.01 -22.80 4.47
C TYR R 126 69.05 -22.72 5.57
N LYS R 127 69.39 -23.88 6.12
CA LYS R 127 70.49 -24.01 7.07
C LYS R 127 71.17 -25.32 6.76
N PHE R 128 72.49 -25.31 6.63
CA PHE R 128 73.23 -26.45 6.13
C PHE R 128 74.04 -27.04 7.27
N PHE R 129 74.00 -28.36 7.39
CA PHE R 129 74.69 -29.06 8.45
C PHE R 129 75.46 -30.24 7.87
N GLU R 130 76.39 -30.75 8.63
CA GLU R 130 77.19 -31.89 8.23
C GLU R 130 77.12 -32.92 9.34
N VAL R 131 76.30 -33.95 9.16
CA VAL R 131 76.20 -35.01 10.14
C VAL R 131 77.29 -36.04 9.89
N ILE R 132 77.99 -36.44 10.94
CA ILE R 132 79.02 -37.47 10.87
C ILE R 132 78.34 -38.80 11.07
N LEU R 133 78.61 -39.75 10.18
CA LEU R 133 78.00 -41.07 10.25
C LEU R 133 79.08 -42.12 10.46
N ILE R 134 78.73 -43.19 11.14
CA ILE R 134 79.62 -44.31 11.37
C ILE R 134 79.02 -45.55 10.72
N ASP R 135 79.87 -46.34 10.06
CA ASP R 135 79.45 -47.64 9.57
C ASP R 135 79.77 -48.66 10.64
N PRO R 136 78.81 -49.11 11.43
CA PRO R 136 79.14 -49.88 12.62
C PRO R 136 79.56 -51.31 12.31
N PHE R 137 79.49 -51.70 11.05
CA PHE R 137 79.81 -53.06 10.65
C PHE R 137 81.11 -53.16 9.87
N HIS R 138 81.80 -52.06 9.66
CA HIS R 138 83.10 -52.11 9.02
C HIS R 138 84.12 -52.56 10.05
N LYS R 139 85.07 -53.38 9.62
CA LYS R 139 86.02 -53.97 10.57
C LYS R 139 86.94 -52.92 11.17
N ALA R 140 87.09 -51.77 10.51
CA ALA R 140 87.86 -50.69 11.07
C ALA R 140 87.19 -50.06 12.28
N ILE R 141 85.88 -50.17 12.37
CA ILE R 141 85.15 -49.72 13.53
C ILE R 141 84.89 -50.87 14.49
N ARG R 142 84.85 -52.10 14.00
CA ARG R 142 84.52 -53.22 14.86
C ARG R 142 85.71 -53.63 15.71
N ARG R 143 86.92 -53.59 15.14
CA ARG R 143 88.13 -53.97 15.86
C ARG R 143 88.82 -52.79 16.53
N ASN R 144 88.08 -51.75 16.90
CA ASN R 144 88.64 -50.62 17.63
C ASN R 144 87.97 -50.57 18.99
N PRO R 145 88.68 -50.87 20.07
CA PRO R 145 88.03 -50.87 21.39
C PRO R 145 87.52 -49.52 21.83
N ASP R 146 88.11 -48.44 21.31
CA ASP R 146 87.65 -47.10 21.62
C ASP R 146 86.50 -46.66 20.75
N THR R 147 85.98 -47.53 19.90
CA THR R 147 84.87 -47.17 19.03
C THR R 147 83.76 -48.20 19.03
N GLN R 148 83.99 -49.41 19.52
CA GLN R 148 83.00 -50.48 19.37
C GLN R 148 81.78 -50.28 20.25
N TRP R 149 81.75 -49.25 21.09
CA TRP R 149 80.53 -48.94 21.81
C TRP R 149 79.40 -48.57 20.86
N ILE R 150 79.73 -48.02 19.70
CA ILE R 150 78.71 -47.62 18.73
C ILE R 150 78.01 -48.83 18.15
N THR R 151 78.66 -50.00 18.19
CA THR R 151 78.10 -51.18 17.57
C THR R 151 77.04 -51.85 18.42
N LYS R 152 76.98 -51.52 19.70
CA LYS R 152 75.98 -52.11 20.57
C LYS R 152 74.59 -51.70 20.12
N PRO R 153 73.60 -52.58 20.23
CA PRO R 153 72.29 -52.27 19.66
C PRO R 153 71.53 -51.22 20.46
N VAL R 154 72.06 -50.85 21.63
CA VAL R 154 71.46 -49.77 22.40
C VAL R 154 71.53 -48.45 21.63
N HIS R 155 72.58 -48.24 20.86
CA HIS R 155 72.77 -47.01 20.11
C HIS R 155 72.23 -47.11 18.69
N LYS R 156 71.20 -47.91 18.49
CA LYS R 156 70.47 -47.89 17.24
C LYS R 156 69.69 -46.58 17.17
N HIS R 157 70.04 -45.73 16.21
CA HIS R 157 69.29 -44.52 15.91
C HIS R 157 69.21 -43.60 17.12
N ARG R 158 70.37 -43.09 17.54
CA ARG R 158 70.42 -42.20 18.68
C ARG R 158 69.63 -40.93 18.42
N GLU R 159 69.66 -40.46 17.17
CA GLU R 159 69.08 -39.16 16.86
C GLU R 159 67.56 -39.17 16.89
N MET R 160 66.94 -40.34 16.68
CA MET R 160 65.49 -40.41 16.79
C MET R 160 65.06 -40.27 18.24
N ARG R 161 65.77 -40.93 19.14
CA ARG R 161 65.47 -40.86 20.55
C ARG R 161 66.10 -39.66 21.22
N GLY R 162 66.75 -38.80 20.45
CA GLY R 162 67.37 -37.60 20.98
C GLY R 162 68.48 -37.87 21.96
N LEU R 163 69.54 -38.53 21.52
CA LEU R 163 70.68 -38.82 22.38
C LEU R 163 71.97 -38.22 21.86
N THR R 164 71.91 -37.47 20.76
CA THR R 164 73.10 -36.80 20.24
C THR R 164 73.23 -35.44 20.90
N SER R 165 74.40 -34.84 20.72
CA SER R 165 74.69 -33.57 21.37
C SER R 165 73.71 -32.48 20.96
N ALA R 166 73.29 -32.47 19.71
CA ALA R 166 72.32 -31.47 19.28
C ALA R 166 70.89 -31.87 19.56
N GLY R 167 70.65 -33.12 19.96
CA GLY R 167 69.31 -33.53 20.31
C GLY R 167 69.11 -33.49 21.81
N ARG R 168 70.20 -33.54 22.56
CA ARG R 168 70.10 -33.46 24.00
C ARG R 168 69.79 -32.06 24.47
N LYS R 169 70.09 -31.05 23.65
CA LYS R 169 69.87 -29.67 24.09
C LYS R 169 68.40 -29.33 24.12
N SER R 170 67.56 -30.09 23.44
CA SER R 170 66.14 -29.84 23.45
C SER R 170 65.42 -30.51 24.61
N ARG R 171 66.07 -31.45 25.28
CA ARG R 171 65.44 -32.19 26.36
C ARG R 171 65.53 -31.47 27.69
N GLY R 172 66.35 -30.43 27.79
CA GLY R 172 66.42 -29.61 28.97
C GLY R 172 66.81 -30.35 30.24
N LEU R 173 67.86 -31.16 30.17
CA LEU R 173 68.35 -31.88 31.33
C LEU R 173 69.77 -31.47 31.65
N GLY R 174 70.04 -31.36 32.94
CA GLY R 174 71.37 -31.01 33.39
C GLY R 174 71.34 -30.90 34.90
N LYS R 175 72.51 -31.09 35.49
CA LYS R 175 72.62 -30.95 36.94
C LYS R 175 72.42 -29.51 37.34
N GLY R 176 71.60 -29.28 38.35
CA GLY R 176 71.45 -27.94 38.85
C GLY R 176 70.04 -27.59 39.28
N HIS R 177 69.84 -26.36 39.71
CA HIS R 177 68.52 -25.90 40.08
C HIS R 177 67.71 -25.46 38.89
N LYS R 178 68.37 -25.14 37.77
CA LYS R 178 67.66 -24.66 36.60
C LYS R 178 66.90 -25.76 35.88
N PHE R 179 67.18 -27.02 36.17
CA PHE R 179 66.62 -28.15 35.44
C PHE R 179 65.92 -29.11 36.37
N HIS R 180 65.06 -28.58 37.25
CA HIS R 180 64.45 -29.44 38.26
C HIS R 180 63.43 -30.39 37.67
N HIS R 181 62.83 -30.06 36.54
CA HIS R 181 61.80 -30.92 36.00
C HIS R 181 62.34 -32.04 35.15
N THR R 182 63.64 -32.29 35.17
CA THR R 182 64.21 -33.47 34.54
C THR R 182 65.02 -34.29 35.52
N ILE R 183 64.68 -34.22 36.81
CA ILE R 183 65.26 -35.13 37.79
C ILE R 183 64.71 -36.51 37.51
N GLY R 184 65.60 -37.46 37.30
CA GLY R 184 65.24 -38.73 36.72
C GLY R 184 65.90 -38.89 35.37
N GLY R 185 65.44 -39.89 34.62
CA GLY R 185 65.98 -40.12 33.30
C GLY R 185 65.69 -38.98 32.35
N SER R 186 64.46 -38.49 32.37
CA SER R 186 64.01 -37.54 31.36
C SER R 186 62.97 -36.62 31.98
N ARG R 187 62.25 -35.90 31.12
CA ARG R 187 61.19 -35.02 31.59
C ARG R 187 59.93 -35.80 31.91
N ARG R 188 59.67 -36.87 31.16
CA ARG R 188 58.53 -37.73 31.46
C ARG R 188 58.75 -38.49 32.75
N ALA R 189 60.01 -38.80 33.07
CA ALA R 189 60.33 -39.54 34.28
C ALA R 189 59.90 -38.78 35.51
N ALA R 190 60.27 -37.51 35.58
CA ALA R 190 59.88 -36.66 36.70
C ALA R 190 58.37 -36.57 36.85
N TRP R 191 57.67 -36.37 35.74
CA TRP R 191 56.21 -36.29 35.80
C TRP R 191 55.62 -37.60 36.27
N ARG R 192 56.25 -38.72 35.92
CA ARG R 192 55.76 -40.02 36.36
C ARG R 192 55.92 -40.16 37.87
N ARG R 193 57.13 -39.99 38.36
CA ARG R 193 57.43 -40.09 39.78
C ARG R 193 56.66 -39.11 40.63
N ARG R 194 56.29 -37.96 40.09
CA ARG R 194 55.55 -36.99 40.87
C ARG R 194 54.04 -37.18 40.78
N ASN R 195 53.57 -38.05 39.90
CA ASN R 195 52.13 -38.28 39.79
C ASN R 195 51.81 -39.75 39.97
N THR R 196 52.40 -40.37 40.98
CA THR R 196 52.02 -41.72 41.39
C THR R 196 51.68 -41.68 42.87
N LEU R 197 50.48 -42.11 43.22
CA LEU R 197 50.21 -42.43 44.62
C LEU R 197 51.05 -43.61 45.03
N GLN R 198 51.83 -43.42 46.09
CA GLN R 198 52.58 -44.51 46.69
C GLN R 198 51.71 -45.06 47.80
N LEU R 199 50.93 -46.08 47.46
CA LEU R 199 50.07 -46.74 48.45
C LEU R 199 50.86 -47.90 49.03
N HIS R 200 51.48 -47.67 50.17
CA HIS R 200 52.30 -48.69 50.80
C HIS R 200 51.43 -49.82 51.33
N ARG R 201 52.09 -50.92 51.67
CA ARG R 201 51.36 -52.06 52.23
C ARG R 201 50.67 -51.69 53.52
N TYR R 202 51.30 -50.85 54.33
CA TYR R 202 50.79 -50.60 55.67
C TYR R 202 50.11 -49.24 55.83
N ARG R 203 50.36 -48.30 54.92
CA ARG R 203 49.82 -46.95 54.99
C ARG R 203 50.08 -46.29 56.33
N GLN S 1 -47.62 -69.88 63.64
CA GLN S 1 -46.36 -69.15 63.69
C GLN S 1 -46.26 -68.15 62.55
N VAL S 2 -47.36 -67.95 61.85
CA VAL S 2 -47.38 -67.15 60.64
C VAL S 2 -48.19 -65.90 60.93
N LEU S 3 -47.53 -64.75 60.94
CA LEU S 3 -48.21 -63.47 61.09
C LEU S 3 -48.99 -63.18 59.81
N VAL S 4 -50.31 -63.13 59.93
CA VAL S 4 -51.19 -62.76 58.84
C VAL S 4 -51.70 -61.37 59.12
N LEU S 5 -51.25 -60.39 58.34
CA LEU S 5 -51.57 -59.00 58.58
C LEU S 5 -52.56 -58.49 57.56
N ASP S 6 -53.53 -57.73 58.04
CA ASP S 6 -54.56 -57.10 57.21
C ASP S 6 -54.12 -55.67 56.90
N GLY S 7 -54.14 -55.31 55.63
CA GLY S 7 -53.71 -53.99 55.26
C GLY S 7 -54.78 -52.92 55.26
N ARG S 8 -56.01 -53.26 55.62
CA ARG S 8 -57.10 -52.31 55.59
C ARG S 8 -56.91 -51.32 56.73
N GLY S 9 -56.64 -50.07 56.39
CA GLY S 9 -56.49 -49.02 57.38
C GLY S 9 -55.08 -48.83 57.91
N HIS S 10 -54.09 -49.48 57.32
CA HIS S 10 -52.71 -49.33 57.74
C HIS S 10 -51.99 -48.30 56.91
N LEU S 11 -51.13 -47.54 57.54
CA LEU S 11 -50.30 -46.56 56.85
C LEU S 11 -49.10 -47.30 56.27
N LEU S 12 -48.74 -46.95 55.03
CA LEU S 12 -47.74 -47.68 54.26
C LEU S 12 -46.40 -47.76 54.96
N GLY S 13 -45.82 -46.63 55.32
CA GLY S 13 -44.52 -46.62 55.93
C GLY S 13 -44.48 -47.18 57.34
N ARG S 14 -45.44 -46.78 58.17
CA ARG S 14 -45.45 -47.25 59.56
C ARG S 14 -45.65 -48.75 59.63
N LEU S 15 -46.34 -49.33 58.66
CA LEU S 15 -46.51 -50.78 58.65
C LEU S 15 -45.28 -51.48 58.11
N ALA S 16 -44.70 -50.94 57.04
CA ALA S 16 -43.52 -51.54 56.43
C ALA S 16 -42.35 -51.56 57.39
N ALA S 17 -42.25 -50.55 58.26
CA ALA S 17 -41.17 -50.52 59.24
C ALA S 17 -41.32 -51.64 60.25
N ILE S 18 -42.55 -51.94 60.65
CA ILE S 18 -42.77 -52.99 61.64
C ILE S 18 -42.63 -54.36 61.00
N VAL S 19 -43.12 -54.50 59.77
CA VAL S 19 -43.00 -55.79 59.07
C VAL S 19 -41.54 -56.14 58.83
N ALA S 20 -40.74 -55.14 58.43
CA ALA S 20 -39.36 -55.41 58.04
C ALA S 20 -38.54 -55.90 59.22
N LYS S 21 -38.87 -55.47 60.43
CA LYS S 21 -38.13 -55.92 61.60
C LYS S 21 -38.44 -57.38 61.89
N GLN S 22 -39.71 -57.74 61.88
CA GLN S 22 -40.12 -59.12 62.17
C GLN S 22 -39.54 -60.08 61.15
N VAL S 23 -39.54 -59.68 59.89
CA VAL S 23 -38.99 -60.50 58.82
C VAL S 23 -37.49 -60.70 59.03
N LEU S 24 -36.81 -59.69 59.54
CA LEU S 24 -35.40 -59.85 59.88
C LEU S 24 -35.17 -60.75 61.08
N LEU S 25 -36.22 -61.11 61.82
CA LEU S 25 -36.05 -61.94 63.00
C LEU S 25 -36.72 -63.29 62.82
N GLY S 26 -36.56 -63.89 61.64
CA GLY S 26 -37.02 -65.24 61.37
C GLY S 26 -38.49 -65.47 61.60
N ARG S 27 -39.30 -64.48 61.25
CA ARG S 27 -40.75 -64.57 61.39
C ARG S 27 -41.35 -64.50 60.00
N LYS S 28 -42.12 -65.53 59.64
CA LYS S 28 -42.74 -65.58 58.33
C LYS S 28 -44.04 -64.79 58.36
N VAL S 29 -44.08 -63.69 57.61
CA VAL S 29 -45.19 -62.74 57.65
C VAL S 29 -45.87 -62.72 56.29
N VAL S 30 -47.19 -62.60 56.30
CA VAL S 30 -47.94 -62.40 55.07
C VAL S 30 -48.87 -61.19 55.19
N VAL S 31 -48.62 -60.17 54.38
CA VAL S 31 -49.37 -58.92 54.44
C VAL S 31 -50.48 -59.02 53.40
N VAL S 32 -51.65 -59.37 53.86
CA VAL S 32 -52.80 -59.54 52.99
C VAL S 32 -53.47 -58.17 52.82
N ARG S 33 -54.28 -58.03 51.76
CA ARG S 33 -55.07 -56.83 51.49
C ARG S 33 -54.23 -55.58 51.35
N CYS S 34 -53.35 -55.54 50.37
CA CYS S 34 -52.50 -54.38 50.17
C CYS S 34 -53.23 -53.18 49.62
N GLU S 35 -54.40 -53.36 49.01
CA GLU S 35 -55.12 -52.24 48.44
C GLU S 35 -55.88 -51.44 49.49
N GLY S 36 -56.01 -51.98 50.71
CA GLY S 36 -56.60 -51.20 51.78
C GLY S 36 -55.62 -50.28 52.45
N ILE S 37 -54.32 -50.48 52.22
CA ILE S 37 -53.30 -49.59 52.73
C ILE S 37 -53.52 -48.19 52.20
N ASN S 38 -53.28 -47.19 53.04
CA ASN S 38 -53.43 -45.81 52.60
C ASN S 38 -52.25 -44.99 53.07
N ILE S 39 -51.74 -44.17 52.18
CA ILE S 39 -50.62 -43.28 52.45
C ILE S 39 -51.18 -41.97 52.97
N SER S 40 -50.42 -41.27 53.79
CA SER S 40 -50.87 -39.96 54.25
C SER S 40 -50.73 -38.94 53.14
N GLY S 41 -51.30 -37.77 53.37
CA GLY S 41 -51.31 -36.72 52.36
C GLY S 41 -52.44 -36.90 51.36
N ASN S 42 -52.80 -35.79 50.71
CA ASN S 42 -53.90 -35.84 49.76
C ASN S 42 -53.50 -36.64 48.53
N PHE S 43 -54.51 -37.06 47.78
CA PHE S 43 -54.30 -38.07 46.75
C PHE S 43 -53.45 -37.53 45.60
N TYR S 44 -53.66 -36.28 45.23
CA TYR S 44 -52.94 -35.74 44.07
C TYR S 44 -51.47 -35.53 44.39
N ARG S 45 -51.16 -35.34 45.67
CA ARG S 45 -49.76 -35.26 46.07
C ARG S 45 -49.07 -36.61 45.96
N ASN S 46 -49.74 -37.66 46.40
CA ASN S 46 -49.13 -38.99 46.38
C ASN S 46 -48.98 -39.49 44.95
N LYS S 47 -49.94 -39.17 44.09
CA LYS S 47 -49.87 -39.59 42.70
C LYS S 47 -48.67 -38.95 42.00
N LEU S 48 -48.47 -37.65 42.22
CA LEU S 48 -47.28 -36.98 41.71
C LEU S 48 -46.02 -37.61 42.28
N LYS S 49 -46.06 -37.94 43.57
CA LYS S 49 -44.90 -38.54 44.22
C LYS S 49 -44.59 -39.90 43.63
N TYR S 50 -45.58 -40.57 43.05
CA TYR S 50 -45.34 -41.83 42.38
C TYR S 50 -45.11 -41.67 40.89
N LEU S 51 -45.69 -40.65 40.27
CA LEU S 51 -45.43 -40.42 38.86
C LEU S 51 -43.98 -40.00 38.62
N ALA S 52 -43.40 -39.26 39.56
CA ALA S 52 -41.98 -38.95 39.46
C ALA S 52 -41.12 -40.19 39.62
N PHE S 53 -41.65 -41.24 40.23
CA PHE S 53 -40.91 -42.49 40.29
C PHE S 53 -40.96 -43.22 38.96
N LEU S 54 -42.06 -43.08 38.22
CA LEU S 54 -42.16 -43.69 36.91
C LEU S 54 -41.24 -43.04 35.90
N ARG S 55 -40.78 -41.82 36.16
CA ARG S 55 -39.94 -41.10 35.23
C ARG S 55 -38.47 -41.38 35.41
N LYS S 56 -38.08 -42.19 36.38
CA LYS S 56 -36.68 -42.49 36.63
C LYS S 56 -36.36 -43.84 36.03
N ARG S 57 -36.02 -43.83 34.75
CA ARG S 57 -35.59 -45.03 34.03
C ARG S 57 -34.17 -44.81 33.55
N MET S 58 -33.43 -45.90 33.38
CA MET S 58 -32.09 -45.79 32.84
C MET S 58 -32.16 -45.26 31.42
N ASN S 59 -31.54 -44.11 31.17
CA ASN S 59 -31.73 -43.42 29.90
C ASN S 59 -31.21 -44.23 28.73
N THR S 60 -30.07 -44.88 28.90
CA THR S 60 -29.48 -45.60 27.79
C THR S 60 -30.16 -46.94 27.54
N ASN S 61 -30.77 -47.52 28.56
CA ASN S 61 -31.45 -48.79 28.41
C ASN S 61 -32.47 -48.96 29.52
N PRO S 62 -33.73 -48.64 29.29
CA PRO S 62 -34.74 -48.76 30.36
C PRO S 62 -34.99 -50.19 30.81
N SER S 63 -34.63 -51.18 30.01
CA SER S 63 -34.87 -52.57 30.36
C SER S 63 -34.07 -53.01 31.58
N ARG S 64 -32.99 -52.32 31.90
CA ARG S 64 -32.24 -52.56 33.12
C ARG S 64 -32.69 -51.66 34.26
N GLY S 65 -33.37 -50.58 33.94
CA GLY S 65 -33.68 -49.53 34.88
C GLY S 65 -34.61 -49.97 35.99
N PRO S 66 -34.91 -49.04 36.89
CA PRO S 66 -35.72 -49.37 38.06
C PRO S 66 -37.09 -49.91 37.69
N TYR S 67 -37.45 -51.07 38.22
CA TYR S 67 -38.68 -51.74 37.84
C TYR S 67 -39.81 -51.14 38.68
N HIS S 68 -40.61 -50.28 38.05
CA HIS S 68 -41.73 -49.63 38.71
C HIS S 68 -42.90 -50.60 38.68
N PHE S 69 -43.04 -51.38 39.73
CA PHE S 69 -44.15 -52.30 39.81
C PHE S 69 -45.43 -51.55 40.09
N ARG S 70 -46.51 -51.95 39.41
CA ARG S 70 -47.78 -51.23 39.47
C ARG S 70 -48.81 -51.89 40.37
N ALA S 71 -48.62 -53.13 40.73
CA ALA S 71 -49.60 -53.80 41.57
C ALA S 71 -49.40 -53.36 43.02
N PRO S 72 -50.47 -53.18 43.79
CA PRO S 72 -50.34 -52.66 45.15
C PRO S 72 -49.52 -53.57 46.04
N SER S 73 -49.67 -54.88 45.86
CA SER S 73 -48.86 -55.83 46.63
C SER S 73 -47.38 -55.62 46.34
N ARG S 74 -47.03 -55.41 45.07
CA ARG S 74 -45.63 -55.21 44.73
C ARG S 74 -45.16 -53.80 45.07
N ILE S 75 -46.07 -52.83 45.16
CA ILE S 75 -45.67 -51.53 45.67
C ILE S 75 -45.32 -51.62 47.15
N PHE S 76 -46.17 -52.28 47.94
CA PHE S 76 -45.86 -52.47 49.34
C PHE S 76 -44.65 -53.36 49.51
N TRP S 77 -44.48 -54.35 48.65
CA TRP S 77 -43.29 -55.17 48.71
C TRP S 77 -42.05 -54.36 48.36
N ARG S 78 -42.22 -53.30 47.58
CA ARG S 78 -41.08 -52.48 47.20
C ARG S 78 -40.63 -51.61 48.38
N THR S 79 -41.56 -51.07 49.16
CA THR S 79 -41.15 -50.18 50.22
C THR S 79 -40.55 -50.96 51.39
N VAL S 80 -40.99 -52.20 51.60
CA VAL S 80 -40.34 -53.05 52.58
C VAL S 80 -38.94 -53.39 52.13
N ARG S 81 -38.77 -53.59 50.81
CA ARG S 81 -37.46 -53.85 50.25
C ARG S 81 -36.50 -52.71 50.51
N GLY S 82 -37.03 -51.50 50.67
CA GLY S 82 -36.16 -50.38 51.01
C GLY S 82 -35.57 -50.49 52.40
N MET S 83 -36.34 -50.99 53.35
CA MET S 83 -35.93 -51.01 54.75
C MET S 83 -35.18 -52.29 55.13
N LEU S 84 -34.66 -53.02 54.16
CA LEU S 84 -33.94 -54.25 54.42
C LEU S 84 -32.61 -54.21 53.70
N PRO S 85 -31.57 -54.80 54.27
CA PRO S 85 -30.28 -54.88 53.56
C PRO S 85 -30.32 -55.94 52.46
N HIS S 86 -31.10 -55.66 51.41
CA HIS S 86 -31.37 -56.66 50.39
C HIS S 86 -30.17 -56.99 49.52
N LYS S 87 -29.03 -56.31 49.71
CA LYS S 87 -27.83 -56.71 49.00
C LYS S 87 -27.14 -57.91 49.62
N THR S 88 -27.29 -58.10 50.93
CA THR S 88 -26.58 -59.16 51.63
C THR S 88 -27.45 -60.41 51.67
N LYS S 89 -26.85 -61.50 52.13
CA LYS S 89 -27.55 -62.78 52.17
C LYS S 89 -28.68 -62.74 53.18
N ARG S 90 -28.42 -62.20 54.37
CA ARG S 90 -29.46 -62.14 55.40
C ARG S 90 -30.58 -61.18 55.01
N GLY S 91 -30.31 -60.25 54.10
CA GLY S 91 -31.39 -59.45 53.57
C GLY S 91 -32.23 -60.21 52.58
N GLN S 92 -31.58 -60.92 51.66
CA GLN S 92 -32.33 -61.69 50.68
C GLN S 92 -33.01 -62.88 51.33
N ALA S 93 -32.39 -63.45 52.36
CA ALA S 93 -33.04 -64.51 53.12
C ALA S 93 -34.23 -63.98 53.89
N ALA S 94 -34.21 -62.70 54.23
CA ALA S 94 -35.35 -62.11 54.92
C ALA S 94 -36.56 -62.05 54.01
N LEU S 95 -36.43 -61.36 52.88
CA LEU S 95 -37.51 -61.10 51.93
C LEU S 95 -38.27 -62.35 51.50
N ASP S 96 -37.63 -63.52 51.58
CA ASP S 96 -38.35 -64.76 51.30
C ASP S 96 -39.33 -65.13 52.40
N ARG S 97 -39.20 -64.53 53.59
CA ARG S 97 -40.20 -64.74 54.63
C ARG S 97 -41.38 -63.80 54.50
N LEU S 98 -41.35 -62.88 53.55
CA LEU S 98 -42.44 -61.94 53.32
C LEU S 98 -43.19 -62.37 52.07
N LYS S 99 -44.52 -62.42 52.17
CA LYS S 99 -45.38 -62.78 51.05
C LYS S 99 -46.58 -61.86 51.05
N VAL S 100 -46.71 -61.04 50.02
CA VAL S 100 -47.76 -60.03 49.96
C VAL S 100 -48.75 -60.41 48.87
N PHE S 101 -50.02 -60.04 49.08
CA PHE S 101 -51.09 -60.38 48.17
C PHE S 101 -52.11 -59.26 48.11
N ASP S 102 -52.75 -59.13 46.94
CA ASP S 102 -53.92 -58.29 46.79
C ASP S 102 -55.17 -59.11 47.06
N GLY S 103 -56.13 -58.51 47.76
CA GLY S 103 -57.25 -59.34 48.14
C GLY S 103 -56.81 -60.30 49.20
N ILE S 104 -57.62 -61.33 49.43
CA ILE S 104 -57.31 -62.38 50.38
C ILE S 104 -57.40 -63.73 49.66
N PRO S 105 -56.26 -64.34 49.37
CA PRO S 105 -56.24 -65.63 48.68
C PRO S 105 -56.88 -66.73 49.50
N PRO S 106 -57.12 -67.89 48.89
CA PRO S 106 -57.71 -69.03 49.62
C PRO S 106 -56.87 -69.52 50.81
N PRO S 107 -55.53 -69.57 50.76
CA PRO S 107 -54.82 -70.08 51.94
C PRO S 107 -54.86 -69.15 53.13
N TYR S 108 -55.49 -67.99 53.02
CA TYR S 108 -55.50 -67.04 54.12
C TYR S 108 -56.86 -66.45 54.47
N ASP S 109 -57.89 -66.65 53.65
CA ASP S 109 -59.17 -66.07 54.03
C ASP S 109 -59.84 -66.86 55.14
N LYS S 110 -59.46 -68.11 55.32
CA LYS S 110 -59.99 -68.92 56.41
C LYS S 110 -59.07 -68.90 57.63
N LYS S 111 -58.13 -67.97 57.69
CA LYS S 111 -57.35 -67.71 58.89
C LYS S 111 -57.68 -66.33 59.42
N LYS S 112 -57.34 -66.12 60.69
CA LYS S 112 -57.59 -64.84 61.33
C LYS S 112 -56.47 -63.86 61.01
N ARG S 113 -56.86 -62.66 60.61
CA ARG S 113 -55.90 -61.61 60.28
C ARG S 113 -55.55 -60.82 61.53
N MET S 114 -54.32 -60.30 61.54
CA MET S 114 -53.85 -59.48 62.65
C MET S 114 -54.02 -58.01 62.29
N VAL S 115 -53.78 -57.15 63.28
CA VAL S 115 -53.84 -55.71 63.11
C VAL S 115 -52.70 -55.10 63.89
N VAL S 116 -52.00 -54.15 63.29
CA VAL S 116 -50.89 -53.48 63.95
C VAL S 116 -51.30 -52.06 64.30
N PRO S 117 -51.84 -51.81 65.48
CA PRO S 117 -52.44 -50.51 65.77
C PRO S 117 -51.42 -49.39 65.90
N ALA S 118 -50.15 -49.75 66.05
CA ALA S 118 -49.10 -48.74 66.01
C ALA S 118 -48.86 -48.22 64.60
N ALA S 119 -49.50 -48.81 63.59
CA ALA S 119 -49.42 -48.37 62.21
C ALA S 119 -50.80 -48.18 61.62
N LEU S 120 -51.77 -47.85 62.44
CA LEU S 120 -53.16 -47.77 62.03
C LEU S 120 -53.53 -46.33 61.72
N LYS S 121 -54.31 -46.13 60.67
CA LYS S 121 -54.61 -44.77 60.21
C LYS S 121 -55.48 -44.02 61.21
N VAL S 122 -56.42 -44.73 61.85
CA VAL S 122 -57.32 -44.10 62.81
C VAL S 122 -56.53 -43.64 64.02
N VAL S 123 -55.38 -44.26 64.27
CA VAL S 123 -54.55 -43.92 65.39
C VAL S 123 -53.54 -42.84 65.03
N ARG S 124 -52.73 -43.09 64.03
CA ARG S 124 -51.61 -42.22 63.74
C ARG S 124 -51.96 -40.99 62.95
N LEU S 125 -53.21 -40.59 62.68
CA LEU S 125 -53.45 -39.37 61.94
C LEU S 125 -54.41 -38.48 62.71
N LYS S 126 -54.23 -37.18 62.59
CA LYS S 126 -55.27 -36.29 63.07
C LYS S 126 -56.50 -36.42 62.17
N PRO S 127 -57.70 -36.39 62.72
CA PRO S 127 -58.88 -36.64 61.88
C PRO S 127 -59.30 -35.43 61.06
N THR S 128 -58.33 -34.74 60.48
CA THR S 128 -58.58 -33.69 59.50
C THR S 128 -57.73 -33.84 58.26
N ARG S 129 -56.64 -34.61 58.30
CA ARG S 129 -55.78 -34.79 57.15
C ARG S 129 -56.46 -35.62 56.08
N LYS S 130 -55.83 -35.69 54.93
CA LYS S 130 -56.31 -36.50 53.83
C LYS S 130 -55.33 -37.63 53.57
N PHE S 131 -55.84 -38.73 53.05
CA PHE S 131 -55.02 -39.90 52.79
C PHE S 131 -55.40 -40.49 51.45
N ALA S 132 -54.47 -41.22 50.86
CA ALA S 132 -54.62 -41.78 49.54
C ALA S 132 -54.66 -43.29 49.61
N TYR S 133 -55.73 -43.89 49.14
CA TYR S 133 -55.86 -45.34 49.11
C TYR S 133 -54.87 -45.90 48.10
N LEU S 134 -54.10 -46.91 48.52
CA LEU S 134 -53.10 -47.47 47.64
C LEU S 134 -53.73 -48.16 46.44
N GLY S 135 -54.93 -48.70 46.62
CA GLY S 135 -55.64 -49.32 45.52
C GLY S 135 -55.97 -48.32 44.42
N ARG S 136 -56.54 -47.19 44.81
CA ARG S 136 -56.89 -46.17 43.83
C ARG S 136 -55.66 -45.58 43.19
N LEU S 137 -54.60 -45.40 43.97
CA LEU S 137 -53.35 -44.87 43.42
C LEU S 137 -52.73 -45.83 42.43
N ALA S 138 -52.73 -47.12 42.75
CA ALA S 138 -52.10 -48.10 41.87
C ALA S 138 -52.90 -48.26 40.59
N HIS S 139 -54.22 -48.17 40.68
CA HIS S 139 -55.04 -48.28 39.48
C HIS S 139 -54.76 -47.13 38.53
N GLU S 140 -54.56 -45.93 39.07
CA GLU S 140 -54.33 -44.77 38.22
C GLU S 140 -52.88 -44.65 37.81
N VAL S 141 -52.14 -45.75 37.87
CA VAL S 141 -50.75 -45.75 37.45
C VAL S 141 -50.55 -46.92 36.50
N GLY S 142 -51.43 -47.91 36.59
CA GLY S 142 -51.31 -49.02 35.66
C GLY S 142 -51.69 -50.38 36.20
N TRP S 143 -52.12 -50.45 37.46
CA TRP S 143 -52.63 -51.72 37.97
C TRP S 143 -53.94 -52.03 37.27
N LYS S 144 -53.91 -52.98 36.34
CA LYS S 144 -55.03 -53.25 35.46
C LYS S 144 -55.88 -54.40 35.95
N TYR S 145 -55.95 -54.59 37.26
CA TYR S 145 -56.82 -55.62 37.81
C TYR S 145 -57.63 -55.12 39.00
N GLN S 146 -57.87 -53.80 39.07
CA GLN S 146 -58.64 -53.26 40.18
C GLN S 146 -60.08 -53.75 40.13
N ALA S 147 -60.63 -53.89 38.92
CA ALA S 147 -62.02 -54.32 38.80
C ALA S 147 -62.19 -55.77 39.22
N VAL S 148 -61.24 -56.61 38.85
CA VAL S 148 -61.29 -58.04 39.14
C VAL S 148 -61.26 -58.28 40.65
N THR S 149 -60.24 -57.72 41.32
CA THR S 149 -60.10 -57.93 42.75
C THR S 149 -61.27 -57.35 43.53
N ALA S 150 -61.84 -56.25 43.04
CA ALA S 150 -62.99 -55.65 43.70
C ALA S 150 -64.21 -56.57 43.71
N THR S 151 -64.28 -57.52 42.79
CA THR S 151 -65.33 -58.52 42.81
C THR S 151 -64.89 -59.81 43.49
N LEU S 152 -63.62 -60.18 43.35
CA LEU S 152 -63.13 -61.36 44.04
C LEU S 152 -63.09 -61.13 45.55
N GLU S 153 -62.70 -59.93 45.98
CA GLU S 153 -62.75 -59.63 47.40
C GLU S 153 -64.19 -59.50 47.89
N GLU S 154 -65.07 -58.99 47.04
CA GLU S 154 -66.48 -58.92 47.41
C GLU S 154 -67.08 -60.30 47.51
N LYS S 155 -66.63 -61.22 46.66
CA LYS S 155 -67.14 -62.59 46.69
C LYS S 155 -66.84 -63.26 48.01
N ARG S 156 -65.59 -63.18 48.46
CA ARG S 156 -65.24 -63.84 49.71
C ARG S 156 -65.79 -63.10 50.92
N LYS S 157 -66.32 -61.90 50.74
CA LYS S 157 -66.98 -61.23 51.84
C LYS S 157 -68.29 -61.92 52.18
N GLU S 158 -69.16 -62.11 51.20
CA GLU S 158 -70.45 -62.73 51.44
C GLU S 158 -70.31 -64.21 51.77
N LYS S 159 -69.22 -64.84 51.35
CA LYS S 159 -68.91 -66.19 51.78
C LYS S 159 -68.41 -66.24 53.22
N ALA S 160 -67.98 -65.11 53.76
CA ALA S 160 -67.61 -65.05 55.17
C ALA S 160 -68.77 -64.68 56.06
N LYS S 161 -69.71 -63.87 55.56
CA LYS S 161 -70.90 -63.53 56.33
C LYS S 161 -71.73 -64.77 56.62
N ILE S 162 -71.74 -65.72 55.69
CA ILE S 162 -72.40 -67.01 55.92
C ILE S 162 -71.76 -67.72 57.10
N HIS S 163 -70.43 -67.75 57.15
CA HIS S 163 -69.72 -68.42 58.23
C HIS S 163 -69.96 -67.72 59.56
N TYR S 164 -69.99 -66.40 59.55
CA TYR S 164 -70.20 -65.64 60.78
C TYR S 164 -71.60 -65.86 61.32
N ARG S 165 -72.60 -65.83 60.42
CA ARG S 165 -73.97 -66.08 60.85
C ARG S 165 -74.13 -67.51 61.36
N LYS S 166 -73.37 -68.44 60.82
CA LYS S 166 -73.33 -69.80 61.35
C LYS S 166 -72.40 -69.95 62.54
N LYS S 167 -71.77 -68.87 62.98
CA LYS S 167 -70.92 -68.90 64.17
C LYS S 167 -71.58 -68.25 65.38
N LYS S 168 -72.32 -67.16 65.16
CA LYS S 168 -73.12 -66.61 66.25
C LYS S 168 -74.17 -67.61 66.71
N GLN S 169 -74.83 -68.27 65.77
CA GLN S 169 -75.76 -69.34 66.13
C GLN S 169 -75.04 -70.48 66.81
N LEU S 170 -73.81 -70.76 66.40
CA LEU S 170 -73.03 -71.82 67.01
C LEU S 170 -72.53 -71.47 68.40
N MET S 171 -72.80 -70.25 68.86
CA MET S 171 -72.48 -69.86 70.22
C MET S 171 -73.65 -69.24 70.95
N ARG S 172 -74.72 -68.86 70.25
CA ARG S 172 -75.96 -68.51 70.92
C ARG S 172 -76.53 -69.70 71.66
N LEU S 173 -76.32 -70.91 71.13
CA LEU S 173 -76.68 -72.11 71.86
C LEU S 173 -75.79 -72.28 73.09
N ARG S 174 -74.50 -71.99 72.93
CA ARG S 174 -73.54 -72.17 74.01
C ARG S 174 -73.86 -71.26 75.19
N LYS S 175 -74.28 -70.03 74.90
CA LYS S 175 -74.80 -69.18 75.97
C LYS S 175 -76.08 -69.76 76.55
N GLN S 176 -76.93 -70.33 75.69
CA GLN S 176 -78.18 -70.88 76.18
C GLN S 176 -77.96 -72.23 76.86
N ALA S 177 -76.85 -72.90 76.57
CA ALA S 177 -76.60 -74.22 77.15
C ALA S 177 -76.30 -74.15 78.63
N GLU S 178 -75.45 -73.22 79.05
CA GLU S 178 -75.09 -73.11 80.47
C GLU S 178 -76.29 -72.73 81.32
N LYS S 179 -77.25 -72.02 80.74
CA LYS S 179 -78.52 -71.77 81.41
C LYS S 179 -79.38 -73.02 81.52
N ASN S 180 -79.00 -74.10 80.85
CA ASN S 180 -79.71 -75.37 80.92
C ASN S 180 -78.96 -76.44 81.69
N VAL S 181 -77.70 -76.19 82.07
CA VAL S 181 -76.93 -77.15 82.87
C VAL S 181 -76.34 -76.46 84.09
N GLU S 182 -77.04 -75.44 84.60
CA GLU S 182 -76.49 -74.55 85.63
C GLU S 182 -76.15 -75.30 86.91
N LYS S 183 -76.93 -76.31 87.26
CA LYS S 183 -76.78 -76.97 88.56
C LYS S 183 -75.57 -77.88 88.55
N LYS S 184 -75.11 -78.28 87.37
CA LYS S 184 -74.07 -79.29 87.27
C LYS S 184 -72.78 -78.73 86.69
N ILE S 185 -72.68 -77.41 86.60
CA ILE S 185 -71.40 -76.77 86.32
C ILE S 185 -71.20 -75.71 87.40
N SER S 186 -72.07 -75.71 88.40
CA SER S 186 -71.94 -74.78 89.50
C SER S 186 -70.65 -75.01 90.27
N LYS S 187 -70.25 -76.27 90.45
CA LYS S 187 -69.00 -76.55 91.14
C LYS S 187 -67.78 -76.29 90.29
N PHE S 188 -67.95 -76.05 89.00
CA PHE S 188 -66.84 -75.69 88.14
C PHE S 188 -66.86 -74.25 87.68
N THR S 189 -67.94 -73.52 87.96
CA THR S 189 -67.95 -72.10 87.62
C THR S 189 -67.46 -71.25 88.77
N ASP S 190 -67.59 -71.71 90.02
CA ASP S 190 -67.13 -70.91 91.15
C ASP S 190 -65.61 -70.87 91.18
N VAL S 191 -64.96 -72.00 90.90
CA VAL S 191 -63.51 -72.02 90.77
C VAL S 191 -63.05 -71.24 89.56
N LEU S 192 -63.92 -71.08 88.56
CA LEU S 192 -63.63 -70.24 87.42
C LEU S 192 -63.96 -68.78 87.69
N LYS S 193 -64.32 -68.46 88.90
CA LYS S 193 -64.52 -67.06 89.29
C LYS S 193 -63.55 -66.61 90.36
N THR S 194 -63.24 -67.47 91.34
CA THR S 194 -62.29 -67.12 92.38
C THR S 194 -60.87 -67.00 91.85
N HIS S 195 -60.63 -67.39 90.61
CA HIS S 195 -59.35 -67.18 89.96
C HIS S 195 -59.54 -66.35 88.70
N GLY S 196 -60.46 -65.40 88.78
CA GLY S 196 -60.66 -64.35 87.79
C GLY S 196 -60.73 -64.77 86.34
N LEU S 197 -61.56 -65.75 86.04
CA LEU S 197 -61.73 -66.16 84.65
C LEU S 197 -63.14 -65.97 84.12
N LEU S 198 -64.16 -66.03 84.96
CA LEU S 198 -65.55 -65.87 84.55
C LEU S 198 -66.23 -64.78 85.35
N VAL S 199 -65.54 -63.66 85.54
CA VAL S 199 -66.16 -62.54 86.24
C VAL S 199 -66.24 -61.37 85.27
N VAL T 1 6.82 -95.67 31.32
CA VAL T 1 7.40 -94.82 32.35
C VAL T 1 6.38 -94.51 33.43
N ARG T 2 6.55 -93.37 34.09
CA ARG T 2 5.66 -92.97 35.18
C ARG T 2 4.47 -92.25 34.58
N TYR T 3 3.30 -92.88 34.65
CA TYR T 3 2.07 -92.26 34.17
C TYR T 3 1.53 -91.33 35.24
N SER T 4 0.59 -90.46 34.85
CA SER T 4 0.06 -89.51 35.81
C SER T 4 -0.86 -90.18 36.82
N LEU T 5 -1.59 -91.20 36.39
CA LEU T 5 -2.50 -91.92 37.27
C LEU T 5 -2.13 -93.40 37.19
N ASP T 6 -2.01 -94.01 38.32
CA ASP T 6 -1.69 -95.43 38.25
C ASP T 6 -2.97 -96.24 38.31
N PRO T 7 -3.11 -97.26 37.47
CA PRO T 7 -4.36 -98.03 37.46
C PRO T 7 -4.53 -98.79 38.76
N GLU T 8 -5.79 -99.02 39.13
CA GLU T 8 -6.11 -99.68 40.39
C GLU T 8 -5.62 -101.12 40.38
N ASN T 9 -6.17 -101.93 39.50
CA ASN T 9 -5.73 -103.31 39.34
C ASN T 9 -5.11 -103.49 37.96
N PRO T 10 -3.80 -103.33 37.85
CA PRO T 10 -3.13 -103.39 36.54
C PRO T 10 -3.28 -104.72 35.82
N THR T 11 -3.72 -105.76 36.54
CA THR T 11 -4.05 -107.02 35.90
C THR T 11 -5.20 -106.88 34.92
N LYS T 12 -6.01 -105.84 35.06
CA LYS T 12 -7.09 -105.58 34.11
C LYS T 12 -6.92 -104.22 33.47
N SER T 13 -5.68 -103.86 33.11
CA SER T 13 -5.43 -102.53 32.57
C SER T 13 -4.26 -102.58 31.61
N CYS T 14 -4.45 -102.02 30.42
CA CYS T 14 -3.36 -101.81 29.48
C CYS T 14 -3.16 -100.32 29.28
N LYS T 15 -2.04 -99.96 28.66
CA LYS T 15 -1.64 -98.57 28.57
C LYS T 15 -1.18 -98.27 27.16
N SER T 16 -1.14 -96.98 26.85
CA SER T 16 -0.51 -96.51 25.63
C SER T 16 -0.09 -95.07 25.82
N ARG T 17 0.83 -94.61 25.00
CA ARG T 17 1.52 -93.36 25.24
C ARG T 17 2.17 -92.90 23.95
N GLY T 18 2.06 -91.61 23.67
CA GLY T 18 2.72 -91.01 22.53
C GLY T 18 3.25 -89.63 22.87
N SER T 19 4.50 -89.36 22.52
CA SER T 19 5.16 -88.13 22.92
C SER T 19 5.56 -87.29 21.72
N ASN T 20 5.56 -85.97 21.92
CA ASN T 20 5.97 -84.98 20.92
C ASN T 20 5.17 -85.10 19.63
N LEU T 21 3.87 -85.33 19.77
CA LEU T 21 3.02 -85.53 18.60
C LEU T 21 2.69 -84.20 17.95
N ARG T 22 2.88 -84.13 16.64
CA ARG T 22 2.72 -82.87 15.94
C ARG T 22 1.26 -82.63 15.57
N VAL T 23 0.42 -82.54 16.61
CA VAL T 23 -0.98 -82.19 16.47
C VAL T 23 -1.25 -81.05 17.45
N HIS T 24 -2.35 -80.36 17.24
CA HIS T 24 -2.67 -79.20 18.07
C HIS T 24 -3.09 -79.65 19.46
N PHE T 25 -2.58 -78.96 20.48
CA PHE T 25 -2.91 -79.32 21.85
C PHE T 25 -4.38 -79.06 22.15
N LYS T 26 -4.85 -77.87 21.81
CA LYS T 26 -6.19 -77.46 22.21
C LYS T 26 -7.25 -78.32 21.56
N ASN T 27 -7.04 -78.72 20.31
CA ASN T 27 -7.97 -79.62 19.64
C ASN T 27 -7.93 -81.00 20.28
N THR T 28 -6.74 -81.45 20.67
CA THR T 28 -6.62 -82.80 21.21
C THR T 28 -7.18 -82.89 22.61
N ARG T 29 -7.02 -81.85 23.42
CA ARG T 29 -7.60 -81.87 24.76
C ARG T 29 -9.12 -81.91 24.67
N GLU T 30 -9.69 -81.22 23.70
CA GLU T 30 -11.14 -81.17 23.61
C GLU T 30 -11.72 -82.46 23.07
N THR T 31 -10.98 -83.18 22.23
CA THR T 31 -11.52 -84.45 21.77
C THR T 31 -11.21 -85.57 22.75
N ALA T 32 -10.19 -85.41 23.59
CA ALA T 32 -9.94 -86.40 24.61
C ALA T 32 -11.01 -86.36 25.68
N GLN T 33 -11.61 -85.20 25.92
CA GLN T 33 -12.67 -85.09 26.91
C GLN T 33 -13.93 -85.79 26.45
N ALA T 34 -14.09 -85.96 25.14
CA ALA T 34 -15.28 -86.64 24.64
C ALA T 34 -15.19 -88.14 24.84
N ILE T 35 -13.98 -88.69 24.87
CA ILE T 35 -13.80 -90.12 24.97
C ILE T 35 -13.83 -90.60 26.42
N LYS T 36 -13.58 -89.70 27.38
CA LYS T 36 -13.16 -90.00 28.75
C LYS T 36 -13.99 -91.06 29.48
N GLY T 37 -15.21 -91.30 29.05
CA GLY T 37 -16.00 -92.34 29.69
C GLY T 37 -16.51 -93.37 28.70
N MET T 38 -16.07 -93.30 27.46
CA MET T 38 -16.63 -94.13 26.41
C MET T 38 -16.07 -95.53 26.43
N HIS T 39 -16.83 -96.45 25.87
CA HIS T 39 -16.36 -97.80 25.63
C HIS T 39 -15.48 -97.80 24.38
N ILE T 40 -14.53 -98.73 24.32
CA ILE T 40 -13.53 -98.67 23.26
C ILE T 40 -14.14 -99.02 21.91
N ARG T 41 -15.16 -99.88 21.91
CA ARG T 41 -15.88 -100.08 20.66
C ARG T 41 -16.73 -98.89 20.29
N LYS T 42 -17.10 -98.06 21.26
CA LYS T 42 -17.84 -96.84 21.01
C LYS T 42 -16.94 -95.70 20.59
N ALA T 43 -15.73 -95.63 21.12
CA ALA T 43 -14.83 -94.53 20.82
C ALA T 43 -14.32 -94.60 19.38
N THR T 44 -13.95 -95.80 18.93
CA THR T 44 -13.55 -95.96 17.53
C THR T 44 -14.69 -95.62 16.59
N LYS T 45 -15.91 -95.96 16.98
CA LYS T 45 -17.08 -95.56 16.21
C LYS T 45 -17.22 -94.04 16.21
N TYR T 46 -16.97 -93.43 17.36
CA TYR T 46 -17.16 -92.00 17.50
C TYR T 46 -16.12 -91.21 16.71
N LEU T 47 -14.85 -91.61 16.84
CA LEU T 47 -13.78 -90.88 16.18
C LEU T 47 -13.92 -90.95 14.66
N LYS T 48 -14.40 -92.07 14.14
CA LYS T 48 -14.65 -92.17 12.72
C LYS T 48 -15.80 -91.26 12.30
N ASP T 49 -16.78 -91.11 13.19
CA ASP T 49 -17.88 -90.19 12.89
C ASP T 49 -17.39 -88.76 12.84
N VAL T 50 -16.35 -88.45 13.59
CA VAL T 50 -15.81 -87.09 13.59
C VAL T 50 -15.09 -86.81 12.28
N THR T 51 -14.23 -87.72 11.85
CA THR T 51 -13.43 -87.48 10.67
C THR T 51 -14.27 -87.52 9.39
N LEU T 52 -15.55 -87.90 9.51
CA LEU T 52 -16.47 -87.79 8.39
C LEU T 52 -17.53 -86.74 8.66
N LYS T 53 -17.35 -85.93 9.70
CA LYS T 53 -18.25 -84.82 10.05
C LYS T 53 -19.69 -85.28 10.23
N LYS T 54 -19.85 -86.46 10.81
CA LYS T 54 -21.17 -86.98 11.15
C LYS T 54 -21.52 -86.82 12.61
N GLN T 55 -20.53 -86.66 13.48
CA GLN T 55 -20.75 -86.42 14.89
C GLN T 55 -19.62 -85.53 15.38
N CYS T 56 -19.95 -84.51 16.16
CA CYS T 56 -18.99 -83.46 16.46
C CYS T 56 -18.41 -83.62 17.85
N VAL T 57 -17.49 -82.72 18.18
CA VAL T 57 -16.79 -82.71 19.45
C VAL T 57 -17.12 -81.41 20.16
N PRO T 58 -17.70 -81.45 21.34
CA PRO T 58 -18.02 -80.21 22.04
C PRO T 58 -16.77 -79.50 22.55
N PHE T 59 -16.50 -78.32 22.03
CA PHE T 59 -15.33 -77.55 22.46
C PHE T 59 -15.72 -76.77 23.70
N ARG T 60 -15.41 -77.34 24.86
CA ARG T 60 -15.85 -76.80 26.13
C ARG T 60 -14.97 -75.65 26.62
N ARG T 61 -13.70 -75.95 26.88
CA ARG T 61 -12.80 -74.97 27.46
C ARG T 61 -12.33 -73.95 26.44
N TYR T 62 -11.68 -74.43 25.38
CA TYR T 62 -11.07 -73.57 24.38
C TYR T 62 -12.08 -73.31 23.27
N ASN T 63 -13.00 -72.39 23.54
CA ASN T 63 -14.11 -72.14 22.62
C ASN T 63 -14.11 -70.73 22.07
N GLY T 64 -13.00 -70.01 22.14
CA GLY T 64 -12.96 -68.66 21.65
C GLY T 64 -13.13 -68.56 20.15
N GLY T 65 -14.23 -67.97 19.71
CA GLY T 65 -14.49 -67.79 18.29
C GLY T 65 -14.78 -69.07 17.54
N VAL T 66 -15.02 -70.16 18.27
CA VAL T 66 -15.28 -71.45 17.64
C VAL T 66 -16.74 -71.47 17.22
N GLY T 67 -16.97 -71.60 15.92
CA GLY T 67 -18.31 -71.60 15.38
C GLY T 67 -19.17 -72.71 15.93
N ARG T 68 -20.40 -72.37 16.28
CA ARG T 68 -21.37 -73.32 16.81
C ARG T 68 -21.82 -74.28 15.72
N CYS T 69 -22.46 -75.37 16.14
CA CYS T 69 -22.90 -76.38 15.21
C CYS T 69 -24.09 -77.11 15.80
N ALA T 70 -24.90 -77.67 14.91
CA ALA T 70 -26.13 -78.31 15.36
C ALA T 70 -25.84 -79.63 16.08
N GLN T 71 -24.77 -80.31 15.68
CA GLN T 71 -24.48 -81.61 16.26
C GLN T 71 -23.99 -81.54 17.70
N ALA T 72 -23.74 -80.34 18.22
CA ALA T 72 -23.22 -80.20 19.58
C ALA T 72 -24.32 -80.13 20.61
N LYS T 73 -25.53 -80.54 20.27
CA LYS T 73 -26.62 -80.56 21.23
C LYS T 73 -26.77 -81.89 21.91
N GLN T 74 -26.13 -82.94 21.41
CA GLN T 74 -26.08 -84.20 22.13
C GLN T 74 -25.20 -84.12 23.37
N TRP T 75 -24.34 -83.12 23.46
CA TRP T 75 -23.46 -82.95 24.60
C TRP T 75 -23.94 -81.85 25.53
N GLY T 76 -25.09 -81.26 25.27
CA GLY T 76 -25.56 -80.15 26.06
C GLY T 76 -24.66 -78.96 25.90
N TRP T 77 -24.38 -78.58 24.66
CA TRP T 77 -23.48 -77.48 24.38
C TRP T 77 -23.97 -76.79 23.12
N THR T 78 -23.24 -75.78 22.68
CA THR T 78 -23.59 -75.07 21.45
C THR T 78 -22.44 -75.15 20.46
N GLN T 79 -21.24 -74.82 20.90
CA GLN T 79 -20.08 -74.78 20.01
C GLN T 79 -19.54 -76.19 19.82
N GLY T 80 -19.22 -76.54 18.58
CA GLY T 80 -18.62 -77.82 18.30
C GLY T 80 -17.88 -77.76 16.99
N ARG T 81 -16.99 -78.73 16.81
CA ARG T 81 -16.19 -78.79 15.61
C ARG T 81 -15.97 -80.26 15.26
N TRP T 82 -15.19 -80.49 14.22
CA TRP T 82 -14.85 -81.85 13.79
C TRP T 82 -13.35 -81.95 13.53
N PRO T 83 -12.54 -81.91 14.59
CA PRO T 83 -11.09 -81.96 14.39
C PRO T 83 -10.66 -83.31 13.83
N LYS T 84 -10.10 -83.28 12.62
CA LYS T 84 -9.82 -84.51 11.88
C LYS T 84 -8.44 -85.05 12.20
N LYS T 85 -7.43 -84.20 12.11
CA LYS T 85 -6.07 -84.62 12.46
C LYS T 85 -5.98 -85.00 13.92
N SER T 86 -6.74 -84.32 14.77
CA SER T 86 -6.75 -84.61 16.19
C SER T 86 -7.33 -85.99 16.45
N ALA T 87 -8.48 -86.28 15.85
CA ALA T 87 -9.13 -87.57 16.05
C ALA T 87 -8.30 -88.70 15.47
N GLU T 88 -7.57 -88.43 14.40
CA GLU T 88 -6.83 -89.50 13.73
C GLU T 88 -5.65 -89.96 14.55
N PHE T 89 -4.99 -89.05 15.25
CA PHE T 89 -3.83 -89.41 16.05
C PHE T 89 -4.22 -90.29 17.23
N LEU T 90 -5.32 -89.96 17.89
CA LEU T 90 -5.74 -90.77 19.02
C LEU T 90 -6.73 -91.84 18.58
N LEU T 91 -6.69 -92.20 17.31
CA LEU T 91 -7.25 -93.47 16.87
C LEU T 91 -6.08 -94.41 16.59
N HIS T 92 -4.95 -93.85 16.19
CA HIS T 92 -3.73 -94.63 16.12
C HIS T 92 -3.21 -95.01 17.49
N MET T 93 -3.46 -94.17 18.49
CA MET T 93 -3.13 -94.49 19.87
C MET T 93 -4.19 -95.35 20.53
N LEU T 94 -5.43 -95.27 20.07
CA LEU T 94 -6.48 -96.17 20.54
C LEU T 94 -6.32 -97.56 19.97
N LYS T 95 -5.86 -97.66 18.73
CA LYS T 95 -5.60 -98.96 18.13
C LYS T 95 -4.33 -99.59 18.69
N ASN T 96 -3.35 -98.75 19.04
CA ASN T 96 -2.14 -99.24 19.70
C ASN T 96 -2.46 -99.86 21.04
N ALA T 97 -3.29 -99.19 21.83
CA ALA T 97 -3.64 -99.70 23.14
C ALA T 97 -4.45 -100.98 23.03
N GLU T 98 -5.25 -101.10 21.98
CA GLU T 98 -5.98 -102.33 21.74
C GLU T 98 -5.05 -103.49 21.42
N SER T 99 -3.87 -103.21 20.90
CA SER T 99 -2.87 -104.26 20.69
C SER T 99 -2.24 -104.71 22.00
N ASN T 100 -1.96 -103.78 22.90
CA ASN T 100 -1.36 -104.13 24.17
C ASN T 100 -2.31 -104.89 25.08
N ALA T 101 -3.62 -104.76 24.85
CA ALA T 101 -4.56 -105.54 25.64
C ALA T 101 -4.53 -107.01 25.25
N GLU T 102 -4.63 -107.29 23.96
CA GLU T 102 -4.66 -108.69 23.53
C GLU T 102 -3.27 -109.30 23.62
N LEU T 103 -2.21 -108.50 23.65
CA LEU T 103 -0.90 -109.04 23.93
C LEU T 103 -0.77 -109.37 25.42
N LYS T 104 -1.33 -108.53 26.28
CA LYS T 104 -1.38 -108.86 27.70
C LYS T 104 -2.44 -109.90 28.00
N GLY T 105 -3.42 -110.08 27.12
CA GLY T 105 -4.42 -111.12 27.27
C GLY T 105 -5.74 -110.68 27.85
N LEU T 106 -6.04 -109.39 27.85
CA LEU T 106 -7.31 -108.92 28.39
C LEU T 106 -8.44 -109.18 27.42
N ASP T 107 -9.62 -108.68 27.76
CA ASP T 107 -10.79 -108.78 26.90
C ASP T 107 -10.89 -107.48 26.14
N VAL T 108 -10.72 -107.55 24.81
CA VAL T 108 -10.69 -106.36 23.98
C VAL T 108 -12.04 -105.65 24.00
N ASP T 109 -13.11 -106.41 23.80
CA ASP T 109 -14.42 -105.81 23.56
C ASP T 109 -15.16 -105.48 24.85
N SER T 110 -14.45 -105.44 25.97
CA SER T 110 -15.06 -104.97 27.21
C SER T 110 -14.18 -103.96 27.93
N LEU T 111 -13.23 -103.34 27.24
CA LEU T 111 -12.42 -102.28 27.80
C LEU T 111 -13.21 -100.99 27.87
N VAL T 112 -12.84 -100.12 28.80
CA VAL T 112 -13.42 -98.80 28.92
C VAL T 112 -12.26 -97.83 29.16
N ILE T 113 -12.06 -96.90 28.24
CA ILE T 113 -11.06 -95.87 28.46
C ILE T 113 -11.59 -94.91 29.51
N GLU T 114 -10.89 -94.81 30.64
CA GLU T 114 -11.37 -94.00 31.74
C GLU T 114 -10.37 -92.95 32.20
N HIS T 115 -9.11 -93.07 31.84
CA HIS T 115 -8.14 -92.03 32.11
C HIS T 115 -7.39 -91.72 30.82
N ILE T 116 -7.48 -90.47 30.39
CA ILE T 116 -6.73 -90.01 29.24
C ILE T 116 -6.37 -88.55 29.46
N GLN T 117 -5.13 -88.20 29.16
CA GLN T 117 -4.59 -86.91 29.54
C GLN T 117 -3.67 -86.39 28.45
N VAL T 118 -3.90 -85.15 28.07
CA VAL T 118 -3.10 -84.47 27.06
C VAL T 118 -2.28 -83.39 27.75
N ASN T 119 -0.99 -83.37 27.47
CA ASN T 119 -0.06 -82.42 28.05
C ASN T 119 0.63 -81.66 26.94
N LYS T 120 1.03 -80.43 27.23
CA LYS T 120 1.77 -79.64 26.26
C LYS T 120 3.17 -80.19 26.08
N ALA T 121 3.65 -80.16 24.85
CA ALA T 121 4.99 -80.60 24.48
C ALA T 121 5.88 -79.41 24.22
N PRO T 122 7.22 -79.61 24.09
CA PRO T 122 8.08 -78.48 23.71
C PRO T 122 7.73 -77.89 22.37
N LYS T 123 7.61 -76.56 22.30
CA LYS T 123 7.18 -75.91 21.09
C LYS T 123 8.27 -75.95 20.02
N MET T 124 7.85 -75.95 18.76
CA MET T 124 8.76 -75.93 17.63
C MET T 124 8.90 -74.50 17.12
N ARG T 125 10.09 -74.17 16.65
CA ARG T 125 10.47 -72.80 16.32
C ARG T 125 10.33 -72.59 14.81
N ARG T 126 9.40 -71.72 14.43
CA ARG T 126 9.29 -71.25 13.05
C ARG T 126 8.94 -69.77 13.09
N ARG T 127 9.11 -69.09 11.97
CA ARG T 127 8.89 -67.66 11.97
C ARG T 127 8.09 -67.24 10.76
N THR T 128 7.34 -66.16 10.92
CA THR T 128 6.61 -65.51 9.86
C THR T 128 7.23 -64.13 9.63
N TYR T 129 6.66 -63.39 8.69
CA TYR T 129 7.21 -62.09 8.31
C TYR T 129 6.09 -61.06 8.27
N ARG T 130 6.27 -59.99 9.01
CA ARG T 130 5.27 -58.95 9.17
C ARG T 130 5.71 -57.66 8.49
N ALA T 131 4.87 -56.64 8.61
CA ALA T 131 5.17 -55.36 8.03
C ALA T 131 6.30 -54.68 8.77
N HIS T 132 6.95 -53.75 8.07
CA HIS T 132 8.06 -52.96 8.59
C HIS T 132 9.22 -53.84 9.05
N GLY T 133 9.43 -54.93 8.33
CA GLY T 133 10.62 -55.74 8.54
C GLY T 133 10.70 -56.41 9.88
N ARG T 134 9.55 -56.78 10.46
CA ARG T 134 9.50 -57.41 11.75
C ARG T 134 9.20 -58.88 11.61
N ILE T 135 10.04 -59.71 12.21
CA ILE T 135 9.87 -61.16 12.20
C ILE T 135 9.15 -61.55 13.47
N ASN T 136 8.06 -62.28 13.32
CA ASN T 136 7.29 -62.75 14.47
C ASN T 136 7.46 -64.24 14.64
N PRO T 137 7.28 -64.76 15.85
CA PRO T 137 7.34 -66.21 16.04
C PRO T 137 6.12 -66.90 15.49
N TYR T 138 6.31 -68.13 15.03
CA TYR T 138 5.29 -68.92 14.36
C TYR T 138 5.29 -70.31 14.98
N MET T 139 5.23 -70.37 16.31
CA MET T 139 5.44 -71.59 17.07
C MET T 139 4.38 -72.63 16.78
N SER T 140 4.57 -73.85 17.28
CA SER T 140 3.59 -74.90 17.10
C SER T 140 3.19 -75.37 18.49
N SER T 141 2.06 -76.02 18.60
CA SER T 141 1.64 -76.51 19.91
C SER T 141 1.49 -78.02 19.90
N PRO T 142 2.58 -78.77 19.92
CA PRO T 142 2.46 -80.23 19.94
C PRO T 142 2.06 -80.72 21.30
N CYS T 143 1.82 -82.03 21.44
CA CYS T 143 1.31 -82.52 22.72
C CYS T 143 1.72 -83.96 22.93
N HIS T 144 1.87 -84.31 24.21
CA HIS T 144 1.95 -85.70 24.64
C HIS T 144 0.57 -86.19 24.98
N ILE T 145 0.26 -87.44 24.63
CA ILE T 145 -0.97 -88.07 25.05
C ILE T 145 -0.63 -89.40 25.69
N GLU T 146 -1.34 -89.72 26.76
CA GLU T 146 -1.28 -91.05 27.36
C GLU T 146 -2.67 -91.40 27.85
N MET T 147 -3.02 -92.69 27.72
CA MET T 147 -4.33 -93.14 28.16
C MET T 147 -4.19 -94.52 28.77
N ILE T 148 -5.17 -94.87 29.57
CA ILE T 148 -5.19 -96.15 30.28
C ILE T 148 -6.53 -96.81 29.99
N LEU T 149 -6.52 -97.90 29.25
CA LEU T 149 -7.72 -98.69 29.07
C LEU T 149 -7.85 -99.65 30.25
N THR T 150 -9.05 -99.76 30.79
CA THR T 150 -9.31 -100.67 31.90
C THR T 150 -10.49 -101.55 31.56
N GLU T 151 -10.27 -102.86 31.69
CA GLU T 151 -11.34 -103.83 31.57
C GLU T 151 -12.42 -103.56 32.60
N LYS T 152 -13.63 -103.24 32.14
CA LYS T 152 -14.74 -103.04 33.06
C LYS T 152 -16.03 -103.42 32.36
N GLU T 153 -16.68 -104.46 32.85
CA GLU T 153 -17.95 -104.95 32.33
C GLU T 153 -19.07 -103.93 32.50
N GLY U 1 -4.91 -40.52 76.88
CA GLY U 1 -4.26 -39.31 76.43
C GLY U 1 -3.66 -38.49 77.55
N VAL U 2 -2.33 -38.47 77.62
CA VAL U 2 -1.61 -37.71 78.63
C VAL U 2 -0.83 -36.62 77.93
N ASP U 3 -0.90 -35.40 78.47
CA ASP U 3 -0.24 -34.25 77.86
C ASP U 3 1.15 -34.07 78.48
N ILE U 4 2.10 -34.85 77.97
CA ILE U 4 3.49 -34.76 78.38
C ILE U 4 4.36 -34.85 77.14
N ARG U 5 5.67 -34.69 77.35
CA ARG U 5 6.66 -34.84 76.29
C ARG U 5 7.65 -35.92 76.69
N HIS U 6 7.78 -36.94 75.85
CA HIS U 6 8.76 -37.98 76.06
C HIS U 6 10.08 -37.66 75.43
N ASN U 7 10.39 -36.38 75.26
CA ASN U 7 11.60 -35.97 74.57
C ASN U 7 12.85 -36.40 75.34
N LYS U 8 12.87 -36.12 76.64
CA LYS U 8 14.06 -36.32 77.43
C LYS U 8 13.73 -37.05 78.73
N ASP U 9 13.02 -38.16 78.61
CA ASP U 9 12.75 -39.01 79.76
C ASP U 9 13.73 -40.16 79.88
N ARG U 10 14.56 -40.40 78.86
CA ARG U 10 15.59 -41.42 78.92
C ARG U 10 16.91 -40.74 79.24
N LYS U 11 17.33 -40.83 80.49
CA LYS U 11 18.52 -40.09 80.92
C LYS U 11 19.78 -40.67 80.27
N VAL U 12 20.55 -39.81 79.64
CA VAL U 12 21.76 -40.20 78.94
C VAL U 12 22.91 -40.13 79.93
N ARG U 13 23.40 -41.31 80.32
CA ARG U 13 24.53 -41.43 81.21
C ARG U 13 25.05 -42.85 81.11
N ARG U 14 26.31 -43.04 81.47
CA ARG U 14 26.89 -44.37 81.46
C ARG U 14 26.40 -45.15 82.67
N LYS U 15 26.02 -46.40 82.44
CA LYS U 15 25.65 -47.30 83.52
C LYS U 15 26.59 -48.47 83.65
N GLU U 16 27.51 -48.66 82.72
CA GLU U 16 28.59 -49.62 82.79
C GLU U 16 29.59 -49.25 81.71
N PRO U 17 30.88 -49.52 81.92
CA PRO U 17 31.89 -49.00 81.00
C PRO U 17 31.80 -49.68 79.64
N LYS U 18 32.00 -48.89 78.59
CA LYS U 18 32.05 -49.46 77.26
C LYS U 18 33.28 -50.31 77.05
N SER U 19 34.31 -50.10 77.87
CA SER U 19 35.52 -50.89 77.79
C SER U 19 35.25 -52.33 78.19
N GLN U 20 35.90 -53.26 77.49
CA GLN U 20 35.80 -54.68 77.80
C GLN U 20 36.94 -55.15 78.67
N ASP U 21 37.68 -54.23 79.29
CA ASP U 21 38.80 -54.61 80.13
C ASP U 21 38.31 -55.34 81.37
N ILE U 22 38.74 -56.59 81.53
CA ILE U 22 38.17 -57.41 82.59
C ILE U 22 38.71 -57.01 83.94
N TYR U 23 39.94 -56.48 84.00
CA TYR U 23 40.43 -55.95 85.27
C TYR U 23 39.67 -54.69 85.63
N LEU U 24 39.35 -53.85 84.65
CA LEU U 24 38.46 -52.74 84.91
C LEU U 24 37.06 -53.23 85.23
N ARG U 25 36.60 -54.29 84.56
CA ARG U 25 35.28 -54.82 84.82
C ARG U 25 35.22 -55.56 86.15
N LEU U 26 36.36 -55.97 86.68
CA LEU U 26 36.38 -56.56 88.01
C LEU U 26 36.31 -55.48 89.08
N LEU U 27 36.94 -54.34 88.83
CA LEU U 27 36.88 -53.25 89.80
C LEU U 27 35.47 -52.73 89.93
N VAL U 28 34.74 -52.64 88.82
CA VAL U 28 33.37 -52.16 88.87
C VAL U 28 32.50 -53.11 89.66
N LYS U 29 32.75 -54.42 89.51
CA LYS U 29 32.04 -55.40 90.34
C LYS U 29 32.31 -55.17 91.81
N LEU U 30 33.53 -54.75 92.14
CA LEU U 30 33.86 -54.48 93.54
C LEU U 30 33.20 -53.20 94.02
N TYR U 31 33.18 -52.16 93.19
CA TYR U 31 32.68 -50.87 93.64
C TYR U 31 31.18 -50.72 93.46
N ARG U 32 30.56 -51.52 92.60
CA ARG U 32 29.11 -51.59 92.61
C ARG U 32 28.61 -52.08 93.95
N PHE U 33 29.36 -52.99 94.56
CA PHE U 33 28.99 -53.48 95.88
C PHE U 33 29.20 -52.42 96.93
N LEU U 34 30.34 -51.72 96.88
CA LEU U 34 30.64 -50.71 97.89
C LEU U 34 29.76 -49.48 97.74
N ALA U 35 29.31 -49.18 96.53
CA ALA U 35 28.52 -47.98 96.34
C ALA U 35 27.13 -48.12 96.96
N ARG U 36 26.57 -49.32 96.92
CA ARG U 36 25.17 -49.45 97.32
C ARG U 36 25.01 -49.96 98.74
N ARG U 37 26.04 -50.53 99.36
CA ARG U 37 25.91 -50.99 100.72
C ARG U 37 26.72 -50.18 101.72
N THR U 38 27.34 -49.10 101.28
CA THR U 38 27.86 -48.09 102.18
C THR U 38 27.19 -46.77 101.89
N ASN U 39 26.85 -46.04 102.96
CA ASN U 39 26.27 -44.73 102.78
C ASN U 39 27.29 -43.69 102.36
N SER U 40 28.57 -44.06 102.26
CA SER U 40 29.61 -43.13 101.84
C SER U 40 29.40 -42.74 100.40
N THR U 41 29.19 -41.45 100.17
CA THR U 41 29.05 -40.94 98.82
C THR U 41 30.37 -40.86 98.07
N PHE U 42 31.49 -41.15 98.73
CA PHE U 42 32.77 -41.22 98.03
C PHE U 42 32.75 -42.32 96.99
N ASN U 43 32.26 -43.50 97.36
CA ASN U 43 32.27 -44.63 96.46
C ASN U 43 31.34 -44.44 95.28
N GLN U 44 30.29 -43.63 95.44
CA GLN U 44 29.41 -43.35 94.31
C GLN U 44 30.11 -42.49 93.26
N VAL U 45 30.98 -41.58 93.70
CA VAL U 45 31.74 -40.77 92.74
C VAL U 45 32.77 -41.62 92.03
N VAL U 46 33.45 -42.49 92.77
CA VAL U 46 34.45 -43.36 92.16
C VAL U 46 33.78 -44.35 91.22
N LEU U 47 32.59 -44.82 91.58
CA LEU U 47 31.85 -45.71 90.68
C LEU U 47 31.48 -44.99 89.39
N LYS U 48 30.99 -43.76 89.52
CA LYS U 48 30.64 -42.98 88.33
C LYS U 48 31.87 -42.68 87.48
N ARG U 49 33.02 -42.47 88.10
CA ARG U 49 34.21 -42.14 87.34
C ARG U 49 34.89 -43.34 86.72
N LEU U 50 34.59 -44.54 87.19
CA LEU U 50 35.16 -45.71 86.54
C LEU U 50 34.47 -45.98 85.20
N PHE U 51 33.22 -45.57 85.06
CA PHE U 51 32.50 -45.79 83.82
C PHE U 51 33.01 -44.91 82.68
N MET U 52 33.62 -43.77 82.99
CA MET U 52 33.78 -42.72 82.01
C MET U 52 34.81 -43.09 80.95
N SER U 53 34.75 -42.37 79.83
CA SER U 53 35.68 -42.58 78.75
C SER U 53 37.02 -41.96 79.08
N ARG U 54 38.04 -42.36 78.33
CA ARG U 54 39.39 -41.87 78.59
C ARG U 54 39.45 -40.36 78.47
N THR U 55 38.72 -39.78 77.53
CA THR U 55 38.70 -38.33 77.40
C THR U 55 38.01 -37.65 78.57
N ASN U 56 37.26 -38.39 79.37
CA ASN U 56 36.66 -37.82 80.56
C ASN U 56 37.46 -38.10 81.81
N ARG U 57 38.41 -39.02 81.77
CA ARG U 57 39.36 -39.13 82.87
C ARG U 57 40.76 -38.80 82.34
N PRO U 58 41.09 -37.53 82.24
CA PRO U 58 42.38 -37.14 81.70
C PRO U 58 43.49 -37.48 82.67
N PRO U 59 44.74 -37.51 82.23
CA PRO U 59 45.82 -37.83 83.14
C PRO U 59 46.06 -36.71 84.12
N LEU U 60 46.36 -37.08 85.36
CA LEU U 60 46.80 -36.15 86.39
C LEU U 60 48.31 -36.08 86.34
N SER U 61 48.86 -34.88 86.23
CA SER U 61 50.31 -34.76 86.25
C SER U 61 50.82 -35.03 87.66
N LEU U 62 52.12 -35.29 87.75
CA LEU U 62 52.69 -35.51 89.07
C LEU U 62 52.81 -34.21 89.84
N SER U 63 53.08 -33.10 89.16
CA SER U 63 53.24 -31.85 89.88
C SER U 63 51.91 -31.27 90.28
N ARG U 64 50.83 -31.65 89.59
CA ARG U 64 49.52 -31.12 89.95
C ARG U 64 49.07 -31.65 91.30
N MET U 65 49.31 -32.92 91.55
CA MET U 65 48.89 -33.47 92.83
C MET U 65 49.81 -33.02 93.96
N ILE U 66 51.08 -32.76 93.67
CA ILE U 66 51.95 -32.13 94.65
C ILE U 66 51.40 -30.75 95.00
N ARG U 67 50.92 -30.02 94.00
CA ARG U 67 50.38 -28.70 94.23
C ARG U 67 49.11 -28.76 95.07
N LYS U 68 48.31 -29.80 94.91
CA LYS U 68 47.07 -29.94 95.65
C LYS U 68 47.24 -30.63 96.99
N MET U 69 48.35 -31.31 97.23
CA MET U 69 48.58 -31.94 98.52
C MET U 69 49.37 -31.07 99.48
N LYS U 70 50.01 -30.01 99.01
CA LYS U 70 50.70 -29.07 99.88
C LYS U 70 49.73 -28.05 100.46
N LEU U 71 48.44 -28.26 100.27
CA LEU U 71 47.40 -27.42 100.85
C LEU U 71 47.33 -27.76 102.33
N PRO U 72 46.86 -26.85 103.19
CA PRO U 72 47.13 -27.00 104.63
C PRO U 72 46.49 -28.20 105.30
N GLY U 73 45.17 -28.34 105.21
CA GLY U 73 44.49 -29.35 106.01
C GLY U 73 44.61 -30.75 105.46
N ARG U 74 45.83 -31.15 105.10
CA ARG U 74 46.11 -32.35 104.33
C ARG U 74 47.46 -32.90 104.79
N GLU U 75 48.14 -33.66 103.91
CA GLU U 75 49.50 -34.18 104.09
C GLU U 75 49.50 -35.36 105.04
N ASN U 76 48.32 -35.89 105.31
CA ASN U 76 48.19 -37.19 105.97
C ASN U 76 47.23 -38.03 105.15
N LYS U 77 46.34 -37.37 104.42
CA LYS U 77 45.37 -38.05 103.59
C LYS U 77 46.02 -38.72 102.38
N THR U 78 45.26 -39.55 101.70
CA THR U 78 45.71 -40.34 100.58
C THR U 78 45.17 -39.77 99.26
N ALA U 79 46.03 -39.78 98.24
CA ALA U 79 45.68 -39.28 96.92
C ALA U 79 44.95 -40.35 96.13
N VAL U 80 43.73 -40.05 95.71
CA VAL U 80 42.91 -40.97 94.93
C VAL U 80 42.53 -40.28 93.63
N VAL U 81 42.89 -40.87 92.51
CA VAL U 81 42.55 -40.32 91.20
C VAL U 81 42.18 -41.46 90.28
N VAL U 82 41.03 -41.34 89.61
CA VAL U 82 40.55 -42.45 88.79
C VAL U 82 41.32 -42.54 87.47
N GLY U 83 41.90 -41.46 87.01
CA GLY U 83 42.68 -41.52 85.79
C GLY U 83 44.06 -42.11 85.99
N THR U 84 45.07 -41.46 85.45
CA THR U 84 46.43 -41.97 85.45
C THR U 84 47.42 -40.86 85.84
N VAL U 85 48.49 -41.24 86.53
CA VAL U 85 49.45 -40.28 87.06
C VAL U 85 50.71 -40.27 86.22
N THR U 86 50.87 -39.25 85.39
CA THR U 86 52.06 -39.10 84.59
C THR U 86 53.13 -38.30 85.33
N ASP U 87 54.37 -38.58 85.02
CA ASP U 87 55.51 -37.91 85.64
C ASP U 87 55.68 -36.52 85.02
N ASP U 88 55.92 -35.53 85.89
CA ASP U 88 56.21 -34.18 85.44
C ASP U 88 57.68 -33.91 85.64
N VAL U 89 58.41 -33.73 84.54
CA VAL U 89 59.85 -33.54 84.60
C VAL U 89 60.25 -32.16 85.10
N ARG U 90 59.31 -31.23 85.17
CA ARG U 90 59.63 -29.87 85.60
C ARG U 90 59.40 -29.65 87.09
N VAL U 91 59.52 -30.67 87.92
CA VAL U 91 59.52 -30.50 89.38
C VAL U 91 60.69 -31.31 89.93
N GLN U 92 61.33 -30.77 90.97
CA GLN U 92 62.60 -31.36 91.40
C GLN U 92 62.46 -32.23 92.64
N GLU U 93 61.98 -31.67 93.74
CA GLU U 93 61.81 -32.44 94.96
C GLU U 93 60.47 -33.14 94.93
N VAL U 94 60.42 -34.31 95.55
CA VAL U 94 59.17 -35.06 95.62
C VAL U 94 58.90 -35.45 97.07
N PRO U 95 57.84 -34.95 97.67
CA PRO U 95 57.43 -35.44 99.00
C PRO U 95 56.96 -36.89 98.91
N LYS U 96 56.93 -37.53 100.08
CA LYS U 96 56.42 -38.90 100.13
C LYS U 96 54.90 -38.88 99.95
N LEU U 97 54.39 -39.79 99.14
CA LEU U 97 53.01 -39.75 98.73
C LEU U 97 52.32 -41.09 98.97
N LYS U 98 51.02 -41.04 99.17
CA LYS U 98 50.16 -42.22 99.24
C LYS U 98 49.14 -42.05 98.12
N VAL U 99 49.36 -42.75 97.02
CA VAL U 99 48.66 -42.51 95.76
C VAL U 99 47.81 -43.73 95.45
N CYS U 100 46.61 -43.51 94.93
CA CYS U 100 45.78 -44.58 94.39
C CYS U 100 45.29 -44.13 93.02
N ALA U 101 45.79 -44.77 91.97
CA ALA U 101 45.36 -44.45 90.62
C ALA U 101 45.16 -45.73 89.82
N LEU U 102 44.44 -45.60 88.71
CA LEU U 102 44.18 -46.76 87.88
C LEU U 102 45.43 -47.25 87.19
N ARG U 103 46.35 -46.34 86.87
CA ARG U 103 47.54 -46.72 86.13
C ARG U 103 48.59 -45.65 86.34
N VAL U 104 49.81 -46.06 86.66
CA VAL U 104 50.90 -45.12 86.91
C VAL U 104 52.00 -45.37 85.89
N THR U 105 52.48 -44.30 85.26
CA THR U 105 53.51 -44.46 84.24
C THR U 105 54.82 -44.90 84.88
N SER U 106 55.65 -45.56 84.08
CA SER U 106 56.82 -46.25 84.59
C SER U 106 57.78 -45.28 85.26
N ARG U 107 57.96 -44.09 84.69
CA ARG U 107 58.83 -43.12 85.33
C ARG U 107 58.19 -42.53 86.58
N ALA U 108 56.86 -42.41 86.60
CA ALA U 108 56.20 -41.82 87.76
C ALA U 108 56.16 -42.79 88.93
N ARG U 109 56.31 -44.10 88.65
CA ARG U 109 56.50 -45.03 89.75
C ARG U 109 57.87 -44.84 90.36
N SER U 110 58.90 -44.84 89.52
CA SER U 110 60.27 -44.80 90.01
C SER U 110 60.58 -43.49 90.71
N ARG U 111 59.92 -42.40 90.31
CA ARG U 111 60.18 -41.14 90.99
C ARG U 111 59.40 -41.03 92.29
N ILE U 112 58.21 -41.63 92.36
CA ILE U 112 57.45 -41.62 93.61
C ILE U 112 58.09 -42.56 94.62
N LEU U 113 58.41 -43.77 94.20
CA LEU U 113 58.91 -44.77 95.14
C LEU U 113 60.30 -44.42 95.64
N LYS U 114 61.08 -43.70 94.85
CA LYS U 114 62.40 -43.27 95.32
C LYS U 114 62.27 -42.26 96.44
N ALA U 115 61.18 -41.51 96.47
CA ALA U 115 60.89 -40.57 97.54
C ALA U 115 60.22 -41.24 98.73
N GLY U 116 60.31 -42.56 98.85
CA GLY U 116 59.71 -43.25 99.97
C GLY U 116 58.20 -43.25 99.96
N GLY U 117 57.58 -42.97 98.82
CA GLY U 117 56.14 -42.89 98.73
C GLY U 117 55.48 -44.25 98.76
N LYS U 118 54.21 -44.25 98.37
CA LYS U 118 53.41 -45.48 98.36
C LYS U 118 52.39 -45.38 97.25
N ILE U 119 52.33 -46.40 96.40
CA ILE U 119 51.38 -46.45 95.29
C ILE U 119 50.37 -47.54 95.58
N LEU U 120 49.09 -47.19 95.50
CA LEU U 120 48.01 -48.14 95.74
C LEU U 120 47.16 -48.32 94.50
N THR U 121 46.50 -49.46 94.45
CA THR U 121 45.49 -49.76 93.44
C THR U 121 44.13 -49.84 94.12
N PHE U 122 43.07 -49.82 93.31
CA PHE U 122 41.75 -49.61 93.86
C PHE U 122 41.24 -50.79 94.65
N ASP U 123 41.75 -51.99 94.40
CA ASP U 123 41.39 -53.10 95.27
C ASP U 123 42.07 -52.98 96.62
N GLN U 124 43.28 -52.42 96.66
CA GLN U 124 43.95 -52.19 97.92
C GLN U 124 43.42 -50.97 98.64
N LEU U 125 42.85 -50.03 97.89
CA LEU U 125 42.22 -48.87 98.52
C LEU U 125 41.00 -49.29 99.34
N ALA U 126 40.19 -50.18 98.79
CA ALA U 126 38.99 -50.63 99.49
C ALA U 126 39.37 -51.43 100.74
N LEU U 127 40.46 -52.17 100.68
CA LEU U 127 40.92 -52.91 101.85
C LEU U 127 41.42 -51.97 102.94
N ASP U 128 42.11 -50.91 102.55
CA ASP U 128 42.68 -50.00 103.54
C ASP U 128 41.68 -48.94 103.96
N SER U 129 40.79 -48.53 103.06
CA SER U 129 39.76 -47.54 103.37
C SER U 129 38.51 -47.87 102.56
N PRO U 130 37.56 -48.59 103.16
CA PRO U 130 36.34 -48.94 102.41
C PRO U 130 35.45 -47.75 102.11
N LYS U 131 35.17 -46.91 103.11
CA LYS U 131 34.28 -45.78 102.92
C LYS U 131 34.97 -44.55 102.35
N GLY U 132 36.25 -44.66 102.01
CA GLY U 132 36.95 -43.51 101.50
C GLY U 132 37.30 -42.48 102.56
N ARG U 133 37.63 -42.94 103.77
CA ARG U 133 37.92 -42.02 104.86
C ARG U 133 39.37 -41.58 104.82
N GLY U 134 39.59 -40.28 104.80
CA GLY U 134 40.94 -39.77 104.78
C GLY U 134 41.59 -39.82 103.42
N THR U 135 40.83 -39.61 102.36
CA THR U 135 41.35 -39.57 101.00
C THR U 135 40.94 -38.26 100.34
N VAL U 136 41.72 -37.86 99.35
CA VAL U 136 41.43 -36.66 98.56
C VAL U 136 41.25 -37.11 97.12
N LEU U 137 40.03 -37.00 96.61
CA LEU U 137 39.74 -37.44 95.26
C LEU U 137 40.03 -36.31 94.28
N LEU U 138 40.97 -36.56 93.36
CA LEU U 138 41.44 -35.54 92.45
C LEU U 138 41.11 -35.91 91.01
N SER U 139 41.40 -34.98 90.12
CA SER U 139 41.15 -35.19 88.70
C SER U 139 42.06 -34.28 87.90
N GLY U 140 42.59 -34.81 86.80
CA GLY U 140 43.42 -34.06 85.92
C GLY U 140 42.65 -33.01 85.16
N PRO U 141 43.35 -32.19 84.38
CA PRO U 141 42.69 -31.09 83.69
C PRO U 141 41.81 -31.56 82.57
N ARG U 142 40.49 -31.49 82.77
CA ARG U 142 39.57 -32.15 81.84
C ARG U 142 39.51 -31.42 80.50
N LYS U 143 39.43 -30.10 80.52
CA LYS U 143 39.40 -29.32 79.30
C LYS U 143 40.79 -28.85 78.88
N GLY U 144 41.81 -29.65 79.20
CA GLY U 144 43.16 -29.35 78.75
C GLY U 144 43.52 -29.94 77.41
N ARG U 145 42.62 -30.70 76.78
CA ARG U 145 42.90 -31.25 75.47
C ARG U 145 42.99 -30.14 74.44
N GLU U 146 43.69 -30.43 73.34
CA GLU U 146 43.83 -29.45 72.28
C GLU U 146 42.50 -29.15 71.60
N VAL U 147 41.53 -30.03 71.74
CA VAL U 147 40.31 -29.96 70.96
C VAL U 147 39.46 -28.77 71.37
N TYR U 148 39.39 -28.48 72.66
CA TYR U 148 38.51 -27.42 73.16
C TYR U 148 38.90 -26.04 72.69
N ARG U 149 40.11 -25.86 72.17
CA ARG U 149 40.49 -24.57 71.64
C ARG U 149 39.82 -24.29 70.30
N HIS U 150 39.16 -25.27 69.71
CA HIS U 150 38.32 -25.06 68.55
C HIS U 150 36.86 -24.86 68.91
N PHE U 151 36.47 -25.09 70.15
CA PHE U 151 35.07 -25.04 70.49
C PHE U 151 34.67 -23.63 70.91
N GLY U 152 33.43 -23.48 71.33
CA GLY U 152 32.90 -22.19 71.65
C GLY U 152 32.23 -21.54 70.46
N LYS U 153 32.18 -20.22 70.49
CA LYS U 153 31.69 -19.48 69.34
C LYS U 153 32.64 -19.66 68.18
N ALA U 154 32.10 -19.55 66.97
CA ALA U 154 32.89 -19.77 65.78
C ALA U 154 33.91 -18.64 65.62
N PRO U 155 35.05 -18.91 64.99
CA PRO U 155 35.97 -17.81 64.67
C PRO U 155 35.36 -16.93 63.60
N GLY U 156 35.99 -15.79 63.30
CA GLY U 156 35.32 -14.86 62.42
C GLY U 156 34.07 -14.29 63.04
N THR U 157 34.13 -13.96 64.32
CA THR U 157 33.04 -13.48 65.13
C THR U 157 33.63 -12.47 66.11
N PRO U 158 32.92 -11.41 66.46
CA PRO U 158 33.44 -10.46 67.44
C PRO U 158 33.79 -11.09 68.78
N HIS U 159 35.07 -11.01 69.13
CA HIS U 159 35.60 -11.48 70.41
C HIS U 159 35.32 -12.95 70.61
N SER U 160 35.89 -13.74 69.71
CA SER U 160 35.62 -15.16 69.63
C SER U 160 36.93 -15.91 69.47
N HIS U 161 37.85 -15.71 70.41
CA HIS U 161 39.23 -16.15 70.25
C HIS U 161 39.24 -17.68 70.24
N THR U 162 38.94 -18.22 69.07
CA THR U 162 38.77 -19.65 68.83
C THR U 162 39.72 -20.08 67.73
N LYS U 163 40.42 -21.17 67.96
CA LYS U 163 41.39 -21.63 66.97
C LYS U 163 40.66 -22.26 65.79
N PRO U 164 40.88 -21.77 64.58
CA PRO U 164 40.28 -22.40 63.40
C PRO U 164 41.07 -23.64 62.98
N TYR U 165 40.46 -24.43 62.12
CA TYR U 165 41.09 -25.64 61.59
C TYR U 165 41.81 -25.26 60.31
N VAL U 166 43.13 -25.28 60.33
CA VAL U 166 43.92 -24.98 59.14
C VAL U 166 44.89 -26.13 58.88
N ARG U 167 45.11 -26.42 57.60
CA ARG U 167 45.95 -27.54 57.23
C ARG U 167 47.42 -27.28 57.56
N SER U 168 47.84 -26.02 57.57
CA SER U 168 49.16 -25.60 58.01
C SER U 168 49.07 -24.14 58.36
N LYS U 169 49.90 -23.69 59.30
CA LYS U 169 49.91 -22.28 59.66
C LYS U 169 51.07 -21.60 58.97
N GLY U 170 50.85 -20.34 58.60
CA GLY U 170 51.85 -19.56 57.87
C GLY U 170 51.30 -18.19 57.63
N ARG U 171 52.06 -17.40 56.89
CA ARG U 171 51.61 -16.05 56.58
C ARG U 171 50.46 -16.04 55.59
N LYS U 172 50.26 -17.12 54.84
CA LYS U 172 49.22 -17.16 53.83
C LYS U 172 48.20 -18.25 54.12
N PHE U 173 47.89 -18.44 55.40
CA PHE U 173 46.82 -19.34 55.82
C PHE U 173 45.99 -18.59 56.86
N GLU U 174 44.87 -18.02 56.40
CA GLU U 174 43.92 -17.33 57.26
C GLU U 174 44.54 -16.12 57.96
N ARG U 175 45.29 -15.33 57.21
CA ARG U 175 45.81 -14.06 57.67
C ARG U 175 45.25 -12.89 56.89
N ALA U 176 44.41 -13.16 55.90
CA ALA U 176 43.79 -12.20 54.98
C ALA U 176 42.44 -11.72 55.49
N ARG U 177 41.55 -11.43 54.55
CA ARG U 177 40.30 -10.67 54.66
C ARG U 177 39.54 -10.71 55.99
N GLY U 178 39.36 -11.87 56.59
CA GLY U 178 38.64 -11.81 57.84
C GLY U 178 39.41 -11.25 59.02
N ARG U 179 40.72 -11.09 58.89
CA ARG U 179 41.58 -10.82 60.03
C ARG U 179 42.21 -9.44 60.01
N ARG U 180 42.58 -8.94 58.84
CA ARG U 180 43.23 -7.65 58.74
C ARG U 180 42.19 -6.57 58.53
N ALA U 181 42.33 -5.47 59.25
CA ALA U 181 41.47 -4.32 58.97
C ALA U 181 41.78 -3.73 57.60
N SER U 182 42.97 -3.99 57.08
CA SER U 182 43.33 -3.49 55.76
C SER U 182 42.68 -4.30 54.65
N ARG U 183 42.29 -5.54 54.93
CA ARG U 183 41.63 -6.38 53.95
C ARG U 183 40.17 -6.52 54.34
N GLY U 184 39.35 -5.60 53.89
CA GLY U 184 37.94 -5.71 54.13
C GLY U 184 37.52 -5.30 55.52
N TYR U 185 37.76 -6.16 56.51
CA TYR U 185 37.23 -5.96 57.85
C TYR U 185 37.96 -6.89 58.80
N LYS U 186 37.64 -6.77 60.09
CA LYS U 186 38.11 -7.75 61.05
C LYS U 186 37.14 -7.80 62.22
N ASN U 187 37.29 -8.83 63.03
CA ASN U 187 36.46 -8.99 64.21
C ASN U 187 37.35 -9.15 65.45
N SER V 1 4.38 -93.85 -11.64
CA SER V 1 5.60 -93.59 -10.88
C SER V 1 5.94 -92.11 -10.92
N MET V 2 6.93 -91.76 -11.73
CA MET V 2 7.29 -90.36 -11.95
C MET V 2 8.11 -90.25 -13.22
N LEU V 3 7.60 -89.51 -14.20
CA LEU V 3 8.24 -89.39 -15.50
C LEU V 3 8.46 -87.92 -15.82
N ARG V 4 9.58 -87.38 -15.41
CA ARG V 4 9.93 -86.04 -15.86
C ARG V 4 11.36 -85.95 -16.34
N LEU V 5 12.15 -87.00 -16.21
CA LEU V 5 13.43 -87.11 -16.89
C LEU V 5 13.26 -87.67 -18.29
N GLN V 6 12.40 -88.68 -18.45
CA GLN V 6 12.19 -89.26 -19.75
C GLN V 6 11.51 -88.29 -20.70
N LYS V 7 10.60 -87.46 -20.18
CA LYS V 7 9.97 -86.46 -21.05
C LYS V 7 10.92 -85.32 -21.36
N ARG V 8 11.76 -84.94 -20.39
CA ARG V 8 12.79 -83.95 -20.66
C ARG V 8 13.80 -84.47 -21.66
N LEU V 9 14.12 -85.76 -21.58
CA LEU V 9 15.06 -86.34 -22.51
C LEU V 9 14.47 -86.42 -23.91
N ALA V 10 13.24 -86.93 -24.03
CA ALA V 10 12.66 -87.19 -25.33
C ALA V 10 12.40 -85.91 -26.10
N SER V 11 12.16 -84.81 -25.38
CA SER V 11 12.01 -83.52 -26.05
C SER V 11 13.28 -83.10 -26.76
N SER V 12 14.44 -83.51 -26.23
CA SER V 12 15.70 -83.11 -26.82
C SER V 12 16.16 -84.04 -27.92
N VAL V 13 15.78 -85.32 -27.88
CA VAL V 13 16.15 -86.21 -28.96
C VAL V 13 15.29 -85.99 -30.20
N LEU V 14 14.09 -85.45 -30.01
CA LEU V 14 13.20 -85.17 -31.12
C LEU V 14 13.36 -83.77 -31.70
N ARG V 15 14.06 -82.90 -30.97
CA ARG V 15 14.11 -81.47 -31.27
C ARG V 15 12.70 -80.89 -31.39
N CYS V 16 12.01 -80.94 -30.26
CA CYS V 16 10.68 -80.37 -30.13
C CYS V 16 10.48 -80.02 -28.67
N GLY V 17 9.51 -79.15 -28.40
CA GLY V 17 9.22 -78.78 -27.03
C GLY V 17 8.64 -79.95 -26.25
N LYS V 18 8.66 -79.82 -24.94
CA LYS V 18 8.09 -80.92 -24.18
C LYS V 18 6.60 -80.88 -24.13
N LYS V 19 6.04 -79.85 -24.75
CA LYS V 19 4.62 -79.77 -25.02
C LYS V 19 4.17 -80.78 -26.05
N LYS V 20 5.05 -81.17 -26.95
CA LYS V 20 4.71 -82.04 -28.07
C LYS V 20 5.15 -83.48 -27.88
N VAL V 21 5.69 -83.82 -26.71
CA VAL V 21 6.14 -85.18 -26.45
C VAL V 21 5.01 -85.97 -25.82
N TRP V 22 4.59 -87.03 -26.48
CA TRP V 22 3.52 -87.88 -26.02
C TRP V 22 4.10 -89.17 -25.48
N LEU V 23 3.74 -89.53 -24.26
CA LEU V 23 4.16 -90.79 -23.66
C LEU V 23 2.95 -91.71 -23.59
N ASP V 24 3.16 -92.98 -23.88
CA ASP V 24 2.05 -93.92 -23.83
C ASP V 24 1.62 -94.12 -22.39
N PRO V 25 0.40 -93.77 -22.03
CA PRO V 25 -0.02 -93.88 -20.62
C PRO V 25 -0.15 -95.30 -20.15
N ASN V 26 -0.35 -96.26 -21.05
CA ASN V 26 -0.51 -97.65 -20.67
C ASN V 26 0.81 -98.40 -20.55
N GLU V 27 1.90 -97.84 -21.02
CA GLU V 27 3.21 -98.48 -21.00
C GLU V 27 4.20 -97.64 -20.23
N THR V 28 3.80 -97.18 -19.05
CA THR V 28 4.65 -96.32 -18.23
C THR V 28 5.91 -97.06 -17.80
N ASN V 29 5.75 -98.31 -17.36
CA ASN V 29 6.85 -99.05 -16.75
C ASN V 29 7.99 -99.29 -17.74
N GLU V 30 7.66 -99.64 -18.98
CA GLU V 30 8.69 -99.81 -19.99
C GLU V 30 9.37 -98.49 -20.31
N ILE V 31 8.63 -97.39 -20.22
CA ILE V 31 9.21 -96.07 -20.39
C ILE V 31 10.06 -95.71 -19.19
N ALA V 32 9.52 -95.92 -17.99
CA ALA V 32 10.08 -95.49 -16.72
C ALA V 32 11.54 -95.89 -16.53
N ASN V 33 11.89 -97.09 -16.99
CA ASN V 33 13.27 -97.56 -16.88
C ASN V 33 14.01 -97.29 -18.21
N ALA V 34 14.20 -96.01 -18.49
CA ALA V 34 14.98 -95.62 -19.66
C ALA V 34 16.30 -94.97 -19.23
N ASN V 35 16.21 -93.87 -18.48
CA ASN V 35 17.34 -93.23 -17.78
C ASN V 35 18.51 -92.88 -18.70
N SER V 36 18.33 -92.87 -20.01
CA SER V 36 19.44 -92.64 -20.93
C SER V 36 18.88 -92.29 -22.30
N ARG V 37 19.70 -91.62 -23.11
CA ARG V 37 19.23 -91.17 -24.41
C ARG V 37 19.16 -92.32 -25.40
N GLN V 38 20.05 -93.31 -25.26
CA GLN V 38 20.01 -94.46 -26.14
C GLN V 38 18.70 -95.22 -25.98
N GLN V 39 18.28 -95.43 -24.74
CA GLN V 39 17.03 -96.14 -24.52
C GLN V 39 15.83 -95.31 -24.95
N ILE V 40 15.98 -94.00 -25.05
CA ILE V 40 14.89 -93.18 -25.59
C ILE V 40 14.73 -93.43 -27.08
N ARG V 41 15.84 -93.44 -27.82
CA ARG V 41 15.76 -93.68 -29.26
C ARG V 41 15.28 -95.09 -29.56
N LYS V 42 15.54 -96.04 -28.67
CA LYS V 42 14.96 -97.37 -28.84
C LYS V 42 13.45 -97.30 -28.69
N LEU V 43 12.96 -96.42 -27.83
CA LEU V 43 11.51 -96.22 -27.73
C LEU V 43 10.97 -95.43 -28.90
N ILE V 44 11.83 -94.78 -29.68
CA ILE V 44 11.36 -94.02 -30.82
C ILE V 44 10.98 -94.94 -31.97
N LYS V 45 11.87 -95.85 -32.35
CA LYS V 45 11.58 -96.72 -33.48
C LYS V 45 10.42 -97.67 -33.17
N ASP V 46 10.28 -98.07 -31.91
CA ASP V 46 9.14 -98.87 -31.53
C ASP V 46 7.92 -98.03 -31.20
N GLY V 47 8.06 -96.70 -31.18
CA GLY V 47 6.90 -95.84 -31.12
C GLY V 47 6.13 -95.88 -29.81
N LEU V 48 6.83 -96.02 -28.69
CA LEU V 48 6.15 -95.81 -27.42
C LEU V 48 5.94 -94.33 -27.15
N ILE V 49 6.81 -93.48 -27.69
CA ILE V 49 6.72 -92.04 -27.50
C ILE V 49 6.62 -91.39 -28.87
N ILE V 50 5.60 -90.56 -29.04
CA ILE V 50 5.24 -90.01 -30.34
C ILE V 50 5.38 -88.50 -30.31
N ARG V 51 5.88 -87.95 -31.42
CA ARG V 51 5.90 -86.51 -31.63
C ARG V 51 4.48 -86.08 -31.98
N LYS V 52 3.84 -85.37 -31.07
CA LYS V 52 2.50 -84.86 -31.33
C LYS V 52 2.53 -83.89 -32.51
N PRO V 53 1.47 -83.85 -33.31
CA PRO V 53 1.41 -82.86 -34.38
C PRO V 53 1.08 -81.49 -33.83
N VAL V 54 1.31 -80.49 -34.68
CA VAL V 54 1.04 -79.10 -34.31
C VAL V 54 -0.45 -78.86 -34.24
N THR V 55 -0.86 -78.00 -33.30
CA THR V 55 -2.22 -77.48 -33.27
C THR V 55 -2.44 -76.67 -34.55
N VAL V 56 -3.48 -77.03 -35.30
CA VAL V 56 -3.76 -76.38 -36.57
C VAL V 56 -4.04 -74.90 -36.34
N HIS V 57 -3.28 -74.04 -37.01
CA HIS V 57 -3.57 -72.63 -37.05
C HIS V 57 -3.94 -72.33 -38.49
N SER V 58 -5.24 -72.34 -38.76
CA SER V 58 -5.74 -72.16 -40.11
C SER V 58 -5.43 -70.79 -40.68
N ARG V 59 -5.55 -70.65 -41.96
CA ARG V 59 -5.34 -69.38 -42.62
C ARG V 59 -6.44 -69.09 -43.63
N ALA V 60 -7.30 -70.05 -43.94
CA ALA V 60 -8.30 -69.87 -44.98
C ALA V 60 -9.35 -68.84 -44.56
N ARG V 61 -9.55 -68.67 -43.26
CA ARG V 61 -10.42 -67.60 -42.79
C ARG V 61 -9.81 -66.23 -43.05
N CYS V 62 -8.49 -66.12 -43.02
CA CYS V 62 -7.81 -64.91 -43.44
C CYS V 62 -7.70 -64.83 -44.96
N ARG V 63 -7.51 -65.98 -45.61
CA ARG V 63 -7.38 -65.99 -47.06
C ARG V 63 -8.69 -65.58 -47.74
N LYS V 64 -9.82 -65.84 -47.09
CA LYS V 64 -11.09 -65.44 -47.67
C LYS V 64 -11.27 -63.93 -47.60
N ASN V 65 -10.94 -63.33 -46.45
CA ASN V 65 -11.18 -61.91 -46.27
C ASN V 65 -10.31 -61.07 -47.18
N THR V 66 -9.04 -61.46 -47.35
CA THR V 66 -8.16 -60.68 -48.22
C THR V 66 -8.61 -60.77 -49.67
N LEU V 67 -9.28 -61.85 -50.05
CA LEU V 67 -9.88 -61.94 -51.36
C LEU V 67 -11.21 -61.19 -51.45
N ALA V 68 -11.61 -60.52 -50.37
CA ALA V 68 -12.66 -59.53 -50.42
C ALA V 68 -12.12 -58.12 -50.28
N ARG V 69 -10.93 -57.95 -49.69
CA ARG V 69 -10.26 -56.66 -49.76
C ARG V 69 -9.73 -56.40 -51.16
N ARG V 70 -9.47 -57.45 -51.93
CA ARG V 70 -9.16 -57.26 -53.34
C ARG V 70 -10.31 -56.59 -54.06
N LYS V 71 -11.52 -57.06 -53.81
CA LYS V 71 -12.68 -56.49 -54.47
C LYS V 71 -13.08 -55.15 -53.87
N GLY V 72 -12.46 -54.75 -52.76
CA GLY V 72 -12.76 -53.49 -52.12
C GLY V 72 -13.65 -53.60 -50.90
N ARG V 73 -14.05 -54.80 -50.52
CA ARG V 73 -14.97 -54.98 -49.40
C ARG V 73 -14.19 -54.91 -48.10
N HIS V 74 -14.89 -54.54 -47.03
CA HIS V 74 -14.30 -54.23 -45.72
C HIS V 74 -13.26 -53.13 -45.80
N MET V 75 -13.41 -52.22 -46.75
CA MET V 75 -12.47 -51.11 -46.92
C MET V 75 -13.17 -49.77 -46.98
N GLY V 76 -14.34 -49.66 -46.36
CA GLY V 76 -15.09 -48.42 -46.40
C GLY V 76 -14.52 -47.35 -45.51
N ILE V 77 -15.36 -46.38 -45.13
CA ILE V 77 -14.90 -45.33 -44.24
C ILE V 77 -14.80 -45.83 -42.82
N GLY V 78 -15.84 -46.49 -42.33
CA GLY V 78 -15.87 -46.98 -40.97
C GLY V 78 -15.09 -48.26 -40.76
N LYS V 79 -14.14 -48.53 -41.64
CA LYS V 79 -13.22 -49.65 -41.48
C LYS V 79 -11.78 -49.17 -41.55
N ARG V 80 -11.56 -47.86 -41.47
CA ARG V 80 -10.24 -47.28 -41.54
C ARG V 80 -9.98 -46.51 -40.26
N LYS V 81 -8.80 -46.73 -39.67
CA LYS V 81 -8.46 -46.09 -38.42
C LYS V 81 -7.31 -45.11 -38.55
N GLY V 82 -6.39 -45.33 -39.47
CA GLY V 82 -5.28 -44.44 -39.66
C GLY V 82 -5.62 -43.32 -40.63
N THR V 83 -4.80 -42.27 -40.61
CA THR V 83 -5.00 -41.15 -41.52
C THR V 83 -4.84 -41.63 -42.96
N ALA V 84 -5.39 -40.86 -43.91
CA ALA V 84 -5.21 -41.21 -45.31
C ALA V 84 -3.73 -41.22 -45.69
N ASN V 85 -2.92 -40.41 -45.03
CA ASN V 85 -1.48 -40.47 -45.23
C ASN V 85 -0.83 -41.60 -44.47
N ALA V 86 -1.50 -42.16 -43.46
CA ALA V 86 -0.91 -43.30 -42.77
C ALA V 86 -1.11 -44.57 -43.58
N ARG V 87 -2.32 -44.76 -44.12
CA ARG V 87 -2.60 -45.94 -44.92
C ARG V 87 -1.83 -45.90 -46.22
N MET V 88 -1.90 -44.78 -46.92
CA MET V 88 -1.16 -44.59 -48.17
C MET V 88 -0.38 -43.29 -48.07
N PRO V 89 0.92 -43.36 -47.82
CA PRO V 89 1.70 -42.12 -47.64
C PRO V 89 1.86 -41.37 -48.95
N GLU V 90 1.67 -40.06 -48.88
CA GLU V 90 1.72 -39.25 -50.08
C GLU V 90 3.14 -39.04 -50.59
N LYS V 91 4.15 -39.41 -49.81
CA LYS V 91 5.50 -39.32 -50.32
C LYS V 91 5.79 -40.44 -51.32
N VAL V 92 5.39 -41.67 -50.99
CA VAL V 92 5.65 -42.77 -51.89
C VAL V 92 4.72 -42.72 -53.10
N THR V 93 3.56 -42.06 -52.92
CA THR V 93 2.67 -41.84 -54.05
C THR V 93 3.32 -40.94 -55.08
N TRP V 94 3.92 -39.84 -54.61
CA TRP V 94 4.63 -38.94 -55.49
C TRP V 94 5.87 -39.61 -56.08
N MET V 95 6.50 -40.47 -55.30
CA MET V 95 7.69 -41.19 -55.75
C MET V 95 7.37 -42.08 -56.92
N ARG V 96 6.35 -42.92 -56.78
CA ARG V 96 5.95 -43.82 -57.85
C ARG V 96 5.58 -43.04 -59.11
N ARG V 97 4.81 -41.96 -58.96
CA ARG V 97 4.43 -41.16 -60.10
C ARG V 97 5.64 -40.53 -60.77
N MET V 98 6.58 -40.05 -59.97
CA MET V 98 7.78 -39.45 -60.55
C MET V 98 8.61 -40.49 -61.28
N ARG V 99 8.87 -41.62 -60.64
CA ARG V 99 9.70 -42.66 -61.24
C ARG V 99 9.05 -43.20 -62.51
N ILE V 100 7.73 -43.26 -62.54
CA ILE V 100 7.01 -43.73 -63.72
C ILE V 100 7.19 -42.75 -64.85
N LEU V 101 6.84 -41.48 -64.63
CA LEU V 101 6.79 -40.53 -65.72
C LEU V 101 8.19 -40.18 -66.20
N ARG V 102 9.15 -40.07 -65.27
CA ARG V 102 10.53 -39.89 -65.68
C ARG V 102 11.00 -41.06 -66.52
N ARG V 103 10.57 -42.27 -66.18
CA ARG V 103 10.94 -43.43 -66.99
C ARG V 103 10.26 -43.35 -68.34
N LEU V 104 9.04 -42.83 -68.40
CA LEU V 104 8.32 -42.75 -69.66
C LEU V 104 9.01 -41.80 -70.62
N LEU V 105 9.33 -40.58 -70.16
CA LEU V 105 10.06 -39.65 -70.99
C LEU V 105 11.40 -40.21 -71.41
N ARG V 106 12.06 -40.91 -70.49
CA ARG V 106 13.39 -41.46 -70.78
C ARG V 106 13.33 -42.50 -71.88
N ARG V 107 12.20 -43.22 -71.99
CA ARG V 107 12.02 -44.11 -73.13
C ARG V 107 11.82 -43.26 -74.38
N TYR V 108 10.87 -42.33 -74.31
CA TYR V 108 10.45 -41.56 -75.46
C TYR V 108 11.57 -40.71 -76.03
N ARG V 109 12.52 -40.31 -75.19
CA ARG V 109 13.64 -39.54 -75.68
C ARG V 109 14.54 -40.39 -76.56
N GLU V 110 14.92 -41.58 -76.08
CA GLU V 110 15.74 -42.45 -76.89
C GLU V 110 14.95 -43.19 -77.96
N SER V 111 13.63 -43.22 -77.86
CA SER V 111 12.80 -43.79 -78.91
C SER V 111 12.51 -42.80 -80.03
N LYS V 112 13.22 -41.67 -80.06
CA LYS V 112 13.21 -40.67 -81.11
C LYS V 112 11.88 -39.98 -81.28
N LYS V 113 10.89 -40.25 -80.42
CA LYS V 113 9.62 -39.56 -80.54
C LYS V 113 9.74 -38.12 -80.09
N ILE V 114 10.68 -37.82 -79.20
CA ILE V 114 10.95 -36.46 -78.75
C ILE V 114 12.46 -36.23 -78.77
N ASP V 115 12.83 -34.96 -78.88
CA ASP V 115 14.22 -34.54 -78.86
C ASP V 115 14.60 -34.10 -77.46
N ARG V 116 15.88 -33.76 -77.29
CA ARG V 116 16.36 -33.29 -76.01
C ARG V 116 15.64 -32.01 -75.60
N HIS V 117 15.44 -31.12 -76.56
CA HIS V 117 14.89 -29.81 -76.24
C HIS V 117 13.44 -29.90 -75.79
N MET V 118 12.66 -30.78 -76.42
CA MET V 118 11.34 -31.05 -75.88
C MET V 118 11.41 -31.82 -74.57
N TYR V 119 12.40 -32.71 -74.43
CA TYR V 119 12.50 -33.52 -73.24
C TYR V 119 12.79 -32.67 -72.00
N HIS V 120 13.86 -31.87 -72.05
CA HIS V 120 14.27 -31.10 -70.89
C HIS V 120 13.23 -30.09 -70.44
N SER V 121 12.34 -29.66 -71.34
CA SER V 121 11.26 -28.79 -70.92
C SER V 121 10.05 -29.58 -70.45
N LEU V 122 9.84 -30.75 -71.03
CA LEU V 122 8.76 -31.59 -70.56
C LEU V 122 9.12 -32.23 -69.23
N TYR V 123 10.41 -32.49 -69.01
CA TYR V 123 10.88 -33.06 -67.76
C TYR V 123 10.56 -32.16 -66.58
N LEU V 124 11.01 -30.90 -66.64
CA LEU V 124 10.77 -29.96 -65.56
C LEU V 124 9.31 -29.60 -65.39
N LYS V 125 8.46 -29.93 -66.37
CA LYS V 125 7.04 -29.80 -66.20
C LYS V 125 6.43 -30.92 -65.38
N VAL V 126 6.97 -32.14 -65.51
CA VAL V 126 6.47 -33.26 -64.71
C VAL V 126 6.73 -32.99 -63.24
N LYS V 127 7.95 -32.52 -62.93
CA LYS V 127 8.34 -32.18 -61.57
C LYS V 127 7.45 -31.09 -61.00
N GLY V 128 6.89 -30.24 -61.84
CA GLY V 128 6.01 -29.20 -61.38
C GLY V 128 4.57 -29.62 -61.20
N ASN V 129 4.26 -30.91 -61.33
CA ASN V 129 2.94 -31.47 -61.09
C ASN V 129 1.89 -30.84 -61.98
N VAL V 130 2.01 -31.09 -63.28
CA VAL V 130 0.94 -30.82 -64.23
C VAL V 130 0.35 -32.11 -64.78
N PHE V 131 1.19 -33.09 -65.08
CA PHE V 131 0.72 -34.38 -65.55
C PHE V 131 0.56 -35.34 -64.38
N LYS V 132 -0.62 -35.92 -64.24
CA LYS V 132 -0.94 -36.70 -63.06
C LYS V 132 -0.83 -38.21 -63.28
N ASN V 133 -0.63 -38.68 -64.50
CA ASN V 133 -0.39 -40.10 -64.74
C ASN V 133 0.23 -40.28 -66.11
N LYS V 134 0.39 -41.53 -66.51
CA LYS V 134 1.01 -41.96 -67.76
C LYS V 134 0.14 -41.77 -68.92
N ARG V 135 -1.11 -41.34 -68.76
CA ARG V 135 -1.99 -41.15 -69.90
C ARG V 135 -2.15 -39.69 -70.25
N ILE V 136 -2.41 -38.83 -69.26
CA ILE V 136 -2.51 -37.40 -69.49
C ILE V 136 -1.23 -36.83 -70.06
N LEU V 137 -0.09 -37.42 -69.72
CA LEU V 137 1.17 -37.02 -70.34
C LEU V 137 1.28 -37.54 -71.77
N MET V 138 0.96 -38.82 -71.98
CA MET V 138 1.14 -39.42 -73.29
C MET V 138 0.20 -38.82 -74.33
N GLU V 139 -0.92 -38.25 -73.92
CA GLU V 139 -1.71 -37.53 -74.91
C GLU V 139 -1.29 -36.07 -74.99
N HIS V 140 -0.66 -35.54 -73.95
CA HIS V 140 -0.11 -34.20 -74.05
C HIS V 140 1.08 -34.17 -74.99
N ILE V 141 1.78 -35.30 -75.13
CA ILE V 141 2.91 -35.35 -76.06
C ILE V 141 2.41 -35.30 -77.49
N HIS V 142 1.39 -36.10 -77.79
CA HIS V 142 0.86 -36.13 -79.14
C HIS V 142 0.28 -34.78 -79.54
N LYS V 143 -0.27 -34.05 -78.58
CA LYS V 143 -0.71 -32.69 -78.87
C LYS V 143 0.48 -31.79 -79.18
N LEU V 144 1.62 -32.03 -78.56
CA LEU V 144 2.81 -31.26 -78.92
C LEU V 144 3.35 -31.69 -80.27
N LYS V 145 3.46 -33.00 -80.49
CA LYS V 145 3.97 -33.50 -81.76
C LYS V 145 3.09 -33.11 -82.93
N ALA V 146 1.77 -33.07 -82.73
CA ALA V 146 0.87 -32.64 -83.78
C ALA V 146 1.10 -31.18 -84.12
N ASP V 147 1.20 -30.32 -83.11
CA ASP V 147 1.42 -28.91 -83.36
C ASP V 147 2.89 -28.64 -83.68
N LYS V 148 3.78 -29.60 -83.43
CA LYS V 148 5.13 -29.47 -83.96
C LYS V 148 5.14 -29.64 -85.48
N ALA V 149 4.22 -30.44 -86.01
CA ALA V 149 4.22 -30.77 -87.43
C ALA V 149 4.03 -29.53 -88.29
N ARG V 150 2.94 -28.79 -88.06
CA ARG V 150 2.68 -27.58 -88.84
C ARG V 150 3.78 -26.56 -88.66
N LYS V 151 4.29 -26.42 -87.44
CA LYS V 151 5.39 -25.49 -87.20
C LYS V 151 6.68 -25.96 -87.82
N LYS V 152 6.74 -27.21 -88.28
CA LYS V 152 7.82 -27.65 -89.15
C LYS V 152 7.36 -27.82 -90.59
N LEU V 153 6.07 -27.67 -90.86
CA LEU V 153 5.54 -27.74 -92.21
C LEU V 153 5.28 -26.36 -92.80
N LEU V 154 4.43 -25.56 -92.14
CA LEU V 154 4.15 -24.21 -92.58
C LEU V 154 5.35 -23.28 -92.45
N ALA V 155 6.42 -23.73 -91.79
CA ALA V 155 7.66 -22.98 -91.72
C ALA V 155 8.73 -23.54 -92.66
N ASP V 156 8.44 -24.61 -93.40
CA ASP V 156 9.38 -25.14 -94.37
C ASP V 156 8.95 -24.97 -95.81
N GLN V 157 7.66 -25.19 -96.12
CA GLN V 157 7.21 -25.01 -97.49
C GLN V 157 7.32 -23.54 -97.89
N ALA V 158 7.10 -22.62 -96.95
CA ALA V 158 7.34 -21.22 -97.21
C ALA V 158 8.83 -20.87 -97.22
N GLU V 159 9.67 -21.73 -96.64
CA GLU V 159 11.11 -21.53 -96.76
C GLU V 159 11.61 -21.98 -98.12
N ALA V 160 10.96 -22.95 -98.75
CA ALA V 160 11.28 -23.27 -100.13
C ALA V 160 10.68 -22.25 -101.08
N ARG V 161 9.56 -21.62 -100.69
CA ARG V 161 9.09 -20.44 -101.39
C ARG V 161 10.12 -19.33 -101.38
N ARG V 162 10.94 -19.26 -100.34
CA ARG V 162 12.00 -18.27 -100.26
C ARG V 162 13.16 -18.60 -101.19
N SER V 163 13.60 -19.86 -101.20
CA SER V 163 14.69 -20.22 -102.10
C SER V 163 14.23 -20.43 -103.53
N LYS V 164 12.92 -20.37 -103.80
CA LYS V 164 12.48 -20.38 -105.18
C LYS V 164 12.74 -19.04 -105.86
N THR V 165 12.32 -17.96 -105.23
CA THR V 165 12.57 -16.61 -105.73
C THR V 165 14.05 -16.26 -105.66
N LYS V 166 14.81 -16.88 -104.76
CA LYS V 166 16.25 -16.65 -104.72
C LYS V 166 16.92 -17.27 -105.94
N GLU V 167 16.62 -18.52 -106.23
CA GLU V 167 17.23 -19.18 -107.39
C GLU V 167 16.61 -18.74 -108.71
N ALA V 168 15.34 -18.29 -108.71
CA ALA V 168 14.80 -17.66 -109.91
C ALA V 168 15.45 -16.32 -110.19
N ARG V 169 16.08 -15.70 -109.19
CA ARG V 169 16.83 -14.48 -109.35
C ARG V 169 18.23 -14.73 -109.90
N LYS V 170 18.91 -15.75 -109.38
CA LYS V 170 20.30 -16.00 -109.78
C LYS V 170 20.38 -16.40 -111.25
N ARG V 171 19.33 -17.01 -111.79
CA ARG V 171 19.27 -17.24 -113.22
C ARG V 171 19.20 -15.92 -113.98
N ARG V 172 18.43 -14.97 -113.46
CA ARG V 172 18.15 -13.76 -114.21
C ARG V 172 19.21 -12.69 -114.03
N GLU V 173 19.87 -12.63 -112.86
CA GLU V 173 20.86 -11.59 -112.67
C GLU V 173 22.10 -11.80 -113.52
N GLU V 174 22.35 -13.04 -113.94
CA GLU V 174 23.43 -13.34 -114.87
C GLU V 174 23.01 -13.17 -116.32
N ARG V 175 21.73 -12.93 -116.60
CA ARG V 175 21.27 -12.71 -117.97
C ARG V 175 21.80 -11.41 -118.55
N LEU V 176 22.11 -10.42 -117.71
CA LEU V 176 22.48 -9.10 -118.19
C LEU V 176 23.98 -8.99 -118.46
N GLN V 177 24.80 -9.46 -117.52
CA GLN V 177 26.25 -9.37 -117.70
C GLN V 177 26.76 -10.26 -118.82
N ALA V 178 26.01 -11.31 -119.17
CA ALA V 178 26.33 -12.12 -120.32
C ALA V 178 25.90 -11.48 -121.63
N LYS V 179 25.01 -10.49 -121.59
CA LYS V 179 24.63 -9.74 -122.77
C LYS V 179 25.13 -8.31 -122.75
N LYS V 180 25.84 -7.91 -121.70
CA LYS V 180 26.44 -6.57 -121.62
C LYS V 180 27.79 -6.64 -120.93
N MET W 1 -28.47 -19.46 80.27
CA MET W 1 -29.87 -19.73 80.53
C MET W 1 -30.42 -20.73 79.54
N LYS W 2 -30.49 -21.98 79.97
CA LYS W 2 -31.13 -23.05 79.22
C LYS W 2 -32.36 -23.44 80.02
N ALA W 3 -33.55 -23.16 79.49
CA ALA W 3 -34.77 -23.34 80.25
C ALA W 3 -35.10 -24.81 80.44
N SER W 4 -34.28 -25.52 81.21
CA SER W 4 -34.36 -26.97 81.33
C SER W 4 -35.15 -27.35 82.57
N GLY W 5 -35.98 -28.37 82.45
CA GLY W 5 -36.81 -28.79 83.53
C GLY W 5 -37.86 -27.74 83.86
N THR W 6 -38.55 -27.98 84.97
CA THR W 6 -39.50 -27.00 85.48
C THR W 6 -38.71 -25.92 86.22
N LEU W 7 -38.95 -24.67 85.86
CA LEU W 7 -38.21 -23.58 86.45
C LEU W 7 -38.64 -23.41 87.91
N ARG W 8 -37.83 -22.66 88.65
CA ARG W 8 -38.14 -22.30 90.02
C ARG W 8 -38.03 -20.79 90.14
N GLU W 9 -38.38 -20.26 91.30
CA GLU W 9 -38.28 -18.84 91.54
C GLU W 9 -37.38 -18.59 92.74
N TYR W 10 -36.51 -17.60 92.63
CA TYR W 10 -35.53 -17.32 93.66
C TYR W 10 -35.55 -15.84 94.02
N LYS W 11 -35.52 -15.54 95.31
CA LYS W 11 -35.36 -14.18 95.80
C LYS W 11 -33.90 -14.02 96.18
N VAL W 12 -33.12 -13.40 95.32
CA VAL W 12 -31.70 -13.21 95.58
C VAL W 12 -31.46 -11.71 95.76
N VAL W 13 -30.80 -11.36 96.86
CA VAL W 13 -30.48 -9.98 97.17
C VAL W 13 -28.97 -9.83 97.19
N GLY W 14 -28.50 -8.64 96.80
CA GLY W 14 -27.08 -8.37 96.76
C GLY W 14 -26.79 -6.93 97.09
N ARG W 15 -25.52 -6.55 97.05
CA ARG W 15 -25.10 -5.19 97.35
C ARG W 15 -23.67 -5.03 96.87
N CYS W 16 -23.21 -3.79 96.81
CA CYS W 16 -21.83 -3.50 96.47
C CYS W 16 -20.93 -3.87 97.64
N LEU W 17 -19.64 -3.88 97.40
CA LEU W 17 -18.71 -4.12 98.49
C LEU W 17 -18.67 -2.90 99.41
N PRO W 18 -18.56 -3.10 100.71
CA PRO W 18 -18.43 -1.95 101.62
C PRO W 18 -17.10 -1.25 101.38
N THR W 19 -17.15 0.07 101.30
CA THR W 19 -15.99 0.89 101.03
C THR W 19 -15.91 2.02 102.05
N PRO W 20 -14.71 2.54 102.29
CA PRO W 20 -14.61 3.76 103.10
C PRO W 20 -15.31 4.96 102.48
N LYS W 21 -15.51 4.97 101.16
CA LYS W 21 -16.23 6.10 100.55
C LYS W 21 -17.72 6.02 100.87
N CYS W 22 -18.31 4.82 100.82
CA CYS W 22 -19.73 4.61 101.11
C CYS W 22 -19.82 3.48 102.11
N ARG W 23 -20.29 3.80 103.32
CA ARG W 23 -20.26 2.88 104.45
C ARG W 23 -20.94 1.54 104.17
N THR W 24 -22.22 1.57 103.84
CA THR W 24 -22.96 0.35 103.54
C THR W 24 -23.82 0.59 102.31
N PRO W 25 -23.61 -0.16 101.25
CA PRO W 25 -24.39 0.02 100.02
C PRO W 25 -25.83 -0.40 100.24
N PRO W 26 -26.75 0.05 99.40
CA PRO W 26 -28.14 -0.38 99.54
C PRO W 26 -28.31 -1.79 99.02
N LEU W 27 -29.39 -2.42 99.43
CA LEU W 27 -29.66 -3.81 99.07
C LEU W 27 -30.60 -3.85 97.88
N TYR W 28 -30.36 -4.81 96.99
CA TYR W 28 -31.10 -4.93 95.75
C TYR W 28 -31.73 -6.31 95.67
N ARG W 29 -33.06 -6.35 95.69
CA ARG W 29 -33.82 -7.59 95.62
C ARG W 29 -34.30 -7.81 94.20
N MET W 30 -34.30 -9.06 93.75
CA MET W 30 -34.81 -9.41 92.44
C MET W 30 -35.70 -10.64 92.56
N ARG W 31 -36.27 -11.05 91.43
CA ARG W 31 -37.09 -12.25 91.32
C ARG W 31 -36.61 -12.99 90.07
N ILE W 32 -35.76 -13.96 90.26
CA ILE W 32 -35.12 -14.66 89.15
C ILE W 32 -35.81 -16.00 88.96
N PHE W 33 -35.90 -16.43 87.71
CA PHE W 33 -36.48 -17.72 87.35
C PHE W 33 -35.42 -18.54 86.65
N ALA W 34 -34.97 -19.60 87.28
CA ALA W 34 -33.83 -20.36 86.81
C ALA W 34 -34.00 -21.81 87.20
N PRO W 35 -33.36 -22.74 86.49
CA PRO W 35 -33.49 -24.15 86.89
C PRO W 35 -32.90 -24.46 88.24
N ASN W 36 -31.66 -24.03 88.48
CA ASN W 36 -31.01 -24.23 89.75
C ASN W 36 -30.54 -22.89 90.28
N HIS W 37 -30.26 -22.84 91.58
CA HIS W 37 -29.90 -21.57 92.20
C HIS W 37 -28.55 -21.06 91.71
N VAL W 38 -27.72 -21.95 91.16
CA VAL W 38 -26.41 -21.53 90.69
C VAL W 38 -26.54 -20.62 89.48
N VAL W 39 -27.40 -20.99 88.53
CA VAL W 39 -27.58 -20.17 87.34
C VAL W 39 -28.57 -19.06 87.66
N ALA W 40 -29.14 -19.09 88.85
CA ALA W 40 -29.94 -17.96 89.31
C ALA W 40 -29.03 -16.80 89.71
N LYS W 41 -28.02 -17.10 90.54
CA LYS W 41 -27.09 -16.07 90.96
C LYS W 41 -26.27 -15.51 89.80
N SER W 42 -26.13 -16.27 88.72
CA SER W 42 -25.47 -15.72 87.55
C SER W 42 -26.41 -14.82 86.76
N ARG W 43 -27.66 -15.25 86.59
CA ARG W 43 -28.65 -14.44 85.92
C ARG W 43 -28.98 -13.18 86.71
N PHE W 44 -28.76 -13.22 88.03
CA PHE W 44 -28.96 -12.03 88.85
C PHE W 44 -28.01 -10.91 88.43
N TRP W 45 -26.73 -11.23 88.27
CA TRP W 45 -25.76 -10.21 87.91
C TRP W 45 -26.04 -9.64 86.54
N TYR W 46 -26.65 -10.43 85.66
CA TYR W 46 -26.94 -9.98 84.31
C TYR W 46 -27.93 -8.82 84.32
N PHE W 47 -28.93 -8.88 85.19
CA PHE W 47 -29.89 -7.78 85.23
C PHE W 47 -29.36 -6.58 86.00
N VAL W 48 -28.70 -6.82 87.13
CA VAL W 48 -28.31 -5.72 87.98
C VAL W 48 -27.18 -4.91 87.34
N SER W 49 -26.39 -5.55 86.47
CA SER W 49 -25.35 -4.84 85.76
C SER W 49 -25.90 -3.94 84.66
N GLN W 50 -27.19 -4.02 84.34
CA GLN W 50 -27.78 -3.13 83.36
C GLN W 50 -28.82 -2.20 83.96
N LEU W 51 -29.18 -2.40 85.21
CA LEU W 51 -29.96 -1.43 85.94
C LEU W 51 -29.11 -0.63 86.91
N LYS W 52 -27.90 -1.10 87.18
CA LYS W 52 -26.94 -0.40 88.01
C LYS W 52 -25.58 -0.53 87.33
N LYS W 53 -24.58 0.11 87.92
CA LYS W 53 -23.21 -0.03 87.42
C LYS W 53 -22.44 -1.09 88.18
N MET W 54 -23.11 -2.11 88.68
CA MET W 54 -22.48 -3.09 89.55
C MET W 54 -22.13 -4.36 88.78
N LYS W 55 -21.01 -4.95 89.12
CA LYS W 55 -20.59 -6.22 88.55
C LYS W 55 -20.25 -7.17 89.68
N LYS W 56 -20.09 -8.44 89.34
CA LYS W 56 -19.83 -9.46 90.35
C LYS W 56 -18.52 -9.22 91.09
N SER W 57 -17.53 -8.66 90.41
CA SER W 57 -16.26 -8.38 91.05
C SER W 57 -16.36 -7.26 92.08
N SER W 58 -17.38 -6.40 91.97
CA SER W 58 -17.63 -5.36 92.94
C SER W 58 -19.01 -5.50 93.58
N GLY W 59 -19.48 -6.73 93.78
CA GLY W 59 -20.70 -6.97 94.52
C GLY W 59 -20.57 -8.23 95.35
N GLU W 60 -21.59 -8.49 96.14
CA GLU W 60 -21.64 -9.74 96.89
C GLU W 60 -23.09 -10.17 97.04
N ILE W 61 -23.34 -11.45 96.78
CA ILE W 61 -24.66 -11.99 97.04
C ILE W 61 -24.87 -12.10 98.54
N VAL W 62 -26.06 -11.73 98.98
CA VAL W 62 -26.31 -11.64 100.40
C VAL W 62 -27.23 -12.78 100.82
N TYR W 63 -28.08 -13.22 99.90
CA TYR W 63 -29.05 -14.26 100.23
C TYR W 63 -29.57 -14.94 98.97
N CYS W 64 -29.26 -16.22 98.80
CA CYS W 64 -29.69 -17.00 97.64
C CYS W 64 -30.68 -18.04 98.14
N GLY W 65 -31.95 -17.66 98.17
CA GLY W 65 -33.01 -18.52 98.65
C GLY W 65 -34.01 -18.82 97.56
N GLN W 66 -34.75 -19.91 97.75
CA GLN W 66 -35.82 -20.27 96.84
C GLN W 66 -37.15 -19.91 97.49
N VAL W 67 -38.03 -19.31 96.71
CA VAL W 67 -39.36 -18.97 97.20
C VAL W 67 -40.36 -19.97 96.65
N PHE W 68 -41.21 -20.50 97.52
CA PHE W 68 -42.21 -21.47 97.14
C PHE W 68 -43.53 -20.79 96.83
N GLU W 69 -44.47 -21.56 96.31
CA GLU W 69 -45.78 -21.02 95.96
C GLU W 69 -46.64 -20.89 97.21
N LYS W 70 -47.36 -19.76 97.29
CA LYS W 70 -48.24 -19.51 98.43
C LYS W 70 -49.44 -20.42 98.44
N SER W 71 -49.97 -20.78 97.27
CA SER W 71 -51.14 -21.66 97.18
C SER W 71 -50.97 -22.54 95.96
N PRO W 72 -50.20 -23.62 96.08
CA PRO W 72 -49.98 -24.51 94.94
C PRO W 72 -51.17 -25.37 94.57
N LEU W 73 -52.24 -25.35 95.36
CA LEU W 73 -53.43 -26.11 95.05
C LEU W 73 -54.55 -25.25 94.50
N ARG W 74 -54.31 -23.98 94.24
CA ARG W 74 -55.28 -23.10 93.64
C ARG W 74 -54.92 -22.82 92.20
N VAL W 75 -55.92 -22.83 91.33
CA VAL W 75 -55.73 -22.46 89.93
C VAL W 75 -55.75 -20.95 89.83
N LYS W 76 -54.79 -20.40 89.08
CA LYS W 76 -54.59 -18.96 89.05
C LYS W 76 -54.31 -18.51 87.62
N ASN W 77 -54.65 -17.26 87.35
CA ASN W 77 -54.42 -16.65 86.04
C ASN W 77 -53.24 -15.70 86.17
N PHE W 78 -52.11 -16.06 85.57
CA PHE W 78 -50.88 -15.31 85.71
C PHE W 78 -50.68 -14.39 84.52
N GLY W 79 -50.12 -13.22 84.80
CA GLY W 79 -49.84 -12.24 83.77
C GLY W 79 -48.35 -11.99 83.67
N ILE W 80 -47.80 -12.23 82.50
CA ILE W 80 -46.36 -12.19 82.27
C ILE W 80 -46.04 -11.08 81.30
N TRP W 81 -44.98 -10.34 81.59
CA TRP W 81 -44.53 -9.24 80.74
C TRP W 81 -43.13 -9.59 80.24
N LEU W 82 -42.96 -9.64 78.93
CA LEU W 82 -41.75 -10.21 78.34
C LEU W 82 -40.87 -9.13 77.72
N ARG W 83 -39.69 -9.51 77.25
CA ARG W 83 -38.84 -8.58 76.52
C ARG W 83 -38.06 -9.27 75.40
N TYR W 84 -38.64 -10.29 74.77
CA TYR W 84 -37.86 -11.19 73.94
C TYR W 84 -37.33 -10.49 72.68
N ASP W 85 -36.36 -11.13 72.03
CA ASP W 85 -35.79 -10.65 70.79
C ASP W 85 -36.13 -11.59 69.65
N SER W 86 -36.52 -11.03 68.51
CA SER W 86 -36.68 -11.80 67.30
C SER W 86 -35.40 -11.72 66.50
N ARG W 87 -35.45 -12.18 65.25
CA ARG W 87 -34.36 -11.97 64.32
C ARG W 87 -34.18 -10.51 63.94
N SER W 88 -35.17 -9.66 64.21
CA SER W 88 -35.11 -8.26 63.78
C SER W 88 -35.79 -7.42 64.86
N GLY W 89 -34.98 -6.86 65.74
CA GLY W 89 -35.48 -5.96 66.75
C GLY W 89 -36.13 -6.70 67.92
N THR W 90 -36.19 -6.00 69.05
CA THR W 90 -36.73 -6.56 70.27
C THR W 90 -38.12 -5.98 70.51
N HIS W 91 -38.93 -6.70 71.27
CA HIS W 91 -40.31 -6.32 71.48
C HIS W 91 -40.73 -6.56 72.92
N ASN W 92 -41.67 -5.76 73.38
CA ASN W 92 -42.34 -6.02 74.65
C ASN W 92 -43.57 -6.86 74.38
N MET W 93 -43.85 -7.77 75.31
CA MET W 93 -45.03 -8.60 75.18
C MET W 93 -45.76 -8.65 76.51
N TYR W 94 -47.04 -8.99 76.44
CA TYR W 94 -47.82 -9.32 77.63
C TYR W 94 -48.54 -10.61 77.33
N ARG W 95 -48.03 -11.71 77.86
CA ARG W 95 -48.60 -13.03 77.65
C ARG W 95 -49.32 -13.46 78.91
N GLU W 96 -50.46 -14.10 78.76
CA GLU W 96 -51.27 -14.54 79.88
C GLU W 96 -51.36 -16.06 79.91
N TYR W 97 -51.32 -16.62 81.11
CA TYR W 97 -51.41 -18.06 81.28
C TYR W 97 -52.31 -18.41 82.45
N ARG W 98 -52.42 -19.70 82.69
CA ARG W 98 -53.30 -20.23 83.71
C ARG W 98 -52.62 -21.49 84.26
N ASP W 99 -52.14 -21.41 85.50
CA ASP W 99 -51.40 -22.52 86.09
C ASP W 99 -51.48 -22.42 87.61
N LEU W 100 -50.74 -23.30 88.28
CA LEU W 100 -50.82 -23.42 89.73
C LEU W 100 -49.72 -22.66 90.45
N THR W 101 -48.53 -22.57 89.88
CA THR W 101 -47.43 -21.83 90.49
C THR W 101 -46.91 -20.83 89.48
N THR W 102 -46.30 -19.75 89.97
CA THR W 102 -45.73 -18.77 89.06
C THR W 102 -44.59 -19.39 88.26
N ALA W 103 -43.78 -20.22 88.92
CA ALA W 103 -42.73 -20.94 88.21
C ALA W 103 -43.32 -21.91 87.20
N GLY W 104 -44.48 -22.49 87.53
CA GLY W 104 -45.17 -23.31 86.55
C GLY W 104 -45.66 -22.50 85.37
N ALA W 105 -45.93 -21.22 85.57
CA ALA W 105 -46.36 -20.37 84.47
C ALA W 105 -45.17 -19.86 83.68
N VAL W 106 -44.08 -19.52 84.35
CA VAL W 106 -42.91 -18.99 83.67
C VAL W 106 -42.32 -20.05 82.76
N THR W 107 -42.23 -21.29 83.24
CA THR W 107 -41.80 -22.41 82.40
C THR W 107 -42.70 -22.53 81.19
N GLN W 108 -44.01 -22.47 81.42
CA GLN W 108 -44.98 -22.54 80.34
C GLN W 108 -44.79 -21.40 79.35
N CYS W 109 -44.41 -20.22 79.84
CA CYS W 109 -44.14 -19.10 78.96
C CYS W 109 -42.87 -19.33 78.15
N TYR W 110 -41.88 -19.99 78.72
CA TYR W 110 -40.65 -20.23 78.01
C TYR W 110 -40.83 -21.26 76.91
N ARG W 111 -41.62 -22.30 77.18
CA ARG W 111 -41.92 -23.26 76.13
C ARG W 111 -42.78 -22.66 75.04
N ASP W 112 -43.63 -21.71 75.41
CA ASP W 112 -44.55 -21.15 74.44
C ASP W 112 -43.84 -20.18 73.51
N MET W 113 -42.96 -19.34 74.04
CA MET W 113 -42.23 -18.40 73.20
C MET W 113 -41.32 -19.15 72.25
N GLY W 114 -40.67 -20.21 72.74
CA GLY W 114 -39.94 -21.08 71.85
C GLY W 114 -40.81 -21.77 70.81
N ALA W 115 -42.06 -22.04 71.16
CA ALA W 115 -42.96 -22.70 70.23
C ALA W 115 -43.62 -21.74 69.26
N ARG W 116 -44.06 -20.58 69.74
CA ARG W 116 -44.82 -19.66 68.92
C ARG W 116 -43.97 -18.65 68.19
N HIS W 117 -42.74 -18.43 68.62
CA HIS W 117 -41.90 -17.42 67.99
C HIS W 117 -40.46 -17.86 67.77
N ARG W 118 -40.14 -19.13 68.04
CA ARG W 118 -38.83 -19.71 67.76
C ARG W 118 -37.72 -18.94 68.47
N ALA W 119 -38.04 -18.38 69.63
CA ALA W 119 -37.07 -17.62 70.39
C ALA W 119 -36.45 -18.51 71.45
N ARG W 120 -35.12 -18.54 71.51
CA ARG W 120 -34.47 -19.36 72.49
C ARG W 120 -34.44 -18.65 73.84
N ALA W 121 -34.04 -19.40 74.87
CA ALA W 121 -34.17 -18.91 76.23
C ALA W 121 -33.25 -17.73 76.52
N HIS W 122 -32.12 -17.64 75.84
CA HIS W 122 -31.21 -16.54 76.11
C HIS W 122 -31.68 -15.22 75.54
N SER W 123 -32.79 -15.19 74.83
CA SER W 123 -33.29 -13.96 74.22
C SER W 123 -34.39 -13.30 75.02
N ILE W 124 -34.98 -13.99 75.99
CA ILE W 124 -36.17 -13.52 76.68
C ILE W 124 -35.77 -12.94 78.02
N GLN W 125 -36.45 -11.86 78.41
CA GLN W 125 -36.24 -11.23 79.72
C GLN W 125 -37.62 -11.02 80.35
N ILE W 126 -38.03 -12.00 81.15
CA ILE W 126 -39.20 -11.83 82.00
C ILE W 126 -38.97 -10.67 82.94
N MET W 127 -39.93 -9.76 82.99
CA MET W 127 -39.80 -8.58 83.82
C MET W 127 -40.88 -8.45 84.88
N LYS W 128 -42.01 -9.15 84.73
CA LYS W 128 -43.07 -9.02 85.71
C LYS W 128 -44.05 -10.18 85.64
N VAL W 129 -44.30 -10.84 86.76
CA VAL W 129 -45.28 -11.91 86.85
C VAL W 129 -46.29 -11.47 87.90
N GLU W 130 -47.50 -11.14 87.47
CA GLU W 130 -48.52 -10.63 88.37
C GLU W 130 -49.74 -11.53 88.35
N GLU W 131 -50.24 -11.83 89.55
CA GLU W 131 -51.46 -12.61 89.73
C GLU W 131 -52.66 -11.68 89.53
N ILE W 132 -53.45 -11.93 88.50
CA ILE W 132 -54.60 -11.08 88.23
C ILE W 132 -55.87 -11.91 88.32
N ALA W 133 -56.98 -11.22 88.52
CA ALA W 133 -58.29 -11.83 88.67
C ALA W 133 -58.86 -12.20 87.30
N ALA W 134 -59.99 -12.91 87.33
CA ALA W 134 -60.61 -13.38 86.10
C ALA W 134 -61.24 -12.26 85.29
N SER W 135 -61.42 -11.08 85.86
CA SER W 135 -62.00 -9.97 85.12
C SER W 135 -60.97 -9.11 84.42
N LYS W 136 -59.73 -9.12 84.89
CA LYS W 136 -58.66 -8.34 84.29
C LYS W 136 -57.94 -9.10 83.19
N CYS W 137 -58.45 -10.26 82.80
CA CYS W 137 -57.83 -11.05 81.75
C CYS W 137 -58.09 -10.41 80.39
N ARG W 138 -57.17 -10.65 79.48
CA ARG W 138 -57.32 -10.08 78.15
C ARG W 138 -57.20 -11.09 77.04
N ARG W 139 -56.34 -12.09 77.18
CA ARG W 139 -56.20 -13.08 76.14
C ARG W 139 -57.41 -14.01 76.15
N PRO W 140 -58.02 -14.29 74.99
CA PRO W 140 -59.24 -15.09 75.00
C PRO W 140 -59.00 -16.56 75.27
N ALA W 141 -57.79 -17.06 75.04
CA ALA W 141 -57.51 -18.47 75.23
C ALA W 141 -57.57 -18.91 76.68
N VAL W 142 -57.64 -17.99 77.64
CA VAL W 142 -57.75 -18.32 79.05
C VAL W 142 -59.09 -17.90 79.62
N LYS W 143 -59.76 -16.92 79.00
CA LYS W 143 -61.05 -16.49 79.50
C LYS W 143 -62.10 -17.58 79.34
N GLN W 144 -61.90 -18.50 78.38
CA GLN W 144 -62.90 -19.52 78.12
C GLN W 144 -62.99 -20.54 79.23
N PHE W 145 -62.04 -20.55 80.16
CA PHE W 145 -62.13 -21.44 81.30
C PHE W 145 -62.82 -20.81 82.50
N HIS W 146 -63.39 -19.61 82.33
CA HIS W 146 -64.07 -18.92 83.42
C HIS W 146 -65.55 -19.28 83.37
N ASP W 147 -65.88 -20.43 83.95
CA ASP W 147 -67.25 -20.91 84.00
C ASP W 147 -67.39 -21.79 85.22
N SER W 148 -68.34 -21.45 86.10
CA SER W 148 -68.62 -22.30 87.24
C SER W 148 -69.23 -23.61 86.80
N LYS W 149 -69.88 -23.62 85.65
CA LYS W 149 -70.50 -24.81 85.10
C LYS W 149 -69.83 -25.22 83.78
N ILE W 150 -68.50 -25.21 83.75
CA ILE W 150 -67.81 -25.71 82.58
C ILE W 150 -68.12 -27.19 82.40
N LYS W 151 -68.24 -27.61 81.15
CA LYS W 151 -68.63 -28.96 80.81
C LYS W 151 -68.16 -29.24 79.41
N PHE W 152 -67.37 -30.29 79.24
CA PHE W 152 -66.88 -30.64 77.92
C PHE W 152 -66.42 -32.09 77.89
N PRO W 153 -66.69 -32.81 76.83
CA PRO W 153 -66.27 -34.21 76.77
C PRO W 153 -64.81 -34.32 76.40
N LEU W 154 -64.34 -35.56 76.27
CA LEU W 154 -63.05 -35.82 75.69
C LEU W 154 -63.27 -36.31 74.27
N PRO W 155 -62.78 -35.62 73.26
CA PRO W 155 -63.01 -36.03 71.88
C PRO W 155 -62.21 -37.26 71.51
N HIS W 156 -62.18 -37.57 70.21
CA HIS W 156 -61.46 -38.71 69.65
C HIS W 156 -60.09 -38.91 70.30
N ARG W 157 -59.91 -40.07 70.95
CA ARG W 157 -58.85 -40.29 71.92
C ARG W 157 -57.65 -40.95 71.24
N VAL W 158 -56.50 -40.29 71.32
CA VAL W 158 -55.26 -40.85 70.80
C VAL W 158 -54.82 -42.01 71.69
N LEU W 159 -55.01 -43.22 71.18
CA LEU W 159 -54.76 -44.41 71.98
C LEU W 159 -53.29 -44.57 72.31
N ARG W 160 -52.99 -44.60 73.60
CA ARG W 160 -51.67 -44.91 74.10
C ARG W 160 -51.54 -46.41 74.25
N ARG W 161 -50.39 -46.85 74.77
CA ARG W 161 -49.99 -48.26 74.87
C ARG W 161 -50.21 -49.01 73.55
N GLN W 162 -50.04 -48.30 72.44
CA GLN W 162 -50.29 -48.88 71.12
C GLN W 162 -49.19 -49.86 70.71
N HIS W 163 -48.17 -50.01 71.54
CA HIS W 163 -47.11 -50.94 71.26
C HIS W 163 -47.05 -52.10 72.24
N LYS W 164 -47.84 -52.08 73.31
CA LYS W 164 -47.71 -53.17 74.28
C LYS W 164 -48.35 -54.45 73.75
N PRO W 165 -49.61 -54.45 73.24
CA PRO W 165 -50.06 -55.57 72.41
C PRO W 165 -49.89 -55.27 70.93
N ARG W 166 -48.63 -55.20 70.48
CA ARG W 166 -48.22 -54.72 69.17
C ARG W 166 -48.99 -55.34 68.02
N PHE W 167 -49.29 -56.63 68.10
CA PHE W 167 -50.04 -57.34 67.07
C PHE W 167 -51.37 -57.78 67.68
N THR W 168 -52.37 -56.92 67.61
CA THR W 168 -53.68 -57.27 68.11
C THR W 168 -54.49 -57.97 67.04
N THR W 169 -55.72 -58.33 67.39
CA THR W 169 -56.68 -58.82 66.43
C THR W 169 -57.85 -57.88 66.25
N LYS W 170 -58.21 -57.12 67.28
CA LYS W 170 -59.38 -56.26 67.20
C LYS W 170 -58.98 -54.85 66.80
N ARG W 171 -59.89 -54.18 66.13
CA ARG W 171 -59.69 -52.78 65.82
C ARG W 171 -59.84 -51.96 67.09
N PRO W 172 -58.85 -51.14 67.44
CA PRO W 172 -58.91 -50.40 68.71
C PRO W 172 -59.97 -49.33 68.69
N ASN W 173 -60.87 -49.40 69.66
CA ASN W 173 -61.91 -48.39 69.82
C ASN W 173 -61.28 -47.08 70.25
N THR W 174 -61.81 -45.97 69.71
CA THR W 174 -61.37 -44.63 70.08
C THR W 174 -62.48 -43.80 70.70
N PHE W 175 -63.60 -44.40 71.05
CA PHE W 175 -64.74 -43.68 71.60
C PHE W 175 -64.96 -44.15 73.02
N PHE W 176 -64.47 -43.38 73.98
CA PHE W 176 -64.69 -43.68 75.38
C PHE W 176 -65.52 -42.57 76.01
N THR X 1 8.94 -4.53 50.60
CA THR X 1 8.56 -4.72 51.99
C THR X 1 8.82 -3.45 52.77
N ASN X 2 8.92 -3.58 54.09
CA ASN X 2 9.23 -2.43 54.92
C ASN X 2 10.69 -2.01 54.72
N THR X 3 11.01 -0.82 55.19
CA THR X 3 12.38 -0.34 55.17
C THR X 3 13.00 -0.55 56.54
N LYS X 4 14.32 -0.63 56.56
CA LYS X 4 15.08 -0.87 57.78
C LYS X 4 15.61 0.43 58.37
N GLY X 5 14.85 1.51 58.22
CA GLY X 5 15.26 2.77 58.80
C GLY X 5 15.25 2.69 60.31
N LYS X 6 16.08 3.53 60.94
CA LYS X 6 16.20 3.49 62.39
C LYS X 6 14.92 3.94 63.07
N ARG X 7 14.21 4.89 62.47
CA ARG X 7 13.05 5.48 63.11
C ARG X 7 11.79 5.18 62.32
N ARG X 8 11.74 4.03 61.67
CA ARG X 8 10.59 3.67 60.85
C ARG X 8 9.42 3.30 61.76
N GLY X 9 8.35 4.08 61.70
CA GLY X 9 7.18 3.81 62.51
C GLY X 9 7.20 4.45 63.87
N THR X 10 7.91 5.55 64.04
CA THR X 10 7.97 6.22 65.33
C THR X 10 7.31 7.59 65.24
N ARG X 11 6.17 7.64 64.58
CA ARG X 11 5.42 8.88 64.47
C ARG X 11 4.84 9.30 65.82
N TYR X 12 4.44 8.34 66.64
CA TYR X 12 3.89 8.66 67.94
C TYR X 12 4.78 8.19 69.09
N MET X 13 5.81 7.41 68.81
CA MET X 13 6.65 6.90 69.90
C MET X 13 7.59 7.96 70.41
N PHE X 14 8.15 8.77 69.52
CA PHE X 14 9.08 9.81 69.94
C PHE X 14 8.46 11.21 69.91
N SER X 15 7.21 11.34 69.51
CA SER X 15 6.56 12.64 69.51
C SER X 15 6.30 13.08 70.93
N ARG X 16 6.50 14.37 71.20
CA ARG X 16 6.21 14.90 72.52
C ARG X 16 4.70 14.86 72.76
N PRO X 17 4.27 14.74 74.01
CA PRO X 17 2.84 14.73 74.29
C PRO X 17 2.19 16.06 74.00
N PHE X 18 0.87 16.11 74.11
CA PHE X 18 0.15 17.34 73.85
C PHE X 18 0.44 18.38 74.93
N ARG X 19 0.63 19.61 74.50
CA ARG X 19 0.91 20.75 75.36
C ARG X 19 2.10 20.51 76.28
N LYS X 20 3.08 19.79 75.75
CA LYS X 20 4.29 19.55 76.52
C LYS X 20 5.53 19.68 75.65
N HIS X 21 5.42 20.28 74.47
CA HIS X 21 6.59 20.49 73.63
C HIS X 21 7.49 21.53 74.26
N GLY X 22 8.68 21.64 73.71
CA GLY X 22 9.58 22.71 74.11
C GLY X 22 10.70 22.23 74.99
N VAL X 23 11.23 23.19 75.76
CA VAL X 23 12.37 22.93 76.62
C VAL X 23 11.98 21.94 77.72
N VAL X 24 12.92 21.06 78.06
CA VAL X 24 12.66 19.99 79.01
C VAL X 24 12.97 20.47 80.42
N PRO X 25 12.21 20.02 81.42
CA PRO X 25 12.48 20.43 82.79
C PRO X 25 13.85 19.97 83.25
N LEU X 26 14.49 20.77 84.10
CA LEU X 26 15.88 20.52 84.42
C LEU X 26 16.06 19.44 85.46
N ALA X 27 15.00 19.01 86.14
CA ALA X 27 15.17 17.92 87.09
C ALA X 27 15.35 16.58 86.39
N THR X 28 15.05 16.51 85.10
CA THR X 28 15.39 15.35 84.30
C THR X 28 16.90 15.20 84.12
N TYR X 29 17.66 16.27 84.34
CA TYR X 29 19.12 16.21 84.24
C TYR X 29 19.78 16.08 85.59
N MET X 30 19.30 16.77 86.61
CA MET X 30 20.00 16.79 87.88
C MET X 30 19.58 15.61 88.76
N ARG X 31 19.01 14.58 88.13
CA ARG X 31 18.66 13.34 88.81
C ARG X 31 19.83 12.38 88.63
N ILE X 32 20.29 11.79 89.73
CA ILE X 32 21.52 11.01 89.67
C ILE X 32 21.21 9.53 89.42
N TYR X 33 22.21 8.81 88.95
CA TYR X 33 22.09 7.37 88.67
C TYR X 33 23.41 6.71 89.03
N LYS X 34 23.40 5.85 90.04
CA LYS X 34 24.58 5.09 90.40
C LYS X 34 24.69 3.87 89.51
N LYS X 35 25.55 2.93 89.86
CA LYS X 35 25.60 1.66 89.15
C LYS X 35 24.53 0.73 89.70
N GLY X 36 23.95 -0.06 88.81
CA GLY X 36 22.97 -1.05 89.21
C GLY X 36 21.65 -0.49 89.70
N ASP X 37 21.12 0.50 89.01
CA ASP X 37 19.79 1.01 89.31
C ASP X 37 18.80 0.48 88.29
N ILE X 38 17.64 0.07 88.77
CA ILE X 38 16.56 -0.35 87.90
C ILE X 38 16.07 0.86 87.13
N VAL X 39 16.34 0.90 85.83
CA VAL X 39 16.14 2.09 85.02
C VAL X 39 15.41 1.71 83.75
N ASP X 40 14.36 2.45 83.42
CA ASP X 40 13.55 2.19 82.24
C ASP X 40 13.78 3.27 81.18
N ILE X 41 13.38 2.94 79.95
CA ILE X 41 13.70 3.76 78.79
C ILE X 41 12.42 4.28 78.18
N LYS X 42 12.39 5.58 77.89
CA LYS X 42 11.28 6.25 77.25
C LYS X 42 11.87 7.37 76.40
N GLY X 43 12.06 7.07 75.11
CA GLY X 43 12.65 7.99 74.16
C GLY X 43 11.98 9.34 74.09
N MET X 44 12.79 10.40 74.05
CA MET X 44 12.29 11.77 74.02
C MET X 44 12.74 12.43 72.73
N GLY X 45 11.78 13.01 72.01
CA GLY X 45 12.09 13.49 70.67
C GLY X 45 12.91 14.75 70.64
N THR X 46 12.79 15.57 71.69
CA THR X 46 13.45 16.88 71.70
C THR X 46 14.96 16.77 71.68
N VAL X 47 15.51 15.70 72.20
CA VAL X 47 16.95 15.50 72.24
C VAL X 47 17.27 14.44 71.20
N GLN X 48 17.80 14.87 70.06
CA GLN X 48 18.05 13.92 68.98
C GLN X 48 19.25 13.04 69.28
N LYS X 49 20.28 13.60 69.88
CA LYS X 49 21.46 12.82 70.20
C LYS X 49 21.15 11.82 71.30
N GLY X 50 21.89 10.71 71.30
CA GLY X 50 21.80 9.74 72.37
C GLY X 50 20.50 8.97 72.45
N MET X 51 19.69 9.06 71.41
CA MET X 51 18.42 8.36 71.41
C MET X 51 18.64 6.85 71.34
N PRO X 52 17.85 6.09 72.07
CA PRO X 52 17.87 4.64 71.92
C PRO X 52 17.08 4.23 70.69
N HIS X 53 17.10 2.94 70.41
CA HIS X 53 16.32 2.44 69.30
C HIS X 53 14.86 2.31 69.73
N LYS X 54 13.98 2.02 68.78
CA LYS X 54 12.57 1.91 69.11
C LYS X 54 12.22 0.59 69.77
N CYS X 55 13.12 -0.38 69.75
CA CYS X 55 12.86 -1.65 70.41
C CYS X 55 13.09 -1.61 71.91
N TYR X 56 13.63 -0.51 72.43
CA TYR X 56 13.80 -0.38 73.87
C TYR X 56 12.86 0.62 74.50
N HIS X 57 11.99 1.25 73.72
CA HIS X 57 11.08 2.23 74.30
C HIS X 57 10.03 1.50 75.12
N GLY X 58 10.28 1.36 76.41
CA GLY X 58 9.38 0.63 77.28
C GLY X 58 10.15 -0.40 78.08
N LYS X 59 11.22 -0.92 77.49
CA LYS X 59 12.03 -1.93 78.15
C LYS X 59 12.78 -1.31 79.32
N THR X 60 13.00 -2.12 80.35
CA THR X 60 13.63 -1.70 81.59
C THR X 60 14.89 -2.50 81.81
N GLY X 61 15.95 -1.83 82.27
CA GLY X 61 17.21 -2.50 82.49
C GLY X 61 17.95 -1.94 83.68
N ARG X 62 19.23 -2.31 83.83
CA ARG X 62 20.04 -1.80 84.93
C ARG X 62 21.30 -1.16 84.38
N VAL X 63 21.79 -0.18 85.12
CA VAL X 63 22.93 0.61 84.68
C VAL X 63 24.22 -0.11 85.04
N TYR X 64 25.21 -0.02 84.16
CA TYR X 64 26.52 -0.59 84.43
C TYR X 64 27.67 0.34 84.11
N ASN X 65 27.43 1.55 83.62
CA ASN X 65 28.49 2.46 83.22
C ASN X 65 27.91 3.85 83.09
N VAL X 66 28.55 4.82 83.72
CA VAL X 66 28.01 6.18 83.79
C VAL X 66 29.05 7.16 83.26
N THR X 67 28.70 7.88 82.21
CA THR X 67 29.53 8.91 81.59
C THR X 67 28.96 10.28 81.89
N GLN X 68 29.51 11.32 81.23
CA GLN X 68 29.05 12.68 81.44
C GLN X 68 27.56 12.87 81.21
N HIS X 69 27.08 12.64 79.99
CA HIS X 69 25.68 12.87 79.68
C HIS X 69 24.92 11.60 79.40
N ALA X 70 25.48 10.44 79.70
CA ALA X 70 24.87 9.20 79.29
C ALA X 70 25.13 8.11 80.33
N VAL X 71 24.38 7.02 80.19
CA VAL X 71 24.55 5.84 81.00
C VAL X 71 24.57 4.64 80.07
N GLY X 72 25.21 3.55 80.50
CA GLY X 72 25.12 2.30 79.80
C GLY X 72 24.14 1.38 80.52
N ILE X 73 23.25 0.76 79.76
CA ILE X 73 22.20 -0.07 80.34
C ILE X 73 22.37 -1.49 79.83
N VAL X 74 22.09 -2.45 80.71
CA VAL X 74 22.04 -3.85 80.30
C VAL X 74 20.58 -4.26 80.23
N VAL X 75 20.02 -4.26 79.02
CA VAL X 75 18.60 -4.51 78.84
C VAL X 75 18.45 -5.84 78.10
N ASN X 76 17.30 -6.49 78.24
CA ASN X 76 17.00 -7.73 77.55
C ASN X 76 16.26 -7.40 76.27
N LYS X 77 16.63 -8.06 75.18
CA LYS X 77 15.94 -7.93 73.91
C LYS X 77 15.66 -9.32 73.37
N GLN X 78 14.39 -9.65 73.18
CA GLN X 78 14.03 -10.94 72.62
C GLN X 78 14.23 -10.91 71.11
N VAL X 79 15.04 -11.82 70.59
CA VAL X 79 15.22 -11.89 69.16
C VAL X 79 15.01 -13.33 68.68
N LYS X 80 13.79 -13.62 68.25
CA LYS X 80 13.42 -14.87 67.58
C LYS X 80 13.75 -16.09 68.45
N GLY X 81 13.12 -16.13 69.61
CA GLY X 81 13.25 -17.31 70.44
C GLY X 81 14.47 -17.36 71.31
N LYS X 82 15.14 -16.25 71.53
CA LYS X 82 16.21 -16.18 72.52
C LYS X 82 16.30 -14.76 73.02
N ILE X 83 16.75 -14.60 74.25
CA ILE X 83 16.90 -13.31 74.90
C ILE X 83 18.37 -12.93 74.91
N LEU X 84 18.65 -11.67 74.63
CA LEU X 84 20.02 -11.17 74.59
C LEU X 84 20.14 -10.03 75.59
N ALA X 85 21.14 -10.11 76.46
CA ALA X 85 21.43 -9.06 77.42
C ALA X 85 22.44 -8.12 76.78
N LYS X 86 21.93 -7.15 76.05
CA LYS X 86 22.78 -6.28 75.24
C LYS X 86 22.92 -4.90 75.86
N ARG X 87 24.10 -4.33 75.70
CA ARG X 87 24.45 -3.06 76.32
C ARG X 87 24.22 -1.93 75.35
N ILE X 88 23.48 -0.91 75.79
CA ILE X 88 23.18 0.26 74.98
C ILE X 88 23.59 1.50 75.74
N ASN X 89 23.99 2.53 75.02
CA ASN X 89 24.36 3.80 75.62
C ASN X 89 23.28 4.84 75.33
N VAL X 90 22.65 5.35 76.38
CA VAL X 90 21.53 6.26 76.25
C VAL X 90 21.83 7.51 77.06
N ARG X 91 21.44 8.66 76.52
CA ARG X 91 21.55 9.90 77.28
C ARG X 91 20.51 9.94 78.39
N ILE X 92 20.73 10.84 79.34
CA ILE X 92 19.90 10.93 80.54
C ILE X 92 18.47 11.32 80.20
N GLU X 93 18.28 12.03 79.10
CA GLU X 93 16.98 12.58 78.74
C GLU X 93 15.97 11.48 78.45
N HIS X 94 16.44 10.31 78.02
CA HIS X 94 15.54 9.21 77.71
C HIS X 94 15.49 8.19 78.86
N ILE X 95 15.59 8.67 80.10
CA ILE X 95 15.85 7.79 81.22
C ILE X 95 15.02 8.25 82.42
N LYS X 96 14.43 7.28 83.12
CA LYS X 96 13.76 7.56 84.39
C LYS X 96 14.20 6.53 85.41
N HIS X 97 14.22 6.93 86.68
CA HIS X 97 14.38 5.95 87.75
C HIS X 97 13.11 5.13 87.82
N SER X 98 13.22 3.84 87.51
CA SER X 98 12.05 2.98 87.56
C SER X 98 11.61 2.74 88.99
N LYS X 99 10.33 2.95 89.25
CA LYS X 99 9.76 2.69 90.57
C LYS X 99 9.22 1.28 90.70
N SER X 100 9.60 0.40 89.78
CA SER X 100 9.16 -0.99 89.83
C SER X 100 9.96 -1.81 90.83
N ARG X 101 10.77 -1.17 91.65
CA ARG X 101 11.68 -1.85 92.55
C ARG X 101 11.57 -1.35 93.98
N ASP X 102 11.31 -0.05 94.18
CA ASP X 102 11.43 0.56 95.49
C ASP X 102 10.31 0.10 96.44
N SER X 103 9.16 -0.24 95.87
CA SER X 103 8.09 -0.78 96.71
C SER X 103 8.46 -2.13 97.31
N PHE X 104 9.39 -2.83 96.68
CA PHE X 104 10.01 -3.98 97.33
C PHE X 104 11.09 -3.54 98.32
N LEU X 105 11.81 -2.47 97.99
CA LEU X 105 12.77 -1.91 98.95
C LEU X 105 12.06 -1.35 100.17
N LYS X 106 10.86 -0.83 99.99
CA LYS X 106 10.07 -0.42 101.14
C LYS X 106 9.65 -1.63 101.96
N ARG X 107 9.26 -2.71 101.28
CA ARG X 107 8.90 -3.95 101.97
C ARG X 107 10.07 -4.56 102.71
N VAL X 108 11.30 -4.33 102.23
CA VAL X 108 12.46 -4.82 102.95
C VAL X 108 12.65 -4.07 104.26
N LYS X 109 12.29 -2.78 104.29
CA LYS X 109 12.45 -2.00 105.52
C LYS X 109 11.59 -2.56 106.65
N GLU X 110 10.29 -2.74 106.40
CA GLU X 110 9.42 -3.27 107.44
C GLU X 110 9.72 -4.73 107.75
N ASN X 111 10.17 -5.48 106.75
CA ASN X 111 10.55 -6.87 107.02
C ASN X 111 11.79 -6.94 107.91
N ASP X 112 12.71 -5.99 107.74
CA ASP X 112 13.81 -5.87 108.69
C ASP X 112 13.38 -5.19 109.97
N GLN X 113 12.35 -4.36 109.92
CA GLN X 113 11.84 -3.72 111.12
C GLN X 113 11.05 -4.69 111.97
N LYS X 114 10.09 -5.39 111.36
CA LYS X 114 9.27 -6.32 112.13
C LYS X 114 10.01 -7.59 112.50
N LYS X 115 11.21 -7.81 111.98
CA LYS X 115 11.98 -8.96 112.43
C LYS X 115 12.77 -8.60 113.68
N LYS X 116 13.37 -7.41 113.70
CA LYS X 116 14.03 -6.98 114.93
C LYS X 116 13.00 -6.62 116.00
N GLU X 117 12.05 -5.75 115.67
CA GLU X 117 10.93 -5.53 116.57
C GLU X 117 10.11 -6.81 116.67
N ALA X 118 9.41 -6.96 117.80
CA ALA X 118 8.56 -8.09 118.14
C ALA X 118 9.36 -9.38 118.37
N LYS X 119 10.68 -9.32 118.17
CA LYS X 119 11.53 -10.44 118.56
C LYS X 119 11.69 -10.48 120.07
N GLU X 120 11.90 -9.32 120.70
CA GLU X 120 11.95 -9.26 122.15
C GLU X 120 10.60 -9.56 122.77
N LYS X 121 9.51 -9.30 122.05
CA LYS X 121 8.20 -9.72 122.51
C LYS X 121 8.03 -11.22 122.46
N GLY X 122 8.89 -11.92 121.74
CA GLY X 122 8.79 -13.37 121.62
C GLY X 122 7.72 -13.85 120.68
N THR X 123 7.10 -12.97 119.90
CA THR X 123 6.00 -13.36 119.03
C THR X 123 6.51 -13.61 117.62
N TRP X 124 5.69 -14.30 116.84
CA TRP X 124 5.96 -14.60 115.44
C TRP X 124 4.86 -13.95 114.61
N VAL X 125 5.24 -12.94 113.84
CA VAL X 125 4.31 -12.18 113.00
C VAL X 125 4.56 -12.52 111.54
N GLN X 126 3.53 -12.39 110.72
CA GLN X 126 3.64 -12.74 109.31
C GLN X 126 4.54 -11.76 108.58
N LEU X 127 5.31 -12.27 107.63
CA LEU X 127 6.17 -11.46 106.79
C LEU X 127 5.85 -11.58 105.31
N LYS X 128 5.59 -12.78 104.82
CA LYS X 128 5.33 -12.95 103.40
C LYS X 128 3.99 -12.34 103.02
N ARG X 129 3.90 -11.85 101.79
CA ARG X 129 2.64 -11.36 101.27
C ARG X 129 1.74 -12.53 100.91
N GLN X 130 0.61 -12.58 101.52
CA GLN X 130 -0.31 -13.61 101.06
C GLN X 130 -1.28 -13.00 100.08
N PRO X 131 -1.70 -13.74 99.06
CA PRO X 131 -2.65 -13.19 98.10
C PRO X 131 -4.00 -12.92 98.77
N ALA X 132 -4.83 -12.14 98.08
CA ALA X 132 -6.12 -11.70 98.61
C ALA X 132 -7.02 -12.90 98.87
N PRO X 133 -7.29 -13.21 100.13
CA PRO X 133 -8.02 -14.41 100.46
C PRO X 133 -9.50 -14.25 100.15
N PRO X 134 -10.28 -15.31 100.24
CA PRO X 134 -11.74 -15.16 100.23
C PRO X 134 -12.19 -14.49 101.53
N ARG X 135 -13.18 -13.61 101.41
CA ARG X 135 -13.58 -12.82 102.57
C ARG X 135 -14.31 -13.69 103.59
N GLU X 136 -14.24 -13.28 104.85
CA GLU X 136 -14.72 -14.10 105.95
C GLU X 136 -16.23 -13.93 106.10
N ALA X 137 -16.80 -14.83 106.90
CA ALA X 137 -18.24 -14.80 107.15
C ALA X 137 -18.59 -13.61 108.02
N HIS X 138 -19.63 -12.89 107.62
CA HIS X 138 -20.03 -11.67 108.32
C HIS X 138 -21.53 -11.53 108.22
N PHE X 139 -22.07 -10.56 108.93
CA PHE X 139 -23.47 -10.24 108.89
C PHE X 139 -23.72 -9.05 107.97
N VAL X 140 -24.98 -8.86 107.61
CA VAL X 140 -25.41 -7.69 106.87
C VAL X 140 -26.65 -7.14 107.53
N ARG X 141 -26.52 -5.98 108.17
CA ARG X 141 -27.68 -5.35 108.77
C ARG X 141 -28.54 -4.71 107.70
N THR X 142 -29.83 -4.97 107.75
CA THR X 142 -30.81 -4.36 106.85
C THR X 142 -31.86 -3.63 107.66
N ASN X 143 -31.41 -2.79 108.58
CA ASN X 143 -32.23 -2.09 109.56
C ASN X 143 -33.39 -1.32 108.92
N GLY X 144 -34.61 -1.66 109.33
CA GLY X 144 -35.79 -0.90 108.94
C GLY X 144 -36.20 -1.08 107.49
N LYS X 145 -35.38 -0.59 106.57
CA LYS X 145 -35.71 -0.57 105.16
C LYS X 145 -35.74 -1.96 104.57
N GLU X 146 -36.47 -2.11 103.46
CA GLU X 146 -36.57 -3.36 102.74
C GLU X 146 -35.80 -3.23 101.44
N PRO X 147 -35.08 -4.26 101.00
CA PRO X 147 -34.32 -4.17 99.74
C PRO X 147 -35.19 -3.86 98.54
N GLU X 148 -34.81 -2.87 97.75
CA GLU X 148 -35.69 -2.42 96.69
C GLU X 148 -35.72 -3.45 95.58
N LEU X 149 -36.91 -3.65 95.00
CA LEU X 149 -37.08 -4.64 93.96
C LEU X 149 -36.67 -4.05 92.62
N LEU X 150 -35.91 -4.80 91.85
CA LEU X 150 -35.48 -4.39 90.53
C LEU X 150 -36.28 -5.10 89.46
N GLU X 151 -36.42 -4.45 88.31
CA GLU X 151 -37.21 -4.97 87.23
C GLU X 151 -36.54 -4.58 85.92
N PRO X 152 -36.41 -5.50 84.97
CA PRO X 152 -35.91 -5.13 83.64
C PRO X 152 -36.90 -4.23 82.94
N ILE X 153 -36.41 -3.11 82.42
CA ILE X 153 -37.29 -2.12 81.79
C ILE X 153 -37.78 -2.65 80.45
N PRO X 154 -38.91 -2.20 79.94
CA PRO X 154 -39.31 -2.57 78.58
C PRO X 154 -38.41 -1.90 77.55
N TYR X 155 -38.70 -2.18 76.28
CA TYR X 155 -37.87 -1.68 75.19
C TYR X 155 -38.44 -0.37 74.66
N GLU X 156 -37.58 0.64 74.55
CA GLU X 156 -37.92 1.92 73.94
C GLU X 156 -36.94 2.13 72.81
N PHE X 157 -37.43 2.12 71.57
CA PHE X 157 -36.53 2.32 70.43
C PHE X 157 -36.03 3.76 70.43
N MET X 158 -34.73 3.93 70.68
CA MET X 158 -34.22 5.25 71.06
C MET X 158 -33.96 6.14 69.84
N ALA X 159 -33.80 5.55 68.67
CA ALA X 159 -33.49 6.33 67.47
C ALA X 159 -34.75 6.94 66.86
N GLN Y 1 1.69 -84.42 -73.23
CA GLN Y 1 2.30 -85.16 -72.13
C GLN Y 1 1.37 -86.24 -71.57
N LEU Y 2 1.85 -86.95 -70.55
CA LEU Y 2 1.13 -88.10 -70.00
C LEU Y 2 1.39 -88.20 -68.51
N LEU Y 3 0.31 -88.29 -67.72
CA LEU Y 3 0.40 -88.44 -66.27
C LEU Y 3 -0.31 -89.72 -65.87
N LYS Y 4 0.44 -90.77 -65.55
CA LYS Y 4 -0.12 -92.05 -65.17
C LYS Y 4 -0.02 -92.21 -63.67
N PHE Y 5 -1.15 -92.39 -63.01
CA PHE Y 5 -1.20 -92.70 -61.59
C PHE Y 5 -2.00 -93.98 -61.38
N THR Y 6 -1.61 -94.77 -60.40
CA THR Y 6 -2.25 -96.06 -60.15
C THR Y 6 -2.68 -96.14 -58.71
N LEU Y 7 -3.57 -97.11 -58.43
CA LEU Y 7 -3.99 -97.42 -57.07
C LEU Y 7 -4.20 -98.93 -56.95
N ASP Y 8 -3.17 -99.64 -56.49
CA ASP Y 8 -3.40 -101.03 -56.15
C ASP Y 8 -4.14 -101.10 -54.81
N CYS Y 9 -5.33 -101.67 -54.84
CA CYS Y 9 -6.15 -101.89 -53.66
C CYS Y 9 -6.21 -103.37 -53.31
N THR Y 10 -5.07 -104.05 -53.44
CA THR Y 10 -5.03 -105.51 -53.40
C THR Y 10 -5.49 -106.05 -52.05
N HIS Y 11 -4.75 -105.73 -50.99
CA HIS Y 11 -5.00 -106.31 -49.67
C HIS Y 11 -6.40 -106.04 -49.11
N PRO Y 12 -7.00 -104.84 -49.26
CA PRO Y 12 -8.40 -104.71 -48.82
C PRO Y 12 -9.37 -105.49 -49.67
N VAL Y 13 -9.04 -105.75 -50.93
CA VAL Y 13 -9.97 -106.48 -51.80
C VAL Y 13 -9.93 -107.97 -51.49
N GLU Y 14 -8.75 -108.56 -51.33
CA GLU Y 14 -8.64 -109.98 -51.03
C GLU Y 14 -9.24 -110.34 -49.68
N ASP Y 15 -9.38 -109.39 -48.76
CA ASP Y 15 -10.12 -109.60 -47.53
C ASP Y 15 -11.59 -109.29 -47.69
N GLY Y 16 -11.99 -108.72 -48.82
CA GLY Y 16 -13.39 -108.42 -49.06
C GLY Y 16 -13.94 -107.36 -48.12
N ILE Y 17 -13.24 -106.24 -48.01
CA ILE Y 17 -13.74 -105.11 -47.24
C ILE Y 17 -14.19 -104.04 -48.21
N MET Y 18 -13.58 -104.00 -49.39
CA MET Y 18 -13.89 -102.98 -50.38
C MET Y 18 -14.01 -103.64 -51.75
N ASP Y 19 -14.50 -102.86 -52.71
CA ASP Y 19 -14.76 -103.35 -54.06
C ASP Y 19 -14.23 -102.35 -55.07
N ALA Y 20 -13.24 -102.78 -55.87
CA ALA Y 20 -12.60 -101.86 -56.81
C ALA Y 20 -13.54 -101.44 -57.93
N ALA Y 21 -14.55 -102.25 -58.24
CA ALA Y 21 -15.47 -101.90 -59.32
C ALA Y 21 -16.30 -100.68 -58.93
N ASN Y 22 -16.76 -100.64 -57.68
CA ASN Y 22 -17.56 -99.51 -57.23
C ASN Y 22 -16.71 -98.26 -57.10
N PHE Y 23 -15.46 -98.43 -56.66
CA PHE Y 23 -14.55 -97.30 -56.47
C PHE Y 23 -14.26 -96.58 -57.77
N GLU Y 24 -14.19 -97.31 -58.87
CA GLU Y 24 -13.97 -96.71 -60.18
C GLU Y 24 -15.14 -95.81 -60.56
N GLN Y 25 -16.36 -96.30 -60.37
CA GLN Y 25 -17.54 -95.52 -60.72
C GLN Y 25 -17.69 -94.31 -59.80
N PHE Y 26 -17.21 -94.43 -58.56
CA PHE Y 26 -17.24 -93.28 -57.64
C PHE Y 26 -16.35 -92.17 -58.17
N LEU Y 27 -15.13 -92.50 -58.57
CA LEU Y 27 -14.23 -91.51 -59.13
C LEU Y 27 -14.76 -90.92 -60.42
N GLN Y 28 -15.62 -91.65 -61.13
CA GLN Y 28 -16.11 -91.20 -62.42
C GLN Y 28 -17.23 -90.18 -62.30
N GLU Y 29 -17.47 -89.68 -61.08
CA GLU Y 29 -18.47 -88.64 -60.92
C GLU Y 29 -17.99 -87.61 -59.90
N ARG Y 30 -16.76 -87.75 -59.42
CA ARG Y 30 -16.25 -86.83 -58.41
C ARG Y 30 -14.95 -86.15 -58.78
N ILE Y 31 -14.33 -86.50 -59.90
CA ILE Y 31 -13.09 -85.85 -60.30
C ILE Y 31 -13.42 -84.47 -60.85
N LYS Y 32 -12.88 -83.44 -60.23
CA LYS Y 32 -13.17 -82.06 -60.56
C LYS Y 32 -12.14 -81.59 -61.57
N VAL Y 33 -12.58 -81.36 -62.81
CA VAL Y 33 -11.69 -80.95 -63.90
C VAL Y 33 -12.12 -79.57 -64.34
N ASN Y 34 -11.20 -78.61 -64.26
CA ASN Y 34 -11.47 -77.18 -64.47
C ASN Y 34 -12.63 -76.68 -63.62
N GLY Y 35 -12.78 -77.19 -62.41
CA GLY Y 35 -13.91 -76.86 -61.57
C GLY Y 35 -15.16 -77.66 -61.86
N LYS Y 36 -15.16 -78.47 -62.91
CA LYS Y 36 -16.33 -79.24 -63.30
C LYS Y 36 -16.14 -80.68 -62.82
N ALA Y 37 -17.09 -81.16 -62.02
CA ALA Y 37 -17.00 -82.48 -61.42
C ALA Y 37 -17.65 -83.55 -62.31
N GLY Y 38 -18.87 -83.29 -62.76
CA GLY Y 38 -19.59 -84.25 -63.57
C GLY Y 38 -18.92 -84.59 -64.88
N ASN Y 39 -19.25 -85.77 -65.43
CA ASN Y 39 -18.85 -86.29 -66.74
C ASN Y 39 -17.37 -86.09 -67.06
N LEU Y 40 -16.52 -85.99 -66.03
CA LEU Y 40 -15.08 -85.76 -66.15
C LEU Y 40 -14.75 -84.51 -66.96
N GLY Y 41 -15.69 -83.57 -67.04
CA GLY Y 41 -15.54 -82.42 -67.91
C GLY Y 41 -15.41 -82.76 -69.38
N GLY Y 42 -15.81 -83.96 -69.76
CA GLY Y 42 -15.56 -84.49 -71.09
C GLY Y 42 -14.52 -85.60 -71.05
N GLY Y 43 -14.24 -86.11 -72.24
CA GLY Y 43 -13.25 -87.18 -72.36
C GLY Y 43 -11.84 -86.67 -72.42
N VAL Y 44 -11.47 -85.85 -71.45
CA VAL Y 44 -10.14 -85.26 -71.38
C VAL Y 44 -9.26 -85.99 -70.36
N VAL Y 45 -9.84 -86.43 -69.25
CA VAL Y 45 -9.16 -87.29 -68.31
C VAL Y 45 -9.72 -88.71 -68.46
N SER Y 46 -8.83 -89.68 -68.54
CA SER Y 46 -9.23 -91.06 -68.72
C SER Y 46 -9.04 -91.84 -67.42
N LEU Y 47 -9.71 -92.98 -67.34
CA LEU Y 47 -9.72 -93.80 -66.13
C LEU Y 47 -10.28 -95.17 -66.46
N GLU Y 48 -9.63 -96.22 -65.98
CA GLU Y 48 -10.13 -97.58 -66.15
C GLU Y 48 -9.81 -98.38 -64.90
N ARG Y 49 -10.25 -99.63 -64.91
CA ARG Y 49 -10.08 -100.55 -63.79
C ARG Y 49 -9.33 -101.79 -64.26
N SER Y 50 -8.39 -102.24 -63.44
CA SER Y 50 -7.66 -103.47 -63.70
C SER Y 50 -7.97 -104.47 -62.59
N LYS Y 51 -7.23 -105.56 -62.52
CA LYS Y 51 -7.46 -106.61 -61.54
C LYS Y 51 -7.02 -106.05 -60.20
N SER Y 52 -7.96 -105.40 -59.50
CA SER Y 52 -7.72 -104.68 -58.25
C SER Y 52 -6.58 -103.67 -58.40
N LYS Y 53 -6.69 -102.84 -59.44
CA LYS Y 53 -5.74 -101.76 -59.66
C LYS Y 53 -6.42 -100.68 -60.48
N ILE Y 54 -6.58 -99.50 -59.89
CA ILE Y 54 -7.27 -98.39 -60.52
C ILE Y 54 -6.23 -97.50 -61.16
N THR Y 55 -6.46 -97.08 -62.39
CA THR Y 55 -5.49 -96.30 -63.14
C THR Y 55 -6.14 -95.03 -63.66
N VAL Y 56 -5.48 -93.89 -63.43
CA VAL Y 56 -5.99 -92.59 -63.85
C VAL Y 56 -4.93 -91.91 -64.71
N THR Y 57 -5.34 -91.34 -65.83
CA THR Y 57 -4.43 -90.70 -66.77
C THR Y 57 -5.01 -89.38 -67.25
N SER Y 58 -4.13 -88.45 -67.61
CA SER Y 58 -4.57 -87.13 -68.03
C SER Y 58 -3.60 -86.55 -69.06
N GLU Y 59 -4.11 -85.60 -69.85
CA GLU Y 59 -3.28 -84.71 -70.63
C GLU Y 59 -3.36 -83.26 -70.15
N VAL Y 60 -4.31 -82.94 -69.29
CA VAL Y 60 -4.35 -81.66 -68.60
C VAL Y 60 -3.55 -81.83 -67.32
N PRO Y 61 -2.84 -80.78 -66.83
CA PRO Y 61 -2.18 -80.85 -65.52
C PRO Y 61 -3.07 -81.36 -64.40
N PHE Y 62 -2.70 -82.52 -63.88
CA PHE Y 62 -3.44 -83.25 -62.88
C PHE Y 62 -2.55 -83.46 -61.65
N SER Y 63 -3.19 -83.67 -60.51
CA SER Y 63 -2.49 -83.78 -59.23
C SER Y 63 -2.65 -85.17 -58.65
N LYS Y 64 -1.52 -85.81 -58.36
CA LYS Y 64 -1.57 -87.09 -57.65
C LYS Y 64 -2.07 -86.90 -56.23
N ARG Y 65 -1.77 -85.77 -55.63
CA ARG Y 65 -2.24 -85.54 -54.27
C ARG Y 65 -3.74 -85.29 -54.23
N TYR Y 66 -4.33 -84.80 -55.31
CA TYR Y 66 -5.79 -84.77 -55.40
C TYR Y 66 -6.37 -86.17 -55.38
N LEU Y 67 -5.67 -87.12 -55.99
CA LEU Y 67 -6.14 -88.50 -55.95
C LEU Y 67 -6.12 -89.04 -54.54
N LYS Y 68 -5.11 -88.64 -53.75
CA LYS Y 68 -5.09 -89.01 -52.34
C LYS Y 68 -6.21 -88.35 -51.56
N TYR Y 69 -6.70 -87.20 -52.00
CA TYR Y 69 -7.80 -86.54 -51.33
C TYR Y 69 -9.12 -87.24 -51.61
N LEU Y 70 -9.33 -87.68 -52.84
CA LEU Y 70 -10.57 -88.35 -53.18
C LEU Y 70 -10.68 -89.70 -52.51
N THR Y 71 -9.57 -90.45 -52.45
CA THR Y 71 -9.64 -91.80 -51.91
C THR Y 71 -9.82 -91.78 -50.40
N LYS Y 72 -9.40 -90.70 -49.74
CA LYS Y 72 -9.68 -90.58 -48.32
C LYS Y 72 -11.07 -90.04 -48.07
N LYS Y 73 -11.72 -89.52 -49.10
CA LYS Y 73 -13.14 -89.21 -48.98
C LYS Y 73 -13.99 -90.45 -49.11
N TYR Y 74 -13.52 -91.43 -49.88
CA TYR Y 74 -14.31 -92.64 -50.12
C TYR Y 74 -14.33 -93.53 -48.89
N LEU Y 75 -13.15 -93.78 -48.32
CA LEU Y 75 -13.05 -94.70 -47.18
C LEU Y 75 -13.78 -94.17 -45.97
N LYS Y 76 -13.97 -92.86 -45.88
CA LYS Y 76 -14.75 -92.31 -44.79
C LYS Y 76 -16.21 -92.67 -44.91
N LYS Y 77 -16.76 -92.61 -46.12
CA LYS Y 77 -18.17 -92.91 -46.31
C LYS Y 77 -18.43 -94.40 -46.11
N ASN Y 78 -17.52 -95.25 -46.56
CA ASN Y 78 -17.61 -96.68 -46.34
C ASN Y 78 -16.99 -97.12 -45.03
N ASN Y 79 -16.64 -96.17 -44.16
CA ASN Y 79 -16.11 -96.42 -42.83
C ASN Y 79 -14.87 -97.30 -42.86
N LEU Y 80 -13.87 -96.88 -43.62
CA LEU Y 80 -12.60 -97.59 -43.65
C LEU Y 80 -11.45 -96.74 -43.13
N ARG Y 81 -11.75 -95.58 -42.54
CA ARG Y 81 -10.72 -94.70 -42.02
C ARG Y 81 -9.96 -95.34 -40.87
N ASP Y 82 -10.68 -96.04 -39.99
CA ASP Y 82 -10.05 -96.71 -38.86
C ASP Y 82 -9.31 -97.97 -39.28
N TRP Y 83 -9.72 -98.59 -40.38
CA TRP Y 83 -9.11 -99.83 -40.83
C TRP Y 83 -7.94 -99.56 -41.77
N LEU Y 84 -8.21 -98.87 -42.87
CA LEU Y 84 -7.22 -98.75 -43.95
C LEU Y 84 -6.33 -97.54 -43.74
N ARG Y 85 -5.34 -97.40 -44.62
CA ARG Y 85 -4.41 -96.29 -44.60
C ARG Y 85 -3.80 -96.08 -45.98
N VAL Y 86 -4.19 -95.01 -46.66
CA VAL Y 86 -3.68 -94.74 -48.00
C VAL Y 86 -2.26 -94.22 -47.90
N VAL Y 87 -1.30 -95.00 -48.41
CA VAL Y 87 0.09 -94.58 -48.37
C VAL Y 87 0.64 -94.57 -49.79
N ALA Y 88 1.64 -93.73 -50.02
CA ALA Y 88 2.32 -93.64 -51.31
C ALA Y 88 3.53 -94.56 -51.26
N ASN Y 89 3.36 -95.80 -51.73
CA ASN Y 89 4.47 -96.74 -51.63
C ASN Y 89 5.49 -96.54 -52.73
N THR Y 90 5.06 -96.12 -53.91
CA THR Y 90 5.99 -95.65 -54.93
C THR Y 90 5.39 -94.42 -55.56
N LYS Y 91 6.22 -93.68 -56.30
CA LYS Y 91 5.70 -92.57 -57.08
C LYS Y 91 4.72 -93.10 -58.11
N GLU Y 92 3.71 -92.29 -58.41
CA GLU Y 92 2.60 -92.59 -59.31
C GLU Y 92 1.67 -93.67 -58.77
N SER Y 93 1.65 -93.92 -57.46
CA SER Y 93 0.81 -94.99 -56.94
C SER Y 93 0.41 -94.72 -55.50
N TYR Y 94 -0.55 -95.51 -55.03
CA TYR Y 94 -1.00 -95.50 -53.64
C TYR Y 94 -1.46 -96.90 -53.30
N GLU Y 95 -0.76 -97.57 -52.39
CA GLU Y 95 -1.13 -98.91 -51.96
C GLU Y 95 -1.84 -98.82 -50.62
N LEU Y 96 -3.08 -99.31 -50.56
CA LEU Y 96 -3.84 -99.27 -49.33
C LEU Y 96 -3.27 -100.28 -48.34
N ARG Y 97 -3.14 -99.88 -47.09
CA ARG Y 97 -2.57 -100.72 -46.05
C ARG Y 97 -3.40 -100.64 -44.79
N TYR Y 98 -3.17 -101.59 -43.88
CA TYR Y 98 -3.91 -101.72 -42.64
C TYR Y 98 -3.08 -101.10 -41.51
N PHE Y 99 -3.53 -101.26 -40.27
CA PHE Y 99 -2.76 -100.85 -39.12
C PHE Y 99 -2.43 -102.07 -38.25
N SER Z 1 -63.76 -27.54 -5.18
CA SER Z 1 -64.52 -28.42 -4.33
C SER Z 1 -63.78 -29.72 -4.06
N GLY Z 2 -63.74 -30.59 -5.07
CA GLY Z 2 -63.02 -31.84 -4.95
C GLY Z 2 -61.52 -31.62 -4.81
N ALA Z 3 -60.86 -32.59 -4.19
CA ALA Z 3 -59.48 -32.42 -3.75
C ALA Z 3 -58.55 -33.33 -4.55
N LYS Z 4 -57.42 -32.76 -4.97
CA LYS Z 4 -56.48 -33.46 -5.82
C LYS Z 4 -55.80 -34.60 -5.07
N PHE Z 5 -55.77 -35.77 -5.68
CA PHE Z 5 -55.01 -36.88 -5.14
C PHE Z 5 -53.52 -36.69 -5.40
N ARG Z 6 -52.69 -37.32 -4.59
CA ARG Z 6 -51.26 -37.16 -4.79
C ARG Z 6 -50.83 -37.86 -6.07
N ILE Z 7 -49.71 -37.40 -6.62
CA ILE Z 7 -49.17 -37.95 -7.85
C ILE Z 7 -47.67 -38.02 -7.71
N SER Z 8 -47.05 -38.95 -8.42
CA SER Z 8 -45.61 -39.06 -8.42
C SER Z 8 -45.01 -37.80 -9.02
N LEU Z 9 -44.41 -36.96 -8.19
CA LEU Z 9 -43.85 -35.70 -8.64
C LEU Z 9 -42.37 -35.86 -8.99
N GLY Z 10 -41.97 -35.19 -10.06
CA GLY Z 10 -40.65 -35.43 -10.62
C GLY Z 10 -39.93 -34.21 -11.14
N LEU Z 11 -40.25 -33.03 -10.61
CA LEU Z 11 -39.58 -31.79 -10.97
C LEU Z 11 -39.01 -31.17 -9.71
N PRO Z 12 -37.83 -31.58 -9.28
CA PRO Z 12 -37.20 -30.98 -8.11
C PRO Z 12 -36.79 -29.55 -8.40
N VAL Z 13 -36.53 -28.81 -7.33
CA VAL Z 13 -35.98 -27.46 -7.42
C VAL Z 13 -34.68 -27.50 -8.20
N GLY Z 14 -34.53 -26.58 -9.15
CA GLY Z 14 -33.38 -26.57 -10.01
C GLY Z 14 -33.61 -27.17 -11.36
N ALA Z 15 -34.86 -27.47 -11.71
CA ALA Z 15 -35.21 -28.03 -13.00
C ALA Z 15 -35.67 -26.91 -13.91
N VAL Z 16 -35.10 -26.87 -15.11
CA VAL Z 16 -35.62 -25.99 -16.16
C VAL Z 16 -36.64 -26.78 -16.96
N ILE Z 17 -37.84 -26.25 -17.03
CA ILE Z 17 -38.89 -26.80 -17.88
C ILE Z 17 -39.24 -25.73 -18.89
N ASN Z 18 -39.76 -26.13 -20.04
CA ASN Z 18 -40.02 -25.15 -21.08
C ASN Z 18 -41.40 -24.53 -20.92
N CYS Z 19 -41.51 -23.26 -21.27
CA CYS Z 19 -42.78 -22.57 -21.15
C CYS Z 19 -43.71 -22.98 -22.28
N ALA Z 20 -44.99 -22.67 -22.12
CA ALA Z 20 -45.99 -23.15 -23.06
C ALA Z 20 -47.08 -22.10 -23.33
N ASP Z 21 -46.68 -20.85 -23.50
CA ASP Z 21 -47.66 -19.84 -23.89
C ASP Z 21 -46.95 -18.73 -24.67
N ASN Z 22 -47.72 -17.71 -25.04
CA ASN Z 22 -47.22 -16.57 -25.79
C ASN Z 22 -46.76 -15.49 -24.82
N THR Z 23 -45.57 -15.68 -24.27
CA THR Z 23 -44.96 -14.68 -23.40
C THR Z 23 -43.53 -14.35 -23.78
N GLY Z 24 -42.91 -15.08 -24.70
CA GLY Z 24 -41.51 -14.95 -24.97
C GLY Z 24 -40.62 -15.84 -24.13
N ALA Z 25 -41.11 -16.30 -22.98
CA ALA Z 25 -40.33 -17.16 -22.10
C ALA Z 25 -40.15 -18.52 -22.73
N LYS Z 26 -38.93 -19.04 -22.66
CA LYS Z 26 -38.63 -20.35 -23.21
C LYS Z 26 -38.13 -21.33 -22.16
N ASN Z 27 -37.74 -20.86 -20.98
CA ASN Z 27 -37.35 -21.73 -19.89
C ASN Z 27 -37.89 -21.17 -18.60
N LEU Z 28 -38.23 -22.08 -17.68
CA LEU Z 28 -38.66 -21.70 -16.34
C LEU Z 28 -37.82 -22.49 -15.36
N TYR Z 29 -36.93 -21.79 -14.66
CA TYR Z 29 -36.04 -22.40 -13.68
C TYR Z 29 -36.79 -22.44 -12.36
N ILE Z 30 -37.28 -23.62 -12.01
CA ILE Z 30 -38.08 -23.76 -10.79
C ILE Z 30 -37.19 -23.55 -9.59
N ILE Z 31 -37.62 -22.68 -8.68
CA ILE Z 31 -36.84 -22.39 -7.48
C ILE Z 31 -37.51 -22.85 -6.20
N SER Z 32 -38.85 -22.94 -6.15
CA SER Z 32 -39.52 -23.49 -4.98
C SER Z 32 -40.97 -23.84 -5.26
N VAL Z 33 -41.40 -25.02 -4.81
CA VAL Z 33 -42.80 -25.38 -4.91
C VAL Z 33 -43.57 -24.70 -3.79
N LYS Z 34 -44.80 -24.31 -4.08
CA LYS Z 34 -45.62 -23.61 -3.12
C LYS Z 34 -46.45 -24.61 -2.34
N GLY Z 35 -46.48 -24.44 -1.03
CA GLY Z 35 -47.23 -25.32 -0.17
C GLY Z 35 -46.46 -26.51 0.37
N ILE Z 36 -45.14 -26.43 0.39
CA ILE Z 36 -44.30 -27.56 0.80
C ILE Z 36 -43.73 -27.23 2.18
N LYS Z 37 -44.08 -28.05 3.17
CA LYS Z 37 -43.50 -27.91 4.50
C LYS Z 37 -42.00 -28.19 4.47
N GLY Z 38 -41.64 -29.42 4.15
CA GLY Z 38 -40.25 -29.77 3.92
C GLY Z 38 -39.76 -30.82 4.90
N ARG Z 39 -38.50 -31.20 4.71
CA ARG Z 39 -37.84 -32.23 5.50
C ARG Z 39 -36.35 -32.12 5.24
N LEU Z 40 -35.53 -32.49 6.21
CA LEU Z 40 -34.10 -32.15 6.18
C LEU Z 40 -33.38 -32.75 4.99
N ASN Z 41 -32.66 -31.90 4.28
CA ASN Z 41 -31.89 -32.24 3.08
C ASN Z 41 -32.74 -32.99 2.07
N ARG Z 42 -33.98 -32.54 1.87
CA ARG Z 42 -34.86 -33.07 0.84
C ARG Z 42 -35.29 -31.92 -0.04
N LEU Z 43 -35.09 -32.06 -1.33
CA LEU Z 43 -35.45 -30.98 -2.24
C LEU Z 43 -36.96 -30.94 -2.41
N PRO Z 44 -37.57 -29.77 -2.44
CA PRO Z 44 -38.99 -29.67 -2.79
C PRO Z 44 -39.17 -29.99 -4.26
N ALA Z 45 -40.15 -30.84 -4.57
CA ALA Z 45 -40.37 -31.27 -5.93
C ALA Z 45 -41.79 -30.95 -6.37
N ALA Z 46 -42.00 -30.81 -7.67
CA ALA Z 46 -43.29 -30.41 -8.21
C ALA Z 46 -43.86 -31.49 -9.11
N GLY Z 47 -45.18 -31.54 -9.16
CA GLY Z 47 -45.86 -32.43 -10.06
C GLY Z 47 -46.81 -31.66 -10.96
N VAL Z 48 -47.68 -32.37 -11.66
CA VAL Z 48 -48.68 -31.75 -12.50
C VAL Z 48 -49.60 -30.87 -11.66
N GLY Z 49 -49.83 -29.65 -12.09
CA GLY Z 49 -50.77 -28.78 -11.38
C GLY Z 49 -50.25 -28.33 -10.03
N ASP Z 50 -48.96 -28.03 -9.96
CA ASP Z 50 -48.36 -27.48 -8.75
C ASP Z 50 -48.07 -26.02 -9.02
N MET Z 51 -48.67 -25.14 -8.23
CA MET Z 51 -48.25 -23.75 -8.22
C MET Z 51 -46.82 -23.67 -7.72
N VAL Z 52 -45.94 -23.03 -8.48
CA VAL Z 52 -44.52 -23.06 -8.22
C VAL Z 52 -43.90 -21.75 -8.67
N MET Z 53 -42.96 -21.24 -7.89
CA MET Z 53 -42.24 -20.03 -8.24
C MET Z 53 -41.08 -20.39 -9.14
N ALA Z 54 -41.00 -19.74 -10.30
CA ALA Z 54 -39.96 -20.03 -11.27
C ALA Z 54 -39.47 -18.73 -11.89
N THR Z 55 -38.31 -18.81 -12.55
CA THR Z 55 -37.68 -17.66 -13.17
C THR Z 55 -37.38 -18.00 -14.62
N VAL Z 56 -37.47 -17.01 -15.49
CA VAL Z 56 -37.25 -17.23 -16.91
C VAL Z 56 -35.74 -17.20 -17.20
N LYS Z 57 -35.21 -18.31 -17.69
CA LYS Z 57 -33.78 -18.39 -17.96
C LYS Z 57 -33.42 -17.99 -19.38
N LYS Z 58 -34.39 -17.86 -20.28
CA LYS Z 58 -34.17 -17.21 -21.56
C LYS Z 58 -35.48 -16.73 -22.17
N GLY Z 59 -35.46 -15.54 -22.77
CA GLY Z 59 -36.65 -15.02 -23.40
C GLY Z 59 -36.68 -13.51 -23.46
N LYS Z 60 -37.86 -12.93 -23.28
CA LYS Z 60 -38.02 -11.49 -23.27
C LYS Z 60 -37.24 -10.90 -22.10
N PRO Z 61 -36.40 -9.90 -22.34
CA PRO Z 61 -35.56 -9.38 -21.26
C PRO Z 61 -36.33 -8.70 -20.14
N GLU Z 62 -37.56 -8.28 -20.40
CA GLU Z 62 -38.37 -7.74 -19.32
C GLU Z 62 -38.94 -8.82 -18.41
N LEU Z 63 -38.78 -10.08 -18.76
CA LEU Z 63 -39.25 -11.19 -17.93
C LEU Z 63 -38.17 -11.75 -17.03
N ARG Z 64 -36.92 -11.70 -17.47
CA ARG Z 64 -35.85 -12.34 -16.73
C ARG Z 64 -35.53 -11.57 -15.46
N LYS Z 65 -34.77 -12.23 -14.57
CA LYS Z 65 -34.24 -11.65 -13.34
C LYS Z 65 -35.35 -11.23 -12.37
N LYS Z 66 -36.47 -11.94 -12.39
CA LYS Z 66 -37.50 -11.73 -11.38
C LYS Z 66 -38.35 -13.00 -11.27
N VAL Z 67 -38.95 -13.17 -10.11
CA VAL Z 67 -39.63 -14.42 -9.77
C VAL Z 67 -41.07 -14.36 -10.24
N HIS Z 68 -41.50 -15.40 -10.94
CA HIS Z 68 -42.87 -15.52 -11.41
C HIS Z 68 -43.53 -16.73 -10.77
N PRO Z 69 -44.79 -16.64 -10.41
CA PRO Z 69 -45.51 -17.85 -9.97
C PRO Z 69 -45.99 -18.67 -11.16
N ALA Z 70 -45.45 -19.86 -11.34
CA ALA Z 70 -45.82 -20.71 -12.46
C ALA Z 70 -46.69 -21.87 -12.01
N VAL Z 71 -47.20 -22.61 -12.99
CA VAL Z 71 -48.03 -23.79 -12.76
C VAL Z 71 -47.63 -24.85 -13.77
N VAL Z 72 -47.27 -26.03 -13.28
CA VAL Z 72 -46.82 -27.11 -14.15
C VAL Z 72 -48.01 -27.78 -14.81
N ILE Z 73 -47.92 -28.02 -16.12
CA ILE Z 73 -49.02 -28.65 -16.85
C ILE Z 73 -48.64 -29.98 -17.48
N ARG Z 74 -47.37 -30.26 -17.75
CA ARG Z 74 -46.96 -31.53 -18.34
C ARG Z 74 -45.70 -32.00 -17.63
N GLN Z 75 -45.52 -33.31 -17.51
CA GLN Z 75 -44.31 -33.85 -16.91
C GLN Z 75 -43.94 -35.16 -17.58
N ARG Z 76 -42.69 -35.55 -17.42
CA ARG Z 76 -42.18 -36.76 -18.03
C ARG Z 76 -42.10 -37.93 -17.07
N LYS Z 77 -42.36 -37.70 -15.79
CA LYS Z 77 -42.38 -38.77 -14.80
C LYS Z 77 -43.80 -39.30 -14.72
N SER Z 78 -43.97 -40.58 -15.03
CA SER Z 78 -45.30 -41.18 -15.09
C SER Z 78 -45.97 -41.15 -13.73
N TYR Z 79 -47.22 -40.71 -13.72
CA TYR Z 79 -47.99 -40.64 -12.49
C TYR Z 79 -49.25 -41.48 -12.65
N ARG Z 80 -49.55 -42.27 -11.62
CA ARG Z 80 -50.69 -43.18 -11.68
C ARG Z 80 -51.95 -42.43 -11.32
N ARG Z 81 -52.91 -42.39 -12.24
CA ARG Z 81 -54.19 -41.79 -11.94
C ARG Z 81 -54.98 -42.71 -11.01
N LYS Z 82 -56.13 -42.24 -10.55
CA LYS Z 82 -56.92 -43.08 -9.65
C LYS Z 82 -57.54 -44.26 -10.38
N ASP Z 83 -57.83 -44.12 -11.67
CA ASP Z 83 -58.26 -45.28 -12.45
C ASP Z 83 -57.10 -46.12 -12.94
N GLY Z 84 -55.87 -45.75 -12.58
CA GLY Z 84 -54.72 -46.60 -12.78
C GLY Z 84 -54.19 -46.68 -14.19
N VAL Z 85 -53.88 -45.53 -14.77
CA VAL Z 85 -53.26 -45.46 -16.08
C VAL Z 85 -52.02 -44.59 -15.97
N PHE Z 86 -50.85 -45.19 -16.14
CA PHE Z 86 -49.60 -44.46 -15.94
C PHE Z 86 -49.35 -43.58 -17.15
N LEU Z 87 -49.70 -42.31 -17.01
CA LEU Z 87 -49.60 -41.34 -18.08
C LEU Z 87 -48.34 -40.49 -17.89
N TYR Z 88 -47.67 -40.20 -18.99
CA TYR Z 88 -46.50 -39.35 -18.96
C TYR Z 88 -46.28 -38.66 -20.29
N PHE Z 89 -45.84 -37.42 -20.26
CA PHE Z 89 -45.85 -36.57 -21.44
C PHE Z 89 -44.48 -36.53 -22.10
N GLU Z 90 -44.45 -35.88 -23.26
CA GLU Z 90 -43.23 -35.81 -24.04
C GLU Z 90 -42.19 -34.89 -23.41
N ASP Z 91 -42.61 -33.88 -22.66
CA ASP Z 91 -41.69 -32.94 -22.06
C ASP Z 91 -42.38 -32.26 -20.88
N ASN Z 92 -41.58 -31.87 -19.90
CA ASN Z 92 -42.09 -31.12 -18.77
C ASN Z 92 -42.40 -29.70 -19.23
N ALA Z 93 -43.55 -29.18 -18.81
CA ALA Z 93 -43.94 -27.86 -19.30
C ALA Z 93 -44.80 -27.16 -18.27
N GLY Z 94 -44.65 -25.84 -18.21
CA GLY Z 94 -45.44 -25.01 -17.33
C GLY Z 94 -45.80 -23.71 -18.00
N VAL Z 95 -46.58 -22.90 -17.30
CA VAL Z 95 -47.04 -21.62 -17.81
C VAL Z 95 -46.85 -20.57 -16.73
N ILE Z 96 -46.74 -19.31 -17.16
CA ILE Z 96 -46.62 -18.22 -16.20
C ILE Z 96 -48.01 -17.78 -15.78
N VAL Z 97 -48.22 -17.70 -14.47
CA VAL Z 97 -49.51 -17.38 -13.88
C VAL Z 97 -49.28 -16.20 -12.94
N ASN Z 98 -50.35 -15.55 -12.52
CA ASN Z 98 -50.20 -14.68 -11.36
C ASN Z 98 -50.75 -15.37 -10.12
N ASN Z 99 -50.84 -14.61 -9.03
CA ASN Z 99 -51.02 -15.22 -7.71
C ASN Z 99 -52.40 -15.81 -7.53
N LYS Z 100 -53.43 -15.18 -8.10
CA LYS Z 100 -54.79 -15.68 -7.95
C LYS Z 100 -55.24 -16.51 -9.14
N GLY Z 101 -54.33 -17.25 -9.76
CA GLY Z 101 -54.69 -18.26 -10.73
C GLY Z 101 -54.82 -17.78 -12.15
N GLU Z 102 -54.95 -16.48 -12.37
CA GLU Z 102 -55.16 -15.98 -13.73
C GLU Z 102 -53.90 -16.13 -14.56
N MET Z 103 -54.05 -16.71 -15.75
CA MET Z 103 -52.90 -16.89 -16.62
C MET Z 103 -52.45 -15.56 -17.19
N LYS Z 104 -51.16 -15.49 -17.51
CA LYS Z 104 -50.59 -14.28 -18.07
C LYS Z 104 -50.56 -14.29 -19.59
N GLY Z 105 -50.21 -15.41 -20.19
CA GLY Z 105 -50.33 -15.56 -21.63
C GLY Z 105 -51.76 -15.76 -22.07
N SER Z 106 -51.96 -16.23 -23.28
CA SER Z 106 -53.31 -16.40 -23.78
C SER Z 106 -53.57 -17.73 -24.46
N ALA Z 107 -52.54 -18.44 -24.91
CA ALA Z 107 -52.69 -19.71 -25.58
C ALA Z 107 -51.91 -20.78 -24.82
N ILE Z 108 -52.10 -22.02 -25.22
CA ILE Z 108 -51.38 -23.15 -24.64
C ILE Z 108 -50.93 -24.05 -25.78
N THR Z 109 -49.63 -24.09 -26.02
CA THR Z 109 -49.09 -25.04 -26.98
C THR Z 109 -48.99 -26.41 -26.32
N GLY Z 110 -49.49 -27.43 -27.00
CA GLY Z 110 -49.45 -28.77 -26.46
C GLY Z 110 -50.64 -29.05 -25.59
N PRO Z 111 -50.76 -30.27 -25.09
CA PRO Z 111 -51.90 -30.64 -24.26
C PRO Z 111 -51.66 -30.26 -22.81
N VAL Z 112 -52.68 -30.48 -22.01
CA VAL Z 112 -52.64 -30.17 -20.58
C VAL Z 112 -53.23 -31.36 -19.83
N ALA Z 113 -52.52 -31.83 -18.82
CA ALA Z 113 -53.02 -32.95 -18.03
C ALA Z 113 -54.27 -32.54 -17.27
N LYS Z 114 -55.23 -33.45 -17.19
CA LYS Z 114 -56.53 -33.11 -16.62
C LYS Z 114 -56.44 -32.85 -15.12
N GLU Z 115 -55.37 -33.31 -14.47
CA GLU Z 115 -55.16 -33.03 -13.06
C GLU Z 115 -54.91 -31.55 -12.84
N CYS Z 116 -54.08 -30.96 -13.70
CA CYS Z 116 -53.87 -29.52 -13.65
C CYS Z 116 -55.12 -28.76 -14.05
N ALA Z 117 -55.91 -29.33 -14.97
CA ALA Z 117 -57.01 -28.59 -15.57
C ALA Z 117 -58.12 -28.33 -14.55
N ASP Z 118 -58.42 -29.30 -13.72
CA ASP Z 118 -59.51 -29.13 -12.77
C ASP Z 118 -59.11 -28.34 -11.54
N LEU Z 119 -57.80 -28.14 -11.33
CA LEU Z 119 -57.36 -27.34 -10.21
C LEU Z 119 -57.35 -25.86 -10.52
N TRP Z 120 -57.32 -25.49 -11.80
CA TRP Z 120 -57.27 -24.09 -12.22
C TRP Z 120 -58.20 -23.94 -13.41
N PRO Z 121 -59.35 -23.29 -13.23
CA PRO Z 121 -60.27 -23.15 -14.35
C PRO Z 121 -59.76 -22.23 -15.43
N ARG Z 122 -58.98 -21.20 -15.07
CA ARG Z 122 -58.52 -20.24 -16.05
C ARG Z 122 -57.38 -20.75 -16.91
N ILE Z 123 -56.81 -21.90 -16.58
CA ILE Z 123 -55.85 -22.57 -17.44
C ILE Z 123 -56.55 -23.56 -18.37
N ALA Z 124 -57.63 -24.17 -17.90
CA ALA Z 124 -58.39 -25.08 -18.73
C ALA Z 124 -59.04 -24.35 -19.90
N SER Z 125 -59.36 -23.06 -19.72
CA SER Z 125 -60.01 -22.30 -20.77
C SER Z 125 -59.10 -22.16 -21.98
N ASN Z 126 -57.91 -21.61 -21.79
CA ASN Z 126 -56.97 -21.45 -22.89
C ASN Z 126 -56.37 -22.76 -23.35
N ALA Z 127 -56.61 -23.85 -22.64
CA ALA Z 127 -56.01 -25.12 -23.00
C ALA Z 127 -56.59 -25.65 -24.30
N GLY Z 128 -55.72 -26.14 -25.17
CA GLY Z 128 -56.17 -26.70 -26.43
C GLY Z 128 -56.78 -28.08 -26.26
N SER Z 129 -55.99 -29.02 -25.77
CA SER Z 129 -56.45 -30.37 -25.53
C SER Z 129 -56.15 -30.76 -24.09
N ILE Z 130 -57.10 -31.45 -23.47
CA ILE Z 130 -56.96 -31.88 -22.09
C ILE Z 130 -56.47 -33.32 -22.09
N ALA Z 131 -55.55 -33.62 -21.16
CA ALA Z 131 -55.00 -34.95 -20.92
C ALA Z 131 -54.34 -35.53 -22.17
N MET AA 1 -65.83 -48.97 -18.19
CA MET AA 1 -64.69 -49.82 -18.48
C MET AA 1 -64.56 -49.94 -19.99
N LYS AA 2 -63.40 -49.55 -20.50
CA LYS AA 2 -63.10 -49.68 -21.92
C LYS AA 2 -61.66 -50.13 -22.06
N VAL AA 3 -61.45 -51.23 -22.78
CA VAL AA 3 -60.10 -51.74 -22.98
C VAL AA 3 -59.43 -50.92 -24.07
N GLU AA 4 -58.12 -50.77 -23.97
CA GLU AA 4 -57.38 -50.02 -24.96
C GLU AA 4 -56.82 -50.97 -26.01
N LEU AA 5 -56.31 -50.38 -27.09
CA LEU AA 5 -55.57 -51.11 -28.10
C LEU AA 5 -54.17 -50.54 -28.14
N CYS AA 6 -53.17 -51.41 -28.03
CA CYS AA 6 -51.79 -50.98 -28.01
C CYS AA 6 -51.41 -50.28 -29.30
N SER AA 7 -50.85 -49.08 -29.18
CA SER AA 7 -50.51 -48.27 -30.34
C SER AA 7 -49.45 -48.91 -31.21
N PHE AA 8 -48.69 -49.87 -30.68
CA PHE AA 8 -47.66 -50.55 -31.43
C PHE AA 8 -48.03 -52.00 -31.73
N SER AA 9 -48.31 -52.78 -30.70
CA SER AA 9 -48.55 -54.20 -30.88
C SER AA 9 -49.94 -54.45 -31.42
N GLY AA 10 -50.96 -54.01 -30.70
CA GLY AA 10 -52.31 -54.21 -31.13
C GLY AA 10 -53.11 -55.05 -30.16
N TYR AA 11 -52.45 -55.56 -29.13
CA TYR AA 11 -53.09 -56.44 -28.17
C TYR AA 11 -54.12 -55.67 -27.34
N LYS AA 12 -54.95 -56.43 -26.64
CA LYS AA 12 -56.08 -55.89 -25.88
C LYS AA 12 -55.58 -55.48 -24.50
N ILE AA 13 -55.38 -54.18 -24.29
CA ILE AA 13 -54.86 -53.71 -23.02
C ILE AA 13 -55.96 -53.65 -21.98
N TYR AA 14 -55.77 -54.30 -20.91
CA TYR AA 14 -56.70 -54.44 -19.81
C TYR AA 14 -56.42 -53.40 -18.74
N PRO AA 15 -57.49 -52.96 -18.01
CA PRO AA 15 -57.45 -51.69 -17.25
C PRO AA 15 -56.20 -51.31 -16.48
N GLY AA 16 -55.73 -52.16 -15.58
CA GLY AA 16 -54.63 -51.73 -14.74
C GLY AA 16 -53.27 -52.08 -15.28
N HIS AA 17 -53.10 -52.02 -16.60
CA HIS AA 17 -51.86 -52.46 -17.22
C HIS AA 17 -51.34 -51.38 -18.14
N GLY AA 18 -50.09 -51.56 -18.55
CA GLY AA 18 -49.51 -50.74 -19.60
C GLY AA 18 -49.34 -49.28 -19.24
N ARG AA 19 -48.82 -48.53 -20.21
CA ARG AA 19 -48.41 -47.16 -20.00
C ARG AA 19 -48.98 -46.29 -21.12
N ARG AA 20 -49.21 -45.01 -20.83
CA ARG AA 20 -49.87 -44.10 -21.75
C ARG AA 20 -48.97 -42.89 -21.99
N TYR AA 21 -48.85 -42.49 -23.25
CA TYR AA 21 -47.85 -41.53 -23.70
C TYR AA 21 -48.51 -40.49 -24.59
N ALA AA 22 -48.71 -39.29 -24.06
CA ALA AA 22 -49.37 -38.20 -24.79
C ALA AA 22 -48.30 -37.24 -25.29
N ARG AA 23 -48.15 -37.15 -26.61
CA ARG AA 23 -47.10 -36.32 -27.17
C ARG AA 23 -47.53 -34.86 -27.20
N THR AA 24 -46.56 -33.99 -27.51
CA THR AA 24 -46.79 -32.55 -27.49
C THR AA 24 -47.83 -32.14 -28.53
N ASP AA 25 -47.85 -32.81 -29.66
CA ASP AA 25 -48.88 -32.56 -30.65
C ASP AA 25 -50.20 -33.27 -30.34
N GLY AA 26 -50.40 -33.71 -29.11
CA GLY AA 26 -51.54 -34.53 -28.77
C GLY AA 26 -51.22 -35.98 -29.01
N LYS AA 27 -52.10 -36.69 -29.73
CA LYS AA 27 -51.90 -38.07 -30.14
C LYS AA 27 -51.63 -39.00 -28.96
N VAL AA 28 -52.63 -39.19 -28.10
CA VAL AA 28 -52.50 -40.05 -26.94
C VAL AA 28 -52.26 -41.49 -27.41
N PHE AA 29 -51.19 -42.10 -26.93
CA PHE AA 29 -50.80 -43.43 -27.35
C PHE AA 29 -50.75 -44.37 -26.16
N GLN AA 30 -51.41 -45.52 -26.28
CA GLN AA 30 -51.39 -46.55 -25.26
C GLN AA 30 -50.34 -47.59 -25.60
N PHE AA 31 -49.66 -48.09 -24.59
CA PHE AA 31 -48.68 -49.15 -24.78
C PHE AA 31 -49.01 -50.32 -23.88
N LEU AA 32 -48.70 -51.52 -24.35
CA LEU AA 32 -48.98 -52.70 -23.57
C LEU AA 32 -47.95 -52.90 -22.48
N ASN AA 33 -46.68 -52.65 -22.79
CA ASN AA 33 -45.59 -52.80 -21.86
C ASN AA 33 -44.40 -52.04 -22.41
N ALA AA 34 -43.26 -52.16 -21.74
CA ALA AA 34 -42.07 -51.47 -22.19
C ALA AA 34 -41.54 -52.06 -23.49
N LYS AA 35 -41.89 -53.30 -23.79
CA LYS AA 35 -41.44 -53.92 -25.03
C LYS AA 35 -42.03 -53.24 -26.24
N CYS AA 36 -43.24 -52.71 -26.12
CA CYS AA 36 -43.79 -51.86 -27.17
C CYS AA 36 -43.21 -50.46 -27.09
N GLU AA 37 -43.13 -49.91 -25.88
CA GLU AA 37 -42.70 -48.54 -25.69
C GLU AA 37 -41.27 -48.33 -26.17
N SER AA 38 -40.39 -49.27 -25.83
CA SER AA 38 -39.02 -49.17 -26.32
C SER AA 38 -38.95 -49.33 -27.82
N ALA AA 39 -39.90 -50.04 -28.41
CA ALA AA 39 -39.94 -50.17 -29.86
C ALA AA 39 -40.60 -48.97 -30.52
N PHE AA 40 -41.57 -48.36 -29.86
CA PHE AA 40 -42.22 -47.19 -30.45
C PHE AA 40 -41.36 -45.94 -30.28
N LEU AA 41 -40.71 -45.78 -29.14
CA LEU AA 41 -39.86 -44.62 -28.93
C LEU AA 41 -38.60 -44.67 -29.77
N SER AA 42 -38.14 -45.86 -30.15
CA SER AA 42 -37.04 -46.01 -31.08
C SER AA 42 -37.48 -45.90 -32.53
N LYS AA 43 -38.75 -45.58 -32.77
CA LYS AA 43 -39.32 -45.35 -34.09
C LYS AA 43 -39.19 -46.58 -34.99
N ARG AA 44 -39.32 -47.76 -34.39
CA ARG AA 44 -39.42 -48.99 -35.16
C ARG AA 44 -40.84 -49.09 -35.70
N ASN AA 45 -40.97 -49.59 -36.90
CA ASN AA 45 -42.29 -49.63 -37.49
C ASN AA 45 -42.96 -50.96 -37.18
N PRO AA 46 -44.25 -50.96 -36.83
CA PRO AA 46 -44.91 -52.21 -36.44
C PRO AA 46 -45.00 -53.23 -37.56
N ARG AA 47 -45.06 -52.79 -38.81
CA ARG AA 47 -45.23 -53.71 -39.93
C ARG AA 47 -43.94 -54.40 -40.31
N GLN AA 48 -42.87 -54.13 -39.58
CA GLN AA 48 -41.58 -54.78 -39.82
C GLN AA 48 -41.15 -55.65 -38.65
N ILE AA 49 -41.99 -55.81 -37.64
CA ILE AA 49 -41.69 -56.61 -36.45
C ILE AA 49 -42.73 -57.71 -36.40
N ASN AA 50 -42.27 -58.97 -36.45
CA ASN AA 50 -43.12 -60.11 -36.73
C ASN AA 50 -44.29 -60.33 -35.76
N TRP AA 51 -44.11 -60.00 -34.50
CA TRP AA 51 -45.10 -60.39 -33.49
C TRP AA 51 -46.20 -59.38 -33.28
N THR AA 52 -46.22 -58.28 -34.03
CA THR AA 52 -47.31 -57.33 -33.90
C THR AA 52 -48.58 -57.91 -34.53
N VAL AA 53 -49.68 -57.19 -34.37
CA VAL AA 53 -50.90 -57.61 -35.06
C VAL AA 53 -50.96 -56.96 -36.43
N LEU AA 54 -50.21 -55.87 -36.63
CA LEU AA 54 -50.13 -55.24 -37.94
C LEU AA 54 -49.43 -56.14 -38.93
N TYR AA 55 -48.25 -56.62 -38.56
CA TYR AA 55 -47.53 -57.59 -39.38
C TYR AA 55 -48.36 -58.86 -39.56
N ARG AA 56 -49.01 -59.31 -38.49
CA ARG AA 56 -49.89 -60.45 -38.54
C ARG AA 56 -51.05 -60.23 -39.51
N ARG AA 57 -51.44 -58.98 -39.73
CA ARG AA 57 -52.46 -58.62 -40.70
C ARG AA 57 -51.89 -58.32 -42.08
N LYS AA 58 -50.77 -57.59 -42.17
CA LYS AA 58 -50.26 -57.16 -43.47
C LYS AA 58 -49.78 -58.34 -44.29
N HIS AA 59 -49.09 -59.29 -43.67
CA HIS AA 59 -48.60 -60.46 -44.37
C HIS AA 59 -49.67 -61.52 -44.53
N LYS AA 60 -50.90 -61.23 -44.11
CA LYS AA 60 -52.07 -62.09 -44.27
C LYS AA 60 -51.83 -63.47 -43.66
N LYS AA 61 -51.49 -63.46 -42.38
CA LYS AA 61 -51.33 -64.70 -41.63
C LYS AA 61 -52.56 -64.93 -40.76
N GLY AA 62 -52.74 -66.19 -40.38
CA GLY AA 62 -53.99 -66.56 -39.75
C GLY AA 62 -55.08 -66.70 -40.78
N GLN AA 63 -56.28 -66.23 -40.44
CA GLN AA 63 -57.44 -66.26 -41.33
C GLN AA 63 -57.78 -67.67 -41.83
N LYS BA 1 87.78 -34.35 -31.35
CA LYS BA 1 86.49 -34.51 -30.71
C LYS BA 1 85.75 -33.17 -30.65
N ILE BA 2 84.45 -33.22 -30.92
CA ILE BA 2 83.54 -32.09 -30.80
C ILE BA 2 82.20 -32.61 -30.32
N ARG BA 3 81.31 -31.70 -29.99
CA ARG BA 3 79.94 -32.04 -29.63
C ARG BA 3 79.04 -31.74 -30.82
N THR BA 4 78.40 -32.78 -31.34
CA THR BA 4 77.39 -32.61 -32.37
C THR BA 4 75.99 -32.50 -31.80
N SER BA 5 75.63 -33.38 -30.91
CA SER BA 5 74.32 -33.29 -30.27
C SER BA 5 74.36 -32.21 -29.21
N PRO BA 6 73.32 -31.37 -29.11
CA PRO BA 6 73.30 -30.35 -28.06
C PRO BA 6 72.93 -30.89 -26.70
N THR BA 7 72.73 -32.19 -26.56
CA THR BA 7 72.39 -32.81 -25.29
C THR BA 7 73.57 -33.62 -24.78
N PHE BA 8 73.47 -34.00 -23.51
CA PHE BA 8 74.49 -34.78 -22.84
C PHE BA 8 73.86 -36.07 -22.34
N ARG BA 9 74.26 -37.19 -22.91
CA ARG BA 9 73.80 -38.49 -22.47
C ARG BA 9 74.91 -39.18 -21.68
N ARG BA 10 74.52 -39.96 -20.69
CA ARG BA 10 75.49 -40.65 -19.85
C ARG BA 10 76.22 -41.71 -20.68
N PRO BA 11 77.54 -41.80 -20.56
CA PRO BA 11 78.27 -42.78 -21.36
C PRO BA 11 78.10 -44.20 -20.83
N LYS BA 12 78.24 -45.16 -21.74
CA LYS BA 12 78.11 -46.57 -21.38
C LYS BA 12 79.37 -47.03 -20.67
N THR BA 13 79.23 -47.51 -19.45
CA THR BA 13 80.35 -47.95 -18.65
C THR BA 13 80.39 -49.47 -18.55
N LEU BA 14 81.59 -50.00 -18.31
CA LEU BA 14 81.81 -51.44 -18.33
C LEU BA 14 81.19 -52.06 -17.10
N ARG BA 15 80.00 -52.65 -17.27
CA ARG BA 15 79.28 -53.32 -16.20
C ARG BA 15 79.64 -54.80 -16.25
N LEU BA 16 80.25 -55.28 -15.17
CA LEU BA 16 80.82 -56.62 -15.15
C LEU BA 16 79.76 -57.70 -15.06
N ARG BA 17 80.20 -58.95 -14.96
CA ARG BA 17 79.29 -60.07 -14.78
C ARG BA 17 79.34 -60.55 -13.34
N ARG BA 18 78.17 -60.93 -12.82
CA ARG BA 18 78.05 -61.41 -11.46
C ARG BA 18 78.88 -62.66 -11.24
N GLN BA 19 79.88 -62.55 -10.37
CA GLN BA 19 80.83 -63.65 -10.12
C GLN BA 19 81.01 -63.85 -8.63
N PRO BA 20 80.05 -64.50 -7.97
CA PRO BA 20 80.07 -64.55 -6.50
C PRO BA 20 81.19 -65.42 -5.97
N LYS BA 21 81.68 -65.04 -4.80
CA LYS BA 21 82.71 -65.83 -4.13
C LYS BA 21 82.15 -67.03 -3.40
N TYR BA 22 80.84 -67.13 -3.26
CA TYR BA 22 80.20 -68.27 -2.63
C TYR BA 22 78.75 -68.31 -3.07
N PRO BA 23 78.22 -69.48 -3.39
CA PRO BA 23 76.79 -69.57 -3.73
C PRO BA 23 75.94 -69.26 -2.52
N ARG BA 24 74.88 -68.47 -2.74
CA ARG BA 24 74.00 -68.12 -1.64
C ARG BA 24 73.25 -69.34 -1.12
N LYS BA 25 73.02 -70.32 -1.98
CA LYS BA 25 72.39 -71.58 -1.59
C LYS BA 25 73.36 -72.71 -1.85
N SER BA 26 73.69 -73.46 -0.79
CA SER BA 26 74.67 -74.53 -0.90
C SER BA 26 74.17 -75.66 -1.78
N ALA BA 27 72.86 -75.89 -1.78
CA ALA BA 27 72.30 -77.00 -2.52
C ALA BA 27 71.23 -76.51 -3.48
N PRO BA 28 71.28 -76.93 -4.74
CA PRO BA 28 70.16 -76.66 -5.66
C PRO BA 28 68.94 -77.45 -5.21
N ARG BA 29 67.86 -76.73 -4.91
CA ARG BA 29 66.62 -77.35 -4.46
C ARG BA 29 66.07 -78.30 -5.51
N ARG BA 30 65.79 -79.52 -5.09
CA ARG BA 30 65.27 -80.53 -6.01
C ARG BA 30 63.85 -80.19 -6.44
N ASN BA 31 63.52 -80.54 -7.67
CA ASN BA 31 62.21 -80.27 -8.23
C ASN BA 31 61.16 -81.12 -7.51
N LYS BA 32 60.33 -80.48 -6.70
CA LYS BA 32 59.27 -81.18 -6.02
C LYS BA 32 58.11 -81.54 -6.94
N LEU BA 33 58.09 -80.99 -8.15
CA LEU BA 33 57.10 -81.40 -9.13
C LEU BA 33 57.69 -82.43 -10.06
N ASP BA 34 58.08 -83.59 -9.53
CA ASP BA 34 58.56 -84.64 -10.41
C ASP BA 34 57.39 -85.44 -10.95
N HIS BA 35 57.67 -86.57 -11.60
CA HIS BA 35 56.66 -87.31 -12.31
C HIS BA 35 55.64 -88.00 -11.41
N TYR BA 36 55.96 -88.24 -10.15
CA TYR BA 36 55.03 -88.95 -9.29
C TYR BA 36 54.21 -88.02 -8.41
N ALA BA 37 54.68 -86.81 -8.19
CA ALA BA 37 53.89 -85.78 -7.53
C ALA BA 37 53.05 -85.00 -8.52
N ILE BA 38 52.94 -85.49 -9.75
CA ILE BA 38 52.24 -84.78 -10.80
C ILE BA 38 51.03 -85.54 -11.33
N ILE BA 39 50.91 -86.83 -11.06
CA ILE BA 39 49.71 -87.60 -11.36
C ILE BA 39 49.29 -88.25 -10.05
N LYS BA 40 48.21 -87.75 -9.44
CA LYS BA 40 47.76 -88.34 -8.19
C LYS BA 40 47.15 -89.72 -8.43
N PHE BA 41 46.07 -89.79 -9.19
CA PHE BA 41 45.42 -91.06 -9.46
C PHE BA 41 44.49 -90.92 -10.65
N PRO BA 42 44.19 -91.99 -11.36
CA PRO BA 42 43.21 -91.95 -12.45
C PRO BA 42 41.80 -91.88 -11.88
N LEU BA 43 40.82 -91.95 -12.78
CA LEU BA 43 39.42 -91.84 -12.42
C LEU BA 43 38.72 -93.17 -12.65
N THR BA 44 37.77 -93.46 -11.77
CA THR BA 44 36.99 -94.69 -11.89
C THR BA 44 35.54 -94.28 -12.02
N THR BA 45 35.28 -93.30 -12.86
CA THR BA 45 33.94 -92.78 -13.05
C THR BA 45 33.25 -93.55 -14.16
N GLU BA 46 31.93 -93.72 -14.00
CA GLU BA 46 31.14 -94.27 -15.10
C GLU BA 46 31.15 -93.38 -16.33
N SER BA 47 31.51 -92.11 -16.19
CA SER BA 47 31.76 -91.25 -17.33
C SER BA 47 33.17 -91.41 -17.87
N ALA BA 48 34.15 -91.60 -16.98
CA ALA BA 48 35.53 -91.76 -17.42
C ALA BA 48 35.72 -93.07 -18.18
N MET BA 49 35.02 -94.13 -17.77
CA MET BA 49 35.01 -95.36 -18.56
C MET BA 49 34.43 -95.12 -19.94
N LYS BA 50 33.32 -94.37 -20.00
CA LYS BA 50 32.75 -93.98 -21.28
C LYS BA 50 33.77 -93.20 -22.10
N LYS BA 51 34.58 -92.39 -21.43
CA LYS BA 51 35.64 -91.66 -22.10
C LYS BA 51 36.76 -92.59 -22.56
N ILE BA 52 36.96 -93.72 -21.89
CA ILE BA 52 38.03 -94.63 -22.27
C ILE BA 52 37.61 -95.49 -23.45
N GLU BA 53 36.40 -96.06 -23.39
CA GLU BA 53 35.95 -96.94 -24.47
C GLU BA 53 35.82 -96.19 -25.78
N ASP BA 54 35.13 -95.06 -25.76
CA ASP BA 54 34.81 -94.37 -27.00
C ASP BA 54 35.98 -93.53 -27.50
N ASN BA 55 36.39 -92.53 -26.73
CA ASN BA 55 37.29 -91.53 -27.25
C ASN BA 55 38.76 -91.89 -27.11
N ASN BA 56 39.09 -93.02 -26.49
CA ASN BA 56 40.46 -93.51 -26.36
C ASN BA 56 41.34 -92.54 -25.57
N THR BA 57 40.79 -91.91 -24.53
CA THR BA 57 41.57 -91.01 -23.69
C THR BA 57 41.52 -91.48 -22.25
N LEU BA 58 42.62 -91.26 -21.53
CA LEU BA 58 42.67 -91.51 -20.10
C LEU BA 58 42.38 -90.23 -19.33
N VAL BA 59 41.83 -90.41 -18.13
CA VAL BA 59 41.46 -89.29 -17.29
C VAL BA 59 42.20 -89.44 -15.96
N PHE BA 60 43.04 -88.46 -15.64
CA PHE BA 60 43.81 -88.47 -14.41
C PHE BA 60 43.44 -87.27 -13.56
N ILE BA 61 43.80 -87.35 -12.28
CA ILE BA 61 43.76 -86.18 -11.40
C ILE BA 61 45.19 -85.72 -11.22
N VAL BA 62 45.62 -84.78 -12.06
CA VAL BA 62 46.99 -84.29 -11.99
C VAL BA 62 47.08 -83.21 -10.93
N ASP BA 63 48.31 -82.82 -10.60
CA ASP BA 63 48.54 -81.73 -9.66
C ASP BA 63 47.97 -80.42 -10.21
N VAL BA 64 47.71 -79.48 -9.31
CA VAL BA 64 47.09 -78.22 -9.71
C VAL BA 64 48.09 -77.32 -10.43
N LYS BA 65 49.37 -77.63 -10.38
CA LYS BA 65 50.37 -76.74 -10.95
C LYS BA 65 51.20 -77.38 -12.04
N ALA BA 66 50.57 -78.07 -12.98
CA ALA BA 66 51.29 -78.73 -14.06
C ALA BA 66 50.84 -78.17 -15.39
N ASN BA 67 51.79 -77.95 -16.29
CA ASN BA 67 51.46 -77.58 -17.65
C ASN BA 67 50.92 -78.79 -18.40
N LYS BA 68 50.28 -78.53 -19.54
CA LYS BA 68 49.93 -79.63 -20.44
C LYS BA 68 51.18 -80.31 -20.96
N HIS BA 69 52.25 -79.54 -21.18
CA HIS BA 69 53.52 -80.13 -21.60
C HIS BA 69 54.03 -81.11 -20.56
N GLN BA 70 54.03 -80.70 -19.29
CA GLN BA 70 54.57 -81.53 -18.24
C GLN BA 70 53.74 -82.78 -18.04
N ILE BA 71 52.42 -82.68 -18.17
CA ILE BA 71 51.56 -83.84 -18.04
C ILE BA 71 51.79 -84.80 -19.19
N LYS BA 72 52.04 -84.28 -20.38
CA LYS BA 72 52.25 -85.12 -21.54
C LYS BA 72 53.50 -85.98 -21.39
N GLN BA 73 54.59 -85.38 -20.95
CA GLN BA 73 55.82 -86.15 -20.81
C GLN BA 73 55.84 -86.99 -19.54
N ALA BA 74 54.98 -86.67 -18.57
CA ALA BA 74 54.90 -87.49 -17.37
C ALA BA 74 54.27 -88.84 -17.68
N VAL BA 75 53.12 -88.82 -18.35
CA VAL BA 75 52.47 -90.05 -18.80
C VAL BA 75 53.40 -90.81 -19.74
N LYS BA 76 54.08 -90.09 -20.61
CA LYS BA 76 55.02 -90.66 -21.58
C LYS BA 76 56.17 -91.37 -20.89
N LYS BA 77 56.41 -91.06 -19.62
CA LYS BA 77 57.44 -91.72 -18.85
C LYS BA 77 56.91 -92.77 -17.90
N LEU BA 78 55.74 -92.58 -17.31
CA LEU BA 78 55.21 -93.53 -16.35
C LEU BA 78 54.50 -94.71 -16.98
N TYR BA 79 53.97 -94.55 -18.19
CA TYR BA 79 53.20 -95.63 -18.81
C TYR BA 79 53.66 -95.92 -20.23
N ASP BA 80 54.74 -95.29 -20.69
CA ASP BA 80 55.45 -95.63 -21.93
C ASP BA 80 54.55 -95.58 -23.16
N ILE BA 81 53.58 -94.67 -23.15
CA ILE BA 81 52.62 -94.51 -24.23
C ILE BA 81 52.63 -93.05 -24.68
N ASP BA 82 52.67 -92.83 -25.99
CA ASP BA 82 52.76 -91.48 -26.50
C ASP BA 82 51.41 -90.80 -26.47
N VAL BA 83 51.43 -89.53 -26.18
CA VAL BA 83 50.22 -88.74 -25.98
C VAL BA 83 49.99 -87.88 -27.21
N ALA BA 84 48.76 -87.89 -27.70
CA ALA BA 84 48.41 -87.08 -28.85
C ALA BA 84 47.99 -85.67 -28.47
N LYS BA 85 47.13 -85.53 -27.47
CA LYS BA 85 46.75 -84.21 -26.98
C LYS BA 85 46.23 -84.33 -25.56
N VAL BA 86 46.44 -83.28 -24.79
CA VAL BA 86 46.01 -83.22 -23.39
C VAL BA 86 44.97 -82.12 -23.29
N ASN BA 87 43.93 -82.38 -22.52
CA ASN BA 87 42.96 -81.36 -22.17
C ASN BA 87 42.79 -81.36 -20.66
N THR BA 88 42.97 -80.20 -20.05
CA THR BA 88 42.90 -80.08 -18.62
C THR BA 88 41.80 -79.10 -18.23
N LEU BA 89 41.34 -79.25 -17.00
CA LEU BA 89 40.43 -78.28 -16.39
C LEU BA 89 40.66 -78.36 -14.89
N ILE BA 90 40.01 -77.46 -14.15
CA ILE BA 90 40.09 -77.46 -12.72
C ILE BA 90 38.68 -77.71 -12.19
N ARG BA 91 38.49 -78.83 -11.52
CA ARG BA 91 37.20 -79.17 -10.97
C ARG BA 91 36.84 -78.17 -9.87
N PRO BA 92 35.54 -78.01 -9.57
CA PRO BA 92 35.16 -77.08 -8.50
C PRO BA 92 35.76 -77.39 -7.15
N ASP BA 93 35.95 -78.68 -6.84
CA ASP BA 93 36.51 -79.05 -5.55
C ASP BA 93 37.98 -78.64 -5.44
N GLY BA 94 38.65 -78.43 -6.57
CA GLY BA 94 39.95 -77.80 -6.54
C GLY BA 94 41.06 -78.49 -7.32
N GLU BA 95 41.08 -79.82 -7.33
CA GLU BA 95 42.15 -80.52 -8.03
C GLU BA 95 41.94 -80.48 -9.53
N LYS BA 96 43.04 -80.51 -10.27
CA LYS BA 96 43.01 -80.37 -11.72
C LYS BA 96 42.83 -81.72 -12.38
N LYS BA 97 41.85 -81.81 -13.27
CA LYS BA 97 41.54 -83.02 -14.00
C LYS BA 97 42.10 -82.93 -15.41
N ALA BA 98 42.64 -84.04 -15.92
CA ALA BA 98 43.32 -84.03 -17.20
C ALA BA 98 42.79 -85.15 -18.07
N TYR BA 99 42.42 -84.83 -19.31
CA TYR BA 99 42.02 -85.81 -20.30
C TYR BA 99 43.20 -86.04 -21.23
N VAL BA 100 43.82 -87.20 -21.12
CA VAL BA 100 45.01 -87.51 -21.90
C VAL BA 100 44.57 -88.35 -23.08
N ARG BA 101 44.53 -87.74 -24.26
CA ARG BA 101 44.14 -88.46 -25.47
C ARG BA 101 45.36 -89.19 -26.02
N LEU BA 102 45.30 -90.50 -26.05
CA LEU BA 102 46.44 -91.30 -26.48
C LEU BA 102 46.58 -91.27 -28.00
N ALA BA 103 47.77 -91.59 -28.46
CA ALA BA 103 48.04 -91.66 -29.89
C ALA BA 103 47.26 -92.82 -30.49
N PRO BA 104 46.83 -92.69 -31.75
CA PRO BA 104 45.93 -93.71 -32.32
C PRO BA 104 46.57 -95.06 -32.52
N ASP BA 105 47.90 -95.14 -32.60
CA ASP BA 105 48.54 -96.44 -32.64
C ASP BA 105 48.55 -97.13 -31.28
N TYR BA 106 48.06 -96.47 -30.23
CA TYR BA 106 47.93 -97.03 -28.91
C TYR BA 106 46.47 -97.22 -28.57
N ASP BA 107 46.22 -98.11 -27.62
CA ASP BA 107 44.87 -98.45 -27.18
C ASP BA 107 44.68 -98.03 -25.74
N ALA BA 108 43.56 -97.37 -25.46
CA ALA BA 108 43.32 -96.89 -24.10
C ALA BA 108 42.86 -98.01 -23.18
N LEU BA 109 42.14 -99.00 -23.69
CA LEU BA 109 41.70 -100.10 -22.84
C LEU BA 109 42.90 -100.91 -22.34
N ASP BA 110 43.73 -101.40 -23.25
CA ASP BA 110 44.79 -102.32 -22.85
C ASP BA 110 45.88 -101.62 -22.04
N VAL BA 111 45.87 -100.29 -22.00
CA VAL BA 111 46.71 -99.59 -21.03
C VAL BA 111 45.93 -99.22 -19.78
N ALA BA 112 44.59 -99.26 -19.82
CA ALA BA 112 43.84 -99.10 -18.59
C ALA BA 112 43.93 -100.36 -17.75
N ASN BA 113 44.08 -101.52 -18.40
CA ASN BA 113 44.28 -102.75 -17.65
C ASN BA 113 45.72 -102.90 -17.20
N LYS BA 114 46.63 -102.16 -17.83
CA LYS BA 114 48.02 -102.14 -17.37
C LYS BA 114 48.13 -101.50 -16.00
N ILE BA 115 47.22 -100.58 -15.67
CA ILE BA 115 47.21 -99.90 -14.39
C ILE BA 115 45.99 -100.24 -13.55
N GLY BA 116 45.26 -101.29 -13.90
CA GLY BA 116 44.24 -101.80 -13.01
C GLY BA 116 42.84 -101.28 -13.24
N ILE BA 117 42.71 -100.00 -13.61
CA ILE BA 117 41.39 -99.37 -13.68
C ILE BA 117 40.55 -99.99 -14.79
N ILE BA 118 39.36 -100.43 -14.42
CA ILE BA 118 38.37 -100.96 -15.35
C ILE BA 118 37.02 -101.05 -14.64
N MET CA 1 53.67 -82.45 54.67
CA MET CA 1 53.79 -81.19 53.97
C MET CA 1 54.91 -81.22 52.96
N LYS CA 2 54.69 -80.63 51.80
CA LYS CA 2 55.74 -80.54 50.80
C LYS CA 2 56.49 -79.23 50.98
N PHE CA 3 57.79 -79.27 50.72
CA PHE CA 3 58.63 -78.10 50.88
C PHE CA 3 59.36 -77.69 49.61
N ASN CA 4 59.29 -78.48 48.57
CA ASN CA 4 59.82 -78.06 47.28
C ASN CA 4 58.89 -77.02 46.69
N PRO CA 5 59.31 -75.78 46.53
CA PRO CA 5 58.39 -74.76 46.00
C PRO CA 5 58.37 -74.74 44.48
N PHE CA 6 58.31 -75.92 43.87
CA PHE CA 6 58.08 -76.05 42.45
C PHE CA 6 57.09 -77.16 42.13
N VAL CA 7 56.82 -78.05 43.06
CA VAL CA 7 55.78 -79.04 42.88
C VAL CA 7 54.48 -78.44 43.40
N THR CA 8 53.40 -78.67 42.67
CA THR CA 8 52.14 -78.01 42.96
C THR CA 8 51.39 -78.77 44.04
N SER CA 9 50.57 -78.04 44.79
CA SER CA 9 49.58 -78.66 45.64
C SER CA 9 48.17 -78.22 45.30
N ASP CA 10 47.98 -77.53 44.19
CA ASP CA 10 46.67 -77.06 43.78
C ASP CA 10 45.83 -78.24 43.32
N ARG CA 11 44.54 -78.20 43.63
CA ARG CA 11 43.67 -79.31 43.25
C ARG CA 11 43.46 -79.35 41.75
N SER CA 12 43.31 -78.18 41.13
CA SER CA 12 43.02 -78.15 39.70
C SER CA 12 44.24 -78.49 38.87
N LYS CA 13 45.42 -78.04 39.30
CA LYS CA 13 46.64 -78.28 38.53
C LYS CA 13 47.01 -79.74 38.51
N ASN CA 14 46.85 -80.43 39.66
CA ASN CA 14 47.18 -81.84 39.72
C ASN CA 14 46.24 -82.67 38.87
N ARG CA 15 44.96 -82.30 38.84
CA ARG CA 15 44.01 -83.02 38.00
C ARG CA 15 44.32 -82.80 36.53
N LYS CA 16 44.72 -81.59 36.16
CA LYS CA 16 45.06 -81.32 34.77
C LYS CA 16 46.29 -82.09 34.35
N ARG CA 17 47.30 -82.15 35.20
CA ARG CA 17 48.48 -82.95 34.89
C ARG CA 17 48.23 -84.44 35.01
N HIS CA 18 47.03 -84.85 35.40
CA HIS CA 18 46.66 -86.26 35.44
C HIS CA 18 45.91 -86.65 34.18
N PHE CA 19 44.86 -85.91 33.83
CA PHE CA 19 44.04 -86.26 32.68
C PHE CA 19 44.68 -85.86 31.37
N ASN CA 20 45.70 -85.01 31.39
CA ASN CA 20 46.45 -84.65 30.21
C ASN CA 20 47.86 -85.17 30.28
N ALA CA 21 48.03 -86.33 30.78
CA ALA CA 21 49.37 -86.88 30.85
C ALA CA 21 49.69 -87.58 29.54
N PRO CA 22 50.90 -87.40 29.00
CA PRO CA 22 51.30 -88.16 27.82
C PRO CA 22 51.40 -89.64 28.13
N SER CA 23 51.43 -90.44 27.07
CA SER CA 23 51.28 -91.89 27.18
C SER CA 23 52.32 -92.54 28.07
N HIS CA 24 53.58 -92.13 27.92
CA HIS CA 24 54.63 -92.72 28.75
C HIS CA 24 54.49 -92.33 30.20
N ILE CA 25 53.89 -91.16 30.47
CA ILE CA 25 53.57 -90.80 31.84
C ILE CA 25 52.36 -91.58 32.32
N ARG CA 26 51.40 -91.81 31.42
CA ARG CA 26 50.25 -92.65 31.72
C ARG CA 26 50.68 -94.05 32.11
N ARG CA 27 51.82 -94.50 31.61
CA ARG CA 27 52.33 -95.81 31.94
C ARG CA 27 52.69 -95.89 33.41
N LYS CA 28 53.53 -94.97 33.89
CA LYS CA 28 53.99 -95.01 35.27
C LYS CA 28 52.85 -94.81 36.24
N ILE CA 29 51.88 -93.96 35.88
CA ILE CA 29 50.72 -93.73 36.73
C ILE CA 29 49.93 -95.01 36.93
N MET CA 30 49.74 -95.78 35.86
CA MET CA 30 49.00 -97.03 35.94
C MET CA 30 49.91 -98.15 36.43
N SER CA 31 50.35 -98.03 37.67
CA SER CA 31 51.14 -99.06 38.31
C SER CA 31 50.23 -99.91 39.19
N SER CA 32 50.81 -100.99 39.70
CA SER CA 32 50.08 -101.92 40.54
C SER CA 32 51.05 -102.56 41.51
N PRO CA 33 50.56 -103.03 42.65
CA PRO CA 33 51.44 -103.72 43.58
C PRO CA 33 51.76 -105.13 43.13
N LEU CA 34 52.95 -105.57 43.48
CA LEU CA 34 53.33 -106.95 43.30
C LEU CA 34 52.86 -107.75 44.50
N SER CA 35 52.59 -109.03 44.28
CA SER CA 35 52.13 -109.90 45.36
C SER CA 35 53.23 -110.06 46.40
N LYS CA 36 52.83 -110.44 47.60
CA LYS CA 36 53.77 -110.70 48.67
C LYS CA 36 54.63 -111.92 48.40
N GLU CA 37 54.30 -112.70 47.37
CA GLU CA 37 55.19 -113.73 46.88
C GLU CA 37 56.26 -113.17 45.97
N LEU CA 38 56.05 -112.00 45.39
CA LEU CA 38 57.06 -111.36 44.57
C LEU CA 38 57.75 -110.20 45.27
N ARG CA 39 57.09 -109.59 46.26
CA ARG CA 39 57.62 -108.40 46.90
C ARG CA 39 58.83 -108.70 47.77
N GLN CA 40 59.00 -109.94 48.23
CA GLN CA 40 60.18 -110.31 49.00
C GLN CA 40 61.23 -110.99 48.14
N LYS CA 41 60.87 -111.38 46.91
CA LYS CA 41 61.84 -111.95 45.99
C LYS CA 41 62.53 -110.89 45.15
N TYR CA 42 61.83 -109.82 44.80
CA TYR CA 42 62.42 -108.73 44.04
C TYR CA 42 62.69 -107.51 44.89
N ASN CA 43 62.15 -107.44 46.11
CA ASN CA 43 62.32 -106.32 47.03
C ASN CA 43 61.80 -105.03 46.41
N VAL CA 44 60.70 -105.12 45.66
CA VAL CA 44 60.07 -103.97 45.03
C VAL CA 44 58.60 -103.95 45.39
N ARG CA 45 58.10 -102.75 45.75
CA ARG CA 45 56.72 -102.61 46.15
C ARG CA 45 55.76 -102.74 44.98
N SER CA 46 55.90 -101.87 43.98
CA SER CA 46 54.93 -101.77 42.89
C SER CA 46 55.64 -101.94 41.55
N MET CA 47 54.86 -101.82 40.47
CA MET CA 47 55.35 -102.04 39.11
C MET CA 47 54.38 -101.47 38.09
N PRO CA 48 54.88 -100.81 37.03
CA PRO CA 48 54.00 -100.42 35.93
C PRO CA 48 53.54 -101.63 35.15
N ILE CA 49 52.22 -101.76 34.94
CA ILE CA 49 51.66 -102.99 34.43
C ILE CA 49 51.95 -103.14 32.94
N ARG CA 50 52.25 -104.37 32.52
CA ARG CA 50 52.55 -104.71 31.14
C ARG CA 50 51.29 -105.29 30.49
N LYS CA 51 51.34 -105.62 29.21
CA LYS CA 51 50.21 -106.19 28.48
C LYS CA 51 49.89 -107.60 28.90
N ASP CA 52 50.88 -108.41 29.27
CA ASP CA 52 50.61 -109.79 29.68
C ASP CA 52 51.21 -110.05 31.06
N ASP CA 53 50.45 -109.71 32.10
CA ASP CA 53 50.81 -109.94 33.48
C ASP CA 53 49.69 -110.72 34.16
N GLU CA 54 50.06 -111.60 35.07
CA GLU CA 54 49.06 -112.34 35.81
C GLU CA 54 48.53 -111.48 36.96
N VAL CA 55 47.23 -111.60 37.21
CA VAL CA 55 46.46 -110.57 37.91
C VAL CA 55 45.34 -111.19 38.74
N GLN CA 56 45.17 -110.68 39.96
CA GLN CA 56 43.94 -110.87 40.73
C GLN CA 56 43.30 -109.51 40.96
N VAL CA 57 41.98 -109.46 40.91
CA VAL CA 57 41.26 -108.25 41.29
C VAL CA 57 41.02 -108.29 42.79
N VAL CA 58 41.21 -107.15 43.45
CA VAL CA 58 41.17 -107.08 44.90
C VAL CA 58 39.92 -106.39 45.40
N ARG CA 59 39.55 -105.27 44.81
CA ARG CA 59 38.36 -104.54 45.21
C ARG CA 59 37.25 -104.79 44.18
N GLY CA 60 36.14 -104.08 44.32
CA GLY CA 60 35.09 -104.13 43.33
C GLY CA 60 34.32 -105.42 43.29
N HIS CA 61 33.34 -105.49 42.38
CA HIS CA 61 32.44 -106.65 42.34
C HIS CA 61 33.14 -107.91 41.86
N TYR CA 62 34.19 -107.77 41.06
CA TYR CA 62 34.85 -108.91 40.44
C TYR CA 62 36.08 -109.36 41.22
N LYS CA 63 36.08 -109.19 42.53
CA LYS CA 63 37.24 -109.59 43.32
C LYS CA 63 37.18 -111.08 43.61
N GLY CA 64 38.34 -111.72 43.57
CA GLY CA 64 38.40 -113.15 43.80
C GLY CA 64 39.82 -113.64 43.70
N GLN CA 65 39.99 -114.94 43.92
CA GLN CA 65 41.30 -115.56 43.92
C GLN CA 65 41.71 -116.06 42.54
N GLN CA 66 40.94 -115.72 41.51
CA GLN CA 66 41.26 -116.16 40.16
C GLN CA 66 42.51 -115.46 39.66
N ILE CA 67 43.20 -116.12 38.73
CA ILE CA 67 44.40 -115.54 38.15
C ILE CA 67 44.11 -115.19 36.71
N GLY CA 68 43.62 -113.99 36.48
CA GLY CA 68 43.42 -113.54 35.12
C GLY CA 68 44.68 -112.88 34.59
N LYS CA 69 44.81 -112.86 33.27
CA LYS CA 69 45.93 -112.15 32.67
C LYS CA 69 45.41 -110.89 32.00
N VAL CA 70 46.28 -109.89 31.91
CA VAL CA 70 45.95 -108.67 31.18
C VAL CA 70 45.92 -108.99 29.70
N VAL CA 71 44.97 -108.39 28.98
CA VAL CA 71 44.88 -108.58 27.54
C VAL CA 71 45.19 -107.28 26.79
N GLN CA 72 44.81 -106.14 27.37
CA GLN CA 72 45.18 -104.85 26.81
C GLN CA 72 45.14 -103.79 27.90
N VAL CA 73 46.10 -102.89 27.84
CA VAL CA 73 46.27 -101.82 28.80
C VAL CA 73 45.76 -100.56 28.13
N TYR CA 74 44.52 -100.19 28.41
CA TYR CA 74 43.86 -99.12 27.68
C TYR CA 74 44.23 -97.79 28.33
N ARG CA 75 45.38 -97.27 27.93
CA ARG CA 75 45.95 -96.09 28.59
C ARG CA 75 45.11 -94.85 28.38
N LYS CA 76 44.29 -94.80 27.34
CA LYS CA 76 43.45 -93.64 27.12
C LYS CA 76 42.29 -93.55 28.11
N LYS CA 77 42.00 -94.63 28.83
CA LYS CA 77 40.95 -94.60 29.84
C LYS CA 77 41.42 -94.90 31.24
N TYR CA 78 42.73 -95.07 31.46
CA TYR CA 78 43.31 -95.50 32.74
C TYR CA 78 42.74 -96.85 33.18
N VAL CA 79 42.66 -97.78 32.25
CA VAL CA 79 41.88 -99.00 32.43
C VAL CA 79 42.61 -100.18 31.81
N ILE CA 80 42.67 -101.28 32.54
CA ILE CA 80 43.16 -102.52 31.97
C ILE CA 80 42.00 -103.48 31.81
N TYR CA 81 42.19 -104.44 30.92
CA TYR CA 81 41.20 -105.48 30.69
C TYR CA 81 41.85 -106.81 31.02
N ILE CA 82 41.24 -107.53 31.93
CA ILE CA 82 41.76 -108.80 32.39
C ILE CA 82 41.02 -109.91 31.65
N GLU CA 83 41.69 -111.06 31.50
CA GLU CA 83 41.26 -112.17 30.67
C GLU CA 83 39.83 -112.64 30.90
N ARG CA 84 39.51 -113.08 32.11
CA ARG CA 84 38.22 -113.72 32.34
C ARG CA 84 37.16 -112.77 32.84
N VAL CA 85 37.53 -111.55 33.25
CA VAL CA 85 36.50 -110.63 33.75
C VAL CA 85 35.77 -110.04 32.55
N GLN CA 86 34.45 -110.12 32.59
CA GLN CA 86 33.58 -109.68 31.51
C GLN CA 86 32.15 -109.74 31.99
N ARG CA 87 31.33 -108.83 31.53
CA ARG CA 87 29.91 -108.89 31.77
C ARG CA 87 29.19 -109.18 30.47
N GLU CA 88 27.94 -109.59 30.57
CA GLU CA 88 27.14 -109.93 29.42
C GLU CA 88 26.35 -108.72 28.96
N LYS CA 89 26.44 -108.41 27.67
CA LYS CA 89 25.68 -107.31 27.10
C LYS CA 89 24.23 -107.73 26.87
N ALA CA 90 23.45 -106.84 26.25
CA ALA CA 90 22.04 -107.09 26.04
C ALA CA 90 21.81 -108.20 25.01
N ASN CA 91 22.61 -108.22 23.95
CA ASN CA 91 22.39 -109.17 22.88
C ASN CA 91 22.79 -110.59 23.28
N GLY CA 92 23.97 -110.74 23.86
CA GLY CA 92 24.48 -112.08 24.12
C GLY CA 92 25.97 -112.19 23.93
N THR CA 93 26.61 -111.10 23.50
CA THR CA 93 28.06 -111.07 23.36
C THR CA 93 28.69 -110.40 24.56
N THR CA 94 29.89 -110.85 24.92
CA THR CA 94 30.54 -110.39 26.13
C THR CA 94 31.49 -109.23 25.85
N VAL CA 95 31.77 -108.47 26.90
CA VAL CA 95 32.61 -107.27 26.82
C VAL CA 95 33.51 -107.25 28.04
N HIS CA 96 34.80 -106.98 27.84
CA HIS CA 96 35.71 -106.80 28.95
C HIS CA 96 35.32 -105.56 29.75
N VAL CA 97 35.04 -105.74 31.03
CA VAL CA 97 34.73 -104.61 31.89
C VAL CA 97 36.02 -104.07 32.49
N GLY CA 98 36.07 -102.75 32.68
CA GLY CA 98 37.33 -102.09 33.03
C GLY CA 98 37.66 -102.17 34.50
N ILE CA 99 38.95 -102.32 34.80
CA ILE CA 99 39.46 -102.37 36.16
C ILE CA 99 40.62 -101.41 36.29
N HIS CA 100 40.61 -100.60 37.33
CA HIS CA 100 41.73 -99.71 37.53
C HIS CA 100 42.94 -100.49 38.01
N PRO CA 101 44.15 -100.20 37.53
CA PRO CA 101 45.32 -100.98 37.92
C PRO CA 101 45.68 -100.88 39.39
N SER CA 102 45.30 -99.80 40.06
CA SER CA 102 45.59 -99.68 41.48
C SER CA 102 44.76 -100.63 42.33
N LYS CA 103 43.78 -101.31 41.73
CA LYS CA 103 42.97 -102.29 42.43
C LYS CA 103 43.27 -103.70 41.95
N VAL CA 104 44.54 -103.97 41.70
CA VAL CA 104 45.01 -105.18 41.04
C VAL CA 104 46.36 -105.58 41.63
N VAL CA 105 46.50 -106.84 42.00
CA VAL CA 105 47.78 -107.36 42.47
C VAL CA 105 48.35 -108.26 41.38
N ILE CA 106 49.66 -108.14 41.15
CA ILE CA 106 50.33 -108.96 40.15
C ILE CA 106 50.81 -110.25 40.78
N THR CA 107 50.44 -111.38 40.18
CA THR CA 107 50.88 -112.68 40.67
C THR CA 107 51.99 -113.30 39.85
N ARG CA 108 52.28 -112.76 38.67
CA ARG CA 108 53.42 -113.22 37.88
C ARG CA 108 53.80 -112.10 36.92
N LEU CA 109 55.10 -111.86 36.78
CA LEU CA 109 55.59 -110.79 35.93
C LEU CA 109 55.93 -111.32 34.55
N LYS CA 110 55.98 -110.40 33.59
CA LYS CA 110 56.41 -110.71 32.22
C LYS CA 110 57.90 -110.42 32.16
N LEU CA 111 58.70 -111.47 32.35
CA LEU CA 111 60.15 -111.36 32.29
C LEU CA 111 60.60 -110.93 30.90
N ASP CA 112 61.37 -109.86 30.83
CA ASP CA 112 61.82 -109.31 29.57
C ASP CA 112 63.16 -108.63 29.79
N LYS CA 113 63.96 -108.55 28.71
CA LYS CA 113 65.29 -107.97 28.81
C LYS CA 113 65.25 -106.52 29.28
N ASP CA 114 64.15 -105.81 29.01
CA ASP CA 114 63.98 -104.47 29.55
C ASP CA 114 63.20 -104.45 30.86
N ARG CA 115 62.44 -105.50 31.14
CA ARG CA 115 61.68 -105.52 32.37
C ARG CA 115 62.54 -105.92 33.56
N LYS CA 116 63.42 -106.90 33.38
CA LYS CA 116 64.33 -107.32 34.44
C LYS CA 116 65.26 -106.19 34.84
N LYS CA 117 65.63 -105.35 33.86
CA LYS CA 117 66.45 -104.18 34.11
C LYS CA 117 65.79 -103.23 35.09
N ILE CA 118 64.45 -103.15 35.07
CA ILE CA 118 63.75 -102.22 35.94
C ILE CA 118 63.78 -102.69 37.39
N LEU CA 119 63.50 -103.98 37.60
CA LEU CA 119 63.40 -104.48 38.97
C LEU CA 119 64.76 -104.49 39.65
N GLU CA 120 65.81 -104.78 38.90
CA GLU CA 120 67.15 -104.72 39.45
C GLU CA 120 67.56 -103.28 39.77
N ARG CA 121 66.93 -102.30 39.14
CA ARG CA 121 67.20 -100.91 39.48
C ARG CA 121 66.36 -100.44 40.65
N LYS CA 122 65.06 -100.74 40.63
CA LYS CA 122 64.17 -100.32 41.70
C LYS CA 122 64.59 -100.92 43.04
N ALA CA 123 65.05 -102.16 43.02
CA ALA CA 123 65.55 -102.74 44.25
C ALA CA 123 66.88 -102.14 44.66
N LYS CA 124 67.61 -101.55 43.72
CA LYS CA 124 68.94 -101.04 44.04
C LYS CA 124 68.86 -99.76 44.85
N SER CA 125 68.14 -98.76 44.34
CA SER CA 125 67.95 -97.52 45.08
C SER CA 125 67.20 -97.73 46.37
N ARG CA 126 66.43 -98.82 46.46
CA ARG CA 126 65.83 -99.20 47.73
C ARG CA 126 66.88 -99.47 48.79
N GLN CA 127 68.00 -100.09 48.39
CA GLN CA 127 69.01 -100.50 49.35
C GLN CA 127 69.73 -99.30 49.95
N VAL CA 128 69.85 -98.22 49.19
CA VAL CA 128 70.50 -97.03 49.71
C VAL CA 128 69.67 -96.41 50.82
N GLY CA 129 68.34 -96.54 50.74
CA GLY CA 129 67.50 -96.13 51.85
C GLY CA 129 67.74 -96.95 53.10
N LYS CA 130 68.14 -98.21 52.93
CA LYS CA 130 68.52 -99.05 54.05
C LYS CA 130 70.02 -99.10 54.25
N GLU CA 131 70.76 -98.14 53.68
CA GLU CA 131 72.20 -98.06 53.89
C GLU CA 131 72.69 -96.64 54.09
N LYS CA 132 71.81 -95.65 54.16
CA LYS CA 132 72.15 -94.27 54.46
C LYS CA 132 71.56 -93.78 55.76
N GLY CA 133 70.33 -94.18 56.08
CA GLY CA 133 69.74 -93.87 57.35
C GLY CA 133 69.99 -94.98 58.36
N LYS CA 134 71.26 -95.35 58.53
CA LYS CA 134 71.63 -96.40 59.46
C LYS CA 134 73.06 -96.22 59.96
N GLY DA 1 56.09 -25.04 -85.90
CA GLY DA 1 54.93 -24.72 -85.08
C GLY DA 1 54.61 -25.80 -84.08
N LYS DA 2 54.88 -27.05 -84.46
CA LYS DA 2 54.65 -28.20 -83.60
C LYS DA 2 55.99 -28.58 -82.98
N PHE DA 3 56.12 -28.34 -81.68
CA PHE DA 3 57.39 -28.49 -80.99
C PHE DA 3 57.61 -29.93 -80.54
N MET DA 4 56.77 -30.86 -80.98
CA MET DA 4 56.95 -32.26 -80.64
C MET DA 4 57.80 -32.93 -81.72
N LYS DA 5 59.06 -32.52 -81.76
CA LYS DA 5 60.02 -33.04 -82.73
C LYS DA 5 60.57 -34.37 -82.24
N PRO DA 6 61.19 -35.16 -83.12
CA PRO DA 6 61.80 -36.41 -82.65
C PRO DA 6 63.16 -36.22 -82.01
N GLY DA 7 63.30 -35.22 -81.16
CA GLY DA 7 64.50 -35.07 -80.36
C GLY DA 7 64.17 -34.58 -78.97
N LYS DA 8 62.89 -34.40 -78.69
CA LYS DA 8 62.46 -33.75 -77.46
C LYS DA 8 62.71 -34.65 -76.26
N VAL DA 9 63.38 -34.12 -75.24
CA VAL DA 9 63.37 -34.76 -73.95
C VAL DA 9 62.04 -34.46 -73.26
N VAL DA 10 61.29 -35.51 -72.95
CA VAL DA 10 59.92 -35.38 -72.49
C VAL DA 10 59.76 -36.17 -71.19
N LEU DA 11 58.94 -35.66 -70.29
CA LEU DA 11 58.62 -36.32 -69.05
C LEU DA 11 57.33 -37.11 -69.20
N VAL DA 12 57.32 -38.32 -68.66
CA VAL DA 12 56.12 -39.15 -68.69
C VAL DA 12 55.26 -38.80 -67.50
N LEU DA 13 53.96 -38.65 -67.72
CA LEU DA 13 53.04 -38.19 -66.68
C LEU DA 13 52.07 -39.26 -66.21
N ALA DA 14 52.18 -40.48 -66.73
CA ALA DA 14 51.24 -41.52 -66.34
C ALA DA 14 51.86 -42.88 -66.62
N GLY DA 15 51.41 -43.88 -65.88
CA GLY DA 15 51.84 -45.24 -66.13
C GLY DA 15 52.98 -45.66 -65.25
N ARG DA 16 53.49 -46.86 -65.55
CA ARG DA 16 54.55 -47.44 -64.75
C ARG DA 16 55.83 -46.61 -64.80
N TYR DA 17 56.06 -45.93 -65.92
CA TYR DA 17 57.26 -45.13 -66.11
C TYR DA 17 57.00 -43.67 -65.83
N SER DA 18 56.16 -43.36 -64.85
CA SER DA 18 55.93 -41.97 -64.48
C SER DA 18 57.19 -41.37 -63.87
N GLY DA 19 57.37 -40.08 -64.10
CA GLY DA 19 58.54 -39.40 -63.57
C GLY DA 19 59.82 -39.78 -64.25
N ARG DA 20 59.76 -40.37 -65.43
CA ARG DA 20 60.95 -40.74 -66.19
C ARG DA 20 61.11 -39.80 -67.37
N LYS DA 21 62.34 -39.70 -67.85
CA LYS DA 21 62.68 -38.80 -68.94
C LYS DA 21 62.88 -39.62 -70.21
N ALA DA 22 62.28 -39.16 -71.30
CA ALA DA 22 62.23 -39.92 -72.53
C ALA DA 22 62.70 -39.05 -73.70
N VAL DA 23 62.87 -39.69 -74.85
CA VAL DA 23 63.24 -39.01 -76.08
C VAL DA 23 62.28 -39.45 -77.16
N ILE DA 24 61.61 -38.49 -77.80
CA ILE DA 24 60.75 -38.82 -78.92
C ILE DA 24 61.57 -39.35 -80.07
N VAL DA 25 61.09 -40.42 -80.69
CA VAL DA 25 61.66 -40.86 -81.96
C VAL DA 25 60.62 -41.00 -83.07
N LYS DA 26 59.33 -40.98 -82.76
CA LYS DA 26 58.32 -41.00 -83.82
C LYS DA 26 57.11 -40.23 -83.29
N ASN DA 27 56.91 -39.02 -83.80
CA ASN DA 27 55.79 -38.19 -83.39
C ASN DA 27 54.64 -38.32 -84.39
N ILE DA 28 53.53 -38.87 -83.93
CA ILE DA 28 52.41 -39.14 -84.82
C ILE DA 28 51.24 -38.26 -84.40
N ASP DA 29 51.08 -37.14 -85.08
CA ASP DA 29 50.01 -36.22 -84.74
C ASP DA 29 48.69 -36.64 -85.40
N ASP DA 30 48.77 -37.19 -86.60
CA ASP DA 30 47.60 -37.68 -87.31
C ASP DA 30 47.42 -39.12 -86.80
N GLY DA 31 46.54 -39.28 -85.81
CA GLY DA 31 46.27 -40.57 -85.21
C GLY DA 31 45.84 -41.62 -86.21
N THR DA 32 46.37 -42.83 -86.06
CA THR DA 32 46.16 -43.90 -87.03
C THR DA 32 44.78 -44.51 -86.84
N SER DA 33 44.52 -45.61 -87.52
CA SER DA 33 43.22 -46.28 -87.40
C SER DA 33 43.03 -46.86 -86.01
N ASP DA 34 44.01 -47.59 -85.52
CA ASP DA 34 43.89 -48.24 -84.22
C ASP DA 34 44.22 -47.31 -83.06
N ARG DA 35 44.64 -46.08 -83.33
CA ARG DA 35 44.93 -45.08 -82.29
C ARG DA 35 44.33 -43.76 -82.73
N PRO DA 36 43.10 -43.46 -82.31
CA PRO DA 36 42.49 -42.17 -82.67
C PRO DA 36 43.19 -40.96 -82.08
N TYR DA 37 43.89 -41.12 -80.96
CA TYR DA 37 44.58 -39.99 -80.37
C TYR DA 37 45.90 -39.72 -81.07
N SER DA 38 46.50 -38.59 -80.74
CA SER DA 38 47.77 -38.16 -81.33
C SER DA 38 48.90 -38.66 -80.44
N HIS DA 39 49.45 -39.82 -80.78
CA HIS DA 39 50.41 -40.49 -79.91
C HIS DA 39 51.84 -40.14 -80.32
N ALA DA 40 52.80 -40.74 -79.62
CA ALA DA 40 54.23 -40.54 -79.91
C ALA DA 40 55.05 -41.69 -79.35
N LEU DA 41 56.01 -42.18 -80.13
CA LEU DA 41 56.86 -43.28 -79.67
C LEU DA 41 58.09 -42.73 -78.98
N VAL DA 42 58.32 -43.18 -77.76
CA VAL DA 42 59.41 -42.66 -76.93
C VAL DA 42 60.39 -43.79 -76.64
N ALA DA 43 61.55 -43.40 -76.12
CA ALA DA 43 62.64 -44.33 -75.83
C ALA DA 43 63.24 -44.01 -74.47
N GLY DA 44 62.40 -43.85 -73.46
CA GLY DA 44 62.86 -43.41 -72.16
C GLY DA 44 63.75 -44.37 -71.39
N ILE DA 45 64.03 -44.04 -70.13
CA ILE DA 45 64.93 -44.82 -69.30
C ILE DA 45 64.25 -45.11 -67.97
N ASP DA 46 64.25 -46.38 -67.58
CA ASP DA 46 63.65 -46.80 -66.32
C ASP DA 46 64.58 -46.48 -65.15
N ARG DA 47 65.73 -47.11 -65.14
CA ARG DA 47 66.66 -47.01 -64.02
C ARG DA 47 67.76 -46.01 -64.35
N TYR DA 48 67.81 -44.94 -63.60
CA TYR DA 48 68.86 -43.98 -63.82
C TYR DA 48 70.18 -44.50 -63.26
N PRO DA 49 71.30 -44.14 -63.88
CA PRO DA 49 72.60 -44.55 -63.32
C PRO DA 49 72.84 -43.85 -61.99
N ARG DA 50 73.27 -44.63 -61.01
CA ARG DA 50 73.45 -44.10 -59.67
C ARG DA 50 74.58 -43.09 -59.64
N LYS DA 51 74.48 -42.13 -58.70
CA LYS DA 51 75.40 -41.02 -58.58
C LYS DA 51 76.84 -41.49 -58.35
N VAL DA 52 77.69 -41.30 -59.34
CA VAL DA 52 79.07 -41.73 -59.26
C VAL DA 52 79.86 -40.69 -58.48
N THR DA 53 80.93 -41.14 -57.84
CA THR DA 53 81.83 -40.26 -57.12
C THR DA 53 83.27 -40.67 -57.40
N ALA DA 54 84.19 -39.77 -57.09
CA ALA DA 54 85.61 -40.11 -57.14
C ALA DA 54 85.94 -41.08 -56.02
N ALA DA 55 87.22 -41.46 -55.95
CA ALA DA 55 87.76 -42.42 -55.00
C ALA DA 55 87.10 -43.79 -55.10
N MET DA 56 86.53 -44.13 -56.26
CA MET DA 56 86.01 -45.46 -56.51
C MET DA 56 86.82 -46.13 -57.62
N GLY DA 57 86.59 -47.43 -57.78
CA GLY DA 57 87.27 -48.19 -58.81
C GLY DA 57 86.45 -48.20 -60.09
N LYS DA 58 87.17 -48.25 -61.22
CA LYS DA 58 86.50 -48.27 -62.52
C LYS DA 58 85.64 -49.51 -62.68
N LYS DA 59 86.07 -50.62 -62.09
CA LYS DA 59 85.24 -51.82 -62.06
C LYS DA 59 83.99 -51.64 -61.22
N LYS DA 60 83.97 -50.65 -60.33
CA LYS DA 60 82.73 -50.31 -59.64
C LYS DA 60 82.00 -49.16 -60.32
N ILE DA 61 82.74 -48.22 -60.90
CA ILE DA 61 82.12 -47.07 -61.55
C ILE DA 61 81.29 -47.52 -62.75
N ALA DA 62 81.86 -48.37 -63.59
CA ALA DA 62 81.12 -48.91 -64.72
C ALA DA 62 79.96 -49.77 -64.25
N LYS DA 63 80.14 -50.46 -63.13
CA LYS DA 63 79.04 -51.24 -62.56
C LYS DA 63 77.95 -50.32 -62.05
N ARG DA 64 78.33 -49.19 -61.45
CA ARG DA 64 77.35 -48.23 -60.98
C ARG DA 64 76.67 -47.53 -62.15
N SER DA 65 77.44 -47.14 -63.15
CA SER DA 65 76.91 -46.39 -64.28
C SER DA 65 76.25 -47.32 -65.29
N LYS DA 66 75.05 -47.75 -64.95
CA LYS DA 66 74.26 -48.62 -65.80
C LYS DA 66 72.85 -48.08 -65.93
N ILE DA 67 72.23 -48.34 -67.08
CA ILE DA 67 70.92 -47.76 -67.40
C ILE DA 67 70.01 -48.88 -67.87
N LYS DA 68 68.74 -48.80 -67.48
CA LYS DA 68 67.70 -49.71 -67.97
C LYS DA 68 66.69 -48.89 -68.75
N SER DA 69 66.58 -49.13 -70.04
CA SER DA 69 65.74 -48.34 -70.92
C SER DA 69 64.39 -49.01 -71.10
N PHE DA 70 63.50 -48.34 -71.82
CA PHE DA 70 62.20 -48.91 -72.18
C PHE DA 70 61.76 -48.31 -73.50
N VAL DA 71 60.63 -48.79 -74.01
CA VAL DA 71 60.03 -48.30 -75.24
C VAL DA 71 58.52 -48.33 -75.05
N LYS DA 72 57.86 -47.22 -75.38
CA LYS DA 72 56.42 -47.13 -75.21
C LYS DA 72 55.91 -46.04 -76.13
N VAL DA 73 54.66 -46.17 -76.53
CA VAL DA 73 54.00 -45.20 -77.38
C VAL DA 73 52.96 -44.49 -76.53
N TYR DA 74 53.18 -43.21 -76.26
CA TYR DA 74 52.37 -42.51 -75.30
C TYR DA 74 51.39 -41.58 -75.98
N ASN DA 75 50.24 -41.40 -75.34
CA ASN DA 75 49.34 -40.31 -75.67
C ASN DA 75 50.03 -39.00 -75.32
N TYR DA 76 49.68 -37.94 -76.07
CA TYR DA 76 50.35 -36.66 -75.86
C TYR DA 76 50.11 -36.10 -74.48
N ASN DA 77 48.87 -36.15 -74.00
CA ASN DA 77 48.57 -35.58 -72.70
C ASN DA 77 49.00 -36.46 -71.54
N HIS DA 78 49.72 -37.54 -71.83
CA HIS DA 78 50.49 -38.26 -70.82
C HIS DA 78 51.97 -37.91 -70.90
N LEU DA 79 52.30 -36.82 -71.58
CA LEU DA 79 53.67 -36.36 -71.74
C LEU DA 79 53.74 -34.89 -71.40
N MET DA 80 54.93 -34.46 -70.96
CA MET DA 80 55.18 -33.08 -70.60
C MET DA 80 56.49 -32.68 -71.26
N PRO DA 81 56.43 -32.01 -72.41
CA PRO DA 81 57.66 -31.72 -73.14
C PRO DA 81 58.46 -30.64 -72.45
N THR DA 82 59.76 -30.67 -72.67
CA THR DA 82 60.69 -29.70 -72.12
C THR DA 82 61.29 -28.91 -73.26
N ARG DA 83 62.16 -27.97 -72.91
CA ARG DA 83 62.94 -27.29 -73.94
C ARG DA 83 64.12 -28.13 -74.38
N TYR DA 84 64.57 -29.05 -73.52
CA TYR DA 84 65.80 -29.80 -73.78
C TYR DA 84 65.60 -30.77 -74.93
N SER DA 85 66.72 -31.11 -75.58
CA SER DA 85 66.68 -32.03 -76.70
C SER DA 85 67.99 -32.78 -76.79
N VAL DA 86 67.91 -34.06 -77.17
CA VAL DA 86 69.06 -34.94 -77.24
C VAL DA 86 69.14 -35.54 -78.63
N ASP DA 87 70.33 -35.56 -79.21
CA ASP DA 87 70.55 -35.97 -80.59
C ASP DA 87 71.17 -37.36 -80.71
N ILE DA 88 70.75 -38.29 -79.86
CA ILE DA 88 71.21 -39.67 -79.98
C ILE DA 88 70.74 -40.25 -81.31
N PRO DA 89 71.51 -41.13 -81.95
CA PRO DA 89 71.11 -41.68 -83.25
C PRO DA 89 69.81 -42.47 -83.23
N LEU DA 90 69.79 -43.58 -82.49
CA LEU DA 90 68.65 -44.49 -82.40
C LEU DA 90 68.07 -44.85 -83.76
N ASP DA 91 68.80 -45.65 -84.54
CA ASP DA 91 68.37 -46.03 -85.89
C ASP DA 91 66.98 -46.65 -85.86
N LYS DA 92 66.12 -46.15 -86.74
CA LYS DA 92 64.70 -46.50 -86.76
C LYS DA 92 64.46 -47.96 -87.10
N THR DA 93 65.45 -48.66 -87.67
CA THR DA 93 65.25 -50.04 -88.08
C THR DA 93 65.09 -51.00 -86.91
N VAL DA 94 65.37 -50.56 -85.68
CA VAL DA 94 65.16 -51.41 -84.50
C VAL DA 94 64.14 -50.78 -83.56
N VAL DA 95 64.21 -49.46 -83.38
CA VAL DA 95 63.26 -48.73 -82.55
C VAL DA 95 62.15 -48.27 -83.48
N ASN DA 96 60.99 -48.91 -83.38
CA ASN DA 96 59.94 -48.74 -84.37
C ASN DA 96 58.60 -48.89 -83.68
N LYS DA 97 57.51 -48.74 -84.44
CA LYS DA 97 56.17 -48.90 -83.87
C LYS DA 97 55.62 -50.30 -84.06
N ASP DA 98 56.25 -51.12 -84.90
CA ASP DA 98 55.79 -52.49 -85.07
C ASP DA 98 56.56 -53.41 -84.13
N VAL DA 99 57.12 -52.83 -83.09
CA VAL DA 99 57.91 -53.54 -82.09
C VAL DA 99 57.02 -54.10 -80.99
N PHE DA 100 55.72 -53.82 -81.05
CA PHE DA 100 54.79 -54.19 -79.99
C PHE DA 100 54.03 -55.46 -80.31
N ARG DA 101 54.39 -56.17 -81.37
CA ARG DA 101 53.71 -57.40 -81.75
C ARG DA 101 54.61 -58.62 -81.62
N ASP DA 102 55.81 -58.46 -81.07
CA ASP DA 102 56.71 -59.58 -80.85
C ASP DA 102 57.67 -59.25 -79.71
N PRO DA 103 57.63 -60.01 -78.62
CA PRO DA 103 58.45 -59.65 -77.45
C PRO DA 103 59.94 -59.74 -77.69
N ALA DA 104 60.39 -60.73 -78.45
CA ALA DA 104 61.82 -60.82 -78.79
C ALA DA 104 62.25 -59.65 -79.64
N LEU DA 105 61.35 -59.10 -80.44
CA LEU DA 105 61.66 -57.90 -81.18
C LEU DA 105 61.75 -56.70 -80.25
N LYS DA 106 60.94 -56.70 -79.18
CA LYS DA 106 60.97 -55.59 -78.24
C LYS DA 106 62.23 -55.60 -77.39
N ARG DA 107 62.84 -56.76 -77.18
CA ARG DA 107 64.09 -56.79 -76.44
C ARG DA 107 65.21 -56.15 -77.25
N LYS DA 108 65.24 -56.38 -78.55
CA LYS DA 108 66.28 -55.79 -79.39
C LYS DA 108 66.18 -54.27 -79.43
N ALA DA 109 64.99 -53.72 -79.30
CA ALA DA 109 64.86 -52.26 -79.17
C ALA DA 109 65.41 -51.80 -77.83
N ARG DA 110 65.02 -52.48 -76.76
CA ARG DA 110 65.49 -52.11 -75.42
C ARG DA 110 67.00 -52.35 -75.30
N ARG DA 111 67.49 -53.43 -75.91
CA ARG DA 111 68.92 -53.72 -75.90
C ARG DA 111 69.71 -52.65 -76.64
N GLU DA 112 69.20 -52.19 -77.78
CA GLU DA 112 69.91 -51.20 -78.59
C GLU DA 112 69.92 -49.85 -77.90
N ALA DA 113 68.80 -49.48 -77.28
CA ALA DA 113 68.70 -48.18 -76.65
C ALA DA 113 69.72 -48.01 -75.52
N LYS DA 114 69.86 -49.03 -74.69
CA LYS DA 114 70.70 -49.03 -73.50
C LYS DA 114 72.14 -48.59 -73.77
N VAL DA 115 72.73 -49.06 -74.87
CA VAL DA 115 74.13 -48.73 -75.14
C VAL DA 115 74.26 -47.30 -75.63
N LYS DA 116 73.29 -46.85 -76.44
CA LYS DA 116 73.31 -45.49 -76.98
C LYS DA 116 73.26 -44.46 -75.85
N PHE DA 117 72.51 -44.77 -74.81
CA PHE DA 117 72.48 -43.89 -73.65
C PHE DA 117 73.81 -43.92 -72.91
N GLU DA 118 74.41 -45.10 -72.79
CA GLU DA 118 75.63 -45.24 -72.02
C GLU DA 118 76.79 -44.52 -72.67
N GLU DA 119 76.99 -44.72 -73.98
CA GLU DA 119 78.12 -44.12 -74.66
C GLU DA 119 78.00 -42.60 -74.72
N ARG DA 120 76.79 -42.06 -74.58
CA ARG DA 120 76.64 -40.63 -74.40
C ARG DA 120 76.60 -40.21 -72.95
N TYR DA 121 76.38 -41.15 -72.04
CA TYR DA 121 76.44 -40.80 -70.63
C TYR DA 121 77.88 -40.54 -70.20
N LYS DA 122 78.81 -41.30 -70.73
CA LYS DA 122 80.21 -41.21 -70.35
C LYS DA 122 80.93 -40.03 -70.97
N THR DA 123 80.22 -39.15 -71.69
CA THR DA 123 80.83 -38.00 -72.31
C THR DA 123 80.50 -36.70 -71.60
N GLY DA 124 79.77 -36.75 -70.49
CA GLY DA 124 79.46 -35.57 -69.73
C GLY DA 124 78.47 -34.63 -70.38
N LYS DA 125 77.73 -35.10 -71.38
CA LYS DA 125 76.79 -34.26 -72.12
C LYS DA 125 75.36 -34.73 -71.87
N ASN DA 126 74.42 -33.78 -71.96
CA ASN DA 126 73.00 -34.02 -71.71
C ASN DA 126 72.75 -34.61 -70.33
N LYS DA 127 73.50 -34.15 -69.33
CA LYS DA 127 73.41 -34.77 -68.01
C LYS DA 127 72.10 -34.47 -67.32
N TRP DA 128 71.39 -33.42 -67.75
CA TRP DA 128 70.04 -33.20 -67.25
C TRP DA 128 69.13 -34.36 -67.60
N PHE DA 129 69.32 -34.92 -68.79
CA PHE DA 129 68.51 -36.06 -69.20
C PHE DA 129 68.84 -37.30 -68.38
N PHE DA 130 70.06 -37.41 -67.88
CA PHE DA 130 70.46 -38.53 -67.04
C PHE DA 130 70.41 -38.19 -65.56
N GLN DA 131 69.52 -37.29 -65.17
CA GLN DA 131 69.23 -36.99 -63.79
C GLN DA 131 67.81 -37.45 -63.50
N LYS DA 132 67.60 -38.09 -62.36
CA LYS DA 132 66.24 -38.46 -62.00
C LYS DA 132 65.52 -37.24 -61.46
N LEU DA 133 64.26 -37.08 -61.86
CA LEU DA 133 63.47 -35.93 -61.44
C LEU DA 133 62.97 -36.17 -60.03
N ARG DA 134 63.43 -35.35 -59.09
CA ARG DA 134 63.03 -35.49 -57.69
C ARG DA 134 61.69 -34.81 -57.49
N PHE DA 135 60.63 -35.61 -57.36
CA PHE DA 135 59.29 -35.05 -57.19
C PHE DA 135 58.59 -35.67 -55.99
N PRO EA 1 34.83 -53.53 58.98
CA PRO EA 1 33.58 -54.23 59.22
C PRO EA 1 32.41 -53.61 58.50
N SER EA 2 32.04 -54.19 57.36
CA SER EA 2 30.83 -53.76 56.69
C SER EA 2 29.58 -54.15 57.46
N ARG EA 3 29.69 -55.09 58.40
CA ARG EA 3 28.52 -55.49 59.17
C ARG EA 3 28.22 -54.54 60.30
N LEU EA 4 29.13 -53.63 60.63
CA LEU EA 4 28.86 -52.61 61.63
C LEU EA 4 28.40 -51.31 61.04
N ARG EA 5 28.55 -51.12 59.72
CA ARG EA 5 28.25 -49.85 59.12
C ARG EA 5 26.75 -49.61 59.09
N LYS EA 6 26.38 -48.39 58.70
CA LYS EA 6 25.00 -47.96 58.81
C LYS EA 6 24.14 -48.57 57.73
N THR EA 7 24.70 -48.82 56.54
CA THR EA 7 23.95 -49.27 55.39
C THR EA 7 23.26 -50.61 55.63
N ARG EA 8 23.74 -51.38 56.60
CA ARG EA 8 23.07 -52.62 56.95
C ARG EA 8 21.71 -52.35 57.57
N LYS EA 9 21.57 -51.25 58.28
CA LYS EA 9 20.30 -50.91 58.88
C LYS EA 9 19.42 -50.08 57.96
N LEU EA 10 19.91 -49.71 56.79
CA LEU EA 10 19.10 -48.92 55.89
C LEU EA 10 18.46 -49.75 54.80
N ARG EA 11 18.82 -51.02 54.71
CA ARG EA 11 18.18 -51.93 53.77
C ARG EA 11 16.69 -52.01 54.05
N GLY EA 12 15.89 -51.76 53.03
CA GLY EA 12 14.46 -51.79 53.18
C GLY EA 12 13.87 -50.40 53.20
N HIS EA 13 14.54 -49.47 53.86
CA HIS EA 13 14.12 -48.09 53.87
C HIS EA 13 14.43 -47.49 52.50
N VAL EA 14 13.44 -46.86 51.89
CA VAL EA 14 13.49 -46.49 50.48
C VAL EA 14 14.65 -45.55 50.18
N SER EA 15 14.64 -44.37 50.80
CA SER EA 15 15.59 -43.33 50.40
C SER EA 15 16.99 -43.59 50.90
N HIS EA 16 17.19 -44.63 51.72
CA HIS EA 16 18.50 -45.04 52.22
C HIS EA 16 19.16 -43.91 53.00
N GLY EA 17 18.36 -43.29 53.86
CA GLY EA 17 18.91 -42.29 54.76
C GLY EA 17 19.29 -41.00 54.07
N HIS EA 18 18.59 -40.64 53.00
CA HIS EA 18 18.88 -39.37 52.35
C HIS EA 18 17.63 -38.61 51.94
N GLY EA 19 16.48 -38.94 52.50
CA GLY EA 19 15.30 -38.14 52.30
C GLY EA 19 14.62 -38.31 50.97
N ARG EA 20 13.30 -38.15 50.95
CA ARG EA 20 12.54 -38.29 49.72
C ARG EA 20 12.45 -36.98 48.97
N ILE EA 21 12.22 -35.88 49.68
CA ILE EA 21 12.05 -34.57 49.07
C ILE EA 21 13.36 -34.10 48.46
N GLY EA 22 14.37 -33.92 49.29
CA GLY EA 22 15.69 -33.54 48.82
C GLY EA 22 16.57 -34.72 48.53
N LYS EA 23 16.34 -35.38 47.39
CA LYS EA 23 17.03 -36.63 47.05
C LYS EA 23 18.54 -36.48 47.05
N HIS EA 24 19.27 -37.60 47.02
CA HIS EA 24 20.72 -37.55 46.99
C HIS EA 24 21.15 -37.43 45.53
N ARG EA 25 21.27 -36.19 45.07
CA ARG EA 25 21.72 -35.92 43.72
C ARG EA 25 23.25 -35.91 43.67
N LYS EA 26 23.80 -35.67 42.48
CA LYS EA 26 25.23 -35.76 42.29
C LYS EA 26 26.01 -34.72 43.09
N HIS EA 27 25.83 -33.45 42.75
CA HIS EA 27 26.55 -32.36 43.39
C HIS EA 27 25.62 -31.16 43.48
N PRO EA 28 24.88 -31.00 44.57
CA PRO EA 28 23.95 -29.87 44.64
C PRO EA 28 24.65 -28.52 44.77
N GLY EA 29 25.74 -28.45 45.51
CA GLY EA 29 26.35 -27.16 45.71
C GLY EA 29 27.56 -26.85 44.87
N GLY EA 30 28.01 -27.78 44.05
CA GLY EA 30 29.22 -27.60 43.30
C GLY EA 30 30.35 -28.45 43.84
N ARG EA 31 31.34 -28.68 43.00
CA ARG EA 31 32.42 -29.57 43.37
C ARG EA 31 33.54 -28.82 44.07
N GLY EA 32 34.11 -29.46 45.08
CA GLY EA 32 35.25 -28.89 45.74
C GLY EA 32 34.86 -27.70 46.59
N ASN EA 33 35.84 -26.81 46.76
CA ASN EA 33 35.62 -25.61 47.55
C ASN EA 33 35.00 -24.48 46.72
N ALA EA 34 33.91 -24.77 46.03
CA ALA EA 34 33.36 -23.80 45.12
C ALA EA 34 32.49 -22.80 45.84
N GLY EA 35 32.20 -21.69 45.17
CA GLY EA 35 31.31 -20.70 45.72
C GLY EA 35 31.86 -19.96 46.91
N GLY EA 36 33.17 -19.77 46.99
CA GLY EA 36 33.74 -19.06 48.12
C GLY EA 36 33.24 -17.64 48.24
N MET EA 37 33.30 -16.89 47.15
CA MET EA 37 32.80 -15.52 47.12
C MET EA 37 31.31 -15.46 46.81
N HIS EA 38 30.62 -16.60 46.87
CA HIS EA 38 29.31 -16.78 46.25
C HIS EA 38 28.49 -17.59 47.23
N HIS EA 39 27.53 -18.38 46.76
CA HIS EA 39 26.52 -19.04 47.58
C HIS EA 39 27.04 -19.76 48.82
N HIS EA 40 28.34 -20.00 48.94
CA HIS EA 40 28.94 -20.47 50.19
C HIS EA 40 29.67 -19.36 50.92
N ARG EA 41 29.17 -18.13 50.88
CA ARG EA 41 29.89 -17.01 51.47
C ARG EA 41 29.88 -17.08 52.98
N ILE EA 42 28.74 -17.48 53.56
CA ILE EA 42 28.60 -17.44 55.01
C ILE EA 42 29.49 -18.46 55.68
N ASN EA 43 29.66 -19.63 55.05
CA ASN EA 43 30.49 -20.68 55.66
C ASN EA 43 31.94 -20.26 55.72
N PHE EA 44 32.41 -19.52 54.73
CA PHE EA 44 33.80 -19.10 54.75
C PHE EA 44 34.05 -17.89 55.65
N ASP EA 45 33.03 -17.07 55.91
CA ASP EA 45 33.24 -16.01 56.88
C ASP EA 45 33.10 -16.53 58.30
N LYS EA 46 32.23 -17.50 58.53
CA LYS EA 46 31.96 -17.94 59.88
C LYS EA 46 32.95 -18.98 60.37
N TYR EA 47 33.69 -19.63 59.49
CA TYR EA 47 34.58 -20.70 59.94
C TYR EA 47 35.97 -20.64 59.36
N HIS EA 48 36.22 -19.82 58.35
CA HIS EA 48 37.58 -19.64 57.84
C HIS EA 48 37.83 -18.18 57.55
N PRO EA 49 37.90 -17.35 58.60
CA PRO EA 49 38.13 -15.93 58.37
C PRO EA 49 39.58 -15.70 57.96
N GLY EA 50 39.77 -14.89 56.93
CA GLY EA 50 41.10 -14.68 56.43
C GLY EA 50 41.48 -15.59 55.29
N TYR EA 51 40.54 -16.35 54.74
CA TYR EA 51 40.90 -17.31 53.71
C TYR EA 51 41.25 -16.63 52.40
N PHE EA 52 40.65 -15.48 52.12
CA PHE EA 52 40.74 -14.85 50.81
C PHE EA 52 41.63 -13.61 50.85
N GLY EA 53 42.72 -13.64 50.11
CA GLY EA 53 43.56 -12.47 49.95
C GLY EA 53 45.03 -12.77 50.22
N LYS EA 54 45.85 -11.76 49.99
CA LYS EA 54 47.28 -11.84 50.17
C LYS EA 54 47.76 -10.89 51.26
N VAL EA 55 48.77 -11.34 51.99
CA VAL EA 55 49.47 -10.53 52.99
C VAL EA 55 50.94 -10.93 53.01
N GLY EA 56 51.82 -9.97 53.13
CA GLY EA 56 53.21 -10.25 53.43
C GLY EA 56 54.10 -10.19 52.21
N MET EA 57 55.34 -10.60 52.43
CA MET EA 57 56.37 -10.62 51.39
C MET EA 57 56.57 -12.03 50.87
N ARG EA 58 56.61 -12.17 49.55
CA ARG EA 58 56.82 -13.46 48.91
C ARG EA 58 58.31 -13.77 48.94
N HIS EA 59 58.71 -14.64 49.85
CA HIS EA 59 60.08 -15.12 49.90
C HIS EA 59 60.22 -16.28 48.94
N TYR EA 60 61.15 -16.18 47.99
CA TYR EA 60 61.16 -17.14 46.89
C TYR EA 60 61.75 -18.49 47.25
N HIS EA 61 63.03 -18.53 47.57
CA HIS EA 61 63.73 -19.81 47.71
C HIS EA 61 63.92 -20.11 49.19
N LEU EA 62 62.83 -20.51 49.84
CA LEU EA 62 62.88 -20.74 51.27
C LEU EA 62 63.57 -22.05 51.57
N LYS EA 63 64.71 -21.97 52.24
CA LYS EA 63 65.46 -23.15 52.65
C LYS EA 63 65.33 -23.23 54.16
N ARG EA 64 64.50 -24.17 54.62
CA ARG EA 64 64.10 -24.29 56.02
C ARG EA 64 65.26 -24.50 56.98
N ASN EA 65 66.41 -24.97 56.48
CA ASN EA 65 67.52 -25.22 57.39
C ASN EA 65 68.14 -23.93 57.90
N GLN EA 66 68.03 -22.84 57.16
CA GLN EA 66 68.59 -21.58 57.64
C GLN EA 66 67.86 -21.09 58.88
N SER EA 67 66.54 -21.03 58.80
CA SER EA 67 65.72 -20.62 59.94
C SER EA 67 65.43 -21.77 60.89
N PHE EA 68 66.45 -22.48 61.32
CA PHE EA 68 66.30 -23.59 62.24
C PHE EA 68 66.82 -23.18 63.61
N CYS EA 69 65.95 -23.18 64.60
CA CYS EA 69 66.30 -22.74 65.94
C CYS EA 69 65.35 -23.36 66.94
N PRO EA 70 65.56 -24.62 67.33
CA PRO EA 70 64.65 -25.27 68.27
C PRO EA 70 64.95 -24.82 69.70
N THR EA 71 63.95 -24.25 70.34
CA THR EA 71 64.13 -23.65 71.65
C THR EA 71 64.01 -24.69 72.75
N VAL EA 72 64.52 -24.34 73.92
CA VAL EA 72 64.36 -25.17 75.11
C VAL EA 72 64.05 -24.25 76.29
N ASN EA 73 63.08 -24.64 77.10
CA ASN EA 73 62.74 -23.84 78.25
C ASN EA 73 63.66 -24.16 79.41
N LEU EA 74 63.69 -23.25 80.39
CA LEU EA 74 64.48 -23.48 81.59
C LEU EA 74 63.81 -24.46 82.55
N ASP EA 75 62.51 -24.69 82.39
CA ASP EA 75 61.84 -25.68 83.22
C ASP EA 75 62.46 -27.05 83.04
N LYS EA 76 62.57 -27.51 81.81
CA LYS EA 76 63.11 -28.83 81.54
C LYS EA 76 64.59 -28.76 81.19
N LEU EA 77 65.30 -27.78 81.72
CA LEU EA 77 66.71 -27.64 81.39
C LEU EA 77 67.56 -28.74 82.01
N TRP EA 78 67.29 -29.10 83.25
CA TRP EA 78 68.06 -30.15 83.91
C TRP EA 78 67.75 -31.54 83.37
N THR EA 79 66.69 -31.68 82.56
CA THR EA 79 66.41 -32.98 81.98
C THR EA 79 67.38 -33.32 80.86
N LEU EA 80 68.16 -32.36 80.39
CA LEU EA 80 69.19 -32.59 79.39
C LEU EA 80 70.40 -33.31 79.96
N VAL EA 81 70.52 -33.39 81.28
CA VAL EA 81 71.63 -34.08 81.92
C VAL EA 81 71.05 -35.12 82.87
N SER EA 82 71.91 -36.04 83.30
CA SER EA 82 71.46 -37.15 84.12
C SER EA 82 71.17 -36.70 85.55
N GLU EA 83 70.39 -37.52 86.25
CA GLU EA 83 70.09 -37.26 87.65
C GLU EA 83 71.33 -37.32 88.52
N GLN EA 84 72.33 -38.10 88.12
CA GLN EA 84 73.58 -38.15 88.85
C GLN EA 84 74.27 -36.78 88.84
N THR EA 85 74.16 -36.08 87.72
CA THR EA 85 74.76 -34.75 87.61
C THR EA 85 74.05 -33.75 88.51
N ARG EA 86 72.72 -33.83 88.57
CA ARG EA 86 71.96 -32.86 89.34
C ARG EA 86 72.19 -33.01 90.83
N VAL EA 87 72.36 -34.23 91.33
CA VAL EA 87 72.55 -34.45 92.75
C VAL EA 87 73.98 -34.16 93.17
N ASN EA 88 74.95 -34.51 92.33
CA ASN EA 88 76.35 -34.35 92.67
C ASN EA 88 76.78 -32.89 92.76
N ALA EA 89 75.92 -31.97 92.36
CA ALA EA 89 76.20 -30.54 92.49
C ALA EA 89 75.70 -29.97 93.80
N ALA EA 90 74.47 -30.34 94.20
CA ALA EA 90 73.97 -29.92 95.50
C ALA EA 90 74.72 -30.60 96.64
N LYS EA 91 75.36 -31.74 96.36
CA LYS EA 91 76.21 -32.37 97.35
C LYS EA 91 77.62 -31.81 97.35
N ASN EA 92 78.08 -31.32 96.21
CA ASN EA 92 79.41 -30.74 96.11
C ASN EA 92 79.51 -29.47 96.94
N LYS EA 93 80.65 -29.28 97.58
CA LYS EA 93 80.87 -28.12 98.43
C LYS EA 93 81.88 -27.13 97.89
N THR EA 94 82.55 -27.43 96.77
CA THR EA 94 83.51 -26.53 96.17
C THR EA 94 82.86 -25.47 95.27
N GLY EA 95 81.53 -25.45 95.19
CA GLY EA 95 80.86 -24.54 94.27
C GLY EA 95 81.02 -24.93 92.81
N ALA EA 96 81.39 -26.17 92.54
CA ALA EA 96 81.64 -26.62 91.17
C ALA EA 96 80.31 -26.81 90.47
N ALA EA 97 80.06 -25.99 89.49
CA ALA EA 97 78.80 -26.02 88.78
C ALA EA 97 78.92 -26.84 87.51
N PRO EA 98 78.00 -27.75 87.24
CA PRO EA 98 78.04 -28.51 86.00
C PRO EA 98 77.75 -27.62 84.81
N ILE EA 99 78.28 -28.00 83.66
CA ILE EA 99 78.02 -27.31 82.41
C ILE EA 99 76.98 -28.12 81.65
N ILE EA 100 75.92 -27.46 81.22
CA ILE EA 100 74.89 -28.10 80.41
C ILE EA 100 75.14 -27.64 78.97
N ASP EA 101 75.49 -28.57 78.11
CA ASP EA 101 75.68 -28.26 76.69
C ASP EA 101 74.33 -28.44 76.03
N VAL EA 102 73.69 -27.34 75.68
CA VAL EA 102 72.35 -27.40 75.11
C VAL EA 102 72.41 -27.95 73.69
N VAL EA 103 73.35 -27.44 72.90
CA VAL EA 103 73.48 -27.77 71.48
C VAL EA 103 73.69 -29.27 71.31
N ARG EA 104 74.40 -29.87 72.27
CA ARG EA 104 74.58 -31.32 72.26
C ARG EA 104 73.25 -32.05 72.33
N SER EA 105 72.31 -31.53 73.12
CA SER EA 105 71.02 -32.19 73.26
C SER EA 105 70.16 -31.98 72.02
N GLY EA 106 70.35 -30.87 71.32
CA GLY EA 106 69.66 -30.67 70.07
C GLY EA 106 69.02 -29.30 69.93
N TYR EA 107 68.91 -28.58 71.04
CA TYR EA 107 68.30 -27.27 71.02
C TYR EA 107 69.34 -26.20 70.77
N TYR EA 108 68.87 -25.01 70.40
CA TYR EA 108 69.76 -23.90 70.13
C TYR EA 108 69.49 -22.73 71.07
N LYS EA 109 68.24 -22.30 71.13
CA LYS EA 109 67.87 -21.13 71.91
C LYS EA 109 67.35 -21.56 73.27
N VAL EA 110 67.68 -20.79 74.30
CA VAL EA 110 67.19 -21.02 75.64
C VAL EA 110 66.21 -19.92 76.00
N LEU EA 111 65.01 -20.30 76.40
CA LEU EA 111 63.99 -19.35 76.86
C LEU EA 111 63.62 -19.67 78.29
N GLY EA 112 63.37 -18.64 79.09
CA GLY EA 112 63.14 -18.91 80.49
C GLY EA 112 61.69 -19.01 80.89
N LYS EA 113 61.14 -20.21 80.95
CA LYS EA 113 59.71 -20.38 81.11
C LYS EA 113 59.29 -20.67 82.54
N GLY EA 114 60.22 -20.87 83.45
CA GLY EA 114 59.79 -21.18 84.80
C GLY EA 114 60.90 -21.05 85.82
N LYS EA 115 60.70 -21.71 86.94
CA LYS EA 115 61.61 -21.64 88.06
C LYS EA 115 62.85 -22.50 87.78
N LEU EA 116 63.89 -22.27 88.57
CA LEU EA 116 65.10 -23.06 88.53
C LEU EA 116 65.49 -23.47 89.94
N PRO EA 117 66.00 -24.68 90.11
CA PRO EA 117 66.60 -25.04 91.40
C PRO EA 117 67.87 -24.23 91.63
N LYS EA 118 68.01 -23.71 92.84
CA LYS EA 118 69.11 -22.79 93.11
C LYS EA 118 70.43 -23.52 93.23
N GLN EA 119 71.06 -23.80 92.11
CA GLN EA 119 72.43 -24.29 92.07
C GLN EA 119 73.02 -23.88 90.73
N PRO EA 120 74.23 -23.36 90.70
CA PRO EA 120 74.75 -22.73 89.48
C PRO EA 120 74.94 -23.68 88.33
N VAL EA 121 74.89 -23.15 87.10
CA VAL EA 121 75.20 -23.90 85.89
C VAL EA 121 75.94 -22.99 84.93
N ILE EA 122 76.55 -23.58 83.92
CA ILE EA 122 77.17 -22.83 82.83
C ILE EA 122 76.61 -23.44 81.55
N VAL EA 123 75.53 -22.86 81.03
CA VAL EA 123 74.82 -23.45 79.90
C VAL EA 123 75.53 -23.05 78.61
N LYS EA 124 76.00 -24.04 77.86
CA LYS EA 124 76.72 -23.79 76.61
C LYS EA 124 75.72 -23.82 75.47
N ALA EA 125 75.01 -22.71 75.32
CA ALA EA 125 74.00 -22.61 74.28
C ALA EA 125 74.46 -21.64 73.20
N LYS EA 126 73.60 -21.47 72.20
CA LYS EA 126 73.89 -20.62 71.06
C LYS EA 126 73.11 -19.32 71.06
N PHE EA 127 71.89 -19.34 71.59
CA PHE EA 127 71.08 -18.13 71.69
C PHE EA 127 70.40 -18.09 73.05
N PHE EA 128 70.22 -16.87 73.55
CA PHE EA 128 69.54 -16.69 74.81
C PHE EA 128 68.50 -15.61 74.67
N SER EA 129 67.50 -15.65 75.54
CA SER EA 129 66.56 -14.55 75.69
C SER EA 129 67.05 -13.63 76.78
N ARG EA 130 66.31 -12.54 77.00
CA ARG EA 130 66.67 -11.65 78.10
C ARG EA 130 66.28 -12.29 79.42
N ARG EA 131 65.02 -12.67 79.56
CA ARG EA 131 64.55 -13.27 80.80
C ARG EA 131 65.27 -14.56 81.11
N ALA EA 132 65.63 -15.32 80.08
CA ALA EA 132 66.36 -16.57 80.28
C ALA EA 132 67.73 -16.29 80.89
N GLU EA 133 68.37 -15.21 80.48
CA GLU EA 133 69.66 -14.84 81.03
C GLU EA 133 69.52 -14.41 82.48
N GLU EA 134 68.40 -13.75 82.81
CA GLU EA 134 68.17 -13.28 84.18
C GLU EA 134 68.09 -14.43 85.16
N LYS EA 135 67.32 -15.47 84.82
CA LYS EA 135 67.10 -16.59 85.74
C LYS EA 135 68.42 -17.31 86.02
N ILE EA 136 69.24 -17.50 84.99
CA ILE EA 136 70.49 -18.23 85.17
C ILE EA 136 71.48 -17.40 85.97
N LYS EA 137 71.53 -16.09 85.71
CA LYS EA 137 72.37 -15.21 86.50
C LYS EA 137 71.88 -15.14 87.95
N GLY EA 138 70.58 -14.97 88.13
CA GLY EA 138 70.03 -14.80 89.47
C GLY EA 138 70.19 -16.03 90.33
N VAL EA 139 70.14 -17.22 89.73
CA VAL EA 139 70.50 -18.43 90.44
C VAL EA 139 71.96 -18.40 90.85
N GLY EA 140 72.81 -17.82 90.02
CA GLY EA 140 74.24 -17.80 90.27
C GLY EA 140 75.06 -18.46 89.21
N GLY EA 141 74.47 -18.72 88.03
CA GLY EA 141 75.18 -19.36 86.96
C GLY EA 141 75.72 -18.37 85.95
N ALA EA 142 76.14 -18.92 84.81
CA ALA EA 142 76.71 -18.11 83.74
C ALA EA 142 76.12 -18.54 82.41
N CYS EA 143 76.10 -17.60 81.48
CA CYS EA 143 75.58 -17.83 80.13
C CYS EA 143 76.74 -17.69 79.15
N VAL EA 144 77.26 -18.80 78.66
CA VAL EA 144 78.37 -18.80 77.71
C VAL EA 144 77.81 -19.07 76.33
N LEU EA 145 78.30 -18.34 75.35
CA LEU EA 145 77.87 -18.51 73.97
C LEU EA 145 78.81 -19.44 73.24
N VAL EA 146 78.27 -20.11 72.22
CA VAL EA 146 79.06 -21.00 71.38
C VAL EA 146 78.43 -20.95 70.00
N ALA EA 147 79.23 -21.24 68.98
CA ALA EA 147 78.71 -21.29 67.62
C ALA EA 147 78.83 -22.70 67.08
N ALA FA 2 5.40 -18.91 38.04
CA ALA FA 2 5.70 -19.84 39.12
C ALA FA 2 5.99 -19.09 40.41
N LYS FA 3 5.03 -18.30 40.87
CA LYS FA 3 5.19 -17.57 42.11
C LYS FA 3 5.18 -18.53 43.29
N SER FA 4 5.60 -18.01 44.45
CA SER FA 4 5.63 -18.78 45.67
C SER FA 4 5.32 -17.87 46.84
N LYS FA 5 5.23 -18.46 48.03
CA LYS FA 5 5.04 -17.68 49.23
C LYS FA 5 6.26 -16.81 49.48
N ASN FA 6 6.04 -15.69 50.15
CA ASN FA 6 7.07 -14.68 50.35
C ASN FA 6 7.66 -14.68 51.74
N HIS FA 7 6.81 -14.74 52.77
CA HIS FA 7 7.26 -14.68 54.15
C HIS FA 7 6.11 -15.10 55.04
N THR FA 8 6.41 -15.88 56.08
CA THR FA 8 5.40 -16.21 57.07
C THR FA 8 6.01 -16.64 58.40
N THR FA 9 5.53 -16.04 59.49
CA THR FA 9 5.99 -16.40 60.82
C THR FA 9 4.94 -17.32 61.45
N HIS FA 10 4.68 -18.47 60.83
CA HIS FA 10 3.57 -19.31 61.28
C HIS FA 10 4.00 -20.34 62.33
N ASN FA 11 4.91 -21.23 61.95
CA ASN FA 11 5.34 -22.26 62.88
C ASN FA 11 6.37 -21.78 63.88
N GLN FA 12 6.79 -20.52 63.79
CA GLN FA 12 7.97 -20.04 64.48
C GLN FA 12 7.79 -19.97 65.99
N SER FA 13 6.71 -19.36 66.46
CA SER FA 13 6.45 -19.23 67.89
C SER FA 13 6.40 -20.59 68.55
N ARG FA 14 5.85 -21.56 67.84
CA ARG FA 14 5.86 -22.93 68.31
C ARG FA 14 7.27 -23.51 68.31
N LYS FA 15 8.06 -23.16 67.31
CA LYS FA 15 9.41 -23.72 67.20
C LYS FA 15 10.30 -23.21 68.33
N TRP FA 16 10.07 -21.99 68.78
CA TRP FA 16 10.95 -21.39 69.77
C TRP FA 16 10.73 -22.02 71.14
N HIS FA 17 9.50 -22.29 71.49
CA HIS FA 17 9.23 -22.83 72.81
C HIS FA 17 9.47 -24.28 72.89
N ARG FA 18 10.09 -24.96 71.94
CA ARG FA 18 10.38 -26.37 72.13
C ARG FA 18 11.49 -26.52 73.15
N ASN FA 19 12.65 -25.96 72.85
CA ASN FA 19 13.77 -25.95 73.78
C ASN FA 19 13.68 -24.82 74.77
N GLY FA 20 12.51 -24.17 74.88
CA GLY FA 20 12.32 -23.07 75.78
C GLY FA 20 12.98 -21.79 75.31
N ILE FA 21 12.43 -20.66 75.72
CA ILE FA 21 13.07 -19.36 75.50
C ILE FA 21 13.87 -19.09 76.76
N LYS FA 22 15.14 -19.47 76.72
CA LYS FA 22 15.99 -19.38 77.90
C LYS FA 22 16.34 -17.92 78.17
N LYS FA 23 16.08 -17.47 79.38
CA LYS FA 23 16.58 -16.19 79.83
C LYS FA 23 18.12 -16.23 79.85
N PRO FA 24 18.78 -15.10 79.63
CA PRO FA 24 20.25 -15.10 79.61
C PRO FA 24 20.82 -15.43 80.98
N ARG FA 25 21.90 -16.20 80.98
CA ARG FA 25 22.42 -16.78 82.20
C ARG FA 25 22.97 -15.71 83.14
N SER FA 26 22.30 -15.53 84.28
CA SER FA 26 22.73 -14.55 85.24
C SER FA 26 23.86 -15.11 86.07
N GLN FA 27 24.79 -14.23 86.45
CA GLN FA 27 25.97 -14.62 87.19
C GLN FA 27 26.51 -13.37 87.87
N ARG FA 28 26.82 -13.47 89.16
CA ARG FA 28 27.46 -12.34 89.83
C ARG FA 28 28.82 -12.10 89.23
N TYR FA 29 29.34 -10.89 89.45
CA TYR FA 29 30.56 -10.40 88.82
C TYR FA 29 30.45 -10.52 87.29
N GLU FA 30 29.56 -9.72 86.72
CA GLU FA 30 29.52 -9.61 85.28
C GLU FA 30 30.74 -8.84 84.79
N SER FA 31 31.02 -8.98 83.49
CA SER FA 31 32.29 -8.53 82.95
C SER FA 31 32.36 -7.01 82.88
N LEU FA 32 33.57 -6.48 83.08
CA LEU FA 32 33.81 -5.05 83.05
C LEU FA 32 34.30 -4.62 81.67
N LYS FA 33 33.50 -4.93 80.66
CA LYS FA 33 33.81 -4.59 79.29
C LYS FA 33 32.96 -3.43 78.83
N GLY FA 34 33.59 -2.46 78.17
CA GLY FA 34 32.90 -1.30 77.69
C GLY FA 34 32.77 -0.19 78.69
N VAL FA 35 33.06 -0.46 79.97
CA VAL FA 35 33.11 0.60 80.97
C VAL FA 35 34.18 1.59 80.56
N ASP FA 36 33.91 2.88 80.81
CA ASP FA 36 34.75 3.93 80.26
C ASP FA 36 36.16 3.84 80.80
N PRO FA 37 37.18 4.15 80.00
CA PRO FA 37 38.55 3.84 80.41
C PRO FA 37 39.05 4.66 81.58
N LYS FA 38 38.75 5.96 81.62
CA LYS FA 38 39.30 6.83 82.67
C LYS FA 38 38.85 6.40 84.05
N PHE FA 39 37.61 5.93 84.19
CA PHE FA 39 37.17 5.39 85.46
C PHE FA 39 37.78 4.03 85.72
N LEU FA 40 37.89 3.21 84.68
CA LEU FA 40 38.47 1.89 84.85
C LEU FA 40 39.95 1.98 85.15
N ARG FA 41 40.64 2.91 84.49
CA ARG FA 41 42.08 3.07 84.68
C ARG FA 41 42.40 3.43 86.12
N ASN FA 42 41.53 4.21 86.76
CA ASN FA 42 41.71 4.48 88.18
C ASN FA 42 41.40 3.23 89.00
N MET FA 43 40.39 2.47 88.59
CA MET FA 43 39.98 1.30 89.35
C MET FA 43 41.08 0.24 89.41
N ARG FA 44 41.90 0.16 88.36
CA ARG FA 44 43.02 -0.76 88.40
C ARG FA 44 44.12 -0.26 89.31
N PHE FA 45 44.23 1.05 89.48
CA PHE FA 45 45.20 1.59 90.42
C PHE FA 45 44.79 1.35 91.86
N ALA FA 46 43.50 1.44 92.16
CA ALA FA 46 43.03 1.14 93.51
C ALA FA 46 43.22 -0.32 93.86
N LYS FA 47 43.18 -1.20 92.87
CA LYS FA 47 43.46 -2.60 93.11
C LYS FA 47 44.95 -2.90 93.13
N LYS FA 48 45.75 -2.07 92.45
CA LYS FA 48 47.19 -2.27 92.46
C LYS FA 48 47.79 -1.92 93.80
N HIS FA 49 47.25 -0.90 94.47
CA HIS FA 49 47.78 -0.44 95.75
C HIS FA 49 46.94 -0.91 96.93
N ASN FA 50 46.32 -2.09 96.83
CA ASN FA 50 45.56 -2.61 97.97
C ASN FA 50 46.42 -3.35 98.97
N LYS FA 51 47.64 -3.74 98.60
CA LYS FA 51 48.53 -4.32 99.59
C LYS FA 51 49.12 -3.28 100.52
N LYS FA 52 49.03 -1.99 100.18
CA LYS FA 52 49.65 -0.94 100.97
C LYS FA 52 49.03 -0.87 102.36
N GLY FA 53 47.74 -1.15 102.47
CA GLY FA 53 47.11 -1.14 103.77
C GLY FA 53 46.93 -2.52 104.35
N LEU FA 54 47.92 -3.39 104.15
CA LEU FA 54 47.79 -4.75 104.68
C LEU FA 54 47.96 -4.78 106.18
N LYS FA 55 48.98 -4.07 106.69
CA LYS FA 55 49.25 -4.08 108.13
C LYS FA 55 48.14 -3.36 108.90
N LYS FA 56 47.59 -2.30 108.33
CA LYS FA 56 46.51 -1.59 108.99
C LYS FA 56 45.26 -2.45 109.09
N MET FA 57 44.94 -3.18 108.02
CA MET FA 57 43.68 -3.93 107.99
C MET FA 57 43.70 -5.09 108.96
N GLN FA 58 44.81 -5.83 109.02
CA GLN FA 58 44.90 -6.91 110.00
C GLN FA 58 44.96 -6.37 111.41
N ALA FA 59 45.49 -5.16 111.59
CA ALA FA 59 45.48 -4.51 112.89
C ALA FA 59 44.30 -3.57 113.07
N ASN FA 60 43.28 -3.65 112.23
CA ASN FA 60 42.04 -2.91 112.43
C ASN FA 60 40.86 -3.81 112.76
N ASN FA 61 40.74 -4.94 112.06
CA ASN FA 61 39.64 -5.86 112.35
C ASN FA 61 39.93 -6.71 113.56
N ALA FA 62 41.21 -6.97 113.86
CA ALA FA 62 41.56 -7.74 115.05
C ALA FA 62 41.21 -6.98 116.31
N LYS FA 63 41.54 -5.68 116.35
CA LYS FA 63 41.09 -4.88 117.49
C LYS FA 63 39.59 -4.64 117.43
N ALA FA 64 38.96 -4.87 116.28
CA ALA FA 64 37.51 -4.89 116.15
C ALA FA 64 36.94 -6.29 116.38
N MET FA 65 37.77 -7.33 116.31
CA MET FA 65 37.32 -8.67 116.65
C MET FA 65 37.11 -8.80 118.16
N ALA FA 66 38.00 -8.22 118.96
CA ALA FA 66 37.86 -8.35 120.40
C ALA FA 66 36.78 -7.42 120.95
N ALA FA 67 36.55 -6.29 120.28
CA ALA FA 67 35.55 -5.33 120.76
C ALA FA 67 34.14 -5.89 120.67
N ARG FA 68 33.92 -6.86 119.79
CA ARG FA 68 32.66 -7.59 119.74
C ARG FA 68 32.53 -8.62 120.86
N ALA FA 69 33.66 -9.10 121.39
CA ALA FA 69 33.70 -10.10 122.45
C ALA FA 69 33.52 -9.51 123.84
N GLU FA 70 33.27 -8.20 123.95
CA GLU FA 70 32.91 -7.60 125.23
C GLU FA 70 31.44 -7.25 125.33
N ALA FA 71 30.79 -6.93 124.21
CA ALA FA 71 29.35 -6.67 124.24
C ALA FA 71 28.56 -7.95 124.49
N ILE FA 72 29.15 -9.10 124.17
CA ILE FA 72 28.57 -10.39 124.58
C ILE FA 72 29.00 -10.78 125.98
N LYS FA 73 30.25 -10.55 126.35
CA LYS FA 73 30.73 -10.88 127.69
C LYS FA 73 30.07 -10.02 128.76
N ALA FA 74 29.59 -8.83 128.39
CA ALA FA 74 28.79 -8.03 129.30
C ALA FA 74 27.35 -8.53 129.41
N LEU FA 75 26.96 -9.52 128.62
CA LEU FA 75 25.66 -10.17 128.72
C LEU FA 75 25.76 -11.67 128.97
N VAL FA 76 26.63 -12.37 128.25
CA VAL FA 76 26.75 -13.81 128.39
C VAL FA 76 28.20 -14.21 128.69
N VAL FA 89 -4.64 -28.97 120.65
CA VAL FA 89 -5.89 -28.22 120.79
C VAL FA 89 -6.37 -28.30 122.23
N SER FA 90 -5.87 -29.28 122.95
CA SER FA 90 -6.19 -29.47 124.36
C SER FA 90 -5.09 -30.30 124.98
N ARG FA 91 -5.02 -30.28 126.31
CA ARG FA 91 -3.99 -31.03 127.00
C ARG FA 91 -4.18 -32.54 126.90
N LYS FA 92 -5.36 -33.00 126.50
CA LYS FA 92 -5.55 -34.43 126.30
C LYS FA 92 -4.77 -34.92 125.08
N LEU FA 93 -5.00 -34.31 123.91
CA LEU FA 93 -4.22 -34.65 122.74
C LEU FA 93 -2.76 -34.24 122.88
N HIS FA 94 -2.47 -33.24 123.71
CA HIS FA 94 -1.09 -32.91 123.99
C HIS FA 94 -0.40 -34.01 124.79
N ARG FA 95 -1.15 -34.65 125.70
CA ARG FA 95 -0.58 -35.73 126.49
C ARG FA 95 -0.36 -36.98 125.65
N LEU FA 96 -1.36 -37.38 124.86
CA LEU FA 96 -1.22 -38.53 123.99
C LEU FA 96 -0.16 -38.33 122.92
N ALA FA 97 0.10 -37.08 122.53
CA ALA FA 97 1.19 -36.80 121.62
C ALA FA 97 2.55 -37.00 122.28
N TYR FA 98 2.61 -37.03 123.61
CA TYR FA 98 3.86 -37.25 124.30
C TYR FA 98 4.17 -38.73 124.49
N ILE FA 99 3.12 -39.55 124.69
CA ILE FA 99 3.35 -40.98 124.79
C ILE FA 99 3.74 -41.55 123.45
N ALA FA 100 3.29 -40.95 122.36
CA ALA FA 100 3.56 -41.44 121.02
C ALA FA 100 4.88 -40.96 120.46
N HIS FA 101 5.82 -40.54 121.30
CA HIS FA 101 7.10 -40.10 120.80
C HIS FA 101 8.17 -41.11 121.14
N PRO FA 102 9.00 -41.51 120.18
CA PRO FA 102 10.02 -42.52 120.47
C PRO FA 102 11.15 -42.01 121.36
N LYS FA 103 11.75 -40.87 121.00
CA LYS FA 103 12.99 -40.45 121.63
C LYS FA 103 12.77 -39.88 123.03
N LEU FA 104 11.56 -39.41 123.34
CA LEU FA 104 11.29 -38.80 124.63
C LEU FA 104 9.96 -39.22 125.24
N GLY FA 105 9.48 -40.42 124.91
CA GLY FA 105 8.32 -40.98 125.57
C GLY FA 105 8.55 -42.32 126.23
N ARG FA 106 9.80 -42.78 126.32
CA ARG FA 106 10.13 -44.07 126.89
C ARG FA 106 9.71 -44.18 128.35
N ARG FA 107 10.10 -43.19 129.16
CA ARG FA 107 9.73 -43.18 130.57
C ARG FA 107 8.22 -43.12 130.76
N ALA FA 108 7.51 -42.53 129.79
CA ALA FA 108 6.07 -42.34 129.92
C ALA FA 108 5.32 -43.67 129.85
N ARG FA 109 5.54 -44.43 128.78
CA ARG FA 109 4.71 -45.60 128.54
C ARG FA 109 5.13 -46.81 129.36
N ALA FA 110 6.11 -46.64 130.24
CA ALA FA 110 6.40 -47.68 131.21
C ALA FA 110 5.34 -47.76 132.31
N ARG FA 111 4.50 -46.72 132.44
CA ARG FA 111 3.37 -46.78 133.36
C ARG FA 111 2.27 -47.70 132.84
N ILE FA 112 2.15 -47.83 131.53
CA ILE FA 112 1.15 -48.72 130.96
C ILE FA 112 1.61 -50.17 131.08
N ALA FA 113 2.92 -50.41 131.03
CA ALA FA 113 3.46 -51.78 131.07
C ALA FA 113 3.13 -52.48 132.38
N ARG FA 114 3.00 -51.71 133.47
CA ARG FA 114 2.52 -52.27 134.72
C ARG FA 114 1.01 -52.37 134.78
N GLY FA 115 0.30 -51.74 133.83
CA GLY FA 115 -1.15 -51.84 133.82
C GLY FA 115 -1.67 -53.21 133.47
N LEU FA 116 -0.88 -53.98 132.71
CA LEU FA 116 -1.22 -55.38 132.48
C LEU FA 116 -0.85 -56.24 133.68
N ARG FA 117 0.08 -55.76 134.50
CA ARG FA 117 0.56 -56.51 135.65
C ARG FA 117 -0.30 -56.24 136.87
N SER GA 1 41.58 0.25 -70.77
CA SER GA 1 42.31 -0.66 -71.64
C SER GA 1 41.67 -2.04 -71.66
N LEU GA 2 40.68 -2.24 -70.78
CA LEU GA 2 39.95 -3.50 -70.70
C LEU GA 2 38.82 -3.59 -71.70
N GLU GA 3 38.08 -2.49 -71.90
CA GLU GA 3 36.92 -2.55 -72.78
C GLU GA 3 37.34 -2.73 -74.23
N SER GA 4 38.55 -2.30 -74.58
CA SER GA 4 39.11 -2.69 -75.88
C SER GA 4 39.24 -4.20 -75.96
N ILE GA 5 39.75 -4.83 -74.90
CA ILE GA 5 39.87 -6.28 -74.89
C ILE GA 5 38.50 -6.93 -74.88
N ASN GA 6 37.58 -6.36 -74.11
CA ASN GA 6 36.22 -6.90 -74.05
C ASN GA 6 35.52 -6.75 -75.40
N SER GA 7 35.76 -5.64 -76.09
CA SER GA 7 35.21 -5.51 -77.43
C SER GA 7 35.91 -6.45 -78.40
N ARG GA 8 37.20 -6.69 -78.18
CA ARG GA 8 37.94 -7.58 -79.07
C ARG GA 8 37.48 -9.02 -78.93
N LEU GA 9 37.35 -9.50 -77.69
CA LEU GA 9 36.89 -10.86 -77.46
C LEU GA 9 35.52 -11.10 -78.06
N GLN GA 10 34.65 -10.09 -77.96
CA GLN GA 10 33.32 -10.19 -78.56
C GLN GA 10 33.40 -10.37 -80.06
N LEU GA 11 34.28 -9.60 -80.71
CA LEU GA 11 34.45 -9.75 -82.15
C LEU GA 11 35.07 -11.08 -82.52
N VAL GA 12 35.90 -11.65 -81.64
CA VAL GA 12 36.42 -12.99 -81.90
C VAL GA 12 35.30 -14.01 -81.79
N MET GA 13 34.34 -13.78 -80.88
CA MET GA 13 33.29 -14.77 -80.64
C MET GA 13 32.37 -14.90 -81.85
N LYS GA 14 32.05 -13.79 -82.52
CA LYS GA 14 31.14 -13.83 -83.65
C LYS GA 14 31.85 -14.08 -84.97
N SER GA 15 33.14 -13.77 -85.07
CA SER GA 15 33.84 -13.91 -86.33
C SER GA 15 34.94 -14.95 -86.24
N GLY GA 16 35.83 -14.79 -85.27
CA GLY GA 16 37.03 -15.60 -85.20
C GLY GA 16 36.82 -17.06 -84.86
N LYS GA 17 37.91 -17.82 -84.86
CA LYS GA 17 37.87 -19.22 -84.44
C LYS GA 17 38.53 -19.35 -83.08
N TYR GA 18 37.74 -19.64 -82.07
CA TYR GA 18 38.20 -19.71 -80.70
C TYR GA 18 37.94 -21.09 -80.16
N VAL GA 19 38.67 -21.42 -79.09
CA VAL GA 19 38.61 -22.74 -78.46
C VAL GA 19 38.54 -22.51 -76.96
N LEU GA 20 37.41 -22.90 -76.36
CA LEU GA 20 37.19 -22.67 -74.94
C LEU GA 20 37.60 -23.89 -74.14
N GLY GA 21 38.37 -23.67 -73.08
CA GLY GA 21 38.67 -24.76 -72.16
C GLY GA 21 40.12 -25.16 -72.12
N TYR GA 22 40.56 -25.67 -70.97
CA TYR GA 22 41.98 -25.96 -70.76
C TYR GA 22 42.43 -27.14 -71.58
N LYS GA 23 41.68 -28.25 -71.52
CA LYS GA 23 42.09 -29.46 -72.21
C LYS GA 23 42.05 -29.28 -73.72
N GLN GA 24 41.04 -28.55 -74.21
CA GLN GA 24 40.94 -28.33 -75.64
C GLN GA 24 42.02 -27.37 -76.15
N SER GA 25 42.34 -26.35 -75.36
CA SER GA 25 43.36 -25.40 -75.77
C SER GA 25 44.75 -25.97 -75.69
N LEU GA 26 45.01 -26.86 -74.73
CA LEU GA 26 46.30 -27.52 -74.69
C LEU GA 26 46.50 -28.42 -75.89
N LYS GA 27 45.42 -28.95 -76.45
CA LYS GA 27 45.50 -29.63 -77.73
C LYS GA 27 45.78 -28.67 -78.87
N MET GA 28 45.44 -27.39 -78.71
CA MET GA 28 45.65 -26.43 -79.78
C MET GA 28 47.07 -25.88 -79.76
N ILE GA 29 47.62 -25.64 -78.57
CA ILE GA 29 49.02 -25.25 -78.44
C ILE GA 29 49.93 -26.28 -79.08
N ARG GA 30 49.68 -27.56 -78.77
CA ARG GA 30 50.58 -28.62 -79.19
C ARG GA 30 50.55 -28.86 -80.69
N GLN GA 31 49.55 -28.33 -81.40
CA GLN GA 31 49.52 -28.39 -82.85
C GLN GA 31 50.05 -27.13 -83.49
N GLY GA 32 50.43 -26.13 -82.69
CA GLY GA 32 50.84 -24.87 -83.26
C GLY GA 32 49.74 -24.09 -83.91
N LYS GA 33 48.48 -24.41 -83.61
CA LYS GA 33 47.36 -23.71 -84.21
C LYS GA 33 47.04 -22.41 -83.49
N ALA GA 34 47.21 -22.38 -82.17
CA ALA GA 34 46.76 -21.23 -81.39
C ALA GA 34 47.68 -20.04 -81.59
N LYS GA 35 47.09 -18.85 -81.50
CA LYS GA 35 47.81 -17.60 -81.72
C LYS GA 35 47.84 -16.70 -80.50
N LEU GA 36 46.85 -16.82 -79.60
CA LEU GA 36 46.84 -16.08 -78.36
C LEU GA 36 46.16 -16.92 -77.32
N VAL GA 37 46.63 -16.80 -76.07
CA VAL GA 37 46.06 -17.54 -74.96
C VAL GA 37 45.65 -16.55 -73.88
N ILE GA 38 44.44 -16.73 -73.35
CA ILE GA 38 43.90 -15.86 -72.32
C ILE GA 38 43.68 -16.70 -71.06
N LEU GA 39 44.17 -16.20 -69.92
CA LEU GA 39 44.07 -16.94 -68.67
C LEU GA 39 43.50 -16.03 -67.60
N ALA GA 40 42.41 -16.46 -66.98
CA ALA GA 40 41.83 -15.70 -65.88
C ALA GA 40 42.79 -15.68 -64.69
N ASN GA 41 42.67 -14.63 -63.87
CA ASN GA 41 43.62 -14.45 -62.78
C ASN GA 41 43.47 -15.50 -61.69
N ASN GA 42 42.27 -16.04 -61.50
CA ASN GA 42 42.04 -17.06 -60.50
C ASN GA 42 42.29 -18.47 -61.02
N CYS GA 43 42.99 -18.58 -62.14
CA CYS GA 43 43.40 -19.89 -62.64
C CYS GA 43 44.31 -20.56 -61.61
N PRO GA 44 44.23 -21.88 -61.47
CA PRO GA 44 45.18 -22.61 -60.62
C PRO GA 44 46.62 -22.34 -61.00
N ALA GA 45 47.47 -22.18 -59.98
CA ALA GA 45 48.80 -21.65 -60.20
C ALA GA 45 49.66 -22.62 -61.00
N LEU GA 46 49.44 -23.92 -60.85
CA LEU GA 46 50.23 -24.87 -61.61
C LEU GA 46 49.82 -24.84 -63.07
N ARG GA 47 48.52 -24.74 -63.34
CA ARG GA 47 48.04 -24.67 -64.71
C ARG GA 47 48.51 -23.40 -65.39
N LYS GA 48 48.44 -22.28 -64.67
CA LYS GA 48 48.89 -21.00 -65.20
C LYS GA 48 50.36 -21.05 -65.60
N SER GA 49 51.17 -21.71 -64.79
CA SER GA 49 52.57 -21.87 -65.14
C SER GA 49 52.78 -22.97 -66.16
N GLU GA 50 51.84 -23.89 -66.31
CA GLU GA 50 51.99 -24.92 -67.34
C GLU GA 50 51.68 -24.36 -68.71
N ILE GA 51 50.62 -23.55 -68.81
CA ILE GA 51 50.24 -22.96 -70.09
C ILE GA 51 51.34 -22.03 -70.58
N GLU GA 52 51.91 -21.23 -69.68
CA GLU GA 52 52.96 -20.29 -70.07
C GLU GA 52 54.21 -21.01 -70.53
N TYR GA 53 54.49 -22.19 -69.97
CA TYR GA 53 55.63 -22.97 -70.44
C TYR GA 53 55.37 -23.52 -71.84
N TYR GA 54 54.19 -24.11 -72.04
CA TYR GA 54 53.83 -24.68 -73.33
C TYR GA 54 53.90 -23.64 -74.44
N ALA GA 55 53.21 -22.51 -74.23
CA ALA GA 55 53.19 -21.46 -75.23
C ALA GA 55 54.56 -20.84 -75.45
N MET GA 56 55.44 -20.93 -74.45
CA MET GA 56 56.80 -20.47 -74.63
C MET GA 56 57.54 -21.32 -75.65
N LEU GA 57 57.24 -22.62 -75.70
CA LEU GA 57 57.87 -23.48 -76.68
C LEU GA 57 57.19 -23.36 -78.04
N ALA GA 58 55.86 -23.24 -78.04
CA ALA GA 58 55.12 -23.06 -79.27
C ALA GA 58 55.18 -21.64 -79.80
N LYS GA 59 55.81 -20.73 -79.06
CA LYS GA 59 55.95 -19.32 -79.45
C LYS GA 59 54.58 -18.68 -79.64
N THR GA 60 53.72 -18.85 -78.64
CA THR GA 60 52.38 -18.29 -78.65
C THR GA 60 52.24 -17.26 -77.53
N GLY GA 61 51.59 -16.16 -77.85
CA GLY GA 61 51.44 -15.09 -76.87
C GLY GA 61 50.40 -15.46 -75.83
N VAL GA 62 50.67 -15.05 -74.59
CA VAL GA 62 49.79 -15.29 -73.46
C VAL GA 62 49.42 -13.94 -72.88
N HIS GA 63 48.17 -13.54 -73.06
CA HIS GA 63 47.68 -12.32 -72.46
C HIS GA 63 46.98 -12.71 -71.17
N HIS GA 64 47.69 -12.60 -70.06
CA HIS GA 64 47.16 -12.87 -68.74
C HIS GA 64 46.01 -11.91 -68.45
N TYR GA 65 44.81 -12.45 -68.24
CA TYR GA 65 43.62 -11.62 -68.11
C TYR GA 65 43.58 -10.94 -66.76
N SER GA 66 42.69 -9.96 -66.63
CA SER GA 66 42.55 -9.19 -65.40
C SER GA 66 41.55 -9.83 -64.46
N GLY GA 67 40.30 -9.99 -64.91
CA GLY GA 67 39.26 -10.51 -64.06
C GLY GA 67 39.35 -12.01 -63.85
N ASN GA 68 38.31 -12.56 -63.23
CA ASN GA 68 38.31 -13.96 -62.83
C ASN GA 68 37.72 -14.85 -63.90
N ASN GA 69 37.57 -16.14 -63.60
CA ASN GA 69 37.07 -17.07 -64.58
C ASN GA 69 35.56 -16.99 -64.75
N ILE GA 70 34.85 -16.46 -63.75
CA ILE GA 70 33.40 -16.33 -63.87
C ILE GA 70 33.05 -15.32 -64.93
N GLU GA 71 33.59 -14.11 -64.80
CA GLU GA 71 33.25 -13.04 -65.73
C GLU GA 71 33.92 -13.19 -67.09
N LEU GA 72 34.99 -14.00 -67.17
CA LEU GA 72 35.56 -14.31 -68.48
C LEU GA 72 34.60 -15.10 -69.34
N GLY GA 73 33.69 -15.84 -68.74
CA GLY GA 73 32.62 -16.47 -69.50
C GLY GA 73 31.67 -15.42 -70.04
N THR GA 74 31.36 -14.43 -69.20
CA THR GA 74 30.55 -13.32 -69.69
C THR GA 74 31.32 -12.44 -70.66
N ALA GA 75 32.65 -12.42 -70.55
CA ALA GA 75 33.44 -11.76 -71.57
C ALA GA 75 33.34 -12.50 -72.90
N CYS GA 76 33.42 -13.82 -72.86
CA CYS GA 76 33.25 -14.64 -74.05
C CYS GA 76 31.81 -14.83 -74.43
N GLY GA 77 30.89 -14.13 -73.77
CA GLY GA 77 29.48 -14.22 -74.12
C GLY GA 77 28.86 -15.57 -73.87
N LYS GA 78 29.37 -16.31 -72.90
CA LYS GA 78 28.84 -17.61 -72.57
C LYS GA 78 28.40 -17.61 -71.11
N TYR GA 79 27.50 -18.53 -70.77
CA TYR GA 79 26.95 -18.61 -69.43
C TYR GA 79 27.62 -19.67 -68.58
N TYR GA 80 28.78 -20.16 -69.00
CA TYR GA 80 29.59 -21.05 -68.20
C TYR GA 80 30.95 -20.39 -68.02
N ARG GA 81 31.52 -20.52 -66.83
CA ARG GA 81 32.79 -19.86 -66.56
C ARG GA 81 33.92 -20.57 -67.31
N VAL GA 82 34.88 -19.80 -67.80
CA VAL GA 82 36.00 -20.33 -68.57
C VAL GA 82 37.30 -19.92 -67.88
N CYS GA 83 38.26 -20.83 -67.87
CA CYS GA 83 39.52 -20.59 -67.17
C CYS GA 83 40.68 -20.33 -68.11
N THR GA 84 40.70 -20.97 -69.27
CA THR GA 84 41.68 -20.71 -70.30
C THR GA 84 40.97 -20.45 -71.61
N LEU GA 85 41.69 -19.85 -72.54
CA LEU GA 85 41.11 -19.50 -73.83
C LEU GA 85 42.24 -19.50 -74.85
N SER GA 86 41.90 -19.88 -76.08
CA SER GA 86 42.86 -19.77 -77.18
C SER GA 86 42.13 -19.34 -78.43
N ILE GA 87 42.70 -18.38 -79.13
CA ILE GA 87 42.17 -17.87 -80.38
C ILE GA 87 42.94 -18.52 -81.49
N ILE GA 88 42.27 -19.38 -82.26
CA ILE GA 88 42.95 -20.05 -83.36
C ILE GA 88 43.06 -19.12 -84.55
N ASP GA 89 41.94 -18.62 -85.04
CA ASP GA 89 41.91 -17.66 -86.12
C ASP GA 89 41.26 -16.39 -85.59
N PRO GA 90 41.91 -15.24 -85.73
CA PRO GA 90 41.37 -14.01 -85.14
C PRO GA 90 40.13 -13.49 -85.85
N GLY GA 91 39.75 -14.13 -86.95
CA GLY GA 91 38.68 -13.63 -87.78
C GLY GA 91 39.09 -12.30 -88.38
N ASP GA 92 38.27 -11.28 -88.16
CA ASP GA 92 38.61 -9.93 -88.60
C ASP GA 92 38.83 -9.02 -87.41
N SER GA 93 39.18 -9.60 -86.27
CA SER GA 93 39.41 -8.85 -85.05
C SER GA 93 40.89 -8.52 -84.93
N ASP GA 94 41.20 -7.26 -84.70
CA ASP GA 94 42.57 -6.84 -84.41
C ASP GA 94 42.95 -7.03 -82.96
N ILE GA 95 42.83 -8.26 -82.46
CA ILE GA 95 43.09 -8.54 -81.07
C ILE GA 95 44.56 -8.89 -80.86
N ILE GA 96 45.24 -9.40 -81.89
CA ILE GA 96 46.66 -9.69 -81.77
C ILE GA 96 47.52 -8.61 -82.42
N ARG GA 97 46.92 -7.70 -83.20
CA ARG GA 97 47.64 -6.56 -83.73
C ARG GA 97 48.08 -5.58 -82.66
N SER GA 98 47.45 -5.61 -81.49
CA SER GA 98 47.85 -4.76 -80.39
C SER GA 98 49.00 -5.39 -79.62
N ASN HA 1 -30.60 -108.69 -10.91
CA ASN HA 1 -30.78 -108.35 -9.50
C ASN HA 1 -30.37 -106.91 -9.22
N GLU HA 2 -29.08 -106.72 -8.95
CA GLU HA 2 -28.58 -105.44 -8.50
C GLU HA 2 -27.45 -104.88 -9.38
N VAL HA 3 -26.95 -105.65 -10.35
CA VAL HA 3 -25.97 -105.09 -11.26
C VAL HA 3 -26.73 -104.44 -12.39
N VAL HA 4 -27.11 -103.20 -12.22
CA VAL HA 4 -28.08 -102.57 -13.10
C VAL HA 4 -27.37 -101.59 -14.02
N THR HA 5 -27.90 -101.47 -15.24
CA THR HA 5 -27.55 -100.41 -16.15
C THR HA 5 -28.86 -99.77 -16.59
N ARG HA 6 -28.97 -98.46 -16.45
CA ARG HA 6 -30.14 -97.78 -16.98
C ARG HA 6 -29.78 -96.36 -17.38
N GLU HA 7 -30.34 -95.91 -18.49
CA GLU HA 7 -30.08 -94.56 -18.96
C GLU HA 7 -30.72 -93.55 -18.02
N TYR HA 8 -30.30 -92.30 -18.19
CA TYR HA 8 -30.83 -91.21 -17.40
C TYR HA 8 -30.59 -89.93 -18.18
N THR HA 9 -31.51 -89.00 -18.07
CA THR HA 9 -31.27 -87.65 -18.55
C THR HA 9 -31.22 -86.73 -17.33
N ILE HA 10 -30.07 -86.13 -17.11
CA ILE HA 10 -29.87 -85.23 -15.99
C ILE HA 10 -30.06 -83.81 -16.48
N ASN HA 11 -30.88 -83.05 -15.78
CA ASN HA 11 -31.08 -81.64 -16.11
C ASN HA 11 -30.01 -80.88 -15.36
N ILE HA 12 -28.90 -80.61 -16.05
CA ILE HA 12 -27.80 -79.86 -15.46
C ILE HA 12 -28.23 -78.45 -15.15
N HIS HA 13 -29.18 -77.90 -15.91
CA HIS HA 13 -29.53 -76.49 -15.80
C HIS HA 13 -30.11 -76.16 -14.44
N LYS HA 14 -30.92 -77.05 -13.89
CA LYS HA 14 -31.53 -76.83 -12.59
C LYS HA 14 -30.62 -77.25 -11.45
N ARG HA 15 -29.35 -77.52 -11.73
CA ARG HA 15 -28.40 -77.85 -10.68
C ARG HA 15 -27.16 -76.98 -10.78
N ILE HA 16 -27.10 -76.08 -11.75
CA ILE HA 16 -26.03 -75.10 -11.85
C ILE HA 16 -26.52 -73.69 -11.56
N HIS HA 17 -27.83 -73.44 -11.65
CA HIS HA 17 -28.43 -72.12 -11.57
C HIS HA 17 -28.03 -71.36 -10.32
N GLY HA 18 -27.27 -70.28 -10.49
CA GLY HA 18 -26.84 -69.43 -9.40
C GLY HA 18 -25.33 -69.34 -9.26
N VAL HA 19 -24.61 -70.39 -9.64
CA VAL HA 19 -23.18 -70.42 -9.35
C VAL HA 19 -22.43 -69.55 -10.36
N GLY HA 20 -21.20 -69.23 -10.01
CA GLY HA 20 -20.43 -68.28 -10.78
C GLY HA 20 -19.80 -68.88 -12.01
N PHE HA 21 -19.31 -67.99 -12.89
CA PHE HA 21 -18.84 -68.41 -14.20
C PHE HA 21 -17.63 -69.33 -14.09
N LYS HA 22 -16.72 -69.02 -13.19
CA LYS HA 22 -15.53 -69.85 -13.08
C LYS HA 22 -15.76 -71.12 -12.34
N LYS HA 23 -17.01 -71.50 -12.04
CA LYS HA 23 -17.25 -72.75 -11.36
C LYS HA 23 -18.31 -73.63 -12.00
N ARG HA 24 -18.97 -73.20 -13.08
CA ARG HA 24 -20.14 -73.91 -13.58
C ARG HA 24 -19.79 -75.30 -14.09
N ALA HA 25 -18.65 -75.43 -14.76
CA ALA HA 25 -18.25 -76.75 -15.22
C ALA HA 25 -17.71 -77.62 -14.08
N PRO HA 26 -16.84 -77.16 -13.18
CA PRO HA 26 -16.48 -78.01 -12.04
C PRO HA 26 -17.66 -78.36 -11.16
N ARG HA 27 -18.60 -77.44 -10.98
CA ARG HA 27 -19.79 -77.75 -10.21
C ARG HA 27 -20.60 -78.84 -10.88
N ALA HA 28 -20.65 -78.83 -12.21
CA ALA HA 28 -21.42 -79.81 -12.96
C ALA HA 28 -20.96 -81.22 -12.66
N LEU HA 29 -19.65 -81.43 -12.55
CA LEU HA 29 -19.13 -82.77 -12.31
C LEU HA 29 -19.38 -83.21 -10.87
N LYS HA 30 -19.90 -82.33 -10.03
CA LYS HA 30 -20.10 -82.67 -8.64
C LYS HA 30 -21.50 -83.19 -8.36
N GLU HA 31 -22.55 -82.51 -8.83
CA GLU HA 31 -23.88 -83.07 -8.64
C GLU HA 31 -24.29 -84.00 -9.76
N ILE HA 32 -23.42 -84.28 -10.71
CA ILE HA 32 -23.50 -85.54 -11.44
C ILE HA 32 -22.99 -86.69 -10.59
N ARG HA 33 -21.82 -86.48 -10.00
CA ARG HA 33 -21.29 -87.44 -9.03
C ARG HA 33 -22.22 -87.60 -7.85
N LYS HA 34 -22.90 -86.53 -7.45
CA LYS HA 34 -23.88 -86.63 -6.38
C LYS HA 34 -25.18 -87.21 -6.89
N PHE HA 35 -25.49 -87.03 -8.18
CA PHE HA 35 -26.66 -87.68 -8.77
C PHE HA 35 -26.51 -89.19 -8.75
N ALA HA 36 -25.32 -89.69 -9.11
CA ALA HA 36 -25.10 -91.13 -9.14
C ALA HA 36 -25.17 -91.76 -7.77
N MET HA 37 -24.91 -91.01 -6.71
CA MET HA 37 -25.13 -91.50 -5.36
C MET HA 37 -26.59 -91.41 -4.95
N LYS HA 38 -27.39 -90.64 -5.66
CA LYS HA 38 -28.77 -90.45 -5.25
C LYS HA 38 -29.66 -91.60 -5.70
N GLU HA 39 -29.48 -92.06 -6.94
CA GLU HA 39 -30.27 -93.20 -7.45
C GLU HA 39 -29.74 -94.51 -6.84
N MET HA 40 -28.53 -94.87 -7.19
CA MET HA 40 -27.88 -96.00 -6.56
C MET HA 40 -27.15 -95.50 -5.33
N GLY HA 41 -27.36 -96.16 -4.20
CA GLY HA 41 -26.75 -95.71 -2.96
C GLY HA 41 -25.31 -96.16 -2.81
N THR HA 42 -24.52 -96.01 -3.86
CA THR HA 42 -23.14 -96.43 -3.89
C THR HA 42 -22.24 -95.21 -3.74
N PRO HA 43 -21.44 -95.13 -2.69
CA PRO HA 43 -20.56 -93.95 -2.54
C PRO HA 43 -19.44 -93.92 -3.55
N ASP HA 44 -19.08 -95.06 -4.14
CA ASP HA 44 -18.01 -95.11 -5.13
C ASP HA 44 -18.61 -94.82 -6.51
N VAL HA 45 -18.30 -93.64 -7.04
CA VAL HA 45 -18.74 -93.25 -8.37
C VAL HA 45 -17.50 -92.93 -9.19
N ARG HA 46 -17.35 -93.62 -10.31
CA ARG HA 46 -16.21 -93.42 -11.20
C ARG HA 46 -16.77 -93.09 -12.57
N ILE HA 47 -16.68 -91.83 -12.95
CA ILE HA 47 -17.25 -91.41 -14.22
C ILE HA 47 -16.20 -91.55 -15.32
N ASP HA 48 -16.66 -91.51 -16.56
CA ASP HA 48 -15.77 -91.66 -17.70
C ASP HA 48 -15.32 -90.31 -18.20
N THR HA 49 -14.11 -90.27 -18.74
CA THR HA 49 -13.56 -89.02 -19.26
C THR HA 49 -14.37 -88.52 -20.44
N ARG HA 50 -14.96 -89.42 -21.22
CA ARG HA 50 -15.79 -89.00 -22.34
C ARG HA 50 -17.01 -88.23 -21.86
N LEU HA 51 -17.51 -88.54 -20.68
CA LEU HA 51 -18.54 -87.69 -20.09
C LEU HA 51 -17.96 -86.36 -19.66
N ASN HA 52 -16.79 -86.39 -19.01
CA ASN HA 52 -16.13 -85.16 -18.62
C ASN HA 52 -15.75 -84.34 -19.83
N LYS HA 53 -15.39 -85.00 -20.94
CA LYS HA 53 -15.18 -84.29 -22.18
C LYS HA 53 -16.46 -83.64 -22.69
N ALA HA 54 -17.61 -84.25 -22.43
CA ALA HA 54 -18.87 -83.72 -22.95
C ALA HA 54 -19.45 -82.63 -22.06
N VAL HA 55 -19.00 -82.52 -20.82
CA VAL HA 55 -19.44 -81.41 -19.99
C VAL HA 55 -18.63 -80.15 -20.28
N TRP HA 56 -17.33 -80.31 -20.46
CA TRP HA 56 -16.46 -79.20 -20.84
C TRP HA 56 -16.49 -78.90 -22.32
N ALA HA 57 -17.53 -79.35 -23.04
CA ALA HA 57 -17.57 -79.16 -24.48
C ALA HA 57 -17.71 -77.70 -24.85
N LYS HA 58 -18.45 -76.93 -24.07
CA LYS HA 58 -18.69 -75.52 -24.34
C LYS HA 58 -17.97 -74.61 -23.35
N GLY HA 59 -16.80 -75.00 -22.89
CA GLY HA 59 -16.05 -74.16 -21.96
C GLY HA 59 -16.62 -74.21 -20.56
N ILE HA 60 -15.92 -73.51 -19.66
CA ILE HA 60 -16.25 -73.59 -18.26
C ILE HA 60 -17.50 -72.79 -17.94
N ARG HA 61 -17.82 -71.77 -18.75
CA ARG HA 61 -18.98 -70.94 -18.43
C ARG HA 61 -20.27 -71.62 -18.86
N ASN HA 62 -20.41 -71.86 -20.15
CA ASN HA 62 -21.66 -72.41 -20.69
C ASN HA 62 -21.57 -73.92 -20.66
N VAL HA 63 -22.47 -74.56 -19.92
CA VAL HA 63 -22.55 -76.02 -19.88
C VAL HA 63 -23.86 -76.41 -20.53
N PRO HA 64 -23.98 -77.64 -21.05
CA PRO HA 64 -25.26 -78.06 -21.65
C PRO HA 64 -26.37 -78.11 -20.61
N TYR HA 65 -27.60 -77.92 -21.07
CA TYR HA 65 -28.73 -77.90 -20.15
C TYR HA 65 -29.14 -79.31 -19.78
N ARG HA 66 -29.33 -80.17 -20.77
CA ARG HA 66 -29.64 -81.57 -20.55
C ARG HA 66 -28.46 -82.41 -20.99
N ILE HA 67 -28.40 -83.64 -20.47
CA ILE HA 67 -27.32 -84.55 -20.83
C ILE HA 67 -27.80 -85.97 -20.62
N ARG HA 68 -27.40 -86.88 -21.50
CA ARG HA 68 -27.86 -88.25 -21.45
C ARG HA 68 -26.77 -89.13 -20.88
N VAL HA 69 -27.10 -89.88 -19.84
CA VAL HA 69 -26.13 -90.61 -19.04
C VAL HA 69 -26.48 -92.09 -19.06
N ARG HA 70 -25.47 -92.94 -19.04
CA ARG HA 70 -25.66 -94.39 -19.06
C ARG HA 70 -25.27 -94.97 -17.72
N LEU HA 71 -25.79 -94.37 -16.66
CA LEU HA 71 -25.48 -94.70 -15.27
C LEU HA 71 -25.66 -96.18 -14.96
N SER HA 72 -24.56 -96.85 -14.64
CA SER HA 72 -24.53 -98.31 -14.52
C SER HA 72 -23.75 -98.71 -13.29
N ARG HA 73 -24.30 -99.63 -12.50
CA ARG HA 73 -23.68 -100.08 -11.27
C ARG HA 73 -23.04 -101.45 -11.49
N LYS HA 74 -21.76 -101.57 -11.17
CA LYS HA 74 -20.98 -102.78 -11.40
C LYS HA 74 -20.45 -103.33 -10.09
N ARG HA 75 -20.02 -104.59 -10.14
CA ARG HA 75 -19.39 -105.23 -8.99
C ARG HA 75 -17.99 -104.64 -8.78
N ASN HA 76 -17.66 -104.33 -7.54
CA ASN HA 76 -16.34 -103.80 -7.24
C ASN HA 76 -15.29 -104.86 -7.44
N GLU HA 77 -14.10 -104.42 -7.85
CA GLU HA 77 -12.97 -105.30 -8.09
C GLU HA 77 -12.16 -105.59 -6.83
N ASP HA 78 -10.93 -106.05 -7.04
CA ASP HA 78 -10.00 -106.27 -5.94
C ASP HA 78 -9.46 -104.94 -5.45
N GLU HA 79 -8.43 -104.98 -4.60
CA GLU HA 79 -8.20 -103.92 -3.61
C GLU HA 79 -9.53 -103.64 -2.92
N ASP HA 80 -9.98 -104.67 -2.20
CA ASP HA 80 -11.33 -104.77 -1.69
C ASP HA 80 -11.68 -103.66 -0.73
N SER HA 81 -12.76 -102.95 -1.01
CA SER HA 81 -13.18 -101.75 -0.30
C SER HA 81 -14.45 -102.01 0.51
N PRO HA 82 -14.75 -101.16 1.51
CA PRO HA 82 -15.99 -101.34 2.29
C PRO HA 82 -17.28 -101.21 1.49
N ASN HA 83 -17.20 -100.76 0.24
CA ASN HA 83 -18.33 -100.73 -0.68
C ASN HA 83 -18.06 -101.68 -1.84
N LYS HA 84 -18.86 -102.74 -1.92
CA LYS HA 84 -18.64 -103.78 -2.91
C LYS HA 84 -19.31 -103.47 -4.24
N LEU HA 85 -19.81 -102.26 -4.43
CA LEU HA 85 -20.47 -101.88 -5.68
C LEU HA 85 -20.01 -100.50 -6.08
N TYR HA 86 -19.34 -100.41 -7.24
CA TYR HA 86 -18.97 -99.12 -7.79
C TYR HA 86 -19.87 -98.81 -8.98
N THR HA 87 -19.96 -97.51 -9.30
CA THR HA 87 -20.89 -97.03 -10.32
C THR HA 87 -20.12 -96.34 -11.42
N LEU HA 88 -20.33 -96.77 -12.65
CA LEU HA 88 -19.76 -96.13 -13.81
C LEU HA 88 -20.78 -95.19 -14.42
N VAL HA 89 -20.31 -94.02 -14.86
CA VAL HA 89 -21.18 -92.99 -15.42
C VAL HA 89 -20.71 -92.73 -16.84
N THR HA 90 -21.43 -93.23 -17.82
CA THR HA 90 -21.02 -93.14 -19.21
C THR HA 90 -21.94 -92.16 -19.97
N TYR HA 91 -21.32 -91.41 -20.88
CA TYR HA 91 -22.02 -90.43 -21.69
C TYR HA 91 -22.70 -91.11 -22.87
N VAL HA 92 -23.88 -90.62 -23.23
CA VAL HA 92 -24.62 -91.14 -24.37
C VAL HA 92 -24.96 -89.98 -25.30
N PRO HA 93 -24.42 -89.94 -26.49
CA PRO HA 93 -24.69 -88.82 -27.38
C PRO HA 93 -26.06 -88.95 -28.01
N VAL HA 94 -27.00 -88.10 -27.63
CA VAL HA 94 -28.32 -88.05 -28.24
C VAL HA 94 -28.52 -86.65 -28.79
N THR HA 95 -29.14 -86.53 -29.96
CA THR HA 95 -29.31 -85.23 -30.58
C THR HA 95 -30.32 -84.37 -29.83
N THR HA 96 -31.47 -84.93 -29.47
CA THR HA 96 -32.51 -84.15 -28.83
C THR HA 96 -33.02 -84.86 -27.59
N PHE HA 97 -33.66 -84.10 -26.71
CA PHE HA 97 -34.06 -84.61 -25.40
C PHE HA 97 -35.58 -84.63 -25.24
N LYS HA 98 -36.33 -84.58 -26.32
CA LYS HA 98 -37.78 -84.57 -26.24
C LYS HA 98 -38.27 -86.00 -26.02
N ASN HA 99 -39.05 -86.20 -24.95
CA ASN HA 99 -39.66 -87.47 -24.60
C ASN HA 99 -38.62 -88.56 -24.36
N LEU HA 100 -37.56 -88.23 -23.63
CA LEU HA 100 -36.55 -89.19 -23.23
C LEU HA 100 -36.85 -89.63 -21.81
N GLN HA 101 -37.33 -90.86 -21.65
CA GLN HA 101 -37.63 -91.36 -20.33
C GLN HA 101 -36.38 -91.96 -19.69
N THR HA 102 -36.53 -92.44 -18.46
CA THR HA 102 -35.45 -93.13 -17.78
C THR HA 102 -35.46 -94.60 -18.23
N VAL HA 103 -34.86 -94.80 -19.41
CA VAL HA 103 -34.84 -96.13 -20.02
C VAL HA 103 -33.96 -97.06 -19.20
N ASN HA 104 -34.45 -98.27 -18.98
CA ASN HA 104 -33.73 -99.31 -18.26
C ASN HA 104 -33.15 -100.27 -19.29
N VAL HA 105 -31.91 -100.00 -19.72
CA VAL HA 105 -31.29 -100.82 -20.74
C VAL HA 105 -30.95 -102.19 -20.18
N ASP HA 106 -31.11 -103.21 -21.00
CA ASP HA 106 -30.71 -104.57 -20.66
C ASP HA 106 -29.38 -104.89 -21.31
N GLU HA 107 -28.97 -106.15 -21.18
CA GLU HA 107 -27.75 -106.63 -21.81
C GLU HA 107 -28.02 -107.90 -22.62
N ALA IA 1 0.94 -91.86 81.12
CA ALA IA 1 2.15 -92.66 81.15
C ALA IA 1 3.35 -91.84 80.67
N ALA IA 2 3.13 -90.55 80.45
CA ALA IA 2 4.17 -89.68 79.93
C ALA IA 2 5.05 -89.17 81.06
N LEU IA 3 6.13 -88.50 80.67
CA LEU IA 3 7.05 -87.87 81.61
C LEU IA 3 6.58 -86.43 81.79
N ARG IA 4 5.71 -86.25 82.77
CA ARG IA 4 5.04 -84.97 83.00
C ARG IA 4 6.05 -83.91 83.42
N PRO IA 5 5.82 -82.65 83.07
CA PRO IA 5 6.78 -81.61 83.43
C PRO IA 5 6.70 -81.23 84.90
N LEU IA 6 7.48 -80.22 85.29
CA LEU IA 6 7.43 -79.72 86.67
C LEU IA 6 6.06 -79.15 86.99
N VAL IA 7 5.68 -78.07 86.31
CA VAL IA 7 4.37 -77.46 86.44
C VAL IA 7 3.84 -77.22 85.04
N LYS IA 8 2.54 -77.39 84.86
CA LYS IA 8 1.88 -77.25 83.56
C LYS IA 8 0.98 -76.04 83.61
N PRO IA 9 1.49 -74.85 83.33
CA PRO IA 9 0.67 -73.65 83.44
C PRO IA 9 -0.18 -73.46 82.21
N LYS IA 10 -1.30 -72.76 82.40
CA LYS IA 10 -2.20 -72.48 81.31
C LYS IA 10 -1.51 -71.51 80.35
N ILE IA 11 -1.09 -72.00 79.20
CA ILE IA 11 -0.51 -71.15 78.18
C ILE IA 11 -1.61 -70.29 77.58
N VAL IA 12 -1.35 -68.99 77.46
CA VAL IA 12 -2.31 -68.07 76.87
C VAL IA 12 -1.57 -67.19 75.87
N LYS IA 13 -2.00 -67.23 74.63
CA LYS IA 13 -1.35 -66.49 73.56
C LYS IA 13 -2.22 -65.32 73.14
N LYS IA 14 -1.58 -64.19 72.89
CA LYS IA 14 -2.32 -63.01 72.48
C LYS IA 14 -2.76 -63.08 71.03
N ARG IA 15 -2.09 -63.89 70.21
CA ARG IA 15 -2.49 -64.06 68.83
C ARG IA 15 -1.95 -65.39 68.33
N THR IA 16 -2.80 -66.14 67.64
CA THR IA 16 -2.44 -67.45 67.14
C THR IA 16 -2.26 -67.49 65.63
N LYS IA 17 -2.92 -66.61 64.90
CA LYS IA 17 -2.70 -66.53 63.47
C LYS IA 17 -1.34 -65.91 63.19
N LYS IA 18 -0.76 -66.26 62.05
CA LYS IA 18 0.48 -65.63 61.62
C LYS IA 18 0.25 -64.20 61.20
N PHE IA 19 1.33 -63.50 60.89
CA PHE IA 19 1.28 -62.20 60.24
C PHE IA 19 1.73 -62.39 58.79
N ILE IA 20 0.95 -61.88 57.85
CA ILE IA 20 1.25 -62.05 56.44
C ILE IA 20 1.73 -60.73 55.89
N ARG IA 21 2.63 -60.79 54.92
CA ARG IA 21 3.08 -59.59 54.23
C ARG IA 21 1.91 -58.96 53.49
N HIS IA 22 1.96 -57.65 53.33
CA HIS IA 22 0.90 -56.94 52.63
C HIS IA 22 0.86 -57.35 51.18
N GLN IA 23 -0.34 -57.68 50.69
CA GLN IA 23 -0.58 -58.15 49.33
C GLN IA 23 0.17 -59.44 49.02
N SER IA 24 0.44 -60.27 50.02
CA SER IA 24 1.12 -61.53 49.75
C SER IA 24 0.22 -62.55 49.12
N ASP IA 25 -1.09 -62.33 49.15
CA ASP IA 25 -2.08 -63.20 48.51
C ASP IA 25 -2.24 -62.89 47.04
N ARG IA 26 -2.11 -61.62 46.67
CA ARG IA 26 -2.33 -61.18 45.31
C ARG IA 26 -1.16 -61.47 44.39
N TYR IA 27 -0.03 -61.91 44.93
CA TYR IA 27 1.13 -62.17 44.10
C TYR IA 27 1.83 -63.42 44.58
N VAL IA 28 2.61 -64.01 43.68
CA VAL IA 28 3.47 -65.13 44.01
C VAL IA 28 4.90 -64.66 44.27
N LYS IA 29 5.33 -63.55 43.68
CA LYS IA 29 6.62 -62.98 44.02
C LYS IA 29 6.65 -62.42 45.43
N ILE IA 30 5.49 -62.12 46.00
CA ILE IA 30 5.40 -61.54 47.34
C ILE IA 30 5.24 -62.71 48.32
N LYS IA 31 6.34 -63.08 48.98
CA LYS IA 31 6.30 -64.20 49.89
C LYS IA 31 5.61 -63.81 51.20
N ARG IA 32 5.22 -64.84 51.95
CA ARG IA 32 4.38 -64.65 53.13
C ARG IA 32 5.12 -63.98 54.28
N ASN IA 33 6.45 -64.00 54.28
CA ASN IA 33 7.23 -63.48 55.39
C ASN IA 33 6.98 -61.99 55.60
N TRP IA 34 6.89 -61.59 56.86
CA TRP IA 34 6.46 -60.25 57.17
C TRP IA 34 7.52 -59.22 56.80
N ARG IA 35 7.09 -58.18 56.11
CA ARG IA 35 7.95 -57.04 55.80
C ARG IA 35 7.12 -55.80 56.10
N LYS IA 36 7.66 -54.91 56.91
CA LYS IA 36 6.91 -53.73 57.29
C LYS IA 36 6.72 -52.82 56.09
N PRO IA 37 5.49 -52.46 55.75
CA PRO IA 37 5.28 -51.54 54.62
C PRO IA 37 5.82 -50.16 54.96
N ARG IA 38 6.55 -49.58 54.02
CA ARG IA 38 7.11 -48.25 54.21
C ARG IA 38 6.60 -47.24 53.21
N GLY IA 39 5.58 -47.59 52.44
CA GLY IA 39 5.05 -46.67 51.45
C GLY IA 39 4.41 -45.46 52.09
N ILE IA 40 4.30 -44.40 51.31
CA ILE IA 40 3.81 -43.15 51.85
C ILE IA 40 2.29 -43.12 51.92
N ASP IA 41 1.60 -43.94 51.15
CA ASP IA 41 0.15 -43.95 51.15
C ASP IA 41 -0.42 -45.27 51.65
N ASN IA 42 0.43 -46.19 52.10
CA ASN IA 42 0.03 -47.54 52.42
C ASN IA 42 -1.01 -47.58 53.53
N ARG IA 43 -2.08 -48.34 53.30
CA ARG IA 43 -3.15 -48.43 54.30
C ARG IA 43 -2.68 -49.14 55.55
N VAL IA 44 -2.04 -50.30 55.38
CA VAL IA 44 -1.58 -51.15 56.47
C VAL IA 44 -0.64 -50.36 57.37
N ARG IA 45 0.21 -49.54 56.74
CA ARG IA 45 1.16 -48.74 57.50
C ARG IA 45 0.45 -47.78 58.44
N ARG IA 46 -0.48 -47.00 57.93
CA ARG IA 46 -1.19 -46.09 58.80
C ARG IA 46 -2.49 -46.68 59.31
N ARG IA 47 -2.42 -47.92 59.80
CA ARG IA 47 -3.37 -48.55 60.70
C ARG IA 47 -4.84 -48.33 60.39
N PHE IA 48 -5.23 -48.45 59.13
CA PHE IA 48 -6.63 -48.24 58.81
C PHE IA 48 -7.48 -49.38 59.35
N LYS IA 49 -8.78 -49.13 59.42
CA LYS IA 49 -9.69 -50.13 59.94
C LYS IA 49 -9.84 -51.28 58.95
N GLY IA 50 -9.90 -52.50 59.48
CA GLY IA 50 -10.17 -53.66 58.66
C GLY IA 50 -9.07 -54.01 57.69
N GLN IA 51 -7.82 -53.89 58.08
CA GLN IA 51 -6.70 -54.21 57.22
C GLN IA 51 -5.89 -55.34 57.85
N ILE IA 52 -4.75 -55.63 57.22
CA ILE IA 52 -3.80 -56.54 57.84
C ILE IA 52 -3.20 -55.87 59.06
N LEU IA 53 -2.84 -56.67 60.05
CA LEU IA 53 -2.36 -56.17 61.32
C LEU IA 53 -0.84 -56.11 61.32
N MET IA 54 -0.30 -55.04 61.88
CA MET IA 54 1.14 -54.93 61.97
C MET IA 54 1.62 -55.44 63.32
N PRO IA 55 2.64 -56.28 63.35
CA PRO IA 55 3.10 -56.85 64.62
C PRO IA 55 3.79 -55.81 65.48
N ASN IA 56 3.29 -55.63 66.68
CA ASN IA 56 3.91 -54.77 67.68
C ASN IA 56 4.55 -55.64 68.73
N ILE IA 57 5.23 -55.00 69.68
CA ILE IA 57 5.71 -55.73 70.85
C ILE IA 57 4.59 -56.01 71.83
N GLY IA 58 3.43 -55.39 71.65
CA GLY IA 58 2.30 -55.66 72.50
C GLY IA 58 1.76 -57.07 72.40
N TYR IA 59 2.13 -57.79 71.36
CA TYR IA 59 1.74 -59.19 71.21
C TYR IA 59 2.73 -60.13 71.86
N GLY IA 60 3.66 -59.62 72.66
CA GLY IA 60 4.66 -60.47 73.27
C GLY IA 60 4.06 -61.46 74.23
N SER IA 61 4.44 -62.72 74.11
CA SER IA 61 3.90 -63.74 75.00
C SER IA 61 4.45 -63.55 76.40
N ASN IA 62 3.76 -64.15 77.36
CA ASN IA 62 4.20 -64.08 78.75
C ASN IA 62 5.56 -64.74 78.90
N LYS IA 63 6.44 -64.08 79.67
CA LYS IA 63 7.78 -64.63 79.87
C LYS IA 63 7.74 -65.91 80.67
N LYS IA 64 6.68 -66.12 81.46
CA LYS IA 64 6.53 -67.37 82.19
C LYS IA 64 6.27 -68.54 81.27
N THR IA 65 5.67 -68.31 80.11
CA THR IA 65 5.33 -69.40 79.20
C THR IA 65 5.96 -69.19 77.82
N LYS IA 66 7.01 -68.39 77.71
CA LYS IA 66 7.63 -68.16 76.42
C LYS IA 66 8.48 -69.36 76.03
N HIS IA 67 8.48 -69.67 74.73
CA HIS IA 67 9.22 -70.80 74.16
C HIS IA 67 8.81 -72.12 74.80
N MET IA 68 7.55 -72.22 75.19
CA MET IA 68 7.04 -73.40 75.87
C MET IA 68 6.14 -74.16 74.91
N LEU IA 69 6.38 -75.47 74.81
CA LEU IA 69 5.59 -76.36 73.97
C LEU IA 69 4.18 -76.48 74.54
N PRO IA 70 3.23 -77.06 73.82
CA PRO IA 70 1.95 -77.38 74.47
C PRO IA 70 2.08 -78.40 75.57
N SER IA 71 3.11 -79.23 75.52
CA SER IA 71 3.34 -80.25 76.55
C SER IA 71 4.02 -79.70 77.80
N GLY IA 72 4.15 -78.38 77.92
CA GLY IA 72 4.72 -77.82 79.12
C GLY IA 72 6.23 -77.96 79.22
N PHE IA 73 6.90 -78.21 78.11
CA PHE IA 73 8.34 -78.35 78.09
C PHE IA 73 8.94 -77.25 77.22
N ARG IA 74 10.27 -77.24 77.15
CA ARG IA 74 10.98 -76.37 76.22
C ARG IA 74 11.96 -77.23 75.45
N LYS IA 75 12.04 -77.00 74.14
CA LYS IA 75 12.84 -77.86 73.28
C LYS IA 75 14.32 -77.61 73.51
N PHE IA 76 15.13 -78.58 73.10
CA PHE IA 76 16.58 -78.42 73.08
C PHE IA 76 17.12 -79.39 72.06
N LEU IA 77 17.75 -78.86 71.01
CA LEU IA 77 18.27 -79.71 69.95
C LEU IA 77 19.44 -80.54 70.47
N VAL IA 78 19.50 -81.79 70.03
CA VAL IA 78 20.51 -82.73 70.49
C VAL IA 78 21.07 -83.45 69.28
N HIS IA 79 22.39 -83.54 69.20
CA HIS IA 79 23.06 -84.19 68.08
C HIS IA 79 23.60 -85.57 68.39
N ASN IA 80 24.10 -85.81 69.60
CA ASN IA 80 24.63 -87.12 69.95
C ASN IA 80 24.27 -87.45 71.39
N VAL IA 81 24.73 -88.62 71.84
CA VAL IA 81 24.41 -89.06 73.19
C VAL IA 81 25.12 -88.20 74.21
N LYS IA 82 26.28 -87.65 73.85
CA LYS IA 82 27.03 -86.82 74.80
C LYS IA 82 26.34 -85.50 75.07
N GLU IA 83 25.53 -85.00 74.13
CA GLU IA 83 24.79 -83.78 74.33
C GLU IA 83 23.50 -83.99 75.09
N LEU IA 84 23.30 -85.18 75.66
CA LEU IA 84 22.17 -85.46 76.54
C LEU IA 84 22.51 -85.38 78.00
N GLU IA 85 23.74 -85.74 78.40
CA GLU IA 85 24.16 -85.64 79.79
C GLU IA 85 24.05 -84.23 80.34
N VAL IA 86 23.91 -83.23 79.46
CA VAL IA 86 23.59 -81.89 79.89
C VAL IA 86 22.22 -81.85 80.56
N LEU IA 87 21.21 -82.43 79.92
CA LEU IA 87 19.84 -82.25 80.34
C LEU IA 87 19.40 -83.21 81.43
N LEU IA 88 20.32 -83.90 82.09
CA LEU IA 88 19.87 -84.86 83.09
C LEU IA 88 19.49 -84.20 84.40
N MET IA 89 19.69 -82.89 84.52
CA MET IA 89 19.32 -82.17 85.72
C MET IA 89 18.21 -81.16 85.48
N CYS IA 90 17.67 -81.10 84.26
CA CYS IA 90 16.54 -80.25 83.94
C CYS IA 90 15.34 -81.05 83.47
N ASN IA 91 15.24 -82.32 83.87
CA ASN IA 91 14.27 -83.30 83.43
C ASN IA 91 12.83 -82.78 83.38
N LYS IA 92 12.45 -82.00 84.37
CA LYS IA 92 11.08 -81.55 84.49
C LYS IA 92 10.84 -80.22 83.81
N SER IA 93 11.83 -79.71 83.06
CA SER IA 93 11.65 -78.41 82.43
C SER IA 93 11.98 -78.41 80.94
N TYR IA 94 13.00 -79.14 80.54
CA TYR IA 94 13.53 -79.06 79.18
C TYR IA 94 13.49 -80.44 78.53
N CYS IA 95 12.74 -80.54 77.44
CA CYS IA 95 12.70 -81.79 76.70
C CYS IA 95 13.82 -81.82 75.68
N ALA IA 96 14.04 -82.99 75.10
CA ALA IA 96 15.11 -83.17 74.14
C ALA IA 96 14.52 -83.38 72.76
N GLU IA 97 15.26 -82.95 71.74
CA GLU IA 97 14.84 -83.08 70.36
C GLU IA 97 16.05 -83.52 69.54
N ILE IA 98 15.97 -84.71 68.94
CA ILE IA 98 17.07 -85.17 68.12
C ILE IA 98 17.06 -84.42 66.81
N ALA IA 99 18.24 -83.97 66.39
CA ALA IA 99 18.37 -83.18 65.17
C ALA IA 99 18.02 -84.01 63.95
N HIS IA 100 17.78 -83.32 62.84
CA HIS IA 100 17.32 -83.98 61.62
C HIS IA 100 18.34 -84.96 61.10
N ASN IA 101 19.54 -84.49 60.78
CA ASN IA 101 20.54 -85.28 60.09
C ASN IA 101 21.16 -86.39 60.93
N VAL IA 102 20.63 -86.65 62.13
CA VAL IA 102 21.12 -87.77 62.91
C VAL IA 102 20.60 -89.07 62.30
N SER IA 103 21.51 -89.98 62.00
CA SER IA 103 21.16 -91.20 61.28
C SER IA 103 20.31 -92.12 62.13
N SER IA 104 19.75 -93.14 61.47
CA SER IA 104 18.82 -94.04 62.14
C SER IA 104 19.53 -94.99 63.09
N LYS IA 105 20.80 -95.31 62.83
CA LYS IA 105 21.53 -96.15 63.77
C LYS IA 105 21.93 -95.39 65.02
N ASN IA 106 22.06 -94.07 64.95
CA ASN IA 106 22.39 -93.29 66.12
C ASN IA 106 21.16 -92.82 66.87
N ARG IA 107 20.00 -92.80 66.23
CA ARG IA 107 18.78 -92.41 66.92
C ARG IA 107 18.33 -93.48 67.90
N LYS IA 108 18.48 -94.75 67.52
CA LYS IA 108 18.15 -95.79 68.49
C LYS IA 108 19.33 -96.08 69.41
N ALA IA 109 20.00 -95.03 69.86
CA ALA IA 109 20.92 -95.10 70.98
C ALA IA 109 20.59 -93.94 71.89
N ILE IA 110 20.15 -92.85 71.29
CA ILE IA 110 19.81 -91.65 72.04
C ILE IA 110 18.50 -91.86 72.80
N VAL IA 111 17.50 -92.45 72.17
CA VAL IA 111 16.15 -92.47 72.72
C VAL IA 111 16.08 -93.33 73.97
N GLU IA 112 16.73 -94.49 73.97
CA GLU IA 112 16.68 -95.33 75.17
C GLU IA 112 17.65 -94.82 76.23
N ARG IA 113 18.73 -94.17 75.82
CA ARG IA 113 19.54 -93.44 76.79
C ARG IA 113 18.74 -92.31 77.41
N ALA IA 114 17.95 -91.62 76.60
CA ALA IA 114 17.02 -90.63 77.14
C ALA IA 114 15.88 -91.26 77.91
N ALA IA 115 15.64 -92.56 77.72
CA ALA IA 115 14.71 -93.26 78.60
C ALA IA 115 15.37 -93.63 79.92
N GLN IA 116 16.68 -93.88 79.90
CA GLN IA 116 17.40 -94.12 81.14
C GLN IA 116 17.51 -92.85 81.95
N LEU IA 117 17.88 -91.74 81.33
CA LEU IA 117 18.04 -90.50 82.04
C LEU IA 117 16.72 -89.80 82.32
N ALA IA 118 15.58 -90.41 81.98
CA ALA IA 118 14.23 -89.88 82.19
C ALA IA 118 14.01 -88.55 81.51
N ILE IA 119 14.72 -88.25 80.43
CA ILE IA 119 14.46 -87.05 79.66
C ILE IA 119 13.42 -87.34 78.61
N ARG IA 120 12.43 -86.46 78.49
CA ARG IA 120 11.43 -86.62 77.44
C ARG IA 120 12.02 -86.26 76.09
N VAL IA 121 11.61 -87.01 75.07
CA VAL IA 121 11.98 -86.74 73.69
C VAL IA 121 10.73 -86.38 72.93
N THR IA 122 10.81 -85.34 72.10
CA THR IA 122 9.67 -84.89 71.32
C THR IA 122 9.58 -85.55 69.95
N ASN IA 123 10.64 -86.20 69.49
CA ASN IA 123 10.52 -86.97 68.27
C ASN IA 123 11.07 -88.38 68.43
N PRO IA 124 10.54 -89.18 69.38
CA PRO IA 124 11.12 -90.50 69.64
C PRO IA 124 10.92 -91.47 68.49
N ASN IA 125 9.69 -91.58 68.01
CA ASN IA 125 9.33 -92.49 66.93
C ASN IA 125 9.86 -91.91 65.63
N ALA IA 126 11.14 -92.12 65.40
CA ALA IA 126 11.89 -91.54 64.29
C ALA IA 126 11.81 -92.43 63.07
N ARG IA 127 12.74 -92.24 62.14
CA ARG IA 127 12.95 -93.11 60.99
C ARG IA 127 12.87 -94.59 61.34
N LEU IA 128 13.45 -94.98 62.47
CA LEU IA 128 13.31 -96.30 63.08
C LEU IA 128 13.77 -97.44 62.18
N SER JA 1 -41.68 -84.40 79.87
CA SER JA 1 -42.65 -84.44 78.79
C SER JA 1 -43.23 -83.05 78.51
N GLY JA 2 -42.37 -82.04 78.51
CA GLY JA 2 -42.77 -80.70 78.13
C GLY JA 2 -41.56 -79.83 77.88
N ARG JA 3 -41.83 -78.64 77.35
CA ARG JA 3 -40.77 -77.66 77.13
C ARG JA 3 -40.32 -77.09 78.46
N LEU JA 4 -39.02 -76.90 78.61
CA LEU JA 4 -38.49 -76.31 79.84
C LEU JA 4 -37.52 -75.19 79.53
N TRP JA 5 -37.87 -74.32 78.59
CA TRP JA 5 -37.04 -73.18 78.26
C TRP JA 5 -37.91 -72.12 77.60
N CYS JA 6 -37.41 -70.89 77.60
CA CYS JA 6 -38.14 -69.79 77.00
C CYS JA 6 -37.59 -69.53 75.60
N LYS JA 7 -38.47 -69.11 74.71
CA LYS JA 7 -38.05 -68.88 73.33
C LYS JA 7 -37.35 -67.53 73.21
N ALA JA 8 -36.23 -67.52 72.50
CA ALA JA 8 -35.42 -66.31 72.36
C ALA JA 8 -34.77 -66.28 71.00
N ILE JA 9 -34.88 -65.14 70.32
CA ILE JA 9 -34.29 -64.99 68.99
C ILE JA 9 -32.97 -64.25 69.12
N PHE JA 10 -31.95 -64.74 68.43
CA PHE JA 10 -30.64 -64.12 68.45
C PHE JA 10 -30.64 -63.03 67.40
N ALA JA 11 -30.83 -61.78 67.84
CA ALA JA 11 -30.93 -60.64 66.95
C ALA JA 11 -29.60 -60.33 66.26
N GLY JA 12 -28.57 -60.02 67.04
CA GLY JA 12 -27.30 -59.66 66.46
C GLY JA 12 -26.25 -59.54 67.52
N TYR JA 13 -25.07 -59.09 67.10
CA TYR JA 13 -23.98 -58.90 68.03
C TYR JA 13 -24.05 -57.51 68.64
N LYS JA 14 -23.25 -57.30 69.67
CA LYS JA 14 -23.14 -55.98 70.27
C LYS JA 14 -22.38 -55.10 69.31
N ARG JA 15 -23.10 -54.32 68.51
CA ARG JA 15 -22.48 -53.54 67.47
C ARG JA 15 -22.63 -52.06 67.75
N GLY JA 16 -21.84 -51.27 67.04
CA GLY JA 16 -22.03 -49.84 67.04
C GLY JA 16 -22.83 -49.46 65.81
N LEU JA 17 -22.18 -48.84 64.84
CA LEU JA 17 -22.83 -48.62 63.56
C LEU JA 17 -21.87 -49.04 62.47
N ARG JA 18 -20.59 -49.04 62.79
CA ARG JA 18 -19.60 -49.51 61.84
C ARG JA 18 -18.62 -50.47 62.49
N ASN JA 19 -18.90 -50.97 63.69
CA ASN JA 19 -18.07 -51.98 64.34
C ASN JA 19 -19.00 -52.92 65.07
N GLN JA 20 -18.70 -54.21 65.01
CA GLN JA 20 -19.44 -55.16 65.82
C GLN JA 20 -18.46 -55.94 66.66
N ARG JA 21 -18.82 -56.18 67.91
CA ARG JA 21 -18.00 -56.91 68.85
C ARG JA 21 -18.62 -58.30 69.00
N GLU JA 22 -17.99 -59.28 68.40
CA GLU JA 22 -18.58 -60.60 68.36
C GLU JA 22 -18.48 -61.35 69.66
N HIS JA 23 -17.90 -60.84 70.75
CA HIS JA 23 -17.91 -61.56 72.00
C HIS JA 23 -19.15 -61.28 72.84
N THR JA 24 -20.18 -60.69 72.23
CA THR JA 24 -21.40 -60.38 72.94
C THR JA 24 -22.56 -60.49 71.97
N ALA JA 25 -23.67 -61.06 72.43
CA ALA JA 25 -24.81 -61.33 71.58
C ALA JA 25 -26.05 -60.64 72.13
N LEU JA 26 -26.77 -59.95 71.26
CA LEU JA 26 -28.04 -59.36 71.63
C LEU JA 26 -29.15 -60.39 71.48
N LEU JA 27 -29.90 -60.62 72.54
CA LEU JA 27 -30.95 -61.62 72.56
C LEU JA 27 -32.31 -60.94 72.68
N LYS JA 28 -33.27 -61.43 71.91
CA LYS JA 28 -34.65 -60.97 71.99
C LYS JA 28 -35.49 -62.13 72.49
N ILE JA 29 -35.90 -62.06 73.74
CA ILE JA 29 -36.74 -63.10 74.32
C ILE JA 29 -38.19 -62.75 74.12
N GLU JA 30 -39.02 -63.74 73.84
CA GLU JA 30 -40.42 -63.52 73.56
C GLU JA 30 -41.16 -63.09 74.82
N GLY JA 31 -42.08 -62.15 74.67
CA GLY JA 31 -42.91 -61.68 75.75
C GLY JA 31 -42.36 -60.51 76.54
N VAL JA 32 -41.06 -60.49 76.78
CA VAL JA 32 -40.42 -59.40 77.52
C VAL JA 32 -40.13 -58.24 76.57
N TYR JA 33 -40.68 -57.07 76.89
CA TYR JA 33 -40.56 -55.90 76.04
C TYR JA 33 -40.25 -54.64 76.84
N ALA JA 34 -39.62 -54.79 78.00
CA ALA JA 34 -39.22 -53.63 78.79
C ALA JA 34 -38.05 -54.03 79.66
N ARG JA 35 -37.24 -53.04 80.06
CA ARG JA 35 -36.10 -53.31 80.92
C ARG JA 35 -36.53 -53.90 82.25
N ASP JA 36 -37.63 -53.40 82.81
CA ASP JA 36 -38.12 -53.88 84.09
C ASP JA 36 -38.61 -55.31 84.05
N GLU JA 37 -38.80 -55.89 82.87
CA GLU JA 37 -39.16 -57.29 82.77
C GLU JA 37 -37.95 -58.20 82.60
N THR JA 38 -36.76 -57.64 82.36
CA THR JA 38 -35.57 -58.45 82.15
C THR JA 38 -34.91 -58.90 83.44
N GLU JA 39 -35.34 -58.38 84.58
CA GLU JA 39 -34.74 -58.70 85.87
C GLU JA 39 -34.84 -60.19 86.17
N PHE JA 40 -35.87 -60.84 85.65
CA PHE JA 40 -36.04 -62.27 85.86
C PHE JA 40 -34.99 -63.06 85.10
N TYR JA 41 -34.53 -62.56 83.96
CA TYR JA 41 -33.71 -63.34 83.07
C TYR JA 41 -32.21 -63.12 83.26
N LEU JA 42 -31.80 -62.14 84.06
CA LEU JA 42 -30.38 -61.91 84.27
C LEU JA 42 -29.74 -63.10 84.96
N GLY JA 43 -28.69 -63.63 84.33
CA GLY JA 43 -27.94 -64.74 84.87
C GLY JA 43 -28.39 -66.09 84.37
N LYS JA 44 -29.56 -66.17 83.75
CA LYS JA 44 -30.07 -67.44 83.26
C LYS JA 44 -29.16 -68.01 82.18
N ARG JA 45 -28.98 -69.32 82.21
CA ARG JA 45 -28.10 -69.98 81.26
C ARG JA 45 -28.84 -70.22 79.95
N CYS JA 46 -28.26 -69.75 78.86
CA CYS JA 46 -28.85 -69.85 77.54
C CYS JA 46 -28.08 -70.86 76.70
N ALA JA 47 -28.67 -71.25 75.58
CA ALA JA 47 -28.07 -72.29 74.75
C ALA JA 47 -28.53 -72.15 73.32
N TYR JA 48 -27.56 -72.14 72.39
CA TYR JA 48 -27.85 -72.20 70.97
C TYR JA 48 -27.67 -73.64 70.51
N VAL JA 49 -28.76 -74.31 70.20
CA VAL JA 49 -28.76 -75.72 69.86
C VAL JA 49 -28.85 -75.84 68.34
N TYR JA 50 -27.87 -76.49 67.73
CA TYR JA 50 -27.91 -76.77 66.31
C TYR JA 50 -27.59 -78.24 66.08
N LYS JA 51 -27.56 -78.64 64.82
CA LYS JA 51 -27.22 -80.00 64.47
C LYS JA 51 -26.34 -79.98 63.23
N ALA JA 52 -25.37 -80.88 63.18
CA ALA JA 52 -24.40 -80.93 62.10
C ALA JA 52 -24.32 -82.35 61.53
N LYS JA 53 -23.33 -82.57 60.68
CA LYS JA 53 -23.22 -83.83 59.96
C LYS JA 53 -22.65 -84.94 60.82
N ASN JA 54 -21.45 -84.75 61.37
CA ASN JA 54 -20.82 -85.81 62.14
C ASN JA 54 -21.52 -85.99 63.49
N ASN JA 55 -21.23 -87.13 64.11
CA ASN JA 55 -21.83 -87.45 65.40
C ASN JA 55 -20.99 -86.91 66.53
N THR JA 56 -21.65 -86.53 67.62
CA THR JA 56 -20.99 -86.03 68.81
C THR JA 56 -21.51 -86.78 70.01
N VAL JA 57 -20.59 -87.15 70.92
CA VAL JA 57 -21.00 -87.79 72.16
C VAL JA 57 -21.88 -86.85 72.96
N THR JA 58 -22.85 -87.43 73.65
CA THR JA 58 -23.88 -86.69 74.34
C THR JA 58 -23.81 -87.00 75.83
N PRO JA 59 -23.87 -86.00 76.70
CA PRO JA 59 -23.89 -86.29 78.12
C PRO JA 59 -25.18 -87.00 78.52
N GLY JA 60 -25.05 -88.28 78.85
CA GLY JA 60 -26.19 -89.08 79.22
C GLY JA 60 -27.03 -89.48 78.02
N GLY JA 61 -26.41 -90.12 77.04
CA GLY JA 61 -27.14 -90.53 75.87
C GLY JA 61 -26.22 -91.07 74.80
N LYS JA 62 -26.79 -91.38 73.70
CA LYS JA 62 -26.11 -91.94 72.56
C LYS JA 62 -25.57 -90.83 71.67
N PRO JA 63 -24.53 -91.09 70.88
CA PRO JA 63 -24.05 -90.06 69.95
C PRO JA 63 -25.09 -89.67 68.92
N ASN JA 64 -25.63 -88.46 69.08
CA ASN JA 64 -26.57 -87.88 68.13
C ASN JA 64 -25.85 -86.99 67.15
N LYS JA 65 -26.60 -86.17 66.42
CA LYS JA 65 -26.01 -85.17 65.55
C LYS JA 65 -26.17 -83.74 66.06
N THR JA 66 -26.79 -83.55 67.22
CA THR JA 66 -27.02 -82.19 67.70
C THR JA 66 -25.86 -81.73 68.58
N ARG JA 67 -25.57 -80.44 68.50
CA ARG JA 67 -24.53 -79.80 69.29
C ARG JA 67 -25.06 -78.49 69.82
N VAL JA 68 -24.50 -78.03 70.95
CA VAL JA 68 -24.93 -76.79 71.57
C VAL JA 68 -23.74 -75.88 71.77
N ILE JA 69 -24.05 -74.61 72.05
CA ILE JA 69 -23.07 -73.64 72.49
C ILE JA 69 -23.64 -72.99 73.74
N TRP JA 70 -23.05 -73.25 74.88
CA TRP JA 70 -23.58 -72.75 76.14
C TRP JA 70 -23.20 -71.29 76.35
N GLY JA 71 -24.10 -70.56 76.98
CA GLY JA 71 -23.82 -69.18 77.31
C GLY JA 71 -24.55 -68.75 78.57
N LYS JA 72 -24.75 -67.46 78.73
CA LYS JA 72 -25.48 -66.93 79.88
C LYS JA 72 -25.93 -65.52 79.60
N VAL JA 73 -26.99 -65.07 80.27
CA VAL JA 73 -27.48 -63.71 80.12
C VAL JA 73 -26.70 -62.82 81.08
N THR JA 74 -26.04 -61.79 80.54
CA THR JA 74 -25.16 -60.98 81.37
C THR JA 74 -25.87 -59.77 81.94
N ARG JA 75 -26.43 -58.93 81.08
CA ARG JA 75 -27.06 -57.70 81.56
C ARG JA 75 -28.11 -57.26 80.57
N ALA JA 76 -29.07 -56.49 81.08
CA ALA JA 76 -30.16 -56.03 80.24
C ALA JA 76 -29.66 -55.01 79.24
N HIS JA 77 -30.14 -55.11 78.01
CA HIS JA 77 -29.71 -54.27 76.92
C HIS JA 77 -30.87 -53.42 76.44
N GLY JA 78 -30.55 -52.23 75.97
CA GLY JA 78 -31.54 -51.35 75.40
C GLY JA 78 -32.54 -50.89 76.43
N ASN JA 79 -33.69 -50.44 75.94
CA ASN JA 79 -34.72 -49.90 76.80
C ASN JA 79 -35.99 -50.72 76.71
N SER JA 80 -35.99 -51.78 75.92
CA SER JA 80 -37.22 -52.54 75.70
C SER JA 80 -36.85 -53.98 75.32
N GLY JA 81 -36.87 -54.86 76.30
CA GLY JA 81 -36.91 -56.28 76.04
C GLY JA 81 -35.62 -56.98 75.68
N MET JA 82 -34.71 -56.31 74.98
CA MET JA 82 -33.48 -56.95 74.55
C MET JA 82 -32.60 -57.23 75.75
N VAL JA 83 -31.63 -58.12 75.54
CA VAL JA 83 -30.71 -58.48 76.62
C VAL JA 83 -29.42 -58.97 76.01
N ARG JA 84 -28.31 -58.76 76.71
CA ARG JA 84 -27.03 -59.24 76.21
C ARG JA 84 -26.73 -60.63 76.75
N ALA JA 85 -26.10 -61.44 75.92
CA ALA JA 85 -25.67 -62.75 76.35
C ALA JA 85 -24.22 -62.93 75.97
N LYS JA 86 -23.56 -63.86 76.64
CA LYS JA 86 -22.15 -64.13 76.37
C LYS JA 86 -21.95 -65.63 76.37
N PHE JA 87 -21.47 -66.15 75.24
CA PHE JA 87 -21.35 -67.58 75.05
C PHE JA 87 -19.89 -68.00 75.14
N ARG JA 88 -19.66 -69.28 75.43
CA ARG JA 88 -18.29 -69.77 75.58
C ARG JA 88 -17.53 -69.71 74.27
N SER JA 89 -18.23 -69.80 73.15
CA SER JA 89 -17.67 -69.53 71.83
C SER JA 89 -18.55 -68.46 71.20
N ASN JA 90 -17.92 -67.46 70.59
CA ASN JA 90 -18.66 -66.43 69.88
C ASN JA 90 -19.57 -67.04 68.83
N LEU JA 91 -20.85 -66.70 68.89
CA LEU JA 91 -21.88 -67.33 68.09
C LEU JA 91 -21.61 -67.19 66.60
N PRO JA 92 -21.90 -68.23 65.81
CA PRO JA 92 -21.72 -68.13 64.37
C PRO JA 92 -22.77 -67.23 63.76
N ALA JA 93 -22.38 -66.54 62.68
CA ALA JA 93 -23.26 -65.56 62.08
C ALA JA 93 -24.44 -66.20 61.38
N LYS JA 94 -24.39 -67.49 61.11
CA LYS JA 94 -25.51 -68.17 60.48
C LYS JA 94 -26.60 -68.52 61.47
N ALA JA 95 -26.48 -68.06 62.70
CA ALA JA 95 -27.54 -68.21 63.69
C ALA JA 95 -28.37 -66.96 63.86
N ILE JA 96 -28.10 -65.91 63.08
CA ILE JA 96 -28.85 -64.66 63.17
C ILE JA 96 -30.30 -64.93 62.83
N GLY JA 97 -31.19 -64.50 63.73
CA GLY JA 97 -32.60 -64.71 63.50
C GLY JA 97 -33.09 -66.10 63.83
N HIS JA 98 -32.26 -66.95 64.41
CA HIS JA 98 -32.67 -68.31 64.72
C HIS JA 98 -32.96 -68.46 66.20
N ARG JA 99 -33.71 -69.49 66.53
CA ARG JA 99 -34.17 -69.70 67.89
C ARG JA 99 -33.04 -70.23 68.75
N ILE JA 100 -32.75 -69.54 69.85
CA ILE JA 100 -31.87 -70.08 70.87
C ILE JA 100 -32.66 -70.17 72.16
N ARG JA 101 -32.33 -71.16 72.99
CA ARG JA 101 -33.09 -71.38 74.19
C ARG JA 101 -32.47 -70.62 75.35
N VAL JA 102 -33.32 -70.11 76.22
CA VAL JA 102 -32.85 -69.69 77.53
C VAL JA 102 -33.58 -70.57 78.54
N MET JA 103 -32.83 -71.24 79.40
CA MET JA 103 -33.42 -72.16 80.35
C MET JA 103 -33.89 -71.43 81.59
N LEU JA 104 -34.14 -72.17 82.65
CA LEU JA 104 -34.57 -71.55 83.90
C LEU JA 104 -33.65 -71.88 85.06
N TYR JA 105 -32.77 -72.86 84.93
CA TYR JA 105 -32.21 -73.51 86.11
C TYR JA 105 -31.25 -72.67 86.98
N PRO JA 106 -30.56 -71.61 86.50
CA PRO JA 106 -29.78 -70.82 87.48
C PRO JA 106 -30.65 -69.90 88.34
N SER JA 107 -31.95 -70.19 88.42
CA SER JA 107 -33.00 -69.35 88.97
C SER JA 107 -32.70 -68.70 90.31
N ARG JA 108 -33.24 -67.51 90.51
CA ARG JA 108 -33.15 -66.78 91.76
C ARG JA 108 -34.50 -66.77 92.46
N ILE JA 109 -35.34 -67.75 92.15
CA ILE JA 109 -36.65 -67.85 92.77
C ILE JA 109 -36.69 -69.09 93.66
N VAL KA 1 8.55 -69.59 -36.32
CA VAL KA 1 9.77 -68.81 -36.52
C VAL KA 1 10.79 -69.19 -35.48
N GLN KA 2 12.03 -69.40 -35.93
CA GLN KA 2 13.09 -69.87 -35.05
C GLN KA 2 13.81 -68.67 -34.46
N ARG KA 3 13.52 -68.36 -33.21
CA ARG KA 3 14.20 -67.26 -32.53
C ARG KA 3 15.53 -67.74 -32.02
N LEU KA 4 16.61 -67.17 -32.53
CA LEU KA 4 17.94 -67.64 -32.20
C LEU KA 4 18.63 -66.68 -31.27
N THR KA 5 19.74 -67.13 -30.69
CA THR KA 5 20.45 -66.40 -29.65
C THR KA 5 21.91 -66.23 -30.04
N TYR KA 6 22.65 -65.51 -29.20
CA TYR KA 6 24.09 -65.33 -29.41
C TYR KA 6 24.86 -66.63 -29.20
N ARG KA 7 26.10 -66.62 -29.65
CA ARG KA 7 26.97 -67.78 -29.51
C ARG KA 7 28.23 -67.48 -28.70
N ARG KA 8 28.45 -66.24 -28.31
CA ARG KA 8 29.52 -65.84 -27.41
C ARG KA 8 28.92 -65.43 -26.08
N ARG KA 9 29.78 -65.01 -25.16
CA ARG KA 9 29.30 -64.56 -23.85
C ARG KA 9 28.95 -63.08 -23.85
N LEU KA 10 29.26 -62.36 -24.91
CA LEU KA 10 28.96 -60.93 -24.98
C LEU KA 10 27.51 -60.78 -25.40
N SER KA 11 26.70 -60.16 -24.55
CA SER KA 11 25.28 -60.06 -24.82
C SER KA 11 24.83 -58.65 -25.15
N TYR KA 12 25.76 -57.79 -25.56
CA TYR KA 12 25.44 -56.41 -25.86
C TYR KA 12 25.67 -56.09 -27.32
N ASN KA 13 24.94 -55.10 -27.81
CA ASN KA 13 24.94 -54.78 -29.22
C ASN KA 13 26.12 -53.89 -29.60
N THR KA 14 27.33 -54.28 -29.22
CA THR KA 14 28.48 -53.40 -29.39
C THR KA 14 28.99 -53.49 -30.82
N ALA KA 15 30.09 -52.80 -31.09
CA ALA KA 15 30.60 -52.70 -32.44
C ALA KA 15 31.36 -53.96 -32.86
N SER KA 16 31.99 -54.64 -31.92
CA SER KA 16 32.68 -55.89 -32.23
C SER KA 16 31.76 -57.09 -32.15
N ASN KA 17 30.49 -56.89 -31.83
CA ASN KA 17 29.53 -57.97 -31.66
C ASN KA 17 28.45 -57.92 -32.74
N LYS KA 18 28.84 -57.59 -33.95
CA LYS KA 18 27.89 -57.54 -35.06
C LYS KA 18 27.81 -58.90 -35.73
N THR KA 19 26.59 -59.31 -36.07
CA THR KA 19 26.34 -60.65 -36.57
C THR KA 19 25.74 -60.62 -37.97
N ARG KA 20 25.38 -61.80 -38.48
CA ARG KA 20 24.61 -61.92 -39.71
C ARG KA 20 23.99 -63.31 -39.72
N LEU KA 21 22.90 -63.45 -40.45
CA LEU KA 21 22.23 -64.73 -40.49
C LEU KA 21 22.86 -65.63 -41.54
N SER KA 22 22.71 -66.94 -41.35
CA SER KA 22 23.17 -67.93 -42.31
C SER KA 22 22.52 -69.28 -42.03
N ARG KA 23 21.96 -69.92 -43.05
CA ARG KA 23 21.36 -71.23 -42.87
C ARG KA 23 22.42 -72.30 -43.07
N THR KA 24 22.41 -73.31 -42.22
CA THR KA 24 23.41 -74.36 -42.20
C THR KA 24 22.89 -75.58 -42.95
N PRO KA 25 23.77 -76.54 -43.28
CA PRO KA 25 23.28 -77.83 -43.78
C PRO KA 25 22.46 -78.61 -42.78
N GLY KA 26 22.44 -78.22 -41.52
CA GLY KA 26 21.50 -78.75 -40.57
C GLY KA 26 20.17 -78.07 -40.57
N ASN KA 27 19.89 -77.24 -41.57
CA ASN KA 27 18.57 -76.64 -41.80
C ASN KA 27 18.14 -75.81 -40.60
N ARG KA 28 19.06 -74.97 -40.13
CA ARG KA 28 18.75 -74.09 -39.01
C ARG KA 28 19.45 -72.77 -39.23
N ILE KA 29 18.76 -71.69 -38.90
CA ILE KA 29 19.36 -70.37 -38.97
C ILE KA 29 20.26 -70.19 -37.76
N VAL KA 30 21.47 -69.71 -37.98
CA VAL KA 30 22.42 -69.50 -36.90
C VAL KA 30 23.19 -68.22 -37.19
N TYR KA 31 23.71 -67.61 -36.13
CA TYR KA 31 24.48 -66.40 -36.27
C TYR KA 31 25.88 -66.70 -36.78
N LEU KA 32 26.45 -65.69 -37.43
CA LEU KA 32 27.83 -65.73 -37.90
C LEU KA 32 28.43 -64.37 -37.67
N TYR KA 33 29.49 -64.31 -36.90
CA TYR KA 33 30.03 -63.02 -36.47
C TYR KA 33 30.85 -62.45 -37.61
N THR KA 34 30.34 -61.37 -38.19
CA THR KA 34 31.04 -60.73 -39.29
C THR KA 34 32.31 -60.09 -38.79
N LYS KA 35 33.18 -59.72 -39.72
CA LYS KA 35 34.33 -58.92 -39.38
C LYS KA 35 33.94 -57.46 -39.39
N LYS KA 36 34.92 -56.58 -39.27
CA LYS KA 36 34.68 -55.17 -39.47
C LYS KA 36 35.06 -54.81 -40.90
N VAL KA 37 34.25 -53.95 -41.53
CA VAL KA 37 34.45 -53.62 -42.93
C VAL KA 37 35.64 -52.65 -43.02
N GLY KA 38 36.65 -53.04 -43.78
CA GLY KA 38 37.84 -52.23 -43.89
C GLY KA 38 37.63 -51.00 -44.75
N LYS KA 39 38.67 -50.18 -44.83
CA LYS KA 39 38.65 -48.99 -45.66
C LYS KA 39 39.87 -48.99 -46.56
N ALA KA 40 39.66 -48.57 -47.80
CA ALA KA 40 40.77 -48.42 -48.72
C ALA KA 40 41.66 -47.28 -48.23
N PRO KA 41 42.97 -47.35 -48.49
CA PRO KA 41 43.87 -46.31 -47.98
C PRO KA 41 43.60 -44.96 -48.63
N LYS KA 42 43.32 -43.96 -47.79
CA LYS KA 42 43.13 -42.60 -48.24
C LYS KA 42 44.42 -42.06 -48.86
N SER KA 43 44.29 -41.19 -49.85
CA SER KA 43 45.45 -40.64 -50.52
C SER KA 43 46.22 -39.70 -49.59
N ALA KA 44 47.51 -39.57 -49.86
CA ALA KA 44 48.38 -38.75 -49.01
C ALA KA 44 48.23 -37.27 -49.31
N CYS KA 45 47.80 -36.94 -50.53
CA CYS KA 45 47.65 -35.55 -50.93
C CYS KA 45 46.67 -34.80 -50.05
N GLY KA 46 45.66 -35.49 -49.53
CA GLY KA 46 44.69 -34.88 -48.65
C GLY KA 46 43.69 -33.98 -49.33
N VAL KA 47 43.83 -33.75 -50.63
CA VAL KA 47 42.89 -32.88 -51.35
C VAL KA 47 41.97 -33.69 -52.23
N CYS KA 48 42.09 -34.98 -52.24
CA CYS KA 48 41.08 -35.76 -52.94
C CYS KA 48 40.13 -36.38 -51.93
N PRO KA 49 38.82 -36.43 -52.21
CA PRO KA 49 37.88 -36.92 -51.20
C PRO KA 49 37.68 -38.43 -51.22
N GLY KA 50 37.97 -39.09 -52.33
CA GLY KA 50 37.78 -40.53 -52.43
C GLY KA 50 38.92 -41.30 -51.82
N ARG KA 51 39.00 -42.57 -52.19
CA ARG KA 51 40.02 -43.48 -51.69
C ARG KA 51 40.78 -44.09 -52.85
N LEU KA 52 41.97 -44.59 -52.56
CA LEU KA 52 42.86 -45.12 -53.59
C LEU KA 52 42.25 -46.34 -54.25
N ARG KA 53 42.68 -46.59 -55.48
CA ARG KA 53 42.25 -47.73 -56.26
C ARG KA 53 43.36 -48.77 -56.29
N GLY KA 54 43.02 -49.95 -56.80
CA GLY KA 54 44.02 -50.98 -56.98
C GLY KA 54 44.54 -51.62 -55.72
N VAL KA 55 43.91 -51.37 -54.58
CA VAL KA 55 44.33 -51.94 -53.30
C VAL KA 55 43.10 -52.47 -52.59
N ARG KA 56 43.23 -53.65 -51.99
CA ARG KA 56 42.10 -54.29 -51.32
C ARG KA 56 41.88 -53.67 -49.95
N ALA KA 57 40.65 -53.23 -49.70
CA ALA KA 57 40.29 -52.60 -48.43
C ALA KA 57 40.07 -53.67 -47.37
N VAL KA 58 41.01 -53.81 -46.46
CA VAL KA 58 40.93 -54.82 -45.40
C VAL KA 58 41.40 -54.19 -44.10
N ARG KA 59 41.12 -54.89 -43.00
CA ARG KA 59 41.61 -54.48 -41.69
C ARG KA 59 43.13 -54.48 -41.69
N PRO KA 60 43.78 -53.62 -40.89
CA PRO KA 60 45.23 -53.43 -41.01
C PRO KA 60 46.08 -54.68 -40.82
N LYS KA 61 45.75 -55.52 -39.84
CA LYS KA 61 46.59 -56.68 -39.57
C LYS KA 61 46.48 -57.74 -40.67
N VAL KA 62 45.45 -57.66 -41.50
CA VAL KA 62 45.31 -58.59 -42.61
C VAL KA 62 46.44 -58.40 -43.62
N LEU KA 63 46.94 -57.18 -43.73
CA LEU KA 63 47.94 -56.80 -44.72
C LEU KA 63 49.22 -57.64 -44.65
N MET KA 64 49.47 -58.29 -43.52
CA MET KA 64 50.54 -59.27 -43.45
C MET KA 64 50.28 -60.44 -44.39
N ARG KA 65 49.02 -60.87 -44.47
CA ARG KA 65 48.69 -62.06 -45.24
C ARG KA 65 48.87 -61.83 -46.73
N LEU KA 66 48.34 -60.72 -47.23
CA LEU KA 66 48.31 -60.45 -48.66
C LEU KA 66 49.71 -60.32 -49.21
N SER KA 67 49.85 -60.57 -50.51
CA SER KA 67 51.12 -60.35 -51.16
C SER KA 67 51.34 -58.87 -51.41
N LYS KA 68 52.42 -58.55 -52.10
CA LYS KA 68 52.76 -57.15 -52.37
C LYS KA 68 51.74 -56.53 -53.32
N THR KA 69 51.50 -57.20 -54.45
CA THR KA 69 50.71 -56.60 -55.53
C THR KA 69 49.26 -56.38 -55.13
N LYS KA 70 48.78 -57.10 -54.12
CA LYS KA 70 47.44 -56.81 -53.62
C LYS KA 70 47.42 -55.53 -52.80
N LYS KA 71 48.58 -55.06 -52.35
CA LYS KA 71 48.66 -53.92 -51.45
C LYS KA 71 49.17 -52.65 -52.11
N HIS KA 72 49.59 -52.70 -53.37
CA HIS KA 72 50.11 -51.50 -54.03
C HIS KA 72 49.85 -51.61 -55.52
N VAL KA 73 50.16 -50.53 -56.24
CA VAL KA 73 49.94 -50.44 -57.67
C VAL KA 73 51.26 -50.00 -58.30
N SER KA 74 51.55 -50.55 -59.49
CA SER KA 74 52.85 -50.36 -60.11
C SER KA 74 52.94 -48.95 -60.69
N ARG KA 75 53.41 -48.02 -59.86
CA ARG KA 75 53.68 -46.64 -60.27
C ARG KA 75 54.50 -45.97 -59.19
N ALA KA 76 55.30 -44.96 -59.55
CA ALA KA 76 55.95 -44.14 -58.55
C ALA KA 76 54.90 -43.51 -57.65
N TYR KA 77 55.17 -43.53 -56.34
CA TYR KA 77 54.22 -43.16 -55.29
C TYR KA 77 52.94 -43.97 -55.35
N GLY KA 78 52.97 -45.14 -55.99
CA GLY KA 78 51.79 -45.95 -56.09
C GLY KA 78 51.39 -46.54 -54.75
N GLY KA 79 50.10 -46.77 -54.58
CA GLY KA 79 49.60 -47.25 -53.31
C GLY KA 79 49.61 -46.22 -52.21
N SER KA 80 50.17 -45.03 -52.43
CA SER KA 80 50.17 -43.99 -51.42
C SER KA 80 49.51 -42.72 -51.93
N MET KA 81 49.79 -42.34 -53.17
CA MET KA 81 49.20 -41.14 -53.75
C MET KA 81 48.42 -41.48 -55.00
N CYS KA 82 47.27 -40.83 -55.15
CA CYS KA 82 46.46 -40.99 -56.36
C CYS KA 82 47.21 -40.43 -57.55
N ALA KA 83 47.01 -41.05 -58.71
CA ALA KA 83 47.74 -40.72 -59.92
C ALA KA 83 47.57 -39.26 -60.32
N LYS KA 84 46.38 -38.71 -60.08
CA LYS KA 84 46.13 -37.32 -60.46
C LYS KA 84 46.98 -36.37 -59.65
N CYS KA 85 47.21 -36.69 -58.38
CA CYS KA 85 48.09 -35.87 -57.56
C CYS KA 85 49.52 -36.36 -57.65
N VAL KA 86 49.84 -37.13 -58.68
CA VAL KA 86 51.21 -37.50 -59.00
C VAL KA 86 51.68 -36.77 -60.25
N ARG KA 87 50.87 -36.81 -61.31
CA ARG KA 87 51.17 -36.01 -62.49
C ARG KA 87 51.18 -34.53 -62.15
N ASP KA 88 50.32 -34.11 -61.23
CA ASP KA 88 50.40 -32.76 -60.71
C ASP KA 88 51.69 -32.54 -59.97
N ARG KA 89 52.15 -33.54 -59.22
CA ARG KA 89 53.41 -33.41 -58.50
C ARG KA 89 54.59 -33.43 -59.46
N ILE KA 90 54.53 -34.21 -60.53
CA ILE KA 90 55.61 -34.22 -61.51
C ILE KA 90 55.64 -32.91 -62.27
N LYS KA 91 54.48 -32.45 -62.74
CA LYS KA 91 54.39 -31.19 -63.46
C LYS KA 91 54.88 -30.03 -62.62
N ARG KA 92 54.57 -30.07 -61.33
CA ARG KA 92 55.09 -29.07 -60.41
C ARG KA 92 56.62 -29.14 -60.35
N ALA KA 93 57.15 -30.29 -59.91
CA ALA KA 93 58.56 -30.41 -59.58
C ALA KA 93 59.48 -30.31 -60.78
N PHE KA 94 58.93 -30.11 -61.97
CA PHE KA 94 59.72 -29.74 -63.14
C PHE KA 94 59.64 -28.25 -63.42
N LEU KA 95 58.45 -27.67 -63.25
CA LEU KA 95 58.27 -26.27 -63.58
C LEU KA 95 58.94 -25.36 -62.57
N ILE KA 96 58.99 -25.78 -61.30
CA ILE KA 96 59.67 -24.97 -60.29
C ILE KA 96 61.17 -24.95 -60.56
N GLU KA 97 61.72 -26.07 -61.00
CA GLU KA 97 63.16 -26.15 -61.23
C GLU KA 97 63.55 -25.33 -62.45
N GLU KA 98 62.72 -25.37 -63.51
CA GLU KA 98 63.00 -24.55 -64.68
C GLU KA 98 62.84 -23.07 -64.36
N GLN KA 99 61.94 -22.73 -63.44
CA GLN KA 99 61.84 -21.36 -62.99
C GLN KA 99 63.08 -20.94 -62.23
N LYS KA 100 63.72 -21.88 -61.54
CA LYS KA 100 65.01 -21.59 -60.92
C LYS KA 100 66.10 -21.38 -61.97
N ILE KA 101 66.04 -22.12 -63.09
CA ILE KA 101 67.07 -21.94 -64.10
C ILE KA 101 66.85 -20.67 -64.90
N VAL KA 102 65.59 -20.30 -65.14
CA VAL KA 102 65.30 -19.04 -65.81
C VAL KA 102 65.76 -17.84 -65.00
N VAL KA 103 65.58 -17.88 -63.67
CA VAL KA 103 66.06 -16.77 -62.85
C VAL KA 103 67.56 -16.85 -62.61
N LYS KA 104 68.16 -18.05 -62.67
CA LYS KA 104 69.59 -18.18 -62.49
C LYS KA 104 70.37 -17.57 -63.65
N VAL KA 105 69.77 -17.48 -64.83
CA VAL KA 105 70.40 -16.76 -65.95
C VAL KA 105 69.89 -15.34 -66.05
N LEU KA 106 68.88 -14.95 -65.28
CA LEU KA 106 68.56 -13.54 -65.14
C LEU KA 106 69.40 -12.88 -64.06
N LYS KA 107 69.71 -13.60 -62.98
CA LYS KA 107 70.69 -13.10 -62.02
C LYS KA 107 72.09 -13.07 -62.61
N ALA KA 108 72.39 -14.03 -63.50
CA ALA KA 108 73.63 -13.97 -64.24
C ALA KA 108 73.70 -12.74 -65.14
N GLN KA 109 72.55 -12.23 -65.58
CA GLN KA 109 72.49 -10.98 -66.32
C GLN KA 109 72.13 -9.80 -65.42
N ALA KA 110 72.44 -9.88 -64.13
CA ALA KA 110 72.31 -8.75 -63.23
C ALA KA 110 73.65 -8.07 -62.97
N GLN KA 111 74.62 -8.82 -62.42
CA GLN KA 111 75.94 -8.26 -62.14
C GLN KA 111 76.85 -8.27 -63.35
N SER KA 112 76.38 -8.74 -64.51
CA SER KA 112 77.08 -8.45 -65.75
C SER KA 112 77.00 -6.97 -66.08
N GLN KA 113 75.96 -6.28 -65.58
CA GLN KA 113 75.86 -4.83 -65.62
C GLN KA 113 76.30 -4.18 -64.33
N LYS KA 114 75.70 -4.56 -63.20
CA LYS KA 114 76.07 -3.98 -61.91
C LYS KA 114 77.00 -4.90 -61.13
N ALA LA 1 57.73 -104.36 4.18
CA ALA LA 1 58.77 -104.51 5.19
C ALA LA 1 59.13 -103.18 5.83
N LYS LA 2 59.48 -103.23 7.11
CA LYS LA 2 59.83 -102.03 7.87
C LYS LA 2 61.13 -101.44 7.35
N ILE LA 3 61.04 -100.26 6.74
CA ILE LA 3 62.23 -99.56 6.28
C ILE LA 3 62.86 -98.82 7.45
N LYS LA 4 64.14 -99.07 7.69
CA LYS LA 4 64.84 -98.51 8.83
C LYS LA 4 65.95 -97.61 8.34
N ALA LA 5 66.13 -96.47 9.00
CA ALA LA 5 67.10 -95.49 8.53
C ALA LA 5 68.52 -95.89 8.82
N ARG LA 6 68.74 -96.89 9.68
CA ARG LA 6 70.10 -97.24 10.08
C ARG LA 6 70.89 -97.84 8.92
N ASP LA 7 70.33 -98.85 8.26
CA ASP LA 7 71.00 -99.46 7.13
C ASP LA 7 70.76 -98.72 5.82
N LEU LA 8 70.16 -97.54 5.86
CA LEU LA 8 70.09 -96.67 4.71
C LEU LA 8 71.24 -95.67 4.66
N ARG LA 9 72.12 -95.69 5.66
CA ARG LA 9 73.21 -94.73 5.70
C ARG LA 9 74.46 -95.26 5.01
N GLY LA 10 74.70 -96.57 5.12
CA GLY LA 10 75.84 -97.17 4.44
C GLY LA 10 75.50 -97.59 3.02
N LYS LA 11 74.60 -96.84 2.38
CA LYS LA 11 74.16 -97.14 1.05
C LYS LA 11 74.65 -96.06 0.09
N LYS LA 12 74.90 -96.47 -1.16
CA LYS LA 12 75.57 -95.57 -2.08
C LYS LA 12 74.62 -94.49 -2.57
N LYS LA 13 75.19 -93.47 -3.21
CA LYS LA 13 74.48 -92.23 -3.47
C LYS LA 13 73.29 -92.46 -4.40
N GLU LA 14 73.53 -93.03 -5.57
CA GLU LA 14 72.45 -93.31 -6.49
C GLU LA 14 71.60 -94.48 -6.04
N GLU LA 15 72.15 -95.38 -5.22
CA GLU LA 15 71.41 -96.54 -4.77
C GLU LA 15 70.23 -96.16 -3.88
N LEU LA 16 70.29 -94.99 -3.26
CA LEU LA 16 69.12 -94.48 -2.56
C LEU LA 16 68.08 -93.98 -3.55
N LEU LA 17 68.50 -93.23 -4.56
CA LEU LA 17 67.58 -92.79 -5.61
C LEU LA 17 66.96 -93.98 -6.32
N LYS LA 18 67.76 -95.02 -6.56
CA LYS LA 18 67.24 -96.24 -7.15
C LYS LA 18 66.19 -96.88 -6.24
N GLN LA 19 66.47 -96.93 -4.94
CA GLN LA 19 65.50 -97.46 -3.99
C GLN LA 19 64.38 -96.46 -3.69
N LEU LA 20 64.60 -95.17 -3.94
CA LEU LA 20 63.55 -94.20 -3.70
C LEU LA 20 62.43 -94.35 -4.72
N ASP LA 21 62.78 -94.45 -6.00
CA ASP LA 21 61.78 -94.56 -7.05
C ASP LA 21 61.04 -95.89 -6.98
N ASP LA 22 61.66 -96.91 -6.39
CA ASP LA 22 60.93 -98.15 -6.15
C ASP LA 22 59.79 -97.97 -5.17
N LEU LA 23 59.91 -97.02 -4.25
CA LEU LA 23 58.82 -96.75 -3.33
C LEU LA 23 57.77 -95.84 -3.94
N LYS LA 24 58.16 -94.99 -4.89
CA LYS LA 24 57.20 -94.11 -5.54
C LYS LA 24 56.23 -94.92 -6.40
N VAL LA 25 56.75 -95.83 -7.21
CA VAL LA 25 55.89 -96.64 -8.07
C VAL LA 25 54.99 -97.53 -7.23
N GLU LA 26 55.51 -98.03 -6.11
CA GLU LA 26 54.68 -98.78 -5.19
C GLU LA 26 53.59 -97.91 -4.59
N LEU LA 27 53.92 -96.64 -4.34
CA LEU LA 27 52.91 -95.71 -3.83
C LEU LA 27 51.87 -95.42 -4.90
N SER LA 28 52.29 -95.38 -6.16
CA SER LA 28 51.39 -95.11 -7.28
C SER LA 28 50.26 -96.13 -7.33
N GLN LA 29 50.61 -97.42 -7.38
CA GLN LA 29 49.59 -98.47 -7.39
C GLN LA 29 48.72 -98.43 -6.16
N LEU LA 30 49.26 -97.97 -5.04
CA LEU LA 30 48.49 -97.93 -3.80
C LEU LA 30 47.41 -96.87 -3.86
N ARG LA 31 47.70 -95.72 -4.46
CA ARG LA 31 46.70 -94.66 -4.57
C ARG LA 31 45.59 -95.06 -5.52
N VAL LA 32 45.92 -95.86 -6.54
CA VAL LA 32 44.91 -96.33 -7.48
C VAL LA 32 43.90 -97.22 -6.77
N ALA LA 33 44.39 -98.12 -5.92
CA ALA LA 33 43.50 -99.02 -5.20
C ALA LA 33 42.61 -98.25 -4.23
N LYS LA 34 43.09 -97.13 -3.73
CA LYS LA 34 42.26 -96.30 -2.86
C LYS LA 34 41.07 -95.71 -3.61
N VAL LA 35 41.19 -95.57 -4.93
CA VAL LA 35 40.09 -95.08 -5.76
C VAL LA 35 39.21 -96.23 -6.26
N THR LA 36 39.85 -97.34 -6.62
CA THR LA 36 39.17 -98.45 -7.27
C THR LA 36 38.67 -99.50 -6.28
N GLY LA 37 38.37 -99.09 -5.05
CA GLY LA 37 37.82 -99.98 -4.06
C GLY LA 37 38.74 -101.10 -3.64
N GLY LA 38 39.96 -100.74 -3.26
CA GLY LA 38 40.90 -101.74 -2.82
C GLY LA 38 40.58 -102.26 -1.44
N ALA LA 39 41.15 -103.42 -1.12
CA ALA LA 39 40.94 -104.02 0.19
C ALA LA 39 41.65 -103.20 1.26
N ALA LA 40 41.26 -103.44 2.51
CA ALA LA 40 41.78 -102.66 3.63
C ALA LA 40 43.27 -102.89 3.84
N SER LA 41 43.80 -104.02 3.39
CA SER LA 41 45.21 -104.31 3.61
C SER LA 41 46.10 -103.42 2.77
N LYS LA 42 45.58 -102.90 1.66
CA LYS LA 42 46.37 -101.99 0.84
C LYS LA 42 46.15 -100.53 1.21
N LEU LA 43 45.01 -100.20 1.80
CA LEU LA 43 44.73 -98.82 2.18
C LEU LA 43 45.65 -98.38 3.32
N SER LA 44 45.83 -99.25 4.30
CA SER LA 44 46.67 -98.92 5.45
C SER LA 44 48.13 -98.78 5.03
N LYS LA 45 48.55 -99.54 4.02
CA LYS LA 45 49.96 -99.57 3.68
C LYS LA 45 50.42 -98.26 3.03
N ILE LA 46 49.49 -97.45 2.53
CA ILE LA 46 49.91 -96.20 1.90
C ILE LA 46 50.44 -95.23 2.94
N ARG LA 47 50.18 -95.46 4.22
CA ARG LA 47 50.81 -94.65 5.25
C ARG LA 47 52.22 -95.15 5.57
N VAL LA 48 52.46 -96.44 5.39
CA VAL LA 48 53.80 -96.97 5.63
C VAL LA 48 54.74 -96.56 4.51
N VAL LA 49 54.23 -96.53 3.28
CA VAL LA 49 55.08 -96.19 2.14
C VAL LA 49 55.44 -94.71 2.19
N ARG LA 50 54.47 -93.87 2.54
CA ARG LA 50 54.71 -92.43 2.62
C ARG LA 50 55.81 -92.11 3.61
N LYS LA 51 55.75 -92.71 4.80
CA LYS LA 51 56.74 -92.42 5.82
C LYS LA 51 58.11 -92.99 5.47
N SER LA 52 58.14 -94.15 4.81
CA SER LA 52 59.42 -94.70 4.41
C SER LA 52 60.05 -93.88 3.30
N ILE LA 53 59.22 -93.26 2.46
CA ILE LA 53 59.74 -92.31 1.48
C ILE LA 53 60.43 -91.15 2.20
N ALA LA 54 59.80 -90.65 3.27
CA ALA LA 54 60.39 -89.56 4.03
C ALA LA 54 61.72 -89.99 4.64
N ARG LA 55 61.84 -91.25 5.03
CA ARG LA 55 63.10 -91.76 5.58
C ARG LA 55 64.21 -91.69 4.55
N VAL LA 56 63.94 -92.16 3.33
CA VAL LA 56 64.95 -92.18 2.29
C VAL LA 56 65.27 -90.77 1.84
N LEU LA 57 64.25 -89.91 1.79
CA LEU LA 57 64.48 -88.52 1.47
C LEU LA 57 65.23 -87.80 2.58
N THR LA 58 65.09 -88.27 3.82
CA THR LA 58 65.85 -87.68 4.90
C THR LA 58 67.33 -87.98 4.75
N VAL LA 59 67.66 -89.25 4.54
CA VAL LA 59 69.05 -89.66 4.45
C VAL LA 59 69.73 -88.99 3.27
N ILE LA 60 69.05 -88.91 2.14
CA ILE LA 60 69.60 -88.26 0.95
C ILE LA 60 69.90 -86.80 1.24
N ASN LA 61 68.92 -86.09 1.80
CA ASN LA 61 69.14 -84.70 2.17
C ASN LA 61 70.22 -84.58 3.24
N GLN LA 62 70.24 -85.52 4.20
CA GLN LA 62 71.22 -85.42 5.26
C GLN LA 62 72.62 -85.64 4.72
N THR LA 63 72.87 -86.80 4.10
CA THR LA 63 74.24 -87.16 3.76
C THR LA 63 74.86 -86.22 2.73
N GLN LA 64 74.04 -85.51 1.96
CA GLN LA 64 74.55 -84.47 1.07
C GLN LA 64 74.96 -83.24 1.84
N LYS LA 65 74.18 -82.87 2.85
CA LYS LA 65 74.45 -81.65 3.60
C LYS LA 65 75.79 -81.73 4.32
N GLU LA 66 76.11 -82.90 4.88
CA GLU LA 66 77.43 -83.01 5.49
C GLU LA 66 78.54 -83.06 4.46
N ASN LA 67 78.25 -83.52 3.25
CA ASN LA 67 79.28 -83.46 2.22
C ASN LA 67 79.58 -82.04 1.83
N LEU LA 68 78.59 -81.14 1.94
CA LEU LA 68 78.85 -79.73 1.74
C LEU LA 68 79.65 -79.16 2.90
N ARG LA 69 79.12 -79.26 4.10
CA ARG LA 69 79.77 -78.58 5.21
C ARG LA 69 81.00 -79.30 5.69
N LYS LA 70 81.42 -80.42 5.12
CA LYS LA 70 82.77 -80.91 5.31
C LYS LA 70 83.70 -80.48 4.19
N PHE LA 71 83.15 -79.86 3.14
CA PHE LA 71 83.93 -79.24 2.09
C PHE LA 71 84.08 -77.74 2.31
N TYR LA 72 83.08 -77.11 2.91
CA TYR LA 72 83.11 -75.68 3.24
C TYR LA 72 83.49 -75.43 4.68
N LYS LA 73 84.39 -76.23 5.25
CA LYS LA 73 84.70 -76.10 6.66
C LYS LA 73 85.93 -75.24 6.92
N GLY LA 74 86.97 -75.35 6.10
CA GLY LA 74 88.15 -74.55 6.30
C GLY LA 74 88.16 -73.31 5.44
N LYS LA 75 86.98 -72.79 5.12
CA LYS LA 75 86.83 -71.70 4.17
C LYS LA 75 86.11 -70.54 4.83
N LYS LA 76 86.38 -69.34 4.32
CA LYS LA 76 85.81 -68.15 4.93
C LYS LA 76 84.36 -67.97 4.54
N TYR LA 77 84.09 -67.86 3.25
CA TYR LA 77 82.75 -67.56 2.77
C TYR LA 77 82.02 -68.86 2.46
N LYS LA 78 81.21 -69.30 3.39
CA LYS LA 78 80.38 -70.46 3.15
C LYS LA 78 78.97 -70.01 2.82
N PRO LA 79 78.17 -70.86 2.15
CA PRO LA 79 76.81 -70.47 1.78
C PRO LA 79 75.96 -70.10 2.99
N LEU LA 80 74.99 -69.22 2.76
CA LEU LA 80 74.17 -68.69 3.84
C LEU LA 80 73.30 -69.73 4.51
N ASP LA 81 73.21 -70.93 3.95
CA ASP LA 81 72.49 -72.01 4.59
C ASP LA 81 73.37 -72.75 5.60
N LEU LA 82 74.67 -72.85 5.29
CA LEU LA 82 75.56 -73.60 6.17
C LEU LA 82 75.94 -72.77 7.40
N ARG LA 83 75.86 -71.46 7.29
CA ARG LA 83 76.21 -70.58 8.39
C ARG LA 83 75.28 -70.82 9.57
N PRO LA 84 75.74 -70.61 10.80
CA PRO LA 84 74.87 -70.83 11.95
C PRO LA 84 73.70 -69.87 11.97
N LYS LA 85 72.51 -70.41 12.16
CA LYS LA 85 71.30 -69.61 12.23
C LYS LA 85 70.86 -69.54 13.69
N LYS LA 86 71.10 -68.40 14.33
CA LYS LA 86 70.70 -68.20 15.70
C LYS LA 86 70.33 -66.74 15.94
N THR LA 87 69.05 -66.42 15.79
CA THR LA 87 68.48 -65.18 16.30
C THR LA 87 69.21 -63.93 15.82
N ARG LA 88 68.91 -63.50 14.59
CA ARG LA 88 69.62 -62.47 13.83
C ARG LA 88 70.26 -61.39 14.69
N ALA LA 89 69.57 -60.94 15.73
CA ALA LA 89 70.15 -60.02 16.71
C ALA LA 89 71.48 -60.51 17.26
N MET LA 90 71.62 -61.81 17.51
CA MET LA 90 72.89 -62.24 18.07
C MET LA 90 73.84 -62.73 16.97
N ARG LA 91 73.40 -62.66 15.72
CA ARG LA 91 74.35 -62.71 14.62
C ARG LA 91 74.92 -61.35 14.30
N ARG LA 92 74.23 -60.28 14.69
CA ARG LA 92 74.75 -58.92 14.60
C ARG LA 92 75.49 -58.54 15.86
N ARG LA 93 76.05 -59.52 16.56
CA ARG LA 93 76.80 -59.33 17.79
C ARG LA 93 78.28 -59.31 17.44
N LEU LA 94 79.11 -58.96 18.41
CA LEU LA 94 80.55 -58.95 18.22
C LEU LA 94 81.10 -60.33 18.53
N ASN LA 95 82.21 -60.68 17.88
CA ASN LA 95 82.86 -61.97 18.08
C ASN LA 95 83.22 -62.20 19.53
N LYS LA 96 83.41 -63.46 19.92
CA LYS LA 96 83.94 -63.77 21.24
C LYS LA 96 85.29 -63.13 21.48
N HIS LA 97 86.04 -62.87 20.41
CA HIS LA 97 87.33 -62.21 20.49
C HIS LA 97 87.24 -60.69 20.47
N GLU LA 98 86.24 -60.14 19.77
CA GLU LA 98 86.19 -58.70 19.56
C GLU LA 98 85.88 -57.95 20.86
N GLU LA 99 84.88 -58.41 21.61
CA GLU LA 99 84.57 -57.71 22.85
C GLU LA 99 85.58 -57.99 23.95
N SER LA 100 86.45 -58.99 23.77
CA SER LA 100 87.52 -59.19 24.74
C SER LA 100 88.66 -58.20 24.55
N LEU LA 101 88.63 -57.41 23.49
CA LEU LA 101 89.73 -56.49 23.20
C LEU LA 101 89.75 -55.34 24.18
N LYS LA 102 90.95 -54.89 24.52
CA LYS LA 102 91.18 -53.73 25.35
C LYS LA 102 92.10 -52.77 24.62
N THR LA 103 92.05 -51.51 25.02
CA THR LA 103 92.99 -50.54 24.48
C THR LA 103 94.37 -50.82 25.02
N LYS LA 104 95.39 -50.30 24.33
CA LYS LA 104 96.74 -50.35 24.87
C LYS LA 104 96.86 -49.56 26.16
N LYS LA 105 96.03 -48.53 26.32
CA LYS LA 105 96.00 -47.78 27.56
C LYS LA 105 95.37 -48.57 28.70
N GLN LA 106 94.35 -49.38 28.42
CA GLN LA 106 93.67 -50.10 29.49
C GLN LA 106 94.39 -51.37 29.91
N GLN LA 107 95.09 -52.03 28.99
CA GLN LA 107 95.91 -53.16 29.38
C GLN LA 107 97.05 -52.71 30.30
N ARG LA 108 97.52 -51.48 30.11
CA ARG LA 108 98.50 -50.92 31.02
C ARG LA 108 97.93 -50.75 32.42
N LYS LA 109 96.65 -50.38 32.52
CA LYS LA 109 96.04 -50.14 33.83
C LYS LA 109 95.87 -51.41 34.62
N GLU LA 110 95.38 -52.47 33.98
CA GLU LA 110 95.22 -53.74 34.68
C GLU LA 110 96.56 -54.43 34.93
N ARG LA 111 97.62 -54.02 34.25
CA ARG LA 111 98.95 -54.50 34.58
C ARG LA 111 99.53 -53.79 35.79
N LEU LA 112 99.32 -52.49 35.92
CA LEU LA 112 99.94 -51.72 36.97
C LEU LA 112 99.08 -51.54 38.21
N TYR LA 113 97.76 -51.60 38.08
CA TYR LA 113 96.85 -51.42 39.21
C TYR LA 113 95.85 -52.55 39.26
N PRO LA 114 96.27 -53.74 39.67
CA PRO LA 114 95.35 -54.87 39.76
C PRO LA 114 94.51 -54.78 41.02
N LEU LA 115 93.39 -55.50 41.00
CA LEU LA 115 92.52 -55.56 42.17
C LEU LA 115 93.20 -56.43 43.22
N ARG LA 116 93.60 -55.83 44.33
CA ARG LA 116 94.29 -56.57 45.37
C ARG LA 116 93.30 -57.37 46.21
N LYS LA 117 93.79 -58.48 46.76
CA LYS LA 117 93.02 -59.29 47.68
C LYS LA 117 93.40 -58.89 49.10
N TYR LA 118 92.42 -58.50 49.90
CA TYR LA 118 92.71 -58.00 51.23
C TYR LA 118 91.63 -58.41 52.22
N ALA LA 119 91.91 -58.15 53.49
CA ALA LA 119 90.99 -58.35 54.60
C ALA LA 119 91.46 -57.45 55.73
N VAL LA 120 90.52 -57.02 56.56
CA VAL LA 120 90.84 -56.10 57.65
C VAL LA 120 90.43 -56.71 58.97
N LYS LA 121 91.18 -56.38 60.01
CA LYS LA 121 90.90 -56.92 61.34
C LYS LA 121 89.65 -56.28 61.92
N ALA LA 122 89.01 -57.01 62.83
CA ALA LA 122 87.75 -56.56 63.41
C ALA LA 122 87.97 -55.71 64.65
N ALA MA 1 87.54 -8.35 79.00
CA ALA MA 1 86.45 -8.40 78.03
C ALA MA 1 86.48 -9.72 77.26
N LEU MA 2 85.68 -10.68 77.69
CA LEU MA 2 85.70 -12.00 77.06
C LEU MA 2 84.93 -11.94 75.75
N ARG MA 3 85.49 -12.53 74.71
CA ARG MA 3 84.85 -12.62 73.41
C ARG MA 3 84.46 -14.07 73.15
N TYR MA 4 83.20 -14.27 72.80
CA TYR MA 4 82.69 -15.61 72.52
C TYR MA 4 82.38 -15.75 71.04
N PRO MA 5 82.72 -16.87 70.43
CA PRO MA 5 82.29 -17.12 69.04
C PRO MA 5 80.78 -17.28 68.99
N MET MA 6 80.12 -16.43 68.21
CA MET MA 6 78.68 -16.37 68.16
C MET MA 6 78.18 -16.91 66.83
N ALA MA 7 76.86 -17.04 66.72
CA ALA MA 7 76.23 -17.42 65.47
C ALA MA 7 75.81 -16.22 64.64
N VAL MA 8 76.09 -15.01 65.11
CA VAL MA 8 75.75 -13.80 64.39
C VAL MA 8 76.77 -12.72 64.74
N GLY MA 9 77.13 -11.91 63.76
CA GLY MA 9 78.13 -10.88 63.91
C GLY MA 9 79.09 -10.88 62.75
N LEU MA 10 80.19 -10.14 62.89
CA LEU MA 10 81.16 -10.08 61.81
C LEU MA 10 82.05 -11.31 61.76
N ASN MA 11 82.08 -12.11 62.82
CA ASN MA 11 82.87 -13.33 62.83
C ASN MA 11 82.04 -14.47 63.36
N LYS MA 12 80.85 -14.65 62.82
CA LYS MA 12 80.02 -15.78 63.18
C LYS MA 12 80.61 -17.06 62.63
N GLY MA 13 80.33 -18.17 63.31
CA GLY MA 13 80.83 -19.46 62.88
C GLY MA 13 81.77 -20.07 63.89
N HIS MA 14 81.87 -21.40 63.92
CA HIS MA 14 82.82 -22.05 64.79
C HIS MA 14 84.24 -21.77 64.32
N LYS MA 15 85.12 -21.44 65.24
CA LYS MA 15 86.51 -21.13 64.91
C LYS MA 15 87.24 -22.36 64.41
N VAL MA 16 87.64 -22.34 63.14
CA VAL MA 16 88.52 -23.37 62.58
C VAL MA 16 89.70 -22.68 61.92
N THR MA 17 90.78 -23.44 61.76
CA THR MA 17 91.95 -22.96 61.03
C THR MA 17 91.83 -23.32 59.56
N LYS MA 18 92.30 -22.41 58.71
CA LYS MA 18 92.20 -22.53 57.26
C LYS MA 18 93.52 -23.01 56.69
N ASN MA 19 93.45 -23.91 55.71
CA ASN MA 19 94.63 -24.45 55.06
C ASN MA 19 94.72 -23.88 53.65
N VAL MA 20 95.71 -23.02 53.42
CA VAL MA 20 95.95 -22.49 52.09
C VAL MA 20 96.59 -23.60 51.25
N SER MA 21 95.84 -24.13 50.30
CA SER MA 21 96.29 -25.21 49.44
C SER MA 21 96.60 -24.66 48.06
N LYS MA 22 97.20 -25.51 47.23
CA LYS MA 22 97.39 -25.19 45.83
C LYS MA 22 96.02 -25.06 45.20
N PRO MA 23 95.77 -24.06 44.36
CA PRO MA 23 94.46 -23.95 43.72
C PRO MA 23 94.27 -25.09 42.74
N ARG MA 24 93.02 -25.53 42.58
CA ARG MA 24 92.69 -26.58 41.63
C ARG MA 24 93.07 -26.16 40.22
N HIS MA 25 93.55 -27.11 39.43
CA HIS MA 25 93.96 -26.80 38.07
C HIS MA 25 92.77 -26.42 37.19
N SER MA 26 91.56 -26.73 37.62
CA SER MA 26 90.39 -26.29 36.87
C SER MA 26 90.16 -24.81 37.02
N ARG MA 27 90.62 -24.22 38.13
CA ARG MA 27 90.50 -22.77 38.31
C ARG MA 27 91.32 -22.02 37.30
N ARG MA 28 92.33 -22.67 36.72
CA ARG MA 28 93.28 -22.05 35.82
C ARG MA 28 92.71 -21.82 34.43
N ARG MA 29 91.48 -22.25 34.16
CA ARG MA 29 90.96 -22.09 32.80
C ARG MA 29 90.69 -20.63 32.50
N GLY MA 30 90.77 -20.29 31.21
CA GLY MA 30 90.59 -18.94 30.76
C GLY MA 30 91.83 -18.08 30.81
N ARG MA 31 92.91 -18.55 31.43
CA ARG MA 31 94.14 -17.78 31.49
C ARG MA 31 94.79 -17.77 30.11
N LEU MA 32 95.00 -16.58 29.55
CA LEU MA 32 95.54 -16.46 28.21
C LEU MA 32 97.00 -16.87 28.20
N THR MA 33 97.32 -17.85 27.35
CA THR MA 33 98.69 -18.29 27.18
C THR MA 33 99.34 -17.45 26.09
N LYS MA 34 100.64 -17.18 26.27
CA LYS MA 34 101.34 -16.36 25.29
C LYS MA 34 101.46 -17.05 23.94
N HIS MA 35 101.37 -18.37 23.91
CA HIS MA 35 101.25 -19.05 22.63
C HIS MA 35 99.86 -18.86 22.04
N THR MA 36 98.84 -18.81 22.89
CA THR MA 36 97.49 -18.58 22.38
C THR MA 36 97.26 -17.12 22.07
N LYS MA 37 97.85 -16.21 22.86
CA LYS MA 37 97.79 -14.79 22.54
C LYS MA 37 98.42 -14.53 21.19
N PHE MA 38 99.54 -15.19 20.91
CA PHE MA 38 100.21 -15.06 19.62
C PHE MA 38 99.34 -15.57 18.49
N VAL MA 39 98.46 -16.52 18.74
CA VAL MA 39 97.57 -17.05 17.71
C VAL MA 39 96.36 -16.17 17.52
N ARG MA 40 95.74 -15.72 18.62
CA ARG MA 40 94.50 -14.95 18.51
C ARG MA 40 94.72 -13.60 17.85
N ASP MA 41 95.91 -13.04 17.95
CA ASP MA 41 96.16 -11.77 17.30
C ASP MA 41 96.86 -11.92 15.96
N MET MA 42 97.38 -13.11 15.65
CA MET MA 42 97.85 -13.35 14.29
C MET MA 42 96.68 -13.39 13.32
N ILE MA 43 95.54 -13.93 13.76
CA ILE MA 43 94.35 -13.95 12.92
C ILE MA 43 93.78 -12.56 12.76
N ARG MA 44 93.99 -11.67 13.74
CA ARG MA 44 93.68 -10.26 13.55
C ARG MA 44 94.40 -9.70 12.32
N GLU MA 45 95.67 -10.08 12.14
CA GLU MA 45 96.41 -9.69 10.95
C GLU MA 45 95.81 -10.31 9.69
N VAL MA 46 95.32 -11.53 9.79
CA VAL MA 46 94.73 -12.21 8.64
C VAL MA 46 93.39 -11.58 8.30
N CYS MA 47 92.43 -11.66 9.22
CA CYS MA 47 91.04 -11.41 8.85
C CYS MA 47 90.64 -9.95 9.07
N GLY MA 48 90.96 -9.37 10.23
CA GLY MA 48 90.60 -8.00 10.47
C GLY MA 48 89.55 -7.81 11.54
N PHE MA 49 88.42 -7.20 11.19
CA PHE MA 49 87.40 -6.90 12.18
C PHE MA 49 86.02 -7.07 11.57
N ALA MA 50 85.05 -7.19 12.45
CA ALA MA 50 83.64 -7.27 12.11
C ALA MA 50 83.12 -5.89 11.84
N PRO MA 51 81.95 -5.77 11.14
CA PRO MA 51 81.43 -4.44 10.82
C PRO MA 51 81.17 -3.54 12.02
N TYR MA 52 80.53 -4.10 13.05
CA TYR MA 52 80.27 -3.32 14.25
C TYR MA 52 81.55 -2.96 14.99
N GLU MA 53 82.62 -3.72 14.79
CA GLU MA 53 83.92 -3.27 15.28
C GLU MA 53 84.41 -2.06 14.51
N ARG MA 54 84.15 -2.02 13.21
CA ARG MA 54 84.55 -0.86 12.43
C ARG MA 54 83.68 0.34 12.72
N ARG MA 55 82.36 0.12 12.86
CA ARG MA 55 81.47 1.24 13.10
C ARG MA 55 81.67 1.83 14.48
N ALA MA 56 82.00 1.00 15.46
CA ALA MA 56 82.31 1.53 16.78
C ALA MA 56 83.68 2.18 16.80
N MET MA 57 84.60 1.71 15.96
CA MET MA 57 85.92 2.33 15.89
C MET MA 57 85.82 3.76 15.40
N GLU MA 58 84.89 4.05 14.48
CA GLU MA 58 84.67 5.43 14.08
C GLU MA 58 84.13 6.24 15.23
N LEU MA 59 83.26 5.63 16.05
CA LEU MA 59 82.71 6.31 17.22
C LEU MA 59 83.82 6.70 18.18
N LEU MA 60 84.82 5.84 18.35
CA LEU MA 60 85.88 6.12 19.30
C LEU MA 60 86.84 7.17 18.78
N LYS MA 61 86.97 7.29 17.45
CA LYS MA 61 87.89 8.26 16.88
C LYS MA 61 87.42 9.68 17.15
N VAL MA 62 86.12 9.92 17.03
CA VAL MA 62 85.56 11.24 17.26
C VAL MA 62 85.24 11.43 18.73
N SER MA 63 85.69 10.50 19.56
CA SER MA 63 85.54 10.53 21.03
C SER MA 63 84.10 10.72 21.46
N LYS MA 64 83.19 9.97 20.83
CA LYS MA 64 81.82 9.84 21.31
C LYS MA 64 81.70 8.65 22.24
N ASP MA 65 82.48 8.66 23.31
CA ASP MA 65 82.72 7.46 24.11
C ASP MA 65 81.48 6.95 24.83
N LYS MA 66 80.46 7.78 25.00
CA LYS MA 66 79.24 7.27 25.60
C LYS MA 66 78.39 6.55 24.57
N ARG MA 67 78.24 7.12 23.37
CA ARG MA 67 77.49 6.45 22.32
C ARG MA 67 78.21 5.19 21.84
N ALA MA 68 79.54 5.21 21.86
CA ALA MA 68 80.30 4.03 21.46
C ALA MA 68 80.01 2.86 22.38
N LEU MA 69 79.76 3.13 23.65
CA LEU MA 69 79.34 2.07 24.55
C LEU MA 69 77.92 1.64 24.26
N LYS MA 70 77.01 2.60 24.15
CA LYS MA 70 75.60 2.29 23.90
C LYS MA 70 75.39 1.63 22.55
N PHE MA 71 76.32 1.77 21.63
CA PHE MA 71 76.23 1.05 20.37
C PHE MA 71 76.71 -0.38 20.50
N ILE MA 72 77.85 -0.58 21.16
CA ILE MA 72 78.38 -1.93 21.37
C ILE MA 72 77.46 -2.71 22.29
N LYS MA 73 76.90 -2.05 23.31
CA LYS MA 73 76.03 -2.73 24.26
C LYS MA 73 74.78 -3.25 23.59
N LYS MA 74 74.27 -2.54 22.60
CA LYS MA 74 73.15 -3.09 21.84
C LYS MA 74 73.56 -4.29 21.02
N ARG MA 75 74.77 -4.25 20.45
CA ARG MA 75 75.21 -5.34 19.59
C ARG MA 75 75.64 -6.56 20.39
N VAL MA 76 76.59 -6.38 21.30
CA VAL MA 76 77.20 -7.52 21.97
C VAL MA 76 76.28 -8.11 23.02
N GLY MA 77 75.48 -7.28 23.67
CA GLY MA 77 74.64 -7.81 24.73
C GLY MA 77 74.75 -7.09 26.06
N THR MA 78 75.28 -7.75 27.08
CA THR MA 78 75.25 -7.15 28.40
C THR MA 78 76.28 -6.04 28.50
N HIS MA 79 76.30 -5.40 29.66
CA HIS MA 79 77.12 -4.21 29.87
C HIS MA 79 78.55 -4.54 30.26
N ILE MA 80 78.77 -5.71 30.86
CA ILE MA 80 80.13 -6.10 31.22
C ILE MA 80 80.93 -6.42 29.97
N ARG MA 81 80.34 -7.18 29.06
CA ARG MA 81 81.03 -7.52 27.82
C ARG MA 81 81.22 -6.28 26.95
N ALA MA 82 80.28 -5.35 26.99
CA ALA MA 82 80.42 -4.11 26.24
C ALA MA 82 81.57 -3.28 26.79
N LYS MA 83 81.69 -3.21 28.11
CA LYS MA 83 82.76 -2.45 28.74
C LYS MA 83 84.13 -2.99 28.36
N ARG MA 84 84.26 -4.32 28.39
CA ARG MA 84 85.54 -4.94 28.02
C ARG MA 84 85.82 -4.78 26.54
N LYS MA 85 84.78 -4.76 25.70
CA LYS MA 85 85.00 -4.67 24.27
C LYS MA 85 85.36 -3.27 23.84
N ARG MA 86 84.78 -2.24 24.47
CA ARG MA 86 85.10 -0.87 24.12
C ARG MA 86 86.57 -0.58 24.36
N GLU MA 87 87.06 -0.89 25.55
CA GLU MA 87 88.46 -0.62 25.88
C GLU MA 87 89.41 -1.51 25.10
N GLU MA 88 88.92 -2.61 24.54
CA GLU MA 88 89.73 -3.35 23.58
C GLU MA 88 89.85 -2.62 22.26
N LEU MA 89 88.81 -1.91 21.85
CA LEU MA 89 88.85 -1.17 20.59
C LEU MA 89 89.61 0.13 20.69
N SER MA 90 89.60 0.78 21.85
CA SER MA 90 90.43 1.96 22.01
C SER MA 90 91.90 1.59 22.14
N SER MA 91 92.19 0.43 22.73
CA SER MA 91 93.56 -0.04 22.80
C SER MA 91 94.12 -0.33 21.41
N VAL MA 92 93.34 -0.98 20.56
CA VAL MA 92 93.83 -1.26 19.22
C VAL MA 92 93.78 0.00 18.37
N LEU MA 93 93.00 0.99 18.80
CA LEU MA 93 93.05 2.28 18.13
C LEU MA 93 94.32 3.04 18.48
N ALA MA 94 94.74 2.96 19.75
CA ALA MA 94 95.97 3.61 20.17
C ALA MA 94 97.18 3.01 19.47
N ALA MA 95 97.24 1.68 19.38
CA ALA MA 95 98.37 1.04 18.74
C ALA MA 95 98.39 1.30 17.24
N MET MA 96 97.23 1.57 16.64
CA MET MA 96 97.20 1.99 15.25
C MET MA 96 97.48 3.47 15.09
N ARG MA 97 97.14 4.27 16.11
CA ARG MA 97 97.46 5.70 16.06
C ARG MA 97 98.92 5.95 16.43
N LYS MA 98 99.45 5.18 17.39
CA LYS MA 98 100.85 5.33 17.76
C LYS MA 98 101.78 5.01 16.60
N ALA MA 99 101.46 3.98 15.84
CA ALA MA 99 102.21 3.64 14.64
C ALA MA 99 101.80 4.51 13.45
N ALA MA 100 100.94 5.51 13.66
CA ALA MA 100 100.57 6.44 12.62
C ALA MA 100 101.26 7.79 12.76
N ALA MA 101 101.91 8.05 13.89
CA ALA MA 101 102.74 9.24 14.06
C ALA MA 101 104.12 9.04 13.45
N LYS MA 102 104.68 7.85 13.59
CA LYS MA 102 105.95 7.51 12.97
C LYS MA 102 105.84 6.16 12.29
N THR NA 1 11.93 -43.63 -2.37
CA THR NA 1 12.42 -44.93 -2.82
C THR NA 1 13.79 -45.20 -2.26
N LYS NA 2 14.16 -44.48 -1.21
CA LYS NA 2 15.48 -44.60 -0.62
C LYS NA 2 15.67 -45.95 0.05
N GLY NA 3 14.56 -46.63 0.36
CA GLY NA 3 14.62 -47.87 1.08
C GLY NA 3 14.71 -49.10 0.21
N THR NA 4 13.72 -49.98 0.34
CA THR NA 4 13.71 -51.32 -0.23
C THR NA 4 14.03 -51.36 -1.72
N SER NA 5 13.45 -50.45 -2.48
CA SER NA 5 13.64 -50.46 -3.92
C SER NA 5 15.01 -49.97 -4.34
N SER NA 6 15.84 -49.56 -3.38
CA SER NA 6 17.18 -49.11 -3.67
C SER NA 6 18.24 -50.17 -3.39
N PHE NA 7 17.94 -51.12 -2.52
CA PHE NA 7 18.86 -52.21 -2.30
C PHE NA 7 18.87 -53.20 -3.44
N GLY NA 8 18.00 -53.02 -4.44
CA GLY NA 8 18.01 -53.91 -5.58
C GLY NA 8 19.17 -53.70 -6.50
N LYS NA 9 19.86 -52.57 -6.40
CA LYS NA 9 20.92 -52.24 -7.33
C LYS NA 9 22.31 -52.54 -6.79
N ARG NA 10 22.42 -53.19 -5.64
CA ARG NA 10 23.72 -53.52 -5.09
C ARG NA 10 24.30 -54.69 -5.87
N ARG NA 11 25.13 -54.39 -6.86
CA ARG NA 11 25.74 -55.50 -7.60
C ARG NA 11 27.20 -55.23 -7.96
N ASN NA 12 27.91 -54.37 -7.25
CA ASN NA 12 29.28 -54.00 -7.59
C ASN NA 12 30.11 -53.99 -6.31
N LYS NA 13 30.99 -54.97 -6.18
CA LYS NA 13 31.77 -55.11 -4.96
C LYS NA 13 32.83 -54.01 -4.89
N THR NA 14 32.84 -53.25 -3.80
CA THR NA 14 33.87 -52.25 -3.57
C THR NA 14 35.02 -52.76 -2.73
N HIS NA 15 34.94 -53.98 -2.22
CA HIS NA 15 36.02 -54.58 -1.47
C HIS NA 15 36.22 -56.00 -1.95
N THR NA 16 37.45 -56.48 -1.86
CA THR NA 16 37.76 -57.85 -2.23
C THR NA 16 38.80 -58.40 -1.28
N LEU NA 17 39.06 -59.70 -1.39
CA LEU NA 17 40.05 -60.39 -0.59
C LEU NA 17 41.44 -59.81 -0.79
N CYS NA 18 42.00 -59.20 0.24
CA CYS NA 18 43.36 -58.70 0.15
C CYS NA 18 44.35 -59.81 0.44
N ARG NA 19 45.50 -59.73 -0.21
CA ARG NA 19 46.48 -60.79 -0.07
C ARG NA 19 47.42 -60.61 1.09
N ARG NA 20 47.28 -59.56 1.90
CA ARG NA 20 48.07 -59.47 3.12
C ARG NA 20 47.23 -59.54 4.38
N CYS NA 21 46.25 -58.66 4.53
CA CYS NA 21 45.39 -58.69 5.71
C CYS NA 21 44.42 -59.85 5.68
N GLY NA 22 44.36 -60.60 4.58
CA GLY NA 22 43.53 -61.79 4.48
C GLY NA 22 42.05 -61.57 4.64
N SER NA 23 41.62 -60.33 4.65
CA SER NA 23 40.24 -60.00 4.94
C SER NA 23 39.59 -59.36 3.73
N LYS NA 24 38.26 -59.35 3.73
CA LYS NA 24 37.49 -58.74 2.67
C LYS NA 24 37.41 -57.24 2.86
N ALA NA 25 38.55 -56.57 2.77
CA ALA NA 25 38.54 -55.11 2.99
C ALA NA 25 39.45 -54.37 2.03
N TYR NA 26 39.85 -54.95 0.92
CA TYR NA 26 40.75 -54.30 -0.03
C TYR NA 26 39.91 -53.50 -1.00
N HIS NA 27 39.89 -52.19 -0.82
CA HIS NA 27 39.15 -51.31 -1.72
C HIS NA 27 39.70 -51.44 -3.13
N LEU NA 28 38.80 -51.65 -4.09
CA LEU NA 28 39.25 -51.86 -5.47
C LEU NA 28 39.75 -50.56 -6.08
N GLN NA 29 38.96 -49.50 -5.96
CA GLN NA 29 39.35 -48.23 -6.57
C GLN NA 29 40.53 -47.61 -5.82
N LYS NA 30 40.42 -47.52 -4.50
CA LYS NA 30 41.47 -46.86 -3.72
C LYS NA 30 42.74 -47.70 -3.64
N SER NA 31 42.62 -49.02 -3.85
CA SER NA 31 43.73 -49.98 -3.79
C SER NA 31 44.46 -49.92 -2.45
N THR NA 32 43.71 -50.05 -1.36
CA THR NA 32 44.27 -50.11 -0.02
C THR NA 32 43.40 -51.00 0.86
N CYS NA 33 44.02 -51.94 1.58
CA CYS NA 33 43.30 -52.73 2.57
C CYS NA 33 42.76 -51.82 3.66
N GLY NA 34 41.50 -51.97 3.99
CA GLY NA 34 40.91 -51.15 5.03
C GLY NA 34 41.17 -51.71 6.41
N LYS NA 35 41.90 -52.81 6.46
CA LYS NA 35 42.29 -53.43 7.71
C LYS NA 35 43.79 -53.38 7.96
N CYS NA 36 44.62 -53.42 6.92
CA CYS NA 36 46.04 -53.30 7.14
C CYS NA 36 46.72 -52.23 6.30
N GLY NA 37 46.08 -51.70 5.27
CA GLY NA 37 46.74 -50.78 4.37
C GLY NA 37 47.83 -51.48 3.58
N TYR NA 38 47.44 -52.33 2.63
CA TYR NA 38 48.36 -53.28 2.03
C TYR NA 38 49.54 -52.63 1.29
N PRO NA 39 49.34 -51.66 0.37
CA PRO NA 39 50.52 -51.10 -0.30
C PRO NA 39 51.41 -50.33 0.65
N ALA NA 40 50.85 -49.80 1.73
CA ALA NA 40 51.69 -49.24 2.78
C ALA NA 40 52.49 -50.35 3.43
N LYS NA 41 53.78 -50.09 3.66
CA LYS NA 41 54.65 -51.12 4.22
C LYS NA 41 54.24 -51.46 5.65
N ARG NA 42 53.98 -50.44 6.45
CA ARG NA 42 53.67 -50.67 7.86
C ARG NA 42 52.23 -51.11 8.04
N LYS NA 43 52.03 -52.06 8.93
CA LYS NA 43 50.70 -52.60 9.21
C LYS NA 43 49.84 -51.56 9.90
N ARG NA 44 48.56 -51.52 9.54
CA ARG NA 44 47.62 -50.58 10.14
C ARG NA 44 47.19 -51.09 11.51
N LYS NA 45 47.60 -50.38 12.55
CA LYS NA 45 47.13 -50.67 13.90
C LYS NA 45 47.00 -49.35 14.63
N TYR NA 46 45.90 -49.19 15.34
CA TYR NA 46 45.61 -47.97 16.07
C TYR NA 46 45.29 -48.32 17.51
N ASN NA 47 45.78 -47.50 18.44
CA ASN NA 47 45.54 -47.79 19.84
C ASN NA 47 44.12 -47.51 20.27
N TRP NA 48 43.32 -46.82 19.44
CA TRP NA 48 41.96 -46.59 19.87
C TRP NA 48 41.06 -47.78 19.67
N SER NA 49 41.60 -48.90 19.23
CA SER NA 49 40.87 -50.16 19.17
C SER NA 49 41.73 -51.20 19.89
N ALA NA 50 41.58 -51.27 21.21
CA ALA NA 50 42.30 -52.29 21.96
C ALA NA 50 41.72 -53.66 21.73
N LYS NA 51 40.49 -53.73 21.20
CA LYS NA 51 39.87 -55.00 20.88
C LYS NA 51 40.34 -55.50 19.52
N ALA NA 52 40.33 -54.64 18.52
CA ALA NA 52 40.81 -55.02 17.20
C ALA NA 52 42.30 -55.27 17.20
N LYS NA 53 43.03 -54.70 18.16
CA LYS NA 53 44.43 -55.03 18.33
C LYS NA 53 44.60 -56.51 18.61
N ARG NA 54 43.94 -57.00 19.66
CA ARG NA 54 44.11 -58.39 20.06
C ARG NA 54 43.49 -59.38 19.08
N ARG NA 55 42.63 -58.92 18.18
CA ARG NA 55 42.07 -59.82 17.17
C ARG NA 55 43.13 -60.30 16.20
N ASN NA 56 44.20 -59.53 16.01
CA ASN NA 56 45.25 -59.91 15.09
C ASN NA 56 46.58 -59.41 15.64
N THR NA 57 47.22 -60.25 16.44
CA THR NA 57 48.52 -59.99 17.02
C THR NA 57 49.37 -61.24 16.93
N THR NA 58 50.50 -61.23 17.64
CA THR NA 58 51.47 -62.30 17.52
C THR NA 58 50.97 -63.61 18.09
N GLY NA 59 50.00 -63.59 18.98
CA GLY NA 59 49.55 -64.83 19.56
C GLY NA 59 48.28 -65.35 18.93
N THR NA 60 48.10 -65.05 17.65
CA THR NA 60 46.83 -65.31 16.99
C THR NA 60 46.92 -66.37 15.90
N GLY NA 61 48.10 -66.59 15.32
CA GLY NA 61 48.26 -67.51 14.22
C GLY NA 61 49.04 -68.74 14.59
N ARG NA 62 49.84 -69.22 13.64
CA ARG NA 62 50.58 -70.46 13.85
C ARG NA 62 51.83 -70.23 14.67
N MET NA 63 52.53 -69.11 14.43
CA MET NA 63 53.82 -68.80 15.01
C MET NA 63 54.82 -69.90 14.69
N ARG NA 64 54.78 -70.41 13.46
CA ARG NA 64 55.56 -71.58 13.08
C ARG NA 64 57.06 -71.36 13.25
N HIS NA 65 57.56 -70.22 12.76
CA HIS NA 65 58.96 -69.90 12.91
C HIS NA 65 59.22 -69.09 14.15
N LEU NA 66 58.33 -69.12 15.10
CA LEU NA 66 58.53 -68.43 16.36
C LEU NA 66 58.34 -69.34 17.55
N LYS NA 67 57.49 -70.37 17.42
CA LYS NA 67 57.34 -71.31 18.51
C LYS NA 67 58.58 -72.17 18.69
N ILE NA 68 59.38 -72.31 17.63
CA ILE NA 68 60.65 -73.00 17.81
C ILE NA 68 61.68 -72.08 18.43
N VAL NA 69 61.54 -70.77 18.22
CA VAL NA 69 62.43 -69.81 18.87
C VAL NA 69 62.24 -69.87 20.37
N TYR NA 70 61.00 -70.03 20.82
CA TYR NA 70 60.76 -70.21 22.23
C TYR NA 70 61.27 -71.56 22.72
N ARG NA 71 61.41 -72.53 21.83
CA ARG NA 71 61.93 -73.83 22.24
C ARG NA 71 63.46 -73.83 22.25
N ARG NA 72 64.07 -73.27 21.21
CA ARG NA 72 65.53 -73.29 21.14
C ARG NA 72 66.16 -72.39 22.17
N PHE NA 73 65.40 -71.45 22.73
CA PHE NA 73 65.95 -70.50 23.69
C PHE NA 73 66.38 -71.20 24.96
N ARG NA 74 65.59 -72.16 25.42
CA ARG NA 74 65.85 -72.80 26.70
C ARG NA 74 67.04 -73.74 26.64
N HIS NA 75 67.64 -73.90 25.47
CA HIS NA 75 68.86 -74.67 25.35
C HIS NA 75 70.02 -73.85 24.83
N GLY NA 76 69.86 -72.54 24.67
CA GLY NA 76 70.98 -71.69 24.30
C GLY NA 76 71.32 -71.69 22.84
N PHE NA 77 70.40 -72.09 21.97
CA PHE NA 77 70.58 -72.08 20.53
C PHE NA 77 71.80 -72.90 20.10
N ARG NA 78 71.84 -74.14 20.56
CA ARG NA 78 72.91 -75.03 20.15
C ARG NA 78 72.79 -75.36 18.67
N GLU NA 79 73.94 -75.48 18.02
CA GLU NA 79 73.97 -75.79 16.60
C GLU NA 79 75.07 -76.81 16.34
N GLY NA 80 74.81 -77.68 15.39
CA GLY NA 80 75.81 -78.64 14.98
C GLY NA 80 76.04 -79.74 15.99
N THR NA 81 75.18 -79.80 17.00
CA THR NA 81 75.27 -80.79 18.04
C THR NA 81 74.20 -81.84 17.82
N THR NA 82 74.56 -83.10 18.07
CA THR NA 82 73.61 -84.18 18.10
C THR NA 82 73.93 -84.89 19.40
N PRO NA 83 72.92 -85.38 20.13
CA PRO NA 83 73.19 -86.14 21.34
C PRO NA 83 73.99 -87.40 21.03
N LYS NA 84 74.71 -87.89 22.04
CA LYS NA 84 75.60 -89.03 21.95
C LYS NA 84 74.90 -90.26 21.42
N PRO NA 85 75.41 -90.86 20.35
CA PRO NA 85 74.72 -91.99 19.73
C PRO NA 85 74.81 -93.25 20.59
N LYS NA 86 74.01 -94.24 20.22
CA LYS NA 86 73.94 -95.48 20.97
C LYS NA 86 75.21 -96.30 20.82
N PRO OA 1 39.27 -76.62 -49.84
CA PRO OA 1 39.13 -77.53 -50.97
C PRO OA 1 39.41 -76.84 -52.29
N ARG OA 2 40.23 -77.45 -53.12
CA ARG OA 2 40.61 -76.88 -54.41
C ARG OA 2 40.22 -77.85 -55.51
N LYS OA 3 39.37 -77.42 -56.42
CA LYS OA 3 38.94 -78.26 -57.53
C LYS OA 3 40.03 -78.29 -58.58
N ILE OA 4 40.53 -79.48 -58.90
CA ILE OA 4 41.46 -79.63 -60.00
C ILE OA 4 40.67 -79.71 -61.31
N GLU OA 5 41.24 -79.13 -62.36
CA GLU OA 5 40.51 -78.99 -63.61
C GLU OA 5 40.88 -80.15 -64.52
N GLU OA 6 42.15 -80.32 -64.88
CA GLU OA 6 42.49 -81.33 -65.87
C GLU OA 6 42.92 -82.63 -65.19
N ILE OA 7 42.90 -83.71 -65.97
CA ILE OA 7 43.12 -85.04 -65.41
C ILE OA 7 44.58 -85.24 -65.03
N LYS OA 8 45.49 -84.68 -65.83
CA LYS OA 8 46.91 -84.87 -65.57
C LYS OA 8 47.33 -84.18 -64.28
N ASP OA 9 46.74 -83.03 -63.95
CA ASP OA 9 47.09 -82.33 -62.72
C ASP OA 9 46.51 -83.01 -61.49
N PHE OA 10 45.75 -84.09 -61.66
CA PHE OA 10 45.39 -84.93 -60.52
C PHE OA 10 46.47 -85.98 -60.28
N LEU OA 11 47.00 -86.58 -61.36
CA LEU OA 11 48.09 -87.54 -61.21
C LEU OA 11 49.32 -86.86 -60.64
N LEU OA 12 49.51 -85.58 -60.97
CA LEU OA 12 50.58 -84.80 -60.38
C LEU OA 12 50.44 -84.71 -58.87
N THR OA 13 49.26 -84.34 -58.39
CA THR OA 13 49.07 -84.14 -56.96
C THR OA 13 48.98 -85.46 -56.21
N ALA OA 14 48.60 -86.54 -56.88
CA ALA OA 14 48.41 -87.81 -56.18
C ALA OA 14 49.72 -88.45 -55.76
N ARG OA 15 50.79 -88.25 -56.52
CA ARG OA 15 52.06 -88.89 -56.22
C ARG OA 15 52.89 -88.14 -55.18
N ARG OA 16 52.34 -87.09 -54.59
CA ARG OA 16 53.03 -86.38 -53.54
C ARG OA 16 52.95 -87.17 -52.24
N LYS OA 17 54.08 -87.23 -51.52
CA LYS OA 17 54.19 -88.12 -50.37
C LYS OA 17 53.34 -87.67 -49.17
N ASP OA 18 52.57 -86.59 -49.29
CA ASP OA 18 51.66 -86.20 -48.23
C ASP OA 18 50.25 -86.75 -48.41
N ALA OA 19 49.91 -87.25 -49.59
CA ALA OA 19 48.56 -87.70 -49.89
C ALA OA 19 48.22 -88.93 -49.08
N LYS OA 20 47.34 -88.78 -48.09
CA LYS OA 20 46.98 -89.88 -47.21
C LYS OA 20 46.08 -90.88 -47.92
N SER OA 21 44.95 -90.42 -48.44
CA SER OA 21 43.96 -91.29 -49.03
C SER OA 21 43.34 -90.64 -50.26
N VAL OA 22 42.82 -91.48 -51.15
CA VAL OA 22 42.08 -91.05 -52.32
C VAL OA 22 40.74 -91.77 -52.31
N LYS OA 23 39.67 -91.01 -52.53
CA LYS OA 23 38.32 -91.55 -52.51
C LYS OA 23 37.61 -91.26 -53.82
N ILE OA 24 36.66 -92.11 -54.15
CA ILE OA 24 35.90 -92.02 -55.40
C ILE OA 24 34.44 -91.86 -55.02
N LYS OA 25 33.86 -90.72 -55.33
CA LYS OA 25 32.44 -90.47 -55.07
C LYS OA 25 31.68 -90.70 -56.37
N LYS OA 26 31.02 -91.85 -56.46
CA LYS OA 26 30.18 -92.17 -57.61
C LYS OA 26 28.76 -91.76 -57.27
N ASN OA 27 28.29 -90.68 -57.89
CA ASN OA 27 26.87 -90.35 -57.85
C ASN OA 27 26.36 -90.33 -59.28
N LYS OA 28 25.13 -89.92 -59.51
CA LYS OA 28 24.65 -89.77 -60.87
C LYS OA 28 25.29 -88.55 -61.51
N ASP OA 29 25.52 -88.66 -62.83
CA ASP OA 29 26.02 -87.59 -63.70
C ASP OA 29 27.47 -87.19 -63.43
N ASN OA 30 28.10 -87.76 -62.41
CA ASN OA 30 29.48 -87.41 -62.08
C ASN OA 30 30.19 -88.56 -61.40
N VAL OA 31 31.52 -88.50 -61.46
CA VAL OA 31 32.41 -89.31 -60.64
C VAL OA 31 33.44 -88.36 -60.05
N LYS OA 32 33.51 -88.27 -58.73
CA LYS OA 32 34.39 -87.33 -58.07
C LYS OA 32 35.59 -88.05 -57.48
N PHE OA 33 36.78 -87.55 -57.81
CA PHE OA 33 38.04 -88.09 -57.32
C PHE OA 33 38.55 -87.17 -56.21
N LYS OA 34 38.08 -87.44 -55.00
CA LYS OA 34 38.61 -86.71 -53.85
C LYS OA 34 39.95 -87.31 -53.45
N VAL OA 35 40.89 -86.46 -53.09
CA VAL OA 35 42.16 -86.89 -52.49
C VAL OA 35 42.44 -85.98 -51.30
N ARG OA 36 42.74 -86.57 -50.16
CA ARG OA 36 43.10 -85.78 -48.99
C ARG OA 36 44.61 -85.57 -48.98
N CYS OA 37 45.03 -84.33 -49.25
CA CYS OA 37 46.43 -83.99 -49.05
C CYS OA 37 46.59 -83.40 -47.66
N SER OA 38 47.76 -82.82 -47.39
CA SER OA 38 48.05 -82.31 -46.06
C SER OA 38 47.34 -81.02 -45.74
N ARG OA 39 47.15 -80.14 -46.72
CA ARG OA 39 46.48 -78.88 -46.47
C ARG OA 39 45.10 -78.79 -47.08
N TYR OA 40 44.86 -79.47 -48.19
CA TYR OA 40 43.59 -79.31 -48.90
C TYR OA 40 43.02 -80.66 -49.25
N LEU OA 41 41.81 -80.63 -49.80
CA LEU OA 41 41.11 -81.81 -50.27
C LEU OA 41 40.82 -81.62 -51.75
N TYR OA 42 41.78 -81.98 -52.58
CA TYR OA 42 41.64 -81.73 -54.01
C TYR OA 42 40.64 -82.71 -54.62
N THR OA 43 39.66 -82.17 -55.33
CA THR OA 43 38.64 -82.98 -55.99
C THR OA 43 38.80 -82.84 -57.49
N LEU OA 44 38.56 -83.94 -58.19
CA LEU OA 44 38.60 -84.00 -59.65
C LEU OA 44 37.23 -84.44 -60.12
N VAL OA 45 36.48 -83.51 -60.70
CA VAL OA 45 35.12 -83.78 -61.19
C VAL OA 45 35.23 -84.11 -62.66
N ILE OA 46 34.76 -85.29 -63.04
CA ILE OA 46 34.68 -85.69 -64.43
C ILE OA 46 33.30 -86.25 -64.71
N THR OA 47 32.62 -85.69 -65.71
CA THR OA 47 31.27 -86.12 -66.04
C THR OA 47 31.25 -87.40 -66.85
N ASP OA 48 32.33 -87.67 -67.58
CA ASP OA 48 32.39 -88.90 -68.37
C ASP OA 48 32.45 -90.11 -67.46
N LYS OA 49 31.63 -91.11 -67.79
CA LYS OA 49 31.58 -92.32 -66.99
C LYS OA 49 32.80 -93.21 -67.26
N GLU OA 50 33.17 -93.36 -68.52
CA GLU OA 50 34.20 -94.32 -68.89
C GLU OA 50 35.62 -93.81 -68.69
N LYS OA 51 35.81 -92.50 -68.50
CA LYS OA 51 37.14 -92.00 -68.18
C LYS OA 51 37.56 -92.40 -66.78
N ALA OA 52 36.59 -92.59 -65.89
CA ALA OA 52 36.89 -92.92 -64.50
C ALA OA 52 37.57 -94.28 -64.40
N GLU OA 53 36.90 -95.32 -64.90
CA GLU OA 53 37.52 -96.64 -64.92
C GLU OA 53 38.71 -96.70 -65.86
N LYS OA 54 38.81 -95.79 -66.83
CA LYS OA 54 40.04 -95.62 -67.58
C LYS OA 54 41.16 -95.05 -66.74
N LEU OA 55 40.82 -94.35 -65.66
CA LEU OA 55 41.80 -93.66 -64.83
C LEU OA 55 42.09 -94.35 -63.51
N LYS OA 56 41.15 -95.14 -62.98
CA LYS OA 56 41.23 -95.67 -61.62
C LYS OA 56 42.50 -96.49 -61.37
N GLN OA 57 43.04 -97.13 -62.40
CA GLN OA 57 44.19 -98.00 -62.25
C GLN OA 57 45.52 -97.26 -62.36
N SER OA 58 45.52 -96.08 -62.97
CA SER OA 58 46.77 -95.34 -63.18
C SER OA 58 47.33 -94.79 -61.88
N LEU OA 59 46.51 -94.74 -60.83
CA LEU OA 59 46.92 -94.14 -59.58
C LEU OA 59 48.00 -94.99 -58.91
N PRO OA 60 48.87 -94.38 -58.11
CA PRO OA 60 49.91 -95.16 -57.41
C PRO OA 60 49.29 -96.12 -56.42
N PRO OA 61 49.56 -97.41 -56.56
CA PRO OA 61 48.87 -98.41 -55.74
C PRO OA 61 49.28 -98.38 -54.28
N GLY OA 62 50.40 -97.75 -53.95
CA GLY OA 62 50.72 -97.55 -52.55
C GLY OA 62 49.82 -96.55 -51.87
N LEU OA 63 49.16 -95.69 -52.66
CA LEU OA 63 48.18 -94.77 -52.13
C LEU OA 63 46.83 -95.48 -52.00
N ALA OA 64 46.37 -95.64 -50.77
CA ALA OA 64 45.17 -96.43 -50.49
C ALA OA 64 43.92 -95.77 -51.05
N VAL OA 65 43.28 -96.45 -52.00
CA VAL OA 65 42.04 -95.99 -52.60
C VAL OA 65 40.89 -96.47 -51.74
N LYS OA 66 39.72 -95.86 -51.92
CA LYS OA 66 38.56 -96.25 -51.13
C LYS OA 66 37.31 -95.83 -51.87
N GLU OA 67 36.48 -96.80 -52.23
CA GLU OA 67 35.17 -96.50 -52.80
C GLU OA 67 34.26 -95.97 -51.71
N LEU OA 68 33.48 -94.95 -52.03
CA LEU OA 68 32.67 -94.24 -51.06
C LEU OA 68 31.22 -94.21 -51.53
N LYS OA 69 30.34 -94.76 -50.72
CA LYS OA 69 28.93 -94.84 -51.07
C LYS OA 69 28.05 -94.49 -49.86
N SER PA 1 28.41 -65.68 -11.46
CA SER PA 1 29.46 -65.22 -12.35
C SER PA 1 30.17 -66.39 -12.98
N SER PA 2 29.94 -66.59 -14.28
CA SER PA 2 30.71 -67.59 -15.00
C SER PA 2 32.14 -67.14 -15.18
N HIS PA 3 32.38 -65.85 -15.25
CA HIS PA 3 33.72 -65.30 -15.28
C HIS PA 3 34.25 -65.26 -13.86
N LYS PA 4 35.24 -66.08 -13.58
CA LYS PA 4 35.85 -66.12 -12.27
C LYS PA 4 37.34 -65.82 -12.40
N THR PA 5 37.97 -65.61 -11.26
CA THR PA 5 39.42 -65.59 -11.16
C THR PA 5 39.87 -66.89 -10.52
N PHE PA 6 41.14 -67.24 -10.72
CA PHE PA 6 41.65 -68.46 -10.12
C PHE PA 6 41.71 -68.33 -8.59
N ARG PA 7 41.89 -67.10 -8.10
CA ARG PA 7 41.89 -66.88 -6.66
C ARG PA 7 40.53 -67.23 -6.06
N ILE PA 8 39.46 -66.72 -6.68
CA ILE PA 8 38.12 -66.96 -6.13
C ILE PA 8 37.73 -68.41 -6.30
N LYS PA 9 38.07 -69.00 -7.45
CA LYS PA 9 37.69 -70.38 -7.72
C LYS PA 9 38.32 -71.33 -6.72
N ARG PA 10 39.58 -71.08 -6.36
CA ARG PA 10 40.22 -71.86 -5.32
C ARG PA 10 39.60 -71.58 -3.96
N PHE PA 11 39.03 -70.39 -3.77
CA PHE PA 11 38.42 -70.03 -2.51
C PHE PA 11 37.03 -70.64 -2.37
N LEU PA 12 36.27 -70.71 -3.45
CA LEU PA 12 35.00 -71.42 -3.43
C LEU PA 12 35.21 -72.92 -3.30
N ALA PA 13 36.40 -73.41 -3.63
CA ALA PA 13 36.68 -74.83 -3.47
C ALA PA 13 36.69 -75.22 -2.00
N LYS PA 14 37.49 -74.50 -1.20
CA LYS PA 14 37.60 -74.82 0.22
C LYS PA 14 36.26 -74.67 0.92
N LYS PA 15 35.54 -73.62 0.61
CA LYS PA 15 34.23 -73.38 1.18
C LYS PA 15 33.20 -74.38 0.74
N GLN PA 16 33.54 -75.25 -0.19
CA GLN PA 16 32.67 -76.34 -0.63
C GLN PA 16 33.06 -77.67 -0.04
N LYS PA 17 34.34 -77.88 0.23
CA LYS PA 17 34.80 -79.07 0.93
C LYS PA 17 34.74 -78.91 2.43
N GLN PA 18 34.03 -77.89 2.90
CA GLN PA 18 33.79 -77.70 4.32
C GLN PA 18 32.33 -77.86 4.70
N ASN PA 19 31.43 -77.70 3.77
CA ASN PA 19 30.00 -77.72 4.06
C ASN PA 19 29.41 -79.12 4.03
N ARG PA 20 30.02 -80.05 4.75
CA ARG PA 20 29.58 -81.43 4.75
C ARG PA 20 29.48 -81.92 6.19
N PRO PA 21 28.61 -82.90 6.46
CA PRO PA 21 28.41 -83.32 7.85
C PRO PA 21 29.58 -84.13 8.36
N ILE PA 22 29.61 -84.27 9.68
CA ILE PA 22 30.64 -85.07 10.34
C ILE PA 22 30.41 -86.53 10.00
N PRO PA 23 31.44 -87.36 10.00
CA PRO PA 23 31.21 -88.79 9.78
C PRO PA 23 30.52 -89.42 10.98
N GLN PA 24 29.91 -90.57 10.74
CA GLN PA 24 29.11 -91.23 11.75
C GLN PA 24 29.95 -91.76 12.90
N TRP PA 25 31.22 -92.06 12.65
CA TRP PA 25 32.06 -92.68 13.66
C TRP PA 25 32.76 -91.69 14.57
N ILE PA 26 32.73 -90.41 14.23
CA ILE PA 26 33.50 -89.44 15.01
C ILE PA 26 32.87 -89.23 16.38
N TRP PA 27 31.57 -89.50 16.50
CA TRP PA 27 31.04 -89.30 17.83
C TRP PA 27 31.13 -90.52 18.66
N MET PA 28 31.87 -91.52 18.21
CA MET PA 28 32.08 -92.74 18.98
C MET PA 28 33.40 -92.73 19.74
N LYS PA 29 34.19 -91.67 19.62
CA LYS PA 29 35.46 -91.58 20.32
C LYS PA 29 35.24 -91.52 21.83
N THR PA 30 36.34 -91.71 22.57
CA THR PA 30 36.28 -91.71 24.02
C THR PA 30 35.83 -90.36 24.56
N GLY PA 31 36.64 -89.34 24.34
CA GLY PA 31 36.23 -88.00 24.74
C GLY PA 31 35.70 -87.24 23.56
N ASN PA 32 34.38 -87.14 23.44
CA ASN PA 32 33.77 -86.46 22.30
C ASN PA 32 32.48 -85.80 22.73
N LYS PA 33 32.40 -84.48 22.52
CA LYS PA 33 31.21 -83.72 22.84
C LYS PA 33 30.41 -83.30 21.62
N ILE PA 34 31.03 -83.31 20.43
CA ILE PA 34 30.38 -82.79 19.24
C ILE PA 34 29.23 -83.69 18.83
N ARG PA 35 28.09 -83.08 18.52
CA ARG PA 35 26.92 -83.79 18.04
C ARG PA 35 26.74 -83.72 16.54
N TYR PA 36 27.05 -82.56 15.95
CA TYR PA 36 26.84 -82.33 14.52
C TYR PA 36 27.62 -81.10 14.13
N ASN PA 37 28.07 -81.05 12.88
CA ASN PA 37 28.85 -79.92 12.40
C ASN PA 37 28.02 -78.65 12.40
N SER PA 38 28.40 -77.71 13.25
CA SER PA 38 27.62 -76.50 13.43
C SER PA 38 27.94 -75.42 12.41
N LYS PA 39 29.04 -75.58 11.68
CA LYS PA 39 29.43 -74.60 10.68
C LYS PA 39 28.86 -74.87 9.31
N ARG PA 40 27.74 -75.58 9.21
CA ARG PA 40 27.13 -75.85 7.92
C ARG PA 40 26.56 -74.56 7.35
N ARG PA 41 26.96 -74.22 6.13
CA ARG PA 41 26.56 -72.99 5.48
C ARG PA 41 25.66 -73.35 4.31
N HIS PA 42 24.41 -72.90 4.34
CA HIS PA 42 23.50 -73.15 3.24
C HIS PA 42 23.56 -72.00 2.27
N TRP PA 43 23.56 -72.32 0.97
CA TRP PA 43 23.79 -71.30 -0.04
C TRP PA 43 22.63 -70.32 -0.12
N ARG PA 44 21.43 -70.73 0.29
CA ARG PA 44 20.31 -69.82 0.18
C ARG PA 44 20.30 -68.78 1.28
N ARG PA 45 20.70 -69.15 2.50
CA ARG PA 45 20.58 -68.20 3.60
C ARG PA 45 21.87 -67.43 3.86
N THR PA 46 22.94 -68.11 4.23
CA THR PA 46 24.17 -67.39 4.54
C THR PA 46 25.04 -67.26 3.30
N LYS PA 47 25.40 -66.02 2.98
CA LYS PA 47 25.88 -65.70 1.64
C LYS PA 47 27.39 -65.55 1.56
N LEU PA 48 28.15 -66.31 2.35
CA LEU PA 48 29.58 -66.51 2.16
C LEU PA 48 30.38 -65.21 2.20
N GLY PA 49 29.79 -64.15 2.73
CA GLY PA 49 30.48 -62.88 2.62
C GLY PA 49 30.55 -62.44 1.17
N LEU PA 50 31.73 -61.98 0.78
CA LEU PA 50 32.02 -61.52 -0.58
C LEU PA 50 31.03 -60.44 -1.07
N ILE QA 1 -81.01 -3.69 19.54
CA ILE QA 1 -81.24 -4.98 18.91
C ILE QA 1 -81.45 -6.02 19.99
N ILE QA 2 -80.88 -5.77 21.16
CA ILE QA 2 -80.94 -6.69 22.30
C ILE QA 2 -81.75 -6.01 23.39
N GLU QA 3 -82.31 -6.82 24.28
CA GLU QA 3 -83.09 -6.27 25.38
C GLU QA 3 -82.16 -5.62 26.40
N PRO QA 4 -82.44 -4.39 26.83
CA PRO QA 4 -81.54 -3.75 27.79
C PRO QA 4 -81.59 -4.37 29.18
N SER QA 5 -82.72 -4.96 29.55
CA SER QA 5 -82.77 -5.75 30.78
C SER QA 5 -81.89 -6.98 30.67
N LEU QA 6 -82.03 -7.73 29.58
CA LEU QA 6 -81.17 -8.87 29.33
C LEU QA 6 -79.74 -8.48 29.03
N ARG QA 7 -79.49 -7.23 28.68
CA ARG QA 7 -78.12 -6.73 28.61
C ARG QA 7 -77.43 -6.81 29.95
N GLN QA 8 -78.09 -6.37 31.03
CA GLN QA 8 -77.47 -6.39 32.35
C GLN QA 8 -77.19 -7.79 32.85
N LEU QA 9 -77.90 -8.80 32.35
CA LEU QA 9 -77.65 -10.15 32.80
C LEU QA 9 -76.31 -10.66 32.30
N ALA QA 10 -75.97 -10.41 31.05
CA ALA QA 10 -74.68 -10.88 30.55
C ALA QA 10 -73.53 -10.03 31.06
N GLN QA 11 -73.81 -8.80 31.51
CA GLN QA 11 -72.78 -8.03 32.20
C GLN QA 11 -72.39 -8.72 33.50
N LYS QA 12 -73.37 -9.32 34.17
CA LYS QA 12 -73.16 -9.93 35.48
C LYS QA 12 -72.19 -11.10 35.41
N TYR QA 13 -72.10 -11.76 34.27
CA TYR QA 13 -71.25 -12.92 34.11
C TYR QA 13 -70.07 -12.68 33.18
N ASN QA 14 -70.03 -11.58 32.47
CA ASN QA 14 -68.93 -11.42 31.53
C ASN QA 14 -68.12 -10.15 31.76
N CYS QA 15 -68.77 -9.05 32.13
CA CYS QA 15 -68.08 -7.76 32.20
C CYS QA 15 -67.74 -7.35 33.63
N ASP QA 16 -68.68 -7.49 34.56
CA ASP QA 16 -68.43 -6.97 35.91
C ASP QA 16 -67.58 -7.93 36.71
N LYS QA 17 -66.27 -7.92 36.46
CA LYS QA 17 -65.34 -8.79 37.17
C LYS QA 17 -64.15 -7.97 37.61
N MET QA 18 -63.31 -8.58 38.44
CA MET QA 18 -62.04 -8.01 38.85
C MET QA 18 -60.92 -8.91 38.35
N ILE QA 19 -59.88 -8.30 37.80
CA ILE QA 19 -58.74 -9.04 37.26
C ILE QA 19 -57.52 -8.78 38.13
N CYS QA 20 -56.79 -9.83 38.44
CA CYS QA 20 -55.54 -9.71 39.18
C CYS QA 20 -54.48 -9.17 38.24
N ARG QA 21 -53.73 -8.18 38.68
CA ARG QA 21 -52.69 -7.62 37.84
C ARG QA 21 -51.52 -8.57 37.64
N LYS QA 22 -51.36 -9.58 38.49
CA LYS QA 22 -50.20 -10.45 38.40
C LYS QA 22 -50.46 -11.73 37.61
N CYS QA 23 -51.63 -12.35 37.78
CA CYS QA 23 -51.90 -13.61 37.12
C CYS QA 23 -53.05 -13.56 36.13
N TYR QA 24 -53.68 -12.41 35.95
CA TYR QA 24 -54.83 -12.23 35.06
C TYR QA 24 -55.95 -13.21 35.38
N ALA QA 25 -56.47 -13.19 36.59
CA ALA QA 25 -57.48 -14.14 37.00
C ALA QA 25 -58.82 -13.43 37.14
N ARG QA 26 -59.87 -14.03 36.60
CA ARG QA 26 -61.20 -13.43 36.58
C ARG QA 26 -61.86 -13.66 37.93
N LEU QA 27 -62.00 -12.61 38.72
CA LEU QA 27 -62.54 -12.70 40.07
C LEU QA 27 -63.88 -11.99 40.15
N HIS QA 28 -64.61 -12.26 41.23
CA HIS QA 28 -65.88 -11.60 41.47
C HIS QA 28 -65.64 -10.11 41.75
N PRO QA 29 -66.63 -9.26 41.49
CA PRO QA 29 -66.38 -7.81 41.55
C PRO QA 29 -66.04 -7.28 42.94
N ARG QA 30 -66.56 -7.89 44.00
CA ARG QA 30 -66.29 -7.41 45.35
C ARG QA 30 -65.00 -7.97 45.93
N ALA QA 31 -64.14 -8.56 45.10
CA ALA QA 31 -62.92 -9.16 45.61
C ALA QA 31 -61.91 -8.10 45.99
N VAL QA 32 -61.04 -8.47 46.93
CA VAL QA 32 -59.97 -7.58 47.38
C VAL QA 32 -58.67 -8.38 47.38
N ASN QA 33 -58.77 -9.69 47.19
CA ASN QA 33 -57.61 -10.57 47.10
C ASN QA 33 -57.83 -11.57 45.97
N CYS QA 34 -56.75 -11.92 45.28
CA CYS QA 34 -56.86 -12.90 44.22
C CYS QA 34 -57.18 -14.27 44.78
N ARG QA 35 -57.49 -15.21 43.89
CA ARG QA 35 -57.86 -16.56 44.28
C ARG QA 35 -56.73 -17.55 44.06
N LYS QA 36 -56.10 -17.50 42.89
CA LYS QA 36 -55.08 -18.48 42.54
C LYS QA 36 -53.90 -18.40 43.49
N LYS QA 37 -53.43 -19.55 43.94
CA LYS QA 37 -52.24 -19.62 44.76
C LYS QA 37 -50.98 -19.30 43.97
N LYS QA 38 -51.02 -19.43 42.64
CA LYS QA 38 -49.81 -19.28 41.84
C LYS QA 38 -49.34 -17.84 41.76
N CYS QA 39 -50.18 -16.88 42.14
CA CYS QA 39 -49.74 -15.50 42.29
C CYS QA 39 -49.50 -15.12 43.73
N GLY QA 40 -50.22 -15.73 44.68
CA GLY QA 40 -49.96 -15.49 46.07
C GLY QA 40 -51.00 -14.62 46.74
N HIS QA 41 -52.26 -14.75 46.29
CA HIS QA 41 -53.40 -14.02 46.85
C HIS QA 41 -53.15 -12.52 46.85
N THR QA 42 -52.59 -12.00 45.77
CA THR QA 42 -52.21 -10.60 45.69
C THR QA 42 -53.43 -9.72 45.78
N ASN QA 43 -53.29 -8.54 46.39
CA ASN QA 43 -54.32 -7.53 46.39
C ASN QA 43 -54.10 -6.48 45.29
N ASN QA 44 -53.38 -6.84 44.23
CA ASN QA 44 -53.28 -5.99 43.05
C ASN QA 44 -54.41 -6.37 42.12
N LEU QA 45 -55.53 -5.68 42.25
CA LEU QA 45 -56.69 -5.93 41.40
C LEU QA 45 -56.99 -4.69 40.59
N ARG QA 46 -57.29 -4.90 39.31
CA ARG QA 46 -57.78 -3.85 38.45
C ARG QA 46 -59.16 -4.25 37.95
N PRO QA 47 -60.02 -3.30 37.62
CA PRO QA 47 -61.32 -3.67 37.06
C PRO QA 47 -61.16 -4.24 35.67
N LYS QA 48 -62.00 -5.21 35.34
CA LYS QA 48 -62.04 -5.71 33.97
C LYS QA 48 -62.48 -4.59 33.05
N LYS QA 49 -61.63 -4.27 32.08
CA LYS QA 49 -61.83 -3.16 31.16
C LYS QA 49 -63.17 -3.25 30.44
N LYS QA 50 -63.74 -2.11 30.09
CA LYS QA 50 -65.08 -2.06 29.55
C LYS QA 50 -65.06 -1.87 28.04
N VAL QA 51 -66.22 -2.05 27.43
CA VAL QA 51 -66.38 -1.96 26.01
C VAL QA 51 -66.86 -0.54 25.69
N LYS QA 52 -66.59 -0.11 24.46
CA LYS QA 52 -67.06 1.17 23.98
C LYS QA 52 -67.58 1.02 22.56
N MET RA 1 -3.61 29.41 -27.80
CA MET RA 1 -3.37 28.03 -28.22
C MET RA 1 -2.76 27.96 -29.60
N ARG RA 2 -1.44 27.83 -29.65
CA ARG RA 2 -0.74 27.69 -30.91
C ARG RA 2 -1.18 26.41 -31.62
N ALA RA 3 -1.23 26.47 -32.94
CA ALA RA 3 -1.71 25.35 -33.74
C ALA RA 3 -0.76 24.16 -33.73
N LYS RA 4 0.46 24.35 -33.24
CA LYS RA 4 1.40 23.24 -33.08
C LYS RA 4 1.21 22.53 -31.74
N TRP RA 5 0.78 23.24 -30.71
CA TRP RA 5 0.65 22.63 -29.40
C TRP RA 5 -0.65 21.89 -29.22
N ARG RA 6 -1.72 22.27 -29.91
CA ARG RA 6 -2.93 21.46 -29.89
C ARG RA 6 -2.82 20.26 -30.81
N LYS RA 7 -1.78 20.19 -31.62
CA LYS RA 7 -1.41 18.98 -32.33
C LYS RA 7 -0.63 18.02 -31.46
N LYS RA 8 0.17 18.54 -30.51
CA LYS RA 8 0.79 17.70 -29.50
C LYS RA 8 -0.20 17.32 -28.40
N ARG RA 9 -1.13 18.21 -28.06
CA ARG RA 9 -2.15 17.84 -27.10
C ARG RA 9 -3.05 16.75 -27.65
N MET RA 10 -3.25 16.73 -28.97
CA MET RA 10 -4.07 15.69 -29.57
C MET RA 10 -3.39 14.34 -29.49
N ARG RA 11 -2.12 14.27 -29.92
CA ARG RA 11 -1.41 13.00 -29.94
C ARG RA 11 -1.20 12.42 -28.56
N ARG RA 12 -1.13 13.26 -27.53
CA ARG RA 12 -1.17 12.73 -26.18
C ARG RA 12 -2.55 12.17 -25.87
N LEU RA 13 -3.59 12.93 -26.19
CA LEU RA 13 -4.96 12.48 -26.01
C LEU RA 13 -5.31 11.34 -26.95
N LYS RA 14 -4.62 11.22 -28.07
CA LYS RA 14 -4.82 10.12 -29.00
C LYS RA 14 -4.07 8.87 -28.57
N ARG RA 15 -3.01 9.01 -27.78
CA ARG RA 15 -2.30 7.87 -27.22
C ARG RA 15 -2.94 7.39 -25.93
N LYS RA 16 -3.62 8.26 -25.20
CA LYS RA 16 -4.35 7.83 -24.02
C LYS RA 16 -5.60 7.06 -24.40
N ARG RA 17 -6.22 7.42 -25.53
CA ARG RA 17 -7.41 6.71 -25.97
C ARG RA 17 -7.11 5.31 -26.45
N ARG RA 18 -5.87 5.02 -26.84
CA ARG RA 18 -5.52 3.66 -27.22
C ARG RA 18 -5.30 2.76 -26.02
N LYS RA 19 -4.61 3.25 -25.00
CA LYS RA 19 -4.30 2.43 -23.83
C LYS RA 19 -5.55 2.14 -23.01
N MET RA 20 -6.52 3.05 -22.99
CA MET RA 20 -7.83 2.79 -22.41
C MET RA 20 -8.69 1.88 -23.29
N ARG RA 21 -8.15 1.44 -24.41
CA ARG RA 21 -8.87 0.56 -25.32
C ARG RA 21 -8.19 -0.78 -25.55
N GLN RA 22 -6.88 -0.88 -25.44
CA GLN RA 22 -6.22 -2.17 -25.58
C GLN RA 22 -6.21 -2.97 -24.29
N ARG RA 23 -6.47 -2.32 -23.15
CA ARG RA 23 -6.67 -3.07 -21.92
C ARG RA 23 -8.05 -3.72 -21.88
N SER RA 24 -9.00 -3.24 -22.68
CA SER RA 24 -10.34 -3.74 -22.69
C SER RA 24 -10.56 -4.81 -23.76
N LYS RA 25 -9.50 -5.26 -24.41
CA LYS RA 25 -9.62 -6.34 -25.38
C LYS RA 25 -9.75 -7.69 -24.67
N VAL SA 1 30.80 22.32 45.05
CA VAL SA 1 31.20 22.75 46.38
C VAL SA 1 32.42 23.64 46.28
N ASN SA 2 32.75 24.33 47.37
CA ASN SA 2 33.85 25.28 47.40
C ASN SA 2 34.65 25.06 48.66
N VAL SA 3 35.94 24.80 48.50
CA VAL SA 3 36.84 24.66 49.65
C VAL SA 3 37.92 25.73 49.54
N PRO SA 4 38.40 26.28 50.65
CA PRO SA 4 39.49 27.24 50.56
C PRO SA 4 40.78 26.57 50.18
N LYS SA 5 41.65 27.31 49.50
CA LYS SA 5 42.93 26.77 49.08
C LYS SA 5 43.90 26.58 50.22
N THR SA 6 43.54 26.98 51.43
CA THR SA 6 44.39 26.80 52.59
C THR SA 6 43.54 26.39 53.77
N ARG SA 7 44.14 25.66 54.70
CA ARG SA 7 43.44 25.14 55.85
C ARG SA 7 44.41 24.98 57.00
N ARG SA 8 43.94 25.23 58.21
CA ARG SA 8 44.73 25.01 59.41
C ARG SA 8 44.22 23.74 60.07
N THR SA 9 45.02 22.68 60.03
CA THR SA 9 44.60 21.39 60.54
C THR SA 9 45.78 20.68 61.18
N PHE SA 10 45.53 19.47 61.66
CA PHE SA 10 46.51 18.68 62.39
C PHE SA 10 47.55 18.12 61.43
N CYS SA 11 48.81 18.46 61.65
CA CYS SA 11 49.90 17.92 60.84
C CYS SA 11 50.47 16.71 61.55
N LYS SA 12 50.47 15.56 60.85
CA LYS SA 12 50.96 14.33 61.45
C LYS SA 12 52.44 14.43 61.80
N LYS SA 13 53.24 15.06 60.94
CA LYS SA 13 54.67 15.08 61.19
C LYS SA 13 55.02 16.12 62.24
N CYS SA 14 54.44 17.30 62.15
CA CYS SA 14 54.73 18.35 63.11
C CYS SA 14 53.87 18.25 64.36
N GLY SA 15 52.89 17.37 64.37
CA GLY SA 15 52.28 16.94 65.63
C GLY SA 15 51.29 17.89 66.26
N LYS SA 16 50.81 18.88 65.53
CA LYS SA 16 49.81 19.79 66.08
C LYS SA 16 49.09 20.45 64.91
N HIS SA 17 48.22 21.41 65.24
CA HIS SA 17 47.51 22.16 64.21
C HIS SA 17 48.45 23.17 63.56
N GLN SA 18 48.43 23.20 62.24
CA GLN SA 18 49.31 24.05 61.45
C GLN SA 18 48.65 24.33 60.12
N PRO SA 19 48.95 25.46 59.49
CA PRO SA 19 48.34 25.76 58.20
C PRO SA 19 48.83 24.81 57.12
N HIS SA 20 47.90 24.35 56.29
CA HIS SA 20 48.20 23.45 55.19
C HIS SA 20 47.70 24.04 53.88
N LYS SA 21 48.43 23.77 52.81
CA LYS SA 21 47.98 24.11 51.46
C LYS SA 21 47.10 22.98 50.93
N VAL SA 22 46.08 23.34 50.16
CA VAL SA 22 45.06 22.38 49.74
C VAL SA 22 45.00 22.35 48.23
N THR SA 23 45.33 21.21 47.65
CA THR SA 23 45.21 20.99 46.21
C THR SA 23 44.53 19.65 45.97
N GLN SA 24 44.07 19.45 44.75
CA GLN SA 24 43.30 18.26 44.43
C GLN SA 24 44.21 17.12 44.01
N TYR SA 25 43.81 15.91 44.38
CA TYR SA 25 44.62 14.73 44.11
C TYR SA 25 44.35 14.19 42.72
N LYS SA 26 45.42 13.77 42.06
CA LYS SA 26 45.34 13.24 40.70
C LYS SA 26 46.02 11.89 40.64
N LYS SA 27 45.44 10.99 39.86
CA LYS SA 27 46.01 9.67 39.63
C LYS SA 27 47.38 9.79 38.98
N GLY SA 28 48.39 9.19 39.60
CA GLY SA 28 49.66 9.07 38.94
C GLY SA 28 49.61 8.13 37.76
N LYS SA 29 50.60 8.26 36.88
CA LYS SA 29 50.69 7.39 35.72
C LYS SA 29 51.01 5.97 36.17
N ASP SA 30 50.19 5.01 35.74
CA ASP SA 30 50.36 3.61 36.12
C ASP SA 30 51.71 3.08 35.64
N SER SA 31 52.53 2.63 36.59
CA SER SA 31 53.86 2.15 36.25
C SER SA 31 53.78 0.88 35.43
N LEU SA 32 54.79 0.69 34.58
CA LEU SA 32 54.86 -0.49 33.74
C LEU SA 32 55.65 -1.60 34.39
N TYR SA 33 56.11 -1.38 35.62
CA TYR SA 33 56.92 -2.38 36.31
C TYR SA 33 56.41 -2.65 37.71
N ALA SA 34 55.15 -2.36 37.97
CA ALA SA 34 54.52 -2.83 39.18
C ALA SA 34 54.37 -4.35 39.12
N GLN SA 35 54.02 -4.95 40.25
CA GLN SA 35 53.86 -6.39 40.29
C GLN SA 35 52.67 -6.83 39.46
N GLY SA 36 51.52 -6.21 39.68
CA GLY SA 36 50.34 -6.59 38.95
C GLY SA 36 50.43 -6.34 37.47
N LYS SA 37 51.19 -5.33 37.06
CA LYS SA 37 51.32 -5.05 35.65
C LYS SA 37 52.27 -6.03 34.98
N ARG SA 38 53.35 -6.40 35.65
CA ARG SA 38 54.26 -7.38 35.09
C ARG SA 38 53.62 -8.75 35.04
N ARG SA 39 52.82 -9.08 36.05
CA ARG SA 39 52.09 -10.35 36.05
C ARG SA 39 51.06 -10.37 34.94
N TYR SA 40 50.35 -9.26 34.75
CA TYR SA 40 49.29 -9.19 33.75
C TYR SA 40 49.84 -9.34 32.34
N ASP SA 41 50.97 -8.69 32.05
CA ASP SA 41 51.53 -8.77 30.71
C ASP SA 41 52.05 -10.17 30.41
N ARG SA 42 52.56 -10.87 31.43
CA ARG SA 42 53.01 -12.23 31.19
C ARG SA 42 51.84 -13.17 30.94
N LYS SA 43 50.64 -12.77 31.34
CA LYS SA 43 49.45 -13.54 31.04
C LYS SA 43 48.90 -13.23 29.66
N GLN SA 44 48.98 -11.97 29.23
CA GLN SA 44 48.44 -11.60 27.94
C GLN SA 44 49.35 -12.02 26.81
N SER SA 45 50.66 -12.11 27.06
CA SER SA 45 51.59 -12.43 26.01
C SER SA 45 51.37 -13.85 25.52
N GLY SA 46 51.27 -14.00 24.21
CA GLY SA 46 50.85 -15.25 23.63
C GLY SA 46 49.35 -15.29 23.40
N TYR SA 47 48.88 -16.48 23.06
CA TYR SA 47 47.51 -16.65 22.62
C TYR SA 47 46.58 -16.75 23.82
N GLY SA 48 45.30 -16.87 23.54
CA GLY SA 48 44.29 -16.96 24.57
C GLY SA 48 43.43 -15.72 24.70
N GLY SA 49 43.83 -14.62 24.08
CA GLY SA 49 43.00 -13.43 24.13
C GLY SA 49 43.03 -12.79 25.50
N GLN SA 50 41.96 -12.07 25.83
CA GLN SA 50 41.89 -11.36 27.09
C GLN SA 50 41.71 -12.35 28.24
N THR SA 51 42.55 -12.19 29.26
CA THR SA 51 42.59 -13.15 30.36
C THR SA 51 42.10 -12.58 31.68
N LYS SA 52 41.78 -11.29 31.74
CA LYS SA 52 41.27 -10.73 32.97
C LYS SA 52 40.04 -9.88 32.68
N PRO SA 53 39.11 -9.78 33.63
CA PRO SA 53 37.85 -9.07 33.37
C PRO SA 53 38.00 -7.60 33.08
N ILE SA 54 37.28 -7.11 32.08
CA ILE SA 54 37.24 -5.68 31.76
C ILE SA 54 35.89 -5.16 32.19
N PHE SA 55 35.89 -4.22 33.14
CA PHE SA 55 34.64 -3.73 33.70
C PHE SA 55 33.89 -2.89 32.67
N ARG SA 56 32.58 -3.10 32.60
CA ARG SA 56 31.79 -2.43 31.58
C ARG SA 56 30.49 -1.84 32.07
N LYS SA 57 30.00 -2.17 33.26
CA LYS SA 57 28.71 -1.67 33.72
C LYS SA 57 28.89 -0.44 34.61
N LYS SA 58 29.46 0.63 34.04
CA LYS SA 58 29.65 1.87 34.77
C LYS SA 58 28.32 2.43 35.22
N ALA SA 59 28.20 2.70 36.51
CA ALA SA 59 26.95 3.15 37.09
C ALA SA 59 27.07 4.46 37.85
N LYS SA 60 28.20 4.75 38.45
CA LYS SA 60 28.33 5.94 39.27
C LYS SA 60 28.82 7.12 38.44
N THR SA 61 28.02 8.18 38.45
CA THR SA 61 28.30 9.38 37.67
C THR SA 61 29.01 10.44 38.50
N THR SA 62 30.08 10.03 39.16
CA THR SA 62 30.82 10.91 40.06
C THR SA 62 32.14 10.29 40.49
N LYS SA 63 32.84 10.98 41.38
CA LYS SA 63 33.99 10.42 42.08
C LYS SA 63 33.93 10.91 43.51
N LYS SA 64 34.94 10.54 44.28
CA LYS SA 64 35.16 11.12 45.60
C LYS SA 64 36.36 12.04 45.47
N ILE SA 65 36.13 13.33 45.69
CA ILE SA 65 37.22 14.28 45.61
C ILE SA 65 38.15 14.10 46.78
N VAL SA 66 39.45 14.06 46.49
CA VAL SA 66 40.48 13.94 47.51
C VAL SA 66 41.21 15.28 47.55
N LEU SA 67 41.74 15.62 48.72
CA LEU SA 67 42.52 16.84 48.87
C LEU SA 67 43.91 16.46 49.32
N ARG SA 68 44.92 16.97 48.62
CA ARG SA 68 46.31 16.74 48.96
C ARG SA 68 46.80 17.90 49.80
N LEU SA 69 46.88 17.69 51.10
CA LEU SA 69 47.37 18.71 52.01
C LEU SA 69 48.89 18.83 51.89
N GLU SA 70 49.42 20.00 52.24
CA GLU SA 70 50.87 20.21 52.26
C GLU SA 70 51.19 21.12 53.43
N CYS SA 71 52.08 20.70 54.32
CA CYS SA 71 52.47 21.56 55.42
C CYS SA 71 53.37 22.66 54.89
N VAL SA 72 53.05 23.91 55.24
CA VAL SA 72 53.78 25.06 54.70
C VAL SA 72 54.87 25.48 55.67
N GLU SA 73 55.20 24.61 56.62
CA GLU SA 73 56.30 25.01 57.48
C GLU SA 73 57.62 24.71 56.77
N PRO SA 74 58.61 25.61 56.88
CA PRO SA 74 59.86 25.45 56.14
C PRO SA 74 60.69 24.22 56.47
N ASN SA 75 60.27 23.46 57.48
CA ASN SA 75 60.96 22.26 57.88
C ASN SA 75 60.07 21.03 57.96
N CYS SA 76 58.75 21.18 57.92
CA CYS SA 76 57.87 20.03 58.08
C CYS SA 76 57.85 19.22 56.79
N ARG SA 77 57.31 19.81 55.72
CA ARG SA 77 57.27 19.23 54.38
C ARG SA 77 56.66 17.82 54.40
N SER SA 78 55.42 17.76 54.85
CA SER SA 78 54.67 16.52 54.88
C SER SA 78 53.35 16.74 54.17
N LYS SA 79 52.93 15.74 53.41
CA LYS SA 79 51.67 15.77 52.71
C LYS SA 79 50.79 14.62 53.18
N ARG SA 80 49.48 14.83 53.12
CA ARG SA 80 48.60 13.72 53.46
C ARG SA 80 47.29 13.89 52.74
N MET SA 81 46.60 12.77 52.52
CA MET SA 81 45.36 12.77 51.79
C MET SA 81 44.19 13.06 52.73
N LEU SA 82 43.12 13.59 52.15
CA LEU SA 82 41.88 13.83 52.87
C LEU SA 82 40.74 13.90 51.85
N ALA SA 83 39.64 13.22 52.13
CA ALA SA 83 38.58 13.09 51.15
C ALA SA 83 37.30 13.75 51.67
N ILE SA 84 36.45 14.12 50.72
CA ILE SA 84 35.13 14.66 50.99
C ILE SA 84 34.12 13.79 50.25
N LYS SA 85 32.83 13.98 50.57
CA LYS SA 85 31.76 13.21 49.97
C LYS SA 85 31.65 13.50 48.48
N ARG SA 86 30.85 12.68 47.80
CA ARG SA 86 30.70 12.79 46.36
C ARG SA 86 30.03 14.10 45.99
N CYS SA 87 30.58 14.77 44.98
CA CYS SA 87 29.97 15.96 44.42
C CYS SA 87 30.38 16.05 42.96
N LYS SA 88 29.50 16.64 42.16
CA LYS SA 88 29.80 16.77 40.74
C LYS SA 88 30.70 17.96 40.48
N HIS SA 89 30.22 19.16 40.79
CA HIS SA 89 31.02 20.36 40.63
C HIS SA 89 31.94 20.52 41.83
N PHE SA 90 33.17 20.95 41.56
CA PHE SA 90 34.14 21.12 42.63
C PHE SA 90 35.25 22.08 42.23
N GLU SA 91 35.45 23.14 43.01
CA GLU SA 91 36.49 24.10 42.70
C GLU SA 91 37.24 24.49 43.96
N LEU SA 92 38.49 24.89 43.77
CA LEU SA 92 39.38 25.30 44.84
C LEU SA 92 39.30 26.81 44.98
N GLY SA 93 38.97 27.27 46.18
CA GLY SA 93 38.99 28.69 46.49
C GLY SA 93 38.07 29.54 45.64
N GLY SA 94 36.86 29.03 45.39
CA GLY SA 94 35.86 29.81 44.70
C GLY SA 94 35.47 31.01 45.53
N ASP SA 95 35.01 32.07 44.87
CA ASP SA 95 34.62 33.32 45.52
C ASP SA 95 33.59 33.07 46.61
N LYS SA 96 33.80 33.69 47.77
CA LYS SA 96 32.97 33.43 48.95
C LYS SA 96 31.64 34.15 48.76
N LYS SA 97 30.54 33.41 48.86
CA LYS SA 97 29.22 33.96 48.63
C LYS SA 97 28.86 34.98 49.70
N ARG SA 98 28.01 35.93 49.32
CA ARG SA 98 27.64 37.04 50.19
C ARG SA 98 26.22 36.82 50.73
N LYS SA 99 25.93 37.54 51.80
CA LYS SA 99 24.62 37.46 52.45
C LYS SA 99 23.86 38.73 52.13
N GLY SA 100 22.68 38.57 51.51
CA GLY SA 100 21.80 39.68 51.23
C GLY SA 100 22.37 40.73 50.29
N GLN SA 101 22.57 40.35 49.03
CA GLN SA 101 23.04 41.31 48.04
C GLN SA 101 22.34 40.99 46.73
N VAL SA 102 22.06 42.04 45.96
CA VAL SA 102 21.18 42.01 44.78
C VAL SA 102 21.69 41.05 43.72
N ILE SA 103 20.78 40.25 43.14
CA ILE SA 103 21.17 39.22 42.19
C ILE SA 103 20.46 39.44 40.86
N GLN SA 104 21.24 39.34 39.78
CA GLN SA 104 20.71 39.44 38.42
C GLN SA 104 21.66 38.76 37.44
N ALA TA 1 3.92 -21.77 -53.55
CA ALA TA 1 3.25 -20.73 -52.78
C ALA TA 1 4.19 -20.11 -51.76
N LYS TA 2 3.94 -18.86 -51.42
CA LYS TA 2 4.67 -18.21 -50.33
C LYS TA 2 4.07 -18.69 -49.04
N ARG TA 3 4.78 -19.57 -48.34
CA ARG TA 3 4.19 -20.26 -47.20
C ARG TA 3 4.05 -19.33 -46.01
N THR TA 4 5.11 -18.65 -45.64
CA THR TA 4 5.05 -17.70 -44.53
C THR TA 4 5.14 -16.28 -45.05
N LYS TA 5 4.66 -15.34 -44.24
CA LYS TA 5 4.66 -13.95 -44.65
C LYS TA 5 5.99 -13.27 -44.35
N LYS TA 6 6.38 -13.19 -43.09
CA LYS TA 6 7.60 -12.46 -42.79
C LYS TA 6 8.62 -13.30 -42.05
N VAL TA 7 8.16 -14.26 -41.24
CA VAL TA 7 9.12 -15.10 -40.54
C VAL TA 7 9.66 -16.14 -41.52
N GLY TA 8 10.95 -16.05 -41.80
CA GLY TA 8 11.55 -16.86 -42.84
C GLY TA 8 12.04 -18.19 -42.32
N ILE TA 9 13.35 -18.41 -42.47
CA ILE TA 9 14.06 -19.60 -41.99
C ILE TA 9 13.81 -19.83 -40.50
N VAL TA 10 13.48 -18.77 -39.77
CA VAL TA 10 13.36 -18.85 -38.32
C VAL TA 10 11.93 -19.15 -37.92
N GLY TA 11 11.14 -19.66 -38.87
CA GLY TA 11 9.87 -20.23 -38.53
C GLY TA 11 9.97 -21.60 -37.92
N LYS TA 12 11.17 -22.15 -37.86
CA LYS TA 12 11.41 -23.42 -37.20
C LYS TA 12 11.38 -23.31 -35.69
N TYR TA 13 11.36 -22.10 -35.15
CA TYR TA 13 11.25 -21.89 -33.71
C TYR TA 13 9.82 -21.67 -33.28
N GLY TA 14 8.87 -21.85 -34.19
CA GLY TA 14 7.47 -21.68 -33.91
C GLY TA 14 7.13 -20.32 -33.33
N THR TA 15 6.64 -20.31 -32.11
CA THR TA 15 6.24 -19.09 -31.44
C THR TA 15 7.22 -18.70 -30.33
N ARG TA 16 8.34 -19.39 -30.23
CA ARG TA 16 9.19 -19.26 -29.07
C ARG TA 16 10.13 -18.07 -29.21
N TYR TA 17 10.74 -17.70 -28.09
CA TYR TA 17 11.90 -16.81 -27.98
C TYR TA 17 11.62 -15.36 -28.29
N GLY TA 18 10.38 -14.98 -28.56
CA GLY TA 18 10.10 -13.58 -28.77
C GLY TA 18 10.45 -13.06 -30.13
N ALA TA 19 9.69 -12.06 -30.58
CA ALA TA 19 9.81 -11.52 -31.93
C ALA TA 19 11.21 -10.99 -32.23
N SER TA 20 11.75 -10.19 -31.31
CA SER TA 20 13.03 -9.53 -31.57
C SER TA 20 14.16 -10.51 -31.71
N LEU TA 21 14.23 -11.49 -30.80
CA LEU TA 21 15.30 -12.47 -30.87
C LEU TA 21 15.16 -13.33 -32.11
N ARG TA 22 13.94 -13.65 -32.50
CA ARG TA 22 13.73 -14.38 -33.75
C ARG TA 22 14.09 -13.53 -34.94
N LYS TA 23 13.92 -12.21 -34.84
CA LYS TA 23 14.19 -11.34 -35.97
C LYS TA 23 15.68 -11.14 -36.15
N MET TA 24 16.42 -10.96 -35.07
CA MET TA 24 17.83 -10.65 -35.19
C MET TA 24 18.70 -11.89 -35.31
N VAL TA 25 18.10 -13.07 -35.33
CA VAL TA 25 18.86 -14.28 -35.62
C VAL TA 25 18.60 -14.63 -37.07
N LYS TA 26 17.50 -14.10 -37.63
CA LYS TA 26 17.15 -14.41 -39.00
C LYS TA 26 18.18 -13.87 -39.98
N LYS TA 27 18.70 -12.68 -39.70
CA LYS TA 27 19.75 -12.15 -40.54
C LYS TA 27 21.04 -12.94 -40.40
N ILE TA 28 21.17 -13.73 -39.34
CA ILE TA 28 22.34 -14.56 -39.12
C ILE TA 28 22.10 -15.99 -39.56
N GLU TA 29 20.89 -16.52 -39.32
CA GLU TA 29 20.55 -17.86 -39.76
C GLU TA 29 20.63 -17.98 -41.28
N ILE TA 30 20.16 -16.96 -41.99
CA ILE TA 30 20.22 -16.97 -43.44
C ILE TA 30 21.67 -16.98 -43.92
N SER TA 31 22.47 -16.07 -43.37
CA SER TA 31 23.81 -15.85 -43.90
C SER TA 31 24.72 -17.04 -43.62
N GLN TA 32 24.57 -17.67 -42.45
CA GLN TA 32 25.49 -18.75 -42.11
C GLN TA 32 25.20 -20.02 -42.90
N HIS TA 33 23.99 -20.15 -43.43
CA HIS TA 33 23.65 -21.34 -44.19
C HIS TA 33 23.80 -21.14 -45.69
N ALA TA 34 23.98 -19.90 -46.14
CA ALA TA 34 24.04 -19.64 -47.57
C ALA TA 34 25.34 -20.17 -48.15
N LYS TA 35 25.29 -20.55 -49.42
CA LYS TA 35 26.46 -21.00 -50.15
C LYS TA 35 27.04 -19.81 -50.92
N TYR TA 36 28.33 -19.57 -50.77
CA TYR TA 36 28.97 -18.47 -51.45
C TYR TA 36 29.78 -18.98 -52.64
N THR TA 37 30.24 -18.06 -53.47
CA THR TA 37 31.08 -18.41 -54.61
C THR TA 37 32.51 -18.49 -54.11
N CYS TA 38 33.09 -19.69 -54.19
CA CYS TA 38 34.49 -19.85 -53.84
C CYS TA 38 35.35 -19.00 -54.76
N SER TA 39 36.09 -18.06 -54.19
CA SER TA 39 36.91 -17.15 -54.98
C SER TA 39 38.06 -17.83 -55.67
N PHE TA 40 38.31 -19.10 -55.40
CA PHE TA 40 39.42 -19.82 -56.00
C PHE TA 40 39.02 -20.61 -57.22
N CYS TA 41 37.75 -21.03 -57.31
CA CYS TA 41 37.27 -21.78 -58.45
C CYS TA 41 36.05 -21.18 -59.12
N GLY TA 42 35.38 -20.22 -58.50
CA GLY TA 42 34.23 -19.57 -59.09
C GLY TA 42 32.92 -20.26 -58.80
N LYS TA 43 32.96 -21.56 -58.56
CA LYS TA 43 31.74 -22.30 -58.27
C LYS TA 43 31.14 -21.87 -56.95
N THR TA 44 29.82 -21.83 -56.89
CA THR TA 44 29.11 -21.54 -55.65
C THR TA 44 29.06 -22.84 -54.85
N LYS TA 45 30.14 -23.09 -54.12
CA LYS TA 45 30.27 -24.30 -53.31
C LYS TA 45 30.88 -24.01 -51.95
N MET TA 46 31.05 -22.75 -51.59
CA MET TA 46 31.62 -22.42 -50.29
C MET TA 46 30.56 -22.59 -49.23
N LYS TA 47 30.74 -23.57 -48.36
CA LYS TA 47 29.76 -23.91 -47.34
C LYS TA 47 30.47 -23.97 -46.00
N ARG TA 48 29.88 -23.33 -45.00
CA ARG TA 48 30.45 -23.27 -43.66
C ARG TA 48 30.53 -24.66 -43.02
N ARG TA 49 31.75 -25.12 -42.75
CA ARG TA 49 31.90 -26.43 -42.11
C ARG TA 49 31.60 -26.34 -40.62
N ALA TA 50 32.40 -25.56 -39.89
CA ALA TA 50 32.14 -25.29 -38.49
C ALA TA 50 32.17 -23.78 -38.28
N VAL TA 51 32.07 -23.33 -37.04
CA VAL TA 51 32.16 -21.89 -36.79
C VAL TA 51 33.58 -21.42 -37.08
N GLY TA 52 33.72 -20.62 -38.12
CA GLY TA 52 35.01 -20.07 -38.44
C GLY TA 52 35.59 -20.55 -39.75
N ILE TA 53 35.48 -21.82 -40.05
CA ILE TA 53 36.10 -22.36 -41.26
C ILE TA 53 35.04 -22.52 -42.33
N TRP TA 54 35.45 -22.38 -43.58
CA TRP TA 54 34.54 -22.45 -44.71
C TRP TA 54 35.16 -23.35 -45.76
N HIS TA 55 34.43 -24.37 -46.18
CA HIS TA 55 34.96 -25.37 -47.08
C HIS TA 55 34.33 -25.25 -48.45
N CYS TA 56 35.14 -25.37 -49.49
CA CYS TA 56 34.67 -25.36 -50.87
C CYS TA 56 34.62 -26.79 -51.38
N GLY TA 57 33.42 -27.28 -51.66
CA GLY TA 57 33.31 -28.63 -52.17
C GLY TA 57 33.59 -28.77 -53.65
N SER TA 58 34.53 -27.96 -54.16
CA SER TA 58 34.96 -28.09 -55.54
C SER TA 58 36.47 -28.25 -55.57
N CYS TA 59 37.14 -27.54 -54.67
CA CYS TA 59 38.59 -27.62 -54.54
C CYS TA 59 39.00 -28.40 -53.31
N MET TA 60 38.09 -28.55 -52.35
CA MET TA 60 38.43 -28.94 -50.99
C MET TA 60 39.51 -28.02 -50.43
N LYS TA 61 39.24 -26.72 -50.48
CA LYS TA 61 40.16 -25.70 -50.00
C LYS TA 61 39.49 -24.97 -48.85
N THR TA 62 39.92 -25.25 -47.63
CA THR TA 62 39.29 -24.66 -46.46
C THR TA 62 39.80 -23.25 -46.24
N VAL TA 63 38.91 -22.38 -45.76
CA VAL TA 63 39.23 -20.97 -45.56
C VAL TA 63 38.78 -20.58 -44.16
N ALA TA 64 39.69 -19.95 -43.40
CA ALA TA 64 39.38 -19.50 -42.05
C ALA TA 64 38.69 -18.15 -42.13
N GLY TA 65 37.39 -18.18 -42.32
CA GLY TA 65 36.59 -16.99 -42.47
C GLY TA 65 35.96 -16.53 -41.19
N GLY TA 66 34.80 -15.91 -41.32
CA GLY TA 66 34.07 -15.42 -40.17
C GLY TA 66 33.29 -16.51 -39.48
N ALA TA 67 32.55 -16.10 -38.47
CA ALA TA 67 31.77 -17.06 -37.70
C ALA TA 67 30.43 -17.35 -38.36
N TRP TA 68 29.73 -16.32 -38.81
CA TRP TA 68 28.50 -16.49 -39.56
C TRP TA 68 28.63 -16.11 -41.02
N THR TA 69 29.41 -15.10 -41.33
CA THR TA 69 29.63 -14.68 -42.69
C THR TA 69 30.96 -15.27 -43.17
N TYR TA 70 31.19 -15.19 -44.48
CA TYR TA 70 32.45 -15.64 -45.03
C TYR TA 70 33.56 -14.64 -44.75
N ASN TA 71 33.29 -13.35 -44.93
CA ASN TA 71 34.23 -12.30 -44.60
C ASN TA 71 33.54 -11.35 -43.65
N THR TA 72 34.02 -11.25 -42.42
CA THR TA 72 33.54 -10.22 -41.53
C THR TA 72 34.00 -8.86 -42.05
N THR TA 73 33.15 -7.85 -41.85
CA THR TA 73 33.47 -6.51 -42.32
C THR TA 73 34.73 -5.98 -41.66
N SER TA 74 34.94 -6.32 -40.40
CA SER TA 74 36.10 -5.83 -39.68
C SER TA 74 37.39 -6.49 -40.15
N ALA TA 75 37.32 -7.54 -40.96
CA ALA TA 75 38.52 -8.16 -41.50
C ALA TA 75 38.91 -7.61 -42.85
N VAL TA 76 37.95 -7.09 -43.62
CA VAL TA 76 38.27 -6.63 -44.96
C VAL TA 76 38.81 -5.21 -44.96
N THR TA 77 38.54 -4.43 -43.91
CA THR TA 77 39.22 -3.16 -43.78
C THR TA 77 40.67 -3.36 -43.34
N VAL TA 78 40.93 -4.43 -42.59
CA VAL TA 78 42.29 -4.71 -42.13
C VAL TA 78 43.16 -5.13 -43.30
N LYS TA 79 42.66 -6.05 -44.13
CA LYS TA 79 43.41 -6.50 -45.29
C LYS TA 79 43.71 -5.34 -46.24
N SER TA 80 42.79 -4.40 -46.37
CA SER TA 80 43.06 -3.21 -47.16
C SER TA 80 44.02 -2.28 -46.44
N ALA TA 81 43.98 -2.27 -45.11
CA ALA TA 81 44.93 -1.46 -44.35
C ALA TA 81 46.33 -2.05 -44.43
N ILE TA 82 46.43 -3.37 -44.31
CA ILE TA 82 47.73 -4.04 -44.44
C ILE TA 82 48.30 -3.83 -45.83
N ARG TA 83 47.46 -3.95 -46.84
CA ARG TA 83 47.88 -3.77 -48.23
C ARG TA 83 48.37 -2.36 -48.50
N ARG TA 84 47.97 -1.39 -47.68
CA ARG TA 84 48.44 -0.03 -47.82
C ARG TA 84 49.69 0.27 -47.01
N LEU TA 85 49.84 -0.33 -45.83
CA LEU TA 85 51.04 -0.10 -45.04
C LEU TA 85 52.23 -0.84 -45.63
N LYS TA 86 51.99 -2.04 -46.16
CA LYS TA 86 53.04 -2.83 -46.78
C LYS TA 86 53.69 -2.08 -47.92
N GLU TA 87 52.89 -1.48 -48.79
CA GLU TA 87 53.44 -0.82 -49.96
C GLU TA 87 54.13 0.50 -49.63
N LEU TA 88 53.94 1.03 -48.43
CA LEU TA 88 54.59 2.27 -48.01
C LEU TA 88 55.77 2.06 -47.09
N LYS TA 89 55.85 0.91 -46.41
CA LYS TA 89 56.97 0.64 -45.53
C LYS TA 89 58.28 0.50 -46.28
N ASP TA 90 58.24 0.17 -47.57
CA ASP TA 90 59.44 -0.06 -48.35
C ASP TA 90 59.40 0.53 -49.75
N GLN TA 91 58.32 1.24 -50.11
CA GLN TA 91 58.12 1.84 -51.43
C GLN TA 91 58.23 0.82 -52.57
N SER UA 1 43.24 -66.06 89.11
CA SER UA 1 42.35 -66.56 90.16
C SER UA 1 40.97 -66.86 89.61
N ALA UA 2 40.09 -67.32 90.51
CA ALA UA 2 38.77 -67.81 90.13
C ALA UA 2 37.91 -66.74 89.49
N HIS UA 3 37.75 -65.60 90.16
CA HIS UA 3 36.94 -64.53 89.60
C HIS UA 3 37.53 -63.98 88.33
N LEU UA 4 38.85 -64.05 88.19
CA LEU UA 4 39.49 -63.60 86.97
C LEU UA 4 39.17 -64.53 85.82
N GLN UA 5 39.47 -65.82 86.00
CA GLN UA 5 39.36 -66.79 84.92
C GLN UA 5 37.92 -66.93 84.43
N TRP UA 6 36.95 -66.62 85.28
CA TRP UA 6 35.56 -66.66 84.86
C TRP UA 6 35.30 -65.65 83.76
N MET UA 7 35.89 -64.46 83.87
CA MET UA 7 35.72 -63.44 82.85
C MET UA 7 36.28 -63.89 81.52
N VAL UA 8 37.31 -64.74 81.54
CA VAL UA 8 37.91 -65.19 80.30
C VAL UA 8 37.05 -66.25 79.63
N VAL UA 9 36.30 -67.04 80.40
CA VAL UA 9 35.53 -68.14 79.85
C VAL UA 9 34.04 -67.97 80.07
N ARG UA 10 33.58 -66.77 80.41
CA ARG UA 10 32.15 -66.55 80.60
C ARG UA 10 31.40 -66.68 79.29
N ASN UA 11 32.05 -66.43 78.16
CA ASN UA 11 31.35 -66.45 76.90
C ASN UA 11 32.15 -67.11 75.77
N CYS UA 12 33.33 -67.65 76.06
CA CYS UA 12 34.08 -68.32 75.00
C CYS UA 12 34.88 -69.49 75.54
N SER UA 13 34.29 -70.68 75.46
CA SER UA 13 34.95 -71.89 75.92
C SER UA 13 34.45 -73.07 75.10
N SER UA 14 35.24 -74.13 75.08
CA SER UA 14 34.87 -75.31 74.34
C SER UA 14 33.79 -76.12 75.04
N PHE UA 15 33.48 -75.82 76.30
CA PHE UA 15 32.45 -76.55 77.02
C PHE UA 15 31.11 -75.83 77.02
N LEU UA 16 31.06 -74.59 76.54
CA LEU UA 16 29.83 -73.83 76.50
C LEU UA 16 29.07 -74.12 75.22
N ILE UA 17 27.77 -74.34 75.35
CA ILE UA 17 26.90 -74.57 74.20
C ILE UA 17 25.63 -73.75 74.39
N LYS UA 18 25.33 -72.90 73.42
CA LYS UA 18 24.14 -72.06 73.43
C LYS UA 18 23.29 -72.34 72.22
N ARG UA 19 22.02 -72.68 72.46
CA ARG UA 19 21.03 -72.90 71.43
C ARG UA 19 19.69 -73.00 72.12
N ASN UA 20 18.62 -72.75 71.35
CA ASN UA 20 17.24 -72.82 71.82
C ASN UA 20 17.01 -71.97 73.06
N LYS UA 21 17.55 -70.75 73.02
CA LYS UA 21 17.37 -69.74 74.07
C LYS UA 21 17.90 -70.18 75.42
N GLN UA 22 18.69 -71.25 75.47
CA GLN UA 22 19.28 -71.75 76.69
C GLN UA 22 20.79 -71.69 76.58
N THR UA 23 21.45 -71.89 77.71
CA THR UA 23 22.90 -71.88 77.77
C THR UA 23 23.34 -73.01 78.69
N TYR UA 24 24.33 -73.78 78.24
CA TYR UA 24 24.77 -74.91 79.02
C TYR UA 24 26.29 -75.00 78.98
N SER UA 25 26.82 -75.76 79.93
CA SER UA 25 28.26 -76.02 80.02
C SER UA 25 28.47 -77.52 80.15
N THR UA 26 29.23 -78.10 79.24
CA THR UA 26 29.52 -79.52 79.26
C THR UA 26 30.77 -79.85 80.04
N GLU UA 27 31.13 -79.03 81.02
CA GLU UA 27 32.33 -79.25 81.81
C GLU UA 27 32.20 -80.56 82.58
N PRO UA 28 33.33 -81.23 82.85
CA PRO UA 28 33.29 -82.49 83.59
C PRO UA 28 32.68 -82.38 84.97
N ASN UA 29 33.27 -81.55 85.83
CA ASN UA 29 32.81 -81.43 87.21
C ASN UA 29 31.91 -80.20 87.34
N ASN UA 30 30.83 -80.22 86.59
CA ASN UA 30 29.84 -79.15 86.65
C ASN UA 30 28.49 -79.82 86.78
N LEU UA 31 28.11 -80.10 88.03
CA LEU UA 31 26.76 -80.52 88.33
C LEU UA 31 25.80 -79.41 87.96
N LYS UA 32 24.64 -79.83 87.43
CA LYS UA 32 23.60 -79.03 86.76
C LYS UA 32 24.01 -78.60 85.36
N ALA UA 33 25.28 -78.78 85.01
CA ALA UA 33 25.82 -78.44 83.69
C ALA UA 33 25.52 -76.99 83.28
N ARG UA 34 25.31 -76.13 84.25
CA ARG UA 34 24.86 -74.77 84.00
C ARG UA 34 26.06 -73.85 83.82
N ASN UA 35 25.93 -72.92 82.88
CA ASN UA 35 26.96 -71.91 82.67
C ASN UA 35 26.88 -70.86 83.76
N SER UA 36 27.28 -71.22 84.98
CA SER UA 36 27.19 -70.32 86.11
C SER UA 36 28.58 -70.18 86.74
N PHE UA 37 28.71 -69.17 87.59
CA PHE UA 37 29.96 -69.01 88.32
C PHE UA 37 30.07 -70.07 89.41
N ARG UA 38 29.00 -70.25 90.20
CA ARG UA 38 29.02 -71.20 91.31
C ARG UA 38 29.32 -72.62 90.83
N TYR UA 39 28.76 -73.00 89.70
CA TYR UA 39 28.75 -74.40 89.31
C TYR UA 39 29.91 -74.78 88.41
N ASN UA 40 30.66 -73.81 87.92
CA ASN UA 40 31.79 -74.13 87.06
C ASN UA 40 32.83 -74.95 87.82
N GLY UA 41 33.36 -75.97 87.15
CA GLY UA 41 34.29 -76.87 87.80
C GLY UA 41 35.73 -76.53 87.55
N LEU UA 42 35.99 -75.89 86.41
CA LEU UA 42 37.35 -75.52 86.06
C LEU UA 42 37.81 -74.30 86.83
N ILE UA 43 36.87 -73.47 87.26
CA ILE UA 43 37.22 -72.16 87.81
C ILE UA 43 37.79 -72.29 89.21
N HIS UA 44 37.05 -72.89 90.12
CA HIS UA 44 37.30 -72.75 91.54
C HIS UA 44 38.39 -73.68 92.03
N ARG UA 45 38.86 -73.41 93.24
CA ARG UA 45 39.89 -74.23 93.85
C ARG UA 45 39.29 -75.44 94.55
N LYS UA 46 38.02 -75.37 94.92
CA LYS UA 46 37.34 -76.48 95.56
C LYS UA 46 36.05 -76.77 94.80
N THR UA 47 36.04 -77.91 94.10
CA THR UA 47 34.89 -78.27 93.29
C THR UA 47 34.40 -79.64 93.69
N VAL UA 48 33.13 -79.90 93.36
CA VAL UA 48 32.48 -81.18 93.61
C VAL UA 48 31.99 -81.72 92.29
N GLY UA 49 32.18 -83.02 92.07
CA GLY UA 49 31.74 -83.65 90.85
C GLY UA 49 31.23 -85.05 91.08
N VAL UA 50 30.02 -85.35 90.62
CA VAL UA 50 29.38 -86.64 90.84
C VAL UA 50 29.07 -87.22 89.47
N GLU UA 51 29.85 -88.21 89.06
CA GLU UA 51 29.67 -88.92 87.81
C GLU UA 51 29.14 -90.33 88.08
N PRO UA 52 28.54 -90.98 87.09
CA PRO UA 52 28.21 -92.39 87.25
C PRO UA 52 29.46 -93.25 87.35
N ALA UA 53 29.32 -94.40 87.99
CA ALA UA 53 30.43 -95.31 88.16
C ALA UA 53 30.84 -95.91 86.82
N ALA UA 54 32.07 -96.41 86.78
CA ALA UA 54 32.62 -96.92 85.53
C ALA UA 54 31.94 -98.22 85.09
N ASP UA 55 31.51 -99.04 86.04
CA ASP UA 55 30.79 -100.25 85.67
C ASP UA 55 29.37 -99.95 85.22
N GLY UA 56 28.80 -98.84 85.71
CA GLY UA 56 27.39 -98.56 85.55
C GLY UA 56 26.59 -98.75 86.80
N LYS UA 57 27.23 -99.03 87.94
CA LYS UA 57 26.53 -99.24 89.20
C LYS UA 57 27.26 -98.47 90.30
N GLY UA 58 26.60 -97.44 90.82
CA GLY UA 58 27.17 -96.58 91.84
C GLY UA 58 27.52 -95.23 91.25
N VAL UA 59 28.10 -94.39 92.12
CA VAL UA 59 28.60 -93.08 91.73
C VAL UA 59 30.03 -92.97 92.19
N VAL UA 60 30.78 -92.07 91.56
CA VAL UA 60 32.07 -91.63 92.06
C VAL UA 60 31.95 -90.15 92.38
N VAL UA 61 32.53 -89.74 93.48
CA VAL UA 61 32.48 -88.35 93.89
C VAL UA 61 33.87 -87.74 93.71
N VAL UA 62 33.94 -86.66 92.96
CA VAL UA 62 35.20 -86.02 92.64
C VAL UA 62 35.34 -84.79 93.51
N MET UA 63 36.37 -84.80 94.36
CA MET UA 63 36.80 -83.62 95.08
C MET UA 63 38.12 -83.17 94.50
N LYS UA 64 38.48 -81.92 94.76
CA LYS UA 64 39.71 -81.35 94.24
C LYS UA 64 40.56 -80.92 95.42
N ARG UA 65 41.73 -81.54 95.56
CA ARG UA 65 42.61 -81.20 96.66
C ARG UA 65 43.18 -79.80 96.47
N ARG UA 66 43.64 -79.21 97.57
CA ARG UA 66 44.14 -77.84 97.53
C ARG UA 66 45.62 -77.74 97.26
N SER UA 67 46.39 -78.82 97.46
CA SER UA 67 47.83 -78.77 97.26
C SER UA 67 48.17 -78.60 95.79
N GLY UA 68 47.79 -79.58 94.97
CA GLY UA 68 48.10 -79.50 93.56
C GLY UA 68 47.08 -78.66 92.83
N GLN UA 69 47.44 -77.44 92.49
CA GLN UA 69 46.51 -76.54 91.83
C GLN UA 69 46.81 -76.37 90.36
N ARG UA 70 48.08 -76.39 89.97
CA ARG UA 70 48.46 -76.38 88.57
C ARG UA 70 48.99 -77.73 88.12
N LYS UA 71 48.81 -78.77 88.94
CA LYS UA 71 49.14 -80.15 88.61
C LYS UA 71 47.84 -80.91 88.44
N PRO UA 72 47.26 -80.90 87.24
CA PRO UA 72 45.94 -81.53 87.07
C PRO UA 72 45.96 -83.04 87.14
N ALA UA 73 47.13 -83.67 87.00
CA ALA UA 73 47.18 -85.13 87.01
C ALA UA 73 46.82 -85.70 88.37
N THR UA 74 47.11 -84.97 89.45
CA THR UA 74 46.89 -85.45 90.79
C THR UA 74 45.84 -84.66 91.56
N SER UA 75 45.36 -83.55 91.02
CA SER UA 75 44.48 -82.64 91.76
C SER UA 75 43.17 -83.31 92.13
N TYR UA 76 42.52 -83.96 91.18
CA TYR UA 76 41.20 -84.52 91.43
C TYR UA 76 41.31 -85.87 92.11
N VAL UA 77 40.58 -86.03 93.20
CA VAL UA 77 40.49 -87.30 93.92
C VAL UA 77 39.07 -87.85 93.73
N ARG UA 78 38.98 -89.12 93.38
CA ARG UA 78 37.71 -89.77 93.10
C ARG UA 78 37.52 -90.95 94.06
N THR UA 79 36.33 -91.05 94.63
CA THR UA 79 35.98 -92.15 95.52
C THR UA 79 34.72 -92.82 94.99
N THR UA 80 34.84 -94.08 94.58
CA THR UA 80 33.70 -94.83 94.08
C THR UA 80 32.81 -95.25 95.25
N ILE UA 81 31.52 -94.94 95.15
CA ILE UA 81 30.54 -95.31 96.16
C ILE UA 81 29.53 -96.25 95.50
N ASN UA 82 29.34 -97.41 96.10
CA ASN UA 82 28.29 -98.35 95.69
C ASN UA 82 27.61 -98.85 96.95
N LYS UA 83 26.59 -98.10 97.38
CA LYS UA 83 25.79 -98.44 98.54
C LYS UA 83 24.32 -98.13 98.22
N ASN UA 84 23.46 -98.33 99.20
CA ASN UA 84 22.05 -98.08 98.98
C ASN UA 84 21.78 -96.57 98.87
N ALA UA 85 20.53 -96.25 98.52
CA ALA UA 85 20.20 -94.87 98.17
C ALA UA 85 20.27 -93.95 99.39
N ARG UA 86 19.79 -94.41 100.54
CA ARG UA 86 19.83 -93.56 101.72
C ARG UA 86 21.25 -93.45 102.26
N ALA UA 87 22.08 -94.47 102.04
CA ALA UA 87 23.46 -94.41 102.48
C ALA UA 87 24.35 -93.62 101.53
N THR UA 88 24.09 -93.70 100.23
CA THR UA 88 24.92 -92.96 99.29
C THR UA 88 24.67 -91.47 99.39
N LEU UA 89 23.43 -91.08 99.65
CA LEU UA 89 23.12 -89.66 99.84
C LEU UA 89 23.76 -89.13 101.11
N SER UA 90 23.72 -89.90 102.19
CA SER UA 90 24.32 -89.44 103.43
C SER UA 90 25.84 -89.42 103.37
N SER UA 91 26.46 -90.26 102.54
CA SER UA 91 27.91 -90.23 102.46
C SER UA 91 28.42 -89.01 101.72
N ILE UA 92 27.75 -88.60 100.66
CA ILE UA 92 28.18 -87.40 99.95
C ILE UA 92 27.65 -86.14 100.60
N ARG UA 93 26.71 -86.26 101.54
CA ARG UA 93 26.31 -85.10 102.32
C ARG UA 93 27.33 -84.81 103.41
N HIS UA 94 27.93 -85.84 103.98
CA HIS UA 94 28.90 -85.62 105.03
C HIS UA 94 30.23 -85.14 104.48
N MET UA 95 30.59 -85.54 103.27
CA MET UA 95 31.82 -85.02 102.68
C MET UA 95 31.75 -83.52 102.40
N ILE UA 96 30.54 -82.98 102.30
CA ILE UA 96 30.35 -81.57 102.04
C ILE UA 96 30.07 -80.80 103.32
N ARG UA 97 29.08 -81.26 104.09
CA ARG UA 97 28.66 -80.51 105.27
C ARG UA 97 29.71 -80.55 106.36
N LYS UA 98 30.27 -81.73 106.64
CA LYS UA 98 31.22 -81.90 107.72
C LYS UA 98 32.66 -81.83 107.24
N ASN UA 99 32.91 -81.07 106.17
CA ASN UA 99 34.28 -80.77 105.77
C ASN UA 99 34.40 -79.33 105.33
N LYS UA 100 33.27 -78.61 105.31
CA LYS UA 100 33.20 -77.22 104.86
C LYS UA 100 33.83 -77.07 103.48
N TYR UA 101 33.28 -77.80 102.51
CA TYR UA 101 33.84 -77.88 101.16
C TYR UA 101 32.74 -77.52 100.18
N HIS UA 102 32.64 -76.24 99.80
CA HIS UA 102 31.49 -75.72 99.08
C HIS UA 102 30.17 -76.16 99.71
N PRO UA 103 29.84 -75.67 100.90
CA PRO UA 103 28.56 -76.05 101.51
C PRO UA 103 27.36 -75.48 100.80
N ASP UA 104 27.55 -74.57 99.86
CA ASP UA 104 26.46 -74.13 98.99
C ASP UA 104 26.19 -75.10 97.86
N LEU UA 105 26.84 -76.27 97.86
CA LEU UA 105 26.63 -77.26 96.82
C LEU UA 105 26.15 -78.60 97.36
N ARG UA 106 25.79 -78.70 98.64
CA ARG UA 106 25.39 -79.99 99.17
C ARG UA 106 24.09 -80.46 98.55
N MET UA 107 23.07 -79.61 98.56
CA MET UA 107 21.78 -80.03 98.03
C MET UA 107 21.85 -80.21 96.52
N ALA UA 108 22.61 -79.36 95.84
CA ALA UA 108 22.73 -79.48 94.39
C ALA UA 108 23.44 -80.78 93.99
N ALA UA 109 24.43 -81.20 94.76
CA ALA UA 109 25.11 -82.45 94.44
C ALA UA 109 24.30 -83.66 94.88
N ILE UA 110 23.39 -83.48 95.82
CA ILE UA 110 22.52 -84.58 96.23
C ILE UA 110 21.50 -84.87 95.13
N ARG UA 111 20.99 -83.82 94.47
CA ARG UA 111 20.04 -84.04 93.37
C ARG UA 111 20.70 -84.83 92.25
N ARG UA 112 21.95 -84.49 91.92
CA ARG UA 112 22.61 -85.15 90.80
C ARG UA 112 22.90 -86.61 91.12
N ALA UA 113 23.33 -86.90 92.34
CA ALA UA 113 23.58 -88.27 92.72
C ALA UA 113 22.30 -89.08 92.73
N SER UA 114 21.22 -88.50 93.28
CA SER UA 114 19.93 -89.17 93.28
C SER UA 114 19.43 -89.39 91.86
N ALA UA 115 19.69 -88.42 90.98
CA ALA UA 115 19.28 -88.59 89.59
C ALA UA 115 20.08 -89.67 88.90
N ILE UA 116 21.35 -89.81 89.26
CA ILE UA 116 22.17 -90.88 88.68
C ILE UA 116 21.74 -92.23 89.22
N LEU UA 117 21.45 -92.30 90.52
CA LEU UA 117 21.04 -93.57 91.12
C LEU UA 117 19.71 -94.04 90.57
N ARG UA 118 18.79 -93.12 90.30
CA ARG UA 118 17.53 -93.50 89.71
C ARG UA 118 17.70 -93.95 88.27
N SER UA 119 18.71 -93.42 87.58
CA SER UA 119 19.00 -93.89 86.24
C SER UA 119 19.55 -95.31 86.26
N GLN UA 120 20.45 -95.60 87.19
CA GLN UA 120 21.00 -96.95 87.31
C GLN UA 120 20.02 -97.93 87.92
N LYS UA 121 18.87 -97.49 88.34
CA LYS UA 121 17.78 -98.37 88.73
C LYS UA 121 17.14 -98.96 87.48
N PRO UA 122 16.78 -100.27 87.50
CA PRO UA 122 16.26 -100.94 86.30
C PRO UA 122 15.07 -100.25 85.64
N VAL UA 123 15.06 -100.30 84.29
CA VAL UA 123 14.12 -99.52 83.50
C VAL UA 123 12.78 -100.25 83.42
N MET UA 124 11.70 -99.48 83.36
CA MET UA 124 10.37 -100.02 83.14
C MET UA 124 10.05 -100.11 81.65
N ASP VA 1 -67.23 19.52 67.38
CA ASP VA 1 -67.35 18.14 66.93
C ASP VA 1 -68.68 17.55 67.38
N ARG VA 2 -68.69 16.26 67.69
CA ARG VA 2 -69.90 15.55 68.05
C ARG VA 2 -70.12 15.46 69.56
N ALA VA 3 -69.06 15.44 70.36
CA ALA VA 3 -69.22 15.45 71.81
C ALA VA 3 -69.87 16.76 72.28
N THR VA 4 -69.51 17.87 71.63
CA THR VA 4 -70.20 19.13 71.86
C THR VA 4 -71.49 19.25 71.07
N TRP VA 5 -71.81 18.28 70.21
CA TRP VA 5 -73.08 18.26 69.51
C TRP VA 5 -74.14 17.46 70.25
N LYS VA 6 -73.75 16.31 70.82
CA LYS VA 6 -74.71 15.48 71.56
C LYS VA 6 -75.24 16.21 72.79
N SER VA 7 -74.41 17.06 73.39
CA SER VA 7 -74.91 17.93 74.45
C SER VA 7 -75.78 19.06 73.91
N ASN VA 8 -75.54 19.50 72.67
CA ASN VA 8 -76.40 20.51 72.08
C ASN VA 8 -77.78 19.96 71.72
N TYR VA 9 -77.84 18.67 71.38
CA TYR VA 9 -79.13 18.00 71.23
C TYR VA 9 -79.78 17.73 72.58
N PHE VA 10 -79.00 17.68 73.66
CA PHE VA 10 -79.51 17.54 75.03
C PHE VA 10 -80.03 18.85 75.62
N LEU VA 11 -80.04 19.94 74.87
CA LEU VA 11 -80.54 21.22 75.36
C LEU VA 11 -81.60 21.84 74.47
N LYS VA 12 -81.94 21.23 73.34
CA LYS VA 12 -82.98 21.72 72.45
C LYS VA 12 -84.31 21.00 72.66
N ILE VA 13 -84.27 19.68 72.77
CA ILE VA 13 -85.50 18.91 72.95
C ILE VA 13 -86.03 19.02 74.37
N ILE VA 14 -85.14 19.34 75.34
CA ILE VA 14 -85.54 19.39 76.74
C ILE VA 14 -86.32 20.66 77.05
N GLN VA 15 -85.88 21.81 76.52
CA GLN VA 15 -86.61 23.06 76.71
C GLN VA 15 -87.85 23.12 75.83
N LEU VA 16 -88.14 22.07 75.07
CA LEU VA 16 -89.39 21.93 74.35
C LEU VA 16 -90.23 20.76 74.87
N LEU VA 17 -89.73 20.04 75.88
CA LEU VA 17 -90.52 19.08 76.65
C LEU VA 17 -91.11 19.70 77.91
N ASP VA 18 -90.55 20.82 78.38
CA ASP VA 18 -91.10 21.55 79.51
C ASP VA 18 -91.76 22.86 79.10
N ASP VA 19 -91.71 23.20 77.80
CA ASP VA 19 -92.45 24.35 77.30
C ASP VA 19 -93.77 23.95 76.65
N TYR VA 20 -93.91 22.68 76.24
CA TYR VA 20 -95.14 22.17 75.62
C TYR VA 20 -95.54 20.88 76.31
N PRO VA 21 -96.44 20.97 77.31
CA PRO VA 21 -97.01 19.74 77.90
C PRO VA 21 -98.09 19.08 77.05
N LYS VA 22 -98.21 19.45 75.77
CA LYS VA 22 -99.01 18.72 74.81
C LYS VA 22 -98.12 18.39 73.62
N CYS VA 23 -97.97 17.10 73.33
CA CYS VA 23 -97.02 16.62 72.34
C CYS VA 23 -97.74 15.79 71.28
N PHE VA 24 -97.19 15.79 70.07
CA PHE VA 24 -97.76 15.06 68.94
C PHE VA 24 -96.65 14.17 68.38
N ILE VA 25 -96.70 12.89 68.74
CA ILE VA 25 -95.66 11.92 68.38
C ILE VA 25 -95.83 11.54 66.92
N VAL VA 26 -95.03 12.13 66.04
CA VAL VA 26 -95.13 11.86 64.61
C VAL VA 26 -94.03 10.90 64.18
N GLY VA 27 -94.42 9.86 63.45
CA GLY VA 27 -93.47 8.97 62.84
C GLY VA 27 -93.29 9.33 61.38
N ALA VA 28 -92.05 9.59 60.97
CA ALA VA 28 -91.79 9.91 59.57
C ALA VA 28 -91.91 8.65 58.74
N ASP VA 29 -93.08 8.42 58.15
CA ASP VA 29 -93.31 7.27 57.29
C ASP VA 29 -92.94 7.65 55.86
N ASN VA 30 -91.69 7.35 55.51
CA ASN VA 30 -91.18 7.35 54.14
C ASN VA 30 -91.33 8.72 53.48
N VAL VA 31 -91.21 9.78 54.27
CA VAL VA 31 -91.42 11.13 53.75
C VAL VA 31 -90.13 11.66 53.17
N GLY VA 32 -90.25 12.49 52.15
CA GLY VA 32 -89.11 13.00 51.43
C GLY VA 32 -88.71 14.39 51.86
N SER VA 33 -87.70 14.93 51.16
CA SER VA 33 -87.13 16.23 51.50
C SER VA 33 -87.90 17.37 50.87
N LYS VA 34 -89.07 17.11 50.29
CA LYS VA 34 -89.98 18.16 49.88
C LYS VA 34 -91.33 18.10 50.56
N GLN VA 35 -91.67 16.99 51.19
CA GLN VA 35 -92.89 16.88 51.98
C GLN VA 35 -92.66 17.29 53.42
N MET VA 36 -91.41 17.50 53.83
CA MET VA 36 -91.11 18.03 55.15
C MET VA 36 -91.17 19.54 55.19
N GLN VA 37 -91.04 20.22 54.05
CA GLN VA 37 -91.25 21.65 53.97
C GLN VA 37 -92.72 22.03 53.92
N GLN VA 38 -93.60 21.08 53.59
CA GLN VA 38 -95.04 21.30 53.49
C GLN VA 38 -95.76 21.02 54.80
N ILE VA 39 -95.36 19.98 55.53
CA ILE VA 39 -95.90 19.78 56.87
C ILE VA 39 -95.50 20.92 57.78
N ARG VA 40 -94.26 21.38 57.65
CA ARG VA 40 -93.79 22.59 58.29
C ARG VA 40 -93.79 23.72 57.26
N MET VA 41 -94.99 24.17 56.89
CA MET VA 41 -95.19 25.30 56.00
C MET VA 41 -95.46 26.57 56.78
N SER VA 42 -96.51 26.56 57.61
CA SER VA 42 -96.70 27.55 58.64
C SER VA 42 -96.39 26.99 60.02
N LEU VA 43 -96.21 25.68 60.15
CA LEU VA 43 -95.84 25.05 61.42
C LEU VA 43 -94.51 25.60 61.90
N ARG VA 44 -93.53 25.71 61.00
CA ARG VA 44 -92.33 26.46 61.33
C ARG VA 44 -92.66 27.95 61.45
N GLY VA 45 -92.49 28.48 62.66
CA GLY VA 45 -92.86 29.83 62.97
C GLY VA 45 -94.11 29.98 63.85
N LYS VA 46 -94.85 28.91 64.10
CA LYS VA 46 -95.99 28.95 65.01
C LYS VA 46 -95.95 27.76 65.95
N ALA VA 47 -95.18 26.73 65.58
CA ALA VA 47 -95.06 25.54 66.40
C ALA VA 47 -93.69 24.93 66.14
N VAL VA 48 -93.45 23.78 66.77
CA VAL VA 48 -92.13 23.15 66.74
C VAL VA 48 -92.27 21.69 66.30
N VAL VA 49 -91.42 21.28 65.37
CA VAL VA 49 -91.40 19.91 64.86
C VAL VA 49 -89.96 19.40 64.98
N LEU VA 50 -89.75 18.40 65.84
CA LEU VA 50 -88.42 17.88 66.14
C LEU VA 50 -88.33 16.38 65.88
N MET VA 51 -87.54 16.01 64.87
CA MET VA 51 -87.18 14.61 64.63
C MET VA 51 -85.91 14.29 65.43
N GLY VA 52 -85.28 13.15 65.18
CA GLY VA 52 -84.01 12.86 65.82
C GLY VA 52 -83.79 11.38 66.04
N LYS VA 53 -82.80 11.09 66.90
CA LYS VA 53 -82.37 9.72 67.21
C LYS VA 53 -83.27 9.14 68.29
N ASN VA 54 -84.03 8.09 67.93
CA ASN VA 54 -85.05 7.58 68.83
C ASN VA 54 -84.44 6.83 70.02
N THR VA 55 -83.23 6.30 69.87
CA THR VA 55 -82.53 5.69 70.99
C THR VA 55 -81.83 6.71 71.87
N MET VA 56 -81.82 7.98 71.49
CA MET VA 56 -81.23 9.03 72.31
C MET VA 56 -82.25 9.74 73.18
N MET VA 57 -83.49 9.87 72.71
CA MET VA 57 -84.55 10.36 73.57
C MET VA 57 -84.86 9.40 74.70
N ARG VA 58 -84.63 8.10 74.51
CA ARG VA 58 -84.82 7.12 75.58
C ARG VA 58 -83.75 7.19 76.66
N LYS VA 59 -82.89 8.21 76.63
CA LYS VA 59 -82.02 8.56 77.75
C LYS VA 59 -82.30 9.94 78.32
N ALA VA 60 -82.56 10.93 77.48
CA ALA VA 60 -82.83 12.29 77.94
C ALA VA 60 -84.22 12.44 78.54
N ILE VA 61 -85.11 11.47 78.34
CA ILE VA 61 -86.38 11.46 79.05
C ILE VA 61 -86.27 10.70 80.36
N ARG VA 62 -85.33 9.75 80.45
CA ARG VA 62 -84.99 9.13 81.73
C ARG VA 62 -84.51 10.14 82.76
N GLY VA 63 -83.85 11.22 82.32
CA GLY VA 63 -83.55 12.31 83.24
C GLY VA 63 -84.76 13.11 83.65
N HIS VA 64 -85.81 13.10 82.84
CA HIS VA 64 -87.09 13.66 83.22
C HIS VA 64 -87.98 12.67 83.97
N LEU VA 65 -87.49 11.45 84.21
CA LEU VA 65 -88.21 10.46 84.98
C LEU VA 65 -88.11 10.68 86.48
N GLU VA 66 -87.11 11.44 86.94
CA GLU VA 66 -86.93 11.70 88.36
C GLU VA 66 -87.57 13.01 88.80
N ASN VA 67 -88.15 13.77 87.87
CA ASN VA 67 -88.85 15.00 88.21
C ASN VA 67 -90.28 14.99 87.66
N ASN VA 68 -90.46 14.45 86.47
CA ASN VA 68 -91.76 14.51 85.82
C ASN VA 68 -92.40 13.13 85.81
N PRO VA 69 -93.50 12.91 86.53
CA PRO VA 69 -94.18 11.61 86.50
C PRO VA 69 -95.07 11.39 85.28
N ALA VA 70 -95.24 12.38 84.42
CA ALA VA 70 -96.15 12.28 83.28
C ALA VA 70 -95.41 12.08 81.96
N LEU VA 71 -94.18 11.55 82.01
CA LEU VA 71 -93.42 11.27 80.81
C LEU VA 71 -92.90 9.84 80.82
N GLU VA 72 -93.26 9.07 81.85
CA GLU VA 72 -92.69 7.74 82.04
C GLU VA 72 -93.29 6.71 81.10
N LYS VA 73 -94.62 6.74 80.90
CA LYS VA 73 -95.34 5.73 80.14
C LYS VA 73 -95.12 5.84 78.64
N LEU VA 74 -94.35 6.82 78.18
CA LEU VA 74 -94.06 6.99 76.76
C LEU VA 74 -92.89 6.15 76.32
N LEU VA 75 -92.09 5.63 77.24
CA LEU VA 75 -90.83 4.99 76.91
C LEU VA 75 -90.98 3.62 76.26
N PRO VA 76 -91.96 2.74 76.65
CA PRO VA 76 -92.21 1.57 75.78
C PRO VA 76 -93.17 1.88 74.63
N HIS VA 77 -92.97 3.01 73.94
CA HIS VA 77 -93.82 3.38 72.81
C HIS VA 77 -93.05 4.01 71.66
N ILE VA 78 -91.72 4.06 71.73
CA ILE VA 78 -90.94 4.67 70.65
C ILE VA 78 -90.26 3.58 69.83
N ARG VA 79 -90.84 3.24 68.68
CA ARG VA 79 -90.26 2.29 67.75
C ARG VA 79 -90.45 2.81 66.33
N GLY VA 80 -89.42 2.69 65.49
CA GLY VA 80 -89.48 3.16 64.13
C GLY VA 80 -88.91 4.56 63.97
N ASN VA 81 -88.89 5.01 62.71
CA ASN VA 81 -88.49 6.38 62.41
C ASN VA 81 -89.55 7.33 62.93
N VAL VA 82 -89.28 7.97 64.08
CA VAL VA 82 -90.27 8.77 64.80
C VAL VA 82 -89.64 10.13 65.13
N GLY VA 83 -90.48 11.17 65.08
CA GLY VA 83 -90.10 12.50 65.54
C GLY VA 83 -91.13 13.07 66.50
N PHE VA 84 -91.04 14.36 66.80
CA PHE VA 84 -91.97 15.01 67.71
C PHE VA 84 -92.52 16.29 67.09
N VAL VA 85 -93.71 16.66 67.54
CA VAL VA 85 -94.29 17.98 67.28
C VAL VA 85 -94.82 18.50 68.62
N PHE VA 86 -94.36 19.69 69.01
CA PHE VA 86 -94.76 20.30 70.26
C PHE VA 86 -95.75 21.43 69.98
N THR VA 87 -96.97 21.29 70.50
CA THR VA 87 -98.08 22.17 70.16
C THR VA 87 -98.81 22.61 71.42
N LYS VA 88 -99.24 23.87 71.45
CA LYS VA 88 -99.95 24.42 72.59
C LYS VA 88 -101.28 25.07 72.26
N GLU VA 89 -101.42 25.71 71.10
CA GLU VA 89 -102.59 26.50 70.75
C GLU VA 89 -103.87 25.69 70.72
N ASP VA 90 -103.91 24.64 69.91
CA ASP VA 90 -105.05 23.76 69.77
C ASP VA 90 -104.59 22.43 69.18
N LEU VA 91 -105.31 21.36 69.48
CA LEU VA 91 -104.80 20.03 69.15
C LEU VA 91 -105.51 19.43 67.93
N THR VA 92 -106.83 19.61 67.84
CA THR VA 92 -107.59 18.94 66.79
C THR VA 92 -107.47 19.65 65.46
N GLU VA 93 -107.46 21.00 65.48
CA GLU VA 93 -107.57 21.77 64.26
C GLU VA 93 -106.32 21.63 63.39
N ILE VA 94 -105.13 21.74 63.99
CA ILE VA 94 -103.91 21.57 63.22
C ILE VA 94 -103.68 20.11 62.85
N ARG VA 95 -104.27 19.19 63.61
CA ARG VA 95 -104.15 17.77 63.26
C ARG VA 95 -104.86 17.48 61.93
N ASP VA 96 -105.99 18.15 61.70
CA ASP VA 96 -106.67 18.04 60.41
C ASP VA 96 -105.87 18.70 59.30
N MET VA 97 -104.95 19.59 59.64
CA MET VA 97 -103.98 20.12 58.69
C MET VA 97 -102.73 19.26 58.61
N LEU VA 98 -102.46 18.41 59.61
CA LEU VA 98 -101.49 17.35 59.50
C LEU VA 98 -102.07 16.12 58.81
N LEU VA 99 -103.29 16.24 58.26
CA LEU VA 99 -103.96 15.20 57.50
C LEU VA 99 -104.07 15.52 56.02
N ALA VA 100 -104.05 16.80 55.64
CA ALA VA 100 -104.14 17.22 54.25
C ALA VA 100 -102.80 17.63 53.67
N ASN VA 101 -101.69 17.29 54.35
CA ASN VA 101 -100.35 17.63 53.86
C ASN VA 101 -99.84 16.48 53.00
N LYS VA 102 -100.45 16.36 51.81
CA LYS VA 102 -100.19 15.26 50.88
C LYS VA 102 -99.83 15.84 49.52
N VAL VA 103 -98.58 15.68 49.11
CA VAL VA 103 -98.14 15.95 47.74
C VAL VA 103 -97.92 14.61 47.04
N PRO VA 104 -98.61 14.33 45.93
CA PRO VA 104 -98.49 13.00 45.29
C PRO VA 104 -97.11 12.70 44.73
N ALA VA 105 -96.55 11.54 45.10
CA ALA VA 105 -95.23 11.14 44.67
C ALA VA 105 -95.30 9.78 43.97
N ALA VA 106 -94.16 9.38 43.41
CA ALA VA 106 -94.06 8.12 42.69
C ALA VA 106 -94.10 6.94 43.67
N ALA VA 107 -94.29 5.74 43.10
CA ALA VA 107 -94.47 4.51 43.87
C ALA VA 107 -93.43 3.48 43.44
N ARG VA 108 -92.60 3.05 44.38
CA ARG VA 108 -91.57 2.06 44.11
C ARG VA 108 -91.99 0.69 44.66
N ALA VA 109 -91.42 -0.35 44.07
CA ALA VA 109 -91.79 -1.73 44.38
C ALA VA 109 -91.30 -2.15 45.76
N GLY VA 110 -92.13 -2.94 46.45
CA GLY VA 110 -91.76 -3.45 47.74
C GLY VA 110 -92.67 -2.96 48.85
N ALA VA 111 -93.24 -1.79 48.68
CA ALA VA 111 -94.01 -1.14 49.73
C ALA VA 111 -95.41 -1.73 49.79
N ILE VA 112 -96.22 -1.24 50.74
CA ILE VA 112 -97.59 -1.66 50.90
C ILE VA 112 -98.48 -0.42 50.72
N ALA VA 113 -99.78 -0.66 50.51
CA ALA VA 113 -100.77 0.40 50.40
C ALA VA 113 -101.96 0.08 51.29
N PRO VA 114 -102.47 1.04 52.07
CA PRO VA 114 -103.66 0.76 52.89
C PRO VA 114 -104.96 0.71 52.09
N CYS VA 115 -104.94 1.02 50.80
CA CYS VA 115 -106.14 1.04 49.99
C CYS VA 115 -105.85 0.42 48.62
N GLU VA 116 -106.72 0.68 47.65
CA GLU VA 116 -106.60 0.12 46.31
C GLU VA 116 -106.06 1.16 45.33
N VAL VA 117 -105.45 0.66 44.26
CA VAL VA 117 -104.92 1.49 43.18
C VAL VA 117 -105.89 1.48 42.00
N THR VA 118 -106.21 2.66 41.49
CA THR VA 118 -107.16 2.81 40.40
C THR VA 118 -106.46 3.39 39.18
N VAL VA 119 -107.07 3.19 38.01
CA VAL VA 119 -106.56 3.78 36.77
C VAL VA 119 -107.72 4.30 35.93
N PRO VA 120 -108.01 5.60 35.99
CA PRO VA 120 -109.14 6.16 35.22
C PRO VA 120 -108.90 6.07 33.72
N ALA VA 121 -109.98 5.83 32.98
CA ALA VA 121 -109.91 5.58 31.55
C ALA VA 121 -109.53 6.86 30.82
N GLN VA 122 -108.31 6.88 30.28
CA GLN VA 122 -107.80 8.03 29.55
C GLN VA 122 -106.63 7.55 28.68
N ASN VA 123 -106.09 8.44 27.87
CA ASN VA 123 -105.00 8.11 26.97
C ASN VA 123 -103.71 7.84 27.75
N THR VA 124 -102.74 7.25 27.06
CA THR VA 124 -101.41 7.02 27.61
C THR VA 124 -100.48 8.21 27.38
N GLY VA 125 -100.38 8.66 26.13
CA GLY VA 125 -99.53 9.79 25.80
C GLY VA 125 -98.52 9.44 24.73
N LEU VA 126 -98.47 8.17 24.34
CA LEU VA 126 -97.57 7.70 23.30
C LEU VA 126 -98.40 7.31 22.08
N GLY VA 127 -97.73 6.77 21.07
CA GLY VA 127 -98.39 6.41 19.84
C GLY VA 127 -98.34 4.91 19.61
N PRO VA 128 -97.79 4.50 18.47
CA PRO VA 128 -97.55 3.07 18.25
C PRO VA 128 -96.45 2.54 19.14
N GLU VA 129 -96.78 2.24 20.39
CA GLU VA 129 -95.80 1.87 21.40
C GLU VA 129 -96.01 0.40 21.81
N LYS VA 130 -95.19 -0.05 22.76
CA LYS VA 130 -95.16 -1.45 23.16
C LYS VA 130 -96.28 -1.73 24.16
N THR VA 131 -97.24 -2.55 23.74
CA THR VA 131 -98.43 -2.83 24.52
C THR VA 131 -98.29 -4.12 25.34
N SER VA 132 -97.24 -4.90 25.08
CA SER VA 132 -97.11 -6.22 25.71
C SER VA 132 -96.78 -6.14 27.19
N PHE VA 133 -96.35 -4.99 27.69
CA PHE VA 133 -96.05 -4.86 29.11
C PHE VA 133 -97.32 -4.87 29.94
N PHE VA 134 -98.32 -4.10 29.52
CA PHE VA 134 -99.55 -3.97 30.31
C PHE VA 134 -100.33 -5.27 30.37
N GLN VA 135 -100.35 -6.02 29.26
CA GLN VA 135 -101.21 -7.20 29.17
C GLN VA 135 -100.67 -8.39 29.94
N ALA VA 136 -99.38 -8.37 30.32
CA ALA VA 136 -98.83 -9.45 31.13
C ALA VA 136 -99.47 -9.48 32.50
N LEU VA 137 -99.85 -8.31 33.01
CA LEU VA 137 -100.56 -8.23 34.28
C LEU VA 137 -102.00 -8.71 34.16
N GLY VA 138 -102.65 -8.39 33.03
CA GLY VA 138 -104.05 -8.74 32.85
C GLY VA 138 -104.91 -7.53 32.53
N ILE VA 139 -104.27 -6.45 32.10
CA ILE VA 139 -104.95 -5.20 31.80
C ILE VA 139 -105.40 -5.22 30.34
N THR VA 140 -106.64 -4.78 30.11
CA THR VA 140 -107.22 -4.72 28.77
C THR VA 140 -106.75 -3.42 28.12
N THR VA 141 -105.83 -3.54 27.16
CA THR VA 141 -105.15 -2.39 26.55
C THR VA 141 -105.14 -2.57 25.04
N LYS VA 142 -105.96 -1.80 24.34
CA LYS VA 142 -106.08 -1.88 22.89
C LYS VA 142 -105.83 -0.49 22.29
N ILE VA 143 -105.13 -0.46 21.15
CA ILE VA 143 -104.85 0.79 20.44
C ILE VA 143 -106.13 1.41 19.90
N SER VA 144 -106.35 2.70 20.16
CA SER VA 144 -107.58 3.38 19.76
C SER VA 144 -107.22 4.74 19.16
N ARG VA 145 -107.19 4.80 17.82
CA ARG VA 145 -106.90 6.02 17.06
C ARG VA 145 -105.53 6.59 17.40
N GLY VA 146 -104.50 5.75 17.26
CA GLY VA 146 -103.14 6.17 17.47
C GLY VA 146 -102.68 6.10 18.91
N THR VA 147 -103.17 7.03 19.73
CA THR VA 147 -102.79 7.06 21.13
C THR VA 147 -103.47 5.93 21.88
N ILE VA 148 -102.68 5.17 22.65
CA ILE VA 148 -103.21 4.01 23.35
C ILE VA 148 -104.14 4.47 24.48
N GLU VA 149 -105.34 3.91 24.49
CA GLU VA 149 -106.37 4.27 25.46
C GLU VA 149 -106.88 3.01 26.14
N ILE VA 150 -106.87 3.01 27.47
CA ILE VA 150 -107.46 1.91 28.23
C ILE VA 150 -108.95 2.14 28.35
N LEU VA 151 -109.72 1.05 28.24
CA LEU VA 151 -111.17 1.14 28.10
C LEU VA 151 -111.89 1.09 29.44
N SER VA 152 -111.63 0.08 30.25
CA SER VA 152 -112.29 -0.10 31.53
C SER VA 152 -111.32 0.11 32.69
N ASP VA 153 -111.85 0.10 33.91
CA ASP VA 153 -111.08 0.38 35.12
C ASP VA 153 -110.74 -0.94 35.82
N VAL VA 154 -109.45 -1.26 35.89
CA VAL VA 154 -108.96 -2.50 36.47
C VAL VA 154 -108.04 -2.16 37.64
N GLN VA 155 -108.25 -2.82 38.78
CA GLN VA 155 -107.48 -2.60 39.99
C GLN VA 155 -106.38 -3.66 40.07
N LEU VA 156 -105.14 -3.23 40.26
CA LEU VA 156 -104.00 -4.14 40.18
C LEU VA 156 -103.54 -4.65 41.54
N ILE VA 157 -103.57 -3.81 42.56
CA ILE VA 157 -103.11 -4.19 43.89
C ILE VA 157 -104.23 -3.96 44.89
N LYS VA 158 -104.51 -4.99 45.67
CA LYS VA 158 -105.59 -5.01 46.64
C LYS VA 158 -105.02 -4.81 48.04
N THR VA 159 -105.89 -4.95 49.04
CA THR VA 159 -105.51 -4.65 50.42
C THR VA 159 -104.47 -5.64 50.92
N GLY VA 160 -103.39 -5.11 51.50
CA GLY VA 160 -102.40 -5.93 52.17
C GLY VA 160 -101.45 -6.69 51.28
N ASP VA 161 -101.14 -6.18 50.09
CA ASP VA 161 -100.35 -6.91 49.11
C ASP VA 161 -98.96 -6.29 48.98
N LYS VA 162 -98.17 -6.85 48.08
CA LYS VA 162 -96.81 -6.43 47.83
C LYS VA 162 -96.68 -5.87 46.41
N VAL VA 163 -95.95 -4.77 46.28
CA VAL VA 163 -95.76 -4.14 44.98
C VAL VA 163 -94.58 -4.80 44.29
N GLY VA 164 -94.81 -5.27 43.05
CA GLY VA 164 -93.75 -5.89 42.27
C GLY VA 164 -93.04 -4.89 41.38
N ALA VA 165 -91.92 -5.35 40.80
CA ALA VA 165 -91.09 -4.51 39.96
C ALA VA 165 -91.68 -4.26 38.59
N SER VA 166 -92.71 -5.02 38.20
CA SER VA 166 -93.39 -4.85 36.92
C SER VA 166 -94.71 -4.13 37.04
N GLU VA 167 -95.11 -3.72 38.24
CA GLU VA 167 -96.45 -3.22 38.50
C GLU VA 167 -96.48 -1.74 38.90
N ALA VA 168 -95.32 -1.08 38.92
CA ALA VA 168 -95.23 0.32 39.32
C ALA VA 168 -94.64 1.23 38.25
N THR VA 169 -93.77 0.70 37.37
CA THR VA 169 -93.19 1.53 36.32
C THR VA 169 -94.22 1.94 35.28
N LEU VA 170 -95.23 1.11 35.03
CA LEU VA 170 -96.20 1.38 33.98
C LEU VA 170 -97.18 2.49 34.35
N LEU VA 171 -97.17 2.96 35.60
CA LEU VA 171 -97.98 4.10 36.00
C LEU VA 171 -97.25 5.42 35.92
N ASN VA 172 -95.92 5.43 35.96
CA ASN VA 172 -95.15 6.68 35.91
C ASN VA 172 -95.03 7.24 34.50
N MET VA 173 -95.38 6.45 33.48
CA MET VA 173 -95.56 6.95 32.12
C MET VA 173 -96.98 7.44 31.88
N LEU VA 174 -97.91 7.10 32.79
CA LEU VA 174 -99.27 7.63 32.77
C LEU VA 174 -99.48 8.76 33.77
N ASN VA 175 -98.43 9.18 34.48
CA ASN VA 175 -98.44 10.29 35.44
C ASN VA 175 -99.39 10.05 36.62
N ILE VA 176 -99.61 8.79 36.99
CA ILE VA 176 -100.61 8.41 37.98
C ILE VA 176 -99.91 7.67 39.13
N SER VA 177 -100.35 7.96 40.39
CA SER VA 177 -99.90 7.35 41.63
C SER VA 177 -101.05 6.67 42.37
N PRO VA 178 -100.80 5.56 43.06
CA PRO VA 178 -101.87 4.97 43.88
C PRO VA 178 -102.24 5.79 45.10
N PHE VA 179 -101.25 6.20 45.90
CA PHE VA 179 -101.51 6.86 47.17
C PHE VA 179 -100.43 7.91 47.41
N SER VA 180 -100.86 9.10 47.83
CA SER VA 180 -99.93 10.20 48.07
C SER VA 180 -99.29 10.05 49.45
N PHE VA 181 -98.10 10.63 49.60
CA PHE VA 181 -97.28 10.33 50.76
C PHE VA 181 -97.39 11.42 51.82
N GLY VA 182 -97.48 10.98 53.07
CA GLY VA 182 -97.54 11.87 54.22
C GLY VA 182 -97.44 11.11 55.54
N LEU VA 183 -96.68 11.65 56.49
CA LEU VA 183 -96.36 10.90 57.70
C LEU VA 183 -97.59 10.71 58.59
N ILE VA 184 -97.71 9.50 59.13
CA ILE VA 184 -98.81 9.13 60.01
C ILE VA 184 -98.37 9.41 61.44
N ILE VA 185 -99.23 10.08 62.21
CA ILE VA 185 -99.00 10.23 63.64
C ILE VA 185 -99.03 8.85 64.27
N GLN VA 186 -97.97 8.52 65.02
CA GLN VA 186 -97.86 7.19 65.60
C GLN VA 186 -98.71 7.07 66.87
N GLN VA 187 -98.43 7.88 67.88
CA GLN VA 187 -99.28 7.99 69.06
C GLN VA 187 -99.50 9.46 69.37
N VAL VA 188 -100.47 9.73 70.23
CA VAL VA 188 -100.79 11.08 70.66
C VAL VA 188 -100.52 11.17 72.17
N PHE VA 189 -100.32 12.40 72.64
CA PHE VA 189 -99.98 12.62 74.05
C PHE VA 189 -100.53 13.98 74.47
N ASP VA 190 -101.43 13.98 75.46
CA ASP VA 190 -102.13 15.19 75.86
C ASP VA 190 -102.04 15.35 77.38
N ASN VA 191 -101.38 16.42 77.83
CA ASN VA 191 -101.40 16.88 79.22
C ASN VA 191 -100.86 15.88 80.24
N GLY VA 192 -100.34 14.74 79.77
CA GLY VA 192 -99.99 13.64 80.65
C GLY VA 192 -100.87 12.43 80.41
N SER VA 193 -101.55 12.40 79.26
CA SER VA 193 -102.42 11.30 78.90
C SER VA 193 -102.12 10.85 77.47
N ILE VA 194 -102.35 9.56 77.21
CA ILE VA 194 -102.15 8.96 75.90
C ILE VA 194 -103.50 8.48 75.40
N TYR VA 195 -103.90 8.96 74.22
CA TYR VA 195 -105.21 8.66 73.67
C TYR VA 195 -105.08 8.10 72.25
N ASN VA 196 -106.21 7.63 71.72
CA ASN VA 196 -106.27 6.99 70.42
C ASN VA 196 -107.63 7.21 69.77
N SER WA 28 -32.22 29.41 -1.69
CA SER WA 28 -32.36 30.14 -2.95
C SER WA 28 -32.35 31.63 -2.70
N ARG WA 29 -32.87 32.04 -1.55
CA ARG WA 29 -32.78 33.44 -1.16
C ARG WA 29 -31.34 33.86 -0.91
N TYR WA 30 -30.49 32.90 -0.55
CA TYR WA 30 -29.07 33.18 -0.34
C TYR WA 30 -28.39 33.58 -1.64
N THR WA 31 -28.89 33.10 -2.78
CA THR WA 31 -28.39 33.59 -4.06
C THR WA 31 -28.83 35.02 -4.33
N HIS WA 32 -29.98 35.43 -3.82
CA HIS WA 32 -30.41 36.82 -3.86
C HIS WA 32 -29.64 37.69 -2.87
N PHE WA 33 -28.71 37.09 -2.13
CA PHE WA 33 -27.77 37.83 -1.30
C PHE WA 33 -26.40 37.89 -1.93
N LEU WA 34 -25.90 36.76 -2.44
CA LEU WA 34 -24.57 36.69 -3.05
C LEU WA 34 -24.43 37.56 -4.28
N THR WA 35 -25.53 37.92 -4.93
CA THR WA 35 -25.46 38.81 -6.07
C THR WA 35 -25.67 40.26 -5.69
N GLN WA 36 -26.59 40.55 -4.77
CA GLN WA 36 -26.81 41.93 -4.37
C GLN WA 36 -25.66 42.43 -3.52
N HIS WA 37 -25.21 41.64 -2.56
CA HIS WA 37 -24.29 42.16 -1.55
C HIS WA 37 -23.02 41.33 -1.43
N TYR WA 38 -22.47 40.87 -2.55
CA TYR WA 38 -21.22 40.12 -2.49
C TYR WA 38 -20.50 40.21 -3.83
N ASP WA 39 -19.24 40.65 -3.79
CA ASP WA 39 -18.36 40.50 -4.93
C ASP WA 39 -17.07 39.90 -4.38
N ALA WA 40 -16.71 38.74 -4.91
CA ALA WA 40 -15.61 37.93 -4.40
C ALA WA 40 -14.32 38.73 -4.31
N LYS WA 41 -13.86 39.25 -5.44
CA LYS WA 41 -12.66 40.07 -5.47
C LYS WA 41 -12.92 41.29 -6.34
N PRO WA 42 -13.04 42.48 -5.75
CA PRO WA 42 -13.22 43.68 -6.53
C PRO WA 42 -11.94 44.04 -7.26
N GLN WA 43 -12.08 44.69 -8.39
CA GLN WA 43 -10.95 45.02 -9.23
C GLN WA 43 -10.85 46.52 -9.50
N GLY WA 44 -11.89 47.27 -9.16
CA GLY WA 44 -11.76 48.69 -9.37
C GLY WA 44 -11.86 49.54 -8.12
N ARG WA 45 -12.75 49.16 -7.18
CA ARG WA 45 -12.92 49.77 -5.87
C ARG WA 45 -13.45 51.21 -5.92
N ASP WA 46 -13.51 51.80 -7.10
CA ASP WA 46 -13.78 53.22 -7.26
C ASP WA 46 -15.21 53.45 -7.76
N ASP WA 47 -15.51 54.69 -8.14
CA ASP WA 47 -16.82 55.04 -8.70
C ASP WA 47 -17.10 54.24 -9.95
N ARG WA 48 -16.10 54.13 -10.84
CA ARG WA 48 -16.28 53.34 -12.06
C ARG WA 48 -16.59 51.89 -11.73
N TYR WA 49 -16.04 51.39 -10.64
CA TYR WA 49 -16.32 50.01 -10.23
C TYR WA 49 -17.76 49.86 -9.75
N CYS WA 50 -18.29 50.88 -9.09
CA CYS WA 50 -19.70 50.87 -8.74
C CYS WA 50 -20.58 50.94 -9.97
N GLU WA 51 -20.25 51.84 -10.90
CA GLU WA 51 -21.02 52.03 -12.12
C GLU WA 51 -21.15 50.76 -12.94
N SER WA 52 -20.19 49.85 -12.81
CA SER WA 52 -20.19 48.64 -13.60
C SER WA 52 -20.62 47.41 -12.84
N ILE WA 53 -20.62 47.44 -11.51
CA ILE WA 53 -21.06 46.27 -10.77
C ILE WA 53 -22.57 46.27 -10.58
N MET WA 54 -23.18 47.45 -10.46
CA MET WA 54 -24.63 47.50 -10.43
C MET WA 54 -25.23 47.18 -11.79
N ARG WA 55 -24.48 47.43 -12.86
CA ARG WA 55 -24.95 47.16 -14.22
C ARG WA 55 -24.52 45.80 -14.73
N ARG WA 56 -24.06 44.91 -13.86
CA ARG WA 56 -23.94 43.51 -14.26
C ARG WA 56 -24.75 42.59 -13.37
N ARG WA 57 -24.94 42.92 -12.10
CA ARG WA 57 -25.75 42.09 -11.22
C ARG WA 57 -27.23 42.25 -11.51
N GLY WA 58 -27.65 43.38 -12.05
CA GLY WA 58 -29.04 43.59 -12.37
C GLY WA 58 -29.72 44.57 -11.45
N LEU WA 59 -29.01 45.61 -11.05
CA LEU WA 59 -29.47 46.55 -10.05
C LEU WA 59 -29.51 47.98 -10.59
N THR WA 60 -29.89 48.15 -11.85
CA THR WA 60 -30.05 49.47 -12.43
C THR WA 60 -31.43 49.73 -12.98
N SER WA 61 -32.35 48.77 -12.92
CA SER WA 61 -33.69 48.94 -13.46
C SER WA 61 -34.70 48.61 -12.38
N PRO WA 62 -35.04 49.57 -11.51
CA PRO WA 62 -34.48 50.93 -11.41
C PRO WA 62 -33.24 51.00 -10.53
N CYS WA 63 -32.61 52.17 -10.45
CA CYS WA 63 -31.38 52.33 -9.66
C CYS WA 63 -31.70 52.12 -8.18
N LYS WA 64 -31.00 51.18 -7.55
CA LYS WA 64 -31.19 50.99 -6.12
C LYS WA 64 -30.51 52.12 -5.35
N ASP WA 65 -31.18 52.58 -4.29
CA ASP WA 65 -30.76 53.73 -3.51
C ASP WA 65 -29.36 53.60 -2.94
N ILE WA 66 -29.13 52.63 -2.07
CA ILE WA 66 -27.82 52.46 -1.48
C ILE WA 66 -27.52 50.98 -1.28
N ASN WA 67 -26.56 50.48 -2.04
CA ASN WA 67 -26.17 49.08 -1.95
C ASN WA 67 -24.69 49.00 -1.61
N THR WA 68 -24.37 48.14 -0.66
CA THR WA 68 -22.99 47.92 -0.26
C THR WA 68 -22.62 46.46 -0.48
N PHE WA 69 -21.37 46.24 -0.87
CA PHE WA 69 -20.89 44.91 -1.17
C PHE WA 69 -19.94 44.44 -0.08
N ILE WA 70 -19.53 43.19 -0.16
CA ILE WA 70 -18.59 42.59 0.78
C ILE WA 70 -17.58 41.81 -0.04
N HIS WA 71 -16.31 41.91 0.34
CA HIS WA 71 -15.23 41.23 -0.37
C HIS WA 71 -14.53 40.25 0.56
N GLY WA 72 -14.23 39.07 0.04
CA GLY WA 72 -13.62 38.01 0.82
C GLY WA 72 -14.23 36.65 0.48
N ASN WA 73 -13.69 35.63 1.13
CA ASN WA 73 -14.14 34.27 0.89
C ASN WA 73 -15.55 34.08 1.45
N LYS WA 74 -16.31 33.21 0.80
CA LYS WA 74 -17.71 33.04 1.16
C LYS WA 74 -17.88 32.34 2.51
N ARG WA 75 -16.91 31.52 2.91
CA ARG WA 75 -17.03 30.81 4.19
C ARG WA 75 -17.04 31.77 5.36
N SER WA 76 -16.29 32.87 5.27
CA SER WA 76 -16.39 33.89 6.29
C SER WA 76 -17.73 34.61 6.25
N ILE WA 77 -18.34 34.70 5.07
CA ILE WA 77 -19.68 35.30 4.98
C ILE WA 77 -20.72 34.35 5.57
N LYS WA 78 -20.52 33.05 5.43
CA LYS WA 78 -21.44 32.08 6.00
C LYS WA 78 -21.19 31.83 7.49
N ALA WA 79 -20.01 32.17 7.99
CA ALA WA 79 -19.68 31.91 9.39
C ALA WA 79 -20.29 32.92 10.34
N ILE WA 80 -21.12 33.83 9.83
CA ILE WA 80 -21.69 34.89 10.66
C ILE WA 80 -22.94 34.45 11.40
N CYS WA 81 -23.48 33.26 11.10
CA CYS WA 81 -24.77 32.87 11.64
C CYS WA 81 -24.66 31.81 12.73
N GLU WA 82 -23.57 31.81 13.48
CA GLU WA 82 -23.41 30.89 14.60
C GLU WA 82 -22.38 31.46 15.56
N ASN WA 83 -21.99 30.65 16.53
CA ASN WA 83 -20.98 31.01 17.53
C ASN WA 83 -19.57 31.00 16.98
N LYS WA 84 -19.37 30.79 15.68
CA LYS WA 84 -18.04 30.82 15.11
C LYS WA 84 -17.58 32.25 14.86
N ASN WA 85 -18.29 32.97 13.98
CA ASN WA 85 -17.88 34.33 13.60
C ASN WA 85 -19.11 35.24 13.52
N GLY WA 86 -20.00 35.16 14.51
CA GLY WA 86 -21.14 36.06 14.55
C GLY WA 86 -21.82 36.15 15.90
N ASN WA 87 -22.17 37.36 16.33
CA ASN WA 87 -22.88 37.51 17.60
C ASN WA 87 -24.31 37.97 17.34
N PRO WA 88 -25.30 37.42 18.04
CA PRO WA 88 -26.70 37.75 17.74
C PRO WA 88 -27.08 39.17 18.16
N HIS WA 89 -28.04 39.75 17.44
CA HIS WA 89 -28.38 41.16 17.52
C HIS WA 89 -29.84 41.21 17.09
N ARG WA 90 -30.69 42.02 17.72
CA ARG WA 90 -32.19 42.13 17.71
C ARG WA 90 -32.94 40.97 17.02
N GLU WA 91 -34.09 41.18 16.40
CA GLU WA 91 -34.78 40.01 15.90
C GLU WA 91 -34.06 39.72 14.57
N ASN WA 92 -33.55 38.49 14.45
CA ASN WA 92 -32.94 37.82 13.28
C ASN WA 92 -31.65 38.46 12.71
N LEU WA 93 -31.03 39.46 13.35
CA LEU WA 93 -29.82 40.09 12.82
C LEU WA 93 -28.58 39.60 13.56
N ARG WA 94 -27.39 39.80 12.97
CA ARG WA 94 -26.16 39.30 13.59
C ARG WA 94 -24.98 40.20 13.21
N ILE WA 95 -24.12 40.52 14.18
CA ILE WA 95 -22.92 41.31 13.95
C ILE WA 95 -21.75 40.37 13.73
N SER WA 96 -20.91 40.67 12.75
CA SER WA 96 -19.69 39.91 12.54
C SER WA 96 -18.70 40.16 13.68
N LYS WA 97 -17.89 39.15 13.98
CA LYS WA 97 -16.73 39.38 14.83
C LYS WA 97 -15.61 40.02 14.04
N SER WA 98 -15.15 39.35 12.99
CA SER WA 98 -14.15 39.91 12.11
C SER WA 98 -14.77 40.98 11.22
N SER WA 99 -13.91 41.76 10.58
CA SER WA 99 -14.36 42.81 9.69
C SER WA 99 -14.04 42.44 8.25
N PHE WA 100 -14.63 43.19 7.32
CA PHE WA 100 -14.52 42.92 5.91
C PHE WA 100 -14.30 44.22 5.15
N GLN WA 101 -13.81 44.08 3.92
CA GLN WA 101 -13.70 45.21 3.02
C GLN WA 101 -15.05 45.44 2.36
N VAL WA 102 -15.64 46.60 2.58
CA VAL WA 102 -16.96 46.89 2.03
C VAL WA 102 -16.83 48.03 1.05
N THR WA 103 -17.82 48.13 0.17
CA THR WA 103 -17.86 49.18 -0.85
C THR WA 103 -19.31 49.62 -1.03
N THR WA 104 -19.62 50.80 -0.51
CA THR WA 104 -20.98 51.31 -0.53
C THR WA 104 -21.19 52.17 -1.77
N CYS WA 105 -21.99 51.68 -2.71
CA CYS WA 105 -22.31 52.43 -3.91
C CYS WA 105 -23.54 53.28 -3.61
N LYS WA 106 -23.32 54.51 -3.18
CA LYS WA 106 -24.41 55.42 -2.89
C LYS WA 106 -24.89 56.10 -4.18
N LEU WA 107 -26.19 56.38 -4.23
CA LEU WA 107 -26.81 56.98 -5.38
C LEU WA 107 -26.92 58.49 -5.20
N HIS WA 108 -26.76 59.21 -6.30
CA HIS WA 108 -27.04 60.64 -6.32
C HIS WA 108 -27.79 60.96 -7.60
N GLY WA 109 -28.44 62.13 -7.62
CA GLY WA 109 -29.25 62.49 -8.76
C GLY WA 109 -30.64 61.91 -8.63
N GLY WA 110 -31.67 62.75 -8.74
CA GLY WA 110 -33.03 62.34 -8.48
C GLY WA 110 -33.62 61.37 -9.48
N SER WA 111 -32.88 61.03 -10.54
CA SER WA 111 -33.39 60.17 -11.61
C SER WA 111 -33.63 58.77 -11.08
N PRO WA 112 -34.87 58.27 -11.17
CA PRO WA 112 -35.16 56.90 -10.73
C PRO WA 112 -34.68 55.87 -11.73
N TRP WA 113 -34.21 56.33 -12.87
CA TRP WA 113 -34.05 55.48 -14.03
C TRP WA 113 -32.59 55.45 -14.51
N PRO WA 114 -32.26 54.51 -15.38
CA PRO WA 114 -30.97 54.58 -16.07
C PRO WA 114 -30.83 55.87 -16.84
N PRO WA 115 -29.60 56.41 -16.96
CA PRO WA 115 -28.35 55.86 -16.41
C PRO WA 115 -28.22 56.07 -14.91
N CYS WA 116 -27.61 55.11 -14.24
CA CYS WA 116 -27.38 55.17 -12.81
C CYS WA 116 -25.96 55.66 -12.56
N GLN WA 117 -25.81 56.58 -11.60
CA GLN WA 117 -24.54 57.16 -11.25
C GLN WA 117 -24.28 56.95 -9.77
N TYR WA 118 -23.10 56.42 -9.45
CA TYR WA 118 -22.81 56.00 -8.08
C TYR WA 118 -21.45 56.51 -7.64
N ARG WA 119 -21.31 56.66 -6.33
CA ARG WA 119 -20.05 57.08 -5.71
C ARG WA 119 -19.66 56.01 -4.70
N ALA WA 120 -18.47 55.44 -4.88
CA ALA WA 120 -18.02 54.36 -4.02
C ALA WA 120 -17.47 54.90 -2.70
N THR WA 121 -17.50 54.05 -1.67
CA THR WA 121 -16.91 54.36 -0.38
C THR WA 121 -16.26 53.08 0.16
N ALA WA 122 -14.94 52.99 0.02
CA ALA WA 122 -14.22 51.86 0.57
C ALA WA 122 -14.19 51.94 2.09
N GLY WA 123 -13.97 50.80 2.72
CA GLY WA 123 -13.92 50.79 4.17
C GLY WA 123 -13.45 49.44 4.68
N PHE WA 124 -13.47 49.33 6.01
CA PHE WA 124 -13.17 48.09 6.71
C PHE WA 124 -14.10 48.07 7.92
N ARG WA 125 -15.26 47.44 7.76
CA ARG WA 125 -16.32 47.54 8.75
C ARG WA 125 -16.81 46.15 9.16
N ASN WA 126 -17.62 46.12 10.21
CA ASN WA 126 -18.34 44.93 10.63
C ASN WA 126 -19.74 44.96 10.06
N VAL WA 127 -20.09 43.94 9.32
CA VAL WA 127 -21.33 43.94 8.56
C VAL WA 127 -22.48 43.47 9.45
N VAL WA 128 -23.68 43.87 9.08
CA VAL WA 128 -24.90 43.55 9.83
C VAL WA 128 -25.84 42.85 8.87
N VAL WA 129 -26.02 41.55 9.06
CA VAL WA 129 -26.84 40.74 8.17
C VAL WA 129 -27.95 40.08 8.97
N ALA WA 130 -29.02 39.74 8.25
CA ALA WA 130 -30.17 39.02 8.79
C ALA WA 130 -30.22 37.67 8.09
N CYS WA 131 -29.91 36.60 8.80
CA CYS WA 131 -29.79 35.32 8.11
C CYS WA 131 -30.78 34.28 8.63
N GLU WA 132 -30.95 33.23 7.83
CA GLU WA 132 -31.81 32.09 8.15
C GLU WA 132 -31.04 30.83 7.78
N ASN WA 133 -31.11 29.82 8.64
CA ASN WA 133 -30.53 28.49 8.38
C ASN WA 133 -29.03 28.55 8.13
N GLY WA 134 -28.36 29.58 8.64
CA GLY WA 134 -26.97 29.78 8.34
C GLY WA 134 -26.71 30.49 7.03
N LEU WA 135 -27.75 31.04 6.40
CA LEU WA 135 -27.60 31.68 5.10
C LEU WA 135 -28.20 33.08 5.15
N PRO WA 136 -27.46 34.11 4.76
CA PRO WA 136 -28.01 35.47 4.79
C PRO WA 136 -28.99 35.73 3.66
N VAL WA 137 -29.91 36.67 3.90
CA VAL WA 137 -30.89 37.06 2.91
C VAL WA 137 -30.84 38.54 2.58
N HIS WA 138 -30.25 39.37 3.45
CA HIS WA 138 -30.16 40.79 3.18
C HIS WA 138 -28.99 41.36 3.96
N LEU WA 139 -28.52 42.52 3.52
CA LEU WA 139 -27.46 43.25 4.20
C LEU WA 139 -28.00 44.62 4.57
N ASP WA 140 -27.81 45.02 5.82
CA ASP WA 140 -28.44 46.23 6.34
C ASP WA 140 -27.43 47.30 6.73
N GLN WA 141 -26.42 46.98 7.52
CA GLN WA 141 -25.56 48.01 8.08
C GLN WA 141 -24.09 47.60 8.01
N SER WA 142 -23.19 48.53 8.29
CA SER WA 142 -21.75 48.26 8.33
C SER WA 142 -21.14 49.26 9.29
N ILE WA 143 -20.53 48.78 10.36
CA ILE WA 143 -20.17 49.63 11.50
C ILE WA 143 -18.69 49.48 11.81
N PHE WA 144 -18.05 50.62 12.11
CA PHE WA 144 -16.82 50.62 12.89
C PHE WA 144 -17.17 50.30 14.33
N ARG WA 145 -17.24 49.00 14.66
CA ARG WA 145 -17.80 48.50 15.92
C ARG WA 145 -17.25 49.17 17.17
N ARG WA 146 -15.96 48.99 17.46
CA ARG WA 146 -15.42 49.50 18.70
C ARG WA 146 -14.31 50.50 18.41
N PRO WA 147 -14.45 51.74 18.91
CA PRO WA 147 -13.43 52.79 18.73
C PRO WA 147 -12.17 52.48 19.51
N THR XA 1 49.89 119.26 -59.20
CA THR XA 1 51.32 119.44 -58.94
C THR XA 1 51.65 119.07 -57.51
N GLU XA 2 50.60 118.80 -56.74
CA GLU XA 2 50.69 118.54 -55.32
C GLU XA 2 50.17 117.15 -55.00
N GLN XA 3 50.08 116.84 -53.71
CA GLN XA 3 49.56 115.56 -53.25
C GLN XA 3 49.01 115.79 -51.84
N MET XA 4 47.79 115.31 -51.60
CA MET XA 4 47.14 115.55 -50.31
C MET XA 4 47.75 114.65 -49.24
N THR XA 5 47.84 115.16 -48.02
CA THR XA 5 48.46 114.46 -46.90
C THR XA 5 47.48 114.29 -45.75
N LEU XA 6 47.89 113.46 -44.79
CA LEU XA 6 47.10 113.19 -43.60
C LEU XA 6 47.71 113.95 -42.42
N ARG XA 7 46.87 114.26 -41.44
CA ARG XA 7 47.36 114.86 -40.21
C ARG XA 7 46.67 114.33 -38.96
N GLY XA 8 45.65 113.48 -39.10
CA GLY XA 8 45.06 112.87 -37.93
C GLY XA 8 43.61 112.51 -38.15
N THR XA 9 42.95 112.15 -37.06
CA THR XA 9 41.57 111.69 -37.07
C THR XA 9 40.79 112.48 -36.02
N LEU XA 10 39.47 112.41 -36.11
CA LEU XA 10 38.58 113.10 -35.16
C LEU XA 10 37.49 112.12 -34.73
N LYS XA 11 37.62 111.59 -33.53
CA LYS XA 11 36.76 110.51 -33.04
C LYS XA 11 35.99 110.97 -31.80
N GLY XA 12 34.79 111.48 -32.00
CA GLY XA 12 33.98 111.94 -30.89
C GLY XA 12 32.51 111.57 -30.96
N HIS XA 13 32.10 110.95 -32.05
CA HIS XA 13 30.69 110.62 -32.24
C HIS XA 13 30.44 109.13 -32.03
N ASN XA 14 29.21 108.71 -32.29
CA ASN XA 14 28.83 107.31 -32.29
C ASN XA 14 28.29 106.86 -33.64
N GLY XA 15 27.56 107.72 -34.34
CA GLY XA 15 27.07 107.43 -35.67
C GLY XA 15 27.98 107.97 -36.74
N TRP XA 16 27.54 107.82 -37.98
CA TRP XA 16 28.37 108.21 -39.11
C TRP XA 16 28.10 109.65 -39.49
N VAL XA 17 29.17 110.39 -39.79
CA VAL XA 17 29.09 111.83 -39.98
C VAL XA 17 28.25 112.17 -41.19
N THR XA 18 27.38 113.17 -41.03
CA THR XA 18 26.47 113.56 -42.10
C THR XA 18 26.93 114.80 -42.86
N GLN XA 19 27.44 115.83 -42.18
CA GLN XA 19 27.83 117.06 -42.84
C GLN XA 19 28.70 117.86 -41.90
N ILE XA 20 29.70 118.52 -42.47
CA ILE XA 20 30.68 119.29 -41.73
C ILE XA 20 30.58 120.74 -42.18
N ALA XA 21 30.68 121.65 -41.21
CA ALA XA 21 30.61 123.07 -41.48
C ALA XA 21 31.88 123.76 -41.00
N THR XA 22 32.31 124.74 -41.77
CA THR XA 22 33.48 125.55 -41.46
C THR XA 22 33.06 127.01 -41.45
N THR XA 23 33.65 127.80 -40.54
CA THR XA 23 33.32 129.21 -40.45
C THR XA 23 34.47 130.03 -41.04
N PRO XA 24 34.18 131.11 -41.77
CA PRO XA 24 35.27 131.92 -42.33
C PRO XA 24 35.89 132.85 -41.31
N GLN XA 25 35.20 133.14 -40.21
CA GLN XA 25 35.75 134.03 -39.19
C GLN XA 25 36.95 133.39 -38.49
N PHE XA 26 36.84 132.12 -38.15
CA PHE XA 26 37.90 131.48 -37.40
C PHE XA 26 38.54 130.36 -38.20
N PRO XA 27 39.84 130.16 -38.07
CA PRO XA 27 40.50 129.07 -38.81
C PRO XA 27 40.42 127.73 -38.09
N ASP XA 28 40.25 127.76 -36.78
CA ASP XA 28 40.25 126.53 -35.99
C ASP XA 28 38.87 126.10 -35.53
N MET XA 29 37.86 126.94 -35.70
CA MET XA 29 36.51 126.63 -35.24
C MET XA 29 35.81 125.85 -36.36
N ILE XA 30 35.68 124.53 -36.17
CA ILE XA 30 35.00 123.66 -37.13
C ILE XA 30 33.88 122.96 -36.38
N LEU XA 31 32.73 122.82 -37.05
CA LEU XA 31 31.54 122.24 -36.46
C LEU XA 31 31.14 121.01 -37.27
N SER XA 32 30.80 119.93 -36.57
CA SER XA 32 30.52 118.66 -37.20
C SER XA 32 29.22 118.08 -36.66
N ALA XA 33 28.35 117.65 -37.57
CA ALA XA 33 27.13 116.96 -37.22
C ALA XA 33 27.32 115.47 -37.46
N SER XA 34 26.31 114.67 -37.11
CA SER XA 34 26.38 113.22 -37.27
C SER XA 34 25.01 112.57 -37.16
N ARG XA 35 24.99 111.24 -37.11
CA ARG XA 35 23.73 110.52 -36.90
C ARG XA 35 23.20 110.75 -35.50
N ASP XA 36 24.02 110.43 -34.49
CA ASP XA 36 23.66 110.73 -33.12
C ASP XA 36 23.49 112.23 -32.93
N LYS XA 37 22.51 112.60 -32.11
CA LYS XA 37 21.98 113.96 -31.98
C LYS XA 37 23.04 115.00 -31.63
N THR XA 38 24.17 114.56 -31.10
CA THR XA 38 25.27 115.47 -30.81
C THR XA 38 25.81 116.11 -32.08
N ILE XA 39 26.07 117.41 -32.01
CA ILE XA 39 26.69 118.15 -33.11
C ILE XA 39 28.01 118.66 -32.57
N ILE XA 40 29.08 117.91 -32.81
CA ILE XA 40 30.35 118.17 -32.14
C ILE XA 40 31.09 119.28 -32.86
N MET XA 41 31.39 120.36 -32.13
CA MET XA 41 32.34 121.36 -32.58
C MET XA 41 33.70 121.04 -31.98
N TRP XA 42 34.76 121.30 -32.75
CA TRP XA 42 36.11 120.92 -32.38
C TRP XA 42 36.95 122.16 -32.08
N LYS XA 43 38.02 121.94 -31.32
CA LYS XA 43 39.08 122.93 -31.11
C LYS XA 43 40.37 122.36 -31.69
N LEU XA 44 40.67 122.75 -32.92
CA LEU XA 44 41.81 122.21 -33.64
C LEU XA 44 43.12 122.61 -32.94
N THR XA 45 43.96 121.61 -32.68
CA THR XA 45 45.25 121.84 -32.05
C THR XA 45 46.43 121.54 -32.95
N ARG XA 46 46.28 120.60 -33.90
CA ARG XA 46 47.30 120.25 -34.88
C ARG XA 46 48.59 119.79 -34.21
N ASP XA 47 48.43 118.93 -33.21
CA ASP XA 47 49.56 118.37 -32.49
C ASP XA 47 49.88 116.98 -33.02
N GLU XA 48 50.82 116.31 -32.35
CA GLU XA 48 51.25 115.00 -32.80
C GLU XA 48 50.14 113.96 -32.62
N THR XA 49 49.54 113.91 -31.42
CA THR XA 49 48.60 112.85 -31.09
C THR XA 49 47.29 112.99 -31.86
N ASN XA 50 46.85 114.22 -32.09
CA ASN XA 50 45.57 114.42 -32.75
C ASN XA 50 45.57 115.75 -33.50
N TYR XA 51 44.46 116.03 -34.16
CA TYR XA 51 44.25 117.31 -34.84
C TYR XA 51 43.41 118.28 -34.01
N GLY XA 52 42.27 117.81 -33.47
CA GLY XA 52 41.40 118.66 -32.70
C GLY XA 52 40.84 117.94 -31.49
N ILE XA 53 40.33 118.73 -30.54
CA ILE XA 53 39.65 118.21 -29.35
C ILE XA 53 38.35 118.97 -29.19
N PRO XA 54 37.22 118.29 -29.01
CA PRO XA 54 35.93 118.99 -28.95
C PRO XA 54 35.78 119.76 -27.64
N GLN XA 55 34.85 120.72 -27.67
CA GLN XA 55 34.57 121.58 -26.52
C GLN XA 55 33.11 121.66 -26.13
N ARG XA 56 32.18 121.48 -27.06
CA ARG XA 56 30.75 121.58 -26.78
C ARG XA 56 30.02 120.56 -27.63
N ALA XA 57 29.11 119.81 -27.03
CA ALA XA 57 28.28 118.83 -27.72
C ALA XA 57 26.87 119.41 -27.83
N LEU XA 58 26.52 119.89 -29.01
CA LEU XA 58 25.23 120.51 -29.25
C LEU XA 58 24.16 119.42 -29.27
N ARG XA 59 23.40 119.31 -28.20
CA ARG XA 59 22.36 118.31 -28.06
C ARG XA 59 21.04 118.98 -27.71
N GLY XA 60 19.94 118.29 -28.01
CA GLY XA 60 18.63 118.87 -27.79
C GLY XA 60 17.65 118.50 -28.88
N HIS XA 61 18.14 117.75 -29.86
CA HIS XA 61 17.31 117.21 -30.93
C HIS XA 61 16.71 115.89 -30.47
N SER XA 62 15.90 115.29 -31.36
CA SER XA 62 15.29 114.02 -31.10
C SER XA 62 15.62 112.95 -32.14
N HIS XA 63 15.97 113.34 -33.36
CA HIS XA 63 16.27 112.37 -34.40
C HIS XA 63 17.64 112.64 -34.99
N PHE XA 64 17.97 111.99 -36.09
CA PHE XA 64 19.27 112.19 -36.74
C PHE XA 64 19.44 113.65 -37.14
N VAL XA 65 20.52 114.27 -36.69
CA VAL XA 65 20.86 115.60 -37.14
C VAL XA 65 21.32 115.50 -38.58
N SER XA 66 20.67 116.25 -39.47
CA SER XA 66 20.91 116.06 -40.89
C SER XA 66 21.92 117.04 -41.44
N ASP XA 67 21.67 118.33 -41.25
CA ASP XA 67 22.54 119.39 -41.77
C ASP XA 67 22.74 120.45 -40.70
N VAL XA 68 23.98 120.92 -40.56
CA VAL XA 68 24.29 122.04 -39.69
C VAL XA 68 25.05 123.07 -40.49
N VAL XA 69 24.77 124.34 -40.23
CA VAL XA 69 25.47 125.45 -40.86
C VAL XA 69 25.78 126.48 -39.78
N ILE XA 70 27.04 126.89 -39.72
CA ILE XA 70 27.44 127.98 -38.83
C ILE XA 70 27.21 129.29 -39.56
N SER XA 71 26.87 130.34 -38.81
CA SER XA 71 26.55 131.63 -39.39
C SER XA 71 27.79 132.27 -40.00
N SER XA 72 27.56 133.28 -40.84
CA SER XA 72 28.68 134.05 -41.38
C SER XA 72 29.18 135.07 -40.40
N ASP XA 73 28.53 135.19 -39.24
CA ASP XA 73 29.05 135.98 -38.14
C ASP XA 73 30.02 135.20 -37.26
N GLY XA 74 30.01 133.87 -37.36
CA GLY XA 74 30.86 133.04 -36.53
C GLY XA 74 30.32 132.77 -35.14
N GLN XA 75 29.21 133.39 -34.76
CA GLN XA 75 28.65 133.24 -33.41
C GLN XA 75 27.57 132.15 -33.39
N PHE XA 76 26.58 132.28 -34.25
CA PHE XA 76 25.42 131.39 -34.22
C PHE XA 76 25.59 130.26 -35.22
N ALA XA 77 24.79 129.20 -35.04
CA ALA XA 77 24.82 128.06 -35.93
C ALA XA 77 23.41 127.49 -36.08
N LEU XA 78 23.00 127.24 -37.33
CA LEU XA 78 21.68 126.75 -37.65
C LEU XA 78 21.73 125.30 -38.09
N SER XA 79 20.73 124.53 -37.67
CA SER XA 79 20.67 123.11 -38.01
C SER XA 79 19.23 122.63 -37.98
N GLY XA 80 18.86 121.87 -38.99
CA GLY XA 80 17.61 121.14 -39.01
C GLY XA 80 17.88 119.65 -38.99
N SER XA 81 16.94 118.86 -38.45
CA SER XA 81 17.16 117.45 -38.24
C SER XA 81 16.01 116.64 -38.81
N TRP XA 82 16.09 115.32 -38.61
CA TRP XA 82 15.12 114.36 -39.10
C TRP XA 82 13.83 114.37 -38.33
N ASP XA 83 13.63 115.29 -37.40
CA ASP XA 83 12.38 115.42 -36.68
C ASP XA 83 11.51 116.55 -37.21
N GLY XA 84 12.02 117.33 -38.16
CA GLY XA 84 11.28 118.38 -38.81
C GLY XA 84 11.59 119.78 -38.31
N THR XA 85 11.92 119.92 -37.03
CA THR XA 85 12.15 121.23 -36.46
C THR XA 85 13.59 121.69 -36.69
N LEU XA 86 13.78 123.01 -36.56
CA LEU XA 86 15.04 123.67 -36.91
C LEU XA 86 15.55 124.45 -35.70
N ARG XA 87 16.83 124.31 -35.39
CA ARG XA 87 17.44 124.90 -34.21
C ARG XA 87 18.55 125.87 -34.59
N LEU XA 88 18.71 126.92 -33.77
CA LEU XA 88 19.73 127.95 -33.96
C LEU XA 88 20.59 128.00 -32.71
N TRP XA 89 21.84 127.55 -32.84
CA TRP XA 89 22.72 127.35 -31.69
C TRP XA 89 23.77 128.46 -31.63
N ASP XA 90 23.81 129.19 -30.52
CA ASP XA 90 24.90 130.13 -30.26
C ASP XA 90 26.09 129.33 -29.77
N LEU XA 91 27.20 129.39 -30.52
CA LEU XA 91 28.39 128.58 -30.28
C LEU XA 91 28.94 128.75 -28.87
N THR XA 92 28.76 129.94 -28.29
CA THR XA 92 29.28 130.20 -26.96
C THR XA 92 28.57 129.38 -25.89
N THR XA 93 27.29 129.67 -25.65
CA THR XA 93 26.56 129.02 -24.57
C THR XA 93 25.92 127.71 -24.98
N GLY XA 94 25.65 127.51 -26.26
CA GLY XA 94 25.16 126.23 -26.73
C GLY XA 94 23.70 125.93 -26.45
N THR XA 95 22.88 126.96 -26.29
CA THR XA 95 21.45 126.81 -26.07
C THR XA 95 20.72 127.34 -27.29
N THR XA 96 19.77 126.55 -27.79
CA THR XA 96 19.02 126.92 -28.99
C THR XA 96 18.27 128.22 -28.70
N THR XA 97 18.66 129.28 -29.40
CA THR XA 97 18.03 130.58 -29.18
C THR XA 97 16.55 130.54 -29.55
N ARG XA 98 16.22 129.91 -30.66
CA ARG XA 98 14.82 129.80 -31.07
C ARG XA 98 14.66 128.56 -31.94
N ARG XA 99 13.43 128.07 -32.00
CA ARG XA 99 13.08 126.87 -32.71
C ARG XA 99 12.09 127.20 -33.83
N PHE XA 100 12.17 126.45 -34.92
CA PHE XA 100 11.27 126.62 -36.06
C PHE XA 100 10.39 125.39 -36.19
N VAL XA 101 9.12 125.60 -36.50
CA VAL XA 101 8.15 124.53 -36.66
C VAL XA 101 7.40 124.80 -37.96
N GLY XA 102 6.90 123.74 -38.60
CA GLY XA 102 6.14 123.88 -39.82
C GLY XA 102 6.41 122.77 -40.81
N HIS XA 103 7.58 122.17 -40.72
CA HIS XA 103 7.86 120.99 -41.53
C HIS XA 103 7.18 119.76 -40.92
N THR XA 104 6.95 118.77 -41.77
CA THR XA 104 6.30 117.53 -41.35
C THR XA 104 7.19 116.31 -41.48
N LYS XA 105 7.91 116.16 -42.56
CA LYS XA 105 8.77 115.01 -42.76
C LYS XA 105 10.17 115.30 -42.20
N ASP XA 106 11.13 114.44 -42.52
CA ASP XA 106 12.49 114.58 -42.04
C ASP XA 106 13.22 115.63 -42.87
N VAL XA 107 13.68 116.70 -42.20
CA VAL XA 107 14.43 117.74 -42.89
C VAL XA 107 15.83 117.21 -43.21
N LEU XA 108 16.33 117.55 -44.41
CA LEU XA 108 17.58 116.98 -44.91
C LEU XA 108 18.69 118.04 -44.96
N SER XA 109 18.49 119.16 -45.65
CA SER XA 109 19.54 120.15 -45.78
C SER XA 109 19.00 121.54 -45.49
N VAL XA 110 19.86 122.37 -44.89
CA VAL XA 110 19.48 123.72 -44.51
C VAL XA 110 20.45 124.70 -45.16
N ALA XA 111 19.92 125.86 -45.55
CA ALA XA 111 20.73 126.92 -46.13
C ALA XA 111 20.62 128.18 -45.29
N PHE XA 112 21.77 128.75 -44.99
CA PHE XA 112 21.88 130.04 -44.33
C PHE XA 112 22.01 131.13 -45.40
N SER XA 113 22.44 132.34 -45.08
CA SER XA 113 22.60 133.34 -46.11
C SER XA 113 23.79 134.24 -45.85
N SER XA 114 24.01 135.19 -46.76
CA SER XA 114 25.13 136.12 -46.72
C SER XA 114 24.96 137.14 -45.60
N ASP XA 115 23.88 137.93 -45.67
CA ASP XA 115 23.54 138.82 -44.57
C ASP XA 115 22.63 138.15 -43.54
N ASN XA 116 22.41 136.83 -43.68
CA ASN XA 116 21.82 135.98 -42.65
C ASN XA 116 20.39 136.41 -42.30
N ARG XA 117 19.57 136.55 -43.34
CA ARG XA 117 18.18 136.92 -43.15
C ARG XA 117 17.24 135.95 -43.86
N GLN XA 118 17.74 135.28 -44.88
CA GLN XA 118 16.91 134.43 -45.74
C GLN XA 118 17.24 132.97 -45.44
N ILE XA 119 16.42 132.35 -44.60
CA ILE XA 119 16.65 130.99 -44.13
C ILE XA 119 15.82 130.01 -44.97
N VAL XA 120 16.48 128.96 -45.45
CA VAL XA 120 15.84 127.94 -46.28
C VAL XA 120 16.17 126.56 -45.72
N SER XA 121 15.13 125.76 -45.50
CA SER XA 121 15.25 124.38 -45.10
C SER XA 121 14.47 123.49 -46.05
N GLY XA 122 14.93 122.25 -46.23
CA GLY XA 122 14.27 121.35 -47.14
C GLY XA 122 14.00 119.99 -46.53
N SER XA 123 12.74 119.58 -46.53
CA SER XA 123 12.34 118.32 -45.93
C SER XA 123 11.84 117.34 -46.98
N ARG XA 124 11.47 116.14 -46.53
CA ARG XA 124 11.08 115.06 -47.41
C ARG XA 124 9.61 115.16 -47.84
N ASP XA 125 8.97 116.28 -47.56
CA ASP XA 125 7.67 116.58 -48.14
C ASP XA 125 7.86 117.41 -49.40
N LYS XA 126 6.75 117.77 -50.03
CA LYS XA 126 6.81 118.34 -51.36
C LYS XA 126 7.18 119.83 -51.35
N THR XA 127 7.44 120.39 -50.17
CA THR XA 127 7.48 121.84 -50.03
C THR XA 127 8.89 122.32 -49.75
N ILE XA 128 9.13 123.58 -50.11
CA ILE XA 128 10.39 124.27 -49.84
C ILE XA 128 10.04 125.50 -49.01
N LYS XA 129 10.73 125.68 -47.89
CA LYS XA 129 10.37 126.72 -46.94
C LYS XA 129 11.39 127.85 -46.95
N LEU XA 130 10.88 129.08 -46.90
CA LEU XA 130 11.67 130.29 -46.76
C LEU XA 130 11.29 130.94 -45.43
N TRP XA 131 12.29 131.20 -44.59
CA TRP XA 131 12.06 131.64 -43.22
C TRP XA 131 12.64 133.03 -42.99
N ASN XA 132 12.50 133.50 -41.75
CA ASN XA 132 13.10 134.73 -41.26
C ASN XA 132 13.69 134.50 -39.88
N THR XA 133 14.62 135.38 -39.49
CA THR XA 133 15.15 135.33 -38.13
C THR XA 133 14.14 135.83 -37.12
N LEU XA 134 13.09 136.53 -37.57
CA LEU XA 134 12.03 137.02 -36.71
C LEU XA 134 11.04 135.92 -36.34
N GLY XA 135 11.22 134.70 -36.86
CA GLY XA 135 10.25 133.65 -36.68
C GLY XA 135 9.15 133.65 -37.70
N VAL XA 136 9.36 134.27 -38.84
CA VAL XA 136 8.32 134.47 -39.86
C VAL XA 136 8.64 133.59 -41.06
N CYS XA 137 7.69 132.75 -41.43
CA CYS XA 137 7.77 131.96 -42.66
C CYS XA 137 7.30 132.83 -43.81
N LYS XA 138 8.21 133.15 -44.74
CA LYS XA 138 7.89 134.09 -45.81
C LYS XA 138 6.88 133.52 -46.79
N TYR XA 139 7.21 132.44 -47.47
CA TYR XA 139 6.35 131.87 -48.49
C TYR XA 139 6.42 130.35 -48.49
N THR XA 140 5.38 129.73 -49.05
CA THR XA 140 5.25 128.28 -49.12
C THR XA 140 4.59 127.93 -50.45
N VAL XA 141 5.28 127.16 -51.29
CA VAL XA 141 4.73 126.68 -52.55
C VAL XA 141 4.69 125.15 -52.52
N GLN XA 142 3.55 124.59 -52.91
CA GLN XA 142 3.36 123.15 -52.96
C GLN XA 142 3.12 122.65 -54.38
N ASP XA 143 2.21 123.30 -55.11
CA ASP XA 143 1.80 122.79 -56.42
C ASP XA 143 2.93 122.93 -57.43
N GLU XA 144 3.39 124.15 -57.66
CA GLU XA 144 4.51 124.38 -58.57
C GLU XA 144 5.80 124.24 -57.79
N SER XA 145 6.19 122.99 -57.55
CA SER XA 145 7.42 122.66 -56.85
C SER XA 145 7.84 121.24 -57.21
N HIS XA 146 8.78 120.68 -56.45
CA HIS XA 146 9.21 119.31 -56.68
C HIS XA 146 8.04 118.36 -56.44
N SER XA 147 7.81 117.46 -57.40
CA SER XA 147 6.72 116.49 -57.26
C SER XA 147 7.03 115.39 -56.26
N GLU XA 148 8.23 115.38 -55.67
CA GLU XA 148 8.57 114.47 -54.60
C GLU XA 148 9.58 115.12 -53.67
N TRP XA 149 10.33 114.31 -52.93
CA TRP XA 149 11.23 114.77 -51.88
C TRP XA 149 12.18 115.88 -52.36
N VAL XA 150 12.60 116.72 -51.41
CA VAL XA 150 13.47 117.85 -51.69
C VAL XA 150 14.75 117.61 -50.88
N SER XA 151 15.76 117.04 -51.53
CA SER XA 151 16.95 116.59 -50.81
C SER XA 151 17.81 117.74 -50.28
N CYS XA 152 18.32 118.60 -51.15
CA CYS XA 152 19.25 119.64 -50.73
C CYS XA 152 18.92 120.97 -51.36
N VAL XA 153 19.35 122.04 -50.69
CA VAL XA 153 19.16 123.42 -51.15
C VAL XA 153 20.40 124.22 -50.79
N ARG XA 154 20.79 125.12 -51.68
CA ARG XA 154 21.93 125.99 -51.45
C ARG XA 154 21.58 127.39 -51.91
N PHE XA 155 22.46 128.35 -51.60
CA PHE XA 155 22.36 129.71 -52.09
C PHE XA 155 23.57 130.05 -52.94
N SER XA 156 23.56 131.29 -53.44
CA SER XA 156 24.67 131.85 -54.19
C SER XA 156 25.21 133.07 -53.47
N PRO XA 157 26.52 133.17 -53.24
CA PRO XA 157 27.08 134.40 -52.64
C PRO XA 157 27.00 135.61 -53.55
N ASN XA 158 26.59 135.44 -54.81
CA ASN XA 158 26.37 136.53 -55.74
C ASN XA 158 25.08 137.23 -55.32
N SER XA 159 25.22 138.29 -54.52
CA SER XA 159 24.08 139.02 -53.99
C SER XA 159 23.41 139.93 -55.01
N SER XA 160 23.93 139.98 -56.24
CA SER XA 160 23.27 140.74 -57.30
C SER XA 160 22.16 139.97 -57.98
N ASN XA 161 22.11 138.65 -57.80
CA ASN XA 161 21.09 137.82 -58.41
C ASN XA 161 20.36 137.02 -57.32
N PRO XA 162 19.02 137.01 -57.35
CA PRO XA 162 18.28 136.20 -56.38
C PRO XA 162 18.03 134.78 -56.86
N ILE XA 163 19.06 134.12 -57.33
CA ILE XA 163 18.98 132.76 -57.83
C ILE XA 163 19.24 131.79 -56.68
N ILE XA 164 18.29 130.89 -56.44
CA ILE XA 164 18.35 129.94 -55.31
C ILE XA 164 18.19 128.55 -55.92
N VAL XA 165 19.31 127.84 -56.08
CA VAL XA 165 19.26 126.48 -56.61
C VAL XA 165 18.64 125.57 -55.57
N SER XA 166 17.90 124.57 -56.05
CA SER XA 166 17.25 123.60 -55.16
C SER XA 166 17.21 122.27 -55.88
N CYS XA 167 17.89 121.28 -55.33
CA CYS XA 167 17.81 119.97 -55.94
C CYS XA 167 16.49 119.29 -55.54
N GLY XA 168 16.20 118.19 -56.22
CA GLY XA 168 15.02 117.43 -55.87
C GLY XA 168 15.26 115.94 -55.94
N TRP XA 169 14.25 115.16 -55.58
CA TRP XA 169 14.32 113.72 -55.74
C TRP XA 169 13.77 113.25 -57.07
N ASP XA 170 12.99 114.09 -57.74
CA ASP XA 170 12.49 113.81 -59.09
C ASP XA 170 13.49 114.16 -60.17
N LYS XA 171 14.78 114.17 -59.82
CA LYS XA 171 15.91 114.30 -60.74
C LYS XA 171 15.97 115.66 -61.40
N LEU XA 172 15.33 116.67 -60.84
CA LEU XA 172 15.26 118.00 -61.42
C LEU XA 172 16.07 118.98 -60.58
N VAL XA 173 16.84 119.83 -61.24
CA VAL XA 173 17.56 120.91 -60.56
C VAL XA 173 16.73 122.17 -60.81
N LYS XA 174 15.89 122.52 -59.84
CA LYS XA 174 15.04 123.70 -59.96
C LYS XA 174 15.69 124.89 -59.24
N VAL XA 175 15.67 126.04 -59.90
CA VAL XA 175 16.18 127.28 -59.33
C VAL XA 175 15.03 128.28 -59.23
N TRP XA 176 14.99 129.00 -58.11
CA TRP XA 176 13.86 129.85 -57.80
C TRP XA 176 14.27 131.32 -57.84
N ASN XA 177 13.26 132.18 -57.65
CA ASN XA 177 13.41 133.63 -57.69
C ASN XA 177 12.83 134.20 -56.40
N LEU XA 178 13.68 134.78 -55.55
CA LEU XA 178 13.20 135.31 -54.28
C LEU XA 178 12.30 136.52 -54.46
N ALA XA 179 12.52 137.31 -55.50
CA ALA XA 179 11.75 138.52 -55.73
C ALA XA 179 10.31 138.19 -56.06
N ASN XA 180 10.10 137.46 -57.16
CA ASN XA 180 8.75 137.14 -57.60
C ASN XA 180 8.17 135.91 -56.92
N CYS XA 181 8.97 135.20 -56.12
CA CYS XA 181 8.56 133.97 -55.44
C CYS XA 181 8.06 132.93 -56.44
N LYS XA 182 8.96 132.56 -57.36
CA LYS XA 182 8.65 131.60 -58.42
C LYS XA 182 9.95 130.99 -58.89
N LEU XA 183 9.83 130.00 -59.77
CA LEU XA 183 11.00 129.27 -60.24
C LEU XA 183 11.51 129.83 -61.55
N LYS XA 184 12.78 129.59 -61.84
CA LYS XA 184 13.43 130.10 -63.03
C LYS XA 184 13.70 129.03 -64.09
N THR XA 185 14.39 127.95 -63.72
CA THR XA 185 14.79 126.96 -64.70
C THR XA 185 14.73 125.57 -64.10
N ASN XA 186 14.79 124.57 -64.98
CA ASN XA 186 14.82 123.15 -64.59
C ASN XA 186 15.93 122.50 -65.40
N HIS XA 187 17.02 122.12 -64.74
CA HIS XA 187 18.13 121.45 -65.42
C HIS XA 187 17.79 119.98 -65.56
N ILE XA 188 16.89 119.70 -66.50
CA ILE XA 188 16.44 118.34 -66.77
C ILE XA 188 17.57 117.57 -67.44
N GLY XA 189 17.43 116.25 -67.49
CA GLY XA 189 18.44 115.43 -68.09
C GLY XA 189 19.39 114.83 -67.08
N HIS XA 190 18.83 114.14 -66.08
CA HIS XA 190 19.66 113.52 -65.06
C HIS XA 190 18.99 112.22 -64.62
N THR XA 191 19.68 111.11 -64.83
CA THR XA 191 19.18 109.83 -64.33
C THR XA 191 19.59 109.64 -62.88
N GLY XA 192 18.75 108.96 -62.11
CA GLY XA 192 19.00 108.80 -60.70
C GLY XA 192 18.65 110.05 -59.94
N TYR XA 193 18.11 109.92 -58.73
CA TYR XA 193 17.73 111.10 -57.98
C TYR XA 193 18.97 111.89 -57.56
N LEU XA 194 18.74 113.16 -57.23
CA LEU XA 194 19.83 114.08 -56.91
C LEU XA 194 20.19 113.96 -55.43
N ASN XA 195 21.50 113.93 -55.16
CA ASN XA 195 21.96 113.83 -53.79
C ASN XA 195 22.19 115.21 -53.19
N THR XA 196 23.08 116.01 -53.81
CA THR XA 196 23.51 117.28 -53.28
C THR XA 196 23.69 118.31 -54.40
N VAL XA 197 23.85 119.57 -53.98
CA VAL XA 197 24.21 120.68 -54.88
C VAL XA 197 25.19 121.59 -54.16
N THR XA 198 25.96 122.33 -54.96
CA THR XA 198 26.79 123.41 -54.44
C THR XA 198 27.12 124.34 -55.60
N VAL XA 199 27.38 125.60 -55.27
CA VAL XA 199 27.66 126.63 -56.28
C VAL XA 199 29.09 127.10 -56.08
N SER XA 200 29.65 127.67 -57.14
CA SER XA 200 31.01 128.19 -57.09
C SER XA 200 31.09 129.38 -56.14
N PRO XA 201 32.29 129.70 -55.64
CA PRO XA 201 32.42 130.91 -54.80
C PRO XA 201 32.06 132.19 -55.51
N ASP XA 202 32.24 132.24 -56.83
CA ASP XA 202 31.70 133.35 -57.61
C ASP XA 202 30.20 133.21 -57.83
N GLY XA 203 29.67 132.00 -57.73
CA GLY XA 203 28.23 131.79 -57.88
C GLY XA 203 27.72 131.95 -59.30
N SER XA 204 28.46 131.43 -60.29
CA SER XA 204 28.05 131.47 -61.68
C SER XA 204 27.76 130.11 -62.27
N LEU XA 205 28.22 129.02 -61.65
CA LEU XA 205 27.97 127.68 -62.13
C LEU XA 205 27.81 126.73 -60.95
N CYS XA 206 26.86 125.80 -61.09
CA CYS XA 206 26.49 124.88 -60.02
C CYS XA 206 26.52 123.44 -60.53
N ALA XA 207 26.84 122.52 -59.61
CA ALA XA 207 26.96 121.11 -59.92
C ALA XA 207 25.84 120.31 -59.26
N SER XA 208 25.55 119.14 -59.82
CA SER XA 208 24.49 118.27 -59.34
C SER XA 208 25.07 116.91 -58.98
N GLY XA 209 24.61 116.35 -57.87
CA GLY XA 209 25.07 115.05 -57.39
C GLY XA 209 24.14 113.95 -57.83
N GLY XA 210 24.71 112.83 -58.23
CA GLY XA 210 23.92 111.74 -58.76
C GLY XA 210 24.27 110.38 -58.23
N LYS XA 211 23.92 109.35 -58.99
CA LYS XA 211 24.10 107.96 -58.57
C LYS XA 211 24.95 107.17 -59.56
N ASP XA 212 25.30 107.74 -60.69
CA ASP XA 212 26.14 107.08 -61.68
C ASP XA 212 27.55 107.63 -61.69
N GLY XA 213 27.83 108.66 -60.90
CA GLY XA 213 29.07 109.38 -60.98
C GLY XA 213 29.02 110.58 -61.90
N GLN XA 214 27.85 110.94 -62.42
CA GLN XA 214 27.71 112.04 -63.36
C GLN XA 214 27.48 113.34 -62.59
N ALA XA 215 28.45 114.23 -62.65
CA ALA XA 215 28.38 115.54 -61.99
C ALA XA 215 28.02 116.56 -63.05
N MET XA 216 26.73 116.82 -63.21
CA MET XA 216 26.23 117.72 -64.24
C MET XA 216 26.45 119.16 -63.83
N LEU XA 217 27.32 119.86 -64.56
CA LEU XA 217 27.60 121.26 -64.34
C LEU XA 217 26.67 122.13 -65.18
N TRP XA 218 26.17 123.21 -64.58
CA TRP XA 218 25.24 124.10 -65.25
C TRP XA 218 25.58 125.54 -64.94
N ASP XA 219 25.46 126.39 -65.96
CA ASP XA 219 25.74 127.80 -65.79
C ASP XA 219 24.53 128.53 -65.21
N LEU XA 220 24.80 129.48 -64.32
CA LEU XA 220 23.75 130.21 -63.62
C LEU XA 220 23.36 131.50 -64.32
N ASN XA 221 24.24 132.04 -65.16
CA ASN XA 221 23.90 133.24 -65.93
C ASN XA 221 22.94 132.91 -67.05
N GLU XA 222 23.05 131.70 -67.62
CA GLU XA 222 22.04 131.14 -68.52
C GLU XA 222 22.16 129.62 -68.40
N GLY XA 223 21.04 128.96 -68.13
CA GLY XA 223 21.09 127.53 -67.90
C GLY XA 223 21.52 126.72 -69.11
N LYS XA 224 22.75 126.21 -69.07
CA LYS XA 224 23.28 125.34 -70.11
C LYS XA 224 24.18 124.30 -69.45
N HIS XA 225 24.11 123.08 -69.98
CA HIS XA 225 24.97 122.01 -69.50
C HIS XA 225 26.41 122.24 -69.94
N LEU XA 226 27.31 122.36 -68.98
CA LEU XA 226 28.70 122.61 -69.31
C LEU XA 226 29.37 121.32 -69.79
N TYR XA 227 29.49 120.33 -68.90
CA TYR XA 227 30.11 119.06 -69.24
C TYR XA 227 29.75 118.03 -68.17
N THR XA 228 30.25 116.81 -68.36
CA THR XA 228 29.93 115.70 -67.48
C THR XA 228 31.21 114.95 -67.16
N LEU XA 229 31.31 114.49 -65.91
CA LEU XA 229 32.41 113.64 -65.47
C LEU XA 229 31.81 112.31 -65.04
N ASP XA 230 32.56 111.23 -65.20
CA ASP XA 230 32.11 109.92 -64.71
C ASP XA 230 32.81 109.63 -63.40
N GLY XA 231 32.11 109.84 -62.28
CA GLY XA 231 32.63 109.44 -60.99
C GLY XA 231 32.48 107.97 -60.70
N GLY XA 232 31.67 107.28 -61.50
CA GLY XA 232 31.50 105.84 -61.38
C GLY XA 232 30.45 105.45 -60.36
N ASP XA 233 30.79 105.59 -59.08
CA ASP XA 233 29.91 105.15 -58.02
C ASP XA 233 29.02 106.31 -57.57
N ILE XA 234 28.34 106.14 -56.43
CA ILE XA 234 27.35 107.09 -55.98
C ILE XA 234 28.04 108.39 -55.55
N ILE XA 235 27.40 109.51 -55.88
CA ILE XA 235 27.86 110.84 -55.48
C ILE XA 235 27.11 111.26 -54.23
N ASN XA 236 27.86 111.66 -53.20
CA ASN XA 236 27.27 112.08 -51.93
C ASN XA 236 27.41 113.55 -51.63
N ALA XA 237 28.59 114.14 -51.85
CA ALA XA 237 28.82 115.52 -51.46
C ALA XA 237 29.80 116.18 -52.42
N LEU XA 238 29.43 117.34 -52.93
CA LEU XA 238 30.27 118.18 -53.77
C LEU XA 238 30.61 119.47 -53.03
N CYS XA 239 31.80 120.00 -53.29
CA CYS XA 239 32.21 121.27 -52.68
C CYS XA 239 33.27 121.93 -53.55
N PHE XA 240 32.96 123.12 -54.03
CA PHE XA 240 33.91 123.90 -54.82
C PHE XA 240 35.04 124.41 -53.94
N SER XA 241 36.21 124.56 -54.53
CA SER XA 241 37.34 125.12 -53.81
C SER XA 241 37.14 126.62 -53.62
N PRO XA 242 37.38 127.17 -52.43
CA PRO XA 242 37.21 128.62 -52.25
C PRO XA 242 38.34 129.43 -52.84
N ASN XA 243 39.53 128.85 -52.97
CA ASN XA 243 40.69 129.55 -53.50
C ASN XA 243 41.04 129.13 -54.92
N ARG XA 244 40.90 127.85 -55.23
CA ARG XA 244 41.30 127.32 -56.52
C ARG XA 244 40.12 127.37 -57.49
N TYR XA 245 40.26 126.69 -58.62
CA TYR XA 245 39.20 126.60 -59.60
C TYR XA 245 38.76 125.15 -59.69
N TRP XA 246 38.64 124.51 -58.54
CA TRP XA 246 38.47 123.06 -58.41
C TRP XA 246 37.04 122.70 -58.05
N LEU XA 247 36.77 121.39 -58.12
CA LEU XA 247 35.50 120.82 -57.65
C LEU XA 247 35.79 119.40 -57.20
N CYS XA 248 35.64 119.15 -55.90
CA CYS XA 248 35.85 117.84 -55.32
C CYS XA 248 34.51 117.17 -55.04
N ALA XA 249 34.52 115.84 -54.99
CA ALA XA 249 33.29 115.07 -54.93
C ALA XA 249 33.46 113.88 -53.99
N ALA XA 250 32.46 113.69 -53.13
CA ALA XA 250 32.42 112.53 -52.23
C ALA XA 250 31.83 111.33 -52.96
N THR XA 251 32.73 110.53 -53.50
CA THR XA 251 32.36 109.39 -54.35
C THR XA 251 32.65 108.11 -53.58
N GLY XA 252 31.67 107.64 -52.83
CA GLY XA 252 31.78 106.39 -52.11
C GLY XA 252 32.90 106.44 -51.09
N PRO XA 253 33.85 105.52 -51.21
CA PRO XA 253 34.99 105.51 -50.28
C PRO XA 253 36.08 106.48 -50.70
N SER XA 254 35.85 107.25 -51.76
CA SER XA 254 36.87 108.13 -52.30
C SER XA 254 36.36 109.56 -52.32
N ILE XA 255 37.30 110.49 -52.30
CA ILE XA 255 36.95 111.90 -52.41
C ILE XA 255 37.63 112.43 -53.66
N LYS XA 256 36.93 112.36 -54.80
CA LYS XA 256 37.57 112.65 -56.07
C LYS XA 256 37.56 114.15 -56.37
N ILE XA 257 38.72 114.68 -56.72
CA ILE XA 257 38.90 116.10 -57.00
C ILE XA 257 39.14 116.27 -58.50
N TRP XA 258 38.58 117.32 -59.07
CA TRP XA 258 38.84 117.68 -60.46
C TRP XA 258 39.00 119.19 -60.57
N ASP XA 259 39.31 119.65 -61.77
CA ASP XA 259 39.51 121.07 -62.06
C ASP XA 259 38.61 121.50 -63.19
N LEU XA 260 37.98 122.66 -63.04
CA LEU XA 260 37.05 123.16 -64.03
C LEU XA 260 37.73 123.77 -65.24
N GLU XA 261 39.04 124.01 -65.18
CA GLU XA 261 39.81 124.44 -66.34
C GLU XA 261 40.41 123.27 -67.10
N GLY XA 262 41.01 122.32 -66.38
CA GLY XA 262 41.48 121.09 -66.98
C GLY XA 262 40.74 119.91 -66.39
N LYS XA 263 39.96 119.24 -67.22
CA LYS XA 263 39.05 118.19 -66.74
C LYS XA 263 39.83 116.92 -66.43
N ILE XA 264 40.70 116.98 -65.43
CA ILE XA 264 41.63 115.90 -65.13
C ILE XA 264 41.67 115.71 -63.62
N ILE XA 265 41.79 114.45 -63.21
CA ILE XA 265 41.91 114.12 -61.79
C ILE XA 265 43.21 114.70 -61.24
N VAL XA 266 43.15 115.20 -60.01
CA VAL XA 266 44.32 115.75 -59.34
C VAL XA 266 44.91 114.71 -58.40
N ASP XA 267 44.08 114.18 -57.50
CA ASP XA 267 44.52 113.13 -56.59
C ASP XA 267 43.33 112.26 -56.21
N GLU XA 268 43.52 110.95 -56.25
CA GLU XA 268 42.49 110.01 -55.85
C GLU XA 268 42.60 109.78 -54.35
N LEU XA 269 41.67 110.36 -53.59
CA LEU XA 269 41.72 110.34 -52.12
C LEU XA 269 41.16 109.01 -51.62
N LYS XA 270 42.05 108.07 -51.31
CA LYS XA 270 41.66 106.77 -50.79
C LYS XA 270 42.54 106.42 -49.60
N GLN XA 271 41.94 105.85 -48.57
CA GLN XA 271 42.71 105.41 -47.40
C GLN XA 271 43.53 104.17 -47.76
N GLU XA 272 44.72 104.05 -47.16
CA GLU XA 272 45.52 102.84 -47.28
C GLU XA 272 45.46 101.99 -46.00
N VAL XA 273 44.40 102.15 -45.22
CA VAL XA 273 44.21 101.38 -43.99
C VAL XA 273 43.14 100.34 -44.28
N ILE XA 274 43.12 99.85 -45.52
CA ILE XA 274 42.17 98.83 -45.97
C ILE XA 274 42.31 97.54 -45.18
N SER XA 275 41.26 97.19 -44.46
CA SER XA 275 41.11 95.90 -43.81
C SER XA 275 39.78 95.24 -44.10
N THR XA 276 38.84 95.97 -44.71
CA THR XA 276 37.52 95.45 -45.04
C THR XA 276 37.57 94.90 -46.45
N SER XA 277 38.23 93.74 -46.60
CA SER XA 277 38.40 93.11 -47.90
C SER XA 277 37.74 91.74 -48.01
N SER XA 278 37.41 91.10 -46.90
CA SER XA 278 36.75 89.81 -46.92
C SER XA 278 35.33 89.97 -46.38
N LYS XA 279 34.34 89.88 -47.29
CA LYS XA 279 32.91 89.96 -46.98
C LYS XA 279 32.62 91.25 -46.21
N ALA XA 280 33.09 92.37 -46.75
CA ALA XA 280 32.86 93.66 -46.12
C ALA XA 280 32.79 94.74 -47.20
N GLU XA 281 32.33 95.93 -46.79
CA GLU XA 281 32.21 97.08 -47.65
C GLU XA 281 32.99 98.19 -46.97
N PRO XA 282 33.79 98.96 -47.71
CA PRO XA 282 34.65 99.97 -47.08
C PRO XA 282 33.82 101.11 -46.54
N PRO XA 283 34.33 101.83 -45.53
CA PRO XA 283 33.61 103.01 -45.04
C PRO XA 283 33.55 104.08 -46.12
N GLN XA 284 32.34 104.42 -46.54
CA GLN XA 284 32.16 105.33 -47.64
C GLN XA 284 31.89 106.74 -47.14
N CYS XA 285 32.54 107.71 -47.77
CA CYS XA 285 32.44 109.10 -47.33
C CYS XA 285 31.09 109.68 -47.73
N THR XA 286 30.49 110.40 -46.78
CA THR XA 286 29.21 111.05 -47.01
C THR XA 286 29.25 112.56 -46.77
N SER XA 287 30.42 113.12 -46.47
CA SER XA 287 30.52 114.53 -46.12
C SER XA 287 31.94 114.99 -46.33
N LEU XA 288 32.11 116.19 -46.90
CA LEU XA 288 33.44 116.77 -47.01
C LEU XA 288 33.29 118.27 -46.84
N ALA XA 289 34.41 118.92 -46.48
CA ALA XA 289 34.44 120.36 -46.33
C ALA XA 289 35.87 120.90 -46.45
N TRP XA 290 36.07 121.83 -47.38
CA TRP XA 290 37.34 122.54 -47.44
C TRP XA 290 37.46 123.49 -46.26
N SER XA 291 38.69 123.90 -45.97
CA SER XA 291 38.92 124.92 -44.98
C SER XA 291 38.38 126.27 -45.46
N ALA XA 292 38.31 127.24 -44.54
CA ALA XA 292 37.82 128.56 -44.88
C ALA XA 292 38.75 129.24 -45.89
N ASP XA 293 40.05 129.20 -45.64
CA ASP XA 293 41.02 129.74 -46.58
C ASP XA 293 41.15 128.87 -47.82
N GLY XA 294 40.93 127.57 -47.67
CA GLY XA 294 41.02 126.65 -48.78
C GLY XA 294 42.35 125.93 -48.86
N GLN XA 295 42.82 125.41 -47.73
CA GLN XA 295 44.06 124.66 -47.71
C GLN XA 295 43.97 123.35 -46.95
N THR XA 296 42.87 123.08 -46.26
CA THR XA 296 42.73 121.86 -45.47
C THR XA 296 41.35 121.27 -45.69
N LEU XA 297 41.30 120.03 -46.16
CA LEU XA 297 40.04 119.36 -46.46
C LEU XA 297 39.62 118.53 -45.27
N PHE XA 298 38.37 118.72 -44.83
CA PHE XA 298 37.75 117.88 -43.82
C PHE XA 298 36.85 116.88 -44.54
N ALA XA 299 36.69 115.70 -43.93
CA ALA XA 299 35.82 114.68 -44.51
C ALA XA 299 35.34 113.75 -43.40
N GLY XA 300 34.03 113.57 -43.30
CA GLY XA 300 33.45 112.69 -42.31
C GLY XA 300 32.92 111.42 -42.94
N TYR XA 301 33.53 110.30 -42.59
CA TYR XA 301 33.24 109.03 -43.23
C TYR XA 301 32.14 108.29 -42.47
N THR XA 302 31.87 107.05 -42.89
CA THR XA 302 30.86 106.22 -42.23
C THR XA 302 31.43 105.30 -41.16
N ASP XA 303 32.71 105.44 -40.82
CA ASP XA 303 33.28 104.74 -39.68
C ASP XA 303 33.42 105.66 -38.47
N ASN XA 304 32.44 106.54 -38.30
CA ASN XA 304 32.31 107.42 -37.13
C ASN XA 304 33.47 108.39 -37.02
N LEU XA 305 34.13 108.66 -38.14
CA LEU XA 305 35.45 109.27 -38.12
C LEU XA 305 35.49 110.48 -39.04
N VAL XA 306 36.28 111.47 -38.64
CA VAL XA 306 36.59 112.65 -39.45
C VAL XA 306 38.11 112.72 -39.53
N ARG XA 307 38.66 112.50 -40.72
CA ARG XA 307 40.09 112.72 -40.90
C ARG XA 307 40.34 113.90 -41.83
N VAL XA 308 41.41 114.64 -41.55
CA VAL XA 308 41.70 115.88 -42.23
C VAL XA 308 42.64 115.61 -43.39
N TRP XA 309 42.70 116.57 -44.31
CA TRP XA 309 43.50 116.43 -45.52
C TRP XA 309 44.10 117.78 -45.85
N GLN XA 310 45.42 117.91 -45.66
CA GLN XA 310 46.14 119.16 -45.86
C GLN XA 310 46.81 119.16 -47.23
N VAL XA 311 47.18 120.35 -47.71
CA VAL XA 311 47.81 120.53 -49.00
C VAL XA 311 49.31 120.75 -48.79
N THR XA 312 50.13 119.84 -49.32
CA THR XA 312 51.58 119.97 -49.15
C THR XA 312 52.16 121.02 -50.10
N ILE XA 313 51.78 120.99 -51.37
CA ILE XA 313 52.26 121.99 -52.30
C ILE XA 313 51.09 122.86 -52.76
N SER YA 1 11.56 66.44 -99.63
CA SER YA 1 12.62 65.84 -98.82
C SER YA 1 12.98 64.47 -99.36
N GLY YA 2 12.09 63.90 -100.16
CA GLY YA 2 12.32 62.61 -100.76
C GLY YA 2 12.93 62.70 -102.15
N ALA YA 3 14.26 62.53 -102.22
CA ALA YA 3 15.03 62.59 -103.47
C ALA YA 3 14.80 63.90 -104.22
N LEU YA 4 14.74 65.00 -103.48
CA LEU YA 4 14.45 66.31 -104.06
C LEU YA 4 15.66 67.21 -103.89
N ASP YA 5 16.22 67.66 -105.03
CA ASP YA 5 17.50 68.37 -105.01
C ASP YA 5 17.41 69.75 -104.39
N VAL YA 6 16.22 70.35 -104.35
CA VAL YA 6 16.06 71.64 -103.68
C VAL YA 6 16.11 71.50 -102.17
N LEU YA 7 16.11 70.27 -101.65
CA LEU YA 7 16.20 70.03 -100.22
C LEU YA 7 17.29 69.05 -99.85
N GLN YA 8 18.03 68.51 -100.82
CA GLN YA 8 19.05 67.49 -100.61
C GLN YA 8 20.17 68.03 -99.72
N MET YA 9 20.90 67.15 -99.05
CA MET YA 9 21.96 67.56 -98.13
C MET YA 9 23.09 68.26 -98.88
N LYS YA 10 23.49 69.41 -98.37
CA LYS YA 10 24.49 70.24 -99.03
C LYS YA 10 25.88 69.83 -98.54
N GLU YA 11 26.89 70.64 -98.87
CA GLU YA 11 28.26 70.36 -98.49
C GLU YA 11 28.73 71.20 -97.32
N GLU YA 12 28.30 72.45 -97.23
CA GLU YA 12 28.65 73.28 -96.09
C GLU YA 12 27.96 72.84 -94.81
N ASP YA 13 26.88 72.04 -94.92
CA ASP YA 13 26.16 71.59 -93.76
C ASP YA 13 26.85 70.45 -93.02
N VAL YA 14 27.50 69.55 -93.76
CA VAL YA 14 28.18 68.43 -93.10
C VAL YA 14 29.41 68.94 -92.36
N LEU YA 15 29.99 70.05 -92.81
CA LEU YA 15 31.12 70.65 -92.11
C LEU YA 15 30.70 71.22 -90.76
N LYS YA 16 29.43 71.53 -90.58
CA LYS YA 16 28.90 71.94 -89.28
C LYS YA 16 28.49 70.77 -88.43
N PHE YA 17 27.94 69.72 -89.05
CA PHE YA 17 27.65 68.49 -88.31
C PHE YA 17 28.92 67.79 -87.88
N LEU YA 18 30.05 68.05 -88.53
CA LEU YA 18 31.31 67.46 -88.12
C LEU YA 18 32.04 68.29 -87.07
N ALA YA 19 32.00 69.62 -87.18
CA ALA YA 19 32.72 70.45 -86.24
C ALA YA 19 32.05 70.44 -84.86
N ALA YA 20 30.73 70.45 -84.83
CA ALA YA 20 30.03 70.29 -83.56
C ALA YA 20 30.05 68.83 -83.09
N GLY YA 21 30.15 67.90 -84.03
CA GLY YA 21 30.22 66.50 -83.70
C GLY YA 21 28.87 65.90 -83.38
N THR YA 22 27.84 66.30 -84.14
CA THR YA 22 26.50 65.76 -83.94
C THR YA 22 26.38 64.30 -84.33
N HIS YA 23 27.38 63.75 -85.03
CA HIS YA 23 27.42 62.34 -85.36
C HIS YA 23 27.91 61.48 -84.22
N LEU YA 24 28.13 62.05 -83.04
CA LEU YA 24 28.55 61.31 -81.86
C LEU YA 24 27.34 61.08 -80.97
N GLY YA 25 27.17 59.84 -80.51
CA GLY YA 25 26.03 59.52 -79.68
C GLY YA 25 26.43 59.23 -78.26
N GLY YA 26 26.08 58.04 -77.77
CA GLY YA 26 26.45 57.65 -76.43
C GLY YA 26 27.19 56.33 -76.40
N THR YA 27 27.48 55.83 -75.21
CA THR YA 27 28.15 54.54 -75.08
C THR YA 27 27.16 53.40 -75.30
N ASN YA 28 25.94 53.54 -74.83
CA ASN YA 28 24.92 52.51 -74.96
C ASN YA 28 23.96 52.89 -76.09
N LEU YA 29 22.90 52.11 -76.21
CA LEU YA 29 21.99 52.20 -77.34
C LEU YA 29 20.60 51.77 -76.94
N ASP YA 30 19.60 52.53 -77.40
CA ASP YA 30 18.22 52.17 -77.22
C ASP YA 30 17.72 51.38 -78.43
N PHE YA 31 16.85 50.39 -78.18
CA PHE YA 31 16.45 49.46 -79.23
C PHE YA 31 15.67 50.13 -80.34
N GLN YA 32 14.99 51.24 -80.03
CA GLN YA 32 14.35 52.01 -81.09
C GLN YA 32 15.38 52.70 -81.97
N MET YA 33 16.53 53.06 -81.39
CA MET YA 33 17.56 53.79 -82.10
C MET YA 33 18.45 52.91 -82.95
N GLU YA 34 18.06 51.68 -83.20
CA GLU YA 34 18.85 50.82 -84.08
C GLU YA 34 18.70 51.21 -85.53
N GLN YA 35 17.77 52.12 -85.80
CA GLN YA 35 17.45 52.51 -87.15
C GLN YA 35 18.25 53.70 -87.66
N TYR YA 36 18.58 54.65 -86.79
CA TYR YA 36 19.31 55.86 -87.20
C TYR YA 36 20.77 55.81 -86.80
N ILE YA 37 21.42 54.65 -86.88
CA ILE YA 37 22.83 54.55 -86.50
C ILE YA 37 23.58 53.75 -87.55
N TYR YA 38 24.64 54.33 -88.07
CA TYR YA 38 25.52 53.66 -89.01
C TYR YA 38 26.22 52.47 -88.37
N LYS YA 39 27.04 52.72 -87.36
CA LYS YA 39 27.90 51.68 -86.80
C LYS YA 39 28.49 52.19 -85.49
N ARG YA 40 28.89 51.25 -84.63
CA ARG YA 40 29.53 51.55 -83.36
C ARG YA 40 31.04 51.52 -83.55
N LYS YA 41 31.69 52.67 -83.35
CA LYS YA 41 33.13 52.75 -83.52
C LYS YA 41 33.86 52.08 -82.36
N SER YA 42 35.16 51.83 -82.53
CA SER YA 42 35.93 51.30 -81.42
C SER YA 42 36.18 52.39 -80.40
N ASP YA 43 36.11 51.98 -79.13
CA ASP YA 43 35.83 52.68 -77.86
C ASP YA 43 34.34 52.65 -77.52
N GLY YA 44 33.52 51.93 -78.28
CA GLY YA 44 32.12 51.73 -77.91
C GLY YA 44 31.28 52.98 -77.90
N ILE YA 45 31.26 53.72 -79.00
CA ILE YA 45 30.40 54.89 -79.14
C ILE YA 45 29.69 54.74 -80.47
N TYR YA 46 28.37 54.86 -80.45
CA TYR YA 46 27.58 54.68 -81.67
C TYR YA 46 27.57 55.96 -82.48
N ILE YA 47 27.70 55.83 -83.80
CA ILE YA 47 27.77 56.96 -84.71
C ILE YA 47 26.42 57.16 -85.37
N ILE YA 48 25.91 58.38 -85.33
CA ILE YA 48 24.61 58.69 -85.89
C ILE YA 48 24.75 58.93 -87.38
N ASN YA 49 23.87 58.33 -88.17
CA ASN YA 49 23.89 58.54 -89.62
C ASN YA 49 23.39 59.93 -89.92
N LEU YA 50 24.32 60.81 -90.33
CA LEU YA 50 23.98 62.20 -90.58
C LEU YA 50 23.12 62.39 -91.82
N LYS YA 51 23.09 61.42 -92.74
CA LYS YA 51 22.14 61.50 -93.84
C LYS YA 51 20.73 61.20 -93.36
N ARG YA 52 20.56 60.11 -92.62
CA ARG YA 52 19.25 59.77 -92.08
C ARG YA 52 18.85 60.68 -90.94
N THR YA 53 19.76 61.54 -90.48
CA THR YA 53 19.42 62.60 -89.54
C THR YA 53 18.76 63.78 -90.24
N TRP YA 54 19.25 64.15 -91.41
CA TRP YA 54 18.64 65.26 -92.14
C TRP YA 54 17.29 64.88 -92.71
N GLU YA 55 17.08 63.60 -93.00
CA GLU YA 55 15.77 63.14 -93.45
C GLU YA 55 14.70 63.41 -92.40
N LYS YA 56 15.05 63.23 -91.12
CA LYS YA 56 14.11 63.51 -90.04
C LYS YA 56 13.97 65.00 -89.79
N LEU YA 57 15.08 65.74 -89.78
CA LEU YA 57 15.04 67.16 -89.53
C LEU YA 57 14.26 67.89 -90.62
N LEU YA 58 14.35 67.42 -91.85
CA LEU YA 58 13.46 67.92 -92.88
C LEU YA 58 12.02 67.51 -92.60
N LEU YA 59 11.81 66.25 -92.22
CA LEU YA 59 10.46 65.79 -91.92
C LEU YA 59 9.92 66.46 -90.66
N ALA YA 60 10.79 66.71 -89.69
CA ALA YA 60 10.38 67.49 -88.52
C ALA YA 60 9.97 68.89 -88.94
N ALA YA 61 10.73 69.48 -89.87
CA ALA YA 61 10.43 70.82 -90.35
C ALA YA 61 9.10 70.88 -91.08
N ARG YA 62 8.63 69.76 -91.63
CA ARG YA 62 7.31 69.73 -92.26
C ARG YA 62 6.22 70.04 -91.24
N ALA YA 63 6.43 69.58 -90.00
CA ALA YA 63 5.36 69.58 -89.02
C ALA YA 63 5.01 71.00 -88.57
N ILE YA 64 6.00 71.85 -88.40
CA ILE YA 64 5.74 73.20 -87.90
C ILE YA 64 5.08 74.04 -88.99
N VAL YA 65 5.52 73.85 -90.24
CA VAL YA 65 4.97 74.63 -91.35
C VAL YA 65 3.50 74.29 -91.58
N ALA YA 66 3.09 73.08 -91.22
CA ALA YA 66 1.67 72.72 -91.27
C ALA YA 66 0.87 73.51 -90.25
N ILE YA 67 1.50 73.88 -89.13
CA ILE YA 67 0.81 74.66 -88.12
C ILE YA 67 0.58 76.06 -88.67
N GLU YA 68 -0.68 76.47 -88.72
CA GLU YA 68 -1.00 77.78 -89.28
C GLU YA 68 -0.53 78.89 -88.33
N ASN YA 69 -1.10 78.94 -87.14
CA ASN YA 69 -0.79 80.02 -86.20
C ASN YA 69 0.50 79.69 -85.49
N PRO YA 70 1.60 80.41 -85.75
CA PRO YA 70 2.91 80.01 -85.22
C PRO YA 70 3.06 80.23 -83.73
N ALA YA 71 2.10 80.86 -83.07
CA ALA YA 71 2.21 81.14 -81.65
C ALA YA 71 1.82 79.95 -80.77
N ASP YA 72 1.41 78.83 -81.36
CA ASP YA 72 1.07 77.67 -80.55
C ASP YA 72 1.93 76.45 -80.90
N VAL YA 73 3.23 76.68 -81.05
CA VAL YA 73 4.18 75.59 -81.12
C VAL YA 73 5.09 75.76 -79.92
N SER YA 74 4.77 75.08 -78.82
CA SER YA 74 5.56 75.21 -77.60
C SER YA 74 6.89 74.50 -77.75
N VAL YA 75 7.96 75.18 -77.40
CA VAL YA 75 9.31 74.63 -77.46
C VAL YA 75 9.90 74.68 -76.06
N ILE YA 76 10.27 73.52 -75.53
CA ILE YA 76 10.57 73.36 -74.11
C ILE YA 76 11.96 72.76 -73.96
N SER YA 77 12.77 73.35 -73.08
CA SER YA 77 14.09 72.82 -72.78
C SER YA 77 14.43 73.19 -71.33
N SER YA 78 14.10 72.30 -70.40
CA SER YA 78 14.39 72.59 -69.00
C SER YA 78 15.86 72.37 -68.67
N ARG YA 79 16.61 71.71 -69.55
CA ARG YA 79 18.05 71.58 -69.36
C ARG YA 79 18.71 72.96 -69.48
N ASN YA 80 19.87 73.09 -68.84
CA ASN YA 80 20.66 74.31 -68.97
C ASN YA 80 21.20 74.46 -70.38
N THR YA 81 21.57 73.34 -71.01
CA THR YA 81 22.28 73.36 -72.27
C THR YA 81 21.41 73.87 -73.42
N GLY YA 82 20.10 73.76 -73.32
CA GLY YA 82 19.25 74.16 -74.41
C GLY YA 82 18.38 75.38 -74.12
N GLN YA 83 18.72 76.14 -73.09
CA GLN YA 83 17.95 77.32 -72.75
C GLN YA 83 18.04 78.36 -73.86
N ARG YA 84 19.25 78.86 -74.11
CA ARG YA 84 19.44 80.00 -75.00
C ARG YA 84 18.98 79.71 -76.42
N ALA YA 85 19.10 78.45 -76.86
CA ALA YA 85 18.77 78.12 -78.24
C ALA YA 85 17.28 78.23 -78.50
N VAL YA 86 16.46 77.82 -77.52
CA VAL YA 86 15.02 77.79 -77.76
C VAL YA 86 14.41 79.18 -77.63
N LEU YA 87 15.09 80.10 -76.96
CA LEU YA 87 14.57 81.46 -76.86
C LEU YA 87 14.57 82.14 -78.22
N LYS YA 88 15.70 82.11 -78.92
CA LYS YA 88 15.76 82.81 -80.19
C LYS YA 88 15.08 82.03 -81.30
N PHE YA 89 15.07 80.70 -81.22
CA PHE YA 89 14.30 79.91 -82.18
C PHE YA 89 12.82 80.28 -82.09
N ALA YA 90 12.26 80.24 -80.87
CA ALA YA 90 10.88 80.67 -80.67
C ALA YA 90 10.68 82.16 -80.93
N ALA YA 91 11.76 82.93 -81.04
CA ALA YA 91 11.70 84.30 -81.53
C ALA YA 91 11.88 84.38 -83.04
N ALA YA 92 12.66 83.49 -83.63
CA ALA YA 92 12.87 83.52 -85.07
C ALA YA 92 11.68 83.01 -85.86
N THR YA 93 10.80 82.21 -85.25
CA THR YA 93 9.63 81.68 -85.93
C THR YA 93 8.33 82.28 -85.42
N GLY YA 94 8.28 82.65 -84.16
CA GLY YA 94 7.08 83.09 -83.52
C GLY YA 94 6.48 82.10 -82.55
N ALA YA 95 7.27 81.17 -82.05
CA ALA YA 95 6.80 80.09 -81.19
C ALA YA 95 6.79 80.54 -79.73
N THR YA 96 6.05 79.79 -78.91
CA THR YA 96 6.01 80.06 -77.47
C THR YA 96 7.15 79.34 -76.79
N PRO YA 97 8.06 80.04 -76.11
CA PRO YA 97 9.17 79.36 -75.45
C PRO YA 97 8.86 79.05 -73.99
N ILE YA 98 9.34 77.89 -73.55
CA ILE YA 98 9.32 77.50 -72.14
C ILE YA 98 10.74 77.12 -71.77
N ALA YA 99 11.35 77.90 -70.89
CA ALA YA 99 12.76 77.74 -70.54
C ALA YA 99 12.87 77.43 -69.05
N GLY YA 100 13.14 76.16 -68.74
CA GLY YA 100 13.45 75.77 -67.38
C GLY YA 100 12.26 75.62 -66.47
N ARG YA 101 12.28 74.59 -65.63
CA ARG YA 101 11.24 74.32 -64.63
C ARG YA 101 9.85 74.29 -65.22
N PHE YA 102 9.58 73.32 -66.08
CA PHE YA 102 8.25 73.11 -66.63
C PHE YA 102 7.33 72.73 -65.47
N THR YA 103 6.48 73.65 -65.06
CA THR YA 103 5.60 73.38 -63.94
C THR YA 103 4.51 72.41 -64.36
N PRO YA 104 4.32 71.29 -63.68
CA PRO YA 104 3.30 70.33 -64.09
C PRO YA 104 1.90 70.91 -64.00
N GLY YA 105 1.10 70.65 -65.02
CA GLY YA 105 -0.25 71.15 -65.08
C GLY YA 105 -0.48 72.32 -66.00
N THR YA 106 0.54 72.75 -66.75
CA THR YA 106 0.37 73.85 -67.69
C THR YA 106 -0.51 73.48 -68.88
N PHE YA 107 -0.81 72.21 -69.07
CA PHE YA 107 -1.75 71.79 -70.10
C PHE YA 107 -3.07 71.29 -69.56
N THR YA 108 -3.09 70.71 -68.36
CA THR YA 108 -4.27 70.05 -67.84
C THR YA 108 -5.15 70.96 -67.01
N ASN YA 109 -4.58 71.91 -66.29
CA ASN YA 109 -5.32 72.70 -65.33
C ASN YA 109 -5.76 74.03 -65.95
N GLN YA 110 -7.01 74.40 -65.73
CA GLN YA 110 -7.62 75.57 -66.37
C GLN YA 110 -7.51 76.82 -65.52
N ILE YA 111 -7.49 76.65 -64.19
CA ILE YA 111 -7.41 77.80 -63.29
C ILE YA 111 -6.03 78.44 -63.36
N GLN YA 112 -5.06 77.75 -63.95
CA GLN YA 112 -3.71 78.28 -64.07
C GLN YA 112 -3.67 79.57 -64.88
N THR YA 113 -2.78 80.47 -64.48
CA THR YA 113 -2.43 81.58 -65.35
C THR YA 113 -1.58 81.12 -66.53
N ALA YA 114 -0.91 79.98 -66.39
CA ALA YA 114 -0.05 79.43 -67.44
C ALA YA 114 -0.74 78.31 -68.20
N PHE YA 115 -2.05 78.41 -68.36
CA PHE YA 115 -2.80 77.42 -69.12
C PHE YA 115 -2.51 77.63 -70.61
N ARG YA 116 -1.71 76.74 -71.18
CA ARG YA 116 -1.37 76.80 -72.59
C ARG YA 116 -2.21 75.79 -73.35
N GLU YA 117 -2.28 75.99 -74.66
CA GLU YA 117 -2.98 75.07 -75.56
C GLU YA 117 -2.19 74.90 -76.85
N PRO YA 118 -0.98 74.33 -76.78
CA PRO YA 118 -0.15 74.24 -77.98
C PRO YA 118 -0.71 73.23 -78.96
N ARG YA 119 -0.29 73.38 -80.22
CA ARG YA 119 -0.64 72.43 -81.26
C ARG YA 119 0.49 71.48 -81.61
N LEU YA 120 1.71 71.77 -81.16
CA LEU YA 120 2.83 70.87 -81.38
C LEU YA 120 3.91 71.22 -80.37
N LEU YA 121 4.63 70.22 -79.91
CA LEU YA 121 5.61 70.41 -78.87
C LEU YA 121 6.96 69.90 -79.35
N VAL YA 122 8.00 70.69 -79.11
CA VAL YA 122 9.35 70.37 -79.57
C VAL YA 122 10.25 70.26 -78.34
N VAL YA 123 10.83 69.08 -78.13
CA VAL YA 123 11.59 68.79 -76.93
C VAL YA 123 13.05 68.61 -77.30
N THR YA 124 13.93 69.12 -76.44
CA THR YA 124 15.36 68.95 -76.63
C THR YA 124 15.86 67.58 -76.22
N ASP YA 125 15.17 66.92 -75.28
CA ASP YA 125 15.64 65.66 -74.72
C ASP YA 125 14.52 64.97 -73.95
N PRO YA 126 14.20 63.72 -74.28
CA PRO YA 126 13.10 63.03 -73.59
C PRO YA 126 13.38 62.77 -72.12
N ARG YA 127 14.60 62.35 -71.80
CA ARG YA 127 14.94 61.94 -70.44
C ARG YA 127 14.76 63.09 -69.45
N ALA YA 128 15.21 64.28 -69.83
CA ALA YA 128 15.02 65.43 -68.95
C ALA YA 128 13.57 65.91 -68.99
N ASP YA 129 13.09 66.30 -70.17
CA ASP YA 129 11.80 66.97 -70.29
C ASP YA 129 10.68 65.94 -70.46
N HIS YA 130 10.66 64.93 -69.60
CA HIS YA 130 9.61 63.92 -69.66
C HIS YA 130 8.28 64.44 -69.14
N GLN YA 131 8.30 65.50 -68.32
CA GLN YA 131 7.05 66.01 -67.76
C GLN YA 131 6.14 66.65 -68.80
N PRO YA 132 6.64 67.46 -69.77
CA PRO YA 132 5.73 67.85 -70.86
C PRO YA 132 5.34 66.70 -71.75
N LEU YA 133 6.22 65.72 -71.91
CA LEU YA 133 5.89 64.54 -72.72
C LEU YA 133 4.68 63.81 -72.16
N THR YA 134 4.77 63.38 -70.90
CA THR YA 134 3.65 62.69 -70.27
C THR YA 134 2.46 63.60 -70.06
N GLU YA 135 2.67 64.92 -69.97
CA GLU YA 135 1.52 65.81 -70.00
C GLU YA 135 0.93 65.91 -71.39
N ALA YA 136 1.70 65.58 -72.43
CA ALA YA 136 1.17 65.58 -73.79
C ALA YA 136 0.56 64.22 -74.11
N SER YA 137 -0.28 63.76 -73.19
CA SER YA 137 -0.98 62.51 -73.36
C SER YA 137 -2.45 62.70 -73.06
N TYR YA 138 -2.72 63.62 -72.13
CA TYR YA 138 -4.09 63.96 -71.76
C TYR YA 138 -4.70 64.96 -72.72
N VAL YA 139 -3.88 65.67 -73.47
CA VAL YA 139 -4.34 66.51 -74.57
C VAL YA 139 -3.64 66.01 -75.82
N ASN YA 140 -4.39 65.89 -76.91
CA ASN YA 140 -3.82 65.47 -78.18
C ASN YA 140 -2.75 66.45 -78.62
N LEU YA 141 -1.52 65.98 -78.68
CA LEU YA 141 -0.41 66.88 -78.94
C LEU YA 141 0.73 66.17 -79.62
N PRO YA 142 0.90 66.36 -80.94
CA PRO YA 142 2.09 65.82 -81.62
C PRO YA 142 3.37 66.43 -81.07
N THR YA 143 4.40 65.61 -80.99
CA THR YA 143 5.60 65.94 -80.24
C THR YA 143 6.86 65.66 -81.07
N ILE YA 144 7.89 66.46 -80.83
CA ILE YA 144 9.19 66.34 -81.50
C ILE YA 144 10.24 66.20 -80.40
N ALA YA 145 11.28 65.41 -80.68
CA ALA YA 145 12.34 65.23 -79.69
C ALA YA 145 13.67 65.08 -80.40
N LEU YA 146 14.71 65.63 -79.78
CA LEU YA 146 16.09 65.47 -80.24
C LEU YA 146 16.76 64.36 -79.43
N CYS YA 147 16.23 63.15 -79.55
CA CYS YA 147 16.73 62.05 -78.73
C CYS YA 147 18.01 61.48 -79.34
N ASN YA 148 19.01 61.26 -78.48
CA ASN YA 148 20.33 60.96 -79.02
C ASN YA 148 20.55 59.49 -79.36
N THR YA 149 20.76 58.66 -78.34
CA THR YA 149 20.97 57.23 -78.55
C THR YA 149 20.35 56.37 -77.47
N ASP YA 150 20.22 56.88 -76.25
CA ASP YA 150 19.73 56.10 -75.12
C ASP YA 150 18.36 56.54 -74.66
N SER YA 151 17.81 57.58 -75.26
CA SER YA 151 16.59 58.18 -74.77
C SER YA 151 15.40 57.28 -75.06
N PRO YA 152 14.49 57.10 -74.12
CA PRO YA 152 13.27 56.35 -74.40
C PRO YA 152 12.34 57.15 -75.29
N LEU YA 153 11.77 56.47 -76.28
CA LEU YA 153 10.84 57.11 -77.20
C LEU YA 153 9.41 56.95 -76.72
N ARG YA 154 9.19 57.26 -75.46
CA ARG YA 154 7.86 57.25 -74.86
C ARG YA 154 7.16 58.53 -75.25
N TYR YA 155 6.05 58.40 -75.97
CA TYR YA 155 5.14 59.45 -76.38
C TYR YA 155 5.74 60.40 -77.42
N VAL YA 156 6.96 60.17 -77.89
CA VAL YA 156 7.49 61.01 -78.97
C VAL YA 156 6.81 60.61 -80.27
N ASP YA 157 6.86 61.52 -81.25
CA ASP YA 157 6.20 61.28 -82.52
C ASP YA 157 7.11 61.48 -83.73
N ILE YA 158 8.15 62.28 -83.60
CA ILE YA 158 9.21 62.28 -84.61
C ILE YA 158 10.52 62.67 -83.93
N ALA YA 159 11.59 61.96 -84.25
CA ALA YA 159 12.84 62.08 -83.54
C ALA YA 159 13.94 62.60 -84.46
N ILE YA 160 14.86 63.34 -83.86
CA ILE YA 160 16.05 63.82 -84.57
C ILE YA 160 17.28 63.32 -83.83
N PRO YA 161 17.98 62.34 -84.36
CA PRO YA 161 19.13 61.77 -83.64
C PRO YA 161 20.31 62.72 -83.62
N CYS YA 162 20.57 63.32 -82.46
CA CYS YA 162 21.64 64.29 -82.31
C CYS YA 162 22.16 64.23 -80.89
N ASN YA 163 23.42 64.63 -80.72
CA ASN YA 163 24.04 64.68 -79.41
C ASN YA 163 23.41 65.84 -78.64
N ASN YA 164 22.59 65.50 -77.64
CA ASN YA 164 21.98 66.50 -76.78
C ASN YA 164 22.75 66.70 -75.48
N LYS YA 165 23.98 66.17 -75.40
CA LYS YA 165 24.83 66.46 -74.26
C LYS YA 165 25.72 67.67 -74.50
N GLY YA 166 26.23 67.81 -75.72
CA GLY YA 166 27.19 68.86 -76.00
C GLY YA 166 26.55 70.23 -76.08
N ALA YA 167 27.29 71.25 -75.65
CA ALA YA 167 26.83 72.63 -75.69
C ALA YA 167 26.83 73.20 -77.05
N HIS YA 168 27.36 72.47 -78.03
CA HIS YA 168 27.40 72.94 -79.41
C HIS YA 168 26.56 72.09 -80.35
N SER YA 169 26.27 70.85 -79.98
CA SER YA 169 25.54 69.94 -80.83
C SER YA 169 24.05 69.95 -80.56
N VAL YA 170 23.58 70.69 -79.55
CA VAL YA 170 22.15 70.84 -79.34
C VAL YA 170 21.70 72.16 -79.96
N GLY YA 171 22.45 73.24 -79.75
CA GLY YA 171 22.11 74.50 -80.36
C GLY YA 171 22.27 74.51 -81.86
N LEU YA 172 23.10 73.62 -82.40
CA LEU YA 172 23.22 73.49 -83.83
C LEU YA 172 21.93 72.98 -84.45
N MET YA 173 21.20 72.13 -83.73
CA MET YA 173 19.94 71.61 -84.26
C MET YA 173 18.84 72.66 -84.24
N TRP YA 174 18.80 73.51 -83.22
CA TRP YA 174 17.80 74.56 -83.23
C TRP YA 174 18.08 75.58 -84.32
N TRP YA 175 19.34 75.74 -84.71
CA TRP YA 175 19.64 76.57 -85.85
C TRP YA 175 19.15 75.93 -87.14
N MET YA 176 19.41 74.63 -87.32
CA MET YA 176 18.94 73.92 -88.51
C MET YA 176 17.41 73.90 -88.55
N LEU YA 177 16.77 73.75 -87.38
CA LEU YA 177 15.33 73.91 -87.32
C LEU YA 177 14.92 75.30 -87.77
N ALA YA 178 15.58 76.33 -87.23
CA ALA YA 178 15.23 77.70 -87.57
C ALA YA 178 15.49 78.01 -89.04
N ARG YA 179 16.43 77.30 -89.66
CA ARG YA 179 16.66 77.49 -91.09
C ARG YA 179 15.48 76.94 -91.90
N GLU YA 180 15.21 75.65 -91.74
CA GLU YA 180 14.24 74.96 -92.58
C GLU YA 180 12.83 75.50 -92.43
N VAL YA 181 12.39 75.74 -91.19
CA VAL YA 181 11.03 76.20 -90.98
C VAL YA 181 10.85 77.60 -91.56
N LEU YA 182 11.94 78.37 -91.64
CA LEU YA 182 11.89 79.66 -92.30
C LEU YA 182 12.19 79.56 -93.78
N ARG YA 183 12.62 78.39 -94.26
CA ARG YA 183 12.83 78.22 -95.69
C ARG YA 183 11.56 77.74 -96.39
N MET YA 184 10.70 77.00 -95.67
CA MET YA 184 9.45 76.54 -96.28
C MET YA 184 8.51 77.71 -96.50
N ARG YA 185 8.09 78.37 -95.42
CA ARG YA 185 7.40 79.63 -95.60
C ARG YA 185 8.38 80.65 -96.17
N GLY YA 186 7.83 81.63 -96.89
CA GLY YA 186 8.74 82.59 -97.45
C GLY YA 186 9.34 83.50 -96.39
N THR YA 187 10.54 83.16 -95.94
CA THR YA 187 11.37 84.06 -95.17
C THR YA 187 12.79 84.03 -95.73
N ILE YA 188 13.28 82.84 -96.04
CA ILE YA 188 14.66 82.62 -96.44
C ILE YA 188 14.69 82.02 -97.84
N SER YA 189 15.73 82.40 -98.59
CA SER YA 189 16.06 81.77 -99.86
C SER YA 189 17.28 80.88 -99.68
N ARG YA 190 17.45 79.94 -100.61
CA ARG YA 190 18.47 78.92 -100.48
C ARG YA 190 19.79 79.30 -101.13
N GLU YA 191 19.85 80.40 -101.87
CA GLU YA 191 21.08 80.74 -102.60
C GLU YA 191 22.11 81.32 -101.65
N HIS YA 192 21.81 82.44 -101.01
CA HIS YA 192 22.70 82.93 -99.98
C HIS YA 192 22.27 82.40 -98.62
N PRO YA 193 23.19 82.07 -97.73
CA PRO YA 193 22.79 81.45 -96.45
C PRO YA 193 22.07 82.42 -95.52
N TRP YA 194 21.62 81.89 -94.39
CA TRP YA 194 20.94 82.66 -93.37
C TRP YA 194 21.98 83.23 -92.41
N GLU YA 195 22.01 84.56 -92.28
CA GLU YA 195 23.17 85.22 -91.69
C GLU YA 195 23.29 84.98 -90.19
N VAL YA 196 22.22 84.49 -89.56
CA VAL YA 196 22.24 84.23 -88.13
C VAL YA 196 23.17 83.05 -87.86
N MET YA 197 24.28 83.33 -87.17
CA MET YA 197 25.33 82.36 -86.89
C MET YA 197 24.82 81.34 -85.89
N PRO YA 198 25.10 80.04 -86.10
CA PRO YA 198 24.66 79.03 -85.12
C PRO YA 198 25.31 79.18 -83.76
N ASP YA 199 26.45 79.89 -83.65
CA ASP YA 199 27.07 80.14 -82.36
C ASP YA 199 26.22 81.05 -81.49
N LEU YA 200 25.33 81.82 -82.11
CA LEU YA 200 24.38 82.60 -81.33
C LEU YA 200 23.40 81.71 -80.58
N TYR YA 201 23.26 80.45 -80.98
CA TYR YA 201 22.46 79.49 -80.23
C TYR YA 201 23.28 78.65 -79.26
N PHE YA 202 24.57 78.91 -79.13
CA PHE YA 202 25.41 78.11 -78.25
C PHE YA 202 25.24 78.53 -76.80
N TYR YA 203 25.15 77.54 -75.90
CA TYR YA 203 25.06 77.82 -74.49
C TYR YA 203 26.42 78.25 -73.95
N ARG YA 204 26.44 79.39 -73.27
CA ARG YA 204 27.67 79.95 -72.72
C ARG YA 204 27.88 79.37 -71.33
N ASP YA 205 29.02 78.73 -71.11
CA ASP YA 205 29.31 78.12 -69.83
C ASP YA 205 29.56 79.21 -68.78
N PRO YA 206 29.32 78.93 -67.48
CA PRO YA 206 29.48 79.96 -66.45
C PRO YA 206 30.88 80.53 -66.31
N GLU YA 207 31.85 79.98 -67.02
CA GLU YA 207 33.21 80.52 -67.08
C GLU YA 207 33.47 81.32 -68.34
N GLU YA 208 32.84 80.95 -69.46
CA GLU YA 208 33.07 81.61 -70.74
C GLU YA 208 32.49 83.02 -70.81
N ILE YA 209 31.75 83.45 -69.80
CA ILE YA 209 31.29 84.82 -69.74
C ILE YA 209 32.41 85.75 -69.27
N GLU YA 210 33.26 85.28 -68.35
CA GLU YA 210 34.42 86.03 -67.91
C GLU YA 210 35.67 85.71 -68.73
N LYS YA 211 35.54 84.88 -69.77
CA LYS YA 211 36.59 84.72 -70.77
C LYS YA 211 36.35 85.63 -71.96
N GLU YA 212 35.28 86.43 -71.92
CA GLU YA 212 34.95 87.36 -73.00
C GLU YA 212 34.91 88.81 -72.57
N GLU YA 213 34.54 89.12 -71.32
CA GLU YA 213 34.55 90.51 -70.87
C GLU YA 213 35.96 91.04 -70.72
N GLN YA 214 36.93 90.17 -70.40
CA GLN YA 214 38.31 90.61 -70.16
C GLN YA 214 39.22 90.39 -71.37
N ALA YA 215 38.92 89.43 -72.24
CA ALA YA 215 39.72 89.22 -73.44
C ALA YA 215 39.50 90.31 -74.48
N ALA YA 216 38.43 91.09 -74.37
CA ALA YA 216 38.15 92.18 -75.28
C ALA YA 216 38.69 93.52 -74.78
N ALA YA 217 39.60 93.50 -73.81
CA ALA YA 217 40.18 94.73 -73.28
C ALA YA 217 41.71 94.67 -73.30
N VAL ZA 1 59.37 33.00 0.85
CA VAL ZA 1 59.35 34.43 1.10
C VAL ZA 1 60.49 35.09 0.34
N VAL ZA 2 61.38 34.25 -0.20
CA VAL ZA 2 62.57 34.72 -0.88
C VAL ZA 2 62.28 34.82 -2.37
N ASP ZA 3 62.75 35.88 -2.99
CA ASP ZA 3 62.40 36.16 -4.37
C ASP ZA 3 63.00 35.10 -5.29
N PRO ZA 4 62.22 34.56 -6.23
CA PRO ZA 4 62.77 33.52 -7.12
C PRO ZA 4 63.71 34.06 -8.17
N PHE ZA 5 63.67 35.37 -8.47
CA PHE ZA 5 64.58 35.90 -9.49
C PHE ZA 5 66.00 36.11 -8.97
N SER ZA 6 66.25 35.83 -7.69
CA SER ZA 6 67.60 35.69 -7.22
C SER ZA 6 68.22 34.38 -7.67
N LYS ZA 7 67.43 33.49 -8.26
CA LYS ZA 7 67.89 32.20 -8.72
C LYS ZA 7 67.98 32.13 -10.24
N LYS ZA 8 67.65 33.21 -10.94
CA LYS ZA 8 67.62 33.18 -12.39
C LYS ZA 8 68.99 33.56 -12.96
N ASP ZA 9 69.32 32.94 -14.08
CA ASP ZA 9 70.59 33.18 -14.77
C ASP ZA 9 70.28 33.55 -16.21
N TRP ZA 10 70.75 34.71 -16.64
CA TRP ZA 10 70.40 35.21 -17.97
C TRP ZA 10 71.32 34.58 -19.00
N TYR ZA 11 70.75 33.80 -19.91
CA TYR ZA 11 71.50 33.19 -21.00
C TYR ZA 11 71.27 33.97 -22.28
N ASP ZA 12 72.33 34.20 -23.04
CA ASP ZA 12 72.24 35.02 -24.24
C ASP ZA 12 72.06 34.13 -25.47
N VAL ZA 13 70.89 34.20 -26.07
CA VAL ZA 13 70.51 33.25 -27.11
C VAL ZA 13 71.01 33.72 -28.47
N LYS ZA 14 71.72 32.87 -29.17
CA LYS ZA 14 72.32 33.19 -30.44
C LYS ZA 14 71.51 32.60 -31.58
N ALA ZA 15 71.63 33.19 -32.74
CA ALA ZA 15 71.01 32.70 -33.96
C ALA ZA 15 72.02 31.92 -34.77
N PRO ZA 16 71.58 30.99 -35.61
CA PRO ZA 16 72.50 30.26 -36.48
C PRO ZA 16 73.15 31.15 -37.53
N ALA ZA 17 74.07 30.55 -38.29
CA ALA ZA 17 75.02 31.25 -39.14
C ALA ZA 17 74.37 32.16 -40.18
N MET ZA 18 73.42 31.61 -40.94
CA MET ZA 18 72.90 32.21 -42.18
C MET ZA 18 72.30 33.61 -41.99
N PHE ZA 19 71.96 33.98 -40.77
CA PHE ZA 19 71.36 35.28 -40.53
C PHE ZA 19 72.42 36.35 -40.33
N ASN ZA 20 72.02 37.60 -40.57
CA ASN ZA 20 72.92 38.72 -40.33
C ASN ZA 20 73.04 39.00 -38.85
N ILE ZA 21 71.93 39.37 -38.21
CA ILE ZA 21 71.92 39.64 -36.78
C ILE ZA 21 71.86 38.31 -36.05
N ARG ZA 22 72.93 37.96 -35.34
CA ARG ZA 22 73.01 36.67 -34.69
C ARG ZA 22 72.47 36.69 -33.26
N ASN ZA 23 72.25 37.86 -32.68
CA ASN ZA 23 71.75 37.95 -31.31
C ASN ZA 23 70.24 38.07 -31.33
N ILE ZA 24 69.57 37.19 -30.58
CA ILE ZA 24 68.12 37.16 -30.52
C ILE ZA 24 67.66 37.92 -29.30
N GLY ZA 25 68.18 37.53 -28.14
CA GLY ZA 25 67.83 38.20 -26.90
C GLY ZA 25 68.46 37.52 -25.72
N LYS ZA 26 67.76 37.47 -24.61
CA LYS ZA 26 68.26 36.87 -23.40
C LYS ZA 26 67.13 36.17 -22.65
N THR ZA 27 67.24 34.85 -22.54
CA THR ZA 27 66.34 34.07 -21.71
C THR ZA 27 66.91 34.00 -20.30
N LEU ZA 28 66.08 33.52 -19.37
CA LEU ZA 28 66.51 33.43 -17.99
C LEU ZA 28 66.02 32.11 -17.41
N VAL ZA 29 66.91 31.45 -16.66
CA VAL ZA 29 66.69 30.08 -16.20
C VAL ZA 29 67.13 29.97 -14.76
N THR ZA 30 66.34 29.23 -13.97
CA THR ZA 30 66.71 28.95 -12.59
C THR ZA 30 67.98 28.10 -12.54
N ARG ZA 31 68.76 28.29 -11.49
CA ARG ZA 31 70.05 27.62 -11.36
C ARG ZA 31 69.90 26.11 -11.24
N THR ZA 32 71.00 25.40 -11.47
CA THR ZA 32 71.03 23.95 -11.27
C THR ZA 32 71.03 23.71 -9.77
N GLN ZA 33 69.85 23.52 -9.21
CA GLN ZA 33 69.68 23.29 -7.78
C GLN ZA 33 68.97 21.97 -7.57
N GLY ZA 34 69.51 21.16 -6.66
CA GLY ZA 34 68.94 19.85 -6.48
C GLY ZA 34 69.24 18.96 -7.67
N THR ZA 35 68.19 18.38 -8.24
CA THR ZA 35 68.36 17.46 -9.36
C THR ZA 35 68.18 18.14 -10.71
N LYS ZA 36 67.27 19.09 -10.81
CA LYS ZA 36 66.98 19.75 -12.08
C LYS ZA 36 68.18 20.59 -12.51
N ILE ZA 37 68.61 20.41 -13.74
CA ILE ZA 37 69.74 21.16 -14.25
C ILE ZA 37 69.21 22.36 -15.03
N ALA ZA 38 70.00 23.43 -15.05
CA ALA ZA 38 69.65 24.60 -15.85
C ALA ZA 38 69.60 24.26 -17.32
N SER ZA 39 70.56 23.45 -17.78
CA SER ZA 39 70.61 23.07 -19.20
C SER ZA 39 69.41 22.23 -19.59
N ASP ZA 40 68.78 21.57 -18.61
CA ASP ZA 40 67.62 20.72 -18.89
C ASP ZA 40 66.45 21.56 -19.40
N GLY ZA 41 66.02 22.53 -18.62
CA GLY ZA 41 64.90 23.35 -19.02
C GLY ZA 41 65.30 24.56 -19.83
N LEU ZA 42 66.24 24.35 -20.75
CA LEU ZA 42 66.74 25.43 -21.58
C LEU ZA 42 66.87 24.96 -23.01
N LYS ZA 43 66.84 23.65 -23.23
CA LYS ZA 43 66.91 23.13 -24.58
C LYS ZA 43 65.61 23.31 -25.35
N GLY ZA 44 64.48 22.88 -24.78
CA GLY ZA 44 63.23 22.96 -25.51
C GLY ZA 44 62.56 24.31 -25.49
N ARG ZA 45 63.28 25.36 -25.88
CA ARG ZA 45 62.73 26.72 -25.92
C ARG ZA 45 62.66 27.18 -27.36
N VAL ZA 46 61.46 27.42 -27.84
CA VAL ZA 46 61.23 27.88 -29.20
C VAL ZA 46 61.13 29.40 -29.19
N PHE ZA 47 61.87 30.05 -30.09
CA PHE ZA 47 61.88 31.50 -30.20
C PHE ZA 47 61.17 31.89 -31.49
N GLU ZA 48 60.06 32.61 -31.36
CA GLU ZA 48 59.24 33.04 -32.48
C GLU ZA 48 59.57 34.50 -32.77
N VAL ZA 49 60.55 34.70 -33.65
CA VAL ZA 49 61.06 36.03 -33.92
C VAL ZA 49 60.89 36.34 -35.40
N SER ZA 50 60.65 37.61 -35.71
CA SER ZA 50 60.37 38.03 -37.07
C SER ZA 50 61.66 38.07 -37.89
N LEU ZA 51 61.48 38.14 -39.20
CA LEU ZA 51 62.63 38.15 -40.10
C LEU ZA 51 63.37 39.48 -40.07
N ALA ZA 52 62.67 40.58 -39.76
CA ALA ZA 52 63.35 41.86 -39.71
C ALA ZA 52 64.29 41.95 -38.52
N ASP ZA 53 64.04 41.18 -37.47
CA ASP ZA 53 64.94 41.17 -36.33
C ASP ZA 53 66.17 40.31 -36.56
N LEU ZA 54 66.14 39.43 -37.57
CA LEU ZA 54 67.25 38.51 -37.81
C LEU ZA 54 68.15 38.95 -38.96
N GLN ZA 55 67.58 39.41 -40.06
CA GLN ZA 55 68.36 40.05 -41.10
C GLN ZA 55 68.44 41.54 -40.81
N ASN ZA 56 69.39 42.20 -41.48
CA ASN ZA 56 69.58 43.63 -41.27
C ASN ZA 56 68.34 44.43 -41.67
N ASP ZA 57 67.94 44.32 -42.93
CA ASP ZA 57 66.72 44.99 -43.38
C ASP ZA 57 66.07 44.18 -44.50
N GLU ZA 58 65.16 43.29 -44.12
CA GLU ZA 58 64.34 42.49 -45.00
C GLU ZA 58 62.87 42.68 -44.61
N VAL ZA 59 61.99 41.84 -45.13
CA VAL ZA 59 60.56 41.95 -44.85
C VAL ZA 59 60.32 41.66 -43.38
N ALA ZA 60 59.15 42.04 -42.88
CA ALA ZA 60 58.85 41.88 -41.47
C ALA ZA 60 57.73 40.88 -41.29
N PHE ZA 61 57.00 40.58 -42.36
CA PHE ZA 61 55.80 39.78 -42.24
C PHE ZA 61 56.08 38.30 -42.39
N ARG ZA 62 57.29 37.87 -42.06
CA ARG ZA 62 57.62 36.45 -42.05
C ARG ZA 62 58.30 36.14 -40.73
N LYS ZA 63 57.76 35.20 -39.98
CA LYS ZA 63 58.30 34.81 -38.69
C LYS ZA 63 59.14 33.55 -38.82
N PHE ZA 64 59.91 33.28 -37.77
CA PHE ZA 64 60.76 32.11 -37.72
C PHE ZA 64 60.73 31.54 -36.31
N LYS ZA 65 60.39 30.26 -36.20
CA LYS ZA 65 60.47 29.58 -34.92
C LYS ZA 65 61.91 29.08 -34.75
N LEU ZA 66 62.51 29.41 -33.62
CA LEU ZA 66 63.92 29.15 -33.37
C LEU ZA 66 64.07 28.37 -32.07
N ILE ZA 67 64.51 27.14 -32.18
CA ILE ZA 67 64.63 26.24 -31.04
C ILE ZA 67 66.08 26.17 -30.60
N THR ZA 68 66.32 26.25 -29.30
CA THR ZA 68 67.65 26.08 -28.76
C THR ZA 68 68.03 24.61 -28.85
N GLU ZA 69 69.31 24.34 -29.11
CA GLU ZA 69 69.78 22.96 -29.04
C GLU ZA 69 70.63 22.71 -27.80
N ASP ZA 70 71.73 23.46 -27.65
CA ASP ZA 70 72.59 23.29 -26.50
C ASP ZA 70 73.12 24.64 -26.05
N VAL ZA 71 73.71 24.63 -24.87
CA VAL ZA 71 74.32 25.81 -24.29
C VAL ZA 71 75.80 25.52 -24.04
N GLN ZA 72 76.61 26.56 -24.11
CA GLN ZA 72 78.01 26.46 -23.71
C GLN ZA 72 78.29 27.16 -22.40
N GLY ZA 73 78.05 28.46 -22.32
CA GLY ZA 73 77.91 29.16 -21.07
C GLY ZA 73 77.41 30.55 -21.39
N LYS ZA 74 76.28 30.92 -20.81
CA LYS ZA 74 75.52 32.12 -21.15
C LYS ZA 74 75.30 32.29 -22.65
N ASN ZA 75 75.26 31.20 -23.41
CA ASN ZA 75 75.13 31.25 -24.87
C ASN ZA 75 74.35 30.02 -25.30
N CYS ZA 76 73.10 30.22 -25.71
CA CYS ZA 76 72.30 29.13 -26.25
C CYS ZA 76 72.58 28.97 -27.73
N LEU ZA 77 72.56 27.73 -28.20
CA LEU ZA 77 72.84 27.41 -29.59
C LEU ZA 77 71.52 26.98 -30.23
N THR ZA 78 71.11 27.71 -31.26
CA THR ZA 78 69.78 27.58 -31.83
C THR ZA 78 69.85 27.15 -33.29
N ASN ZA 79 68.89 26.32 -33.69
CA ASN ZA 79 68.74 25.89 -35.08
C ASN ZA 79 67.27 26.03 -35.46
N PHE ZA 80 66.93 25.56 -36.65
CA PHE ZA 80 65.65 25.86 -37.27
C PHE ZA 80 64.53 25.04 -36.63
N HIS ZA 81 63.34 25.64 -36.57
CA HIS ZA 81 62.16 24.94 -36.08
C HIS ZA 81 60.93 25.17 -36.93
N GLY ZA 82 60.92 26.18 -37.79
CA GLY ZA 82 59.77 26.42 -38.64
C GLY ZA 82 59.77 27.85 -39.13
N MET ZA 83 58.73 28.16 -39.90
CA MET ZA 83 58.54 29.47 -40.47
C MET ZA 83 57.05 29.75 -40.53
N ASP ZA 84 56.68 31.01 -40.31
CA ASP ZA 84 55.28 31.40 -40.28
C ASP ZA 84 55.14 32.78 -40.90
N LEU ZA 85 53.91 33.12 -41.24
CA LEU ZA 85 53.52 34.46 -41.63
C LEU ZA 85 52.65 35.05 -40.55
N THR ZA 86 52.87 36.32 -40.25
CA THR ZA 86 52.07 36.99 -39.24
C THR ZA 86 50.62 37.10 -39.72
N ARG ZA 87 49.69 36.99 -38.76
CA ARG ZA 87 48.30 36.75 -39.12
C ARG ZA 87 47.66 37.94 -39.82
N ASP ZA 88 48.10 39.15 -39.52
CA ASP ZA 88 47.57 40.32 -40.20
C ASP ZA 88 48.00 40.35 -41.66
N LYS ZA 89 49.18 39.80 -41.96
CA LYS ZA 89 49.57 39.63 -43.34
C LYS ZA 89 48.64 38.66 -44.05
N MET ZA 90 48.35 37.52 -43.41
CA MET ZA 90 47.49 36.52 -44.00
C MET ZA 90 46.06 37.03 -44.17
N CYS ZA 91 45.48 37.56 -43.09
CA CYS ZA 91 44.11 38.06 -43.15
C CYS ZA 91 43.97 39.25 -44.09
N SER ZA 92 45.06 39.91 -44.44
CA SER ZA 92 44.97 41.01 -45.40
C SER ZA 92 44.68 40.50 -46.80
N MET ZA 93 45.54 39.63 -47.31
CA MET ZA 93 45.48 39.21 -48.70
C MET ZA 93 44.41 38.14 -48.95
N VAL ZA 94 43.54 37.88 -48.00
CA VAL ZA 94 42.40 37.01 -48.21
C VAL ZA 94 41.17 37.89 -48.37
N LYS ZA 95 40.80 38.20 -49.60
CA LYS ZA 95 39.65 39.04 -49.85
C LYS ZA 95 38.72 38.39 -50.87
N LYS ZA 96 37.49 38.87 -50.89
CA LYS ZA 96 36.45 38.28 -51.70
C LYS ZA 96 36.72 38.53 -53.18
N TRP ZA 97 36.17 37.66 -54.02
CA TRP ZA 97 36.27 37.72 -55.47
C TRP ZA 97 37.71 37.59 -55.95
N GLN ZA 98 38.39 36.56 -55.48
CA GLN ZA 98 39.62 36.06 -56.08
C GLN ZA 98 39.85 34.66 -55.54
N THR ZA 99 40.21 33.72 -56.39
CA THR ZA 99 40.28 32.34 -55.94
C THR ZA 99 41.55 32.10 -55.12
N MET ZA 100 41.38 31.47 -53.97
CA MET ZA 100 42.47 31.05 -53.12
C MET ZA 100 42.94 29.67 -53.55
N ILE ZA 101 44.25 29.52 -53.73
CA ILE ZA 101 44.81 28.24 -54.12
C ILE ZA 101 45.95 27.92 -53.16
N GLU ZA 102 45.75 26.91 -52.33
CA GLU ZA 102 46.76 26.47 -51.37
C GLU ZA 102 47.19 25.04 -51.70
N ALA ZA 103 48.30 24.62 -51.10
CA ALA ZA 103 48.86 23.29 -51.33
C ALA ZA 103 49.90 22.95 -50.27
N HIS ZA 104 49.98 21.69 -49.87
CA HIS ZA 104 50.98 21.24 -48.91
C HIS ZA 104 51.69 20.00 -49.46
N VAL ZA 105 52.86 19.73 -48.89
CA VAL ZA 105 53.65 18.58 -49.32
C VAL ZA 105 54.54 18.15 -48.16
N ASP ZA 106 54.66 16.84 -47.97
CA ASP ZA 106 55.64 16.27 -47.05
C ASP ZA 106 56.88 15.94 -47.85
N VAL ZA 107 58.05 16.35 -47.36
CA VAL ZA 107 59.29 16.18 -48.10
C VAL ZA 107 60.44 16.05 -47.13
N LYS ZA 108 61.43 15.24 -47.51
CA LYS ZA 108 62.60 15.00 -46.69
C LYS ZA 108 63.82 15.65 -47.32
N THR ZA 109 64.63 16.31 -46.50
CA THR ZA 109 65.83 16.96 -46.98
C THR ZA 109 66.94 15.91 -47.17
N THR ZA 110 68.12 16.38 -47.58
CA THR ZA 110 69.26 15.48 -47.67
C THR ZA 110 69.66 14.96 -46.30
N ASP ZA 111 69.52 15.78 -45.27
CA ASP ZA 111 69.67 15.34 -43.90
C ASP ZA 111 68.31 14.92 -43.34
N GLY ZA 112 68.34 14.30 -42.17
CA GLY ZA 112 67.19 13.63 -41.59
C GLY ZA 112 65.97 14.47 -41.31
N TYR ZA 113 66.04 15.77 -41.57
CA TYR ZA 113 64.92 16.65 -41.31
C TYR ZA 113 63.85 16.47 -42.39
N LEU ZA 114 62.60 16.35 -41.95
CA LEU ZA 114 61.47 16.20 -42.86
C LEU ZA 114 60.45 17.27 -42.55
N LEU ZA 115 60.13 18.07 -43.56
CA LEU ZA 115 59.31 19.25 -43.40
C LEU ZA 115 57.95 19.03 -44.04
N ARG ZA 116 57.00 19.90 -43.69
CA ARG ZA 116 55.69 19.92 -44.31
C ARG ZA 116 55.44 21.38 -44.68
N LEU ZA 117 55.68 21.70 -45.94
CA LEU ZA 117 55.56 23.08 -46.39
C LEU ZA 117 54.13 23.40 -46.79
N PHE ZA 118 53.78 24.68 -46.73
CA PHE ZA 118 52.44 25.15 -47.02
C PHE ZA 118 52.53 26.40 -47.86
N CYS ZA 119 52.01 26.35 -49.07
CA CYS ZA 119 52.06 27.48 -49.99
C CYS ZA 119 50.65 27.94 -50.32
N VAL ZA 120 50.50 29.23 -50.56
CA VAL ZA 120 49.21 29.83 -50.84
C VAL ZA 120 49.37 30.88 -51.92
N GLY ZA 121 48.41 30.94 -52.83
CA GLY ZA 121 48.39 31.96 -53.85
C GLY ZA 121 46.98 32.46 -54.05
N PHE ZA 122 46.89 33.66 -54.61
CA PHE ZA 122 45.60 34.30 -54.89
C PHE ZA 122 45.62 34.80 -56.31
N THR ZA 123 44.59 34.46 -57.07
CA THR ZA 123 44.53 34.83 -58.48
C THR ZA 123 44.49 36.35 -58.64
N LYS ZA 124 45.37 36.84 -59.50
CA LYS ZA 124 45.58 38.26 -59.66
C LYS ZA 124 44.60 38.82 -60.70
N LYS ZA 125 43.77 39.76 -60.28
CA LYS ZA 125 42.88 40.45 -61.22
C LYS ZA 125 43.71 41.27 -62.20
N ARG ZA 126 43.31 41.24 -63.46
CA ARG ZA 126 44.10 41.89 -64.50
C ARG ZA 126 43.95 43.40 -64.44
N ASN ZA 127 44.98 44.09 -64.91
CA ASN ZA 127 44.99 45.55 -64.90
C ASN ZA 127 43.92 46.15 -65.80
N ASN ZA 128 43.56 45.47 -66.88
CA ASN ZA 128 42.55 45.95 -67.79
C ASN ZA 128 41.22 45.24 -67.61
N GLN ZA 129 41.10 44.38 -66.62
CA GLN ZA 129 39.89 43.58 -66.44
C GLN ZA 129 38.73 44.45 -65.99
N ILE ZA 130 37.55 44.13 -66.50
CA ILE ZA 130 36.33 44.83 -66.13
C ILE ZA 130 35.44 43.89 -65.34
N ARG ZA 131 35.55 42.59 -65.61
CA ARG ZA 131 34.82 41.60 -64.84
C ARG ZA 131 35.30 41.58 -63.40
N LYS ZA 132 34.35 41.67 -62.45
CA LYS ZA 132 34.70 41.87 -61.05
C LYS ZA 132 35.38 40.63 -60.44
N THR ZA 133 34.81 39.46 -60.69
CA THR ZA 133 35.18 38.22 -60.02
C THR ZA 133 36.63 37.79 -60.23
N SER ZA 134 37.00 37.48 -61.48
CA SER ZA 134 38.29 36.89 -61.81
C SER ZA 134 38.56 35.61 -61.03
N TYR ZA 135 37.71 34.60 -61.24
CA TYR ZA 135 37.84 33.31 -60.61
C TYR ZA 135 38.70 32.39 -61.47
N ALA ZA 136 38.71 31.10 -61.15
CA ALA ZA 136 39.41 30.12 -61.96
C ALA ZA 136 38.52 28.90 -62.15
N GLN ZA 137 38.84 28.10 -63.16
CA GLN ZA 137 38.16 26.83 -63.36
C GLN ZA 137 38.79 25.79 -62.44
N HIS ZA 138 37.98 24.82 -62.03
CA HIS ZA 138 38.42 23.87 -61.02
C HIS ZA 138 39.57 22.99 -61.48
N GLN ZA 139 39.75 22.82 -62.79
CA GLN ZA 139 40.89 22.07 -63.25
C GLN ZA 139 42.16 22.91 -63.29
N GLN ZA 140 42.04 24.21 -63.56
CA GLN ZA 140 43.19 25.10 -63.46
C GLN ZA 140 43.74 25.15 -62.05
N VAL ZA 141 42.83 25.26 -61.07
CA VAL ZA 141 43.20 25.16 -59.66
C VAL ZA 141 43.94 23.87 -59.41
N ARG ZA 142 43.44 22.76 -59.98
CA ARG ZA 142 44.12 21.49 -59.80
C ARG ZA 142 45.45 21.47 -60.52
N GLN ZA 143 45.53 22.09 -61.69
CA GLN ZA 143 46.79 22.10 -62.42
C GLN ZA 143 47.83 22.98 -61.75
N ILE ZA 144 47.40 24.06 -61.08
CA ILE ZA 144 48.35 24.97 -60.50
C ILE ZA 144 48.97 24.39 -59.24
N ARG ZA 145 48.15 23.84 -58.33
CA ARG ZA 145 48.70 23.28 -57.10
C ARG ZA 145 49.56 22.05 -57.38
N LYS ZA 146 49.37 21.39 -58.53
CA LYS ZA 146 50.30 20.35 -58.92
C LYS ZA 146 51.64 20.94 -59.29
N LYS ZA 147 51.65 22.10 -59.92
CA LYS ZA 147 52.88 22.82 -60.16
C LYS ZA 147 53.39 23.51 -58.91
N MET ZA 148 52.53 23.78 -57.93
CA MET ZA 148 53.02 24.30 -56.67
C MET ZA 148 53.62 23.20 -55.80
N MET ZA 149 53.32 21.94 -56.08
CA MET ZA 149 53.84 20.84 -55.29
C MET ZA 149 55.01 20.14 -55.93
N GLU ZA 150 55.13 20.15 -57.26
CA GLU ZA 150 56.29 19.55 -57.88
C GLU ZA 150 57.52 20.44 -57.80
N ILE ZA 151 57.33 21.73 -57.53
CA ILE ZA 151 58.46 22.63 -57.32
C ILE ZA 151 59.02 22.49 -55.92
N MET ZA 152 58.16 22.49 -54.90
CA MET ZA 152 58.64 22.36 -53.53
C MET ZA 152 59.30 21.01 -53.27
N THR ZA 153 58.92 19.97 -54.01
CA THR ZA 153 59.63 18.72 -53.90
C THR ZA 153 60.91 18.71 -54.72
N ARG ZA 154 61.07 19.68 -55.62
CA ARG ZA 154 62.28 19.86 -56.39
C ARG ZA 154 63.20 20.91 -55.77
N GLU ZA 155 62.73 21.64 -54.77
CA GLU ZA 155 63.53 22.64 -54.08
C GLU ZA 155 63.96 22.20 -52.69
N VAL ZA 156 63.66 20.96 -52.29
CA VAL ZA 156 64.07 20.43 -51.01
C VAL ZA 156 64.99 19.23 -51.16
N GLN ZA 157 64.67 18.32 -52.07
CA GLN ZA 157 65.46 17.10 -52.22
C GLN ZA 157 66.88 17.36 -52.72
N THR ZA 158 67.14 18.53 -53.29
CA THR ZA 158 68.51 18.79 -53.76
C THR ZA 158 69.44 19.12 -52.61
N ASN ZA 159 69.01 19.96 -51.67
CA ASN ZA 159 69.94 20.52 -50.70
C ASN ZA 159 69.48 20.33 -49.28
N ASP ZA 160 70.27 20.79 -48.30
CA ASP ZA 160 69.95 20.60 -46.90
C ASP ZA 160 69.36 21.88 -46.30
N LEU ZA 161 69.34 21.93 -44.98
CA LEU ZA 161 68.64 23.00 -44.26
C LEU ZA 161 69.31 24.35 -44.46
N LYS ZA 162 70.64 24.39 -44.45
CA LYS ZA 162 71.38 25.65 -44.54
C LYS ZA 162 71.08 26.36 -45.85
N GLU ZA 163 70.72 25.61 -46.88
CA GLU ZA 163 70.43 26.21 -48.17
C GLU ZA 163 68.94 26.53 -48.34
N VAL ZA 164 68.06 25.73 -47.74
CA VAL ZA 164 66.63 25.97 -47.93
C VAL ZA 164 66.15 27.11 -47.04
N VAL ZA 165 66.78 27.31 -45.88
CA VAL ZA 165 66.49 28.51 -45.12
C VAL ZA 165 67.08 29.72 -45.82
N ASN ZA 166 68.12 29.50 -46.63
CA ASN ZA 166 68.60 30.52 -47.54
C ASN ZA 166 67.68 30.69 -48.75
N LYS ZA 167 66.60 29.92 -48.82
CA LYS ZA 167 65.54 30.14 -49.78
C LYS ZA 167 64.27 30.68 -49.15
N LEU ZA 168 64.25 30.79 -47.82
CA LEU ZA 168 63.11 31.35 -47.10
C LEU ZA 168 63.32 32.80 -46.69
N ILE ZA 169 64.56 33.21 -46.43
CA ILE ZA 169 64.83 34.64 -46.26
C ILE ZA 169 64.59 35.40 -47.55
N PRO ZA 170 65.00 34.91 -48.74
CA PRO ZA 170 64.39 35.44 -49.97
C PRO ZA 170 63.10 34.69 -50.25
N ASP ZA 171 62.48 34.94 -51.39
CA ASP ZA 171 61.28 34.19 -51.75
C ASP ZA 171 61.51 33.33 -52.97
N SER ZA 172 62.70 32.72 -53.09
CA SER ZA 172 63.09 31.97 -54.28
C SER ZA 172 62.10 30.84 -54.60
N ILE ZA 173 61.39 30.36 -53.59
CA ILE ZA 173 60.24 29.51 -53.86
C ILE ZA 173 59.09 30.33 -54.44
N GLY ZA 174 58.65 31.34 -53.69
CA GLY ZA 174 57.47 32.11 -54.01
C GLY ZA 174 57.52 32.81 -55.36
N LYS ZA 175 58.65 33.46 -55.66
CA LYS ZA 175 58.81 34.10 -56.95
C LYS ZA 175 58.81 33.09 -58.08
N ASP ZA 176 59.35 31.90 -57.82
CA ASP ZA 176 59.43 30.86 -58.85
C ASP ZA 176 58.04 30.36 -59.22
N ILE ZA 177 57.23 30.02 -58.22
CA ILE ZA 177 55.89 29.51 -58.47
C ILE ZA 177 55.01 30.57 -59.12
N GLU ZA 178 55.25 31.83 -58.77
CA GLU ZA 178 54.57 32.94 -59.43
C GLU ZA 178 54.82 32.93 -60.93
N LYS ZA 179 56.09 32.95 -61.33
CA LYS ZA 179 56.43 32.97 -62.75
C LYS ZA 179 56.04 31.68 -63.43
N ALA ZA 180 56.15 30.55 -62.74
CA ALA ZA 180 55.88 29.27 -63.35
C ALA ZA 180 54.40 28.96 -63.47
N CYS ZA 181 53.53 29.86 -63.03
CA CYS ZA 181 52.09 29.61 -63.13
C CYS ZA 181 51.37 30.77 -63.82
N GLN ZA 182 52.10 31.72 -64.39
CA GLN ZA 182 51.46 32.78 -65.15
C GLN ZA 182 50.83 32.26 -66.42
N SER ZA 183 51.32 31.14 -66.94
CA SER ZA 183 50.73 30.52 -68.13
C SER ZA 183 49.31 30.08 -67.86
N ILE ZA 184 49.09 29.40 -66.73
CA ILE ZA 184 47.76 28.92 -66.38
C ILE ZA 184 46.88 30.09 -65.93
N TYR ZA 185 47.26 30.75 -64.84
CA TYR ZA 185 46.43 31.85 -64.40
C TYR ZA 185 47.37 32.82 -63.70
N PRO ZA 186 47.37 34.09 -64.05
CA PRO ZA 186 48.20 35.05 -63.31
C PRO ZA 186 47.74 35.23 -61.88
N LEU ZA 187 48.62 34.89 -60.94
CA LEU ZA 187 48.37 35.04 -59.51
C LEU ZA 187 49.58 35.70 -58.87
N HIS ZA 188 49.35 36.44 -57.78
CA HIS ZA 188 50.33 37.41 -57.31
C HIS ZA 188 50.88 37.09 -55.92
N ASP ZA 189 50.03 36.90 -54.91
CA ASP ZA 189 50.55 36.76 -53.56
C ASP ZA 189 50.97 35.33 -53.29
N VAL ZA 190 52.02 34.85 -53.95
CA VAL ZA 190 52.45 33.47 -53.86
C VAL ZA 190 53.44 33.39 -52.71
N PHE ZA 191 53.04 32.77 -51.62
CA PHE ZA 191 53.86 32.68 -50.43
C PHE ZA 191 54.05 31.22 -50.03
N VAL ZA 192 54.85 31.05 -48.97
CA VAL ZA 192 55.22 29.75 -48.43
C VAL ZA 192 54.74 29.78 -46.99
N ARG ZA 193 53.54 30.35 -46.78
CA ARG ZA 193 53.04 30.90 -45.53
C ARG ZA 193 53.42 30.16 -44.25
N LYS ZA 194 53.48 28.83 -44.29
CA LYS ZA 194 53.90 28.11 -43.11
C LYS ZA 194 54.83 26.97 -43.51
N VAL ZA 195 55.87 26.78 -42.72
CA VAL ZA 195 56.74 25.62 -42.82
C VAL ZA 195 56.69 24.91 -41.48
N LYS ZA 196 56.49 23.60 -41.50
CA LYS ZA 196 56.36 22.81 -40.29
C LYS ZA 196 57.39 21.69 -40.27
N MET ZA 197 58.13 21.60 -39.18
CA MET ZA 197 59.06 20.51 -38.98
C MET ZA 197 58.33 19.33 -38.36
N LEU ZA 198 58.60 18.14 -38.86
CA LEU ZA 198 57.93 16.94 -38.37
C LEU ZA 198 58.87 15.92 -37.75
N LYS ZA 199 60.06 15.73 -38.31
CA LYS ZA 199 61.00 14.77 -37.74
C LYS ZA 199 62.39 15.38 -37.80
N LYS ZA 200 63.24 14.97 -36.87
CA LYS ZA 200 64.61 15.42 -36.80
C LYS ZA 200 65.55 14.22 -36.75
N PRO ZA 201 66.75 14.34 -37.32
CA PRO ZA 201 67.72 13.25 -37.22
C PRO ZA 201 68.28 13.14 -35.81
N LYS ZA 202 69.08 12.10 -35.60
CA LYS ZA 202 69.77 11.94 -34.33
C LYS ZA 202 70.79 13.07 -34.22
N PHE ZA 203 70.54 14.00 -33.32
CA PHE ZA 203 71.28 15.25 -33.29
C PHE ZA 203 72.72 15.03 -32.85
N GLU ZA 204 73.65 15.64 -33.60
CA GLU ZA 204 75.05 15.66 -33.21
C GLU ZA 204 75.50 17.13 -33.18
N LEU ZA 205 76.36 17.45 -32.23
CA LEU ZA 205 76.72 18.85 -31.99
C LEU ZA 205 77.58 19.40 -33.11
N GLY ZA 206 78.36 18.55 -33.78
CA GLY ZA 206 79.21 19.03 -34.85
C GLY ZA 206 78.43 19.54 -36.04
N LYS ZA 207 77.31 18.86 -36.36
CA LYS ZA 207 76.43 19.36 -37.41
C LYS ZA 207 75.82 20.70 -37.03
N LEU ZA 208 75.47 20.87 -35.76
CA LEU ZA 208 74.98 22.17 -35.30
C LEU ZA 208 76.09 23.20 -35.30
N MET ZA 209 77.31 22.79 -34.94
CA MET ZA 209 78.42 23.73 -34.78
C MET ZA 209 78.76 24.42 -36.08
N GLU ZA 210 78.62 23.71 -37.21
CA GLU ZA 210 78.89 24.37 -38.48
C GLU ZA 210 77.75 25.27 -38.93
N LEU ZA 211 76.62 25.31 -38.21
CA LEU ZA 211 75.67 26.40 -38.34
C LEU ZA 211 75.98 27.54 -37.40
N HIS ZA 212 77.16 27.53 -36.80
CA HIS ZA 212 77.58 28.63 -35.95
C HIS ZA 212 79.05 28.96 -36.14
N GLY ZA 213 79.71 28.44 -37.18
CA GLY ZA 213 81.12 28.68 -37.40
C GLY ZA 213 81.75 27.65 -38.32
N LYS AB 1 -24.00 84.47 -64.71
CA LYS AB 1 -24.95 83.90 -65.66
C LYS AB 1 -24.27 83.68 -67.00
N GLU AB 2 -23.75 84.76 -67.58
CA GLU AB 2 -23.03 84.66 -68.84
C GLU AB 2 -21.68 83.99 -68.61
N TRP AB 3 -21.47 82.87 -69.30
CA TRP AB 3 -20.34 82.00 -69.07
C TRP AB 3 -19.21 82.33 -70.03
N LEU AB 4 -18.02 82.50 -69.48
CA LEU AB 4 -16.83 82.78 -70.25
C LEU AB 4 -16.01 81.52 -70.39
N PRO AB 5 -15.79 81.03 -71.60
CA PRO AB 5 -15.01 79.81 -71.80
C PRO AB 5 -13.54 80.03 -71.51
N VAL AB 6 -12.84 78.92 -71.28
CA VAL AB 6 -11.44 78.97 -70.89
C VAL AB 6 -10.57 78.35 -71.98
N THR AB 7 -10.80 77.07 -72.27
CA THR AB 7 -9.98 76.37 -73.25
C THR AB 7 -10.26 76.87 -74.66
N LYS AB 8 -9.37 76.50 -75.58
CA LYS AB 8 -9.44 77.00 -76.93
C LYS AB 8 -10.38 76.12 -77.74
N LEU AB 9 -11.07 75.20 -77.07
CA LEU AB 9 -12.23 74.54 -77.65
C LEU AB 9 -13.53 75.19 -77.19
N GLY AB 10 -13.59 75.66 -75.95
CA GLY AB 10 -14.70 76.48 -75.51
C GLY AB 10 -14.79 77.78 -76.26
N ARG AB 11 -13.65 78.31 -76.72
CA ARG AB 11 -13.66 79.52 -77.55
C ARG AB 11 -14.33 79.29 -78.89
N LEU AB 12 -14.48 78.03 -79.32
CA LEU AB 12 -15.13 77.72 -80.58
C LEU AB 12 -16.61 77.44 -80.41
N VAL AB 13 -16.98 76.71 -79.34
CA VAL AB 13 -18.36 76.26 -79.20
C VAL AB 13 -19.28 77.43 -78.84
N LYS AB 14 -18.75 78.40 -78.09
CA LYS AB 14 -19.56 79.56 -77.73
C LYS AB 14 -19.92 80.42 -78.93
N ASP AB 15 -19.14 80.33 -80.02
CA ASP AB 15 -19.38 81.12 -81.21
C ASP AB 15 -20.18 80.36 -82.26
N MET AB 16 -20.81 79.26 -81.88
CA MET AB 16 -21.62 78.40 -82.75
C MET AB 16 -20.84 77.85 -83.94
N LYS AB 17 -19.51 77.90 -83.91
CA LYS AB 17 -18.72 77.43 -85.04
C LYS AB 17 -18.68 75.92 -85.10
N ILE AB 18 -18.60 75.26 -83.95
CA ILE AB 18 -18.68 73.80 -83.90
C ILE AB 18 -20.15 73.43 -84.00
N LYS AB 19 -20.49 72.58 -84.97
CA LYS AB 19 -21.89 72.32 -85.25
C LYS AB 19 -22.48 71.36 -84.22
N SER AB 20 -21.82 70.23 -84.00
CA SER AB 20 -22.24 69.28 -82.97
C SER AB 20 -21.03 68.77 -82.23
N LEU AB 21 -21.29 67.97 -81.21
CA LEU AB 21 -20.23 67.30 -80.48
C LEU AB 21 -19.73 66.03 -81.15
N GLU AB 22 -20.14 65.78 -82.40
CA GLU AB 22 -19.62 64.61 -83.10
C GLU AB 22 -18.16 64.79 -83.45
N GLU AB 23 -17.78 65.99 -83.89
CA GLU AB 23 -16.39 66.26 -84.22
C GLU AB 23 -15.51 66.38 -83.00
N ILE AB 24 -16.09 66.73 -81.84
CA ILE AB 24 -15.35 66.61 -80.59
C ILE AB 24 -15.02 65.14 -80.33
N TYR AB 25 -15.99 64.26 -80.53
CA TYR AB 25 -15.74 62.83 -80.37
C TYR AB 25 -14.85 62.30 -81.48
N LEU AB 26 -15.01 62.84 -82.69
CA LEU AB 26 -14.25 62.37 -83.84
C LEU AB 26 -12.75 62.55 -83.65
N PHE AB 27 -12.33 63.52 -82.86
CA PHE AB 27 -10.92 63.74 -82.61
C PHE AB 27 -10.52 63.50 -81.15
N SER AB 28 -11.42 62.97 -80.33
CA SER AB 28 -11.15 62.61 -78.93
C SER AB 28 -10.56 63.76 -78.13
N LEU AB 29 -11.03 64.97 -78.40
CA LEU AB 29 -10.50 66.14 -77.72
C LEU AB 29 -11.01 66.18 -76.29
N PRO AB 30 -10.14 66.47 -75.31
CA PRO AB 30 -10.58 66.45 -73.91
C PRO AB 30 -11.53 67.58 -73.58
N ILE AB 31 -12.73 67.24 -73.12
CA ILE AB 31 -13.69 68.22 -72.65
C ILE AB 31 -13.37 68.54 -71.20
N LYS AB 32 -13.01 69.80 -70.94
CA LYS AB 32 -12.72 70.27 -69.59
C LYS AB 32 -13.71 71.34 -69.15
N GLU AB 33 -14.78 71.52 -69.90
CA GLU AB 33 -15.78 72.53 -69.61
C GLU AB 33 -17.16 71.91 -69.79
N SER AB 34 -17.94 71.89 -68.71
CA SER AB 34 -19.25 71.23 -68.75
C SER AB 34 -20.23 72.00 -69.62
N GLU AB 35 -20.11 73.33 -69.65
CA GLU AB 35 -21.07 74.15 -70.37
C GLU AB 35 -21.02 73.94 -71.88
N ILE AB 36 -19.98 73.28 -72.40
CA ILE AB 36 -19.99 72.88 -73.80
C ILE AB 36 -21.12 71.90 -74.06
N ILE AB 37 -21.28 70.91 -73.17
CA ILE AB 37 -22.33 69.93 -73.32
C ILE AB 37 -23.69 70.59 -73.16
N ASP AB 38 -23.78 71.59 -72.28
CA ASP AB 38 -25.02 72.32 -72.10
C ASP AB 38 -25.43 73.11 -73.34
N PHE AB 39 -24.48 73.42 -74.22
CA PHE AB 39 -24.84 74.08 -75.47
C PHE AB 39 -25.40 73.10 -76.49
N PHE AB 40 -24.92 71.86 -76.48
CA PHE AB 40 -25.34 70.87 -77.46
C PHE AB 40 -26.57 70.09 -77.01
N LEU AB 41 -26.49 69.43 -75.86
CA LEU AB 41 -27.57 68.58 -75.39
C LEU AB 41 -28.20 69.14 -74.13
N GLY AB 42 -28.32 70.45 -74.05
CA GLY AB 42 -28.80 71.07 -72.83
C GLY AB 42 -30.30 71.00 -72.63
N ALA AB 43 -31.05 70.55 -73.62
CA ALA AB 43 -32.50 70.54 -73.54
C ALA AB 43 -33.05 69.16 -73.21
N SER AB 44 -32.72 68.16 -74.02
CA SER AB 44 -33.31 66.83 -73.91
C SER AB 44 -32.80 66.06 -72.70
N LEU AB 45 -31.49 66.13 -72.45
CA LEU AB 45 -30.79 65.39 -71.42
C LEU AB 45 -31.42 65.49 -70.03
N LYS AB 46 -31.57 64.34 -69.37
CA LYS AB 46 -32.02 64.26 -67.99
C LYS AB 46 -30.89 63.70 -67.14
N ASP AB 47 -31.08 63.81 -65.82
CA ASP AB 47 -30.11 63.36 -64.85
C ASP AB 47 -30.79 62.49 -63.80
N GLU AB 48 -30.00 61.60 -63.20
CA GLU AB 48 -30.52 60.71 -62.17
C GLU AB 48 -29.41 60.37 -61.19
N VAL AB 49 -29.71 60.51 -59.90
CA VAL AB 49 -28.78 60.13 -58.84
C VAL AB 49 -29.01 58.65 -58.52
N LEU AB 50 -27.93 57.89 -58.48
CA LEU AB 50 -28.05 56.45 -58.27
C LEU AB 50 -27.96 56.11 -56.78
N LYS AB 51 -26.98 56.65 -56.08
CA LYS AB 51 -26.79 56.30 -54.68
C LYS AB 51 -25.96 57.36 -54.00
N ILE AB 52 -26.21 57.54 -52.70
CA ILE AB 52 -25.37 58.38 -51.86
C ILE AB 52 -24.64 57.48 -50.87
N MET AB 53 -23.40 57.15 -51.16
CA MET AB 53 -22.65 56.19 -50.36
C MET AB 53 -21.77 56.92 -49.35
N PRO AB 54 -22.05 56.84 -48.06
CA PRO AB 54 -21.24 57.59 -47.09
C PRO AB 54 -19.94 56.89 -46.73
N VAL AB 55 -18.80 57.49 -47.10
CA VAL AB 55 -17.50 56.95 -46.74
C VAL AB 55 -16.95 57.74 -45.55
N GLN AB 56 -16.06 57.13 -44.78
CA GLN AB 56 -15.61 57.69 -43.51
C GLN AB 56 -14.13 57.45 -43.33
N LYS AB 57 -13.40 58.50 -42.96
CA LYS AB 57 -12.03 58.32 -42.54
C LYS AB 57 -11.92 58.50 -41.03
N GLN AB 58 -11.05 57.73 -40.42
CA GLN AB 58 -10.85 57.79 -38.99
C GLN AB 58 -9.85 58.89 -38.67
N THR AB 59 -10.12 59.62 -37.60
CA THR AB 59 -9.18 60.62 -37.10
C THR AB 59 -9.11 60.51 -35.59
N ARG AB 60 -8.12 61.19 -35.02
CA ARG AB 60 -7.97 61.22 -33.57
C ARG AB 60 -9.18 61.83 -32.90
N ALA AB 61 -9.82 62.79 -33.55
CA ALA AB 61 -11.03 63.38 -33.01
C ALA AB 61 -12.27 62.51 -33.22
N GLY AB 62 -12.15 61.40 -33.94
CA GLY AB 62 -13.30 60.57 -34.18
C GLY AB 62 -13.45 60.13 -35.61
N GLN AB 63 -14.64 60.29 -36.18
CA GLN AB 63 -14.93 59.87 -37.54
C GLN AB 63 -15.37 61.07 -38.36
N ARG AB 64 -14.72 61.25 -39.51
CA ARG AB 64 -14.98 62.38 -40.39
C ARG AB 64 -15.68 61.83 -41.64
N THR AB 65 -16.95 62.16 -41.80
CA THR AB 65 -17.80 61.56 -42.81
C THR AB 65 -17.98 62.50 -44.00
N ARG AB 66 -17.99 61.91 -45.19
CA ARG AB 66 -18.22 62.68 -46.41
C ARG AB 66 -18.88 61.78 -47.44
N PHE AB 67 -19.89 62.30 -48.12
CA PHE AB 67 -20.77 61.48 -48.93
C PHE AB 67 -20.29 61.42 -50.38
N LYS AB 68 -20.71 60.35 -51.05
CA LYS AB 68 -20.28 60.06 -52.41
C LYS AB 68 -21.54 59.95 -53.27
N ALA AB 69 -21.66 60.82 -54.26
CA ALA AB 69 -22.85 60.89 -55.08
C ALA AB 69 -22.59 60.20 -56.40
N PHE AB 70 -23.46 59.26 -56.76
CA PHE AB 70 -23.38 58.54 -58.03
C PHE AB 70 -24.53 59.02 -58.89
N VAL AB 71 -24.22 59.86 -59.86
CA VAL AB 71 -25.22 60.31 -60.82
C VAL AB 71 -24.84 59.78 -62.19
N ALA AB 72 -25.78 59.10 -62.83
CA ALA AB 72 -25.69 58.82 -64.25
C ALA AB 72 -26.42 59.93 -64.98
N ILE AB 73 -25.92 60.26 -66.17
CA ILE AB 73 -26.53 61.33 -66.95
C ILE AB 73 -26.50 60.94 -68.41
N GLY AB 74 -27.38 61.55 -69.18
CA GLY AB 74 -27.46 61.34 -70.61
C GLY AB 74 -28.88 61.54 -71.11
N ASP AB 75 -28.98 62.08 -72.31
CA ASP AB 75 -30.24 62.07 -73.04
C ASP AB 75 -30.56 60.65 -73.45
N TYR AB 76 -31.85 60.37 -73.67
CA TYR AB 76 -32.21 59.00 -74.00
C TYR AB 76 -32.02 58.74 -75.48
N ASN AB 77 -30.89 59.15 -76.03
CA ASN AB 77 -30.55 58.90 -77.42
C ASN AB 77 -29.06 59.03 -77.67
N GLY AB 78 -28.32 57.93 -77.70
CA GLY AB 78 -26.96 57.99 -78.22
C GLY AB 78 -25.85 58.31 -77.24
N HIS AB 79 -26.13 59.09 -76.20
CA HIS AB 79 -25.10 59.55 -75.28
C HIS AB 79 -25.48 59.27 -73.84
N VAL AB 80 -24.53 58.77 -73.07
CA VAL AB 80 -24.73 58.46 -71.66
C VAL AB 80 -23.46 58.83 -70.90
N GLY AB 81 -23.63 59.31 -69.67
CA GLY AB 81 -22.50 59.72 -68.86
C GLY AB 81 -22.64 59.35 -67.39
N LEU AB 82 -21.51 59.04 -66.76
CA LEU AB 82 -21.47 58.60 -65.37
C LEU AB 82 -20.55 59.51 -64.58
N GLY AB 83 -21.01 59.94 -63.41
CA GLY AB 83 -20.25 60.87 -62.59
C GLY AB 83 -20.26 60.48 -61.14
N VAL AB 84 -19.15 60.79 -60.47
CA VAL AB 84 -18.95 60.51 -59.05
C VAL AB 84 -18.32 61.72 -58.38
N LYS AB 85 -18.69 61.98 -57.13
CA LYS AB 85 -18.11 63.10 -56.41
C LYS AB 85 -18.21 62.83 -54.92
N CYS AB 86 -17.14 63.20 -54.20
CA CYS AB 86 -17.06 62.98 -52.76
C CYS AB 86 -16.88 64.34 -52.08
N SER AB 87 -17.88 64.77 -51.31
CA SER AB 87 -17.81 66.03 -50.60
C SER AB 87 -18.57 65.93 -49.29
N LYS AB 88 -18.44 66.98 -48.48
CA LYS AB 88 -19.00 66.96 -47.13
C LYS AB 88 -20.52 66.97 -47.14
N GLU AB 89 -21.11 67.88 -47.91
CA GLU AB 89 -22.55 68.03 -47.96
C GLU AB 89 -23.11 67.32 -49.18
N VAL AB 90 -24.29 66.69 -49.00
CA VAL AB 90 -24.83 65.78 -50.00
C VAL AB 90 -25.20 66.50 -51.28
N ALA AB 91 -25.73 67.73 -51.19
CA ALA AB 91 -26.11 68.45 -52.40
C ALA AB 91 -24.88 68.97 -53.13
N THR AB 92 -23.83 69.32 -52.40
CA THR AB 92 -22.61 69.77 -53.05
C THR AB 92 -21.95 68.65 -53.82
N ALA AB 93 -22.15 67.40 -53.40
CA ALA AB 93 -21.69 66.28 -54.20
C ALA AB 93 -22.60 66.04 -55.39
N ILE AB 94 -23.90 66.18 -55.19
CA ILE AB 94 -24.85 66.02 -56.30
C ILE AB 94 -24.62 67.10 -57.35
N ARG AB 95 -24.57 68.36 -56.91
CA ARG AB 95 -24.28 69.46 -57.82
C ARG AB 95 -22.89 69.35 -58.43
N GLY AB 96 -21.97 68.63 -57.79
CA GLY AB 96 -20.64 68.47 -58.32
C GLY AB 96 -20.51 67.27 -59.23
N ALA AB 97 -21.22 66.19 -58.91
CA ALA AB 97 -21.07 64.98 -59.71
C ALA AB 97 -21.78 65.11 -61.05
N ILE AB 98 -22.84 65.92 -61.11
CA ILE AB 98 -23.50 66.18 -62.38
C ILE AB 98 -22.53 66.85 -63.35
N ILE AB 99 -21.68 67.74 -62.85
CA ILE AB 99 -20.67 68.36 -63.69
C ILE AB 99 -19.69 67.31 -64.20
N LEU AB 100 -19.26 66.42 -63.32
CA LEU AB 100 -18.36 65.35 -63.75
C LEU AB 100 -19.07 64.33 -64.63
N ALA AB 101 -20.38 64.17 -64.46
CA ALA AB 101 -21.13 63.26 -65.31
C ALA AB 101 -21.29 63.83 -66.71
N LYS AB 102 -21.61 65.12 -66.82
CA LYS AB 102 -21.70 65.77 -68.12
C LYS AB 102 -20.34 65.91 -68.79
N LEU AB 103 -19.26 65.85 -68.04
CA LEU AB 103 -17.92 65.99 -68.58
C LEU AB 103 -17.42 64.70 -69.18
N SER AB 104 -18.19 63.61 -69.07
CA SER AB 104 -17.74 62.30 -69.53
C SER AB 104 -18.81 61.52 -70.26
N ILE AB 105 -19.79 62.18 -70.88
CA ILE AB 105 -20.72 61.47 -71.74
C ILE AB 105 -19.97 60.97 -72.97
N VAL AB 106 -20.38 59.81 -73.46
CA VAL AB 106 -19.69 59.17 -74.58
C VAL AB 106 -20.73 58.78 -75.61
N PRO AB 107 -20.33 58.70 -76.89
CA PRO AB 107 -21.27 58.21 -77.90
C PRO AB 107 -21.44 56.71 -77.78
N VAL AB 108 -22.68 56.26 -77.96
CA VAL AB 108 -23.03 54.85 -77.94
C VAL AB 108 -23.32 54.42 -79.37
N ARG AB 109 -22.71 53.31 -79.78
CA ARG AB 109 -23.06 52.70 -81.05
C ARG AB 109 -24.20 51.74 -80.83
N ARG AB 110 -25.19 51.78 -81.71
CA ARG AB 110 -26.37 50.95 -81.58
C ARG AB 110 -26.49 50.08 -82.82
N GLY AB 111 -26.74 48.79 -82.61
CA GLY AB 111 -26.72 47.82 -83.67
C GLY AB 111 -28.09 47.22 -83.96
N TYR AB 112 -28.07 46.15 -84.73
CA TYR AB 112 -29.29 45.44 -85.11
C TYR AB 112 -29.16 43.97 -84.73
N TRP AB 113 -30.30 43.38 -84.37
CA TRP AB 113 -30.40 41.96 -84.09
C TRP AB 113 -30.84 41.27 -85.38
N GLY AB 114 -29.87 40.98 -86.23
CA GLY AB 114 -30.22 40.26 -87.44
C GLY AB 114 -30.72 41.16 -88.53
N ASN AB 115 -32.05 41.23 -88.69
CA ASN AB 115 -32.65 41.95 -89.80
C ASN AB 115 -32.52 43.45 -89.60
N LYS AB 116 -31.76 44.10 -90.49
CA LYS AB 116 -31.50 45.53 -90.41
C LYS AB 116 -32.68 46.39 -90.85
N ILE AB 117 -33.85 46.22 -90.25
CA ILE AB 117 -35.02 47.03 -90.56
C ILE AB 117 -35.13 48.12 -89.51
N GLY AB 118 -35.41 49.34 -89.95
CA GLY AB 118 -35.70 50.42 -89.04
C GLY AB 118 -34.48 51.03 -88.37
N LYS AB 119 -34.67 51.51 -87.17
CA LYS AB 119 -33.71 52.20 -86.33
C LYS AB 119 -33.04 51.21 -85.38
N PRO AB 120 -31.77 51.43 -85.03
CA PRO AB 120 -31.05 50.46 -84.20
C PRO AB 120 -31.58 50.44 -82.78
N HIS AB 121 -31.87 49.24 -82.29
CA HIS AB 121 -32.49 49.08 -81.00
C HIS AB 121 -31.60 48.39 -79.98
N THR AB 122 -30.43 47.91 -80.38
CA THR AB 122 -29.60 47.10 -79.50
C THR AB 122 -28.13 47.43 -79.64
N VAL AB 123 -27.30 46.74 -78.87
CA VAL AB 123 -25.85 46.92 -78.90
C VAL AB 123 -25.32 46.29 -80.18
N PRO AB 124 -24.15 46.69 -80.67
CA PRO AB 124 -23.67 46.11 -81.94
C PRO AB 124 -23.23 44.66 -81.82
N CYS AB 125 -22.55 44.30 -80.75
CA CYS AB 125 -22.05 42.94 -80.58
C CYS AB 125 -22.01 42.64 -79.09
N LYS AB 126 -21.50 41.46 -78.75
CA LYS AB 126 -21.36 41.09 -77.34
C LYS AB 126 -20.23 41.88 -76.72
N VAL AB 127 -20.54 43.05 -76.19
CA VAL AB 127 -19.54 43.94 -75.64
C VAL AB 127 -19.43 43.70 -74.14
N THR AB 128 -18.22 43.80 -73.63
CA THR AB 128 -17.95 43.57 -72.21
C THR AB 128 -17.38 44.83 -71.59
N GLY AB 129 -17.43 44.87 -70.27
CA GLY AB 129 -16.82 45.96 -69.54
C GLY AB 129 -16.50 45.52 -68.13
N ARG AB 130 -15.37 45.94 -67.59
CA ARG AB 130 -14.99 45.50 -66.26
C ARG AB 130 -14.08 46.50 -65.58
N CYS AB 131 -14.39 46.81 -64.33
CA CYS AB 131 -13.48 47.54 -63.45
C CYS AB 131 -13.50 46.83 -62.10
N GLY AB 132 -12.32 46.68 -61.51
CA GLY AB 132 -12.24 45.95 -60.26
C GLY AB 132 -12.56 44.49 -60.45
N SER AB 133 -13.68 44.05 -59.90
CA SER AB 133 -14.09 42.66 -59.98
C SER AB 133 -15.33 42.45 -60.83
N VAL AB 134 -16.16 43.48 -60.97
CA VAL AB 134 -17.41 43.33 -61.71
C VAL AB 134 -17.11 43.09 -63.17
N LEU AB 135 -17.87 42.19 -63.79
CA LEU AB 135 -17.71 41.84 -65.19
C LEU AB 135 -19.10 41.80 -65.83
N VAL AB 136 -19.48 42.87 -66.50
CA VAL AB 136 -20.79 42.97 -67.13
C VAL AB 136 -20.63 42.77 -68.63
N ARG AB 137 -21.54 41.99 -69.21
CA ARG AB 137 -21.52 41.68 -70.63
C ARG AB 137 -22.88 41.98 -71.23
N LEU AB 138 -22.90 42.81 -72.25
CA LEU AB 138 -24.15 43.18 -72.93
C LEU AB 138 -24.28 42.36 -74.20
N ILE AB 139 -25.48 41.82 -74.44
CA ILE AB 139 -25.70 40.95 -75.59
C ILE AB 139 -26.75 41.58 -76.51
N PRO AB 140 -26.58 41.51 -77.83
CA PRO AB 140 -27.65 41.92 -78.74
C PRO AB 140 -28.90 41.07 -78.55
N ALA AB 141 -30.05 41.71 -78.61
CA ALA AB 141 -31.35 41.10 -78.34
C ALA AB 141 -32.35 41.54 -79.39
N PRO AB 142 -33.38 40.73 -79.63
CA PRO AB 142 -34.42 41.13 -80.58
C PRO AB 142 -35.28 42.26 -80.03
N ARG AB 143 -36.07 42.84 -80.94
CA ARG AB 143 -36.91 43.98 -80.60
C ARG AB 143 -37.96 43.58 -79.57
N GLY AB 144 -38.44 44.59 -78.83
CA GLY AB 144 -39.45 44.39 -77.81
C GLY AB 144 -39.01 43.58 -76.61
N THR AB 145 -37.74 43.20 -76.54
CA THR AB 145 -37.26 42.43 -75.41
C THR AB 145 -37.13 43.28 -74.16
N GLY AB 146 -37.00 44.59 -74.32
CA GLY AB 146 -36.73 45.45 -73.20
C GLY AB 146 -35.29 45.29 -72.76
N ILE AB 147 -34.98 45.89 -71.63
CA ILE AB 147 -33.70 45.65 -70.98
C ILE AB 147 -33.91 44.64 -69.87
N VAL AB 148 -33.23 43.50 -69.97
CA VAL AB 148 -33.29 42.48 -68.95
C VAL AB 148 -31.98 42.55 -68.16
N SER AB 149 -32.06 43.16 -66.98
CA SER AB 149 -30.87 43.45 -66.19
C SER AB 149 -31.30 43.64 -64.75
N ALA AB 150 -30.34 44.01 -63.91
CA ALA AB 150 -30.61 44.45 -62.56
C ALA AB 150 -31.20 45.86 -62.61
N PRO AB 151 -31.81 46.33 -61.52
CA PRO AB 151 -32.35 47.70 -61.53
C PRO AB 151 -31.32 48.79 -61.75
N VAL AB 152 -30.05 48.52 -61.49
CA VAL AB 152 -29.02 49.56 -61.65
C VAL AB 152 -28.61 49.77 -63.10
N PRO AB 153 -28.17 48.76 -63.87
CA PRO AB 153 -27.80 49.06 -65.25
C PRO AB 153 -29.00 49.27 -66.13
N LYS AB 154 -30.21 48.96 -65.64
CA LYS AB 154 -31.40 49.32 -66.39
C LYS AB 154 -31.59 50.82 -66.45
N LYS AB 155 -30.97 51.58 -65.54
CA LYS AB 155 -30.98 53.03 -65.67
C LYS AB 155 -30.07 53.48 -66.80
N LEU AB 156 -28.81 53.05 -66.79
CA LEU AB 156 -27.84 53.55 -67.76
C LEU AB 156 -28.23 53.19 -69.19
N LEU AB 157 -28.62 51.94 -69.40
CA LEU AB 157 -29.05 51.51 -70.72
C LEU AB 157 -30.30 52.23 -71.17
N MET AB 158 -31.18 52.60 -70.23
CA MET AB 158 -32.32 53.43 -70.60
C MET AB 158 -31.91 54.90 -70.71
N MET AB 159 -30.92 55.32 -69.95
CA MET AB 159 -30.38 56.66 -70.10
C MET AB 159 -29.40 56.75 -71.25
N ALA AB 160 -29.13 55.63 -71.93
CA ALA AB 160 -28.40 55.66 -73.18
C ALA AB 160 -29.32 55.58 -74.39
N GLY AB 161 -30.56 55.14 -74.21
CA GLY AB 161 -31.51 55.02 -75.29
C GLY AB 161 -31.66 53.63 -75.85
N ILE AB 162 -30.87 52.66 -75.38
CA ILE AB 162 -31.00 51.29 -75.85
C ILE AB 162 -32.31 50.71 -75.33
N ASP AB 163 -32.96 49.88 -76.14
CA ASP AB 163 -34.23 49.31 -75.73
C ASP AB 163 -34.26 47.79 -75.79
N ASP AB 164 -33.17 47.13 -76.20
CA ASP AB 164 -33.13 45.67 -76.26
C ASP AB 164 -31.72 45.22 -75.96
N CYS AB 165 -31.52 44.45 -74.89
CA CYS AB 165 -30.20 43.95 -74.57
C CYS AB 165 -30.31 42.82 -73.55
N TYR AB 166 -29.49 41.79 -73.73
CA TYR AB 166 -29.33 40.74 -72.73
C TYR AB 166 -28.06 41.04 -71.94
N THR AB 167 -28.13 40.93 -70.63
CA THR AB 167 -27.01 41.25 -69.77
C THR AB 167 -26.64 40.09 -68.87
N SER AB 168 -25.41 40.14 -68.36
CA SER AB 168 -24.89 39.19 -67.41
C SER AB 168 -23.93 39.92 -66.50
N ALA AB 169 -23.97 39.59 -65.21
CA ALA AB 169 -23.12 40.25 -64.22
C ALA AB 169 -22.37 39.18 -63.44
N ARG AB 170 -21.07 39.08 -63.68
CA ARG AB 170 -20.21 38.13 -62.99
C ARG AB 170 -19.37 38.89 -61.97
N GLY AB 171 -19.26 38.35 -60.77
CA GLY AB 171 -18.52 38.99 -59.71
C GLY AB 171 -19.44 39.71 -58.76
N CYS AB 172 -18.83 40.36 -57.77
CA CYS AB 172 -19.58 41.03 -56.73
C CYS AB 172 -20.26 42.27 -57.28
N THR AB 173 -21.58 42.24 -57.41
CA THR AB 173 -22.33 43.38 -57.92
C THR AB 173 -23.01 44.16 -56.82
N ALA AB 174 -22.75 43.84 -55.56
CA ALA AB 174 -23.30 44.65 -54.48
C ALA AB 174 -22.61 46.00 -54.41
N THR AB 175 -21.30 46.03 -54.61
CA THR AB 175 -20.53 47.27 -54.52
C THR AB 175 -20.85 48.10 -55.75
N LEU AB 176 -21.88 48.93 -55.60
CA LEU AB 176 -22.49 49.72 -56.66
C LEU AB 176 -21.51 50.58 -57.43
N GLY AB 177 -20.43 51.01 -56.76
CA GLY AB 177 -19.46 51.86 -57.40
C GLY AB 177 -18.86 51.23 -58.64
N ASN AB 178 -18.48 49.97 -58.56
CA ASN AB 178 -17.90 49.30 -59.70
C ASN AB 178 -18.95 48.74 -60.64
N PHE AB 179 -20.14 48.44 -60.14
CA PHE AB 179 -21.16 47.84 -60.98
C PHE AB 179 -21.64 48.79 -62.07
N ALA AB 180 -21.68 50.09 -61.77
CA ALA AB 180 -22.07 51.05 -62.78
C ALA AB 180 -20.93 51.37 -63.73
N LYS AB 181 -19.72 51.49 -63.21
CA LYS AB 181 -18.57 51.80 -64.06
C LYS AB 181 -18.25 50.65 -65.01
N ALA AB 182 -18.43 49.42 -64.57
CA ALA AB 182 -18.16 48.29 -65.45
C ALA AB 182 -19.19 48.19 -66.56
N THR AB 183 -20.43 48.61 -66.29
CA THR AB 183 -21.39 48.75 -67.37
C THR AB 183 -21.00 49.89 -68.29
N PHE AB 184 -20.55 51.01 -67.71
CA PHE AB 184 -20.21 52.18 -68.51
C PHE AB 184 -19.03 51.89 -69.43
N ASP AB 185 -18.03 51.16 -68.93
CA ASP AB 185 -16.93 50.75 -69.78
C ASP AB 185 -17.38 49.77 -70.86
N ALA AB 186 -18.49 49.06 -70.65
CA ALA AB 186 -19.03 48.24 -71.72
C ALA AB 186 -19.72 49.09 -72.77
N ILE AB 187 -20.50 50.10 -72.36
CA ILE AB 187 -21.13 51.00 -73.31
C ILE AB 187 -20.13 51.98 -73.91
N SER AB 188 -18.92 52.05 -73.36
CA SER AB 188 -17.88 52.87 -73.94
C SER AB 188 -17.10 52.16 -75.03
N LYS AB 189 -17.15 50.84 -75.07
CA LYS AB 189 -16.49 50.07 -76.12
C LYS AB 189 -17.40 49.81 -77.31
N THR AB 190 -18.63 50.31 -77.31
CA THR AB 190 -19.49 50.13 -78.48
C THR AB 190 -18.91 50.82 -79.70
N TYR AB 191 -18.30 51.97 -79.51
CA TYR AB 191 -17.58 52.63 -80.59
C TYR AB 191 -16.11 52.28 -80.61
N SER AB 192 -15.62 51.55 -79.61
CA SER AB 192 -14.25 51.07 -79.62
C SER AB 192 -14.14 49.64 -80.12
N TYR AB 193 -15.18 49.12 -80.76
CA TYR AB 193 -15.19 47.77 -81.31
C TYR AB 193 -15.12 47.87 -82.82
N LEU AB 194 -14.13 47.21 -83.42
CA LEU AB 194 -13.97 47.28 -84.87
C LEU AB 194 -14.82 46.21 -85.54
N THR AB 195 -15.90 46.65 -86.15
CA THR AB 195 -16.84 45.91 -86.98
C THR AB 195 -16.29 45.80 -88.39
N PRO AB 196 -16.47 44.66 -89.05
CA PRO AB 196 -16.09 44.54 -90.46
C PRO AB 196 -16.83 45.48 -91.40
N ASP AB 197 -17.89 46.12 -90.91
CA ASP AB 197 -18.46 47.25 -91.62
C ASP AB 197 -17.47 48.40 -91.74
N LEU AB 198 -16.69 48.65 -90.69
CA LEU AB 198 -15.77 49.78 -90.67
C LEU AB 198 -14.41 49.45 -91.24
N TRP AB 199 -14.35 48.88 -92.45
CA TRP AB 199 -13.06 48.66 -93.10
C TRP AB 199 -12.81 49.64 -94.24
N LYS AB 200 -13.79 50.48 -94.55
CA LYS AB 200 -13.56 51.58 -95.49
C LYS AB 200 -12.48 52.50 -94.94
N GLU AB 201 -11.53 52.85 -95.80
CA GLU AB 201 -10.45 53.75 -95.42
C GLU AB 201 -10.99 55.12 -95.03
N THR AB 202 -10.75 55.53 -93.78
CA THR AB 202 -11.29 56.78 -93.28
C THR AB 202 -10.52 57.95 -93.88
N VAL AB 203 -11.24 58.88 -94.51
CA VAL AB 203 -10.61 60.10 -95.00
C VAL AB 203 -10.39 61.02 -93.82
N PHE AB 204 -9.24 61.69 -93.79
CA PHE AB 204 -8.90 62.55 -92.67
C PHE AB 204 -9.29 63.98 -93.02
N THR AB 205 -10.35 64.46 -92.39
CA THR AB 205 -10.82 65.82 -92.65
C THR AB 205 -9.95 66.82 -91.90
N LYS AB 206 -10.37 68.08 -91.89
CA LYS AB 206 -9.70 69.11 -91.10
C LYS AB 206 -10.21 69.04 -89.67
N SER AB 207 -9.30 69.21 -88.71
CA SER AB 207 -9.71 69.22 -87.32
C SER AB 207 -10.57 70.44 -87.05
N PRO AB 208 -11.57 70.34 -86.17
CA PRO AB 208 -12.33 71.54 -85.79
C PRO AB 208 -11.50 72.52 -84.98
N TYR AB 209 -10.45 72.04 -84.33
CA TYR AB 209 -9.47 72.92 -83.70
C TYR AB 209 -8.56 73.56 -84.73
N GLN AB 210 -8.52 73.01 -85.94
CA GLN AB 210 -7.71 73.48 -87.07
C GLN AB 210 -8.46 74.42 -88.00
N GLU AB 211 -9.71 74.10 -88.34
CA GLU AB 211 -10.44 74.83 -89.37
C GLU AB 211 -10.75 76.25 -88.96
N PHE AB 212 -10.69 76.57 -87.67
CA PHE AB 212 -10.98 77.91 -87.18
C PHE AB 212 -9.72 78.54 -86.60
N THR AB 213 -8.57 78.20 -87.17
CA THR AB 213 -7.29 78.72 -86.70
C THR AB 213 -7.21 80.23 -86.86
N ASP AB 214 -7.91 80.79 -87.85
CA ASP AB 214 -7.94 82.24 -88.01
C ASP AB 214 -8.80 82.90 -86.95
N HIS AB 215 -9.78 82.18 -86.42
CA HIS AB 215 -10.66 82.72 -85.41
C HIS AB 215 -10.04 82.73 -84.02
N LEU AB 216 -9.02 81.91 -83.78
CA LEU AB 216 -8.38 81.85 -82.47
C LEU AB 216 -7.65 83.12 -82.09
N VAL AB 217 -7.18 83.89 -83.08
CA VAL AB 217 -6.27 84.99 -82.81
C VAL AB 217 -6.80 86.29 -83.42
N LYS AB 218 -8.12 86.41 -83.55
CA LYS AB 218 -8.67 87.60 -84.16
C LYS AB 218 -9.45 88.44 -83.16
N THR AB 219 -10.05 87.80 -82.15
CA THR AB 219 -10.87 88.51 -81.18
C THR AB 219 -10.56 88.14 -79.73
N HIS AB 220 -9.58 87.28 -79.50
CA HIS AB 220 -9.20 86.90 -78.13
C HIS AB 220 -7.74 86.48 -78.15
N THR AB 221 -7.30 85.86 -77.06
CA THR AB 221 -5.92 85.40 -76.95
C THR AB 221 -5.88 83.87 -76.88
N MET BB 1 -24.62 117.09 -9.58
CA MET BB 1 -26.07 117.12 -9.65
C MET BB 1 -26.70 116.93 -8.28
N ALA BB 2 -27.98 116.54 -8.24
CA ALA BB 2 -28.70 116.43 -6.97
C ALA BB 2 -28.10 115.37 -6.08
N VAL BB 3 -27.89 114.16 -6.62
CA VAL BB 3 -27.20 113.13 -5.87
C VAL BB 3 -25.70 113.23 -6.11
N GLN BB 4 -25.29 113.92 -7.18
CA GLN BB 4 -23.92 114.21 -7.60
C GLN BB 4 -23.01 112.98 -7.48
N ILE BB 5 -23.37 111.97 -8.25
CA ILE BB 5 -22.61 110.73 -8.26
C ILE BB 5 -21.33 110.89 -9.07
N SER BB 6 -20.30 110.14 -8.70
CA SER BB 6 -19.02 110.24 -9.35
C SER BB 6 -19.07 109.72 -10.78
N LYS BB 7 -18.03 110.04 -11.54
CA LYS BB 7 -18.01 109.69 -12.96
C LYS BB 7 -17.97 108.17 -13.14
N LYS BB 8 -17.32 107.47 -12.22
CA LYS BB 8 -17.36 106.00 -12.21
C LYS BB 8 -18.79 105.51 -12.13
N ARG BB 9 -19.54 106.05 -11.18
CA ARG BB 9 -20.93 105.63 -11.01
C ARG BB 9 -21.81 106.30 -12.05
N LYS BB 10 -21.28 107.28 -12.77
CA LYS BB 10 -22.03 107.98 -13.81
C LYS BB 10 -21.87 107.34 -15.18
N PHE BB 11 -20.65 106.94 -15.53
CA PHE BB 11 -20.44 106.27 -16.81
C PHE BB 11 -21.12 104.91 -16.84
N VAL BB 12 -20.91 104.10 -15.80
CA VAL BB 12 -21.40 102.74 -15.83
C VAL BB 12 -22.91 102.69 -15.68
N ALA BB 13 -23.51 103.68 -15.01
CA ALA BB 13 -24.97 103.71 -14.96
C ALA BB 13 -25.55 104.11 -16.30
N ASP BB 14 -24.82 104.90 -17.07
CA ASP BB 14 -25.20 105.17 -18.45
C ASP BB 14 -24.67 104.10 -19.40
N GLY BB 15 -23.72 103.28 -18.95
CA GLY BB 15 -23.38 102.08 -19.67
C GLY BB 15 -24.40 100.97 -19.48
N ILE BB 16 -25.01 100.89 -18.29
CA ILE BB 16 -26.17 100.03 -18.09
C ILE BB 16 -27.37 100.54 -18.89
N PHE BB 17 -27.44 101.85 -19.14
CA PHE BB 17 -28.52 102.40 -19.92
C PHE BB 17 -28.53 101.84 -21.33
N LYS BB 18 -27.34 101.74 -21.94
CA LYS BB 18 -27.21 101.17 -23.27
C LYS BB 18 -27.62 99.70 -23.28
N ALA BB 19 -27.18 98.94 -22.27
CA ALA BB 19 -27.43 97.52 -22.26
C ALA BB 19 -28.91 97.21 -22.10
N GLU BB 20 -29.65 98.07 -21.42
CA GLU BB 20 -31.08 97.84 -21.26
C GLU BB 20 -31.87 98.23 -22.50
N LEU BB 21 -31.32 99.10 -23.35
CA LEU BB 21 -31.93 99.36 -24.65
C LEU BB 21 -31.75 98.15 -25.56
N ASN BB 22 -30.52 97.69 -25.70
CA ASN BB 22 -30.21 96.57 -26.61
C ASN BB 22 -30.70 95.25 -26.10
N GLU BB 23 -31.54 95.24 -25.07
CA GLU BB 23 -32.35 94.09 -24.71
C GLU BB 23 -33.84 94.38 -24.81
N PHE BB 24 -34.26 95.59 -24.43
CA PHE BB 24 -35.68 95.92 -24.53
C PHE BB 24 -36.15 95.92 -25.98
N LEU BB 25 -35.32 96.43 -26.89
CA LEU BB 25 -35.75 96.53 -28.27
C LEU BB 25 -35.65 95.19 -29.01
N THR BB 26 -34.66 94.37 -28.68
CA THR BB 26 -34.54 93.07 -29.34
C THR BB 26 -35.65 92.11 -28.95
N ARG BB 27 -36.36 92.37 -27.86
CA ARG BB 27 -37.49 91.54 -27.47
C ARG BB 27 -38.81 92.07 -27.99
N GLU BB 28 -38.84 93.30 -28.48
CA GLU BB 28 -40.03 93.89 -29.09
C GLU BB 28 -39.87 94.10 -30.59
N LEU BB 29 -38.86 94.86 -31.00
CA LEU BB 29 -38.69 95.20 -32.42
C LEU BB 29 -37.79 94.19 -33.11
N ALA BB 30 -38.09 92.90 -32.97
CA ALA BB 30 -37.33 91.85 -33.63
C ALA BB 30 -38.06 91.28 -34.83
N GLU BB 31 -39.39 91.31 -34.81
CA GLU BB 31 -40.16 90.88 -35.97
C GLU BB 31 -40.00 91.82 -37.15
N ASP BB 32 -39.55 93.06 -36.91
CA ASP BB 32 -39.36 94.04 -37.97
C ASP BB 32 -37.89 94.32 -38.21
N GLY BB 33 -36.99 93.58 -37.60
CA GLY BB 33 -35.57 93.82 -37.74
C GLY BB 33 -35.07 94.81 -36.73
N TYR BB 34 -33.89 94.56 -36.19
CA TYR BB 34 -33.26 95.48 -35.26
C TYR BB 34 -31.75 95.33 -35.41
N SER BB 35 -31.04 96.45 -35.38
CA SER BB 35 -29.61 96.44 -35.63
C SER BB 35 -28.86 97.38 -34.69
N GLY BB 36 -29.35 97.54 -33.47
CA GLY BB 36 -28.70 98.39 -32.50
C GLY BB 36 -29.12 99.84 -32.66
N VAL BB 37 -28.75 100.64 -31.66
CA VAL BB 37 -29.11 102.06 -31.66
C VAL BB 37 -27.86 102.93 -31.48
N GLU BB 38 -28.08 104.24 -31.44
CA GLU BB 38 -27.01 105.20 -31.16
C GLU BB 38 -27.63 106.30 -30.32
N VAL BB 39 -27.35 106.29 -29.03
CA VAL BB 39 -27.87 107.33 -28.14
C VAL BB 39 -27.04 108.60 -28.31
N ARG BB 40 -27.72 109.73 -28.41
CA ARG BB 40 -27.08 111.03 -28.60
C ARG BB 40 -27.41 111.91 -27.40
N VAL BB 41 -26.39 112.57 -26.86
CA VAL BB 41 -26.53 113.34 -25.63
C VAL BB 41 -26.51 114.83 -25.98
N THR BB 42 -27.53 115.54 -25.50
CA THR BB 42 -27.63 117.00 -25.52
C THR BB 42 -28.28 117.43 -24.21
N PRO BB 43 -28.03 118.66 -23.76
CA PRO BB 43 -28.70 119.13 -22.54
C PRO BB 43 -30.21 119.26 -22.73
N THR BB 44 -30.96 118.72 -21.76
CA THR BB 44 -32.44 118.70 -21.72
C THR BB 44 -33.06 118.08 -22.97
N ARG BB 45 -32.32 117.21 -23.65
CA ARG BB 45 -32.79 116.57 -24.87
C ARG BB 45 -31.91 115.36 -25.14
N THR BB 46 -32.49 114.17 -25.14
CA THR BB 46 -31.70 112.96 -25.38
C THR BB 46 -32.36 112.18 -26.51
N GLU BB 47 -31.75 112.26 -27.69
CA GLU BB 47 -32.28 111.65 -28.90
C GLU BB 47 -31.58 110.32 -29.13
N ILE BB 48 -32.37 109.26 -29.28
CA ILE BB 48 -31.85 107.95 -29.65
C ILE BB 48 -32.41 107.62 -31.03
N ILE BB 49 -31.65 106.83 -31.80
CA ILE BB 49 -32.01 106.49 -33.17
C ILE BB 49 -32.02 104.97 -33.29
N ILE BB 50 -33.17 104.41 -33.65
CA ILE BB 50 -33.35 102.96 -33.73
C ILE BB 50 -32.98 102.55 -35.15
N LEU BB 51 -31.75 102.07 -35.32
CA LEU BB 51 -31.32 101.57 -36.62
C LEU BB 51 -31.93 100.19 -36.85
N ALA BB 52 -32.86 100.11 -37.79
CA ALA BB 52 -33.55 98.86 -38.09
C ALA BB 52 -33.76 98.77 -39.59
N THR BB 53 -34.04 97.57 -40.07
CA THR BB 53 -34.12 97.39 -41.50
C THR BB 53 -35.49 97.78 -42.04
N ARG BB 54 -36.55 97.58 -41.27
CA ARG BB 54 -37.90 97.87 -41.76
C ARG BB 54 -38.44 99.10 -41.03
N THR BB 55 -38.11 100.27 -41.57
CA THR BB 55 -38.54 101.54 -40.99
C THR BB 55 -40.02 101.80 -41.18
N GLN BB 56 -40.65 101.24 -42.21
CA GLN BB 56 -42.07 101.49 -42.44
C GLN BB 56 -42.96 100.76 -41.45
N ASN BB 57 -42.39 99.88 -40.62
CA ASN BB 57 -43.15 99.17 -39.60
C ASN BB 57 -42.97 99.76 -38.21
N VAL BB 58 -41.77 100.26 -37.89
CA VAL BB 58 -41.54 100.85 -36.58
C VAL BB 58 -42.40 102.11 -36.39
N LEU BB 59 -42.70 102.81 -37.48
CA LEU BB 59 -43.77 103.79 -37.44
C LEU BB 59 -45.13 103.11 -37.51
N GLY BB 60 -45.31 102.18 -38.43
CA GLY BB 60 -46.55 101.45 -38.57
C GLY BB 60 -47.74 102.31 -38.91
N GLU BB 61 -48.63 102.49 -37.94
CA GLU BB 61 -49.89 103.23 -38.13
C GLU BB 61 -49.67 104.67 -37.69
N LYS BB 62 -49.28 105.51 -38.65
CA LYS BB 62 -49.14 106.97 -38.47
C LYS BB 62 -48.09 107.31 -37.42
N GLY BB 63 -47.23 106.37 -37.07
CA GLY BB 63 -46.28 106.56 -36.00
C GLY BB 63 -46.78 106.10 -34.65
N ARG BB 64 -47.75 105.18 -34.60
CA ARG BB 64 -48.32 104.76 -33.33
C ARG BB 64 -47.31 104.06 -32.44
N ARG BB 65 -46.42 103.26 -33.00
CA ARG BB 65 -45.54 102.44 -32.18
C ARG BB 65 -44.39 103.23 -31.57
N ILE BB 66 -43.80 104.16 -32.34
CA ILE BB 66 -42.71 104.98 -31.80
C ILE BB 66 -43.22 105.85 -30.66
N ARG BB 67 -44.38 106.48 -30.86
CA ARG BB 67 -44.94 107.33 -29.82
C ARG BB 67 -45.41 106.52 -28.63
N GLU BB 68 -45.78 105.26 -28.82
CA GLU BB 68 -45.97 104.39 -27.67
C GLU BB 68 -44.64 104.13 -26.98
N LEU BB 69 -43.57 103.95 -27.76
CA LEU BB 69 -42.26 103.67 -27.18
C LEU BB 69 -41.70 104.89 -26.45
N THR BB 70 -42.13 106.09 -26.84
CA THR BB 70 -41.60 107.29 -26.20
C THR BB 70 -41.98 107.34 -24.73
N ALA BB 71 -43.26 107.12 -24.42
CA ALA BB 71 -43.69 107.14 -23.03
C ALA BB 71 -43.13 105.97 -22.25
N VAL BB 72 -42.74 104.89 -22.94
CA VAL BB 72 -42.02 103.80 -22.29
C VAL BB 72 -40.71 104.30 -21.72
N VAL BB 73 -39.93 105.02 -22.53
CA VAL BB 73 -38.70 105.62 -22.03
C VAL BB 73 -39.02 106.68 -20.98
N GLN BB 74 -40.17 107.33 -21.09
CA GLN BB 74 -40.57 108.30 -20.08
C GLN BB 74 -40.95 107.64 -18.75
N LYS BB 75 -41.28 106.36 -18.77
CA LYS BB 75 -41.82 105.71 -17.58
C LYS BB 75 -40.85 104.74 -16.92
N ARG BB 76 -39.89 104.19 -17.65
CA ARG BB 76 -38.91 103.33 -16.99
C ARG BB 76 -37.74 104.13 -16.46
N PHE BB 77 -37.11 104.92 -17.31
CA PHE BB 77 -35.97 105.71 -16.87
C PHE BB 77 -36.38 107.00 -16.16
N GLY BB 78 -37.68 107.20 -15.94
CA GLY BB 78 -38.18 108.33 -15.17
C GLY BB 78 -37.84 109.67 -15.75
N PHE BB 79 -37.69 109.74 -17.06
CA PHE BB 79 -37.32 110.98 -17.71
C PHE BB 79 -38.45 112.00 -17.60
N PRO BB 80 -38.14 113.28 -17.51
CA PRO BB 80 -39.21 114.29 -17.54
C PRO BB 80 -39.88 114.32 -18.91
N GLU BB 81 -41.21 114.49 -18.90
CA GLU BB 81 -42.00 114.53 -20.13
C GLU BB 81 -41.53 115.65 -21.04
N GLY BB 82 -40.97 115.28 -22.19
CA GLY BB 82 -40.38 116.27 -23.07
C GLY BB 82 -38.90 116.44 -22.82
N SER BB 83 -38.20 115.32 -22.66
CA SER BB 83 -36.74 115.32 -22.59
C SER BB 83 -36.10 114.29 -23.49
N VAL BB 84 -36.84 113.31 -24.01
CA VAL BB 84 -36.30 112.26 -24.86
C VAL BB 84 -37.21 112.12 -26.08
N GLU BB 85 -36.64 112.25 -27.27
CA GLU BB 85 -37.33 111.94 -28.51
C GLU BB 85 -36.64 110.75 -29.16
N LEU BB 86 -37.43 109.79 -29.62
CA LEU BB 86 -36.91 108.58 -30.24
C LEU BB 86 -37.01 108.69 -31.75
N TYR BB 87 -35.95 108.29 -32.44
CA TYR BB 87 -35.89 108.33 -33.89
C TYR BB 87 -35.64 106.92 -34.40
N ALA BB 88 -35.78 106.75 -35.71
CA ALA BB 88 -35.58 105.44 -36.33
C ALA BB 88 -35.08 105.67 -37.75
N GLU BB 89 -33.88 105.20 -38.02
CA GLU BB 89 -33.29 105.25 -39.35
C GLU BB 89 -33.19 103.84 -39.92
N LYS BB 90 -33.24 103.76 -41.24
CA LYS BB 90 -32.98 102.50 -41.93
C LYS BB 90 -31.48 102.24 -41.99
N VAL BB 91 -31.11 100.98 -41.83
CA VAL BB 91 -29.72 100.58 -41.90
C VAL BB 91 -29.29 100.53 -43.36
N ALA BB 92 -28.34 101.39 -43.72
CA ALA BB 92 -27.78 101.35 -45.06
C ALA BB 92 -27.04 100.03 -45.25
N THR BB 93 -27.13 99.49 -46.46
CA THR BB 93 -26.60 98.18 -46.87
C THR BB 93 -26.73 97.12 -45.77
N ARG BB 94 -27.99 96.76 -45.51
CA ARG BB 94 -28.38 95.83 -44.45
C ARG BB 94 -27.72 94.47 -44.55
N GLY BB 95 -27.18 94.09 -45.71
CA GLY BB 95 -26.69 92.74 -45.89
C GLY BB 95 -25.41 92.44 -45.14
N LEU BB 96 -24.88 93.38 -44.36
CA LEU BB 96 -23.64 93.14 -43.63
C LEU BB 96 -23.75 93.47 -42.15
N CYS BB 97 -24.95 93.39 -41.58
CA CYS BB 97 -25.13 93.53 -40.14
C CYS BB 97 -25.57 92.18 -39.58
N ALA BB 98 -24.69 91.54 -38.80
CA ALA BB 98 -24.88 90.17 -38.35
C ALA BB 98 -26.16 89.98 -37.55
N ILE BB 99 -26.39 90.83 -36.56
CA ILE BB 99 -27.58 90.70 -35.73
C ILE BB 99 -28.83 90.87 -36.56
N ALA BB 100 -28.78 91.71 -37.61
CA ALA BB 100 -29.91 91.80 -38.51
C ALA BB 100 -30.07 90.52 -39.33
N GLN BB 101 -28.96 89.85 -39.64
CA GLN BB 101 -29.06 88.60 -40.39
C GLN BB 101 -29.47 87.43 -39.51
N ALA BB 102 -29.10 87.44 -38.24
CA ALA BB 102 -29.45 86.33 -37.36
C ALA BB 102 -30.94 86.31 -37.05
N GLU BB 103 -31.54 87.49 -36.81
CA GLU BB 103 -32.97 87.53 -36.63
C GLU BB 103 -33.72 87.27 -37.93
N SER BB 104 -33.09 87.50 -39.08
CA SER BB 104 -33.67 87.03 -40.32
C SER BB 104 -33.67 85.52 -40.37
N LEU BB 105 -32.56 84.91 -39.98
CA LEU BB 105 -32.48 83.45 -39.94
C LEU BB 105 -33.40 82.88 -38.88
N ARG BB 106 -33.59 83.61 -37.78
CA ARG BB 106 -34.38 83.12 -36.65
C ARG BB 106 -35.82 82.85 -37.07
N TYR BB 107 -36.47 83.82 -37.70
CA TYR BB 107 -37.83 83.62 -38.16
C TYR BB 107 -37.92 82.79 -39.43
N LYS BB 108 -36.81 82.57 -40.12
CA LYS BB 108 -36.83 81.64 -41.25
C LYS BB 108 -37.05 80.21 -40.79
N LEU BB 109 -36.36 79.81 -39.72
CA LEU BB 109 -36.59 78.50 -39.14
C LEU BB 109 -37.88 78.44 -38.35
N LEU BB 110 -38.41 79.59 -37.92
CA LEU BB 110 -39.65 79.60 -37.16
C LEU BB 110 -40.87 79.40 -38.05
N GLY BB 111 -40.78 79.80 -39.32
CA GLY BB 111 -41.82 79.43 -40.27
C GLY BB 111 -41.83 77.96 -40.59
N GLY BB 112 -40.73 77.27 -40.38
CA GLY BB 112 -40.64 75.84 -40.60
C GLY BB 112 -39.75 75.40 -41.74
N LEU BB 113 -38.78 76.21 -42.15
CA LEU BB 113 -37.92 75.88 -43.28
C LEU BB 113 -36.89 74.85 -42.87
N ALA BB 114 -36.37 74.12 -43.86
CA ALA BB 114 -35.27 73.21 -43.64
C ALA BB 114 -34.01 73.97 -43.28
N VAL BB 115 -33.31 73.49 -42.26
CA VAL BB 115 -32.16 74.20 -41.70
C VAL BB 115 -31.04 74.31 -42.74
N ARG BB 116 -30.90 73.30 -43.59
CA ARG BB 116 -29.89 73.33 -44.65
C ARG BB 116 -30.15 74.46 -45.63
N ARG BB 117 -31.35 74.48 -46.24
CA ARG BB 117 -31.65 75.44 -47.27
C ARG BB 117 -31.83 76.85 -46.72
N ALA BB 118 -32.14 76.98 -45.43
CA ALA BB 118 -32.18 78.30 -44.82
C ALA BB 118 -30.79 78.80 -44.44
N CYS BB 119 -29.88 77.89 -44.11
CA CYS BB 119 -28.51 78.28 -43.82
C CYS BB 119 -27.86 78.89 -45.05
N TYR BB 120 -28.08 78.29 -46.21
CA TYR BB 120 -27.64 78.89 -47.46
C TYR BB 120 -28.38 80.19 -47.73
N GLY BB 121 -29.69 80.23 -47.43
CA GLY BB 121 -30.51 81.39 -47.77
C GLY BB 121 -30.00 82.69 -47.21
N VAL BB 122 -29.31 82.65 -46.08
CA VAL BB 122 -28.64 83.83 -45.56
C VAL BB 122 -27.15 83.81 -45.88
N LEU BB 123 -26.62 82.69 -46.32
CA LEU BB 123 -25.22 82.65 -46.70
C LEU BB 123 -24.98 83.41 -48.00
N ARG BB 124 -25.68 83.03 -49.06
CA ARG BB 124 -25.51 83.71 -50.34
C ARG BB 124 -26.17 85.08 -50.37
N PHE BB 125 -27.00 85.40 -49.38
CA PHE BB 125 -27.61 86.73 -49.36
C PHE BB 125 -26.61 87.80 -48.94
N ILE BB 126 -25.71 87.49 -48.01
CA ILE BB 126 -24.72 88.48 -47.66
C ILE BB 126 -23.56 88.47 -48.62
N MET BB 127 -23.43 87.40 -49.42
CA MET BB 127 -22.30 87.32 -50.34
C MET BB 127 -22.45 88.34 -51.46
N GLU BB 128 -23.66 88.48 -52.01
CA GLU BB 128 -23.90 89.51 -53.00
C GLU BB 128 -23.84 90.90 -52.37
N SER BB 129 -24.08 90.98 -51.06
CA SER BB 129 -24.11 92.27 -50.38
C SER BB 129 -22.74 92.92 -50.39
N GLY BB 130 -21.68 92.12 -50.36
CA GLY BB 130 -20.34 92.66 -50.43
C GLY BB 130 -19.47 92.24 -49.27
N ALA BB 131 -19.81 91.13 -48.64
CA ALA BB 131 -19.04 90.58 -47.53
C ALA BB 131 -17.82 89.83 -48.05
N LYS BB 132 -16.76 89.83 -47.26
CA LYS BB 132 -15.56 89.10 -47.65
C LYS BB 132 -15.74 87.60 -47.52
N GLY BB 133 -16.42 87.16 -46.46
CA GLY BB 133 -16.63 85.74 -46.23
C GLY BB 133 -17.12 85.54 -44.83
N CYS BB 134 -18.03 84.58 -44.62
CA CYS BB 134 -18.67 84.48 -43.33
C CYS BB 134 -18.72 83.06 -42.80
N GLU BB 135 -19.51 82.86 -41.76
CA GLU BB 135 -19.57 81.59 -41.04
C GLU BB 135 -20.91 81.52 -40.32
N VAL BB 136 -21.71 80.51 -40.63
CA VAL BB 136 -22.98 80.29 -39.95
C VAL BB 136 -22.90 78.95 -39.23
N VAL BB 137 -23.28 78.95 -37.96
CA VAL BB 137 -23.32 77.75 -37.14
C VAL BB 137 -24.72 77.63 -36.54
N VAL BB 138 -25.30 76.45 -36.62
CA VAL BB 138 -26.61 76.17 -36.03
C VAL BB 138 -26.46 74.92 -35.17
N SER BB 139 -26.40 75.11 -33.87
CA SER BB 139 -26.28 74.00 -32.94
C SER BB 139 -27.63 73.70 -32.27
N GLY BB 140 -27.85 72.44 -31.98
CA GLY BB 140 -29.08 72.02 -31.34
C GLY BB 140 -29.46 70.62 -31.79
N LYS BB 141 -30.58 70.16 -31.26
CA LYS BB 141 -31.08 68.83 -31.58
C LYS BB 141 -31.88 68.90 -32.87
N LEU BB 142 -31.35 68.27 -33.91
CA LEU BB 142 -31.96 68.24 -35.23
C LEU BB 142 -31.96 66.81 -35.75
N ARG BB 143 -33.03 66.44 -36.44
CA ARG BB 143 -33.21 65.12 -37.06
C ARG BB 143 -33.10 63.97 -36.05
N GLY BB 144 -33.33 64.23 -34.77
CA GLY BB 144 -33.28 63.15 -33.80
C GLY BB 144 -33.07 63.67 -32.39
N GLN BB 145 -32.65 62.76 -31.51
CA GLN BB 145 -32.49 63.08 -30.09
C GLN BB 145 -31.12 63.72 -29.85
N ARG BB 146 -30.06 63.05 -30.27
CA ARG BB 146 -28.71 63.56 -30.08
C ARG BB 146 -28.52 64.86 -30.86
N ALA BB 147 -27.93 65.85 -30.20
CA ALA BB 147 -27.80 67.18 -30.77
C ALA BB 147 -26.52 67.24 -31.62
N LYS BB 148 -26.69 67.29 -32.93
CA LYS BB 148 -25.58 67.54 -33.83
C LYS BB 148 -25.38 69.05 -33.94
N SER BB 149 -24.52 69.49 -34.86
CA SER BB 149 -24.21 70.91 -34.96
C SER BB 149 -23.79 71.21 -36.39
N MET BB 150 -24.73 71.74 -37.17
CA MET BB 150 -24.43 72.10 -38.54
C MET BB 150 -23.62 73.39 -38.58
N LYS BB 151 -22.65 73.44 -39.48
CA LYS BB 151 -21.71 74.56 -39.56
C LYS BB 151 -21.23 74.66 -41.00
N PHE BB 152 -21.72 75.66 -41.73
CA PHE BB 152 -21.35 75.86 -43.12
C PHE BB 152 -20.70 77.23 -43.29
N VAL BB 153 -19.43 77.24 -43.66
CA VAL BB 153 -18.64 78.46 -43.80
C VAL BB 153 -18.48 78.78 -45.28
N ASP BB 154 -17.91 79.95 -45.55
CA ASP BB 154 -17.48 80.29 -46.90
C ASP BB 154 -16.41 81.36 -46.85
N GLY BB 155 -15.57 81.38 -47.89
CA GLY BB 155 -14.74 82.53 -48.16
C GLY BB 155 -13.64 82.78 -47.13
N LEU BB 156 -13.46 84.06 -46.85
CA LEU BB 156 -12.36 84.56 -46.03
C LEU BB 156 -12.89 85.03 -44.68
N MET BB 157 -12.25 84.58 -43.61
CA MET BB 157 -12.66 84.97 -42.26
C MET BB 157 -11.56 84.68 -41.24
N ILE BB 158 -11.28 85.65 -40.38
CA ILE BB 158 -10.23 85.51 -39.38
C ILE BB 158 -10.84 85.20 -38.02
N HIS BB 159 -10.01 84.66 -37.13
CA HIS BB 159 -10.47 84.24 -35.80
C HIS BB 159 -9.76 84.98 -34.68
N SER BB 160 -8.44 85.06 -34.71
CA SER BB 160 -7.67 85.54 -33.58
C SER BB 160 -7.14 86.95 -33.81
N GLY BB 161 -6.64 87.56 -32.74
CA GLY BB 161 -6.01 88.86 -32.84
C GLY BB 161 -6.97 90.01 -32.64
N ASP BB 162 -6.39 91.18 -32.45
CA ASP BB 162 -7.12 92.44 -32.27
C ASP BB 162 -7.94 92.91 -33.47
N PRO BB 163 -7.59 92.59 -34.73
CA PRO BB 163 -8.51 92.95 -35.83
C PRO BB 163 -9.92 92.40 -35.72
N VAL BB 164 -10.15 91.36 -34.93
CA VAL BB 164 -11.44 90.70 -34.84
C VAL BB 164 -12.47 91.62 -34.18
N ASN BB 165 -11.99 92.60 -33.42
CA ASN BB 165 -12.90 93.52 -32.73
C ASN BB 165 -13.72 94.35 -33.72
N TYR BB 166 -13.16 94.70 -34.87
CA TYR BB 166 -13.86 95.56 -35.81
C TYR BB 166 -14.15 94.92 -37.16
N TYR BB 167 -13.46 93.84 -37.52
CA TYR BB 167 -13.62 93.26 -38.85
C TYR BB 167 -14.84 92.35 -38.95
N VAL BB 168 -15.09 91.54 -37.93
CA VAL BB 168 -16.26 90.69 -37.92
C VAL BB 168 -17.19 91.19 -36.83
N ASP BB 169 -18.48 90.97 -37.00
CA ASP BB 169 -19.43 91.11 -35.92
C ASP BB 169 -20.16 89.80 -35.73
N THR BB 170 -20.36 89.42 -34.48
CA THR BB 170 -20.95 88.15 -34.12
C THR BB 170 -22.36 88.36 -33.64
N ALA BB 171 -23.23 87.40 -33.92
CA ALA BB 171 -24.61 87.43 -33.48
C ALA BB 171 -24.99 86.06 -32.96
N VAL BB 172 -25.52 86.02 -31.75
CA VAL BB 172 -25.97 84.79 -31.12
C VAL BB 172 -27.44 84.96 -30.78
N ARG BB 173 -28.26 84.02 -31.23
CA ARG BB 173 -29.68 84.02 -30.93
C ARG BB 173 -30.15 82.61 -30.58
N HIS BB 174 -31.28 82.54 -29.89
CA HIS BB 174 -31.91 81.28 -29.53
C HIS BB 174 -33.29 81.24 -30.18
N VAL BB 175 -33.40 80.52 -31.29
CA VAL BB 175 -34.69 80.35 -31.94
C VAL BB 175 -35.39 79.16 -31.28
N LEU BB 176 -36.57 79.41 -30.73
CA LEU BB 176 -37.32 78.37 -30.06
C LEU BB 176 -38.07 77.53 -31.08
N LEU BB 177 -38.06 76.22 -30.87
CA LEU BB 177 -38.76 75.31 -31.76
C LEU BB 177 -39.70 74.46 -30.90
N ARG BB 178 -40.30 73.44 -31.52
CA ARG BB 178 -41.18 72.53 -30.82
C ARG BB 178 -40.40 71.44 -30.09
N GLN BB 179 -39.20 71.08 -30.56
CA GLN BB 179 -38.42 70.02 -29.96
C GLN BB 179 -37.36 70.52 -29.00
N GLY BB 180 -37.09 71.82 -28.95
CA GLY BB 180 -36.11 72.33 -28.03
C GLY BB 180 -35.74 73.77 -28.28
N VAL BB 181 -34.44 74.06 -28.32
CA VAL BB 181 -33.91 75.39 -28.60
C VAL BB 181 -32.74 75.25 -29.54
N LEU BB 182 -32.76 76.01 -30.63
CA LEU BB 182 -31.66 76.05 -31.57
C LEU BB 182 -30.91 77.36 -31.41
N GLY BB 183 -29.59 77.30 -31.50
CA GLY BB 183 -28.75 78.47 -31.44
C GLY BB 183 -28.20 78.82 -32.81
N ILE BB 184 -27.99 80.11 -33.05
CA ILE BB 184 -27.48 80.60 -34.31
C ILE BB 184 -26.21 81.37 -34.04
N LYS BB 185 -25.12 81.01 -34.72
CA LYS BB 185 -23.91 81.81 -34.73
C LYS BB 185 -23.78 82.43 -36.11
N VAL BB 186 -23.56 83.74 -36.16
CA VAL BB 186 -23.42 84.45 -37.42
C VAL BB 186 -22.18 85.32 -37.29
N LYS BB 187 -21.16 85.04 -38.11
CA LYS BB 187 -19.90 85.78 -38.07
C LYS BB 187 -19.67 86.37 -39.46
N ILE BB 188 -20.18 87.57 -39.66
CA ILE BB 188 -20.01 88.26 -40.94
C ILE BB 188 -18.76 89.12 -40.87
N MET BB 189 -17.85 88.95 -41.81
CA MET BB 189 -16.61 89.70 -41.84
C MET BB 189 -16.81 90.93 -42.73
N LEU BB 190 -16.79 92.10 -42.12
CA LEU BB 190 -17.02 93.34 -42.86
C LEU BB 190 -15.87 93.61 -43.82
N PRO BB 191 -16.14 94.24 -44.96
CA PRO BB 191 -15.06 94.56 -45.90
C PRO BB 191 -14.43 95.89 -45.55
N TRP BB 192 -13.12 95.97 -45.73
CA TRP BB 192 -12.42 97.23 -45.50
C TRP BB 192 -12.83 98.24 -46.57
N ASP BB 193 -12.87 99.50 -46.17
CA ASP BB 193 -13.19 100.55 -47.12
C ASP BB 193 -12.55 101.86 -46.71
N PRO BB 194 -11.85 102.53 -47.62
CA PRO BB 194 -11.39 103.90 -47.33
C PRO BB 194 -12.53 104.85 -47.05
N SER BB 195 -13.71 104.59 -47.59
CA SER BB 195 -14.88 105.38 -47.24
C SER BB 195 -15.23 105.21 -45.76
N GLY BB 196 -15.12 103.98 -45.26
CA GLY BB 196 -15.47 103.71 -43.89
C GLY BB 196 -16.96 103.70 -43.62
N LYS BB 197 -17.79 103.70 -44.66
CA LYS BB 197 -19.22 103.81 -44.45
C LYS BB 197 -19.94 102.48 -44.56
N ILE BB 198 -19.24 101.42 -44.94
CA ILE BB 198 -19.84 100.08 -44.93
C ILE BB 198 -19.06 99.24 -43.93
N GLY BB 199 -17.80 99.62 -43.70
CA GLY BB 199 -16.95 98.88 -42.80
C GLY BB 199 -15.91 99.78 -42.16
N PRO BB 200 -14.82 99.17 -41.70
CA PRO BB 200 -13.75 99.94 -41.06
C PRO BB 200 -12.71 100.41 -42.06
N LYS BB 201 -12.04 101.49 -41.68
CA LYS BB 201 -11.03 102.11 -42.55
C LYS BB 201 -9.64 101.51 -42.36
N LYS BB 202 -9.38 100.82 -41.25
CA LYS BB 202 -8.06 100.30 -40.97
C LYS BB 202 -7.82 99.05 -41.79
N PRO BB 203 -6.87 99.04 -42.71
CA PRO BB 203 -6.59 97.82 -43.46
C PRO BB 203 -5.96 96.77 -42.56
N LEU BB 204 -6.07 95.52 -43.00
CA LEU BB 204 -5.57 94.39 -42.26
C LEU BB 204 -4.07 94.53 -41.99
N PRO BB 205 -3.58 94.19 -40.80
CA PRO BB 205 -2.14 94.24 -40.55
C PRO BB 205 -1.35 93.26 -41.39
N ASP BB 206 -2.01 92.29 -42.01
CA ASP BB 206 -1.36 91.36 -42.92
C ASP BB 206 -1.24 91.88 -44.34
N HIS BB 207 -2.12 92.80 -44.76
CA HIS BB 207 -2.10 93.28 -46.12
C HIS BB 207 -1.39 94.62 -46.19
N VAL BB 208 -0.44 94.74 -47.13
CA VAL BB 208 0.28 95.98 -47.37
C VAL BB 208 0.28 96.23 -48.88
N SER BB 209 -0.59 97.14 -49.32
CA SER BB 209 -0.72 97.40 -50.75
C SER BB 209 0.46 98.22 -51.21
N ILE BB 210 1.03 97.84 -52.35
CA ILE BB 210 2.17 98.53 -52.93
C ILE BB 210 1.67 99.26 -54.16
N VAL BB 211 1.61 100.59 -54.08
CA VAL BB 211 1.11 101.39 -55.20
C VAL BB 211 2.10 101.30 -56.35
N GLU BB 212 1.57 101.14 -57.56
CA GLU BB 212 2.39 101.05 -58.74
C GLU BB 212 3.05 102.40 -59.03
N PRO BB 213 4.27 102.39 -59.54
CA PRO BB 213 4.97 103.64 -59.84
C PRO BB 213 4.34 104.36 -61.03
N LYS BB 214 4.87 105.55 -61.29
CA LYS BB 214 4.46 106.33 -62.45
C LYS BB 214 5.44 106.06 -63.59
N ASP BB 215 4.92 105.64 -64.73
CA ASP BB 215 5.74 105.36 -65.91
C ASP BB 215 6.27 106.67 -66.47
N GLU BB 216 7.55 106.95 -66.21
CA GLU BB 216 8.19 108.16 -66.71
C GLU BB 216 9.46 107.76 -67.46
N ILE BB 217 9.66 108.37 -68.62
CA ILE BB 217 10.81 108.08 -69.46
C ILE BB 217 12.05 108.69 -68.83
N LEU BB 218 13.17 107.98 -68.90
CA LEU BB 218 14.40 108.52 -68.36
C LEU BB 218 14.93 109.63 -69.26
N PRO BB 219 15.30 110.78 -68.73
CA PRO BB 219 15.86 111.84 -69.56
C PRO BB 219 17.32 111.59 -69.90
N THR BB 220 17.60 111.22 -71.14
CA THR BB 220 18.96 110.98 -71.58
C THR BB 220 19.55 112.16 -72.34
N THR BB 221 18.79 113.25 -72.50
CA THR BB 221 19.22 114.45 -73.22
C THR BB 221 19.20 115.63 -72.26
N PRO BB 222 20.36 116.13 -71.81
CA PRO BB 222 20.38 117.26 -70.88
C PRO BB 222 19.78 118.53 -71.49
N ILE BB 223 18.66 119.00 -70.92
CA ILE BB 223 17.97 120.17 -71.41
C ILE BB 223 17.64 121.06 -70.21
N SER BB 224 17.52 122.37 -70.46
CA SER BB 224 17.25 123.35 -69.43
C SER BB 224 15.93 124.03 -69.72
N GLU BB 225 14.94 123.81 -68.85
CA GLU BB 225 13.62 124.41 -69.00
C GLU BB 225 13.62 125.77 -68.31
N GLN BB 226 14.27 126.72 -68.96
CA GLN BB 226 14.30 128.10 -68.47
C GLN BB 226 13.06 128.83 -68.96
N LYS BB 227 12.46 129.63 -68.09
CA LYS BB 227 11.26 130.37 -68.43
C LYS BB 227 11.21 131.63 -67.59
N GLY BB 228 10.16 132.43 -67.81
CA GLY BB 228 9.91 133.61 -67.00
C GLY BB 228 10.93 134.72 -67.17
N ALA CB 1 -49.23 -11.54 -68.72
CA ALA CB 1 -50.54 -11.93 -68.23
C ALA CB 1 -50.67 -13.43 -68.18
N ARG CB 2 -51.85 -13.90 -67.78
CA ARG CB 2 -52.14 -15.33 -67.80
C ARG CB 2 -52.85 -15.77 -69.07
N GLY CB 3 -53.09 -14.85 -69.99
CA GLY CB 3 -53.72 -15.19 -71.24
C GLY CB 3 -53.87 -14.00 -72.15
N PRO CB 4 -54.54 -14.19 -73.27
CA PRO CB 4 -54.62 -13.13 -74.27
C PRO CB 4 -55.57 -12.02 -73.85
N LYS CB 5 -55.33 -10.84 -74.39
CA LYS CB 5 -56.14 -9.67 -74.08
C LYS CB 5 -57.51 -9.78 -74.74
N LYS CB 6 -58.45 -9.05 -74.19
CA LYS CB 6 -59.77 -8.94 -74.80
C LYS CB 6 -60.30 -7.52 -74.79
N HIS CB 7 -59.51 -6.54 -74.36
CA HIS CB 7 -59.92 -5.15 -74.33
C HIS CB 7 -58.94 -4.31 -75.12
N LEU CB 8 -59.36 -3.06 -75.37
CA LEU CB 8 -58.51 -2.08 -76.03
C LEU CB 8 -58.88 -0.71 -75.49
N LYS CB 9 -57.90 0.00 -74.95
CA LYS CB 9 -58.14 1.33 -74.42
C LYS CB 9 -58.37 2.29 -75.57
N ARG CB 10 -59.28 3.25 -75.37
CA ARG CB 10 -59.61 4.20 -76.42
C ARG CB 10 -58.39 5.03 -76.80
N VAL CB 11 -57.64 5.50 -75.80
CA VAL CB 11 -56.45 6.30 -76.07
C VAL CB 11 -55.28 5.46 -76.54
N ALA CB 12 -55.43 4.14 -76.57
CA ALA CB 12 -54.41 3.25 -77.13
C ALA CB 12 -54.79 2.72 -78.49
N ALA CB 13 -55.96 3.09 -79.01
CA ALA CB 13 -56.38 2.64 -80.32
C ALA CB 13 -55.46 3.21 -81.40
N PRO CB 14 -55.37 2.57 -82.56
CA PRO CB 14 -54.59 3.14 -83.67
C PRO CB 14 -55.06 4.53 -84.04
N LYS CB 15 -54.12 5.36 -84.48
CA LYS CB 15 -54.42 6.78 -84.68
C LYS CB 15 -55.31 6.98 -85.91
N HIS CB 16 -55.17 6.13 -86.91
CA HIS CB 16 -55.87 6.32 -88.19
C HIS CB 16 -57.34 5.95 -88.12
N TRP CB 17 -57.84 5.53 -86.96
CA TRP CB 17 -59.26 5.30 -86.78
C TRP CB 17 -60.04 6.59 -86.52
N MET CB 18 -59.34 7.64 -86.12
CA MET CB 18 -59.94 8.94 -85.79
C MET CB 18 -61.01 8.78 -84.71
N LEU CB 19 -60.56 8.34 -83.54
CA LEU CB 19 -61.42 8.12 -82.40
C LEU CB 19 -61.17 9.22 -81.37
N ASP CB 20 -62.21 9.94 -81.01
CA ASP CB 20 -62.08 11.01 -80.04
C ASP CB 20 -61.98 10.41 -78.64
N LYS CB 21 -61.40 11.17 -77.71
CA LYS CB 21 -61.06 10.68 -76.38
C LYS CB 21 -61.84 11.36 -75.27
N LEU CB 22 -63.15 11.54 -75.46
CA LEU CB 22 -64.01 12.02 -74.39
C LEU CB 22 -65.23 11.14 -74.19
N THR CB 23 -65.56 10.26 -75.14
CA THR CB 23 -66.73 9.41 -74.99
C THR CB 23 -66.53 8.33 -73.95
N GLY CB 24 -65.57 7.43 -74.19
CA GLY CB 24 -65.43 6.26 -73.35
C GLY CB 24 -63.98 5.87 -73.15
N VAL CB 25 -63.78 4.99 -72.18
CA VAL CB 25 -62.44 4.51 -71.85
C VAL CB 25 -61.94 3.51 -72.87
N PHE CB 26 -62.85 2.70 -73.40
CA PHE CB 26 -62.46 1.62 -74.28
C PHE CB 26 -62.74 1.97 -75.73
N ALA CB 27 -62.20 1.15 -76.62
CA ALA CB 27 -62.41 1.21 -78.05
C ALA CB 27 -62.81 -0.19 -78.48
N PRO CB 28 -63.53 -0.35 -79.58
CA PRO CB 28 -63.96 -1.69 -79.99
C PRO CB 28 -62.78 -2.58 -80.35
N ARG CB 29 -62.61 -3.65 -79.61
CA ARG CB 29 -61.52 -4.58 -79.86
C ARG CB 29 -61.78 -5.34 -81.16
N PRO CB 30 -60.94 -5.22 -82.16
CA PRO CB 30 -61.15 -5.98 -83.40
C PRO CB 30 -60.91 -7.45 -83.16
N SER CB 31 -61.95 -8.26 -83.31
CA SER CB 31 -61.84 -9.69 -83.17
C SER CB 31 -60.83 -10.25 -84.16
N THR CB 32 -60.31 -11.43 -83.85
CA THR CB 32 -59.35 -12.08 -84.72
C THR CB 32 -59.98 -12.37 -86.08
N GLY CB 33 -59.32 -11.93 -87.13
CA GLY CB 33 -59.84 -12.13 -88.47
C GLY CB 33 -58.75 -12.22 -89.51
N PRO CB 34 -59.09 -11.87 -90.75
CA PRO CB 34 -58.10 -12.00 -91.84
C PRO CB 34 -56.98 -10.98 -91.81
N HIS CB 35 -57.19 -9.81 -91.21
CA HIS CB 35 -56.19 -8.77 -91.19
C HIS CB 35 -55.72 -8.49 -89.77
N LYS CB 36 -54.56 -7.86 -89.67
CA LYS CB 36 -54.03 -7.54 -88.35
C LYS CB 36 -54.79 -6.36 -87.74
N LEU CB 37 -54.61 -6.20 -86.43
CA LEU CB 37 -55.28 -5.12 -85.71
C LEU CB 37 -54.74 -3.75 -86.10
N ARG CB 38 -53.49 -3.67 -86.56
CA ARG CB 38 -52.91 -2.39 -86.93
C ARG CB 38 -53.58 -1.83 -88.18
N GLU CB 39 -54.06 -2.69 -89.06
CA GLU CB 39 -54.53 -2.28 -90.37
C GLU CB 39 -56.05 -2.26 -90.49
N CYS CB 40 -56.72 -3.24 -89.89
CA CYS CB 40 -58.15 -3.42 -90.07
C CYS CB 40 -58.98 -2.26 -89.55
N LEU CB 41 -60.25 -2.21 -89.94
CA LEU CB 41 -61.19 -1.22 -89.44
C LEU CB 41 -62.47 -1.93 -89.07
N PRO CB 42 -62.86 -1.93 -87.79
CA PRO CB 42 -64.07 -2.64 -87.37
C PRO CB 42 -65.33 -2.00 -87.94
N LEU CB 43 -66.33 -2.85 -88.20
CA LEU CB 43 -67.58 -2.37 -88.80
C LEU CB 43 -68.31 -1.37 -87.92
N ILE CB 44 -68.23 -1.51 -86.60
CA ILE CB 44 -68.88 -0.54 -85.73
C ILE CB 44 -68.22 0.83 -85.89
N ILE CB 45 -66.94 0.87 -86.22
CA ILE CB 45 -66.30 2.13 -86.57
C ILE CB 45 -66.77 2.61 -87.93
N PHE CB 46 -66.80 1.71 -88.93
CA PHE CB 46 -67.21 2.10 -90.27
C PHE CB 46 -68.67 2.53 -90.30
N LEU CB 47 -69.52 1.85 -89.56
CA LEU CB 47 -70.94 2.15 -89.61
C LEU CB 47 -71.33 3.32 -88.73
N ARG CB 48 -70.45 3.79 -87.86
CA ARG CB 48 -70.75 4.93 -87.01
C ARG CB 48 -69.79 6.09 -87.15
N ASN CB 49 -68.49 5.85 -87.31
CA ASN CB 49 -67.51 6.93 -87.37
C ASN CB 49 -67.07 7.25 -88.79
N ARG CB 50 -67.64 6.60 -89.80
CA ARG CB 50 -67.45 7.01 -91.18
C ARG CB 50 -68.75 7.10 -91.94
N LEU CB 51 -69.87 6.72 -91.34
CA LEU CB 51 -71.16 6.77 -91.99
C LEU CB 51 -72.26 7.41 -91.16
N LYS CB 52 -72.13 7.44 -89.84
CA LYS CB 52 -73.13 7.99 -88.92
C LYS CB 52 -74.48 7.32 -89.07
N TYR CB 53 -74.50 6.08 -89.55
CA TYR CB 53 -75.75 5.34 -89.66
C TYR CB 53 -76.32 5.02 -88.29
N ALA CB 54 -75.45 4.73 -87.34
CA ALA CB 54 -75.85 4.47 -85.97
C ALA CB 54 -75.25 5.52 -85.04
N LEU CB 55 -75.74 5.53 -83.81
CA LEU CB 55 -75.29 6.46 -82.79
C LEU CB 55 -74.62 5.78 -81.61
N THR CB 56 -74.95 4.52 -81.34
CA THR CB 56 -74.40 3.79 -80.22
C THR CB 56 -73.77 2.52 -80.79
N GLY CB 57 -73.42 1.59 -79.92
CA GLY CB 57 -72.96 0.30 -80.37
C GLY CB 57 -74.12 -0.63 -80.62
N ASP CB 58 -75.14 -0.55 -79.76
CA ASP CB 58 -76.30 -1.42 -79.88
C ASP CB 58 -77.07 -1.17 -81.17
N GLU CB 59 -77.03 0.06 -81.69
CA GLU CB 59 -77.68 0.31 -82.96
C GLU CB 59 -76.91 -0.34 -84.11
N VAL CB 60 -75.58 -0.41 -83.99
CA VAL CB 60 -74.80 -1.18 -84.96
C VAL CB 60 -75.13 -2.66 -84.84
N LYS CB 61 -75.39 -3.13 -83.61
CA LYS CB 61 -75.80 -4.51 -83.41
C LYS CB 61 -77.15 -4.79 -84.06
N LYS CB 62 -77.97 -3.75 -84.26
CA LYS CB 62 -79.24 -3.95 -84.92
C LYS CB 62 -79.07 -4.18 -86.42
N ILE CB 63 -78.33 -3.28 -87.10
CA ILE CB 63 -78.22 -3.38 -88.55
C ILE CB 63 -77.43 -4.61 -88.96
N CYS CB 64 -76.54 -5.10 -88.10
CA CYS CB 64 -75.83 -6.32 -88.44
C CYS CB 64 -76.71 -7.55 -88.25
N MET CB 65 -77.42 -7.63 -87.12
CA MET CB 65 -78.34 -8.73 -86.88
C MET CB 65 -79.60 -8.63 -87.70
N GLN CB 66 -79.80 -7.53 -88.42
CA GLN CB 66 -80.81 -7.50 -89.48
C GLN CB 66 -80.36 -8.26 -90.72
N ARG CB 67 -79.10 -8.72 -90.74
CA ARG CB 67 -78.50 -9.43 -91.87
C ARG CB 67 -78.57 -8.58 -93.15
N PHE CB 68 -77.88 -7.47 -93.09
CA PHE CB 68 -77.84 -6.57 -94.24
C PHE CB 68 -76.43 -6.39 -94.80
N ILE CB 69 -75.43 -6.28 -93.93
CA ILE CB 69 -74.07 -5.99 -94.36
C ILE CB 69 -73.44 -7.25 -94.93
N LYS CB 70 -73.14 -7.23 -96.21
CA LYS CB 70 -72.53 -8.38 -96.88
C LYS CB 70 -71.10 -8.00 -97.23
N ILE CB 71 -70.15 -8.55 -96.49
CA ILE CB 71 -68.74 -8.23 -96.67
C ILE CB 71 -68.15 -9.23 -97.65
N ASP CB 72 -67.63 -8.70 -98.78
CA ASP CB 72 -67.12 -9.45 -99.93
C ASP CB 72 -67.88 -10.73 -100.23
N GLY CB 73 -69.20 -10.64 -100.27
CA GLY CB 73 -70.04 -11.78 -100.59
C GLY CB 73 -70.43 -12.65 -99.42
N LYS CB 74 -70.29 -12.16 -98.19
CA LYS CB 74 -70.65 -12.94 -97.01
C LYS CB 74 -71.26 -12.03 -95.95
N VAL CB 75 -72.50 -12.32 -95.56
CA VAL CB 75 -73.19 -11.49 -94.58
C VAL CB 75 -72.62 -11.77 -93.19
N ARG CB 76 -72.14 -10.74 -92.53
CA ARG CB 76 -71.54 -10.85 -91.21
C ARG CB 76 -72.47 -10.27 -90.14
N THR CB 77 -72.25 -10.73 -88.91
CA THR CB 77 -72.94 -10.18 -87.76
C THR CB 77 -71.99 -9.78 -86.64
N ASP CB 78 -70.68 -9.82 -86.87
CA ASP CB 78 -69.71 -9.31 -85.92
C ASP CB 78 -69.69 -7.79 -86.06
N ILE CB 79 -70.03 -7.09 -84.99
CA ILE CB 79 -70.01 -5.64 -85.01
C ILE CB 79 -68.58 -5.12 -85.11
N THR CB 80 -67.63 -5.87 -84.52
CA THR CB 80 -66.22 -5.51 -84.53
C THR CB 80 -65.43 -6.38 -85.49
N TYR CB 81 -66.02 -6.70 -86.64
CA TYR CB 81 -65.34 -7.55 -87.60
C TYR CB 81 -64.21 -6.78 -88.26
N PRO CB 82 -63.01 -7.33 -88.28
CA PRO CB 82 -61.90 -6.65 -88.96
C PRO CB 82 -62.06 -6.63 -90.47
N ALA CB 83 -62.13 -5.44 -91.04
CA ALA CB 83 -62.15 -5.24 -92.49
C ALA CB 83 -60.88 -4.50 -92.87
N GLY CB 84 -60.01 -5.17 -93.61
CA GLY CB 84 -58.72 -4.59 -93.95
C GLY CB 84 -58.65 -3.93 -95.32
N PHE CB 85 -57.54 -4.17 -96.01
CA PHE CB 85 -57.23 -3.49 -97.26
C PHE CB 85 -57.90 -4.22 -98.42
N MET CB 86 -58.58 -3.46 -99.28
CA MET CB 86 -59.35 -3.98 -100.41
C MET CB 86 -60.45 -4.93 -99.95
N ASP CB 87 -61.24 -4.50 -98.97
CA ASP CB 87 -62.37 -5.27 -98.47
C ASP CB 87 -63.65 -4.64 -98.97
N VAL CB 88 -64.24 -5.25 -100.00
CA VAL CB 88 -65.47 -4.74 -100.59
C VAL CB 88 -66.62 -4.96 -99.63
N ILE CB 89 -67.31 -3.87 -99.27
CA ILE CB 89 -68.46 -3.93 -98.37
C ILE CB 89 -69.70 -3.64 -99.21
N SER CB 90 -70.57 -4.64 -99.34
CA SER CB 90 -71.83 -4.49 -100.04
C SER CB 90 -72.98 -4.46 -99.05
N ILE CB 91 -73.91 -3.53 -99.30
CA ILE CB 91 -75.16 -3.45 -98.56
C ILE CB 91 -76.31 -3.35 -99.55
N ASP CB 92 -77.07 -4.43 -99.70
CA ASP CB 92 -78.12 -4.46 -100.69
C ASP CB 92 -79.29 -3.55 -100.33
N LYS CB 93 -79.49 -3.27 -99.04
CA LYS CB 93 -80.64 -2.48 -98.61
C LYS CB 93 -80.54 -1.05 -99.12
N THR CB 94 -79.33 -0.52 -99.20
CA THR CB 94 -79.11 0.77 -99.83
C THR CB 94 -78.73 0.63 -101.30
N GLY CB 95 -78.60 -0.61 -101.78
CA GLY CB 95 -78.16 -0.89 -103.13
C GLY CB 95 -76.79 -0.29 -103.41
N GLU CB 96 -75.98 -0.20 -102.37
CA GLU CB 96 -74.73 0.53 -102.41
C GLU CB 96 -73.58 -0.38 -101.98
N ASN CB 97 -72.53 -0.41 -102.78
CA ASN CB 97 -71.35 -1.22 -102.51
C ASN CB 97 -70.18 -0.30 -102.20
N PHE CB 98 -69.51 -0.59 -101.09
CA PHE CB 98 -68.38 0.20 -100.63
C PHE CB 98 -67.08 -0.47 -101.06
N ARG CB 99 -65.96 0.14 -100.67
CA ARG CB 99 -64.65 -0.46 -100.82
C ARG CB 99 -63.72 0.25 -99.84
N LEU CB 100 -62.89 -0.53 -99.16
CA LEU CB 100 -61.90 0.04 -98.25
C LEU CB 100 -60.64 0.34 -99.03
N ILE CB 101 -60.27 1.61 -99.07
CA ILE CB 101 -59.06 2.05 -99.74
C ILE CB 101 -58.40 3.09 -98.84
N TYR CB 102 -57.08 3.13 -98.85
CA TYR CB 102 -56.38 4.12 -98.03
C TYR CB 102 -56.50 5.49 -98.66
N ASP CB 103 -56.71 6.50 -97.82
CA ASP CB 103 -56.64 7.87 -98.28
C ASP CB 103 -55.18 8.25 -98.53
N THR CB 104 -54.96 9.47 -99.04
CA THR CB 104 -53.59 9.93 -99.23
C THR CB 104 -52.90 10.19 -97.90
N LYS CB 105 -53.67 10.39 -96.83
CA LYS CB 105 -53.14 10.37 -95.48
C LYS CB 105 -53.27 8.96 -94.92
N GLY CB 106 -53.02 8.79 -93.63
CA GLY CB 106 -53.04 7.46 -93.07
C GLY CB 106 -54.42 6.83 -92.96
N ARG CB 107 -55.46 7.66 -92.93
CA ARG CB 107 -56.80 7.17 -92.66
C ARG CB 107 -57.35 6.36 -93.83
N PHE CB 108 -58.35 5.53 -93.53
CA PHE CB 108 -59.09 4.85 -94.57
C PHE CB 108 -60.05 5.82 -95.25
N ALA CB 109 -60.70 5.34 -96.31
CA ALA CB 109 -61.59 6.18 -97.10
C ALA CB 109 -62.99 5.59 -97.15
N VAL CB 110 -63.98 6.47 -97.13
CA VAL CB 110 -65.36 6.07 -97.38
C VAL CB 110 -65.59 6.07 -98.89
N HIS CB 111 -65.37 4.93 -99.52
CA HIS CB 111 -65.35 4.85 -100.97
C HIS CB 111 -66.58 4.13 -101.49
N ARG CB 112 -67.48 4.86 -102.14
CA ARG CB 112 -68.68 4.31 -102.75
C ARG CB 112 -68.33 3.91 -104.19
N ILE CB 113 -68.43 2.61 -104.48
CA ILE CB 113 -68.11 2.09 -105.82
C ILE CB 113 -69.35 1.55 -106.50
N THR CB 114 -69.17 1.04 -107.71
CA THR CB 114 -70.22 0.49 -108.55
C THR CB 114 -70.51 -0.96 -108.21
N PRO CB 115 -71.76 -1.41 -108.34
CA PRO CB 115 -72.06 -2.84 -108.13
C PRO CB 115 -71.37 -3.77 -109.12
N GLU CB 116 -70.87 -3.26 -110.24
CA GLU CB 116 -70.17 -4.11 -111.20
C GLU CB 116 -68.68 -4.23 -110.92
N GLU CB 117 -68.16 -3.47 -109.96
CA GLU CB 117 -66.82 -3.69 -109.45
C GLU CB 117 -66.82 -4.45 -108.13
N ALA CB 118 -67.98 -4.60 -107.48
CA ALA CB 118 -68.08 -5.33 -106.24
C ALA CB 118 -68.01 -6.84 -106.42
N LYS CB 119 -67.63 -7.31 -107.61
CA LYS CB 119 -67.47 -8.73 -107.88
C LYS CB 119 -66.02 -9.17 -107.87
N TYR CB 120 -65.07 -8.25 -107.72
CA TYR CB 120 -63.67 -8.63 -107.62
C TYR CB 120 -62.96 -7.69 -106.67
N LYS CB 121 -61.89 -8.20 -106.07
CA LYS CB 121 -61.00 -7.36 -105.28
C LYS CB 121 -59.58 -7.84 -105.52
N LEU CB 122 -58.66 -6.90 -105.74
CA LEU CB 122 -57.26 -7.28 -105.89
C LEU CB 122 -56.69 -7.65 -104.53
N CYS CB 123 -55.87 -8.68 -104.50
CA CYS CB 123 -55.32 -9.17 -103.25
C CYS CB 123 -53.87 -9.58 -103.44
N LYS CB 124 -53.04 -9.24 -102.46
CA LYS CB 124 -51.63 -9.59 -102.50
C LYS CB 124 -51.39 -10.95 -101.86
N VAL CB 125 -50.65 -11.79 -102.56
CA VAL CB 125 -50.32 -13.11 -102.05
C VAL CB 125 -49.07 -13.02 -101.20
N ARG CB 126 -48.85 -14.05 -100.39
CA ARG CB 126 -47.76 -14.06 -99.41
C ARG CB 126 -46.74 -15.17 -99.62
N LYS CB 127 -47.16 -16.40 -99.84
CA LYS CB 127 -46.18 -17.47 -100.04
C LYS CB 127 -46.77 -18.55 -100.94
N ILE CB 128 -45.92 -19.12 -101.79
CA ILE CB 128 -46.29 -20.23 -102.64
C ILE CB 128 -46.04 -21.55 -101.91
N PHE CB 129 -46.99 -21.90 -101.06
CA PHE CB 129 -46.92 -23.15 -100.33
C PHE CB 129 -47.19 -24.31 -101.29
N VAL CB 130 -46.55 -25.45 -101.03
CA VAL CB 130 -46.75 -26.66 -101.81
C VAL CB 130 -47.52 -27.66 -100.95
N GLY CB 131 -48.73 -28.01 -101.38
CA GLY CB 131 -49.62 -28.83 -100.58
C GLY CB 131 -49.21 -30.28 -100.43
N THR CB 132 -50.10 -31.08 -99.84
CA THR CB 132 -49.71 -32.39 -99.33
C THR CB 132 -49.39 -33.38 -100.44
N LYS CB 133 -49.84 -33.13 -101.65
CA LYS CB 133 -49.64 -34.05 -102.77
C LYS CB 133 -49.12 -33.30 -103.98
N GLY CB 134 -48.12 -32.45 -103.77
CA GLY CB 134 -47.59 -31.64 -104.85
C GLY CB 134 -48.53 -30.57 -105.34
N ILE CB 135 -49.60 -30.28 -104.59
CA ILE CB 135 -50.63 -29.34 -105.01
C ILE CB 135 -50.18 -27.94 -104.63
N PRO CB 136 -49.85 -27.08 -105.59
CA PRO CB 136 -49.38 -25.73 -105.25
C PRO CB 136 -50.48 -24.91 -104.61
N HIS CB 137 -50.08 -23.99 -103.73
CA HIS CB 137 -51.03 -23.23 -102.94
C HIS CB 137 -50.68 -21.76 -102.97
N LEU CB 138 -51.63 -20.95 -102.49
CA LEU CB 138 -51.42 -19.53 -102.28
C LEU CB 138 -52.25 -19.07 -101.10
N VAL CB 139 -51.67 -18.19 -100.31
CA VAL CB 139 -52.38 -17.50 -99.24
C VAL CB 139 -52.26 -16.01 -99.50
N THR CB 140 -53.40 -15.35 -99.64
CA THR CB 140 -53.38 -13.92 -99.84
C THR CB 140 -53.13 -13.21 -98.53
N HIS CB 141 -52.98 -11.89 -98.61
CA HIS CB 141 -52.71 -11.08 -97.42
C HIS CB 141 -53.86 -11.10 -96.43
N ASP CB 142 -55.07 -11.43 -96.88
CA ASP CB 142 -56.21 -11.62 -95.99
C ASP CB 142 -56.51 -13.11 -95.79
N ALA CB 143 -55.47 -13.94 -95.78
CA ALA CB 143 -55.50 -15.37 -95.47
C ALA CB 143 -56.35 -16.20 -96.41
N ARG CB 144 -56.75 -15.65 -97.56
CA ARG CB 144 -57.53 -16.44 -98.51
C ARG CB 144 -56.66 -17.53 -99.11
N THR CB 145 -56.97 -18.77 -98.77
CA THR CB 145 -56.19 -19.91 -99.22
C THR CB 145 -56.73 -20.40 -100.55
N ILE CB 146 -55.86 -20.43 -101.56
CA ILE CB 146 -56.24 -20.86 -102.91
C ILE CB 146 -55.25 -21.94 -103.36
N ARG CB 147 -55.77 -23.12 -103.67
CA ARG CB 147 -54.98 -24.16 -104.29
C ARG CB 147 -55.11 -24.07 -105.80
N TYR CB 148 -54.22 -24.78 -106.50
CA TYR CB 148 -54.08 -24.78 -107.95
C TYR CB 148 -53.95 -23.38 -108.53
N PRO CB 149 -52.86 -22.66 -108.25
CA PRO CB 149 -52.69 -21.32 -108.82
C PRO CB 149 -52.06 -21.34 -110.20
N ASP CB 150 -51.83 -20.16 -110.74
CA ASP CB 150 -51.12 -20.11 -112.00
C ASP CB 150 -49.61 -20.17 -111.76
N PRO CB 151 -48.88 -20.94 -112.56
CA PRO CB 151 -47.45 -21.14 -112.29
C PRO CB 151 -46.55 -19.93 -112.47
N LEU CB 152 -47.10 -18.76 -112.79
CA LEU CB 152 -46.31 -17.54 -112.85
C LEU CB 152 -46.51 -16.66 -111.64
N ILE CB 153 -47.30 -17.08 -110.66
CA ILE CB 153 -47.60 -16.26 -109.50
C ILE CB 153 -46.55 -16.51 -108.44
N LYS CB 154 -45.74 -15.49 -108.16
CA LYS CB 154 -44.67 -15.58 -107.18
C LYS CB 154 -45.08 -14.90 -105.88
N VAL CB 155 -44.11 -14.77 -104.97
CA VAL CB 155 -44.33 -14.41 -103.58
C VAL CB 155 -45.04 -13.06 -103.38
N ASN CB 156 -44.45 -11.97 -103.87
CA ASN CB 156 -44.99 -10.63 -103.59
C ASN CB 156 -45.70 -10.09 -104.82
N ASP CB 157 -46.86 -10.67 -105.12
CA ASP CB 157 -47.64 -10.28 -106.29
C ASP CB 157 -49.09 -10.05 -105.89
N THR CB 158 -49.87 -9.61 -106.86
CA THR CB 158 -51.26 -9.24 -106.64
C THR CB 158 -52.13 -9.96 -107.66
N ILE CB 159 -53.24 -10.51 -107.20
CA ILE CB 159 -54.14 -11.29 -108.03
C ILE CB 159 -55.52 -10.67 -107.97
N GLN CB 160 -56.26 -10.78 -109.06
CA GLN CB 160 -57.66 -10.42 -109.08
C GLN CB 160 -58.48 -11.69 -108.87
N ILE CB 161 -59.27 -11.71 -107.80
CA ILE CB 161 -60.08 -12.87 -107.45
C ILE CB 161 -61.52 -12.61 -107.83
N ASP CB 162 -62.24 -13.67 -108.18
CA ASP CB 162 -63.67 -13.59 -108.45
C ASP CB 162 -64.38 -13.94 -107.16
N LEU CB 163 -65.07 -12.96 -106.57
CA LEU CB 163 -65.60 -13.10 -105.21
C LEU CB 163 -66.63 -14.19 -105.05
N GLU CB 164 -67.65 -14.22 -105.91
CA GLU CB 164 -68.78 -15.13 -105.75
C GLU CB 164 -68.35 -16.58 -105.75
N THR CB 165 -67.26 -16.90 -106.45
CA THR CB 165 -66.74 -18.25 -106.46
C THR CB 165 -65.47 -18.39 -105.63
N GLY CB 166 -64.77 -17.30 -105.36
CA GLY CB 166 -63.53 -17.36 -104.62
C GLY CB 166 -62.31 -17.71 -105.44
N LYS CB 167 -62.44 -17.85 -106.75
CA LYS CB 167 -61.32 -18.21 -107.61
C LYS CB 167 -60.68 -16.95 -108.18
N ILE CB 168 -59.50 -17.10 -108.76
CA ILE CB 168 -58.72 -15.98 -109.26
C ILE CB 168 -58.85 -15.93 -110.77
N THR CB 169 -58.84 -14.72 -111.33
CA THR CB 169 -58.92 -14.56 -112.77
C THR CB 169 -57.56 -14.21 -113.35
N ASP CB 170 -56.99 -13.09 -112.89
CA ASP CB 170 -55.75 -12.57 -113.44
C ASP CB 170 -54.83 -12.12 -112.32
N PHE CB 171 -53.57 -11.88 -112.70
CA PHE CB 171 -52.57 -11.41 -111.75
C PHE CB 171 -51.78 -10.29 -112.38
N ILE CB 172 -51.04 -9.57 -111.55
CA ILE CB 172 -50.15 -8.50 -111.98
C ILE CB 172 -48.77 -8.77 -111.40
N LYS CB 173 -47.79 -8.90 -112.28
CA LYS CB 173 -46.43 -9.24 -111.86
C LYS CB 173 -45.77 -8.04 -111.19
N PHE CB 174 -44.98 -8.33 -110.16
CA PHE CB 174 -44.23 -7.31 -109.43
C PHE CB 174 -42.94 -7.01 -110.18
N ASP CB 175 -42.92 -5.89 -110.89
CA ASP CB 175 -41.73 -5.48 -111.62
C ASP CB 175 -41.83 -3.98 -111.86
N THR CB 176 -40.73 -3.40 -112.33
CA THR CB 176 -40.66 -1.97 -112.56
C THR CB 176 -41.63 -1.56 -113.66
N GLY CB 177 -42.17 -0.35 -113.53
CA GLY CB 177 -43.16 0.18 -114.45
C GLY CB 177 -44.58 0.04 -113.94
N ASN CB 178 -44.85 -0.98 -113.14
CA ASN CB 178 -46.21 -1.22 -112.67
C ASN CB 178 -46.61 -0.18 -111.63
N LEU CB 179 -47.91 0.05 -111.52
CA LEU CB 179 -48.43 0.91 -110.48
C LEU CB 179 -48.22 0.25 -109.12
N CYS CB 180 -48.30 1.07 -108.08
CA CYS CB 180 -48.00 0.60 -106.74
C CYS CB 180 -48.64 1.47 -105.67
N MET CB 181 -49.40 0.86 -104.78
CA MET CB 181 -49.97 1.54 -103.63
C MET CB 181 -49.32 1.01 -102.37
N VAL CB 182 -48.90 1.91 -101.50
CA VAL CB 182 -48.23 1.52 -100.27
C VAL CB 182 -49.26 1.32 -99.17
N THR CB 183 -49.01 0.32 -98.32
CA THR CB 183 -49.96 -0.06 -97.28
C THR CB 183 -49.28 -0.07 -95.91
N GLY CB 184 -48.51 0.98 -95.64
CA GLY CB 184 -47.95 1.17 -94.32
C GLY CB 184 -46.69 1.99 -94.26
N GLY CB 185 -46.58 2.86 -93.27
CA GLY CB 185 -45.41 3.69 -93.07
C GLY CB 185 -45.74 5.16 -93.27
N ALA CB 186 -44.66 5.95 -93.34
CA ALA CB 186 -44.81 7.38 -93.61
C ALA CB 186 -45.44 7.61 -94.97
N ASN CB 187 -45.09 6.80 -95.96
CA ASN CB 187 -45.66 6.91 -97.30
C ASN CB 187 -46.94 6.10 -97.42
N LEU CB 188 -47.87 6.28 -96.49
CA LEU CB 188 -49.10 5.49 -96.52
C LEU CB 188 -50.09 6.14 -97.48
N GLY CB 189 -50.67 5.31 -98.35
CA GLY CB 189 -51.67 5.79 -99.27
C GLY CB 189 -51.13 6.42 -100.53
N ARG CB 190 -49.82 6.43 -100.73
CA ARG CB 190 -49.26 6.92 -101.97
C ARG CB 190 -49.48 5.91 -103.08
N ILE CB 191 -49.80 6.40 -104.27
CA ILE CB 191 -50.07 5.55 -105.43
C ILE CB 191 -49.10 6.01 -106.53
N GLY CB 192 -48.00 5.29 -106.68
CA GLY CB 192 -47.03 5.64 -107.68
C GLY CB 192 -46.56 4.43 -108.47
N VAL CB 193 -45.55 4.61 -109.32
CA VAL CB 193 -45.02 3.52 -110.12
C VAL CB 193 -43.64 3.17 -109.59
N ILE CB 194 -43.25 1.91 -109.82
CA ILE CB 194 -41.97 1.42 -109.34
C ILE CB 194 -40.87 1.75 -110.34
N THR CB 195 -39.71 2.16 -109.84
CA THR CB 195 -38.59 2.44 -110.71
C THR CB 195 -37.41 1.52 -110.42
N ASN CB 196 -37.30 1.04 -109.19
CA ASN CB 196 -36.11 0.29 -108.82
C ASN CB 196 -36.44 -0.66 -107.68
N ARG CB 197 -35.66 -1.71 -107.59
CA ARG CB 197 -35.75 -2.71 -106.52
C ARG CB 197 -34.37 -2.86 -105.90
N GLU CB 198 -34.21 -2.37 -104.69
CA GLU CB 198 -32.94 -2.46 -103.97
C GLU CB 198 -32.94 -3.70 -103.09
N ARG CB 199 -31.97 -4.57 -103.28
CA ARG CB 199 -31.92 -5.87 -102.63
C ARG CB 199 -31.20 -5.78 -101.30
N HIS CB 200 -31.68 -6.55 -100.33
CA HIS CB 200 -31.05 -6.66 -99.01
C HIS CB 200 -31.10 -8.11 -98.58
N PRO CB 201 -30.08 -8.89 -98.93
CA PRO CB 201 -29.97 -10.27 -98.44
C PRO CB 201 -29.94 -10.33 -96.93
N GLY CB 202 -30.85 -11.07 -96.33
CA GLY CB 202 -30.97 -11.15 -94.90
C GLY CB 202 -31.84 -10.09 -94.29
N SER CB 203 -32.18 -9.05 -95.05
CA SER CB 203 -33.01 -7.97 -94.53
C SER CB 203 -34.15 -7.65 -95.47
N PHE CB 204 -34.80 -6.52 -95.24
CA PHE CB 204 -35.97 -6.10 -96.00
C PHE CB 204 -35.51 -5.28 -97.21
N ASP CB 205 -36.11 -5.55 -98.36
CA ASP CB 205 -35.73 -4.90 -99.60
C ASP CB 205 -36.52 -3.61 -99.75
N VAL CB 206 -35.83 -2.48 -99.75
CA VAL CB 206 -36.49 -1.21 -100.01
C VAL CB 206 -36.68 -1.06 -101.51
N VAL CB 207 -37.71 -0.31 -101.89
CA VAL CB 207 -38.11 -0.18 -103.29
C VAL CB 207 -38.49 1.27 -103.53
N HIS CB 208 -37.85 1.90 -104.51
CA HIS CB 208 -38.17 3.27 -104.87
C HIS CB 208 -39.42 3.31 -105.71
N VAL CB 209 -40.40 4.09 -105.28
CA VAL CB 209 -41.65 4.27 -106.00
C VAL CB 209 -41.75 5.74 -106.39
N LYS CB 210 -41.98 5.99 -107.66
CA LYS CB 210 -42.09 7.35 -108.18
C LYS CB 210 -43.57 7.71 -108.33
N ASP CB 211 -43.95 8.84 -107.75
CA ASP CB 211 -45.30 9.35 -107.89
C ASP CB 211 -45.56 9.79 -109.33
N ALA CB 212 -46.84 9.83 -109.69
CA ALA CB 212 -47.24 10.32 -111.00
C ALA CB 212 -46.98 11.80 -111.20
N ASN CB 213 -46.63 12.53 -110.13
CA ASN CB 213 -46.25 13.93 -110.23
C ASN CB 213 -44.74 14.14 -110.25
N GLY CB 214 -43.97 13.15 -109.81
CA GLY CB 214 -42.52 13.26 -109.86
C GLY CB 214 -41.87 13.21 -108.50
N ASN CB 215 -42.64 12.80 -107.49
CA ASN CB 215 -42.16 12.77 -106.11
C ASN CB 215 -41.64 11.36 -105.82
N SER CB 216 -40.34 11.17 -105.98
CA SER CB 216 -39.73 9.88 -105.69
C SER CB 216 -39.72 9.64 -104.18
N PHE CB 217 -39.90 8.39 -103.79
CA PHE CB 217 -39.83 7.99 -102.39
C PHE CB 217 -39.55 6.50 -102.32
N ALA CB 218 -39.12 6.04 -101.16
CA ALA CB 218 -38.75 4.65 -100.96
C ALA CB 218 -39.59 4.02 -99.87
N THR CB 219 -39.76 2.70 -99.94
CA THR CB 219 -40.47 1.95 -98.92
C THR CB 219 -40.03 0.50 -99.01
N ARG CB 220 -39.85 -0.12 -97.84
CA ARG CB 220 -39.52 -1.55 -97.79
C ARG CB 220 -40.64 -2.38 -98.40
N LEU CB 221 -40.25 -3.51 -99.00
CA LEU CB 221 -41.11 -4.31 -99.86
C LEU CB 221 -42.37 -4.82 -99.16
N SER CB 222 -42.34 -4.90 -97.83
CA SER CB 222 -43.47 -5.45 -97.08
C SER CB 222 -44.74 -4.65 -97.31
N ASN CB 223 -44.61 -3.35 -97.54
CA ASN CB 223 -45.76 -2.47 -97.69
C ASN CB 223 -46.16 -2.27 -99.13
N ILE CB 224 -45.58 -3.03 -100.06
CA ILE CB 224 -45.89 -2.88 -101.46
C ILE CB 224 -47.21 -3.57 -101.80
N PHE CB 225 -47.99 -2.93 -102.67
CA PHE CB 225 -49.19 -3.54 -103.22
C PHE CB 225 -49.39 -3.06 -104.65
N VAL CB 226 -48.91 -3.84 -105.62
CA VAL CB 226 -48.99 -3.46 -107.04
C VAL CB 226 -50.43 -3.54 -107.50
N ILE CB 227 -50.85 -2.58 -108.33
CA ILE CB 227 -52.25 -2.49 -108.72
C ILE CB 227 -52.44 -2.32 -110.22
N GLY CB 228 -51.44 -2.65 -111.01
CA GLY CB 228 -51.62 -2.68 -112.45
C GLY CB 228 -50.38 -2.30 -113.21
N LYS CB 229 -50.37 -2.67 -114.49
CA LYS CB 229 -49.23 -2.42 -115.38
C LYS CB 229 -49.21 -0.96 -115.81
N GLY CB 230 -48.02 -0.43 -116.00
CA GLY CB 230 -47.88 0.97 -116.37
C GLY CB 230 -48.41 1.87 -115.27
N ASN CB 231 -49.10 2.93 -115.69
CA ASN CB 231 -49.86 3.74 -114.77
C ASN CB 231 -51.35 3.50 -114.85
N LYS CB 232 -51.79 2.55 -115.66
CA LYS CB 232 -53.19 2.20 -115.72
C LYS CB 232 -53.55 1.32 -114.52
N PRO CB 233 -54.41 1.81 -113.63
CA PRO CB 233 -54.78 1.00 -112.46
C PRO CB 233 -55.78 -0.08 -112.84
N TRP CB 234 -56.10 -0.90 -111.86
CA TRP CB 234 -57.15 -1.90 -112.01
C TRP CB 234 -58.36 -1.60 -111.15
N ILE CB 235 -58.19 -0.86 -110.07
CA ILE CB 235 -59.26 -0.56 -109.14
C ILE CB 235 -59.59 0.92 -109.30
N SER CB 236 -60.77 1.31 -108.83
CA SER CB 236 -61.19 2.69 -108.84
C SER CB 236 -60.48 3.43 -107.70
N LEU CB 237 -60.02 4.63 -107.99
CA LEU CB 237 -59.25 5.38 -106.99
C LEU CB 237 -60.15 6.38 -106.28
N PRO CB 238 -59.85 6.72 -105.04
CA PRO CB 238 -60.58 7.80 -104.37
C PRO CB 238 -60.14 9.16 -104.88
N ARG CB 239 -60.69 10.23 -104.28
CA ARG CB 239 -60.20 11.57 -104.58
C ARG CB 239 -58.79 11.72 -104.04
N GLY CB 240 -57.93 12.38 -104.81
CA GLY CB 240 -56.55 12.60 -104.45
C GLY CB 240 -55.60 11.69 -105.21
N LYS CB 241 -56.00 10.45 -105.46
CA LYS CB 241 -55.26 9.51 -106.30
C LYS CB 241 -53.86 9.24 -105.78
N GLY CB 242 -53.69 9.30 -104.46
CA GLY CB 242 -52.43 8.94 -103.82
C GLY CB 242 -51.25 9.79 -104.22
N ILE CB 243 -51.35 11.10 -103.99
CA ILE CB 243 -50.27 12.02 -104.31
C ILE CB 243 -49.58 12.54 -103.06
N ARG CB 244 -50.37 12.84 -102.02
CA ARG CB 244 -49.89 13.40 -100.75
C ARG CB 244 -49.15 14.72 -100.98
N LEU CB 245 -49.92 15.68 -101.48
CA LEU CB 245 -49.49 17.06 -101.52
C LEU CB 245 -49.20 17.54 -100.10
N THR CB 246 -48.18 18.39 -99.97
CA THR CB 246 -47.77 18.81 -98.64
C THR CB 246 -48.78 19.79 -98.05
N ILE CB 247 -48.58 20.11 -96.78
CA ILE CB 247 -49.46 21.01 -96.05
C ILE CB 247 -49.24 22.44 -96.50
N ALA CB 248 -48.22 22.67 -97.31
CA ALA CB 248 -48.00 23.98 -97.91
C ALA CB 248 -49.06 24.30 -98.95
N GLU CB 249 -49.37 23.36 -99.84
CA GLU CB 249 -50.38 23.61 -100.86
C GLU CB 249 -51.75 23.11 -100.46
N GLU CB 250 -51.80 22.18 -99.51
CA GLU CB 250 -53.09 21.79 -98.92
C GLU CB 250 -53.79 23.00 -98.33
N ARG CB 251 -53.03 23.87 -97.68
CA ARG CB 251 -53.56 25.15 -97.22
C ARG CB 251 -54.09 25.97 -98.39
N ASP CB 252 -53.44 25.91 -99.54
CA ASP CB 252 -53.91 26.68 -100.68
C ASP CB 252 -55.20 26.10 -101.24
N LYS CB 253 -55.40 24.79 -101.11
CA LYS CB 253 -56.63 24.19 -101.62
C LYS CB 253 -57.82 24.55 -100.75
N ARG CB 254 -57.60 24.73 -99.45
CA ARG CB 254 -58.69 25.09 -98.55
C ARG CB 254 -59.19 26.50 -98.84
N LEU CB 255 -58.31 27.49 -98.71
CA LEU CB 255 -58.74 28.89 -98.76
C LEU CB 255 -59.19 29.29 -100.14
N ALA CB 256 -58.59 28.71 -101.19
CA ALA CB 256 -59.02 29.03 -102.55
C ALA CB 256 -60.22 28.22 -102.99
N ALA CB 257 -60.91 27.56 -102.07
CA ALA CB 257 -62.15 26.88 -102.41
C ALA CB 257 -63.30 27.49 -101.63
N LYS CB 258 -63.03 27.95 -100.40
CA LYS CB 258 -64.09 28.55 -99.59
C LYS CB 258 -64.48 29.91 -100.13
N GLN CB 259 -63.54 30.85 -100.20
CA GLN CB 259 -63.88 32.21 -100.59
C GLN CB 259 -64.26 32.31 -102.06
N SER CB 260 -63.73 31.42 -102.90
CA SER CB 260 -64.11 31.44 -104.31
C SER CB 260 -65.55 31.00 -104.50
N SER CB 261 -66.08 30.18 -103.59
CA SER CB 261 -67.48 29.81 -103.59
C SER CB 261 -68.29 30.66 -102.61
N GLY CB 262 -67.83 30.79 -101.37
CA GLY CB 262 -68.53 31.58 -100.37
C GLY CB 262 -68.42 31.00 -98.97
N THR DB 1 40.31 107.53 -2.45
CA THR DB 1 41.08 107.75 -3.67
C THR DB 1 40.52 106.91 -4.81
N PRO DB 2 40.69 107.36 -6.05
CA PRO DB 2 40.43 106.50 -7.20
C PRO DB 2 41.59 105.63 -7.61
N ASP DB 3 42.61 105.50 -6.76
CA ASP DB 3 43.77 104.66 -7.04
C ASP DB 3 43.65 103.27 -6.43
N ILE DB 4 43.52 103.20 -5.10
CA ILE DB 4 43.42 101.92 -4.40
C ILE DB 4 42.01 101.80 -3.84
N LYS DB 5 41.45 100.59 -3.92
CA LYS DB 5 40.10 100.31 -3.49
C LYS DB 5 40.14 99.41 -2.26
N LEU DB 6 39.38 99.78 -1.24
CA LEU DB 6 39.38 99.07 0.04
C LEU DB 6 38.00 98.46 0.24
N PHE DB 7 37.97 97.31 0.92
CA PHE DB 7 36.70 96.70 1.29
C PHE DB 7 36.16 97.38 2.55
N GLY DB 8 35.88 98.66 2.46
CA GLY DB 8 35.74 99.46 3.66
C GLY DB 8 37.11 99.81 4.19
N LYS DB 9 37.84 98.82 4.70
CA LYS DB 9 39.21 99.05 5.15
C LYS DB 9 40.13 97.87 4.84
N TRP DB 10 39.64 96.89 4.09
CA TRP DB 10 40.45 95.72 3.76
C TRP DB 10 41.10 95.88 2.39
N SER DB 11 42.36 95.47 2.30
CA SER DB 11 43.11 95.63 1.07
C SER DB 11 42.71 94.58 0.04
N THR DB 12 43.02 94.89 -1.22
CA THR DB 12 42.68 94.01 -2.33
C THR DB 12 43.88 93.46 -3.07
N ASP DB 13 45.06 94.05 -2.91
CA ASP DB 13 46.25 93.52 -3.55
C ASP DB 13 46.92 92.46 -2.70
N ASP DB 14 48.06 91.95 -3.18
CA ASP DB 14 48.89 90.97 -2.49
C ASP DB 14 48.12 89.74 -2.05
N VAL DB 15 47.12 89.34 -2.83
CA VAL DB 15 46.43 88.08 -2.64
C VAL DB 15 46.65 87.28 -3.92
N GLN DB 16 47.73 86.50 -3.93
CA GLN DB 16 48.05 85.71 -5.10
C GLN DB 16 47.14 84.49 -5.17
N ILE DB 17 46.71 84.15 -6.38
CA ILE DB 17 45.84 83.00 -6.60
C ILE DB 17 46.74 81.83 -6.94
N ASN DB 18 46.64 80.78 -6.12
CA ASN DB 18 47.60 79.67 -6.23
C ASN DB 18 47.24 78.73 -7.37
N ASP DB 19 45.98 78.66 -7.74
CA ASP DB 19 45.52 77.78 -8.80
C ASP DB 19 45.46 78.53 -10.12
N ILE DB 20 46.17 78.02 -11.12
CA ILE DB 20 46.07 78.58 -12.46
C ILE DB 20 44.77 78.16 -13.12
N SER DB 21 44.20 77.04 -12.70
CA SER DB 21 42.93 76.60 -13.26
C SER DB 21 41.74 77.37 -12.71
N LEU DB 22 41.84 77.88 -11.49
CA LEU DB 22 40.71 78.51 -10.84
C LEU DB 22 40.77 80.03 -10.85
N GLN DB 23 41.89 80.62 -11.29
CA GLN DB 23 42.05 82.06 -11.22
C GLN DB 23 41.21 82.77 -12.28
N ASP DB 24 40.57 82.00 -13.15
CA ASP DB 24 39.70 82.59 -14.17
C ASP DB 24 38.40 83.11 -13.59
N TYR DB 25 37.84 82.41 -12.60
CA TYR DB 25 36.51 82.70 -12.10
C TYR DB 25 36.55 83.18 -10.65
N ILE DB 26 37.59 83.92 -10.29
CA ILE DB 26 37.64 84.56 -8.98
C ILE DB 26 37.83 86.05 -9.20
N ALA DB 27 36.72 86.79 -9.21
CA ALA DB 27 36.75 88.22 -9.49
C ALA DB 27 37.04 88.98 -8.20
N VAL DB 28 38.31 89.15 -7.87
CA VAL DB 28 38.64 89.80 -6.61
C VAL DB 28 39.75 90.85 -6.80
N LYS DB 29 40.40 90.84 -7.96
CA LYS DB 29 41.67 91.55 -8.09
C LYS DB 29 41.60 92.64 -9.14
N GLU DB 30 41.93 93.86 -8.71
CA GLU DB 30 42.40 95.02 -9.46
C GLU DB 30 41.45 95.57 -10.52
N LYS DB 31 40.36 94.88 -10.80
CA LYS DB 31 39.33 95.47 -11.64
C LYS DB 31 37.97 95.22 -11.00
N TYR DB 32 37.84 94.06 -10.40
CA TYR DB 32 36.66 93.70 -9.62
C TYR DB 32 36.90 93.92 -8.14
N ALA DB 33 37.25 95.16 -7.79
CA ALA DB 33 37.42 95.55 -6.40
C ALA DB 33 36.38 96.59 -6.06
N LYS DB 34 35.43 96.22 -5.21
CA LYS DB 34 34.36 97.11 -4.81
C LYS DB 34 34.42 97.30 -3.30
N TYR DB 35 34.01 98.49 -2.85
CA TYR DB 35 33.99 98.77 -1.43
C TYR DB 35 33.06 97.83 -0.70
N LEU DB 36 31.90 97.54 -1.29
CA LEU DB 36 30.86 96.73 -0.72
C LEU DB 36 30.61 95.51 -1.60
N PRO DB 37 30.26 94.37 -1.00
CA PRO DB 37 29.85 93.21 -1.77
C PRO DB 37 28.40 93.24 -2.22
N HIS DB 38 27.75 94.41 -2.21
CA HIS DB 38 26.35 94.55 -2.58
C HIS DB 38 26.26 95.43 -3.81
N SER DB 39 26.39 94.85 -4.99
CA SER DB 39 26.17 95.55 -6.24
C SER DB 39 24.71 95.44 -6.62
N ALA DB 40 24.32 96.22 -7.63
CA ALA DB 40 22.94 96.23 -8.07
C ALA DB 40 22.53 94.88 -8.65
N GLY DB 41 23.43 94.25 -9.39
CA GLY DB 41 23.14 92.95 -9.95
C GLY DB 41 23.59 92.81 -11.38
N ARG DB 42 22.66 92.46 -12.26
CA ARG DB 42 22.93 92.20 -13.69
C ARG DB 42 23.99 91.12 -13.84
N TYR DB 43 23.73 89.97 -13.23
CA TYR DB 43 24.63 88.83 -13.30
C TYR DB 43 23.92 87.53 -13.68
N ALA DB 44 22.60 87.56 -13.83
CA ALA DB 44 21.87 86.35 -14.17
C ALA DB 44 21.12 86.55 -15.47
N ALA DB 45 21.80 87.12 -16.47
CA ALA DB 45 21.21 87.33 -17.77
C ALA DB 45 22.02 86.72 -18.90
N LYS DB 46 23.20 86.19 -18.61
CA LYS DB 46 24.00 85.46 -19.57
C LYS DB 46 24.45 84.15 -18.93
N ARG DB 47 25.11 83.31 -19.72
CA ARG DB 47 25.54 82.02 -19.19
C ARG DB 47 26.71 82.19 -18.23
N PHE DB 48 27.68 83.03 -18.59
CA PHE DB 48 28.86 83.25 -17.77
C PHE DB 48 28.97 84.68 -17.29
N ARG DB 49 27.85 85.40 -17.22
CA ARG DB 49 27.85 86.70 -16.57
C ARG DB 49 28.05 86.59 -15.06
N LYS DB 50 27.90 85.39 -14.53
CA LYS DB 50 28.27 85.07 -13.15
C LYS DB 50 29.77 85.18 -12.92
N ALA DB 51 30.58 85.10 -13.98
CA ALA DB 51 32.03 84.99 -13.81
C ALA DB 51 32.63 86.26 -13.25
N GLN DB 52 32.30 87.42 -13.84
CA GLN DB 52 32.89 88.66 -13.38
C GLN DB 52 32.14 89.24 -12.19
N CYS DB 53 31.26 88.46 -11.60
CA CYS DB 53 30.68 88.92 -10.34
C CYS DB 53 31.70 88.74 -9.24
N PRO DB 54 31.92 89.75 -8.40
CA PRO DB 54 32.96 89.65 -7.37
C PRO DB 54 32.69 88.53 -6.38
N ILE DB 55 33.76 87.82 -6.00
CA ILE DB 55 33.63 86.64 -5.15
C ILE DB 55 33.09 87.02 -3.78
N VAL DB 56 33.39 88.23 -3.31
CA VAL DB 56 32.84 88.69 -2.04
C VAL DB 56 31.34 88.92 -2.17
N GLU DB 57 30.88 89.31 -3.36
CA GLU DB 57 29.45 89.42 -3.59
C GLU DB 57 28.78 88.06 -3.59
N ARG DB 58 29.43 87.07 -4.19
CA ARG DB 58 28.86 85.73 -4.24
C ARG DB 58 28.73 85.12 -2.86
N LEU DB 59 29.60 85.52 -1.93
CA LEU DB 59 29.52 84.94 -0.59
C LEU DB 59 28.29 85.41 0.15
N THR DB 60 27.95 86.70 0.05
CA THR DB 60 26.72 87.17 0.67
C THR DB 60 25.49 86.61 -0.02
N ASN DB 61 25.54 86.47 -1.34
CA ASN DB 61 24.43 85.88 -2.08
C ASN DB 61 24.27 84.42 -1.74
N SER DB 62 25.34 83.77 -1.33
CA SER DB 62 25.25 82.37 -0.93
C SER DB 62 24.84 82.20 0.51
N MET DB 63 24.48 83.27 1.20
CA MET DB 63 24.14 83.19 2.62
C MET DB 63 22.65 83.29 2.89
N MET DB 64 21.95 84.17 2.16
CA MET DB 64 20.53 84.28 2.46
C MET DB 64 19.84 83.03 1.95
N MET DB 65 19.43 82.18 2.89
CA MET DB 65 18.95 80.85 2.58
C MET DB 65 17.94 80.46 3.64
N HIS DB 66 17.24 79.35 3.37
CA HIS DB 66 16.29 78.75 4.29
C HIS DB 66 15.19 79.71 4.71
N GLY DB 67 14.34 80.08 3.76
CA GLY DB 67 13.11 80.76 4.08
C GLY DB 67 13.28 82.19 4.56
N ARG DB 68 13.10 82.38 5.87
CA ARG DB 68 13.15 83.66 6.56
C ARG DB 68 14.28 84.58 6.09
N ASN DB 69 15.45 84.00 5.81
CA ASN DB 69 16.59 84.84 5.48
C ASN DB 69 16.59 85.25 4.02
N ASN DB 70 15.83 84.53 3.17
CA ASN DB 70 15.81 84.82 1.74
C ASN DB 70 15.32 86.23 1.47
N GLY DB 71 16.03 86.94 0.61
CA GLY DB 71 15.69 88.30 0.29
C GLY DB 71 16.28 89.34 1.22
N LYS DB 72 17.10 88.93 2.18
CA LYS DB 72 17.69 89.86 3.16
C LYS DB 72 19.17 89.93 2.86
N LYS DB 73 19.54 90.82 1.96
CA LYS DB 73 20.95 90.97 1.60
C LYS DB 73 21.67 91.96 2.48
N LEU DB 74 20.95 92.83 3.19
CA LEU DB 74 21.61 93.78 4.08
C LEU DB 74 22.29 93.06 5.24
N MET DB 75 21.55 92.17 5.90
CA MET DB 75 22.08 91.53 7.10
C MET DB 75 23.22 90.58 6.78
N THR DB 76 23.22 89.94 5.62
CA THR DB 76 24.38 89.12 5.28
C THR DB 76 25.57 89.97 4.88
N VAL DB 77 25.33 91.21 4.43
CA VAL DB 77 26.45 92.12 4.24
C VAL DB 77 27.06 92.47 5.57
N ARG DB 78 26.22 92.75 6.58
CA ARG DB 78 26.71 92.97 7.93
C ARG DB 78 27.33 91.71 8.52
N ILE DB 79 26.80 90.54 8.15
CA ILE DB 79 27.37 89.29 8.64
C ILE DB 79 28.79 89.10 8.11
N VAL DB 80 28.98 89.28 6.80
CA VAL DB 80 30.29 89.06 6.23
C VAL DB 80 31.26 90.16 6.67
N LYS DB 81 30.75 91.36 6.93
CA LYS DB 81 31.59 92.43 7.46
C LYS DB 81 32.12 92.07 8.84
N HIS DB 82 31.22 91.67 9.75
CA HIS DB 82 31.65 91.20 11.05
C HIS DB 82 32.50 89.95 10.94
N ALA DB 83 32.19 89.08 9.97
CA ALA DB 83 32.96 87.85 9.81
C ALA DB 83 34.39 88.18 9.39
N PHE DB 84 34.56 89.17 8.52
CA PHE DB 84 35.90 89.50 8.05
C PHE DB 84 36.74 90.11 9.16
N GLU DB 85 36.13 90.91 10.03
CA GLU DB 85 36.86 91.54 11.12
C GLU DB 85 37.29 90.55 12.18
N ILE DB 86 36.77 89.31 12.15
CA ILE DB 86 37.25 88.27 13.05
C ILE DB 86 38.54 87.64 12.55
N ILE DB 87 38.68 87.43 11.25
CA ILE DB 87 39.77 86.63 10.70
C ILE DB 87 41.10 87.32 10.90
N HIS DB 88 41.13 88.64 10.73
CA HIS DB 88 42.35 89.39 10.98
C HIS DB 88 42.73 89.40 12.45
N LEU DB 89 41.79 89.09 13.34
CA LEU DB 89 42.09 88.98 14.76
C LEU DB 89 42.16 87.55 15.23
N LEU DB 90 41.98 86.58 14.33
CA LEU DB 90 42.13 85.19 14.68
C LEU DB 90 43.28 84.51 13.96
N THR DB 91 43.57 84.89 12.73
CA THR DB 91 44.77 84.45 12.05
C THR DB 91 45.82 85.54 11.93
N GLY DB 92 45.42 86.81 11.96
CA GLY DB 92 46.35 87.90 11.79
C GLY DB 92 46.60 88.30 10.35
N GLU DB 93 46.03 87.57 9.39
CA GLU DB 93 46.27 87.82 7.99
C GLU DB 93 45.08 88.54 7.37
N ASN DB 94 45.19 88.82 6.09
CA ASN DB 94 44.09 89.46 5.39
C ASN DB 94 42.98 88.44 5.16
N PRO DB 95 41.72 88.82 5.36
CA PRO DB 95 40.63 87.83 5.22
C PRO DB 95 40.45 87.31 3.80
N LEU DB 96 40.68 88.16 2.80
CA LEU DB 96 40.47 87.75 1.42
C LEU DB 96 41.42 86.64 1.02
N GLN DB 97 42.67 86.72 1.45
CA GLN DB 97 43.63 85.65 1.17
C GLN DB 97 43.18 84.33 1.78
N VAL DB 98 42.51 84.39 2.92
CA VAL DB 98 41.92 83.19 3.50
C VAL DB 98 40.79 82.70 2.61
N LEU DB 99 39.90 83.60 2.20
CA LEU DB 99 38.76 83.23 1.36
C LEU DB 99 39.22 82.67 0.02
N VAL DB 100 40.31 83.20 -0.53
CA VAL DB 100 40.91 82.62 -1.73
C VAL DB 100 41.36 81.20 -1.44
N ASN DB 101 42.13 81.01 -0.37
CA ASN DB 101 42.58 79.67 -0.02
C ASN DB 101 41.44 78.80 0.49
N ALA DB 102 40.35 79.42 0.96
CA ALA DB 102 39.18 78.63 1.34
C ALA DB 102 38.57 77.96 0.13
N ILE DB 103 38.41 78.71 -0.96
CA ILE DB 103 37.79 78.17 -2.17
C ILE DB 103 38.67 77.08 -2.77
N ILE DB 104 39.98 77.36 -2.86
CA ILE DB 104 40.91 76.45 -3.53
C ILE DB 104 40.98 75.11 -2.80
N ASN DB 105 40.92 75.14 -1.47
CA ASN DB 105 41.04 73.93 -0.67
C ASN DB 105 39.69 73.32 -0.30
N SER DB 106 38.64 73.59 -1.06
CA SER DB 106 37.35 72.98 -0.75
C SER DB 106 36.65 72.48 -2.00
N GLY DB 107 37.11 72.89 -3.18
CA GLY DB 107 36.45 72.54 -4.41
C GLY DB 107 36.80 71.15 -4.89
N PRO DB 108 35.78 70.30 -5.07
CA PRO DB 108 36.02 68.92 -5.51
C PRO DB 108 36.52 68.89 -6.94
N ARG DB 109 37.64 68.20 -7.16
CA ARG DB 109 38.19 68.10 -8.49
C ARG DB 109 37.37 67.16 -9.37
N GLU DB 110 36.96 66.02 -8.84
CA GLU DB 110 36.20 65.04 -9.58
C GLU DB 110 34.82 64.87 -8.98
N ASP DB 111 33.89 64.40 -9.79
CA ASP DB 111 32.51 64.22 -9.35
C ASP DB 111 31.85 63.14 -10.20
N SER DB 112 31.14 62.25 -9.53
CA SER DB 112 30.50 61.13 -10.21
C SER DB 112 29.07 61.46 -10.56
N THR DB 113 28.61 60.91 -11.69
CA THR DB 113 27.27 61.18 -12.19
C THR DB 113 26.79 60.03 -13.03
N ARG DB 114 25.47 59.97 -13.22
CA ARG DB 114 24.82 58.88 -13.94
C ARG DB 114 25.14 58.98 -15.43
N ILE DB 115 25.63 57.88 -16.00
CA ILE DB 115 25.82 57.79 -17.43
C ILE DB 115 25.05 56.61 -17.99
N ARG DB 122 26.76 52.11 -11.70
CA ARG DB 122 27.29 52.56 -12.99
C ARG DB 122 27.21 54.08 -13.09
N ARG DB 123 28.04 54.75 -12.30
CA ARG DB 123 28.25 56.18 -12.41
C ARG DB 123 29.70 56.40 -12.79
N GLN DB 124 29.92 56.99 -13.95
CA GLN DB 124 31.26 57.32 -14.40
C GLN DB 124 31.72 58.56 -13.66
N ALA DB 125 32.89 58.47 -13.03
CA ALA DB 125 33.49 59.64 -12.42
C ALA DB 125 34.08 60.53 -13.51
N VAL DB 126 33.74 61.81 -13.48
CA VAL DB 126 34.18 62.77 -14.48
C VAL DB 126 34.65 64.03 -13.77
N ASP DB 127 35.58 64.74 -14.39
CA ASP DB 127 36.08 65.96 -13.77
C ASP DB 127 35.02 67.05 -13.81
N VAL DB 128 35.28 68.11 -13.06
CA VAL DB 128 34.37 69.24 -12.98
C VAL DB 128 34.98 70.41 -13.75
N SER DB 129 34.13 71.35 -14.11
CA SER DB 129 34.62 72.62 -14.62
C SER DB 129 35.05 73.50 -13.45
N PRO DB 130 35.97 74.43 -13.67
CA PRO DB 130 36.37 75.32 -12.57
C PRO DB 130 35.25 76.19 -12.06
N LEU DB 131 34.32 76.59 -12.92
CA LEU DB 131 33.18 77.39 -12.47
C LEU DB 131 32.26 76.57 -11.58
N ARG DB 132 32.00 75.32 -11.96
CA ARG DB 132 31.27 74.42 -11.08
C ARG DB 132 32.05 74.16 -9.79
N ARG DB 133 33.38 74.16 -9.88
CA ARG DB 133 34.21 73.96 -8.70
C ARG DB 133 34.17 75.19 -7.79
N VAL DB 134 34.02 76.37 -8.35
CA VAL DB 134 33.79 77.54 -7.51
C VAL DB 134 32.44 77.47 -6.85
N ASN DB 135 31.40 77.15 -7.62
CA ASN DB 135 30.03 77.18 -7.10
C ASN DB 135 29.86 76.17 -5.98
N GLN DB 136 30.48 75.00 -6.10
CA GLN DB 136 30.43 74.05 -5.01
C GLN DB 136 31.27 74.48 -3.82
N ALA DB 137 32.31 75.29 -4.06
CA ALA DB 137 33.17 75.70 -2.95
C ALA DB 137 32.46 76.71 -2.06
N ILE DB 138 31.89 77.76 -2.67
CA ILE DB 138 31.09 78.72 -1.92
C ILE DB 138 29.83 78.08 -1.34
N TRP DB 139 29.43 76.94 -1.88
CA TRP DB 139 28.29 76.20 -1.35
C TRP DB 139 28.62 75.59 0.00
N LEU DB 140 29.64 74.74 0.01
CA LEU DB 140 29.88 73.85 1.15
C LEU DB 140 30.30 74.63 2.38
N LEU DB 141 31.10 75.69 2.21
CA LEU DB 141 31.49 76.47 3.38
C LEU DB 141 30.43 77.49 3.72
N CYS DB 142 29.29 77.43 3.07
CA CYS DB 142 28.14 78.19 3.53
C CYS DB 142 27.11 77.31 4.21
N THR DB 143 26.86 76.11 3.69
CA THR DB 143 25.96 75.18 4.35
C THR DB 143 26.56 74.62 5.64
N GLY DB 144 27.87 74.73 5.82
CA GLY DB 144 28.47 74.25 7.04
C GLY DB 144 28.39 75.28 8.14
N ALA DB 145 28.39 76.56 7.77
CA ALA DB 145 28.20 77.63 8.73
C ALA DB 145 26.76 77.81 9.12
N ARG DB 146 25.82 77.43 8.26
CA ARG DB 146 24.41 77.48 8.63
C ARG DB 146 24.04 76.40 9.62
N GLU DB 147 24.71 75.26 9.57
CA GLU DB 147 24.43 74.20 10.53
C GLU DB 147 25.12 74.45 11.85
N ALA DB 148 26.35 74.95 11.83
CA ALA DB 148 27.06 75.25 13.06
C ALA DB 148 26.47 76.43 13.81
N ALA DB 149 25.65 77.25 13.16
CA ALA DB 149 24.97 78.35 13.83
C ALA DB 149 23.58 77.99 14.29
N PHE DB 150 23.00 76.93 13.75
CA PHE DB 150 21.61 76.58 14.06
C PHE DB 150 21.52 75.97 15.44
N ARG DB 151 20.53 76.44 16.21
CA ARG DB 151 20.25 76.01 17.58
C ARG DB 151 21.51 76.06 18.44
N ASN DB 152 22.30 77.11 18.24
CA ASN DB 152 23.60 77.25 18.88
C ASN DB 152 23.81 78.68 19.29
N ILE DB 153 24.51 78.86 20.42
CA ILE DB 153 24.78 80.20 20.93
C ILE DB 153 25.75 80.92 20.01
N LYS DB 154 26.65 80.18 19.38
CA LYS DB 154 27.64 80.73 18.46
C LYS DB 154 26.98 81.39 17.27
N THR DB 155 27.19 82.70 17.12
CA THR DB 155 26.52 83.45 16.07
C THR DB 155 27.05 83.06 14.69
N ILE DB 156 26.29 83.43 13.66
CA ILE DB 156 26.66 83.05 12.30
C ILE DB 156 27.91 83.81 11.86
N ALA DB 157 28.07 85.05 12.32
CA ALA DB 157 29.27 85.80 12.01
C ALA DB 157 30.53 85.16 12.59
N GLU DB 158 30.37 84.28 13.57
CA GLU DB 158 31.48 83.53 14.13
C GLU DB 158 31.67 82.21 13.40
N CYS DB 159 30.58 81.50 13.15
CA CYS DB 159 30.65 80.19 12.49
C CYS DB 159 31.13 80.31 11.06
N LEU DB 160 30.84 81.43 10.41
CA LEU DB 160 31.37 81.66 9.07
C LEU DB 160 32.89 81.81 9.10
N ALA DB 161 33.40 82.50 10.11
CA ALA DB 161 34.84 82.67 10.24
C ALA DB 161 35.53 81.33 10.45
N ASP DB 162 35.02 80.54 11.40
CA ASP DB 162 35.62 79.25 11.75
C ASP DB 162 35.66 78.31 10.56
N GLU DB 163 34.66 78.39 9.69
CA GLU DB 163 34.62 77.53 8.52
C GLU DB 163 35.79 77.82 7.58
N LEU DB 164 35.87 79.03 7.08
CA LEU DB 164 36.89 79.36 6.09
C LEU DB 164 38.28 79.42 6.70
N ILE DB 165 38.40 79.57 8.02
CA ILE DB 165 39.69 79.47 8.67
C ILE DB 165 40.21 78.04 8.66
N ASN DB 166 39.35 77.09 9.02
CA ASN DB 166 39.73 75.68 8.96
C ASN DB 166 39.89 75.20 7.53
N ALA DB 167 39.06 75.73 6.62
CA ALA DB 167 39.15 75.31 5.24
C ALA DB 167 40.41 75.83 4.57
N ALA DB 168 40.89 77.01 4.97
CA ALA DB 168 42.08 77.59 4.37
C ALA DB 168 43.33 76.79 4.68
N LYS DB 169 43.32 75.94 5.70
CA LYS DB 169 44.44 75.06 5.97
C LYS DB 169 44.13 73.61 5.70
N GLY DB 170 42.87 73.25 5.46
CA GLY DB 170 42.49 71.88 5.23
C GLY DB 170 42.73 71.01 6.44
N SER DB 171 42.09 71.36 7.56
CA SER DB 171 42.29 70.63 8.80
C SER DB 171 41.42 69.38 8.89
N SER DB 172 40.65 69.07 7.84
CA SER DB 172 39.78 67.90 7.77
C SER DB 172 38.74 67.87 8.87
N ASN DB 173 38.41 69.04 9.43
CA ASN DB 173 37.41 69.15 10.47
C ASN DB 173 36.25 70.04 10.05
N SER DB 174 36.39 70.78 8.96
CA SER DB 174 35.37 71.70 8.49
C SER DB 174 34.42 70.99 7.55
N TYR DB 175 33.15 71.40 7.60
CA TYR DB 175 32.09 70.76 6.82
C TYR DB 175 32.40 70.80 5.33
N ALA DB 176 32.92 71.93 4.86
CA ALA DB 176 33.31 72.03 3.46
C ALA DB 176 34.43 71.08 3.12
N ILE DB 177 35.28 70.75 4.09
CA ILE DB 177 36.38 69.83 3.82
C ILE DB 177 35.89 68.40 3.84
N LYS DB 178 35.03 68.05 4.82
CA LYS DB 178 34.57 66.68 4.93
C LYS DB 178 33.67 66.30 3.76
N LYS DB 179 32.75 67.18 3.37
CA LYS DB 179 31.88 66.88 2.25
C LYS DB 179 32.61 66.92 0.92
N LYS DB 180 33.79 67.56 0.87
CA LYS DB 180 34.55 67.54 -0.38
C LYS DB 180 35.32 66.24 -0.54
N ASP DB 181 35.93 65.75 0.55
CA ASP DB 181 36.70 64.51 0.47
C ASP DB 181 35.81 63.31 0.17
N GLU DB 182 34.55 63.35 0.62
CA GLU DB 182 33.63 62.25 0.31
C GLU DB 182 33.38 62.16 -1.17
N LEU DB 183 33.09 63.29 -1.83
CA LEU DB 183 32.92 63.31 -3.28
C LEU DB 183 34.14 62.77 -3.99
N GLU DB 184 35.33 63.23 -3.61
CA GLU DB 184 36.54 62.74 -4.23
C GLU DB 184 36.86 61.31 -3.82
N ARG DB 185 36.19 60.79 -2.78
CA ARG DB 185 36.34 59.39 -2.46
C ARG DB 185 35.39 58.52 -3.26
N VAL DB 186 34.11 58.90 -3.32
CA VAL DB 186 33.17 58.09 -4.07
C VAL DB 186 33.48 58.13 -5.55
N ALA DB 187 33.90 59.28 -6.07
CA ALA DB 187 34.28 59.34 -7.48
C ALA DB 187 35.55 58.55 -7.74
N LYS DB 188 36.48 58.54 -6.78
CA LYS DB 188 37.62 57.66 -6.92
C LYS DB 188 37.21 56.20 -6.87
N SER DB 189 36.15 55.89 -6.13
CA SER DB 189 35.68 54.52 -6.03
C SER DB 189 35.20 54.01 -7.37
N ASN DB 190 34.11 54.56 -7.90
CA ASN DB 190 33.58 54.05 -9.15
C ASN DB 190 34.02 54.97 -10.30
N ARG DB 191 34.84 54.42 -11.18
CA ARG DB 191 35.21 55.10 -12.41
C ARG DB 191 35.60 54.09 -13.48
N MET EB 1 -79.79 -44.25 -33.50
CA MET EB 1 -79.45 -45.33 -34.42
C MET EB 1 -80.70 -45.79 -35.17
N LYS EB 2 -81.11 -45.02 -36.15
CA LYS EB 2 -82.27 -45.38 -36.96
C LYS EB 2 -81.81 -46.27 -38.11
N LEU EB 3 -82.74 -46.61 -39.02
CA LEU EB 3 -82.41 -47.45 -40.16
C LEU EB 3 -83.20 -46.96 -41.35
N ASN EB 4 -82.52 -46.52 -42.40
CA ASN EB 4 -83.18 -46.07 -43.62
C ASN EB 4 -83.32 -47.27 -44.55
N ILE EB 5 -84.41 -47.98 -44.37
CA ILE EB 5 -84.67 -49.21 -45.11
C ILE EB 5 -85.48 -48.88 -46.35
N SER EB 6 -85.15 -49.54 -47.46
CA SER EB 6 -85.80 -49.26 -48.74
C SER EB 6 -86.00 -50.56 -49.51
N PHE EB 7 -87.14 -50.69 -50.17
CA PHE EB 7 -87.45 -51.87 -50.95
C PHE EB 7 -87.38 -51.53 -52.42
N PRO EB 8 -86.40 -52.04 -53.16
CA PRO EB 8 -86.23 -51.62 -54.56
C PRO EB 8 -87.33 -52.08 -55.49
N ALA EB 9 -88.08 -53.12 -55.13
CA ALA EB 9 -89.14 -53.61 -56.00
C ALA EB 9 -90.31 -52.64 -56.03
N THR EB 10 -90.72 -52.14 -54.87
CA THR EB 10 -91.79 -51.17 -54.80
C THR EB 10 -91.30 -49.74 -54.81
N GLY EB 11 -90.01 -49.52 -54.56
CA GLY EB 11 -89.52 -48.16 -54.40
C GLY EB 11 -89.98 -47.48 -53.14
N CYS EB 12 -90.60 -48.21 -52.22
CA CYS EB 12 -91.02 -47.63 -50.95
C CYS EB 12 -89.89 -47.78 -49.94
N GLN EB 13 -89.77 -46.78 -49.07
CA GLN EB 13 -88.68 -46.71 -48.11
C GLN EB 13 -89.17 -46.05 -46.84
N LYS EB 14 -88.66 -46.54 -45.70
CA LYS EB 14 -89.12 -46.08 -44.41
C LYS EB 14 -87.92 -45.94 -43.47
N LEU EB 15 -88.13 -45.17 -42.40
CA LEU EB 15 -87.09 -44.93 -41.39
C LEU EB 15 -87.50 -45.61 -40.09
N ILE EB 16 -86.73 -46.60 -39.68
CA ILE EB 16 -87.03 -47.40 -38.49
C ILE EB 16 -85.92 -47.21 -37.46
N GLU EB 17 -86.30 -46.77 -36.27
CA GLU EB 17 -85.38 -46.66 -35.16
C GLU EB 17 -85.17 -48.04 -34.54
N VAL EB 18 -83.97 -48.26 -34.01
CA VAL EB 18 -83.67 -49.43 -33.21
C VAL EB 18 -82.88 -48.97 -31.99
N ASP EB 19 -83.11 -49.63 -30.85
CA ASP EB 19 -82.46 -49.28 -29.59
C ASP EB 19 -81.75 -50.43 -28.91
N ASP EB 20 -82.30 -51.63 -28.97
CA ASP EB 20 -81.73 -52.78 -28.26
C ASP EB 20 -80.45 -53.25 -28.95
N GLU EB 21 -79.34 -53.23 -28.21
CA GLU EB 21 -78.05 -53.58 -28.78
C GLU EB 21 -77.97 -55.05 -29.17
N ARG EB 22 -78.84 -55.89 -28.60
CA ARG EB 22 -78.87 -57.30 -28.94
C ARG EB 22 -79.20 -57.51 -30.42
N LYS EB 23 -80.11 -56.73 -30.97
CA LYS EB 23 -80.51 -56.90 -32.37
C LYS EB 23 -79.73 -55.99 -33.31
N LEU EB 24 -78.40 -55.93 -33.14
CA LEU EB 24 -77.54 -55.15 -34.01
C LEU EB 24 -76.27 -55.92 -34.34
N ARG EB 25 -76.05 -57.03 -33.63
CA ARG EB 25 -74.81 -57.78 -33.81
C ARG EB 25 -74.73 -58.43 -35.18
N THR EB 26 -75.86 -58.57 -35.87
CA THR EB 26 -75.89 -59.06 -37.24
C THR EB 26 -75.76 -57.85 -38.18
N PHE EB 27 -75.25 -56.74 -37.65
CA PHE EB 27 -74.90 -55.61 -38.51
C PHE EB 27 -73.45 -55.20 -38.31
N TYR EB 28 -72.95 -55.32 -37.08
CA TYR EB 28 -71.70 -54.70 -36.69
C TYR EB 28 -70.50 -55.32 -37.39
N GLU EB 29 -69.41 -54.53 -37.42
CA GLU EB 29 -68.07 -54.96 -37.80
C GLU EB 29 -67.95 -55.38 -39.26
N LYS EB 30 -69.04 -55.35 -39.99
CA LYS EB 30 -69.00 -55.80 -41.37
C LYS EB 30 -68.61 -54.64 -42.29
N ARG EB 31 -68.38 -54.98 -43.55
CA ARG EB 31 -68.02 -53.98 -44.55
C ARG EB 31 -69.29 -53.42 -45.19
N MET EB 32 -69.14 -52.71 -46.28
CA MET EB 32 -70.28 -52.23 -47.05
C MET EB 32 -70.55 -53.19 -48.20
N ALA EB 33 -71.78 -53.11 -48.72
CA ALA EB 33 -72.25 -53.91 -49.86
C ALA EB 33 -72.11 -55.41 -49.58
N THR EB 34 -72.59 -55.83 -48.41
CA THR EB 34 -72.57 -57.23 -48.03
C THR EB 34 -73.99 -57.72 -47.82
N GLU EB 35 -74.29 -58.91 -48.36
CA GLU EB 35 -75.61 -59.51 -48.26
C GLU EB 35 -75.76 -60.08 -46.85
N VAL EB 36 -76.71 -59.55 -46.08
CA VAL EB 36 -76.90 -59.92 -44.68
C VAL EB 36 -78.36 -60.33 -44.47
N ALA EB 37 -78.56 -61.39 -43.69
CA ALA EB 37 -79.90 -61.85 -43.35
C ALA EB 37 -80.45 -61.01 -42.20
N ALA EB 38 -81.66 -60.46 -42.37
CA ALA EB 38 -82.28 -59.59 -41.39
C ALA EB 38 -83.09 -60.35 -40.34
N ASP EB 39 -82.77 -61.62 -40.11
CA ASP EB 39 -83.52 -62.44 -39.17
C ASP EB 39 -83.41 -61.91 -37.75
N ALA EB 40 -82.31 -61.23 -37.44
CA ALA EB 40 -82.05 -60.73 -36.08
C ALA EB 40 -82.51 -59.30 -35.88
N LEU EB 41 -83.57 -58.86 -36.57
CA LEU EB 41 -84.08 -57.51 -36.40
C LEU EB 41 -85.47 -57.45 -35.78
N GLY EB 42 -86.40 -58.28 -36.23
CA GLY EB 42 -87.74 -58.22 -35.69
C GLY EB 42 -88.47 -59.53 -35.90
N GLU EB 43 -89.63 -59.64 -35.25
CA GLU EB 43 -90.41 -60.87 -35.40
C GLU EB 43 -91.02 -60.98 -36.79
N GLU EB 44 -91.21 -59.85 -37.47
CA GLU EB 44 -91.68 -59.86 -38.84
C GLU EB 44 -90.55 -59.92 -39.85
N TRP EB 45 -89.36 -59.46 -39.49
CA TRP EB 45 -88.21 -59.54 -40.38
C TRP EB 45 -87.66 -60.96 -40.31
N LYS EB 46 -88.19 -61.83 -41.17
CA LYS EB 46 -87.73 -63.21 -41.28
C LYS EB 46 -87.59 -63.54 -42.75
N GLY EB 47 -86.40 -63.99 -43.15
CA GLY EB 47 -86.11 -64.33 -44.52
C GLY EB 47 -85.52 -63.21 -45.34
N TYR EB 48 -85.73 -61.96 -44.92
CA TYR EB 48 -85.26 -60.79 -45.66
C TYR EB 48 -83.74 -60.73 -45.71
N VAL EB 49 -83.17 -60.76 -46.91
CA VAL EB 49 -81.73 -60.72 -47.10
C VAL EB 49 -81.40 -59.28 -47.48
N VAL EB 50 -80.89 -58.53 -46.54
CA VAL EB 50 -80.71 -57.09 -46.69
C VAL EB 50 -79.23 -56.77 -46.89
N ARG EB 51 -78.94 -55.88 -47.84
CA ARG EB 51 -77.59 -55.45 -48.12
C ARG EB 51 -77.35 -54.05 -47.59
N ILE EB 52 -76.16 -53.84 -47.03
CA ILE EB 52 -75.80 -52.54 -46.47
C ILE EB 52 -75.32 -51.62 -47.59
N SER EB 53 -75.89 -50.43 -47.64
CA SER EB 53 -75.54 -49.45 -48.66
C SER EB 53 -74.84 -48.22 -48.10
N GLY EB 54 -74.74 -48.08 -46.79
CA GLY EB 54 -73.97 -47.00 -46.20
C GLY EB 54 -74.82 -45.88 -45.63
N GLY EB 55 -74.60 -45.54 -44.37
CA GLY EB 55 -75.35 -44.49 -43.73
C GLY EB 55 -74.52 -43.26 -43.43
N ASN EB 56 -74.74 -42.66 -42.26
CA ASN EB 56 -74.02 -41.46 -41.89
C ASN EB 56 -73.65 -41.50 -40.42
N ASP EB 57 -72.58 -40.78 -40.09
CA ASP EB 57 -72.07 -40.65 -38.74
C ASP EB 57 -73.03 -39.85 -37.87
N LYS EB 58 -72.82 -39.91 -36.55
CA LYS EB 58 -73.48 -39.01 -35.61
C LYS EB 58 -73.15 -37.55 -35.84
N GLN EB 59 -72.19 -37.25 -36.70
CA GLN EB 59 -71.90 -35.89 -37.12
C GLN EB 59 -72.48 -35.57 -38.49
N GLY EB 60 -73.17 -36.52 -39.11
CA GLY EB 60 -73.67 -36.35 -40.45
C GLY EB 60 -72.68 -36.64 -41.55
N PHE EB 61 -71.41 -36.85 -41.20
CA PHE EB 61 -70.40 -37.15 -42.20
C PHE EB 61 -70.66 -38.52 -42.81
N PRO EB 62 -70.67 -38.65 -44.12
CA PRO EB 62 -70.97 -39.94 -44.74
C PRO EB 62 -69.78 -40.87 -44.67
N MET EB 63 -69.89 -42.03 -45.29
CA MET EB 63 -68.84 -43.03 -45.30
C MET EB 63 -68.63 -43.52 -46.72
N LYS EB 64 -67.38 -43.84 -47.03
CA LYS EB 64 -66.98 -44.17 -48.39
C LYS EB 64 -66.86 -45.67 -48.57
N GLN EB 65 -67.23 -46.13 -49.76
CA GLN EB 65 -67.09 -47.53 -50.13
C GLN EB 65 -65.62 -47.82 -50.34
N GLY EB 66 -65.02 -48.55 -49.39
CA GLY EB 66 -63.63 -48.95 -49.53
C GLY EB 66 -62.63 -47.95 -49.01
N VAL EB 67 -62.78 -47.57 -47.74
CA VAL EB 67 -61.81 -46.71 -47.10
C VAL EB 67 -61.19 -47.51 -45.96
N LEU EB 68 -61.84 -48.62 -45.60
CA LEU EB 68 -61.29 -49.66 -44.74
C LEU EB 68 -60.88 -49.14 -43.37
N THR EB 69 -61.82 -48.53 -42.65
CA THR EB 69 -61.65 -48.14 -41.26
C THR EB 69 -63.04 -47.87 -40.71
N HIS EB 70 -63.08 -47.34 -39.49
CA HIS EB 70 -64.34 -46.94 -38.88
C HIS EB 70 -64.34 -45.52 -38.35
N GLY EB 71 -63.19 -44.90 -38.14
CA GLY EB 71 -63.15 -43.53 -37.66
C GLY EB 71 -63.46 -42.52 -38.75
N ARG EB 72 -62.83 -41.36 -38.68
CA ARG EB 72 -63.08 -40.31 -39.66
C ARG EB 72 -61.77 -39.97 -40.33
N VAL EB 73 -61.77 -39.94 -41.65
CA VAL EB 73 -60.56 -39.74 -42.44
C VAL EB 73 -60.86 -38.64 -43.46
N ARG EB 74 -59.85 -37.86 -43.80
CA ARG EB 74 -59.96 -36.79 -44.78
C ARG EB 74 -59.26 -37.22 -46.06
N LEU EB 75 -59.96 -37.13 -47.19
CA LEU EB 75 -59.43 -37.50 -48.49
C LEU EB 75 -59.58 -36.33 -49.46
N LEU EB 76 -58.75 -36.31 -50.50
CA LEU EB 76 -58.87 -35.35 -51.59
C LEU EB 76 -59.81 -35.92 -52.63
N LEU EB 77 -61.04 -35.42 -52.65
CA LEU EB 77 -62.07 -35.94 -53.54
C LEU EB 77 -62.14 -35.10 -54.81
N SER EB 78 -62.65 -35.71 -55.87
CA SER EB 78 -62.75 -35.04 -57.17
C SER EB 78 -64.04 -35.49 -57.85
N LYS EB 79 -64.25 -34.98 -59.06
CA LYS EB 79 -65.41 -35.36 -59.86
C LYS EB 79 -65.20 -36.79 -60.33
N GLY EB 80 -65.90 -37.72 -59.69
CA GLY EB 80 -65.72 -39.13 -59.94
C GLY EB 80 -65.82 -39.91 -58.64
N HIS EB 81 -65.62 -39.21 -57.53
CA HIS EB 81 -65.82 -39.78 -56.22
C HIS EB 81 -67.26 -39.55 -55.77
N SER EB 82 -67.66 -40.29 -54.76
CA SER EB 82 -68.89 -40.03 -54.04
C SER EB 82 -68.60 -39.02 -52.94
N CYS EB 83 -69.66 -38.62 -52.23
CA CYS EB 83 -69.61 -37.74 -51.07
C CYS EB 83 -69.04 -36.37 -51.39
N TYR EB 84 -68.97 -35.97 -52.66
CA TYR EB 84 -68.40 -34.69 -53.03
C TYR EB 84 -68.96 -34.25 -54.37
N ARG EB 85 -69.41 -33.01 -54.42
CA ARG EB 85 -69.88 -32.39 -55.66
C ARG EB 85 -69.00 -31.17 -55.93
N PRO EB 86 -68.20 -31.17 -56.99
CA PRO EB 86 -67.38 -30.00 -57.29
C PRO EB 86 -68.22 -28.87 -57.85
N ARG EB 87 -67.72 -27.66 -57.67
CA ARG EB 87 -68.37 -26.46 -58.20
C ARG EB 87 -67.70 -26.01 -59.48
N ARG EB 88 -66.41 -25.73 -59.46
CA ARG EB 88 -65.67 -25.47 -60.68
C ARG EB 88 -65.21 -26.80 -61.27
N THR EB 89 -64.99 -26.81 -62.57
CA THR EB 89 -64.43 -28.00 -63.19
C THR EB 89 -62.98 -28.17 -62.76
N GLY EB 90 -62.51 -29.40 -62.78
CA GLY EB 90 -61.14 -29.67 -62.38
C GLY EB 90 -60.85 -29.39 -60.93
N GLU EB 91 -61.86 -29.46 -60.07
CA GLU EB 91 -61.72 -29.10 -58.68
C GLU EB 91 -61.44 -30.32 -57.82
N ARG EB 92 -60.65 -30.10 -56.78
CA ARG EB 92 -60.44 -31.09 -55.73
C ARG EB 92 -60.69 -30.41 -54.39
N LYS EB 93 -60.91 -31.23 -53.36
CA LYS EB 93 -61.19 -30.69 -52.04
C LYS EB 93 -60.98 -31.77 -50.99
N ARG EB 94 -60.62 -31.38 -49.78
CA ARG EB 94 -60.59 -32.29 -48.65
C ARG EB 94 -61.97 -32.31 -47.99
N LYS EB 95 -62.45 -33.50 -47.66
CA LYS EB 95 -63.71 -33.66 -46.99
C LYS EB 95 -63.57 -34.77 -45.97
N SER EB 96 -64.13 -34.55 -44.79
CA SER EB 96 -64.10 -35.58 -43.75
C SER EB 96 -65.14 -36.65 -44.08
N VAL EB 97 -64.67 -37.88 -44.29
CA VAL EB 97 -65.55 -39.01 -44.57
C VAL EB 97 -65.31 -40.09 -43.51
N ARG EB 98 -66.39 -40.71 -43.08
CA ARG EB 98 -66.30 -41.74 -42.06
C ARG EB 98 -65.86 -43.07 -42.67
N GLY EB 99 -65.38 -43.95 -41.81
CA GLY EB 99 -64.91 -45.24 -42.26
C GLY EB 99 -66.05 -46.11 -42.76
N CYS EB 100 -65.67 -47.13 -43.54
CA CYS EB 100 -66.65 -48.04 -44.11
C CYS EB 100 -67.09 -49.14 -43.15
N ILE EB 101 -66.26 -49.49 -42.18
CA ILE EB 101 -66.63 -50.48 -41.18
C ILE EB 101 -67.75 -49.90 -40.32
N VAL EB 102 -68.85 -50.63 -40.23
CA VAL EB 102 -70.04 -50.15 -39.55
C VAL EB 102 -69.94 -50.47 -38.05
N ASP EB 103 -70.16 -49.46 -37.22
CA ASP EB 103 -70.03 -49.57 -35.78
C ASP EB 103 -71.19 -48.81 -35.12
N ALA EB 104 -71.15 -48.78 -33.78
CA ALA EB 104 -72.16 -48.11 -32.99
C ALA EB 104 -72.11 -46.60 -33.20
N ASN EB 105 -70.93 -46.06 -33.42
CA ASN EB 105 -70.77 -44.62 -33.62
C ASN EB 105 -71.33 -44.19 -34.96
N LEU EB 106 -72.65 -44.27 -35.11
CA LEU EB 106 -73.32 -43.97 -36.37
C LEU EB 106 -74.71 -43.47 -36.07
N SER EB 107 -75.24 -42.66 -36.98
CA SER EB 107 -76.57 -42.10 -36.77
C SER EB 107 -77.64 -42.88 -37.52
N VAL EB 108 -77.41 -43.24 -38.77
CA VAL EB 108 -78.38 -43.99 -39.57
C VAL EB 108 -77.66 -45.07 -40.38
N LEU EB 109 -78.41 -46.05 -40.85
CA LEU EB 109 -77.92 -47.09 -41.74
C LEU EB 109 -78.87 -47.21 -42.90
N ASN EB 110 -78.42 -46.84 -44.10
CA ASN EB 110 -79.22 -47.05 -45.29
C ASN EB 110 -79.13 -48.52 -45.68
N LEU EB 111 -80.26 -49.19 -45.68
CA LEU EB 111 -80.32 -50.63 -45.94
C LEU EB 111 -81.32 -50.89 -47.04
N VAL EB 112 -81.06 -51.92 -47.84
CA VAL EB 112 -81.92 -52.29 -48.96
C VAL EB 112 -82.23 -53.77 -48.86
N ILE EB 113 -83.52 -54.10 -48.81
CA ILE EB 113 -83.95 -55.50 -48.81
C ILE EB 113 -83.77 -56.07 -50.20
N VAL EB 114 -82.78 -56.94 -50.37
CA VAL EB 114 -82.48 -57.49 -51.69
C VAL EB 114 -83.39 -58.68 -51.98
N LYS EB 115 -83.49 -59.62 -51.04
CA LYS EB 115 -84.34 -60.78 -51.17
C LYS EB 115 -85.45 -60.69 -50.14
N LYS EB 116 -86.70 -60.65 -50.61
CA LYS EB 116 -87.83 -60.52 -49.73
C LYS EB 116 -88.00 -61.76 -48.87
N GLY EB 117 -88.38 -61.55 -47.61
CA GLY EB 117 -88.70 -62.64 -46.72
C GLY EB 117 -90.07 -63.23 -47.04
N GLU EB 118 -90.49 -64.13 -46.15
CA GLU EB 118 -91.77 -64.81 -46.35
C GLU EB 118 -92.94 -63.98 -45.86
N LYS EB 119 -92.73 -63.17 -44.82
CA LYS EB 119 -93.78 -62.31 -44.32
C LYS EB 119 -93.93 -61.08 -45.20
N ASP EB 120 -94.98 -60.31 -44.96
CA ASP EB 120 -95.22 -59.04 -45.62
C ASP EB 120 -95.08 -57.93 -44.59
N ILE EB 121 -94.08 -57.09 -44.77
CA ILE EB 121 -93.95 -55.91 -43.91
C ILE EB 121 -95.13 -54.98 -44.17
N PRO EB 122 -95.76 -54.42 -43.13
CA PRO EB 122 -96.91 -53.53 -43.38
C PRO EB 122 -96.49 -52.13 -43.83
N GLY EB 123 -95.21 -51.91 -44.09
CA GLY EB 123 -94.75 -50.61 -44.50
C GLY EB 123 -94.00 -50.57 -45.81
N LEU EB 124 -93.41 -51.69 -46.22
CA LEU EB 124 -92.51 -51.69 -47.38
C LEU EB 124 -93.00 -52.57 -48.51
N THR EB 125 -93.29 -53.84 -48.24
CA THR EB 125 -93.70 -54.76 -49.30
C THR EB 125 -95.12 -54.47 -49.79
N ASP EB 126 -95.91 -53.73 -49.03
CA ASP EB 126 -97.30 -53.48 -49.37
C ASP EB 126 -97.47 -52.30 -50.33
N THR EB 127 -96.88 -51.16 -49.99
CA THR EB 127 -97.06 -49.94 -50.78
C THR EB 127 -96.19 -50.00 -52.03
N THR EB 128 -96.79 -50.37 -53.15
CA THR EB 128 -96.08 -50.46 -54.42
C THR EB 128 -96.26 -49.16 -55.20
N VAL EB 129 -95.13 -48.51 -55.48
CA VAL EB 129 -95.11 -47.26 -56.24
C VAL EB 129 -94.55 -47.56 -57.62
N PRO EB 130 -95.25 -47.18 -58.69
CA PRO EB 130 -94.74 -47.50 -60.04
C PRO EB 130 -93.57 -46.62 -60.41
N ARG EB 131 -92.98 -46.88 -61.57
CA ARG EB 131 -91.95 -45.99 -62.08
C ARG EB 131 -92.56 -44.66 -62.45
N ARG EB 132 -91.90 -43.57 -62.07
CA ARG EB 132 -92.44 -42.24 -62.33
C ARG EB 132 -92.36 -41.90 -63.82
N LEU EB 133 -91.36 -42.44 -64.52
CA LEU EB 133 -91.18 -42.15 -65.93
C LEU EB 133 -91.09 -43.45 -66.71
N GLY EB 134 -91.57 -43.40 -67.95
CA GLY EB 134 -91.36 -44.47 -68.88
C GLY EB 134 -90.14 -44.18 -69.72
N PRO EB 135 -89.73 -45.14 -70.56
CA PRO EB 135 -88.52 -44.94 -71.35
C PRO EB 135 -88.71 -43.86 -72.40
N LYS EB 136 -87.61 -43.22 -72.76
CA LYS EB 136 -87.64 -42.11 -73.71
C LYS EB 136 -86.94 -42.45 -75.01
N ARG EB 137 -85.72 -42.99 -74.96
CA ARG EB 137 -85.01 -43.36 -76.17
C ARG EB 137 -85.75 -44.47 -76.90
N ALA EB 138 -85.86 -44.33 -78.23
CA ALA EB 138 -86.66 -45.26 -79.02
C ALA EB 138 -86.09 -46.67 -78.97
N SER EB 139 -84.77 -46.80 -78.80
CA SER EB 139 -84.19 -48.12 -78.62
C SER EB 139 -84.65 -48.74 -77.31
N ARG EB 140 -84.82 -47.91 -76.27
CA ARG EB 140 -85.33 -48.41 -75.00
C ARG EB 140 -86.82 -48.71 -75.05
N ILE EB 141 -87.53 -48.26 -76.07
CA ILE EB 141 -88.92 -48.66 -76.23
C ILE EB 141 -89.01 -50.09 -76.70
N ARG EB 142 -88.09 -50.52 -77.58
CA ARG EB 142 -88.14 -51.86 -78.12
C ARG EB 142 -87.54 -52.91 -77.19
N LYS EB 143 -86.61 -52.55 -76.31
CA LYS EB 143 -86.12 -53.54 -75.37
C LYS EB 143 -87.14 -53.85 -74.28
N LEU EB 144 -88.16 -53.01 -74.13
CA LEU EB 144 -89.23 -53.25 -73.17
C LEU EB 144 -90.41 -53.96 -73.82
N PHE EB 145 -90.92 -53.43 -74.92
CA PHE EB 145 -92.08 -54.01 -75.56
C PHE EB 145 -91.75 -55.21 -76.43
N ASN EB 146 -90.46 -55.46 -76.69
CA ASN EB 146 -89.96 -56.62 -77.43
C ASN EB 146 -90.55 -56.67 -78.84
N LEU EB 147 -90.28 -55.66 -79.65
CA LEU EB 147 -90.77 -55.60 -81.02
C LEU EB 147 -89.60 -55.77 -81.98
N SER EB 148 -89.92 -55.82 -83.27
CA SER EB 148 -88.91 -55.91 -84.31
C SER EB 148 -88.20 -54.57 -84.50
N LYS EB 149 -87.15 -54.59 -85.31
CA LYS EB 149 -86.41 -53.38 -85.64
C LYS EB 149 -86.88 -52.74 -86.94
N GLU EB 150 -88.13 -52.97 -87.32
CA GLU EB 150 -88.69 -52.34 -88.51
C GLU EB 150 -89.98 -51.59 -88.17
N ASP EB 151 -90.80 -52.17 -87.28
CA ASP EB 151 -92.12 -51.62 -86.97
C ASP EB 151 -92.04 -50.31 -86.22
N ASP EB 152 -93.20 -49.72 -85.92
CA ASP EB 152 -93.28 -48.38 -85.36
C ASP EB 152 -93.45 -48.43 -83.84
N VAL EB 153 -92.81 -47.47 -83.17
CA VAL EB 153 -92.89 -47.36 -81.72
C VAL EB 153 -93.45 -46.00 -81.34
N ARG EB 154 -93.95 -45.27 -82.34
CA ARG EB 154 -94.47 -43.93 -82.11
C ARG EB 154 -95.72 -43.91 -81.23
N GLN EB 155 -96.44 -45.02 -81.19
CA GLN EB 155 -97.70 -45.08 -80.46
C GLN EB 155 -97.64 -45.94 -79.21
N TYR EB 156 -96.61 -46.77 -79.05
CA TYR EB 156 -96.51 -47.68 -77.92
C TYR EB 156 -95.80 -47.06 -76.73
N VAL EB 157 -95.86 -45.74 -76.61
CA VAL EB 157 -95.22 -45.03 -75.52
C VAL EB 157 -96.20 -44.91 -74.35
N VAL EB 158 -95.70 -45.05 -73.14
CA VAL EB 158 -96.54 -44.90 -71.96
C VAL EB 158 -96.68 -43.41 -71.64
N ARG EB 159 -97.78 -42.82 -72.09
CA ARG EB 159 -98.07 -41.43 -71.78
C ARG EB 159 -98.94 -41.37 -70.54
N LYS EB 160 -98.61 -40.48 -69.61
CA LYS EB 160 -99.38 -40.35 -68.39
C LYS EB 160 -100.32 -39.16 -68.50
N PRO EB 161 -101.62 -39.35 -68.31
CA PRO EB 161 -102.57 -38.24 -68.40
C PRO EB 161 -102.49 -37.37 -67.16
N LEU EB 162 -102.17 -36.10 -67.36
CA LEU EB 162 -102.04 -35.16 -66.24
C LEU EB 162 -103.43 -34.69 -65.83
N ASN EB 163 -103.78 -34.94 -64.57
CA ASN EB 163 -105.05 -34.50 -64.04
C ASN EB 163 -104.83 -33.84 -62.68
N LYS EB 164 -105.42 -32.67 -62.53
CA LYS EB 164 -105.42 -31.94 -61.26
C LYS EB 164 -106.49 -30.88 -61.33
N GLU EB 165 -106.97 -30.46 -60.17
CA GLU EB 165 -107.98 -29.42 -60.07
C GLU EB 165 -107.36 -28.10 -60.47
N GLY EB 166 -107.84 -27.53 -61.57
CA GLY EB 166 -107.28 -26.28 -62.04
C GLY EB 166 -107.17 -26.23 -63.55
N LYS EB 167 -107.20 -27.40 -64.20
CA LYS EB 167 -107.13 -27.47 -65.66
C LYS EB 167 -107.91 -28.69 -66.12
N LYS EB 168 -107.66 -29.10 -67.35
CA LYS EB 168 -108.32 -30.19 -68.05
C LYS EB 168 -107.45 -31.45 -68.03
N PRO EB 169 -108.02 -32.61 -68.38
CA PRO EB 169 -107.18 -33.82 -68.46
C PRO EB 169 -106.29 -33.84 -69.70
N ARG EB 170 -105.15 -33.16 -69.62
CA ARG EB 170 -104.16 -33.20 -70.68
C ARG EB 170 -103.28 -34.44 -70.51
N THR EB 171 -102.42 -34.68 -71.49
CA THR EB 171 -101.47 -35.77 -71.43
C THR EB 171 -100.19 -35.30 -72.12
N LYS EB 172 -99.05 -35.60 -71.50
CA LYS EB 172 -97.75 -35.17 -71.99
C LYS EB 172 -97.02 -36.40 -72.53
N ALA EB 173 -96.72 -36.39 -73.82
CA ALA EB 173 -95.99 -37.49 -74.41
C ALA EB 173 -94.54 -37.10 -74.61
N PRO EB 174 -93.60 -37.94 -74.19
CA PRO EB 174 -92.18 -37.60 -74.35
C PRO EB 174 -91.77 -37.55 -75.80
N LYS EB 175 -90.80 -36.70 -76.10
CA LYS EB 175 -90.21 -36.64 -77.43
C LYS EB 175 -89.22 -37.79 -77.56
N ILE EB 176 -89.59 -38.81 -78.34
CA ILE EB 176 -88.77 -40.02 -78.44
C ILE EB 176 -87.47 -39.70 -79.17
N GLN EB 177 -86.36 -40.17 -78.62
CA GLN EB 177 -85.05 -39.83 -79.14
C GLN EB 177 -84.50 -41.00 -79.95
N ARG EB 178 -83.57 -40.67 -80.85
CA ARG EB 178 -82.96 -41.63 -81.78
C ARG EB 178 -84.02 -42.34 -82.61
N LEU EB 179 -85.05 -41.60 -82.99
CA LEU EB 179 -86.08 -42.04 -83.92
C LEU EB 179 -85.67 -41.70 -85.34
N VAL EB 180 -85.87 -42.64 -86.25
CA VAL EB 180 -85.54 -42.44 -87.66
C VAL EB 180 -86.69 -41.65 -88.27
N THR EB 181 -86.53 -40.34 -88.33
CA THR EB 181 -87.50 -39.45 -88.92
C THR EB 181 -87.03 -39.03 -90.31
N PRO EB 182 -87.95 -38.66 -91.21
CA PRO EB 182 -87.52 -38.19 -92.53
C PRO EB 182 -86.63 -36.94 -92.52
N ARG EB 183 -86.52 -36.24 -91.39
CA ARG EB 183 -85.56 -35.15 -91.28
C ARG EB 183 -84.13 -35.67 -91.13
N VAL EB 184 -83.94 -36.69 -90.29
CA VAL EB 184 -82.60 -37.26 -90.09
C VAL EB 184 -82.13 -37.94 -91.36
N LEU EB 185 -83.02 -38.69 -92.02
CA LEU EB 185 -82.65 -39.32 -93.28
C LEU EB 185 -82.40 -38.29 -94.36
N GLN EB 186 -83.08 -37.15 -94.28
CA GLN EB 186 -82.73 -36.02 -95.13
C GLN EB 186 -81.35 -35.48 -94.83
N HIS EB 187 -80.92 -35.54 -93.56
CA HIS EB 187 -79.60 -35.07 -93.20
C HIS EB 187 -78.52 -36.00 -93.72
N LYS EB 188 -78.74 -37.31 -93.62
CA LYS EB 188 -77.73 -38.26 -94.08
C LYS EB 188 -77.55 -38.20 -95.59
N ARG EB 189 -78.63 -37.95 -96.32
CA ARG EB 189 -78.48 -37.69 -97.75
C ARG EB 189 -77.74 -36.39 -98.02
N ARG EB 190 -77.83 -35.41 -97.11
CA ARG EB 190 -77.19 -34.14 -97.32
C ARG EB 190 -75.68 -34.24 -97.15
N ARG EB 191 -75.22 -34.92 -96.10
CA ARG EB 191 -73.79 -34.99 -95.83
C ARG EB 191 -73.06 -35.80 -96.87
N ILE EB 192 -73.73 -36.78 -97.49
CA ILE EB 192 -73.07 -37.54 -98.53
C ILE EB 192 -73.22 -36.86 -99.88
N ALA EB 193 -74.14 -35.90 -100.01
CA ALA EB 193 -74.16 -35.08 -101.20
C ALA EB 193 -72.93 -34.20 -101.29
N LEU EB 194 -72.41 -33.76 -100.15
CA LEU EB 194 -71.16 -33.00 -100.13
C LEU EB 194 -69.96 -33.90 -100.42
N LYS EB 195 -70.05 -35.17 -100.04
CA LYS EB 195 -69.00 -36.12 -100.41
C LYS EB 195 -68.93 -36.29 -101.92
N LYS EB 196 -70.07 -36.20 -102.61
CA LYS EB 196 -70.05 -36.16 -104.07
C LYS EB 196 -69.41 -34.87 -104.56
N GLN EB 197 -69.63 -33.77 -103.84
CA GLN EB 197 -69.21 -32.46 -104.31
C GLN EB 197 -67.69 -32.35 -104.34
N ARG EB 198 -67.04 -32.73 -103.25
CA ARG EB 198 -65.59 -32.59 -103.18
C ARG EB 198 -64.88 -33.53 -104.15
N THR EB 199 -65.45 -34.71 -104.39
CA THR EB 199 -64.88 -35.61 -105.39
C THR EB 199 -64.90 -34.99 -106.77
N LYS EB 200 -66.06 -34.48 -107.18
CA LYS EB 200 -66.15 -33.91 -108.52
C LYS EB 200 -65.36 -32.61 -108.61
N LYS EB 201 -65.35 -31.81 -107.53
CA LYS EB 201 -64.68 -30.52 -107.57
C LYS EB 201 -63.17 -30.69 -107.63
N ASN EB 202 -62.62 -31.57 -106.81
CA ASN EB 202 -61.19 -31.80 -106.83
C ASN EB 202 -60.72 -32.59 -108.03
N LYS EB 203 -61.66 -33.08 -108.86
CA LYS EB 203 -61.31 -33.69 -110.14
C LYS EB 203 -61.35 -32.71 -111.29
N GLU EB 204 -62.34 -31.80 -111.31
CA GLU EB 204 -62.42 -30.83 -112.40
C GLU EB 204 -61.35 -29.75 -112.25
N GLU EB 205 -61.02 -29.36 -111.01
CA GLU EB 205 -59.96 -28.39 -110.83
C GLU EB 205 -58.59 -28.96 -111.13
N ALA EB 206 -58.34 -30.20 -110.69
CA ALA EB 206 -57.07 -30.83 -110.98
C ALA EB 206 -56.91 -31.10 -112.48
N ALA EB 207 -58.02 -31.37 -113.16
CA ALA EB 207 -57.97 -31.51 -114.60
C ALA EB 207 -57.74 -30.18 -115.29
N GLU EB 208 -58.41 -29.13 -114.82
CA GLU EB 208 -58.24 -27.81 -115.43
C GLU EB 208 -56.89 -27.19 -115.06
N TYR EB 209 -56.31 -27.63 -113.95
CA TYR EB 209 -54.97 -27.17 -113.62
C TYR EB 209 -53.91 -27.86 -114.46
N ALA EB 210 -54.09 -29.16 -114.71
CA ALA EB 210 -53.11 -29.88 -115.52
C ALA EB 210 -53.11 -29.40 -116.97
N LYS EB 211 -54.26 -28.94 -117.46
CA LYS EB 211 -54.30 -28.30 -118.76
C LYS EB 211 -53.59 -26.96 -118.75
N LEU EB 212 -53.56 -26.29 -117.61
CA LEU EB 212 -52.81 -25.05 -117.47
C LEU EB 212 -51.31 -25.31 -117.40
N LEU EB 213 -50.92 -26.45 -116.85
CA LEU EB 213 -49.50 -26.82 -116.82
C LEU EB 213 -49.00 -27.11 -118.23
N ALA EB 214 -49.83 -27.75 -119.07
CA ALA EB 214 -49.50 -27.89 -120.47
C ALA EB 214 -49.63 -26.58 -121.23
N LYS EB 215 -50.40 -25.62 -120.72
CA LYS EB 215 -50.49 -24.31 -121.32
C LYS EB 215 -49.26 -23.47 -121.04
N ARG EB 216 -48.44 -23.88 -120.07
CA ARG EB 216 -47.17 -23.23 -119.80
C ARG EB 216 -45.97 -24.16 -119.97
N MET EB 217 -46.13 -25.26 -120.71
CA MET EB 217 -45.03 -26.15 -121.03
C MET EB 217 -44.71 -26.21 -122.50
N LYS EB 218 -45.71 -26.08 -123.38
CA LYS EB 218 -45.47 -25.93 -124.80
C LYS EB 218 -45.10 -24.51 -125.17
N GLU EB 219 -45.00 -23.63 -124.17
CA GLU EB 219 -44.42 -22.30 -124.37
C GLU EB 219 -43.10 -22.11 -123.65
N ALA EB 220 -42.90 -22.75 -122.50
CA ALA EB 220 -41.62 -22.64 -121.81
C ALA EB 220 -40.56 -23.51 -122.45
N LYS EB 221 -40.89 -24.76 -122.77
CA LYS EB 221 -39.97 -25.61 -123.51
C LYS EB 221 -39.79 -25.13 -124.95
N GLU EB 222 -40.79 -24.47 -125.52
CA GLU EB 222 -40.64 -23.87 -126.84
C GLU EB 222 -39.68 -22.70 -126.81
N LYS EB 223 -39.54 -22.04 -125.66
CA LYS EB 223 -38.52 -21.02 -125.48
C LYS EB 223 -37.15 -21.62 -125.20
N ARG EB 224 -37.10 -22.88 -124.76
CA ARG EB 224 -35.82 -23.57 -124.64
C ARG EB 224 -35.22 -23.87 -126.01
N GLN EB 225 -36.07 -24.16 -127.01
CA GLN EB 225 -35.59 -24.23 -128.38
C GLN EB 225 -35.10 -22.89 -128.89
N GLU EB 226 -35.63 -21.79 -128.36
CA GLU EB 226 -35.12 -20.47 -128.69
C GLU EB 226 -33.79 -20.18 -128.02
N GLN EB 227 -33.54 -20.72 -126.83
CA GLN EB 227 -32.25 -20.53 -126.17
C GLN EB 227 -31.13 -21.27 -126.88
N ILE EB 228 -31.40 -22.47 -127.39
CA ILE EB 228 -30.41 -23.17 -128.21
C ILE EB 228 -30.36 -22.59 -129.62
N ALA EB 229 -31.39 -21.85 -130.03
CA ALA EB 229 -31.32 -21.09 -131.28
C ALA EB 229 -30.39 -19.89 -131.16
N LYS EB 230 -30.20 -19.37 -129.95
CA LYS EB 230 -29.30 -18.25 -129.73
C LYS EB 230 -27.89 -18.70 -129.36
N ARG EB 231 -27.74 -19.88 -128.77
CA ARG EB 231 -26.42 -20.42 -128.49
C ARG EB 231 -25.72 -20.94 -129.74
N ARG EB 232 -26.48 -21.47 -130.70
CA ARG EB 232 -25.90 -22.01 -131.92
C ARG EB 232 -25.60 -20.93 -132.96
N ARG EB 233 -26.40 -19.87 -133.02
CA ARG EB 233 -26.26 -18.87 -134.07
C ARG EB 233 -25.30 -17.74 -133.71
N LEU EB 234 -25.10 -17.47 -132.42
CA LEU EB 234 -24.22 -16.37 -132.01
C LEU EB 234 -22.74 -16.71 -132.16
N SER EB 235 -22.36 -17.98 -132.02
CA SER EB 235 -21.00 -18.41 -132.34
C SER EB 235 -20.80 -18.56 -133.85
N SER EB 236 -21.87 -18.47 -134.64
CA SER EB 236 -21.78 -18.37 -136.09
C SER EB 236 -21.88 -16.94 -136.59
N LEU EB 237 -22.30 -16.01 -135.73
CA LEU EB 237 -22.23 -14.58 -136.04
C LEU EB 237 -20.87 -14.06 -135.64
N ALA FB 1 13.77 3.71 -135.18
CA ALA FB 1 14.92 4.47 -134.72
C ALA FB 1 15.08 4.34 -133.22
N LYS FB 2 15.49 5.43 -132.57
CA LYS FB 2 15.68 5.45 -131.12
C LYS FB 2 14.46 5.96 -130.38
N ILE FB 3 13.46 6.49 -131.08
CA ILE FB 3 12.22 6.88 -130.43
C ILE FB 3 11.47 5.61 -130.01
N VAL FB 4 11.22 5.48 -128.71
CA VAL FB 4 10.54 4.31 -128.17
C VAL FB 4 9.28 4.76 -127.46
N LYS FB 5 8.17 4.77 -128.18
CA LYS FB 5 6.95 5.10 -127.46
C LYS FB 5 6.52 3.93 -126.58
N PRO FB 6 5.93 4.19 -125.42
CA PRO FB 6 5.48 3.09 -124.56
C PRO FB 6 4.25 2.37 -125.06
N ASN FB 7 3.53 2.93 -126.02
CA ASN FB 7 2.34 2.31 -126.57
C ASN FB 7 2.59 1.86 -128.01
N GLY FB 8 1.70 1.03 -128.51
CA GLY FB 8 1.81 0.52 -129.87
C GLY FB 8 1.34 1.51 -130.91
N GLU FB 9 2.02 2.65 -130.98
CA GLU FB 9 1.65 3.75 -131.87
C GLU FB 9 2.91 4.39 -132.44
N LYS FB 10 2.80 4.87 -133.67
CA LYS FB 10 3.96 5.42 -134.36
C LYS FB 10 4.01 6.93 -134.18
N PRO FB 11 5.19 7.50 -133.91
CA PRO FB 11 5.29 8.95 -133.70
C PRO FB 11 5.06 9.72 -134.99
N ASP FB 12 4.73 11.00 -134.82
CA ASP FB 12 4.49 11.89 -135.97
C ASP FB 12 5.81 12.36 -136.55
N GLU FB 13 5.76 13.32 -137.47
CA GLU FB 13 6.98 13.79 -138.12
C GLU FB 13 7.86 14.58 -137.16
N PHE FB 14 7.31 15.14 -136.09
CA PHE FB 14 8.13 15.93 -135.18
C PHE FB 14 9.04 15.05 -134.35
N GLU FB 15 8.47 14.06 -133.66
CA GLU FB 15 9.28 13.14 -132.88
C GLU FB 15 10.20 12.33 -133.77
N SER FB 16 9.74 11.98 -134.97
CA SER FB 16 10.64 11.42 -135.97
C SER FB 16 11.68 12.43 -136.44
N GLY FB 17 11.32 13.72 -136.42
CA GLY FB 17 12.27 14.75 -136.82
C GLY FB 17 13.36 15.00 -135.82
N ILE FB 18 13.17 14.59 -134.57
CA ILE FB 18 14.21 14.73 -133.56
C ILE FB 18 15.06 13.46 -133.58
N SER FB 19 14.41 12.31 -133.69
CA SER FB 19 15.13 11.03 -133.68
C SER FB 19 16.02 10.92 -134.91
N GLN FB 20 15.47 11.16 -136.10
CA GLN FB 20 16.28 11.12 -137.32
C GLN FB 20 17.35 12.22 -137.32
N ALA FB 21 17.15 13.27 -136.52
CA ALA FB 21 18.20 14.23 -136.22
C ALA FB 21 19.06 13.80 -135.04
N LEU FB 22 18.61 12.83 -134.24
CA LEU FB 22 19.41 12.31 -133.14
C LEU FB 22 20.42 11.26 -133.57
N LEU FB 23 20.04 10.38 -134.50
CA LEU FB 23 20.94 9.32 -134.92
C LEU FB 23 22.15 9.84 -135.70
N GLU FB 24 22.04 11.04 -136.29
CA GLU FB 24 23.20 11.66 -136.89
C GLU FB 24 24.09 12.34 -135.87
N LEU FB 25 23.60 12.52 -134.64
CA LEU FB 25 24.44 12.94 -133.52
C LEU FB 25 25.19 11.77 -132.90
N GLU FB 26 25.20 10.61 -133.56
CA GLU FB 26 26.02 9.49 -133.14
C GLU FB 26 27.30 9.35 -133.94
N MET FB 27 27.24 9.59 -135.25
CA MET FB 27 28.43 9.55 -136.09
C MET FB 27 29.18 10.87 -136.14
N ASN FB 28 28.52 11.97 -135.79
CA ASN FB 28 29.11 13.30 -135.92
C ASN FB 28 29.73 13.80 -134.61
N SER FB 29 29.78 12.97 -133.58
CA SER FB 29 30.40 13.37 -132.33
C SER FB 29 31.10 12.17 -131.70
N ASP FB 30 31.81 12.44 -130.61
CA ASP FB 30 32.48 11.41 -129.83
C ASP FB 30 31.64 10.91 -128.67
N LEU FB 31 30.32 10.89 -128.81
CA LEU FB 31 29.41 10.28 -127.85
C LEU FB 31 28.62 9.11 -128.46
N LYS FB 32 29.22 8.40 -129.41
CA LYS FB 32 28.54 7.28 -130.04
C LYS FB 32 28.32 6.13 -129.06
N ALA FB 33 29.34 5.79 -128.27
CA ALA FB 33 29.22 4.70 -127.31
C ALA FB 33 28.55 5.09 -126.07
N GLN FB 34 28.27 6.38 -125.86
CA GLN FB 34 27.62 6.83 -124.65
C GLN FB 34 26.19 7.29 -124.90
N LEU FB 35 25.71 7.18 -126.14
CA LEU FB 35 24.33 7.50 -126.48
C LEU FB 35 23.66 6.40 -127.29
N ARG FB 36 24.40 5.34 -127.61
CA ARG FB 36 23.81 4.23 -128.36
C ARG FB 36 22.76 3.50 -127.54
N GLU FB 37 22.99 3.35 -126.23
CA GLU FB 37 22.06 2.69 -125.33
C GLU FB 37 21.17 3.68 -124.60
N LEU FB 38 20.93 4.84 -125.20
CA LEU FB 38 20.12 5.90 -124.59
C LEU FB 38 19.01 6.27 -125.56
N ASN FB 39 17.77 6.07 -125.13
CA ASN FB 39 16.63 6.21 -126.02
C ASN FB 39 15.68 7.29 -125.50
N ILE FB 40 14.67 7.61 -126.29
CA ILE FB 40 13.76 8.71 -126.03
C ILE FB 40 12.34 8.19 -126.16
N THR FB 41 11.49 8.50 -125.17
CA THR FB 41 10.12 8.03 -125.21
C THR FB 41 9.28 8.82 -126.20
N ALA FB 42 9.17 10.13 -125.98
CA ALA FB 42 8.31 10.97 -126.81
C ALA FB 42 8.76 12.41 -126.67
N ALA FB 43 8.10 13.30 -127.40
CA ALA FB 43 8.44 14.71 -127.40
C ALA FB 43 7.29 15.54 -127.95
N LYS FB 44 6.93 16.61 -127.27
CA LYS FB 44 5.92 17.54 -127.73
C LYS FB 44 6.62 18.86 -128.11
N GLU FB 45 5.86 19.77 -128.72
CA GLU FB 45 6.32 21.13 -128.96
C GLU FB 45 5.24 22.07 -128.43
N ILE FB 46 5.57 22.83 -127.41
CA ILE FB 46 4.63 23.74 -126.80
C ILE FB 46 4.94 25.17 -127.27
N GLU FB 47 3.91 26.00 -127.23
CA GLU FB 47 4.06 27.42 -127.55
C GLU FB 47 4.23 28.19 -126.26
N VAL FB 48 5.43 28.71 -126.04
CA VAL FB 48 5.70 29.52 -124.86
C VAL FB 48 5.33 30.95 -125.19
N GLY FB 49 5.03 31.72 -124.14
CA GLY FB 49 4.58 33.10 -124.27
C GLY FB 49 5.53 34.03 -124.99
N GLY FB 50 5.00 35.13 -125.50
CA GLY FB 50 5.83 36.08 -126.22
C GLY FB 50 5.99 35.65 -127.66
N GLY FB 51 7.24 35.66 -128.14
CA GLY FB 51 7.51 35.27 -129.50
C GLY FB 51 8.52 34.14 -129.64
N ARG FB 52 8.46 33.18 -128.72
CA ARG FB 52 9.44 32.10 -128.73
C ARG FB 52 8.68 30.77 -128.74
N LYS FB 53 9.42 29.71 -129.03
CA LYS FB 53 8.88 28.35 -129.09
C LYS FB 53 9.71 27.45 -128.19
N ALA FB 54 9.06 26.53 -127.50
CA ALA FB 54 9.71 25.68 -126.52
C ALA FB 54 9.51 24.21 -126.88
N ILE FB 55 10.59 23.44 -126.86
CA ILE FB 55 10.55 22.02 -127.15
C ILE FB 55 10.92 21.26 -125.88
N ILE FB 56 10.16 20.21 -125.59
CA ILE FB 56 10.41 19.38 -124.42
C ILE FB 56 10.59 17.94 -124.87
N ILE FB 57 11.51 17.23 -124.20
CA ILE FB 57 11.89 15.88 -124.57
C ILE FB 57 11.64 14.98 -123.36
N PHE FB 58 10.87 13.92 -123.56
CA PHE FB 58 10.51 13.02 -122.47
C PHE FB 58 11.44 11.80 -122.47
N VAL FB 59 12.05 11.54 -121.33
CA VAL FB 59 13.08 10.51 -121.18
C VAL FB 59 12.59 9.50 -120.14
N PRO FB 60 12.86 8.20 -120.30
CA PRO FB 60 12.55 7.26 -119.22
C PRO FB 60 13.34 7.56 -117.96
N VAL FB 61 12.74 7.20 -116.83
CA VAL FB 61 13.33 7.45 -115.51
C VAL FB 61 14.63 6.67 -115.29
N PRO FB 62 14.74 5.37 -115.60
CA PRO FB 62 16.05 4.71 -115.44
C PRO FB 62 17.12 5.26 -116.37
N GLN FB 63 16.76 6.08 -117.35
CA GLN FB 63 17.70 6.72 -118.26
C GLN FB 63 17.92 8.17 -117.89
N LEU FB 64 17.96 8.48 -116.60
CA LEU FB 64 18.21 9.84 -116.16
C LEU FB 64 19.65 10.13 -115.80
N LYS FB 65 20.28 9.25 -115.02
CA LYS FB 65 21.68 9.42 -114.68
C LYS FB 65 22.58 9.32 -115.91
N SER FB 66 22.11 8.66 -116.97
CA SER FB 66 22.83 8.70 -118.23
C SER FB 66 22.61 10.01 -118.98
N PHE FB 67 21.43 10.59 -118.86
CA PHE FB 67 21.12 11.83 -119.57
C PHE FB 67 21.54 13.08 -118.81
N GLN FB 68 21.55 13.04 -117.48
CA GLN FB 68 21.95 14.21 -116.72
C GLN FB 68 23.43 14.54 -116.91
N LYS FB 69 24.27 13.53 -117.00
CA LYS FB 69 25.72 13.70 -117.06
C LYS FB 69 26.20 14.32 -118.37
N ILE FB 70 25.42 14.19 -119.43
CA ILE FB 70 25.82 14.68 -120.76
C ILE FB 70 24.72 15.61 -121.25
N GLN FB 71 23.88 16.07 -120.31
CA GLN FB 71 22.75 16.93 -120.63
C GLN FB 71 23.20 18.22 -121.29
N VAL FB 72 24.35 18.77 -120.85
CA VAL FB 72 24.81 20.05 -121.38
C VAL FB 72 25.21 19.92 -122.85
N ARG FB 73 25.91 18.84 -123.21
CA ARG FB 73 26.38 18.68 -124.58
C ARG FB 73 25.28 18.31 -125.54
N LEU FB 74 24.05 18.14 -125.07
CA LEU FB 74 22.90 17.96 -125.95
C LEU FB 74 22.08 19.23 -126.08
N VAL FB 75 22.61 20.36 -125.62
CA VAL FB 75 21.98 21.66 -125.83
C VAL FB 75 22.75 22.48 -126.85
N ARG FB 76 24.08 22.40 -126.84
CA ARG FB 76 24.92 23.17 -127.75
C ARG FB 76 24.85 22.66 -129.19
N GLU FB 77 24.25 21.50 -129.42
CA GLU FB 77 24.09 20.96 -130.76
C GLU FB 77 22.65 21.00 -131.25
N LEU FB 78 21.68 21.17 -130.37
CA LEU FB 78 20.29 21.34 -130.77
C LEU FB 78 19.82 22.78 -130.73
N GLU FB 79 20.59 23.69 -130.13
CA GLU FB 79 20.32 25.11 -130.25
C GLU FB 79 20.74 25.67 -131.59
N LYS FB 80 21.34 24.85 -132.46
CA LYS FB 80 21.66 25.22 -133.83
C LYS FB 80 20.69 24.62 -134.84
N LYS FB 81 20.35 23.35 -134.67
CA LYS FB 81 19.37 22.71 -135.54
C LYS FB 81 17.95 23.14 -135.23
N PHE FB 82 17.74 23.73 -134.06
CA PHE FB 82 16.43 24.23 -133.63
C PHE FB 82 16.65 25.63 -133.07
N SER FB 83 17.33 26.47 -133.88
CA SER FB 83 17.88 27.76 -133.46
C SER FB 83 16.91 28.65 -132.68
N GLY FB 84 15.68 28.78 -133.17
CA GLY FB 84 14.71 29.61 -132.48
C GLY FB 84 13.92 28.86 -131.44
N LYS FB 85 14.55 27.91 -130.76
CA LYS FB 85 13.88 27.05 -129.78
C LYS FB 85 14.82 26.81 -128.62
N HIS FB 86 14.32 26.91 -127.39
CA HIS FB 86 15.05 26.44 -126.23
C HIS FB 86 14.63 25.00 -125.94
N VAL FB 87 15.59 24.15 -125.62
CA VAL FB 87 15.33 22.74 -125.35
C VAL FB 87 15.52 22.47 -123.87
N VAL FB 88 14.66 21.60 -123.31
CA VAL FB 88 14.83 21.12 -121.94
C VAL FB 88 14.49 19.64 -121.91
N PHE FB 89 15.22 18.88 -121.10
CA PHE FB 89 15.00 17.45 -120.96
C PHE FB 89 14.24 17.17 -119.68
N ILE FB 90 13.08 16.54 -119.82
CA ILE FB 90 12.23 16.16 -118.69
C ILE FB 90 12.10 14.65 -118.68
N ALA FB 91 12.21 14.05 -117.50
CA ALA FB 91 12.00 12.62 -117.38
C ALA FB 91 10.52 12.29 -117.52
N GLN FB 92 10.23 11.03 -117.84
CA GLN FB 92 8.86 10.56 -117.93
C GLN FB 92 8.51 9.80 -116.66
N ARG FB 93 7.67 10.41 -115.82
CA ARG FB 93 7.22 9.78 -114.58
C ARG FB 93 5.73 9.49 -114.67
N ARG FB 94 5.35 8.31 -114.22
CA ARG FB 94 3.95 7.89 -114.25
C ARG FB 94 3.23 8.36 -113.02
N ILE FB 95 1.97 8.74 -113.19
CA ILE FB 95 1.16 9.34 -112.14
C ILE FB 95 0.01 8.41 -111.79
N LEU FB 96 -0.22 8.24 -110.49
CA LEU FB 96 -1.29 7.40 -109.97
C LEU FB 96 -2.29 8.25 -109.20
N PRO FB 97 -3.57 7.94 -109.28
CA PRO FB 97 -4.56 8.71 -108.52
C PRO FB 97 -4.48 8.38 -107.04
N LYS FB 98 -5.08 9.25 -106.24
CA LYS FB 98 -5.23 8.95 -104.82
C LYS FB 98 -6.24 7.84 -104.65
N PRO FB 99 -5.90 6.75 -103.94
CA PRO FB 99 -6.85 5.64 -103.79
C PRO FB 99 -8.08 6.04 -103.00
N THR FB 100 -9.22 6.09 -103.68
CA THR FB 100 -10.46 6.57 -103.10
C THR FB 100 -11.23 5.38 -102.51
N ARG FB 101 -12.49 5.59 -102.15
CA ARG FB 101 -13.29 4.52 -101.54
C ARG FB 101 -13.69 3.48 -102.57
N LYS FB 102 -14.24 3.93 -103.71
CA LYS FB 102 -14.85 3.03 -104.68
C LYS FB 102 -13.84 2.06 -105.29
N SER FB 103 -12.60 2.50 -105.45
CA SER FB 103 -11.57 1.66 -106.06
C SER FB 103 -10.19 2.05 -105.57
N LYS FB 108 -5.50 -5.19 -105.20
CA LYS FB 108 -4.79 -3.97 -105.60
C LYS FB 108 -3.55 -3.79 -104.73
N GLN FB 109 -2.59 -3.03 -105.22
CA GLN FB 109 -1.34 -2.87 -104.49
C GLN FB 109 -1.26 -1.49 -103.87
N LYS FB 110 -0.16 -1.25 -103.16
CA LYS FB 110 0.06 0.00 -102.44
C LYS FB 110 0.64 1.04 -103.38
N ARG FB 111 0.05 2.24 -103.36
CA ARG FB 111 0.51 3.39 -104.13
C ARG FB 111 1.82 3.91 -103.54
N PRO FB 112 2.94 3.78 -104.24
CA PRO FB 112 4.20 4.25 -103.69
C PRO FB 112 4.22 5.76 -103.57
N ARG FB 113 4.91 6.25 -102.56
CA ARG FB 113 4.91 7.67 -102.22
C ARG FB 113 5.78 8.50 -103.15
N SER FB 114 6.26 7.88 -104.24
CA SER FB 114 7.04 8.56 -105.25
C SER FB 114 6.24 8.84 -106.51
N ARG FB 115 5.30 7.97 -106.84
CA ARG FB 115 4.42 8.18 -107.98
C ARG FB 115 3.19 9.00 -107.62
N THR FB 116 3.25 9.72 -106.51
CA THR FB 116 2.19 10.62 -106.12
C THR FB 116 2.34 11.97 -106.81
N LEU FB 117 1.28 12.79 -106.76
CA LEU FB 117 1.23 14.01 -107.56
C LEU FB 117 2.24 15.03 -107.12
N THR FB 118 2.57 15.08 -105.83
CA THR FB 118 3.54 16.06 -105.39
C THR FB 118 4.97 15.61 -105.69
N ALA FB 119 5.28 14.33 -105.50
CA ALA FB 119 6.65 13.87 -105.70
C ALA FB 119 7.07 13.89 -107.16
N VAL FB 120 6.14 14.06 -108.10
CA VAL FB 120 6.49 14.21 -109.50
C VAL FB 120 6.48 15.67 -109.92
N HIS FB 121 5.65 16.50 -109.28
CA HIS FB 121 5.63 17.92 -109.63
C HIS FB 121 6.89 18.62 -109.16
N ASP FB 122 7.43 18.22 -108.01
CA ASP FB 122 8.75 18.72 -107.64
C ASP FB 122 9.86 18.03 -108.39
N ALA FB 123 9.64 16.81 -108.88
CA ALA FB 123 10.63 16.13 -109.70
C ALA FB 123 10.68 16.66 -111.12
N ILE FB 124 9.59 17.24 -111.62
CA ILE FB 124 9.66 17.97 -112.88
C ILE FB 124 10.52 19.21 -112.72
N LEU FB 125 10.37 19.92 -111.61
CA LEU FB 125 11.17 21.10 -111.34
C LEU FB 125 12.59 20.75 -110.91
N GLU FB 126 12.91 19.46 -110.78
CA GLU FB 126 14.28 19.03 -110.53
C GLU FB 126 15.08 18.89 -111.81
N ASP FB 127 14.43 18.52 -112.92
CA ASP FB 127 15.10 18.34 -114.19
C ASP FB 127 14.93 19.50 -115.15
N LEU FB 128 14.03 20.44 -114.86
CA LEU FB 128 13.91 21.64 -115.69
C LEU FB 128 15.16 22.48 -115.61
N VAL FB 129 15.53 22.92 -114.42
CA VAL FB 129 16.78 23.65 -114.27
C VAL FB 129 17.84 22.64 -113.86
N PHE FB 130 18.49 22.04 -114.85
CA PHE FB 130 19.54 21.06 -114.58
C PHE FB 130 20.91 21.63 -114.19
N PRO FB 131 21.40 22.77 -114.74
CA PRO FB 131 22.75 23.16 -114.33
C PRO FB 131 22.80 23.73 -112.93
N SER FB 132 21.66 24.24 -112.44
CA SER FB 132 21.58 24.82 -111.11
C SER FB 132 20.56 24.02 -110.30
N GLU FB 133 21.01 23.42 -109.21
CA GLU FB 133 20.10 22.79 -108.27
C GLU FB 133 19.31 23.85 -107.53
N ILE FB 134 18.11 23.47 -107.06
CA ILE FB 134 17.24 24.41 -106.38
C ILE FB 134 17.81 24.78 -105.02
N VAL FB 135 17.67 26.04 -104.64
CA VAL FB 135 18.14 26.53 -103.35
C VAL FB 135 17.01 26.79 -102.37
N GLY FB 136 15.85 27.25 -102.84
CA GLY FB 136 14.74 27.51 -101.95
C GLY FB 136 13.44 27.74 -102.67
N LYS FB 137 12.35 27.25 -102.11
CA LYS FB 137 11.03 27.42 -102.70
C LYS FB 137 10.18 28.35 -101.86
N ARG FB 138 9.29 29.07 -102.52
CA ARG FB 138 8.29 29.88 -101.86
C ARG FB 138 6.97 29.62 -102.56
N ILE FB 139 5.87 29.72 -101.82
CA ILE FB 139 4.55 29.63 -102.43
C ILE FB 139 3.74 30.86 -102.04
N ARG FB 140 3.73 31.86 -102.91
CA ARG FB 140 2.95 33.06 -102.68
C ARG FB 140 1.49 32.80 -103.01
N VAL FB 141 0.67 32.56 -101.99
CA VAL FB 141 -0.76 32.46 -102.22
C VAL FB 141 -1.31 33.85 -102.53
N LYS FB 142 -2.19 33.90 -103.53
CA LYS FB 142 -2.81 35.16 -103.94
C LYS FB 142 -4.16 35.30 -103.26
N LEU FB 143 -4.81 36.44 -103.53
CA LEU FB 143 -6.06 36.76 -102.86
C LEU FB 143 -7.17 35.82 -103.29
N ASP FB 144 -7.33 35.62 -104.60
CA ASP FB 144 -8.41 34.78 -105.10
C ASP FB 144 -8.21 33.31 -104.70
N GLY FB 145 -6.98 32.90 -104.50
CA GLY FB 145 -6.70 31.54 -104.08
C GLY FB 145 -5.56 30.91 -104.86
N SER FB 146 -5.30 31.45 -106.04
CA SER FB 146 -4.25 30.91 -106.90
C SER FB 146 -2.89 31.08 -106.28
N ARG FB 147 -2.04 30.06 -106.42
CA ARG FB 147 -0.71 30.13 -105.84
C ARG FB 147 0.27 30.71 -106.86
N LEU FB 148 1.48 31.00 -106.38
CA LEU FB 148 2.50 31.61 -107.23
C LEU FB 148 3.85 31.18 -106.67
N ILE FB 149 4.43 30.13 -107.26
CA ILE FB 149 5.67 29.59 -106.74
C ILE FB 149 6.83 30.50 -107.15
N LYS FB 150 7.71 30.77 -106.18
CA LYS FB 150 8.88 31.62 -106.39
C LYS FB 150 10.12 30.78 -106.06
N VAL FB 151 10.63 30.07 -107.06
CA VAL FB 151 11.80 29.21 -106.86
C VAL FB 151 13.04 30.08 -106.77
N HIS FB 152 14.04 29.58 -106.02
CA HIS FB 152 15.33 30.26 -105.91
C HIS FB 152 16.42 29.37 -106.50
N LEU FB 153 17.20 29.93 -107.41
CA LEU FB 153 18.32 29.25 -108.02
C LEU FB 153 19.60 30.00 -107.67
N ASP FB 154 20.67 29.25 -107.43
CA ASP FB 154 21.90 29.84 -106.89
C ASP FB 154 22.56 30.78 -107.87
N LYS FB 155 23.54 31.56 -107.38
CA LYS FB 155 24.24 32.52 -108.22
C LYS FB 155 25.12 31.84 -109.27
N ALA FB 156 25.48 30.58 -109.07
CA ALA FB 156 26.35 29.90 -110.01
C ALA FB 156 25.63 29.68 -111.33
N GLN FB 157 26.27 30.12 -112.41
CA GLN FB 157 25.76 29.96 -113.77
C GLN FB 157 24.39 30.59 -113.93
N GLN FB 158 24.26 31.83 -113.45
CA GLN FB 158 22.99 32.55 -113.49
C GLN FB 158 22.56 32.85 -114.91
N ASN FB 159 23.45 33.44 -115.70
CA ASN FB 159 23.11 33.82 -117.07
C ASN FB 159 23.02 32.62 -118.00
N ASN FB 160 23.43 31.44 -117.57
CA ASN FB 160 23.26 30.23 -118.37
C ASN FB 160 21.83 29.72 -118.32
N VAL FB 161 21.00 30.25 -117.41
CA VAL FB 161 19.59 29.86 -117.32
C VAL FB 161 18.72 31.11 -117.37
N GLU FB 162 19.34 32.29 -117.23
CA GLU FB 162 18.60 33.54 -117.20
C GLU FB 162 17.89 33.83 -118.51
N HIS FB 163 18.32 33.23 -119.61
CA HIS FB 163 17.63 33.33 -120.88
C HIS FB 163 16.42 32.41 -120.96
N LYS FB 164 16.31 31.45 -120.04
CA LYS FB 164 15.27 30.43 -120.09
C LYS FB 164 14.20 30.61 -119.04
N VAL FB 165 14.24 31.68 -118.24
CA VAL FB 165 13.28 31.87 -117.17
C VAL FB 165 11.87 32.06 -117.71
N GLU FB 166 11.75 32.50 -118.96
CA GLU FB 166 10.42 32.60 -119.57
C GLU FB 166 9.93 31.24 -120.05
N THR FB 167 10.83 30.35 -120.45
CA THR FB 167 10.41 29.03 -120.90
C THR FB 167 9.88 28.19 -119.75
N PHE FB 168 10.55 28.24 -118.60
CA PHE FB 168 10.11 27.46 -117.45
C PHE FB 168 8.73 27.89 -116.97
N SER FB 169 8.38 29.16 -117.16
CA SER FB 169 7.04 29.60 -116.85
C SER FB 169 6.00 29.01 -117.79
N GLY FB 170 6.42 28.51 -118.95
CA GLY FB 170 5.49 27.94 -119.90
C GLY FB 170 5.42 26.43 -119.84
N VAL FB 171 6.58 25.78 -119.64
CA VAL FB 171 6.61 24.32 -119.58
C VAL FB 171 5.85 23.83 -118.35
N TYR FB 172 6.19 24.34 -117.17
CA TYR FB 172 5.55 23.91 -115.94
C TYR FB 172 4.06 24.22 -115.94
N LYS FB 173 3.67 25.33 -116.56
CA LYS FB 173 2.25 25.62 -116.76
C LYS FB 173 1.62 24.66 -117.76
N LYS FB 174 2.36 24.20 -118.77
CA LYS FB 174 1.81 23.27 -119.73
C LYS FB 174 1.82 21.83 -119.23
N LEU FB 175 2.66 21.50 -118.26
CA LEU FB 175 2.65 20.16 -117.70
C LEU FB 175 1.69 20.02 -116.53
N THR FB 176 1.62 21.02 -115.66
CA THR FB 176 0.77 20.99 -114.48
C THR FB 176 -0.32 22.05 -114.52
N GLY FB 177 0.05 23.31 -114.77
CA GLY FB 177 -0.92 24.39 -114.68
C GLY FB 177 -0.67 25.24 -113.46
N LYS FB 178 0.59 25.47 -113.15
CA LYS FB 178 0.99 26.23 -111.97
C LYS FB 178 1.83 27.42 -112.42
N ASP FB 179 1.39 28.63 -112.09
CA ASP FB 179 2.16 29.81 -112.38
C ASP FB 179 3.38 29.85 -111.46
N VAL FB 180 4.57 29.70 -112.05
CA VAL FB 180 5.82 29.63 -111.30
C VAL FB 180 6.73 30.77 -111.72
N ASN FB 181 7.25 31.49 -110.75
CA ASN FB 181 8.25 32.52 -110.96
C ASN FB 181 9.59 32.02 -110.44
N PHE FB 182 10.66 32.62 -110.95
CA PHE FB 182 12.02 32.25 -110.57
C PHE FB 182 12.78 33.50 -110.18
N GLU FB 183 13.63 33.37 -109.16
CA GLU FB 183 14.48 34.46 -108.72
C GLU FB 183 15.89 33.94 -108.49
N PHE FB 184 16.79 34.86 -108.19
CA PHE FB 184 18.19 34.54 -107.92
C PHE FB 184 18.60 35.19 -106.61
N PRO FB 185 18.63 34.46 -105.51
CA PRO FB 185 19.12 35.03 -104.25
C PRO FB 185 20.63 35.12 -104.26
N GLU FB 186 21.16 35.86 -103.28
CA GLU FB 186 22.60 35.96 -103.09
C GLU FB 186 22.90 35.94 -101.60
N PHE FB 187 21.87 35.61 -100.81
CA PHE FB 187 21.90 35.80 -99.36
C PHE FB 187 22.93 34.91 -98.68
N GLN FB 188 23.10 33.68 -99.14
CA GLN FB 188 24.08 32.77 -98.56
C GLN FB 188 25.15 32.42 -99.58
N LEU FB 189 24.72 32.01 -100.78
CA LEU FB 189 25.63 31.58 -101.83
C LEU FB 189 24.94 31.62 -103.19
N GLY GB 1 -42.67 -27.89 -58.71
CA GLY GB 1 -42.01 -29.00 -59.37
C GLY GB 1 -40.66 -28.57 -59.91
N ILE GB 2 -39.94 -29.50 -60.51
CA ILE GB 2 -38.64 -29.17 -61.07
C ILE GB 2 -38.84 -28.27 -62.28
N SER GB 3 -38.09 -27.19 -62.33
CA SER GB 3 -38.25 -26.19 -63.38
C SER GB 3 -37.02 -26.15 -64.27
N ARG GB 4 -37.22 -25.67 -65.49
CA ARG GB 4 -36.15 -25.58 -66.47
C ARG GB 4 -35.71 -24.15 -66.72
N ASP GB 5 -35.96 -23.25 -65.78
CA ASP GB 5 -35.65 -21.83 -65.94
C ASP GB 5 -34.16 -21.58 -66.15
N ASN GB 6 -33.83 -20.38 -66.61
CA ASN GB 6 -32.45 -19.96 -66.69
C ASN GB 6 -32.08 -18.99 -65.57
N TRP GB 7 -33.07 -18.47 -64.84
CA TRP GB 7 -32.83 -17.39 -63.90
C TRP GB 7 -32.49 -17.86 -62.50
N HIS GB 8 -32.59 -19.15 -62.21
CA HIS GB 8 -32.21 -19.62 -60.89
C HIS GB 8 -30.72 -19.87 -60.77
N LYS GB 9 -29.91 -19.41 -61.73
CA LYS GB 9 -28.50 -19.73 -61.73
C LYS GB 9 -27.69 -18.52 -62.17
N ARG GB 10 -26.42 -18.52 -61.79
CA ARG GB 10 -25.52 -17.38 -61.86
C ARG GB 10 -25.37 -16.79 -63.25
N ARG GB 11 -24.87 -15.56 -63.32
CA ARG GB 11 -24.61 -14.89 -64.59
C ARG GB 11 -23.35 -15.44 -65.24
N LYS GB 12 -22.97 -14.85 -66.36
CA LYS GB 12 -21.68 -15.17 -66.97
C LYS GB 12 -20.53 -14.73 -66.08
N THR GB 13 -20.71 -13.60 -65.38
CA THR GB 13 -19.64 -13.06 -64.55
C THR GB 13 -19.40 -13.90 -63.30
N GLY GB 14 -20.31 -14.78 -62.96
CA GLY GB 14 -20.29 -15.42 -61.66
C GLY GB 14 -21.12 -14.71 -60.62
N GLY GB 15 -21.71 -13.57 -60.94
CA GLY GB 15 -22.59 -12.91 -60.02
C GLY GB 15 -23.94 -13.60 -59.94
N LYS GB 16 -24.57 -13.47 -58.80
CA LYS GB 16 -25.83 -14.15 -58.54
C LYS GB 16 -27.00 -13.31 -59.02
N ARG GB 17 -28.12 -13.97 -59.22
CA ARG GB 17 -29.36 -13.33 -59.61
C ARG GB 17 -30.27 -13.13 -58.41
N LYS GB 18 -31.40 -12.52 -58.66
CA LYS GB 18 -32.47 -12.45 -57.69
C LYS GB 18 -33.77 -12.75 -58.41
N PRO GB 19 -34.52 -13.75 -58.00
CA PRO GB 19 -35.79 -14.04 -58.65
C PRO GB 19 -36.80 -12.92 -58.43
N TYR GB 20 -37.19 -12.25 -59.51
CA TYR GB 20 -38.21 -11.21 -59.38
C TYR GB 20 -39.60 -11.81 -59.45
N HIS GB 21 -39.78 -12.92 -60.16
CA HIS GB 21 -41.02 -13.65 -60.17
C HIS GB 21 -40.75 -15.10 -59.79
N LYS GB 22 -41.82 -15.80 -59.45
CA LYS GB 22 -41.72 -17.17 -58.95
C LYS GB 22 -41.56 -18.16 -60.10
N LYS GB 23 -41.72 -19.45 -59.82
CA LYS GB 23 -41.74 -20.46 -60.87
C LYS GB 23 -43.03 -20.34 -61.65
N ARG GB 24 -42.90 -20.37 -62.97
CA ARG GB 24 -44.05 -20.25 -63.86
C ARG GB 24 -44.47 -21.64 -64.35
N LYS GB 25 -45.46 -21.65 -65.24
CA LYS GB 25 -45.95 -22.91 -65.76
C LYS GB 25 -45.17 -23.39 -66.97
N TYR GB 26 -44.73 -22.49 -67.84
CA TYR GB 26 -43.98 -22.91 -69.02
C TYR GB 26 -42.56 -23.31 -68.70
N GLU GB 27 -42.06 -22.96 -67.52
CA GLU GB 27 -40.73 -23.35 -67.09
C GLU GB 27 -40.67 -24.79 -66.63
N LEU GB 28 -41.79 -25.51 -66.73
CA LEU GB 28 -41.99 -26.83 -66.15
C LEU GB 28 -40.97 -27.85 -66.64
N GLY GB 29 -40.56 -28.72 -65.72
CA GLY GB 29 -39.87 -29.94 -66.05
C GLY GB 29 -40.59 -31.11 -65.40
N ARG GB 30 -40.63 -32.25 -66.05
CA ARG GB 30 -41.35 -33.40 -65.55
C ARG GB 30 -40.38 -34.52 -65.19
N PRO GB 31 -40.81 -35.51 -64.39
CA PRO GB 31 -39.91 -36.62 -64.05
C PRO GB 31 -39.45 -37.40 -65.28
N ALA GB 32 -38.32 -38.06 -65.13
CA ALA GB 32 -37.71 -38.76 -66.25
C ALA GB 32 -38.47 -40.05 -66.55
N ALA GB 33 -38.23 -40.59 -67.74
CA ALA GB 33 -38.93 -41.80 -68.17
C ALA GB 33 -38.29 -43.04 -67.57
N ASN GB 34 -37.01 -43.26 -67.86
CA ASN GB 34 -36.28 -44.47 -67.47
C ASN GB 34 -36.98 -45.72 -67.96
N THR GB 35 -37.26 -45.77 -69.25
CA THR GB 35 -37.98 -46.91 -69.80
C THR GB 35 -37.09 -48.15 -69.79
N LYS GB 36 -37.64 -49.24 -69.26
CA LYS GB 36 -36.91 -50.48 -69.11
C LYS GB 36 -37.23 -51.40 -70.30
N ILE GB 37 -36.82 -52.65 -70.22
CA ILE GB 37 -37.12 -53.64 -71.26
C ILE GB 37 -38.09 -54.64 -70.66
N GLY GB 38 -39.37 -54.50 -70.99
CA GLY GB 38 -40.36 -55.42 -70.50
C GLY GB 38 -41.65 -55.34 -71.29
N PRO GB 39 -42.70 -56.00 -70.81
CA PRO GB 39 -44.00 -55.94 -71.49
C PRO GB 39 -44.54 -54.51 -71.54
N ARG GB 40 -45.14 -54.16 -72.68
CA ARG GB 40 -45.44 -52.80 -73.06
C ARG GB 40 -46.28 -52.08 -72.02
N ARG GB 41 -45.77 -50.94 -71.54
CA ARG GB 41 -46.48 -50.09 -70.60
C ARG GB 41 -46.14 -48.65 -70.94
N ILE GB 42 -47.15 -47.89 -71.35
CA ILE GB 42 -46.99 -46.50 -71.78
C ILE GB 42 -48.02 -45.66 -71.05
N HIS GB 43 -47.60 -44.50 -70.53
CA HIS GB 43 -48.48 -43.55 -69.87
C HIS GB 43 -48.47 -42.26 -70.65
N THR GB 44 -49.50 -42.02 -71.43
CA THR GB 44 -49.57 -40.77 -72.19
C THR GB 44 -49.81 -39.60 -71.25
N VAL GB 45 -49.00 -38.56 -71.38
CA VAL GB 45 -49.15 -37.36 -70.57
C VAL GB 45 -49.60 -36.22 -71.47
N ARG GB 46 -50.34 -35.29 -70.88
CA ARG GB 46 -50.76 -34.09 -71.59
C ARG GB 46 -49.70 -33.01 -71.43
N VAL GB 47 -49.49 -32.23 -72.49
CA VAL GB 47 -48.43 -31.24 -72.48
C VAL GB 47 -48.99 -29.87 -72.82
N ARG GB 48 -48.11 -28.89 -72.95
CA ARG GB 48 -48.50 -27.52 -73.26
C ARG GB 48 -49.24 -27.45 -74.58
N GLY GB 49 -50.35 -26.71 -74.60
CA GLY GB 49 -51.18 -26.65 -75.78
C GLY GB 49 -52.26 -27.70 -75.84
N GLY GB 50 -52.35 -28.57 -74.84
CA GLY GB 50 -53.33 -29.64 -74.87
C GLY GB 50 -52.96 -30.84 -75.71
N ASN GB 51 -51.73 -30.91 -76.19
CA ASN GB 51 -51.27 -32.06 -76.95
C ASN GB 51 -50.86 -33.19 -76.02
N LYS GB 52 -50.42 -34.30 -76.59
CA LYS GB 52 -50.05 -35.48 -75.82
C LYS GB 52 -48.61 -35.89 -76.10
N LYS GB 53 -47.91 -36.28 -75.06
CA LYS GB 53 -46.64 -36.98 -75.18
C LYS GB 53 -46.82 -38.42 -74.73
N TYR GB 54 -45.97 -39.30 -75.24
CA TYR GB 54 -46.04 -40.72 -74.94
C TYR GB 54 -44.85 -41.10 -74.08
N ARG GB 55 -45.13 -41.48 -72.83
CA ARG GB 55 -44.10 -41.93 -71.91
C ARG GB 55 -44.11 -43.45 -71.87
N ALA GB 56 -43.22 -44.06 -72.65
CA ALA GB 56 -43.01 -45.49 -72.55
C ALA GB 56 -42.27 -45.79 -71.27
N LEU GB 57 -42.74 -46.79 -70.52
CA LEU GB 57 -42.10 -47.19 -69.28
C LEU GB 57 -41.45 -48.56 -69.39
N ARG GB 58 -42.02 -49.44 -70.21
CA ARG GB 58 -41.40 -50.72 -70.52
C ARG GB 58 -41.66 -51.00 -71.98
N LEU GB 59 -40.60 -51.24 -72.75
CA LEU GB 59 -40.75 -51.57 -74.15
C LEU GB 59 -40.05 -52.89 -74.43
N ASP GB 60 -40.61 -53.69 -75.33
CA ASP GB 60 -40.06 -54.98 -75.65
C ASP GB 60 -39.76 -55.17 -77.13
N VAL GB 61 -40.42 -54.43 -78.01
CA VAL GB 61 -40.23 -54.57 -79.45
C VAL GB 61 -39.91 -53.19 -80.01
N GLY GB 62 -39.36 -53.17 -81.22
CA GLY GB 62 -38.97 -51.91 -81.83
C GLY GB 62 -38.82 -52.03 -83.33
N ASN GB 63 -39.16 -50.95 -84.02
CA ASN GB 63 -39.11 -50.92 -85.49
C ASN GB 63 -37.72 -50.47 -85.92
N PHE GB 64 -36.81 -51.43 -85.99
CA PHE GB 64 -35.44 -51.12 -86.35
C PHE GB 64 -35.22 -51.25 -87.85
N SER GB 65 -34.26 -50.50 -88.35
CA SER GB 65 -33.97 -50.44 -89.77
C SER GB 65 -32.64 -51.11 -90.10
N TRP GB 66 -32.55 -51.63 -91.31
CA TRP GB 66 -31.29 -52.09 -91.88
C TRP GB 66 -31.03 -51.23 -93.10
N GLY GB 67 -30.25 -50.17 -92.90
CA GLY GB 67 -30.01 -49.15 -93.90
C GLY GB 67 -29.47 -49.62 -95.22
N SER GB 68 -28.40 -50.44 -95.17
CA SER GB 68 -27.76 -50.89 -96.40
C SER GB 68 -28.70 -51.69 -97.28
N GLU GB 69 -29.56 -52.50 -96.68
CA GLU GB 69 -30.49 -53.31 -97.46
C GLU GB 69 -31.79 -52.60 -97.76
N CYS GB 70 -32.01 -51.43 -97.16
CA CYS GB 70 -33.26 -50.68 -97.27
C CYS GB 70 -34.44 -51.57 -96.84
N CYS GB 71 -34.21 -52.34 -95.79
CA CYS GB 71 -35.23 -53.18 -95.18
C CYS GB 71 -35.35 -52.83 -93.71
N THR GB 72 -36.53 -53.00 -93.16
CA THR GB 72 -36.76 -52.74 -91.75
C THR GB 72 -37.91 -53.56 -91.23
N ARG GB 73 -37.70 -54.24 -90.11
CA ARG GB 73 -38.68 -55.16 -89.58
C ARG GB 73 -38.80 -54.94 -88.08
N LYS GB 74 -40.04 -54.92 -87.59
CA LYS GB 74 -40.29 -54.69 -86.18
C LYS GB 74 -39.84 -55.91 -85.38
N THR GB 75 -38.65 -55.85 -84.82
CA THR GB 75 -38.07 -56.95 -84.09
C THR GB 75 -37.89 -56.55 -82.63
N ARG GB 76 -37.87 -57.56 -81.75
CA ARG GB 76 -37.82 -57.26 -80.33
C ARG GB 76 -36.40 -56.97 -79.88
N ILE GB 77 -36.29 -56.28 -78.75
CA ILE GB 77 -35.01 -55.94 -78.15
C ILE GB 77 -34.72 -56.98 -77.08
N ILE GB 78 -33.46 -57.39 -76.96
CA ILE GB 78 -33.14 -58.37 -75.94
C ILE GB 78 -32.32 -57.74 -74.82
N ASP GB 79 -31.22 -57.06 -75.15
CA ASP GB 79 -30.33 -56.50 -74.15
C ASP GB 79 -29.82 -55.13 -74.59
N VAL GB 80 -29.44 -54.34 -73.60
CA VAL GB 80 -28.62 -53.16 -73.81
C VAL GB 80 -27.17 -53.55 -73.56
N VAL GB 81 -26.27 -53.12 -74.43
CA VAL GB 81 -24.88 -53.54 -74.38
C VAL GB 81 -23.94 -52.41 -74.01
N TYR GB 82 -24.25 -51.18 -74.41
CA TYR GB 82 -23.32 -50.07 -74.20
C TYR GB 82 -24.04 -48.75 -74.36
N ASN GB 83 -23.90 -47.88 -73.36
CA ASN GB 83 -24.44 -46.53 -73.43
C ASN GB 83 -23.31 -45.54 -73.28
N ALA GB 84 -23.25 -44.57 -74.18
CA ALA GB 84 -22.16 -43.61 -74.18
C ALA GB 84 -22.26 -42.67 -72.98
N SER GB 85 -23.45 -42.13 -72.75
CA SER GB 85 -23.67 -41.10 -71.74
C SER GB 85 -23.32 -41.56 -70.34
N ASN GB 86 -24.06 -42.53 -69.80
CA ASN GB 86 -23.89 -42.96 -68.42
C ASN GB 86 -23.67 -44.47 -68.36
N ASN GB 87 -22.61 -44.86 -67.64
CA ASN GB 87 -22.32 -46.27 -67.41
C ASN GB 87 -23.35 -46.95 -66.54
N GLU GB 88 -24.15 -46.19 -65.79
CA GLU GB 88 -25.15 -46.79 -64.92
C GLU GB 88 -26.43 -47.09 -65.68
N LEU GB 89 -26.48 -46.80 -66.98
CA LEU GB 89 -27.66 -47.10 -67.77
C LEU GB 89 -27.58 -48.44 -68.47
N VAL GB 90 -26.38 -48.94 -68.72
CA VAL GB 90 -26.26 -50.31 -69.20
C VAL GB 90 -26.44 -51.29 -68.04
N ARG GB 91 -26.14 -50.85 -66.82
CA ARG GB 91 -26.27 -51.73 -65.66
C ARG GB 91 -27.74 -52.02 -65.36
N THR GB 92 -28.51 -50.98 -65.04
CA THR GB 92 -29.96 -51.10 -65.03
C THR GB 92 -30.48 -50.76 -66.42
N LYS GB 93 -30.78 -51.83 -67.16
CA LYS GB 93 -31.03 -51.76 -68.59
C LYS GB 93 -32.13 -50.77 -68.94
N THR GB 94 -31.74 -49.70 -69.63
CA THR GB 94 -32.60 -48.55 -69.89
C THR GB 94 -32.42 -48.13 -71.34
N LEU GB 95 -33.52 -47.93 -72.03
CA LEU GB 95 -33.50 -47.48 -73.41
C LEU GB 95 -33.59 -45.97 -73.44
N VAL GB 96 -32.68 -45.34 -74.18
CA VAL GB 96 -32.72 -43.91 -74.43
C VAL GB 96 -32.35 -43.71 -75.89
N LYS GB 97 -32.44 -42.47 -76.37
CA LYS GB 97 -31.91 -42.17 -77.68
C LYS GB 97 -30.40 -42.37 -77.67
N ASN GB 98 -29.88 -42.87 -78.80
CA ASN GB 98 -28.48 -43.22 -78.95
C ASN GB 98 -28.05 -44.20 -77.87
N CYS GB 99 -28.65 -45.38 -77.87
CA CYS GB 99 -28.31 -46.42 -76.90
C CYS GB 99 -28.12 -47.72 -77.65
N ILE GB 100 -26.92 -48.28 -77.58
CA ILE GB 100 -26.58 -49.47 -78.37
C ILE GB 100 -27.23 -50.66 -77.71
N VAL GB 101 -28.30 -51.17 -78.32
CA VAL GB 101 -29.04 -52.31 -77.80
C VAL GB 101 -28.90 -53.48 -78.76
N LEU GB 102 -29.25 -54.66 -78.27
CA LEU GB 102 -29.21 -55.89 -79.04
C LEU GB 102 -30.62 -56.29 -79.44
N ILE GB 103 -30.79 -56.67 -80.71
CA ILE GB 103 -32.10 -57.02 -81.22
C ILE GB 103 -32.05 -58.42 -81.81
N ASP GB 104 -33.22 -59.02 -81.93
CA ASP GB 104 -33.34 -60.31 -82.58
C ASP GB 104 -33.10 -60.15 -84.07
N SER GB 105 -32.58 -61.20 -84.70
CA SER GB 105 -32.22 -61.15 -86.11
C SER GB 105 -33.12 -62.00 -87.00
N THR GB 106 -33.96 -62.86 -86.43
CA THR GB 106 -34.76 -63.75 -87.27
C THR GB 106 -35.75 -63.05 -88.19
N PRO GB 107 -36.35 -61.89 -87.86
CA PRO GB 107 -37.09 -61.17 -88.91
C PRO GB 107 -36.21 -60.67 -90.02
N TYR GB 108 -34.93 -60.45 -89.77
CA TYR GB 108 -33.99 -60.10 -90.82
C TYR GB 108 -33.41 -61.31 -91.53
N ARG GB 109 -33.22 -62.41 -90.81
CA ARG GB 109 -32.66 -63.60 -91.44
C ARG GB 109 -33.65 -64.22 -92.41
N GLN GB 110 -34.94 -64.20 -92.08
CA GLN GB 110 -35.93 -64.74 -93.01
C GLN GB 110 -36.04 -63.89 -94.26
N TRP GB 111 -35.90 -62.56 -94.12
CA TRP GB 111 -36.04 -61.68 -95.27
C TRP GB 111 -34.82 -61.74 -96.16
N TYR GB 112 -33.63 -61.95 -95.56
CA TYR GB 112 -32.43 -62.10 -96.37
C TYR GB 112 -32.44 -63.44 -97.10
N GLU GB 113 -32.91 -64.49 -96.47
CA GLU GB 113 -32.94 -65.81 -97.08
C GLU GB 113 -34.18 -66.02 -97.93
N SER GB 114 -35.07 -65.03 -98.01
CA SER GB 114 -36.16 -65.04 -98.97
C SER GB 114 -36.00 -63.95 -100.02
N HIS GB 115 -34.91 -63.20 -99.98
CA HIS GB 115 -34.57 -62.26 -101.04
C HIS GB 115 -33.30 -62.64 -101.77
N TYR GB 116 -32.43 -63.43 -101.14
CA TYR GB 116 -31.23 -63.93 -101.79
C TYR GB 116 -31.11 -65.44 -101.73
N ALA GB 117 -31.73 -66.10 -100.75
CA ALA GB 117 -31.69 -67.54 -100.54
C ALA GB 117 -30.27 -68.09 -100.45
N LEU GB 118 -29.53 -67.63 -99.45
CA LEU GB 118 -28.23 -68.21 -99.11
C LEU GB 118 -28.21 -68.47 -97.61
N PRO GB 119 -27.44 -69.47 -97.16
CA PRO GB 119 -27.30 -69.68 -95.72
C PRO GB 119 -26.56 -68.54 -95.04
N LEU GB 120 -27.29 -67.78 -94.22
CA LEU GB 120 -26.71 -66.77 -93.34
C LEU GB 120 -27.01 -67.21 -91.92
N GLY GB 121 -25.96 -67.53 -91.17
CA GLY GB 121 -26.12 -68.27 -89.94
C GLY GB 121 -26.30 -69.75 -90.23
N ARG GB 122 -26.95 -70.46 -89.29
CA ARG GB 122 -27.34 -71.85 -89.46
C ARG GB 122 -26.14 -72.75 -89.75
N LYS GB 123 -25.30 -72.96 -88.73
CA LYS GB 123 -24.00 -73.62 -88.81
C LYS GB 123 -24.01 -74.92 -89.63
N LYS GB 124 -22.86 -75.22 -90.24
CA LYS GB 124 -22.74 -76.28 -91.24
C LYS GB 124 -22.96 -77.65 -90.61
N GLY GB 125 -24.07 -78.29 -90.98
CA GLY GB 125 -24.38 -79.63 -90.51
C GLY GB 125 -25.80 -79.74 -90.01
N ALA GB 126 -26.30 -78.68 -89.38
CA ALA GB 126 -27.68 -78.65 -88.92
C ALA GB 126 -28.59 -78.27 -90.08
N LYS GB 127 -29.59 -79.10 -90.34
CA LYS GB 127 -30.51 -78.90 -91.44
C LYS GB 127 -31.88 -78.52 -90.90
N LEU GB 128 -32.62 -77.76 -91.71
CA LEU GB 128 -33.88 -77.19 -91.26
C LEU GB 128 -34.94 -78.27 -91.05
N THR GB 129 -35.62 -78.21 -89.91
CA THR GB 129 -36.59 -79.24 -89.53
C THR GB 129 -37.96 -79.15 -90.20
N PRO GB 130 -38.63 -77.98 -90.31
CA PRO GB 130 -39.94 -77.98 -90.99
C PRO GB 130 -39.85 -77.94 -92.51
N GLU GB 131 -38.64 -77.96 -93.08
CA GLU GB 131 -38.34 -77.95 -94.51
C GLU GB 131 -38.81 -76.68 -95.21
N GLU GB 132 -39.17 -75.64 -94.46
CA GLU GB 132 -39.75 -74.41 -95.00
C GLU GB 132 -38.78 -73.67 -95.92
N GLU GB 133 -37.69 -73.18 -95.35
CA GLU GB 133 -36.71 -72.40 -96.08
C GLU GB 133 -35.99 -73.22 -97.13
N GLU GB 134 -36.03 -74.55 -97.03
CA GLU GB 134 -35.39 -75.37 -98.03
C GLU GB 134 -36.10 -75.26 -99.37
N ILE GB 135 -37.44 -75.18 -99.34
CA ILE GB 135 -38.18 -74.84 -100.55
C ILE GB 135 -37.95 -73.38 -100.93
N LEU GB 136 -37.58 -72.54 -99.97
CA LEU GB 136 -37.27 -71.14 -100.28
C LEU GB 136 -35.88 -70.98 -100.89
N ASN GB 137 -35.17 -72.07 -101.18
CA ASN GB 137 -33.93 -71.99 -101.94
C ASN GB 137 -34.07 -72.52 -103.37
N LYS GB 138 -34.80 -73.61 -103.55
CA LYS GB 138 -34.93 -74.25 -104.85
C LYS GB 138 -36.35 -74.05 -105.39
N LYS GB 139 -36.63 -74.66 -106.53
CA LYS GB 139 -37.91 -74.57 -107.23
C LYS GB 139 -38.25 -73.10 -107.50
N ARG GB 140 -37.42 -72.51 -108.37
CA ARG GB 140 -37.69 -71.21 -108.95
C ARG GB 140 -38.04 -71.41 -110.42
N SER GB 141 -39.02 -70.64 -110.88
CA SER GB 141 -39.40 -70.69 -112.28
C SER GB 141 -38.27 -70.13 -113.15
N LYS GB 142 -38.19 -70.61 -114.39
CA LYS GB 142 -37.00 -70.41 -115.22
C LYS GB 142 -36.78 -68.94 -115.57
N LYS GB 143 -37.84 -68.22 -115.90
CA LYS GB 143 -37.69 -66.82 -116.30
C LYS GB 143 -37.24 -65.96 -115.13
N ILE GB 144 -37.76 -66.23 -113.93
CA ILE GB 144 -37.45 -65.41 -112.77
C ILE GB 144 -36.13 -65.80 -112.13
N GLN GB 145 -35.60 -66.99 -112.44
CA GLN GB 145 -34.34 -67.43 -111.87
C GLN GB 145 -33.18 -66.55 -112.31
N LYS GB 146 -33.17 -66.14 -113.58
CA LYS GB 146 -32.10 -65.28 -114.07
C LYS GB 146 -32.16 -63.91 -113.42
N LYS GB 147 -33.37 -63.40 -113.17
CA LYS GB 147 -33.51 -62.18 -112.40
C LYS GB 147 -33.12 -62.41 -110.95
N TYR GB 148 -33.25 -63.66 -110.48
CA TYR GB 148 -32.87 -63.97 -109.11
C TYR GB 148 -31.38 -64.14 -108.95
N ASP GB 149 -30.69 -64.70 -109.95
CA ASP GB 149 -29.24 -64.91 -109.84
C ASP GB 149 -28.46 -63.62 -109.91
N GLU GB 150 -29.07 -62.55 -110.45
CA GLU GB 150 -28.42 -61.25 -110.44
C GLU GB 150 -28.16 -60.76 -109.03
N ARG GB 151 -28.97 -61.19 -108.06
CA ARG GB 151 -28.79 -60.80 -106.68
C ARG GB 151 -27.61 -61.51 -106.01
N LYS GB 152 -27.12 -62.59 -106.60
CA LYS GB 152 -26.00 -63.32 -106.01
C LYS GB 152 -24.67 -62.58 -106.14
N LYS GB 153 -24.50 -61.78 -107.19
CA LYS GB 153 -23.24 -61.06 -107.41
C LYS GB 153 -22.95 -60.05 -106.31
N ASN GB 154 -23.99 -59.55 -105.63
CA ASN GB 154 -23.81 -58.61 -104.54
C ASN GB 154 -24.54 -59.10 -103.30
N ALA GB 155 -24.68 -60.42 -103.18
CA ALA GB 155 -25.27 -61.03 -101.99
C ALA GB 155 -24.29 -61.09 -100.83
N LYS GB 156 -23.10 -60.55 -100.98
CA LYS GB 156 -22.12 -60.56 -99.92
C LYS GB 156 -22.53 -59.61 -98.80
N ILE GB 157 -21.80 -59.68 -97.69
CA ILE GB 157 -22.10 -58.87 -96.52
C ILE GB 157 -20.81 -58.73 -95.72
N SER GB 158 -20.75 -57.69 -94.89
CA SER GB 158 -19.60 -57.52 -93.99
C SER GB 158 -19.50 -58.70 -93.04
N SER GB 159 -18.29 -59.25 -92.93
CA SER GB 159 -18.09 -60.45 -92.12
C SER GB 159 -18.37 -60.19 -90.65
N LEU GB 160 -18.04 -59.00 -90.15
CA LEU GB 160 -18.32 -58.66 -88.76
C LEU GB 160 -19.82 -58.55 -88.52
N LEU GB 161 -20.57 -58.14 -89.53
CA LEU GB 161 -22.02 -58.18 -89.45
C LEU GB 161 -22.55 -59.59 -89.65
N GLU GB 162 -21.85 -60.41 -90.44
CA GLU GB 162 -22.26 -61.80 -90.62
C GLU GB 162 -21.98 -62.64 -89.37
N GLU GB 163 -20.84 -62.41 -88.70
CA GLU GB 163 -20.43 -63.28 -87.61
C GLU GB 163 -21.38 -63.22 -86.43
N GLN GB 164 -22.08 -62.12 -86.24
CA GLN GB 164 -23.07 -62.07 -85.17
C GLN GB 164 -24.41 -62.66 -85.57
N PHE GB 165 -24.62 -62.96 -86.86
CA PHE GB 165 -25.80 -63.71 -87.23
C PHE GB 165 -25.77 -65.15 -86.75
N GLN GB 166 -24.57 -65.67 -86.46
CA GLN GB 166 -24.44 -67.01 -85.90
C GLN GB 166 -25.10 -67.11 -84.54
N GLN GB 167 -25.05 -66.03 -83.75
CA GLN GB 167 -25.62 -66.01 -82.41
C GLN GB 167 -27.04 -65.50 -82.38
N GLY GB 168 -27.60 -65.12 -83.53
CA GLY GB 168 -28.97 -64.67 -83.56
C GLY GB 168 -29.21 -63.30 -82.98
N LYS GB 169 -28.17 -62.50 -82.82
CA LYS GB 169 -28.28 -61.17 -82.24
C LYS GB 169 -27.56 -60.17 -83.13
N LEU GB 170 -28.14 -58.98 -83.24
CA LEU GB 170 -27.53 -57.89 -83.97
C LEU GB 170 -27.32 -56.71 -83.02
N LEU GB 171 -26.46 -55.79 -83.42
CA LEU GB 171 -26.17 -54.57 -82.66
C LEU GB 171 -26.95 -53.43 -83.27
N ALA GB 172 -27.94 -52.94 -82.55
CA ALA GB 172 -28.75 -51.83 -83.03
C ALA GB 172 -28.30 -50.55 -82.36
N CYS GB 173 -28.96 -49.46 -82.71
CA CYS GB 173 -28.70 -48.17 -82.08
C CYS GB 173 -30.01 -47.39 -82.12
N ILE GB 174 -30.57 -47.10 -80.94
CA ILE GB 174 -31.83 -46.37 -80.87
C ILE GB 174 -31.66 -45.01 -81.48
N ALA GB 175 -32.63 -44.62 -82.31
CA ALA GB 175 -32.61 -43.30 -82.91
C ALA GB 175 -33.92 -42.57 -82.66
N SER GB 176 -34.63 -42.90 -81.60
CA SER GB 176 -35.90 -42.27 -81.29
C SER GB 176 -36.01 -42.19 -79.78
N ARG GB 177 -36.15 -40.97 -79.26
CA ARG GB 177 -36.28 -40.73 -77.82
C ARG GB 177 -37.48 -41.49 -77.26
N PRO GB 178 -37.25 -42.57 -76.54
CA PRO GB 178 -38.34 -43.50 -76.22
C PRO GB 178 -39.33 -42.94 -75.22
N GLY GB 179 -38.87 -42.15 -74.26
CA GLY GB 179 -39.77 -41.57 -73.29
C GLY GB 179 -40.50 -40.36 -73.83
N GLN GB 180 -40.35 -40.09 -75.13
CA GLN GB 180 -41.09 -39.00 -75.75
C GLN GB 180 -42.05 -39.52 -76.80
N CYS GB 181 -41.54 -40.24 -77.80
CA CYS GB 181 -42.42 -40.64 -78.89
C CYS GB 181 -43.07 -41.99 -78.67
N GLY GB 182 -42.81 -42.65 -77.55
CA GLY GB 182 -43.45 -43.92 -77.27
C GLY GB 182 -42.79 -45.09 -77.98
N ARG GB 183 -42.58 -44.97 -79.28
CA ARG GB 183 -41.89 -46.02 -80.03
C ARG GB 183 -40.42 -46.09 -79.67
N ALA GB 184 -39.72 -47.09 -80.18
CA ALA GB 184 -38.28 -47.19 -80.02
C ALA GB 184 -37.72 -47.75 -81.33
N ASP GB 185 -37.33 -46.84 -82.21
CA ASP GB 185 -36.80 -47.24 -83.50
C ASP GB 185 -35.29 -47.06 -83.53
N GLY GB 186 -34.68 -47.46 -84.63
CA GLY GB 186 -33.24 -47.33 -84.77
C GLY GB 186 -32.75 -48.04 -86.00
N TYR GB 187 -31.42 -48.07 -86.11
CA TYR GB 187 -30.75 -48.65 -87.25
C TYR GB 187 -29.77 -49.72 -86.78
N VAL GB 188 -29.32 -50.53 -87.73
CA VAL GB 188 -28.41 -51.63 -87.47
C VAL GB 188 -26.99 -51.15 -87.71
N LEU GB 189 -26.11 -51.40 -86.75
CA LEU GB 189 -24.71 -50.99 -86.82
C LEU GB 189 -24.04 -51.59 -88.04
N GLU GB 190 -23.10 -50.85 -88.63
CA GLU GB 190 -22.43 -51.32 -89.83
C GLU GB 190 -21.14 -50.53 -90.02
N GLY GB 191 -20.17 -51.17 -90.65
CA GLY GB 191 -18.98 -50.47 -91.11
C GLY GB 191 -18.07 -49.98 -90.00
N LYS GB 192 -17.61 -48.74 -90.15
CA LYS GB 192 -16.68 -48.17 -89.16
C LYS GB 192 -17.35 -48.00 -87.81
N GLU GB 193 -18.65 -47.68 -87.82
CA GLU GB 193 -19.38 -47.52 -86.57
C GLU GB 193 -19.48 -48.84 -85.82
N LEU GB 194 -19.81 -49.92 -86.54
CA LEU GB 194 -19.83 -51.26 -85.96
C LEU GB 194 -18.47 -51.63 -85.38
N GLU GB 195 -17.42 -51.48 -86.17
CA GLU GB 195 -16.10 -51.85 -85.70
C GLU GB 195 -15.54 -50.85 -84.71
N PHE GB 196 -16.22 -49.72 -84.49
CA PHE GB 196 -15.86 -48.82 -83.41
C PHE GB 196 -16.42 -49.30 -82.08
N TYR GB 197 -17.73 -49.57 -82.03
CA TYR GB 197 -18.34 -50.01 -80.78
C TYR GB 197 -17.83 -51.39 -80.39
N LEU GB 198 -17.56 -52.26 -81.36
CA LEU GB 198 -16.95 -53.55 -81.07
C LEU GB 198 -15.60 -53.40 -80.41
N ARG GB 199 -14.86 -52.34 -80.71
CA ARG GB 199 -13.65 -52.03 -79.96
C ARG GB 199 -13.97 -51.62 -78.54
N LYS GB 200 -15.05 -50.86 -78.33
CA LYS GB 200 -15.39 -50.39 -77.00
C LYS GB 200 -15.93 -51.50 -76.12
N ILE GB 201 -16.83 -52.33 -76.65
CA ILE GB 201 -17.46 -53.35 -75.84
C ILE GB 201 -16.46 -54.46 -75.49
N LYS GB 202 -15.49 -54.69 -76.38
CA LYS GB 202 -14.44 -55.64 -76.06
C LYS GB 202 -13.55 -55.12 -74.94
N ALA GB 203 -13.31 -53.81 -74.92
CA ALA GB 203 -12.35 -53.23 -73.98
C ALA GB 203 -12.91 -53.13 -72.57
N ARG GB 204 -14.23 -52.94 -72.43
CA ARG GB 204 -14.81 -52.92 -71.10
C ARG GB 204 -14.79 -54.29 -70.44
N LYS GB 205 -14.69 -55.36 -71.22
CA LYS GB 205 -14.56 -56.71 -70.68
C LYS GB 205 -13.20 -56.87 -70.02
N GLY GB 206 -12.13 -56.61 -70.76
CA GLY GB 206 -10.79 -56.69 -70.22
C GLY GB 206 -10.03 -57.94 -70.63
N PRO HB 1 -59.21 3.40 -64.43
CA PRO HB 1 -59.16 4.64 -65.19
C PRO HB 1 -60.53 5.25 -65.41
N VAL HB 2 -60.57 6.44 -66.03
CA VAL HB 2 -61.80 7.12 -66.35
C VAL HB 2 -61.70 7.70 -67.75
N ALA HB 3 -62.71 8.43 -68.17
CA ALA HB 3 -62.71 9.12 -69.47
C ALA HB 3 -62.87 10.61 -69.22
N ARG HB 4 -61.76 11.33 -69.17
CA ARG HB 4 -61.79 12.77 -69.00
C ARG HB 4 -60.50 13.37 -69.56
N SER HB 5 -60.35 14.68 -69.40
CA SER HB 5 -59.28 15.42 -70.05
C SER HB 5 -57.97 15.42 -69.26
N TRP HB 6 -58.00 15.98 -68.04
CA TRP HB 6 -56.84 16.25 -67.18
C TRP HB 6 -55.91 17.32 -67.73
N VAL HB 7 -56.20 17.85 -68.92
CA VAL HB 7 -55.30 18.79 -69.56
C VAL HB 7 -55.66 20.22 -69.16
N CYS HB 8 -54.94 20.74 -68.17
CA CYS HB 8 -55.09 22.12 -67.72
C CYS HB 8 -53.86 22.90 -68.15
N ARG HB 9 -53.93 24.21 -67.96
CA ARG HB 9 -52.88 25.10 -68.45
C ARG HB 9 -52.99 26.43 -67.74
N LYS HB 10 -51.85 26.98 -67.33
CA LYS HB 10 -51.82 28.32 -66.77
C LYS HB 10 -51.68 29.35 -67.87
N THR HB 11 -52.44 30.43 -67.77
CA THR HB 11 -52.45 31.47 -68.79
C THR HB 11 -51.74 32.74 -68.35
N TYR HB 12 -51.15 32.76 -67.16
CA TYR HB 12 -50.43 33.93 -66.66
C TYR HB 12 -49.12 33.48 -66.03
N VAL HB 13 -48.24 34.44 -65.77
CA VAL HB 13 -46.99 34.17 -65.09
C VAL HB 13 -46.63 35.37 -64.22
N THR HB 14 -46.32 35.12 -62.95
CA THR HB 14 -46.08 36.17 -61.98
C THR HB 14 -44.78 36.91 -62.31
N PRO HB 15 -44.65 38.18 -61.96
CA PRO HB 15 -43.38 38.88 -62.17
C PRO HB 15 -42.34 38.46 -61.15
N ARG HB 16 -41.08 38.54 -61.57
CA ARG HB 16 -39.96 38.14 -60.72
C ARG HB 16 -39.82 39.07 -59.51
N ARG HB 17 -39.66 40.36 -59.76
CA ARG HB 17 -39.57 41.32 -58.66
C ARG HB 17 -40.97 41.66 -58.18
N PRO HB 18 -41.35 41.29 -56.96
CA PRO HB 18 -42.72 41.54 -56.54
C PRO HB 18 -43.00 42.99 -56.18
N PHE HB 19 -41.98 43.79 -55.88
CA PHE HB 19 -42.17 45.19 -55.53
C PHE HB 19 -41.16 46.03 -56.30
N GLU HB 20 -41.61 46.63 -57.39
CA GLU HB 20 -40.78 47.54 -58.18
C GLU HB 20 -41.68 48.67 -58.67
N LYS HB 21 -41.33 49.90 -58.33
CA LYS HB 21 -42.15 51.08 -58.58
C LYS HB 21 -42.47 51.28 -60.06
N SER HB 22 -41.45 51.22 -60.92
CA SER HB 22 -41.67 51.45 -62.35
C SER HB 22 -42.53 50.35 -62.97
N ARG HB 23 -42.55 49.17 -62.37
CA ARG HB 23 -43.51 48.15 -62.81
C ARG HB 23 -44.89 48.42 -62.25
N LEU HB 24 -44.98 48.82 -60.98
CA LEU HB 24 -46.28 49.08 -60.37
C LEU HB 24 -46.94 50.32 -60.94
N ASP HB 25 -46.21 51.16 -61.67
CA ASP HB 25 -46.79 52.35 -62.29
C ASP HB 25 -47.27 52.05 -63.70
N GLN HB 26 -46.43 51.36 -64.48
CA GLN HB 26 -46.82 50.96 -65.83
C GLN HB 26 -48.04 50.04 -65.79
N GLU HB 27 -48.04 49.08 -64.87
CA GLU HB 27 -49.16 48.15 -64.78
C GLU HB 27 -50.42 48.85 -64.30
N LEU HB 28 -50.29 49.75 -63.33
CA LEU HB 28 -51.44 50.51 -62.89
C LEU HB 28 -51.94 51.48 -63.95
N LYS HB 29 -51.07 51.87 -64.89
CA LYS HB 29 -51.52 52.68 -66.01
C LYS HB 29 -52.52 51.94 -66.89
N LEU HB 30 -52.27 50.65 -67.12
CA LEU HB 30 -53.12 49.88 -68.03
C LEU HB 30 -54.51 49.66 -67.45
N ILE HB 31 -54.56 49.33 -66.16
CA ILE HB 31 -55.79 48.89 -65.51
C ILE HB 31 -56.85 49.98 -65.55
N GLY HB 32 -56.53 51.15 -65.00
CA GLY HB 32 -57.48 52.24 -64.98
C GLY HB 32 -57.82 52.82 -66.32
N GLU HB 33 -56.97 52.60 -67.32
CA GLU HB 33 -57.24 53.06 -68.66
C GLU HB 33 -58.03 52.06 -69.49
N TYR HB 34 -58.07 50.80 -69.07
CA TYR HB 34 -58.83 49.80 -69.81
C TYR HB 34 -59.82 49.05 -68.92
N GLY HB 35 -59.92 49.43 -67.65
CA GLY HB 35 -60.94 48.84 -66.80
C GLY HB 35 -60.70 47.38 -66.50
N LEU HB 36 -59.46 46.99 -66.26
CA LEU HB 36 -59.21 45.62 -65.87
C LEU HB 36 -59.56 45.44 -64.40
N ARG HB 37 -59.67 44.17 -63.97
CA ARG HB 37 -60.05 43.89 -62.60
C ARG HB 37 -58.88 43.54 -61.70
N ASN HB 38 -57.82 42.94 -62.24
CA ASN HB 38 -56.67 42.63 -61.42
C ASN HB 38 -55.43 42.62 -62.29
N LYS HB 39 -54.27 42.68 -61.63
CA LYS HB 39 -53.00 42.66 -62.34
C LYS HB 39 -52.78 41.36 -63.10
N ARG HB 40 -53.48 40.30 -62.70
CA ARG HB 40 -53.28 39.01 -63.35
C ARG HB 40 -53.71 39.06 -64.81
N GLU HB 41 -54.84 39.69 -65.09
CA GLU HB 41 -55.34 39.71 -66.46
C GLU HB 41 -54.67 40.81 -67.27
N VAL HB 42 -53.70 41.48 -66.66
CA VAL HB 42 -52.71 42.25 -67.39
C VAL HB 42 -51.47 41.42 -67.65
N TRP HB 43 -51.08 40.57 -66.70
CA TRP HB 43 -50.05 39.58 -66.94
C TRP HB 43 -50.50 38.52 -67.93
N ARG HB 44 -51.82 38.31 -68.01
CA ARG HB 44 -52.35 37.35 -68.97
C ARG HB 44 -52.10 37.80 -70.40
N VAL HB 45 -52.43 39.05 -70.70
CA VAL HB 45 -52.18 39.60 -72.02
C VAL HB 45 -50.70 39.66 -72.30
N LYS HB 46 -49.88 39.95 -71.28
CA LYS HB 46 -48.44 39.94 -71.44
C LYS HB 46 -47.94 38.54 -71.78
N PHE HB 47 -48.59 37.51 -71.22
CA PHE HB 47 -48.12 36.16 -71.43
C PHE HB 47 -48.47 35.66 -72.82
N THR HB 48 -49.67 35.98 -73.30
CA THR HB 48 -50.03 35.58 -74.66
C THR HB 48 -49.18 36.31 -75.69
N LEU HB 49 -48.69 37.49 -75.36
CA LEU HB 49 -47.77 38.16 -76.27
C LEU HB 49 -46.38 37.52 -76.22
N ALA HB 50 -45.96 37.07 -75.04
CA ALA HB 50 -44.62 36.52 -74.91
C ALA HB 50 -44.47 35.22 -75.69
N LYS HB 51 -45.54 34.44 -75.81
CA LYS HB 51 -45.47 33.22 -76.61
C LYS HB 51 -45.29 33.56 -78.08
N ILE HB 52 -46.00 34.58 -78.56
CA ILE HB 52 -45.88 34.96 -79.97
C ILE HB 52 -44.49 35.52 -80.24
N ARG HB 53 -43.91 36.21 -79.26
CA ARG HB 53 -42.50 36.59 -79.38
C ARG HB 53 -41.62 35.34 -79.34
N LYS HB 54 -41.95 34.38 -78.50
CA LYS HB 54 -41.15 33.16 -78.42
C LYS HB 54 -41.33 32.28 -79.64
N ALA HB 55 -42.53 32.30 -80.23
CA ALA HB 55 -42.75 31.53 -81.44
C ALA HB 55 -42.05 32.15 -82.63
N ALA HB 56 -41.85 33.46 -82.63
CA ALA HB 56 -41.25 34.11 -83.78
C ALA HB 56 -39.73 34.01 -83.75
N ARG HB 57 -39.14 34.02 -82.56
CA ARG HB 57 -37.69 33.95 -82.43
C ARG HB 57 -37.13 32.69 -83.08
N GLU HB 58 -37.78 31.55 -82.84
CA GLU HB 58 -37.32 30.33 -83.47
C GLU HB 58 -37.64 30.31 -84.96
N LEU HB 59 -38.71 31.00 -85.38
CA LEU HB 59 -38.95 31.20 -86.81
C LEU HB 59 -38.04 32.25 -87.42
N LEU HB 60 -37.41 33.10 -86.60
CA LEU HB 60 -36.40 34.00 -87.11
C LEU HB 60 -35.04 33.35 -87.24
N THR HB 61 -34.74 32.36 -86.40
CA THR HB 61 -33.51 31.60 -86.55
C THR HB 61 -33.53 30.71 -87.77
N LEU HB 62 -34.71 30.32 -88.26
CA LEU HB 62 -34.80 29.54 -89.48
C LEU HB 62 -34.60 30.44 -90.69
N ASP HB 63 -33.98 29.88 -91.72
CA ASP HB 63 -33.66 30.63 -92.92
C ASP HB 63 -34.90 30.83 -93.78
N GLU HB 64 -34.83 31.84 -94.65
CA GLU HB 64 -35.85 32.02 -95.67
C GLU HB 64 -35.84 30.82 -96.63
N LYS HB 65 -36.98 30.62 -97.30
CA LYS HB 65 -37.23 29.50 -98.21
C LYS HB 65 -37.12 28.15 -97.49
N ASP HB 66 -37.54 28.11 -96.24
CA ASP HB 66 -37.59 26.89 -95.46
C ASP HB 66 -39.04 26.54 -95.18
N PRO HB 67 -39.53 25.37 -95.61
CA PRO HB 67 -40.97 25.09 -95.50
C PRO HB 67 -41.51 25.08 -94.08
N ARG HB 68 -40.69 24.69 -93.10
CA ARG HB 68 -41.10 24.80 -91.71
C ARG HB 68 -41.29 26.27 -91.32
N ARG HB 69 -40.44 27.15 -91.84
CA ARG HB 69 -40.64 28.57 -91.59
C ARG HB 69 -41.75 29.14 -92.46
N LEU HB 70 -41.79 28.74 -93.73
CA LEU HB 70 -42.68 29.38 -94.69
C LEU HB 70 -44.15 29.16 -94.33
N PHE HB 71 -44.52 27.96 -93.92
CA PHE HB 71 -45.92 27.69 -93.60
C PHE HB 71 -46.27 28.24 -92.23
N GLU HB 72 -45.52 27.81 -91.20
CA GLU HB 72 -45.77 28.19 -89.82
C GLU HB 72 -45.67 29.71 -89.65
N GLY HB 73 -44.75 30.34 -90.39
CA GLY HB 73 -44.63 31.79 -90.31
C GLY HB 73 -45.81 32.50 -90.94
N ASN HB 74 -46.23 32.04 -92.11
CA ASN HB 74 -47.32 32.71 -92.81
C ASN HB 74 -48.65 32.51 -92.10
N ALA HB 75 -48.89 31.30 -91.62
CA ALA HB 75 -50.17 30.99 -90.99
C ALA HB 75 -50.33 31.73 -89.67
N LEU HB 76 -49.22 31.94 -88.95
CA LEU HB 76 -49.27 32.71 -87.72
C LEU HB 76 -49.64 34.16 -87.98
N LEU HB 77 -49.05 34.74 -89.04
CA LEU HB 77 -49.31 36.13 -89.37
C LEU HB 77 -50.77 36.36 -89.72
N ARG HB 78 -51.42 35.38 -90.37
CA ARG HB 78 -52.84 35.50 -90.66
C ARG HB 78 -53.68 35.52 -89.41
N ARG HB 79 -53.20 34.94 -88.31
CA ARG HB 79 -53.95 34.96 -87.07
C ARG HB 79 -53.92 36.32 -86.40
N LEU HB 80 -52.84 37.08 -86.59
CA LEU HB 80 -52.76 38.41 -86.02
C LEU HB 80 -53.51 39.42 -86.87
N VAL HB 81 -53.51 39.26 -88.18
CA VAL HB 81 -54.22 40.20 -89.04
C VAL HB 81 -55.73 40.05 -88.89
N ARG HB 82 -56.21 38.84 -88.61
CA ARG HB 82 -57.65 38.63 -88.47
C ARG HB 82 -58.20 39.26 -87.20
N ILE HB 83 -57.37 39.53 -86.20
CA ILE HB 83 -57.85 40.10 -84.95
C ILE HB 83 -57.49 41.57 -84.89
N GLY HB 84 -57.13 42.13 -86.05
CA GLY HB 84 -56.89 43.55 -86.19
C GLY HB 84 -55.81 44.13 -85.30
N VAL HB 85 -54.89 43.30 -84.81
CA VAL HB 85 -53.76 43.80 -84.05
C VAL HB 85 -52.61 44.22 -84.94
N LEU HB 86 -52.67 43.90 -86.23
CA LEU HB 86 -51.61 44.19 -87.17
C LEU HB 86 -52.24 44.79 -88.42
N ASP HB 87 -51.40 45.25 -89.33
CA ASP HB 87 -51.84 45.81 -90.60
C ASP HB 87 -51.42 44.86 -91.71
N GLU HB 88 -52.21 44.85 -92.79
CA GLU HB 88 -51.95 43.93 -93.90
C GLU HB 88 -50.64 44.22 -94.59
N GLY HB 89 -50.10 45.42 -94.45
CA GLY HB 89 -48.79 45.73 -94.98
C GLY HB 89 -47.72 45.29 -94.02
N LYS HB 90 -48.05 45.30 -92.73
CA LYS HB 90 -47.14 44.87 -91.67
C LYS HB 90 -47.06 43.36 -91.53
N MET HB 91 -47.58 42.61 -92.51
CA MET HB 91 -47.65 41.16 -92.42
C MET HB 91 -46.30 40.55 -92.84
N LYS HB 92 -45.26 40.95 -92.11
CA LYS HB 92 -43.92 40.44 -92.30
C LYS HB 92 -43.43 39.90 -90.97
N LEU HB 93 -42.54 38.93 -91.02
CA LEU HB 93 -42.26 38.09 -89.87
C LEU HB 93 -41.39 38.81 -88.82
N ASP HB 94 -41.04 40.06 -89.09
CA ASP HB 94 -40.26 40.83 -88.13
C ASP HB 94 -41.03 41.95 -87.47
N TYR HB 95 -42.26 42.25 -87.89
CA TYR HB 95 -43.06 43.26 -87.22
C TYR HB 95 -43.74 42.74 -85.97
N ILE HB 96 -43.73 41.43 -85.74
CA ILE HB 96 -44.32 40.88 -84.53
C ILE HB 96 -43.52 41.31 -83.31
N LEU HB 97 -42.20 41.43 -83.45
CA LEU HB 97 -41.38 41.92 -82.35
C LEU HB 97 -41.72 43.35 -82.00
N GLY HB 98 -42.02 44.17 -83.00
CA GLY HB 98 -42.41 45.54 -82.74
C GLY HB 98 -43.90 45.68 -82.54
N LEU HB 99 -44.48 44.84 -81.69
CA LEU HB 99 -45.91 44.83 -81.41
C LEU HB 99 -46.09 45.01 -79.91
N LYS HB 100 -46.48 46.22 -79.52
CA LYS HB 100 -46.52 46.60 -78.11
C LYS HB 100 -47.74 45.96 -77.45
N ILE HB 101 -47.70 45.86 -76.11
CA ILE HB 101 -48.70 45.12 -75.35
C ILE HB 101 -50.08 45.74 -75.53
N GLU HB 102 -50.13 47.08 -75.58
CA GLU HB 102 -51.38 47.84 -75.64
C GLU HB 102 -52.30 47.40 -76.78
N ASP HB 103 -51.70 47.16 -77.95
CA ASP HB 103 -52.39 46.77 -79.17
C ASP HB 103 -53.36 45.61 -78.97
N PHE HB 104 -53.01 44.68 -78.09
CA PHE HB 104 -53.93 43.61 -77.76
C PHE HB 104 -55.12 44.13 -76.95
N LEU HB 105 -54.88 45.07 -76.05
CA LEU HB 105 -55.93 45.47 -75.11
C LEU HB 105 -57.06 46.23 -75.79
N GLU HB 106 -56.81 46.88 -76.92
CA GLU HB 106 -57.90 47.54 -77.61
C GLU HB 106 -58.76 46.57 -78.37
N ARG HB 107 -58.25 45.37 -78.66
CA ARG HB 107 -59.08 44.35 -79.26
C ARG HB 107 -59.97 43.64 -78.26
N ARG HB 108 -59.76 43.87 -76.97
CA ARG HB 108 -60.70 43.40 -75.96
C ARG HB 108 -62.06 44.05 -76.19
N LEU HB 109 -63.12 43.25 -76.08
CA LEU HB 109 -64.45 43.72 -76.47
C LEU HB 109 -64.90 44.88 -75.60
N GLN HB 110 -64.45 44.93 -74.35
CA GLN HB 110 -64.84 46.00 -73.45
C GLN HB 110 -64.40 47.36 -73.97
N THR HB 111 -63.13 47.48 -74.34
CA THR HB 111 -62.63 48.77 -74.84
C THR HB 111 -63.15 49.06 -76.23
N GLN HB 112 -63.51 48.03 -76.99
CA GLN HB 112 -64.13 48.26 -78.30
C GLN HB 112 -65.49 48.92 -78.14
N VAL HB 113 -66.24 48.54 -77.09
CA VAL HB 113 -67.51 49.19 -76.83
C VAL HB 113 -67.30 50.64 -76.41
N PHE HB 114 -66.26 50.89 -75.62
CA PHE HB 114 -65.93 52.26 -75.26
C PHE HB 114 -65.49 53.06 -76.47
N LYS HB 115 -64.66 52.47 -77.33
CA LYS HB 115 -64.19 53.18 -78.51
C LYS HB 115 -65.26 53.28 -79.59
N LEU HB 116 -66.30 52.44 -79.53
CA LEU HB 116 -67.39 52.57 -80.48
C LEU HB 116 -68.30 53.73 -80.14
N GLY HB 117 -68.48 54.03 -78.85
CA GLY HB 117 -69.22 55.18 -78.42
C GLY HB 117 -70.52 54.88 -77.72
N LEU HB 118 -70.94 53.62 -77.71
CA LEU HB 118 -72.16 53.24 -77.01
C LEU HB 118 -71.93 52.96 -75.53
N ALA HB 119 -70.78 53.37 -74.98
CA ALA HB 119 -70.51 53.29 -73.56
C ALA HB 119 -70.03 54.65 -73.09
N LYS HB 120 -70.63 55.16 -72.01
CA LYS HB 120 -70.27 56.47 -71.50
C LYS HB 120 -68.83 56.50 -71.00
N SER HB 121 -68.41 55.44 -70.32
CA SER HB 121 -67.05 55.35 -69.82
C SER HB 121 -66.54 53.94 -70.05
N ILE HB 122 -65.23 53.75 -69.84
CA ILE HB 122 -64.64 52.43 -69.99
C ILE HB 122 -65.16 51.49 -68.91
N HIS HB 123 -65.33 51.98 -67.69
CA HIS HB 123 -65.93 51.17 -66.65
C HIS HB 123 -67.42 51.01 -66.84
N HIS HB 124 -68.05 51.92 -67.60
CA HIS HB 124 -69.44 51.72 -67.95
C HIS HB 124 -69.61 50.54 -68.90
N ALA HB 125 -68.59 50.26 -69.71
CA ALA HB 125 -68.69 49.17 -70.67
C ALA HB 125 -68.60 47.81 -70.01
N ARG HB 126 -67.83 47.68 -68.93
CA ARG HB 126 -67.75 46.42 -68.22
C ARG HB 126 -69.03 46.11 -67.45
N VAL HB 127 -69.92 47.07 -67.29
CA VAL HB 127 -71.20 46.83 -66.65
C VAL HB 127 -72.17 46.34 -67.71
N LEU HB 128 -72.05 46.87 -68.92
CA LEU HB 128 -72.95 46.48 -69.99
C LEU HB 128 -72.68 45.07 -70.48
N ILE HB 129 -71.42 44.63 -70.49
CA ILE HB 129 -71.15 43.26 -70.88
C ILE HB 129 -71.57 42.29 -69.80
N ARG HB 130 -71.21 42.58 -68.55
CA ARG HB 130 -71.50 41.72 -67.41
C ARG HB 130 -72.99 41.59 -67.12
N GLN HB 131 -73.85 42.35 -67.79
CA GLN HB 131 -75.27 42.30 -67.51
C GLN HB 131 -76.08 41.98 -68.77
N ARG HB 132 -75.44 41.44 -69.80
CA ARG HB 132 -76.09 40.93 -71.02
C ARG HB 132 -76.90 42.04 -71.71
N HIS HB 133 -76.18 43.06 -72.17
CA HIS HB 133 -76.80 44.17 -72.87
C HIS HB 133 -76.30 44.38 -74.28
N ILE HB 134 -75.20 43.75 -74.69
CA ILE HB 134 -74.66 43.90 -76.03
C ILE HB 134 -74.41 42.54 -76.64
N ARG HB 135 -74.14 42.54 -77.94
CA ARG HB 135 -73.97 41.30 -78.68
C ARG HB 135 -73.06 41.53 -79.87
N VAL HB 136 -72.63 40.42 -80.47
CA VAL HB 136 -71.87 40.42 -81.71
C VAL HB 136 -72.48 39.36 -82.61
N ARG HB 137 -73.08 39.78 -83.72
CA ARG HB 137 -73.71 38.89 -84.71
C ARG HB 137 -74.78 38.02 -84.05
N LYS HB 138 -75.77 38.66 -83.43
CA LYS HB 138 -76.91 38.02 -82.79
C LYS HB 138 -76.51 37.07 -81.67
N GLN HB 139 -75.28 37.18 -81.18
CA GLN HB 139 -74.75 36.31 -80.13
C GLN HB 139 -74.36 37.20 -78.96
N VAL HB 140 -75.13 37.13 -77.89
CA VAL HB 140 -74.90 37.98 -76.73
C VAL HB 140 -73.65 37.50 -76.01
N VAL HB 141 -72.68 38.40 -75.84
CA VAL HB 141 -71.41 38.07 -75.18
C VAL HB 141 -71.49 38.55 -73.74
N ASN HB 142 -71.02 37.72 -72.82
CA ASN HB 142 -70.98 38.05 -71.40
C ASN HB 142 -69.55 38.18 -70.90
N ILE HB 143 -68.56 38.01 -71.76
CA ILE HB 143 -67.16 38.04 -71.34
C ILE HB 143 -66.50 39.30 -71.86
N PRO HB 144 -66.09 40.21 -70.98
CA PRO HB 144 -65.46 41.45 -71.47
C PRO HB 144 -64.10 41.22 -72.09
N SER HB 145 -63.41 40.15 -71.74
CA SER HB 145 -62.13 39.85 -72.37
C SER HB 145 -62.27 39.10 -73.68
N PHE HB 146 -63.43 39.14 -74.32
CA PHE HB 146 -63.59 38.63 -75.68
C PHE HB 146 -62.62 39.36 -76.60
N ILE HB 147 -61.98 38.61 -77.49
CA ILE HB 147 -61.07 39.19 -78.47
C ILE HB 147 -61.83 39.41 -79.76
N VAL HB 148 -61.95 40.66 -80.16
CA VAL HB 148 -62.73 41.01 -81.33
C VAL HB 148 -61.88 40.85 -82.58
N ARG HB 149 -62.39 40.08 -83.54
CA ARG HB 149 -61.73 39.90 -84.82
C ARG HB 149 -61.96 41.13 -85.70
N LEU HB 150 -61.38 41.09 -86.90
CA LEU HB 150 -61.48 42.25 -87.77
C LEU HB 150 -62.90 42.41 -88.32
N ASP HB 151 -63.46 41.34 -88.87
CA ASP HB 151 -64.78 41.41 -89.50
C ASP HB 151 -65.93 41.40 -88.50
N SER HB 152 -65.65 41.35 -87.20
CA SER HB 152 -66.67 41.43 -86.18
C SER HB 152 -66.84 42.85 -85.65
N GLN HB 153 -66.10 43.81 -86.22
CA GLN HB 153 -66.14 45.18 -85.73
C GLN HB 153 -67.47 45.83 -86.08
N LYS HB 154 -67.95 45.60 -87.30
CA LYS HB 154 -69.14 46.27 -87.80
C LYS HB 154 -70.40 45.54 -87.39
N HIS HB 155 -70.29 44.67 -86.39
CA HIS HB 155 -71.44 43.94 -85.87
C HIS HB 155 -71.59 44.05 -84.37
N ILE HB 156 -70.76 44.84 -83.70
CA ILE HB 156 -70.93 45.07 -82.27
C ILE HB 156 -72.04 46.09 -82.08
N ASP HB 157 -73.04 45.74 -81.28
CA ASP HB 157 -74.17 46.61 -81.00
C ASP HB 157 -74.91 46.00 -79.82
N PHE HB 158 -76.01 46.65 -79.45
CA PHE HB 158 -76.81 46.19 -78.32
C PHE HB 158 -77.45 44.85 -78.63
N SER HB 159 -77.71 44.08 -77.57
CA SER HB 159 -78.47 42.85 -77.73
C SER HB 159 -79.91 43.18 -78.08
N LEU HB 160 -80.63 42.16 -78.55
CA LEU HB 160 -82.05 42.35 -78.82
C LEU HB 160 -82.81 42.57 -77.53
N ARG HB 161 -82.78 41.59 -76.62
CA ARG HB 161 -83.46 41.70 -75.34
C ARG HB 161 -82.63 42.61 -74.44
N SER HB 162 -82.79 43.91 -74.64
CA SER HB 162 -82.07 44.88 -73.82
C SER HB 162 -82.85 46.17 -73.78
N PRO HB 163 -83.03 46.77 -72.60
CA PRO HB 163 -83.78 48.03 -72.55
C PRO HB 163 -83.07 49.17 -73.23
N TYR HB 164 -81.73 49.15 -73.25
CA TYR HB 164 -80.99 50.15 -74.01
C TYR HB 164 -81.22 49.99 -75.51
N GLY HB 165 -81.44 48.77 -75.96
CA GLY HB 165 -81.94 48.51 -77.30
C GLY HB 165 -83.44 48.51 -77.34
N GLY HB 166 -84.00 47.75 -78.27
CA GLY HB 166 -85.43 47.70 -78.42
C GLY HB 166 -86.07 46.49 -77.77
N GLY HB 167 -86.71 46.69 -76.62
CA GLY HB 167 -87.36 45.58 -75.95
C GLY HB 167 -87.92 45.91 -74.59
N ARG HB 168 -87.99 44.90 -73.72
CA ARG HB 168 -88.62 45.03 -72.42
C ARG HB 168 -87.80 45.96 -71.52
N PRO HB 169 -88.46 46.66 -70.60
CA PRO HB 169 -87.73 47.40 -69.58
C PRO HB 169 -87.18 46.43 -68.52
N GLY HB 170 -86.36 46.98 -67.62
CA GLY HB 170 -85.72 46.21 -66.58
C GLY HB 170 -86.50 46.25 -65.28
N ARG HB 171 -85.77 45.98 -64.20
CA ARG HB 171 -86.41 45.80 -62.90
C ARG HB 171 -86.88 47.12 -62.31
N VAL HB 172 -85.98 48.10 -62.20
CA VAL HB 172 -86.32 49.34 -61.52
C VAL HB 172 -87.26 50.18 -62.38
N LYS HB 173 -87.11 50.10 -63.71
CA LYS HB 173 -88.01 50.82 -64.60
C LYS HB 173 -89.44 50.32 -64.47
N ARG HB 174 -89.61 48.99 -64.36
CA ARG HB 174 -90.94 48.45 -64.18
C ARG HB 174 -91.53 48.81 -62.83
N LYS HB 175 -90.74 48.69 -61.76
CA LYS HB 175 -91.25 48.96 -60.42
C LYS HB 175 -91.62 50.43 -60.27
N ASN HB 176 -90.84 51.32 -60.87
CA ASN HB 176 -91.19 52.74 -60.88
C ASN HB 176 -92.43 53.03 -61.70
N ALA HB 177 -92.89 52.08 -62.52
CA ALA HB 177 -94.14 52.26 -63.24
C ALA HB 177 -95.34 51.73 -62.45
N LYS HB 178 -95.22 50.54 -61.85
CA LYS HB 178 -96.35 49.96 -61.12
C LYS HB 178 -96.67 50.76 -59.87
N LYS HB 179 -95.65 51.10 -59.07
CA LYS HB 179 -95.85 51.99 -57.93
C LYS HB 179 -96.07 53.43 -58.36
N GLY HB 180 -95.82 53.75 -59.62
CA GLY HB 180 -96.18 55.05 -60.16
C GLY HB 180 -97.62 55.07 -60.63
N GLN HB 181 -98.09 53.93 -61.13
CA GLN HB 181 -99.48 53.82 -61.55
C GLN HB 181 -100.40 53.37 -60.43
N GLY HB 182 -99.89 52.59 -59.48
CA GLY HB 182 -100.68 52.18 -58.33
C GLY HB 182 -100.77 53.31 -57.32
N GLY HB 183 -99.81 54.23 -57.39
CA GLY HB 183 -99.87 55.48 -56.68
C GLY HB 183 -100.55 56.58 -57.43
N ALA HB 184 -101.12 56.28 -58.60
CA ALA HB 184 -101.88 57.24 -59.39
C ALA HB 184 -103.36 56.91 -59.50
N GLY HB 185 -103.70 55.63 -59.56
CA GLY HB 185 -105.08 55.20 -59.64
C GLY HB 185 -105.27 53.75 -59.25
N MET IB 1 -59.06 87.58 -6.06
CA MET IB 1 -58.65 88.97 -6.10
C MET IB 1 -59.68 89.88 -5.42
N LEU IB 2 -59.35 90.36 -4.22
CA LEU IB 2 -60.18 91.33 -3.51
C LEU IB 2 -59.33 92.54 -3.18
N MET IB 3 -59.23 93.44 -4.15
CA MET IB 3 -58.62 94.73 -3.98
C MET IB 3 -59.69 95.80 -3.91
N PRO IB 4 -59.40 96.95 -3.28
CA PRO IB 4 -60.37 98.05 -3.26
C PRO IB 4 -60.75 98.53 -4.64
N LYS IB 5 -62.06 98.66 -4.88
CA LYS IB 5 -62.59 98.99 -6.20
C LYS IB 5 -62.16 100.36 -6.71
N LYS IB 6 -61.72 101.25 -5.81
CA LYS IB 6 -61.25 102.56 -6.22
C LYS IB 6 -59.94 102.49 -7.00
N ASN IB 7 -59.19 101.41 -6.86
CA ASN IB 7 -57.86 101.35 -7.46
C ASN IB 7 -57.92 101.20 -8.97
N ARG IB 8 -58.62 100.16 -9.44
CA ARG IB 8 -58.66 99.86 -10.86
C ARG IB 8 -59.36 100.97 -11.65
N ILE IB 9 -60.21 101.73 -10.98
CA ILE IB 9 -60.84 102.87 -11.65
C ILE IB 9 -60.01 104.12 -11.45
N ALA IB 10 -58.83 103.99 -10.82
CA ALA IB 10 -57.88 105.08 -10.72
C ALA IB 10 -56.54 104.75 -11.36
N ILE IB 11 -56.33 103.50 -11.79
CA ILE IB 11 -55.16 103.15 -12.55
C ILE IB 11 -55.47 103.00 -14.04
N TYR IB 12 -56.72 102.73 -14.41
CA TYR IB 12 -57.06 102.62 -15.81
C TYR IB 12 -57.06 103.98 -16.50
N GLU IB 13 -57.36 105.04 -15.76
CA GLU IB 13 -57.37 106.37 -16.37
C GLU IB 13 -55.95 106.85 -16.66
N LEU IB 14 -54.99 106.48 -15.82
CA LEU IB 14 -53.60 106.65 -16.21
C LEU IB 14 -53.20 105.69 -17.32
N LEU IB 15 -53.79 104.50 -17.34
CA LEU IB 15 -53.69 103.62 -18.49
C LEU IB 15 -54.46 104.15 -19.69
N PHE IB 16 -55.39 105.08 -19.46
CA PHE IB 16 -56.14 105.72 -20.53
C PHE IB 16 -55.37 106.90 -21.12
N LYS IB 17 -54.98 107.86 -20.29
CA LYS IB 17 -54.30 109.05 -20.80
C LYS IB 17 -52.92 108.70 -21.33
N GLU IB 18 -52.28 107.67 -20.79
CA GLU IB 18 -50.98 107.20 -21.25
C GLU IB 18 -51.17 105.85 -21.90
N GLY IB 19 -50.75 105.74 -23.17
CA GLY IB 19 -50.98 104.51 -23.92
C GLY IB 19 -50.26 103.31 -23.34
N VAL IB 20 -49.08 103.53 -22.77
CA VAL IB 20 -48.30 102.47 -22.17
C VAL IB 20 -48.27 102.66 -20.66
N MET IB 21 -47.96 101.58 -19.94
CA MET IB 21 -47.71 101.67 -18.52
C MET IB 21 -46.70 100.61 -18.12
N VAL IB 22 -45.76 100.98 -17.27
CA VAL IB 22 -44.74 100.07 -16.78
C VAL IB 22 -44.93 99.86 -15.29
N ALA IB 23 -44.36 98.78 -14.78
CA ALA IB 23 -44.37 98.48 -13.36
C ALA IB 23 -43.24 97.51 -13.01
N LYS IB 24 -42.40 97.90 -12.06
CA LYS IB 24 -41.30 97.06 -11.61
C LYS IB 24 -41.81 95.76 -11.02
N LYS IB 25 -41.22 94.65 -11.46
CA LYS IB 25 -41.60 93.34 -10.94
C LYS IB 25 -41.01 93.17 -9.54
N ASP IB 26 -41.72 93.69 -8.53
CA ASP IB 26 -41.27 93.59 -7.14
C ASP IB 26 -42.54 93.67 -6.29
N VAL IB 27 -42.96 92.52 -5.75
CA VAL IB 27 -44.19 92.45 -4.98
C VAL IB 27 -44.08 93.27 -3.70
N HIS IB 28 -42.87 93.42 -3.16
CA HIS IB 28 -42.66 94.19 -1.95
C HIS IB 28 -42.45 95.67 -2.22
N MET IB 29 -43.36 96.29 -2.96
CA MET IB 29 -43.35 97.73 -3.20
C MET IB 29 -44.71 98.30 -2.84
N PRO IB 30 -44.81 99.10 -1.78
CA PRO IB 30 -46.11 99.69 -1.42
C PRO IB 30 -46.65 100.64 -2.47
N LYS IB 31 -45.84 101.57 -2.93
CA LYS IB 31 -46.27 102.61 -3.85
C LYS IB 31 -45.74 102.32 -5.27
N HIS IB 32 -45.95 103.27 -6.19
CA HIS IB 32 -45.41 103.25 -7.53
C HIS IB 32 -44.53 104.47 -7.75
N PRO IB 33 -43.40 104.32 -8.45
CA PRO IB 33 -42.52 105.47 -8.70
C PRO IB 33 -43.17 106.53 -9.55
N GLU IB 34 -44.12 106.16 -10.41
CA GLU IB 34 -44.97 107.11 -11.12
C GLU IB 34 -46.21 107.47 -10.30
N LEU IB 35 -47.02 106.47 -9.98
CA LEU IB 35 -48.23 106.68 -9.21
C LEU IB 35 -47.85 106.78 -7.72
N ALA IB 36 -47.26 107.92 -7.37
CA ALA IB 36 -46.81 108.14 -6.01
C ALA IB 36 -47.82 108.90 -5.16
N ASP IB 37 -48.80 109.55 -5.79
CA ASP IB 37 -49.78 110.31 -5.03
C ASP IB 37 -50.69 109.39 -4.21
N LYS IB 38 -51.15 108.30 -4.80
CA LYS IB 38 -52.09 107.40 -4.18
C LYS IB 38 -51.40 106.11 -3.76
N ASN IB 39 -51.86 105.54 -2.64
CA ASN IB 39 -51.20 104.44 -1.98
C ASN IB 39 -51.66 103.07 -2.48
N VAL IB 40 -51.94 102.93 -3.77
CA VAL IB 40 -52.31 101.64 -4.34
C VAL IB 40 -51.11 100.70 -4.29
N PRO IB 41 -51.29 99.45 -3.85
CA PRO IB 41 -50.16 98.50 -3.84
C PRO IB 41 -49.79 98.08 -5.26
N ASN IB 42 -48.49 97.83 -5.45
CA ASN IB 42 -48.00 97.36 -6.74
C ASN IB 42 -48.55 95.98 -7.06
N LEU IB 43 -48.61 95.11 -6.06
CA LEU IB 43 -49.09 93.74 -6.28
C LEU IB 43 -50.54 93.71 -6.70
N HIS IB 44 -51.29 94.78 -6.47
CA HIS IB 44 -52.57 94.94 -7.15
C HIS IB 44 -52.37 95.15 -8.63
N VAL IB 45 -51.56 96.14 -9.00
CA VAL IB 45 -51.32 96.47 -10.40
C VAL IB 45 -50.49 95.40 -11.10
N MET IB 46 -49.74 94.61 -10.34
CA MET IB 46 -49.12 93.41 -10.88
C MET IB 46 -50.17 92.47 -11.45
N LYS IB 47 -51.10 92.01 -10.61
CA LYS IB 47 -52.14 91.11 -11.04
C LYS IB 47 -53.40 91.83 -11.49
N ALA IB 48 -53.30 93.12 -11.83
CA ALA IB 48 -54.41 93.80 -12.48
C ALA IB 48 -54.32 93.74 -14.00
N MET IB 49 -53.11 93.67 -14.56
CA MET IB 49 -52.92 93.67 -15.99
C MET IB 49 -52.97 92.28 -16.60
N GLN IB 50 -52.61 91.25 -15.84
CA GLN IB 50 -52.74 89.87 -16.33
C GLN IB 50 -54.17 89.46 -16.54
N SER IB 51 -55.11 90.16 -15.88
CA SER IB 51 -56.51 90.04 -16.25
C SER IB 51 -56.77 90.55 -17.65
N LEU IB 52 -56.06 91.58 -18.10
CA LEU IB 52 -56.24 92.14 -19.43
C LEU IB 52 -55.36 91.47 -20.47
N LYS IB 53 -54.54 90.49 -20.09
CA LYS IB 53 -53.78 89.71 -21.05
C LYS IB 53 -54.57 88.49 -21.52
N SER IB 54 -55.14 87.74 -20.57
CA SER IB 54 -55.93 86.58 -20.93
C SER IB 54 -57.24 86.95 -21.60
N ARG IB 55 -57.65 88.21 -21.53
CA ARG IB 55 -58.73 88.74 -22.35
C ARG IB 55 -58.22 89.33 -23.66
N GLY IB 56 -57.03 89.93 -23.65
CA GLY IB 56 -56.40 90.39 -24.86
C GLY IB 56 -56.45 91.88 -25.06
N TYR IB 57 -56.49 92.65 -23.96
CA TYR IB 57 -56.60 94.09 -24.05
C TYR IB 57 -55.26 94.81 -24.08
N VAL IB 58 -54.18 94.18 -23.62
CA VAL IB 58 -52.87 94.82 -23.61
C VAL IB 58 -51.82 93.81 -24.02
N LYS IB 59 -50.69 94.30 -24.52
CA LYS IB 59 -49.60 93.45 -24.99
C LYS IB 59 -48.66 93.14 -23.82
N GLU IB 60 -47.47 92.63 -24.14
CA GLU IB 60 -46.53 92.17 -23.13
C GLU IB 60 -45.09 92.31 -23.62
N GLN IB 61 -44.21 92.70 -22.69
CA GLN IB 61 -42.77 92.67 -22.86
C GLN IB 61 -42.10 92.44 -21.52
N PHE IB 62 -40.76 92.43 -21.48
CA PHE IB 62 -40.01 92.33 -20.24
C PHE IB 62 -38.57 92.78 -20.44
N ALA IB 63 -38.15 93.84 -19.73
CA ALA IB 63 -36.77 94.32 -19.78
C ALA IB 63 -36.15 94.16 -18.40
N TRP IB 64 -35.72 92.94 -18.12
CA TRP IB 64 -34.88 92.49 -17.01
C TRP IB 64 -35.53 92.54 -15.63
N ARG IB 65 -36.43 93.50 -15.39
CA ARG IB 65 -37.10 93.63 -14.11
C ARG IB 65 -38.48 94.22 -14.28
N HIS IB 66 -38.86 94.53 -15.51
CA HIS IB 66 -39.94 95.47 -15.74
C HIS IB 66 -41.01 94.84 -16.61
N PHE IB 67 -42.21 95.37 -16.46
CA PHE IB 67 -43.35 94.97 -17.26
C PHE IB 67 -43.76 96.11 -18.17
N TYR IB 68 -44.33 95.76 -19.31
CA TYR IB 68 -44.76 96.72 -20.31
C TYR IB 68 -46.12 96.30 -20.82
N TRP IB 69 -47.03 97.27 -20.94
CA TRP IB 69 -48.41 97.00 -21.35
C TRP IB 69 -48.81 98.03 -22.41
N TYR IB 70 -48.88 97.58 -23.65
CA TYR IB 70 -49.28 98.44 -24.77
C TYR IB 70 -50.79 98.34 -24.91
N LEU IB 71 -51.47 99.47 -24.75
CA LEU IB 71 -52.93 99.47 -24.85
C LEU IB 71 -53.35 99.24 -26.28
N THR IB 72 -54.09 98.17 -26.52
CA THR IB 72 -54.58 97.84 -27.84
C THR IB 72 -55.94 98.49 -28.07
N ASN IB 73 -56.40 98.43 -29.32
CA ASN IB 73 -57.71 98.98 -29.65
C ASN IB 73 -58.85 98.17 -29.03
N GLU IB 74 -58.59 96.91 -28.67
CA GLU IB 74 -59.60 96.15 -27.93
C GLU IB 74 -59.80 96.71 -26.52
N GLY IB 75 -58.74 97.25 -25.93
CA GLY IB 75 -58.85 97.84 -24.62
C GLY IB 75 -59.49 99.22 -24.68
N ILE IB 76 -59.21 99.95 -25.77
CA ILE IB 76 -59.71 101.33 -25.89
C ILE IB 76 -61.24 101.34 -25.91
N GLN IB 77 -61.85 100.41 -26.64
CA GLN IB 77 -63.30 100.30 -26.58
C GLN IB 77 -63.78 99.72 -25.26
N TYR IB 78 -62.96 98.92 -24.58
CA TYR IB 78 -63.30 98.48 -23.23
C TYR IB 78 -63.11 99.58 -22.20
N LEU IB 79 -62.21 100.52 -22.47
CA LEU IB 79 -62.11 101.71 -21.65
C LEU IB 79 -63.32 102.63 -21.82
N ARG IB 80 -64.12 102.40 -22.87
CA ARG IB 80 -65.40 103.08 -22.96
C ARG IB 80 -66.48 102.30 -22.22
N ASP IB 81 -66.35 100.98 -22.17
CA ASP IB 81 -67.35 100.16 -21.50
C ASP IB 81 -67.09 99.98 -20.01
N TYR IB 82 -66.14 100.71 -19.44
CA TYR IB 82 -65.84 100.57 -18.03
C TYR IB 82 -65.73 101.91 -17.29
N LEU IB 83 -65.31 102.98 -17.96
CA LEU IB 83 -65.14 104.26 -17.30
C LEU IB 83 -66.23 105.27 -17.65
N HIS IB 84 -67.10 104.94 -18.60
CA HIS IB 84 -68.27 105.74 -18.98
C HIS IB 84 -67.86 107.17 -19.36
N LEU IB 85 -67.05 107.24 -20.40
CA LEU IB 85 -66.50 108.46 -20.96
C LEU IB 85 -66.92 108.56 -22.42
N PRO IB 86 -67.01 109.76 -22.97
CA PRO IB 86 -67.45 109.91 -24.37
C PRO IB 86 -66.45 109.29 -25.33
N PRO IB 87 -66.91 108.89 -26.53
CA PRO IB 87 -66.00 108.27 -27.50
C PRO IB 87 -65.12 109.28 -28.22
N GLU IB 88 -65.11 110.53 -27.75
CA GLU IB 88 -64.28 111.56 -28.37
C GLU IB 88 -62.82 111.40 -27.98
N ILE IB 89 -62.55 111.06 -26.74
CA ILE IB 89 -61.18 111.11 -26.22
C ILE IB 89 -60.42 109.85 -26.58
N VAL IB 90 -59.12 110.01 -26.79
CA VAL IB 90 -58.23 108.92 -27.20
C VAL IB 90 -57.00 108.95 -26.30
N PRO IB 91 -56.39 107.79 -26.07
CA PRO IB 91 -55.06 107.78 -25.44
C PRO IB 91 -54.05 108.63 -26.19
N ALA IB 92 -53.29 109.42 -25.44
CA ALA IB 92 -52.51 110.53 -25.97
C ALA IB 92 -51.33 110.08 -26.84
N THR IB 93 -51.03 108.79 -26.85
CA THR IB 93 -50.04 108.27 -27.79
C THR IB 93 -50.57 108.20 -29.22
N LEU IB 94 -51.89 108.26 -29.39
CA LEU IB 94 -52.51 108.39 -30.70
C LEU IB 94 -52.76 109.84 -31.05
N ARG IB 95 -52.14 110.77 -30.33
CA ARG IB 95 -52.26 112.20 -30.56
C ARG IB 95 -50.85 112.74 -30.84
N ARG IB 96 -50.63 113.17 -32.07
CA ARG IB 96 -49.32 113.66 -32.49
C ARG IB 96 -49.28 115.19 -32.47
N ASP JB 1 -7.19 -39.39 -84.76
CA ASP JB 1 -7.79 -38.38 -85.62
C ASP JB 1 -9.09 -37.89 -85.00
N ILE JB 2 -10.17 -38.60 -85.27
CA ILE JB 2 -11.50 -38.24 -84.81
C ILE JB 2 -11.93 -39.38 -83.89
N GLN JB 3 -13.17 -39.32 -83.40
CA GLN JB 3 -13.74 -40.32 -82.51
C GLN JB 3 -12.88 -40.50 -81.27
N THR JB 4 -12.77 -39.43 -80.48
CA THR JB 4 -12.10 -39.47 -79.20
C THR JB 4 -13.04 -39.56 -78.01
N GLU JB 5 -14.24 -39.00 -78.11
CA GLU JB 5 -15.19 -39.08 -77.02
C GLU JB 5 -15.94 -40.41 -77.06
N ARG JB 6 -16.90 -40.56 -76.15
CA ARG JB 6 -17.59 -41.83 -75.95
C ARG JB 6 -18.35 -42.28 -77.18
N ALA JB 7 -19.37 -41.53 -77.57
CA ALA JB 7 -20.21 -41.96 -78.68
C ALA JB 7 -19.50 -41.75 -80.01
N TYR JB 8 -19.81 -42.63 -80.96
CA TYR JB 8 -19.32 -42.49 -82.33
C TYR JB 8 -19.92 -41.23 -82.92
N GLN JB 9 -19.07 -40.26 -83.24
CA GLN JB 9 -19.53 -38.99 -83.78
C GLN JB 9 -19.47 -39.03 -85.31
N LYS JB 10 -20.54 -38.54 -85.93
CA LYS JB 10 -20.67 -38.57 -87.37
C LYS JB 10 -21.62 -37.45 -87.77
N GLN JB 11 -21.79 -37.26 -89.07
CA GLN JB 11 -22.68 -36.23 -89.56
C GLN JB 11 -24.03 -36.86 -89.84
N PRO JB 12 -25.12 -36.39 -89.23
CA PRO JB 12 -26.38 -37.12 -89.34
C PRO JB 12 -27.14 -36.85 -90.63
N THR JB 13 -26.43 -36.81 -91.76
CA THR JB 13 -27.09 -36.72 -93.06
C THR JB 13 -26.50 -37.74 -94.01
N ILE JB 14 -25.20 -37.97 -93.92
CA ILE JB 14 -24.50 -38.81 -94.87
C ILE JB 14 -24.60 -40.26 -94.42
N PHE JB 15 -24.96 -41.13 -95.35
CA PHE JB 15 -25.14 -42.55 -95.06
C PHE JB 15 -23.86 -43.28 -95.45
N GLN JB 16 -23.00 -43.52 -94.48
CA GLN JB 16 -21.68 -44.06 -94.74
C GLN JB 16 -21.66 -45.57 -94.89
N ASN JB 17 -22.83 -46.21 -94.87
CA ASN JB 17 -22.93 -47.66 -94.93
C ASN JB 17 -23.67 -48.12 -96.16
N LYS JB 18 -23.48 -47.44 -97.28
CA LYS JB 18 -24.04 -47.91 -98.53
C LYS JB 18 -23.26 -49.13 -98.96
N LYS JB 19 -23.93 -50.04 -99.66
CA LYS JB 19 -23.31 -51.29 -100.08
C LYS JB 19 -22.10 -51.03 -100.98
N ARG JB 20 -21.06 -51.84 -100.80
CA ARG JB 20 -19.84 -51.72 -101.57
C ARG JB 20 -19.85 -52.73 -102.71
N VAL JB 21 -19.32 -52.31 -103.87
CA VAL JB 21 -19.28 -53.04 -105.14
C VAL JB 21 -20.51 -53.90 -105.41
N LYS JB 30 -14.01 -43.34 -100.00
CA LYS JB 30 -14.02 -41.99 -99.44
C LYS JB 30 -15.42 -41.63 -98.96
N LEU JB 31 -15.50 -41.04 -97.77
CA LEU JB 31 -16.81 -40.65 -97.26
C LEU JB 31 -17.29 -39.40 -97.98
N PRO JB 32 -18.57 -39.32 -98.32
CA PRO JB 32 -19.08 -38.09 -98.92
C PRO JB 32 -19.21 -36.99 -97.88
N ARG JB 33 -18.43 -35.92 -98.03
CA ARG JB 33 -18.47 -34.84 -97.06
C ARG JB 33 -19.73 -34.01 -97.21
N TYR JB 34 -20.37 -33.72 -96.09
CA TYR JB 34 -21.52 -32.83 -96.08
C TYR JB 34 -21.04 -31.40 -95.88
N TYR JB 35 -21.63 -30.48 -96.63
CA TYR JB 35 -21.32 -29.06 -96.51
C TYR JB 35 -22.43 -28.28 -97.17
N LYS JB 36 -22.63 -27.05 -96.72
CA LYS JB 36 -23.72 -26.25 -97.21
C LYS JB 36 -23.27 -24.81 -97.42
N ASN JB 37 -24.00 -24.11 -98.28
CA ASN JB 37 -23.77 -22.69 -98.52
C ASN JB 37 -24.42 -21.92 -97.40
N ILE JB 38 -23.60 -21.23 -96.60
CA ILE JB 38 -24.10 -20.58 -95.39
C ILE JB 38 -24.98 -19.39 -95.72
N GLY JB 39 -24.71 -18.72 -96.83
CA GLY JB 39 -25.51 -17.57 -97.23
C GLY JB 39 -24.86 -16.27 -96.82
N LEU JB 40 -25.52 -15.18 -97.23
CA LEU JB 40 -25.08 -13.81 -96.98
C LEU JB 40 -23.69 -13.54 -97.53
N GLY JB 41 -23.31 -14.23 -98.60
CA GLY JB 41 -22.05 -13.99 -99.27
C GLY JB 41 -20.83 -14.34 -98.45
N PHE JB 42 -20.80 -15.54 -97.88
CA PHE JB 42 -19.65 -16.03 -97.12
C PHE JB 42 -19.19 -17.33 -97.76
N LYS JB 43 -18.04 -17.28 -98.41
CA LYS JB 43 -17.48 -18.47 -99.04
C LYS JB 43 -17.07 -19.48 -97.97
N THR JB 44 -17.56 -20.70 -98.11
CA THR JB 44 -17.17 -21.75 -97.19
C THR JB 44 -15.67 -22.02 -97.36
N PRO JB 45 -14.94 -22.22 -96.26
CA PRO JB 45 -13.49 -22.41 -96.38
C PRO JB 45 -13.15 -23.75 -97.00
N LYS JB 46 -11.94 -23.83 -97.55
CA LYS JB 46 -11.49 -25.06 -98.19
C LYS JB 46 -11.36 -26.19 -97.18
N GLU JB 47 -10.98 -25.86 -95.95
CA GLU JB 47 -10.83 -26.89 -94.92
C GLU JB 47 -12.18 -27.41 -94.45
N ALA JB 48 -13.25 -26.68 -94.69
CA ALA JB 48 -14.58 -27.18 -94.35
C ALA JB 48 -15.14 -28.12 -95.41
N ILE JB 49 -14.33 -28.50 -96.40
CA ILE JB 49 -14.73 -29.42 -97.44
C ILE JB 49 -13.81 -30.63 -97.49
N GLU JB 50 -12.50 -30.39 -97.53
CA GLU JB 50 -11.55 -31.49 -97.47
C GLU JB 50 -11.20 -31.88 -96.04
N GLY JB 51 -11.82 -31.23 -95.06
CA GLY JB 51 -11.51 -31.52 -93.67
C GLY JB 51 -12.36 -32.63 -93.11
N THR JB 52 -11.70 -33.66 -92.56
CA THR JB 52 -12.38 -34.83 -92.05
C THR JB 52 -12.94 -34.61 -90.65
N TYR JB 53 -12.76 -33.41 -90.09
CA TYR JB 53 -13.20 -33.14 -88.73
C TYR JB 53 -14.73 -33.18 -88.65
N ILE JB 54 -15.23 -33.34 -87.42
CA ILE JB 54 -16.66 -33.47 -87.19
C ILE JB 54 -17.04 -32.55 -86.04
N ASP JB 55 -17.99 -31.66 -86.28
CA ASP JB 55 -18.50 -30.74 -85.28
C ASP JB 55 -19.96 -30.48 -85.57
N LYS JB 56 -20.78 -30.50 -84.54
CA LYS JB 56 -22.20 -30.30 -84.74
C LYS JB 56 -22.59 -28.83 -84.82
N LYS JB 57 -21.85 -27.97 -84.15
CA LYS JB 57 -22.17 -26.55 -84.09
C LYS JB 57 -21.44 -25.73 -85.14
N CYS JB 58 -20.69 -26.39 -86.02
CA CYS JB 58 -20.00 -25.68 -87.09
C CYS JB 58 -21.03 -25.02 -88.01
N PRO JB 59 -20.78 -23.78 -88.44
CA PRO JB 59 -21.76 -23.09 -89.28
C PRO JB 59 -21.88 -23.66 -90.67
N PHE JB 60 -20.88 -24.38 -91.16
CA PHE JB 60 -20.90 -24.92 -92.51
C PHE JB 60 -21.22 -26.42 -92.50
N THR JB 61 -20.47 -27.20 -91.74
CA THR JB 61 -20.64 -28.64 -91.71
C THR JB 61 -21.70 -29.08 -90.71
N GLY JB 62 -22.23 -28.17 -89.89
CA GLY JB 62 -23.21 -28.52 -88.89
C GLY JB 62 -24.62 -28.13 -89.31
N ASN JB 63 -25.50 -28.07 -88.32
CA ASN JB 63 -26.92 -27.84 -88.58
C ASN JB 63 -27.43 -26.56 -87.94
N VAL JB 64 -26.62 -25.52 -87.90
CA VAL JB 64 -27.05 -24.21 -87.40
C VAL JB 64 -27.30 -23.30 -88.59
N SER JB 65 -28.19 -22.35 -88.42
CA SER JB 65 -28.54 -21.39 -89.46
C SER JB 65 -28.11 -20.01 -89.01
N ILE JB 66 -27.11 -19.44 -89.68
CA ILE JB 66 -26.66 -18.09 -89.37
C ILE JB 66 -27.69 -17.10 -89.86
N ARG JB 67 -28.21 -16.29 -88.94
CA ARG JB 67 -29.27 -15.34 -89.25
C ARG JB 67 -29.10 -14.12 -88.36
N GLY JB 68 -30.14 -13.29 -88.28
CA GLY JB 68 -30.14 -12.17 -87.35
C GLY JB 68 -29.10 -11.12 -87.64
N ARG JB 69 -28.20 -10.89 -86.69
CA ARG JB 69 -27.18 -9.85 -86.81
C ARG JB 69 -25.86 -10.46 -87.24
N ILE JB 70 -25.02 -9.64 -87.88
CA ILE JB 70 -23.66 -10.02 -88.23
C ILE JB 70 -22.75 -8.97 -87.63
N LEU JB 71 -22.01 -9.35 -86.60
CA LEU JB 71 -21.13 -8.45 -85.89
C LEU JB 71 -19.68 -8.75 -86.25
N SER JB 72 -18.77 -8.06 -85.57
CA SER JB 72 -17.34 -8.29 -85.78
C SER JB 72 -16.61 -7.98 -84.48
N GLY JB 73 -15.40 -8.49 -84.38
CA GLY JB 73 -14.61 -8.27 -83.18
C GLY JB 73 -13.16 -8.69 -83.33
N VAL JB 74 -12.46 -8.79 -82.21
CA VAL JB 74 -11.05 -9.19 -82.20
C VAL JB 74 -10.86 -10.24 -81.13
N VAL JB 75 -10.19 -11.34 -81.49
CA VAL JB 75 -10.05 -12.49 -80.60
C VAL JB 75 -9.03 -12.19 -79.51
N THR JB 76 -9.39 -12.52 -78.27
CA THR JB 76 -8.49 -12.30 -77.14
C THR JB 76 -8.07 -13.61 -76.51
N LYS JB 77 -9.03 -14.43 -76.10
CA LYS JB 77 -8.73 -15.70 -75.45
C LYS JB 77 -9.16 -16.85 -76.34
N MET JB 78 -8.40 -17.94 -76.28
CA MET JB 78 -8.68 -19.10 -77.10
C MET JB 78 -8.60 -20.41 -76.34
N LYS JB 79 -8.53 -20.40 -75.01
CA LYS JB 79 -8.21 -21.61 -74.26
C LYS JB 79 -9.38 -22.57 -74.18
N MET JB 80 -10.61 -22.09 -74.34
CA MET JB 80 -11.76 -22.98 -74.25
C MET JB 80 -11.81 -23.92 -75.44
N GLN JB 81 -12.38 -25.11 -75.22
CA GLN JB 81 -12.52 -26.09 -76.29
C GLN JB 81 -13.53 -25.59 -77.31
N ARG JB 82 -13.06 -25.38 -78.53
CA ARG JB 82 -13.88 -25.13 -79.71
C ARG JB 82 -14.57 -23.78 -79.66
N THR JB 83 -14.44 -23.05 -78.56
CA THR JB 83 -15.01 -21.72 -78.42
C THR JB 83 -13.92 -20.75 -78.00
N ILE JB 84 -14.06 -19.51 -78.43
CA ILE JB 84 -13.10 -18.46 -78.16
C ILE JB 84 -13.86 -17.25 -77.62
N VAL JB 85 -13.10 -16.26 -77.18
CA VAL JB 85 -13.67 -15.03 -76.63
C VAL JB 85 -13.13 -13.85 -77.42
N ILE JB 86 -14.03 -13.02 -77.91
CA ILE JB 86 -13.67 -11.84 -78.69
C ILE JB 86 -13.91 -10.61 -77.83
N ARG JB 87 -13.42 -9.47 -78.32
CA ARG JB 87 -13.60 -8.19 -77.64
C ARG JB 87 -14.14 -7.20 -78.66
N ARG JB 88 -15.20 -6.50 -78.28
CA ARG JB 88 -15.78 -5.47 -79.14
C ARG JB 88 -15.64 -4.13 -78.45
N ASP JB 89 -14.75 -3.30 -78.94
CA ASP JB 89 -14.62 -1.94 -78.43
C ASP JB 89 -15.62 -1.05 -79.13
N TYR JB 90 -16.16 -0.09 -78.39
CA TYR JB 90 -17.11 0.87 -78.94
C TYR JB 90 -17.12 2.09 -78.05
N LEU JB 91 -17.87 3.10 -78.47
CA LEU JB 91 -17.91 4.38 -77.76
C LEU JB 91 -19.34 4.72 -77.40
N HIS JB 92 -19.54 5.11 -76.14
CA HIS JB 92 -20.85 5.52 -75.66
C HIS JB 92 -20.88 7.03 -75.57
N TYR JB 93 -21.80 7.65 -76.32
CA TYR JB 93 -21.93 9.10 -76.30
C TYR JB 93 -22.73 9.53 -75.09
N ILE JB 94 -22.26 10.58 -74.42
CA ILE JB 94 -22.96 11.15 -73.27
C ILE JB 94 -23.46 12.54 -73.66
N ARG JB 95 -24.72 12.82 -73.34
CA ARG JB 95 -25.35 14.05 -73.80
C ARG JB 95 -24.78 15.27 -73.09
N LYS JB 96 -24.64 15.18 -71.77
CA LYS JB 96 -24.24 16.31 -70.94
C LYS JB 96 -22.83 16.78 -71.31
N TYR JB 97 -21.83 15.97 -71.00
CA TYR JB 97 -20.48 16.21 -71.49
C TYR JB 97 -20.45 15.67 -72.91
N ASN JB 98 -20.42 16.55 -73.91
CA ASN JB 98 -20.56 16.06 -75.27
C ASN JB 98 -19.31 15.35 -75.75
N ARG JB 99 -18.93 14.27 -75.07
CA ARG JB 99 -17.76 13.49 -75.43
C ARG JB 99 -18.20 12.02 -75.43
N PHE JB 100 -17.24 11.12 -75.57
CA PHE JB 100 -17.51 9.69 -75.57
C PHE JB 100 -16.70 9.04 -74.47
N GLU JB 101 -16.76 7.72 -74.42
CA GLU JB 101 -15.93 6.93 -73.52
C GLU JB 101 -15.81 5.52 -74.09
N LYS JB 102 -14.64 4.91 -73.94
CA LYS JB 102 -14.47 3.53 -74.36
C LYS JB 102 -15.22 2.63 -73.39
N ARG JB 103 -16.17 1.86 -73.93
CA ARG JB 103 -16.70 0.70 -73.26
C ARG JB 103 -16.26 -0.51 -74.06
N HIS JB 104 -16.52 -1.70 -73.53
CA HIS JB 104 -16.26 -2.91 -74.29
C HIS JB 104 -17.14 -4.02 -73.76
N LYS JB 105 -17.52 -4.92 -74.66
CA LYS JB 105 -18.35 -6.07 -74.35
C LYS JB 105 -17.67 -7.28 -74.96
N ASN JB 106 -17.02 -8.08 -74.13
CA ASN JB 106 -16.43 -9.31 -74.61
C ASN JB 106 -17.48 -10.40 -74.61
N MET JB 107 -17.57 -11.14 -75.71
CA MET JB 107 -18.53 -12.22 -75.82
C MET JB 107 -17.81 -13.51 -76.22
N SER JB 108 -18.44 -14.63 -75.89
CA SER JB 108 -17.90 -15.95 -76.19
C SER JB 108 -18.58 -16.49 -77.44
N VAL JB 109 -17.79 -16.75 -78.48
CA VAL JB 109 -18.33 -17.24 -79.74
C VAL JB 109 -17.71 -18.60 -80.02
N HIS JB 110 -18.42 -19.40 -80.80
CA HIS JB 110 -17.97 -20.74 -81.15
C HIS JB 110 -17.00 -20.68 -82.32
N LEU JB 111 -15.87 -21.35 -82.18
CA LEU JB 111 -14.83 -21.35 -83.19
C LEU JB 111 -14.89 -22.66 -83.95
N SER JB 112 -15.29 -22.61 -85.20
CA SER JB 112 -15.32 -23.81 -86.02
C SER JB 112 -13.88 -24.24 -86.32
N PRO JB 113 -13.55 -25.51 -86.17
CA PRO JB 113 -12.15 -25.93 -86.35
C PRO JB 113 -11.65 -25.93 -87.78
N CYS JB 114 -12.45 -25.44 -88.73
CA CYS JB 114 -11.98 -25.25 -90.09
C CYS JB 114 -11.03 -24.08 -90.22
N PHE JB 115 -11.04 -23.15 -89.28
CA PHE JB 115 -10.12 -22.03 -89.26
C PHE JB 115 -8.89 -22.38 -88.43
N ARG JB 116 -8.02 -23.18 -89.05
CA ARG JB 116 -6.90 -23.84 -88.39
C ARG JB 116 -5.95 -22.86 -87.71
N ASP JB 117 -5.33 -21.98 -88.47
CA ASP JB 117 -4.40 -21.00 -87.93
C ASP JB 117 -5.22 -19.78 -87.50
N VAL JB 118 -5.41 -19.63 -86.20
CA VAL JB 118 -6.04 -18.42 -85.65
C VAL JB 118 -5.23 -17.98 -84.44
N GLN JB 119 -4.69 -16.77 -84.50
CA GLN JB 119 -3.89 -16.24 -83.42
C GLN JB 119 -4.72 -15.28 -82.58
N ILE JB 120 -4.14 -14.80 -81.49
CA ILE JB 120 -4.78 -13.78 -80.66
C ILE JB 120 -4.54 -12.43 -81.29
N GLY JB 121 -5.61 -11.71 -81.55
CA GLY JB 121 -5.53 -10.41 -82.19
C GLY JB 121 -6.11 -10.37 -83.58
N ASP JB 122 -6.46 -11.51 -84.15
CA ASP JB 122 -7.09 -11.53 -85.46
C ASP JB 122 -8.49 -10.93 -85.38
N ILE JB 123 -8.94 -10.36 -86.48
CA ILE JB 123 -10.27 -9.78 -86.55
C ILE JB 123 -11.22 -10.81 -87.15
N VAL JB 124 -12.35 -11.05 -86.48
CA VAL JB 124 -13.34 -11.99 -86.97
C VAL JB 124 -14.64 -11.26 -87.21
N THR JB 125 -15.56 -11.95 -87.88
CA THR JB 125 -16.90 -11.45 -88.17
C THR JB 125 -17.88 -12.53 -87.76
N VAL JB 126 -18.37 -12.45 -86.53
CA VAL JB 126 -19.24 -13.49 -86.00
C VAL JB 126 -20.63 -13.36 -86.60
N GLY JB 127 -21.43 -14.41 -86.43
CA GLY JB 127 -22.78 -14.39 -86.94
C GLY JB 127 -23.76 -14.92 -85.92
N GLU JB 128 -24.92 -14.27 -85.81
CA GLU JB 128 -25.91 -14.69 -84.85
C GLU JB 128 -26.50 -16.03 -85.25
N CYS JB 129 -26.88 -16.81 -84.24
CA CYS JB 129 -27.46 -18.12 -84.43
C CYS JB 129 -28.26 -18.43 -83.17
N ARG JB 130 -28.92 -19.59 -83.17
CA ARG JB 130 -29.65 -20.00 -81.99
C ARG JB 130 -28.67 -20.23 -80.85
N PRO JB 131 -29.09 -20.05 -79.61
CA PRO JB 131 -28.16 -20.20 -78.48
C PRO JB 131 -27.52 -21.57 -78.38
N LEU JB 132 -26.20 -21.61 -78.58
CA LEU JB 132 -25.45 -22.86 -78.55
C LEU JB 132 -25.20 -23.33 -77.13
N SER JB 133 -24.95 -22.42 -76.22
CA SER JB 133 -24.69 -22.77 -74.84
C SER JB 133 -25.34 -21.75 -73.91
N LYS JB 134 -24.93 -21.72 -72.66
CA LYS JB 134 -25.45 -20.73 -71.73
C LYS JB 134 -25.05 -19.32 -72.12
N THR JB 135 -23.84 -19.14 -72.64
CA THR JB 135 -23.36 -17.82 -72.99
C THR JB 135 -23.00 -17.65 -74.46
N VAL JB 136 -22.88 -18.73 -75.23
CA VAL JB 136 -22.55 -18.65 -76.64
C VAL JB 136 -23.84 -18.41 -77.41
N ARG JB 137 -23.86 -17.35 -78.22
CA ARG JB 137 -25.00 -17.07 -79.08
C ARG JB 137 -24.56 -16.71 -80.49
N PHE JB 138 -23.28 -16.77 -80.78
CA PHE JB 138 -22.75 -16.33 -82.06
C PHE JB 138 -21.78 -17.38 -82.59
N ASN JB 139 -21.45 -17.24 -83.86
CA ASN JB 139 -20.60 -18.22 -84.52
C ASN JB 139 -19.70 -17.50 -85.50
N VAL JB 140 -18.41 -17.82 -85.46
CA VAL JB 140 -17.45 -17.14 -86.31
C VAL JB 140 -17.65 -17.57 -87.75
N LEU JB 141 -17.60 -16.59 -88.66
CA LEU JB 141 -17.85 -16.84 -90.07
C LEU JB 141 -16.56 -16.78 -90.88
N LYS JB 142 -15.77 -15.73 -90.72
CA LYS JB 142 -14.48 -15.67 -91.38
C LYS JB 142 -13.51 -14.97 -90.45
N VAL JB 143 -12.22 -15.13 -90.75
CA VAL JB 143 -11.15 -14.54 -89.96
C VAL JB 143 -10.20 -13.84 -90.92
N THR JB 144 -9.56 -12.78 -90.45
CA THR JB 144 -8.43 -12.17 -91.16
C THR JB 144 -7.26 -12.04 -90.21
N LYS JB 145 -6.06 -12.30 -90.73
CA LYS JB 145 -4.84 -12.32 -89.93
C LYS JB 145 -4.55 -10.96 -89.30
N ALA JB 146 -3.68 -10.94 -88.30
CA ALA JB 146 -3.26 -9.69 -87.71
C ALA JB 146 -2.36 -8.92 -88.65
N ALA JB 147 -2.15 -7.64 -88.34
CA ALA JB 147 -1.28 -6.80 -89.15
C ALA JB 147 0.14 -7.30 -89.09
N GLY JB 148 0.80 -7.35 -90.26
CA GLY JB 148 2.10 -7.97 -90.36
C GLY JB 148 1.99 -9.48 -90.38
N THR JB 149 2.73 -10.13 -89.49
CA THR JB 149 2.76 -11.59 -89.33
C THR JB 149 2.97 -12.32 -90.65
N LYS JB 150 4.14 -12.12 -91.27
CA LYS JB 150 4.51 -12.85 -92.47
C LYS JB 150 5.58 -13.91 -92.20
N LYS JB 151 6.33 -13.80 -91.11
CA LYS JB 151 7.28 -14.83 -90.74
C LYS JB 151 6.56 -16.01 -90.08
N VAL KB 1 -93.50 109.35 -14.59
CA VAL KB 1 -92.06 109.59 -14.55
C VAL KB 1 -91.30 108.27 -14.61
N ASN KB 2 -91.83 107.32 -15.39
CA ASN KB 2 -91.26 105.99 -15.47
C ASN KB 2 -90.20 105.86 -16.55
N THR KB 3 -90.23 106.70 -17.58
CA THR KB 3 -89.19 106.71 -18.61
C THR KB 3 -88.07 107.71 -18.32
N ALA KB 4 -88.30 108.67 -17.41
CA ALA KB 4 -87.28 109.65 -17.05
C ALA KB 4 -86.41 109.21 -15.88
N LEU KB 5 -86.67 108.03 -15.31
CA LEU KB 5 -85.83 107.53 -14.22
C LEU KB 5 -84.65 106.71 -14.71
N GLN KB 6 -84.77 106.05 -15.87
CA GLN KB 6 -83.63 105.32 -16.41
C GLN KB 6 -82.51 106.26 -16.84
N GLU KB 7 -82.85 107.50 -17.17
CA GLU KB 7 -81.87 108.51 -17.59
C GLU KB 7 -81.21 109.23 -16.42
N VAL KB 8 -81.48 108.84 -15.17
CA VAL KB 8 -80.77 109.42 -14.04
C VAL KB 8 -80.13 108.32 -13.21
N LEU KB 9 -80.67 107.10 -13.29
CA LEU KB 9 -80.07 105.97 -12.59
C LEU KB 9 -78.85 105.44 -13.33
N LYS KB 10 -78.89 105.43 -14.68
CA LYS KB 10 -77.77 104.89 -15.44
C LYS KB 10 -76.56 105.80 -15.40
N THR KB 11 -76.79 107.12 -15.41
CA THR KB 11 -75.66 108.04 -15.27
C THR KB 11 -75.08 108.05 -13.86
N ALA KB 12 -75.74 107.40 -12.90
CA ALA KB 12 -75.12 107.18 -11.60
C ALA KB 12 -73.98 106.18 -11.68
N LEU KB 13 -73.99 105.29 -12.67
CA LEU KB 13 -72.86 104.43 -12.95
C LEU KB 13 -71.70 105.20 -13.56
N ILE KB 14 -71.93 106.39 -14.09
CA ILE KB 14 -70.84 107.17 -14.67
C ILE KB 14 -69.96 107.75 -13.57
N HIS KB 15 -70.57 108.42 -12.59
CA HIS KB 15 -69.81 109.07 -11.53
C HIS KB 15 -69.82 108.29 -10.21
N ASP KB 16 -70.39 107.07 -10.20
CA ASP KB 16 -70.39 106.16 -9.06
C ASP KB 16 -71.05 106.81 -7.84
N GLY KB 17 -72.35 107.06 -7.99
CA GLY KB 17 -73.10 107.79 -6.98
C GLY KB 17 -74.13 106.97 -6.23
N LEU KB 18 -74.70 105.95 -6.85
CA LEU KB 18 -75.75 105.20 -6.19
C LEU KB 18 -75.17 104.28 -5.12
N ALA KB 19 -76.03 103.90 -4.17
CA ALA KB 19 -75.70 102.89 -3.17
C ALA KB 19 -76.81 101.82 -3.17
N ARG KB 20 -76.65 100.84 -4.07
CA ARG KB 20 -77.59 99.73 -4.17
C ARG KB 20 -77.17 98.64 -3.19
N GLY KB 21 -77.87 98.52 -2.08
CA GLY KB 21 -77.54 97.54 -1.08
C GLY KB 21 -78.29 97.77 0.21
N ILE KB 22 -78.58 96.67 0.90
CA ILE KB 22 -79.37 96.77 2.13
C ILE KB 22 -78.55 97.36 3.27
N ARG KB 23 -77.24 97.10 3.29
CA ARG KB 23 -76.36 97.79 4.22
C ARG KB 23 -76.08 99.21 3.75
N GLU KB 24 -76.08 99.44 2.44
CA GLU KB 24 -75.86 100.77 1.89
C GLU KB 24 -77.15 101.57 1.76
N ALA KB 25 -78.18 101.24 2.55
CA ALA KB 25 -79.40 102.02 2.61
C ALA KB 25 -79.59 102.73 3.95
N ALA KB 26 -79.14 102.11 5.04
CA ALA KB 26 -79.20 102.73 6.36
C ALA KB 26 -78.04 103.66 6.62
N LYS KB 27 -77.10 103.79 5.67
CA LYS KB 27 -75.98 104.71 5.78
C LYS KB 27 -76.17 105.98 4.97
N ALA KB 28 -76.78 105.90 3.80
CA ALA KB 28 -77.00 107.09 2.99
C ALA KB 28 -78.27 107.84 3.39
N LEU KB 29 -79.12 107.25 4.23
CA LEU KB 29 -80.29 107.92 4.76
C LEU KB 29 -80.03 108.56 6.12
N ASP KB 30 -78.80 108.46 6.63
CA ASP KB 30 -78.45 109.06 7.91
C ASP KB 30 -77.38 110.14 7.79
N LYS KB 31 -76.50 110.05 6.79
CA LYS KB 31 -75.48 111.05 6.54
C LYS KB 31 -75.93 112.14 5.58
N ARG KB 32 -77.25 112.33 5.43
CA ARG KB 32 -77.90 113.37 4.61
C ARG KB 32 -77.30 113.49 3.20
N GLN KB 33 -76.95 112.34 2.63
CA GLN KB 33 -76.41 112.26 1.27
C GLN KB 33 -77.35 111.48 0.37
N ALA KB 34 -78.65 111.53 0.64
CA ALA KB 34 -79.65 110.80 -0.11
C ALA KB 34 -80.42 111.77 -1.00
N HIS KB 35 -80.63 111.38 -2.26
CA HIS KB 35 -81.40 112.18 -3.20
C HIS KB 35 -82.65 111.45 -3.68
N LEU KB 36 -82.53 110.24 -4.20
CA LEU KB 36 -83.67 109.48 -4.69
C LEU KB 36 -83.47 107.99 -4.41
N CYS KB 37 -84.57 107.31 -4.11
CA CYS KB 37 -84.54 105.87 -3.85
C CYS KB 37 -85.77 105.21 -4.44
N VAL KB 38 -85.57 104.09 -5.11
CA VAL KB 38 -86.65 103.30 -5.70
C VAL KB 38 -86.99 102.16 -4.75
N LEU KB 39 -88.27 101.78 -4.71
CA LEU KB 39 -88.76 100.85 -3.70
C LEU KB 39 -89.78 99.90 -4.32
N ALA KB 40 -89.64 98.62 -4.00
CA ALA KB 40 -90.53 97.58 -4.49
C ALA KB 40 -91.36 97.00 -3.34
N SER KB 41 -92.50 96.43 -3.71
CA SER KB 41 -93.43 95.79 -2.78
C SER KB 41 -94.08 94.63 -3.50
N ASN KB 42 -95.26 94.23 -3.02
CA ASN KB 42 -96.05 93.09 -3.49
C ASN KB 42 -95.18 91.84 -3.69
N CYS KB 43 -94.48 91.49 -2.62
CA CYS KB 43 -93.58 90.33 -2.62
C CYS KB 43 -93.67 89.62 -1.27
N ASP KB 44 -92.64 88.87 -0.91
CA ASP KB 44 -92.58 88.18 0.38
C ASP KB 44 -91.99 89.03 1.49
N GLU KB 45 -92.07 90.35 1.38
CA GLU KB 45 -91.49 91.25 2.37
C GLU KB 45 -92.56 92.09 3.06
N PRO KB 46 -93.26 91.54 4.07
CA PRO KB 46 -94.29 92.33 4.75
C PRO KB 46 -93.73 93.50 5.56
N MET KB 47 -92.78 93.21 6.45
CA MET KB 47 -92.29 94.19 7.40
C MET KB 47 -90.98 94.83 6.96
N TYR KB 48 -90.35 94.28 5.91
CA TYR KB 48 -89.17 94.91 5.33
C TYR KB 48 -89.52 96.23 4.67
N VAL KB 49 -90.64 96.26 3.94
CA VAL KB 49 -91.09 97.50 3.33
C VAL KB 49 -91.73 98.45 4.32
N LYS KB 50 -92.08 97.97 5.51
CA LYS KB 50 -92.62 98.85 6.54
C LYS KB 50 -91.51 99.48 7.36
N LEU KB 51 -90.42 98.74 7.58
CA LEU KB 51 -89.25 99.31 8.24
C LEU KB 51 -88.61 100.42 7.43
N VAL KB 52 -88.45 100.20 6.12
CA VAL KB 52 -87.79 101.21 5.29
C VAL KB 52 -88.72 102.37 4.98
N GLU KB 53 -90.04 102.19 5.12
CA GLU KB 53 -90.94 103.33 4.98
C GLU KB 53 -91.01 104.18 6.24
N ALA KB 54 -90.51 103.68 7.37
CA ALA KB 54 -90.26 104.49 8.54
C ALA KB 54 -88.96 105.27 8.44
N LEU KB 55 -88.26 105.11 7.32
CA LEU KB 55 -87.03 105.84 7.01
C LEU KB 55 -87.22 106.86 5.89
N CYS KB 56 -88.09 106.57 4.92
CA CYS KB 56 -88.33 107.49 3.82
C CYS KB 56 -89.20 108.68 4.23
N ALA KB 57 -89.72 108.71 5.46
CA ALA KB 57 -90.54 109.81 5.94
C ALA KB 57 -89.92 110.55 7.11
N GLU KB 58 -88.59 110.69 7.15
CA GLU KB 58 -87.96 111.44 8.23
C GLU KB 58 -87.53 112.85 7.81
N HIS KB 59 -86.79 113.01 6.71
CA HIS KB 59 -86.45 114.32 6.17
C HIS KB 59 -86.02 114.25 4.72
N GLN KB 60 -86.86 114.79 3.82
CA GLN KB 60 -86.56 115.01 2.41
C GLN KB 60 -86.07 113.74 1.72
N ILE KB 61 -86.96 112.75 1.56
CA ILE KB 61 -86.63 111.51 0.86
C ILE KB 61 -87.61 111.32 -0.28
N ASN KB 62 -87.09 111.21 -1.50
CA ASN KB 62 -87.91 111.07 -2.68
C ASN KB 62 -88.13 109.59 -3.00
N LEU KB 63 -89.38 109.26 -3.32
CA LEU KB 63 -89.84 107.87 -3.40
C LEU KB 63 -90.41 107.55 -4.78
N ILE KB 64 -90.09 106.36 -5.26
CA ILE KB 64 -90.63 105.84 -6.52
C ILE KB 64 -91.00 104.37 -6.30
N LYS KB 65 -92.25 104.02 -6.62
CA LYS KB 65 -92.74 102.66 -6.51
C LYS KB 65 -92.59 101.97 -7.86
N VAL KB 66 -91.95 100.81 -7.87
CA VAL KB 66 -91.70 100.04 -9.09
C VAL KB 66 -92.70 98.89 -9.09
N ASP KB 67 -92.85 98.21 -10.23
CA ASP KB 67 -93.83 97.14 -10.36
C ASP KB 67 -93.39 95.87 -9.63
N ASP KB 68 -92.24 95.30 -10.03
CA ASP KB 68 -91.84 93.98 -9.55
C ASP KB 68 -90.47 94.03 -8.90
N ASN KB 69 -90.20 92.99 -8.09
CA ASN KB 69 -88.89 92.82 -7.45
C ASN KB 69 -87.80 92.55 -8.47
N LYS KB 70 -88.06 91.70 -9.46
CA LYS KB 70 -87.07 91.37 -10.47
C LYS KB 70 -86.89 92.50 -11.48
N LYS KB 71 -87.97 93.19 -11.84
CA LYS KB 71 -87.90 94.24 -12.84
C LYS KB 71 -87.11 95.46 -12.39
N LEU KB 72 -86.86 95.60 -11.09
CA LEU KB 72 -86.00 96.66 -10.61
C LEU KB 72 -84.55 96.35 -10.93
N GLY KB 73 -84.12 95.12 -10.63
CA GLY KB 73 -82.75 94.72 -10.87
C GLY KB 73 -82.49 94.30 -12.30
N GLU KB 74 -83.07 95.02 -13.26
CA GLU KB 74 -82.88 94.73 -14.67
C GLU KB 74 -82.51 95.95 -15.51
N TRP KB 75 -82.79 97.16 -15.05
CA TRP KB 75 -82.41 98.37 -15.77
C TRP KB 75 -81.05 98.89 -15.34
N VAL KB 76 -80.64 98.63 -14.10
CA VAL KB 76 -79.31 99.04 -13.64
C VAL KB 76 -78.24 98.14 -14.25
N GLY KB 77 -78.52 96.85 -14.36
CA GLY KB 77 -77.62 95.94 -15.02
C GLY KB 77 -76.38 95.58 -14.21
N LEU KB 78 -76.57 94.85 -13.12
CA LEU KB 78 -75.44 94.35 -12.34
C LEU KB 78 -74.74 93.17 -12.97
N CYS KB 79 -75.37 92.48 -13.92
CA CYS KB 79 -74.78 91.30 -14.53
C CYS KB 79 -74.91 91.32 -16.05
N LYS KB 80 -74.52 92.42 -16.69
CA LYS KB 80 -74.66 92.58 -18.14
C LYS KB 80 -73.65 91.68 -18.84
N ILE KB 81 -74.05 90.44 -19.09
CA ILE KB 81 -73.27 89.50 -19.89
C ILE KB 81 -73.91 89.39 -21.27
N ASP KB 82 -73.07 89.50 -22.31
CA ASP KB 82 -73.51 89.44 -23.71
C ASP KB 82 -74.54 90.53 -23.99
N ARG KB 83 -74.09 91.78 -23.95
CA ARG KB 83 -74.89 93.01 -23.98
C ARG KB 83 -75.70 93.19 -25.30
N GLU KB 84 -75.59 92.25 -26.24
CA GLU KB 84 -76.37 92.25 -27.48
C GLU KB 84 -77.59 91.36 -27.28
N GLY KB 85 -78.66 91.95 -26.75
CA GLY KB 85 -79.93 91.26 -26.64
C GLY KB 85 -80.51 91.22 -25.24
N LYS KB 86 -80.70 90.01 -24.72
CA LYS KB 86 -81.39 89.77 -23.46
C LYS KB 86 -80.41 89.39 -22.37
N PRO KB 87 -80.54 89.96 -21.16
CA PRO KB 87 -79.62 89.62 -20.06
C PRO KB 87 -79.64 88.16 -19.68
N ARG KB 88 -78.49 87.49 -19.86
CA ARG KB 88 -78.38 86.05 -19.62
C ARG KB 88 -78.63 85.72 -18.14
N LYS KB 89 -78.31 86.65 -17.26
CA LYS KB 89 -78.52 86.46 -15.83
C LYS KB 89 -78.67 87.84 -15.17
N VAL KB 90 -79.62 87.93 -14.23
CA VAL KB 90 -79.85 89.16 -13.47
C VAL KB 90 -80.20 88.79 -12.03
N VAL KB 91 -79.88 89.70 -11.11
CA VAL KB 91 -80.33 89.62 -9.73
C VAL KB 91 -81.34 90.71 -9.47
N GLY KB 92 -82.22 90.49 -8.51
CA GLY KB 92 -83.28 91.43 -8.20
C GLY KB 92 -83.02 92.24 -6.95
N CYS KB 93 -83.11 93.55 -7.07
CA CYS KB 93 -82.91 94.46 -5.93
C CYS KB 93 -84.22 95.12 -5.54
N SER KB 94 -84.20 95.77 -4.37
CA SER KB 94 -85.37 96.45 -3.84
C SER KB 94 -85.10 97.88 -3.36
N CYS KB 95 -83.86 98.23 -3.00
CA CYS KB 95 -83.56 99.53 -2.39
C CYS KB 95 -82.30 100.10 -3.02
N VAL KB 96 -82.45 101.18 -3.78
CA VAL KB 96 -81.34 101.82 -4.49
C VAL KB 96 -81.38 103.30 -4.12
N VAL KB 97 -80.62 103.69 -3.11
CA VAL KB 97 -80.53 105.11 -2.74
C VAL KB 97 -79.51 105.75 -3.67
N VAL KB 98 -79.98 106.67 -4.51
CA VAL KB 98 -79.14 107.27 -5.53
C VAL KB 98 -78.74 108.67 -5.07
N LYS KB 99 -77.56 109.11 -5.50
CA LYS KB 99 -77.11 110.48 -5.26
C LYS KB 99 -76.40 110.89 -6.56
N GLY LB 1 13.51 19.19 -74.81
CA GLY LB 1 13.00 18.72 -73.54
C GLY LB 1 13.28 17.25 -73.30
N ARG LB 2 14.34 16.97 -72.55
CA ARG LB 2 14.75 15.59 -72.33
C ARG LB 2 13.71 14.84 -71.52
N MET LB 3 13.75 13.51 -71.63
CA MET LB 3 12.70 12.68 -71.06
C MET LB 3 13.09 12.06 -69.72
N HIS LB 4 14.36 12.05 -69.38
CA HIS LB 4 14.79 11.63 -68.04
C HIS LB 4 15.77 12.63 -67.48
N ALA LB 5 15.43 13.91 -67.63
CA ALA LB 5 16.23 15.02 -67.14
C ALA LB 5 15.33 16.24 -67.10
N PRO LB 6 15.66 17.23 -66.26
CA PRO LB 6 14.93 18.50 -66.30
C PRO LB 6 15.45 19.44 -67.36
N GLY LB 7 16.52 19.08 -68.06
CA GLY LB 7 17.07 19.98 -69.07
C GLY LB 7 16.17 20.07 -70.29
N LYS LB 8 16.05 21.29 -70.81
CA LYS LB 8 15.26 21.57 -72.00
C LYS LB 8 16.16 22.07 -73.13
N GLY LB 9 17.31 21.41 -73.29
CA GLY LB 9 18.32 21.85 -74.23
C GLY LB 9 17.92 21.80 -75.69
N LEU LB 10 18.75 22.39 -76.55
CA LEU LB 10 18.53 22.39 -78.00
C LEU LB 10 19.86 22.38 -78.73
N SER LB 11 20.32 21.20 -79.12
CA SER LB 11 21.61 21.07 -79.80
C SER LB 11 21.61 19.78 -80.59
N GLN LB 12 21.52 19.90 -81.92
CA GLN LB 12 21.55 18.75 -82.80
C GLN LB 12 21.95 19.23 -84.18
N SER LB 13 22.05 18.28 -85.11
CA SER LB 13 22.40 18.60 -86.47
C SER LB 13 21.25 19.32 -87.17
N ALA LB 14 21.59 20.04 -88.23
CA ALA LB 14 20.62 20.68 -89.12
C ALA LB 14 21.08 20.37 -90.53
N LEU LB 15 20.40 19.44 -91.19
CA LEU LB 15 20.80 19.02 -92.52
C LEU LB 15 20.61 20.17 -93.50
N PRO LB 16 21.50 20.32 -94.48
CA PRO LB 16 21.33 21.40 -95.46
C PRO LB 16 20.12 21.14 -96.34
N TYR LB 17 19.72 22.19 -97.05
CA TYR LB 17 18.55 22.11 -97.91
C TYR LB 17 18.75 21.13 -99.06
N ARG LB 18 19.79 21.34 -99.85
CA ARG LB 18 20.06 20.50 -101.02
C ARG LB 18 20.27 19.05 -100.62
N ARG LB 19 19.50 18.16 -101.25
CA ARG LB 19 19.55 16.73 -100.96
C ARG LB 19 20.29 15.94 -102.03
N SER LB 20 21.20 16.59 -102.74
CA SER LB 20 21.96 15.93 -103.79
C SER LB 20 23.37 15.65 -103.29
N VAL LB 21 24.13 14.96 -104.13
CA VAL LB 21 25.51 14.57 -103.76
C VAL LB 21 26.37 15.82 -103.68
N PRO LB 22 27.34 15.87 -102.77
CA PRO LB 22 28.33 16.94 -102.81
C PRO LB 22 29.09 16.96 -104.12
N THR LB 23 29.31 18.17 -104.64
CA THR LB 23 29.99 18.34 -105.92
C THR LB 23 31.46 17.91 -105.88
N TRP LB 24 32.07 17.84 -104.69
CA TRP LB 24 33.44 17.36 -104.56
C TRP LB 24 33.52 15.87 -104.29
N LEU LB 25 32.41 15.20 -104.14
CA LEU LB 25 32.42 13.78 -103.81
C LEU LB 25 32.57 12.96 -105.09
N LYS LB 26 33.74 12.38 -105.29
CA LYS LB 26 34.01 11.52 -106.43
C LYS LB 26 33.94 10.04 -106.08
N LEU LB 27 33.11 9.69 -105.10
CA LEU LB 27 32.89 8.30 -104.72
C LEU LB 27 31.54 7.83 -105.23
N THR LB 28 31.49 6.58 -105.65
CA THR LB 28 30.31 6.00 -106.27
C THR LB 28 29.44 5.29 -105.23
N SER LB 29 28.30 4.79 -105.69
CA SER LB 29 27.39 4.10 -104.80
C SER LB 29 27.98 2.78 -104.31
N ASP LB 30 28.55 2.00 -105.23
CA ASP LB 30 29.13 0.71 -104.87
C ASP LB 30 30.35 0.89 -103.98
N ASP LB 31 31.16 1.91 -104.29
CA ASP LB 31 32.38 2.15 -103.52
C ASP LB 31 32.04 2.60 -102.11
N VAL LB 32 30.97 3.39 -101.96
CA VAL LB 32 30.51 3.76 -100.62
C VAL LB 32 29.97 2.53 -99.90
N LYS LB 33 29.17 1.72 -100.61
CA LYS LB 33 28.56 0.55 -99.99
C LYS LB 33 29.60 -0.45 -99.55
N GLU LB 34 30.67 -0.62 -100.33
CA GLU LB 34 31.73 -1.51 -99.86
C GLU LB 34 32.57 -0.86 -98.78
N GLN LB 35 32.59 0.47 -98.70
CA GLN LB 35 33.28 1.13 -97.60
C GLN LB 35 32.54 0.90 -96.29
N ILE LB 36 31.21 0.92 -96.32
CA ILE LB 36 30.44 0.58 -95.14
C ILE LB 36 30.66 -0.87 -94.75
N TYR LB 37 30.88 -1.73 -95.74
CA TYR LB 37 31.09 -3.15 -95.45
C TYR LB 37 32.40 -3.37 -94.70
N LYS LB 38 33.44 -2.62 -95.04
CA LYS LB 38 34.72 -2.78 -94.36
C LYS LB 38 34.61 -2.43 -92.88
N LEU LB 39 33.90 -1.34 -92.58
CA LEU LB 39 33.61 -1.02 -91.18
C LEU LB 39 32.69 -2.06 -90.56
N ALA LB 40 31.80 -2.62 -91.37
CA ALA LB 40 30.85 -3.59 -90.85
C ALA LB 40 31.51 -4.91 -90.45
N LYS LB 41 32.46 -5.41 -91.24
CA LYS LB 41 33.08 -6.69 -90.90
C LYS LB 41 34.08 -6.54 -89.77
N LYS LB 42 34.62 -5.35 -89.55
CA LYS LB 42 35.55 -5.13 -88.45
C LYS LB 42 34.82 -4.67 -87.18
N GLY LB 43 33.51 -4.47 -87.25
CA GLY LB 43 32.73 -4.20 -86.07
C GLY LB 43 32.62 -2.72 -85.79
N LEU LB 44 31.44 -2.14 -86.03
CA LEU LB 44 31.22 -0.73 -85.79
C LEU LB 44 29.73 -0.48 -85.90
N THR LB 45 29.18 0.27 -84.95
CA THR LB 45 27.74 0.49 -84.93
C THR LB 45 27.34 1.39 -86.10
N PRO LB 46 26.07 1.31 -86.56
CA PRO LB 46 25.62 2.20 -87.64
C PRO LB 46 25.87 3.68 -87.42
N SER LB 47 25.86 4.12 -86.16
CA SER LB 47 26.14 5.52 -85.88
C SER LB 47 27.61 5.84 -86.15
N GLN LB 48 28.52 5.05 -85.60
CA GLN LB 48 29.94 5.35 -85.75
C GLN LB 48 30.44 5.13 -87.17
N ILE LB 49 29.74 4.31 -87.95
CA ILE LB 49 30.09 4.16 -89.37
C ILE LB 49 29.91 5.48 -90.09
N GLY LB 50 28.76 6.13 -89.89
CA GLY LB 50 28.50 7.43 -90.49
C GLY LB 50 29.41 8.53 -90.00
N VAL LB 51 30.06 8.30 -88.86
CA VAL LB 51 31.00 9.25 -88.31
C VAL LB 51 32.27 9.25 -89.16
N ILE LB 52 32.92 8.10 -89.26
CA ILE LB 52 34.25 8.00 -89.86
C ILE LB 52 34.13 8.19 -91.37
N LEU LB 53 32.92 8.04 -91.90
CA LEU LB 53 32.72 8.28 -93.31
C LEU LB 53 32.62 9.77 -93.65
N ARG LB 54 32.09 10.59 -92.74
CA ARG LB 54 32.02 12.01 -92.97
C ARG LB 54 33.23 12.76 -92.42
N ASP LB 55 34.30 12.04 -92.13
CA ASP LB 55 35.53 12.66 -91.69
C ASP LB 55 36.73 12.35 -92.57
N SER LB 56 36.81 11.14 -93.11
CA SER LB 56 37.91 10.77 -93.99
C SER LB 56 37.51 10.75 -95.45
N HIS LB 57 36.41 10.08 -95.81
CA HIS LB 57 35.96 10.08 -97.18
C HIS LB 57 35.04 11.26 -97.48
N GLY LB 58 34.44 11.84 -96.46
CA GLY LB 58 33.76 13.10 -96.63
C GLY LB 58 32.41 13.03 -97.30
N VAL LB 59 31.60 12.04 -96.94
CA VAL LB 59 30.25 11.94 -97.46
C VAL LB 59 29.35 12.83 -96.60
N ALA LB 60 28.48 13.59 -97.25
CA ALA LB 60 27.49 14.37 -96.54
C ALA LB 60 26.52 13.44 -95.82
N GLN LB 61 25.77 12.68 -96.61
CA GLN LB 61 24.81 11.71 -96.12
C GLN LB 61 24.85 10.51 -97.03
N VAL LB 62 25.00 9.31 -96.45
CA VAL LB 62 24.95 8.10 -97.23
C VAL LB 62 23.58 7.89 -97.85
N ARG LB 63 22.54 8.50 -97.27
CA ARG LB 63 21.22 8.53 -97.87
C ARG LB 63 21.20 9.29 -99.19
N PHE LB 64 22.23 10.08 -99.47
CA PHE LB 64 22.25 10.87 -100.69
C PHE LB 64 23.23 10.37 -101.73
N VAL LB 65 24.25 9.61 -101.33
CA VAL LB 65 25.09 8.94 -102.32
C VAL LB 65 24.50 7.59 -102.69
N THR LB 66 23.92 6.89 -101.73
CA THR LB 66 23.18 5.66 -101.97
C THR LB 66 21.72 5.89 -101.62
N GLY LB 67 20.83 5.19 -102.32
CA GLY LB 67 19.42 5.39 -102.09
C GLY LB 67 18.88 4.84 -100.77
N ASN LB 68 19.78 4.41 -99.89
CA ASN LB 68 19.41 3.82 -98.61
C ASN LB 68 20.17 4.51 -97.50
N LYS LB 69 19.83 4.17 -96.26
CA LYS LB 69 20.58 4.59 -95.09
C LYS LB 69 21.28 3.38 -94.49
N ILE LB 70 22.21 3.66 -93.57
CA ILE LB 70 23.23 2.73 -93.09
C ILE LB 70 22.66 1.39 -92.64
N LEU LB 71 21.66 1.42 -91.77
CA LEU LB 71 21.12 0.18 -91.24
C LEU LB 71 20.42 -0.63 -92.32
N ARG LB 72 19.76 0.05 -93.25
CA ARG LB 72 19.09 -0.65 -94.34
C ARG LB 72 20.08 -1.28 -95.31
N ILE LB 73 21.29 -0.75 -95.40
CA ILE LB 73 22.32 -1.40 -96.19
C ILE LB 73 22.86 -2.64 -95.49
N LEU LB 74 22.97 -2.60 -94.17
CA LEU LB 74 23.50 -3.74 -93.44
C LEU LB 74 22.47 -4.86 -93.34
N LYS LB 75 21.20 -4.51 -93.17
CA LYS LB 75 20.14 -5.52 -93.14
C LYS LB 75 19.91 -6.15 -94.50
N SER LB 76 20.27 -5.45 -95.58
CA SER LB 76 20.09 -6.00 -96.92
C SER LB 76 21.08 -7.11 -97.21
N LYS LB 77 22.29 -7.01 -96.67
CA LYS LB 77 23.31 -8.02 -96.89
C LYS LB 77 23.35 -9.07 -95.79
N GLY LB 78 23.32 -8.65 -94.54
CA GLY LB 78 23.42 -9.58 -93.43
C GLY LB 78 24.53 -9.20 -92.48
N LEU LB 79 25.00 -7.98 -92.59
CA LEU LB 79 26.00 -7.45 -91.67
C LEU LB 79 25.39 -6.67 -90.52
N ALA LB 80 24.08 -6.68 -90.40
CA ALA LB 80 23.43 -5.88 -89.36
C ALA LB 80 23.52 -6.61 -88.03
N PRO LB 81 23.76 -5.91 -86.93
CA PRO LB 81 23.67 -6.54 -85.62
C PRO LB 81 22.24 -6.92 -85.30
N ASP LB 82 22.10 -7.98 -84.50
CA ASP LB 82 20.78 -8.51 -84.18
C ASP LB 82 19.94 -7.52 -83.39
N LEU LB 83 20.38 -7.17 -82.18
CA LEU LB 83 19.56 -6.22 -81.46
C LEU LB 83 20.07 -4.80 -81.66
N PRO LB 84 19.16 -3.83 -81.71
CA PRO LB 84 19.52 -2.47 -82.15
C PRO LB 84 20.53 -1.81 -81.23
N GLU LB 85 21.25 -0.84 -81.81
CA GLU LB 85 22.41 -0.27 -81.14
C GLU LB 85 22.02 0.69 -80.04
N ASP LB 86 20.86 1.33 -80.15
CA ASP LB 86 20.40 2.14 -79.04
C ASP LB 86 20.01 1.27 -77.85
N LEU LB 87 19.42 0.11 -78.13
CA LEU LB 87 19.15 -0.83 -77.05
C LEU LB 87 20.42 -1.50 -76.57
N TYR LB 88 21.41 -1.64 -77.45
CA TYR LB 88 22.69 -2.21 -77.06
C TYR LB 88 23.39 -1.31 -76.05
N HIS LB 89 23.54 -0.02 -76.38
CA HIS LB 89 24.28 0.89 -75.52
C HIS LB 89 23.55 1.21 -74.24
N LEU LB 90 22.23 1.08 -74.22
CA LEU LB 90 21.52 1.19 -72.95
C LEU LB 90 21.78 -0.01 -72.07
N ILE LB 91 21.85 -1.20 -72.66
CA ILE LB 91 22.18 -2.40 -71.90
C ILE LB 91 23.63 -2.35 -71.45
N LYS LB 92 24.53 -1.89 -72.32
CA LYS LB 92 25.92 -1.71 -71.95
C LYS LB 92 26.10 -0.71 -70.82
N LYS LB 93 25.18 0.25 -70.71
CA LYS LB 93 25.20 1.19 -69.61
C LYS LB 93 24.53 0.63 -68.37
N ALA LB 94 23.51 -0.22 -68.52
CA ALA LB 94 22.80 -0.74 -67.37
C ALA LB 94 23.63 -1.78 -66.62
N VAL LB 95 24.43 -2.58 -67.33
CA VAL LB 95 25.23 -3.58 -66.64
C VAL LB 95 26.47 -2.95 -66.05
N ALA LB 96 26.90 -1.81 -66.60
CA ALA LB 96 28.04 -1.12 -66.02
C ALA LB 96 27.67 -0.49 -64.68
N VAL LB 97 26.44 0.02 -64.58
CA VAL LB 97 25.99 0.63 -63.35
C VAL LB 97 25.83 -0.42 -62.26
N ARG LB 98 25.22 -1.55 -62.59
CA ARG LB 98 24.95 -2.56 -61.57
C ARG LB 98 26.23 -3.17 -61.03
N LYS LB 99 27.25 -3.31 -61.89
CA LYS LB 99 28.54 -3.78 -61.42
C LYS LB 99 29.17 -2.77 -60.46
N HIS LB 100 29.07 -1.49 -60.78
CA HIS LB 100 29.47 -0.46 -59.83
C HIS LB 100 28.55 -0.45 -58.61
N LEU LB 101 27.27 -0.69 -58.84
CA LEU LB 101 26.32 -0.79 -57.73
C LEU LB 101 26.56 -2.02 -56.88
N GLU LB 102 27.35 -2.98 -57.37
CA GLU LB 102 27.63 -4.18 -56.59
C GLU LB 102 28.61 -3.92 -55.46
N ARG LB 103 29.53 -2.97 -55.62
CA ARG LB 103 30.45 -2.65 -54.55
C ARG LB 103 30.04 -1.42 -53.76
N ASN LB 104 29.26 -0.53 -54.37
CA ASN LB 104 28.79 0.67 -53.72
C ASN LB 104 27.28 0.55 -53.58
N ARG LB 105 26.84 -0.16 -52.54
CA ARG LB 105 25.41 -0.31 -52.29
C ARG LB 105 24.87 0.76 -51.35
N LYS LB 106 25.73 1.67 -50.92
CA LYS LB 106 25.35 2.88 -50.20
C LYS LB 106 25.11 4.05 -51.15
N ASP LB 107 25.57 3.93 -52.40
CA ASP LB 107 25.42 4.96 -53.42
C ASP LB 107 23.97 4.97 -53.86
N LYS LB 108 23.13 5.70 -53.12
CA LYS LB 108 21.72 5.73 -53.44
C LYS LB 108 21.42 6.49 -54.72
N ASP LB 109 22.34 7.32 -55.19
CA ASP LB 109 22.08 8.03 -56.44
C ASP LB 109 22.22 7.10 -57.63
N ALA LB 110 23.21 6.21 -57.61
CA ALA LB 110 23.37 5.26 -58.70
C ALA LB 110 22.20 4.30 -58.76
N LYS LB 111 21.57 4.03 -57.62
CA LYS LB 111 20.32 3.28 -57.65
C LYS LB 111 19.23 4.07 -58.37
N PHE LB 112 19.17 5.37 -58.12
CA PHE LB 112 18.19 6.20 -58.79
C PHE LB 112 18.51 6.34 -60.28
N ARG LB 113 19.80 6.33 -60.62
CA ARG LB 113 20.17 6.42 -62.02
C ARG LB 113 19.84 5.14 -62.77
N LEU LB 114 19.92 4.01 -62.08
CA LEU LB 114 19.66 2.73 -62.75
C LEU LB 114 18.20 2.59 -63.14
N ILE LB 115 17.29 3.10 -62.31
CA ILE LB 115 15.87 3.02 -62.64
C ILE LB 115 15.56 3.86 -63.87
N LEU LB 116 16.31 4.94 -64.08
CA LEU LB 116 16.10 5.75 -65.27
C LEU LB 116 16.56 5.01 -66.53
N ILE LB 117 17.61 4.22 -66.40
CA ILE LB 117 18.03 3.37 -67.51
C ILE LB 117 16.97 2.29 -67.76
N GLU LB 118 16.53 1.63 -66.69
CA GLU LB 118 15.55 0.56 -66.81
C GLU LB 118 14.24 1.08 -67.39
N SER LB 119 13.88 2.31 -67.06
CA SER LB 119 12.71 2.91 -67.66
C SER LB 119 12.90 3.11 -69.16
N ARG LB 120 14.11 3.49 -69.57
CA ARG LB 120 14.35 3.71 -70.99
C ARG LB 120 14.63 2.42 -71.73
N ILE LB 121 15.07 1.36 -71.04
CA ILE LB 121 15.18 0.06 -71.70
C ILE LB 121 13.82 -0.56 -71.92
N HIS LB 122 12.97 -0.56 -70.90
CA HIS LB 122 11.65 -1.14 -71.03
C HIS LB 122 10.71 -0.31 -71.89
N ARG LB 123 11.12 0.90 -72.28
CA ARG LB 123 10.39 1.67 -73.26
C ARG LB 123 10.80 1.31 -74.67
N LEU LB 124 12.09 1.18 -74.93
CA LEU LB 124 12.56 0.75 -76.24
C LEU LB 124 12.25 -0.70 -76.54
N ALA LB 125 11.97 -1.50 -75.52
CA ALA LB 125 11.61 -2.88 -75.78
C ALA LB 125 10.23 -2.96 -76.40
N ARG LB 126 9.24 -2.35 -75.75
CA ARG LB 126 7.89 -2.45 -76.28
C ARG LB 126 7.65 -1.57 -77.47
N TYR LB 127 8.63 -0.77 -77.88
CA TYR LB 127 8.55 -0.12 -79.19
C TYR LB 127 9.01 -1.07 -80.27
N TYR LB 128 10.22 -1.63 -80.11
CA TYR LB 128 10.77 -2.54 -81.11
C TYR LB 128 9.95 -3.80 -81.24
N LYS LB 129 9.21 -4.19 -80.20
CA LYS LB 129 8.32 -5.33 -80.31
C LYS LB 129 7.23 -5.07 -81.34
N THR LB 130 6.66 -3.87 -81.32
CA THR LB 130 5.62 -3.53 -82.28
C THR LB 130 6.16 -3.42 -83.70
N LYS LB 131 7.43 -3.10 -83.86
CA LYS LB 131 8.05 -3.07 -85.17
C LYS LB 131 8.66 -4.40 -85.57
N ARG LB 132 8.51 -5.43 -84.73
CA ARG LB 132 8.85 -6.81 -85.03
C ARG LB 132 10.33 -7.03 -85.30
N VAL LB 133 11.19 -6.06 -84.98
CA VAL LB 133 12.62 -6.30 -85.06
C VAL LB 133 13.12 -7.02 -83.82
N LEU LB 134 12.26 -7.19 -82.83
CA LEU LB 134 12.53 -8.01 -81.67
C LEU LB 134 11.38 -8.99 -81.47
N PRO LB 135 11.68 -10.25 -81.21
CA PRO LB 135 10.64 -11.25 -81.06
C PRO LB 135 9.82 -10.98 -79.82
N PRO LB 136 8.52 -11.31 -79.84
CA PRO LB 136 7.65 -10.97 -78.71
C PRO LB 136 7.96 -11.72 -77.43
N ASN LB 137 8.76 -12.77 -77.48
CA ASN LB 137 9.20 -13.45 -76.26
C ASN LB 137 10.50 -12.90 -75.71
N TRP LB 138 11.04 -11.85 -76.31
CA TRP LB 138 12.28 -11.24 -75.83
C TRP LB 138 11.95 -10.34 -74.65
N LYS LB 139 12.58 -10.61 -73.52
CA LYS LB 139 12.34 -9.84 -72.31
C LYS LB 139 13.69 -9.57 -71.65
N TYR LB 140 13.87 -8.34 -71.18
CA TYR LB 140 15.12 -7.94 -70.58
C TYR LB 140 15.21 -8.46 -69.15
N GLU LB 141 16.36 -9.06 -68.82
CA GLU LB 141 16.57 -9.60 -67.49
C GLU LB 141 17.96 -9.19 -67.03
N SER LB 142 18.04 -8.67 -65.81
CA SER LB 142 19.24 -7.98 -65.36
C SER LB 142 20.41 -8.94 -65.16
N SER LB 143 20.14 -10.12 -64.61
CA SER LB 143 21.24 -11.03 -64.30
C SER LB 143 21.86 -11.60 -65.56
N THR LB 144 21.03 -11.96 -66.54
CA THR LB 144 21.52 -12.62 -67.73
C THR LB 144 22.08 -11.63 -68.74
N ALA LB 145 21.87 -10.34 -68.52
CA ALA LB 145 22.22 -9.34 -69.53
C ALA LB 145 23.73 -9.13 -69.65
N SER LB 146 24.49 -9.54 -68.63
CA SER LB 146 25.92 -9.28 -68.63
C SER LB 146 26.64 -10.00 -69.77
N ALA LB 147 26.07 -11.11 -70.24
CA ALA LB 147 26.64 -11.81 -71.38
C ALA LB 147 26.53 -10.98 -72.64
N LEU LB 148 25.32 -10.50 -72.94
CA LEU LB 148 25.06 -9.65 -74.09
C LEU LB 148 25.71 -8.31 -73.82
N VAL LB 149 26.89 -8.07 -74.40
CA VAL LB 149 27.70 -6.91 -74.04
C VAL LB 149 27.03 -5.63 -74.50
N SER MB 1 68.09 39.72 -9.25
CA SER MB 1 67.37 40.53 -10.24
C SER MB 1 68.32 41.49 -10.93
N LEU MB 2 69.20 40.95 -11.78
CA LEU MB 2 70.24 41.73 -12.43
C LEU MB 2 70.36 41.31 -13.88
N GLY MB 3 69.98 42.19 -14.79
CA GLY MB 3 70.17 41.97 -16.21
C GLY MB 3 71.52 42.48 -16.67
N PRO MB 4 72.38 41.58 -17.14
CA PRO MB 4 73.77 41.94 -17.43
C PRO MB 4 73.94 42.73 -18.72
N GLN MB 5 73.54 44.00 -18.72
CA GLN MB 5 73.69 44.84 -19.90
C GLN MB 5 73.76 46.30 -19.47
N VAL MB 6 74.50 47.08 -20.24
CA VAL MB 6 74.57 48.52 -20.02
C VAL MB 6 73.25 49.16 -20.47
N ALA MB 7 72.92 50.30 -19.88
CA ALA MB 7 71.71 51.00 -20.29
C ALA MB 7 71.95 51.82 -21.56
N GLU MB 8 73.11 52.44 -21.67
CA GLU MB 8 73.49 53.31 -22.79
C GLU MB 8 73.83 52.55 -24.06
N GLY MB 9 73.52 51.25 -24.13
CA GLY MB 9 73.79 50.47 -25.31
C GLY MB 9 72.52 50.04 -26.03
N GLU MB 10 72.11 48.79 -25.81
CA GLU MB 10 70.97 48.19 -26.48
C GLU MB 10 69.84 47.97 -25.49
N ASN MB 11 68.79 47.33 -25.97
CA ASN MB 11 67.54 47.16 -25.24
C ASN MB 11 67.25 45.68 -25.07
N VAL MB 12 66.95 45.27 -23.84
CA VAL MB 12 66.56 43.89 -23.59
C VAL MB 12 65.07 43.73 -23.88
N PHE MB 13 64.74 42.76 -24.71
CA PHE MB 13 63.36 42.55 -25.14
C PHE MB 13 62.70 41.42 -24.36
N GLY MB 14 61.46 41.65 -23.99
CA GLY MB 14 60.60 40.60 -23.48
C GLY MB 14 59.28 40.71 -24.22
N VAL MB 15 58.46 39.67 -24.12
CA VAL MB 15 57.17 39.67 -24.79
C VAL MB 15 56.07 39.59 -23.72
N CYS MB 16 55.05 40.40 -23.88
CA CYS MB 16 53.92 40.41 -22.97
C CYS MB 16 52.67 40.01 -23.72
N HIS MB 17 51.76 39.36 -23.01
CA HIS MB 17 50.53 38.85 -23.59
C HIS MB 17 49.36 39.63 -23.01
N ILE MB 18 48.62 40.31 -23.88
CA ILE MB 18 47.42 41.01 -23.43
C ILE MB 18 46.21 40.18 -23.79
N PHE MB 19 45.77 39.31 -22.89
CA PHE MB 19 44.55 38.55 -23.08
C PHE MB 19 43.43 39.40 -22.51
N ALA MB 20 42.84 40.22 -23.35
CA ALA MB 20 41.78 41.15 -22.95
C ALA MB 20 40.44 40.53 -23.34
N SER MB 21 39.90 39.72 -22.44
CA SER MB 21 38.61 39.08 -22.66
C SER MB 21 37.50 40.10 -22.41
N PHE MB 22 36.25 39.64 -22.42
CA PHE MB 22 35.14 40.51 -22.12
C PHE MB 22 34.71 40.43 -20.66
N ASN MB 23 35.45 39.69 -19.83
CA ASN MB 23 35.13 39.67 -18.41
C ASN MB 23 36.37 39.73 -17.53
N ASP MB 24 37.54 39.92 -18.12
CA ASP MB 24 38.79 40.07 -17.37
C ASP MB 24 39.87 40.53 -18.35
N THR MB 25 41.04 40.81 -17.81
CA THR MB 25 42.19 41.21 -18.59
C THR MB 25 43.42 40.48 -18.06
N PHE MB 26 44.41 40.32 -18.92
CA PHE MB 26 45.66 39.67 -18.54
C PHE MB 26 46.80 40.48 -19.12
N VAL MB 27 47.81 40.76 -18.31
CA VAL MB 27 48.95 41.54 -18.77
C VAL MB 27 50.18 40.67 -18.57
N HIS MB 28 50.00 39.37 -18.80
CA HIS MB 28 51.05 38.37 -18.66
C HIS MB 28 52.30 38.74 -19.45
N VAL MB 29 53.45 38.72 -18.79
CA VAL MB 29 54.74 39.03 -19.41
C VAL MB 29 55.65 37.80 -19.25
N THR MB 30 56.41 37.48 -20.30
CA THR MB 30 57.35 36.38 -20.25
C THR MB 30 58.59 36.74 -21.04
N ASP MB 31 59.53 35.80 -21.11
CA ASP MB 31 60.78 35.98 -21.83
C ASP MB 31 60.56 35.77 -23.33
N LEU MB 32 61.64 35.93 -24.10
CA LEU MB 32 61.55 35.86 -25.55
C LEU MB 32 61.15 34.49 -26.08
N SER MB 33 61.15 33.46 -25.25
CA SER MB 33 60.70 32.13 -25.64
C SER MB 33 59.30 31.82 -25.12
N GLY MB 34 59.04 32.14 -23.86
CA GLY MB 34 57.75 31.94 -23.25
C GLY MB 34 57.76 30.94 -22.11
N LYS MB 35 58.82 30.14 -21.99
CA LYS MB 35 58.90 29.11 -20.97
C LYS MB 35 59.31 29.67 -19.61
N GLU MB 36 59.36 30.99 -19.44
CA GLU MB 36 59.73 31.59 -18.17
C GLU MB 36 59.01 32.93 -18.06
N THR MB 37 57.94 32.96 -17.27
CA THR MB 37 57.15 34.17 -17.14
C THR MB 37 57.68 35.05 -16.01
N ILE MB 38 57.59 36.36 -16.21
CA ILE MB 38 58.14 37.32 -15.27
C ILE MB 38 57.07 37.79 -14.29
N CYS MB 39 55.99 38.36 -14.83
CA CYS MB 39 54.93 38.86 -13.97
C CYS MB 39 53.63 38.87 -14.74
N ARG MB 40 52.60 38.25 -14.15
CA ARG MB 40 51.28 38.21 -14.73
C ARG MB 40 50.30 38.78 -13.72
N VAL MB 41 49.70 39.90 -14.05
CA VAL MB 41 48.71 40.55 -13.20
C VAL MB 41 47.44 40.75 -14.02
N THR MB 42 46.30 40.53 -13.39
CA THR MB 42 45.03 40.58 -14.08
C THR MB 42 44.24 41.81 -13.63
N GLY MB 43 43.19 42.12 -14.37
CA GLY MB 43 42.32 43.19 -13.96
C GLY MB 43 41.49 42.88 -12.73
N GLY MB 44 41.37 41.62 -12.37
CA GLY MB 44 40.52 41.25 -11.26
C GLY MB 44 41.18 41.46 -9.91
N MET MB 45 42.51 41.45 -9.89
CA MET MB 45 43.27 41.66 -8.67
C MET MB 45 43.58 43.13 -8.43
N LYS MB 46 42.82 44.02 -9.07
CA LYS MB 46 43.00 45.45 -8.92
C LYS MB 46 41.74 46.18 -8.49
N VAL MB 47 40.60 45.51 -8.45
CA VAL MB 47 39.36 46.10 -7.96
C VAL MB 47 38.48 45.00 -7.40
N LYS MB 48 37.83 45.28 -6.28
CA LYS MB 48 36.97 44.29 -5.62
C LYS MB 48 35.53 44.46 -6.11
N ALA MB 49 35.35 44.21 -7.40
CA ALA MB 49 34.03 44.20 -8.01
C ALA MB 49 34.07 43.39 -9.30
N ASP MB 50 33.13 42.45 -9.45
CA ASP MB 50 33.15 41.57 -10.62
C ASP MB 50 32.85 42.35 -11.89
N ARG MB 51 31.99 43.36 -11.80
CA ARG MB 51 31.46 44.00 -13.01
C ARG MB 51 32.50 44.80 -13.76
N ASP MB 52 33.61 45.17 -13.12
CA ASP MB 52 34.60 45.97 -13.80
C ASP MB 52 35.97 45.29 -13.80
N GLU MB 53 35.98 43.95 -13.78
CA GLU MB 53 37.22 43.22 -14.03
C GLU MB 53 37.71 43.43 -15.45
N SER MB 54 36.82 43.77 -16.37
CA SER MB 54 37.17 44.02 -17.75
C SER MB 54 37.04 45.49 -18.11
N SER MB 55 36.89 46.37 -17.13
CA SER MB 55 36.86 47.79 -17.38
C SER MB 55 38.20 48.27 -17.90
N PRO MB 56 38.22 49.38 -18.65
CA PRO MB 56 39.52 49.91 -19.09
C PRO MB 56 40.37 50.43 -17.95
N TYR MB 57 39.75 50.95 -16.89
CA TYR MB 57 40.53 51.48 -15.78
C TYR MB 57 41.24 50.37 -15.03
N ALA MB 58 40.54 49.27 -14.77
CA ALA MB 58 41.14 48.16 -14.04
C ALA MB 58 42.22 47.48 -14.86
N ALA MB 59 42.23 47.75 -16.15
CA ALA MB 59 43.36 47.38 -17.00
C ALA MB 59 44.36 48.49 -17.17
N MET MB 60 44.04 49.71 -16.75
CA MET MB 60 45.00 50.79 -16.89
C MET MB 60 46.04 50.78 -15.79
N LEU MB 61 45.64 50.51 -14.55
CA LEU MB 61 46.61 50.50 -13.46
C LEU MB 61 47.23 49.13 -13.28
N ALA MB 62 46.55 48.08 -13.73
CA ALA MB 62 47.21 46.79 -13.83
C ALA MB 62 48.33 46.80 -14.85
N ALA MB 63 48.26 47.68 -15.83
CA ALA MB 63 49.36 47.86 -16.76
C ALA MB 63 50.51 48.64 -16.16
N GLN MB 64 50.20 49.62 -15.31
CA GLN MB 64 51.25 50.37 -14.64
C GLN MB 64 51.95 49.54 -13.58
N ASP MB 65 51.25 48.57 -13.00
CA ASP MB 65 51.84 47.78 -11.93
C ASP MB 65 52.81 46.76 -12.48
N VAL MB 66 52.46 46.13 -13.59
CA VAL MB 66 53.38 45.18 -14.20
C VAL MB 66 54.54 45.94 -14.84
N ALA MB 67 54.33 47.21 -15.20
CA ALA MB 67 55.40 47.99 -15.80
C ALA MB 67 56.50 48.24 -14.79
N GLN MB 68 56.13 48.59 -13.56
CA GLN MB 68 57.13 48.80 -12.52
C GLN MB 68 57.82 47.50 -12.15
N ARG MB 69 57.13 46.37 -12.30
CA ARG MB 69 57.76 45.09 -12.02
C ARG MB 69 58.80 44.72 -13.06
N CYS MB 70 58.64 45.15 -14.30
CA CYS MB 70 59.62 44.89 -15.33
C CYS MB 70 60.72 45.94 -15.37
N LYS MB 71 60.78 46.82 -14.37
CA LYS MB 71 61.83 47.82 -14.30
C LYS MB 71 63.09 47.29 -13.64
N GLU MB 72 62.99 46.79 -12.41
CA GLU MB 72 64.17 46.35 -11.68
C GLU MB 72 64.73 45.03 -12.17
N LEU MB 73 64.12 44.43 -13.19
CA LEU MB 73 64.66 43.23 -13.79
C LEU MB 73 65.49 43.53 -15.03
N GLY MB 74 65.18 44.60 -15.75
CA GLY MB 74 66.01 45.01 -16.86
C GLY MB 74 65.33 44.96 -18.21
N ILE MB 75 64.01 45.08 -18.22
CA ILE MB 75 63.23 45.04 -19.45
C ILE MB 75 62.73 46.44 -19.74
N THR MB 76 63.06 46.96 -20.92
CA THR MB 76 62.62 48.28 -21.31
C THR MB 76 61.76 48.28 -22.57
N ALA MB 77 61.97 47.32 -23.46
CA ALA MB 77 61.17 47.22 -24.67
C ALA MB 77 60.39 45.91 -24.63
N LEU MB 78 59.13 45.96 -25.03
CA LEU MB 78 58.26 44.80 -25.01
C LEU MB 78 57.75 44.48 -26.40
N HIS MB 79 57.18 43.30 -26.53
CA HIS MB 79 56.44 42.89 -27.71
C HIS MB 79 54.97 42.71 -27.31
N ILE MB 80 54.08 43.35 -28.02
CA ILE MB 80 52.65 43.24 -27.74
C ILE MB 80 52.09 42.05 -28.50
N LYS MB 81 51.20 41.30 -27.85
CA LYS MB 81 50.49 40.21 -28.50
C LYS MB 81 49.04 40.21 -27.99
N LEU MB 82 48.15 40.80 -28.77
CA LEU MB 82 46.75 40.82 -28.40
C LEU MB 82 46.13 39.43 -28.47
N ARG MB 83 45.05 39.26 -27.73
CA ARG MB 83 44.33 38.00 -27.74
C ARG MB 83 42.91 38.27 -27.28
N ALA MB 84 41.93 37.96 -28.11
CA ALA MB 84 40.55 37.97 -27.68
C ALA MB 84 40.23 36.65 -27.00
N THR MB 85 38.94 36.38 -26.80
CA THR MB 85 38.56 35.11 -26.19
C THR MB 85 38.90 33.93 -27.10
N GLY MB 86 38.86 34.14 -28.41
CA GLY MB 86 39.24 33.14 -29.37
C GLY MB 86 38.29 31.95 -29.38
N GLY MB 87 38.76 30.89 -30.04
CA GLY MB 87 37.98 29.67 -30.13
C GLY MB 87 36.70 29.89 -30.89
N ASN MB 88 35.64 29.25 -30.42
CA ASN MB 88 34.34 29.44 -31.02
C ASN MB 88 33.71 30.77 -30.62
N ARG MB 89 34.17 31.37 -29.53
CA ARG MB 89 33.60 32.64 -29.08
C ARG MB 89 34.19 33.80 -29.90
N THR MB 90 33.99 35.02 -29.40
CA THR MB 90 34.33 36.24 -30.12
C THR MB 90 35.78 36.34 -30.57
N LYS MB 91 36.03 37.24 -31.51
CA LYS MB 91 37.39 37.55 -31.95
C LYS MB 91 37.69 39.04 -31.83
N THR MB 92 36.78 39.82 -31.28
CA THR MB 92 37.04 41.23 -31.04
C THR MB 92 37.63 41.38 -29.65
N PRO MB 93 38.75 42.09 -29.50
CA PRO MB 93 39.37 42.21 -28.18
C PRO MB 93 38.49 42.99 -27.22
N GLY MB 94 38.61 42.68 -25.93
CA GLY MB 94 37.75 43.22 -24.92
C GLY MB 94 37.88 44.72 -24.75
N PRO MB 95 37.02 45.31 -23.92
CA PRO MB 95 37.11 46.75 -23.69
C PRO MB 95 38.33 47.16 -22.93
N GLY MB 96 38.99 46.25 -22.23
CA GLY MB 96 40.24 46.54 -21.58
C GLY MB 96 41.45 46.44 -22.45
N ALA MB 97 41.28 46.25 -23.75
CA ALA MB 97 42.42 46.10 -24.65
C ALA MB 97 43.05 47.43 -25.02
N GLN MB 98 42.25 48.49 -25.15
CA GLN MB 98 42.76 49.77 -25.60
C GLN MB 98 43.61 50.43 -24.53
N SER MB 99 43.05 50.65 -23.36
CA SER MB 99 43.77 51.38 -22.33
C SER MB 99 44.87 50.56 -21.68
N ALA MB 100 44.99 49.28 -21.98
CA ALA MB 100 46.03 48.48 -21.35
C ALA MB 100 47.40 48.87 -21.89
N LEU MB 101 47.61 48.67 -23.19
CA LEU MB 101 48.93 48.93 -23.76
C LEU MB 101 49.19 50.43 -23.86
N ARG MB 102 48.15 51.24 -23.94
CA ARG MB 102 48.35 52.68 -23.93
C ARG MB 102 48.85 53.16 -22.58
N ALA MB 103 48.46 52.48 -21.50
CA ALA MB 103 48.97 52.83 -20.18
C ALA MB 103 50.46 52.56 -20.07
N LEU MB 104 50.90 51.39 -20.53
CA LEU MB 104 52.32 51.09 -20.48
C LEU MB 104 53.11 51.82 -21.56
N ALA MB 105 52.43 52.42 -22.53
CA ALA MB 105 53.10 53.35 -23.43
C ALA MB 105 53.50 54.61 -22.70
N ARG MB 106 52.65 55.07 -21.77
CA ARG MB 106 52.96 56.20 -20.91
C ARG MB 106 53.44 55.74 -19.54
N SER MB 107 54.16 54.61 -19.50
CA SER MB 107 54.70 54.11 -18.24
C SER MB 107 56.17 53.72 -18.35
N GLY MB 108 56.90 54.30 -19.29
CA GLY MB 108 58.34 54.11 -19.35
C GLY MB 108 58.82 52.94 -20.17
N MET MB 109 57.94 52.06 -20.60
CA MET MB 109 58.36 50.93 -21.42
C MET MB 109 58.56 51.39 -22.87
N LYS MB 110 59.19 50.53 -23.65
CA LYS MB 110 59.26 50.69 -25.09
C LYS MB 110 58.51 49.55 -25.75
N ILE MB 111 58.15 49.74 -27.01
CA ILE MB 111 57.24 48.83 -27.72
C ILE MB 111 57.95 48.28 -28.96
N GLY MB 112 57.79 46.99 -29.19
CA GLY MB 112 58.39 46.36 -30.34
C GLY MB 112 57.41 46.03 -31.45
N ARG MB 113 56.99 44.77 -31.52
CA ARG MB 113 56.09 44.30 -32.55
C ARG MB 113 54.71 44.03 -31.95
N ILE MB 114 53.68 44.33 -32.72
CA ILE MB 114 52.29 44.11 -32.31
C ILE MB 114 51.74 42.96 -33.13
N GLU MB 115 50.92 42.13 -32.49
CA GLU MB 115 50.39 40.95 -33.17
C GLU MB 115 49.09 40.57 -32.48
N ASP MB 116 48.21 39.93 -33.24
CA ASP MB 116 46.94 39.42 -32.73
C ASP MB 116 46.98 37.90 -32.81
N VAL MB 117 47.10 37.26 -31.65
CA VAL MB 117 47.20 35.81 -31.59
C VAL MB 117 45.92 35.24 -30.99
N THR MB 118 44.82 35.94 -31.23
CA THR MB 118 43.51 35.37 -30.99
C THR MB 118 43.40 34.02 -31.67
N PRO MB 119 43.23 32.93 -30.92
CA PRO MB 119 43.35 31.60 -31.53
C PRO MB 119 42.17 31.28 -32.43
N ILE MB 120 42.21 31.83 -33.64
CA ILE MB 120 41.18 31.60 -34.64
C ILE MB 120 41.19 30.13 -35.05
N PRO MB 121 40.07 29.44 -34.90
CA PRO MB 121 40.04 28.04 -35.32
C PRO MB 121 40.03 27.95 -36.83
N SER MB 122 40.52 26.83 -37.33
CA SER MB 122 40.28 26.54 -38.73
C SER MB 122 38.80 26.30 -38.96
N ASP MB 123 38.26 25.23 -38.39
CA ASP MB 123 36.86 24.88 -38.56
C ASP MB 123 36.32 24.48 -37.18
N SER MB 124 35.46 25.34 -36.64
CA SER MB 124 35.12 25.31 -35.22
C SER MB 124 34.37 24.05 -34.81
N THR MB 125 34.34 23.81 -33.50
CA THR MB 125 33.41 22.84 -32.93
C THR MB 125 32.06 23.52 -32.77
N ARG MB 126 31.13 22.90 -32.07
CA ARG MB 126 29.82 23.50 -31.89
C ARG MB 126 29.93 24.62 -30.87
N ARG MB 127 29.60 25.83 -31.30
CA ARG MB 127 29.63 26.97 -30.42
C ARG MB 127 28.54 26.86 -29.35
N LYS MB 128 28.85 27.32 -28.14
CA LYS MB 128 27.95 27.30 -27.00
C LYS MB 128 26.68 28.09 -27.31
N GLY MB 129 25.62 27.76 -26.60
CA GLY MB 129 24.35 28.42 -26.83
C GLY MB 129 23.49 27.67 -27.82
N GLY MB 130 22.19 27.79 -27.64
CA GLY MB 130 21.26 27.04 -28.46
C GLY MB 130 21.22 27.45 -29.91
N ARG MB 131 20.41 26.74 -30.70
CA ARG MB 131 20.19 27.15 -32.08
C ARG MB 131 19.45 28.47 -32.13
N ARG MB 132 18.63 28.75 -31.12
CA ARG MB 132 17.94 30.03 -31.05
C ARG MB 132 18.82 31.05 -30.35
N GLY MB 133 20.10 30.73 -30.18
CA GLY MB 133 21.03 31.70 -29.65
C GLY MB 133 20.86 31.93 -28.18
N ARG MB 134 20.93 33.19 -27.78
CA ARG MB 134 20.89 33.60 -26.38
C ARG MB 134 19.81 34.66 -26.27
N ARG MB 135 18.66 34.27 -25.76
CA ARG MB 135 17.49 35.15 -25.75
C ARG MB 135 17.28 35.77 -24.38
N PHE NB 1 -26.34 75.25 50.13
CA PHE NB 1 -26.25 75.52 51.56
C PHE NB 1 -26.42 77.00 51.87
N ARG NB 2 -25.99 77.85 50.95
CA ARG NB 2 -26.02 79.29 51.13
C ARG NB 2 -26.88 79.92 50.04
N LYS NB 3 -27.46 81.08 50.38
CA LYS NB 3 -28.34 81.81 49.47
C LYS NB 3 -27.66 82.20 48.17
N PHE NB 4 -28.45 82.37 47.11
CA PHE NB 4 -27.91 82.71 45.80
C PHE NB 4 -27.37 84.13 45.79
N THR NB 5 -26.07 84.28 45.55
CA THR NB 5 -25.43 85.60 45.50
C THR NB 5 -24.98 85.87 44.07
N TYR NB 6 -25.47 86.95 43.50
CA TYR NB 6 -25.14 87.35 42.14
C TYR NB 6 -24.31 88.62 42.20
N ARG NB 7 -23.03 88.51 41.88
CA ARG NB 7 -22.12 89.65 41.75
C ARG NB 7 -21.99 90.48 43.03
N GLY NB 8 -22.56 90.01 44.12
CA GLY NB 8 -22.57 90.78 45.36
C GLY NB 8 -23.93 91.21 45.82
N VAL NB 9 -24.98 90.62 45.27
CA VAL NB 9 -26.35 90.88 45.72
C VAL NB 9 -27.14 89.58 45.63
N ASP NB 10 -28.07 89.41 46.55
CA ASP NB 10 -28.92 88.22 46.59
C ASP NB 10 -30.14 88.40 45.70
N LEU NB 11 -30.94 87.34 45.61
CA LEU NB 11 -32.09 87.34 44.71
C LEU NB 11 -33.21 88.24 45.24
N ASP NB 12 -33.36 88.30 46.57
CA ASP NB 12 -34.49 89.00 47.16
C ASP NB 12 -34.46 90.50 46.84
N GLN NB 13 -33.30 91.13 46.99
CA GLN NB 13 -33.15 92.49 46.50
C GLN NB 13 -33.09 92.58 44.98
N LEU NB 14 -32.65 91.51 44.33
CA LEU NB 14 -32.55 91.53 42.87
C LEU NB 14 -33.92 91.60 42.21
N LEU NB 15 -34.91 90.93 42.81
CA LEU NB 15 -36.24 90.88 42.21
C LEU NB 15 -36.86 92.28 42.12
N ASP NB 16 -36.74 93.06 43.19
CA ASP NB 16 -37.24 94.43 43.18
C ASP NB 16 -36.08 95.39 42.89
N MET NB 17 -35.59 95.31 41.66
CA MET NB 17 -34.48 96.16 41.23
C MET NB 17 -34.75 96.63 39.82
N SER NB 18 -34.66 97.95 39.62
CA SER NB 18 -34.98 98.55 38.33
C SER NB 18 -33.95 98.16 37.28
N TYR NB 19 -34.33 98.38 36.02
CA TYR NB 19 -33.47 98.10 34.88
C TYR NB 19 -32.44 99.18 34.66
N GLU NB 20 -32.32 100.14 35.57
CA GLU NB 20 -31.26 101.14 35.48
C GLU NB 20 -29.91 100.49 35.79
N GLN NB 21 -29.79 99.92 36.97
CA GLN NB 21 -28.53 99.34 37.42
C GLN NB 21 -28.38 97.88 37.04
N LEU NB 22 -29.31 97.33 36.27
CA LEU NB 22 -29.13 95.97 35.77
C LEU NB 22 -28.14 95.93 34.62
N MET NB 23 -28.01 97.02 33.87
CA MET NB 23 -27.04 97.07 32.78
C MET NB 23 -25.61 97.00 33.32
N GLN NB 24 -25.19 98.00 34.08
CA GLN NB 24 -23.83 97.97 34.60
C GLN NB 24 -23.62 96.92 35.68
N LEU NB 25 -24.62 96.09 35.99
CA LEU NB 25 -24.47 95.03 36.96
C LEU NB 25 -23.63 93.87 36.43
N TYR NB 26 -23.82 93.49 35.17
CA TYR NB 26 -23.20 92.27 34.68
C TYR NB 26 -22.85 92.42 33.21
N SER NB 27 -22.72 91.26 32.54
CA SER NB 27 -22.01 91.03 31.28
C SER NB 27 -22.21 92.09 30.21
N ALA NB 28 -21.13 92.37 29.47
CA ALA NB 28 -21.17 93.41 28.44
C ALA NB 28 -22.19 93.10 27.35
N ARG NB 29 -22.39 91.82 27.03
CA ARG NB 29 -23.32 91.46 25.97
C ARG NB 29 -24.76 91.71 26.39
N GLN NB 30 -25.12 91.35 27.61
CA GLN NB 30 -26.49 91.51 28.07
C GLN NB 30 -26.84 92.98 28.27
N ARG NB 31 -25.89 93.77 28.78
CA ARG NB 31 -26.16 95.19 28.99
C ARG NB 31 -26.22 95.94 27.67
N ARG NB 32 -25.61 95.40 26.62
CA ARG NB 32 -25.74 95.98 25.30
C ARG NB 32 -27.09 95.65 24.67
N ARG NB 33 -27.80 94.68 25.22
CA ARG NB 33 -29.13 94.33 24.74
C ARG NB 33 -30.22 95.10 25.45
N LEU NB 34 -30.23 95.10 26.79
CA LEU NB 34 -31.26 95.80 27.54
C LEU NB 34 -31.20 97.31 27.34
N SER NB 35 -30.02 97.84 27.04
CA SER NB 35 -29.90 99.25 26.70
C SER NB 35 -30.52 99.54 25.35
N ARG NB 36 -30.30 98.65 24.38
CA ARG NB 36 -30.81 98.86 23.03
C ARG NB 36 -32.33 98.84 23.00
N GLY NB 37 -32.95 97.94 23.76
CA GLY NB 37 -34.40 97.92 23.87
C GLY NB 37 -34.99 96.56 23.54
N LEU NB 38 -36.16 96.30 24.10
CA LEU NB 38 -36.84 95.03 23.93
C LEU NB 38 -38.05 95.21 23.02
N ARG NB 39 -38.47 94.12 22.41
CA ARG NB 39 -39.59 94.14 21.48
C ARG NB 39 -40.84 93.60 22.15
N ARG NB 40 -41.99 93.90 21.54
CA ARG NB 40 -43.27 93.49 22.13
C ARG NB 40 -43.47 91.99 22.04
N LYS NB 41 -42.83 91.32 21.08
CA LYS NB 41 -42.83 89.86 21.04
C LYS NB 41 -42.16 89.26 22.26
N GLN NB 42 -41.24 90.00 22.88
CA GLN NB 42 -40.58 89.60 24.11
C GLN NB 42 -41.35 90.03 25.34
N HIS NB 43 -41.92 91.24 25.30
CA HIS NB 43 -42.73 91.70 26.43
C HIS NB 43 -43.99 90.87 26.58
N SER NB 44 -44.51 90.34 25.47
CA SER NB 44 -45.68 89.46 25.54
C SER NB 44 -45.39 88.22 26.37
N LEU NB 45 -44.15 87.71 26.28
CA LEU NB 45 -43.75 86.58 27.13
C LEU NB 45 -43.79 86.96 28.60
N LEU NB 46 -43.38 88.19 28.93
CA LEU NB 46 -43.33 88.60 30.32
C LEU NB 46 -44.72 88.69 30.93
N LYS NB 47 -45.67 89.25 30.18
CA LYS NB 47 -47.05 89.24 30.62
C LYS NB 47 -47.66 87.85 30.54
N ARG NB 48 -47.03 86.94 29.81
CA ARG NB 48 -47.40 85.54 29.79
C ARG NB 48 -46.71 84.74 30.87
N LEU NB 49 -45.62 85.26 31.44
CA LEU NB 49 -44.91 84.61 32.53
C LEU NB 49 -45.63 84.75 33.86
N ARG NB 50 -46.00 85.97 34.24
CA ARG NB 50 -46.73 86.18 35.49
C ARG NB 50 -48.09 85.51 35.45
N LYS NB 51 -48.74 85.55 34.28
CA LYS NB 51 -50.03 84.88 34.12
C LYS NB 51 -49.89 83.36 34.18
N ALA NB 52 -48.69 82.85 33.92
CA ALA NB 52 -48.40 81.43 34.11
C ALA NB 52 -47.80 81.13 35.49
N LYS NB 53 -47.67 82.15 36.34
CA LYS NB 53 -47.05 82.00 37.65
C LYS NB 53 -47.98 82.25 38.81
N LYS NB 54 -48.72 83.36 38.81
CA LYS NB 54 -49.58 83.66 39.96
C LYS NB 54 -50.81 82.76 39.99
N GLU NB 55 -51.16 82.15 38.87
CA GLU NB 55 -52.24 81.19 38.81
C GLU NB 55 -51.83 79.79 39.27
N ALA NB 56 -50.65 79.66 39.86
CA ALA NB 56 -50.17 78.38 40.36
C ALA NB 56 -50.10 78.41 41.87
N PRO NB 57 -50.39 77.31 42.56
CA PRO NB 57 -50.26 77.28 44.03
C PRO NB 57 -48.82 77.52 44.45
N PRO NB 58 -48.61 78.13 45.62
CA PRO NB 58 -47.24 78.35 46.12
C PRO NB 58 -46.53 77.05 46.50
N MET NB 59 -47.26 75.93 46.51
CA MET NB 59 -46.66 74.64 46.78
C MET NB 59 -46.38 73.83 45.53
N GLU NB 60 -47.09 74.08 44.44
CA GLU NB 60 -47.02 73.28 43.23
C GLU NB 60 -46.33 74.07 42.12
N LYS NB 61 -45.47 73.40 41.36
CA LYS NB 61 -44.69 74.07 40.33
C LYS NB 61 -45.62 74.57 39.23
N PRO NB 62 -45.31 75.71 38.61
CA PRO NB 62 -46.28 76.36 37.72
C PRO NB 62 -46.48 75.60 36.41
N GLU NB 63 -47.38 76.14 35.61
CA GLU NB 63 -47.65 75.57 34.29
C GLU NB 63 -46.54 75.99 33.33
N VAL NB 64 -46.44 75.27 32.21
CA VAL NB 64 -45.38 75.45 31.22
C VAL NB 64 -45.84 76.43 30.15
N VAL NB 65 -44.96 77.37 29.83
CA VAL NB 65 -45.24 78.34 28.77
C VAL NB 65 -44.31 78.04 27.61
N LYS NB 66 -44.86 78.04 26.40
CA LYS NB 66 -44.09 77.73 25.21
C LYS NB 66 -43.56 78.99 24.55
N THR NB 67 -42.43 78.86 23.88
CA THR NB 67 -41.76 80.01 23.29
C THR NB 67 -40.80 79.56 22.20
N HIS NB 68 -40.58 80.44 21.22
CA HIS NB 68 -39.57 80.26 20.20
C HIS NB 68 -38.38 81.19 20.40
N LEU NB 69 -38.38 81.94 21.50
CA LEU NB 69 -37.42 83.02 21.68
C LEU NB 69 -36.22 82.54 22.48
N ARG NB 70 -35.38 81.75 21.81
CA ARG NB 70 -34.14 81.30 22.43
C ARG NB 70 -33.20 82.45 22.74
N ASP NB 71 -33.35 83.58 22.04
CA ASP NB 71 -32.51 84.74 22.26
C ASP NB 71 -33.04 85.64 23.37
N MET NB 72 -33.87 85.10 24.25
CA MET NB 72 -34.41 85.84 25.37
C MET NB 72 -33.47 85.69 26.57
N ILE NB 73 -33.13 86.81 27.19
CA ILE NB 73 -32.23 86.78 28.34
C ILE NB 73 -33.01 86.30 29.56
N ILE NB 74 -32.36 85.46 30.37
CA ILE NB 74 -32.92 85.09 31.66
C ILE NB 74 -32.87 86.30 32.58
N LEU NB 75 -34.03 86.71 33.08
CA LEU NB 75 -34.18 87.84 33.97
C LEU NB 75 -34.61 87.37 35.36
N PRO NB 76 -34.36 88.17 36.40
CA PRO NB 76 -34.78 87.76 37.76
C PRO NB 76 -36.28 87.55 37.90
N GLU NB 77 -37.09 88.29 37.14
CA GLU NB 77 -38.54 88.10 37.20
C GLU NB 77 -38.93 86.71 36.70
N MET NB 78 -38.13 86.15 35.78
CA MET NB 78 -38.50 84.90 35.14
C MET NB 78 -38.25 83.71 36.04
N VAL NB 79 -37.34 83.86 37.01
CA VAL NB 79 -36.88 82.75 37.85
C VAL NB 79 -38.03 82.13 38.64
N GLY NB 80 -38.20 80.83 38.51
CA GLY NB 80 -39.31 80.14 39.13
C GLY NB 80 -40.51 80.08 38.21
N SER NB 81 -40.32 79.62 36.98
CA SER NB 81 -41.42 79.46 36.03
C SER NB 81 -41.05 78.37 35.04
N MET NB 82 -42.02 77.55 34.69
CA MET NB 82 -41.78 76.45 33.75
C MET NB 82 -41.88 76.97 32.34
N VAL NB 83 -40.80 76.86 31.57
CA VAL NB 83 -40.71 77.39 30.22
C VAL NB 83 -40.53 76.23 29.26
N GLY NB 84 -41.34 76.20 28.21
CA GLY NB 84 -41.12 75.27 27.12
C GLY NB 84 -40.42 75.98 25.99
N VAL NB 85 -39.11 75.77 25.88
CA VAL NB 85 -38.34 76.50 24.90
C VAL NB 85 -38.11 75.62 23.67
N TYR NB 86 -38.08 76.24 22.51
CA TYR NB 86 -38.08 75.53 21.24
C TYR NB 86 -36.67 75.07 20.90
N ASN NB 87 -36.51 73.77 20.68
CA ASN NB 87 -35.26 73.20 20.19
C ASN NB 87 -35.13 73.34 18.70
N GLY NB 88 -36.24 73.52 18.00
CA GLY NB 88 -36.23 73.58 16.55
C GLY NB 88 -37.19 72.56 15.99
N LYS NB 89 -37.45 71.51 16.77
CA LYS NB 89 -38.41 70.49 16.37
C LYS NB 89 -39.40 70.23 17.49
N THR NB 90 -38.93 70.31 18.74
CA THR NB 90 -39.74 70.02 19.91
C THR NB 90 -39.58 71.15 20.92
N PHE NB 91 -40.34 71.07 21.99
CA PHE NB 91 -40.26 72.03 23.08
C PHE NB 91 -39.54 71.40 24.26
N ASN NB 92 -38.56 72.10 24.80
CA ASN NB 92 -37.72 71.59 25.88
C ASN NB 92 -38.26 72.09 27.21
N GLN NB 93 -38.61 71.15 28.08
CA GLN NB 93 -39.00 71.50 29.45
C GLN NB 93 -37.78 71.95 30.23
N VAL NB 94 -37.70 73.24 30.54
CA VAL NB 94 -36.58 73.78 31.30
C VAL NB 94 -37.12 74.52 32.52
N GLU NB 95 -36.61 74.15 33.70
CA GLU NB 95 -36.95 74.81 34.96
C GLU NB 95 -35.86 75.84 35.25
N ILE NB 96 -36.26 77.08 35.44
CA ILE NB 96 -35.31 78.17 35.57
C ILE NB 96 -34.89 78.32 37.03
N LYS NB 97 -33.59 78.30 37.26
CA LYS NB 97 -32.98 78.49 38.56
C LYS NB 97 -32.34 79.87 38.62
N PRO NB 98 -32.03 80.37 39.81
CA PRO NB 98 -31.39 81.69 39.90
C PRO NB 98 -30.00 81.75 39.30
N GLU NB 99 -29.32 80.62 39.12
CA GLU NB 99 -27.93 80.69 38.66
C GLU NB 99 -27.81 81.07 37.19
N MET NB 100 -28.89 80.93 36.42
CA MET NB 100 -28.83 81.18 34.98
C MET NB 100 -29.09 82.64 34.62
N ILE NB 101 -29.06 83.55 35.59
CA ILE NB 101 -29.23 84.97 35.31
C ILE NB 101 -28.10 85.45 34.39
N GLY NB 102 -28.47 86.13 33.32
CA GLY NB 102 -27.48 86.64 32.40
C GLY NB 102 -27.12 85.71 31.28
N HIS NB 103 -27.97 84.72 30.99
CA HIS NB 103 -27.73 83.82 29.87
C HIS NB 103 -28.89 83.84 28.90
N TYR NB 104 -28.85 82.99 27.88
CA TYR NB 104 -29.92 82.83 26.92
C TYR NB 104 -30.65 81.51 27.17
N LEU NB 105 -31.87 81.43 26.67
CA LEU NB 105 -32.63 80.19 26.81
C LEU NB 105 -32.07 79.08 25.93
N GLY NB 106 -31.40 79.45 24.85
CA GLY NB 106 -30.89 78.45 23.92
C GLY NB 106 -29.79 77.59 24.49
N GLU NB 107 -29.10 78.07 25.53
CA GLU NB 107 -27.99 77.32 26.12
C GLU NB 107 -28.45 76.07 26.86
N PHE NB 108 -29.76 75.87 27.02
CA PHE NB 108 -30.28 74.70 27.71
C PHE NB 108 -31.21 73.86 26.85
N SER NB 109 -31.56 74.36 25.67
CA SER NB 109 -32.34 73.61 24.68
C SER NB 109 -31.40 73.26 23.53
N ILE NB 110 -30.72 72.12 23.68
CA ILE NB 110 -29.71 71.71 22.71
C ILE NB 110 -30.41 71.31 21.43
N THR NB 111 -30.04 71.96 20.33
CA THR NB 111 -30.74 71.79 19.07
C THR NB 111 -30.32 70.52 18.33
N TYR NB 112 -29.45 69.71 18.90
CA TYR NB 112 -28.95 68.51 18.22
C TYR NB 112 -28.66 67.45 19.24
N LYS NB 113 -28.71 66.22 18.81
CA LYS NB 113 -28.25 65.28 19.82
C LYS NB 113 -26.77 64.98 19.65
N PRO NB 114 -26.06 64.70 20.73
CA PRO NB 114 -24.64 64.38 20.60
C PRO NB 114 -24.44 63.07 19.87
N VAL NB 115 -23.26 62.92 19.30
CA VAL NB 115 -22.99 61.89 18.30
C VAL NB 115 -22.26 60.72 18.93
N LYS NB 116 -22.53 59.53 18.41
CA LYS NB 116 -21.84 58.30 18.79
C LYS NB 116 -21.67 57.47 17.54
N HIS NB 117 -20.45 56.99 17.29
CA HIS NB 117 -20.21 56.25 16.05
C HIS NB 117 -20.43 54.75 16.24
N GLY NB 118 -19.94 54.19 17.35
CA GLY NB 118 -20.13 52.78 17.60
C GLY NB 118 -21.37 52.52 18.43
N ARG NB 119 -21.85 51.28 18.36
CA ARG NB 119 -23.04 50.79 19.08
C ARG NB 119 -24.26 51.67 18.84
N PRO NB 120 -24.89 51.61 17.65
CA PRO NB 120 -26.09 52.40 17.34
C PRO NB 120 -27.26 52.12 18.28
N GLY OB 1 25.71 135.72 -9.30
CA GLY OB 1 25.33 136.23 -10.61
C GLY OB 1 24.45 135.28 -11.39
N PRO OB 2 24.86 134.96 -12.63
CA PRO OB 2 24.09 134.01 -13.43
C PRO OB 2 24.10 132.62 -12.82
N LEU OB 3 23.03 131.88 -13.07
CA LEU OB 3 22.77 130.61 -12.41
C LEU OB 3 23.21 129.48 -13.33
N GLN OB 4 24.20 128.71 -12.90
CA GLN OB 4 24.64 127.52 -13.61
C GLN OB 4 23.98 126.25 -13.04
N SER OB 5 22.64 126.20 -13.06
CA SER OB 5 21.92 125.09 -12.46
C SER OB 5 21.58 124.02 -13.49
N VAL OB 6 21.81 122.77 -13.11
CA VAL OB 6 21.38 121.61 -13.89
C VAL OB 6 20.56 120.71 -12.97
N GLN OB 7 19.40 120.26 -13.45
CA GLN OB 7 18.53 119.36 -12.70
C GLN OB 7 18.57 117.99 -13.37
N VAL OB 8 19.43 117.14 -12.88
CA VAL OB 8 19.60 115.81 -13.44
C VAL OB 8 18.82 114.81 -12.60
N PHE OB 9 18.22 113.83 -13.27
CA PHE OB 9 17.36 112.84 -12.64
C PHE OB 9 18.11 111.51 -12.54
N GLY OB 10 17.48 110.55 -11.85
CA GLY OB 10 17.96 109.19 -11.79
C GLY OB 10 16.90 108.28 -11.22
N ARG OB 11 16.60 107.18 -11.90
CA ARG OB 11 15.51 106.30 -11.51
C ARG OB 11 16.03 104.93 -11.06
N LYS OB 12 15.12 104.19 -10.44
CA LYS OB 12 15.37 102.83 -9.99
C LYS OB 12 14.03 102.13 -10.12
N LYS OB 13 13.81 101.03 -9.38
CA LYS OB 13 12.56 100.28 -9.41
C LYS OB 13 11.32 101.19 -9.41
N THR OB 14 11.21 102.05 -8.41
CA THR OB 14 10.22 103.12 -8.45
C THR OB 14 10.89 104.38 -7.93
N ALA OB 15 12.03 104.22 -7.27
CA ALA OB 15 12.69 105.33 -6.61
C ALA OB 15 13.34 106.25 -7.64
N THR OB 16 12.88 107.50 -7.67
CA THR OB 16 13.37 108.52 -8.59
C THR OB 16 14.08 109.60 -7.79
N ALA OB 17 15.32 109.88 -8.15
CA ALA OB 17 16.11 110.92 -7.50
C ALA OB 17 16.45 111.99 -8.52
N VAL OB 18 15.89 113.18 -8.34
CA VAL OB 18 16.19 114.33 -9.19
C VAL OB 18 17.17 115.22 -8.45
N ALA OB 19 18.42 115.25 -8.92
CA ALA OB 19 19.43 116.07 -8.29
C ALA OB 19 19.32 117.50 -8.78
N HIS OB 20 20.18 118.38 -8.25
CA HIS OB 20 20.18 119.77 -8.66
C HIS OB 20 21.57 120.37 -8.53
N CYS OB 21 22.33 120.42 -9.61
CA CYS OB 21 23.64 121.03 -9.60
C CYS OB 21 23.53 122.54 -9.47
N LYS OB 22 24.64 123.17 -9.09
CA LYS OB 22 24.67 124.61 -8.91
C LYS OB 22 26.12 125.06 -8.84
N ARG OB 23 26.34 126.32 -9.16
CA ARG OB 23 27.64 126.94 -8.93
C ARG OB 23 27.76 127.35 -7.47
N GLY OB 24 28.97 127.20 -6.91
CA GLY OB 24 29.24 127.69 -5.57
C GLY OB 24 30.37 126.97 -4.88
N ASN OB 25 30.17 126.65 -3.60
CA ASN OB 25 31.09 125.80 -2.86
C ASN OB 25 30.65 124.36 -3.04
N GLY OB 26 31.24 123.44 -2.29
CA GLY OB 26 30.86 122.05 -2.40
C GLY OB 26 30.06 121.55 -1.21
N LEU OB 27 28.74 121.44 -1.38
CA LEU OB 27 27.92 120.81 -0.37
C LEU OB 27 27.04 119.78 -1.05
N ILE OB 28 26.92 118.61 -0.42
CA ILE OB 28 26.20 117.48 -1.00
C ILE OB 28 25.27 116.93 0.06
N LYS OB 29 23.98 117.17 -0.11
CA LYS OB 29 23.00 116.70 0.86
C LYS OB 29 21.69 116.41 0.15
N VAL OB 30 20.97 115.43 0.67
CA VAL OB 30 19.66 115.05 0.14
C VAL OB 30 18.62 115.33 1.21
N ASN OB 31 17.50 115.93 0.79
CA ASN OB 31 16.34 116.19 1.65
C ASN OB 31 16.69 117.00 2.89
N GLY OB 32 17.82 117.69 2.88
CA GLY OB 32 18.30 118.41 4.05
C GLY OB 32 19.43 117.71 4.79
N ARG OB 33 19.63 116.42 4.58
CA ARG OB 33 20.65 115.73 5.35
C ARG OB 33 21.79 115.25 4.46
N PRO OB 34 23.03 115.31 4.95
CA PRO OB 34 24.18 114.97 4.10
C PRO OB 34 24.30 113.46 3.89
N LEU OB 35 25.14 113.09 2.91
CA LEU OB 35 25.29 111.70 2.54
C LEU OB 35 26.06 110.87 3.56
N GLU OB 36 26.64 111.48 4.57
CA GLU OB 36 27.29 110.73 5.63
C GLU OB 36 26.33 110.43 6.77
N MET OB 37 25.05 110.70 6.58
CA MET OB 37 24.04 110.53 7.61
C MET OB 37 22.75 109.99 7.01
N ILE OB 38 22.89 108.96 6.18
CA ILE OB 38 21.76 108.37 5.47
C ILE OB 38 21.64 106.90 5.84
N GLU OB 39 20.42 106.50 6.20
CA GLU OB 39 20.07 105.15 6.64
C GLU OB 39 19.50 104.35 5.48
N PRO OB 40 19.90 103.09 5.30
CA PRO OB 40 20.78 102.25 6.12
C PRO OB 40 22.26 102.55 6.01
N ARG OB 41 22.90 102.65 7.17
CA ARG OB 41 24.35 102.86 7.23
C ARG OB 41 25.12 101.63 6.80
N THR OB 42 24.46 100.48 6.66
CA THR OB 42 25.09 99.31 6.07
C THR OB 42 25.56 99.61 4.65
N LEU OB 43 24.89 100.53 3.97
CA LEU OB 43 25.34 101.04 2.69
C LEU OB 43 25.65 102.53 2.84
N GLN OB 44 26.86 102.83 3.28
CA GLN OB 44 27.38 104.18 3.27
C GLN OB 44 28.31 104.43 2.10
N TYR OB 45 29.17 103.45 1.77
CA TYR OB 45 30.11 103.62 0.68
C TYR OB 45 29.46 103.53 -0.70
N LYS OB 46 28.17 103.22 -0.79
CA LYS OB 46 27.51 103.38 -2.07
C LYS OB 46 27.20 104.83 -2.37
N LEU OB 47 26.84 105.61 -1.35
CA LEU OB 47 26.63 107.03 -1.52
C LEU OB 47 27.95 107.78 -1.68
N LEU OB 48 29.07 107.15 -1.38
CA LEU OB 48 30.37 107.77 -1.55
C LEU OB 48 31.06 107.32 -2.83
N GLU OB 49 30.36 106.59 -3.71
CA GLU OB 49 30.98 106.13 -4.94
C GLU OB 49 31.49 107.27 -5.81
N PRO OB 50 30.66 108.22 -6.28
CA PRO OB 50 31.20 109.23 -7.20
C PRO OB 50 32.14 110.23 -6.56
N VAL OB 51 32.37 110.17 -5.24
CA VAL OB 51 33.31 111.09 -4.60
C VAL OB 51 34.63 110.36 -4.33
N LEU OB 52 34.62 109.04 -4.36
CA LEU OB 52 35.86 108.27 -4.29
C LEU OB 52 36.32 107.75 -5.64
N LEU OB 53 35.41 107.57 -6.60
CA LEU OB 53 35.84 107.25 -7.95
C LEU OB 53 36.36 108.48 -8.67
N LEU OB 54 35.86 109.66 -8.32
CA LEU OB 54 36.28 110.90 -8.97
C LEU OB 54 37.17 111.76 -8.09
N GLY OB 55 36.99 111.70 -6.78
CA GLY OB 55 37.77 112.56 -5.92
C GLY OB 55 36.88 113.69 -5.41
N LYS OB 56 37.13 114.10 -4.16
CA LYS OB 56 36.34 115.15 -3.55
C LYS OB 56 36.54 116.51 -4.23
N GLU OB 57 37.61 116.67 -5.00
CA GLU OB 57 37.94 117.92 -5.65
C GLU OB 57 37.13 118.20 -6.90
N ARG OB 58 36.42 117.20 -7.43
CA ARG OB 58 35.56 117.45 -8.57
C ARG OB 58 34.32 118.24 -8.18
N PHE OB 59 33.70 117.91 -7.05
CA PHE OB 59 32.54 118.63 -6.55
C PHE OB 59 32.93 119.84 -5.72
N ALA OB 60 34.15 120.35 -5.87
CA ALA OB 60 34.61 121.47 -5.05
C ALA OB 60 33.81 122.73 -5.35
N GLY OB 61 33.68 123.08 -6.62
CA GLY OB 61 32.99 124.30 -6.98
C GLY OB 61 31.53 124.07 -7.31
N VAL OB 62 31.01 122.90 -6.96
CA VAL OB 62 29.65 122.50 -7.32
C VAL OB 62 28.93 122.08 -6.06
N ASP OB 63 27.75 122.65 -5.82
CA ASP OB 63 26.90 122.26 -4.71
C ASP OB 63 25.60 121.67 -5.23
N ILE OB 64 25.20 120.52 -4.68
CA ILE OB 64 24.13 119.71 -5.23
C ILE OB 64 23.14 119.33 -4.15
N ARG OB 65 21.86 119.34 -4.51
CA ARG OB 65 20.77 118.92 -3.65
C ARG OB 65 19.86 117.96 -4.41
N VAL OB 66 19.33 116.98 -3.70
CA VAL OB 66 18.50 115.92 -4.30
C VAL OB 66 17.21 115.80 -3.51
N ARG OB 67 16.08 115.85 -4.21
CA ARG OB 67 14.77 115.55 -3.61
C ARG OB 67 14.29 114.20 -4.11
N VAL OB 68 13.94 113.30 -3.18
CA VAL OB 68 13.60 111.92 -3.52
C VAL OB 68 12.28 111.57 -2.85
N LYS OB 69 11.42 110.89 -3.62
CA LYS OB 69 10.18 110.31 -3.09
C LYS OB 69 9.95 108.97 -3.77
N GLY OB 70 9.15 108.13 -3.12
CA GLY OB 70 8.76 106.86 -3.70
C GLY OB 70 9.84 105.80 -3.61
N GLY OB 71 9.49 104.61 -4.06
CA GLY OB 71 10.43 103.50 -4.04
C GLY OB 71 10.59 102.94 -2.64
N GLY OB 72 11.68 102.21 -2.44
CA GLY OB 72 12.00 101.63 -1.15
C GLY OB 72 13.35 102.12 -0.66
N HIS OB 73 13.81 101.49 0.42
CA HIS OB 73 15.04 101.91 1.09
C HIS OB 73 16.25 101.75 0.17
N VAL OB 74 16.54 100.52 -0.24
CA VAL OB 74 17.72 100.26 -1.05
C VAL OB 74 17.57 100.91 -2.41
N ALA OB 75 16.35 100.90 -2.95
CA ALA OB 75 16.10 101.51 -4.25
C ALA OB 75 16.39 103.01 -4.23
N GLN OB 76 16.13 103.66 -3.10
CA GLN OB 76 16.48 105.06 -2.99
C GLN OB 76 17.98 105.26 -2.95
N ILE OB 77 18.73 104.32 -2.39
CA ILE OB 77 20.18 104.47 -2.32
C ILE OB 77 20.77 104.44 -3.72
N TYR OB 78 20.40 103.46 -4.53
CA TYR OB 78 20.85 103.44 -5.91
C TYR OB 78 20.24 104.57 -6.72
N ALA OB 79 19.10 105.11 -6.30
CA ALA OB 79 18.54 106.26 -6.98
C ALA OB 79 19.41 107.49 -6.79
N ILE OB 80 19.89 107.73 -5.56
CA ILE OB 80 20.74 108.87 -5.30
C ILE OB 80 22.10 108.72 -5.95
N ARG OB 81 22.56 107.50 -6.20
CA ARG OB 81 23.86 107.30 -6.81
C ARG OB 81 23.89 107.70 -8.28
N GLN OB 82 22.92 107.25 -9.07
CA GLN OB 82 22.83 107.67 -10.46
C GLN OB 82 21.93 108.88 -10.63
N SER OB 83 21.93 109.73 -9.64
CA SER OB 83 21.46 111.09 -9.82
C SER OB 83 22.60 112.08 -9.71
N ILE OB 84 23.44 111.95 -8.69
CA ILE OB 84 24.55 112.88 -8.52
C ILE OB 84 25.76 112.47 -9.36
N SER OB 85 25.91 111.19 -9.68
CA SER OB 85 26.95 110.80 -10.63
C SER OB 85 26.54 111.19 -12.04
N LYS OB 86 25.24 111.22 -12.31
CA LYS OB 86 24.79 111.78 -13.57
C LYS OB 86 24.66 113.29 -13.52
N ALA OB 87 24.60 113.87 -12.31
CA ALA OB 87 24.54 115.34 -12.22
C ALA OB 87 25.86 115.96 -12.60
N LEU OB 88 26.97 115.42 -12.08
CA LEU OB 88 28.28 115.98 -12.36
C LEU OB 88 28.67 115.78 -13.82
N VAL OB 89 28.20 114.69 -14.44
CA VAL OB 89 28.58 114.47 -15.83
C VAL OB 89 27.75 115.35 -16.76
N ALA OB 90 26.57 115.80 -16.32
CA ALA OB 90 25.82 116.74 -17.14
C ALA OB 90 26.18 118.18 -16.83
N TYR OB 91 26.62 118.46 -15.61
CA TYR OB 91 27.13 119.80 -15.30
C TYR OB 91 28.45 120.05 -16.00
N TYR OB 92 29.27 119.02 -16.15
CA TYR OB 92 30.54 119.14 -16.84
C TYR OB 92 30.41 119.00 -18.35
N GLN OB 93 29.19 118.90 -18.85
CA GLN OB 93 28.93 118.89 -20.27
C GLN OB 93 28.39 120.21 -20.79
N LYS OB 94 27.69 120.98 -19.96
CA LYS OB 94 27.13 122.25 -20.39
C LYS OB 94 28.06 123.43 -20.14
N TYR OB 95 28.76 123.46 -19.00
CA TYR OB 95 29.50 124.64 -18.60
C TYR OB 95 31.00 124.55 -18.79
N VAL OB 96 31.56 123.35 -18.87
CA VAL OB 96 32.99 123.20 -19.15
C VAL OB 96 33.17 122.23 -20.31
N ASP OB 97 34.42 121.93 -20.64
CA ASP OB 97 34.76 121.04 -21.75
C ASP OB 97 34.34 119.61 -21.44
N GLU OB 98 34.19 118.82 -22.50
CA GLU OB 98 33.94 117.40 -22.35
C GLU OB 98 35.21 116.57 -22.30
N ALA OB 99 36.37 117.21 -22.36
CA ALA OB 99 37.58 116.53 -21.95
C ALA OB 99 37.61 116.34 -20.43
N SER OB 100 36.86 117.16 -19.70
CA SER OB 100 36.66 116.97 -18.27
C SER OB 100 35.35 116.26 -17.97
N LYS OB 101 34.50 116.06 -18.97
CA LYS OB 101 33.29 115.26 -18.83
C LYS OB 101 33.52 113.80 -19.22
N LYS OB 102 34.33 113.54 -20.23
CA LYS OB 102 34.66 112.18 -20.57
C LYS OB 102 35.69 111.57 -19.63
N GLU OB 103 36.56 112.38 -19.04
CA GLU OB 103 37.54 111.85 -18.10
C GLU OB 103 36.92 111.46 -16.77
N ILE OB 104 35.72 111.94 -16.46
CA ILE OB 104 34.96 111.45 -15.33
C ILE OB 104 33.95 110.40 -15.73
N LYS OB 105 33.54 110.36 -17.00
CA LYS OB 105 32.60 109.34 -17.43
C LYS OB 105 33.27 107.98 -17.52
N ASP OB 106 34.43 107.91 -18.15
CA ASP OB 106 35.12 106.65 -18.39
C ASP OB 106 35.51 105.95 -17.10
N ILE OB 107 35.79 106.71 -16.03
CA ILE OB 107 36.02 106.08 -14.74
C ILE OB 107 34.72 105.49 -14.21
N LEU OB 108 33.63 106.22 -14.36
CA LEU OB 108 32.33 105.70 -13.96
C LEU OB 108 31.82 104.63 -14.89
N ILE OB 109 32.42 104.48 -16.08
CA ILE OB 109 32.07 103.38 -16.97
C ILE OB 109 32.71 102.13 -16.41
N GLN OB 110 34.04 102.17 -16.26
CA GLN OB 110 34.81 100.97 -15.93
C GLN OB 110 34.51 100.41 -14.56
N TYR OB 111 33.95 101.22 -13.66
CA TYR OB 111 33.65 100.73 -12.32
C TYR OB 111 32.30 100.04 -12.28
N ASP OB 112 31.25 100.73 -12.73
CA ASP OB 112 29.91 100.20 -12.58
C ASP OB 112 29.02 100.78 -13.66
N ARG OB 113 28.30 99.91 -14.36
CA ARG OB 113 27.37 100.37 -15.39
C ARG OB 113 25.97 100.57 -14.82
N THR OB 114 25.88 101.30 -13.71
CA THR OB 114 24.60 101.73 -13.17
C THR OB 114 24.56 103.20 -12.77
N LEU OB 115 25.70 103.83 -12.55
CA LEU OB 115 25.70 105.25 -12.20
C LEU OB 115 25.29 106.13 -13.37
N LEU OB 116 25.33 105.60 -14.59
CA LEU OB 116 24.98 106.38 -15.78
C LEU OB 116 23.75 105.82 -16.47
N VAL OB 117 23.68 104.52 -16.72
CA VAL OB 117 22.52 103.92 -17.37
C VAL OB 117 21.63 103.33 -16.29
N ALA OB 118 20.35 103.69 -16.34
CA ALA OB 118 19.40 103.18 -15.36
C ALA OB 118 19.17 101.69 -15.55
N ASP OB 119 18.63 101.05 -14.51
CA ASP OB 119 18.30 99.63 -14.57
C ASP OB 119 16.83 99.50 -14.98
N PRO OB 120 16.53 98.87 -16.11
CA PRO OB 120 15.14 98.89 -16.61
C PRO OB 120 14.26 97.79 -16.03
N ARG OB 121 14.71 97.12 -14.98
CA ARG OB 121 13.97 96.01 -14.38
C ARG OB 121 12.81 96.59 -13.57
N ARG OB 122 11.59 96.24 -13.96
CA ARG OB 122 10.40 96.57 -13.20
C ARG OB 122 9.78 95.29 -12.67
N CYS OB 123 8.98 95.43 -11.62
CA CYS OB 123 8.36 94.26 -11.01
C CYS OB 123 7.32 93.68 -11.95
N GLU OB 124 7.46 92.40 -12.25
CA GLU OB 124 6.55 91.72 -13.16
C GLU OB 124 5.17 91.58 -12.53
N SER OB 125 4.14 91.70 -13.36
CA SER OB 125 2.76 91.65 -12.90
C SER OB 125 2.39 90.25 -12.43
N LYS OB 126 1.30 90.18 -11.66
CA LYS OB 126 0.76 88.92 -11.19
C LYS OB 126 -0.29 88.43 -12.15
N LYS OB 127 -0.29 87.12 -12.40
CA LYS OB 127 -1.35 86.46 -13.13
C LYS OB 127 -2.15 85.57 -12.19
N PHE OB 128 -3.39 85.29 -12.57
CA PHE OB 128 -4.25 84.44 -11.76
C PHE OB 128 -3.70 83.02 -11.74
N GLY OB 129 -4.10 82.26 -10.72
CA GLY OB 129 -3.72 80.87 -10.61
C GLY OB 129 -2.43 80.62 -9.86
N GLY OB 130 -1.85 81.65 -9.25
CA GLY OB 130 -0.63 81.50 -8.49
C GLY OB 130 -0.45 82.62 -7.50
N PRO OB 131 0.56 82.52 -6.67
CA PRO OB 131 0.82 83.58 -5.69
C PRO OB 131 1.63 84.74 -6.27
N GLY OB 132 2.44 84.45 -7.28
CA GLY OB 132 3.34 85.47 -7.80
C GLY OB 132 3.30 85.61 -9.30
N ALA OB 133 4.40 86.11 -9.86
CA ALA OB 133 4.44 86.36 -11.30
C ALA OB 133 4.62 85.08 -12.09
N ARG OB 134 5.45 84.17 -11.60
CA ARG OB 134 5.68 82.91 -12.26
C ARG OB 134 5.20 81.70 -11.48
N ALA OB 135 5.19 81.79 -10.15
CA ALA OB 135 4.83 80.65 -9.32
C ALA OB 135 3.35 80.34 -9.42
N ARG OB 136 3.01 79.06 -9.40
CA ARG OB 136 1.63 78.60 -9.42
C ARG OB 136 1.29 77.94 -8.10
N TYR OB 137 -0.01 77.86 -7.82
CA TYR OB 137 -0.44 77.17 -6.61
C TYR OB 137 -0.22 75.67 -6.76
N GLN OB 138 -0.23 74.97 -5.62
CA GLN OB 138 0.12 73.56 -5.62
C GLN OB 138 -0.97 72.73 -6.28
N LYS OB 139 -0.56 71.83 -7.17
CA LYS OB 139 -1.47 70.94 -7.86
C LYS OB 139 -1.61 69.65 -7.09
N SER OB 140 -2.85 69.18 -6.95
CA SER OB 140 -3.16 68.01 -6.15
C SER OB 140 -3.88 66.99 -7.01
N TYR OB 141 -3.29 65.81 -7.16
CA TYR OB 141 -3.95 64.69 -7.80
C TYR OB 141 -4.68 63.87 -6.74
N ARG OB 142 -5.15 62.68 -7.15
CA ARG OB 142 -5.85 61.72 -6.30
C ARG OB 142 -7.10 62.30 -5.64
N GLY PB 1 13.59 82.50 -32.38
CA GLY PB 1 14.45 82.94 -33.46
C GLY PB 1 13.87 84.12 -34.21
N ARG PB 2 14.66 84.69 -35.12
CA ARG PB 2 14.24 85.82 -35.94
C ARG PB 2 14.27 85.39 -37.39
N VAL PB 3 13.17 84.80 -37.85
CA VAL PB 3 13.04 84.35 -39.23
C VAL PB 3 11.87 85.08 -39.87
N ARG PB 4 12.12 85.66 -41.03
CA ARG PB 4 11.13 86.50 -41.67
C ARG PB 4 10.02 85.65 -42.29
N THR PB 5 8.78 86.05 -42.04
CA THR PB 5 7.66 85.30 -42.57
C THR PB 5 7.41 85.70 -44.02
N LYS PB 6 6.40 85.11 -44.64
CA LYS PB 6 6.21 85.31 -46.07
C LYS PB 6 5.68 86.70 -46.37
N THR PB 7 4.76 87.21 -45.55
CA THR PB 7 4.14 88.49 -45.84
C THR PB 7 5.10 89.66 -45.70
N VAL PB 8 6.22 89.47 -45.01
CA VAL PB 8 7.26 90.49 -44.97
C VAL PB 8 8.32 90.24 -46.03
N LYS PB 9 8.37 89.04 -46.60
CA LYS PB 9 9.27 88.74 -47.70
C LYS PB 9 8.65 88.99 -49.06
N LYS PB 10 7.43 88.51 -49.28
CA LYS PB 10 6.78 88.74 -50.57
C LYS PB 10 6.47 90.21 -50.77
N ALA PB 11 6.24 90.95 -49.69
CA ALA PB 11 6.03 92.38 -49.82
C ALA PB 11 7.33 93.14 -49.97
N ALA PB 12 8.46 92.55 -49.59
CA ALA PB 12 9.75 93.20 -49.75
C ALA PB 12 10.40 92.90 -51.09
N ARG PB 13 10.02 91.79 -51.73
CA ARG PB 13 10.54 91.53 -53.07
C ARG PB 13 9.86 92.42 -54.09
N VAL PB 14 8.53 92.55 -54.00
CA VAL PB 14 7.78 93.39 -54.93
C VAL PB 14 8.24 94.84 -54.84
N ILE PB 15 8.67 95.27 -53.64
CA ILE PB 15 9.24 96.60 -53.49
C ILE PB 15 10.50 96.74 -54.34
N ILE PB 16 11.36 95.73 -54.33
CA ILE PB 16 12.58 95.78 -55.11
C ILE PB 16 12.27 95.71 -56.60
N GLU PB 17 11.26 94.93 -56.98
CA GLU PB 17 10.93 94.84 -58.40
C GLU PB 17 10.01 95.97 -58.82
N LYS PB 18 9.94 97.06 -58.06
CA LYS PB 18 9.17 98.21 -58.49
C LYS PB 18 9.93 99.50 -58.23
N TYR PB 19 10.84 99.50 -57.26
CA TYR PB 19 11.52 100.71 -56.84
C TYR PB 19 13.00 100.43 -56.55
N TYR PB 20 13.64 99.67 -57.42
CA TYR PB 20 15.06 99.40 -57.24
C TYR PB 20 15.92 100.65 -57.35
N THR PB 21 15.48 101.65 -58.11
CA THR PB 21 16.28 102.83 -58.34
C THR PB 21 16.08 103.92 -57.30
N ARG PB 22 15.06 103.82 -56.45
CA ARG PB 22 14.88 104.84 -55.42
C ARG PB 22 15.64 104.51 -54.14
N LEU PB 23 15.70 103.23 -53.78
CA LEU PB 23 16.33 102.84 -52.53
C LEU PB 23 17.85 102.81 -52.67
N GLY PB 24 18.52 102.59 -51.55
CA GLY PB 24 19.97 102.66 -51.51
C GLY PB 24 20.62 101.46 -50.85
N ASN PB 25 21.44 101.70 -49.84
CA ASN PB 25 22.24 100.63 -49.26
C ASN PB 25 22.04 100.46 -47.76
N ASP PB 26 21.87 101.53 -47.00
CA ASP PB 26 21.79 101.43 -45.55
C ASP PB 26 20.33 101.41 -45.10
N PHE PB 27 20.12 100.89 -43.89
CA PHE PB 27 18.78 100.65 -43.35
C PHE PB 27 17.96 101.91 -43.21
N HIS PB 28 18.57 102.96 -42.67
CA HIS PB 28 17.81 104.11 -42.22
C HIS PB 28 17.23 104.93 -43.35
N THR PB 29 17.94 105.03 -44.48
CA THR PB 29 17.39 105.86 -45.54
C THR PB 29 16.24 105.15 -46.25
N ASN PB 30 16.37 103.86 -46.54
CA ASN PB 30 15.32 103.20 -47.30
C ASN PB 30 14.23 102.71 -46.37
N LYS PB 31 14.40 102.96 -45.07
CA LYS PB 31 13.30 102.84 -44.13
C LYS PB 31 12.26 103.92 -44.39
N ARG PB 32 12.70 105.13 -44.71
CA ARG PB 32 11.78 106.23 -45.00
C ARG PB 32 11.35 106.28 -46.45
N VAL PB 33 11.99 105.53 -47.34
CA VAL PB 33 11.44 105.46 -48.69
C VAL PB 33 10.29 104.46 -48.71
N CYS PB 34 10.29 103.52 -47.77
CA CYS PB 34 9.26 102.48 -47.75
C CYS PB 34 7.94 103.04 -47.27
N GLU PB 35 7.97 104.04 -46.39
CA GLU PB 35 6.74 104.67 -45.93
C GLU PB 35 6.01 105.39 -47.06
N GLU PB 36 6.71 105.77 -48.12
CA GLU PB 36 6.12 106.52 -49.22
C GLU PB 36 5.66 105.63 -50.37
N ILE PB 37 6.47 104.63 -50.74
CA ILE PB 37 6.13 103.79 -51.89
C ILE PB 37 5.06 102.77 -51.55
N ALA PB 38 4.80 102.51 -50.27
CA ALA PB 38 3.80 101.53 -49.87
C ALA PB 38 3.04 102.04 -48.66
N ILE PB 39 1.81 101.58 -48.53
CA ILE PB 39 0.98 101.86 -47.36
C ILE PB 39 1.06 100.65 -46.44
N ILE PB 40 1.71 100.81 -45.30
CA ILE PB 40 1.85 99.77 -44.30
C ILE PB 40 1.15 100.23 -43.03
N PRO PB 41 0.27 99.42 -42.43
CA PRO PB 41 -0.47 99.89 -41.25
C PRO PB 41 0.40 100.21 -40.04
N SER PB 42 1.21 99.25 -39.59
CA SER PB 42 1.94 99.44 -38.35
C SER PB 42 3.35 99.95 -38.63
N LYS PB 43 4.09 100.21 -37.56
CA LYS PB 43 5.48 100.66 -37.64
C LYS PB 43 6.47 99.52 -37.44
N LYS PB 44 6.09 98.49 -36.68
CA LYS PB 44 6.92 97.30 -36.59
C LYS PB 44 7.08 96.64 -37.95
N LEU PB 45 6.01 96.58 -38.72
CA LEU PB 45 6.08 96.02 -40.07
C LEU PB 45 6.89 96.92 -41.00
N ARG PB 46 6.91 98.22 -40.73
CA ARG PB 46 7.74 99.13 -41.50
C ARG PB 46 9.21 98.77 -41.38
N ASN PB 47 9.66 98.50 -40.15
CA ASN PB 47 11.06 98.19 -39.95
C ASN PB 47 11.40 96.77 -40.34
N LYS PB 48 10.48 95.83 -40.11
CA LYS PB 48 10.69 94.45 -40.51
C LYS PB 48 10.95 94.35 -42.00
N ILE PB 49 10.15 95.05 -42.79
CA ILE PB 49 10.29 95.00 -44.24
C ILE PB 49 11.55 95.72 -44.67
N ALA PB 50 11.71 96.98 -44.25
CA ALA PB 50 12.83 97.80 -44.71
C ALA PB 50 14.18 97.21 -44.29
N GLY PB 51 14.22 96.48 -43.18
CA GLY PB 51 15.44 95.79 -42.83
C GLY PB 51 15.73 94.65 -43.79
N TYR PB 52 14.70 93.94 -44.23
CA TYR PB 52 14.90 92.84 -45.17
C TYR PB 52 15.29 93.36 -46.54
N VAL PB 53 14.83 94.55 -46.90
CA VAL PB 53 15.20 95.13 -48.20
C VAL PB 53 16.70 95.36 -48.28
N THR PB 54 17.29 95.85 -47.18
CA THR PB 54 18.73 96.07 -47.19
C THR PB 54 19.51 94.77 -47.16
N HIS PB 55 18.95 93.73 -46.54
CA HIS PB 55 19.60 92.44 -46.58
C HIS PB 55 19.61 91.88 -48.00
N LEU PB 56 18.60 92.21 -48.79
CA LEU PB 56 18.58 91.79 -50.19
C LEU PB 56 19.49 92.63 -51.06
N MET PB 57 19.76 93.89 -50.69
CA MET PB 57 20.71 94.69 -51.44
C MET PB 57 22.10 94.08 -51.38
N LYS PB 58 22.54 93.68 -50.19
CA LYS PB 58 23.84 93.05 -50.03
C LYS PB 58 23.94 91.70 -50.71
N ARG PB 59 22.81 91.16 -51.18
CA ARG PB 59 22.82 90.02 -52.06
C ARG PB 59 22.78 90.41 -53.54
N ILE PB 60 22.38 91.64 -53.86
CA ILE PB 60 22.37 92.08 -55.24
C ILE PB 60 23.74 92.59 -55.69
N GLN PB 61 24.48 93.28 -54.82
CA GLN PB 61 25.80 93.77 -55.19
C GLN PB 61 26.78 92.63 -55.44
N ARG PB 62 26.47 91.43 -54.95
CA ARG PB 62 27.31 90.26 -55.17
C ARG PB 62 26.78 89.36 -56.27
N GLY PB 63 25.82 89.81 -57.06
CA GLY PB 63 25.28 89.02 -58.13
C GLY PB 63 23.77 89.00 -58.15
N PRO PB 64 23.19 88.05 -58.87
CA PRO PB 64 21.72 88.01 -58.96
C PRO PB 64 21.09 87.23 -57.82
N VAL PB 65 19.77 87.34 -57.72
CA VAL PB 65 18.96 86.59 -56.77
C VAL PB 65 17.90 85.87 -57.61
N ARG PB 66 17.45 84.71 -57.13
CA ARG PB 66 16.59 83.81 -57.90
C ARG PB 66 15.31 84.48 -58.39
N GLY PB 67 14.45 84.88 -57.46
CA GLY PB 67 13.19 85.49 -57.87
C GLY PB 67 13.21 87.00 -57.92
N ILE PB 68 14.04 87.59 -58.78
CA ILE PB 68 14.03 89.03 -58.94
C ILE PB 68 13.96 89.36 -60.41
N SER PB 69 13.28 90.46 -60.73
CA SER PB 69 13.21 91.00 -62.08
C SER PB 69 13.48 92.49 -61.97
N ILE PB 70 14.75 92.87 -62.06
CA ILE PB 70 15.15 94.27 -62.16
C ILE PB 70 15.62 94.50 -63.59
N LYS PB 71 15.36 95.70 -64.10
CA LYS PB 71 15.56 95.99 -65.51
C LYS PB 71 17.05 96.12 -65.83
N LEU PB 72 17.89 96.15 -64.80
CA LEU PB 72 19.34 96.25 -64.97
C LEU PB 72 20.01 94.90 -65.15
N GLN PB 73 19.50 93.86 -64.50
CA GLN PB 73 20.06 92.52 -64.67
C GLN PB 73 19.32 91.69 -65.70
N GLU PB 74 18.18 92.17 -66.20
CA GLU PB 74 17.59 91.60 -67.40
C GLU PB 74 18.20 92.21 -68.66
N GLU PB 75 18.64 93.47 -68.59
CA GLU PB 75 19.42 94.04 -69.68
C GLU PB 75 20.81 93.43 -69.75
N GLU PB 76 21.42 93.20 -68.59
CA GLU PB 76 22.72 92.54 -68.56
C GLU PB 76 22.63 91.10 -69.05
N ARG PB 77 21.54 90.41 -68.71
CA ARG PB 77 21.33 89.09 -69.28
C ARG PB 77 21.03 89.17 -70.77
N GLU PB 78 20.42 90.26 -71.23
CA GLU PB 78 20.14 90.44 -72.65
C GLU PB 78 21.39 90.72 -73.45
N ARG PB 79 22.33 91.50 -72.93
CA ARG PB 79 23.57 91.74 -73.66
C ARG PB 79 24.51 90.56 -73.60
N ARG PB 80 24.21 89.55 -72.78
CA ARG PB 80 25.06 88.38 -72.66
C ARG PB 80 24.52 87.15 -73.37
N ASP PB 81 23.24 87.13 -73.74
CA ASP PB 81 22.71 86.03 -74.55
C ASP PB 81 22.54 86.40 -76.00
N ASN PB 82 22.60 87.69 -76.33
CA ASN PB 82 22.53 88.15 -77.71
C ASN PB 82 23.93 88.42 -78.25
N TYR PB 83 24.92 87.71 -77.72
CA TYR PB 83 26.30 87.85 -78.13
C TYR PB 83 26.69 86.73 -79.09
N VAL PB 84 27.43 87.10 -80.12
CA VAL PB 84 27.90 86.17 -81.14
C VAL PB 84 29.30 86.58 -81.56
N PRO PB 85 30.27 85.66 -81.57
CA PRO PB 85 31.65 86.06 -81.90
C PRO PB 85 31.83 86.36 -83.38
N GLU PB 86 33.00 86.88 -83.76
CA GLU PB 86 33.26 87.19 -85.15
C GLU PB 86 33.59 85.96 -85.97
N VAL PB 87 34.05 84.89 -85.32
CA VAL PB 87 34.32 83.63 -86.00
C VAL PB 87 33.46 82.56 -85.34
N SER PB 88 32.88 81.69 -86.16
CA SER PB 88 32.05 80.63 -85.62
C SER PB 88 32.93 79.58 -84.97
N ALA PB 89 32.31 78.77 -84.11
CA ALA PB 89 33.02 77.62 -83.54
C ALA PB 89 32.91 76.43 -84.47
N LEU PB 90 32.45 76.66 -85.71
CA LEU PB 90 32.26 75.60 -86.68
C LEU PB 90 33.20 75.69 -87.87
N ASP PB 91 33.74 76.87 -88.16
CA ASP PB 91 34.53 77.11 -89.36
C ASP PB 91 35.99 76.80 -89.06
N GLN PB 92 36.34 75.52 -89.14
CA GLN PB 92 37.71 75.07 -88.94
C GLN PB 92 38.25 74.39 -90.19
N GLU PB 93 39.57 74.34 -90.26
CA GLU PB 93 40.28 73.59 -91.29
C GLU PB 93 41.07 72.44 -90.68
N ILE PB 94 40.72 72.04 -89.47
CA ILE PB 94 41.57 71.17 -88.65
C ILE PB 94 40.79 69.89 -88.34
N ILE PB 95 39.49 69.89 -88.65
CA ILE PB 95 38.48 68.96 -88.15
C ILE PB 95 38.90 67.49 -88.20
N GLU PB 96 38.76 66.82 -87.06
CA GLU PB 96 39.36 65.50 -86.84
C GLU PB 96 38.29 64.43 -87.00
N VAL PB 97 38.23 63.83 -88.18
CA VAL PB 97 37.23 62.81 -88.45
C VAL PB 97 37.83 61.46 -88.08
N ASP PB 98 36.97 60.47 -87.94
CA ASP PB 98 37.45 59.17 -87.53
C ASP PB 98 37.33 58.20 -88.71
N PRO PB 99 38.14 57.12 -88.77
CA PRO PB 99 38.17 56.27 -89.98
C PRO PB 99 36.83 55.68 -90.39
N ASP PB 100 36.17 55.00 -89.46
CA ASP PB 100 34.90 54.37 -89.77
C ASP PB 100 33.81 55.40 -89.98
N THR PB 101 33.91 56.56 -89.31
CA THR PB 101 32.97 57.64 -89.56
C THR PB 101 33.12 58.19 -90.97
N LYS PB 102 34.35 58.24 -91.48
CA LYS PB 102 34.57 58.66 -92.86
C LYS PB 102 33.90 57.72 -93.84
N GLU PB 103 33.76 56.44 -93.48
CA GLU PB 103 33.08 55.49 -94.35
C GLU PB 103 31.60 55.80 -94.48
N MET PB 104 31.01 56.43 -93.45
CA MET PB 104 29.62 56.85 -93.57
C MET PB 104 29.49 57.98 -94.59
N LEU PB 105 30.41 58.94 -94.56
CA LEU PB 105 30.42 59.98 -95.58
C LEU PB 105 30.80 59.41 -96.95
N LYS PB 106 31.64 58.36 -96.95
CA LYS PB 106 32.10 57.77 -98.20
C LYS PB 106 30.95 57.09 -98.93
N LEU PB 107 30.11 56.35 -98.21
CA LEU PB 107 28.93 55.75 -98.84
C LEU PB 107 27.91 56.79 -99.27
N LEU PB 108 28.00 58.01 -98.75
CA LEU PB 108 27.14 59.10 -99.18
C LEU PB 108 27.69 59.76 -100.43
N ASP PB 109 27.18 60.94 -100.77
CA ASP PB 109 27.68 61.69 -101.91
C ASP PB 109 28.88 62.58 -101.60
N PHE PB 110 29.17 62.86 -100.34
CA PHE PB 110 30.31 63.69 -99.96
C PHE PB 110 31.23 62.87 -99.07
N GLY PB 111 32.18 62.17 -99.68
CA GLY PB 111 33.11 61.35 -98.93
C GLY PB 111 34.43 62.02 -98.58
N SER PB 112 35.08 62.63 -99.58
CA SER PB 112 36.40 63.21 -99.39
C SER PB 112 36.33 64.73 -99.57
N LEU PB 113 36.88 65.46 -98.61
CA LEU PB 113 36.96 66.91 -98.67
C LEU PB 113 38.42 67.33 -98.54
N SER PB 114 38.65 68.65 -98.60
CA SER PB 114 39.98 69.22 -98.60
C SER PB 114 40.51 69.51 -97.20
N ASN PB 115 39.75 69.19 -96.16
CA ASN PB 115 40.12 69.57 -94.80
C ASN PB 115 39.76 68.50 -93.79
N LEU PB 116 39.42 67.29 -94.23
CA LEU PB 116 39.00 66.22 -93.33
C LEU PB 116 40.21 65.33 -93.06
N GLN PB 117 40.96 65.71 -92.04
CA GLN PB 117 42.15 64.95 -91.62
C GLN PB 117 41.68 63.87 -90.66
N VAL PB 118 41.87 62.61 -91.05
CA VAL PB 118 41.42 61.48 -90.26
C VAL PB 118 42.42 61.18 -89.14
N THR PB 119 41.94 60.51 -88.10
CA THR PB 119 42.79 60.03 -87.02
C THR PB 119 43.21 58.59 -87.31
N GLN PB 120 43.85 57.96 -86.33
CA GLN PB 120 44.19 56.55 -86.35
C GLN PB 120 43.24 55.81 -85.43
N PRO PB 121 43.04 54.50 -85.63
CA PRO PB 121 42.12 53.75 -84.79
C PRO PB 121 42.63 53.67 -83.35
N THR PB 122 41.76 53.99 -82.39
CA THR PB 122 42.11 53.92 -80.98
C THR PB 122 42.16 52.45 -80.60
N VAL PB 123 43.30 51.84 -80.89
CA VAL PB 123 43.45 50.39 -80.77
C VAL PB 123 43.39 49.98 -79.30
N GLY PB 124 42.58 48.98 -79.01
CA GLY PB 124 42.32 48.54 -77.66
C GLY PB 124 40.93 48.96 -77.22
N MET PB 125 40.00 48.01 -77.18
CA MET PB 125 38.65 48.32 -76.74
C MET PB 125 38.61 48.38 -75.21
N ASN PB 126 38.52 49.59 -74.67
CA ASN PB 126 38.46 49.75 -73.21
C ASN PB 126 37.77 51.06 -72.88
N PHE PB 127 36.47 50.98 -72.60
CA PHE PB 127 35.67 52.16 -72.36
C PHE PB 127 34.75 51.98 -71.17
N LYS PB 128 34.43 50.74 -70.84
CA LYS PB 128 33.52 50.48 -69.73
C LYS PB 128 34.23 50.71 -68.41
N THR PB 129 33.44 50.96 -67.37
CA THR PB 129 33.95 51.09 -66.01
C THR PB 129 33.90 49.74 -65.32
N PRO PB 130 34.90 49.39 -64.50
CA PRO PB 130 34.91 48.08 -63.85
C PRO PB 130 33.71 47.86 -62.94
N ARG PB 131 32.97 46.79 -63.19
CA ARG PB 131 31.74 46.55 -62.45
C ARG PB 131 32.04 46.25 -60.99
N GLY PB 132 31.30 46.90 -60.09
CA GLY PB 132 31.49 46.72 -58.66
C GLY PB 132 30.86 47.81 -57.83
N SER QB 1 28.24 91.67 42.54
CA SER QB 1 28.13 92.33 41.25
C SER QB 1 28.05 91.30 40.13
N LEU QB 2 29.21 90.80 39.73
CA LEU QB 2 29.29 89.77 38.71
C LEU QB 2 29.35 88.38 39.33
N VAL QB 3 29.64 88.29 40.61
CA VAL QB 3 29.81 87.02 41.29
C VAL QB 3 28.57 86.74 42.14
N ILE QB 4 28.51 85.52 42.67
CA ILE QB 4 27.38 85.08 43.49
C ILE QB 4 27.36 85.88 44.79
N PRO QB 5 26.20 86.42 45.17
CA PRO QB 5 26.13 87.13 46.46
C PRO QB 5 26.00 86.17 47.62
N GLU QB 6 25.86 86.72 48.82
CA GLU QB 6 25.72 85.92 50.03
C GLU QB 6 24.24 85.71 50.30
N LYS QB 7 23.95 84.62 51.03
CA LYS QB 7 22.59 84.15 51.29
C LYS QB 7 21.79 84.04 50.00
N PHE QB 8 22.36 83.34 49.02
CA PHE QB 8 21.69 83.15 47.75
C PHE QB 8 20.42 82.33 47.94
N GLN QB 9 19.45 82.57 47.06
CA GLN QB 9 18.19 81.86 47.09
C GLN QB 9 17.97 81.22 45.71
N HIS QB 10 18.47 79.99 45.55
CA HIS QB 10 18.45 79.32 44.25
C HIS QB 10 17.03 78.97 43.83
N ILE QB 11 16.21 78.50 44.75
CA ILE QB 11 14.81 78.24 44.48
C ILE QB 11 13.97 78.88 45.57
N LEU QB 12 12.97 79.67 45.16
CA LEU QB 12 12.07 80.35 46.08
C LEU QB 12 10.81 79.52 46.28
N ARG QB 13 10.19 79.67 47.44
CA ARG QB 13 8.99 78.90 47.79
C ARG QB 13 7.82 79.86 47.92
N VAL QB 14 7.12 80.08 46.82
CA VAL QB 14 6.07 81.09 46.73
C VAL QB 14 4.75 80.42 46.35
N LEU QB 15 3.75 80.59 47.20
CA LEU QB 15 2.41 80.00 47.03
C LEU QB 15 2.48 78.51 46.72
N ASN QB 16 3.26 77.81 47.55
CA ASN QB 16 3.68 76.41 47.36
C ASN QB 16 3.99 76.09 45.89
N THR QB 17 4.79 76.95 45.26
CA THR QB 17 5.33 76.68 43.94
C THR QB 17 6.83 76.97 43.94
N ASN QB 18 7.51 76.43 42.94
CA ASN QB 18 8.93 76.67 42.77
C ASN QB 18 9.17 77.91 41.92
N ILE QB 19 10.13 78.73 42.36
CA ILE QB 19 10.58 79.85 41.54
C ILE QB 19 12.10 79.82 41.50
N ASP QB 20 12.65 79.35 40.39
CA ASP QB 20 14.10 79.25 40.26
C ASP QB 20 14.73 80.62 40.16
N GLY QB 21 15.75 80.84 40.99
CA GLY QB 21 16.44 82.11 41.02
C GLY QB 21 17.36 82.33 39.83
N ARG QB 22 17.61 81.25 39.09
CA ARG QB 22 18.44 81.34 37.91
C ARG QB 22 17.83 82.26 36.86
N ARG QB 23 16.50 82.21 36.73
CA ARG QB 23 15.81 83.00 35.72
C ARG QB 23 15.61 84.43 36.23
N LYS QB 24 15.51 85.36 35.28
CA LYS QB 24 15.36 86.78 35.62
C LYS QB 24 14.07 87.04 36.37
N ILE QB 25 13.99 88.15 37.10
CA ILE QB 25 12.94 88.35 38.08
C ILE QB 25 11.60 88.55 37.40
N ALA QB 26 11.58 89.34 36.33
CA ALA QB 26 10.33 89.60 35.62
C ALA QB 26 9.77 88.35 34.96
N PHE QB 27 10.59 87.32 34.80
CA PHE QB 27 10.16 86.12 34.10
C PHE QB 27 10.20 84.88 34.98
N ALA QB 28 10.77 84.97 36.18
CA ALA QB 28 10.72 83.83 37.10
C ALA QB 28 9.37 83.74 37.79
N ILE QB 29 8.76 84.90 38.10
CA ILE QB 29 7.47 84.93 38.79
C ILE QB 29 6.38 84.31 37.94
N THR QB 30 6.55 84.34 36.61
CA THR QB 30 5.55 83.80 35.70
C THR QB 30 5.31 82.31 35.86
N ALA QB 31 6.15 81.61 36.63
CA ALA QB 31 5.91 80.21 36.93
C ALA QB 31 4.63 80.00 37.75
N ILE QB 32 4.16 81.03 38.44
CA ILE QB 32 2.93 80.93 39.21
C ILE QB 32 1.75 81.09 38.28
N LYS QB 33 0.71 80.28 38.50
CA LYS QB 33 -0.50 80.40 37.69
C LYS QB 33 -1.29 81.64 38.10
N GLY QB 34 -1.81 82.33 37.11
CA GLY QB 34 -2.54 83.56 37.32
C GLY QB 34 -1.73 84.82 37.15
N VAL QB 35 -0.42 84.70 37.03
CA VAL QB 35 0.46 85.81 36.74
C VAL QB 35 1.29 85.46 35.52
N GLY QB 36 1.21 86.30 34.50
CA GLY QB 36 1.91 86.08 33.25
C GLY QB 36 3.07 87.02 33.09
N ARG QB 37 3.37 87.35 31.83
CA ARG QB 37 4.51 88.20 31.55
C ARG QB 37 4.17 89.67 31.70
N ARG QB 38 2.95 90.05 31.35
CA ARG QB 38 2.56 91.45 31.45
C ARG QB 38 2.33 91.84 32.90
N TYR QB 39 1.57 91.03 33.64
CA TYR QB 39 1.27 91.32 35.03
C TYR QB 39 2.50 91.20 35.93
N ALA QB 40 3.55 90.53 35.48
CA ALA QB 40 4.76 90.48 36.30
C ALA QB 40 5.54 91.79 36.26
N HIS QB 41 5.57 92.46 35.11
CA HIS QB 41 6.33 93.68 34.98
C HIS QB 41 5.72 94.85 35.74
N VAL QB 42 4.44 94.77 36.11
CA VAL QB 42 3.83 95.88 36.82
C VAL QB 42 3.89 95.68 38.33
N VAL QB 43 3.85 94.43 38.80
CA VAL QB 43 4.05 94.23 40.22
C VAL QB 43 5.47 94.54 40.61
N LEU QB 44 6.42 94.31 39.69
CA LEU QB 44 7.77 94.80 39.90
C LEU QB 44 7.92 96.28 39.57
N ARG QB 45 6.83 96.96 39.24
CA ARG QB 45 6.80 98.41 39.09
C ARG QB 45 6.13 99.09 40.27
N LYS QB 46 5.05 98.51 40.78
CA LYS QB 46 4.44 99.02 42.01
C LYS QB 46 5.35 98.77 43.20
N ALA QB 47 6.18 97.73 43.12
CA ALA QB 47 7.26 97.51 44.06
C ALA QB 47 8.55 97.94 43.36
N ASP QB 48 9.17 98.99 43.85
CA ASP QB 48 10.36 99.54 43.23
C ASP QB 48 11.53 98.56 43.36
N ILE QB 49 11.93 97.96 42.23
CA ILE QB 49 13.04 97.02 42.19
C ILE QB 49 13.65 97.06 40.81
N ASP QB 50 14.99 97.16 40.74
CA ASP QB 50 15.66 97.04 39.45
C ASP QB 50 15.55 95.62 38.93
N LEU QB 51 14.71 95.43 37.92
CA LEU QB 51 14.42 94.10 37.41
C LEU QB 51 15.51 93.53 36.52
N THR QB 52 16.70 94.13 36.52
CA THR QB 52 17.85 93.58 35.83
C THR QB 52 18.59 92.55 36.66
N LYS QB 53 18.17 92.32 37.90
CA LYS QB 53 18.80 91.31 38.73
C LYS QB 53 18.20 89.95 38.41
N ARG QB 54 18.75 88.91 39.03
CA ARG QB 54 18.18 87.58 38.97
C ARG QB 54 17.34 87.34 40.21
N ALA QB 55 16.53 86.29 40.15
CA ALA QB 55 15.65 86.02 41.28
C ALA QB 55 16.33 85.28 42.43
N GLY QB 56 17.66 85.18 42.40
CA GLY QB 56 18.37 84.53 43.49
C GLY QB 56 19.37 85.42 44.18
N GLU QB 57 19.33 86.72 43.90
CA GLU QB 57 20.27 87.65 44.50
C GLU QB 57 19.54 88.69 45.33
N LEU QB 58 18.28 88.96 44.95
CA LEU QB 58 17.48 89.99 45.60
C LEU QB 58 17.17 89.60 47.04
N THR QB 59 17.07 90.62 47.89
CA THR QB 59 17.02 90.39 49.33
C THR QB 59 15.66 89.86 49.77
N GLU QB 60 15.65 89.21 50.94
CA GLU QB 60 14.49 88.44 51.39
C GLU QB 60 13.33 89.35 51.79
N ASP QB 61 13.63 90.55 52.27
CA ASP QB 61 12.59 91.38 52.87
C ASP QB 61 11.62 91.91 51.83
N GLU QB 62 12.12 92.33 50.66
CA GLU QB 62 11.25 92.98 49.69
C GLU QB 62 10.53 92.00 48.78
N VAL QB 63 10.95 90.73 48.75
CA VAL QB 63 10.14 89.75 48.05
C VAL QB 63 8.87 89.43 48.83
N GLU QB 64 8.86 89.73 50.13
CA GLU QB 64 7.62 89.65 50.88
C GLU QB 64 6.66 90.75 50.45
N ARG QB 65 7.19 91.89 50.04
CA ARG QB 65 6.35 93.02 49.65
C ARG QB 65 5.62 92.76 48.34
N VAL QB 66 6.23 92.04 47.42
CA VAL QB 66 5.55 91.79 46.16
C VAL QB 66 4.45 90.76 46.33
N ILE QB 67 4.56 89.91 47.35
CA ILE QB 67 3.49 88.94 47.63
C ILE QB 67 2.23 89.67 48.07
N THR QB 68 2.37 90.72 48.87
CA THR QB 68 1.23 91.54 49.27
C THR QB 68 0.52 92.12 48.06
N ILE QB 69 1.28 92.43 46.99
CA ILE QB 69 0.67 93.06 45.83
C ILE QB 69 -0.07 92.02 44.98
N MET QB 70 0.37 90.77 45.00
CA MET QB 70 -0.28 89.71 44.21
C MET QB 70 -1.73 89.51 44.60
N GLN QB 71 -1.99 89.02 45.82
CA GLN QB 71 -3.36 88.73 46.22
C GLN QB 71 -4.11 89.99 46.63
N ASN QB 72 -3.42 91.12 46.75
CA ASN QB 72 -4.06 92.40 47.03
C ASN QB 72 -3.48 93.43 46.06
N PRO QB 73 -4.03 93.55 44.87
CA PRO QB 73 -3.57 94.59 43.93
C PRO QB 73 -4.37 95.87 44.03
N ARG QB 74 -5.49 95.82 44.74
CA ARG QB 74 -6.41 96.96 44.80
C ARG QB 74 -5.76 98.16 45.49
N GLN QB 75 -5.21 97.94 46.69
CA GLN QB 75 -4.64 99.06 47.45
C GLN QB 75 -3.36 99.60 46.82
N TYR QB 76 -2.76 98.87 45.89
CA TYR QB 76 -1.63 99.37 45.12
C TYR QB 76 -2.07 99.95 43.79
N LYS QB 77 -3.32 100.42 43.73
CA LYS QB 77 -3.96 101.10 42.59
C LYS QB 77 -3.65 100.43 41.25
N ILE QB 78 -3.68 99.11 41.25
CA ILE QB 78 -3.59 98.36 39.99
C ILE QB 78 -4.99 98.40 39.37
N PRO QB 79 -5.11 98.73 38.09
CA PRO QB 79 -6.42 98.99 37.50
C PRO QB 79 -7.29 97.75 37.44
N ASP QB 80 -8.60 97.98 37.37
CA ASP QB 80 -9.58 96.91 37.46
C ASP QB 80 -9.51 95.98 36.24
N TRP QB 81 -9.33 96.55 35.06
CA TRP QB 81 -9.31 95.80 33.82
C TRP QB 81 -8.09 94.89 33.73
N PHE QB 82 -7.03 95.26 34.44
CA PHE QB 82 -5.78 94.52 34.33
C PHE QB 82 -5.86 93.15 34.98
N LEU QB 83 -6.87 92.88 35.79
CA LEU QB 83 -6.97 91.64 36.52
C LEU QB 83 -7.41 90.50 35.62
N ASN QB 84 -7.40 89.28 36.17
CA ASN QB 84 -7.85 88.12 35.41
C ASN QB 84 -9.28 87.73 35.72
N ARG QB 85 -9.68 87.81 36.99
CA ARG QB 85 -11.06 87.53 37.38
C ARG QB 85 -11.66 88.85 37.85
N GLN QB 86 -12.44 89.46 36.99
CA GLN QB 86 -13.12 90.72 37.30
C GLN QB 86 -14.61 90.46 37.40
N LYS QB 87 -15.25 91.17 38.34
CA LYS QB 87 -16.69 91.09 38.55
C LYS QB 87 -17.14 89.66 38.77
N ASP QB 88 -16.69 89.06 39.88
CA ASP QB 88 -16.93 87.66 40.16
C ASP QB 88 -18.42 87.33 40.14
N VAL QB 89 -18.74 86.09 39.74
CA VAL QB 89 -20.13 85.68 39.59
C VAL QB 89 -20.90 85.66 40.90
N LYS QB 90 -20.24 85.39 42.01
CA LYS QB 90 -20.95 85.29 43.27
C LYS QB 90 -21.05 86.65 43.97
N ASP QB 91 -19.90 87.21 44.33
CA ASP QB 91 -19.84 88.38 45.17
C ASP QB 91 -19.22 89.59 44.49
N GLY QB 92 -18.79 89.45 43.24
CA GLY QB 92 -18.32 90.56 42.44
C GLY QB 92 -17.13 91.29 42.99
N LYS QB 93 -16.04 90.57 43.25
CA LYS QB 93 -14.81 91.18 43.72
C LYS QB 93 -13.78 91.17 42.62
N TYR QB 94 -13.25 92.36 42.31
CA TYR QB 94 -12.19 92.49 41.33
C TYR QB 94 -10.88 92.11 42.00
N SER QB 95 -10.40 90.90 41.72
CA SER QB 95 -9.17 90.41 42.31
C SER QB 95 -8.32 89.76 41.24
N GLN QB 96 -7.12 89.35 41.64
CA GLN QB 96 -6.23 88.57 40.80
C GLN QB 96 -6.11 87.19 41.43
N VAL QB 97 -6.65 86.18 40.75
CA VAL QB 97 -6.67 84.83 41.29
C VAL QB 97 -5.36 84.15 40.97
N LEU QB 98 -4.63 83.75 42.01
CA LEU QB 98 -3.33 83.14 41.85
C LEU QB 98 -3.45 81.62 41.85
N ALA QB 99 -2.30 80.95 41.91
CA ALA QB 99 -2.13 79.56 41.47
C ALA QB 99 -3.16 78.56 41.97
N ASN QB 100 -3.19 78.33 43.28
CA ASN QB 100 -4.01 77.27 43.85
C ASN QB 100 -5.49 77.62 43.74
N GLY QB 101 -5.80 78.91 43.77
CA GLY QB 101 -7.18 79.35 43.59
C GLY QB 101 -7.59 79.34 42.13
N LEU QB 102 -6.64 79.52 41.22
CA LEU QB 102 -6.95 79.55 39.80
C LEU QB 102 -7.47 78.20 39.34
N ASP QB 103 -6.74 77.13 39.65
CA ASP QB 103 -7.27 75.81 39.40
C ASP QB 103 -8.26 75.36 40.47
N ASN QB 104 -8.67 76.26 41.36
CA ASN QB 104 -9.85 76.07 42.20
C ASN QB 104 -11.06 76.80 41.65
N LYS QB 105 -10.89 78.05 41.21
CA LYS QB 105 -11.96 78.74 40.53
C LYS QB 105 -12.23 78.21 39.14
N LEU QB 106 -11.40 77.30 38.65
CA LEU QB 106 -11.63 76.68 37.34
C LEU QB 106 -12.67 75.58 37.42
N ARG QB 107 -12.52 74.65 38.37
CA ARG QB 107 -13.49 73.58 38.56
C ARG QB 107 -14.56 73.98 39.57
N GLU QB 108 -14.70 75.29 39.77
CA GLU QB 108 -15.85 75.86 40.46
C GLU QB 108 -16.90 76.38 39.51
N ASP QB 109 -16.51 76.83 38.30
CA ASP QB 109 -17.46 77.32 37.33
C ASP QB 109 -17.80 76.31 36.24
N LEU QB 110 -16.96 75.30 36.03
CA LEU QB 110 -17.26 74.29 35.02
C LEU QB 110 -18.53 73.53 35.35
N GLU QB 111 -18.69 73.12 36.60
CA GLU QB 111 -19.89 72.45 37.04
C GLU QB 111 -21.03 73.42 37.30
N ARG QB 112 -20.72 74.70 37.48
CA ARG QB 112 -21.77 75.69 37.62
C ARG QB 112 -22.59 75.79 36.35
N LEU QB 113 -21.95 75.59 35.20
CA LEU QB 113 -22.66 75.45 33.95
C LEU QB 113 -23.19 74.04 33.74
N LYS QB 114 -22.62 73.06 34.43
CA LYS QB 114 -23.10 71.69 34.29
C LYS QB 114 -24.37 71.48 35.11
N LYS QB 115 -24.39 72.03 36.33
CA LYS QB 115 -25.57 71.92 37.19
C LYS QB 115 -26.77 72.58 36.54
N ILE QB 116 -26.57 73.73 35.91
CA ILE QB 116 -27.66 74.41 35.22
C ILE QB 116 -27.90 73.85 33.83
N ARG QB 117 -27.15 72.81 33.43
CA ARG QB 117 -27.28 72.17 32.11
C ARG QB 117 -27.05 73.17 30.99
N ALA QB 118 -25.99 73.97 31.13
CA ALA QB 118 -25.65 74.92 30.09
C ALA QB 118 -24.89 74.24 28.97
N HIS QB 119 -25.17 74.68 27.73
CA HIS QB 119 -24.49 74.12 26.56
C HIS QB 119 -23.00 74.38 26.62
N ARG QB 120 -22.59 75.48 27.25
CA ARG QB 120 -21.17 75.78 27.41
C ARG QB 120 -20.48 74.71 28.27
N GLY QB 121 -21.08 74.39 29.41
CA GLY QB 121 -20.44 73.44 30.31
C GLY QB 121 -20.57 72.01 29.82
N LEU QB 122 -21.64 71.71 29.07
CA LEU QB 122 -21.85 70.37 28.55
C LEU QB 122 -20.71 69.93 27.64
N ARG QB 123 -20.10 70.87 26.92
CA ARG QB 123 -18.96 70.52 26.10
C ARG QB 123 -17.73 70.22 26.96
N HIS QB 124 -17.60 70.90 28.10
CA HIS QB 124 -16.54 70.53 29.03
C HIS QB 124 -16.79 69.15 29.61
N PHE QB 125 -18.04 68.83 29.92
CA PHE QB 125 -18.39 67.49 30.38
C PHE QB 125 -18.23 66.46 29.28
N TRP QB 126 -18.33 66.87 28.02
CA TRP QB 126 -18.18 65.96 26.89
C TRP QB 126 -16.79 66.02 26.28
N GLY QB 127 -15.89 66.83 26.84
CA GLY QB 127 -14.53 66.91 26.35
C GLY QB 127 -14.39 67.49 24.96
N LEU QB 128 -15.42 68.19 24.48
CA LEU QB 128 -15.40 68.74 23.15
C LEU QB 128 -14.97 70.21 23.19
N ARG QB 129 -14.86 70.82 22.02
CA ARG QB 129 -14.58 72.24 21.96
C ARG QB 129 -15.82 73.04 22.34
N VAL QB 130 -15.62 74.27 22.81
CA VAL QB 130 -16.74 75.01 23.37
C VAL QB 130 -16.85 76.39 22.73
N ARG QB 131 -15.75 76.93 22.21
CA ARG QB 131 -15.80 78.28 21.66
C ARG QB 131 -16.33 78.31 20.25
N GLY QB 132 -16.99 77.26 19.78
CA GLY QB 132 -17.59 77.25 18.47
C GLY QB 132 -16.63 76.82 17.36
N GLN QB 133 -15.78 75.86 17.65
CA GLN QB 133 -14.84 75.35 16.67
C GLN QB 133 -15.49 74.26 15.83
N HIS QB 134 -14.87 73.96 14.70
CA HIS QB 134 -15.29 72.85 13.85
C HIS QB 134 -14.50 71.63 14.27
N THR QB 135 -15.16 70.69 14.95
CA THR QB 135 -14.47 69.51 15.41
C THR QB 135 -14.39 68.42 14.34
N LYS QB 136 -14.67 68.75 13.08
CA LYS QB 136 -14.65 67.74 12.03
C LYS QB 136 -13.23 67.27 11.74
N THR QB 137 -12.25 68.14 11.89
CA THR QB 137 -10.91 67.86 11.39
C THR QB 137 -9.82 67.89 12.43
N THR QB 138 -10.05 68.48 13.61
CA THR QB 138 -9.03 68.56 14.64
C THR QB 138 -9.49 67.82 15.89
N GLY QB 139 -8.69 67.93 16.94
CA GLY QB 139 -8.95 67.23 18.17
C GLY QB 139 -8.81 65.73 17.98
N ARG QB 140 -7.58 65.28 17.75
CA ARG QB 140 -7.33 63.86 17.49
C ARG QB 140 -6.23 63.29 18.37
N ARG QB 141 -5.70 64.06 19.32
CA ARG QB 141 -4.70 63.52 20.23
C ARG QB 141 -5.35 63.04 21.51
N GLY QB 142 -6.06 63.94 22.20
CA GLY QB 142 -6.79 63.53 23.39
C GLY QB 142 -8.12 62.88 23.13
N ARG QB 143 -8.51 62.74 21.86
CA ARG QB 143 -9.79 62.17 21.51
C ARG QB 143 -9.57 60.85 20.80
N THR QB 144 -8.64 60.05 21.31
CA THR QB 144 -8.13 58.82 20.70
C THR QB 144 -7.72 59.05 19.25
N GLY RB 1 28.25 125.46 13.96
CA GLY RB 1 26.84 125.59 14.28
C GLY RB 1 25.93 125.06 13.20
N VAL RB 2 25.05 124.14 13.57
CA VAL RB 2 24.23 123.38 12.62
C VAL RB 2 22.86 123.14 13.23
N THR RB 3 21.94 122.63 12.40
CA THR RB 3 20.58 122.30 12.79
C THR RB 3 20.43 120.83 13.14
N VAL RB 4 19.18 120.34 13.23
CA VAL RB 4 18.93 118.97 13.63
C VAL RB 4 19.03 117.97 12.47
N LYS RB 5 18.72 118.39 11.24
CA LYS RB 5 18.78 117.45 10.13
C LYS RB 5 20.21 117.08 9.74
N ASP RB 6 21.21 117.79 10.25
CA ASP RB 6 22.61 117.40 10.13
C ASP RB 6 23.10 116.68 11.38
N VAL RB 7 22.20 116.11 12.17
CA VAL RB 7 22.55 115.44 13.41
C VAL RB 7 21.94 114.04 13.38
N ASN RB 8 22.73 113.04 13.76
CA ASN RB 8 22.27 111.66 13.89
C ASN RB 8 21.03 111.59 14.76
N GLN RB 9 19.98 110.97 14.23
CA GLN RB 9 18.70 110.98 14.93
C GLN RB 9 18.70 110.08 16.15
N GLN RB 10 19.49 109.00 16.13
CA GLN RB 10 19.53 108.10 17.27
C GLN RB 10 20.16 108.78 18.47
N GLU RB 11 21.20 109.57 18.25
CA GLU RB 11 21.86 110.30 19.33
C GLU RB 11 21.29 111.71 19.46
N PHE RB 12 20.00 111.83 19.16
CA PHE RB 12 19.33 113.11 19.29
C PHE RB 12 18.14 113.01 20.22
N VAL RB 13 17.38 111.91 20.09
CA VAL RB 13 16.14 111.78 20.88
C VAL RB 13 16.45 111.63 22.35
N ARG RB 14 17.42 110.78 22.70
CA ARG RB 14 17.81 110.66 24.10
C ARG RB 14 18.70 111.81 24.55
N ALA RB 15 19.26 112.58 23.61
CA ALA RB 15 19.78 113.89 23.97
C ALA RB 15 18.66 114.86 24.29
N LEU RB 16 17.53 114.73 23.61
CA LEU RB 16 16.34 115.51 23.92
C LEU RB 16 15.52 114.92 25.04
N ALA RB 17 15.62 113.61 25.28
CA ALA RB 17 14.89 113.04 26.40
C ALA RB 17 15.44 113.54 27.73
N ALA RB 18 16.77 113.55 27.87
CA ALA RB 18 17.38 114.14 29.07
C ALA RB 18 17.12 115.63 29.14
N PHE RB 19 16.99 116.30 28.00
CA PHE RB 19 16.56 117.69 28.01
C PHE RB 19 15.15 117.86 28.53
N LEU RB 20 14.31 116.84 28.39
CA LEU RB 20 13.01 116.82 29.03
C LEU RB 20 13.06 116.22 30.43
N LYS RB 21 14.27 116.01 30.96
CA LYS RB 21 14.46 115.65 32.35
C LYS RB 21 15.02 116.80 33.17
N LYS RB 22 15.91 117.60 32.59
CA LYS RB 22 16.50 118.73 33.31
C LYS RB 22 15.50 119.85 33.55
N SER RB 23 14.36 119.83 32.87
CA SER RB 23 13.27 120.74 33.19
C SER RB 23 12.36 120.14 34.25
N GLY RB 24 11.77 118.99 33.95
CA GLY RB 24 10.92 118.29 34.89
C GLY RB 24 9.65 119.03 35.28
N LYS RB 25 8.86 119.42 34.28
CA LYS RB 25 7.53 119.96 34.54
C LYS RB 25 6.55 119.43 33.51
N LEU RB 26 6.76 118.21 33.04
CA LEU RB 26 6.00 117.62 31.96
C LEU RB 26 4.65 117.09 32.40
N LYS RB 27 4.44 116.89 33.70
CA LYS RB 27 3.19 116.40 34.28
C LYS RB 27 2.76 115.08 33.64
N VAL RB 28 3.65 114.09 33.76
CA VAL RB 28 3.43 112.73 33.26
C VAL RB 28 2.20 112.13 33.94
N PRO RB 29 1.32 111.45 33.21
CA PRO RB 29 0.12 110.89 33.84
C PRO RB 29 0.37 109.80 34.85
N GLU RB 30 -0.69 109.25 35.42
CA GLU RB 30 -0.60 108.25 36.47
C GLU RB 30 -0.50 106.83 35.94
N TRP RB 31 -1.03 106.54 34.75
CA TRP RB 31 -0.93 105.18 34.25
C TRP RB 31 0.34 104.91 33.50
N VAL RB 32 1.35 105.79 33.58
CA VAL RB 32 2.57 105.61 32.81
C VAL RB 32 3.33 104.35 33.24
N ASP RB 33 3.05 103.82 34.43
CA ASP RB 33 3.75 102.65 34.94
C ASP RB 33 3.03 101.35 34.59
N THR RB 34 1.85 101.43 33.99
CA THR RB 34 1.01 100.25 33.85
C THR RB 34 0.32 100.15 32.50
N VAL RB 35 0.74 100.94 31.53
CA VAL RB 35 0.04 101.02 30.25
C VAL RB 35 0.86 100.32 29.19
N LYS RB 36 0.17 99.75 28.20
CA LYS RB 36 0.78 99.14 27.04
C LYS RB 36 0.74 100.13 25.88
N LEU RB 37 1.85 100.25 25.17
CA LEU RB 37 1.99 101.30 24.17
C LEU RB 37 1.05 101.14 22.99
N ALA RB 38 0.71 99.90 22.63
CA ALA RB 38 -0.21 99.67 21.53
C ALA RB 38 -0.83 98.30 21.70
N LYS RB 39 -1.96 98.10 21.01
CA LYS RB 39 -2.60 96.79 21.03
C LYS RB 39 -1.73 95.75 20.34
N HIS RB 40 -0.88 96.16 19.42
CA HIS RB 40 0.06 95.23 18.82
C HIS RB 40 1.25 94.95 19.73
N LYS RB 41 1.48 95.79 20.74
CA LYS RB 41 2.46 95.48 21.76
C LYS RB 41 1.85 94.50 22.74
N GLU RB 42 2.70 93.69 23.35
CA GLU RB 42 2.26 92.79 24.41
C GLU RB 42 2.98 93.02 25.73
N LEU RB 43 4.01 93.85 25.75
CA LEU RB 43 4.72 94.17 26.97
C LEU RB 43 4.85 95.68 27.08
N ALA RB 44 4.94 96.17 28.30
CA ALA RB 44 5.31 97.55 28.52
C ALA RB 44 6.78 97.72 28.19
N PRO RB 45 7.20 98.91 27.75
CA PRO RB 45 8.60 99.09 27.36
C PRO RB 45 9.53 98.95 28.54
N TYR RB 46 10.73 98.43 28.26
CA TYR RB 46 11.70 98.16 29.31
C TYR RB 46 12.14 99.45 30.01
N ASP RB 47 12.39 100.49 29.22
CA ASP RB 47 12.86 101.74 29.78
C ASP RB 47 11.75 102.38 30.60
N GLU RB 48 12.02 102.57 31.89
CA GLU RB 48 11.04 103.19 32.78
C GLU RB 48 10.74 104.62 32.35
N ASN RB 49 11.76 105.33 31.88
CA ASN RB 49 11.57 106.71 31.46
C ASN RB 49 11.16 106.80 30.00
N TRP RB 50 10.12 106.06 29.61
CA TRP RB 50 9.73 106.03 28.21
C TRP RB 50 8.84 107.20 27.83
N PHE RB 51 8.10 107.76 28.80
CA PHE RB 51 7.28 108.93 28.50
C PHE RB 51 8.14 110.13 28.14
N TYR RB 52 9.40 110.14 28.57
CA TYR RB 52 10.31 111.19 28.18
C TYR RB 52 10.94 110.93 26.81
N THR RB 53 11.06 109.66 26.42
CA THR RB 53 11.68 109.36 25.13
C THR RB 53 10.77 109.75 23.98
N ARG RB 54 9.50 109.36 24.04
CA ARG RB 54 8.64 109.62 22.89
C ARG RB 54 8.18 111.06 22.83
N ALA RB 55 8.10 111.75 23.97
CA ALA RB 55 7.87 113.18 23.94
C ALA RB 55 8.97 113.89 23.17
N ALA RB 56 10.19 113.37 23.25
CA ALA RB 56 11.28 113.86 22.43
C ALA RB 56 11.17 113.37 20.98
N SER RB 57 10.75 112.12 20.80
CA SER RB 57 10.61 111.60 19.44
C SER RB 57 9.47 112.28 18.70
N THR RB 58 8.37 112.59 19.38
CA THR RB 58 7.32 113.35 18.74
C THR RB 58 7.77 114.77 18.42
N ALA RB 59 8.63 115.33 19.26
CA ALA RB 59 9.07 116.70 19.06
C ALA RB 59 9.88 116.86 17.79
N ARG RB 60 10.74 115.89 17.47
CA ARG RB 60 11.50 115.99 16.24
C ARG RB 60 10.64 115.68 15.03
N HIS RB 61 9.56 114.92 15.22
CA HIS RB 61 8.62 114.72 14.12
C HIS RB 61 7.87 116.00 13.80
N LEU RB 62 7.50 116.78 14.81
CA LEU RB 62 6.87 118.07 14.57
C LEU RB 62 7.85 119.09 14.01
N TYR RB 63 9.15 118.81 14.09
CA TYR RB 63 10.11 119.65 13.41
C TYR RB 63 10.13 119.34 11.92
N LEU RB 64 10.03 118.06 11.55
CA LEU RB 64 10.25 117.67 10.16
C LEU RB 64 9.00 117.89 9.33
N ARG RB 65 7.85 117.40 9.79
CA ARG RB 65 6.56 117.70 9.16
C ARG RB 65 5.56 118.00 10.26
N GLY RB 66 5.31 119.30 10.48
CA GLY RB 66 4.36 119.71 11.48
C GLY RB 66 2.93 119.53 11.04
N GLY RB 67 2.00 120.11 11.79
CA GLY RB 67 0.59 119.95 11.47
C GLY RB 67 0.05 118.56 11.70
N ALA RB 68 0.81 117.69 12.36
CA ALA RB 68 0.35 116.34 12.61
C ALA RB 68 -0.62 116.31 13.78
N GLY RB 69 -1.72 115.57 13.61
CA GLY RB 69 -2.69 115.38 14.65
C GLY RB 69 -2.44 114.10 15.43
N VAL RB 70 -3.42 113.73 16.25
CA VAL RB 70 -3.32 112.49 17.00
C VAL RB 70 -3.44 111.30 16.06
N GLY RB 71 -4.38 111.38 15.11
CA GLY RB 71 -4.48 110.36 14.08
C GLY RB 71 -3.24 110.21 13.24
N SER RB 72 -2.51 111.29 13.03
CA SER RB 72 -1.20 111.18 12.42
C SER RB 72 -0.19 110.54 13.36
N MET RB 73 -0.33 110.77 14.66
CA MET RB 73 0.64 110.26 15.61
C MET RB 73 0.44 108.79 15.93
N THR RB 74 -0.80 108.31 15.90
CA THR RB 74 -1.00 106.89 16.11
C THR RB 74 -0.59 106.06 14.90
N LYS RB 75 -0.29 106.70 13.77
CA LYS RB 75 0.12 106.02 12.57
C LYS RB 75 1.62 105.86 12.46
N ILE RB 76 2.39 106.88 12.87
CA ILE RB 76 3.84 106.74 12.88
C ILE RB 76 4.27 105.71 13.91
N TYR RB 77 3.61 105.71 15.07
CA TYR RB 77 3.91 104.69 16.07
C TYR RB 77 3.02 103.47 15.89
N GLY RB 78 3.00 102.94 14.67
CA GLY RB 78 2.28 101.73 14.35
C GLY RB 78 3.28 100.62 14.06
N GLY RB 79 2.85 99.38 14.29
CA GLY RB 79 3.76 98.28 14.12
C GLY RB 79 3.13 97.00 13.60
N ARG RB 80 3.96 95.96 13.47
CA ARG RB 80 3.53 94.68 12.95
C ARG RB 80 2.85 93.91 14.07
N GLN RB 81 1.53 93.83 14.02
CA GLN RB 81 0.79 93.05 15.00
C GLN RB 81 0.93 91.57 14.66
N ARG RB 82 1.86 90.89 15.33
CA ARG RB 82 2.01 89.45 15.17
C ARG RB 82 0.78 88.79 15.79
N ASN RB 83 -0.12 88.31 14.93
CA ASN RB 83 -1.41 87.80 15.35
C ASN RB 83 -1.39 86.32 15.68
N GLY RB 84 -0.24 85.77 16.05
CA GLY RB 84 -0.18 84.36 16.38
C GLY RB 84 -0.31 83.46 15.18
N VAL RB 85 -1.47 82.82 15.03
CA VAL RB 85 -1.70 81.90 13.92
C VAL RB 85 -2.13 82.61 12.64
N MET RB 86 -2.83 83.69 12.75
CA MET RB 86 -3.22 84.43 11.56
C MET RB 86 -2.08 85.31 11.10
N PRO RB 87 -2.01 85.65 9.81
CA PRO RB 87 -0.92 86.51 9.33
C PRO RB 87 -0.99 87.89 9.94
N SER RB 88 0.17 88.51 10.08
CA SER RB 88 0.27 89.78 10.79
C SER RB 88 -0.36 90.90 9.98
N HIS RB 89 -0.70 91.98 10.67
CA HIS RB 89 -1.31 93.15 10.04
C HIS RB 89 -0.81 94.41 10.73
N PHE RB 90 -0.90 95.51 10.01
CA PHE RB 90 -0.46 96.79 10.56
C PHE RB 90 -1.47 97.27 11.59
N SER RB 91 -1.00 97.54 12.79
CA SER RB 91 -1.85 98.04 13.87
C SER RB 91 -1.36 99.42 14.27
N ARG RB 92 -2.30 100.35 14.41
CA ARG RB 92 -1.97 101.71 14.79
C ARG RB 92 -1.55 101.78 16.25
N GLY RB 93 -0.95 102.90 16.63
CA GLY RB 93 -0.57 103.12 18.00
C GLY RB 93 -1.76 103.45 18.88
N SER RB 94 -1.48 103.67 20.15
CA SER RB 94 -2.53 104.09 21.07
C SER RB 94 -2.77 105.59 20.97
N LYS RB 95 -4.02 105.99 21.16
CA LYS RB 95 -4.38 107.39 20.98
C LYS RB 95 -4.09 108.20 22.25
N SER RB 96 -4.48 107.69 23.42
CA SER RB 96 -4.33 108.46 24.64
C SER RB 96 -2.87 108.72 24.97
N VAL RB 97 -2.01 107.72 24.78
CA VAL RB 97 -0.60 107.91 25.05
C VAL RB 97 0.02 108.83 24.00
N ALA RB 98 -0.57 108.86 22.81
CA ALA RB 98 -0.13 109.86 21.83
C ALA RB 98 -0.73 111.22 22.15
N ARG RB 99 -1.89 111.25 22.80
CA ARG RB 99 -2.53 112.52 23.08
C ARG RB 99 -1.95 113.18 24.32
N ARG RB 100 -1.62 112.38 25.34
CA ARG RB 100 -1.07 112.95 26.57
C ARG RB 100 0.31 113.54 26.34
N VAL RB 101 1.00 113.11 25.29
CA VAL RB 101 2.31 113.69 24.97
C VAL RB 101 2.15 115.13 24.50
N LEU RB 102 1.32 115.36 23.49
CA LEU RB 102 1.17 116.70 22.96
C LEU RB 102 0.36 117.58 23.91
N GLN RB 103 -0.56 116.99 24.66
CA GLN RB 103 -1.26 117.74 25.70
C GLN RB 103 -0.33 118.17 26.82
N ALA RB 104 0.83 117.52 26.97
CA ALA RB 104 1.86 118.01 27.87
C ALA RB 104 2.76 119.03 27.20
N LEU RB 105 3.00 118.88 25.89
CA LEU RB 105 3.86 119.81 25.18
C LEU RB 105 3.17 121.13 24.86
N GLU RB 106 1.84 121.19 24.96
CA GLU RB 106 1.19 122.49 24.87
C GLU RB 106 1.19 123.22 26.20
N GLY RB 107 1.36 122.48 27.30
CA GLY RB 107 1.41 123.08 28.62
C GLY RB 107 2.64 123.94 28.81
N LEU RB 108 3.81 123.32 28.90
CA LEU RB 108 5.07 124.08 28.82
C LEU RB 108 5.31 124.30 27.34
N LYS RB 109 5.46 125.57 26.96
CA LYS RB 109 5.33 125.96 25.56
C LYS RB 109 6.37 125.30 24.67
N MET RB 110 5.95 124.31 23.90
CA MET RB 110 6.77 123.73 22.85
C MET RB 110 5.96 123.63 21.57
N VAL RB 111 4.65 123.44 21.70
CA VAL RB 111 3.78 123.08 20.58
C VAL RB 111 2.45 123.77 20.80
N GLU RB 112 1.80 124.20 19.72
CA GLU RB 112 0.51 124.87 19.79
C GLU RB 112 -0.39 124.32 18.70
N LYS RB 113 -1.68 124.63 18.84
CA LYS RB 113 -2.66 124.18 17.87
C LYS RB 113 -2.48 124.93 16.55
N ASP RB 114 -2.27 124.17 15.49
CA ASP RB 114 -2.13 124.71 14.14
C ASP RB 114 -3.47 125.23 13.63
N GLN RB 115 -3.40 126.12 12.66
CA GLN RB 115 -4.62 126.59 11.99
C GLN RB 115 -5.24 125.45 11.18
N ASP RB 116 -6.56 125.31 11.28
CA ASP RB 116 -7.36 124.29 10.61
C ASP RB 116 -6.94 122.87 10.97
N GLY RB 117 -6.30 122.66 12.11
CA GLY RB 117 -5.96 121.32 12.55
C GLY RB 117 -4.47 121.07 12.47
N GLY RB 118 -3.94 120.42 13.50
CA GLY RB 118 -2.55 120.03 13.57
C GLY RB 118 -1.93 120.46 14.89
N ARG RB 119 -0.62 120.26 14.99
CA ARG RB 119 0.16 120.63 16.17
C ARG RB 119 1.57 120.97 15.69
N LYS RB 120 1.82 122.26 15.48
CA LYS RB 120 3.15 122.71 15.07
C LYS RB 120 3.90 123.29 16.25
N LEU RB 121 5.22 123.20 16.18
CA LEU RB 121 6.06 123.64 17.29
C LEU RB 121 6.16 125.16 17.33
N THR RB 122 6.27 125.71 18.55
CA THR RB 122 6.35 127.14 18.72
C THR RB 122 7.73 127.66 18.31
N PRO RB 123 7.84 128.97 17.97
CA PRO RB 123 9.16 129.55 17.67
C PRO RB 123 10.23 129.29 18.70
N GLN RB 124 9.97 129.61 19.97
CA GLN RB 124 10.97 129.40 21.01
C GLN RB 124 11.21 127.92 21.31
N GLY RB 125 10.29 127.05 20.89
CA GLY RB 125 10.55 125.62 20.95
C GLY RB 125 11.42 125.12 19.82
N GLN RB 126 11.38 125.78 18.67
CA GLN RB 126 12.33 125.49 17.60
C GLN RB 126 13.74 125.91 18.00
N ARG RB 127 13.84 126.92 18.88
CA ARG RB 127 15.11 127.48 19.28
C ARG RB 127 16.00 126.46 19.96
N ASP RB 128 15.49 125.81 21.00
CA ASP RB 128 16.27 124.82 21.72
C ASP RB 128 16.52 123.56 20.90
N LEU RB 129 15.67 123.28 19.92
CA LEU RB 129 15.88 122.15 19.03
C LEU RB 129 17.18 122.30 18.24
N ASP RB 130 17.45 123.50 17.72
CA ASP RB 130 18.76 123.75 17.13
C ASP RB 130 19.85 123.73 18.19
N ARG RB 131 19.51 124.14 19.42
CA ARG RB 131 20.52 124.30 20.46
C ARG RB 131 21.08 122.97 20.89
N ILE RB 132 20.21 122.01 21.22
CA ILE RB 132 20.68 120.70 21.64
C ILE RB 132 21.31 119.96 20.47
N ALA RB 133 20.89 120.29 19.25
CA ALA RB 133 21.46 119.64 18.09
C ALA RB 133 22.91 120.03 17.90
N GLY RB 134 23.26 121.26 18.24
CA GLY RB 134 24.64 121.71 18.09
C GLY RB 134 25.61 120.98 19.01
N GLN RB 135 25.21 120.75 20.26
CA GLN RB 135 26.13 120.09 21.19
C GLN RB 135 26.31 118.61 20.86
N VAL RB 136 25.42 118.03 20.07
CA VAL RB 136 25.67 116.67 19.58
C VAL RB 136 26.83 116.67 18.60
N ALA RB 137 26.85 117.64 17.69
CA ALA RB 137 28.01 117.82 16.84
C ALA RB 137 29.25 118.20 17.63
N ALA RB 138 29.07 118.89 18.76
CA ALA RB 138 30.19 119.20 19.63
C ALA RB 138 30.72 117.95 20.32
N ALA RB 139 29.84 116.97 20.59
CA ALA RB 139 30.29 115.71 21.16
C ALA RB 139 31.12 114.90 20.18
N LYS RB 140 30.97 115.14 18.88
CA LYS RB 140 31.73 114.41 17.87
C LYS RB 140 32.84 115.23 17.24
N LYS RB 141 32.79 116.55 17.32
CA LYS RB 141 33.89 117.36 16.83
C LYS RB 141 35.05 117.35 17.82
N HIS SB 1 -15.80 134.92 -15.80
CA HIS SB 1 -14.61 135.35 -16.52
C HIS SB 1 -13.58 134.22 -16.61
N ARG SB 2 -13.39 133.52 -15.49
CA ARG SB 2 -12.47 132.39 -15.44
C ARG SB 2 -13.30 131.12 -15.51
N ILE SB 3 -13.64 130.71 -16.74
CA ILE SB 3 -14.57 129.61 -16.96
C ILE SB 3 -13.77 128.35 -17.28
N ARG SB 4 -14.06 127.27 -16.55
CA ARG SB 4 -13.43 125.98 -16.79
C ARG SB 4 -14.37 125.09 -17.58
N ILE SB 5 -13.79 124.14 -18.30
CA ILE SB 5 -14.54 123.10 -18.98
C ILE SB 5 -13.84 121.76 -18.71
N THR SB 6 -14.62 120.77 -18.29
CA THR SB 6 -14.09 119.46 -17.93
C THR SB 6 -14.53 118.45 -18.97
N LEU SB 7 -13.61 118.04 -19.83
CA LEU SB 7 -13.88 117.04 -20.84
C LEU SB 7 -13.65 115.66 -20.25
N THR SB 8 -14.44 114.68 -20.68
CA THR SB 8 -14.22 113.29 -20.32
C THR SB 8 -14.76 112.39 -21.42
N SER SB 9 -14.24 111.16 -21.46
CA SER SB 9 -14.66 110.17 -22.45
C SER SB 9 -14.07 108.82 -22.08
N ARG SB 10 -14.61 107.76 -22.71
CA ARG SB 10 -13.96 106.46 -22.64
C ARG SB 10 -12.94 106.28 -23.76
N ASN SB 11 -13.32 106.61 -24.99
CA ASN SB 11 -12.44 106.49 -26.14
C ASN SB 11 -11.54 107.72 -26.22
N VAL SB 12 -10.28 107.50 -26.58
CA VAL SB 12 -9.28 108.56 -26.50
C VAL SB 12 -9.32 109.44 -27.74
N LYS SB 13 -9.38 108.83 -28.93
CA LYS SB 13 -9.25 109.61 -30.16
C LYS SB 13 -10.48 110.47 -30.41
N SER SB 14 -11.65 110.01 -29.97
CA SER SB 14 -12.85 110.81 -30.03
C SER SB 14 -12.74 112.10 -29.22
N LEU SB 15 -11.99 112.05 -28.12
CA LEU SB 15 -11.75 113.23 -27.30
C LEU SB 15 -10.67 114.11 -27.87
N GLU SB 16 -9.58 113.50 -28.36
CA GLU SB 16 -8.45 114.27 -28.88
C GLU SB 16 -8.81 115.01 -30.15
N LYS SB 17 -9.84 114.55 -30.87
CA LYS SB 17 -10.34 115.30 -32.01
C LYS SB 17 -11.24 116.45 -31.60
N VAL SB 18 -11.86 116.39 -30.42
CA VAL SB 18 -12.76 117.45 -29.99
C VAL SB 18 -12.15 118.31 -28.88
N CYS SB 19 -11.14 117.82 -28.17
CA CYS SB 19 -10.44 118.68 -27.22
C CYS SB 19 -9.65 119.77 -27.93
N ALA SB 20 -8.90 119.40 -28.98
CA ALA SB 20 -8.20 120.39 -29.77
C ALA SB 20 -9.17 121.25 -30.57
N ASP SB 21 -10.38 120.75 -30.82
CA ASP SB 21 -11.40 121.52 -31.53
C ASP SB 21 -11.81 122.76 -30.73
N LEU SB 22 -11.66 122.73 -29.41
CA LEU SB 22 -11.97 123.91 -28.60
C LEU SB 22 -11.03 125.06 -28.90
N ILE SB 23 -9.72 124.79 -28.93
CA ILE SB 23 -8.76 125.86 -29.15
C ILE SB 23 -8.83 126.35 -30.59
N ARG SB 24 -9.05 125.44 -31.54
CA ARG SB 24 -9.22 125.83 -32.94
C ARG SB 24 -10.47 126.67 -33.18
N GLY SB 25 -11.37 126.76 -32.20
CA GLY SB 25 -12.47 127.70 -32.25
C GLY SB 25 -12.23 128.85 -31.29
N ALA SB 26 -11.30 128.67 -30.36
CA ALA SB 26 -11.00 129.70 -29.39
C ALA SB 26 -9.99 130.71 -29.92
N LYS SB 27 -8.88 130.21 -30.49
CA LYS SB 27 -7.89 131.10 -31.08
C LYS SB 27 -8.43 131.84 -32.30
N GLU SB 28 -9.48 131.29 -32.94
CA GLU SB 28 -10.22 132.05 -33.94
C GLU SB 28 -10.78 133.34 -33.34
N LYS SB 29 -11.30 133.27 -32.12
CA LYS SB 29 -11.81 134.43 -31.42
C LYS SB 29 -10.74 135.21 -30.70
N ASN SB 30 -9.52 134.68 -30.64
CA ASN SB 30 -8.32 135.37 -30.14
C ASN SB 30 -8.53 135.86 -28.70
N LEU SB 31 -8.82 134.89 -27.83
CA LEU SB 31 -8.97 135.15 -26.41
C LEU SB 31 -7.98 134.28 -25.64
N LYS SB 32 -7.75 134.66 -24.38
CA LYS SB 32 -6.74 133.97 -23.58
C LYS SB 32 -7.20 132.57 -23.22
N VAL SB 33 -6.36 131.59 -23.53
CA VAL SB 33 -6.68 130.18 -23.42
C VAL SB 33 -5.64 129.49 -22.54
N LYS SB 34 -6.11 128.62 -21.64
CA LYS SB 34 -5.24 127.72 -20.90
C LYS SB 34 -5.23 126.36 -21.59
N GLY SB 35 -4.08 125.69 -21.52
CA GLY SB 35 -3.92 124.42 -22.18
C GLY SB 35 -4.61 123.29 -21.44
N PRO SB 36 -5.20 122.34 -22.19
CA PRO SB 36 -5.83 121.18 -21.56
C PRO SB 36 -4.89 120.36 -20.70
N VAL SB 37 -5.18 120.28 -19.40
CA VAL SB 37 -4.31 119.57 -18.46
C VAL SB 37 -4.78 118.12 -18.40
N ARG SB 38 -3.89 117.23 -18.86
CA ARG SB 38 -4.19 115.80 -18.88
C ARG SB 38 -4.10 115.23 -17.47
N MET SB 39 -5.22 115.11 -16.81
CA MET SB 39 -5.25 114.55 -15.47
C MET SB 39 -5.14 113.04 -15.54
N PRO SB 40 -4.67 112.38 -14.46
CA PRO SB 40 -4.48 110.93 -14.51
C PRO SB 40 -5.76 110.14 -14.77
N THR SB 41 -5.72 109.35 -15.83
CA THR SB 41 -6.89 108.60 -16.26
C THR SB 41 -7.12 107.39 -15.37
N LYS SB 42 -8.33 107.29 -14.82
CA LYS SB 42 -8.69 106.12 -14.02
C LYS SB 42 -8.97 104.94 -14.93
N THR SB 43 -9.09 103.76 -14.32
CA THR SB 43 -9.40 102.54 -15.06
C THR SB 43 -10.31 101.65 -14.21
N LEU SB 44 -11.52 101.42 -14.72
CA LEU SB 44 -12.50 100.57 -14.05
C LEU SB 44 -12.02 99.13 -14.11
N ARG SB 45 -11.65 98.56 -12.97
CA ARG SB 45 -11.11 97.20 -12.95
C ARG SB 45 -12.16 96.25 -12.41
N ILE SB 46 -12.54 95.27 -13.22
CA ILE SB 46 -13.47 94.22 -12.82
C ILE SB 46 -12.88 92.88 -13.22
N THR SB 47 -12.84 91.94 -12.28
CA THR SB 47 -12.36 90.60 -12.56
C THR SB 47 -13.41 89.59 -12.12
N THR SB 48 -13.67 88.60 -12.98
CA THR SB 48 -14.66 87.56 -12.71
C THR SB 48 -14.11 86.23 -13.17
N ARG SB 49 -14.72 85.16 -12.69
CA ARG SB 49 -14.44 83.84 -13.25
C ARG SB 49 -14.99 83.76 -14.66
N LYS SB 50 -14.33 82.96 -15.50
CA LYS SB 50 -14.86 82.75 -16.84
C LYS SB 50 -16.04 81.79 -16.82
N THR SB 51 -16.00 80.79 -15.98
CA THR SB 51 -17.00 79.74 -15.99
C THR SB 51 -18.25 80.14 -15.22
N PRO SB 52 -19.45 79.91 -15.76
CA PRO SB 52 -20.68 80.20 -15.00
C PRO SB 52 -20.93 79.23 -13.87
N CYS SB 53 -20.17 78.14 -13.78
CA CYS SB 53 -20.31 77.17 -12.70
C CYS SB 53 -18.96 77.07 -12.03
N GLY SB 54 -18.72 76.06 -11.21
CA GLY SB 54 -17.44 75.95 -10.54
C GLY SB 54 -16.60 74.78 -10.99
N GLU SB 55 -16.60 74.50 -12.29
CA GLU SB 55 -15.91 73.35 -12.84
C GLU SB 55 -14.79 73.82 -13.73
N GLY SB 56 -13.78 72.98 -13.88
CA GLY SB 56 -12.67 73.28 -14.76
C GLY SB 56 -11.61 74.11 -14.07
N SER SB 57 -10.53 74.35 -14.82
CA SER SB 57 -9.43 75.13 -14.29
C SER SB 57 -9.86 76.57 -14.03
N LYS SB 58 -9.30 77.16 -13.00
CA LYS SB 58 -9.72 78.48 -12.53
C LYS SB 58 -9.14 79.53 -13.47
N THR SB 59 -9.99 80.10 -14.31
CA THR SB 59 -9.59 81.16 -15.22
C THR SB 59 -10.41 82.40 -14.95
N TRP SB 60 -9.83 83.56 -15.23
CA TRP SB 60 -10.43 84.82 -14.85
C TRP SB 60 -10.44 85.77 -16.04
N ASP SB 61 -11.06 86.94 -15.83
CA ASP SB 61 -11.11 87.98 -16.84
C ASP SB 61 -10.57 89.27 -16.28
N ARG SB 62 -9.93 90.05 -17.16
CA ARG SB 62 -9.45 91.38 -16.81
C ARG SB 62 -10.21 92.36 -17.68
N PHE SB 63 -11.26 92.94 -17.11
CA PHE SB 63 -12.08 93.92 -17.80
C PHE SB 63 -11.64 95.33 -17.42
N GLN SB 64 -11.55 96.20 -18.42
CA GLN SB 64 -11.08 97.56 -18.23
C GLN SB 64 -12.02 98.54 -18.90
N MET SB 65 -12.20 99.69 -18.25
CA MET SB 65 -12.93 100.80 -18.83
C MET SB 65 -12.14 102.08 -18.57
N ARG SB 66 -10.85 102.08 -18.92
CA ARG SB 66 -9.97 103.23 -18.74
C ARG SB 66 -10.60 104.51 -19.28
N ILE SB 67 -10.61 105.56 -18.45
CA ILE SB 67 -11.45 106.73 -18.66
C ILE SB 67 -10.57 107.98 -18.65
N HIS SB 68 -10.57 108.71 -19.77
CA HIS SB 68 -9.72 109.89 -19.88
C HIS SB 68 -10.48 111.17 -19.54
N LYS SB 69 -9.73 112.25 -19.33
CA LYS SB 69 -10.31 113.51 -18.89
C LYS SB 69 -9.32 114.64 -19.13
N ARG SB 70 -9.80 115.75 -19.66
CA ARG SB 70 -8.99 116.94 -19.91
C ARG SB 70 -9.74 118.17 -19.44
N LEU SB 71 -8.99 119.21 -19.07
CA LEU SB 71 -9.55 120.43 -18.51
C LEU SB 71 -8.95 121.63 -19.23
N ILE SB 72 -9.79 122.36 -19.95
CA ILE SB 72 -9.39 123.62 -20.59
C ILE SB 72 -9.97 124.76 -19.77
N ASP SB 73 -9.13 125.74 -19.46
CA ASP SB 73 -9.58 126.93 -18.76
C ASP SB 73 -9.56 128.12 -19.71
N LEU SB 74 -10.53 129.02 -19.55
CA LEU SB 74 -10.71 130.13 -20.47
C LEU SB 74 -10.72 131.46 -19.72
N HIS SB 75 -10.62 132.55 -20.48
CA HIS SB 75 -10.73 133.90 -19.95
C HIS SB 75 -11.81 134.67 -20.71
N SER SB 76 -12.96 134.03 -20.84
CA SER SB 76 -14.09 134.59 -21.56
C SER SB 76 -15.32 134.46 -20.67
N PRO SB 77 -16.25 135.41 -20.74
CA PRO SB 77 -17.48 135.30 -19.93
C PRO SB 77 -18.44 134.26 -20.48
N SER SB 78 -19.63 134.21 -19.86
CA SER SB 78 -20.58 133.11 -20.00
C SER SB 78 -21.40 133.16 -21.30
N GLU SB 79 -21.14 134.10 -22.19
CA GLU SB 79 -21.92 134.23 -23.43
C GLU SB 79 -21.18 133.67 -24.65
N ILE SB 80 -19.86 133.79 -24.69
CA ILE SB 80 -19.08 133.31 -25.83
C ILE SB 80 -18.80 131.81 -25.74
N VAL SB 81 -18.86 131.24 -24.54
CA VAL SB 81 -18.62 129.81 -24.39
C VAL SB 81 -19.77 128.99 -24.96
N LYS SB 82 -20.95 129.58 -25.14
CA LYS SB 82 -22.09 128.87 -25.70
C LYS SB 82 -21.98 128.66 -27.20
N GLN SB 83 -21.05 129.33 -27.86
CA GLN SB 83 -20.88 129.18 -29.31
C GLN SB 83 -19.78 128.22 -29.69
N ILE SB 84 -18.79 128.00 -28.83
CA ILE SB 84 -17.68 127.13 -29.16
C ILE SB 84 -17.95 125.69 -28.74
N THR SB 85 -18.49 125.48 -27.55
CA THR SB 85 -18.70 124.14 -27.04
C THR SB 85 -19.90 123.47 -27.71
N SER SB 86 -20.83 124.27 -28.24
CA SER SB 86 -22.05 123.70 -28.82
C SER SB 86 -21.82 123.00 -30.14
N ILE SB 87 -20.64 123.13 -30.75
CA ILE SB 87 -20.41 122.67 -32.11
C ILE SB 87 -19.45 121.48 -32.10
N SER SB 88 -19.55 120.66 -33.15
CA SER SB 88 -18.64 119.58 -33.50
C SER SB 88 -18.30 118.63 -32.35
N ILE SB 89 -19.31 117.97 -31.78
CA ILE SB 89 -19.10 117.11 -30.63
C ILE SB 89 -19.43 115.68 -31.01
N GLU SB 90 -18.85 114.74 -30.27
CA GLU SB 90 -18.97 113.30 -30.41
C GLU SB 90 -19.90 112.73 -29.34
N PRO SB 91 -20.70 111.72 -29.70
CA PRO SB 91 -21.62 111.10 -28.73
C PRO SB 91 -20.97 110.55 -27.46
N GLY SB 92 -19.93 109.73 -27.60
CA GLY SB 92 -19.27 109.15 -26.44
C GLY SB 92 -18.41 110.10 -25.65
N VAL SB 93 -18.39 111.39 -25.99
CA VAL SB 93 -17.70 112.42 -25.21
C VAL SB 93 -18.73 113.15 -24.37
N GLU SB 94 -18.41 113.39 -23.10
CA GLU SB 94 -19.28 114.09 -22.17
C GLU SB 94 -18.62 115.40 -21.78
N VAL SB 95 -19.30 116.51 -22.07
CA VAL SB 95 -18.76 117.86 -21.92
C VAL SB 95 -19.49 118.55 -20.79
N GLU SB 96 -18.72 119.10 -19.85
CA GLU SB 96 -19.26 119.79 -18.68
C GLU SB 96 -18.58 121.15 -18.54
N VAL SB 97 -19.36 122.19 -18.27
CA VAL SB 97 -18.87 123.56 -18.14
C VAL SB 97 -19.17 124.08 -16.75
N THR SB 98 -18.15 124.57 -16.05
CA THR SB 98 -18.30 125.14 -14.72
C THR SB 98 -18.12 126.66 -14.81
N ILE SB 99 -19.02 127.41 -14.16
CA ILE SB 99 -19.06 128.85 -14.33
C ILE SB 99 -18.03 129.54 -13.43
N ALA SB 100 -17.74 128.94 -12.28
CA ALA SB 100 -16.81 129.57 -11.34
C ALA SB 100 -15.39 129.22 -11.70
N MET TB 1 -22.03 52.17 -91.06
CA MET TB 1 -23.05 51.12 -90.97
C MET TB 1 -24.37 51.55 -91.56
N GLN TB 2 -24.88 50.76 -92.48
CA GLN TB 2 -26.18 51.00 -93.08
C GLN TB 2 -27.13 49.88 -92.68
N ASN TB 3 -28.41 50.10 -92.96
CA ASN TB 3 -29.46 49.14 -92.69
C ASN TB 3 -29.83 48.42 -93.98
N ASP TB 4 -30.92 47.66 -93.96
CA ASP TB 4 -31.44 47.04 -95.17
C ASP TB 4 -31.82 48.10 -96.20
N ALA TB 5 -32.45 49.19 -95.75
CA ALA TB 5 -32.87 50.25 -96.66
C ALA TB 5 -31.70 51.00 -97.26
N GLY TB 6 -30.51 50.89 -96.68
CA GLY TB 6 -29.33 51.55 -97.23
C GLY TB 6 -29.05 52.90 -96.64
N GLU TB 7 -29.59 53.21 -95.47
CA GLU TB 7 -29.42 54.49 -94.83
C GLU TB 7 -28.35 54.40 -93.75
N PHE TB 8 -27.37 55.29 -93.81
CA PHE TB 8 -26.41 55.41 -92.73
C PHE TB 8 -27.14 55.85 -91.47
N VAL TB 9 -27.00 55.07 -90.40
CA VAL TB 9 -27.91 55.19 -89.28
C VAL TB 9 -27.21 55.42 -87.95
N ASP TB 10 -25.91 55.14 -87.84
CA ASP TB 10 -25.18 55.54 -86.66
C ASP TB 10 -24.99 57.05 -86.63
N LEU TB 11 -24.69 57.58 -85.44
CA LEU TB 11 -24.61 59.02 -85.29
C LEU TB 11 -23.32 59.61 -85.87
N TYR TB 12 -22.21 58.88 -85.81
CA TYR TB 12 -20.98 59.34 -86.45
C TYR TB 12 -20.08 58.14 -86.69
N VAL TB 13 -19.03 58.38 -87.46
CA VAL TB 13 -18.06 57.34 -87.79
C VAL TB 13 -16.70 57.73 -87.23
N PRO TB 14 -16.15 56.96 -86.31
CA PRO TB 14 -14.86 57.33 -85.72
C PRO TB 14 -13.71 57.18 -86.70
N ARG TB 15 -12.57 57.72 -86.29
CA ARG TB 15 -11.37 57.67 -87.11
C ARG TB 15 -10.74 56.29 -87.07
N LYS TB 16 -9.53 56.17 -87.58
CA LYS TB 16 -8.83 54.90 -87.60
C LYS TB 16 -7.33 55.17 -87.65
N CYS TB 17 -6.57 54.54 -86.76
CA CYS TB 17 -5.14 54.80 -86.68
C CYS TB 17 -4.47 54.40 -87.98
N SER TB 18 -3.52 55.23 -88.42
CA SER TB 18 -2.90 55.05 -89.72
C SER TB 18 -1.75 54.07 -89.69
N ALA TB 19 -1.47 53.47 -88.54
CA ALA TB 19 -0.41 52.48 -88.41
C ALA TB 19 -0.96 51.08 -88.19
N SER TB 20 -1.80 50.90 -87.17
CA SER TB 20 -2.31 49.58 -86.81
C SER TB 20 -3.76 49.38 -87.22
N ASN TB 21 -4.34 50.34 -87.96
CA ASN TB 21 -5.71 50.25 -88.48
C ASN TB 21 -6.72 50.05 -87.36
N ARG TB 22 -6.40 50.47 -86.14
CA ARG TB 22 -7.29 50.34 -85.00
C ARG TB 22 -8.05 51.64 -84.81
N ILE TB 23 -9.33 51.54 -84.46
CA ILE TB 23 -10.15 52.74 -84.36
C ILE TB 23 -9.78 53.53 -83.13
N ILE TB 24 -9.76 54.85 -83.28
CA ILE TB 24 -9.46 55.77 -82.19
C ILE TB 24 -10.75 56.08 -81.47
N GLY TB 25 -10.83 55.70 -80.20
CA GLY TB 25 -12.04 55.92 -79.43
C GLY TB 25 -12.27 57.39 -79.15
N ALA TB 26 -13.50 57.69 -78.75
CA ALA TB 26 -13.93 59.05 -78.49
C ALA TB 26 -13.38 59.62 -77.19
N LYS TB 27 -12.49 58.90 -76.50
CA LYS TB 27 -11.88 59.44 -75.29
C LYS TB 27 -10.39 59.15 -75.24
N ASP TB 28 -9.82 58.58 -76.30
CA ASP TB 28 -8.40 58.27 -76.34
C ASP TB 28 -7.61 59.55 -76.66
N HIS TB 29 -7.44 60.37 -75.63
CA HIS TB 29 -6.80 61.67 -75.79
C HIS TB 29 -5.32 61.56 -76.16
N ALA TB 30 -4.72 60.38 -76.01
CA ALA TB 30 -3.31 60.21 -76.32
C ALA TB 30 -3.03 60.05 -77.80
N SER TB 31 -3.99 60.35 -78.67
CA SER TB 31 -3.83 60.16 -80.10
C SER TB 31 -3.15 61.37 -80.73
N ILE TB 32 -2.94 61.33 -82.03
CA ILE TB 32 -2.25 62.39 -82.78
C ILE TB 32 -3.16 62.84 -83.92
N GLN TB 33 -3.00 64.09 -84.33
CA GLN TB 33 -3.57 64.57 -85.58
C GLN TB 33 -2.48 65.31 -86.35
N MET TB 34 -1.33 64.66 -86.52
CA MET TB 34 -0.18 65.27 -87.17
C MET TB 34 -0.49 65.64 -88.61
N ASN TB 35 0.12 66.72 -89.07
CA ASN TB 35 -0.04 67.21 -90.44
C ASN TB 35 1.35 67.48 -90.98
N VAL TB 36 1.66 66.91 -92.15
CA VAL TB 36 2.96 67.06 -92.77
C VAL TB 36 2.84 68.04 -93.93
N ALA TB 37 3.74 69.01 -93.98
CA ALA TB 37 3.71 70.02 -95.03
C ALA TB 37 4.21 69.45 -96.36
N GLU TB 38 3.95 70.21 -97.43
CA GLU TB 38 4.39 69.85 -98.76
C GLU TB 38 5.41 70.86 -99.27
N VAL TB 39 5.99 70.54 -100.42
CA VAL TB 39 7.11 71.29 -100.97
C VAL TB 39 7.02 71.22 -102.48
N ASP TB 40 7.08 72.37 -103.13
CA ASP TB 40 7.19 72.41 -104.58
C ASP TB 40 8.58 71.94 -104.99
N LYS TB 41 8.65 71.14 -106.04
CA LYS TB 41 9.87 70.42 -106.39
C LYS TB 41 10.96 71.32 -106.95
N VAL TB 42 10.66 72.61 -107.09
CA VAL TB 42 11.57 73.53 -107.76
C VAL TB 42 12.12 74.56 -106.77
N THR TB 43 11.29 75.00 -105.82
CA THR TB 43 11.66 76.10 -104.95
C THR TB 43 11.86 75.67 -103.50
N GLY TB 44 11.10 74.71 -103.02
CA GLY TB 44 11.18 74.31 -101.63
C GLY TB 44 10.21 75.02 -100.71
N ARG TB 45 9.14 75.62 -101.24
CA ARG TB 45 8.22 76.39 -100.43
C ARG TB 45 7.18 75.48 -99.79
N PHE TB 46 6.12 76.09 -99.27
CA PHE TB 46 5.00 75.38 -98.68
C PHE TB 46 3.77 75.62 -99.54
N ASN TB 47 3.23 74.54 -100.11
CA ASN TB 47 2.12 74.65 -101.05
C ASN TB 47 0.84 75.12 -100.36
N GLY TB 48 0.44 74.46 -99.27
CA GLY TB 48 -0.73 74.89 -98.55
C GLY TB 48 -1.58 73.73 -98.05
N GLN TB 49 -1.52 72.59 -98.74
CA GLN TB 49 -2.29 71.43 -98.34
C GLN TB 49 -1.63 70.70 -97.18
N PHE TB 50 -2.08 69.48 -96.89
CA PHE TB 50 -1.52 68.67 -95.83
C PHE TB 50 -1.31 67.25 -96.35
N LYS TB 51 -0.62 66.45 -95.56
CA LYS TB 51 -0.51 65.00 -95.75
C LYS TB 51 -0.74 64.35 -94.39
N THR TB 52 -1.84 64.75 -93.76
CA THR TB 52 -2.09 64.47 -92.35
C THR TB 52 -2.15 62.99 -92.03
N TYR TB 53 -1.74 62.64 -90.80
CA TYR TB 53 -1.71 61.28 -90.31
C TYR TB 53 -2.45 61.21 -88.98
N ALA TB 54 -2.65 60.00 -88.47
CA ALA TB 54 -3.37 59.81 -87.23
C ALA TB 54 -2.94 58.51 -86.57
N ILE TB 55 -2.51 58.60 -85.32
CA ILE TB 55 -1.96 57.46 -84.60
C ILE TB 55 -2.73 57.29 -83.30
N CYS TB 56 -3.16 56.05 -83.04
CA CYS TB 56 -3.86 55.75 -81.80
C CYS TB 56 -2.93 55.91 -80.61
N GLY TB 57 -3.52 56.19 -79.45
CA GLY TB 57 -2.75 56.43 -78.26
C GLY TB 57 -2.02 55.23 -77.71
N ALA TB 58 -2.27 54.04 -78.25
CA ALA TB 58 -1.57 52.85 -77.79
C ALA TB 58 -0.18 52.77 -78.40
N ILE TB 59 -0.06 53.08 -79.68
CA ILE TB 59 1.23 52.99 -80.37
C ILE TB 59 2.21 54.00 -79.81
N ARG TB 60 1.71 55.17 -79.39
CA ARG TB 60 2.56 56.18 -78.78
C ARG TB 60 3.21 55.66 -77.51
N ARG TB 61 2.46 54.94 -76.69
CA ARG TB 61 2.99 54.47 -75.42
C ARG TB 61 4.02 53.36 -75.59
N MET TB 62 3.97 52.61 -76.69
CA MET TB 62 4.95 51.55 -76.88
C MET TB 62 6.25 52.09 -77.45
N GLY TB 63 6.18 53.16 -78.24
CA GLY TB 63 7.39 53.82 -78.68
C GLY TB 63 7.49 54.04 -80.17
N GLU TB 64 6.95 53.12 -80.96
CA GLU TB 64 7.17 53.12 -82.40
C GLU TB 64 6.26 54.07 -83.16
N SER TB 65 5.70 55.08 -82.48
CA SER TB 65 4.86 56.06 -83.18
C SER TB 65 5.64 56.82 -84.24
N ASP TB 66 6.91 57.13 -83.98
CA ASP TB 66 7.74 57.72 -85.01
C ASP TB 66 8.20 56.72 -86.04
N ASP TB 67 8.37 55.46 -85.65
CA ASP TB 67 8.66 54.43 -86.63
C ASP TB 67 7.46 54.16 -87.51
N SER TB 68 6.26 54.48 -87.04
CA SER TB 68 5.06 54.38 -87.87
C SER TB 68 5.05 55.46 -88.94
N ILE TB 69 5.43 56.69 -88.56
CA ILE TB 69 5.47 57.79 -89.52
C ILE TB 69 6.51 57.52 -90.59
N LEU TB 70 7.70 57.06 -90.19
CA LEU TB 70 8.80 56.89 -91.13
C LEU TB 70 8.47 55.82 -92.17
N ARG TB 71 7.61 54.87 -91.83
CA ARG TB 71 7.05 53.99 -92.85
C ARG TB 71 6.00 54.71 -93.68
N LEU TB 72 5.21 55.58 -93.05
CA LEU TB 72 4.14 56.27 -93.77
C LEU TB 72 4.70 57.34 -94.70
N ALA TB 73 5.75 58.03 -94.27
CA ALA TB 73 6.32 59.08 -95.09
C ALA TB 73 7.01 58.52 -96.33
N LYS TB 74 7.64 57.35 -96.20
CA LYS TB 74 8.22 56.70 -97.36
C LYS TB 74 7.16 56.09 -98.26
N ALA TB 75 6.00 55.73 -97.72
CA ALA TB 75 4.87 55.31 -98.53
C ALA TB 75 4.12 56.49 -99.12
N ASP TB 76 4.49 57.71 -98.74
CA ASP TB 76 3.96 58.91 -99.36
C ASP TB 76 5.03 59.73 -100.06
N GLY TB 77 6.27 59.28 -100.07
CA GLY TB 77 7.32 59.96 -100.80
C GLY TB 77 7.94 61.13 -100.08
N ILE TB 78 7.48 61.45 -98.87
CA ILE TB 78 8.03 62.59 -98.15
C ILE TB 78 9.44 62.30 -97.67
N VAL TB 79 9.80 61.03 -97.49
CA VAL TB 79 11.16 60.64 -97.13
C VAL TB 79 11.73 59.86 -98.30
N SER TB 80 13.02 60.10 -98.58
CA SER TB 80 13.69 59.37 -99.65
C SER TB 80 13.71 57.88 -99.35
N LYS TB 81 13.44 57.09 -100.39
CA LYS TB 81 13.31 55.65 -100.23
C LYS TB 81 14.64 55.01 -99.83
N ASN TB 82 15.75 55.50 -100.39
CA ASN TB 82 17.06 55.00 -99.96
C ASN TB 82 17.35 55.39 -98.52
N PHE TB 83 16.82 56.54 -98.08
CA PHE TB 83 16.86 57.00 -96.70
C PHE TB 83 18.29 57.20 -96.18
N VAL UB 1 3.79 17.46 -75.41
CA VAL UB 1 4.39 18.33 -76.40
C VAL UB 1 3.32 19.01 -77.25
N ARG UB 2 3.67 19.36 -78.47
CA ARG UB 2 2.76 20.06 -79.37
C ARG UB 2 1.69 19.09 -79.83
N MET UB 3 0.56 19.09 -79.13
CA MET UB 3 -0.53 18.17 -79.47
C MET UB 3 -1.31 18.70 -80.68
N ASN UB 4 -1.93 19.87 -80.53
CA ASN UB 4 -2.71 20.49 -81.58
C ASN UB 4 -1.82 21.48 -82.31
N VAL UB 5 -1.61 21.26 -83.60
CA VAL UB 5 -0.68 22.10 -84.35
C VAL UB 5 -1.37 23.33 -84.89
N LEU UB 6 -2.66 23.22 -85.21
CA LEU UB 6 -3.42 24.38 -85.65
C LEU UB 6 -3.61 25.36 -84.51
N ALA UB 7 -3.79 24.85 -83.29
CA ALA UB 7 -4.07 25.71 -82.14
C ALA UB 7 -2.89 26.63 -81.84
N ASP UB 8 -1.69 26.07 -81.82
CA ASP UB 8 -0.50 26.85 -81.52
C ASP UB 8 -0.16 27.78 -82.68
N ALA UB 9 -0.80 27.57 -83.83
CA ALA UB 9 -0.68 28.47 -84.96
C ALA UB 9 -1.63 29.66 -84.84
N LEU UB 10 -2.89 29.38 -84.49
CA LEU UB 10 -3.88 30.45 -84.45
C LEU UB 10 -3.61 31.40 -83.30
N LYS UB 11 -3.23 30.88 -82.14
CA LYS UB 11 -2.91 31.75 -81.02
C LYS UB 11 -1.62 32.53 -81.28
N SER UB 12 -0.73 32.00 -82.10
CA SER UB 12 0.48 32.74 -82.42
C SER UB 12 0.17 33.96 -83.26
N ILE UB 13 -0.69 33.81 -84.28
CA ILE UB 13 -1.05 34.97 -85.10
C ILE UB 13 -2.06 35.85 -84.40
N ASN UB 14 -2.62 35.42 -83.28
CA ASN UB 14 -3.53 36.26 -82.53
C ASN UB 14 -2.77 37.18 -81.58
N ASN UB 15 -1.68 36.70 -80.99
CA ASN UB 15 -0.88 37.53 -80.12
C ASN UB 15 -0.22 38.65 -80.89
N ALA UB 16 0.34 38.34 -82.06
CA ALA UB 16 0.95 39.37 -82.89
C ALA UB 16 -0.06 40.39 -83.39
N GLU UB 17 -1.32 39.99 -83.57
CA GLU UB 17 -2.33 40.95 -83.97
C GLU UB 17 -2.69 41.88 -82.82
N LYS UB 18 -2.72 41.35 -81.60
CA LYS UB 18 -2.99 42.21 -80.44
C LYS UB 18 -1.87 43.21 -80.24
N ARG UB 19 -0.62 42.75 -80.34
CA ARG UB 19 0.52 43.65 -80.27
C ARG UB 19 0.53 44.60 -81.46
N GLY UB 20 0.20 44.09 -82.65
CA GLY UB 20 0.04 44.95 -83.79
C GLY UB 20 1.13 44.81 -84.84
N LYS UB 21 1.78 43.65 -84.89
CA LYS UB 21 2.83 43.40 -85.87
C LYS UB 21 2.28 43.40 -87.28
N ARG UB 22 3.16 43.46 -88.28
CA ARG UB 22 2.72 43.47 -89.66
C ARG UB 22 2.75 42.10 -90.31
N GLN UB 23 3.67 41.23 -89.90
CA GLN UB 23 3.69 39.88 -90.45
C GLN UB 23 4.35 38.95 -89.44
N VAL UB 24 3.67 37.86 -89.10
CA VAL UB 24 4.14 36.93 -88.08
C VAL UB 24 4.55 35.63 -88.78
N LEU UB 25 5.36 34.84 -88.08
CA LEU UB 25 5.86 33.56 -88.57
C LEU UB 25 5.23 32.42 -87.77
N ILE UB 26 4.79 31.39 -88.48
CA ILE UB 26 4.25 30.19 -87.86
C ILE UB 26 5.23 29.05 -88.13
N ARG UB 27 5.61 28.33 -87.08
CA ARG UB 27 6.66 27.33 -87.22
C ARG UB 27 6.25 26.09 -88.01
N PRO UB 28 5.11 25.44 -87.76
CA PRO UB 28 4.70 24.36 -88.66
C PRO UB 28 3.68 24.82 -89.69
N CYS UB 29 3.65 24.10 -90.81
CA CYS UB 29 2.70 24.38 -91.89
C CYS UB 29 2.08 23.05 -92.32
N SER UB 30 0.85 22.82 -91.88
CA SER UB 30 0.13 21.62 -92.28
C SER UB 30 -0.83 21.94 -93.41
N LYS UB 31 -1.48 20.88 -93.89
CA LYS UB 31 -2.55 21.04 -94.87
C LYS UB 31 -3.74 21.76 -94.28
N VAL UB 32 -3.94 21.62 -92.98
CA VAL UB 32 -5.09 22.23 -92.32
C VAL UB 32 -4.87 23.73 -92.15
N ILE UB 33 -3.61 24.16 -92.07
CA ILE UB 33 -3.33 25.56 -91.81
C ILE UB 33 -3.59 26.39 -93.06
N VAL UB 34 -3.15 25.91 -94.22
CA VAL UB 34 -3.37 26.64 -95.45
C VAL UB 34 -4.85 26.70 -95.78
N ARG UB 35 -5.56 25.59 -95.57
CA ARG UB 35 -7.00 25.60 -95.77
C ARG UB 35 -7.73 26.41 -94.74
N PHE UB 36 -7.06 26.84 -93.68
CA PHE UB 36 -7.63 27.76 -92.70
C PHE UB 36 -7.38 29.21 -93.09
N LEU UB 37 -6.14 29.55 -93.42
CA LEU UB 37 -5.81 30.93 -93.76
C LEU UB 37 -6.52 31.38 -95.02
N THR UB 38 -6.68 30.49 -95.99
CA THR UB 38 -7.40 30.83 -97.21
C THR UB 38 -8.88 31.07 -96.96
N VAL UB 39 -9.43 30.55 -95.87
CA VAL UB 39 -10.78 30.94 -95.49
C VAL UB 39 -10.81 32.38 -95.04
N MET UB 40 -9.85 32.78 -94.21
CA MET UB 40 -9.72 34.17 -93.83
C MET UB 40 -9.25 35.05 -94.98
N MET UB 41 -8.65 34.46 -96.01
CA MET UB 41 -8.22 35.23 -97.17
C MET UB 41 -9.40 35.78 -97.95
N LYS UB 42 -10.41 34.94 -98.16
CA LYS UB 42 -11.53 35.33 -99.01
C LYS UB 42 -12.40 36.37 -98.34
N HIS UB 43 -12.54 36.28 -97.02
CA HIS UB 43 -13.33 37.25 -96.29
C HIS UB 43 -12.59 38.54 -96.00
N GLY UB 44 -11.32 38.63 -96.38
CA GLY UB 44 -10.57 39.85 -96.17
C GLY UB 44 -10.23 40.10 -94.72
N TYR UB 45 -9.61 39.12 -94.08
CA TYR UB 45 -9.21 39.25 -92.68
C TYR UB 45 -7.72 39.26 -92.47
N ILE UB 46 -6.93 38.69 -93.37
CA ILE UB 46 -5.49 38.80 -93.32
C ILE UB 46 -5.00 39.25 -94.69
N GLY UB 47 -3.79 39.81 -94.71
CA GLY UB 47 -3.14 40.17 -95.95
C GLY UB 47 -2.61 38.94 -96.66
N GLU UB 48 -1.88 39.20 -97.73
CA GLU UB 48 -1.42 38.14 -98.62
C GLU UB 48 -0.36 37.29 -97.94
N PHE UB 49 -0.69 36.02 -97.71
CA PHE UB 49 0.20 35.13 -96.97
C PHE UB 49 0.93 34.21 -97.93
N GLU UB 50 2.14 33.81 -97.53
CA GLU UB 50 2.96 32.92 -98.34
C GLU UB 50 3.70 31.97 -97.44
N ILE UB 51 3.88 30.74 -97.90
CA ILE UB 51 4.52 29.71 -97.11
C ILE UB 51 5.90 29.45 -97.68
N ILE UB 52 6.76 28.83 -96.86
CA ILE UB 52 8.10 28.46 -97.30
C ILE UB 52 8.26 26.95 -97.22
N ASP UB 53 8.30 26.30 -98.39
CA ASP UB 53 8.42 24.85 -98.40
C ASP UB 53 9.88 24.44 -98.29
N ASP UB 54 10.34 24.16 -97.08
CA ASP UB 54 11.63 23.55 -96.88
C ASP UB 54 11.47 22.05 -96.89
N HIS UB 55 12.55 21.33 -96.60
CA HIS UB 55 12.51 19.87 -96.65
C HIS UB 55 12.13 19.32 -95.28
N ARG UB 56 11.36 20.11 -94.54
CA ARG UB 56 10.74 19.68 -93.29
C ARG UB 56 9.32 20.20 -93.30
N ALA UB 57 8.64 20.15 -92.17
CA ALA UB 57 7.34 20.79 -92.05
C ALA UB 57 7.52 22.28 -92.22
N GLY UB 58 6.81 22.85 -93.20
CA GLY UB 58 7.04 24.22 -93.62
C GLY UB 58 6.75 25.30 -92.60
N LYS UB 59 7.10 26.54 -92.94
CA LYS UB 59 6.75 27.69 -92.14
C LYS UB 59 5.96 28.65 -92.99
N ILE UB 60 5.23 29.56 -92.34
CA ILE UB 60 4.34 30.49 -93.01
C ILE UB 60 4.60 31.89 -92.51
N VAL UB 61 4.62 32.86 -93.42
CA VAL UB 61 4.70 34.27 -93.03
C VAL UB 61 3.44 34.96 -93.51
N VAL UB 62 2.41 35.02 -92.64
CA VAL UB 62 1.16 35.64 -93.05
C VAL UB 62 1.29 37.15 -92.95
N ASN UB 63 0.53 37.86 -93.77
CA ASN UB 63 0.47 39.31 -93.69
C ASN UB 63 -0.78 39.71 -92.93
N LEU UB 64 -0.63 40.68 -92.03
CA LEU UB 64 -1.71 41.06 -91.14
C LEU UB 64 -2.23 42.45 -91.46
N THR UB 65 -3.49 42.67 -91.12
CA THR UB 65 -4.09 44.00 -91.16
C THR UB 65 -4.59 44.31 -89.76
N GLY UB 66 -5.32 45.40 -89.59
CA GLY UB 66 -5.86 45.70 -88.29
C GLY UB 66 -7.29 45.26 -88.14
N ARG UB 67 -7.72 44.34 -88.99
CA ARG UB 67 -9.12 43.95 -89.08
C ARG UB 67 -9.52 42.84 -88.11
N LEU UB 68 -8.62 41.90 -87.84
CA LEU UB 68 -8.98 40.73 -87.07
C LEU UB 68 -9.08 41.05 -85.59
N ASN UB 69 -10.21 40.69 -84.97
CA ASN UB 69 -10.38 40.84 -83.54
C ASN UB 69 -9.81 39.66 -82.76
N LYS UB 70 -10.15 38.44 -83.17
CA LYS UB 70 -9.62 37.24 -82.54
C LYS UB 70 -9.83 36.06 -83.47
N CYS UB 71 -8.90 35.11 -83.43
CA CYS UB 71 -8.99 33.92 -84.27
C CYS UB 71 -8.84 32.66 -83.46
N GLY UB 72 -9.56 32.56 -82.35
CA GLY UB 72 -9.39 31.42 -81.46
C GLY UB 72 -9.79 30.10 -82.09
N VAL UB 73 -9.40 29.03 -81.42
CA VAL UB 73 -9.59 27.67 -81.92
C VAL UB 73 -10.37 26.85 -80.91
N ILE UB 74 -11.35 26.11 -81.38
CA ILE UB 74 -12.12 25.21 -80.55
C ILE UB 74 -11.38 23.89 -80.46
N SER UB 75 -11.24 23.37 -79.24
CA SER UB 75 -10.59 22.08 -79.07
C SER UB 75 -11.41 21.25 -78.10
N PRO UB 76 -11.63 19.97 -78.39
CA PRO UB 76 -11.19 19.27 -79.60
C PRO UB 76 -12.14 19.50 -80.75
N ARG UB 77 -11.93 18.81 -81.86
CA ARG UB 77 -12.86 18.92 -82.99
C ARG UB 77 -14.16 18.24 -82.62
N PHE UB 78 -15.18 19.02 -82.28
CA PHE UB 78 -16.46 18.46 -81.90
C PHE UB 78 -17.27 18.10 -83.14
N ASP UB 79 -18.20 17.17 -82.95
CA ASP UB 79 -19.17 16.85 -83.98
C ASP UB 79 -20.23 17.94 -84.03
N VAL UB 80 -20.51 18.43 -85.23
CA VAL UB 80 -21.48 19.51 -85.41
C VAL UB 80 -22.49 19.08 -86.46
N GLN UB 81 -23.75 18.99 -86.07
CA GLN UB 81 -24.85 18.70 -86.98
C GLN UB 81 -25.26 19.96 -87.70
N LEU UB 82 -26.43 19.94 -88.36
CA LEU UB 82 -26.99 21.15 -88.92
C LEU UB 82 -28.13 21.72 -88.08
N LYS UB 83 -28.68 20.95 -87.14
CA LYS UB 83 -29.72 21.45 -86.27
C LYS UB 83 -29.17 22.19 -85.06
N ASP UB 84 -27.85 22.15 -84.87
CA ASP UB 84 -27.23 22.81 -83.73
C ASP UB 84 -26.16 23.81 -84.13
N LEU UB 85 -25.96 24.05 -85.42
CA LEU UB 85 -25.00 25.05 -85.83
C LEU UB 85 -25.41 26.44 -85.36
N GLU UB 86 -26.71 26.72 -85.36
CA GLU UB 86 -27.19 27.96 -84.79
C GLU UB 86 -27.13 27.96 -83.27
N LYS UB 87 -26.95 26.80 -82.66
CA LYS UB 87 -26.67 26.71 -81.24
C LYS UB 87 -25.19 26.83 -80.94
N TRP UB 88 -24.35 26.87 -81.95
CA TRP UB 88 -22.93 27.12 -81.79
C TRP UB 88 -22.59 28.59 -82.04
N GLN UB 89 -23.13 29.17 -83.11
CA GLN UB 89 -22.88 30.58 -83.34
C GLN UB 89 -23.64 31.48 -82.39
N ASN UB 90 -24.62 30.93 -81.65
CA ASN UB 90 -25.28 31.70 -80.61
C ASN UB 90 -24.32 32.07 -79.49
N ASN UB 91 -23.34 31.22 -79.20
CA ASN UB 91 -22.48 31.46 -78.05
C ASN UB 91 -21.00 31.44 -78.41
N LEU UB 92 -20.65 31.66 -79.66
CA LEU UB 92 -19.25 31.67 -80.05
C LEU UB 92 -18.90 32.82 -80.97
N LEU UB 93 -19.88 33.59 -81.43
CA LEU UB 93 -19.64 34.71 -82.30
C LEU UB 93 -20.22 35.97 -81.65
N PRO UB 94 -19.67 37.14 -81.95
CA PRO UB 94 -20.20 38.38 -81.40
C PRO UB 94 -21.66 38.63 -81.73
N SER UB 95 -22.01 38.69 -83.01
CA SER UB 95 -23.38 38.96 -83.41
C SER UB 95 -23.70 38.19 -84.68
N ARG UB 96 -24.94 38.32 -85.13
CA ARG UB 96 -25.40 37.61 -86.31
C ARG UB 96 -24.94 38.26 -87.61
N GLN UB 97 -24.34 39.44 -87.53
CA GLN UB 97 -23.92 40.13 -88.75
C GLN UB 97 -22.59 39.59 -89.24
N PHE UB 98 -21.54 39.70 -88.41
CA PHE UB 98 -20.21 39.30 -88.81
C PHE UB 98 -19.75 38.12 -87.95
N GLY UB 99 -18.51 37.70 -88.19
CA GLY UB 99 -17.97 36.56 -87.47
C GLY UB 99 -18.30 35.25 -88.14
N PHE UB 100 -17.34 34.33 -88.10
CA PHE UB 100 -17.49 33.06 -88.79
C PHE UB 100 -16.97 31.92 -87.94
N ILE UB 101 -17.53 30.74 -88.17
CA ILE UB 101 -17.07 29.50 -87.55
C ILE UB 101 -16.63 28.59 -88.69
N VAL UB 102 -15.33 28.54 -88.94
CA VAL UB 102 -14.82 27.60 -89.92
C VAL UB 102 -14.97 26.19 -89.36
N LEU UB 103 -15.48 25.29 -90.20
CA LEU UB 103 -15.66 23.91 -89.81
C LEU UB 103 -15.36 23.02 -91.00
N THR UB 104 -14.74 21.88 -90.71
CA THR UB 104 -14.41 20.92 -91.75
C THR UB 104 -15.59 19.99 -91.99
N THR UB 105 -15.90 19.76 -93.26
CA THR UB 105 -16.90 18.79 -93.64
C THR UB 105 -16.37 18.00 -94.82
N SER UB 106 -17.14 17.00 -95.25
CA SER UB 106 -16.71 16.16 -96.36
C SER UB 106 -16.57 16.95 -97.64
N ALA UB 107 -17.25 18.10 -97.76
CA ALA UB 107 -17.04 18.96 -98.90
C ALA UB 107 -15.67 19.62 -98.85
N GLY UB 108 -15.18 19.92 -97.66
CA GLY UB 108 -13.89 20.56 -97.49
C GLY UB 108 -13.89 21.40 -96.24
N ILE UB 109 -13.01 22.39 -96.21
CA ILE UB 109 -12.89 23.32 -95.10
C ILE UB 109 -13.51 24.64 -95.53
N MET UB 110 -14.58 25.04 -94.86
CA MET UB 110 -15.24 26.29 -95.17
C MET UB 110 -15.93 26.80 -93.92
N ASP UB 111 -16.42 28.03 -93.99
CA ASP UB 111 -17.06 28.64 -92.84
C ASP UB 111 -18.46 28.07 -92.63
N HIS UB 112 -19.12 28.55 -91.59
CA HIS UB 112 -20.41 27.97 -91.22
C HIS UB 112 -21.50 28.38 -92.20
N GLU UB 113 -21.41 29.57 -92.78
CA GLU UB 113 -22.45 30.01 -93.70
C GLU UB 113 -22.36 29.28 -95.03
N GLU UB 114 -21.15 28.93 -95.47
CA GLU UB 114 -21.00 28.16 -96.70
C GLU UB 114 -21.65 26.79 -96.58
N ALA UB 115 -21.62 26.21 -95.39
CA ALA UB 115 -22.25 24.91 -95.16
C ALA UB 115 -23.77 24.98 -95.19
N ARG UB 116 -24.37 26.16 -95.10
CA ARG UB 116 -25.81 26.26 -95.23
C ARG UB 116 -26.26 26.13 -96.67
N ARG UB 117 -25.42 26.54 -97.62
CA ARG UB 117 -25.71 26.27 -99.02
C ARG UB 117 -25.65 24.77 -99.29
N LYS UB 118 -24.55 24.14 -98.93
CA LYS UB 118 -24.30 22.74 -99.25
C LYS UB 118 -25.00 21.79 -98.29
N HIS UB 119 -25.67 22.31 -97.26
CA HIS UB 119 -26.49 21.53 -96.32
C HIS UB 119 -25.69 20.48 -95.57
N THR UB 120 -24.36 20.55 -95.61
CA THR UB 120 -23.52 19.53 -95.01
C THR UB 120 -22.90 20.04 -93.72
N GLY UB 121 -22.46 19.11 -92.89
CA GLY UB 121 -21.82 19.44 -91.64
C GLY UB 121 -20.67 18.51 -91.37
N GLY UB 122 -19.91 18.83 -90.34
CA GLY UB 122 -18.80 17.99 -89.96
C GLY UB 122 -18.17 18.51 -88.69
N LYS UB 123 -16.90 18.14 -88.50
CA LYS UB 123 -16.18 18.58 -87.32
C LYS UB 123 -15.90 20.07 -87.39
N ILE UB 124 -15.60 20.64 -86.24
CA ILE UB 124 -15.38 22.08 -86.07
C ILE UB 124 -13.92 22.32 -85.66
N LEU UB 125 -13.26 23.26 -86.33
CA LEU UB 125 -11.87 23.59 -85.98
C LEU UB 125 -11.80 24.80 -85.05
N GLY UB 126 -12.29 25.93 -85.51
CA GLY UB 126 -12.20 27.17 -84.77
C GLY UB 126 -13.15 28.21 -85.29
N PHE UB 127 -12.74 29.47 -85.17
CA PHE UB 127 -13.64 30.59 -85.37
C PHE UB 127 -12.82 31.87 -85.39
N PHE UB 128 -13.31 32.85 -86.12
CA PHE UB 128 -12.66 34.15 -86.13
C PHE UB 128 -13.72 35.21 -86.37
N PHE UB 129 -13.44 36.43 -85.90
CA PHE UB 129 -14.36 37.54 -86.09
C PHE UB 129 -13.60 38.86 -86.12
N GLY VB 1 -13.53 22.89 -67.16
CA GLY VB 1 -12.85 21.65 -66.84
C GLY VB 1 -11.38 21.70 -67.22
N LYS VB 2 -10.61 20.73 -66.77
CA LYS VB 2 -9.19 20.70 -67.08
C LYS VB 2 -8.90 19.85 -68.30
N CYS VB 3 -9.23 18.57 -68.26
CA CYS VB 3 -9.04 17.70 -69.40
C CYS VB 3 -10.16 17.91 -70.41
N ARG VB 4 -9.78 18.08 -71.68
CA ARG VB 4 -10.73 18.37 -72.73
C ARG VB 4 -10.66 17.31 -73.84
N GLY VB 5 -10.35 16.07 -73.48
CA GLY VB 5 -10.18 15.04 -74.49
C GLY VB 5 -11.50 14.70 -75.17
N LEU VB 6 -11.38 14.14 -76.37
CA LEU VB 6 -12.57 13.83 -77.14
C LEU VB 6 -13.33 12.65 -76.56
N ARG VB 7 -12.61 11.70 -75.98
CA ARG VB 7 -13.23 10.60 -75.25
C ARG VB 7 -12.73 10.62 -73.82
N THR VB 8 -13.38 11.44 -73.00
CA THR VB 8 -13.01 11.66 -71.62
C THR VB 8 -14.24 11.80 -70.75
N ALA VB 9 -15.37 11.24 -71.19
CA ALA VB 9 -16.61 11.40 -70.44
C ALA VB 9 -16.54 10.67 -69.11
N ARG VB 10 -15.99 9.46 -69.10
CA ARG VB 10 -15.91 8.74 -67.82
C ARG VB 10 -14.92 9.40 -66.88
N LYS VB 11 -13.98 10.17 -67.41
CA LYS VB 11 -13.13 10.96 -66.53
C LYS VB 11 -13.87 12.20 -66.01
N LEU VB 12 -14.73 12.79 -66.83
CA LEU VB 12 -15.46 13.97 -66.42
C LEU VB 12 -16.75 13.63 -65.69
N ARG VB 13 -17.41 12.53 -66.04
CA ARG VB 13 -18.64 12.18 -65.35
C ARG VB 13 -18.36 11.66 -63.96
N SER VB 14 -17.29 10.87 -63.80
CA SER VB 14 -16.93 10.36 -62.48
C SER VB 14 -16.41 11.44 -61.56
N HIS VB 15 -16.04 12.60 -62.10
CA HIS VB 15 -15.54 13.67 -61.26
C HIS VB 15 -16.67 14.43 -60.58
N ARG VB 16 -17.63 14.93 -61.38
CA ARG VB 16 -18.78 15.60 -60.78
C ARG VB 16 -19.62 14.64 -59.95
N ARG VB 17 -19.45 13.34 -60.13
CA ARG VB 17 -20.02 12.37 -59.22
C ARG VB 17 -19.22 12.26 -57.94
N ASP VB 18 -17.94 12.65 -57.98
CA ASP VB 18 -17.05 12.57 -56.83
C ASP VB 18 -17.05 13.89 -56.07
N GLN VB 19 -16.81 14.99 -56.77
CA GLN VB 19 -16.71 16.29 -56.13
C GLN VB 19 -18.04 16.80 -55.63
N LYS VB 20 -19.15 16.19 -56.04
CA LYS VB 20 -20.44 16.57 -55.50
C LYS VB 20 -20.54 16.29 -54.02
N TRP VB 21 -19.78 15.32 -53.51
CA TRP VB 21 -19.83 15.01 -52.09
C TRP VB 21 -19.12 16.06 -51.26
N HIS VB 22 -18.20 16.80 -51.84
CA HIS VB 22 -17.57 17.83 -51.06
C HIS VB 22 -18.42 19.07 -50.96
N ASP VB 23 -19.58 19.05 -51.59
CA ASP VB 23 -20.62 20.05 -51.39
C ASP VB 23 -21.35 19.73 -50.10
N LYS VB 24 -21.78 20.77 -49.39
CA LYS VB 24 -22.48 20.57 -48.14
C LYS VB 24 -23.99 20.46 -48.33
N GLN VB 25 -24.56 21.24 -49.23
CA GLN VB 25 -26.00 21.19 -49.43
C GLN VB 25 -26.44 19.88 -50.09
N TYR VB 26 -25.55 19.26 -50.87
CA TYR VB 26 -25.89 18.03 -51.56
C TYR VB 26 -25.70 16.82 -50.66
N LYS VB 27 -24.56 16.76 -49.96
CA LYS VB 27 -24.23 15.61 -49.13
C LYS VB 27 -25.23 15.44 -48.00
N LYS VB 28 -25.76 16.54 -47.49
CA LYS VB 28 -26.79 16.45 -46.45
C LYS VB 28 -28.03 15.73 -46.98
N ALA VB 29 -28.48 16.10 -48.17
CA ALA VB 29 -29.72 15.54 -48.69
C ALA VB 29 -29.54 14.13 -49.24
N HIS VB 30 -28.35 13.77 -49.69
CA HIS VB 30 -28.13 12.48 -50.31
C HIS VB 30 -27.31 11.55 -49.41
N LEU VB 31 -27.51 11.70 -48.11
CA LEU VB 31 -27.03 10.70 -47.15
C LEU VB 31 -28.12 10.49 -46.14
N GLY VB 32 -28.37 9.23 -45.81
CA GLY VB 32 -29.44 8.91 -44.89
C GLY VB 32 -29.15 9.35 -43.47
N THR VB 33 -27.90 9.68 -43.18
CA THR VB 33 -27.53 10.07 -41.83
C THR VB 33 -28.17 11.39 -41.41
N ALA VB 34 -28.50 12.26 -42.36
CA ALA VB 34 -29.19 13.49 -42.01
C ALA VB 34 -30.68 13.24 -41.81
N LEU VB 35 -31.23 12.26 -42.51
CA LEU VB 35 -32.66 11.98 -42.39
C LEU VB 35 -32.98 11.25 -41.10
N LYS VB 36 -32.13 10.32 -40.69
CA LYS VB 36 -32.32 9.67 -39.40
C LYS VB 36 -32.08 10.67 -38.27
N ALA VB 37 -31.13 11.57 -38.43
CA ALA VB 37 -30.88 12.57 -37.40
C ALA VB 37 -32.04 13.54 -37.28
N ASN VB 38 -32.77 13.77 -38.37
CA ASN VB 38 -33.90 14.67 -38.38
C ASN VB 38 -34.99 14.15 -37.45
N PRO VB 39 -35.37 14.93 -36.43
CA PRO VB 39 -36.43 14.46 -35.52
C PRO VB 39 -37.81 14.41 -36.15
N PHE VB 40 -37.99 14.87 -37.38
CA PHE VB 40 -39.26 14.70 -38.07
C PHE VB 40 -39.26 13.53 -39.04
N GLY VB 41 -38.09 13.16 -39.57
CA GLY VB 41 -38.01 12.11 -40.54
C GLY VB 41 -38.42 12.54 -41.93
N GLY VB 42 -38.21 13.79 -42.30
CA GLY VB 42 -38.60 14.29 -43.59
C GLY VB 42 -40.03 14.77 -43.67
N ALA VB 43 -40.82 14.61 -42.62
CA ALA VB 43 -42.18 15.09 -42.62
C ALA VB 43 -42.21 16.58 -42.35
N SER VB 44 -43.05 17.29 -43.10
CA SER VB 44 -43.10 18.75 -42.98
C SER VB 44 -43.69 19.19 -41.65
N HIS VB 45 -44.56 18.38 -41.05
CA HIS VB 45 -45.16 18.68 -39.76
C HIS VB 45 -45.19 17.39 -38.95
N ALA VB 46 -45.43 17.54 -37.64
CA ALA VB 46 -45.50 16.36 -36.77
C ALA VB 46 -46.29 16.66 -35.51
N LYS VB 47 -47.19 15.76 -35.14
CA LYS VB 47 -47.90 15.87 -33.87
C LYS VB 47 -47.03 15.34 -32.75
N GLY VB 48 -47.16 15.93 -31.57
CA GLY VB 48 -46.38 15.52 -30.43
C GLY VB 48 -47.10 15.88 -29.16
N ILE VB 49 -46.71 15.22 -28.08
CA ILE VB 49 -47.32 15.42 -26.77
C ILE VB 49 -46.47 16.38 -25.97
N VAL VB 50 -47.10 17.45 -25.47
CA VAL VB 50 -46.42 18.39 -24.59
C VAL VB 50 -46.04 17.68 -23.30
N LEU VB 51 -44.78 17.85 -22.88
CA LEU VB 51 -44.39 17.29 -21.60
C LEU VB 51 -43.85 18.29 -20.60
N GLU VB 52 -43.37 19.46 -21.01
CA GLU VB 52 -43.02 20.54 -20.10
C GLU VB 52 -43.04 21.87 -20.84
N LYS VB 53 -43.29 22.95 -20.11
CA LYS VB 53 -43.21 24.29 -20.63
C LYS VB 53 -41.96 24.93 -20.01
N VAL VB 54 -40.82 24.71 -20.65
CA VAL VB 54 -39.58 25.31 -20.19
C VAL VB 54 -39.30 26.57 -20.99
N GLY VB 55 -38.97 27.65 -20.27
CA GLY VB 55 -38.58 28.88 -20.88
C GLY VB 55 -37.07 28.91 -21.05
N VAL VB 56 -36.61 29.20 -22.25
CA VAL VB 56 -35.20 29.24 -22.54
C VAL VB 56 -34.73 30.68 -22.54
N GLU VB 57 -33.52 30.91 -22.05
CA GLU VB 57 -32.91 32.22 -22.10
C GLU VB 57 -32.67 32.62 -23.56
N ALA VB 58 -32.63 33.93 -23.80
CA ALA VB 58 -32.32 34.46 -25.12
C ALA VB 58 -30.80 34.43 -25.35
N LYS VB 59 -30.31 35.09 -26.39
CA LYS VB 59 -28.88 35.04 -26.64
C LYS VB 59 -28.22 36.41 -26.52
N GLN VB 60 -26.89 36.44 -26.70
CA GLN VB 60 -25.93 37.39 -26.11
C GLN VB 60 -26.41 38.85 -26.07
N PRO VB 61 -26.69 39.55 -27.20
CA PRO VB 61 -26.97 40.98 -27.05
C PRO VB 61 -28.43 41.29 -26.74
N ASN VB 62 -29.35 40.41 -27.12
CA ASN VB 62 -30.78 40.68 -27.00
C ASN VB 62 -31.33 39.84 -25.87
N SER VB 63 -31.58 40.46 -24.73
CA SER VB 63 -32.03 39.76 -23.54
C SER VB 63 -33.55 39.63 -23.53
N ALA VB 64 -34.03 38.41 -23.22
CA ALA VB 64 -35.44 38.08 -23.10
C ALA VB 64 -35.59 36.67 -22.57
N ILE VB 65 -36.82 36.22 -22.37
CA ILE VB 65 -37.10 34.82 -22.05
C ILE VB 65 -38.02 34.28 -23.14
N ARG VB 66 -37.51 33.32 -23.90
CA ARG VB 66 -38.28 32.72 -24.99
C ARG VB 66 -39.06 31.54 -24.44
N LYS VB 67 -40.38 31.61 -24.53
CA LYS VB 67 -41.25 30.61 -23.94
C LYS VB 67 -41.44 29.46 -24.92
N CYS VB 68 -40.79 28.34 -24.64
CA CYS VB 68 -40.85 27.16 -25.48
C CYS VB 68 -41.46 26.00 -24.70
N VAL VB 69 -41.63 24.88 -25.40
CA VAL VB 69 -42.29 23.70 -24.85
C VAL VB 69 -41.53 22.47 -25.30
N ARG VB 70 -41.13 21.62 -24.36
CA ARG VB 70 -40.54 20.34 -24.72
C ARG VB 70 -41.64 19.38 -25.11
N VAL VB 71 -41.55 18.84 -26.32
CA VAL VB 71 -42.60 18.01 -26.89
C VAL VB 71 -42.04 16.62 -27.14
N GLN VB 72 -42.86 15.61 -26.91
CA GLN VB 72 -42.52 14.21 -27.20
C GLN VB 72 -43.41 13.79 -28.35
N LEU VB 73 -42.79 13.50 -29.49
CA LEU VB 73 -43.55 13.14 -30.68
C LEU VB 73 -44.25 11.80 -30.50
N ILE VB 74 -45.25 11.53 -31.33
CA ILE VB 74 -45.99 10.27 -31.26
C ILE VB 74 -45.53 9.26 -32.29
N LYS VB 75 -44.84 9.69 -33.34
CA LYS VB 75 -44.31 8.74 -34.31
C LYS VB 75 -42.91 8.27 -33.95
N ASN VB 76 -42.13 9.12 -33.29
CA ASN VB 76 -40.75 8.81 -32.96
C ASN VB 76 -40.58 8.46 -31.49
N GLY VB 77 -41.15 9.26 -30.61
CA GLY VB 77 -40.76 9.24 -29.22
C GLY VB 77 -39.59 10.14 -28.92
N LYS VB 78 -39.02 10.79 -29.94
CA LYS VB 78 -37.92 11.70 -29.74
C LYS VB 78 -38.43 12.98 -29.11
N LYS VB 79 -37.71 13.48 -28.11
CA LYS VB 79 -38.15 14.64 -27.35
C LYS VB 79 -37.50 15.88 -27.94
N ILE VB 80 -38.31 16.78 -28.45
CA ILE VB 80 -37.85 18.00 -29.09
C ILE VB 80 -38.35 19.20 -28.29
N THR VB 81 -37.70 20.34 -28.49
CA THR VB 81 -38.09 21.59 -27.86
C THR VB 81 -38.71 22.49 -28.91
N ALA VB 82 -40.01 22.76 -28.76
CA ALA VB 82 -40.73 23.60 -29.71
C ALA VB 82 -41.03 24.95 -29.10
N PHE VB 83 -41.01 25.97 -29.95
CA PHE VB 83 -41.14 27.36 -29.51
C PHE VB 83 -42.57 27.83 -29.77
N VAL VB 84 -43.17 28.44 -28.78
CA VAL VB 84 -44.56 28.90 -28.94
C VAL VB 84 -44.56 30.23 -29.67
N PRO VB 85 -45.44 30.43 -30.64
CA PRO VB 85 -45.54 31.71 -31.35
C PRO VB 85 -46.10 32.83 -30.50
N ASN VB 86 -46.60 33.88 -31.16
CA ASN VB 86 -46.70 35.25 -30.69
C ASN VB 86 -47.40 35.47 -29.35
N ASP VB 87 -47.28 36.70 -28.86
CA ASP VB 87 -47.31 37.03 -27.43
C ASP VB 87 -48.44 36.38 -26.66
N GLY VB 88 -48.10 35.86 -25.49
CA GLY VB 88 -49.11 35.39 -24.54
C GLY VB 88 -49.86 34.17 -25.01
N CYS VB 89 -49.16 33.18 -25.57
CA CYS VB 89 -49.81 31.96 -26.02
C CYS VB 89 -49.33 30.73 -25.26
N LEU VB 90 -48.42 30.88 -24.32
CA LEU VB 90 -48.06 29.76 -23.45
C LEU VB 90 -49.20 29.34 -22.55
N ASN VB 91 -50.10 30.25 -22.22
CA ASN VB 91 -51.26 29.97 -21.38
C ASN VB 91 -52.39 29.35 -22.15
N PHE VB 92 -52.21 29.09 -23.44
CA PHE VB 92 -53.21 28.37 -24.21
C PHE VB 92 -52.91 26.89 -24.26
N ILE VB 93 -51.67 26.51 -23.99
CA ILE VB 93 -51.27 25.11 -23.97
C ILE VB 93 -51.33 24.62 -22.53
N GLU VB 94 -52.20 23.67 -22.25
CA GLU VB 94 -52.18 22.99 -20.98
C GLU VB 94 -51.17 21.86 -21.02
N GLU VB 95 -50.86 21.32 -19.86
CA GLU VB 95 -49.92 20.22 -19.77
C GLU VB 95 -50.54 18.94 -20.34
N ASN VB 96 -49.69 18.11 -20.94
CA ASN VB 96 -50.05 16.83 -21.55
C ASN VB 96 -51.09 17.04 -22.66
N ASP VB 97 -50.75 17.94 -23.58
CA ASP VB 97 -51.59 18.21 -24.73
C ASP VB 97 -50.85 17.83 -26.00
N GLU VB 98 -51.62 17.81 -27.09
CA GLU VB 98 -51.10 17.46 -28.40
C GLU VB 98 -51.01 18.73 -29.24
N VAL VB 99 -49.88 18.89 -29.92
CA VAL VB 99 -49.62 20.09 -30.71
C VAL VB 99 -49.10 19.69 -32.07
N LEU VB 100 -49.31 20.55 -33.05
CA LEU VB 100 -48.88 20.30 -34.42
C LEU VB 100 -47.62 21.11 -34.64
N VAL VB 101 -46.47 20.46 -34.46
CA VAL VB 101 -45.20 21.16 -34.52
C VAL VB 101 -44.72 21.26 -35.96
N ALA VB 102 -44.16 22.41 -36.31
CA ALA VB 102 -43.70 22.66 -37.67
C ALA VB 102 -42.29 23.21 -37.62
N GLY VB 103 -41.69 23.36 -38.79
CA GLY VB 103 -40.36 23.91 -38.88
C GLY VB 103 -40.33 25.38 -38.57
N PHE VB 104 -39.12 25.91 -38.39
CA PHE VB 104 -38.96 27.29 -38.00
C PHE VB 104 -38.65 28.21 -39.17
N GLY VB 105 -38.25 27.67 -40.32
CA GLY VB 105 -38.02 28.43 -41.53
C GLY VB 105 -36.64 28.22 -42.12
N ARG VB 106 -35.64 27.98 -41.27
CA ARG VB 106 -34.30 27.71 -41.77
C ARG VB 106 -34.03 26.23 -41.95
N LYS VB 107 -35.04 25.37 -41.80
CA LYS VB 107 -35.00 23.97 -42.18
C LYS VB 107 -33.91 23.20 -41.43
N GLY VB 108 -34.04 23.10 -40.12
CA GLY VB 108 -33.03 22.41 -39.35
C GLY VB 108 -31.88 23.31 -38.95
N HIS VB 109 -32.19 24.49 -38.46
CA HIS VB 109 -31.19 25.49 -38.10
C HIS VB 109 -31.81 26.42 -37.09
N ALA VB 110 -31.06 26.73 -36.03
CA ALA VB 110 -31.51 27.70 -35.04
C ALA VB 110 -31.76 29.04 -35.71
N VAL VB 111 -32.72 29.79 -35.17
CA VAL VB 111 -33.25 30.97 -35.83
C VAL VB 111 -33.13 32.17 -34.90
N GLY VB 112 -32.39 33.18 -35.33
CA GLY VB 112 -32.28 34.45 -34.64
C GLY VB 112 -31.86 34.39 -33.19
N ASP VB 113 -32.78 34.78 -32.32
CA ASP VB 113 -32.45 34.93 -30.91
C ASP VB 113 -32.45 33.59 -30.18
N ILE VB 114 -33.30 32.65 -30.59
CA ILE VB 114 -33.58 31.49 -29.77
C ILE VB 114 -32.47 30.46 -29.92
N PRO VB 115 -31.84 30.02 -28.83
CA PRO VB 115 -30.68 29.14 -28.93
C PRO VB 115 -31.07 27.68 -29.16
N GLY VB 116 -30.81 27.19 -30.36
CA GLY VB 116 -30.93 25.78 -30.66
C GLY VB 116 -32.34 25.23 -30.70
N VAL VB 117 -33.35 26.06 -30.91
CA VAL VB 117 -34.72 25.59 -31.04
C VAL VB 117 -35.12 25.72 -32.50
N ARG VB 118 -35.49 24.60 -33.11
CA ARG VB 118 -35.68 24.53 -34.55
C ARG VB 118 -37.13 24.37 -34.95
N PHE VB 119 -38.04 24.35 -33.99
CA PHE VB 119 -39.42 23.97 -34.26
C PHE VB 119 -40.38 24.94 -33.58
N LYS VB 120 -41.55 25.11 -34.17
CA LYS VB 120 -42.58 25.96 -33.59
C LYS VB 120 -43.92 25.26 -33.64
N VAL VB 121 -44.82 25.72 -32.80
CA VAL VB 121 -46.13 25.11 -32.61
C VAL VB 121 -47.16 25.84 -33.46
N VAL VB 122 -48.08 25.08 -34.06
CA VAL VB 122 -49.10 25.67 -34.91
C VAL VB 122 -50.48 25.47 -34.29
N LYS VB 123 -50.81 24.24 -33.93
CA LYS VB 123 -52.11 23.94 -33.38
C LYS VB 123 -52.02 23.36 -31.99
N VAL VB 124 -53.15 23.34 -31.29
CA VAL VB 124 -53.27 22.67 -30.00
C VAL VB 124 -54.71 22.20 -29.86
N ALA VB 125 -54.89 20.93 -29.50
CA ALA VB 125 -56.20 20.29 -29.33
C ALA VB 125 -57.04 20.42 -30.61
N ASN VB 126 -56.39 20.20 -31.76
CA ASN VB 126 -57.01 20.33 -33.08
C ASN VB 126 -57.67 21.70 -33.25
N VAL VB 127 -57.02 22.74 -32.75
CA VAL VB 127 -57.49 24.11 -32.87
C VAL VB 127 -56.28 24.97 -33.23
N SER VB 128 -56.42 25.78 -34.28
CA SER VB 128 -55.32 26.64 -34.70
C SER VB 128 -55.01 27.68 -33.64
N LEU VB 129 -53.72 27.86 -33.39
CA LEU VB 129 -53.31 28.84 -32.39
C LEU VB 129 -53.52 30.27 -32.89
N LEU VB 130 -53.44 30.48 -34.20
CA LEU VB 130 -53.75 31.79 -34.75
C LEU VB 130 -55.21 32.15 -34.48
N ALA VB 131 -56.10 31.17 -34.48
CA ALA VB 131 -57.47 31.45 -34.08
C ALA VB 131 -57.57 31.74 -32.60
N LEU VB 132 -56.67 31.16 -31.79
CA LEU VB 132 -56.71 31.43 -30.36
C LEU VB 132 -56.14 32.79 -30.00
N TYR VB 133 -55.05 33.17 -30.66
CA TYR VB 133 -54.49 34.50 -30.49
C TYR VB 133 -55.41 35.58 -31.00
N LYS VB 134 -56.24 35.27 -32.01
CA LYS VB 134 -57.16 36.24 -32.57
C LYS VB 134 -58.58 36.10 -32.05
N GLY VB 135 -58.89 35.03 -31.33
CA GLY VB 135 -60.23 34.89 -30.79
C GLY VB 135 -61.25 34.41 -31.79
N LYS VB 136 -60.83 33.62 -32.77
CA LYS VB 136 -61.76 33.00 -33.71
C LYS VB 136 -62.11 31.57 -33.34
N LYS VB 137 -61.46 31.00 -32.33
CA LYS VB 137 -61.82 29.68 -31.83
C LYS VB 137 -61.52 29.65 -30.35
N GLU VB 138 -62.23 28.79 -29.62
CA GLU VB 138 -62.11 28.73 -28.18
C GLU VB 138 -61.55 27.37 -27.75
N ARG VB 139 -60.85 27.39 -26.62
CA ARG VB 139 -60.18 26.19 -26.13
C ARG VB 139 -61.21 25.14 -25.72
N PRO VB 140 -61.13 23.93 -26.26
CA PRO VB 140 -62.22 22.96 -26.04
C PRO VB 140 -62.28 22.41 -24.63
N ARG VB 141 -62.86 23.19 -23.72
CA ARG VB 141 -63.03 22.74 -22.34
C ARG VB 141 -64.50 22.55 -21.98
N THR WB 1 -94.89 31.81 -82.98
CA THR WB 1 -93.84 32.40 -83.79
C THR WB 1 -92.53 31.63 -83.67
N VAL WB 2 -92.62 30.30 -83.78
CA VAL WB 2 -91.47 29.42 -83.68
C VAL WB 2 -91.30 28.69 -85.02
N THR WB 3 -90.15 28.85 -85.64
CA THR WB 3 -89.86 28.23 -86.92
C THR WB 3 -88.79 27.15 -86.76
N ILE WB 4 -88.93 26.08 -87.53
CA ILE WB 4 -88.03 24.93 -87.45
C ILE WB 4 -87.39 24.71 -88.81
N ARG WB 5 -86.08 24.53 -88.82
CA ARG WB 5 -85.34 24.18 -90.02
C ARG WB 5 -84.74 22.79 -89.84
N THR WB 6 -84.46 22.14 -90.96
CA THR WB 6 -83.88 20.80 -90.95
C THR WB 6 -82.41 20.86 -91.31
N ARG WB 7 -81.61 20.06 -90.61
CA ARG WB 7 -80.17 20.03 -90.84
C ARG WB 7 -79.69 18.59 -90.80
N LYS WB 8 -78.74 18.27 -91.67
CA LYS WB 8 -78.11 16.95 -91.74
C LYS WB 8 -79.14 15.84 -91.87
N PHE WB 9 -80.10 16.04 -92.77
CA PHE WB 9 -81.13 15.06 -93.02
C PHE WB 9 -80.57 13.96 -93.94
N MET WB 10 -80.86 12.71 -93.59
CA MET WB 10 -80.36 11.62 -94.41
C MET WB 10 -81.24 10.39 -94.27
N THR WB 11 -81.26 9.58 -95.32
CA THR WB 11 -82.18 8.45 -95.41
C THR WB 11 -81.52 7.17 -94.93
N ASN WB 12 -82.18 6.49 -94.00
CA ASN WB 12 -81.74 5.18 -93.53
C ASN WB 12 -82.68 4.12 -94.08
N ARG WB 13 -82.28 3.54 -95.21
CA ARG WB 13 -82.87 2.27 -95.62
C ARG WB 13 -82.55 1.17 -94.62
N LEU WB 14 -81.40 1.28 -93.94
CA LEU WB 14 -80.95 0.23 -93.04
C LEU WB 14 -81.78 0.11 -91.79
N LEU WB 15 -82.21 1.22 -91.20
CA LEU WB 15 -82.80 1.19 -89.88
C LEU WB 15 -84.21 1.75 -89.83
N GLN WB 16 -84.75 2.17 -90.98
CA GLN WB 16 -86.14 2.63 -91.12
C GLN WB 16 -86.43 3.84 -90.23
N ARG WB 17 -85.70 4.92 -90.49
CA ARG WB 17 -85.92 6.15 -89.75
C ARG WB 17 -85.54 7.35 -90.61
N LYS WB 18 -86.02 8.52 -90.19
CA LYS WB 18 -85.73 9.80 -90.85
C LYS WB 18 -84.97 10.60 -89.81
N GLN WB 19 -83.65 10.40 -89.73
CA GLN WB 19 -82.86 11.14 -88.78
C GLN WB 19 -82.41 12.47 -89.37
N MET WB 20 -82.39 13.49 -88.53
CA MET WB 20 -81.98 14.83 -88.94
C MET WB 20 -81.75 15.70 -87.71
N VAL WB 21 -80.87 16.69 -87.83
CA VAL WB 21 -80.62 17.61 -86.74
C VAL WB 21 -81.70 18.68 -86.73
N ILE WB 22 -82.31 18.89 -85.58
CA ILE WB 22 -83.40 19.84 -85.42
C ILE WB 22 -82.82 21.17 -84.99
N ASP WB 23 -83.34 22.26 -85.57
CA ASP WB 23 -82.85 23.60 -85.30
C ASP WB 23 -84.04 24.44 -84.87
N VAL WB 24 -84.10 24.80 -83.59
CA VAL WB 24 -85.29 25.37 -82.98
C VAL WB 24 -85.01 26.79 -82.51
N LEU WB 25 -85.82 27.73 -82.99
CA LEU WB 25 -85.65 29.15 -82.71
C LEU WB 25 -86.91 29.64 -81.99
N HIS WB 26 -86.77 30.03 -80.73
CA HIS WB 26 -87.89 30.53 -79.94
C HIS WB 26 -87.53 31.83 -79.22
N PRO WB 27 -87.28 32.92 -79.98
CA PRO WB 27 -86.77 34.15 -79.35
C PRO WB 27 -87.78 34.86 -78.47
N GLY WB 28 -87.48 34.94 -77.18
CA GLY WB 28 -88.31 35.64 -76.22
C GLY WB 28 -89.16 34.73 -75.35
N LYS WB 29 -89.32 33.48 -75.74
CA LYS WB 29 -90.15 32.55 -75.01
C LYS WB 29 -89.29 31.44 -74.41
N ALA WB 30 -89.91 30.61 -73.58
CA ALA WB 30 -89.20 29.54 -72.88
C ALA WB 30 -88.73 28.47 -73.84
N THR WB 31 -87.98 27.50 -73.32
CA THR WB 31 -87.61 26.33 -74.12
C THR WB 31 -88.87 25.54 -74.43
N VAL WB 32 -89.21 25.46 -75.71
CA VAL WB 32 -90.43 24.77 -76.15
C VAL WB 32 -90.29 23.28 -75.87
N PRO WB 33 -91.31 22.64 -75.29
CA PRO WB 33 -91.17 21.23 -74.92
C PRO WB 33 -91.11 20.32 -76.15
N LYS WB 34 -90.58 19.12 -75.94
CA LYS WB 34 -90.45 18.16 -77.02
C LYS WB 34 -91.81 17.71 -77.53
N THR WB 35 -92.83 17.76 -76.68
CA THR WB 35 -94.18 17.37 -77.09
C THR WB 35 -94.72 18.26 -78.19
N GLU WB 36 -94.17 19.46 -78.35
CA GLU WB 36 -94.56 20.38 -79.42
C GLU WB 36 -93.66 20.28 -80.63
N ILE WB 37 -92.39 19.92 -80.41
CA ILE WB 37 -91.47 19.67 -81.54
C ILE WB 37 -91.92 18.44 -82.31
N ARG WB 38 -92.50 17.46 -81.62
CA ARG WB 38 -93.01 16.27 -82.30
C ARG WB 38 -94.11 16.63 -83.28
N GLU WB 39 -95.14 17.33 -82.79
CA GLU WB 39 -96.26 17.70 -83.64
C GLU WB 39 -95.90 18.75 -84.67
N LYS WB 40 -94.79 19.49 -84.47
CA LYS WB 40 -94.40 20.48 -85.45
C LYS WB 40 -93.67 19.86 -86.63
N LEU WB 41 -92.82 18.86 -86.38
CA LEU WB 41 -92.13 18.19 -87.47
C LEU WB 41 -93.09 17.47 -88.40
N ALA WB 42 -94.16 16.89 -87.84
CA ALA WB 42 -95.07 16.10 -88.65
C ALA WB 42 -95.88 16.97 -89.61
N LYS WB 43 -96.10 18.24 -89.27
CA LYS WB 43 -96.76 19.14 -90.20
C LYS WB 43 -95.83 19.61 -91.32
N MET WB 44 -94.52 19.44 -91.15
CA MET WB 44 -93.56 19.71 -92.20
C MET WB 44 -93.21 18.48 -93.02
N TYR WB 45 -93.36 17.29 -92.46
CA TYR WB 45 -93.03 16.05 -93.16
C TYR WB 45 -94.25 15.19 -93.43
N LYS WB 46 -95.45 15.66 -93.13
CA LYS WB 46 -96.72 14.99 -93.45
C LYS WB 46 -96.77 13.61 -92.82
N THR WB 47 -96.71 13.58 -91.50
CA THR WB 47 -96.79 12.35 -90.73
C THR WB 47 -97.71 12.59 -89.54
N THR WB 48 -97.80 11.60 -88.65
CA THR WB 48 -98.62 11.70 -87.46
C THR WB 48 -97.75 11.71 -86.21
N PRO WB 49 -98.07 12.56 -85.22
CA PRO WB 49 -97.16 12.75 -84.08
C PRO WB 49 -97.14 11.59 -83.09
N ASP WB 50 -96.73 10.41 -83.55
CA ASP WB 50 -96.53 9.26 -82.70
C ASP WB 50 -95.25 8.49 -83.00
N VAL WB 51 -94.65 8.70 -84.16
CA VAL WB 51 -93.44 8.00 -84.58
C VAL WB 51 -92.26 8.96 -84.73
N ILE WB 52 -92.37 10.15 -84.15
CA ILE WB 52 -91.28 11.13 -84.19
C ILE WB 52 -90.59 11.08 -82.83
N PHE WB 53 -89.35 10.64 -82.83
CA PHE WB 53 -88.53 10.58 -81.62
C PHE WB 53 -87.48 11.67 -81.72
N VAL WB 54 -87.58 12.69 -80.87
CA VAL WB 54 -86.67 13.82 -80.89
C VAL WB 54 -86.07 13.98 -79.50
N PHE WB 55 -84.81 14.38 -79.45
CA PHE WB 55 -84.08 14.48 -78.20
C PHE WB 55 -82.91 15.43 -78.40
N GLY WB 56 -81.99 15.43 -77.44
CA GLY WB 56 -80.74 16.13 -77.58
C GLY WB 56 -80.85 17.63 -77.63
N PHE WB 57 -81.89 18.20 -77.04
CA PHE WB 57 -82.03 19.66 -77.04
C PHE WB 57 -81.04 20.27 -76.08
N ARG WB 58 -80.47 21.41 -76.47
CA ARG WB 58 -79.45 22.07 -75.66
C ARG WB 58 -79.44 23.54 -76.07
N THR WB 59 -79.89 24.40 -75.17
CA THR WB 59 -80.11 25.80 -75.51
C THR WB 59 -78.78 26.53 -75.71
N HIS WB 60 -78.66 27.19 -76.86
CA HIS WB 60 -77.52 28.08 -77.10
C HIS WB 60 -77.59 29.26 -76.15
N PHE WB 61 -76.41 29.77 -75.78
CA PHE WB 61 -76.37 30.90 -74.86
C PHE WB 61 -76.84 32.16 -75.58
N GLY WB 62 -77.55 33.01 -74.85
CA GLY WB 62 -78.20 34.17 -75.43
C GLY WB 62 -79.69 34.01 -75.59
N GLY WB 63 -80.21 32.80 -75.42
CA GLY WB 63 -81.63 32.59 -75.44
C GLY WB 63 -82.29 32.56 -76.80
N GLY WB 64 -83.46 31.92 -76.86
CA GLY WB 64 -84.25 31.89 -78.06
C GLY WB 64 -83.83 30.91 -79.12
N LYS WB 65 -82.73 30.19 -78.92
CA LYS WB 65 -82.24 29.27 -79.94
C LYS WB 65 -81.71 28.02 -79.25
N THR WB 66 -82.25 26.88 -79.62
CA THR WB 66 -81.80 25.58 -79.14
C THR WB 66 -81.42 24.74 -80.34
N THR WB 67 -81.03 23.50 -80.08
CA THR WB 67 -80.72 22.54 -81.13
C THR WB 67 -80.90 21.14 -80.59
N GLY WB 68 -81.73 20.35 -81.26
CA GLY WB 68 -81.93 18.97 -80.89
C GLY WB 68 -81.43 18.01 -81.95
N PHE WB 69 -81.83 16.74 -81.85
CA PHE WB 69 -81.42 15.73 -82.82
C PHE WB 69 -82.54 14.68 -82.86
N GLY WB 70 -83.39 14.77 -83.87
CA GLY WB 70 -84.59 13.96 -83.92
C GLY WB 70 -84.62 12.86 -84.95
N MET WB 71 -85.54 11.91 -84.79
CA MET WB 71 -85.77 10.83 -85.73
C MET WB 71 -87.26 10.69 -85.99
N ILE WB 72 -87.60 10.39 -87.24
CA ILE WB 72 -88.98 10.17 -87.65
C ILE WB 72 -89.06 8.79 -88.28
N TYR WB 73 -89.93 7.95 -87.73
CA TYR WB 73 -90.03 6.57 -88.16
C TYR WB 73 -91.10 6.40 -89.23
N ASP WB 74 -91.04 5.27 -89.93
CA ASP WB 74 -91.99 4.99 -90.99
C ASP WB 74 -93.27 4.37 -90.44
N SER WB 75 -93.13 3.45 -89.50
CA SER WB 75 -94.27 2.80 -88.89
C SER WB 75 -94.00 2.59 -87.42
N LEU WB 76 -95.08 2.56 -86.62
CA LEU WB 76 -94.95 2.32 -85.20
C LEU WB 76 -94.42 0.93 -84.89
N ASP WB 77 -94.67 -0.04 -85.77
CA ASP WB 77 -94.10 -1.37 -85.59
C ASP WB 77 -92.58 -1.32 -85.69
N TYR WB 78 -92.06 -0.50 -86.60
CA TYR WB 78 -90.62 -0.28 -86.67
C TYR WB 78 -90.10 0.51 -85.48
N ALA WB 79 -90.96 1.30 -84.83
CA ALA WB 79 -90.50 2.11 -83.70
C ALA WB 79 -90.19 1.23 -82.49
N LYS WB 80 -90.93 0.14 -82.32
CA LYS WB 80 -90.74 -0.76 -81.20
C LYS WB 80 -89.66 -1.80 -81.43
N LYS WB 81 -88.98 -1.75 -82.57
CA LYS WB 81 -88.01 -2.78 -82.94
C LYS WB 81 -86.56 -2.38 -82.71
N ASN WB 82 -86.22 -1.13 -83.01
CA ASN WB 82 -84.84 -0.68 -83.00
C ASN WB 82 -84.72 0.68 -82.32
N GLU WB 83 -85.35 0.81 -81.15
CA GLU WB 83 -85.26 2.05 -80.38
C GLU WB 83 -84.93 1.70 -78.93
N PRO WB 84 -84.12 2.51 -78.26
CA PRO WB 84 -83.83 2.26 -76.84
C PRO WB 84 -85.09 2.29 -76.00
N LYS WB 85 -85.15 1.40 -75.00
CA LYS WB 85 -86.34 1.21 -74.19
C LYS WB 85 -86.72 2.44 -73.37
N HIS WB 86 -85.81 3.42 -73.24
CA HIS WB 86 -86.15 4.64 -72.52
C HIS WB 86 -86.78 5.69 -73.42
N ARG WB 87 -86.46 5.69 -74.71
CA ARG WB 87 -87.07 6.63 -75.64
C ARG WB 87 -88.56 6.40 -75.78
N LEU WB 88 -88.97 5.15 -75.88
CA LEU WB 88 -90.40 4.84 -75.90
C LEU WB 88 -91.00 5.06 -74.53
N ALA WB 89 -90.20 4.88 -73.47
CA ALA WB 89 -90.67 5.16 -72.13
C ALA WB 89 -90.94 6.63 -71.90
N ARG WB 90 -90.44 7.51 -72.76
CA ARG WB 90 -90.80 8.91 -72.67
C ARG WB 90 -92.26 9.11 -73.02
N HIS WB 91 -92.71 8.48 -74.11
CA HIS WB 91 -94.12 8.51 -74.45
C HIS WB 91 -94.94 7.65 -73.51
N GLY WB 92 -94.32 6.70 -72.82
CA GLY WB 92 -95.01 5.89 -71.85
C GLY WB 92 -95.58 4.60 -72.37
N LEU WB 93 -95.25 4.21 -73.60
CA LEU WB 93 -95.75 2.97 -74.15
C LEU WB 93 -94.89 1.77 -73.76
N TYR WB 94 -93.69 2.01 -73.25
CA TYR WB 94 -92.87 0.96 -72.66
C TYR WB 94 -92.79 1.20 -71.17
N GLU WB 95 -93.37 0.30 -70.40
CA GLU WB 95 -93.40 0.39 -68.94
C GLU WB 95 -92.32 -0.55 -68.43
N LYS WB 96 -91.23 0.03 -67.94
CA LYS WB 96 -90.08 -0.75 -67.52
C LYS WB 96 -90.38 -1.50 -66.23
N LYS WB 97 -89.55 -2.47 -65.89
CA LYS WB 97 -89.65 -3.18 -64.62
C LYS WB 97 -89.23 -2.26 -63.47
N LYS WB 98 -90.06 -2.23 -62.43
CA LYS WB 98 -89.83 -1.32 -61.30
C LYS WB 98 -89.11 -2.06 -60.17
N THR WB 99 -87.81 -2.28 -60.36
CA THR WB 99 -86.97 -2.91 -59.37
C THR WB 99 -85.68 -2.12 -59.19
N SER WB 100 -85.24 -1.96 -57.96
CA SER WB 100 -83.93 -1.38 -57.70
C SER WB 100 -82.85 -2.35 -58.16
N ARG WB 101 -81.69 -1.80 -58.54
CA ARG WB 101 -80.60 -2.63 -59.00
C ARG WB 101 -79.99 -3.44 -57.87
N LYS WB 102 -80.05 -2.91 -56.64
CA LYS WB 102 -79.60 -3.70 -55.49
C LYS WB 102 -80.59 -4.80 -55.13
N GLN WB 103 -81.82 -4.72 -55.62
CA GLN WB 103 -82.78 -5.78 -55.40
C GLN WB 103 -82.56 -6.98 -56.31
N ARG WB 104 -82.01 -6.77 -57.50
CA ARG WB 104 -81.77 -7.86 -58.42
C ARG WB 104 -80.51 -8.66 -58.08
N LYS WB 105 -79.65 -8.14 -57.21
CA LYS WB 105 -78.43 -8.82 -56.81
C LYS WB 105 -78.54 -9.46 -55.43
N GLU WB 106 -79.35 -8.88 -54.54
CA GLU WB 106 -79.53 -9.44 -53.21
C GLU WB 106 -80.21 -10.80 -53.27
N ARG WB 107 -80.93 -11.08 -54.35
CA ARG WB 107 -81.50 -12.40 -54.56
C ARG WB 107 -80.72 -13.25 -55.55
N LYS WB 108 -79.89 -12.63 -56.38
CA LYS WB 108 -79.09 -13.39 -57.34
C LYS WB 108 -78.10 -14.30 -56.63
N ASN WB 109 -77.52 -13.83 -55.53
CA ASN WB 109 -76.61 -14.65 -54.75
C ASN WB 109 -77.34 -15.63 -53.85
N ARG WB 110 -78.53 -15.27 -53.36
CA ARG WB 110 -79.30 -16.18 -52.54
C ARG WB 110 -79.81 -17.37 -53.32
N MET WB 111 -79.90 -17.27 -54.65
CA MET WB 111 -80.20 -18.42 -55.48
C MET WB 111 -79.00 -19.33 -55.65
N LYS WB 112 -77.79 -18.85 -55.38
CA LYS WB 112 -76.62 -19.71 -55.43
C LYS WB 112 -76.47 -20.55 -54.18
N LYS WB 113 -77.11 -20.14 -53.09
CA LYS WB 113 -77.12 -20.93 -51.87
C LYS WB 113 -78.00 -22.16 -52.00
N VAL WB 114 -79.03 -22.08 -52.83
CA VAL WB 114 -80.00 -23.16 -53.02
C VAL WB 114 -79.68 -23.88 -54.31
N ARG WB 115 -79.71 -25.21 -54.27
CA ARG WB 115 -79.48 -26.04 -55.45
C ARG WB 115 -80.71 -26.92 -55.67
N GLY WB 116 -81.44 -26.64 -56.74
CA GLY WB 116 -82.61 -27.41 -57.07
C GLY WB 116 -83.76 -26.51 -57.45
N THR WB 117 -84.98 -27.07 -57.37
CA THR WB 117 -86.18 -26.36 -57.78
C THR WB 117 -86.63 -25.32 -56.77
N ALA WB 118 -85.99 -25.27 -55.59
CA ALA WB 118 -86.36 -24.30 -54.58
C ALA WB 118 -85.81 -22.92 -54.87
N LYS WB 119 -85.08 -22.73 -55.97
CA LYS WB 119 -84.62 -21.40 -56.35
C LYS WB 119 -85.79 -20.48 -56.67
N ALA WB 120 -86.87 -21.03 -57.22
CA ALA WB 120 -88.07 -20.25 -57.47
C ALA WB 120 -88.94 -20.09 -56.24
N ASN WB 121 -88.55 -20.67 -55.11
CA ASN WB 121 -89.23 -20.47 -53.85
C ASN WB 121 -88.54 -19.45 -52.96
N VAL WB 122 -87.22 -19.51 -52.85
CA VAL WB 122 -86.49 -18.60 -51.98
C VAL WB 122 -86.44 -17.19 -52.57
N GLY WB 123 -86.57 -17.09 -53.88
CA GLY WB 123 -86.71 -15.79 -54.50
C GLY WB 123 -88.05 -15.17 -54.19
N ALA WB 124 -88.04 -14.14 -53.34
CA ALA WB 124 -89.23 -13.47 -52.83
C ALA WB 124 -90.19 -14.45 -52.17
N ARG XB 1 18.10 66.17 24.83
CA ARG XB 1 19.13 65.15 24.97
C ARG XB 1 20.18 65.57 26.00
N ASP XB 2 21.04 66.51 25.62
CA ASP XB 2 22.09 67.00 26.50
C ASP XB 2 21.72 68.38 27.03
N LYS XB 3 21.93 68.60 28.32
CA LYS XB 3 21.55 69.84 28.97
C LYS XB 3 22.80 70.59 29.42
N LEU XB 4 22.97 71.80 28.91
CA LEU XB 4 24.15 72.63 29.20
C LEU XB 4 23.83 73.47 30.43
N ASN XB 5 24.16 72.93 31.59
CA ASN XB 5 23.90 73.62 32.86
C ASN XB 5 24.90 74.75 33.00
N ASN XB 6 24.53 75.91 32.47
CA ASN XB 6 25.37 77.09 32.57
C ASN XB 6 25.26 77.70 33.96
N LEU XB 7 26.11 78.69 34.22
CA LEU XB 7 26.11 79.42 35.47
C LEU XB 7 25.59 80.83 35.26
N VAL XB 8 24.92 81.36 36.29
CA VAL XB 8 24.22 82.64 36.17
C VAL XB 8 25.05 83.77 36.76
N LEU XB 9 25.82 83.46 37.80
CA LEU XB 9 26.66 84.45 38.46
C LEU XB 9 28.00 83.80 38.78
N PHE XB 10 29.08 84.56 38.59
CA PHE XB 10 30.42 84.00 38.68
C PHE XB 10 30.76 83.50 40.07
N ASP XB 11 31.79 82.67 40.14
CA ASP XB 11 32.40 82.24 41.38
C ASP XB 11 33.84 82.74 41.42
N LYS XB 12 34.43 82.73 42.61
CA LYS XB 12 35.82 83.16 42.80
C LYS XB 12 36.80 82.25 42.06
N ALA XB 13 36.40 81.03 41.69
CA ALA XB 13 37.23 80.23 40.80
C ALA XB 13 37.07 80.63 39.34
N THR XB 14 35.87 81.02 38.93
CA THR XB 14 35.63 81.52 37.59
C THR XB 14 36.12 82.96 37.44
N TYR XB 15 35.76 83.81 38.40
CA TYR XB 15 36.20 85.19 38.38
C TYR XB 15 37.72 85.32 38.46
N ASP XB 16 38.40 84.30 38.97
CA ASP XB 16 39.85 84.27 38.90
C ASP XB 16 40.32 83.95 37.50
N LYS XB 17 39.67 83.01 36.82
CA LYS XB 17 40.02 82.70 35.45
C LYS XB 17 39.19 83.51 34.45
N LEU XB 18 39.07 84.81 34.73
CA LEU XB 18 38.44 85.71 33.79
C LEU XB 18 39.23 87.00 33.67
N CYS XB 19 39.94 87.37 34.74
CA CYS XB 19 40.72 88.60 34.75
C CYS XB 19 42.17 88.38 34.34
N LYS XB 20 42.64 87.14 34.38
CA LYS XB 20 43.97 86.80 33.90
C LYS XB 20 43.92 85.87 32.69
N GLU XB 21 42.75 85.37 32.31
CA GLU XB 21 42.64 84.38 31.25
C GLU XB 21 41.92 84.93 30.02
N VAL XB 22 40.79 85.61 30.21
CA VAL XB 22 40.07 86.20 29.08
C VAL XB 22 40.89 87.24 28.33
N PRO XB 23 41.57 88.19 28.98
CA PRO XB 23 42.41 89.12 28.19
C PRO XB 23 43.59 88.44 27.54
N ASN XB 24 43.92 87.22 27.95
CA ASN XB 24 44.97 86.46 27.27
C ASN XB 24 44.48 85.91 25.94
N TYR XB 25 43.17 85.78 25.75
CA TYR XB 25 42.62 85.21 24.53
C TYR XB 25 42.90 86.11 23.34
N LYS XB 26 43.07 85.49 22.17
CA LYS XB 26 43.32 86.26 20.96
C LYS XB 26 42.04 86.92 20.46
N LEU XB 27 40.96 86.16 20.36
CA LEU XB 27 39.65 86.69 20.01
C LEU XB 27 38.76 86.68 21.26
N ILE XB 28 37.99 87.74 21.45
CA ILE XB 28 37.09 87.87 22.59
C ILE XB 28 35.72 88.25 22.06
N THR XB 29 34.75 87.34 22.17
CA THR XB 29 33.35 87.61 21.91
C THR XB 29 32.51 86.91 22.96
N PRO XB 30 31.35 87.48 23.31
CA PRO XB 30 30.52 86.88 24.37
C PRO XB 30 30.03 85.47 24.06
N ALA XB 31 30.20 84.99 22.84
CA ALA XB 31 29.89 83.60 22.53
C ALA XB 31 31.09 82.67 22.71
N VAL XB 32 32.32 83.18 22.57
CA VAL XB 32 33.46 82.31 22.73
C VAL XB 32 33.86 82.22 24.20
N VAL XB 33 33.39 83.14 25.03
CA VAL XB 33 33.65 83.03 26.47
C VAL XB 33 32.51 82.33 27.18
N SER XB 34 31.32 82.30 26.59
CA SER XB 34 30.23 81.55 27.20
C SER XB 34 30.42 80.05 27.11
N GLU XB 35 31.38 79.59 26.32
CA GLU XB 35 31.59 78.16 26.15
C GLU XB 35 32.91 77.65 26.69
N ARG XB 36 33.85 78.54 27.06
CA ARG XB 36 35.05 78.12 27.76
C ARG XB 36 35.01 78.49 29.24
N LEU XB 37 33.95 79.14 29.70
CA LEU XB 37 33.75 79.42 31.10
C LEU XB 37 32.41 78.93 31.63
N LYS XB 38 31.58 78.31 30.78
CA LYS XB 38 30.33 77.66 31.17
C LYS XB 38 29.39 78.66 31.86
N ILE XB 39 29.13 79.77 31.16
CA ILE XB 39 28.27 80.82 31.67
C ILE XB 39 27.29 81.21 30.57
N ARG XB 40 26.24 81.93 30.98
CA ARG XB 40 25.25 82.40 30.02
C ARG XB 40 25.82 83.53 29.18
N GLY XB 41 25.02 83.99 28.23
CA GLY XB 41 25.43 85.07 27.35
C GLY XB 41 25.23 86.43 27.98
N SER XB 42 24.26 86.54 28.89
CA SER XB 42 24.07 87.77 29.62
C SER XB 42 25.24 88.04 30.55
N LEU XB 43 25.76 87.00 31.19
CA LEU XB 43 26.95 87.14 32.00
C LEU XB 43 28.22 87.15 31.17
N ALA XB 44 28.09 87.09 29.85
CA ALA XB 44 29.22 87.31 28.96
C ALA XB 44 29.27 88.72 28.43
N ARG XB 45 28.11 89.31 28.13
CA ARG XB 45 28.04 90.73 27.85
C ARG XB 45 28.43 91.54 29.07
N ALA XB 46 27.74 91.28 30.19
CA ALA XB 46 27.94 92.04 31.41
C ALA XB 46 29.34 91.89 31.99
N ALA XB 47 30.09 90.88 31.56
CA ALA XB 47 31.45 90.68 32.03
C ALA XB 47 32.52 91.21 31.10
N LEU XB 48 32.15 91.99 30.10
CA LEU XB 48 33.15 92.58 29.21
C LEU XB 48 33.10 94.09 29.17
N GLN XB 49 32.05 94.72 29.69
CA GLN XB 49 32.05 96.18 29.74
C GLN XB 49 33.02 96.70 30.79
N GLU XB 50 33.13 96.03 31.93
CA GLU XB 50 34.11 96.49 32.90
C GLU XB 50 35.53 96.17 32.45
N LEU XB 51 35.73 95.02 31.81
CA LEU XB 51 37.02 94.74 31.20
C LEU XB 51 37.31 95.65 30.02
N LEU XB 52 36.29 96.30 29.48
CA LEU XB 52 36.49 97.40 28.56
C LEU XB 52 36.85 98.69 29.27
N SER XB 53 36.22 98.97 30.41
CA SER XB 53 36.48 100.23 31.12
C SER XB 53 37.78 100.15 31.90
N LYS XB 54 38.11 98.99 32.46
CA LYS XB 54 39.41 98.84 33.11
C LYS XB 54 40.54 98.85 32.09
N GLY XB 55 40.25 98.63 30.81
CA GLY XB 55 41.27 98.71 29.80
C GLY XB 55 42.06 97.43 29.65
N LEU XB 56 41.45 96.28 29.93
CA LEU XB 56 42.12 95.01 29.78
C LEU XB 56 41.87 94.37 28.43
N ILE XB 57 40.79 94.77 27.75
CA ILE XB 57 40.50 94.37 26.38
C ILE XB 57 40.11 95.62 25.61
N LYS XB 58 40.18 95.54 24.29
CA LYS XB 58 39.80 96.64 23.42
C LYS XB 58 38.64 96.20 22.54
N LEU XB 59 37.70 97.10 22.32
CA LEU XB 59 36.59 96.83 21.42
C LEU XB 59 37.04 97.08 19.99
N VAL XB 60 36.58 96.23 19.08
CA VAL XB 60 36.88 96.39 17.67
C VAL XB 60 35.62 96.47 16.81
N SER XB 61 34.48 95.95 17.26
CA SER XB 61 33.25 96.07 16.51
C SER XB 61 32.08 96.02 17.48
N LYS XB 62 31.40 97.15 17.65
CA LYS XB 62 30.22 97.23 18.48
C LYS XB 62 28.99 97.26 17.57
N HIS XB 63 28.10 96.30 17.75
CA HIS XB 63 26.87 96.26 16.98
C HIS XB 63 25.81 95.55 17.82
N ARG XB 64 24.55 95.89 17.52
CA ARG XB 64 23.38 95.36 18.21
C ARG XB 64 23.36 93.84 18.30
N ALA XB 65 23.52 93.17 17.17
CA ALA XB 65 23.45 91.72 17.12
C ALA XB 65 24.80 91.02 17.23
N GLN XB 66 25.89 91.77 17.35
CA GLN XB 66 27.21 91.18 17.32
C GLN XB 66 28.26 92.10 17.91
N VAL XB 67 29.09 91.61 18.81
CA VAL XB 67 30.17 92.39 19.39
C VAL XB 67 31.38 91.50 19.61
N ILE XB 68 32.57 92.05 19.38
CA ILE XB 68 33.82 91.31 19.46
C ILE XB 68 34.89 92.22 20.06
N TYR XB 69 35.77 91.62 20.85
CA TYR XB 69 36.87 92.33 21.52
C TYR XB 69 38.17 91.58 21.25
N THR XB 70 39.29 92.22 21.58
CA THR XB 70 40.61 91.69 21.26
C THR XB 70 41.56 92.01 22.42
N ARG XB 71 42.81 91.56 22.32
CA ARG XB 71 43.86 91.93 23.25
C ARG XB 71 44.24 93.39 23.10
N ASN XB 72 45.02 93.88 24.05
CA ASN XB 72 45.55 95.23 23.99
C ASN XB 72 46.80 95.26 23.12
N THR XB 73 47.49 96.40 23.11
CA THR XB 73 48.70 96.60 22.33
C THR XB 73 49.78 95.61 22.76
N LYS XB 74 50.35 94.88 21.80
CA LYS XB 74 51.41 93.94 22.12
C LYS XB 74 52.66 94.65 22.62
N GLY XB 75 52.91 95.86 22.13
CA GLY XB 75 54.01 96.67 22.63
C GLY XB 75 53.61 97.46 23.86
N THR YB 1 1.38 39.19 -46.58
CA THR YB 1 1.88 39.62 -47.88
C THR YB 1 3.35 39.33 -48.01
N LYS YB 2 3.80 39.06 -49.22
CA LYS YB 2 5.23 38.87 -49.44
C LYS YB 2 5.95 40.19 -49.28
N LYS YB 3 6.89 40.25 -48.35
CA LYS YB 3 7.56 41.51 -48.09
C LYS YB 3 8.76 41.71 -48.99
N ARG YB 4 9.46 40.63 -49.30
CA ARG YB 4 10.68 40.67 -50.08
C ARG YB 4 10.55 39.68 -51.23
N ARG YB 5 10.87 40.12 -52.44
CA ARG YB 5 10.84 39.23 -53.58
C ARG YB 5 11.84 38.09 -53.42
N ASN YB 6 12.93 38.33 -52.70
CA ASN YB 6 13.88 37.29 -52.38
C ASN YB 6 13.76 36.81 -50.94
N ASN YB 7 12.67 37.19 -50.25
CA ASN YB 7 12.34 36.77 -48.89
C ASN YB 7 13.33 37.27 -47.86
N GLY YB 8 14.32 38.05 -48.27
CA GLY YB 8 15.34 38.56 -47.38
C GLY YB 8 16.64 37.79 -47.39
N ARG YB 9 16.76 36.76 -48.22
CA ARG YB 9 17.93 35.92 -48.27
C ARG YB 9 18.34 35.70 -49.73
N ALA YB 10 19.63 35.51 -49.93
CA ALA YB 10 20.19 35.46 -51.28
C ALA YB 10 20.13 34.09 -51.93
N LYS YB 11 19.50 33.11 -51.30
CA LYS YB 11 19.44 31.78 -51.87
C LYS YB 11 18.36 31.73 -52.95
N LYS YB 12 18.77 31.59 -54.20
CA LYS YB 12 17.84 31.57 -55.32
C LYS YB 12 17.70 30.18 -55.91
N GLY YB 13 18.80 29.51 -56.23
CA GLY YB 13 18.69 28.20 -56.86
C GLY YB 13 19.42 27.09 -56.12
N ARG YB 14 19.52 27.19 -54.80
CA ARG YB 14 20.24 26.16 -54.05
C ARG YB 14 19.26 25.16 -53.44
N GLY YB 15 18.39 25.61 -52.56
CA GLY YB 15 17.57 24.67 -51.83
C GLY YB 15 18.01 24.51 -50.39
N HIS YB 16 19.32 24.63 -50.15
CA HIS YB 16 19.85 24.58 -48.79
C HIS YB 16 21.23 25.20 -48.70
N VAL YB 17 21.42 26.13 -47.76
CA VAL YB 17 22.71 26.78 -47.56
C VAL YB 17 23.15 26.47 -46.14
N GLN YB 18 24.45 26.35 -45.95
CA GLN YB 18 25.02 25.94 -44.67
C GLN YB 18 24.85 27.01 -43.61
N PRO YB 19 24.41 26.67 -42.40
CA PRO YB 19 24.11 27.69 -41.38
C PRO YB 19 25.36 28.13 -40.64
N ILE YB 20 25.37 29.39 -40.22
CA ILE YB 20 26.45 29.95 -39.41
C ILE YB 20 25.86 30.42 -38.08
N ARG YB 21 26.72 30.91 -37.19
CA ARG YB 21 26.29 31.39 -35.88
C ARG YB 21 26.44 32.90 -35.85
N CYS YB 22 25.42 33.59 -35.33
CA CYS YB 22 25.55 35.01 -35.05
C CYS YB 22 26.63 35.23 -33.99
N THR YB 23 27.20 36.44 -33.98
CA THR YB 23 28.28 36.70 -33.05
C THR YB 23 27.74 37.11 -31.69
N ASN YB 24 26.89 38.14 -31.64
CA ASN YB 24 26.34 38.56 -30.35
C ASN YB 24 25.38 37.52 -29.81
N CYS YB 25 24.46 37.04 -30.63
CA CYS YB 25 23.71 35.84 -30.28
C CYS YB 25 24.57 34.62 -30.50
N ALA YB 26 23.95 33.45 -30.47
CA ALA YB 26 24.59 32.25 -30.96
C ALA YB 26 23.65 31.66 -31.99
N ARG YB 27 22.71 32.49 -32.43
CA ARG YB 27 21.63 32.08 -33.30
C ARG YB 27 22.16 31.49 -34.60
N CYS YB 28 21.58 30.36 -35.01
CA CYS YB 28 21.90 29.78 -36.30
C CYS YB 28 21.13 30.51 -37.38
N VAL YB 29 21.83 31.02 -38.39
CA VAL YB 29 21.22 31.71 -39.51
C VAL YB 29 21.86 31.21 -40.79
N PRO YB 30 21.12 31.08 -41.89
CA PRO YB 30 21.75 30.73 -43.17
C PRO YB 30 22.78 31.75 -43.59
N LYS YB 31 23.87 31.27 -44.17
CA LYS YB 31 25.03 32.06 -44.51
C LYS YB 31 24.70 33.29 -45.35
N ASP YB 32 23.80 33.14 -46.31
CA ASP YB 32 23.43 34.26 -47.15
C ASP YB 32 22.23 35.05 -46.62
N LYS YB 33 21.71 34.70 -45.45
CA LYS YB 33 20.71 35.55 -44.80
C LYS YB 33 21.32 36.50 -43.79
N ALA YB 34 22.43 36.11 -43.17
CA ALA YB 34 23.00 36.88 -42.08
C ALA YB 34 23.54 38.22 -42.58
N ILE YB 35 23.38 39.25 -41.75
CA ILE YB 35 23.97 40.56 -42.02
C ILE YB 35 25.45 40.46 -41.69
N LYS YB 36 26.28 40.50 -42.71
CA LYS YB 36 27.72 40.45 -42.51
C LYS YB 36 28.29 41.85 -42.47
N LYS YB 37 29.43 42.00 -41.81
CA LYS YB 37 30.06 43.31 -41.61
C LYS YB 37 31.55 43.07 -41.42
N PHE YB 38 32.31 43.26 -42.49
CA PHE YB 38 33.74 42.98 -42.51
C PHE YB 38 34.48 44.23 -42.03
N VAL YB 39 35.21 44.10 -40.93
CA VAL YB 39 35.76 45.23 -40.21
C VAL YB 39 37.26 45.30 -40.43
N ILE YB 40 37.74 46.46 -40.87
CA ILE YB 40 39.17 46.79 -40.91
C ILE YB 40 39.41 47.95 -39.95
N ARG YB 41 40.37 47.77 -39.06
CA ARG YB 41 40.69 48.82 -38.09
C ARG YB 41 42.08 48.57 -37.54
N ASN YB 42 42.76 49.66 -37.21
CA ASN YB 42 44.00 49.53 -36.45
C ASN YB 42 43.69 49.05 -35.04
N ILE YB 43 44.68 48.44 -34.40
CA ILE YB 43 44.47 47.88 -33.07
C ILE YB 43 44.40 49.02 -32.06
N VAL YB 44 44.98 50.17 -32.42
CA VAL YB 44 44.91 51.36 -31.60
C VAL YB 44 44.31 52.48 -32.44
N GLU YB 45 43.42 53.28 -31.85
CA GLU YB 45 42.65 54.18 -32.68
C GLU YB 45 42.83 55.68 -32.42
N ALA YB 46 42.55 56.13 -31.20
CA ALA YB 46 42.45 57.58 -31.01
C ALA YB 46 43.65 58.19 -30.28
N ALA YB 47 43.84 57.80 -29.03
CA ALA YB 47 44.87 58.43 -28.23
C ALA YB 47 46.13 57.58 -28.27
N ALA YB 48 45.97 56.31 -28.65
CA ALA YB 48 47.08 55.39 -28.65
C ALA YB 48 47.75 55.26 -30.01
N VAL YB 49 47.35 56.06 -31.00
CA VAL YB 49 48.09 56.07 -32.25
C VAL YB 49 49.29 56.98 -32.20
N ARG YB 50 49.34 57.90 -31.24
CA ARG YB 50 50.44 58.85 -31.15
C ARG YB 50 51.51 58.42 -30.17
N ASP YB 51 51.14 58.20 -28.90
CA ASP YB 51 52.13 57.89 -27.88
C ASP YB 51 52.72 56.50 -28.03
N ILE YB 52 52.10 55.62 -28.80
CA ILE YB 52 52.65 54.28 -29.01
C ILE YB 52 53.65 54.37 -30.15
N SER YB 53 53.34 55.21 -31.14
CA SER YB 53 54.24 55.37 -32.28
C SER YB 53 55.58 55.96 -31.85
N GLU YB 54 55.57 56.82 -30.83
CA GLU YB 54 56.80 57.33 -30.25
C GLU YB 54 57.34 56.43 -29.16
N ALA YB 55 56.69 55.29 -28.91
CA ALA YB 55 57.19 54.27 -28.00
C ALA YB 55 57.76 53.08 -28.74
N SER YB 56 57.79 53.11 -30.06
CA SER YB 56 58.35 52.03 -30.84
C SER YB 56 59.87 52.02 -30.75
N VAL YB 57 60.44 50.83 -30.91
CA VAL YB 57 61.89 50.74 -31.09
C VAL YB 57 62.24 50.94 -32.56
N PHE YB 58 61.33 50.58 -33.45
CA PHE YB 58 61.54 50.76 -34.88
C PHE YB 58 61.00 52.11 -35.31
N ASP YB 59 61.81 52.86 -36.05
CA ASP YB 59 61.37 54.14 -36.59
C ASP YB 59 60.44 53.90 -37.77
N ALA YB 60 59.35 54.67 -37.81
CA ALA YB 60 58.30 54.61 -38.83
C ALA YB 60 57.71 53.21 -38.97
N TYR YB 61 57.64 52.47 -37.86
CA TYR YB 61 57.03 51.14 -37.87
C TYR YB 61 55.53 51.27 -38.05
N VAL YB 62 54.99 50.59 -39.05
CA VAL YB 62 53.56 50.71 -39.37
C VAL YB 62 52.76 49.89 -38.37
N LEU YB 63 51.67 50.46 -37.90
CA LEU YB 63 50.82 49.78 -36.95
C LEU YB 63 49.96 48.75 -37.67
N PRO YB 64 49.78 47.56 -37.10
CA PRO YB 64 49.01 46.52 -37.79
C PRO YB 64 47.52 46.74 -37.64
N LYS YB 65 46.79 46.36 -38.67
CA LYS YB 65 45.34 46.52 -38.70
C LYS YB 65 44.70 45.33 -37.97
N LEU YB 66 43.39 45.19 -38.10
CA LEU YB 66 42.68 44.05 -37.53
C LEU YB 66 41.58 43.66 -38.49
N TYR YB 67 41.42 42.35 -38.70
CA TYR YB 67 40.47 41.83 -39.68
C TYR YB 67 39.55 40.86 -38.97
N VAL YB 68 38.26 41.18 -38.95
CA VAL YB 68 37.25 40.34 -38.32
C VAL YB 68 35.99 40.39 -39.16
N LYS YB 69 35.62 39.25 -39.74
CA LYS YB 69 34.34 39.15 -40.45
C LYS YB 69 33.26 38.81 -39.45
N LEU YB 70 32.36 39.75 -39.19
CA LEU YB 70 31.29 39.50 -38.24
C LEU YB 70 30.14 38.77 -38.90
N HIS YB 71 29.24 38.27 -38.06
CA HIS YB 71 28.00 37.65 -38.50
C HIS YB 71 26.91 38.07 -37.54
N TYR YB 72 25.85 38.66 -38.06
CA TYR YB 72 24.74 39.12 -37.24
C TYR YB 72 23.47 38.44 -37.68
N CYS YB 73 22.74 37.87 -36.73
CA CYS YB 73 21.36 37.53 -37.02
C CYS YB 73 20.57 38.82 -37.17
N VAL YB 74 19.41 38.71 -37.80
CA VAL YB 74 18.61 39.88 -38.16
C VAL YB 74 18.20 40.64 -36.91
N SER YB 75 17.84 39.92 -35.85
CA SER YB 75 17.41 40.59 -34.63
C SER YB 75 18.55 41.31 -33.95
N CYS YB 76 19.77 40.77 -34.03
CA CYS YB 76 20.93 41.46 -33.46
C CYS YB 76 21.24 42.73 -34.22
N ALA YB 77 21.32 42.64 -35.55
CA ALA YB 77 21.69 43.77 -36.38
C ALA YB 77 20.79 44.97 -36.18
N ILE YB 78 19.49 44.75 -36.11
CA ILE YB 78 18.55 45.86 -35.93
C ILE YB 78 18.69 46.43 -34.53
N HIS YB 79 18.88 45.58 -33.53
CA HIS YB 79 19.00 46.07 -32.16
C HIS YB 79 20.32 46.80 -31.95
N SER YB 80 21.39 46.33 -32.59
CA SER YB 80 22.68 46.98 -32.45
C SER YB 80 22.78 48.18 -33.37
N LYS YB 81 21.67 48.55 -34.00
CA LYS YB 81 21.60 49.67 -34.94
C LYS YB 81 22.62 49.51 -36.06
N VAL YB 82 22.71 48.29 -36.57
CA VAL YB 82 23.48 48.02 -37.77
C VAL YB 82 22.68 48.35 -39.01
N VAL YB 83 21.44 47.87 -39.07
CA VAL YB 83 20.51 48.18 -40.14
C VAL YB 83 19.23 48.70 -39.49
N ARG YB 84 18.48 49.48 -40.24
CA ARG YB 84 17.19 49.97 -39.78
C ARG YB 84 16.16 49.77 -40.86
N ASN YB 85 14.90 49.69 -40.43
CA ASN YB 85 13.81 49.50 -41.37
C ASN YB 85 13.63 50.72 -42.26
N ARG YB 86 13.33 50.48 -43.53
CA ARG YB 86 13.15 51.53 -44.52
C ARG YB 86 11.70 51.50 -45.02
N SER YB 87 11.40 52.40 -45.94
CA SER YB 87 10.08 52.43 -46.53
C SER YB 87 9.95 51.34 -47.59
N ARG YB 88 8.76 51.25 -48.19
CA ARG YB 88 8.57 50.27 -49.26
C ARG YB 88 9.43 50.61 -50.48
N GLU YB 89 9.36 51.85 -50.94
CA GLU YB 89 10.18 52.26 -52.08
C GLU YB 89 11.67 52.24 -51.72
N ALA YB 90 12.00 52.46 -50.46
CA ALA YB 90 13.40 52.54 -50.07
C ALA YB 90 13.97 51.17 -49.75
N ARG YB 91 13.10 50.19 -49.48
CA ARG YB 91 13.56 48.83 -49.22
C ARG YB 91 14.26 48.26 -50.45
N LYS YB 92 13.76 48.58 -51.63
CA LYS YB 92 14.28 48.02 -52.87
C LYS YB 92 15.67 48.55 -53.20
N ASP YB 93 16.09 49.63 -52.54
CA ASP YB 93 17.42 50.17 -52.73
C ASP YB 93 18.44 49.25 -52.08
N ARG YB 94 19.33 48.66 -52.88
CA ARG YB 94 20.26 47.67 -52.36
C ARG YB 94 21.71 48.05 -52.63
N THR YB 95 22.04 49.33 -52.52
CA THR YB 95 23.41 49.76 -52.62
C THR YB 95 23.92 50.08 -51.23
N PRO YB 96 25.15 49.69 -50.89
CA PRO YB 96 25.70 50.01 -49.57
C PRO YB 96 25.86 51.50 -49.41
N PRO YB 97 25.69 52.02 -48.20
CA PRO YB 97 25.79 53.46 -47.99
C PRO YB 97 27.17 53.98 -48.32
N PRO YB 98 27.28 55.22 -48.78
CA PRO YB 98 28.58 55.76 -49.22
C PRO YB 98 29.62 55.82 -48.11
N ARG YB 99 30.88 55.98 -48.50
CA ARG YB 99 31.99 55.98 -47.55
C ARG YB 99 33.05 56.98 -47.97
N PHE YB 100 33.25 57.99 -47.13
CA PHE YB 100 34.38 58.90 -47.26
C PHE YB 100 35.00 59.09 -45.89
N ARG YB 101 34.19 58.88 -44.86
CA ARG YB 101 34.57 59.04 -43.46
C ARG YB 101 33.46 58.45 -42.59
N PRO ZB 1 9.36 47.96 -82.86
CA PRO ZB 1 9.47 47.82 -84.31
C PRO ZB 1 8.54 46.74 -84.85
N LEU ZB 2 7.45 47.16 -85.50
CA LEU ZB 2 6.40 46.25 -85.95
C LEU ZB 2 6.65 45.68 -87.33
N ALA ZB 3 7.01 46.51 -88.29
CA ALA ZB 3 7.21 46.06 -89.66
C ALA ZB 3 8.64 45.58 -89.84
N LYS ZB 4 8.81 44.29 -90.03
CA LYS ZB 4 10.08 43.71 -90.43
C LYS ZB 4 9.85 42.86 -91.67
N ASP ZB 5 10.83 42.86 -92.55
CA ASP ZB 5 10.76 42.06 -93.76
C ASP ZB 5 11.24 40.64 -93.47
N LEU ZB 6 10.34 39.87 -92.83
CA LEU ZB 6 10.64 38.50 -92.47
C LEU ZB 6 10.89 37.63 -93.68
N LEU ZB 7 10.37 38.02 -94.85
CA LEU ZB 7 10.56 37.24 -96.06
C LEU ZB 7 12.03 37.19 -96.47
N HIS ZB 8 12.67 38.35 -96.54
CA HIS ZB 8 14.03 38.47 -97.07
C HIS ZB 8 14.89 39.13 -96.00
N PRO ZB 9 15.46 38.35 -95.08
CA PRO ZB 9 16.33 38.91 -94.07
C PRO ZB 9 17.66 39.37 -94.66
N SER ZB 10 18.39 40.14 -93.88
CA SER ZB 10 19.68 40.68 -94.30
C SER ZB 10 20.81 39.75 -93.87
N PRO ZB 11 21.72 39.38 -94.77
CA PRO ZB 11 22.67 38.30 -94.48
C PRO ZB 11 23.68 38.60 -93.39
N GLU ZB 12 23.81 39.86 -92.97
CA GLU ZB 12 24.72 40.17 -91.87
C GLU ZB 12 24.15 39.66 -90.54
N GLU ZB 13 22.83 39.63 -90.41
CA GLU ZB 13 22.21 39.08 -89.21
C GLU ZB 13 21.68 37.67 -89.39
N GLU ZB 14 21.51 37.21 -90.63
CA GLU ZB 14 21.04 35.86 -90.87
C GLU ZB 14 22.08 34.85 -90.41
N LYS ZB 15 23.34 35.20 -90.51
CA LYS ZB 15 24.43 34.37 -89.99
C LYS ZB 15 24.48 34.38 -88.48
N ARG ZB 16 23.76 35.30 -87.83
CA ARG ZB 16 23.72 35.38 -86.38
C ARG ZB 16 22.68 34.45 -85.77
N LYS ZB 17 21.54 34.28 -86.44
CA LYS ZB 17 20.48 33.44 -85.92
C LYS ZB 17 20.93 31.99 -85.85
N HIS ZB 18 20.31 31.23 -84.96
CA HIS ZB 18 20.71 29.86 -84.71
C HIS ZB 18 20.51 29.00 -85.96
N LYS ZB 19 21.28 27.91 -86.04
CA LYS ZB 19 21.24 27.05 -87.22
C LYS ZB 19 19.87 26.44 -87.45
N LYS ZB 20 19.08 26.26 -86.39
CA LYS ZB 20 17.70 25.82 -86.54
C LYS ZB 20 16.71 26.96 -86.56
N LYS ZB 21 17.11 28.15 -86.11
CA LYS ZB 21 16.22 29.30 -86.04
C LYS ZB 21 16.36 30.23 -87.23
N ARG ZB 22 17.06 29.79 -88.27
CA ARG ZB 22 17.06 30.54 -89.52
C ARG ZB 22 15.73 30.32 -90.23
N LEU ZB 23 15.48 31.08 -91.29
CA LEU ZB 23 14.27 30.87 -92.05
C LEU ZB 23 14.32 29.56 -92.83
N VAL ZB 24 15.50 29.21 -93.33
CA VAL ZB 24 15.74 27.88 -93.86
C VAL ZB 24 16.94 27.34 -93.11
N GLN ZB 25 16.71 26.39 -92.21
CA GLN ZB 25 17.75 25.85 -91.34
C GLN ZB 25 18.89 25.23 -92.12
N SER ZB 26 20.07 25.85 -92.03
CA SER ZB 26 21.25 25.47 -92.76
C SER ZB 26 22.42 25.34 -91.80
N PRO ZB 27 23.34 24.41 -92.04
CA PRO ZB 27 24.43 24.20 -91.08
C PRO ZB 27 25.44 25.34 -91.13
N ASN ZB 28 26.25 25.39 -90.07
CA ASN ZB 28 27.37 26.32 -89.99
C ASN ZB 28 28.69 25.59 -90.13
N SER ZB 29 28.65 24.35 -90.60
CA SER ZB 29 29.86 23.58 -90.83
C SER ZB 29 30.08 23.40 -92.33
N TYR ZB 30 31.22 22.81 -92.67
CA TYR ZB 30 31.66 22.73 -94.05
C TYR ZB 30 32.75 21.68 -94.15
N PHE ZB 31 33.31 21.54 -95.35
CA PHE ZB 31 34.42 20.64 -95.61
C PHE ZB 31 35.53 21.44 -96.24
N MET ZB 32 36.69 20.81 -96.43
CA MET ZB 32 37.79 21.49 -97.10
C MET ZB 32 38.73 20.46 -97.70
N ASP ZB 33 39.53 20.93 -98.65
CA ASP ZB 33 40.55 20.13 -99.32
C ASP ZB 33 41.88 20.40 -98.64
N VAL ZB 34 42.36 19.45 -97.85
CA VAL ZB 34 43.55 19.63 -97.02
C VAL ZB 34 44.77 19.00 -97.68
N LYS ZB 35 45.95 19.47 -97.27
CA LYS ZB 35 47.21 18.83 -97.63
C LYS ZB 35 48.26 19.27 -96.61
N CYS ZB 36 48.96 18.31 -96.04
CA CYS ZB 36 50.08 18.46 -95.14
C CYS ZB 36 51.38 18.56 -95.92
N PRO ZB 37 52.34 19.36 -95.45
CA PRO ZB 37 53.67 19.34 -96.07
C PRO ZB 37 54.38 18.00 -95.93
N GLY ZB 38 53.93 17.13 -95.04
CA GLY ZB 38 54.38 15.77 -94.99
C GLY ZB 38 53.81 14.87 -96.06
N CYS ZB 39 53.10 15.42 -97.03
CA CYS ZB 39 52.56 14.65 -98.14
C CYS ZB 39 52.33 15.60 -99.31
N TYR ZB 40 51.68 15.11 -100.36
CA TYR ZB 40 51.22 15.94 -101.47
C TYR ZB 40 49.81 15.61 -101.93
N LYS ZB 41 49.23 14.50 -101.51
CA LYS ZB 41 47.89 14.13 -101.92
C LYS ZB 41 46.86 15.06 -101.30
N ILE ZB 42 45.67 15.08 -101.90
CA ILE ZB 42 44.55 15.88 -101.42
C ILE ZB 42 43.47 14.95 -100.88
N THR ZB 43 43.07 15.18 -99.63
CA THR ZB 43 41.95 14.49 -99.00
C THR ZB 43 40.89 15.52 -98.63
N THR ZB 44 39.80 15.05 -98.04
CA THR ZB 44 38.73 15.95 -97.61
C THR ZB 44 38.30 15.59 -96.19
N VAL ZB 45 38.31 16.58 -95.31
CA VAL ZB 45 38.05 16.35 -93.90
C VAL ZB 45 36.96 17.32 -93.43
N PHE ZB 46 36.15 16.86 -92.48
CA PHE ZB 46 35.13 17.67 -91.84
C PHE ZB 46 35.75 18.82 -91.05
N SER ZB 47 34.93 19.82 -90.75
CA SER ZB 47 35.38 20.91 -89.90
C SER ZB 47 35.19 20.60 -88.42
N HIS ZB 48 34.29 19.68 -88.08
CA HIS ZB 48 34.08 19.25 -86.71
C HIS ZB 48 34.42 17.78 -86.57
N ALA ZB 49 35.57 17.38 -87.11
CA ALA ZB 49 35.98 16.01 -87.39
C ALA ZB 49 35.67 15.00 -86.29
N GLN ZB 50 35.88 15.39 -85.03
CA GLN ZB 50 35.62 14.58 -83.83
C GLN ZB 50 36.33 13.22 -83.86
N THR ZB 51 37.29 13.03 -84.77
CA THR ZB 51 38.12 11.84 -84.79
C THR ZB 51 39.45 12.19 -85.44
N VAL ZB 52 40.51 11.49 -85.04
CA VAL ZB 52 41.84 11.77 -85.57
C VAL ZB 52 42.00 11.08 -86.92
N VAL ZB 53 42.60 11.78 -87.88
CA VAL ZB 53 42.90 11.22 -89.20
C VAL ZB 53 44.38 11.45 -89.50
N LEU ZB 54 45.08 10.38 -89.87
CA LEU ZB 54 46.47 10.46 -90.28
C LEU ZB 54 46.52 10.43 -91.81
N CYS ZB 55 47.68 10.78 -92.36
CA CYS ZB 55 47.91 10.67 -93.78
C CYS ZB 55 48.34 9.25 -94.14
N VAL ZB 56 48.31 8.96 -95.44
CA VAL ZB 56 48.73 7.66 -95.93
C VAL ZB 56 50.24 7.51 -95.77
N GLY ZB 57 50.69 6.31 -95.41
CA GLY ZB 57 52.10 6.06 -95.20
C GLY ZB 57 52.64 6.55 -93.87
N CYS ZB 58 51.76 6.89 -92.93
CA CYS ZB 58 52.12 7.35 -91.58
C CYS ZB 58 53.02 8.58 -91.65
N SER ZB 59 52.54 9.65 -92.26
CA SER ZB 59 53.38 10.83 -92.46
C SER ZB 59 53.26 11.82 -91.30
N THR ZB 60 52.08 12.39 -91.08
CA THR ZB 60 51.84 13.39 -90.05
C THR ZB 60 50.34 13.52 -89.87
N VAL ZB 61 49.90 13.66 -88.62
CA VAL ZB 61 48.50 13.82 -88.24
C VAL ZB 61 47.89 15.02 -88.94
N LEU ZB 62 46.66 14.88 -89.44
CA LEU ZB 62 46.03 15.93 -90.22
C LEU ZB 62 45.14 16.84 -89.40
N CYS ZB 63 44.38 16.31 -88.45
CA CYS ZB 63 43.54 17.16 -87.60
C CYS ZB 63 43.43 16.55 -86.22
N GLN ZB 64 43.02 17.38 -85.27
CA GLN ZB 64 42.81 16.96 -83.88
C GLN ZB 64 41.39 17.36 -83.48
N PRO ZB 65 40.64 16.48 -82.84
CA PRO ZB 65 39.28 16.82 -82.43
C PRO ZB 65 39.28 17.80 -81.28
N THR ZB 66 38.23 18.63 -81.24
CA THR ZB 66 38.00 19.56 -80.13
C THR ZB 66 36.54 19.46 -79.75
N GLY ZB 67 36.08 20.40 -78.93
CA GLY ZB 67 34.67 20.45 -78.59
C GLY ZB 67 33.83 21.12 -79.66
N GLY ZB 68 34.46 21.91 -80.52
CA GLY ZB 68 33.77 22.57 -81.60
C GLY ZB 68 34.41 22.24 -82.93
N LYS ZB 69 34.89 23.26 -83.63
CA LYS ZB 69 35.63 23.04 -84.87
C LYS ZB 69 36.88 22.21 -84.60
N ALA ZB 70 37.13 21.24 -85.46
CA ALA ZB 70 38.34 20.43 -85.32
C ALA ZB 70 39.56 21.29 -85.58
N ARG ZB 71 40.52 21.23 -84.65
CA ARG ZB 71 41.72 22.04 -84.78
C ARG ZB 71 42.57 21.55 -85.95
N LEU ZB 72 42.62 22.37 -87.01
CA LEU ZB 72 43.47 22.06 -88.15
C LEU ZB 72 44.94 22.11 -87.73
N THR ZB 73 45.66 21.04 -88.03
CA THR ZB 73 47.07 20.96 -87.66
C THR ZB 73 47.86 22.05 -88.37
N GLU ZB 74 48.67 22.76 -87.60
CA GLU ZB 74 49.44 23.88 -88.12
C GLU ZB 74 50.43 23.42 -89.18
N GLY ZB 75 50.82 24.36 -90.05
CA GLY ZB 75 51.68 24.05 -91.17
C GLY ZB 75 50.99 23.44 -92.36
N CYS ZB 76 49.76 22.98 -92.19
CA CYS ZB 76 49.03 22.30 -93.26
C CYS ZB 76 48.38 23.33 -94.17
N SER ZB 77 48.17 22.92 -95.42
CA SER ZB 77 47.46 23.73 -96.38
C SER ZB 77 46.06 23.17 -96.59
N PHE ZB 78 45.09 24.07 -96.70
CA PHE ZB 78 43.69 23.68 -96.79
C PHE ZB 78 42.97 24.68 -97.68
N ARG ZB 79 41.83 24.24 -98.22
CA ARG ZB 79 41.02 25.05 -99.13
C ARG ZB 79 39.56 24.72 -98.88
N ARG ZB 80 38.81 25.66 -98.29
CA ARG ZB 80 37.41 25.40 -97.99
C ARG ZB 80 36.57 25.42 -99.26
N LYS ZB 81 35.84 24.33 -99.49
CA LYS ZB 81 34.97 24.19 -100.64
C LYS ZB 81 33.57 23.83 -100.16
N GLN ZB 82 32.65 23.71 -101.11
CA GLN ZB 82 31.25 23.49 -100.77
C GLN ZB 82 30.56 22.77 -101.92
N HIS ZB 83 29.28 22.49 -101.72
CA HIS ZB 83 28.42 22.03 -102.80
C HIS ZB 83 27.21 22.96 -102.90
N GLN AC 1 50.11 58.75 -8.64
CA GLN AC 1 49.48 59.48 -9.73
C GLN AC 1 49.62 60.99 -9.54
N PRO AC 2 50.63 61.58 -10.19
CA PRO AC 2 50.84 63.02 -10.08
C PRO AC 2 49.68 63.80 -10.69
N ILE AC 3 49.38 64.95 -10.09
CA ILE AC 3 48.26 65.76 -10.55
C ILE AC 3 48.63 66.44 -11.86
N LYS AC 4 47.64 66.60 -12.75
CA LYS AC 4 47.87 67.21 -14.04
C LYS AC 4 46.90 68.36 -14.28
N LEU AC 5 47.39 69.39 -14.94
CA LEU AC 5 46.59 70.53 -15.34
C LEU AC 5 46.48 70.54 -16.85
N ALA AC 6 45.26 70.70 -17.35
CA ALA AC 6 44.98 70.54 -18.77
C ALA AC 6 43.97 71.59 -19.21
N ARG AC 7 44.24 72.22 -20.34
CA ARG AC 7 43.49 73.39 -20.77
C ARG AC 7 42.73 73.07 -22.05
N VAL AC 8 41.45 73.42 -22.09
CA VAL AC 8 40.52 73.12 -23.17
C VAL AC 8 41.04 73.62 -24.51
N THR AC 9 40.78 72.86 -25.58
CA THR AC 9 41.00 73.37 -26.93
C THR AC 9 39.69 73.46 -27.69
N LYS AC 10 38.71 72.61 -27.36
CA LYS AC 10 37.43 72.60 -28.06
C LYS AC 10 36.39 71.83 -27.25
N VAL AC 11 35.19 72.36 -27.15
CA VAL AC 11 34.06 71.66 -26.56
C VAL AC 11 33.34 70.88 -27.64
N LEU AC 12 33.18 69.58 -27.45
CA LEU AC 12 32.55 68.76 -28.46
C LEU AC 12 31.03 68.87 -28.38
N GLY AC 13 30.46 68.40 -27.28
CA GLY AC 13 29.02 68.50 -27.11
C GLY AC 13 28.60 67.92 -25.79
N ARG AC 14 27.29 67.88 -25.58
CA ARG AC 14 26.73 67.38 -24.33
C ARG AC 14 26.51 65.88 -24.41
N THR AC 15 26.50 65.25 -23.24
CA THR AC 15 26.39 63.79 -23.12
C THR AC 15 25.74 63.53 -21.77
N GLY AC 16 25.80 62.29 -21.29
CA GLY AC 16 25.24 61.94 -20.01
C GLY AC 16 23.85 61.35 -20.15
N SER AC 17 23.37 60.77 -19.06
CA SER AC 17 22.04 60.18 -19.05
C SER AC 17 20.94 61.22 -19.18
N GLN AC 18 21.25 62.47 -18.83
CA GLN AC 18 20.25 63.53 -18.82
C GLN AC 18 20.81 64.85 -19.31
N GLY AC 19 21.91 64.83 -20.05
CA GLY AC 19 22.47 66.07 -20.56
C GLY AC 19 23.15 66.91 -19.51
N GLN AC 20 23.77 66.30 -18.52
CA GLN AC 20 24.43 67.01 -17.44
C GLN AC 20 25.92 67.16 -17.63
N CYS AC 21 26.50 66.51 -18.64
CA CYS AC 21 27.93 66.57 -18.90
C CYS AC 21 28.18 67.17 -20.28
N THR AC 22 29.37 67.75 -20.43
CA THR AC 22 29.80 68.36 -21.69
C THR AC 22 31.09 67.66 -22.11
N GLN AC 23 31.04 66.88 -23.18
CA GLN AC 23 32.25 66.25 -23.68
C GLN AC 23 33.17 67.31 -24.26
N VAL AC 24 34.40 67.38 -23.76
CA VAL AC 24 35.31 68.48 -24.04
C VAL AC 24 36.66 67.91 -24.44
N ARG AC 25 37.17 68.35 -25.58
CA ARG AC 25 38.50 67.97 -26.05
C ARG AC 25 39.53 68.88 -25.42
N VAL AC 26 40.53 68.30 -24.76
CA VAL AC 26 41.46 69.06 -23.94
C VAL AC 26 42.88 68.72 -24.39
N GLU AC 27 43.76 69.72 -24.34
CA GLU AC 27 45.19 69.53 -24.52
C GLU AC 27 45.91 69.85 -23.22
N PHE AC 28 46.98 69.12 -22.94
CA PHE AC 28 47.70 69.27 -21.68
C PHE AC 28 48.62 70.47 -21.74
N MET AC 29 48.66 71.24 -20.66
CA MET AC 29 49.52 72.42 -20.62
C MET AC 29 50.98 72.06 -20.41
N ASP AC 30 51.28 70.95 -19.74
CA ASP AC 30 52.67 70.56 -19.55
C ASP AC 30 53.29 70.07 -20.84
N ASP AC 31 52.48 69.56 -21.76
CA ASP AC 31 52.96 69.18 -23.08
C ASP AC 31 51.79 69.34 -24.05
N THR AC 32 51.89 70.34 -24.92
CA THR AC 32 50.85 70.60 -25.91
C THR AC 32 50.74 69.50 -26.94
N SER AC 33 51.69 68.57 -26.99
CA SER AC 33 51.62 67.45 -27.94
C SER AC 33 50.50 66.50 -27.55
N ARG AC 34 50.50 66.03 -26.30
CA ARG AC 34 49.51 65.05 -25.86
C ARG AC 34 48.20 65.75 -25.54
N SER AC 35 47.10 65.19 -26.03
CA SER AC 35 45.76 65.74 -25.85
C SER AC 35 44.75 64.60 -25.87
N ILE AC 36 43.72 64.71 -25.04
CA ILE AC 36 42.74 63.64 -24.89
C ILE AC 36 41.34 64.22 -24.74
N ILE AC 37 40.35 63.35 -24.92
CA ILE AC 37 38.96 63.69 -24.65
C ILE AC 37 38.72 63.45 -23.17
N ARG AC 38 37.85 64.28 -22.58
CA ARG AC 38 37.51 64.09 -21.19
C ARG AC 38 36.13 64.67 -20.89
N ASN AC 39 35.22 63.83 -20.40
CA ASN AC 39 33.91 64.31 -20.02
C ASN AC 39 34.01 65.20 -18.78
N VAL AC 40 33.36 66.35 -18.82
CA VAL AC 40 33.45 67.34 -17.76
C VAL AC 40 32.04 67.54 -17.21
N LYS AC 41 31.96 67.98 -15.95
CA LYS AC 41 30.71 68.36 -15.33
C LYS AC 41 30.64 69.88 -15.16
N GLY AC 42 29.43 70.38 -15.05
CA GLY AC 42 29.21 71.81 -14.88
C GLY AC 42 29.29 72.54 -16.21
N PRO AC 43 29.11 73.86 -16.18
CA PRO AC 43 29.23 74.64 -17.41
C PRO AC 43 30.70 74.91 -17.69
N VAL AC 44 31.11 74.63 -18.93
CA VAL AC 44 32.51 74.73 -19.33
C VAL AC 44 32.62 75.76 -20.44
N ARG AC 45 33.55 76.69 -20.29
CA ARG AC 45 33.88 77.62 -21.37
C ARG AC 45 34.96 77.04 -22.25
N GLU AC 46 35.58 77.87 -23.07
CA GLU AC 46 36.70 77.42 -23.88
C GLU AC 46 37.98 77.98 -23.31
N GLY AC 47 38.97 77.11 -23.10
CA GLY AC 47 40.30 77.54 -22.75
C GLY AC 47 40.57 77.67 -21.26
N ASP AC 48 39.62 77.32 -20.41
CA ASP AC 48 39.87 77.33 -18.98
C ASP AC 48 40.51 76.01 -18.55
N VAL AC 49 41.53 76.12 -17.69
CA VAL AC 49 42.34 74.97 -17.33
C VAL AC 49 41.56 74.04 -16.41
N LEU AC 50 41.73 72.74 -16.61
CA LEU AC 50 41.09 71.71 -15.81
C LEU AC 50 42.12 71.00 -14.96
N THR AC 51 41.65 70.31 -13.91
CA THR AC 51 42.51 69.61 -12.96
C THR AC 51 42.12 68.14 -12.98
N LEU AC 52 42.79 67.36 -13.83
CA LEU AC 52 42.50 65.94 -13.97
C LEU AC 52 43.38 65.18 -12.98
N LEU AC 53 42.76 64.44 -12.08
CA LEU AC 53 43.50 63.67 -11.09
C LEU AC 53 44.17 62.44 -11.70
N GLU AC 54 43.84 62.12 -12.94
CA GLU AC 54 44.51 61.06 -13.68
C GLU AC 54 44.51 61.47 -15.13
N SER AC 55 45.50 60.99 -15.89
CA SER AC 55 45.63 61.36 -17.28
C SER AC 55 45.30 60.23 -18.24
N GLU AC 56 45.52 58.98 -17.86
CA GLU AC 56 45.36 57.88 -18.80
C GLU AC 56 43.94 57.36 -18.85
N ARG AC 57 42.95 58.18 -18.49
CA ARG AC 57 41.54 57.82 -18.56
C ARG AC 57 40.93 58.63 -19.70
N GLU AC 58 41.06 58.12 -20.91
CA GLU AC 58 40.41 58.73 -22.06
C GLU AC 58 38.91 58.45 -22.02
N ALA AC 59 38.14 59.43 -22.48
CA ALA AC 59 36.68 59.32 -22.49
C ALA AC 59 36.22 58.85 -23.86
N ARG AC 60 35.11 58.10 -23.87
CA ARG AC 60 34.61 57.53 -25.11
C ARG AC 60 33.69 58.51 -25.83
N ARG AC 61 33.79 58.52 -27.15
CA ARG AC 61 33.11 59.49 -27.99
C ARG AC 61 31.86 58.88 -28.62
N LEU AC 62 30.83 59.70 -28.73
CA LEU AC 62 29.58 59.27 -29.35
C LEU AC 62 29.28 60.10 -30.60
N GLY BC 1 -52.18 89.64 11.27
CA GLY BC 1 -52.50 89.66 9.86
C GLY BC 1 -51.37 89.15 8.98
N HIS BC 2 -51.71 88.77 7.76
CA HIS BC 2 -50.73 88.27 6.80
C HIS BC 2 -49.92 89.38 6.15
N GLN BC 3 -50.48 90.60 6.07
CA GLN BC 3 -49.72 91.72 5.55
C GLN BC 3 -48.60 92.15 6.51
N GLN BC 4 -48.78 91.90 7.81
CA GLN BC 4 -47.73 92.18 8.78
C GLN BC 4 -46.79 91.00 8.97
N LEU BC 5 -47.06 89.87 8.32
CA LEU BC 5 -46.14 88.74 8.36
C LEU BC 5 -45.65 88.41 6.97
N TYR BC 6 -45.48 89.42 6.10
CA TYR BC 6 -45.07 89.16 4.74
C TYR BC 6 -43.74 89.84 4.40
N TRP BC 7 -43.61 91.11 4.77
CA TRP BC 7 -42.43 91.89 4.41
C TRP BC 7 -41.80 92.64 5.58
N SER BC 8 -42.44 92.66 6.74
CA SER BC 8 -41.94 93.45 7.86
C SER BC 8 -40.63 92.93 8.42
N HIS BC 9 -40.22 91.73 8.02
CA HIS BC 9 -38.89 91.23 8.36
C HIS BC 9 -37.84 92.17 7.81
N PRO BC 10 -36.82 92.52 8.60
CA PRO BC 10 -35.82 93.52 8.16
C PRO BC 10 -35.04 93.10 6.92
N ARG BC 11 -35.10 93.93 5.88
CA ARG BC 11 -34.30 93.75 4.68
C ARG BC 11 -33.57 95.05 4.40
N LYS BC 12 -32.40 95.22 4.99
CA LYS BC 12 -31.54 96.35 4.67
C LYS BC 12 -30.06 95.96 4.64
N PHE BC 13 -29.75 94.69 4.81
CA PHE BC 13 -28.37 94.20 4.75
C PHE BC 13 -28.41 92.73 4.42
N GLY BC 14 -27.29 92.22 3.92
CA GLY BC 14 -27.23 90.83 3.50
C GLY BC 14 -27.71 90.63 2.08
N GLN BC 15 -27.24 89.55 1.46
CA GLN BC 15 -27.58 89.32 0.06
C GLN BC 15 -29.03 88.95 -0.15
N GLY BC 16 -29.74 88.53 0.90
CA GLY BC 16 -31.17 88.31 0.77
C GLY BC 16 -31.98 89.57 0.61
N SER BC 17 -31.34 90.73 0.74
CA SER BC 17 -31.99 92.02 0.56
C SER BC 17 -31.69 92.64 -0.80
N ARG BC 18 -30.53 92.35 -1.39
CA ARG BC 18 -30.19 92.85 -2.71
C ARG BC 18 -30.37 91.76 -3.74
N SER BC 19 -30.25 92.13 -5.02
CA SER BC 19 -30.43 91.19 -6.11
C SER BC 19 -29.90 91.82 -7.39
N CYS BC 20 -29.58 90.96 -8.35
CA CYS BC 20 -29.13 91.43 -9.65
C CYS BC 20 -30.26 92.12 -10.39
N ARG BC 21 -29.91 93.13 -11.17
CA ARG BC 21 -30.89 93.86 -11.96
C ARG BC 21 -31.20 93.17 -13.27
N VAL BC 22 -30.55 92.06 -13.57
CA VAL BC 22 -30.85 91.27 -14.76
C VAL BC 22 -31.12 89.83 -14.35
N CYS BC 23 -30.12 89.18 -13.74
CA CYS BC 23 -30.24 87.77 -13.41
C CYS BC 23 -31.32 87.54 -12.35
N SER BC 24 -31.44 88.48 -11.42
CA SER BC 24 -32.37 88.52 -10.30
C SER BC 24 -32.04 87.48 -9.23
N ASN BC 25 -31.01 86.67 -9.40
CA ASN BC 25 -30.63 85.75 -8.34
C ASN BC 25 -29.75 86.45 -7.31
N ARG BC 26 -29.40 85.71 -6.27
CA ARG BC 26 -28.71 86.31 -5.12
C ARG BC 26 -27.35 85.69 -4.88
N HIS BC 27 -26.58 85.43 -5.94
CA HIS BC 27 -25.29 84.80 -5.77
C HIS BC 27 -24.29 85.37 -6.76
N GLY BC 28 -23.08 85.66 -6.27
CA GLY BC 28 -22.01 86.14 -7.11
C GLY BC 28 -22.29 87.50 -7.72
N LEU BC 29 -22.68 88.45 -6.89
CA LEU BC 29 -23.06 89.75 -7.40
C LEU BC 29 -21.84 90.58 -7.72
N ILE BC 30 -22.07 91.72 -8.38
CA ILE BC 30 -21.04 92.74 -8.57
C ILE BC 30 -21.56 94.01 -7.93
N ARG BC 31 -21.23 94.23 -6.67
CA ARG BC 31 -21.78 95.38 -5.97
C ARG BC 31 -20.87 96.57 -6.22
N LYS BC 32 -19.74 96.32 -6.86
CA LYS BC 32 -18.75 97.35 -7.14
C LYS BC 32 -19.29 98.32 -8.18
N TYR BC 33 -18.86 99.59 -8.05
CA TYR BC 33 -19.07 100.66 -9.02
C TYR BC 33 -20.53 101.03 -9.22
N GLY BC 34 -21.44 100.38 -8.50
CA GLY BC 34 -22.85 100.55 -8.74
C GLY BC 34 -23.44 99.59 -9.76
N LEU BC 35 -22.73 98.52 -10.10
CA LEU BC 35 -23.25 97.55 -11.06
C LEU BC 35 -24.50 96.88 -10.53
N ASN BC 36 -24.41 96.26 -9.36
CA ASN BC 36 -25.51 95.50 -8.75
C ASN BC 36 -26.05 94.46 -9.72
N MET BC 37 -25.14 93.78 -10.40
CA MET BC 37 -25.49 92.80 -11.42
C MET BC 37 -24.73 91.51 -11.15
N CYS BC 38 -25.39 90.38 -11.42
CA CYS BC 38 -24.78 89.09 -11.19
C CYS BC 38 -23.61 88.87 -12.13
N ARG BC 39 -22.63 88.06 -11.67
CA ARG BC 39 -21.39 87.91 -12.42
C ARG BC 39 -21.63 87.24 -13.76
N GLN BC 40 -22.57 86.31 -13.83
CA GLN BC 40 -22.89 85.71 -15.13
C GLN BC 40 -23.63 86.71 -16.01
N CYS BC 41 -24.53 87.49 -15.44
CA CYS BC 41 -25.25 88.49 -16.23
C CYS BC 41 -24.31 89.59 -16.69
N PHE BC 42 -23.30 89.90 -15.90
CA PHE BC 42 -22.30 90.87 -16.33
C PHE BC 42 -21.45 90.34 -17.47
N ARG BC 43 -21.33 89.02 -17.60
CA ARG BC 43 -20.42 88.44 -18.58
C ARG BC 43 -20.85 88.75 -20.01
N GLN BC 44 -22.16 88.77 -20.25
CA GLN BC 44 -22.62 89.03 -21.61
C GLN BC 44 -22.74 90.52 -21.87
N TYR BC 45 -23.25 91.29 -20.90
CA TYR BC 45 -23.43 92.71 -21.13
C TYR BC 45 -22.16 93.51 -20.94
N ALA BC 46 -21.02 92.85 -20.70
CA ALA BC 46 -19.75 93.55 -20.47
C ALA BC 46 -19.37 94.40 -21.68
N LYS BC 47 -19.57 93.87 -22.88
CA LYS BC 47 -19.31 94.66 -24.08
C LYS BC 47 -20.34 95.77 -24.24
N ASP BC 48 -21.59 95.51 -23.83
CA ASP BC 48 -22.64 96.51 -23.96
C ASP BC 48 -22.38 97.72 -23.08
N ILE BC 49 -21.95 97.48 -21.83
CA ILE BC 49 -21.63 98.59 -20.94
C ILE BC 49 -20.35 99.29 -21.41
N GLY BC 50 -19.34 98.51 -21.76
CA GLY BC 50 -18.12 99.11 -22.26
C GLY BC 50 -16.87 98.53 -21.66
N PHE BC 51 -17.05 97.53 -20.79
CA PHE BC 51 -15.91 96.87 -20.17
C PHE BC 51 -15.21 96.03 -21.24
N ILE BC 52 -14.18 96.58 -21.84
CA ILE BC 52 -13.42 95.87 -22.84
C ILE BC 52 -12.40 94.99 -22.12
N LYS BC 53 -12.05 93.88 -22.77
CA LYS BC 53 -11.00 93.00 -22.27
C LYS BC 53 -9.70 93.34 -22.99
N LEU BC 54 -9.16 94.51 -22.62
CA LEU BC 54 -8.00 95.06 -23.31
C LEU BC 54 -6.78 94.19 -23.11
N ASP BC 55 -6.42 93.95 -21.86
CA ASP BC 55 -5.31 93.06 -21.54
C ASP BC 55 -5.81 91.99 -20.59
N SER CC 1 -38.41 33.38 -14.37
CA SER CC 1 -39.71 32.76 -14.20
C SER CC 1 -40.53 32.89 -15.48
N LEU CC 2 -41.68 32.21 -15.49
CA LEU CC 2 -42.53 32.21 -16.67
C LEU CC 2 -43.90 32.82 -16.44
N ALA CC 3 -44.19 33.35 -15.25
CA ALA CC 3 -45.49 33.97 -14.99
C ALA CC 3 -45.70 35.20 -15.85
N ARG CC 4 -44.62 35.88 -16.24
CA ARG CC 4 -44.71 37.01 -17.14
C ARG CC 4 -44.96 36.47 -18.54
N VAL CC 5 -46.21 36.13 -18.80
CA VAL CC 5 -46.69 35.75 -20.12
C VAL CC 5 -47.98 36.52 -20.39
N GLY CC 6 -48.13 37.00 -21.61
CA GLY CC 6 -49.24 37.89 -21.91
C GLY CC 6 -49.22 39.18 -21.12
N LYS CC 7 -48.03 39.61 -20.68
CA LYS CC 7 -47.93 40.77 -19.81
C LYS CC 7 -48.35 42.05 -20.51
N VAL CC 8 -47.89 42.24 -21.74
CA VAL CC 8 -48.19 43.47 -22.46
C VAL CC 8 -49.64 43.46 -22.94
N ARG CC 9 -50.05 42.39 -23.61
CA ARG CC 9 -51.35 42.38 -24.29
C ARG CC 9 -52.52 42.40 -23.32
N GLY CC 10 -52.28 42.18 -22.03
CA GLY CC 10 -53.34 42.27 -21.05
C GLY CC 10 -53.53 43.65 -20.50
N GLN CC 11 -52.50 44.49 -20.56
CA GLN CC 11 -52.55 45.80 -19.93
C GLN CC 11 -52.53 46.96 -20.92
N THR CC 12 -52.45 46.70 -22.23
CA THR CC 12 -52.72 47.75 -23.20
C THR CC 12 -54.21 47.99 -23.24
N LEU CC 13 -54.62 49.24 -23.11
CA LEU CC 13 -56.04 49.59 -23.07
C LEU CC 13 -56.71 49.18 -24.37
N LYS CC 14 -57.95 48.71 -24.26
CA LYS CC 14 -58.68 48.30 -25.45
C LYS CC 14 -59.30 49.53 -26.09
N VAL CC 15 -58.89 49.81 -27.32
CA VAL CC 15 -59.49 50.87 -28.11
C VAL CC 15 -60.54 50.22 -29.00
N ALA CC 16 -61.75 50.76 -28.98
CA ALA CC 16 -62.84 50.17 -29.75
C ALA CC 16 -62.56 50.34 -31.23
N LYS CC 17 -62.63 49.24 -31.99
CA LYS CC 17 -62.51 49.32 -33.42
C LYS CC 17 -63.70 50.08 -33.99
N GLN CC 18 -63.47 51.27 -34.53
CA GLN CC 18 -64.56 52.15 -34.86
C GLN CC 18 -65.21 51.79 -36.19
N GLU CC 19 -66.52 51.97 -36.25
CA GLU CC 19 -67.31 51.67 -37.43
C GLU CC 19 -67.03 52.70 -38.52
N LYS CC 20 -66.91 52.23 -39.76
CA LYS CC 20 -66.56 53.10 -40.87
C LYS CC 20 -67.29 52.66 -42.12
N LYS CC 21 -67.14 53.47 -43.18
CA LYS CC 21 -67.61 53.08 -44.50
C LYS CC 21 -66.78 51.91 -45.02
N LYS CC 22 -67.48 50.90 -45.56
CA LYS CC 22 -66.79 49.79 -46.18
C LYS CC 22 -66.08 50.26 -47.45
N LYS CC 23 -64.89 49.72 -47.69
CA LYS CC 23 -64.10 50.14 -48.83
C LYS CC 23 -64.54 49.43 -50.10
N ARG CC 24 -64.22 50.03 -51.23
CA ARG CC 24 -64.51 49.41 -52.51
C ARG CC 24 -63.62 48.18 -52.73
N THR CC 25 -64.10 47.28 -53.57
CA THR CC 25 -63.34 46.09 -53.93
C THR CC 25 -63.45 45.86 -55.43
N GLY CC 26 -62.67 44.90 -55.91
CA GLY CC 26 -62.69 44.58 -57.32
C GLY CC 26 -61.99 45.65 -58.15
N ARG CC 27 -62.43 45.79 -59.40
CA ARG CC 27 -61.84 46.79 -60.28
C ARG CC 27 -62.18 48.21 -59.85
N ALA CC 28 -63.26 48.39 -59.08
CA ALA CC 28 -63.60 49.71 -58.60
C ALA CC 28 -62.51 50.26 -57.68
N LYS CC 29 -61.92 49.39 -56.87
CA LYS CC 29 -60.77 49.78 -56.06
C LYS CC 29 -59.60 50.19 -56.94
N ARG CC 30 -59.28 49.37 -57.94
CA ARG CC 30 -58.21 49.69 -58.86
C ARG CC 30 -58.53 50.91 -59.72
N ARG CC 31 -59.80 51.26 -59.88
CA ARG CC 31 -60.17 52.49 -60.56
C ARG CC 31 -59.92 53.71 -59.68
N MET CC 32 -60.42 53.67 -58.45
CA MET CC 32 -60.14 54.72 -57.48
C MET CC 32 -58.64 54.84 -57.23
N GLN CC 33 -57.93 53.72 -57.22
CA GLN CC 33 -56.48 53.71 -57.05
C GLN CC 33 -55.79 54.37 -58.24
N TYR CC 34 -56.33 54.20 -59.43
CA TYR CC 34 -55.70 54.79 -60.61
C TYR CC 34 -55.84 56.30 -60.64
N ASN CC 35 -56.90 56.82 -60.03
CA ASN CC 35 -57.13 58.26 -60.00
C ASN CC 35 -56.00 58.97 -59.26
N ARG CC 36 -55.85 58.67 -57.97
CA ARG CC 36 -54.85 59.40 -57.19
C ARG CC 36 -53.46 58.78 -57.30
N ARG CC 37 -53.02 58.49 -58.52
CA ARG CC 37 -51.64 58.13 -58.77
C ARG CC 37 -51.14 58.80 -60.05
N PHE CC 38 -52.06 59.13 -60.95
CA PHE CC 38 -51.66 59.64 -62.26
C PHE CC 38 -52.38 60.91 -62.68
N VAL CC 39 -53.67 61.01 -62.38
CA VAL CC 39 -54.48 62.06 -63.00
C VAL CC 39 -54.81 63.22 -62.04
N ASN CC 40 -54.77 62.99 -60.73
CA ASN CC 40 -54.99 64.03 -59.75
C ASN CC 40 -53.68 64.53 -59.16
N VAL CC 41 -52.62 64.51 -59.96
CA VAL CC 41 -51.27 64.79 -59.48
C VAL CC 41 -50.86 66.19 -59.93
N VAL CC 42 -50.08 66.85 -59.07
CA VAL CC 42 -49.51 68.16 -59.35
C VAL CC 42 -48.02 68.06 -59.04
N PRO CC 43 -47.14 68.17 -60.04
CA PRO CC 43 -45.69 68.06 -59.76
C PRO CC 43 -45.16 69.26 -59.00
N THR CC 44 -45.40 69.29 -57.69
CA THR CC 44 -45.02 70.40 -56.84
C THR CC 44 -43.52 70.35 -56.54
N PHE CC 45 -42.89 71.52 -56.49
CA PHE CC 45 -41.46 71.59 -56.22
C PHE CC 45 -41.23 71.38 -54.73
N GLY CC 46 -40.32 70.47 -54.40
CA GLY CC 46 -40.01 70.17 -53.02
C GLY CC 46 -40.04 68.68 -52.79
N LYS CC 47 -40.23 68.30 -51.53
CA LYS CC 47 -40.19 66.91 -51.13
C LYS CC 47 -41.40 66.17 -51.69
N LYS CC 48 -41.15 65.03 -52.35
CA LYS CC 48 -42.23 64.17 -52.83
C LYS CC 48 -42.70 63.32 -51.66
N LYS CC 49 -43.80 63.75 -51.06
CA LYS CC 49 -44.38 63.04 -49.93
C LYS CC 49 -44.89 61.67 -50.35
N GLY CC 50 -44.79 60.71 -49.44
CA GLY CC 50 -45.33 59.39 -49.67
C GLY CC 50 -46.82 59.39 -49.48
N PRO CC 51 -47.47 58.27 -49.83
CA PRO CC 51 -48.93 58.20 -49.68
C PRO CC 51 -49.40 58.33 -48.25
N ASN CC 52 -48.65 57.79 -47.29
CA ASN CC 52 -49.04 57.83 -45.89
C ASN CC 52 -48.31 58.92 -45.13
N ALA CC 53 -47.70 59.86 -45.84
CA ALA CC 53 -46.88 60.89 -45.19
C ALA CC 53 -47.73 61.79 -44.31
N ASN CC 54 -47.48 61.73 -43.01
CA ASN CC 54 -48.28 62.46 -42.04
C ASN CC 54 -47.39 63.13 -41.01
N SER CC 55 -46.22 63.60 -41.43
CA SER CC 55 -45.26 64.19 -40.52
C SER CC 55 -45.77 65.52 -39.98
#